data_9FQ7
#
_entry.id   9FQ7
#
_cell.length_a   1.00
_cell.length_b   1.00
_cell.length_c   1.00
_cell.angle_alpha   90.00
_cell.angle_beta   90.00
_cell.angle_gamma   90.00
#
_symmetry.space_group_name_H-M   'P 1'
#
loop_
_entity.id
_entity.type
_entity.pdbx_description
1 polymer 'Succinate dehydrogenase [ubiquinone] flavoprotein subunit, mitochondrial'
2 polymer 'Succinate dehydrogenase [ubiquinone] iron-sulfur subunit, mitochondrial'
3 polymer SDHG
4 polymer 'Transmembrane protein'
5 polymer 'Kinesin-like protein'
6 polymer SDHH
7 polymer 'DUF6827 domain-containing protein'
8 polymer 'Rab-GAP TBC domain-containing protein'
9 polymer SDHC
10 polymer SDHI
11 polymer ISPR2
12 polymer ISPR1
13 polymer 'Mitochondrial processing peptidase beta subunit'
14 polymer Alpha-MPP
15 polymer CytC1
16 polymer QCR8
17 polymer QCR9
18 polymer QCR10
19 polymer 'Cytochrome b'
20 polymer 'Ubiquinol-cytochrome c reductase, iron-sulfur subunit, putative'
21 polymer 'Ubiquinol-cytochrome C reductase complex 14kD subunit, putative'
22 polymer 'Ubiquinol-cytochrome c reductase complex 7.8 kDa protein, putative'
23 polymer QCR11
24 polymer 'Aurora kinase'
25 polymer 'Cytochrome c oxidase subunit 3'
26 polymer 'Cytochrome c oxidase subunit 6B'
27 polymer 'Peptidase M14 carboxypeptidase A domain-containing protein'
28 polymer 'Cytochrome c oxidase subunit 40'
29 polymer 'Cytochrome c oxidase subunit 34'
30 polymer 'Merozoite surface protein, putative'
31 polymer 'Ubiquitin, putative'
32 polymer 'Cytochrome c oxidase subunit 33'
33 polymer 'Cytochrome c oxidase subunit 30'
34 polymer 'Cytochrome c oxidase subunit 6C'
35 polymer 'Cytochrome c oxidase subunit 24'
36 polymer 'Cytochrome c oxidase subunit 37'
37 polymer 'Cytochrome c oxidase subunit 7A'
38 polymer 'Cytochrome c oxidase subunit 35'
39 polymer 'Cytochrome c oxidase polypeptide II'
40 polymer 'GINS subunit domain-containing protein'
41 polymer 'Cytochrome oxidase subunit II copper A binding domain-containing protein'
42 polymer 'Cytochrome c oxidase subunit 1'
43 polymer 'Cytochrome c oxidase subunit 32'
44 polymer 'Cytochrome c oxidase subunit 7C'
45 polymer 'Cytochrome c oxidase subunit 13'
46 polymer 'Amino acid transporter transmembrane domain-containing protein'
47 polymer 'Cytochrome c oxidase subunit 4'
48 polymer 'Cytochrome c oxidase subunit 19'
49 polymer 'Cytochrome Coxidase subunit, putative'
50 polymer 'Cytochrome c oxidase subunit 18'
51 polymer 'Cytochrome c oxidase subunit 31'
52 non-polymer 'FLAVIN-ADENINE DINUCLEOTIDE'
53 non-polymer UBIQUINONE-1
54 non-polymer 'FE2/S2 (INORGANIC) CLUSTER'
55 non-polymer 'IRON/SULFUR CLUSTER'
56 non-polymer 'FE3-S4 CLUSTER'
57 non-polymer 'POTASSIUM ION'
58 non-polymer 1,2-dioleoyl-sn-glycero-3-phosphoethanolamine
59 non-polymer CARDIOLIPIN
60 non-polymer 1,2-DIACYL-SN-GLYCERO-3-PHOSPHOCHOLINE
61 non-polymer 'HEME C'
62 non-polymer 'PROTOPORPHYRIN IX CONTAINING FE'
63 non-polymer '2-(HEXADECANOYLOXY)-1-[(PHOSPHONOOXY)METHYL]ETHYL HEXADECANOATE'
64 non-polymer 'DINUCLEAR COPPER ION'
65 non-polymer 'COPPER (II) ION'
66 non-polymer 'MAGNESIUM ION'
67 non-polymer HEME-A
68 non-polymer 'PEROXIDE ION'
69 non-polymer 'ZINC ION'
70 water water
#
loop_
_entity_poly.entity_id
_entity_poly.type
_entity_poly.pdbx_seq_one_letter_code
_entity_poly.pdbx_strand_id
1 'polypeptide(L)'
;AAAAAAGYAVHDHFYDAVVVGAGGAGLRAASGLVAHGLKTACISKVFPTRSHTVAAQGGINAALGNMTEDDWRWHAYDTV
KGSDWLGDQDAIEHMCRLAPQVVLELESYGLPFSRTKEGKIYQRAFGGQSLKFGKGGQAYRCAAAADRTGHAILHTLYGM
SLKYDCLFFIEYFALDLIMDQDGSCKGVIAMSMEDGSIHRFGAHQTVIATGGYGRAYQSCTSAHTCTGDGGGMVSRAGLP
LQDLEFVQFHPTGIFPAGCLMTEGCRGEGGILRNSEGEPFMARYAPTAKDLASRDVVSRAMTLEIREGRGVGPNKDHIYL
HLDHLPAETLRERLPGISETAKIFAGVDVTKEPIPVLPTVHYNMGGIPTNWKAQCLNPTSSDPNKIVPGLLAAGEAGSAS
VHGANRLGANSLLDLVVFGRTAADTVAEIVKPNSPPVTLPKDAGGGTIDRFDKIRHAKGPVSTADLRSKLQRTMQTRAPV
YRNGDDLKKGCEEVREIMKEYKDVGIKDRTLVWNTDLIETLELENLITQAAQTIVSGEARKESRGAHAREDFTERDDKKW
MKHSLSYQTKPHVEESDIVLKYRPVVDQPLDSEMHHVPPAKRVY
;
2M,2m
2 'polypeptide(L)'
;MQTFRVYRYDPLLQDKPHMQEFNIDLAQCGPMILDALIKIKATQDSTLAFRRSCREGICGSCAMNINGKNGLACLQYIEP
GAAPIDIQPLPHTYVLKDLVPDLSNFYNQYKSIEPFLKRRRAKQPGEKEYYQSIEDREKLDGMYECNLCACCMTSCPSYW
WNPEYYLGPAVLLQAYRWIADSRDEFTTERMAWINDSMRLYRCHGIMNCTSCCPKGLDPAKAIAKMKAAIAAAYEPGWTK
IVAQESIANKKRESGMMYA
;
2N,2n
3 'polypeptide(L)'
;KASTLATGKGIPGIDPKLPTHTPPASYDVLSSGKARPVQVAKWPPMPGGVPLPKGGIGGVWRGAFEVASAYTALNLERQR
FANIIRLGTFCRVVIWPVIPLVGLFHYIRQRDRDWYALELLRSRCKSEDCAAFYDWTMPGSSGHWRMQNDLEIIRRAANV
;
2O,2o
4 'polypeptide(L)'
;ANLLLVPSDITIIEEKNKIAKRRIRLLEKTGLALMFPVFHWRYSKLDKHDMYNILRRKFDPSASDPAIDICRRRQESVRR
RVIAQNGLLPGLLLGVSLPWWSLRRYNYQSKLIVLPFCAYFGAICGRIAGHGLSWRWVETDRQRMLGNLPAKVYYRPK
;
2P,2p
5 'polypeptide(L)' NKPVVVNTSGVVNTAVLGISGAWLYFYCVPLRRKEWYDIMMDYVHHKRTQYASNFPDKAVRTALRFAKV 2Q,2q
6 'polypeptide(L)'
;SGNAARGPPLYDLPGNFRYAKEFFTKPAISYGEFHQQCTSLRLFVCAGTVGYMLFSFTMWPCRSSYWKNWAVWKVPGNIM
HHFSKRSGSIFLDEPLKRTIDVPKTYAHLIATRRLPG
;
2R,2r
7 'polypeptide(L)'
;(AME)LTVDKFTRAEALQRASNLYYQVLGTNWEDGLNLVLDVPFWESELEKVDHMCEPYLCDDEIGPIIRNLHETVNCMY
ACEDVRDHINELLELSSRAEGVMGSGAAASEEVENMPEQCGMVTKAYEDLLARYPEHHPKIEQTVGHGLAVLRQLEKFNF
KSSHRYFF
;
2S,2s
8 'polypeptide(L)'
;ARVPEDIEFTKNRYTRRYNLATEDRVKLLNWNAFCIAVTALPIAYVYYSWYESSEDTDMIYRTMDPMREAKADYYLPLLR
GH
;
2T,2t
9 'polypeptide(L)' SYKSAHQETPLTYYRATQHATSSINHRLAYINAVFVIWVCDSLNDVDQ 2U,2u
10 'polypeptide(L)'
;MLRYDSLLWQCTLAAGIWFIPQDVAAISAFLLYGRSKSRTINQPVYVDNIDTAANEYFKRKGLDPTKMIMMRKSSKITEI
RYGEMY
;
2V,2v
11 'polypeptide(L)'
;AGRALEDSTSDISTWAASSLASGAYEATEGAGTPAGGGGAAAAAAAYSANCRDELNSHVECVKAFLRLSAAGGGAAGGGG
GGGYAAAAAAAA(UNK)(UNK)(UNK)(UNK)(UNK)(UNK)(UNK)(UNK)(UNK)(UNK)(UNK)(UNK)(UNK)
(UNK)(UNK)EPPVCEAELTVHGSCVGQYLKNSILKRRPYPFLDPSYTGGEDNTYADDKCFATRAQFEKCMLKKDI
;
30
12 'polypeptide(L)'
;SFTPTCNKELTAHIDCVKSFLREARTKHTPYLPGTGAAAADKCSGSREYFAKCTMYAAATTSFRRTMSTEMPQPCEMELN
LHGQCVGNYLTQSIRTGKAAAGAARGAAQSEDKCFLTRAAFEKCMMYQKITERATNEGQVEYADFSRRFGRQTQTTLGA
;
31
13 'polypeptide(L)'
;YYWGSTVTTEMHNVSPTQVTRLPNGMRVATQFSYTDSATVGLWIDAGARYETKESNGTAHFLERVLYLGTKNRSRDQLET
EVENLGANLNSYTGREQTAFYAKTTKDGILPCIDILADCILNPKLDGDEIEKERVRITQDLQAVNQSYEELLYDKVHTAC
YRDCSLGQTVIGPEENVATIKRDHMVNYLYNNFTADRMVLVAVGPVDHAQIVKEAEKKFANIRPTAGPRMLEEKPYFCAS
ELVYRNDDMGPTAHIAIAYEGVPWRSPDYITFMLMNAIIGSYDKKNEGLVPGLQSANRITQTGATRMDVGCFDYYTGFNI
AYKDTGLFGFYIATDEVAVEHAVGDLMFGVTSFSYSLTEEEVMKAKRELKTNFFSGLDNTTGVAEDIGRQILAYGRRLSP
AEFVERLDQIDSQEVQRVAWNRLHDAEITMTGVGPLHGLLQLWDLRRQTWWWRY
;
3A,3a
14 'polypeptide(L)'
;GKSTIQGTSYNVVKFQQEDVSEVVKEVPHFQFYYIGGEHKDNKYRDVPLDIPVLTEAPPPQLKKPEMKFSVLENGMRIVS
VDKQGLTSNLGLFVHAGSRFETPAEEGLSHMVECVAFRSTAHLSHLRTIKTIEVLGMNGGCQAGREHIMYNLELLREYMP
VASTLVVGNVLFPRLLPWEVNACHKEIKKAHERLKADTDQYVSELLHQTAYHNNTLGNALLANEGRALEHFTGDNIREFM
MKHFSAERSVFVGINVDHDELCKWLMRSFAEYVAIPNLPRDEAKPVYTGGYKLEENADMPVCNIAIGFETEGWNSADLVP
VTVLQTLLGGGGSFSTGGPGKGMHSRLYLNVLNQNPNVESCMAFNTQYSDSGLFGMYITGFGQEAPRLVDIALNELRKLD
SFTPDEVSRAKNTLKGNIFMNAENSKVLMEDIGRQIIMSGKVVTPEEFAARVDAVTEADLKKVAAKLLRKNPTYVVYGDT
KSAPHYEYVRTALASL
;
3B,3b
15 'polypeptide(L)'
;EKDPPSPPDWPFWFKAFSHCHDIPSCRRGYEVYRQVCATCHAARFVCFRHMVNTIYPENRVKQLAASFDYEDGPNDRGEM
FTRPGNLLDPFPSPYPNEEAARFANQGASPPDLSQQAAAHHGGCDYIMSLLTGYRDPPAGVSLRSGLYYNTYFPGGAISM
PPPLNDGAIEYEDGTPAVASQMAKDVSQFLTWAQDPQHDERKLIGLKMSTAALVWLFSISVWNRHVWTMIKTRRIDFTKT
VY
;
3C,3c
16 'polypeptide(L)'
;PNTKRDIRRLGSYPVPPESKNFWRGRFQVPGGQIQQGVSPMQQKIFFQWWWNLPTRYFWRFTKWSDFLIPSLMWYTGFLM
CKNDVEEGTRSRYWY
;
3D,3d
17 'polypeptide(L)'
;SGFGTSYAHDPKWIEDWMARKRVGVDRMDWFFRAFNRLRLYELFFKSTPRFYAFMVIGGLLGSYYWSRFWEQYWIRVNKG
RLYKDVPYVYPP
;
3E,3e
18 'polypeptide(L)'
;TLAVYHRLWGMTEQFAARKKWGWRQVYHRMLPFQIALYPSLMWYLFGWFDDPYKEAMTLGIWNVSKRSLYFWDPLRSGGD
KGWY
;
3F,3f
19 'polypeptide(L)'
;FILIIKDNIILYNINDSINYLWNIGYIIMVVMIVQVITGIIINLYMNINNGYKGIIYIIKEIYYGYILRYIHNNNSTLIY
VVVYLHIIRNLYYKTYYYNILIWYSGMIMLYQLIIIGFIGYILGWGQLSYWGITVIINLISGIPYLILLISGNYYITIVT
IKRLYIVHFILPIILIYVEIIHVYYIHYLINNNIVEYNVNNKIIFNNYILVKDNNGIIFILNIFILELNNNIFIIADNDN
LIEINILVTPIHIIPEWYYLYWYSILKLLPNKYSGLYIVVNSISIINILSEYKIVISEYKNYKNIIWYNQIIQYISMIYI
GIQLPIIEYINYGRYIIIFNILLLIMYLYPKKKK
;
3G,3g
20 'polypeptide(L)'
;HRPTTVKMIDSWRTEPSSEKPMWYNRFDQVDHISQHPDPEKTEKYPPVDDTRKLMKTRGDPHIMRGWGEYVYCHYEHLRE
PVFPRKPDVAKGELAAGANVTRTDVWKREGEPAIQSIARFNPDNFRPVGYAENIPCPDTCVPEGHLDFRHTRLPTWHADR
RPFHYFATGMFGLIGLAFLRGTVVKVVHGLWPARDAIAAGVIEVDLRGIQPGQNFVVKWRGKPVFVRRRTQAMIDAATAD
DAIVNSLRDPERDKDRVKKPEWLVMLGVCTHLGCVPYPDQGLYGGYFCPCHGSHYDHSGRIRLGPAPLNMEIPTYEFTDD
DTIILG
;
3H,3h
21 'polypeptide(L)'
;SFHRAFARVVCNYNKSIEGSVPWYQVKREKSPFQQVWDEVFTPIWFKLVKGPYERWEYNALVARYRGMGIMADDAMNDKD
MIVERALDIIPEDIRIQRYRRMMRGAVLAGRKLHLPLELQNYDPMVPYMAPYIEEAKFQMQEEQELLAYHPWDRRLYTAG
VSGFGETSMHSTFLTM
;
3I,3i
22 'polypeptide(L)'
;ARAYCGRFAFMLDYPKSYHPPRKNEDGDYVDPRTDMLPKCAAECSEWLTEYNACVQRIKMRTDGRGNCQGQYEEFAMCQD
HCIAHELFHYLK
;
3J,3j
23 'polypeptide(L)' PPIQKPLLPSGRAVLKHGRSMLCSGNLSYDVNSTIKAPECKRGMGFTQFKRFTPVPIESGVSVGNRGWFFPGVIPYQGH 3K,3k
24 'polypeptide(L)' IGPPLRTAQIGPTVGGNGGRTFVLYLTTTINVLIAFQVSWACYLQPRWRSFRSDMLEKFPSLQPDMDE 3L,3l
25 'polypeptide(L)'
;FELNINIINYNYLGIIITVIISIYIYNNSNIISVYNSNLLLININIWMKYNILDMLNLNVLDYKILLWIVVIIISNEILL
FVSFYWIYYHNYINYYHVNILILNSYNIVYNNIILLTLLSTIVNIKFYNYILSYYKYILSYLIYYNNYMFNNKIILEYKN
NSNYTNDSVYMTSYFYIILLHYIHIYDSIILIVVYNYVNYKNINNYYININIYYHLIEVLYIVISILLYL
;
40,41
26 'polypeptide(L)'
;ESADALFVGTLDRLTAEHPHTDDPRFAFQSNQWNNCELRFTQFCRCTRELGEDDPRCKYQYYRAQTVCHEFLLEDWMEHR
HRGTCDLDIMPDRQVIHMRG
;
4A,4a
27 'polypeptide(L)'
;GSIEQFINLRTARMFIYGGVSAVFLYKATPVMYRWEMLPTFLVKTEAYKAREAMIAFDNMKGIVYGPYDKGGLEGPPTKI
PETSVGMMKVDPM
;
4B,4b
28 'polypeptide(L)' YKTENPLYKDDEPFAKTCHTFDYTREGTEKNGLGYYCLMGLWASIFIWDSLYTGATMPTGVHRYVWGPYFPTAWF 4C,4c
29 'polypeptide(L)'
;SIFTPMDWMFYYFPNYSRDKVALMARQIKIHFAIGFALVFLVYHPPYKGADYGNFHKSPLYWYKYNQLERSGQLQENLRI
KRDWFYDEDP
;
4D,4d
30 'polypeptide(L)'
;ISTSETLNQKILRWLDVTGMLTRWHSRREFILDMDPYFRKNSGMWTEWERKTLLFLFYCCTLATPYSAYLDLQELKHQGT
KPPRPVSLESRFMNQRRYDFTWMHPQDKFCSECRPVELECKKMCFDRYRSMDYRMYGFQRPRIQTYYSFSTC
;
4E,4e
31 'polypeptide(L)'
;HIPHPVKYVGPRRYGRYVYGMNRPPVLRQVKDWIDWTGWNSVFGGFSFQVAFGLMIVSGVYLNNYRATHTLYYTNKPDNQ
DILGH
;
4F,4f
32 'polypeptide(L)'
;GRRLLHGNYFTRYLFGSLAVIWIAEYAAACQYGIPRHRNPNWMWSWWLEKQNQIKNGEIPANTPGYAMVKWNNEAEQRWL
KTLNVEAMNEEFARRREAYY
;
4G,4g
33 'polypeptide(L)'
;QVPDVFATFGWERRLTVIHHPGVMAISKLLDQRTVVKPRATFNQELVEEIGDYDEDLQRKAQVALDNGLAIEWRVLDFID
DELPRLLAEKREIEKAREQVMSKAPGDYTQPVFDSSVVVPTPANLGRNYPTLNLPSGDPTE
;
4H,4h
34 'polypeptide(L)'
;AYNGGYPFHYVVQYDDPNYDCEADFEFEEIPRDEFGVPAHIPPELSTQIRHTYYVPPQYYPFLKKLGEDTPELKPYTDKL
IMGDMTYDDYEEMFYKFAKPLKIYRSRLPLPYRTDEEISQEKYVNWCGRWYSYRQRLQGDYYSRHYFRDWLIGVMLGMYL
GNLCVQQHRQYRVDMKLFYLEAPEHKINWVKPRGDL
;
4I,4i
35 'polypeptide(L)'
;GCEAVKNPLIGGPNQKARGAITSGFAGGGAKRLGGKGYGIMADWCDHGYSFTKGQAITGMPHWPLWCGGGVPDKFIKIDP
DVHFNLQGYRERIGWYGFFTAFLQANYHAFVYFVRFIPINIAIFWIYVNERQREPQENVMDHEEFFRDFDSIYLGQVFDH
HRFAEWLARRRAVKWGYADQIHIPPV
;
4J,4j
36 'polypeptide(L)'
;RGSVFQMPSTPVYPLTTTKKVAPPTALAKRTPEQPFGWGSPVREDRAWRVVPRNFIILVIVYLSGWAAIKTMLPRGGSIL
GQIYGGPPKGRLI
;
4K,4k
37 'polypeptide(L)'
;VTRYPSGTRTIMSPYPGGPVYQWLRINYNYFKRYQWRRVGRWQMRSWCYWKAAFYGVPEWNIDPTKNQWRWCVDPAWYGG
MRDKANMDMYRLMVYPFFGYALLYLHSRFKQNDKYNVFAKWR
;
4L,4l
38 'polypeptide(L)'
;AAVRSQIEAAVYKWTRPRPPRLGVAVPRSPPGTGILFHTNMQTIRYSLSPKVWVLVTGAALVGVFSGQRFAQTVLLSKNP
PNPPRYREKPPVRHPHTPD
;
4M,4m
39 'polypeptide(L)'
;SPEDYPTPQKYLEGAPIPSWYSFQSNLVGDMDLKPGMARMLEVDKRLTVPTRTHIRFLITGADVIHSWSVPSLGIKCDAT
PGRLVKINTFIQREGVFYGQCSELCGTLHAFMPIVVEAVSPEAFAAHAKKW
;
4N,4n
40 'polypeptide(L)' DIPWPARTDWGGHDPATPFAELMINTHSMFWPVAIFIYVSAIYMVKK 4O,4o
41 'polypeptide(L)'
;KSYYDDFKDRLKPGKYTQGRCPQSEGDYRQESKTIGREHLNDDGTRSKRYTVKEADALGYHYHPPIDKKGQVYVKGPNTV
IERGQTWIKGYELPSMEYTYGPKQEDIPFYPRVKLNVWGNYNLVMKVEFLFFYLPTIIVFGICIPVYTINFAQEEVIYTT
MTVKVTGRQWYWVYEVESPT
;
4P,4p
42 'polypeptide(L)'
;FYILVNNNKRIGIYYIKLSIIIGILGIVLSYIIRVELYNSGNRIIKYDNVNYYNMVITLHGLLMIFYIIMPGLYGGIPLY
ILPILSVITDIVLPRINNISIIIVLISYIVVINSIVIEYNIGTGWTLYPPLSIIGTVIVNMILYGLIIIGISSIISAINF
MNILIVIDGIIYVYIWSIIITSVLLIISLPILNGILLMILSDIYFNSIYFILNGDVVLYQHLFWYFGHPEVYILILPAFG
IISIILSVLNNKIIFGMKSMILAIIMISILGSIVWAHHIYTVGLELDTKIYFNNLTLIISIPTGNKIYNWIILYIGSYNI
LYNGYQSLIFSIMFIIIFIIGGITGIIISIDIIDIGLHDTYYIVSHFHYILSIGAVISLLAGILLLKDIIGYYNVIIKIN
KYFGLLLFININIIFTPQFIIGFNVMPRRILEYSDNIIVWNLISSIGSISTILILLSIF
;
4Q,4q
43 'polypeptide(L)'
;GRELPEYVVLPHNQQRYGRDKSYSYFTCLWHFPKMVFTEKWCYTNIMWFVFWTGFWFIPNYIWWERRYAYQKAGFHWEHT
NRKLQARKEALGMDKVPASGMDW
;
4R,4r
44 'polypeptide(L)' NLEDHFDLAEYMMKMHNPMSEYLYWIAGFVSGLHGILPLLHSNYYFSGMFLPRDNDNTQLCDDSW 4S,4s
45 'polypeptide(L)'
;TWTEIWWEHDPTPKVAQYRPYVCTVESGKVYWWCACGESKTQPWVDGHCKCSKREGGFRPRRWEPEHDGVRLFCGCKSCF
SSPTWNGGCFTKWMQSNPAGGMLYCFAAAFGFGTLTVYRKF
;
4T,4t
46 'polypeptide(L)'
;YTPSFERGLNPELTSGDYGDMPKPQPLIDFFTQNRNPWFGFAMFCGFNFLWWAFFGAWQIRPLWASQRKSLAEADRLYGP
TKYGVGKKYIN
;
4U,4u
47 'polypeptide(L)'
;RIGGPPVFMQFPPPPPKEYLADGTPKTYPLHQPVFDHGYTWEHWYMTNAGVFHTVYYGEFAKDFPWRWGFVAEKPFWVGA
PILVLGVLCLGHIIQTMGQIGVRPKRYTPEWVEATKERERAENTNPITRYLDRRRAERGPYYLMSNVLPYHPHFLWMRNS
HDYEAAEALAARREKDRELAAKLEA
;
4V,4v
48 'polypeptide(L)'
;KHFFTDGANDYVTGWENTPPLKFPASVMKPCDYSMTKPIPKHWKLRGSGIHGPENTDLMKLVLWNRLKQKRPQREVPNIN
YLKDSIRLELSVNWWLMSCIFLWGPWLHWGQEYQKVHEQPPWAMKRIDGLRGEGYFTWFLE
;
4W,4w
49 'polypeptide(L)'
;YRHWHRMSEDDWALPLDSMPEDVKTLMATPQTERGFVEDYWYNRIRGEATLLDPEALPSKSYIALARDMGLQIVDEPSSH
MMGLIELYEYLRGASFVGPFGTIENPVLVPAVGQERVVACTGGVGDEEHFTLWFRCREGFMYRCGECDQIFMLVRLYYED
RYWTQTLVRDTFMSDGDMFDLKTLERVHKMWNKDEMVRWEVGYWAQDYVLGKGVLPGMVEEHTRVN
;
4X,4x
50 'polypeptide(L)'
;IYEGQTVQESELIPQEDDWVIEETNFCLGRNCYVRFREEDDLARRALHQMDSQLNKMHTRLRDGTVIPYMSFHPDEMVDR
PAPIHTFSEKPLLKWTWDETYEEAYDD
;
4Y,4y
51 'polypeptide(L)'
;PPTRLSTPLYSEGGAFTVNWWRNRYGLYSRRQTDPMLAEFLFRQQVKEWFYDVPSYNYAALVGLALGILVAVIWRHFLFN
PDVYVRRQELRKMWPDRHRQFAYAVPYLNPQLKNLLLPYKNSFIDNEPDYADYNPVGLRPQRVMAIRRIPGFFWAIPQYF
FEDPLYTSCSTKNMQTIYKKLGYSEL
;
4Z,4z
#
# COMPACT_ATOMS: atom_id res chain seq x y z
N ALA A 1 -24.16 78.75 59.67
CA ALA A 1 -23.58 79.79 58.83
C ALA A 1 -22.37 80.40 59.52
N ALA A 2 -21.88 81.54 59.02
CA ALA A 2 -20.66 82.13 59.54
C ALA A 2 -20.69 83.64 59.43
N ALA A 3 -20.56 84.31 60.58
CA ALA A 3 -20.39 85.76 60.66
C ALA A 3 -19.48 86.03 61.85
N ALA A 4 -19.22 87.32 62.13
CA ALA A 4 -18.35 87.69 63.24
C ALA A 4 -18.83 89.01 63.84
N ALA A 5 -19.62 88.93 64.91
CA ALA A 5 -20.10 90.11 65.63
C ALA A 5 -19.33 90.25 66.93
N ALA A 6 -18.69 91.40 67.10
CA ALA A 6 -17.90 91.69 68.31
C ALA A 6 -16.95 90.54 68.64
N GLY A 7 -16.36 89.96 67.61
CA GLY A 7 -15.37 88.92 67.78
C GLY A 7 -15.93 87.53 68.03
N TYR A 8 -17.25 87.37 68.05
CA TYR A 8 -17.89 86.10 68.31
C TYR A 8 -18.37 85.48 67.00
N ALA A 9 -18.25 84.15 66.89
CA ALA A 9 -18.72 83.42 65.72
C ALA A 9 -20.24 83.26 65.81
N VAL A 10 -20.97 83.92 64.91
CA VAL A 10 -22.42 83.95 64.93
C VAL A 10 -22.94 83.14 63.75
N HIS A 11 -23.70 82.09 64.06
CA HIS A 11 -24.41 81.30 63.05
C HIS A 11 -25.84 81.81 62.92
N ASP A 12 -26.38 81.73 61.71
CA ASP A 12 -27.73 82.22 61.41
C ASP A 12 -28.58 81.07 60.91
N HIS A 13 -29.73 80.88 61.53
CA HIS A 13 -30.73 79.91 61.10
C HIS A 13 -31.99 80.69 60.78
N PHE A 14 -32.80 80.21 59.81
CA PHE A 14 -33.99 80.94 59.37
C PHE A 14 -35.17 79.98 59.25
N TYR A 15 -35.85 79.75 60.38
CA TYR A 15 -36.96 78.81 60.46
C TYR A 15 -38.30 79.54 60.31
N ASP A 16 -39.38 78.77 60.33
CA ASP A 16 -40.73 79.32 60.37
C ASP A 16 -41.24 79.50 61.79
N ALA A 17 -40.70 78.76 62.74
CA ALA A 17 -41.07 78.84 64.14
C ALA A 17 -39.92 78.32 64.98
N VAL A 18 -39.74 78.92 66.16
CA VAL A 18 -38.75 78.49 67.13
C VAL A 18 -39.45 78.34 68.47
N VAL A 19 -39.12 77.27 69.20
CA VAL A 19 -39.69 76.98 70.50
C VAL A 19 -38.55 76.94 71.51
N VAL A 20 -38.54 77.87 72.45
CA VAL A 20 -37.53 77.90 73.50
C VAL A 20 -38.05 77.10 74.68
N GLY A 21 -37.52 75.90 74.86
CA GLY A 21 -37.93 75.01 75.94
C GLY A 21 -38.29 73.64 75.39
N ALA A 22 -37.81 72.58 76.06
CA ALA A 22 -38.13 71.22 75.66
C ALA A 22 -38.80 70.46 76.81
N GLY A 23 -39.53 71.18 77.65
CA GLY A 23 -40.35 70.57 78.66
C GLY A 23 -41.70 70.21 78.05
N GLY A 24 -42.62 69.78 78.90
CA GLY A 24 -43.96 69.42 78.45
C GLY A 24 -44.51 70.36 77.41
N ALA A 25 -44.55 71.65 77.72
CA ALA A 25 -45.15 72.63 76.81
C ALA A 25 -44.35 72.72 75.52
N GLY A 26 -43.02 72.67 75.61
CA GLY A 26 -42.20 72.85 74.43
C GLY A 26 -42.22 71.65 73.50
N LEU A 27 -42.17 70.45 74.06
CA LEU A 27 -42.19 69.25 73.24
C LEU A 27 -43.51 69.12 72.48
N ARG A 28 -44.61 69.49 73.14
CA ARG A 28 -45.92 69.41 72.49
C ARG A 28 -46.04 70.43 71.37
N ALA A 29 -45.61 71.67 71.63
CA ALA A 29 -45.70 72.72 70.61
C ALA A 29 -44.88 72.36 69.38
N ALA A 30 -43.68 71.83 69.59
CA ALA A 30 -42.82 71.48 68.46
C ALA A 30 -43.43 70.38 67.61
N SER A 31 -43.85 69.29 68.26
CA SER A 31 -44.48 68.20 67.52
C SER A 31 -45.67 68.70 66.71
N GLY A 32 -46.45 69.62 67.28
CA GLY A 32 -47.60 70.15 66.57
C GLY A 32 -47.21 70.97 65.36
N LEU A 33 -46.22 71.84 65.51
CA LEU A 33 -45.78 72.67 64.39
C LEU A 33 -45.24 71.82 63.26
N VAL A 34 -44.41 70.83 63.59
CA VAL A 34 -43.87 69.93 62.58
C VAL A 34 -44.98 69.15 61.90
N ALA A 35 -45.99 68.73 62.69
CA ALA A 35 -47.13 68.03 62.12
C ALA A 35 -47.94 68.91 61.19
N HIS A 36 -47.90 70.23 61.40
CA HIS A 36 -48.58 71.17 60.53
C HIS A 36 -47.79 71.47 59.26
N GLY A 37 -46.58 70.93 59.14
CA GLY A 37 -45.77 71.14 57.96
C GLY A 37 -44.90 72.37 57.99
N LEU A 38 -44.60 72.90 59.17
CA LEU A 38 -43.81 74.11 59.31
C LEU A 38 -42.40 73.77 59.77
N LYS A 39 -41.41 74.43 59.17
CA LYS A 39 -40.02 74.21 59.56
C LYS A 39 -39.77 74.86 60.91
N THR A 40 -39.27 74.08 61.86
CA THR A 40 -39.23 74.50 63.26
C THR A 40 -37.98 74.00 63.95
N ALA A 41 -37.53 74.74 64.95
CA ALA A 41 -36.41 74.37 65.83
C ALA A 41 -36.86 74.46 67.28
N CYS A 42 -36.29 73.61 68.14
CA CYS A 42 -36.65 73.55 69.56
C CYS A 42 -35.38 73.62 70.42
N ILE A 43 -35.11 74.79 71.00
CA ILE A 43 -33.91 75.06 71.78
C ILE A 43 -34.15 74.71 73.26
N SER A 44 -33.20 74.02 73.89
CA SER A 44 -33.31 73.67 75.30
C SER A 44 -31.94 73.66 75.98
N LYS A 45 -31.91 74.08 77.26
CA LYS A 45 -30.67 74.07 78.06
C LYS A 45 -30.25 72.65 78.45
N VAL A 46 -31.20 71.71 78.50
CA VAL A 46 -30.96 70.36 78.96
C VAL A 46 -31.59 69.40 77.94
N PHE A 47 -31.17 68.14 78.01
CA PHE A 47 -31.82 67.12 77.20
C PHE A 47 -33.32 67.12 77.53
N PRO A 48 -34.21 67.07 76.54
CA PRO A 48 -35.64 67.33 76.81
C PRO A 48 -36.21 66.49 77.95
N THR A 49 -35.67 65.31 78.20
CA THR A 49 -36.20 64.40 79.20
C THR A 49 -35.76 64.74 80.62
N ARG A 50 -34.88 65.72 80.77
CA ARG A 50 -34.40 66.13 82.09
C ARG A 50 -35.09 67.39 82.59
N SER A 51 -36.06 67.92 81.84
CA SER A 51 -36.81 69.11 82.24
C SER A 51 -37.60 68.83 83.54
N HIS A 52 -38.08 69.90 84.19
CA HIS A 52 -38.76 69.74 85.49
C HIS A 52 -40.09 69.05 85.35
N THR A 53 -40.63 68.97 84.14
CA THR A 53 -41.91 68.28 83.92
C THR A 53 -41.75 66.81 84.36
N VAL A 54 -40.53 66.27 84.27
CA VAL A 54 -40.28 64.88 84.63
C VAL A 54 -40.51 64.63 86.12
N ALA A 55 -40.38 65.66 86.95
CA ALA A 55 -40.52 65.50 88.38
C ALA A 55 -41.97 65.51 88.84
N ALA A 56 -42.91 65.83 87.95
CA ALA A 56 -44.33 65.80 88.28
C ALA A 56 -44.72 64.38 88.72
N GLN A 57 -45.67 64.29 89.66
CA GLN A 57 -46.02 63.00 90.26
C GLN A 57 -47.51 62.70 90.22
N GLY A 58 -48.36 63.72 90.40
CA GLY A 58 -49.78 63.53 90.56
C GLY A 58 -50.50 62.97 89.32
N GLY A 59 -50.62 63.79 88.28
CA GLY A 59 -51.33 63.38 87.08
C GLY A 59 -51.91 64.58 86.35
N ILE A 60 -52.76 64.30 85.36
CA ILE A 60 -53.37 65.31 84.50
C ILE A 60 -54.89 65.17 84.65
N ASN A 61 -55.60 66.29 84.70
CA ASN A 61 -57.05 66.24 84.95
C ASN A 61 -57.81 66.18 83.66
N ALA A 62 -58.70 65.20 83.50
CA ALA A 62 -59.58 65.12 82.31
C ALA A 62 -60.92 64.55 82.75
N ALA A 63 -62.00 65.05 82.14
CA ALA A 63 -63.33 64.51 82.43
C ALA A 63 -63.57 63.28 81.58
N LEU A 64 -62.70 62.27 81.79
CA LEU A 64 -62.83 60.98 81.07
C LEU A 64 -64.04 60.20 81.55
N GLY A 65 -64.36 60.33 82.83
CA GLY A 65 -65.50 59.64 83.36
C GLY A 65 -65.29 58.15 83.58
N ASN A 66 -64.01 57.73 83.65
CA ASN A 66 -63.67 56.30 83.80
C ASN A 66 -63.98 55.78 85.19
N MET A 67 -63.84 56.65 86.22
CA MET A 67 -64.15 56.27 87.61
C MET A 67 -65.57 56.58 88.02
N THR A 68 -66.11 57.71 87.59
CA THR A 68 -67.48 58.11 87.97
C THR A 68 -68.01 58.90 86.78
N GLU A 69 -69.28 59.27 86.84
CA GLU A 69 -69.84 60.16 85.83
C GLU A 69 -69.20 61.56 85.96
N ASP A 70 -68.91 62.20 84.82
CA ASP A 70 -68.24 63.49 84.81
C ASP A 70 -68.60 64.34 83.59
N ASP A 71 -68.44 65.64 83.74
CA ASP A 71 -68.68 66.61 82.69
C ASP A 71 -67.51 67.60 82.71
N TRP A 72 -67.02 68.02 81.54
CA TRP A 72 -65.94 69.00 81.48
C TRP A 72 -66.39 70.32 82.11
N ARG A 73 -67.69 70.62 81.96
CA ARG A 73 -68.20 71.84 82.54
C ARG A 73 -68.05 71.86 84.08
N TRP A 74 -68.20 70.67 84.75
CA TRP A 74 -67.85 70.63 86.07
C TRP A 74 -66.44 70.86 86.50
N HIS A 75 -65.55 70.38 85.67
CA HIS A 75 -64.11 70.65 85.81
C HIS A 75 -63.83 72.14 85.66
N ALA A 76 -64.58 72.76 84.72
CA ALA A 76 -64.39 74.18 84.47
C ALA A 76 -64.83 75.03 85.66
N TYR A 77 -65.95 74.67 86.30
CA TYR A 77 -66.41 75.39 87.48
C TYR A 77 -65.39 75.29 88.59
N ASP A 78 -64.83 74.09 88.79
CA ASP A 78 -63.83 73.90 89.85
C ASP A 78 -62.62 74.78 89.63
N THR A 79 -62.18 74.91 88.38
CA THR A 79 -61.02 75.73 88.08
C THR A 79 -61.30 77.20 88.35
N VAL A 80 -62.51 77.67 88.03
CA VAL A 80 -62.86 79.07 88.31
C VAL A 80 -62.82 79.35 89.80
N LYS A 81 -63.44 78.47 90.60
CA LYS A 81 -63.40 78.64 92.05
C LYS A 81 -61.97 78.59 92.57
N GLY A 82 -61.19 77.63 92.07
CA GLY A 82 -59.81 77.50 92.52
C GLY A 82 -58.97 78.72 92.18
N SER A 83 -59.24 79.33 91.02
CA SER A 83 -58.53 80.54 90.63
C SER A 83 -58.93 81.74 91.47
N ASP A 84 -59.92 81.58 92.34
CA ASP A 84 -60.44 82.68 93.16
C ASP A 84 -60.90 83.83 92.28
N TRP A 85 -61.51 83.48 91.15
CA TRP A 85 -62.09 84.44 90.21
C TRP A 85 -61.06 85.47 89.78
N LEU A 86 -59.85 85.00 89.51
CA LEU A 86 -58.82 85.76 88.85
C LEU A 86 -58.43 85.18 87.50
N GLY A 87 -58.79 83.93 87.22
CA GLY A 87 -58.48 83.33 85.95
C GLY A 87 -59.50 83.65 84.88
N ASP A 88 -59.03 83.66 83.64
CA ASP A 88 -59.92 83.92 82.51
C ASP A 88 -60.81 82.70 82.26
N GLN A 89 -62.12 82.94 82.23
CA GLN A 89 -63.07 81.86 82.00
C GLN A 89 -63.09 81.43 80.53
N ASP A 90 -62.64 82.32 79.63
CA ASP A 90 -62.46 81.96 78.24
C ASP A 90 -61.42 80.86 78.08
N ALA A 91 -60.24 81.06 78.65
CA ALA A 91 -59.19 80.06 78.54
C ALA A 91 -59.54 78.79 79.31
N ILE A 92 -60.24 78.92 80.44
CA ILE A 92 -60.60 77.75 81.23
C ILE A 92 -61.52 76.82 80.44
N GLU A 93 -62.49 77.40 79.72
CA GLU A 93 -63.38 76.57 78.91
C GLU A 93 -62.62 75.84 77.82
N HIS A 94 -61.70 76.54 77.15
CA HIS A 94 -60.93 75.91 76.07
C HIS A 94 -60.11 74.75 76.61
N MET A 95 -59.54 74.90 77.80
CA MET A 95 -58.70 73.86 78.37
C MET A 95 -59.52 72.67 78.85
N CYS A 96 -60.67 72.92 79.47
CA CYS A 96 -61.44 71.83 80.05
C CYS A 96 -62.17 71.04 78.97
N ARG A 97 -62.64 71.72 77.92
CA ARG A 97 -63.34 71.05 76.83
C ARG A 97 -62.40 70.18 75.99
N LEU A 98 -61.09 70.40 76.07
CA LEU A 98 -60.11 69.64 75.32
C LEU A 98 -59.38 68.64 76.18
N ALA A 99 -59.57 68.68 77.50
CA ALA A 99 -58.85 67.78 78.40
C ALA A 99 -59.08 66.29 78.08
N PRO A 100 -60.31 65.85 77.80
CA PRO A 100 -60.48 64.43 77.42
C PRO A 100 -59.68 64.05 76.19
N GLN A 101 -59.75 64.85 75.13
CA GLN A 101 -59.04 64.53 73.89
C GLN A 101 -57.54 64.51 74.11
N VAL A 102 -57.01 65.52 74.81
CA VAL A 102 -55.57 65.64 74.97
C VAL A 102 -55.01 64.42 75.70
N VAL A 103 -55.73 63.94 76.73
CA VAL A 103 -55.25 62.82 77.53
C VAL A 103 -55.26 61.54 76.70
N LEU A 104 -56.32 61.35 75.89
CA LEU A 104 -56.42 60.16 75.06
C LEU A 104 -55.34 60.17 73.97
N GLU A 105 -55.06 61.35 73.40
CA GLU A 105 -53.97 61.45 72.45
C GLU A 105 -52.65 61.00 73.06
N LEU A 106 -52.39 61.41 74.31
CA LEU A 106 -51.16 61.02 74.98
C LEU A 106 -51.09 59.50 75.15
N GLU A 107 -52.22 58.88 75.46
CA GLU A 107 -52.26 57.42 75.53
C GLU A 107 -52.01 56.80 74.16
N SER A 108 -52.48 57.45 73.10
CA SER A 108 -52.30 56.93 71.76
C SER A 108 -50.84 56.94 71.32
N TYR A 109 -50.01 57.78 71.94
CA TYR A 109 -48.58 57.78 71.67
C TYR A 109 -47.81 56.90 72.64
N GLY A 110 -48.50 56.19 73.53
CA GLY A 110 -47.90 55.17 74.36
C GLY A 110 -47.73 55.50 75.83
N LEU A 111 -48.33 56.58 76.31
CA LEU A 111 -48.17 56.95 77.72
C LEU A 111 -48.63 55.80 78.61
N PRO A 112 -47.74 55.21 79.42
CA PRO A 112 -48.11 54.02 80.22
C PRO A 112 -48.99 54.34 81.42
N PHE A 113 -50.22 54.79 81.17
CA PHE A 113 -51.15 55.13 82.24
C PHE A 113 -51.45 53.91 83.10
N SER A 114 -51.81 54.15 84.39
CA SER A 114 -52.32 53.05 85.20
C SER A 114 -53.72 52.70 84.74
N ARG A 115 -54.11 51.43 84.91
CA ARG A 115 -55.35 50.92 84.33
C ARG A 115 -56.35 50.48 85.38
N THR A 116 -57.62 50.51 84.99
CA THR A 116 -58.73 50.03 85.81
C THR A 116 -58.98 48.54 85.53
N LYS A 117 -60.04 47.99 86.13
CA LYS A 117 -60.40 46.60 85.90
C LYS A 117 -61.03 46.35 84.54
N GLU A 118 -61.41 47.41 83.83
CA GLU A 118 -62.01 47.29 82.52
C GLU A 118 -61.07 47.68 81.40
N GLY A 119 -59.80 47.94 81.72
CA GLY A 119 -58.83 48.33 80.74
C GLY A 119 -58.80 49.81 80.43
N LYS A 120 -59.54 50.62 81.15
CA LYS A 120 -59.56 52.06 80.98
C LYS A 120 -58.49 52.71 81.86
N ILE A 121 -58.31 54.01 81.70
CA ILE A 121 -57.30 54.76 82.45
C ILE A 121 -57.80 55.03 83.86
N TYR A 122 -56.97 54.70 84.86
CA TYR A 122 -57.32 54.96 86.25
C TYR A 122 -57.22 56.44 86.56
N GLN A 123 -58.20 56.98 87.29
CA GLN A 123 -58.25 58.38 87.73
C GLN A 123 -58.33 58.46 89.26
N ARG A 124 -57.54 59.32 89.86
CA ARG A 124 -57.40 59.50 91.31
C ARG A 124 -58.03 60.81 91.76
N ALA A 125 -58.39 60.88 93.04
CA ALA A 125 -58.96 62.09 93.63
C ALA A 125 -57.85 63.12 93.90
N PHE A 126 -58.13 64.40 93.63
CA PHE A 126 -57.18 65.48 93.88
C PHE A 126 -57.93 66.65 94.52
N GLY A 127 -57.18 67.56 95.14
CA GLY A 127 -57.81 68.67 95.89
C GLY A 127 -58.42 69.71 94.97
N GLY A 128 -59.58 70.23 95.40
CA GLY A 128 -60.27 71.28 94.67
C GLY A 128 -61.18 70.80 93.55
N GLN A 129 -61.40 69.49 93.44
CA GLN A 129 -62.21 68.90 92.38
C GLN A 129 -63.51 68.35 92.94
N SER A 130 -64.63 68.71 92.28
CA SER A 130 -65.94 68.26 92.75
C SER A 130 -66.78 67.84 91.56
N LEU A 131 -68.00 67.43 91.81
CA LEU A 131 -68.97 67.06 90.78
C LEU A 131 -70.24 67.88 90.94
N LYS A 132 -70.96 68.00 89.84
CA LYS A 132 -72.27 68.71 89.81
C LYS A 132 -72.13 70.18 90.25
N PHE A 133 -71.05 70.84 89.81
CA PHE A 133 -70.83 72.29 90.07
C PHE A 133 -70.76 72.55 91.59
N GLY A 134 -70.21 71.60 92.32
CA GLY A 134 -69.97 71.77 93.74
C GLY A 134 -71.03 71.08 94.59
N LYS A 135 -72.19 70.76 94.02
CA LYS A 135 -73.25 70.11 94.76
C LYS A 135 -73.05 68.61 94.90
N GLY A 136 -72.10 68.03 94.18
CA GLY A 136 -71.75 66.63 94.30
C GLY A 136 -70.62 66.43 95.29
N GLY A 137 -69.88 65.34 95.12
CA GLY A 137 -68.77 64.99 95.97
C GLY A 137 -67.44 65.06 95.24
N GLN A 138 -66.41 64.50 95.90
CA GLN A 138 -65.07 64.47 95.34
C GLN A 138 -65.12 63.89 93.92
N ALA A 139 -64.39 64.50 93.00
CA ALA A 139 -64.31 64.08 91.61
C ALA A 139 -62.95 63.43 91.34
N TYR A 140 -63.00 62.21 90.78
CA TYR A 140 -61.76 61.50 90.44
C TYR A 140 -61.41 61.74 88.97
N ARG A 141 -60.85 62.92 88.67
CA ARG A 141 -60.45 63.32 87.32
C ARG A 141 -58.96 63.24 86.99
N CYS A 142 -58.11 62.88 87.93
CA CYS A 142 -56.63 62.99 87.71
C CYS A 142 -56.05 61.71 87.14
N ALA A 143 -56.10 61.55 85.82
CA ALA A 143 -55.52 60.37 85.13
C ALA A 143 -54.04 60.27 85.50
N ALA A 144 -53.67 59.36 86.39
CA ALA A 144 -52.29 59.25 86.90
C ALA A 144 -51.61 57.99 86.34
N ALA A 145 -50.28 57.94 86.36
CA ALA A 145 -49.49 56.76 85.95
C ALA A 145 -48.61 56.41 87.15
N ALA A 146 -49.18 55.82 88.20
CA ALA A 146 -48.47 55.55 89.47
C ALA A 146 -48.06 56.89 90.08
N ASP A 147 -46.88 57.00 90.71
CA ASP A 147 -46.36 58.27 91.28
C ASP A 147 -45.42 58.90 90.24
N ARG A 148 -45.42 58.40 89.01
CA ARG A 148 -44.52 58.89 87.93
C ARG A 148 -45.37 59.26 86.71
N THR A 149 -46.17 60.33 86.81
CA THR A 149 -47.05 60.77 85.69
C THR A 149 -46.29 61.79 84.85
N GLY A 150 -45.33 62.54 85.41
CA GLY A 150 -44.47 63.41 84.65
C GLY A 150 -43.48 62.68 83.76
N HIS A 151 -42.68 61.79 84.37
CA HIS A 151 -41.75 60.95 83.63
C HIS A 151 -42.44 60.34 82.45
N ALA A 152 -43.66 59.87 82.67
CA ALA A 152 -44.42 59.27 81.59
C ALA A 152 -44.73 60.29 80.51
N ILE A 153 -45.27 61.44 80.88
CA ILE A 153 -45.69 62.42 79.87
C ILE A 153 -44.49 62.92 79.08
N LEU A 154 -43.43 63.32 79.78
CA LEU A 154 -42.28 63.91 79.09
C LEU A 154 -41.63 62.90 78.16
N HIS A 155 -41.47 61.66 78.60
CA HIS A 155 -40.90 60.63 77.75
C HIS A 155 -41.78 60.37 76.53
N THR A 156 -43.11 60.38 76.73
CA THR A 156 -44.04 60.12 75.63
C THR A 156 -44.07 61.28 74.64
N LEU A 157 -43.97 62.51 75.15
CA LEU A 157 -43.94 63.68 74.27
C LEU A 157 -42.61 63.77 73.53
N TYR A 158 -41.52 63.32 74.14
CA TYR A 158 -40.26 63.21 73.42
C TYR A 158 -40.36 62.15 72.32
N GLY A 159 -40.98 61.02 72.62
CA GLY A 159 -41.20 60.02 71.58
C GLY A 159 -42.03 60.55 70.43
N MET A 160 -43.06 61.33 70.73
CA MET A 160 -43.88 61.93 69.69
C MET A 160 -43.05 62.89 68.84
N SER A 161 -42.16 63.65 69.49
CA SER A 161 -41.30 64.58 68.76
C SER A 161 -40.31 63.84 67.88
N LEU A 162 -39.81 62.69 68.36
CA LEU A 162 -38.95 61.86 67.54
C LEU A 162 -39.72 61.30 66.34
N LYS A 163 -40.96 60.88 66.55
CA LYS A 163 -41.77 60.36 65.46
C LYS A 163 -41.99 61.39 64.38
N TYR A 164 -42.17 62.65 64.78
CA TYR A 164 -42.38 63.73 63.83
C TYR A 164 -41.07 64.32 63.32
N ASP A 165 -39.93 63.89 63.85
CA ASP A 165 -38.61 64.38 63.45
C ASP A 165 -38.48 65.89 63.66
N CYS A 166 -38.44 66.26 64.93
CA CYS A 166 -38.29 67.64 65.34
C CYS A 166 -36.81 68.00 65.49
N LEU A 167 -36.40 69.09 64.86
CA LEU A 167 -35.03 69.58 64.98
C LEU A 167 -34.80 70.15 66.37
N PHE A 168 -33.90 69.54 67.13
CA PHE A 168 -33.62 69.91 68.51
C PHE A 168 -32.21 70.50 68.61
N PHE A 169 -32.09 71.64 69.27
CA PHE A 169 -30.79 72.24 69.59
C PHE A 169 -30.56 72.06 71.10
N ILE A 170 -29.99 70.93 71.49
CA ILE A 170 -29.87 70.54 72.89
C ILE A 170 -28.64 71.18 73.50
N GLU A 171 -28.77 71.60 74.77
CA GLU A 171 -27.71 72.29 75.51
C GLU A 171 -27.32 73.60 74.81
N TYR A 172 -28.35 74.39 74.51
CA TYR A 172 -28.22 75.74 73.98
C TYR A 172 -28.97 76.68 74.92
N PHE A 173 -28.26 77.64 75.52
CA PHE A 173 -28.86 78.56 76.48
C PHE A 173 -29.29 79.84 75.77
N ALA A 174 -30.60 80.07 75.70
CA ALA A 174 -31.12 81.27 75.04
C ALA A 174 -30.85 82.51 75.88
N LEU A 175 -30.43 83.58 75.21
CA LEU A 175 -30.00 84.80 75.89
C LEU A 175 -31.03 85.93 75.80
N ASP A 176 -31.61 86.17 74.63
CA ASP A 176 -32.55 87.27 74.43
C ASP A 176 -33.42 86.95 73.23
N LEU A 177 -34.37 87.85 72.93
CA LEU A 177 -35.22 87.76 71.77
C LEU A 177 -34.78 88.80 70.74
N ILE A 178 -34.87 88.45 69.46
CA ILE A 178 -34.46 89.37 68.38
C ILE A 178 -35.70 90.20 68.03
N MET A 179 -35.93 91.23 68.83
CA MET A 179 -37.06 92.13 68.62
C MET A 179 -36.80 93.09 67.48
N ASP A 180 -37.86 93.48 66.78
CA ASP A 180 -37.81 94.45 65.70
C ASP A 180 -38.10 95.85 66.25
N GLN A 181 -37.73 96.88 65.47
CA GLN A 181 -38.02 98.26 65.89
C GLN A 181 -39.52 98.49 66.01
N ASP A 182 -40.30 97.91 65.09
CA ASP A 182 -41.75 98.07 65.14
C ASP A 182 -42.31 97.52 66.44
N GLY A 183 -41.75 96.40 66.91
CA GLY A 183 -42.20 95.77 68.12
C GLY A 183 -42.67 94.33 67.94
N SER A 184 -42.02 93.60 67.04
CA SER A 184 -42.37 92.23 66.73
C SER A 184 -41.16 91.32 66.96
N CYS A 185 -41.37 90.19 67.62
CA CYS A 185 -40.29 89.23 67.80
C CYS A 185 -39.95 88.60 66.45
N LYS A 186 -38.66 88.58 66.11
CA LYS A 186 -38.18 87.98 64.89
C LYS A 186 -37.32 86.74 65.15
N GLY A 187 -37.30 86.25 66.39
CA GLY A 187 -36.54 85.07 66.76
C GLY A 187 -35.88 85.23 68.12
N VAL A 188 -34.83 84.42 68.34
CA VAL A 188 -34.10 84.36 69.61
C VAL A 188 -32.60 84.35 69.30
N ILE A 189 -31.79 84.78 70.27
CA ILE A 189 -30.33 84.70 70.19
C ILE A 189 -29.83 83.81 71.32
N ALA A 190 -29.22 82.68 70.97
CA ALA A 190 -28.81 81.66 71.92
C ALA A 190 -27.31 81.38 71.80
N MET A 191 -26.79 80.65 72.79
CA MET A 191 -25.41 80.20 72.83
C MET A 191 -25.38 78.68 72.99
N SER A 192 -24.37 78.05 72.40
CA SER A 192 -24.13 76.63 72.61
C SER A 192 -23.15 76.44 73.76
N MET A 193 -23.54 75.63 74.73
CA MET A 193 -22.69 75.33 75.88
C MET A 193 -21.72 74.21 75.59
N GLU A 194 -21.79 73.61 74.41
CA GLU A 194 -20.95 72.50 74.01
C GLU A 194 -19.88 72.90 73.02
N ASP A 195 -20.14 73.94 72.22
CA ASP A 195 -19.19 74.47 71.27
C ASP A 195 -18.73 75.88 71.61
N GLY A 196 -19.57 76.67 72.28
CA GLY A 196 -19.23 78.03 72.63
C GLY A 196 -19.58 79.05 71.59
N SER A 197 -20.42 78.70 70.62
CA SER A 197 -20.79 79.59 69.53
C SER A 197 -22.14 80.23 69.81
N ILE A 198 -22.33 81.44 69.27
CA ILE A 198 -23.58 82.16 69.38
C ILE A 198 -24.40 81.87 68.12
N HIS A 199 -25.68 81.58 68.29
CA HIS A 199 -26.58 81.30 67.19
C HIS A 199 -27.75 82.28 67.22
N ARG A 200 -28.09 82.83 66.06
CA ARG A 200 -29.18 83.79 65.93
C ARG A 200 -30.31 83.09 65.17
N PHE A 201 -31.22 82.47 65.90
CA PHE A 201 -32.36 81.80 65.29
C PHE A 201 -33.39 82.85 64.88
N GLY A 202 -33.74 82.87 63.60
CA GLY A 202 -34.72 83.81 63.09
C GLY A 202 -35.98 83.12 62.61
N ALA A 203 -37.10 83.38 63.28
CA ALA A 203 -38.37 82.71 63.00
C ALA A 203 -39.46 83.75 62.85
N HIS A 204 -40.54 83.35 62.17
CA HIS A 204 -41.70 84.22 62.05
C HIS A 204 -42.50 84.27 63.34
N GLN A 205 -42.60 83.13 64.05
CA GLN A 205 -43.35 83.04 65.29
C GLN A 205 -42.52 82.27 66.31
N THR A 206 -42.33 82.85 67.50
CA THR A 206 -41.54 82.26 68.56
C THR A 206 -42.44 81.85 69.71
N VAL A 207 -42.16 80.68 70.30
CA VAL A 207 -42.94 80.14 71.41
C VAL A 207 -42.02 80.01 72.62
N ILE A 208 -42.31 80.77 73.68
CA ILE A 208 -41.53 80.73 74.92
C ILE A 208 -42.16 79.66 75.80
N ALA A 209 -41.52 78.50 75.89
CA ALA A 209 -41.98 77.39 76.72
C ALA A 209 -40.98 77.06 77.80
N THR A 210 -40.42 78.09 78.43
CA THR A 210 -39.54 77.91 79.58
C THR A 210 -40.41 77.52 80.78
N GLY A 211 -39.80 77.34 81.94
CA GLY A 211 -40.53 77.02 83.16
C GLY A 211 -40.76 78.22 84.04
N GLY A 212 -40.84 77.98 85.35
CA GLY A 212 -41.03 79.04 86.32
C GLY A 212 -39.73 79.58 86.87
N TYR A 213 -39.81 80.31 87.98
CA TYR A 213 -38.66 80.90 88.65
C TYR A 213 -38.63 80.52 90.12
N GLY A 214 -38.97 79.27 90.42
CA GLY A 214 -39.08 78.81 91.79
C GLY A 214 -37.77 78.75 92.55
N ARG A 215 -36.64 78.75 91.83
CA ARG A 215 -35.34 78.72 92.49
C ARG A 215 -34.94 80.10 93.03
N ALA A 216 -35.86 81.06 93.01
CA ALA A 216 -35.66 82.37 93.60
C ALA A 216 -35.98 82.40 95.09
N TYR A 217 -36.37 81.26 95.66
CA TYR A 217 -36.64 81.10 97.08
C TYR A 217 -35.64 80.10 97.66
N GLN A 218 -35.41 80.20 98.97
CA GLN A 218 -34.45 79.31 99.61
C GLN A 218 -34.89 77.85 99.52
N SER A 219 -36.14 77.58 99.92
CA SER A 219 -36.70 76.23 99.90
C SER A 219 -37.78 76.16 98.82
N CYS A 220 -37.55 75.31 97.82
CA CYS A 220 -38.49 75.15 96.72
C CYS A 220 -38.55 73.67 96.33
N THR A 221 -39.62 73.30 95.63
CA THR A 221 -39.70 71.99 95.01
C THR A 221 -39.17 72.01 93.58
N SER A 222 -38.83 73.20 93.08
CA SER A 222 -38.39 73.38 91.71
C SER A 222 -36.97 72.83 91.51
N ALA A 223 -36.60 72.67 90.24
CA ALA A 223 -35.27 72.20 89.89
C ALA A 223 -34.28 73.36 89.90
N HIS A 224 -32.99 73.03 89.97
CA HIS A 224 -31.96 74.07 89.88
C HIS A 224 -32.02 74.79 88.55
N THR A 225 -32.60 74.16 87.53
CA THR A 225 -32.73 74.75 86.20
C THR A 225 -33.92 75.71 86.10
N CYS A 226 -34.78 75.76 87.12
CA CYS A 226 -35.97 76.62 87.10
C CYS A 226 -35.58 78.03 87.53
N THR A 227 -35.12 78.82 86.56
CA THR A 227 -34.68 80.17 86.81
C THR A 227 -35.52 81.21 86.06
N GLY A 228 -36.57 80.79 85.36
CA GLY A 228 -37.44 81.69 84.64
C GLY A 228 -36.71 82.52 83.61
N ASP A 229 -36.09 81.82 82.64
CA ASP A 229 -35.26 82.49 81.66
C ASP A 229 -36.07 83.19 80.57
N GLY A 230 -37.24 82.62 80.23
CA GLY A 230 -38.07 83.24 79.22
C GLY A 230 -38.80 84.46 79.71
N GLY A 231 -39.10 84.53 81.01
CA GLY A 231 -39.66 85.73 81.57
C GLY A 231 -38.67 86.88 81.59
N GLY A 232 -37.43 86.59 81.96
CA GLY A 232 -36.39 87.61 81.90
C GLY A 232 -36.19 88.14 80.50
N MET A 233 -36.21 87.24 79.50
CA MET A 233 -36.06 87.67 78.12
C MET A 233 -37.19 88.62 77.72
N VAL A 234 -38.42 88.31 78.12
CA VAL A 234 -39.56 89.17 77.80
C VAL A 234 -39.44 90.49 78.53
N SER A 235 -39.02 90.45 79.81
CA SER A 235 -38.89 91.67 80.59
C SER A 235 -37.80 92.57 80.03
N ARG A 236 -36.71 91.97 79.56
CA ARG A 236 -35.63 92.74 78.94
C ARG A 236 -35.96 93.18 77.52
N ALA A 237 -37.05 92.68 76.95
CA ALA A 237 -37.56 93.17 75.68
C ALA A 237 -38.52 94.33 75.85
N GLY A 238 -38.88 94.67 77.09
CA GLY A 238 -39.78 95.76 77.38
C GLY A 238 -41.23 95.38 77.46
N LEU A 239 -41.55 94.10 77.45
CA LEU A 239 -42.90 93.57 77.47
C LEU A 239 -43.31 93.21 78.90
N PRO A 240 -44.62 93.12 79.17
CA PRO A 240 -45.06 92.90 80.55
C PRO A 240 -45.08 91.44 80.97
N LEU A 241 -44.96 91.25 82.28
CA LEU A 241 -45.20 89.98 82.96
C LEU A 241 -46.39 90.17 83.90
N GLN A 242 -47.08 89.07 84.23
CA GLN A 242 -48.38 89.16 84.90
C GLN A 242 -48.47 88.24 86.10
N ASP A 243 -49.20 88.71 87.13
CA ASP A 243 -49.56 87.91 88.30
C ASP A 243 -48.34 87.23 88.93
N LEU A 244 -47.25 87.96 89.04
CA LEU A 244 -46.05 87.39 89.63
C LEU A 244 -46.12 87.31 91.15
N GLU A 245 -47.10 87.97 91.78
CA GLU A 245 -47.26 87.89 93.22
C GLU A 245 -47.88 86.57 93.67
N PHE A 246 -48.59 85.89 92.78
CA PHE A 246 -49.28 84.64 93.12
C PHE A 246 -48.31 83.49 92.97
N VAL A 247 -47.62 83.16 94.07
CA VAL A 247 -46.70 82.04 94.15
C VAL A 247 -47.33 80.97 95.03
N GLN A 248 -47.42 79.75 94.50
CA GLN A 248 -48.09 78.66 95.20
C GLN A 248 -47.10 77.90 96.08
N PHE A 249 -47.43 77.76 97.35
CA PHE A 249 -46.71 76.89 98.27
C PHE A 249 -47.45 75.56 98.31
N HIS A 250 -46.77 74.47 97.97
CA HIS A 250 -47.42 73.17 98.04
C HIS A 250 -47.54 72.74 99.51
N PRO A 251 -48.69 72.23 99.93
CA PRO A 251 -48.87 71.93 101.36
C PRO A 251 -47.83 70.98 101.94
N THR A 252 -47.51 69.90 101.21
CA THR A 252 -46.62 68.86 101.70
C THR A 252 -45.33 68.88 100.89
N GLY A 253 -44.24 69.25 101.53
CA GLY A 253 -42.90 69.11 100.98
C GLY A 253 -41.99 68.54 102.03
N ILE A 254 -41.17 67.53 101.70
CA ILE A 254 -40.38 66.87 102.73
C ILE A 254 -39.55 67.91 103.47
N PHE A 255 -39.46 67.77 104.78
CA PHE A 255 -38.75 68.72 105.62
C PHE A 255 -37.34 68.21 105.93
N PRO A 256 -36.29 69.04 105.86
CA PRO A 256 -36.23 70.33 105.17
C PRO A 256 -35.77 70.20 103.72
N ALA A 257 -35.52 68.97 103.27
CA ALA A 257 -35.04 68.71 101.92
C ALA A 257 -35.67 69.65 100.90
N GLY A 258 -36.98 69.86 101.00
CA GLY A 258 -37.70 70.66 100.04
C GLY A 258 -38.27 69.87 98.88
N CYS A 259 -38.17 68.55 98.92
CA CYS A 259 -38.73 67.69 97.90
C CYS A 259 -40.26 67.75 98.00
N LEU A 260 -40.93 67.19 96.99
CA LEU A 260 -42.39 67.24 96.93
C LEU A 260 -42.99 65.87 97.23
N MET A 261 -43.99 65.85 98.11
CA MET A 261 -44.81 64.67 98.35
C MET A 261 -46.12 64.89 97.59
N THR A 262 -46.46 63.96 96.69
CA THR A 262 -47.61 64.18 95.83
C THR A 262 -48.88 64.45 96.65
N GLU A 263 -49.73 65.34 96.14
CA GLU A 263 -51.05 65.57 96.73
C GLU A 263 -51.89 64.30 96.63
N GLY A 264 -51.55 63.41 95.71
CA GLY A 264 -52.21 62.13 95.61
C GLY A 264 -52.08 61.30 96.88
N CYS A 265 -51.02 61.52 97.65
CA CYS A 265 -50.88 60.82 98.93
C CYS A 265 -52.10 61.08 99.80
N ARG A 266 -52.48 62.36 99.91
CA ARG A 266 -53.69 62.72 100.65
C ARG A 266 -54.93 62.30 99.89
N GLY A 267 -54.87 62.32 98.55
CA GLY A 267 -55.99 61.92 97.72
C GLY A 267 -56.26 60.45 97.71
N GLU A 268 -55.44 59.67 98.40
CA GLU A 268 -55.61 58.23 98.52
C GLU A 268 -55.81 57.80 99.97
N GLY A 269 -55.98 58.76 100.89
CA GLY A 269 -56.24 58.47 102.29
C GLY A 269 -55.30 59.11 103.28
N GLY A 270 -54.25 59.78 102.82
CA GLY A 270 -53.28 60.35 103.74
C GLY A 270 -53.89 61.45 104.60
N ILE A 271 -53.46 61.50 105.86
CA ILE A 271 -53.98 62.41 106.86
C ILE A 271 -52.83 63.23 107.45
N LEU A 272 -53.04 64.53 107.61
CA LEU A 272 -52.07 65.42 108.24
C LEU A 272 -52.42 65.62 109.71
N ARG A 273 -51.45 65.34 110.60
CA ARG A 273 -51.68 65.46 112.04
C ARG A 273 -50.67 66.46 112.61
N ASN A 274 -50.97 66.95 113.82
CA ASN A 274 -50.17 67.97 114.52
C ASN A 274 -49.59 67.39 115.82
N SER A 275 -49.00 68.27 116.63
CA SER A 275 -48.43 67.84 117.90
C SER A 275 -49.49 67.21 118.80
N GLU A 276 -50.73 67.64 118.68
CA GLU A 276 -51.84 67.09 119.45
C GLU A 276 -52.39 65.83 118.81
N GLY A 277 -51.88 65.45 117.63
CA GLY A 277 -52.35 64.26 116.95
C GLY A 277 -53.70 64.42 116.28
N GLU A 278 -54.11 65.65 116.03
CA GLU A 278 -55.42 65.98 115.50
C GLU A 278 -55.38 66.11 113.98
N PRO A 279 -56.37 65.57 113.26
CA PRO A 279 -56.51 65.92 111.85
C PRO A 279 -57.09 67.33 111.73
N PHE A 280 -56.22 68.32 111.99
CA PHE A 280 -56.61 69.72 112.10
C PHE A 280 -57.29 70.25 110.85
N MET A 281 -57.10 69.60 109.71
CA MET A 281 -57.62 70.14 108.45
C MET A 281 -59.14 70.16 108.42
N ALA A 282 -59.82 69.52 109.37
CA ALA A 282 -61.27 69.58 109.42
C ALA A 282 -61.77 70.95 109.88
N ARG A 283 -60.96 71.68 110.66
CA ARG A 283 -61.39 72.99 111.15
C ARG A 283 -61.40 74.02 110.02
N TYR A 284 -60.44 73.92 109.09
CA TYR A 284 -60.34 74.79 107.93
C TYR A 284 -60.70 73.95 106.71
N ALA A 285 -61.61 74.46 105.87
CA ALA A 285 -62.08 73.66 104.75
C ALA A 285 -62.71 72.35 105.25
N PRO A 286 -63.75 72.45 106.07
CA PRO A 286 -64.33 71.23 106.69
C PRO A 286 -64.86 70.19 105.72
N THR A 287 -65.53 70.61 104.65
CA THR A 287 -66.12 69.63 103.73
C THR A 287 -65.06 68.78 103.06
N ALA A 288 -63.93 69.39 102.69
CA ALA A 288 -62.78 68.70 102.10
C ALA A 288 -61.56 69.00 102.99
N LYS A 289 -61.44 68.28 104.09
CA LYS A 289 -60.37 68.49 105.06
C LYS A 289 -58.96 68.57 104.48
N ASP A 290 -58.42 67.46 103.99
CA ASP A 290 -57.06 67.44 103.46
C ASP A 290 -57.02 67.66 101.96
N LEU A 291 -58.16 67.49 101.29
CA LEU A 291 -58.29 67.68 99.86
C LEU A 291 -58.85 69.07 99.53
N ALA A 292 -58.59 70.04 100.39
CA ALA A 292 -58.95 71.43 100.13
C ALA A 292 -57.96 72.03 99.13
N SER A 293 -58.18 73.27 98.73
CA SER A 293 -57.26 73.94 97.82
C SER A 293 -55.88 74.08 98.46
N ARG A 294 -54.84 73.98 97.62
CA ARG A 294 -53.47 73.99 98.15
C ARG A 294 -53.18 75.26 98.94
N ASP A 295 -53.83 76.36 98.61
CA ASP A 295 -53.58 77.61 99.34
C ASP A 295 -54.19 77.58 100.73
N VAL A 296 -55.38 76.98 100.87
CA VAL A 296 -56.01 76.86 102.18
C VAL A 296 -55.23 75.91 103.08
N VAL A 297 -54.79 74.77 102.54
CA VAL A 297 -54.06 73.80 103.34
C VAL A 297 -52.76 74.41 103.85
N SER A 298 -52.04 75.11 102.97
CA SER A 298 -50.76 75.69 103.36
C SER A 298 -50.94 76.73 104.46
N ARG A 299 -51.91 77.62 104.31
CA ARG A 299 -52.15 78.62 105.34
C ARG A 299 -52.54 77.98 106.65
N ALA A 300 -53.34 76.91 106.60
CA ALA A 300 -53.71 76.20 107.82
C ALA A 300 -52.49 75.60 108.51
N MET A 301 -51.61 74.98 107.72
CA MET A 301 -50.40 74.39 108.30
C MET A 301 -49.51 75.45 108.94
N THR A 302 -49.37 76.59 108.27
CA THR A 302 -48.51 77.65 108.80
C THR A 302 -49.08 78.22 110.10
N LEU A 303 -50.39 78.42 110.15
CA LEU A 303 -51.00 78.92 111.38
C LEU A 303 -50.84 77.93 112.52
N GLU A 304 -50.95 76.64 112.22
CA GLU A 304 -50.84 75.63 113.25
C GLU A 304 -49.46 75.61 113.88
N ILE A 305 -48.41 75.61 113.05
CA ILE A 305 -47.05 75.70 113.57
C ILE A 305 -46.87 77.00 114.34
N ARG A 306 -47.47 78.08 113.84
CA ARG A 306 -47.36 79.37 114.51
C ARG A 306 -48.05 79.35 115.87
N GLU A 307 -49.18 78.64 115.97
CA GLU A 307 -49.91 78.56 117.23
C GLU A 307 -49.19 77.70 118.26
N GLY A 308 -48.13 77.00 117.87
CA GLY A 308 -47.38 76.16 118.78
C GLY A 308 -47.65 74.69 118.64
N ARG A 309 -48.69 74.30 117.92
CA ARG A 309 -49.04 72.90 117.70
C ARG A 309 -48.30 72.32 116.49
N GLY A 310 -46.97 72.46 116.48
CA GLY A 310 -46.15 71.88 115.44
C GLY A 310 -45.41 70.65 115.93
N VAL A 311 -45.04 69.78 114.99
CA VAL A 311 -44.39 68.51 115.32
C VAL A 311 -42.89 68.65 115.12
N GLY A 312 -42.14 67.77 115.80
CA GLY A 312 -40.69 67.76 115.71
C GLY A 312 -40.03 68.25 116.99
N PRO A 313 -38.71 68.06 117.11
CA PRO A 313 -38.02 68.62 118.28
C PRO A 313 -38.09 70.13 118.34
N ASN A 314 -37.97 70.79 117.21
CA ASN A 314 -38.08 72.23 117.11
C ASN A 314 -39.52 72.69 116.92
N LYS A 315 -40.47 71.75 116.90
CA LYS A 315 -41.88 72.07 116.68
C LYS A 315 -42.05 72.96 115.46
N ASP A 316 -41.36 72.59 114.39
CA ASP A 316 -41.23 73.43 113.20
C ASP A 316 -41.98 72.90 111.99
N HIS A 317 -42.45 71.65 112.01
CA HIS A 317 -43.11 71.08 110.84
C HIS A 317 -44.41 70.37 111.23
N ILE A 318 -45.03 69.66 110.27
CA ILE A 318 -46.27 68.93 110.43
C ILE A 318 -46.01 67.51 109.95
N TYR A 319 -46.82 66.55 110.44
CA TYR A 319 -46.67 65.14 110.09
C TYR A 319 -47.77 64.70 109.12
N LEU A 320 -47.38 63.95 108.09
CA LEU A 320 -48.30 63.33 107.13
C LEU A 320 -48.30 61.83 107.37
N HIS A 321 -49.43 61.29 107.82
CA HIS A 321 -49.55 59.88 108.19
C HIS A 321 -50.21 59.10 107.07
N LEU A 322 -49.40 58.37 106.32
CA LEU A 322 -49.89 57.42 105.33
C LEU A 322 -49.83 55.99 105.84
N ASP A 323 -49.38 55.80 107.08
CA ASP A 323 -49.16 54.46 107.61
C ASP A 323 -50.44 53.64 107.68
N HIS A 324 -51.57 54.29 107.95
CA HIS A 324 -52.83 53.57 108.13
C HIS A 324 -53.33 52.94 106.84
N LEU A 325 -52.92 53.46 105.68
CA LEU A 325 -53.38 52.96 104.39
C LEU A 325 -52.79 51.58 104.09
N PRO A 326 -53.45 50.80 103.24
CA PRO A 326 -52.93 49.47 102.91
C PRO A 326 -51.55 49.54 102.25
N ALA A 327 -50.71 48.56 102.58
CA ALA A 327 -49.36 48.53 102.04
C ALA A 327 -49.36 48.30 100.54
N GLU A 328 -50.31 47.49 100.04
CA GLU A 328 -50.41 47.26 98.61
C GLU A 328 -50.76 48.53 97.85
N THR A 329 -51.71 49.31 98.38
CA THR A 329 -52.07 50.57 97.74
C THR A 329 -50.89 51.53 97.74
N LEU A 330 -50.14 51.57 98.84
CA LEU A 330 -48.95 52.40 98.89
C LEU A 330 -47.95 51.97 97.83
N ARG A 331 -47.76 50.65 97.70
CA ARG A 331 -46.79 50.12 96.76
C ARG A 331 -47.23 50.30 95.31
N GLU A 332 -48.57 50.26 95.08
CA GLU A 332 -49.13 50.28 93.73
C GLU A 332 -49.38 51.70 93.23
N ARG A 333 -49.97 52.54 94.09
CA ARG A 333 -50.41 53.89 93.71
C ARG A 333 -49.39 54.97 94.06
N LEU A 334 -48.60 54.77 95.11
CA LEU A 334 -47.58 55.73 95.54
C LEU A 334 -46.21 55.06 95.58
N PRO A 335 -45.75 54.53 94.45
CA PRO A 335 -44.49 53.77 94.43
C PRO A 335 -43.25 54.63 94.61
N GLY A 336 -43.29 55.90 94.19
CA GLY A 336 -42.11 56.75 94.20
C GLY A 336 -41.91 57.52 95.50
N ILE A 337 -43.03 57.96 96.09
CA ILE A 337 -42.98 58.68 97.36
C ILE A 337 -42.21 57.88 98.40
N SER A 338 -42.50 56.58 98.48
CA SER A 338 -41.92 55.75 99.53
C SER A 338 -40.41 55.80 99.51
N GLU A 339 -39.81 55.63 98.33
CA GLU A 339 -38.36 55.63 98.21
C GLU A 339 -37.78 57.00 98.55
N THR A 340 -38.38 58.06 98.03
CA THR A 340 -37.89 59.41 98.29
C THR A 340 -37.91 59.71 99.78
N ALA A 341 -38.97 59.31 100.47
CA ALA A 341 -39.03 59.47 101.91
C ALA A 341 -37.92 58.69 102.59
N LYS A 342 -37.71 57.45 102.18
CA LYS A 342 -36.69 56.60 102.79
C LYS A 342 -35.30 57.21 102.67
N ILE A 343 -35.08 58.04 101.65
CA ILE A 343 -33.77 58.61 101.41
C ILE A 343 -33.66 60.00 102.04
N PHE A 344 -34.44 60.95 101.52
CA PHE A 344 -34.30 62.33 101.93
C PHE A 344 -34.88 62.63 103.30
N ALA A 345 -35.65 61.71 103.88
CA ALA A 345 -36.19 61.87 105.22
C ALA A 345 -35.88 60.70 106.14
N GLY A 346 -35.58 59.52 105.61
CA GLY A 346 -35.35 58.33 106.42
C GLY A 346 -36.60 57.80 107.08
N VAL A 347 -37.74 57.86 106.39
CA VAL A 347 -39.04 57.47 106.93
C VAL A 347 -39.52 56.22 106.19
N ASP A 348 -40.12 55.30 106.94
CA ASP A 348 -40.81 54.15 106.36
C ASP A 348 -42.30 54.49 106.31
N VAL A 349 -42.79 54.78 105.11
CA VAL A 349 -44.16 55.27 104.94
C VAL A 349 -45.16 54.34 105.61
N THR A 350 -44.93 53.04 105.53
CA THR A 350 -45.89 52.06 106.04
C THR A 350 -45.92 52.02 107.57
N LYS A 351 -44.94 52.61 108.24
CA LYS A 351 -44.83 52.51 109.69
C LYS A 351 -44.62 53.84 110.39
N GLU A 352 -44.28 54.90 109.69
CA GLU A 352 -43.89 56.17 110.29
C GLU A 352 -44.53 57.33 109.56
N PRO A 353 -44.66 58.47 110.23
CA PRO A 353 -45.12 59.69 109.55
C PRO A 353 -43.97 60.39 108.84
N ILE A 354 -44.34 61.17 107.83
CA ILE A 354 -43.37 61.91 107.01
C ILE A 354 -43.37 63.36 107.44
N PRO A 355 -42.21 63.97 107.71
CA PRO A 355 -42.19 65.40 108.04
C PRO A 355 -42.39 66.26 106.80
N VAL A 356 -43.33 67.20 106.88
CA VAL A 356 -43.68 68.04 105.74
C VAL A 356 -43.89 69.48 106.18
N LEU A 357 -43.75 70.41 105.22
CA LEU A 357 -43.90 71.84 105.46
C LEU A 357 -44.27 72.52 104.15
N PRO A 358 -45.11 73.55 104.17
CA PRO A 358 -45.42 74.26 102.91
C PRO A 358 -44.17 74.81 102.23
N THR A 359 -44.06 74.57 100.92
CA THR A 359 -42.88 74.90 100.12
C THR A 359 -43.30 75.47 98.76
N VAL A 360 -42.56 76.47 98.26
CA VAL A 360 -42.90 77.05 96.95
C VAL A 360 -42.80 75.97 95.89
N HIS A 361 -43.84 75.87 95.04
CA HIS A 361 -43.95 74.78 94.08
C HIS A 361 -44.16 75.27 92.65
N TYR A 362 -45.10 76.18 92.44
CA TYR A 362 -45.48 76.64 91.11
C TYR A 362 -45.62 78.15 91.14
N ASN A 363 -45.64 78.77 89.97
CA ASN A 363 -45.83 80.21 89.84
C ASN A 363 -46.97 80.46 88.87
N MET A 364 -48.11 80.92 89.39
CA MET A 364 -49.26 81.20 88.53
C MET A 364 -49.01 82.35 87.57
N GLY A 365 -48.02 83.20 87.86
CA GLY A 365 -47.70 84.29 86.98
C GLY A 365 -46.82 83.88 85.82
N GLY A 366 -46.64 84.81 84.89
CA GLY A 366 -45.85 84.55 83.70
C GLY A 366 -46.15 85.59 82.63
N ILE A 367 -45.77 85.25 81.40
CA ILE A 367 -46.03 86.14 80.26
C ILE A 367 -47.53 86.26 80.06
N PRO A 368 -48.08 87.47 79.96
CA PRO A 368 -49.51 87.58 79.66
C PRO A 368 -49.83 86.97 78.30
N THR A 369 -50.88 86.15 78.25
CA THR A 369 -51.27 85.45 77.03
C THR A 369 -52.78 85.43 76.89
N ASN A 370 -53.25 85.29 75.65
CA ASN A 370 -54.67 85.12 75.36
C ASN A 370 -54.98 83.63 75.30
N TRP A 371 -56.21 83.27 74.89
CA TRP A 371 -56.59 81.87 74.84
C TRP A 371 -55.94 81.12 73.70
N LYS A 372 -55.35 81.83 72.74
CA LYS A 372 -54.64 81.23 71.62
C LYS A 372 -53.15 81.09 71.89
N ALA A 373 -52.70 81.43 73.11
CA ALA A 373 -51.31 81.34 73.54
C ALA A 373 -50.45 82.44 72.93
N GLN A 374 -51.06 83.49 72.40
CA GLN A 374 -50.33 84.62 71.86
C GLN A 374 -50.01 85.59 72.99
N CYS A 375 -48.73 85.91 73.16
CA CYS A 375 -48.33 86.83 74.21
C CYS A 375 -48.94 88.20 73.98
N LEU A 376 -49.29 88.88 75.07
CA LEU A 376 -50.00 90.14 75.04
C LEU A 376 -49.09 91.28 75.51
N ASN A 377 -49.25 92.45 74.89
CA ASN A 377 -48.60 93.69 75.32
C ASN A 377 -49.71 94.71 75.54
N PRO A 378 -50.44 94.60 76.64
CA PRO A 378 -51.66 95.40 76.81
C PRO A 378 -51.40 96.90 76.75
N THR A 379 -52.37 97.60 76.19
CA THR A 379 -52.38 99.05 76.09
C THR A 379 -53.67 99.57 76.74
N SER A 380 -53.66 100.84 77.15
CA SER A 380 -54.79 101.38 77.89
C SER A 380 -56.10 101.20 77.14
N SER A 381 -56.05 101.22 75.82
CA SER A 381 -57.23 101.05 75.00
C SER A 381 -57.47 99.62 74.55
N ASP A 382 -56.42 98.82 74.47
CA ASP A 382 -56.49 97.44 73.98
C ASP A 382 -55.86 96.52 75.01
N PRO A 383 -56.63 96.13 76.04
CA PRO A 383 -56.07 95.20 77.04
C PRO A 383 -55.72 93.85 76.47
N ASN A 384 -56.27 93.51 75.30
CA ASN A 384 -56.03 92.23 74.65
C ASN A 384 -55.03 92.34 73.49
N LYS A 385 -54.34 93.48 73.35
CA LYS A 385 -53.36 93.63 72.29
C LYS A 385 -52.28 92.56 72.42
N ILE A 386 -51.83 92.01 71.29
CA ILE A 386 -50.91 90.88 71.31
C ILE A 386 -49.59 91.28 70.65
N VAL A 387 -48.48 90.80 71.22
CA VAL A 387 -47.19 90.98 70.54
C VAL A 387 -47.26 90.31 69.19
N PRO A 388 -46.82 90.94 68.11
CA PRO A 388 -47.11 90.39 66.76
C PRO A 388 -46.57 88.99 66.53
N GLY A 389 -45.34 88.72 66.95
CA GLY A 389 -44.70 87.46 66.62
C GLY A 389 -44.33 86.54 67.77
N LEU A 390 -44.97 86.72 68.93
CA LEU A 390 -44.60 85.98 70.13
C LEU A 390 -45.78 85.19 70.69
N LEU A 391 -45.49 83.99 71.18
CA LEU A 391 -46.46 83.10 71.85
C LEU A 391 -45.79 82.54 73.10
N ALA A 392 -46.60 82.09 74.08
CA ALA A 392 -46.07 81.48 75.29
C ALA A 392 -46.91 80.28 75.70
N ALA A 393 -46.27 79.30 76.35
CA ALA A 393 -46.93 78.08 76.80
C ALA A 393 -46.26 77.55 78.07
N GLY A 394 -47.04 76.89 78.92
CA GLY A 394 -46.49 76.23 80.11
C GLY A 394 -46.48 77.12 81.35
N GLU A 395 -45.66 76.71 82.34
CA GLU A 395 -45.56 77.50 83.56
C GLU A 395 -45.05 78.91 83.25
N ALA A 396 -44.25 79.03 82.20
CA ALA A 396 -43.74 80.33 81.78
C ALA A 396 -44.87 81.27 81.40
N GLY A 397 -45.91 80.75 80.74
CA GLY A 397 -47.01 81.58 80.31
C GLY A 397 -48.04 81.79 81.39
N SER A 398 -48.82 82.87 81.26
CA SER A 398 -49.93 83.16 82.16
C SER A 398 -51.15 83.50 81.31
N ALA A 399 -51.83 82.46 80.81
CA ALA A 399 -53.13 82.65 80.19
C ALA A 399 -54.19 82.86 81.25
N SER A 400 -53.81 82.70 82.51
CA SER A 400 -54.66 82.85 83.68
C SER A 400 -55.71 81.74 83.75
N VAL A 401 -55.39 80.57 83.19
CA VAL A 401 -56.25 79.42 83.45
C VAL A 401 -56.25 79.11 84.93
N HIS A 402 -55.11 79.31 85.60
CA HIS A 402 -54.95 78.97 87.01
C HIS A 402 -55.20 80.15 87.94
N GLY A 403 -55.23 81.39 87.44
CA GLY A 403 -55.58 82.53 88.25
C GLY A 403 -54.70 82.70 89.48
N ALA A 404 -55.35 82.83 90.66
CA ALA A 404 -54.65 83.08 91.91
C ALA A 404 -54.17 81.82 92.60
N ASN A 405 -54.71 80.66 92.24
CA ASN A 405 -54.29 79.38 92.80
C ASN A 405 -54.57 78.28 91.79
N ARG A 406 -53.56 77.46 91.52
CA ARG A 406 -53.65 76.37 90.57
C ARG A 406 -54.22 75.13 91.25
N LEU A 407 -55.17 74.46 90.62
CA LEU A 407 -55.65 73.18 91.12
C LEU A 407 -54.69 72.08 90.70
N GLY A 408 -54.38 71.20 91.64
CA GLY A 408 -53.46 70.11 91.35
C GLY A 408 -53.89 69.34 90.11
N ALA A 409 -52.93 68.95 89.28
CA ALA A 409 -53.18 68.18 88.06
C ALA A 409 -53.83 69.02 86.96
N ASN A 410 -53.71 70.35 87.02
CA ASN A 410 -54.15 71.21 85.93
C ASN A 410 -52.99 71.80 85.13
N SER A 411 -51.78 71.81 85.69
CA SER A 411 -50.64 72.37 84.98
C SER A 411 -50.21 71.46 83.84
N LEU A 412 -50.03 70.17 84.13
CA LEU A 412 -49.70 69.21 83.07
C LEU A 412 -50.74 69.25 81.97
N LEU A 413 -52.00 69.56 82.34
CA LEU A 413 -53.06 69.72 81.34
C LEU A 413 -52.84 71.00 80.54
N ASP A 414 -52.38 72.07 81.18
CA ASP A 414 -52.09 73.32 80.48
C ASP A 414 -50.89 73.16 79.56
N LEU A 415 -49.94 72.29 79.91
CA LEU A 415 -48.80 72.05 79.03
C LEU A 415 -49.28 71.49 77.70
N VAL A 416 -50.08 70.42 77.74
CA VAL A 416 -50.52 69.75 76.52
C VAL A 416 -51.50 70.63 75.75
N VAL A 417 -52.48 71.21 76.43
CA VAL A 417 -53.52 71.96 75.71
C VAL A 417 -52.94 73.19 75.04
N PHE A 418 -52.18 73.99 75.78
CA PHE A 418 -51.71 75.26 75.24
C PHE A 418 -50.50 75.09 74.33
N GLY A 419 -49.69 74.05 74.54
CA GLY A 419 -48.68 73.72 73.54
C GLY A 419 -49.32 73.38 72.21
N ARG A 420 -50.40 72.60 72.24
CA ARG A 420 -51.16 72.27 71.04
C ARG A 420 -51.79 73.52 70.43
N THR A 421 -52.37 74.37 71.28
CA THR A 421 -53.02 75.59 70.78
C THR A 421 -52.00 76.50 70.12
N ALA A 422 -50.81 76.61 70.71
CA ALA A 422 -49.78 77.46 70.16
C ALA A 422 -49.38 77.01 68.76
N ALA A 423 -49.27 75.70 68.57
CA ALA A 423 -48.94 75.17 67.25
C ALA A 423 -50.06 75.46 66.25
N ASP A 424 -51.32 75.34 66.69
CA ASP A 424 -52.44 75.66 65.80
C ASP A 424 -52.44 77.13 65.41
N THR A 425 -52.14 78.00 66.38
CA THR A 425 -52.21 79.44 66.14
C THR A 425 -51.13 79.89 65.16
N VAL A 426 -49.93 79.31 65.27
CA VAL A 426 -48.86 79.62 64.33
C VAL A 426 -49.21 79.12 62.93
N ALA A 427 -49.81 77.94 62.85
CA ALA A 427 -50.17 77.38 61.55
C ALA A 427 -51.02 78.35 60.75
N GLU A 428 -51.98 78.99 61.42
CA GLU A 428 -52.84 79.97 60.74
C GLU A 428 -52.03 81.19 60.30
N ILE A 429 -51.13 81.69 61.15
CA ILE A 429 -50.31 82.88 60.85
C ILE A 429 -49.26 82.52 59.79
N VAL A 430 -48.30 81.65 60.14
CA VAL A 430 -47.19 81.23 59.22
C VAL A 430 -47.64 80.06 58.36
N LYS A 431 -47.43 80.12 57.05
CA LYS A 431 -47.78 79.02 56.11
C LYS A 431 -46.69 77.95 56.16
N PRO A 432 -46.93 76.71 55.69
CA PRO A 432 -45.93 75.64 55.79
C PRO A 432 -44.63 76.08 55.10
N ASN A 433 -44.72 76.73 53.94
CA ASN A 433 -43.54 77.26 53.21
C ASN A 433 -43.71 78.77 53.07
N SER A 434 -42.77 79.57 53.57
CA SER A 434 -42.86 81.06 53.54
C SER A 434 -41.48 81.67 53.28
N PRO A 435 -41.38 82.86 52.64
CA PRO A 435 -40.09 83.52 52.46
C PRO A 435 -39.42 83.70 53.82
N PRO A 436 -38.08 83.61 53.94
CA PRO A 436 -37.39 83.65 55.27
C PRO A 436 -37.51 85.01 55.94
N VAL A 437 -37.55 84.99 57.29
CA VAL A 437 -37.63 86.24 58.07
C VAL A 437 -36.37 87.09 57.83
N THR A 438 -36.53 88.42 57.88
CA THR A 438 -35.41 89.35 57.70
C THR A 438 -34.95 89.83 59.08
N LEU A 439 -33.95 89.15 59.63
CA LEU A 439 -33.42 89.52 60.93
C LEU A 439 -32.94 90.97 60.88
N PRO A 440 -33.31 91.82 61.84
CA PRO A 440 -32.91 93.23 61.79
C PRO A 440 -31.39 93.37 61.73
N LYS A 441 -30.94 94.54 61.28
CA LYS A 441 -29.52 94.69 60.96
C LYS A 441 -28.64 94.52 62.20
N ASP A 442 -29.01 95.17 63.30
CA ASP A 442 -28.25 95.06 64.54
C ASP A 442 -28.87 94.00 65.46
N ALA A 443 -28.98 92.78 64.95
CA ALA A 443 -29.63 91.71 65.68
C ALA A 443 -28.61 91.01 66.57
N GLY A 444 -28.75 91.19 67.88
CA GLY A 444 -27.88 90.58 68.85
C GLY A 444 -26.82 91.50 69.39
N GLY A 445 -26.49 92.59 68.70
CA GLY A 445 -25.47 93.52 69.13
C GLY A 445 -25.47 93.74 70.62
N GLY A 446 -26.60 94.18 71.17
CA GLY A 446 -26.68 94.42 72.59
C GLY A 446 -26.46 93.16 73.41
N THR A 447 -27.06 92.05 72.98
CA THR A 447 -26.92 90.79 73.71
C THR A 447 -25.48 90.33 73.74
N ILE A 448 -24.79 90.40 72.60
CA ILE A 448 -23.38 89.99 72.55
C ILE A 448 -22.55 90.86 73.46
N ASP A 449 -22.81 92.17 73.46
CA ASP A 449 -22.03 93.08 74.30
C ASP A 449 -22.22 92.76 75.78
N ARG A 450 -23.46 92.54 76.19
CA ARG A 450 -23.73 92.18 77.58
C ARG A 450 -23.10 90.84 77.93
N PHE A 451 -23.22 89.86 77.04
CA PHE A 451 -22.61 88.55 77.29
C PHE A 451 -21.11 88.70 77.49
N ASP A 452 -20.47 89.52 76.68
CA ASP A 452 -19.03 89.74 76.79
C ASP A 452 -18.69 90.49 78.06
N LYS A 453 -19.51 91.48 78.42
CA LYS A 453 -19.31 92.23 79.66
C LYS A 453 -19.42 91.34 80.88
N ILE A 454 -20.37 90.40 80.86
CA ILE A 454 -20.54 89.45 81.95
C ILE A 454 -19.46 88.38 81.92
N ARG A 455 -19.07 87.96 80.73
CA ARG A 455 -17.98 86.98 80.61
C ARG A 455 -16.72 87.50 81.27
N HIS A 456 -16.38 88.76 81.00
CA HIS A 456 -15.20 89.39 81.59
C HIS A 456 -15.59 90.28 82.77
N ALA A 457 -16.25 89.67 83.75
CA ALA A 457 -16.69 90.37 84.95
C ALA A 457 -15.75 90.04 86.11
N LYS A 458 -15.19 91.07 86.73
CA LYS A 458 -14.19 90.92 87.77
C LYS A 458 -14.54 91.77 88.99
N GLY A 459 -15.80 91.74 89.41
CA GLY A 459 -16.26 92.53 90.53
C GLY A 459 -16.19 91.80 91.85
N PRO A 460 -16.50 92.50 92.95
CA PRO A 460 -16.28 91.91 94.28
C PRO A 460 -17.24 90.79 94.65
N VAL A 461 -18.54 90.94 94.39
CA VAL A 461 -19.52 89.96 94.85
C VAL A 461 -19.53 88.76 93.91
N SER A 462 -19.81 87.59 94.48
CA SER A 462 -19.90 86.35 93.73
C SER A 462 -21.35 86.02 93.41
N THR A 463 -21.56 85.32 92.29
CA THR A 463 -22.91 84.97 91.87
C THR A 463 -23.63 84.17 92.95
N ALA A 464 -22.93 83.22 93.58
CA ALA A 464 -23.55 82.39 94.60
C ALA A 464 -23.98 83.22 95.81
N ASP A 465 -23.11 84.12 96.27
CA ASP A 465 -23.46 84.95 97.42
C ASP A 465 -24.68 85.81 97.11
N LEU A 466 -24.70 86.43 95.93
CA LEU A 466 -25.83 87.28 95.57
C LEU A 466 -27.11 86.47 95.48
N ARG A 467 -27.02 85.25 94.93
CA ARG A 467 -28.21 84.41 94.82
C ARG A 467 -28.73 84.02 96.19
N SER A 468 -27.85 83.65 97.11
CA SER A 468 -28.27 83.31 98.46
C SER A 468 -28.96 84.50 99.12
N LYS A 469 -28.45 85.70 98.88
CA LYS A 469 -29.08 86.90 99.44
C LYS A 469 -30.50 87.06 98.92
N LEU A 470 -30.68 86.91 97.60
CA LEU A 470 -32.01 87.02 97.01
C LEU A 470 -32.93 85.93 97.52
N GLN A 471 -32.44 84.69 97.58
CA GLN A 471 -33.27 83.59 98.03
C GLN A 471 -33.72 83.81 99.47
N ARG A 472 -32.82 84.31 100.32
CA ARG A 472 -33.17 84.61 101.70
C ARG A 472 -34.25 85.67 101.79
N THR A 473 -34.09 86.77 101.04
CA THR A 473 -35.06 87.86 101.12
C THR A 473 -36.43 87.40 100.66
N MET A 474 -36.49 86.64 99.57
CA MET A 474 -37.78 86.17 99.08
C MET A 474 -38.45 85.23 100.08
N GLN A 475 -37.67 84.33 100.68
CA GLN A 475 -38.23 83.37 101.63
C GLN A 475 -38.74 84.07 102.90
N THR A 476 -38.04 85.11 103.35
CA THR A 476 -38.40 85.79 104.58
C THR A 476 -39.39 86.93 104.38
N ARG A 477 -39.36 87.60 103.25
CA ARG A 477 -40.19 88.78 103.03
C ARG A 477 -41.45 88.48 102.22
N ALA A 478 -41.52 87.33 101.57
CA ALA A 478 -42.70 86.89 100.84
C ALA A 478 -43.06 85.46 101.23
N PRO A 479 -43.43 85.23 102.49
CA PRO A 479 -43.80 83.88 102.94
C PRO A 479 -45.26 83.56 102.63
N VAL A 480 -45.78 82.46 103.19
CA VAL A 480 -47.18 82.12 102.99
C VAL A 480 -48.09 83.26 103.45
N TYR A 481 -47.82 83.81 104.63
CA TYR A 481 -48.59 84.92 105.18
C TYR A 481 -47.74 86.19 105.09
N ARG A 482 -48.10 87.07 104.16
CA ARG A 482 -47.32 88.27 103.88
C ARG A 482 -47.89 89.45 104.64
N ASN A 483 -47.01 90.31 105.16
CA ASN A 483 -47.43 91.57 105.75
C ASN A 483 -46.84 92.74 105.00
N GLY A 484 -47.53 93.87 105.06
CA GLY A 484 -47.16 95.01 104.24
C GLY A 484 -45.83 95.61 104.63
N ASP A 485 -45.54 95.63 105.92
CA ASP A 485 -44.26 96.17 106.38
C ASP A 485 -43.10 95.38 105.82
N ASP A 486 -43.13 94.05 105.97
CA ASP A 486 -42.05 93.22 105.43
C ASP A 486 -41.98 93.35 103.92
N LEU A 487 -43.13 93.37 103.26
CA LEU A 487 -43.14 93.50 101.80
C LEU A 487 -42.45 94.79 101.37
N LYS A 488 -42.60 95.87 102.13
CA LYS A 488 -41.91 97.10 101.83
C LYS A 488 -40.41 96.97 102.07
N LYS A 489 -40.03 96.46 103.25
CA LYS A 489 -38.61 96.20 103.52
C LYS A 489 -37.99 95.38 102.40
N GLY A 490 -38.64 94.27 102.04
CA GLY A 490 -38.11 93.41 101.01
C GLY A 490 -38.00 94.11 99.68
N CYS A 491 -38.99 94.95 99.34
CA CYS A 491 -38.96 95.65 98.08
C CYS A 491 -37.74 96.56 97.99
N GLU A 492 -37.36 97.17 99.11
CA GLU A 492 -36.13 97.95 99.14
C GLU A 492 -34.91 97.05 98.98
N GLU A 493 -34.92 95.89 99.63
CA GLU A 493 -33.78 94.98 99.57
C GLU A 493 -33.56 94.44 98.18
N VAL A 494 -34.64 94.04 97.49
CA VAL A 494 -34.47 93.47 96.16
C VAL A 494 -33.96 94.53 95.20
N ARG A 495 -34.37 95.78 95.38
CA ARG A 495 -33.84 96.86 94.57
C ARG A 495 -32.34 97.04 94.79
N GLU A 496 -31.88 96.86 96.04
CA GLU A 496 -30.45 96.90 96.30
C GLU A 496 -29.74 95.73 95.63
N ILE A 497 -30.30 94.52 95.72
CA ILE A 497 -29.73 93.36 95.06
C ILE A 497 -29.70 93.57 93.56
N MET A 498 -30.64 94.35 93.02
CA MET A 498 -30.65 94.67 91.60
C MET A 498 -29.44 95.52 91.21
N LYS A 499 -29.11 96.53 92.02
CA LYS A 499 -27.98 97.39 91.73
C LYS A 499 -26.66 96.77 92.15
N GLU A 500 -26.70 95.62 92.83
CA GLU A 500 -25.53 94.88 93.22
C GLU A 500 -25.05 93.93 92.13
N TYR A 501 -25.89 93.64 91.14
CA TYR A 501 -25.50 92.78 90.04
C TYR A 501 -24.42 93.40 89.18
N LYS A 502 -24.21 94.71 89.32
CA LYS A 502 -23.14 95.42 88.64
C LYS A 502 -21.77 95.12 89.22
N ASP A 503 -21.70 94.47 90.38
CA ASP A 503 -20.45 94.10 91.02
C ASP A 503 -20.18 92.61 91.00
N VAL A 504 -21.02 91.82 90.32
CA VAL A 504 -20.81 90.38 90.28
C VAL A 504 -19.54 90.08 89.49
N GLY A 505 -18.85 89.00 89.88
CA GLY A 505 -17.64 88.60 89.21
C GLY A 505 -17.54 87.10 89.03
N ILE A 506 -17.10 86.66 87.85
CA ILE A 506 -16.93 85.25 87.54
C ILE A 506 -15.46 84.95 87.33
N LYS A 507 -15.03 83.75 87.70
CA LYS A 507 -13.63 83.36 87.58
C LYS A 507 -13.31 82.60 86.30
N ASP A 508 -14.28 81.91 85.72
CA ASP A 508 -14.08 81.15 84.49
C ASP A 508 -14.46 82.00 83.29
N ARG A 509 -13.55 82.09 82.33
CA ARG A 509 -13.72 82.95 81.17
C ARG A 509 -13.81 82.16 79.85
N THR A 510 -13.98 80.85 79.94
CA THR A 510 -14.19 80.01 78.76
C THR A 510 -15.66 80.05 78.32
N LEU A 511 -15.93 79.45 77.17
CA LEU A 511 -17.28 79.42 76.62
C LEU A 511 -17.90 78.03 76.51
N VAL A 512 -17.14 76.97 76.79
CA VAL A 512 -17.64 75.60 76.70
C VAL A 512 -18.02 75.15 78.10
N TRP A 513 -19.33 74.99 78.34
CA TRP A 513 -19.85 74.54 79.62
C TRP A 513 -19.33 75.39 80.78
N ASN A 514 -19.32 76.71 80.58
CA ASN A 514 -18.99 77.67 81.63
C ASN A 514 -20.21 77.87 82.53
N THR A 515 -20.38 76.93 83.47
CA THR A 515 -21.50 77.00 84.40
C THR A 515 -21.48 78.30 85.21
N ASP A 516 -20.30 78.82 85.50
CA ASP A 516 -20.18 80.07 86.24
C ASP A 516 -20.87 81.20 85.49
N LEU A 517 -20.59 81.34 84.20
CA LEU A 517 -21.22 82.38 83.39
C LEU A 517 -22.72 82.13 83.24
N ILE A 518 -23.09 80.89 82.91
CA ILE A 518 -24.50 80.57 82.71
C ILE A 518 -25.30 80.88 83.97
N GLU A 519 -24.75 80.55 85.13
CA GLU A 519 -25.46 80.79 86.38
C GLU A 519 -25.58 82.28 86.69
N THR A 520 -24.63 83.09 86.23
CA THR A 520 -24.72 84.53 86.43
C THR A 520 -25.77 85.14 85.50
N LEU A 521 -25.85 84.64 84.27
CA LEU A 521 -26.92 85.07 83.37
C LEU A 521 -28.27 84.65 83.90
N GLU A 522 -28.35 83.49 84.55
CA GLU A 522 -29.60 83.04 85.14
C GLU A 522 -29.98 83.90 86.33
N LEU A 523 -29.00 84.32 87.13
CA LEU A 523 -29.28 85.17 88.28
C LEU A 523 -29.92 86.49 87.84
N GLU A 524 -29.54 86.99 86.66
CA GLU A 524 -30.20 88.20 86.14
C GLU A 524 -31.68 87.96 85.95
N ASN A 525 -32.05 86.82 85.36
CA ASN A 525 -33.45 86.50 85.16
C ASN A 525 -34.16 86.30 86.50
N LEU A 526 -33.50 85.63 87.43
CA LEU A 526 -34.09 85.39 88.75
C LEU A 526 -34.32 86.69 89.49
N ILE A 527 -33.38 87.63 89.41
CA ILE A 527 -33.51 88.89 90.12
C ILE A 527 -34.69 89.69 89.58
N THR A 528 -34.80 89.80 88.25
CA THR A 528 -35.86 90.64 87.69
C THR A 528 -37.23 90.10 88.02
N GLN A 529 -37.41 88.78 87.95
CA GLN A 529 -38.71 88.18 88.27
C GLN A 529 -39.00 88.25 89.76
N ALA A 530 -37.99 87.99 90.60
CA ALA A 530 -38.19 88.07 92.04
C ALA A 530 -38.52 89.50 92.45
N ALA A 531 -37.89 90.48 91.80
CA ALA A 531 -38.21 91.87 92.09
C ALA A 531 -39.66 92.18 91.73
N GLN A 532 -40.08 91.82 90.52
CA GLN A 532 -41.45 92.07 90.10
C GLN A 532 -42.45 91.38 91.01
N THR A 533 -42.09 90.23 91.57
CA THR A 533 -42.97 89.52 92.49
C THR A 533 -43.20 90.32 93.77
N ILE A 534 -42.12 90.80 94.40
CA ILE A 534 -42.24 91.56 95.63
C ILE A 534 -42.97 92.88 95.38
N VAL A 535 -42.65 93.56 94.27
CA VAL A 535 -43.28 94.83 93.97
C VAL A 535 -44.78 94.64 93.76
N SER A 536 -45.14 93.63 92.98
CA SER A 536 -46.56 93.37 92.71
C SER A 536 -47.31 92.96 93.97
N GLY A 537 -46.68 92.16 94.82
CA GLY A 537 -47.35 91.73 96.03
C GLY A 537 -47.59 92.87 97.00
N GLU A 538 -46.59 93.73 97.20
CA GLU A 538 -46.77 94.87 98.09
C GLU A 538 -47.85 95.81 97.56
N ALA A 539 -47.99 95.87 96.25
CA ALA A 539 -48.96 96.78 95.64
C ALA A 539 -50.38 96.25 95.77
N ARG A 540 -50.56 94.93 95.83
CA ARG A 540 -51.89 94.32 95.94
C ARG A 540 -52.33 94.36 97.40
N LYS A 541 -53.31 95.21 97.69
CA LYS A 541 -53.80 95.39 99.08
C LYS A 541 -55.08 94.59 99.30
N GLU A 542 -54.98 93.28 99.08
CA GLU A 542 -56.10 92.35 99.25
C GLU A 542 -55.50 90.98 99.55
N SER A 543 -56.37 89.99 99.77
CA SER A 543 -55.95 88.60 100.01
C SER A 543 -56.73 87.68 99.09
N ARG A 544 -56.13 87.31 97.96
CA ARG A 544 -56.75 86.42 96.97
C ARG A 544 -55.85 85.22 96.73
N GLY A 545 -56.44 84.03 96.74
CA GLY A 545 -55.71 82.81 96.46
C GLY A 545 -54.43 82.65 97.25
N ALA A 546 -53.30 82.51 96.55
CA ALA A 546 -52.02 82.30 97.21
C ALA A 546 -51.51 83.55 97.89
N HIS A 547 -51.92 84.73 97.43
CA HIS A 547 -51.53 85.99 98.04
C HIS A 547 -52.40 86.23 99.27
N ALA A 548 -51.81 86.13 100.46
CA ALA A 548 -52.53 86.24 101.73
C ALA A 548 -51.91 87.33 102.60
N ARG A 549 -52.39 88.56 102.44
CA ARG A 549 -51.91 89.67 103.27
C ARG A 549 -52.61 89.67 104.62
N GLU A 550 -51.82 89.73 105.70
CA GLU A 550 -52.39 89.86 107.03
C GLU A 550 -53.03 91.23 107.24
N ASP A 551 -52.43 92.26 106.65
CA ASP A 551 -52.98 93.61 106.76
C ASP A 551 -54.38 93.68 106.15
N PHE A 552 -54.55 93.11 104.97
CA PHE A 552 -55.82 93.07 104.27
C PHE A 552 -56.19 91.60 104.10
N THR A 553 -57.11 91.11 104.92
CA THR A 553 -57.42 89.69 105.01
C THR A 553 -58.60 89.27 104.14
N GLU A 554 -59.14 90.17 103.33
CA GLU A 554 -60.38 89.91 102.60
C GLU A 554 -60.18 90.19 101.10
N ARG A 555 -60.84 89.38 100.26
CA ARG A 555 -60.84 89.65 98.83
C ARG A 555 -61.53 90.98 98.55
N ASP A 556 -61.01 91.72 97.58
CA ASP A 556 -61.65 92.95 97.12
C ASP A 556 -61.97 92.75 95.64
N ASP A 557 -63.18 92.25 95.36
CA ASP A 557 -63.59 92.07 93.97
C ASP A 557 -63.79 93.42 93.29
N LYS A 558 -64.27 94.41 94.04
CA LYS A 558 -64.59 95.72 93.46
C LYS A 558 -63.35 96.41 92.90
N LYS A 559 -62.24 96.38 93.65
CA LYS A 559 -61.05 97.16 93.27
C LYS A 559 -59.81 96.32 93.03
N TRP A 560 -59.92 95.00 93.08
CA TRP A 560 -58.72 94.17 92.94
C TRP A 560 -58.98 92.90 92.14
N MET A 561 -60.08 92.84 91.40
CA MET A 561 -60.30 91.77 90.42
C MET A 561 -59.65 92.17 89.09
N LYS A 562 -58.32 92.29 89.13
CA LYS A 562 -57.53 92.75 88.01
C LYS A 562 -56.27 91.89 87.90
N HIS A 563 -55.76 91.74 86.68
CA HIS A 563 -54.45 91.16 86.49
C HIS A 563 -53.37 92.23 86.71
N SER A 564 -52.28 91.85 87.36
CA SER A 564 -51.22 92.78 87.71
C SER A 564 -50.04 92.63 86.74
N LEU A 565 -49.77 93.69 85.98
CA LEU A 565 -48.72 93.69 84.96
C LEU A 565 -47.50 94.46 85.45
N SER A 566 -46.34 93.80 85.42
CA SER A 566 -45.07 94.41 85.83
C SER A 566 -44.18 94.63 84.62
N TYR A 567 -43.43 95.74 84.63
CA TYR A 567 -42.55 96.13 83.52
C TYR A 567 -41.19 96.55 84.07
N GLN A 568 -40.12 96.03 83.46
CA GLN A 568 -38.77 96.47 83.77
C GLN A 568 -38.41 97.66 82.89
N THR A 569 -38.06 98.79 83.51
CA THR A 569 -37.93 100.05 82.78
C THR A 569 -36.81 99.98 81.73
N LYS A 570 -35.66 99.42 82.09
CA LYS A 570 -34.50 99.41 81.21
C LYS A 570 -33.98 97.99 81.03
N PRO A 571 -33.35 97.69 79.90
CA PRO A 571 -32.92 96.31 79.64
C PRO A 571 -31.90 95.78 80.63
N HIS A 572 -31.17 96.65 81.31
CA HIS A 572 -30.17 96.23 82.28
C HIS A 572 -30.78 96.22 83.67
N VAL A 573 -30.60 95.10 84.39
CA VAL A 573 -31.24 94.92 85.69
C VAL A 573 -30.71 95.91 86.70
N GLU A 574 -29.46 96.36 86.54
CA GLU A 574 -28.84 97.30 87.48
C GLU A 574 -29.12 98.74 87.09
N GLU A 575 -30.00 98.97 86.12
CA GLU A 575 -30.32 100.31 85.64
C GLU A 575 -31.81 100.50 85.44
N SER A 576 -32.65 99.71 86.13
CA SER A 576 -34.07 99.63 85.83
C SER A 576 -34.91 99.77 87.09
N ASP A 577 -36.19 100.09 86.89
CA ASP A 577 -37.20 100.16 87.94
C ASP A 577 -38.37 99.27 87.54
N ILE A 578 -39.11 98.78 88.53
CA ILE A 578 -40.27 97.91 88.30
C ILE A 578 -41.52 98.78 88.33
N VAL A 579 -42.10 99.07 87.17
CA VAL A 579 -43.35 99.82 87.04
C VAL A 579 -44.50 98.83 86.98
N LEU A 580 -45.63 99.19 87.61
CA LEU A 580 -46.78 98.30 87.69
C LEU A 580 -48.01 98.95 87.07
N LYS A 581 -48.62 98.24 86.12
CA LYS A 581 -49.91 98.59 85.52
C LYS A 581 -50.84 97.40 85.67
N TYR A 582 -52.09 97.54 85.24
CA TYR A 582 -53.09 96.49 85.46
C TYR A 582 -53.94 96.29 84.21
N ARG A 583 -54.47 95.07 84.05
CA ARG A 583 -55.36 94.76 82.95
C ARG A 583 -56.55 93.93 83.46
N PRO A 584 -57.73 94.11 82.88
CA PRO A 584 -58.92 93.43 83.39
C PRO A 584 -58.92 91.94 83.09
N VAL A 585 -59.64 91.18 83.92
CA VAL A 585 -59.77 89.73 83.78
C VAL A 585 -60.93 89.42 82.84
N VAL A 586 -60.76 88.41 81.99
CA VAL A 586 -61.80 87.99 81.06
C VAL A 586 -62.75 87.05 81.80
N ASP A 587 -63.99 87.49 81.98
CA ASP A 587 -64.94 86.75 82.77
C ASP A 587 -65.94 85.95 81.94
N GLN A 588 -66.17 86.33 80.70
CA GLN A 588 -67.14 85.65 79.85
C GLN A 588 -66.51 84.42 79.19
N PRO A 589 -67.15 83.25 79.26
CA PRO A 589 -66.62 82.08 78.54
C PRO A 589 -66.68 82.29 77.04
N LEU A 590 -65.79 81.57 76.32
CA LEU A 590 -65.63 81.84 74.90
C LEU A 590 -66.84 81.39 74.09
N ASP A 591 -67.51 80.31 74.49
CA ASP A 591 -68.73 79.84 73.85
C ASP A 591 -69.89 79.91 74.85
N SER A 592 -71.06 79.45 74.41
CA SER A 592 -72.20 79.32 75.30
C SER A 592 -72.30 77.94 75.93
N GLU A 593 -71.46 77.00 75.50
CA GLU A 593 -71.47 75.66 76.07
C GLU A 593 -71.26 75.71 77.57
N MET A 594 -70.50 76.68 78.06
CA MET A 594 -70.29 76.92 79.48
C MET A 594 -70.84 78.29 79.84
N HIS A 595 -71.32 78.42 81.07
CA HIS A 595 -71.88 79.67 81.57
C HIS A 595 -70.84 80.43 82.40
N HIS A 596 -71.09 81.72 82.60
CA HIS A 596 -70.22 82.52 83.46
C HIS A 596 -70.43 82.11 84.91
N VAL A 597 -69.37 81.66 85.57
CA VAL A 597 -69.41 81.31 86.98
C VAL A 597 -69.30 82.59 87.80
N PRO A 598 -70.40 83.10 88.36
CA PRO A 598 -70.34 84.42 89.01
C PRO A 598 -69.39 84.40 90.19
N PRO A 599 -68.71 85.50 90.46
CA PRO A 599 -67.83 85.56 91.64
C PRO A 599 -68.59 85.26 92.92
N ALA A 600 -67.97 84.49 93.82
CA ALA A 600 -68.64 84.00 95.02
C ALA A 600 -67.61 83.70 96.10
N LYS A 601 -68.10 83.23 97.25
CA LYS A 601 -67.24 82.82 98.36
C LYS A 601 -66.55 81.50 98.05
N ARG A 602 -65.31 81.38 98.50
CA ARG A 602 -64.46 80.21 98.25
C ARG A 602 -64.13 79.56 99.59
N VAL A 603 -65.06 78.74 100.10
CA VAL A 603 -64.90 78.18 101.43
C VAL A 603 -64.12 76.88 101.40
N TYR A 604 -64.44 75.99 100.46
CA TYR A 604 -63.81 74.67 100.37
C TYR A 604 -64.02 73.88 101.65
N MET B 1 -14.15 67.30 108.47
CA MET B 1 -13.42 67.87 107.35
C MET B 1 -13.03 66.80 106.33
N GLN B 2 -13.99 66.40 105.51
CA GLN B 2 -13.76 65.39 104.50
C GLN B 2 -12.98 65.96 103.32
N THR B 3 -12.18 65.11 102.69
CA THR B 3 -11.41 65.46 101.50
C THR B 3 -12.07 64.87 100.27
N PHE B 4 -12.30 65.70 99.24
CA PHE B 4 -12.98 65.30 98.02
C PHE B 4 -12.07 65.57 96.81
N ARG B 5 -11.44 64.53 96.28
CA ARG B 5 -10.71 64.65 95.02
C ARG B 5 -11.68 64.63 93.84
N VAL B 6 -11.57 65.61 92.93
CA VAL B 6 -12.49 65.77 91.81
C VAL B 6 -11.73 65.92 90.50
N TYR B 7 -12.16 65.18 89.47
CA TYR B 7 -11.55 65.21 88.13
C TYR B 7 -11.77 66.58 87.49
N ARG B 8 -10.70 67.15 86.89
CA ARG B 8 -10.75 68.49 86.33
C ARG B 8 -10.10 68.53 84.95
N TYR B 9 -10.82 69.06 83.96
CA TYR B 9 -10.31 69.20 82.59
C TYR B 9 -10.82 70.51 81.99
N ASP B 10 -9.92 71.32 81.44
CA ASP B 10 -10.31 72.56 80.76
C ASP B 10 -10.37 72.29 79.26
N PRO B 11 -11.52 72.44 78.61
CA PRO B 11 -11.56 72.17 77.17
C PRO B 11 -10.73 73.10 76.32
N LEU B 12 -10.28 74.24 76.86
CA LEU B 12 -9.53 75.22 76.08
C LEU B 12 -8.02 75.03 76.23
N LEU B 13 -7.54 74.93 77.48
CA LEU B 13 -6.13 74.62 77.69
C LEU B 13 -5.79 73.26 77.11
N GLN B 14 -6.71 72.32 77.20
CA GLN B 14 -6.51 70.96 76.70
C GLN B 14 -5.29 70.32 77.37
N ASP B 15 -5.06 70.69 78.63
CA ASP B 15 -4.04 70.08 79.46
C ASP B 15 -4.54 68.75 80.03
N LYS B 16 -3.61 67.84 80.28
CA LYS B 16 -3.95 66.51 80.71
C LYS B 16 -4.86 66.56 81.93
N PRO B 17 -5.98 65.85 81.94
CA PRO B 17 -6.90 65.91 83.08
C PRO B 17 -6.22 65.50 84.38
N HIS B 18 -6.64 66.11 85.48
CA HIS B 18 -6.03 65.88 86.79
C HIS B 18 -7.09 65.89 87.89
N MET B 19 -6.74 65.28 89.03
CA MET B 19 -7.60 65.25 90.20
C MET B 19 -7.15 66.30 91.21
N GLN B 20 -8.04 67.23 91.55
CA GLN B 20 -7.77 68.28 92.52
C GLN B 20 -8.49 67.96 93.83
N GLU B 21 -7.79 68.11 94.95
CA GLU B 21 -8.32 67.78 96.26
C GLU B 21 -8.88 69.03 96.94
N PHE B 22 -10.10 68.91 97.44
CA PHE B 22 -10.75 69.97 98.21
C PHE B 22 -11.09 69.45 99.60
N ASN B 23 -11.10 70.37 100.57
CA ASN B 23 -11.50 70.07 101.94
C ASN B 23 -12.81 70.78 102.25
N ILE B 24 -13.79 70.03 102.73
CA ILE B 24 -15.12 70.55 103.02
C ILE B 24 -15.54 70.07 104.40
N ASP B 25 -16.18 70.97 105.16
CA ASP B 25 -16.74 70.63 106.46
C ASP B 25 -18.13 70.05 106.25
N LEU B 26 -18.28 68.77 106.57
CA LEU B 26 -19.57 68.10 106.38
C LEU B 26 -20.65 68.67 107.29
N ALA B 27 -20.27 69.39 108.35
CA ALA B 27 -21.26 69.97 109.24
C ALA B 27 -22.11 71.00 108.51
N GLN B 28 -21.50 71.77 107.62
CA GLN B 28 -22.19 72.81 106.86
C GLN B 28 -22.51 72.38 105.44
N CYS B 29 -22.70 71.08 105.22
CA CYS B 29 -22.97 70.55 103.89
C CYS B 29 -24.08 69.52 103.98
N GLY B 30 -24.81 69.35 102.88
CA GLY B 30 -25.86 68.38 102.80
C GLY B 30 -25.33 66.97 102.77
N PRO B 31 -26.18 65.99 103.14
CA PRO B 31 -25.70 64.61 103.19
C PRO B 31 -25.25 64.05 101.85
N MET B 32 -25.84 64.51 100.75
CA MET B 32 -25.57 63.91 99.46
C MET B 32 -24.31 64.47 98.84
N ILE B 33 -23.76 63.71 97.89
CA ILE B 33 -22.53 64.13 97.20
C ILE B 33 -22.77 65.42 96.45
N LEU B 34 -23.91 65.53 95.77
CA LEU B 34 -24.17 66.73 94.97
C LEU B 34 -24.11 67.99 95.82
N ASP B 35 -24.50 67.89 97.09
CA ASP B 35 -24.40 69.05 97.97
C ASP B 35 -22.95 69.47 98.17
N ALA B 36 -22.05 68.49 98.32
CA ALA B 36 -20.64 68.81 98.46
C ALA B 36 -20.10 69.49 97.22
N LEU B 37 -20.47 68.99 96.04
CA LEU B 37 -20.00 69.61 94.80
C LEU B 37 -20.52 71.03 94.68
N ILE B 38 -21.79 71.27 95.01
CA ILE B 38 -22.34 72.62 94.95
C ILE B 38 -21.61 73.52 95.93
N LYS B 39 -21.36 73.02 97.14
CA LYS B 39 -20.65 73.82 98.13
C LYS B 39 -19.26 74.18 97.68
N ILE B 40 -18.55 73.22 97.07
CA ILE B 40 -17.22 73.50 96.54
C ILE B 40 -17.29 74.60 95.50
N LYS B 41 -18.25 74.48 94.57
CA LYS B 41 -18.39 75.48 93.53
C LYS B 41 -18.74 76.84 94.10
N ALA B 42 -19.63 76.87 95.10
CA ALA B 42 -20.09 78.13 95.65
C ALA B 42 -18.98 78.85 96.40
N THR B 43 -18.17 78.11 97.15
CA THR B 43 -17.20 78.71 98.06
C THR B 43 -15.78 78.74 97.50
N GLN B 44 -15.24 77.57 97.13
CA GLN B 44 -13.81 77.47 96.85
C GLN B 44 -13.47 77.72 95.39
N ASP B 45 -14.01 76.91 94.48
CA ASP B 45 -13.65 76.96 93.07
C ASP B 45 -14.92 76.96 92.23
N SER B 46 -15.34 78.16 91.80
CA SER B 46 -16.55 78.29 91.00
C SER B 46 -16.38 77.76 89.58
N THR B 47 -15.16 77.45 89.16
CA THR B 47 -14.95 76.95 87.80
C THR B 47 -15.51 75.54 87.64
N LEU B 48 -15.65 74.78 88.73
CA LEU B 48 -16.12 73.39 88.67
C LEU B 48 -17.44 73.28 87.91
N ALA B 49 -17.50 72.33 86.97
CA ALA B 49 -18.67 72.17 86.10
C ALA B 49 -19.27 70.78 86.27
N PHE B 50 -20.60 70.71 86.38
CA PHE B 50 -21.32 69.45 86.51
C PHE B 50 -22.80 69.67 86.22
N ARG B 51 -23.44 68.62 85.68
CA ARG B 51 -24.87 68.67 85.36
C ARG B 51 -25.69 68.28 86.59
N ARG B 52 -26.75 69.05 86.85
CA ARG B 52 -27.62 68.80 88.00
C ARG B 52 -28.92 69.54 87.79
N SER B 53 -30.06 68.83 87.90
CA SER B 53 -31.34 69.55 87.89
C SER B 53 -32.29 69.19 89.03
N CYS B 54 -32.68 67.92 89.13
CA CYS B 54 -33.86 67.57 89.91
C CYS B 54 -33.57 67.61 91.40
N ARG B 55 -32.39 67.16 91.80
CA ARG B 55 -31.96 67.10 93.19
C ARG B 55 -32.66 65.95 93.93
N GLU B 56 -33.62 65.29 93.29
CA GLU B 56 -34.36 64.20 93.91
C GLU B 56 -34.17 62.87 93.19
N GLY B 57 -33.29 62.81 92.18
CA GLY B 57 -32.98 61.57 91.51
C GLY B 57 -33.78 61.25 90.27
N ILE B 58 -34.63 62.15 89.81
CA ILE B 58 -35.63 61.81 88.80
C ILE B 58 -35.22 62.28 87.41
N CYS B 59 -34.43 63.35 87.32
CA CYS B 59 -34.06 63.84 86.00
C CYS B 59 -33.00 62.98 85.34
N GLY B 60 -32.12 62.36 86.13
CA GLY B 60 -31.06 61.54 85.58
C GLY B 60 -29.93 62.34 84.96
N SER B 61 -29.60 63.50 85.54
CA SER B 61 -28.58 64.38 84.98
C SER B 61 -27.27 64.38 85.77
N CYS B 62 -27.27 63.89 87.01
CA CYS B 62 -26.10 63.96 87.87
C CYS B 62 -25.33 62.65 87.91
N ALA B 63 -25.39 61.86 86.86
CA ALA B 63 -24.71 60.57 86.83
C ALA B 63 -23.20 60.79 86.80
N MET B 64 -22.50 60.21 87.77
CA MET B 64 -21.05 60.34 87.89
C MET B 64 -20.50 59.00 88.36
N ASN B 65 -19.18 58.96 88.57
CA ASN B 65 -18.49 57.78 89.11
C ASN B 65 -17.90 58.17 90.45
N ILE B 66 -18.44 57.62 91.53
CA ILE B 66 -18.03 57.96 92.89
C ILE B 66 -17.34 56.75 93.50
N ASN B 67 -16.08 56.90 93.87
CA ASN B 67 -15.29 55.85 94.50
C ASN B 67 -15.37 54.54 93.72
N GLY B 68 -15.37 54.64 92.39
CA GLY B 68 -15.30 53.50 91.53
C GLY B 68 -16.61 53.08 90.88
N LYS B 69 -17.74 53.26 91.56
CA LYS B 69 -19.03 52.78 91.07
C LYS B 69 -19.88 53.94 90.59
N ASN B 70 -20.50 53.76 89.43
CA ASN B 70 -21.39 54.78 88.88
C ASN B 70 -22.57 55.03 89.81
N GLY B 71 -23.11 56.23 89.75
CA GLY B 71 -24.29 56.57 90.53
C GLY B 71 -24.70 58.01 90.30
N LEU B 72 -25.89 58.33 90.79
CA LEU B 72 -26.41 59.70 90.77
C LEU B 72 -25.97 60.41 92.04
N ALA B 73 -25.33 61.57 91.88
CA ALA B 73 -24.79 62.28 93.03
C ALA B 73 -25.88 62.71 94.00
N CYS B 74 -27.08 63.00 93.50
CA CYS B 74 -28.13 63.52 94.37
C CYS B 74 -28.68 62.44 95.29
N LEU B 75 -28.63 61.17 94.88
CA LEU B 75 -29.06 60.08 95.73
C LEU B 75 -27.91 59.41 96.46
N GLN B 76 -26.67 59.65 96.04
CA GLN B 76 -25.52 59.07 96.72
C GLN B 76 -25.25 59.81 98.02
N TYR B 77 -24.87 59.05 99.05
CA TYR B 77 -24.56 59.62 100.35
C TYR B 77 -23.06 59.82 100.51
N ILE B 78 -22.69 60.94 101.12
CA ILE B 78 -21.30 61.14 101.54
C ILE B 78 -20.98 60.14 102.63
N GLU B 79 -19.85 59.44 102.47
CA GLU B 79 -19.39 58.48 103.46
C GLU B 79 -18.10 58.96 104.07
N PRO B 80 -18.14 59.62 105.23
CA PRO B 80 -16.91 60.21 105.78
C PRO B 80 -15.87 59.16 106.11
N GLY B 81 -14.61 59.54 105.95
CA GLY B 81 -13.51 58.64 106.23
C GLY B 81 -12.20 59.31 105.91
N ALA B 82 -11.12 58.66 106.34
CA ALA B 82 -9.79 59.16 106.04
C ALA B 82 -9.54 59.16 104.54
N ALA B 83 -10.08 58.18 103.84
CA ALA B 83 -9.85 58.06 102.41
C ALA B 83 -10.57 59.17 101.65
N PRO B 84 -9.87 59.91 100.79
CA PRO B 84 -10.56 60.92 99.98
C PRO B 84 -11.65 60.30 99.13
N ILE B 85 -12.76 61.02 98.99
CA ILE B 85 -13.87 60.61 98.14
C ILE B 85 -13.55 61.06 96.72
N ASP B 86 -13.28 60.10 95.83
CA ASP B 86 -12.90 60.39 94.45
C ASP B 86 -14.14 60.50 93.58
N ILE B 87 -14.31 61.64 92.92
CA ILE B 87 -15.42 61.89 92.01
C ILE B 87 -14.84 62.16 90.61
N GLN B 88 -15.27 61.37 89.64
CA GLN B 88 -14.81 61.44 88.26
C GLN B 88 -16.01 61.45 87.32
N PRO B 89 -15.78 61.73 86.03
CA PRO B 89 -16.90 61.68 85.06
C PRO B 89 -17.29 60.23 84.80
N LEU B 90 -18.39 60.06 84.06
CA LEU B 90 -18.86 58.71 83.74
C LEU B 90 -17.77 57.93 82.99
N PRO B 91 -17.59 56.64 83.29
CA PRO B 91 -16.46 55.90 82.72
C PRO B 91 -16.47 55.83 81.20
N HIS B 92 -15.26 55.92 80.62
CA HIS B 92 -15.01 55.82 79.19
C HIS B 92 -15.96 56.70 78.36
N THR B 93 -16.15 57.94 78.80
CA THR B 93 -16.93 58.93 78.07
C THR B 93 -16.02 60.10 77.72
N TYR B 94 -16.34 60.80 76.62
CA TYR B 94 -15.57 61.98 76.27
C TYR B 94 -16.01 63.11 77.20
N VAL B 95 -15.06 63.72 77.90
CA VAL B 95 -15.36 64.75 78.90
C VAL B 95 -15.38 66.12 78.22
N LEU B 96 -16.56 66.74 78.19
CA LEU B 96 -16.68 68.09 77.64
C LEU B 96 -15.97 69.11 78.54
N LYS B 97 -16.06 68.92 79.86
CA LYS B 97 -15.43 69.81 80.85
C LYS B 97 -15.63 69.23 82.25
N ASP B 98 -14.54 69.12 83.03
CA ASP B 98 -14.58 68.64 84.40
C ASP B 98 -15.43 67.35 84.52
N LEU B 99 -16.64 67.39 85.10
CA LEU B 99 -17.41 66.18 85.34
C LEU B 99 -18.60 66.05 84.37
N VAL B 100 -18.61 66.83 83.29
CA VAL B 100 -19.72 66.86 82.35
C VAL B 100 -19.39 65.91 81.18
N PRO B 101 -20.00 64.72 81.11
CA PRO B 101 -19.66 63.78 80.03
C PRO B 101 -20.25 64.17 78.68
N ASP B 102 -19.93 63.42 77.62
CA ASP B 102 -20.51 63.59 76.29
C ASP B 102 -21.35 62.36 75.97
N LEU B 103 -22.67 62.48 76.14
CA LEU B 103 -23.59 61.36 76.00
C LEU B 103 -24.40 61.44 74.70
N SER B 104 -23.83 62.06 73.68
CA SER B 104 -24.53 62.24 72.42
C SER B 104 -24.79 60.91 71.72
N ASN B 105 -23.85 59.97 71.81
CA ASN B 105 -24.05 58.65 71.21
C ASN B 105 -25.20 57.92 71.88
N PHE B 106 -25.33 58.06 73.19
CA PHE B 106 -26.42 57.42 73.93
C PHE B 106 -27.77 57.96 73.48
N TYR B 107 -27.86 59.27 73.26
CA TYR B 107 -29.11 59.86 72.79
C TYR B 107 -29.44 59.39 71.37
N ASN B 108 -28.43 59.28 70.52
CA ASN B 108 -28.65 58.84 69.14
C ASN B 108 -29.11 57.39 69.11
N GLN B 109 -28.48 56.51 69.90
CA GLN B 109 -28.86 55.10 69.90
C GLN B 109 -30.31 54.93 70.32
N TYR B 110 -30.75 55.72 71.30
CA TYR B 110 -32.14 55.65 71.74
C TYR B 110 -33.10 56.05 70.65
N LYS B 111 -32.78 57.12 69.91
CA LYS B 111 -33.62 57.53 68.80
C LYS B 111 -33.73 56.42 67.76
N SER B 112 -32.73 55.55 67.70
CA SER B 112 -32.72 54.48 66.70
C SER B 112 -33.84 53.47 66.96
N ILE B 113 -34.11 53.14 68.21
CA ILE B 113 -35.11 52.12 68.52
C ILE B 113 -36.53 52.61 68.27
N GLU B 114 -36.68 53.90 67.93
CA GLU B 114 -37.97 54.51 67.67
C GLU B 114 -38.92 54.24 68.83
N PRO B 115 -38.71 54.87 69.98
CA PRO B 115 -39.54 54.61 71.17
C PRO B 115 -40.85 55.40 71.16
N PHE B 116 -41.72 55.06 70.20
CA PHE B 116 -43.06 55.60 70.16
C PHE B 116 -44.01 54.52 69.67
N LEU B 117 -45.22 54.51 70.21
CA LEU B 117 -46.17 53.47 69.91
C LEU B 117 -46.51 53.45 68.42
N LYS B 118 -46.50 52.25 67.83
CA LYS B 118 -46.82 52.05 66.43
C LYS B 118 -48.03 51.13 66.32
N ARG B 119 -48.99 51.54 65.51
CA ARG B 119 -50.18 50.74 65.26
C ARG B 119 -50.47 50.72 63.76
N ARG B 120 -51.02 49.59 63.31
CA ARG B 120 -51.29 49.42 61.89
C ARG B 120 -52.47 50.27 61.45
N ARG B 121 -53.45 50.47 62.32
CA ARG B 121 -54.65 51.23 62.00
C ARG B 121 -54.68 52.50 62.86
N ALA B 122 -54.90 53.64 62.20
CA ALA B 122 -55.00 54.90 62.92
C ALA B 122 -56.29 54.96 63.72
N LYS B 123 -56.19 55.46 64.96
CA LYS B 123 -57.33 55.54 65.86
C LYS B 123 -58.58 56.00 65.12
N GLN B 124 -59.58 55.12 65.07
CA GLN B 124 -60.81 55.44 64.38
C GLN B 124 -61.53 56.60 65.08
N PRO B 125 -62.16 57.51 64.34
CA PRO B 125 -62.89 58.60 65.01
C PRO B 125 -63.96 58.05 65.93
N GLY B 126 -64.06 58.64 67.11
CA GLY B 126 -64.99 58.16 68.13
C GLY B 126 -64.44 57.08 69.00
N GLU B 127 -63.13 56.87 69.02
CA GLU B 127 -62.48 55.83 69.80
C GLU B 127 -61.82 56.45 71.03
N LYS B 128 -61.91 55.73 72.14
CA LYS B 128 -61.30 56.10 73.41
C LYS B 128 -59.93 55.43 73.55
N GLU B 129 -59.47 55.22 74.79
CA GLU B 129 -58.14 54.65 75.03
C GLU B 129 -58.03 53.22 74.53
N TYR B 130 -56.86 52.88 73.98
CA TYR B 130 -56.56 51.50 73.59
C TYR B 130 -56.59 50.60 74.82
N TYR B 131 -57.28 49.47 74.72
CA TYR B 131 -57.45 48.60 75.88
C TYR B 131 -56.12 47.98 76.31
N GLN B 132 -55.82 48.06 77.60
CA GLN B 132 -54.74 47.30 78.21
C GLN B 132 -55.20 46.85 79.59
N SER B 133 -55.03 45.57 79.89
CA SER B 133 -55.44 45.04 81.19
C SER B 133 -54.43 45.45 82.26
N ILE B 134 -54.84 45.29 83.53
CA ILE B 134 -53.92 45.56 84.63
C ILE B 134 -52.73 44.63 84.53
N GLU B 135 -52.96 43.37 84.19
CA GLU B 135 -51.89 42.39 84.07
C GLU B 135 -50.90 42.79 82.97
N ASP B 136 -51.42 43.23 81.83
CA ASP B 136 -50.55 43.69 80.75
C ASP B 136 -49.75 44.91 81.18
N ARG B 137 -50.39 45.83 81.91
CA ARG B 137 -49.71 47.01 82.38
C ARG B 137 -48.64 46.66 83.40
N GLU B 138 -48.86 45.56 84.13
CA GLU B 138 -47.89 45.08 85.12
C GLU B 138 -46.61 44.62 84.43
N LYS B 139 -46.69 44.13 83.20
CA LYS B 139 -45.51 43.67 82.49
C LYS B 139 -44.51 44.81 82.28
N LEU B 140 -45.01 46.03 82.07
CA LEU B 140 -44.17 47.20 81.81
C LEU B 140 -43.76 47.92 83.08
N ASP B 141 -43.72 47.22 84.22
CA ASP B 141 -43.51 47.89 85.50
C ASP B 141 -42.08 48.36 85.69
N GLY B 142 -41.13 47.44 85.65
CA GLY B 142 -39.75 47.77 85.95
C GLY B 142 -38.97 48.37 84.80
N MET B 143 -39.63 48.56 83.64
CA MET B 143 -38.97 49.03 82.45
C MET B 143 -39.29 50.47 82.08
N TYR B 144 -40.41 51.02 82.57
CA TYR B 144 -40.84 52.36 82.20
C TYR B 144 -40.34 53.42 83.17
N GLU B 145 -39.59 53.03 84.19
CA GLU B 145 -39.09 53.93 85.21
C GLU B 145 -37.67 54.41 84.94
N CYS B 146 -37.08 53.99 83.82
CA CYS B 146 -35.70 54.34 83.51
C CYS B 146 -35.57 55.84 83.24
N ASN B 147 -34.66 56.50 83.98
CA ASN B 147 -34.50 57.94 83.89
C ASN B 147 -33.36 58.33 82.94
N LEU B 148 -32.81 57.37 82.21
CA LEU B 148 -31.77 57.63 81.22
C LEU B 148 -30.52 58.23 81.86
N CYS B 149 -30.28 57.92 83.13
CA CYS B 149 -29.09 58.41 83.80
C CYS B 149 -27.82 57.98 83.06
N ALA B 150 -27.87 56.84 82.39
CA ALA B 150 -26.77 56.31 81.58
C ALA B 150 -25.68 55.70 82.44
N CYS B 151 -25.97 55.35 83.70
CA CYS B 151 -25.01 54.64 84.51
C CYS B 151 -24.81 53.21 84.02
N CYS B 152 -25.90 52.47 83.85
CA CYS B 152 -25.80 51.10 83.36
C CYS B 152 -25.04 51.06 82.04
N MET B 153 -25.22 52.09 81.21
CA MET B 153 -24.52 52.16 79.93
C MET B 153 -23.02 52.23 80.14
N THR B 154 -22.57 53.18 80.95
CA THR B 154 -21.16 53.42 81.20
C THR B 154 -20.59 52.52 82.29
N SER B 155 -21.27 51.42 82.60
CA SER B 155 -20.76 50.40 83.50
C SER B 155 -20.60 49.07 82.80
N CYS B 156 -21.11 48.94 81.58
CA CYS B 156 -21.02 47.70 80.84
C CYS B 156 -19.66 47.59 80.18
N PRO B 157 -18.88 46.56 80.48
CA PRO B 157 -17.59 46.39 79.78
C PRO B 157 -17.75 46.24 78.29
N SER B 158 -18.91 45.83 77.82
CA SER B 158 -19.15 45.65 76.39
C SER B 158 -19.47 46.97 75.69
N TYR B 159 -19.95 47.97 76.43
CA TYR B 159 -20.15 49.29 75.86
C TYR B 159 -18.86 50.09 75.89
N TRP B 160 -17.97 49.76 76.83
CA TRP B 160 -16.64 50.37 76.84
C TRP B 160 -15.88 50.01 75.58
N TRP B 161 -16.00 48.76 75.13
CA TRP B 161 -15.18 48.29 74.03
C TRP B 161 -15.78 48.64 72.67
N ASN B 162 -17.09 48.48 72.50
CA ASN B 162 -17.77 48.72 71.23
C ASN B 162 -18.91 49.71 71.44
N PRO B 163 -18.60 50.96 71.79
CA PRO B 163 -19.67 51.93 72.06
C PRO B 163 -20.54 52.25 70.86
N GLU B 164 -19.99 52.25 69.64
CA GLU B 164 -20.72 52.70 68.47
C GLU B 164 -21.44 51.57 67.75
N TYR B 165 -21.35 50.34 68.24
CA TYR B 165 -22.00 49.20 67.64
C TYR B 165 -23.00 48.52 68.56
N TYR B 166 -22.72 48.48 69.87
CA TYR B 166 -23.60 47.89 70.86
C TYR B 166 -24.56 48.94 71.40
N LEU B 167 -25.86 48.64 71.36
CA LEU B 167 -26.87 49.60 71.79
C LEU B 167 -26.74 49.93 73.28
N GLY B 168 -26.34 48.96 74.10
CA GLY B 168 -26.12 49.19 75.51
C GLY B 168 -27.32 48.79 76.35
N PRO B 169 -27.11 48.64 77.67
CA PRO B 169 -28.21 48.12 78.51
C PRO B 169 -29.47 48.97 78.50
N ALA B 170 -29.33 50.29 78.64
CA ALA B 170 -30.50 51.15 78.76
C ALA B 170 -31.35 51.14 77.50
N VAL B 171 -30.72 51.25 76.33
CA VAL B 171 -31.46 51.27 75.07
C VAL B 171 -32.13 49.92 74.87
N LEU B 172 -31.44 48.83 75.20
CA LEU B 172 -31.98 47.50 75.01
C LEU B 172 -33.19 47.25 75.91
N LEU B 173 -33.13 47.72 77.16
CA LEU B 173 -34.28 47.60 78.05
C LEU B 173 -35.47 48.40 77.51
N GLN B 174 -35.20 49.59 76.97
CA GLN B 174 -36.26 50.40 76.38
C GLN B 174 -36.87 49.73 75.17
N ALA B 175 -36.05 49.03 74.38
CA ALA B 175 -36.56 48.27 73.25
C ALA B 175 -37.47 47.14 73.72
N TYR B 176 -37.11 46.47 74.83
CA TYR B 176 -37.98 45.43 75.38
C TYR B 176 -39.27 46.03 75.93
N ARG B 177 -39.21 47.27 76.43
CA ARG B 177 -40.40 47.91 76.94
C ARG B 177 -41.43 48.09 75.83
N TRP B 178 -40.97 48.40 74.62
CA TRP B 178 -41.86 48.59 73.48
C TRP B 178 -42.19 47.28 72.78
N ILE B 179 -41.37 46.25 72.98
CA ILE B 179 -41.69 44.91 72.49
C ILE B 179 -42.65 44.20 73.43
N ALA B 180 -42.76 44.65 74.67
CA ALA B 180 -43.62 44.06 75.68
C ALA B 180 -44.92 44.82 75.87
N ASP B 181 -45.09 45.96 75.20
CA ASP B 181 -46.28 46.80 75.38
C ASP B 181 -47.41 46.26 74.51
N SER B 182 -48.39 45.61 75.15
CA SER B 182 -49.48 44.96 74.43
C SER B 182 -50.11 45.86 73.38
N ARG B 183 -50.08 47.17 73.59
CA ARG B 183 -50.72 48.10 72.65
C ARG B 183 -49.92 48.22 71.35
N ASP B 184 -48.60 48.05 71.40
CA ASP B 184 -47.80 48.12 70.19
C ASP B 184 -48.11 46.93 69.30
N GLU B 185 -48.15 47.18 67.98
CA GLU B 185 -48.51 46.16 67.00
C GLU B 185 -47.38 45.81 66.06
N PHE B 186 -46.18 46.32 66.31
CA PHE B 186 -45.00 46.06 65.50
C PHE B 186 -43.97 45.24 66.27
N THR B 187 -44.45 44.22 66.99
CA THR B 187 -43.57 43.37 67.78
C THR B 187 -42.53 42.69 66.92
N THR B 188 -42.95 42.11 65.80
CA THR B 188 -42.03 41.36 64.95
C THR B 188 -40.99 42.27 64.31
N GLU B 189 -41.42 43.46 63.87
CA GLU B 189 -40.47 44.38 63.26
C GLU B 189 -39.38 44.79 64.24
N ARG B 190 -39.77 45.10 65.48
CA ARG B 190 -38.79 45.49 66.47
C ARG B 190 -37.83 44.37 66.81
N MET B 191 -38.34 43.15 66.96
CA MET B 191 -37.48 42.02 67.25
C MET B 191 -36.52 41.74 66.11
N ALA B 192 -37.00 41.85 64.87
CA ALA B 192 -36.15 41.59 63.72
C ALA B 192 -34.99 42.59 63.67
N TRP B 193 -35.28 43.87 63.90
CA TRP B 193 -34.23 44.88 63.86
C TRP B 193 -33.22 44.66 64.98
N ILE B 194 -33.69 44.36 66.18
CA ILE B 194 -32.78 44.21 67.31
C ILE B 194 -31.98 42.94 67.23
N ASN B 195 -32.41 41.97 66.40
CA ASN B 195 -31.75 40.68 66.28
C ASN B 195 -30.49 40.83 65.43
N ASP B 196 -29.48 41.45 66.03
CA ASP B 196 -28.19 41.66 65.39
C ASP B 196 -27.08 41.29 66.35
N SER B 197 -25.98 40.77 65.80
CA SER B 197 -24.88 40.31 66.64
C SER B 197 -24.27 41.45 67.44
N MET B 198 -24.12 42.62 66.82
CA MET B 198 -23.49 43.74 67.51
C MET B 198 -24.48 44.47 68.40
N ARG B 199 -25.72 44.65 67.95
CA ARG B 199 -26.68 45.44 68.70
C ARG B 199 -27.04 44.78 70.03
N LEU B 200 -27.28 43.48 70.03
CA LEU B 200 -27.86 42.80 71.18
C LEU B 200 -26.93 41.78 71.82
N TYR B 201 -26.35 40.89 71.03
CA TYR B 201 -25.61 39.76 71.59
C TYR B 201 -24.20 40.12 72.01
N ARG B 202 -23.90 41.40 72.20
CA ARG B 202 -22.63 41.78 72.82
C ARG B 202 -22.75 41.80 74.33
N CYS B 203 -23.96 41.62 74.87
CA CYS B 203 -24.16 41.49 76.30
C CYS B 203 -23.71 40.11 76.75
N HIS B 204 -22.72 40.07 77.64
CA HIS B 204 -22.16 38.83 78.16
C HIS B 204 -22.61 38.55 79.58
N GLY B 205 -23.60 39.28 80.09
CA GLY B 205 -24.12 39.07 81.42
C GLY B 205 -23.14 39.42 82.53
N ILE B 206 -22.47 40.57 82.40
CA ILE B 206 -21.58 41.03 83.47
C ILE B 206 -22.38 41.43 84.70
N MET B 207 -23.56 42.01 84.49
CA MET B 207 -24.51 42.39 85.53
C MET B 207 -24.11 43.69 86.22
N ASN B 208 -23.16 44.45 85.66
CA ASN B 208 -22.83 45.74 86.22
C ASN B 208 -23.97 46.73 86.04
N CYS B 209 -24.77 46.56 84.99
CA CYS B 209 -25.88 47.46 84.72
C CYS B 209 -26.93 47.39 85.82
N THR B 210 -27.23 46.18 86.31
CA THR B 210 -28.23 46.01 87.35
C THR B 210 -27.69 46.44 88.71
N SER B 211 -26.38 46.27 88.94
CA SER B 211 -25.79 46.61 90.22
C SER B 211 -25.74 48.11 90.45
N CYS B 212 -25.51 48.88 89.39
CA CYS B 212 -25.35 50.32 89.52
C CYS B 212 -26.62 51.11 89.21
N CYS B 213 -27.71 50.45 88.86
CA CYS B 213 -28.90 51.21 88.46
C CYS B 213 -29.40 52.04 89.63
N PRO B 214 -29.52 53.35 89.48
CA PRO B 214 -29.98 54.19 90.61
C PRO B 214 -31.44 54.04 90.91
N LYS B 215 -32.24 53.61 89.94
CA LYS B 215 -33.68 53.46 90.10
C LYS B 215 -34.06 52.03 90.49
N GLY B 216 -33.08 51.18 90.73
CA GLY B 216 -33.33 49.81 91.14
C GLY B 216 -33.96 48.93 90.09
N LEU B 217 -33.71 49.23 88.81
CA LEU B 217 -34.23 48.43 87.71
C LEU B 217 -33.22 47.33 87.37
N ASP B 218 -33.64 46.38 86.53
CA ASP B 218 -32.82 45.20 86.20
C ASP B 218 -32.69 45.09 84.70
N PRO B 219 -31.83 45.92 84.09
CA PRO B 219 -31.64 45.83 82.63
C PRO B 219 -31.13 44.48 82.17
N ALA B 220 -30.31 43.82 83.00
CA ALA B 220 -29.77 42.51 82.64
C ALA B 220 -30.89 41.47 82.46
N LYS B 221 -31.87 41.46 83.35
CA LYS B 221 -32.99 40.51 83.22
C LYS B 221 -33.78 40.77 81.96
N ALA B 222 -33.99 42.03 81.62
CA ALA B 222 -34.76 42.37 80.42
C ALA B 222 -34.06 41.90 79.16
N ILE B 223 -32.74 42.05 79.10
CA ILE B 223 -32.01 41.64 77.91
C ILE B 223 -32.07 40.13 77.75
N ALA B 224 -32.01 39.40 78.87
CA ALA B 224 -32.13 37.95 78.82
C ALA B 224 -33.50 37.52 78.29
N LYS B 225 -34.56 38.18 78.75
CA LYS B 225 -35.89 37.86 78.23
C LYS B 225 -35.99 38.16 76.75
N MET B 226 -35.45 39.30 76.32
CA MET B 226 -35.53 39.69 74.91
C MET B 226 -34.77 38.71 74.03
N LYS B 227 -33.66 38.17 74.51
CA LYS B 227 -32.91 37.19 73.75
C LYS B 227 -33.66 35.87 73.64
N ALA B 228 -34.35 35.47 74.69
CA ALA B 228 -35.13 34.23 74.65
C ALA B 228 -36.32 34.37 73.71
N ALA B 229 -37.01 35.51 73.76
CA ALA B 229 -38.16 35.71 72.88
C ALA B 229 -37.75 35.70 71.42
N ILE B 230 -36.63 36.35 71.09
CA ILE B 230 -36.18 36.40 69.70
C ILE B 230 -35.82 35.01 69.22
N ALA B 231 -35.12 34.25 70.04
CA ALA B 231 -34.68 32.92 69.61
C ALA B 231 -35.86 32.02 69.30
N ALA B 232 -36.91 32.10 70.11
CA ALA B 232 -38.08 31.24 69.90
C ALA B 232 -38.92 31.70 68.72
N ALA B 233 -38.95 32.98 68.43
CA ALA B 233 -39.86 33.54 67.44
C ALA B 233 -39.21 33.81 66.09
N TYR B 234 -37.94 33.49 65.91
CA TYR B 234 -37.28 33.80 64.66
C TYR B 234 -37.88 33.03 63.50
N GLU B 235 -38.01 33.70 62.36
CA GLU B 235 -38.51 33.13 61.12
C GLU B 235 -37.58 33.52 59.98
N PRO B 236 -37.54 32.73 58.91
CA PRO B 236 -36.68 33.08 57.78
C PRO B 236 -37.01 34.42 57.15
N GLY B 237 -38.25 34.87 57.25
CA GLY B 237 -38.69 36.07 56.59
C GLY B 237 -38.43 37.36 57.34
N TRP B 238 -37.73 37.30 58.47
CA TRP B 238 -37.52 38.50 59.26
C TRP B 238 -36.68 39.54 58.50
N THR B 239 -35.69 39.08 57.75
CA THR B 239 -34.84 40.02 57.02
C THR B 239 -35.65 40.84 56.04
N LYS B 240 -36.59 40.20 55.34
CA LYS B 240 -37.45 40.95 54.43
C LYS B 240 -38.30 41.95 55.18
N ILE B 241 -38.75 41.60 56.38
CA ILE B 241 -39.55 42.51 57.18
C ILE B 241 -38.76 43.78 57.49
N VAL B 242 -37.50 43.64 57.88
CA VAL B 242 -36.66 44.79 58.17
C VAL B 242 -36.54 45.66 56.92
N ALA B 243 -36.33 45.03 55.76
CA ALA B 243 -36.18 45.80 54.53
C ALA B 243 -37.43 46.60 54.21
N GLN B 244 -38.60 45.99 54.37
CA GLN B 244 -39.84 46.68 54.04
C GLN B 244 -40.04 47.90 54.94
N GLU B 245 -39.75 47.76 56.23
CA GLU B 245 -39.84 48.90 57.13
C GLU B 245 -38.85 49.99 56.75
N SER B 246 -37.66 49.59 56.31
CA SER B 246 -36.68 50.57 55.87
C SER B 246 -37.20 51.38 54.69
N ILE B 247 -37.90 50.73 53.77
CA ILE B 247 -38.51 51.44 52.64
C ILE B 247 -39.54 52.43 53.16
N ALA B 248 -40.26 52.06 54.22
CA ALA B 248 -41.28 52.95 54.77
C ALA B 248 -40.67 54.22 55.36
N ASN B 249 -39.41 54.17 55.80
CA ASN B 249 -38.74 55.32 56.39
C ASN B 249 -37.94 56.12 55.38
N LYS B 250 -38.22 55.95 54.09
CA LYS B 250 -37.40 56.56 53.04
C LYS B 250 -37.42 58.09 53.11
N LYS B 251 -38.56 58.67 53.45
CA LYS B 251 -38.73 60.13 53.43
C LYS B 251 -38.45 60.78 54.78
N ARG B 252 -37.92 60.02 55.75
CA ARG B 252 -37.57 60.55 57.06
C ARG B 252 -36.40 61.54 56.95
N GLU B 253 -36.26 62.40 57.96
CA GLU B 253 -35.18 63.39 58.01
C GLU B 253 -33.85 62.73 58.41
N SER B 254 -32.76 63.51 58.42
CA SER B 254 -31.39 63.01 58.65
C SER B 254 -31.07 62.83 60.14
N GLY B 255 -31.12 61.59 60.60
CA GLY B 255 -30.92 61.24 61.99
C GLY B 255 -31.08 59.74 62.13
N MET B 256 -30.66 59.23 63.28
CA MET B 256 -30.74 57.78 63.52
C MET B 256 -32.19 57.31 63.39
N MET B 257 -32.39 56.18 62.71
CA MET B 257 -33.74 55.67 62.47
C MET B 257 -33.65 54.16 62.21
N TYR B 258 -34.82 53.51 62.22
CA TYR B 258 -34.93 52.10 61.84
C TYR B 258 -34.54 51.96 60.37
N ALA B 259 -33.62 51.04 60.09
CA ALA B 259 -33.14 50.82 58.72
C ALA B 259 -32.51 49.44 58.59
N LYS C 1 44.36 57.06 -20.75
CA LYS C 1 44.20 55.64 -20.47
C LYS C 1 42.74 55.27 -20.29
N ALA C 2 42.42 53.99 -20.50
CA ALA C 2 41.05 53.48 -20.38
C ALA C 2 40.09 54.33 -21.20
N SER C 3 40.51 54.68 -22.41
CA SER C 3 39.66 55.42 -23.33
C SER C 3 38.88 54.51 -24.27
N THR C 4 39.30 53.25 -24.39
CA THR C 4 38.62 52.27 -25.22
C THR C 4 38.49 50.98 -24.43
N LEU C 5 37.55 50.14 -24.86
CA LEU C 5 37.40 48.84 -24.21
C LEU C 5 38.70 48.05 -24.25
N ALA C 6 39.51 48.25 -25.30
CA ALA C 6 40.81 47.60 -25.37
C ALA C 6 41.78 48.17 -24.35
N THR C 7 41.77 49.49 -24.17
CA THR C 7 42.65 50.13 -23.21
C THR C 7 42.24 49.88 -21.77
N GLY C 8 41.06 49.32 -21.53
CA GLY C 8 40.58 49.03 -20.20
C GLY C 8 39.42 49.87 -19.74
N LYS C 9 38.75 50.59 -20.63
CA LYS C 9 37.59 51.37 -20.24
C LYS C 9 36.52 50.46 -19.65
N GLY C 10 35.99 50.86 -18.50
CA GLY C 10 34.94 50.11 -17.86
C GLY C 10 35.40 48.97 -16.99
N ILE C 11 36.70 48.75 -16.85
CA ILE C 11 37.24 47.69 -16.02
C ILE C 11 37.60 48.29 -14.66
N PRO C 12 36.89 47.94 -13.58
CA PRO C 12 37.18 48.56 -12.28
C PRO C 12 38.63 48.35 -11.88
N GLY C 13 39.20 49.40 -11.30
CA GLY C 13 40.60 49.42 -10.93
C GLY C 13 41.55 49.69 -12.07
N ILE C 14 41.10 49.51 -13.32
CA ILE C 14 41.88 49.86 -14.48
C ILE C 14 41.38 51.14 -15.15
N ASP C 15 40.13 51.50 -14.94
CA ASP C 15 39.50 52.71 -15.46
C ASP C 15 39.57 53.81 -14.41
N PRO C 16 40.03 55.01 -14.76
CA PRO C 16 40.15 56.06 -13.74
C PRO C 16 38.84 56.44 -13.08
N LYS C 17 37.71 56.20 -13.73
CA LYS C 17 36.41 56.58 -13.18
C LYS C 17 35.74 55.46 -12.40
N LEU C 18 36.39 54.31 -12.26
CA LEU C 18 35.82 53.18 -11.55
C LEU C 18 36.76 52.74 -10.43
N PRO C 19 36.33 52.73 -9.18
CA PRO C 19 37.21 52.26 -8.10
C PRO C 19 37.33 50.74 -8.09
N THR C 20 38.41 50.27 -7.44
CA THR C 20 38.59 48.84 -7.27
C THR C 20 37.48 48.25 -6.41
N HIS C 21 37.11 48.93 -5.34
CA HIS C 21 36.05 48.50 -4.43
C HIS C 21 35.08 49.65 -4.22
N THR C 22 33.88 49.30 -3.77
CA THR C 22 32.80 50.26 -3.56
C THR C 22 32.23 50.11 -2.16
N PRO C 23 33.00 50.43 -1.13
CA PRO C 23 32.46 50.40 0.22
C PRO C 23 31.48 51.54 0.42
N PRO C 24 30.46 51.35 1.26
CA PRO C 24 29.54 52.45 1.56
C PRO C 24 30.25 53.55 2.34
N ALA C 25 29.98 54.79 1.96
CA ALA C 25 30.57 55.93 2.64
C ALA C 25 29.93 56.12 4.01
N SER C 26 30.72 56.67 4.94
CA SER C 26 30.21 56.91 6.28
C SER C 26 29.25 58.09 6.29
N TYR C 27 28.35 58.09 7.27
CA TYR C 27 27.38 59.14 7.45
C TYR C 27 27.35 59.50 8.93
N ASP C 28 27.03 60.77 9.23
CA ASP C 28 26.99 61.24 10.61
C ASP C 28 25.58 61.47 11.14
N VAL C 29 24.60 61.57 10.26
CA VAL C 29 23.20 61.68 10.65
C VAL C 29 22.44 60.54 9.99
N LEU C 30 21.49 59.95 10.73
CA LEU C 30 20.64 58.94 10.15
C LEU C 30 19.70 59.56 9.12
N SER C 31 19.12 58.71 8.26
CA SER C 31 18.22 59.23 7.25
C SER C 31 16.93 59.77 7.85
N SER C 32 16.56 59.32 9.04
CA SER C 32 15.42 59.88 9.73
C SER C 32 15.65 61.34 10.09
N GLY C 33 16.91 61.74 10.22
CA GLY C 33 17.27 63.05 10.72
C GLY C 33 17.86 63.03 12.11
N LYS C 34 17.69 61.94 12.84
CA LYS C 34 18.34 61.80 14.13
C LYS C 34 19.85 61.75 13.96
N ALA C 35 20.57 62.22 14.98
CA ALA C 35 22.01 62.10 14.97
C ALA C 35 22.40 60.63 15.14
N ARG C 36 23.38 60.20 14.36
CA ARG C 36 23.82 58.81 14.43
C ARG C 36 24.38 58.53 15.82
N PRO C 37 23.82 57.57 16.56
CA PRO C 37 24.38 57.25 17.87
C PRO C 37 25.81 56.75 17.74
N VAL C 38 26.61 57.03 18.76
CA VAL C 38 28.02 56.64 18.78
C VAL C 38 28.30 55.85 20.06
N GLN C 39 28.91 54.69 19.92
CA GLN C 39 29.26 53.82 21.03
C GLN C 39 30.74 53.49 20.98
N VAL C 40 31.39 53.51 22.14
CA VAL C 40 32.80 53.15 22.27
C VAL C 40 32.88 51.93 23.17
N ALA C 41 33.44 50.84 22.65
CA ALA C 41 33.52 49.59 23.37
C ALA C 41 34.82 49.47 24.13
N LYS C 42 34.76 48.79 25.28
CA LYS C 42 35.95 48.51 26.08
C LYS C 42 36.05 47.04 26.42
N TRP C 43 35.27 46.18 25.76
CA TRP C 43 35.26 44.74 25.94
C TRP C 43 35.02 44.10 24.59
N PRO C 44 35.49 42.88 24.37
CA PRO C 44 35.36 42.26 23.04
C PRO C 44 33.92 41.98 22.68
N PRO C 45 33.60 41.79 21.40
CA PRO C 45 32.20 41.64 20.99
C PRO C 45 31.55 40.39 21.55
N MET C 46 30.22 40.43 21.72
CA MET C 46 29.48 39.29 22.25
C MET C 46 29.59 38.10 21.29
N PRO C 47 29.64 36.87 21.83
CA PRO C 47 30.00 35.73 20.97
C PRO C 47 29.12 35.50 19.75
N GLY C 48 27.80 35.62 19.87
CA GLY C 48 26.91 35.39 18.75
C GLY C 48 26.26 36.62 18.18
N GLY C 49 26.66 37.81 18.61
CA GLY C 49 25.92 39.01 18.31
C GLY C 49 24.73 39.18 19.23
N VAL C 50 24.57 38.29 20.19
CA VAL C 50 23.42 38.22 21.08
C VAL C 50 23.20 39.58 21.75
N PRO C 51 22.07 40.23 21.50
CA PRO C 51 21.78 41.49 22.19
C PRO C 51 21.52 41.27 23.67
N LEU C 52 21.77 42.33 24.45
CA LEU C 52 21.52 42.26 25.88
C LEU C 52 20.24 43.03 26.22
N PRO C 53 19.47 42.57 27.21
CA PRO C 53 18.21 43.24 27.53
C PRO C 53 18.42 44.69 27.94
N LYS C 54 17.46 45.54 27.56
CA LYS C 54 17.57 46.96 27.88
C LYS C 54 17.63 47.18 29.39
N GLY C 55 16.78 46.48 30.14
CA GLY C 55 16.82 46.60 31.58
C GLY C 55 18.07 46.02 32.21
N GLY C 56 18.67 45.03 31.56
CA GLY C 56 19.80 44.33 32.12
C GLY C 56 19.39 43.15 32.95
N ILE C 57 20.32 42.66 33.76
CA ILE C 57 20.01 41.55 34.66
C ILE C 57 18.96 41.99 35.66
N GLY C 58 18.99 43.25 36.09
CA GLY C 58 17.96 43.74 36.99
C GLY C 58 16.59 43.71 36.36
N GLY C 59 16.50 44.03 35.07
CA GLY C 59 15.22 43.98 34.38
C GLY C 59 14.69 42.58 34.22
N VAL C 60 15.58 41.60 34.17
CA VAL C 60 15.14 40.21 34.12
C VAL C 60 14.73 39.74 35.51
N TRP C 61 15.39 40.24 36.55
CA TRP C 61 15.03 39.89 37.92
C TRP C 61 13.67 40.47 38.28
N ARG C 62 13.44 41.74 37.97
CA ARG C 62 12.16 42.36 38.27
C ARG C 62 11.04 41.76 37.44
N GLY C 63 11.30 41.50 36.16
CA GLY C 63 10.27 40.95 35.31
C GLY C 63 9.81 39.57 35.75
N ALA C 64 10.74 38.76 36.26
CA ALA C 64 10.39 37.41 36.68
C ALA C 64 9.56 37.43 37.97
N PHE C 65 9.86 38.35 38.87
CA PHE C 65 9.07 38.49 40.09
C PHE C 65 7.67 39.00 39.80
N GLU C 66 7.53 39.86 38.79
CA GLU C 66 6.22 40.37 38.41
C GLU C 66 5.33 39.27 37.88
N VAL C 67 5.90 38.26 37.22
CA VAL C 67 5.14 37.14 36.69
C VAL C 67 5.02 36.01 37.71
N ALA C 68 5.73 36.09 38.82
CA ALA C 68 5.65 35.11 39.89
C ALA C 68 4.75 35.54 41.02
N SER C 69 4.65 36.85 41.26
CA SER C 69 3.78 37.41 42.28
C SER C 69 2.49 37.95 41.67
N ALA C 70 2.02 37.33 40.59
CA ALA C 70 0.86 37.83 39.86
C ALA C 70 -0.46 37.41 40.49
N TYR C 71 -0.50 36.29 41.19
CA TYR C 71 -1.77 35.78 41.70
C TYR C 71 -2.33 36.63 42.83
N THR C 72 -3.64 36.88 42.77
CA THR C 72 -4.39 37.52 43.84
C THR C 72 -5.79 36.93 43.86
N ALA C 73 -6.46 37.04 45.01
CA ALA C 73 -7.84 36.58 45.11
C ALA C 73 -8.82 37.55 44.47
N LEU C 74 -8.38 38.79 44.23
CA LEU C 74 -9.18 39.75 43.49
C LEU C 74 -9.30 39.40 42.02
N ASN C 75 -8.38 38.56 41.51
CA ASN C 75 -8.45 38.12 40.14
C ASN C 75 -9.44 36.96 39.95
N LEU C 76 -9.83 36.30 41.03
CA LEU C 76 -10.74 35.16 40.94
C LEU C 76 -12.12 35.61 40.49
N GLU C 77 -12.81 34.70 39.81
CA GLU C 77 -14.17 34.96 39.38
C GLU C 77 -15.12 34.97 40.57
N ARG C 78 -16.32 35.52 40.36
CA ARG C 78 -17.26 35.67 41.46
C ARG C 78 -17.73 34.31 41.97
N GLN C 79 -18.06 33.39 41.08
CA GLN C 79 -18.56 32.09 41.52
C GLN C 79 -17.50 31.33 42.32
N ARG C 80 -16.26 31.31 41.83
CA ARG C 80 -15.22 30.58 42.55
C ARG C 80 -14.90 31.24 43.87
N PHE C 81 -14.96 32.58 43.93
CA PHE C 81 -14.70 33.27 45.18
C PHE C 81 -15.67 32.82 46.26
N ALA C 82 -16.95 32.69 45.92
CA ALA C 82 -17.93 32.24 46.90
C ALA C 82 -17.79 30.75 47.19
N ASN C 83 -17.53 29.95 46.16
CA ASN C 83 -17.45 28.51 46.36
C ASN C 83 -16.32 28.14 47.30
N ILE C 84 -15.21 28.85 47.24
CA ILE C 84 -14.11 28.58 48.16
C ILE C 84 -14.55 28.83 49.60
N ILE C 85 -15.29 29.92 49.82
CA ILE C 85 -15.80 30.20 51.15
C ILE C 85 -16.81 29.14 51.57
N ARG C 86 -17.70 28.76 50.65
CA ARG C 86 -18.69 27.74 50.97
C ARG C 86 -18.01 26.42 51.33
N LEU C 87 -17.03 26.01 50.53
CA LEU C 87 -16.37 24.74 50.79
C LEU C 87 -15.63 24.79 52.12
N GLY C 88 -14.96 25.89 52.42
CA GLY C 88 -14.29 26.02 53.69
C GLY C 88 -15.24 25.98 54.86
N THR C 89 -16.39 26.65 54.73
CA THR C 89 -17.37 26.65 55.80
C THR C 89 -17.98 25.26 55.96
N PHE C 90 -18.15 24.54 54.86
CA PHE C 90 -18.68 23.18 54.92
C PHE C 90 -17.71 22.26 55.63
N CYS C 91 -16.41 22.41 55.36
CA CYS C 91 -15.39 21.64 56.05
C CYS C 91 -15.50 21.82 57.57
N ARG C 92 -15.51 23.07 58.04
CA ARG C 92 -15.50 23.30 59.48
C ARG C 92 -16.76 22.74 60.14
N VAL C 93 -17.92 22.96 59.53
CA VAL C 93 -19.16 22.60 60.19
C VAL C 93 -19.43 21.11 60.09
N VAL C 94 -19.37 20.54 58.87
CA VAL C 94 -19.82 19.17 58.64
C VAL C 94 -18.65 18.18 58.70
N ILE C 95 -17.60 18.41 57.91
CA ILE C 95 -16.53 17.42 57.79
C ILE C 95 -15.75 17.27 59.10
N TRP C 96 -15.30 18.39 59.69
CA TRP C 96 -14.45 18.29 60.88
C TRP C 96 -15.10 17.45 61.97
N PRO C 97 -16.37 17.65 62.34
CA PRO C 97 -16.96 16.80 63.39
C PRO C 97 -17.11 15.33 62.98
N VAL C 98 -17.26 15.02 61.69
CA VAL C 98 -17.49 13.65 61.26
C VAL C 98 -16.18 12.85 61.28
N ILE C 99 -15.04 13.46 60.87
CA ILE C 99 -13.78 12.72 60.77
C ILE C 99 -13.46 12.00 62.07
N PRO C 100 -13.52 12.64 63.23
CA PRO C 100 -13.25 11.94 64.49
C PRO C 100 -14.08 10.69 64.68
N LEU C 101 -15.31 10.67 64.17
CA LEU C 101 -16.21 9.54 64.35
C LEU C 101 -15.85 8.39 63.40
N VAL C 102 -15.51 8.73 62.14
CA VAL C 102 -15.10 7.71 61.17
C VAL C 102 -13.81 7.07 61.68
N GLY C 103 -12.98 7.88 62.36
CA GLY C 103 -11.73 7.40 62.91
C GLY C 103 -11.91 6.43 64.07
N LEU C 104 -12.96 6.64 64.87
CA LEU C 104 -13.29 5.71 65.95
C LEU C 104 -13.77 4.38 65.40
N PHE C 105 -14.60 4.41 64.34
CA PHE C 105 -15.03 3.18 63.71
C PHE C 105 -13.84 2.33 63.30
N HIS C 106 -12.89 2.94 62.60
CA HIS C 106 -11.76 2.17 62.08
C HIS C 106 -10.87 1.69 63.23
N TYR C 107 -10.71 2.51 64.26
CA TYR C 107 -9.91 2.08 65.42
C TYR C 107 -10.48 0.78 65.96
N ILE C 108 -11.79 0.76 66.22
CA ILE C 108 -12.43 -0.41 66.80
C ILE C 108 -12.26 -1.61 65.88
N ARG C 109 -12.53 -1.41 64.58
CA ARG C 109 -12.47 -2.52 63.64
C ARG C 109 -11.06 -3.06 63.54
N GLN C 110 -10.06 -2.19 63.62
CA GLN C 110 -8.66 -2.61 63.43
C GLN C 110 -8.11 -3.25 64.70
N ARG C 111 -8.61 -2.81 65.88
CA ARG C 111 -8.14 -3.37 67.13
C ARG C 111 -8.88 -4.69 67.38
N ASP C 112 -10.08 -4.81 66.81
CA ASP C 112 -10.83 -6.06 66.84
C ASP C 112 -10.11 -7.13 66.02
N ARG C 113 -9.48 -6.73 64.92
CA ARG C 113 -8.70 -7.65 64.11
C ARG C 113 -7.43 -8.06 64.85
N ASP C 114 -6.79 -7.11 65.53
CA ASP C 114 -5.58 -7.40 66.30
C ASP C 114 -5.86 -8.36 67.45
N TRP C 115 -7.02 -8.21 68.10
CA TRP C 115 -7.32 -9.02 69.28
C TRP C 115 -7.83 -10.41 68.91
N TYR C 116 -8.70 -10.50 67.90
CA TYR C 116 -9.21 -11.82 67.50
C TYR C 116 -8.10 -12.70 66.95
N ALA C 117 -7.05 -12.09 66.40
CA ALA C 117 -5.92 -12.89 65.91
C ALA C 117 -5.21 -13.58 67.07
N LEU C 118 -5.10 -12.90 68.21
CA LEU C 118 -4.56 -13.55 69.39
C LEU C 118 -5.46 -14.69 69.85
N GLU C 119 -6.78 -14.46 69.81
CA GLU C 119 -7.72 -15.50 70.21
C GLU C 119 -7.68 -16.68 69.26
N LEU C 120 -7.57 -16.41 67.96
CA LEU C 120 -7.43 -17.50 66.99
C LEU C 120 -6.17 -18.31 67.29
N LEU C 121 -5.08 -17.64 67.63
CA LEU C 121 -3.83 -18.34 67.89
C LEU C 121 -3.95 -19.24 69.10
N ARG C 122 -4.62 -18.76 70.16
CA ARG C 122 -4.76 -19.55 71.38
C ARG C 122 -5.64 -20.77 71.13
N SER C 123 -6.71 -20.60 70.36
CA SER C 123 -7.60 -21.73 70.09
C SER C 123 -6.88 -22.79 69.27
N ARG C 124 -6.12 -22.39 68.25
CA ARG C 124 -5.37 -23.37 67.48
C ARG C 124 -4.33 -24.06 68.35
N CYS C 125 -3.69 -23.31 69.25
CA CYS C 125 -2.70 -23.89 70.15
C CYS C 125 -3.33 -24.78 71.20
N LYS C 126 -4.61 -24.57 71.51
CA LYS C 126 -5.33 -25.35 72.52
C LYS C 126 -4.64 -25.27 73.87
N SER C 127 -4.22 -24.06 74.25
CA SER C 127 -3.49 -23.84 75.49
C SER C 127 -4.28 -22.89 76.39
N GLU C 128 -4.29 -23.18 77.69
CA GLU C 128 -4.89 -22.32 78.69
C GLU C 128 -3.89 -21.48 79.43
N ASP C 129 -2.66 -21.43 78.95
CA ASP C 129 -1.60 -20.61 79.55
C ASP C 129 -1.70 -19.19 79.00
N CYS C 130 -2.74 -18.50 79.46
CA CYS C 130 -3.07 -17.18 78.92
C CYS C 130 -1.87 -16.25 78.94
N ALA C 131 -1.15 -16.23 80.05
CA ALA C 131 -0.01 -15.31 80.17
C ALA C 131 1.00 -15.52 79.06
N ALA C 132 1.12 -16.75 78.55
CA ALA C 132 2.03 -16.99 77.44
C ALA C 132 1.65 -16.16 76.22
N PHE C 133 0.33 -16.00 76.01
CA PHE C 133 -0.17 -15.31 74.83
C PHE C 133 -0.19 -13.80 75.09
N TYR C 134 -0.80 -13.37 76.20
CA TYR C 134 -0.78 -11.96 76.57
C TYR C 134 -0.77 -11.86 78.09
N ASP C 135 0.33 -11.34 78.64
CA ASP C 135 0.45 -11.12 80.08
C ASP C 135 0.09 -9.66 80.37
N TRP C 136 -0.95 -9.46 81.16
CA TRP C 136 -1.44 -8.11 81.43
C TRP C 136 -0.68 -7.41 82.54
N THR C 137 0.26 -8.09 83.20
CA THR C 137 1.04 -7.48 84.25
C THR C 137 2.33 -6.85 83.75
N MET C 138 2.64 -6.99 82.47
CA MET C 138 3.90 -6.47 81.96
C MET C 138 3.73 -5.05 81.42
N PRO C 139 4.76 -4.22 81.55
CA PRO C 139 4.61 -2.81 81.16
C PRO C 139 4.43 -2.63 79.66
N GLY C 140 3.67 -1.59 79.32
CA GLY C 140 3.50 -1.20 77.94
C GLY C 140 2.91 -2.31 77.09
N SER C 141 3.49 -2.51 75.92
CA SER C 141 3.04 -3.54 74.99
C SER C 141 3.81 -4.84 75.15
N SER C 142 4.65 -4.96 76.17
CA SER C 142 5.49 -6.14 76.33
C SER C 142 4.67 -7.40 76.61
N GLY C 143 3.39 -7.27 76.94
CA GLY C 143 2.60 -8.44 77.26
C GLY C 143 2.42 -9.37 76.08
N HIS C 144 2.31 -8.83 74.87
CA HIS C 144 2.08 -9.65 73.69
C HIS C 144 3.19 -10.66 73.53
N TRP C 145 2.79 -11.88 73.13
CA TRP C 145 3.72 -13.00 73.02
C TRP C 145 4.95 -12.64 72.21
N ARG C 146 4.77 -11.95 71.07
CA ARG C 146 5.91 -11.59 70.23
C ARG C 146 6.85 -10.65 70.96
N MET C 147 6.31 -9.65 71.66
CA MET C 147 7.15 -8.73 72.41
C MET C 147 7.89 -9.44 73.53
N GLN C 148 7.23 -10.40 74.19
CA GLN C 148 7.92 -11.20 75.20
C GLN C 148 9.09 -11.94 74.60
N ASN C 149 8.91 -12.50 73.40
CA ASN C 149 10.00 -13.23 72.76
C ASN C 149 11.15 -12.29 72.41
N ASP C 150 10.84 -11.08 71.97
CA ASP C 150 11.89 -10.10 71.68
C ASP C 150 12.72 -9.82 72.91
N LEU C 151 12.06 -9.62 74.06
CA LEU C 151 12.79 -9.38 75.29
C LEU C 151 13.63 -10.58 75.67
N GLU C 152 13.12 -11.80 75.45
CA GLU C 152 13.90 -12.99 75.75
C GLU C 152 15.15 -13.05 74.90
N ILE C 153 15.04 -12.74 73.60
CA ILE C 153 16.20 -12.72 72.73
C ILE C 153 17.22 -11.73 73.24
N ILE C 154 16.76 -10.54 73.64
CA ILE C 154 17.64 -9.53 74.17
C ILE C 154 18.35 -10.03 75.42
N ARG C 155 17.60 -10.65 76.33
CA ARG C 155 18.21 -11.15 77.56
C ARG C 155 19.26 -12.20 77.27
N ARG C 156 18.94 -13.14 76.39
CA ARG C 156 19.86 -14.24 76.11
C ARG C 156 21.15 -13.72 75.51
N ALA C 157 21.05 -12.80 74.56
CA ALA C 157 22.25 -12.29 73.90
C ALA C 157 23.11 -11.45 74.84
N ALA C 158 22.47 -10.59 75.64
CA ALA C 158 23.23 -9.68 76.49
C ALA C 158 23.88 -10.42 77.65
N ASN C 159 23.14 -11.29 78.31
CA ASN C 159 23.66 -11.99 79.48
C ASN C 159 24.55 -13.16 79.05
N VAL C 160 25.45 -13.53 79.94
CA VAL C 160 26.36 -14.65 79.70
C VAL C 160 25.80 -15.90 80.37
N ALA D 1 20.83 5.78 98.64
CA ALA D 1 22.18 5.18 98.46
C ALA D 1 22.74 5.57 97.11
N ASN D 2 23.72 4.80 96.62
CA ASN D 2 24.32 5.04 95.32
C ASN D 2 23.51 4.37 94.23
N LEU D 3 23.34 5.07 93.11
CA LEU D 3 22.71 4.52 91.91
C LEU D 3 23.76 4.33 90.83
N LEU D 4 23.54 3.35 89.95
CA LEU D 4 24.46 3.05 88.86
C LEU D 4 23.67 2.91 87.57
N LEU D 5 23.89 3.84 86.64
CA LEU D 5 23.29 3.77 85.32
C LEU D 5 24.25 3.07 84.37
N VAL D 6 23.78 1.99 83.76
CA VAL D 6 24.61 1.18 82.86
C VAL D 6 23.92 1.11 81.52
N PRO D 7 24.66 0.82 80.45
CA PRO D 7 23.99 0.58 79.16
C PRO D 7 22.98 -0.54 79.30
N SER D 8 21.85 -0.38 78.62
CA SER D 8 20.82 -1.40 78.69
C SER D 8 21.20 -2.59 77.82
N ASP D 9 20.42 -3.66 77.93
CA ASP D 9 20.71 -4.88 77.19
C ASP D 9 20.64 -4.63 75.69
N ILE D 10 19.70 -3.80 75.25
CA ILE D 10 19.60 -3.49 73.83
C ILE D 10 20.84 -2.76 73.37
N THR D 11 21.36 -1.86 74.21
CA THR D 11 22.59 -1.15 73.88
C THR D 11 23.77 -2.13 73.78
N ILE D 12 23.83 -3.10 74.70
CA ILE D 12 24.91 -4.08 74.69
C ILE D 12 24.90 -4.84 73.36
N ILE D 13 23.73 -5.30 72.94
CA ILE D 13 23.62 -6.05 71.70
C ILE D 13 23.98 -5.18 70.51
N GLU D 14 23.49 -3.94 70.49
CA GLU D 14 23.77 -3.05 69.37
C GLU D 14 25.27 -2.79 69.25
N GLU D 15 25.98 -2.70 70.38
CA GLU D 15 27.41 -2.47 70.34
C GLU D 15 28.15 -3.71 69.85
N LYS D 16 27.68 -4.89 70.24
CA LYS D 16 28.33 -6.13 69.81
C LYS D 16 28.20 -6.32 68.31
N ASN D 17 27.04 -5.99 67.75
CA ASN D 17 26.74 -6.32 66.37
C ASN D 17 27.16 -5.24 65.38
N LYS D 18 27.41 -4.03 65.83
CA LYS D 18 27.71 -2.94 64.90
C LYS D 18 28.86 -3.35 63.99
N ILE D 19 28.63 -3.27 62.68
CA ILE D 19 29.64 -3.69 61.71
C ILE D 19 30.54 -2.53 61.31
N ALA D 20 30.03 -1.31 61.32
CA ALA D 20 30.77 -0.12 60.90
C ALA D 20 29.96 1.10 61.33
N LYS D 21 30.41 2.28 60.91
CA LYS D 21 29.66 3.51 61.11
C LYS D 21 28.62 3.65 60.00
N ARG D 22 27.60 4.47 60.27
CA ARG D 22 26.50 4.69 59.33
C ARG D 22 26.37 6.18 59.08
N ARG D 23 26.48 6.57 57.81
CA ARG D 23 26.30 7.96 57.43
C ARG D 23 24.94 8.46 57.91
N ILE D 24 24.95 9.57 58.64
CA ILE D 24 23.71 10.24 59.04
C ILE D 24 23.25 11.11 57.89
N ARG D 25 21.99 10.97 57.50
CA ARG D 25 21.46 11.75 56.40
C ARG D 25 21.17 13.18 56.84
N LEU D 26 20.87 14.05 55.86
CA LEU D 26 20.69 15.47 56.16
C LEU D 26 19.49 15.69 57.05
N LEU D 27 18.37 15.02 56.76
CA LEU D 27 17.16 15.22 57.56
C LEU D 27 17.32 14.65 58.96
N GLU D 28 18.07 13.56 59.10
CA GLU D 28 18.34 13.03 60.43
C GLU D 28 19.16 14.01 61.26
N LYS D 29 20.15 14.65 60.64
CA LYS D 29 20.93 15.66 61.33
C LYS D 29 20.04 16.79 61.81
N THR D 30 19.24 17.35 60.89
CA THR D 30 18.38 18.48 61.26
C THR D 30 17.36 18.05 62.30
N GLY D 31 16.78 16.87 62.16
CA GLY D 31 15.80 16.42 63.14
C GLY D 31 16.39 16.33 64.54
N LEU D 32 17.58 15.74 64.66
CA LEU D 32 18.22 15.67 65.96
C LEU D 32 18.49 17.06 66.51
N ALA D 33 18.95 17.99 65.65
CA ALA D 33 19.25 19.33 66.12
C ALA D 33 17.99 20.04 66.60
N LEU D 34 16.89 19.90 65.88
CA LEU D 34 15.64 20.56 66.24
C LEU D 34 14.91 19.86 67.37
N MET D 35 15.47 18.80 67.94
CA MET D 35 14.82 18.06 69.02
C MET D 35 15.05 18.77 70.36
N PHE D 36 13.97 18.97 71.11
CA PHE D 36 14.07 19.62 72.40
C PHE D 36 14.98 18.80 73.32
N PRO D 37 15.71 19.46 74.22
CA PRO D 37 16.46 18.71 75.23
C PRO D 37 15.51 18.04 76.22
N VAL D 38 16.00 17.00 76.90
CA VAL D 38 15.23 16.29 77.92
C VAL D 38 15.97 16.33 79.25
N PHE D 39 15.31 16.82 80.29
CA PHE D 39 15.89 16.84 81.63
C PHE D 39 15.57 15.53 82.32
N HIS D 40 16.60 14.75 82.66
CA HIS D 40 16.40 13.42 83.20
C HIS D 40 16.39 13.48 84.73
N TRP D 41 15.24 13.89 85.29
CA TRP D 41 15.06 13.77 86.73
C TRP D 41 15.21 12.33 87.14
N ARG D 42 14.62 11.43 86.36
CA ARG D 42 14.82 10.00 86.42
C ARG D 42 14.98 9.55 84.97
N TYR D 43 15.69 8.45 84.75
CA TYR D 43 16.00 7.99 83.41
C TYR D 43 14.99 6.91 83.01
N SER D 44 14.10 7.24 82.06
CA SER D 44 13.18 6.26 81.49
C SER D 44 12.94 6.40 80.00
N LYS D 45 13.40 7.47 79.34
CA LYS D 45 13.09 7.76 77.95
C LYS D 45 14.38 8.08 77.18
N LEU D 46 14.32 7.89 75.85
CA LEU D 46 15.46 8.18 75.00
C LEU D 46 15.53 9.66 74.66
N ASP D 47 16.74 10.20 74.60
CA ASP D 47 16.97 11.60 74.25
C ASP D 47 17.73 11.68 72.93
N LYS D 48 18.01 12.93 72.50
CA LYS D 48 18.66 13.13 71.22
C LYS D 48 20.04 12.51 71.16
N HIS D 49 20.74 12.45 72.29
CA HIS D 49 22.07 11.86 72.30
C HIS D 49 22.01 10.36 72.12
N ASP D 50 21.09 9.69 72.83
CA ASP D 50 20.93 8.25 72.64
C ASP D 50 20.49 7.94 71.22
N MET D 51 19.61 8.77 70.66
CA MET D 51 19.13 8.52 69.30
C MET D 51 20.26 8.63 68.29
N TYR D 52 21.16 9.59 68.45
CA TYR D 52 22.28 9.71 67.53
C TYR D 52 23.13 8.45 67.56
N ASN D 53 23.46 7.95 68.74
CA ASN D 53 24.24 6.74 68.86
C ASN D 53 23.60 5.60 68.08
N ILE D 54 22.28 5.44 68.22
CA ILE D 54 21.57 4.38 67.52
C ILE D 54 21.71 4.56 66.02
N LEU D 55 21.60 5.80 65.54
CA LEU D 55 21.63 6.06 64.11
C LEU D 55 23.03 6.10 63.54
N ARG D 56 24.06 6.22 64.37
CA ARG D 56 25.43 6.27 63.89
C ARG D 56 26.07 4.90 63.74
N ARG D 57 25.46 3.86 64.32
CA ARG D 57 25.91 2.49 64.14
C ARG D 57 25.40 1.93 62.81
N LYS D 58 26.08 0.89 62.32
CA LYS D 58 25.72 0.23 61.07
C LYS D 58 25.62 -1.27 61.31
N PHE D 59 24.61 -1.90 60.71
CA PHE D 59 24.37 -3.32 60.88
C PHE D 59 24.25 -3.99 59.51
N ASP D 60 24.54 -5.29 59.48
CA ASP D 60 24.51 -6.05 58.23
C ASP D 60 23.06 -6.23 57.76
N PRO D 61 22.68 -5.73 56.57
CA PRO D 61 21.28 -5.79 56.16
C PRO D 61 20.77 -7.20 55.88
N SER D 62 21.65 -8.17 55.69
CA SER D 62 21.24 -9.53 55.36
C SER D 62 21.28 -10.46 56.56
N ALA D 63 22.10 -10.14 57.56
CA ALA D 63 22.24 -10.97 58.75
C ALA D 63 20.90 -11.53 59.19
N SER D 64 20.85 -12.84 59.39
CA SER D 64 19.64 -13.52 59.78
C SER D 64 19.57 -13.77 61.29
N ASP D 65 20.56 -13.32 62.03
CA ASP D 65 20.52 -13.48 63.48
C ASP D 65 19.32 -12.75 64.05
N PRO D 66 18.49 -13.40 64.88
CA PRO D 66 17.34 -12.68 65.46
C PRO D 66 17.74 -11.44 66.22
N ALA D 67 18.86 -11.48 66.94
CA ALA D 67 19.29 -10.32 67.71
C ALA D 67 19.56 -9.13 66.80
N ILE D 68 20.29 -9.35 65.71
CA ILE D 68 20.59 -8.25 64.78
C ILE D 68 19.31 -7.68 64.21
N ASP D 69 18.33 -8.55 63.94
CA ASP D 69 17.06 -8.10 63.39
C ASP D 69 16.37 -7.12 64.34
N ILE D 70 16.41 -7.41 65.64
CA ILE D 70 15.84 -6.49 66.62
C ILE D 70 16.54 -5.14 66.54
N CYS D 71 17.88 -5.16 66.45
CA CYS D 71 18.62 -3.91 66.39
C CYS D 71 18.24 -3.08 65.17
N ARG D 72 18.14 -3.73 64.01
CA ARG D 72 17.76 -3.01 62.80
C ARG D 72 16.35 -2.46 62.92
N ARG D 73 15.43 -3.25 63.45
CA ARG D 73 14.07 -2.76 63.66
C ARG D 73 14.06 -1.53 64.56
N ARG D 74 14.83 -1.58 65.66
CA ARG D 74 14.89 -0.43 66.56
C ARG D 74 15.48 0.78 65.86
N GLN D 75 16.57 0.59 65.11
CA GLN D 75 17.20 1.71 64.43
C GLN D 75 16.26 2.34 63.43
N GLU D 76 15.41 1.54 62.79
CA GLU D 76 14.44 2.08 61.85
C GLU D 76 13.35 2.87 62.57
N SER D 77 12.92 2.38 63.73
CA SER D 77 11.91 3.11 64.50
C SER D 77 12.47 4.42 65.05
N VAL D 78 13.76 4.43 65.41
CA VAL D 78 14.40 5.65 65.87
C VAL D 78 14.56 6.64 64.72
N ARG D 79 14.86 6.13 63.52
CA ARG D 79 15.02 7.01 62.37
C ARG D 79 13.71 7.72 62.03
N ARG D 80 12.60 6.99 62.06
CA ARG D 80 11.31 7.61 61.76
C ARG D 80 10.98 8.69 62.78
N ARG D 81 11.33 8.45 64.04
CA ARG D 81 11.12 9.46 65.08
C ARG D 81 11.95 10.71 64.82
N VAL D 82 13.21 10.53 64.45
CA VAL D 82 14.11 11.66 64.32
C VAL D 82 13.70 12.54 63.15
N ILE D 83 13.48 11.94 61.98
CA ILE D 83 13.14 12.73 60.81
C ILE D 83 11.77 13.39 60.97
N ALA D 84 10.92 12.85 61.84
CA ALA D 84 9.62 13.46 62.08
C ALA D 84 9.75 14.80 62.79
N GLN D 85 10.84 15.04 63.51
CA GLN D 85 11.02 16.30 64.23
C GLN D 85 11.27 17.47 63.30
N ASN D 86 11.50 17.22 62.00
CA ASN D 86 11.77 18.30 61.06
C ASN D 86 10.54 19.11 60.71
N GLY D 87 9.35 18.65 61.07
CA GLY D 87 8.12 19.33 60.72
C GLY D 87 7.63 20.34 61.72
N LEU D 88 8.17 20.31 62.94
CA LEU D 88 7.72 21.23 63.98
C LEU D 88 8.11 22.66 63.64
N LEU D 89 9.37 22.90 63.31
CA LEU D 89 9.83 24.25 63.03
C LEU D 89 9.09 24.87 61.85
N PRO D 90 8.97 24.22 60.69
CA PRO D 90 8.14 24.79 59.63
C PRO D 90 6.76 25.16 60.09
N GLY D 91 6.13 24.29 60.88
CA GLY D 91 4.77 24.56 61.34
C GLY D 91 4.69 25.79 62.21
N LEU D 92 5.60 25.89 63.19
CA LEU D 92 5.58 27.02 64.11
C LEU D 92 5.87 28.33 63.39
N LEU D 93 6.79 28.31 62.44
CA LEU D 93 7.13 29.52 61.69
C LEU D 93 5.93 30.01 60.89
N LEU D 94 5.31 29.12 60.12
CA LEU D 94 4.14 29.49 59.34
C LEU D 94 2.95 29.76 60.23
N GLY D 95 2.92 29.14 61.42
CA GLY D 95 1.83 29.35 62.35
C GLY D 95 1.86 30.67 63.07
N VAL D 96 2.94 31.44 62.92
CA VAL D 96 3.05 32.79 63.44
C VAL D 96 3.07 33.80 62.30
N SER D 97 3.86 33.52 61.26
CA SER D 97 4.03 34.48 60.17
C SER D 97 2.73 34.71 59.41
N LEU D 98 2.08 33.63 58.97
CA LEU D 98 0.84 33.79 58.21
C LEU D 98 -0.21 34.54 59.03
N PRO D 99 -0.50 34.16 60.28
CA PRO D 99 -1.43 34.98 61.07
C PRO D 99 -0.98 36.42 61.27
N TRP D 100 0.31 36.64 61.50
CA TRP D 100 0.78 38.00 61.76
C TRP D 100 0.61 38.89 60.53
N TRP D 101 0.95 38.37 59.34
CA TRP D 101 0.73 39.14 58.13
C TRP D 101 -0.74 39.49 57.95
N SER D 102 -1.63 38.56 58.29
CA SER D 102 -3.05 38.78 58.11
C SER D 102 -3.59 39.83 59.06
N LEU D 103 -3.06 39.86 60.29
CA LEU D 103 -3.47 40.83 61.29
C LEU D 103 -2.47 41.98 61.41
N ARG D 104 -1.69 42.23 60.36
CA ARG D 104 -0.64 43.23 60.43
C ARG D 104 -1.19 44.64 60.57
N ARG D 105 -2.41 44.87 60.08
CA ARG D 105 -3.03 46.18 60.14
C ARG D 105 -3.95 46.34 61.34
N TYR D 106 -4.04 45.33 62.20
CA TYR D 106 -4.92 45.36 63.36
C TYR D 106 -4.12 45.74 64.60
N ASN D 107 -4.83 46.04 65.69
CA ASN D 107 -4.22 46.60 66.88
C ASN D 107 -3.39 45.55 67.61
N TYR D 108 -2.62 46.00 68.60
CA TYR D 108 -1.73 45.09 69.32
C TYR D 108 -2.52 44.02 70.05
N GLN D 109 -3.63 44.40 70.66
CA GLN D 109 -4.44 43.44 71.41
C GLN D 109 -4.78 42.22 70.56
N SER D 110 -5.11 42.45 69.28
CA SER D 110 -5.53 41.35 68.41
C SER D 110 -4.39 40.38 68.15
N LYS D 111 -3.17 40.88 68.01
CA LYS D 111 -2.03 40.00 67.80
C LYS D 111 -1.71 39.20 69.06
N LEU D 112 -1.85 39.82 70.23
CA LEU D 112 -1.64 39.09 71.48
C LEU D 112 -2.66 37.98 71.66
N ILE D 113 -3.91 38.24 71.27
CA ILE D 113 -4.96 37.25 71.43
C ILE D 113 -4.76 36.09 70.46
N VAL D 114 -4.43 36.38 69.21
CA VAL D 114 -4.50 35.39 68.15
C VAL D 114 -3.18 34.65 67.98
N LEU D 115 -2.08 35.38 67.87
CA LEU D 115 -0.82 34.74 67.48
C LEU D 115 -0.42 33.60 68.40
N PRO D 116 -0.52 33.70 69.73
CA PRO D 116 -0.11 32.56 70.57
C PRO D 116 -0.85 31.27 70.23
N PHE D 117 -2.14 31.36 69.94
CA PHE D 117 -2.92 30.15 69.68
C PHE D 117 -2.60 29.58 68.29
N CYS D 118 -2.50 30.45 67.28
CA CYS D 118 -2.17 29.98 65.94
C CYS D 118 -0.77 29.37 65.90
N ALA D 119 0.13 29.86 66.73
CA ALA D 119 1.48 29.31 66.79
C ALA D 119 1.47 27.86 67.26
N TYR D 120 0.76 27.59 68.36
CA TYR D 120 0.65 26.23 68.86
C TYR D 120 -0.08 25.35 67.86
N PHE D 121 -1.15 25.86 67.24
CA PHE D 121 -1.88 25.10 66.25
C PHE D 121 -1.00 24.79 65.04
N GLY D 122 -0.24 25.78 64.58
CA GLY D 122 0.65 25.53 63.46
C GLY D 122 1.73 24.54 63.79
N ALA D 123 2.28 24.62 65.00
CA ALA D 123 3.28 23.67 65.44
C ALA D 123 2.70 22.27 65.55
N ILE D 124 1.48 22.15 66.08
CA ILE D 124 0.81 20.86 66.16
C ILE D 124 0.56 20.31 64.77
N CYS D 125 0.05 21.15 63.87
CA CYS D 125 -0.19 20.70 62.50
C CYS D 125 1.12 20.24 61.85
N GLY D 126 2.20 20.97 62.09
CA GLY D 126 3.48 20.57 61.55
C GLY D 126 3.96 19.24 62.12
N ARG D 127 3.76 19.05 63.43
CA ARG D 127 4.14 17.78 64.05
C ARG D 127 3.32 16.62 63.49
N ILE D 128 2.02 16.82 63.33
CA ILE D 128 1.17 15.79 62.74
C ILE D 128 1.67 15.45 61.34
N ALA D 129 1.95 16.47 60.54
CA ALA D 129 2.42 16.24 59.18
C ALA D 129 3.75 15.51 59.17
N GLY D 130 4.66 15.91 60.07
CA GLY D 130 5.96 15.27 60.09
C GLY D 130 5.91 13.82 60.52
N HIS D 131 5.20 13.55 61.61
CA HIS D 131 5.05 12.17 62.06
C HIS D 131 4.31 11.34 61.02
N GLY D 132 3.36 11.94 60.32
CA GLY D 132 2.65 11.22 59.29
C GLY D 132 3.52 10.86 58.11
N LEU D 133 4.33 11.81 57.64
CA LEU D 133 5.18 11.58 56.48
C LEU D 133 6.42 10.78 56.81
N SER D 134 6.73 10.57 58.09
CA SER D 134 7.81 9.72 58.53
C SER D 134 7.35 8.29 58.78
N TRP D 135 6.09 7.98 58.45
CA TRP D 135 5.56 6.62 58.50
C TRP D 135 5.37 6.13 59.93
N ARG D 136 5.13 7.05 60.87
CA ARG D 136 4.88 6.65 62.25
C ARG D 136 3.48 6.08 62.44
N TRP D 137 2.53 6.50 61.61
CA TRP D 137 1.15 6.05 61.77
C TRP D 137 0.94 4.61 61.31
N VAL D 138 1.89 4.05 60.56
CA VAL D 138 1.78 2.68 60.07
C VAL D 138 2.68 1.72 60.83
N GLU D 139 3.41 2.20 61.83
CA GLU D 139 4.23 1.32 62.66
C GLU D 139 3.35 0.42 63.52
N THR D 140 3.79 -0.82 63.70
CA THR D 140 3.10 -1.73 64.60
C THR D 140 3.47 -1.41 66.04
N ASP D 141 2.77 -2.06 66.98
CA ASP D 141 3.09 -1.85 68.40
C ASP D 141 4.42 -2.45 68.78
N ARG D 142 4.89 -3.45 68.03
CA ARG D 142 6.19 -4.06 68.26
C ARG D 142 7.31 -3.15 67.78
N GLN D 143 7.12 -2.49 66.64
CA GLN D 143 8.11 -1.55 66.13
C GLN D 143 8.27 -0.37 67.07
N ARG D 144 7.16 0.21 67.52
CA ARG D 144 7.23 1.38 68.38
C ARG D 144 7.85 1.03 69.73
N MET D 145 7.56 -0.15 70.26
CA MET D 145 8.14 -0.57 71.52
C MET D 145 9.65 -0.69 71.41
N LEU D 146 10.13 -1.33 70.34
CA LEU D 146 11.57 -1.53 70.19
C LEU D 146 12.29 -0.21 69.99
N GLY D 147 11.63 0.76 69.38
CA GLY D 147 12.22 2.07 69.22
C GLY D 147 12.18 2.95 70.45
N ASN D 148 11.38 2.57 71.46
CA ASN D 148 11.26 3.32 72.69
C ASN D 148 11.99 2.67 73.86
N LEU D 149 12.65 1.54 73.66
CA LEU D 149 13.34 0.88 74.75
C LEU D 149 14.47 1.78 75.25
N PRO D 150 14.61 1.97 76.56
CA PRO D 150 15.65 2.86 77.06
C PRO D 150 17.05 2.35 76.76
N ALA D 151 17.97 3.28 76.56
CA ALA D 151 19.36 2.96 76.30
C ALA D 151 20.20 2.89 77.57
N LYS D 152 19.76 3.54 78.64
CA LYS D 152 20.40 3.47 79.94
C LYS D 152 19.39 2.97 80.95
N VAL D 153 19.84 2.09 81.85
CA VAL D 153 18.96 1.47 82.84
C VAL D 153 19.69 1.39 84.17
N TYR D 154 18.98 1.62 85.26
CA TYR D 154 19.55 1.47 86.59
C TYR D 154 19.90 0.00 86.83
N TYR D 155 21.12 -0.24 87.31
CA TYR D 155 21.56 -1.61 87.50
C TYR D 155 20.81 -2.27 88.63
N ARG D 156 20.40 -3.52 88.41
CA ARG D 156 19.70 -4.31 89.41
C ARG D 156 20.60 -5.44 89.87
N PRO D 157 21.17 -5.39 91.08
CA PRO D 157 22.10 -6.44 91.50
C PRO D 157 21.43 -7.80 91.58
N LYS D 158 22.23 -8.84 91.37
CA LYS D 158 21.77 -10.22 91.37
C LYS D 158 20.77 -10.47 90.25
N ASN E 1 -16.91 -19.96 81.08
CA ASN E 1 -15.55 -19.59 80.72
C ASN E 1 -15.25 -19.84 79.25
N LYS E 2 -16.03 -20.73 78.64
CA LYS E 2 -15.86 -21.09 77.24
C LYS E 2 -17.18 -20.98 76.50
N PRO E 3 -17.73 -19.78 76.40
CA PRO E 3 -19.00 -19.62 75.68
C PRO E 3 -18.82 -19.87 74.20
N VAL E 4 -19.90 -20.38 73.59
CA VAL E 4 -19.87 -20.65 72.15
C VAL E 4 -19.84 -19.34 71.37
N VAL E 5 -20.54 -18.31 71.86
CA VAL E 5 -20.53 -16.99 71.23
C VAL E 5 -20.40 -15.94 72.32
N VAL E 6 -19.99 -14.74 71.90
CA VAL E 6 -19.86 -13.59 72.80
C VAL E 6 -20.64 -12.43 72.20
N ASN E 7 -21.48 -11.81 73.02
CA ASN E 7 -22.28 -10.67 72.58
C ASN E 7 -21.47 -9.41 72.76
N THR E 8 -21.12 -8.77 71.64
CA THR E 8 -20.34 -7.55 71.66
C THR E 8 -21.09 -6.34 71.12
N SER E 9 -22.21 -6.54 70.44
CA SER E 9 -22.90 -5.43 69.82
C SER E 9 -23.38 -4.41 70.85
N GLY E 10 -23.94 -4.89 71.96
CA GLY E 10 -24.46 -3.97 72.95
C GLY E 10 -23.37 -3.10 73.57
N VAL E 11 -22.26 -3.73 73.95
CA VAL E 11 -21.19 -2.98 74.62
C VAL E 11 -20.53 -2.01 73.66
N VAL E 12 -20.22 -2.48 72.44
CA VAL E 12 -19.56 -1.62 71.46
C VAL E 12 -20.45 -0.44 71.11
N ASN E 13 -21.74 -0.71 70.87
CA ASN E 13 -22.66 0.36 70.50
C ASN E 13 -22.79 1.38 71.63
N THR E 14 -22.83 0.90 72.88
CA THR E 14 -22.89 1.82 74.01
C THR E 14 -21.67 2.74 74.02
N ALA E 15 -20.48 2.18 73.80
CA ALA E 15 -19.28 3.01 73.77
C ALA E 15 -19.33 3.98 72.60
N VAL E 16 -19.81 3.54 71.45
CA VAL E 16 -19.90 4.43 70.29
C VAL E 16 -20.80 5.61 70.61
N LEU E 17 -21.97 5.34 71.18
CA LEU E 17 -22.89 6.42 71.49
C LEU E 17 -22.30 7.38 72.52
N GLY E 18 -21.65 6.84 73.56
CA GLY E 18 -21.08 7.71 74.57
C GLY E 18 -19.96 8.57 74.04
N ILE E 19 -19.04 7.96 73.29
CA ILE E 19 -17.93 8.72 72.73
C ILE E 19 -18.43 9.71 71.68
N SER E 20 -19.29 9.25 70.79
CA SER E 20 -19.82 10.15 69.76
C SER E 20 -20.66 11.25 70.37
N GLY E 21 -21.48 10.91 71.37
CA GLY E 21 -22.32 11.91 71.98
C GLY E 21 -21.52 13.02 72.64
N ALA E 22 -20.47 12.65 73.38
CA ALA E 22 -19.67 13.65 74.06
C ALA E 22 -18.98 14.57 73.06
N TRP E 23 -18.41 14.00 72.00
CA TRP E 23 -17.72 14.82 71.01
C TRP E 23 -18.68 15.71 70.26
N LEU E 24 -19.80 15.15 69.81
CA LEU E 24 -20.77 15.96 69.06
C LEU E 24 -21.38 17.04 69.94
N TYR E 25 -21.64 16.73 71.21
CA TYR E 25 -22.14 17.76 72.12
C TYR E 25 -21.15 18.91 72.23
N PHE E 26 -19.89 18.59 72.51
CA PHE E 26 -18.88 19.62 72.70
C PHE E 26 -18.75 20.51 71.47
N TYR E 27 -18.89 19.92 70.28
CA TYR E 27 -18.69 20.66 69.05
C TYR E 27 -19.91 21.45 68.60
N CYS E 28 -21.12 21.08 69.06
CA CYS E 28 -22.35 21.63 68.50
C CYS E 28 -23.19 22.40 69.50
N VAL E 29 -23.43 21.84 70.68
CA VAL E 29 -24.45 22.37 71.60
C VAL E 29 -23.99 23.62 72.33
N PRO E 30 -22.88 23.62 73.06
CA PRO E 30 -22.58 24.75 73.95
C PRO E 30 -22.42 26.06 73.20
N LEU E 31 -22.86 27.15 73.84
CA LEU E 31 -22.60 28.48 73.32
C LEU E 31 -21.14 28.89 73.53
N ARG E 32 -20.45 28.23 74.46
CA ARG E 32 -19.01 28.42 74.59
C ARG E 32 -18.30 28.20 73.27
N ARG E 33 -18.82 27.32 72.43
CA ARG E 33 -18.17 27.02 71.16
C ARG E 33 -18.00 28.27 70.32
N LYS E 34 -18.81 29.30 70.56
CA LYS E 34 -18.68 30.58 69.88
C LYS E 34 -17.87 31.59 70.69
N GLU E 35 -17.03 31.12 71.62
CA GLU E 35 -16.24 32.03 72.45
C GLU E 35 -15.15 32.71 71.64
N TRP E 36 -14.60 32.02 70.64
CA TRP E 36 -13.59 32.64 69.80
C TRP E 36 -14.19 33.70 68.89
N TYR E 37 -15.46 33.54 68.52
CA TYR E 37 -16.15 34.56 67.75
C TYR E 37 -16.43 35.80 68.59
N ASP E 38 -16.81 35.60 69.85
CA ASP E 38 -17.10 36.74 70.72
C ASP E 38 -15.84 37.55 71.01
N ILE E 39 -14.76 36.87 71.37
CA ILE E 39 -13.51 37.57 71.68
C ILE E 39 -13.07 38.41 70.49
N MET E 40 -13.08 37.82 69.29
CA MET E 40 -12.68 38.56 68.10
C MET E 40 -13.61 39.73 67.83
N MET E 41 -14.92 39.52 67.99
CA MET E 41 -15.87 40.59 67.76
C MET E 41 -15.66 41.73 68.75
N ASP E 42 -15.38 41.38 70.01
CA ASP E 42 -15.23 42.39 71.06
C ASP E 42 -13.97 43.22 70.87
N TYR E 43 -12.82 42.56 70.67
CA TYR E 43 -11.53 43.24 70.75
C TYR E 43 -10.80 43.43 69.43
N VAL E 44 -11.12 42.64 68.39
CA VAL E 44 -10.37 42.67 67.14
C VAL E 44 -11.13 43.36 66.01
N HIS E 45 -12.45 43.20 65.96
CA HIS E 45 -13.24 43.69 64.84
C HIS E 45 -13.23 45.23 64.79
N HIS E 46 -13.26 45.75 63.56
CA HIS E 46 -13.34 47.20 63.28
C HIS E 46 -12.22 47.99 63.94
N LYS E 47 -11.08 47.35 64.16
CA LYS E 47 -9.92 48.00 64.79
C LYS E 47 -8.71 47.74 63.89
N ARG E 48 -8.65 48.46 62.78
CA ARG E 48 -7.59 48.31 61.78
C ARG E 48 -7.39 49.63 61.05
N THR E 49 -6.14 49.91 60.69
CA THR E 49 -5.79 51.09 59.91
C THR E 49 -4.72 50.75 58.88
N GLN E 50 -4.79 51.42 57.72
CA GLN E 50 -3.75 51.31 56.70
C GLN E 50 -2.76 52.45 56.74
N TYR E 51 -2.99 53.44 57.60
CA TYR E 51 -2.19 54.64 57.69
C TYR E 51 -1.22 54.60 58.86
N ALA E 52 -1.08 53.45 59.50
CA ALA E 52 -0.17 53.24 60.63
C ALA E 52 0.86 52.19 60.27
N SER E 53 2.11 52.41 60.68
CA SER E 53 3.18 51.47 60.34
C SER E 53 3.08 50.20 61.17
N ASN E 54 3.43 49.08 60.55
CA ASN E 54 3.49 47.80 61.21
C ASN E 54 4.69 47.02 60.69
N PHE E 55 5.24 46.16 61.54
CA PHE E 55 6.47 45.45 61.19
C PHE E 55 6.33 44.59 59.95
N PRO E 56 5.30 43.78 59.78
CA PRO E 56 5.23 42.92 58.59
C PRO E 56 5.30 43.71 57.29
N ASP E 57 4.62 44.84 57.19
CA ASP E 57 4.71 45.67 56.00
C ASP E 57 6.12 46.23 55.84
N LYS E 58 6.70 46.72 56.95
CA LYS E 58 8.04 47.27 56.88
C LYS E 58 9.05 46.21 56.47
N ALA E 59 8.93 45.00 57.01
CA ALA E 59 9.86 43.93 56.68
C ALA E 59 9.77 43.55 55.21
N VAL E 60 8.56 43.28 54.72
CA VAL E 60 8.38 42.94 53.32
C VAL E 60 8.92 44.07 52.43
N ARG E 61 8.66 45.31 52.80
CA ARG E 61 9.05 46.44 51.99
C ARG E 61 10.57 46.58 51.93
N THR E 62 11.24 46.51 53.07
CA THR E 62 12.70 46.64 53.08
C THR E 62 13.35 45.50 52.30
N ALA E 63 12.89 44.27 52.52
CA ALA E 63 13.47 43.13 51.83
C ALA E 63 13.29 43.23 50.33
N LEU E 64 12.19 43.82 49.88
CA LEU E 64 12.02 44.10 48.45
C LEU E 64 12.99 45.18 48.00
N ARG E 65 12.99 46.31 48.70
CA ARG E 65 13.91 47.41 48.39
C ARG E 65 15.35 46.91 48.32
N PHE E 66 15.72 46.02 49.24
CA PHE E 66 17.08 45.50 49.28
C PHE E 66 17.42 44.71 48.04
N ALA E 67 16.47 43.92 47.52
CA ALA E 67 16.69 43.10 46.35
C ALA E 67 16.32 43.82 45.05
N LYS E 68 16.03 45.11 45.12
CA LYS E 68 15.62 45.87 43.94
C LYS E 68 14.39 45.24 43.30
N VAL E 69 13.48 44.75 44.13
CA VAL E 69 12.24 44.13 43.67
C VAL E 69 12.56 42.86 42.92
N SER F 1 -23.13 36.90 74.47
CA SER F 1 -22.37 35.87 73.73
C SER F 1 -23.19 35.32 72.56
N GLY F 2 -22.50 34.75 71.58
CA GLY F 2 -23.19 34.21 70.42
C GLY F 2 -23.38 35.23 69.33
N ASN F 3 -24.20 34.85 68.34
CA ASN F 3 -24.52 35.71 67.21
C ASN F 3 -26.03 35.83 67.10
N ALA F 4 -26.48 36.63 66.12
CA ALA F 4 -27.90 36.81 65.90
C ALA F 4 -28.56 35.48 65.54
N ALA F 5 -29.81 35.32 65.93
CA ALA F 5 -30.53 34.09 65.63
C ALA F 5 -30.59 33.87 64.13
N ARG F 6 -30.23 32.65 63.71
CA ARG F 6 -30.21 32.30 62.30
C ARG F 6 -31.18 31.19 61.94
N GLY F 7 -31.71 30.45 62.90
CA GLY F 7 -32.58 29.33 62.63
C GLY F 7 -33.11 28.67 63.89
N PRO F 8 -33.67 27.48 63.75
CA PRO F 8 -34.30 26.79 64.88
C PRO F 8 -33.27 26.19 65.82
N PRO F 9 -33.68 25.83 67.03
CA PRO F 9 -32.77 25.10 67.93
C PRO F 9 -32.55 23.67 67.44
N LEU F 10 -31.55 23.03 68.04
CA LEU F 10 -31.15 21.71 67.58
C LEU F 10 -32.28 20.69 67.71
N TYR F 11 -33.00 20.72 68.83
CA TYR F 11 -34.01 19.71 69.08
C TYR F 11 -35.22 19.82 68.16
N ASP F 12 -35.34 20.92 67.42
CA ASP F 12 -36.46 21.12 66.49
C ASP F 12 -36.16 20.37 65.21
N LEU F 13 -36.53 19.09 65.18
CA LEU F 13 -36.26 18.27 64.00
C LEU F 13 -36.92 18.79 62.73
N PRO F 14 -38.23 19.06 62.70
CA PRO F 14 -38.82 19.52 61.43
C PRO F 14 -38.22 20.82 60.93
N GLY F 15 -37.91 21.76 61.81
CA GLY F 15 -37.30 23.00 61.37
C GLY F 15 -35.91 22.79 60.79
N ASN F 16 -35.10 21.98 61.46
CA ASN F 16 -33.76 21.70 60.96
C ASN F 16 -33.81 20.97 59.62
N PHE F 17 -34.78 20.07 59.46
CA PHE F 17 -34.89 19.36 58.19
C PHE F 17 -35.15 20.32 57.05
N ARG F 18 -35.92 21.38 57.30
CA ARG F 18 -36.19 22.36 56.27
C ARG F 18 -34.91 23.03 55.80
N TYR F 19 -34.07 23.46 56.72
CA TYR F 19 -32.83 24.10 56.34
C TYR F 19 -31.89 23.13 55.67
N ALA F 20 -31.84 21.89 56.15
CA ALA F 20 -30.98 20.89 55.54
C ALA F 20 -31.39 20.63 54.10
N LYS F 21 -32.70 20.59 53.85
CA LYS F 21 -33.18 20.39 52.48
C LYS F 21 -32.78 21.55 51.59
N GLU F 22 -32.90 22.78 52.10
CA GLU F 22 -32.59 23.95 51.28
C GLU F 22 -31.12 23.99 50.89
N PHE F 23 -30.25 23.33 51.65
CA PHE F 23 -28.84 23.26 51.27
C PHE F 23 -28.67 22.76 49.85
N PHE F 24 -29.58 21.90 49.38
CA PHE F 24 -29.47 21.34 48.04
C PHE F 24 -30.40 22.00 47.03
N THR F 25 -31.49 22.63 47.49
CA THR F 25 -32.52 23.14 46.59
C THR F 25 -32.41 24.65 46.42
N LYS F 26 -32.44 25.41 47.51
CA LYS F 26 -32.39 26.86 47.43
C LYS F 26 -31.01 27.36 47.83
N PRO F 27 -30.22 27.91 46.92
CA PRO F 27 -28.90 28.43 47.31
C PRO F 27 -29.04 29.61 48.27
N ALA F 28 -28.11 29.68 49.20
CA ALA F 28 -28.12 30.72 50.21
C ALA F 28 -27.63 32.04 49.62
N ILE F 29 -28.21 33.14 50.09
CA ILE F 29 -27.86 34.47 49.64
C ILE F 29 -27.27 35.30 50.78
N SER F 30 -26.77 34.64 51.81
CA SER F 30 -26.08 35.31 52.90
C SER F 30 -25.28 34.28 53.68
N TYR F 31 -24.21 34.72 54.32
CA TYR F 31 -23.36 33.80 55.07
C TYR F 31 -24.11 33.19 56.23
N GLY F 32 -24.88 34.00 56.97
CA GLY F 32 -25.58 33.48 58.12
C GLY F 32 -26.52 32.35 57.78
N GLU F 33 -27.27 32.50 56.69
CA GLU F 33 -28.22 31.45 56.33
C GLU F 33 -27.53 30.26 55.69
N PHE F 34 -26.40 30.47 55.00
CA PHE F 34 -25.63 29.33 54.53
C PHE F 34 -25.05 28.55 55.70
N HIS F 35 -24.55 29.25 56.71
CA HIS F 35 -24.02 28.58 57.89
C HIS F 35 -25.11 27.79 58.60
N GLN F 36 -26.32 28.34 58.66
CA GLN F 36 -27.43 27.61 59.26
C GLN F 36 -27.73 26.34 58.49
N GLN F 37 -27.66 26.40 57.16
CA GLN F 37 -27.91 25.21 56.35
C GLN F 37 -26.89 24.12 56.67
N CYS F 38 -25.62 24.49 56.87
CA CYS F 38 -24.61 23.51 57.22
C CYS F 38 -24.86 22.93 58.61
N THR F 39 -25.20 23.76 59.58
CA THR F 39 -25.43 23.27 60.94
C THR F 39 -26.62 22.33 60.98
N SER F 40 -27.70 22.69 60.30
CA SER F 40 -28.87 21.82 60.26
C SER F 40 -28.56 20.54 59.49
N LEU F 41 -27.75 20.64 58.45
CA LEU F 41 -27.32 19.45 57.73
C LEU F 41 -26.35 18.63 58.56
N ARG F 42 -25.60 19.29 59.44
CA ARG F 42 -24.66 18.58 60.30
C ARG F 42 -25.40 17.64 61.24
N LEU F 43 -26.58 18.05 61.70
CA LEU F 43 -27.37 17.21 62.57
C LEU F 43 -27.66 15.87 61.91
N PHE F 44 -28.07 15.88 60.64
CA PHE F 44 -28.46 14.67 59.97
C PHE F 44 -27.27 13.89 59.43
N VAL F 45 -26.22 14.59 59.00
CA VAL F 45 -25.04 13.90 58.50
C VAL F 45 -24.34 13.20 59.65
N CYS F 46 -24.31 13.82 60.83
CA CYS F 46 -23.68 13.20 61.97
C CYS F 46 -24.54 12.06 62.52
N ALA F 47 -25.87 12.24 62.49
CA ALA F 47 -26.76 11.17 62.92
C ALA F 47 -26.62 9.96 62.01
N GLY F 48 -26.50 10.18 60.70
CA GLY F 48 -26.32 9.08 59.79
C GLY F 48 -25.03 8.33 60.04
N THR F 49 -23.94 9.04 60.31
CA THR F 49 -22.67 8.38 60.59
C THR F 49 -22.79 7.49 61.81
N VAL F 50 -23.27 8.06 62.92
CA VAL F 50 -23.46 7.25 64.12
C VAL F 50 -24.39 6.09 63.82
N GLY F 51 -25.43 6.34 63.02
CA GLY F 51 -26.37 5.29 62.69
C GLY F 51 -25.71 4.11 61.99
N TYR F 52 -24.89 4.40 60.98
CA TYR F 52 -24.22 3.31 60.27
C TYR F 52 -23.29 2.55 61.20
N MET F 53 -22.56 3.26 62.06
CA MET F 53 -21.67 2.58 63.00
C MET F 53 -22.44 1.60 63.86
N LEU F 54 -23.53 2.06 64.46
CA LEU F 54 -24.36 1.17 65.27
C LEU F 54 -24.86 0.00 64.43
N PHE F 55 -25.37 0.30 63.24
CA PHE F 55 -25.82 -0.76 62.34
C PHE F 55 -24.71 -1.74 62.03
N SER F 56 -23.52 -1.22 61.70
CA SER F 56 -22.45 -2.10 61.27
C SER F 56 -21.98 -3.01 62.40
N PHE F 57 -22.03 -2.54 63.64
CA PHE F 57 -21.60 -3.37 64.75
C PHE F 57 -22.68 -4.33 65.22
N THR F 58 -23.92 -4.18 64.76
CA THR F 58 -24.94 -5.19 65.00
C THR F 58 -25.00 -6.21 63.87
N MET F 59 -24.94 -5.75 62.62
CA MET F 59 -25.03 -6.65 61.48
C MET F 59 -23.74 -7.42 61.26
N TRP F 60 -22.59 -6.83 61.60
CA TRP F 60 -21.29 -7.48 61.47
C TRP F 60 -20.53 -7.27 62.77
N PRO F 61 -20.89 -8.02 63.83
CA PRO F 61 -20.35 -7.74 65.16
C PRO F 61 -18.85 -7.95 65.25
N CYS F 62 -18.25 -7.26 66.21
CA CYS F 62 -16.86 -7.52 66.56
C CYS F 62 -16.73 -8.91 67.16
N ARG F 63 -15.68 -9.61 66.77
CA ARG F 63 -15.55 -11.02 67.11
C ARG F 63 -14.74 -11.25 68.38
N SER F 64 -13.91 -10.29 68.79
CA SER F 64 -13.09 -10.47 69.96
C SER F 64 -13.89 -10.24 71.24
N SER F 65 -13.39 -10.80 72.33
CA SER F 65 -13.97 -10.62 73.65
C SER F 65 -13.27 -9.53 74.45
N TYR F 66 -12.34 -8.82 73.83
CA TYR F 66 -11.71 -7.69 74.52
C TYR F 66 -12.71 -6.58 74.80
N TRP F 67 -13.71 -6.43 73.93
CA TRP F 67 -14.65 -5.33 74.07
C TRP F 67 -15.51 -5.45 75.32
N LYS F 68 -15.51 -6.62 75.97
CA LYS F 68 -16.11 -6.70 77.30
C LYS F 68 -15.38 -5.83 78.29
N ASN F 69 -14.11 -5.51 78.03
CA ASN F 69 -13.36 -4.62 78.89
C ASN F 69 -13.74 -3.16 78.70
N TRP F 70 -14.52 -2.85 77.67
CA TRP F 70 -14.96 -1.48 77.40
C TRP F 70 -16.34 -1.19 77.98
N ALA F 71 -16.85 -2.07 78.84
CA ALA F 71 -18.11 -1.79 79.51
C ALA F 71 -17.95 -0.62 80.46
N VAL F 72 -19.04 0.14 80.62
CA VAL F 72 -18.99 1.36 81.41
C VAL F 72 -18.57 1.07 82.85
N TRP F 73 -19.16 0.04 83.45
CA TRP F 73 -18.86 -0.26 84.84
C TRP F 73 -17.42 -0.73 85.03
N LYS F 74 -16.81 -1.29 83.99
CA LYS F 74 -15.43 -1.73 84.08
C LYS F 74 -14.42 -0.63 83.78
N VAL F 75 -14.89 0.53 83.30
CA VAL F 75 -13.96 1.63 83.01
C VAL F 75 -13.15 2.02 84.23
N PRO F 76 -13.74 2.28 85.40
CA PRO F 76 -12.90 2.65 86.55
C PRO F 76 -11.83 1.63 86.87
N GLY F 77 -12.15 0.33 86.84
CA GLY F 77 -11.14 -0.67 87.14
C GLY F 77 -9.98 -0.63 86.17
N ASN F 78 -10.28 -0.41 84.89
CA ASN F 78 -9.22 -0.33 83.89
C ASN F 78 -8.29 0.85 84.17
N ILE F 79 -8.86 1.98 84.59
CA ILE F 79 -8.03 3.13 84.94
C ILE F 79 -7.07 2.77 86.07
N MET F 80 -7.58 2.11 87.11
CA MET F 80 -6.72 1.72 88.22
C MET F 80 -5.68 0.72 87.77
N HIS F 81 -6.00 -0.12 86.78
CA HIS F 81 -5.06 -1.13 86.32
C HIS F 81 -3.78 -0.50 85.79
N HIS F 82 -3.91 0.58 85.02
CA HIS F 82 -2.73 1.21 84.43
C HIS F 82 -1.91 1.98 85.46
N PHE F 83 -2.50 2.36 86.59
CA PHE F 83 -1.77 3.04 87.64
C PHE F 83 -1.19 2.11 88.69
N SER F 84 -1.45 0.80 88.59
CA SER F 84 -1.07 -0.13 89.63
C SER F 84 -0.28 -1.31 89.07
N LYS F 85 0.48 -1.10 88.01
CA LYS F 85 1.33 -2.14 87.47
C LYS F 85 2.59 -2.29 88.33
N ARG F 86 3.09 -3.52 88.40
CA ARG F 86 4.25 -3.79 89.23
C ARG F 86 5.45 -2.98 88.77
N SER F 87 6.16 -2.40 89.72
CA SER F 87 7.38 -1.67 89.39
C SER F 87 8.49 -2.64 89.03
N GLY F 88 9.38 -2.19 88.16
CA GLY F 88 10.48 -3.03 87.73
C GLY F 88 11.10 -2.47 86.45
N SER F 89 11.80 -3.34 85.74
CA SER F 89 12.42 -3.01 84.47
C SER F 89 11.68 -3.72 83.36
N ILE F 90 11.53 -3.05 82.22
CA ILE F 90 10.87 -3.67 81.08
C ILE F 90 11.68 -4.87 80.60
N PHE F 91 13.00 -4.79 80.70
CA PHE F 91 13.85 -5.92 80.34
C PHE F 91 13.67 -7.06 81.32
N LEU F 92 13.87 -8.28 80.83
CA LEU F 92 13.72 -9.48 81.64
C LEU F 92 15.04 -9.80 82.33
N ASP F 93 15.01 -9.88 83.66
CA ASP F 93 16.17 -10.31 84.42
C ASP F 93 16.36 -11.83 84.34
N GLU F 94 15.25 -12.56 84.34
CA GLU F 94 15.25 -14.01 84.35
C GLU F 94 14.34 -14.54 83.25
N PRO F 95 14.63 -15.71 82.69
CA PRO F 95 13.75 -16.27 81.67
C PRO F 95 12.35 -16.48 82.21
N LEU F 96 11.36 -16.17 81.37
CA LEU F 96 9.97 -16.43 81.70
C LEU F 96 9.69 -17.92 81.60
N LYS F 97 8.93 -18.44 82.55
CA LYS F 97 8.58 -19.85 82.60
C LYS F 97 7.13 -20.00 82.17
N ARG F 98 6.92 -20.41 80.92
CA ARG F 98 5.58 -20.64 80.40
C ARG F 98 5.46 -22.11 80.02
N THR F 99 4.25 -22.66 80.20
CA THR F 99 3.99 -24.07 79.88
C THR F 99 3.98 -24.33 78.39
N ILE F 100 3.83 -23.26 77.58
CA ILE F 100 3.79 -23.34 76.13
C ILE F 100 4.80 -22.35 75.56
N ASP F 101 5.31 -22.66 74.35
CA ASP F 101 6.23 -21.77 73.62
C ASP F 101 5.49 -21.18 72.42
N VAL F 102 4.74 -20.08 72.65
CA VAL F 102 3.91 -19.52 71.58
C VAL F 102 4.78 -19.18 70.39
N PRO F 103 5.95 -18.55 70.55
CA PRO F 103 6.80 -18.27 69.39
C PRO F 103 7.08 -19.48 68.50
N LYS F 104 7.47 -20.62 69.08
CA LYS F 104 7.78 -21.83 68.30
C LYS F 104 6.52 -22.49 67.77
N THR F 105 5.47 -22.54 68.58
CA THR F 105 4.21 -23.16 68.17
C THR F 105 3.60 -22.38 67.03
N TYR F 106 3.88 -21.06 66.99
CA TYR F 106 3.33 -20.18 65.97
C TYR F 106 4.13 -20.36 64.68
N ALA F 107 5.42 -20.62 64.79
CA ALA F 107 6.24 -20.83 63.62
C ALA F 107 5.79 -22.09 62.88
N HIS F 108 5.55 -23.17 63.63
CA HIS F 108 5.10 -24.43 63.03
C HIS F 108 3.69 -24.29 62.47
N LEU F 109 2.80 -23.60 63.19
CA LEU F 109 1.43 -23.44 62.72
C LEU F 109 1.38 -22.65 61.42
N ILE F 110 2.20 -21.61 61.30
CA ILE F 110 2.23 -20.82 60.08
C ILE F 110 2.87 -21.60 58.93
N ALA F 111 3.63 -22.64 59.23
CA ALA F 111 4.32 -23.39 58.20
C ALA F 111 3.56 -24.61 57.71
N THR F 112 2.94 -25.36 58.62
CA THR F 112 2.25 -26.60 58.27
C THR F 112 0.76 -26.55 58.52
N ARG F 113 0.24 -25.48 59.12
CA ARG F 113 -1.15 -25.43 59.56
C ARG F 113 -1.49 -26.65 60.41
N ARG F 114 -0.54 -27.00 61.28
CA ARG F 114 -0.65 -28.19 62.11
C ARG F 114 0.18 -27.96 63.37
N LEU F 115 -0.26 -28.54 64.48
CA LEU F 115 0.47 -28.39 65.72
C LEU F 115 1.76 -29.22 65.68
N PRO F 116 2.74 -28.86 66.50
CA PRO F 116 3.99 -29.64 66.52
C PRO F 116 3.79 -31.03 67.09
N GLY F 117 3.30 -31.94 66.25
CA GLY F 117 3.04 -33.31 66.65
C GLY F 117 2.10 -34.03 65.70
N LEU G 2 -21.68 31.95 32.31
CA LEU G 2 -21.61 30.58 31.81
C LEU G 2 -22.42 29.64 32.69
N THR G 3 -23.61 29.30 32.23
CA THR G 3 -24.47 28.38 32.95
C THR G 3 -25.46 27.76 31.97
N VAL G 4 -25.91 26.55 32.30
CA VAL G 4 -26.93 25.85 31.53
C VAL G 4 -28.28 25.84 32.24
N ASP G 5 -28.36 26.41 33.44
CA ASP G 5 -29.61 26.40 34.19
C ASP G 5 -30.63 27.35 33.54
N LYS G 6 -31.89 26.91 33.51
CA LYS G 6 -32.98 27.67 32.95
C LYS G 6 -34.02 27.96 34.03
N PHE G 7 -34.54 29.19 34.03
CA PHE G 7 -35.48 29.64 35.06
C PHE G 7 -36.66 30.36 34.41
N THR G 8 -37.85 30.16 34.95
CA THR G 8 -39.03 30.86 34.48
C THR G 8 -39.00 32.32 34.94
N ARG G 9 -39.88 33.13 34.36
CA ARG G 9 -39.94 34.53 34.78
C ARG G 9 -40.40 34.64 36.23
N ALA G 10 -41.27 33.74 36.67
CA ALA G 10 -41.69 33.75 38.06
C ALA G 10 -40.52 33.42 38.99
N GLU G 11 -39.71 32.42 38.63
CA GLU G 11 -38.54 32.10 39.42
C GLU G 11 -37.52 33.23 39.38
N ALA G 12 -37.35 33.86 38.22
CA ALA G 12 -36.44 35.00 38.13
C ALA G 12 -36.91 36.15 39.01
N LEU G 13 -38.22 36.42 39.00
CA LEU G 13 -38.75 37.48 39.84
C LEU G 13 -38.52 37.17 41.31
N GLN G 14 -38.71 35.91 41.70
CA GLN G 14 -38.55 35.55 43.11
C GLN G 14 -37.10 35.71 43.55
N ARG G 15 -36.15 35.25 42.74
CA ARG G 15 -34.75 35.36 43.11
C ARG G 15 -34.32 36.81 43.25
N ALA G 16 -34.73 37.66 42.30
CA ALA G 16 -34.34 39.06 42.35
C ALA G 16 -34.94 39.77 43.55
N SER G 17 -36.21 39.52 43.85
CA SER G 17 -36.84 40.17 44.99
C SER G 17 -36.23 39.69 46.30
N ASN G 18 -35.89 38.41 46.38
CA ASN G 18 -35.24 37.89 47.58
C ASN G 18 -33.91 38.58 47.82
N LEU G 19 -33.10 38.73 46.78
CA LEU G 19 -31.80 39.39 46.93
C LEU G 19 -31.96 40.86 47.30
N TYR G 20 -32.93 41.54 46.68
CA TYR G 20 -33.12 42.96 46.95
C TYR G 20 -33.43 43.21 48.41
N TYR G 21 -34.40 42.47 48.96
CA TYR G 21 -34.76 42.68 50.36
C TYR G 21 -33.68 42.15 51.30
N GLN G 22 -32.96 41.11 50.90
CA GLN G 22 -31.87 40.61 51.72
C GLN G 22 -30.79 41.68 51.89
N VAL G 23 -30.43 42.35 50.81
CA VAL G 23 -29.40 43.39 50.88
C VAL G 23 -29.93 44.58 51.66
N LEU G 24 -31.14 45.04 51.33
CA LEU G 24 -31.70 46.22 51.96
C LEU G 24 -32.04 45.99 53.42
N GLY G 25 -32.17 44.73 53.84
CA GLY G 25 -32.50 44.44 55.22
C GLY G 25 -31.29 44.22 56.10
N THR G 26 -30.21 43.74 55.51
CA THR G 26 -28.98 43.51 56.27
C THR G 26 -28.45 44.82 56.84
N ASN G 27 -27.91 44.75 58.05
CA ASN G 27 -27.34 45.92 58.71
C ASN G 27 -25.98 46.24 58.10
N TRP G 28 -25.89 47.37 57.41
CA TRP G 28 -24.66 47.73 56.73
C TRP G 28 -23.60 48.26 57.69
N GLU G 29 -24.01 48.83 58.82
CA GLU G 29 -23.04 49.44 59.73
C GLU G 29 -22.04 48.42 60.26
N ASP G 30 -22.52 47.22 60.61
CA ASP G 30 -21.62 46.17 61.08
C ASP G 30 -20.78 45.68 59.91
N GLY G 31 -19.46 45.83 60.03
CA GLY G 31 -18.58 45.49 58.92
C GLY G 31 -18.61 44.02 58.58
N LEU G 32 -18.65 43.17 59.61
CA LEU G 32 -18.65 41.73 59.38
C LEU G 32 -19.89 41.28 58.61
N ASN G 33 -20.99 42.03 58.72
CA ASN G 33 -22.18 41.69 57.94
C ASN G 33 -21.91 41.81 56.45
N LEU G 34 -21.28 42.92 56.03
CA LEU G 34 -20.96 43.11 54.61
C LEU G 34 -19.81 42.22 54.15
N VAL G 35 -18.76 42.05 54.97
CA VAL G 35 -17.61 41.25 54.56
C VAL G 35 -18.03 39.82 54.28
N LEU G 36 -18.80 39.23 55.20
CA LEU G 36 -19.25 37.85 55.05
C LEU G 36 -20.31 37.70 53.96
N ASP G 37 -21.27 38.64 53.90
CA ASP G 37 -22.40 38.51 52.98
C ASP G 37 -22.06 38.88 51.53
N VAL G 38 -21.20 39.87 51.30
CA VAL G 38 -20.98 40.36 49.94
C VAL G 38 -20.50 39.25 49.01
N PRO G 39 -19.63 38.33 49.43
CA PRO G 39 -19.27 37.21 48.54
C PRO G 39 -20.48 36.40 48.09
N PHE G 40 -21.41 36.11 48.99
CA PHE G 40 -22.63 35.39 48.60
C PHE G 40 -23.54 36.28 47.75
N TRP G 41 -23.58 37.59 48.03
CA TRP G 41 -24.41 38.50 47.25
C TRP G 41 -23.91 38.63 45.82
N GLU G 42 -22.59 38.63 45.64
CA GLU G 42 -22.02 38.77 44.30
C GLU G 42 -22.26 37.52 43.46
N SER G 43 -22.17 36.34 44.06
CA SER G 43 -22.48 35.11 43.33
C SER G 43 -23.94 35.09 42.91
N GLU G 44 -24.83 35.47 43.82
CA GLU G 44 -26.26 35.51 43.52
C GLU G 44 -26.57 36.59 42.49
N LEU G 45 -25.94 37.76 42.62
CA LEU G 45 -26.24 38.86 41.71
C LEU G 45 -25.86 38.52 40.29
N GLU G 46 -24.80 37.74 40.10
CA GLU G 46 -24.44 37.31 38.76
C GLU G 46 -25.50 36.39 38.17
N LYS G 47 -26.01 35.46 38.97
CA LYS G 47 -27.06 34.56 38.50
C LYS G 47 -28.35 35.31 38.23
N VAL G 48 -28.70 36.26 39.10
CA VAL G 48 -29.93 37.03 38.92
C VAL G 48 -29.85 37.83 37.62
N ASP G 49 -28.71 38.44 37.35
CA ASP G 49 -28.56 39.23 36.14
C ASP G 49 -28.74 38.36 34.90
N HIS G 50 -28.17 37.16 34.90
CA HIS G 50 -28.26 36.30 33.74
C HIS G 50 -29.71 35.90 33.46
N MET G 51 -30.45 35.53 34.50
CA MET G 51 -31.81 35.06 34.30
C MET G 51 -32.82 36.19 34.10
N CYS G 52 -32.49 37.41 34.53
CA CYS G 52 -33.39 38.54 34.37
C CYS G 52 -33.07 39.39 33.15
N GLU G 53 -32.05 39.02 32.37
CA GLU G 53 -31.73 39.79 31.17
C GLU G 53 -32.91 39.89 30.21
N PRO G 54 -33.66 38.84 29.92
CA PRO G 54 -34.86 39.01 29.09
C PRO G 54 -35.88 39.96 29.68
N TYR G 55 -35.98 40.05 31.00
CA TYR G 55 -37.06 40.78 31.64
C TYR G 55 -36.63 42.17 32.11
N LEU G 56 -35.60 42.75 31.50
CA LEU G 56 -35.16 44.08 31.89
C LEU G 56 -36.24 45.12 31.60
N CYS G 57 -37.05 44.92 30.58
CA CYS G 57 -38.14 45.82 30.25
C CYS G 57 -39.46 45.38 30.85
N ASP G 58 -39.47 44.28 31.60
CA ASP G 58 -40.70 43.80 32.21
C ASP G 58 -41.19 44.78 33.25
N ASP G 59 -42.52 44.84 33.41
CA ASP G 59 -43.12 45.83 34.30
C ASP G 59 -42.95 45.49 35.77
N GLU G 60 -42.74 44.22 36.11
CA GLU G 60 -42.51 43.80 37.48
C GLU G 60 -41.04 43.53 37.77
N ILE G 61 -40.40 42.70 36.94
CA ILE G 61 -39.01 42.32 37.18
C ILE G 61 -38.09 43.51 36.97
N GLY G 62 -38.38 44.34 35.97
CA GLY G 62 -37.51 45.44 35.63
C GLY G 62 -37.27 46.39 36.78
N PRO G 63 -38.34 46.86 37.42
CA PRO G 63 -38.15 47.72 38.60
C PRO G 63 -37.37 47.06 39.72
N ILE G 64 -37.57 45.76 39.94
CA ILE G 64 -36.84 45.07 40.99
C ILE G 64 -35.35 45.09 40.67
N ILE G 65 -34.99 44.82 39.42
CA ILE G 65 -33.58 44.82 39.04
C ILE G 65 -32.98 46.21 39.21
N ARG G 66 -33.71 47.25 38.80
CA ARG G 66 -33.18 48.60 38.92
C ARG G 66 -32.95 48.97 40.38
N ASN G 67 -33.90 48.65 41.26
CA ASN G 67 -33.72 48.92 42.67
C ASN G 67 -32.58 48.10 43.23
N LEU G 68 -32.47 46.84 42.81
CA LEU G 68 -31.38 46.00 43.30
C LEU G 68 -30.03 46.56 42.91
N HIS G 69 -29.89 47.04 41.68
CA HIS G 69 -28.63 47.65 41.27
C HIS G 69 -28.33 48.89 42.09
N GLU G 70 -29.34 49.73 42.31
CA GLU G 70 -29.13 50.95 43.07
C GLU G 70 -28.72 50.64 44.50
N THR G 71 -29.33 49.62 45.11
CA THR G 71 -29.00 49.27 46.48
C THR G 71 -27.55 48.78 46.58
N VAL G 72 -27.10 48.00 45.61
CA VAL G 72 -25.72 47.51 45.63
C VAL G 72 -24.76 48.69 45.46
N ASN G 73 -25.09 49.64 44.59
CA ASN G 73 -24.26 50.82 44.44
C ASN G 73 -24.15 51.58 45.74
N CYS G 74 -25.29 51.77 46.42
CA CYS G 74 -25.27 52.50 47.69
C CYS G 74 -24.53 51.70 48.76
N MET G 75 -24.65 50.38 48.72
CA MET G 75 -23.97 49.56 49.70
C MET G 75 -22.45 49.70 49.58
N TYR G 76 -21.93 49.67 48.35
CA TYR G 76 -20.50 49.81 48.17
C TYR G 76 -20.02 51.21 48.51
N ALA G 77 -20.80 52.23 48.14
CA ALA G 77 -20.37 53.60 48.37
C ALA G 77 -20.36 53.94 49.86
N CYS G 78 -21.44 53.58 50.56
CA CYS G 78 -21.50 53.87 51.99
C CYS G 78 -20.41 53.12 52.75
N GLU G 79 -20.20 51.85 52.41
CA GLU G 79 -19.18 51.07 53.09
C GLU G 79 -17.81 51.73 52.97
N ASP G 80 -17.54 52.37 51.84
CA ASP G 80 -16.22 52.97 51.63
C ASP G 80 -15.99 54.14 52.58
N VAL G 81 -16.99 55.01 52.73
CA VAL G 81 -16.81 56.18 53.60
C VAL G 81 -16.67 55.73 55.05
N ARG G 82 -17.54 54.82 55.50
CA ARG G 82 -17.47 54.38 56.88
C ARG G 82 -16.18 53.63 57.15
N ASP G 83 -15.62 52.97 56.14
CA ASP G 83 -14.34 52.32 56.30
C ASP G 83 -13.25 53.34 56.60
N HIS G 84 -13.29 54.48 55.91
CA HIS G 84 -12.32 55.54 56.18
C HIS G 84 -12.53 56.16 57.55
N ILE G 85 -13.79 56.35 57.95
CA ILE G 85 -14.07 56.85 59.29
C ILE G 85 -13.53 55.89 60.33
N ASN G 86 -13.76 54.59 60.14
CA ASN G 86 -13.21 53.61 61.06
C ASN G 86 -11.69 53.70 61.11
N GLU G 87 -11.07 54.00 59.97
CA GLU G 87 -9.62 54.20 59.98
C GLU G 87 -9.24 55.42 60.80
N LEU G 88 -10.00 56.51 60.69
CA LEU G 88 -9.68 57.71 61.45
C LEU G 88 -9.85 57.48 62.95
N LEU G 89 -10.94 56.81 63.34
CA LEU G 89 -11.18 56.59 64.76
C LEU G 89 -10.18 55.62 65.35
N GLU G 90 -9.73 54.64 64.58
CA GLU G 90 -8.74 53.70 65.09
C GLU G 90 -7.35 54.33 65.15
N LEU G 91 -7.06 55.28 64.26
CA LEU G 91 -5.84 56.08 64.42
C LEU G 91 -5.92 56.90 65.69
N SER G 92 -7.09 57.46 65.99
CA SER G 92 -7.26 58.25 67.19
C SER G 92 -7.15 57.39 68.45
N SER G 93 -7.72 56.20 68.42
CA SER G 93 -7.66 55.32 69.59
C SER G 93 -6.23 54.87 69.87
N ARG G 94 -5.49 54.54 68.81
CA ARG G 94 -4.10 54.14 68.99
C ARG G 94 -3.27 55.30 69.54
N ALA G 95 -3.63 56.53 69.17
CA ALA G 95 -2.95 57.70 69.69
C ALA G 95 -3.16 57.86 71.19
N GLU G 96 -4.28 57.38 71.72
CA GLU G 96 -4.52 57.48 73.16
C GLU G 96 -3.43 56.76 73.96
N GLY G 97 -2.91 55.67 73.42
CA GLY G 97 -1.88 54.88 74.08
C GLY G 97 -2.44 53.63 74.71
N VAL G 98 -1.56 52.84 75.33
CA VAL G 98 -1.95 51.58 75.93
C VAL G 98 -2.63 51.86 77.27
N MET G 99 -3.84 51.33 77.45
CA MET G 99 -4.61 51.52 78.67
C MET G 99 -5.14 52.93 78.78
N GLY G 100 -5.07 53.70 77.69
CA GLY G 100 -5.41 55.11 77.70
C GLY G 100 -4.34 55.97 78.33
N SER G 101 -3.28 55.34 78.85
CA SER G 101 -2.25 56.06 79.58
C SER G 101 -1.46 56.99 78.68
N GLY G 102 -1.24 56.59 77.42
CA GLY G 102 -0.35 57.28 76.53
C GLY G 102 1.02 56.64 76.49
N ALA G 103 1.20 55.55 77.22
CA ALA G 103 2.50 54.89 77.33
C ALA G 103 3.12 54.64 75.97
N ALA G 104 2.57 53.71 75.20
CA ALA G 104 3.07 53.40 73.87
C ALA G 104 2.15 53.97 72.79
N ALA G 105 2.02 55.28 72.75
CA ALA G 105 1.00 55.94 71.94
C ALA G 105 1.51 56.16 70.53
N SER G 106 0.64 55.93 69.55
CA SER G 106 0.97 56.25 68.17
C SER G 106 0.86 57.76 67.97
N GLU G 107 1.43 58.24 66.87
CA GLU G 107 1.33 59.66 66.55
C GLU G 107 -0.11 59.97 66.11
N GLU G 108 -0.59 61.19 66.43
CA GLU G 108 -2.01 61.52 66.29
C GLU G 108 -2.28 62.34 65.03
N VAL G 109 -3.32 61.93 64.27
CA VAL G 109 -3.68 62.56 63.00
C VAL G 109 -3.58 64.08 63.14
N GLU G 110 -2.85 64.71 62.22
CA GLU G 110 -2.64 66.15 62.27
C GLU G 110 -3.62 66.93 61.40
N ASN G 111 -4.02 66.36 60.26
CA ASN G 111 -5.03 66.96 59.41
C ASN G 111 -6.42 66.44 59.72
N MET G 112 -6.66 66.12 60.99
CA MET G 112 -7.98 65.66 61.41
C MET G 112 -9.06 66.69 61.12
N PRO G 113 -8.87 67.98 61.36
CA PRO G 113 -9.89 68.95 60.92
C PRO G 113 -10.18 68.86 59.43
N GLU G 114 -9.17 68.57 58.61
CA GLU G 114 -9.39 68.47 57.17
C GLU G 114 -9.93 67.11 56.76
N GLN G 115 -9.56 66.05 57.50
CA GLN G 115 -10.10 64.74 57.19
C GLN G 115 -11.57 64.64 57.53
N CYS G 116 -12.04 65.46 58.46
CA CYS G 116 -13.46 65.54 58.77
C CYS G 116 -14.22 66.39 57.77
N GLY G 117 -13.54 67.31 57.10
CA GLY G 117 -14.18 68.04 56.00
C GLY G 117 -14.32 67.19 54.76
N MET G 118 -13.41 66.24 54.56
CA MET G 118 -13.51 65.33 53.43
C MET G 118 -14.68 64.38 53.62
N VAL G 119 -14.80 63.78 54.80
CA VAL G 119 -15.85 62.80 55.04
C VAL G 119 -17.22 63.45 54.92
N THR G 120 -17.40 64.63 55.50
CA THR G 120 -18.71 65.26 55.48
C THR G 120 -19.14 65.57 54.05
N LYS G 121 -18.20 66.00 53.21
CA LYS G 121 -18.52 66.21 51.80
C LYS G 121 -18.96 64.91 51.15
N ALA G 122 -18.25 63.81 51.43
CA ALA G 122 -18.63 62.52 50.88
C ALA G 122 -20.02 62.12 51.34
N TYR G 123 -20.31 62.34 52.62
CA TYR G 123 -21.62 62.02 53.17
C TYR G 123 -22.72 62.75 52.40
N GLU G 124 -22.50 64.04 52.11
CA GLU G 124 -23.50 64.81 51.38
C GLU G 124 -23.60 64.35 49.93
N ASP G 125 -22.48 63.97 49.33
CA ASP G 125 -22.50 63.45 47.97
C ASP G 125 -23.31 62.17 47.89
N LEU G 126 -23.15 61.29 48.87
CA LEU G 126 -23.95 60.07 48.90
C LEU G 126 -25.43 60.39 49.02
N LEU G 127 -25.78 61.36 49.86
CA LEU G 127 -27.19 61.71 50.04
C LEU G 127 -27.81 62.17 48.73
N ALA G 128 -27.07 62.94 47.94
CA ALA G 128 -27.59 63.39 46.66
C ALA G 128 -27.64 62.25 45.65
N ARG G 129 -26.58 61.47 45.56
CA ARG G 129 -26.52 60.40 44.57
C ARG G 129 -27.58 59.34 44.83
N TYR G 130 -27.81 59.01 46.09
CA TYR G 130 -28.75 57.95 46.49
C TYR G 130 -29.85 58.57 47.33
N PRO G 131 -30.80 59.26 46.71
CA PRO G 131 -31.86 59.93 47.48
C PRO G 131 -32.85 58.97 48.11
N GLU G 132 -32.99 57.76 47.57
CA GLU G 132 -33.94 56.79 48.08
C GLU G 132 -33.29 55.78 49.02
N HIS G 133 -32.13 56.11 49.57
CA HIS G 133 -31.44 55.24 50.50
C HIS G 133 -30.94 56.01 51.72
N HIS G 134 -31.54 57.15 52.02
CA HIS G 134 -31.13 57.92 53.19
C HIS G 134 -31.14 57.10 54.47
N PRO G 135 -32.15 56.27 54.75
CA PRO G 135 -32.09 55.47 55.98
C PRO G 135 -30.81 54.65 56.11
N LYS G 136 -30.35 54.06 55.00
CA LYS G 136 -29.12 53.29 55.06
C LYS G 136 -27.90 54.19 55.18
N ILE G 137 -27.92 55.35 54.51
CA ILE G 137 -26.79 56.27 54.57
C ILE G 137 -26.62 56.82 55.98
N GLU G 138 -27.73 57.06 56.69
CA GLU G 138 -27.63 57.56 58.06
C GLU G 138 -27.21 56.48 59.03
N GLN G 139 -27.62 55.24 58.78
CA GLN G 139 -27.22 54.13 59.63
C GLN G 139 -25.71 53.94 59.63
N THR G 140 -25.10 54.05 58.45
CA THR G 140 -23.66 53.81 58.33
C THR G 140 -22.83 55.08 58.41
N VAL G 141 -22.98 55.96 57.42
CA VAL G 141 -22.11 57.13 57.34
C VAL G 141 -22.53 58.20 58.32
N GLY G 142 -23.84 58.44 58.45
CA GLY G 142 -24.30 59.45 59.38
C GLY G 142 -23.85 59.18 60.80
N HIS G 143 -24.09 57.95 61.28
CA HIS G 143 -23.67 57.61 62.63
C HIS G 143 -22.15 57.65 62.75
N GLY G 144 -21.44 57.26 61.69
CA GLY G 144 -20.00 57.35 61.73
C GLY G 144 -19.51 58.77 61.95
N LEU G 145 -20.13 59.73 61.26
CA LEU G 145 -19.77 61.13 61.44
C LEU G 145 -20.13 61.64 62.83
N ALA G 146 -21.18 61.08 63.43
CA ALA G 146 -21.52 61.47 64.79
C ALA G 146 -20.46 61.01 65.78
N VAL G 147 -19.88 59.84 65.55
CA VAL G 147 -18.79 59.37 66.39
C VAL G 147 -17.57 60.26 66.24
N LEU G 148 -17.24 60.64 65.01
CA LEU G 148 -16.11 61.53 64.80
C LEU G 148 -16.33 62.88 65.47
N ARG G 149 -17.58 63.35 65.48
CA ARG G 149 -17.88 64.64 66.06
C ARG G 149 -17.54 64.68 67.54
N GLN G 150 -17.61 63.54 68.22
CA GLN G 150 -17.28 63.49 69.64
C GLN G 150 -15.80 63.67 69.90
N LEU G 151 -14.96 63.54 68.87
CA LEU G 151 -13.52 63.70 68.99
C LEU G 151 -13.07 65.09 68.54
N GLU G 152 -13.57 65.53 67.40
CA GLU G 152 -13.25 66.82 66.82
C GLU G 152 -14.54 67.61 66.64
N LYS G 153 -14.50 68.89 67.01
CA LYS G 153 -15.68 69.75 66.88
C LYS G 153 -15.67 70.33 65.47
N PHE G 154 -16.49 69.74 64.59
CA PHE G 154 -16.67 70.22 63.22
C PHE G 154 -18.15 70.36 62.94
N ASN G 155 -18.48 71.06 61.86
CA ASN G 155 -19.85 71.37 61.51
C ASN G 155 -20.27 70.63 60.24
N PHE G 156 -21.40 69.95 60.31
CA PHE G 156 -22.06 69.39 59.15
C PHE G 156 -23.55 69.62 59.28
N LYS G 157 -24.23 69.55 58.13
CA LYS G 157 -25.61 70.02 58.06
C LYS G 157 -26.51 69.31 59.07
N SER G 158 -26.38 67.99 59.17
CA SER G 158 -27.23 67.19 60.04
C SER G 158 -26.67 67.05 61.45
N SER G 159 -25.72 67.89 61.83
CA SER G 159 -25.12 67.76 63.15
C SER G 159 -26.16 67.96 64.26
N HIS G 160 -27.10 68.87 64.05
CA HIS G 160 -28.11 69.14 65.08
C HIS G 160 -29.08 67.97 65.24
N ARG G 161 -29.34 67.24 64.16
CA ARG G 161 -30.21 66.07 64.23
C ARG G 161 -29.48 64.85 64.78
N TYR G 162 -28.20 64.98 65.10
CA TYR G 162 -27.44 63.95 65.78
C TYR G 162 -27.07 64.37 67.20
N PHE G 163 -27.78 65.38 67.73
CA PHE G 163 -27.62 65.86 69.09
C PHE G 163 -26.26 66.55 69.30
N PHE G 164 -25.89 67.38 68.34
CA PHE G 164 -24.65 68.16 68.41
C PHE G 164 -24.90 69.63 68.10
N ALA H 1 0.19 61.53 63.39
CA ALA H 1 0.68 61.42 61.99
C ALA H 1 -0.22 62.20 61.02
N ARG H 2 -0.12 61.89 59.71
CA ARG H 2 -0.94 62.51 58.68
C ARG H 2 -1.61 61.45 57.82
N VAL H 3 -2.59 61.88 57.02
CA VAL H 3 -3.44 60.96 56.24
C VAL H 3 -3.79 61.60 54.91
N PRO H 4 -3.91 60.79 53.84
CA PRO H 4 -4.20 61.37 52.52
C PRO H 4 -5.49 62.17 52.50
N GLU H 5 -5.47 63.27 51.74
CA GLU H 5 -6.57 64.23 51.71
C GLU H 5 -7.24 64.35 50.34
N ASP H 6 -6.99 63.43 49.42
CA ASP H 6 -7.56 63.48 48.08
C ASP H 6 -8.09 62.12 47.67
N ILE H 7 -8.81 61.48 48.58
CA ILE H 7 -9.29 60.11 48.36
C ILE H 7 -10.48 60.13 47.43
N GLU H 8 -10.47 59.25 46.42
CA GLU H 8 -11.57 59.10 45.49
C GLU H 8 -12.45 57.96 45.98
N PHE H 9 -13.51 58.30 46.70
CA PHE H 9 -14.37 57.29 47.29
C PHE H 9 -15.17 56.55 46.23
N THR H 10 -15.54 55.33 46.55
CA THR H 10 -16.38 54.54 45.65
C THR H 10 -17.68 55.28 45.37
N LYS H 11 -18.09 55.26 44.10
CA LYS H 11 -19.32 55.90 43.67
C LYS H 11 -20.43 54.92 43.36
N ASN H 12 -20.09 53.70 42.95
CA ASN H 12 -21.08 52.69 42.62
C ASN H 12 -20.37 51.34 42.60
N ARG H 13 -21.12 50.30 42.25
CA ARG H 13 -20.58 48.95 42.30
C ARG H 13 -19.52 48.69 41.24
N TYR H 14 -19.49 49.49 40.18
CA TYR H 14 -18.52 49.28 39.10
C TYR H 14 -17.41 50.33 39.08
N THR H 15 -17.41 51.28 40.01
CA THR H 15 -16.33 52.25 40.18
C THR H 15 -15.92 52.21 41.64
N ARG H 16 -15.05 51.27 41.98
CA ARG H 16 -14.75 50.95 43.37
C ARG H 16 -13.31 51.29 43.72
N ARG H 17 -13.12 51.82 44.91
CA ARG H 17 -11.80 52.04 45.48
C ARG H 17 -11.41 50.85 46.34
N TYR H 18 -10.13 50.52 46.31
CA TYR H 18 -9.61 49.45 47.15
C TYR H 18 -9.49 49.96 48.59
N ASN H 19 -10.24 49.33 49.49
CA ASN H 19 -10.28 49.72 50.89
C ASN H 19 -10.05 48.49 51.75
N LEU H 20 -10.04 48.67 53.06
CA LEU H 20 -9.77 47.58 53.97
C LEU H 20 -10.95 46.63 54.11
N ALA H 21 -12.13 47.01 53.64
CA ALA H 21 -13.24 46.07 53.60
C ALA H 21 -13.02 45.01 52.54
N THR H 22 -12.51 45.41 51.37
CA THR H 22 -12.19 44.44 50.33
C THR H 22 -11.02 43.56 50.75
N GLU H 23 -10.04 44.13 51.46
CA GLU H 23 -8.93 43.33 51.96
C GLU H 23 -9.43 42.29 52.96
N ASP H 24 -10.42 42.65 53.76
CA ASP H 24 -10.98 41.71 54.74
C ASP H 24 -11.69 40.56 54.04
N ARG H 25 -12.30 40.81 52.88
CA ARG H 25 -12.93 39.74 52.12
C ARG H 25 -11.90 38.79 51.52
N VAL H 26 -10.74 39.30 51.11
CA VAL H 26 -9.66 38.42 50.67
C VAL H 26 -9.15 37.59 51.83
N LYS H 27 -9.09 38.17 53.03
CA LYS H 27 -8.69 37.41 54.21
C LYS H 27 -9.68 36.28 54.49
N LEU H 28 -10.97 36.57 54.33
CA LEU H 28 -11.98 35.53 54.52
C LEU H 28 -11.74 34.37 53.56
N LEU H 29 -11.45 34.67 52.30
CA LEU H 29 -11.21 33.62 51.32
C LEU H 29 -9.94 32.84 51.66
N ASN H 30 -8.87 33.53 52.05
CA ASN H 30 -7.61 32.86 52.32
C ASN H 30 -7.69 32.02 53.57
N TRP H 31 -8.35 32.51 54.62
CA TRP H 31 -8.54 31.69 55.81
C TRP H 31 -9.40 30.48 55.50
N ASN H 32 -10.46 30.65 54.71
CA ASN H 32 -11.30 29.53 54.34
C ASN H 32 -10.56 28.53 53.46
N ALA H 33 -9.65 29.02 52.60
CA ALA H 33 -8.82 28.13 51.82
C ALA H 33 -7.90 27.30 52.72
N PHE H 34 -7.37 27.91 53.78
CA PHE H 34 -6.55 27.16 54.72
C PHE H 34 -7.37 26.03 55.35
N CYS H 35 -8.62 26.31 55.70
CA CYS H 35 -9.46 25.29 56.32
C CYS H 35 -9.68 24.11 55.40
N ILE H 36 -9.86 24.37 54.10
CA ILE H 36 -10.00 23.29 53.14
C ILE H 36 -8.73 22.45 53.11
N ALA H 37 -7.57 23.11 53.17
CA ALA H 37 -6.30 22.40 53.09
C ALA H 37 -6.01 21.64 54.38
N VAL H 38 -6.34 22.24 55.53
CA VAL H 38 -6.03 21.59 56.80
C VAL H 38 -6.94 20.38 57.03
N THR H 39 -8.06 20.29 56.29
CA THR H 39 -8.91 19.11 56.41
C THR H 39 -8.19 17.88 55.91
N ALA H 40 -7.14 18.07 55.10
CA ALA H 40 -6.36 16.96 54.59
C ALA H 40 -5.53 16.28 55.67
N LEU H 41 -5.26 16.98 56.77
CA LEU H 41 -4.53 16.35 57.87
C LEU H 41 -5.38 15.32 58.59
N PRO H 42 -6.55 15.66 59.12
CA PRO H 42 -7.34 14.67 59.84
C PRO H 42 -7.82 13.56 58.92
N ILE H 43 -8.15 13.88 57.66
CA ILE H 43 -8.60 12.87 56.70
C ILE H 43 -7.48 11.89 56.37
N ALA H 44 -6.24 12.37 56.35
CA ALA H 44 -5.10 11.51 56.02
C ALA H 44 -4.79 10.57 57.18
N TYR H 45 -4.96 11.04 58.41
CA TYR H 45 -4.71 10.19 59.58
C TYR H 45 -5.66 9.00 59.57
N VAL H 46 -6.95 9.25 59.32
CA VAL H 46 -7.94 8.20 59.40
C VAL H 46 -7.70 7.18 58.29
N TYR H 47 -7.20 7.63 57.13
CA TYR H 47 -7.02 6.75 55.98
C TYR H 47 -5.75 5.91 56.08
N TYR H 48 -4.67 6.50 56.58
CA TYR H 48 -3.37 5.83 56.56
C TYR H 48 -3.03 5.14 57.88
N SER H 49 -3.74 5.45 58.97
CA SER H 49 -3.41 4.92 60.27
C SER H 49 -3.88 3.46 60.42
N TRP H 50 -2.98 2.59 60.90
CA TRP H 50 -3.30 1.19 61.15
C TRP H 50 -2.95 0.87 62.60
N TYR H 51 -3.85 0.14 63.28
CA TYR H 51 -3.64 -0.27 64.69
C TYR H 51 -3.46 -1.78 64.74
N GLU H 52 -2.20 -2.22 64.66
CA GLU H 52 -1.86 -3.65 64.66
C GLU H 52 -0.71 -3.86 65.61
N SER H 53 -0.71 -5.00 66.34
CA SER H 53 0.31 -5.26 67.35
C SER H 53 1.65 -5.64 66.71
N SER H 54 1.64 -6.45 65.65
CA SER H 54 2.86 -6.94 65.03
C SER H 54 2.55 -7.27 63.58
N GLU H 55 3.54 -7.82 62.88
CA GLU H 55 3.34 -8.35 61.54
C GLU H 55 2.68 -9.72 61.58
N ASP H 56 2.63 -10.35 62.76
CA ASP H 56 2.02 -11.67 62.89
C ASP H 56 0.53 -11.63 62.54
N THR H 57 -0.16 -10.55 62.94
CA THR H 57 -1.60 -10.50 62.81
C THR H 57 -2.06 -10.90 61.42
N ASP H 58 -1.42 -10.34 60.39
CA ASP H 58 -1.84 -10.60 59.03
C ASP H 58 -1.52 -12.04 58.63
N MET H 59 -0.40 -12.57 59.12
CA MET H 59 -0.05 -13.95 58.83
C MET H 59 -1.04 -14.92 59.47
N ILE H 60 -1.53 -14.57 60.66
CA ILE H 60 -2.51 -15.42 61.32
C ILE H 60 -3.78 -15.50 60.49
N TYR H 61 -4.21 -14.37 59.93
CA TYR H 61 -5.43 -14.36 59.14
C TYR H 61 -5.24 -15.08 57.81
N ARG H 62 -4.04 -15.00 57.23
CA ARG H 62 -3.81 -15.66 55.95
C ARG H 62 -3.76 -17.17 56.08
N THR H 63 -3.39 -17.69 57.25
CA THR H 63 -3.21 -19.12 57.44
C THR H 63 -4.27 -19.77 58.31
N MET H 64 -5.02 -19.01 59.09
CA MET H 64 -6.01 -19.57 59.99
C MET H 64 -7.42 -19.04 59.77
N ASP H 65 -7.57 -17.81 59.27
CA ASP H 65 -8.87 -17.19 59.07
C ASP H 65 -8.90 -16.43 57.74
N PRO H 66 -8.66 -17.12 56.62
CA PRO H 66 -8.60 -16.43 55.33
C PRO H 66 -9.91 -15.81 54.89
N MET H 67 -11.04 -16.43 55.21
CA MET H 67 -12.35 -15.97 54.79
C MET H 67 -13.00 -15.09 55.84
N ARG H 68 -12.34 -14.85 56.97
CA ARG H 68 -12.89 -14.05 58.06
C ARG H 68 -14.18 -14.68 58.58
N GLU H 69 -14.26 -16.01 58.49
CA GLU H 69 -15.39 -16.79 58.95
C GLU H 69 -15.02 -17.86 59.98
N ALA H 70 -13.75 -18.23 60.08
CA ALA H 70 -13.32 -19.26 61.02
C ALA H 70 -13.64 -18.84 62.45
N LYS H 71 -14.18 -19.76 63.23
CA LYS H 71 -14.62 -19.47 64.60
C LYS H 71 -13.60 -19.99 65.60
N ALA H 72 -13.21 -19.13 66.54
CA ALA H 72 -12.22 -19.46 67.55
C ALA H 72 -12.90 -19.77 68.87
N ASP H 73 -12.50 -20.88 69.50
CA ASP H 73 -12.99 -21.17 70.83
C ASP H 73 -12.60 -20.03 71.75
N TYR H 74 -13.53 -19.56 72.58
CA TYR H 74 -13.33 -18.39 73.41
C TYR H 74 -12.97 -18.82 74.82
N TYR H 75 -11.78 -18.45 75.28
CA TYR H 75 -11.40 -18.61 76.68
C TYR H 75 -11.43 -17.21 77.30
N LEU H 76 -12.50 -16.93 78.07
CA LEU H 76 -12.68 -15.60 78.62
C LEU H 76 -11.47 -15.11 79.41
N PRO H 77 -10.84 -15.91 80.26
CA PRO H 77 -9.73 -15.40 81.07
C PRO H 77 -8.61 -14.74 80.27
N LEU H 78 -8.46 -15.10 79.00
CA LEU H 78 -7.33 -14.59 78.22
C LEU H 78 -7.34 -13.07 78.16
N LEU H 79 -8.47 -12.48 77.76
CA LEU H 79 -8.56 -11.04 77.61
C LEU H 79 -9.31 -10.36 78.74
N ARG H 80 -9.95 -11.13 79.61
CA ARG H 80 -10.62 -10.56 80.77
C ARG H 80 -9.64 -10.13 81.85
N GLY H 81 -8.38 -10.50 81.74
CA GLY H 81 -7.39 -10.19 82.74
C GLY H 81 -7.45 -11.05 83.97
N HIS H 82 -8.44 -11.93 84.07
CA HIS H 82 -8.59 -12.81 85.22
C HIS H 82 -9.52 -13.97 84.89
N SER I 1 -11.15 75.42 68.66
CA SER I 1 -10.24 75.86 69.76
C SER I 1 -10.44 75.02 71.02
N TYR I 2 -11.59 74.35 71.10
CA TYR I 2 -11.94 73.50 72.22
C TYR I 2 -11.90 72.03 71.79
N LYS I 3 -11.37 71.17 72.65
CA LYS I 3 -11.32 69.74 72.41
C LYS I 3 -11.74 69.01 73.67
N SER I 4 -12.43 67.88 73.50
CA SER I 4 -12.83 67.04 74.63
C SER I 4 -11.73 66.04 74.95
N ALA I 5 -11.76 65.53 76.17
CA ALA I 5 -10.79 64.55 76.64
C ALA I 5 -11.36 63.15 76.55
N HIS I 6 -10.49 62.16 76.36
CA HIS I 6 -10.86 60.75 76.36
C HIS I 6 -10.34 60.12 77.64
N GLN I 7 -11.26 59.73 78.52
CA GLN I 7 -10.86 59.11 79.77
C GLN I 7 -10.15 57.79 79.50
N GLU I 8 -9.26 57.41 80.43
CA GLU I 8 -8.46 56.21 80.29
C GLU I 8 -9.35 54.97 80.39
N THR I 9 -8.74 53.79 80.33
CA THR I 9 -9.52 52.56 80.44
C THR I 9 -10.22 52.53 81.80
N PRO I 10 -11.48 52.12 81.86
CA PRO I 10 -12.17 52.04 83.16
C PRO I 10 -11.76 50.85 84.00
N LEU I 11 -11.01 49.91 83.42
CA LEU I 11 -10.67 48.67 84.12
C LEU I 11 -9.85 48.97 85.38
N THR I 12 -8.99 49.98 85.32
CA THR I 12 -8.07 50.22 86.43
C THR I 12 -8.77 50.67 87.70
N TYR I 13 -9.95 51.31 87.59
CA TYR I 13 -10.60 51.90 88.76
C TYR I 13 -12.03 51.43 89.01
N TYR I 14 -12.76 50.97 88.00
CA TYR I 14 -14.17 50.64 88.23
C TYR I 14 -14.30 49.54 89.28
N ARG I 15 -15.29 49.68 90.15
CA ARG I 15 -15.52 48.71 91.21
C ARG I 15 -15.89 47.36 90.61
N ALA I 16 -15.40 46.29 91.21
CA ALA I 16 -15.61 44.93 90.71
C ALA I 16 -16.71 44.22 91.50
N THR I 17 -17.65 43.62 90.78
CA THR I 17 -18.72 42.83 91.36
C THR I 17 -18.37 41.35 91.24
N GLN I 18 -18.96 40.52 92.11
CA GLN I 18 -18.67 39.10 92.08
C GLN I 18 -19.22 38.43 90.83
N HIS I 19 -20.27 39.01 90.24
CA HIS I 19 -20.82 38.50 88.99
C HIS I 19 -19.97 38.83 87.79
N ALA I 20 -19.12 39.85 87.89
CA ALA I 20 -18.26 40.25 86.80
C ALA I 20 -16.95 39.49 86.80
N THR I 21 -16.43 39.15 87.98
CA THR I 21 -15.25 38.31 88.04
C THR I 21 -15.57 36.88 87.62
N SER I 22 -16.76 36.39 87.99
CA SER I 22 -17.13 35.02 87.66
C SER I 22 -17.49 34.87 86.20
N SER I 23 -18.04 35.92 85.58
CA SER I 23 -18.31 35.87 84.15
C SER I 23 -17.03 35.79 83.35
N ILE I 24 -15.95 36.40 83.84
CA ILE I 24 -14.66 36.31 83.18
C ILE I 24 -14.09 34.90 83.30
N ASN I 25 -14.21 34.29 84.49
CA ASN I 25 -13.70 32.94 84.67
C ASN I 25 -14.39 31.96 83.73
N HIS I 26 -15.63 32.25 83.33
CA HIS I 26 -16.34 31.43 82.38
C HIS I 26 -15.82 31.63 80.96
N ARG I 27 -15.57 32.89 80.58
CA ARG I 27 -15.07 33.19 79.25
C ARG I 27 -13.61 32.80 79.08
N LEU I 28 -12.90 32.56 80.18
CA LEU I 28 -11.50 32.15 80.16
C LEU I 28 -11.34 30.64 80.37
N ALA I 29 -12.45 29.90 80.41
CA ALA I 29 -12.38 28.48 80.72
C ALA I 29 -11.64 27.71 79.64
N TYR I 30 -11.97 27.95 78.37
CA TYR I 30 -11.30 27.25 77.28
C TYR I 30 -9.85 27.68 77.14
N ILE I 31 -9.53 28.92 77.54
CA ILE I 31 -8.16 29.41 77.44
C ILE I 31 -7.27 28.68 78.42
N ASN I 32 -7.80 28.35 79.60
CA ASN I 32 -7.04 27.58 80.57
C ASN I 32 -6.81 26.15 80.10
N ALA I 33 -7.83 25.54 79.49
CA ALA I 33 -7.70 24.17 79.03
C ALA I 33 -6.58 24.03 78.02
N VAL I 34 -6.50 24.96 77.06
CA VAL I 34 -5.42 24.93 76.08
C VAL I 34 -4.08 25.10 76.78
N PHE I 35 -4.03 25.99 77.76
CA PHE I 35 -2.77 26.22 78.48
C PHE I 35 -2.30 24.96 79.17
N VAL I 36 -3.22 24.25 79.84
CA VAL I 36 -2.84 23.04 80.55
C VAL I 36 -2.34 21.99 79.57
N ILE I 37 -3.03 21.83 78.45
CA ILE I 37 -2.60 20.86 77.45
C ILE I 37 -1.19 21.19 76.98
N TRP I 38 -0.90 22.47 76.76
CA TRP I 38 0.44 22.85 76.33
C TRP I 38 1.47 22.51 77.39
N VAL I 39 1.15 22.74 78.66
CA VAL I 39 2.09 22.41 79.73
C VAL I 39 2.36 20.92 79.75
N CYS I 40 1.30 20.11 79.71
CA CYS I 40 1.50 18.66 79.73
C CYS I 40 2.28 18.20 78.51
N ASP I 41 1.99 18.76 77.35
CA ASP I 41 2.75 18.42 76.15
C ASP I 41 4.22 18.77 76.34
N SER I 42 4.50 19.97 76.86
CA SER I 42 5.88 20.38 77.07
C SER I 42 6.57 19.48 78.09
N LEU I 43 5.87 19.11 79.16
CA LEU I 43 6.46 18.22 80.16
C LEU I 43 6.74 16.85 79.59
N ASN I 44 5.79 16.30 78.82
CA ASN I 44 6.00 15.02 78.19
C ASN I 44 7.17 15.04 77.23
N ASP I 45 7.67 16.22 76.87
CA ASP I 45 8.72 16.37 75.90
C ASP I 45 10.06 16.80 76.47
N VAL I 46 10.07 17.45 77.65
CA VAL I 46 11.29 18.04 78.18
C VAL I 46 11.52 17.61 79.62
N ASP I 47 10.76 16.63 80.10
CA ASP I 47 10.93 16.18 81.48
C ASP I 47 11.02 14.66 81.54
N GLN I 48 11.76 14.20 82.55
CA GLN I 48 12.03 12.79 82.77
C GLN I 48 12.24 12.01 81.47
N MET J 1 -6.22 56.25 89.54
CA MET J 1 -6.13 55.29 88.42
C MET J 1 -6.21 53.85 88.93
N LEU J 2 -5.20 53.46 89.70
CA LEU J 2 -5.11 52.10 90.24
C LEU J 2 -5.84 51.93 91.56
N ARG J 3 -6.67 50.88 91.63
CA ARG J 3 -7.42 50.59 92.85
C ARG J 3 -7.43 49.09 93.12
N TYR J 4 -7.46 48.71 94.41
CA TYR J 4 -7.53 47.30 94.78
C TYR J 4 -8.87 46.69 94.41
N ASP J 5 -9.96 47.45 94.53
CA ASP J 5 -11.29 46.96 94.20
C ASP J 5 -11.57 47.06 92.71
N SER J 6 -10.54 47.40 91.94
CA SER J 6 -10.63 47.53 90.50
C SER J 6 -11.05 46.20 89.86
N LEU J 7 -11.73 46.31 88.71
CA LEU J 7 -12.13 45.12 87.99
C LEU J 7 -10.93 44.29 87.58
N LEU J 8 -9.80 44.95 87.28
CA LEU J 8 -8.59 44.25 86.88
C LEU J 8 -8.00 43.42 88.02
N TRP J 9 -7.77 44.04 89.18
CA TRP J 9 -7.10 43.36 90.28
C TRP J 9 -8.00 42.31 90.91
N GLN J 10 -9.31 42.55 90.93
CA GLN J 10 -10.23 41.58 91.50
C GLN J 10 -10.55 40.44 90.53
N CYS J 11 -10.40 40.66 89.22
CA CYS J 11 -10.55 39.59 88.25
C CYS J 11 -9.27 38.78 88.08
N THR J 12 -8.14 39.32 88.51
CA THR J 12 -6.87 38.61 88.45
C THR J 12 -6.66 37.73 89.68
N LEU J 13 -7.13 38.16 90.83
CA LEU J 13 -7.08 37.33 92.02
C LEU J 13 -8.13 36.23 91.96
N ALA J 14 -9.34 36.56 91.49
CA ALA J 14 -10.39 35.56 91.34
C ALA J 14 -9.95 34.45 90.40
N ALA J 15 -9.36 34.82 89.26
CA ALA J 15 -8.89 33.82 88.32
C ALA J 15 -7.82 32.94 88.93
N GLY J 16 -6.90 33.54 89.69
CA GLY J 16 -5.85 32.75 90.31
C GLY J 16 -6.40 31.75 91.32
N ILE J 17 -7.30 32.21 92.19
CA ILE J 17 -7.89 31.33 93.19
C ILE J 17 -8.69 30.23 92.54
N TRP J 18 -9.30 30.51 91.40
CA TRP J 18 -10.20 29.56 90.74
C TRP J 18 -9.44 28.55 89.89
N PHE J 19 -8.43 29.01 89.15
CA PHE J 19 -7.77 28.14 88.18
C PHE J 19 -6.52 27.46 88.73
N ILE J 20 -5.71 28.15 89.51
CA ILE J 20 -4.45 27.59 90.01
C ILE J 20 -4.71 26.26 90.74
N PRO J 21 -5.78 26.13 91.54
CA PRO J 21 -6.04 24.81 92.17
C PRO J 21 -6.38 23.74 91.16
N GLN J 22 -7.32 24.03 90.26
CA GLN J 22 -7.65 23.09 89.20
C GLN J 22 -6.39 22.68 88.44
N ASP J 23 -5.60 23.67 88.03
CA ASP J 23 -4.43 23.40 87.21
C ASP J 23 -3.41 22.54 87.95
N VAL J 24 -3.13 22.87 89.21
CA VAL J 24 -2.14 22.09 89.95
C VAL J 24 -2.54 20.63 89.96
N ALA J 25 -3.81 20.36 90.24
CA ALA J 25 -4.30 18.99 90.20
C ALA J 25 -4.11 18.38 88.82
N ALA J 26 -4.52 19.10 87.78
CA ALA J 26 -4.47 18.56 86.44
C ALA J 26 -3.04 18.19 86.04
N ILE J 27 -2.10 19.11 86.22
CA ILE J 27 -0.71 18.83 85.89
C ILE J 27 -0.19 17.69 86.75
N SER J 28 -0.60 17.65 88.02
CA SER J 28 -0.13 16.60 88.92
C SER J 28 -0.58 15.23 88.44
N ALA J 29 -1.82 15.12 87.94
CA ALA J 29 -2.29 13.86 87.42
C ALA J 29 -1.45 13.40 86.24
N PHE J 30 -1.08 14.32 85.35
CA PHE J 30 -0.18 13.97 84.26
C PHE J 30 1.17 13.53 84.79
N LEU J 31 1.71 14.24 85.78
CA LEU J 31 2.98 13.86 86.37
C LEU J 31 2.89 12.49 87.01
N LEU J 32 1.75 12.18 87.64
CA LEU J 32 1.55 10.88 88.25
C LEU J 32 1.49 9.77 87.20
N TYR J 33 0.77 10.00 86.12
CA TYR J 33 0.73 9.01 85.04
C TYR J 33 2.11 8.79 84.45
N GLY J 34 2.93 9.83 84.42
CA GLY J 34 4.30 9.67 83.96
C GLY J 34 5.12 8.78 84.87
N ARG J 35 4.99 8.97 86.19
CA ARG J 35 5.74 8.15 87.13
C ARG J 35 5.29 6.70 87.07
N SER J 36 3.99 6.46 86.93
CA SER J 36 3.50 5.09 86.84
C SER J 36 4.17 4.35 85.70
N LYS J 37 4.32 5.00 84.55
CA LYS J 37 5.00 4.38 83.42
C LYS J 37 6.49 4.23 83.70
N SER J 38 7.12 5.28 84.23
CA SER J 38 8.57 5.24 84.45
C SER J 38 8.96 4.15 85.45
N ARG J 39 8.22 4.04 86.56
CA ARG J 39 8.57 3.05 87.57
C ARG J 39 8.36 1.63 87.08
N THR J 40 7.57 1.44 86.03
CA THR J 40 7.34 0.11 85.47
C THR J 40 8.30 -0.21 84.33
N ILE J 41 9.11 0.75 83.90
CA ILE J 41 10.04 0.56 82.79
C ILE J 41 11.48 0.57 83.27
N ASN J 42 11.82 1.46 84.21
CA ASN J 42 13.16 1.48 84.78
C ASN J 42 13.03 2.05 86.20
N GLN J 43 12.69 1.17 87.14
CA GLN J 43 12.59 1.58 88.54
C GLN J 43 13.98 1.92 89.08
N PRO J 44 14.16 3.05 89.74
CA PRO J 44 15.47 3.32 90.37
C PRO J 44 15.77 2.27 91.43
N VAL J 45 16.91 1.62 91.28
CA VAL J 45 17.34 0.54 92.17
C VAL J 45 18.65 0.96 92.82
N TYR J 46 18.69 0.93 94.15
CA TYR J 46 19.82 1.42 94.92
C TYR J 46 20.79 0.30 95.25
N VAL J 47 22.08 0.53 94.96
CA VAL J 47 23.15 -0.43 95.24
C VAL J 47 24.01 0.15 96.36
N ASP J 48 24.67 -0.74 97.11
CA ASP J 48 25.53 -0.27 98.20
C ASP J 48 26.82 0.34 97.67
N ASN J 49 27.71 -0.47 97.10
CA ASN J 49 29.01 0.00 96.61
C ASN J 49 29.02 -0.05 95.09
N ILE J 50 29.31 1.10 94.48
CA ILE J 50 29.27 1.19 93.02
C ILE J 50 30.33 0.28 92.40
N ASP J 51 31.51 0.20 93.01
CA ASP J 51 32.60 -0.56 92.39
C ASP J 51 32.25 -2.04 92.29
N THR J 52 31.71 -2.63 93.36
CA THR J 52 31.32 -4.03 93.31
C THR J 52 30.21 -4.25 92.29
N ALA J 53 29.22 -3.36 92.27
CA ALA J 53 28.12 -3.49 91.33
C ALA J 53 28.63 -3.47 89.90
N ALA J 54 29.56 -2.56 89.61
CA ALA J 54 30.11 -2.47 88.27
C ALA J 54 30.79 -3.77 87.85
N ASN J 55 31.53 -4.38 88.78
CA ASN J 55 32.20 -5.64 88.47
C ASN J 55 31.19 -6.72 88.12
N GLU J 56 30.17 -6.89 88.96
CA GLU J 56 29.15 -7.89 88.69
C GLU J 56 28.52 -7.66 87.33
N TYR J 57 28.30 -6.38 86.97
CA TYR J 57 27.73 -6.06 85.67
C TYR J 57 28.65 -6.49 84.54
N PHE J 58 29.92 -6.07 84.58
CA PHE J 58 30.85 -6.43 83.53
C PHE J 58 30.96 -7.94 83.39
N LYS J 59 30.99 -8.64 84.53
CA LYS J 59 31.05 -10.10 84.51
C LYS J 59 29.78 -10.70 83.91
N ARG J 60 28.62 -10.16 84.30
CA ARG J 60 27.35 -10.72 83.83
C ARG J 60 27.13 -10.49 82.34
N LYS J 61 27.62 -9.36 81.82
CA LYS J 61 27.36 -8.98 80.44
C LYS J 61 28.53 -9.29 79.52
N GLY J 62 29.63 -9.80 80.06
CA GLY J 62 30.79 -10.14 79.25
C GLY J 62 31.49 -8.94 78.65
N LEU J 63 31.54 -7.83 79.38
CA LEU J 63 32.15 -6.59 78.89
C LEU J 63 33.54 -6.44 79.49
N ASP J 64 34.50 -6.07 78.66
CA ASP J 64 35.87 -5.90 79.14
C ASP J 64 35.94 -4.67 80.05
N PRO J 65 36.33 -4.82 81.32
CA PRO J 65 36.31 -3.66 82.23
C PRO J 65 37.19 -2.51 81.79
N THR J 66 38.12 -2.74 80.86
CA THR J 66 39.05 -1.71 80.43
C THR J 66 38.43 -0.75 79.43
N LYS J 67 37.42 -1.19 78.68
CA LYS J 67 36.82 -0.40 77.63
C LYS J 67 35.60 0.38 78.10
N MET J 68 35.35 0.42 79.40
CA MET J 68 34.15 1.01 79.97
C MET J 68 34.54 2.18 80.87
N ILE J 69 34.20 3.39 80.44
CA ILE J 69 34.50 4.61 81.19
C ILE J 69 33.42 4.82 82.24
N MET J 70 33.78 4.63 83.52
CA MET J 70 32.86 4.86 84.63
C MET J 70 33.04 6.28 85.15
N MET J 71 31.98 7.08 85.11
CA MET J 71 32.01 8.48 85.52
C MET J 71 30.95 8.74 86.57
N ARG J 72 31.23 9.68 87.48
CA ARG J 72 30.31 10.06 88.55
C ARG J 72 29.53 11.29 88.10
N LYS J 73 28.26 11.08 87.75
CA LYS J 73 27.43 12.16 87.24
C LYS J 73 26.98 13.10 88.34
N SER J 74 26.69 12.56 89.53
CA SER J 74 26.22 13.35 90.65
C SER J 74 26.66 12.66 91.93
N SER J 75 26.39 13.31 93.06
CA SER J 75 26.81 12.76 94.35
C SER J 75 26.22 11.38 94.59
N LYS J 76 25.01 11.14 94.08
CA LYS J 76 24.33 9.86 94.27
C LYS J 76 24.08 9.12 92.96
N ILE J 77 24.83 9.45 91.90
CA ILE J 77 24.64 8.87 90.59
C ILE J 77 26.01 8.62 89.96
N THR J 78 26.29 7.37 89.62
CA THR J 78 27.44 6.98 88.80
C THR J 78 26.92 6.45 87.47
N GLU J 79 27.80 6.37 86.47
CA GLU J 79 27.36 5.96 85.13
C GLU J 79 28.49 5.29 84.37
N ILE J 80 28.29 4.02 84.01
CA ILE J 80 29.20 3.27 83.15
C ILE J 80 28.83 3.54 81.69
N ARG J 81 29.84 3.79 80.85
CA ARG J 81 29.62 4.07 79.43
C ARG J 81 30.68 3.37 78.60
N TYR J 82 30.34 3.08 77.35
CA TYR J 82 31.31 2.53 76.41
C TYR J 82 32.31 3.61 76.02
N GLY J 83 33.60 3.33 76.17
CA GLY J 83 34.62 4.29 75.79
C GLY J 83 34.94 4.32 74.32
N GLU J 84 34.58 3.27 73.59
CA GLU J 84 34.85 3.15 72.17
C GLU J 84 33.57 3.29 71.34
N MET J 85 32.63 4.09 71.84
CA MET J 85 31.36 4.33 71.18
C MET J 85 31.51 5.48 70.20
N TYR J 86 31.28 5.20 68.91
CA TYR J 86 31.45 6.18 67.84
C TYR J 86 31.20 7.61 68.29
N ALA K 1 -8.47 -13.59 -100.53
CA ALA K 1 -9.83 -13.07 -100.67
C ALA K 1 -10.79 -14.20 -101.03
N ALA K 2 -12.01 -13.87 -101.45
CA ALA K 2 -13.03 -14.89 -101.70
C ALA K 2 -13.96 -14.46 -102.81
N ALA K 3 -14.02 -15.26 -103.87
CA ALA K 3 -14.98 -15.12 -104.96
C ALA K 3 -15.34 -16.52 -105.44
N ALA K 4 -16.19 -16.60 -106.47
CA ALA K 4 -16.60 -17.91 -107.00
C ALA K 4 -16.85 -17.78 -108.51
N ALA K 5 -15.84 -18.12 -109.31
CA ALA K 5 -15.94 -18.12 -110.75
C ALA K 5 -16.09 -19.56 -111.26
N ALA K 6 -17.16 -19.83 -111.98
CA ALA K 6 -17.42 -21.16 -112.53
C ALA K 6 -17.26 -22.24 -111.47
N GLY K 7 -17.71 -21.94 -110.25
CA GLY K 7 -17.70 -22.90 -109.17
C GLY K 7 -16.37 -23.06 -108.47
N TYR K 8 -15.35 -22.31 -108.85
CA TYR K 8 -14.02 -22.40 -108.25
C TYR K 8 -13.81 -21.25 -107.28
N ALA K 9 -13.14 -21.52 -106.17
CA ALA K 9 -12.80 -20.50 -105.19
C ALA K 9 -11.61 -19.68 -105.69
N VAL K 10 -11.85 -18.41 -106.00
CA VAL K 10 -10.84 -17.53 -106.59
C VAL K 10 -10.43 -16.49 -105.55
N HIS K 11 -9.16 -16.49 -105.19
CA HIS K 11 -8.57 -15.47 -104.34
C HIS K 11 -7.94 -14.39 -105.20
N ASP K 12 -7.97 -13.15 -104.72
CA ASP K 12 -7.44 -12.00 -105.44
C ASP K 12 -6.35 -11.34 -104.63
N HIS K 13 -5.19 -11.16 -105.25
CA HIS K 13 -4.06 -10.44 -104.66
C HIS K 13 -3.79 -9.25 -105.57
N PHE K 14 -3.30 -8.13 -105.00
CA PHE K 14 -3.09 -6.90 -105.79
C PHE K 14 -1.72 -6.31 -105.44
N TYR K 15 -0.68 -6.80 -106.11
CA TYR K 15 0.70 -6.39 -105.87
C TYR K 15 1.13 -5.31 -106.86
N ASP K 16 2.36 -4.84 -106.69
CA ASP K 16 2.96 -3.92 -107.65
C ASP K 16 3.75 -4.64 -108.72
N ALA K 17 4.19 -5.87 -108.45
CA ALA K 17 4.94 -6.68 -109.39
C ALA K 17 4.77 -8.14 -108.99
N VAL K 18 4.73 -9.02 -109.99
CA VAL K 18 4.67 -10.46 -109.80
C VAL K 18 5.77 -11.09 -110.65
N VAL K 19 6.47 -12.07 -110.08
CA VAL K 19 7.54 -12.79 -110.77
C VAL K 19 7.14 -14.26 -110.81
N VAL K 20 6.93 -14.78 -112.03
CA VAL K 20 6.61 -16.20 -112.21
C VAL K 20 7.91 -16.95 -112.41
N GLY K 21 8.34 -17.67 -111.39
CA GLY K 21 9.57 -18.43 -111.43
C GLY K 21 10.45 -18.10 -110.24
N ALA K 22 11.03 -19.13 -109.60
CA ALA K 22 11.92 -18.94 -108.47
C ALA K 22 13.28 -19.56 -108.75
N GLY K 23 13.67 -19.61 -110.02
CA GLY K 23 15.01 -20.01 -110.40
C GLY K 23 15.92 -18.81 -110.32
N GLY K 24 17.16 -18.99 -110.79
CA GLY K 24 18.13 -17.91 -110.78
C GLY K 24 17.56 -16.57 -111.17
N ALA K 25 16.91 -16.50 -112.33
CA ALA K 25 16.38 -15.23 -112.82
C ALA K 25 15.28 -14.70 -111.91
N GLY K 26 14.42 -15.59 -111.42
CA GLY K 26 13.29 -15.15 -110.63
C GLY K 26 13.67 -14.70 -109.23
N LEU K 27 14.59 -15.43 -108.59
CA LEU K 27 15.03 -15.04 -107.25
C LEU K 27 15.73 -13.70 -107.26
N ARG K 28 16.53 -13.43 -108.30
CA ARG K 28 17.23 -12.17 -108.40
C ARG K 28 16.27 -11.02 -108.65
N ALA K 29 15.31 -11.21 -109.56
CA ALA K 29 14.35 -10.15 -109.86
C ALA K 29 13.54 -9.79 -108.63
N ALA K 30 13.10 -10.80 -107.88
CA ALA K 30 12.27 -10.53 -106.70
C ALA K 30 13.06 -9.75 -105.65
N SER K 31 14.26 -10.22 -105.31
CA SER K 31 15.08 -9.53 -104.34
C SER K 31 15.30 -8.07 -104.75
N GLY K 32 15.50 -7.84 -106.04
CA GLY K 32 15.70 -6.48 -106.51
C GLY K 32 14.47 -5.61 -106.35
N LEU K 33 13.30 -6.13 -106.73
CA LEU K 33 12.07 -5.36 -106.60
C LEU K 33 11.78 -5.03 -105.15
N VAL K 34 11.93 -5.99 -104.26
CA VAL K 34 11.71 -5.75 -102.84
C VAL K 34 12.71 -4.72 -102.32
N ALA K 35 13.96 -4.80 -102.79
CA ALA K 35 14.97 -3.83 -102.39
C ALA K 35 14.65 -2.43 -102.89
N HIS K 36 13.90 -2.33 -103.98
CA HIS K 36 13.46 -1.05 -104.50
C HIS K 36 12.25 -0.49 -103.77
N GLY K 37 11.69 -1.25 -102.84
CA GLY K 37 10.55 -0.80 -102.07
C GLY K 37 9.20 -1.08 -102.68
N LEU K 38 9.12 -2.05 -103.60
CA LEU K 38 7.89 -2.37 -104.30
C LEU K 38 7.29 -3.66 -103.74
N LYS K 39 5.97 -3.66 -103.54
CA LYS K 39 5.27 -4.85 -103.05
C LYS K 39 5.21 -5.89 -104.16
N THR K 40 5.73 -7.09 -103.87
CA THR K 40 5.97 -8.08 -104.91
C THR K 40 5.66 -9.49 -104.40
N ALA K 41 5.27 -10.36 -105.33
CA ALA K 41 5.07 -11.79 -105.08
C ALA K 41 5.88 -12.60 -106.09
N CYS K 42 6.32 -13.79 -105.65
CA CYS K 42 7.15 -14.67 -106.50
C CYS K 42 6.56 -16.08 -106.52
N ILE K 43 5.88 -16.44 -107.61
CA ILE K 43 5.17 -17.71 -107.77
C ILE K 43 6.12 -18.76 -108.37
N SER K 44 6.12 -19.97 -107.80
CA SER K 44 6.93 -21.07 -108.32
C SER K 44 6.25 -22.41 -108.15
N LYS K 45 6.47 -23.31 -109.12
CA LYS K 45 5.90 -24.68 -109.05
C LYS K 45 6.63 -25.54 -108.02
N VAL K 46 7.88 -25.21 -107.70
CA VAL K 46 8.70 -26.00 -106.81
C VAL K 46 9.35 -25.05 -105.79
N PHE K 47 9.84 -25.64 -104.70
CA PHE K 47 10.61 -24.84 -103.75
C PHE K 47 11.78 -24.18 -104.49
N PRO K 48 12.05 -22.90 -104.27
CA PRO K 48 13.00 -22.18 -105.16
C PRO K 48 14.33 -22.87 -105.34
N THR K 49 14.76 -23.66 -104.36
CA THR K 49 16.08 -24.30 -104.38
C THR K 49 16.10 -25.58 -105.22
N ARG K 50 14.95 -26.01 -105.71
CA ARG K 50 14.87 -27.22 -106.53
C ARG K 50 14.77 -26.91 -108.02
N SER K 51 14.84 -25.63 -108.39
CA SER K 51 14.79 -25.22 -109.81
C SER K 51 16.00 -25.78 -110.57
N HIS K 52 15.93 -25.76 -111.91
CA HIS K 52 17.00 -26.36 -112.72
C HIS K 52 18.30 -25.61 -112.63
N THR K 53 18.25 -24.36 -112.15
CA THR K 53 19.48 -23.58 -111.99
C THR K 53 20.44 -24.32 -111.04
N VAL K 54 19.88 -25.12 -110.11
CA VAL K 54 20.69 -25.86 -109.14
C VAL K 54 21.57 -26.90 -109.83
N ALA K 55 21.16 -27.39 -110.99
CA ALA K 55 21.91 -28.43 -111.68
C ALA K 55 23.09 -27.90 -112.48
N ALA K 56 23.20 -26.58 -112.61
CA ALA K 56 24.34 -25.96 -113.30
C ALA K 56 25.64 -26.38 -112.61
N GLN K 57 26.71 -26.54 -113.39
CA GLN K 57 27.98 -27.06 -112.85
C GLN K 57 29.18 -26.19 -113.17
N GLY K 58 29.22 -25.59 -114.36
CA GLY K 58 30.39 -24.88 -114.84
C GLY K 58 30.75 -23.62 -114.04
N GLY K 59 29.95 -22.58 -114.17
CA GLY K 59 30.23 -21.32 -113.49
C GLY K 59 29.63 -20.15 -114.25
N ILE K 60 30.01 -18.94 -113.84
CA ILE K 60 29.48 -17.69 -114.41
C ILE K 60 30.69 -16.90 -114.95
N ASN K 61 30.52 -16.27 -116.10
CA ASN K 61 31.65 -15.60 -116.75
C ASN K 61 31.74 -14.15 -116.32
N ALA K 62 32.89 -13.71 -115.83
CA ALA K 62 33.09 -12.29 -115.48
C ALA K 62 34.53 -11.92 -115.78
N ALA K 63 34.76 -10.70 -116.25
CA ALA K 63 36.11 -10.22 -116.51
C ALA K 63 36.71 -9.70 -115.21
N LEU K 64 36.80 -10.60 -114.22
CA LEU K 64 37.40 -10.26 -112.91
C LEU K 64 38.90 -10.06 -113.03
N GLY K 65 39.53 -10.82 -113.92
CA GLY K 65 40.95 -10.68 -114.10
C GLY K 65 41.80 -11.31 -113.00
N ASN K 66 41.19 -12.22 -112.23
CA ASN K 66 41.88 -12.87 -111.09
C ASN K 66 42.94 -13.84 -111.55
N MET K 67 42.71 -14.52 -112.68
CA MET K 67 43.68 -15.48 -113.24
C MET K 67 44.63 -14.85 -114.23
N THR K 68 44.12 -14.07 -115.18
CA THR K 68 44.95 -13.40 -116.21
C THR K 68 44.39 -12.01 -116.44
N GLU K 69 45.13 -11.10 -117.07
CA GLU K 69 44.58 -9.80 -117.44
C GLU K 69 43.35 -9.99 -118.34
N ASP K 70 42.32 -9.15 -118.12
CA ASP K 70 41.05 -9.27 -118.84
C ASP K 70 40.34 -7.94 -118.98
N ASP K 71 39.48 -7.87 -119.99
CA ASP K 71 38.66 -6.70 -120.27
C ASP K 71 37.26 -7.21 -120.60
N TRP K 72 36.21 -6.53 -120.11
CA TRP K 72 34.85 -6.93 -120.42
C TRP K 72 34.60 -6.85 -121.93
N ARG K 73 35.25 -5.87 -122.57
CA ARG K 73 35.08 -5.74 -124.00
C ARG K 73 35.55 -6.99 -124.76
N TRP K 74 36.64 -7.68 -124.28
CA TRP K 74 36.93 -8.90 -124.80
C TRP K 74 35.98 -10.04 -124.66
N HIS K 75 35.32 -10.05 -123.52
CA HIS K 75 34.21 -10.99 -123.24
C HIS K 75 33.06 -10.71 -124.20
N ALA K 76 32.83 -9.40 -124.46
CA ALA K 76 31.74 -9.01 -125.34
C ALA K 76 31.98 -9.47 -126.78
N TYR K 77 33.24 -9.35 -127.27
CA TYR K 77 33.55 -9.82 -128.62
C TYR K 77 33.33 -11.31 -128.73
N ASP K 78 33.74 -12.06 -127.70
CA ASP K 78 33.58 -13.52 -127.73
C ASP K 78 32.11 -13.90 -127.82
N THR K 79 31.25 -13.19 -127.10
CA THR K 79 29.83 -13.48 -127.13
C THR K 79 29.23 -13.20 -128.50
N VAL K 80 29.67 -12.11 -129.15
CA VAL K 80 29.16 -11.81 -130.50
C VAL K 80 29.55 -12.92 -131.47
N LYS K 81 30.81 -13.34 -131.46
CA LYS K 81 31.22 -14.43 -132.34
C LYS K 81 30.46 -15.70 -132.02
N GLY K 82 30.31 -16.02 -130.73
CA GLY K 82 29.60 -17.22 -130.35
C GLY K 82 28.15 -17.20 -130.78
N SER K 83 27.52 -16.03 -130.74
CA SER K 83 26.14 -15.90 -131.19
C SER K 83 26.01 -16.03 -132.70
N ASP K 84 27.13 -16.11 -133.41
CA ASP K 84 27.13 -16.19 -134.86
C ASP K 84 26.41 -14.98 -135.46
N TRP K 85 26.62 -13.83 -134.83
CA TRP K 85 26.08 -12.55 -135.29
C TRP K 85 24.57 -12.62 -135.46
N LEU K 86 23.92 -13.26 -134.49
CA LEU K 86 22.48 -13.21 -134.33
C LEU K 86 22.05 -12.55 -133.05
N GLY K 87 22.96 -12.39 -132.08
CA GLY K 87 22.62 -11.75 -130.83
C GLY K 87 22.74 -10.24 -130.91
N ASP K 88 21.93 -9.57 -130.09
CA ASP K 88 21.96 -8.11 -130.04
C ASP K 88 23.22 -7.65 -129.33
N GLN K 89 23.98 -6.78 -129.99
CA GLN K 89 25.21 -6.26 -129.40
C GLN K 89 24.93 -5.22 -128.32
N ASP K 90 23.74 -4.62 -128.36
CA ASP K 90 23.29 -3.73 -127.29
C ASP K 90 23.18 -4.48 -125.97
N ALA K 91 22.46 -5.60 -125.97
CA ALA K 91 22.29 -6.38 -124.75
C ALA K 91 23.59 -7.03 -124.31
N ILE K 92 24.44 -7.44 -125.27
CA ILE K 92 25.70 -8.08 -124.92
C ILE K 92 26.59 -7.11 -124.17
N GLU K 93 26.65 -5.84 -124.59
CA GLU K 93 27.47 -4.87 -123.88
C GLU K 93 26.96 -4.66 -122.45
N HIS K 94 25.65 -4.55 -122.29
CA HIS K 94 25.08 -4.34 -120.95
C HIS K 94 25.43 -5.50 -120.03
N MET K 95 25.39 -6.73 -120.56
CA MET K 95 25.66 -7.91 -119.74
C MET K 95 27.13 -8.03 -119.39
N CYS K 96 28.02 -7.75 -120.35
CA CYS K 96 29.44 -7.95 -120.12
C CYS K 96 30.01 -6.86 -119.22
N ARG K 97 29.52 -5.63 -119.37
CA ARG K 97 30.00 -4.52 -118.56
C ARG K 97 29.57 -4.63 -117.11
N LEU K 98 28.55 -5.44 -116.82
CA LEU K 98 28.05 -5.63 -115.47
C LEU K 98 28.48 -6.96 -114.87
N ALA K 99 29.09 -7.84 -115.66
CA ALA K 99 29.48 -9.16 -115.17
C ALA K 99 30.42 -9.09 -113.97
N PRO K 100 31.44 -8.24 -113.95
CA PRO K 100 32.28 -8.15 -112.74
C PRO K 100 31.48 -7.80 -111.49
N GLN K 101 30.64 -6.75 -111.58
CA GLN K 101 29.88 -6.31 -110.42
C GLN K 101 28.92 -7.40 -109.94
N VAL K 102 28.21 -8.03 -110.88
CA VAL K 102 27.19 -9.01 -110.50
C VAL K 102 27.83 -10.18 -109.75
N VAL K 103 29.01 -10.63 -110.19
CA VAL K 103 29.65 -11.77 -109.56
C VAL K 103 30.13 -11.41 -108.17
N LEU K 104 30.68 -10.19 -108.00
CA LEU K 104 31.15 -9.77 -106.70
C LEU K 104 29.98 -9.59 -105.73
N GLU K 105 28.86 -9.07 -106.22
CA GLU K 105 27.67 -8.98 -105.38
C GLU K 105 27.26 -10.34 -104.86
N LEU K 106 27.30 -11.36 -105.72
CA LEU K 106 26.94 -12.71 -105.30
C LEU K 106 27.88 -13.22 -104.22
N GLU K 107 29.16 -12.90 -104.32
CA GLU K 107 30.11 -13.25 -103.27
C GLU K 107 29.79 -12.50 -101.98
N SER K 108 29.31 -11.26 -102.11
CA SER K 108 28.99 -10.45 -100.93
C SER K 108 27.81 -11.02 -100.16
N TYR K 109 26.95 -11.80 -100.80
CA TYR K 109 25.86 -12.47 -100.13
C TYR K 109 26.23 -13.88 -99.66
N GLY K 110 27.48 -14.29 -99.86
CA GLY K 110 27.99 -15.51 -99.27
C GLY K 110 28.23 -16.66 -100.23
N LEU K 111 28.18 -16.43 -101.54
CA LEU K 111 28.38 -17.51 -102.49
C LEU K 111 29.74 -18.17 -102.26
N PRO K 112 29.79 -19.45 -101.89
CA PRO K 112 31.07 -20.09 -101.54
C PRO K 112 31.94 -20.41 -102.75
N PHE K 113 32.44 -19.37 -103.43
CA PHE K 113 33.29 -19.55 -104.61
C PHE K 113 34.57 -20.30 -104.25
N SER K 114 35.16 -20.99 -105.23
CA SER K 114 36.49 -21.55 -105.02
C SER K 114 37.51 -20.41 -105.04
N ARG K 115 38.62 -20.58 -104.31
CA ARG K 115 39.55 -19.50 -104.09
C ARG K 115 40.93 -19.79 -104.69
N THR K 116 41.65 -18.72 -104.99
CA THR K 116 43.03 -18.77 -105.47
C THR K 116 44.00 -18.72 -104.29
N LYS K 117 45.30 -18.66 -104.59
CA LYS K 117 46.31 -18.59 -103.54
C LYS K 117 46.38 -17.21 -102.88
N GLU K 118 45.73 -16.21 -103.46
CA GLU K 118 45.73 -14.86 -102.91
C GLU K 118 44.40 -14.49 -102.26
N GLY K 119 43.49 -15.45 -102.15
CA GLY K 119 42.19 -15.22 -101.56
C GLY K 119 41.15 -14.67 -102.51
N LYS K 120 41.46 -14.59 -103.81
CA LYS K 120 40.52 -14.14 -104.82
C LYS K 120 39.72 -15.32 -105.37
N ILE K 121 38.74 -15.02 -106.20
CA ILE K 121 37.86 -16.04 -106.77
C ILE K 121 38.59 -16.76 -107.90
N TYR K 122 38.59 -18.09 -107.87
CA TYR K 122 39.21 -18.89 -108.92
C TYR K 122 38.34 -18.85 -110.18
N GLN K 123 38.99 -18.71 -111.35
CA GLN K 123 38.34 -18.70 -112.66
C GLN K 123 38.93 -19.80 -113.55
N ARG K 124 38.07 -20.55 -114.21
CA ARG K 124 38.43 -21.70 -115.07
C ARG K 124 38.22 -21.36 -116.54
N ALA K 125 38.93 -22.12 -117.41
CA ALA K 125 38.81 -21.95 -118.85
C ALA K 125 37.52 -22.60 -119.35
N PHE K 126 36.84 -21.95 -120.29
CA PHE K 126 35.61 -22.48 -120.88
C PHE K 126 35.66 -22.26 -122.39
N GLY K 127 34.82 -22.99 -123.14
CA GLY K 127 34.87 -22.94 -124.59
C GLY K 127 34.31 -21.63 -125.15
N GLY K 128 34.97 -21.14 -126.22
CA GLY K 128 34.54 -19.94 -126.90
C GLY K 128 35.02 -18.64 -126.29
N GLN K 129 35.94 -18.70 -125.33
CA GLN K 129 36.46 -17.53 -124.62
C GLN K 129 37.90 -17.28 -125.00
N SER K 130 38.23 -16.02 -125.34
CA SER K 130 39.58 -15.69 -125.75
C SER K 130 39.97 -14.34 -125.14
N LEU K 131 41.16 -13.89 -125.41
CA LEU K 131 41.67 -12.60 -124.96
C LEU K 131 42.12 -11.77 -126.16
N LYS K 132 42.13 -10.46 -125.95
CA LYS K 132 42.60 -9.49 -126.97
C LYS K 132 41.77 -9.58 -128.26
N PHE K 133 40.44 -9.77 -128.14
CA PHE K 133 39.51 -9.79 -129.27
C PHE K 133 39.88 -10.92 -130.24
N GLY K 134 40.36 -12.03 -129.70
CA GLY K 134 40.62 -13.22 -130.47
C GLY K 134 42.11 -13.37 -130.80
N LYS K 135 42.90 -12.30 -130.70
CA LYS K 135 44.31 -12.36 -131.00
C LYS K 135 45.13 -12.92 -129.85
N GLY K 136 44.55 -13.07 -128.67
CA GLY K 136 45.21 -13.69 -127.54
C GLY K 136 44.91 -15.18 -127.47
N GLY K 137 45.02 -15.73 -126.27
CA GLY K 137 44.77 -17.13 -126.02
C GLY K 137 43.53 -17.38 -125.18
N GLN K 138 43.41 -18.62 -124.71
CA GLN K 138 42.27 -19.02 -123.88
C GLN K 138 42.13 -18.03 -122.72
N ALA K 139 40.89 -17.64 -122.42
CA ALA K 139 40.56 -16.72 -121.34
C ALA K 139 39.91 -17.49 -120.19
N TYR K 140 40.47 -17.28 -119.00
CA TYR K 140 39.92 -17.95 -117.80
C TYR K 140 38.96 -16.98 -117.07
N ARG K 141 37.73 -16.85 -117.61
CA ARG K 141 36.69 -15.95 -117.05
C ARG K 141 35.58 -16.64 -116.24
N CYS K 142 35.58 -17.95 -116.15
CA CYS K 142 34.39 -18.65 -115.55
C CYS K 142 34.55 -18.86 -114.05
N ALA K 143 34.17 -17.87 -113.25
CA ALA K 143 34.22 -17.95 -111.77
C ALA K 143 33.39 -19.15 -111.33
N ALA K 144 34.03 -20.27 -110.97
CA ALA K 144 33.34 -21.53 -110.61
C ALA K 144 33.40 -21.76 -109.10
N ALA K 145 32.54 -22.63 -108.57
CA ALA K 145 32.54 -23.02 -107.14
C ALA K 145 32.58 -24.54 -107.14
N ALA K 146 33.73 -25.15 -107.47
CA ALA K 146 33.87 -26.62 -107.62
C ALA K 146 33.01 -27.03 -108.82
N ASP K 147 32.36 -28.20 -108.78
CA ASP K 147 31.44 -28.67 -109.86
C ASP K 147 30.01 -28.31 -109.44
N ARG K 148 29.84 -27.49 -108.41
CA ARG K 148 28.51 -27.10 -107.88
C ARG K 148 28.41 -25.58 -107.86
N THR K 149 28.38 -24.93 -109.03
CA THR K 149 28.31 -23.45 -109.13
C THR K 149 26.83 -23.05 -109.18
N GLY K 150 25.93 -23.89 -109.69
CA GLY K 150 24.50 -23.63 -109.63
C GLY K 150 23.93 -23.72 -108.23
N HIS K 151 24.15 -24.86 -107.58
CA HIS K 151 23.72 -25.06 -106.19
C HIS K 151 24.13 -23.86 -105.37
N ALA K 152 25.35 -23.39 -105.59
CA ALA K 152 25.84 -22.25 -104.87
C ALA K 152 25.01 -21.01 -105.19
N ILE K 153 24.83 -20.70 -106.46
CA ILE K 153 24.14 -19.46 -106.84
C ILE K 153 22.70 -19.48 -106.35
N LEU K 154 21.99 -20.57 -106.62
CA LEU K 154 20.56 -20.62 -106.28
C LEU K 154 20.36 -20.52 -104.77
N HIS K 155 21.18 -21.24 -104.00
CA HIS K 155 21.09 -21.16 -102.55
C HIS K 155 21.40 -19.75 -102.06
N THR K 156 22.39 -19.09 -102.67
CA THR K 156 22.77 -17.75 -102.24
C THR K 156 21.71 -16.73 -102.63
N LEU K 157 21.08 -16.90 -103.80
CA LEU K 157 20.03 -15.99 -104.20
C LEU K 157 18.76 -16.20 -103.39
N TYR K 158 18.51 -17.43 -102.95
CA TYR K 158 17.43 -17.68 -102.01
C TYR K 158 17.72 -17.01 -100.67
N GLY K 159 18.96 -17.10 -100.19
CA GLY K 159 19.32 -16.40 -98.97
C GLY K 159 19.13 -14.91 -99.09
N MET K 160 19.50 -14.34 -100.24
CA MET K 160 19.29 -12.91 -100.46
C MET K 160 17.82 -12.56 -100.44
N SER K 161 16.98 -13.43 -101.02
CA SER K 161 15.54 -13.20 -101.02
C SER K 161 14.97 -13.29 -99.61
N LEU K 162 15.49 -14.21 -98.80
CA LEU K 162 15.10 -14.29 -97.40
C LEU K 162 15.51 -13.03 -96.64
N LYS K 163 16.72 -12.53 -96.91
CA LYS K 163 17.19 -11.31 -96.24
C LYS K 163 16.30 -10.13 -96.55
N TYR K 164 15.81 -10.05 -97.78
CA TYR K 164 14.94 -8.96 -98.20
C TYR K 164 13.47 -9.24 -97.88
N ASP K 165 13.14 -10.45 -97.40
CA ASP K 165 11.77 -10.82 -97.05
C ASP K 165 10.85 -10.74 -98.26
N CYS K 166 11.08 -11.66 -99.20
CA CYS K 166 10.27 -11.75 -100.41
C CYS K 166 9.10 -12.69 -100.20
N LEU K 167 7.90 -12.22 -100.55
CA LEU K 167 6.69 -13.03 -100.45
C LEU K 167 6.72 -14.10 -101.54
N PHE K 168 6.76 -15.37 -101.12
CA PHE K 168 6.85 -16.51 -102.01
C PHE K 168 5.56 -17.32 -101.98
N PHE K 169 5.02 -17.65 -103.15
CA PHE K 169 3.88 -18.55 -103.29
C PHE K 169 4.41 -19.87 -103.85
N ILE K 170 4.85 -20.77 -102.96
CA ILE K 170 5.53 -22.00 -103.36
C ILE K 170 4.52 -23.08 -103.71
N GLU K 171 4.83 -23.87 -104.73
CA GLU K 171 3.96 -24.93 -105.23
C GLU K 171 2.63 -24.34 -105.72
N TYR K 172 2.75 -23.32 -106.56
CA TYR K 172 1.63 -22.70 -107.27
C TYR K 172 1.94 -22.75 -108.76
N PHE K 173 1.09 -23.43 -109.54
CA PHE K 173 1.31 -23.60 -110.97
C PHE K 173 0.56 -22.52 -111.74
N ALA K 174 1.30 -21.61 -112.37
CA ALA K 174 0.70 -20.53 -113.13
C ALA K 174 0.07 -21.07 -114.41
N LEU K 175 -1.13 -20.58 -114.73
CA LEU K 175 -1.92 -21.08 -115.85
C LEU K 175 -1.93 -20.15 -117.06
N ASP K 176 -2.12 -18.86 -116.85
CA ASP K 176 -2.21 -17.89 -117.94
C ASP K 176 -1.85 -16.51 -117.40
N LEU K 177 -1.86 -15.52 -118.29
CA LEU K 177 -1.66 -14.11 -117.95
C LEU K 177 -2.99 -13.37 -118.03
N ILE K 178 -3.21 -12.42 -117.13
CA ILE K 178 -4.46 -11.64 -117.10
C ILE K 178 -4.23 -10.45 -118.03
N MET K 179 -4.39 -10.69 -119.33
CA MET K 179 -4.23 -9.64 -120.33
C MET K 179 -5.45 -8.72 -120.37
N ASP K 180 -5.20 -7.45 -120.71
CA ASP K 180 -6.25 -6.46 -120.86
C ASP K 180 -6.68 -6.39 -122.33
N GLN K 181 -7.86 -5.80 -122.56
CA GLN K 181 -8.34 -5.65 -123.93
C GLN K 181 -7.39 -4.77 -124.75
N ASP K 182 -6.85 -3.71 -124.12
CA ASP K 182 -5.92 -2.83 -124.83
C ASP K 182 -4.70 -3.60 -125.29
N GLY K 183 -4.23 -4.54 -124.47
CA GLY K 183 -3.06 -5.33 -124.81
C GLY K 183 -1.94 -5.23 -123.80
N SER K 184 -2.29 -5.10 -122.51
CA SER K 184 -1.33 -4.94 -121.43
C SER K 184 -1.53 -6.06 -120.41
N CYS K 185 -0.44 -6.68 -119.98
CA CYS K 185 -0.54 -7.68 -118.92
C CYS K 185 -0.90 -7.00 -117.60
N LYS K 186 -1.91 -7.53 -116.92
CA LYS K 186 -2.35 -7.02 -115.63
C LYS K 186 -2.09 -8.02 -114.51
N GLY K 187 -1.34 -9.09 -114.77
CA GLY K 187 -1.01 -10.08 -113.78
C GLY K 187 -1.05 -11.49 -114.36
N VAL K 188 -1.20 -12.47 -113.46
CA VAL K 188 -1.19 -13.90 -113.79
C VAL K 188 -2.34 -14.58 -113.05
N ILE K 189 -2.79 -15.73 -113.58
CA ILE K 189 -3.81 -16.56 -112.92
C ILE K 189 -3.17 -17.93 -112.64
N ALA K 190 -3.04 -18.27 -111.37
CA ALA K 190 -2.35 -19.48 -110.92
C ALA K 190 -3.26 -20.36 -110.08
N MET K 191 -2.81 -21.58 -109.84
CA MET K 191 -3.48 -22.55 -108.99
C MET K 191 -2.51 -23.03 -107.91
N SER K 192 -3.05 -23.33 -106.73
CA SER K 192 -2.27 -23.94 -105.67
C SER K 192 -2.41 -25.47 -105.74
N MET K 193 -1.27 -26.14 -105.79
CA MET K 193 -1.24 -27.60 -105.84
C MET K 193 -1.35 -28.22 -104.46
N GLU K 194 -1.38 -27.41 -103.42
CA GLU K 194 -1.43 -27.86 -102.04
C GLU K 194 -2.81 -27.66 -101.42
N ASP K 195 -3.56 -26.67 -101.89
CA ASP K 195 -4.92 -26.41 -101.44
C ASP K 195 -5.96 -26.63 -102.52
N GLY K 196 -5.60 -26.46 -103.79
CA GLY K 196 -6.53 -26.64 -104.88
C GLY K 196 -7.31 -25.41 -105.26
N SER K 197 -6.88 -24.24 -104.79
CA SER K 197 -7.58 -22.99 -105.05
C SER K 197 -6.92 -22.24 -106.19
N ILE K 198 -7.73 -21.44 -106.90
CA ILE K 198 -7.25 -20.60 -107.99
C ILE K 198 -7.00 -19.22 -107.43
N HIS K 199 -5.86 -18.63 -107.78
CA HIS K 199 -5.48 -17.30 -107.33
C HIS K 199 -5.25 -16.40 -108.54
N ARG K 200 -5.79 -15.19 -108.48
CA ARG K 200 -5.66 -14.21 -109.56
C ARG K 200 -4.75 -13.10 -109.06
N PHE K 201 -3.45 -13.24 -109.32
CA PHE K 201 -2.48 -12.22 -108.93
C PHE K 201 -2.56 -11.05 -109.91
N GLY K 202 -2.83 -9.86 -109.37
CA GLY K 202 -2.91 -8.66 -110.20
C GLY K 202 -1.79 -7.69 -109.91
N ALA K 203 -0.91 -7.46 -110.88
CA ALA K 203 0.26 -6.63 -110.71
C ALA K 203 0.34 -5.61 -111.84
N HIS K 204 1.08 -4.53 -111.59
CA HIS K 204 1.31 -3.54 -112.62
C HIS K 204 2.33 -4.03 -113.65
N GLN K 205 3.36 -4.74 -113.19
CA GLN K 205 4.40 -5.26 -114.06
C GLN K 205 4.69 -6.70 -113.69
N THR K 206 4.64 -7.60 -114.67
CA THR K 206 4.87 -9.03 -114.47
C THR K 206 6.18 -9.45 -115.11
N VAL K 207 6.92 -10.33 -114.42
CA VAL K 207 8.21 -10.82 -114.89
C VAL K 207 8.11 -12.33 -115.07
N ILE K 208 8.26 -12.79 -116.31
CA ILE K 208 8.22 -14.21 -116.64
C ILE K 208 9.65 -14.74 -116.53
N ALA K 209 9.93 -15.46 -115.44
CA ALA K 209 11.24 -16.05 -115.20
C ALA K 209 11.16 -17.56 -115.14
N THR K 210 10.38 -18.15 -116.04
CA THR K 210 10.32 -19.60 -116.15
C THR K 210 11.62 -20.07 -116.83
N GLY K 211 11.74 -21.37 -117.06
CA GLY K 211 12.91 -21.93 -117.73
C GLY K 211 12.67 -22.19 -119.20
N GLY K 212 13.38 -23.19 -119.73
CA GLY K 212 13.23 -23.59 -121.12
C GLY K 212 12.21 -24.69 -121.32
N TYR K 213 12.25 -25.31 -122.50
CA TYR K 213 11.34 -26.40 -122.86
C TYR K 213 12.11 -27.63 -123.31
N GLY K 214 13.23 -27.91 -122.66
CA GLY K 214 14.10 -29.00 -123.06
C GLY K 214 13.51 -30.38 -122.90
N ARG K 215 12.46 -30.53 -122.11
CA ARG K 215 11.81 -31.82 -121.94
C ARG K 215 10.91 -32.18 -123.10
N ALA K 216 10.95 -31.39 -124.17
CA ALA K 216 10.24 -31.68 -125.42
C ALA K 216 11.03 -32.61 -126.34
N TYR K 217 12.20 -33.06 -125.91
CA TYR K 217 13.02 -34.01 -126.64
C TYR K 217 13.17 -35.28 -125.81
N GLN K 218 13.44 -36.40 -126.47
CA GLN K 218 13.55 -37.67 -125.76
C GLN K 218 14.72 -37.65 -124.78
N SER K 219 15.89 -37.26 -125.25
CA SER K 219 17.10 -37.19 -124.42
C SER K 219 17.48 -35.73 -124.21
N CYS K 220 17.46 -35.29 -122.96
CA CYS K 220 17.80 -33.91 -122.61
C CYS K 220 18.58 -33.90 -121.31
N THR K 221 19.29 -32.81 -121.07
CA THR K 221 19.92 -32.56 -119.77
C THR K 221 18.98 -31.79 -118.85
N SER K 222 17.83 -31.36 -119.35
CA SER K 222 16.89 -30.55 -118.62
C SER K 222 16.17 -31.37 -117.55
N ALA K 223 15.53 -30.68 -116.62
CA ALA K 223 14.75 -31.31 -115.57
C ALA K 223 13.35 -31.66 -116.09
N HIS K 224 12.69 -32.58 -115.37
CA HIS K 224 11.32 -32.91 -115.73
C HIS K 224 10.40 -31.71 -115.61
N THR K 225 10.80 -30.72 -114.81
CA THR K 225 10.04 -29.50 -114.63
C THR K 225 10.23 -28.48 -115.75
N CYS K 226 11.19 -28.72 -116.66
CA CYS K 226 11.48 -27.79 -117.75
C CYS K 226 10.52 -28.05 -118.90
N THR K 227 9.35 -27.42 -118.81
CA THR K 227 8.31 -27.57 -119.81
C THR K 227 7.98 -26.27 -120.54
N GLY K 228 8.71 -25.19 -120.25
CA GLY K 228 8.49 -23.91 -120.89
C GLY K 228 7.08 -23.39 -120.70
N ASP K 229 6.71 -23.17 -119.44
CA ASP K 229 5.34 -22.79 -119.12
C ASP K 229 5.07 -21.31 -119.39
N GLY K 230 6.10 -20.46 -119.22
CA GLY K 230 5.92 -19.04 -119.47
C GLY K 230 5.86 -18.71 -120.95
N GLY K 231 6.54 -19.51 -121.78
CA GLY K 231 6.40 -19.34 -123.21
C GLY K 231 5.01 -19.70 -123.72
N GLY K 232 4.47 -20.81 -123.22
CA GLY K 232 3.10 -21.16 -123.58
C GLY K 232 2.11 -20.09 -123.17
N MET K 233 2.29 -19.54 -121.97
CA MET K 233 1.40 -18.47 -121.52
C MET K 233 1.45 -17.28 -122.46
N VAL K 234 2.65 -16.89 -122.91
CA VAL K 234 2.80 -15.78 -123.82
C VAL K 234 2.19 -16.12 -125.17
N SER K 235 2.42 -17.34 -125.65
CA SER K 235 1.88 -17.76 -126.93
C SER K 235 0.36 -17.80 -126.90
N ARG K 236 -0.23 -18.23 -125.79
CA ARG K 236 -1.68 -18.25 -125.64
C ARG K 236 -2.24 -16.87 -125.37
N ALA K 237 -1.40 -15.88 -125.10
CA ALA K 237 -1.83 -14.50 -125.00
C ALA K 237 -1.81 -13.79 -126.36
N GLY K 238 -1.29 -14.44 -127.39
CA GLY K 238 -1.22 -13.86 -128.71
C GLY K 238 0.06 -13.12 -129.02
N LEU K 239 1.05 -13.22 -128.16
CA LEU K 239 2.32 -12.52 -128.27
C LEU K 239 3.37 -13.44 -128.90
N PRO K 240 4.43 -12.88 -129.48
CA PRO K 240 5.40 -13.70 -130.21
C PRO K 240 6.47 -14.33 -129.32
N LEU K 241 7.00 -15.45 -129.80
CA LEU K 241 8.20 -16.09 -129.29
C LEU K 241 9.26 -16.05 -130.38
N GLN K 242 10.54 -16.11 -129.99
CA GLN K 242 11.64 -15.81 -130.89
C GLN K 242 12.74 -16.88 -130.86
N ASP K 243 13.34 -17.11 -132.02
CA ASP K 243 14.53 -17.96 -132.16
C ASP K 243 14.34 -19.33 -131.52
N LEU K 244 13.16 -19.92 -131.71
CA LEU K 244 12.91 -21.23 -131.13
C LEU K 244 13.58 -22.36 -131.89
N GLU K 245 14.10 -22.11 -133.09
CA GLU K 245 14.81 -23.12 -133.85
C GLU K 245 16.21 -23.38 -133.31
N PHE K 246 16.78 -22.42 -132.60
CA PHE K 246 18.15 -22.53 -132.09
C PHE K 246 18.12 -23.26 -130.75
N VAL K 247 18.27 -24.57 -130.82
CA VAL K 247 18.33 -25.45 -129.66
C VAL K 247 19.76 -25.97 -129.54
N GLN K 248 20.37 -25.78 -128.38
CA GLN K 248 21.76 -26.15 -128.16
C GLN K 248 21.86 -27.58 -127.67
N PHE K 249 22.67 -28.38 -128.35
CA PHE K 249 23.04 -29.72 -127.89
C PHE K 249 24.39 -29.58 -127.19
N HIS K 250 24.46 -29.98 -125.91
CA HIS K 250 25.73 -29.92 -125.21
C HIS K 250 26.62 -31.05 -125.69
N PRO K 251 27.89 -30.79 -125.96
CA PRO K 251 28.74 -31.85 -126.55
C PRO K 251 28.82 -33.11 -125.73
N THR K 252 28.98 -32.99 -124.41
CA THR K 252 29.18 -34.14 -123.52
C THR K 252 27.97 -34.30 -122.62
N GLY K 253 27.23 -35.37 -122.82
CA GLY K 253 26.17 -35.79 -121.92
C GLY K 253 26.29 -37.28 -121.69
N ILE K 254 26.19 -37.75 -120.43
CA ILE K 254 26.44 -39.16 -120.17
C ILE K 254 25.51 -39.99 -121.04
N PHE K 255 26.04 -41.09 -121.58
CA PHE K 255 25.28 -41.95 -122.47
C PHE K 255 24.73 -43.15 -121.70
N PRO K 256 23.46 -43.56 -121.89
CA PRO K 256 22.37 -42.79 -122.50
C PRO K 256 21.58 -42.00 -121.47
N ALA K 257 21.98 -42.07 -120.21
CA ALA K 257 21.30 -41.38 -119.11
C ALA K 257 20.77 -40.01 -119.54
N GLY K 258 21.60 -39.25 -120.26
CA GLY K 258 21.25 -37.91 -120.63
C GLY K 258 21.68 -36.85 -119.64
N CYS K 259 22.42 -37.24 -118.61
CA CYS K 259 22.96 -36.30 -117.64
C CYS K 259 24.03 -35.43 -118.31
N LEU K 260 24.45 -34.38 -117.63
CA LEU K 260 25.41 -33.44 -118.18
C LEU K 260 26.78 -33.60 -117.52
N MET K 261 27.82 -33.66 -118.35
CA MET K 261 29.20 -33.60 -117.89
C MET K 261 29.70 -32.18 -118.16
N THR K 262 30.14 -31.49 -117.11
CA THR K 262 30.49 -30.08 -117.27
C THR K 262 31.51 -29.88 -118.38
N GLU K 263 31.38 -28.76 -119.12
CA GLU K 263 32.38 -28.38 -120.10
C GLU K 263 33.70 -28.06 -119.42
N GLY K 264 33.65 -27.76 -118.12
CA GLY K 264 34.86 -27.57 -117.34
C GLY K 264 35.75 -28.79 -117.32
N CYS K 265 35.17 -29.98 -117.49
CA CYS K 265 35.98 -31.19 -117.57
C CYS K 265 37.01 -31.05 -118.69
N ARG K 266 36.54 -30.64 -119.87
CA ARG K 266 37.43 -30.38 -120.99
C ARG K 266 38.27 -29.13 -120.74
N GLY K 267 37.71 -28.14 -120.04
CA GLY K 267 38.40 -26.92 -119.73
C GLY K 267 39.49 -27.06 -118.70
N GLU K 268 39.66 -28.27 -118.14
CA GLU K 268 40.70 -28.58 -117.18
C GLU K 268 41.65 -29.64 -117.69
N GLY K 269 41.53 -30.04 -118.96
CA GLY K 269 42.42 -31.00 -119.57
C GLY K 269 41.76 -32.19 -120.23
N GLY K 270 40.44 -32.33 -120.10
CA GLY K 270 39.77 -33.50 -120.64
C GLY K 270 39.86 -33.54 -122.16
N ILE K 271 40.00 -34.76 -122.69
CA ILE K 271 40.19 -35.00 -124.12
C ILE K 271 39.13 -35.97 -124.61
N LEU K 272 38.53 -35.68 -125.76
CA LEU K 272 37.55 -36.56 -126.40
C LEU K 272 38.24 -37.42 -127.45
N ARG K 273 38.08 -38.75 -127.34
CA ARG K 273 38.71 -39.68 -128.26
C ARG K 273 37.61 -40.52 -128.95
N ASN K 274 37.98 -41.15 -130.07
CA ASN K 274 37.07 -41.94 -130.90
C ASN K 274 37.52 -43.41 -130.91
N SER K 275 36.89 -44.20 -131.79
CA SER K 275 37.24 -45.62 -131.91
C SER K 275 38.69 -45.80 -132.30
N GLU K 276 39.24 -44.85 -133.04
CA GLU K 276 40.65 -44.88 -133.43
C GLU K 276 41.56 -44.33 -132.36
N GLY K 277 41.00 -43.83 -131.26
CA GLY K 277 41.78 -43.29 -130.17
C GLY K 277 42.36 -41.93 -130.46
N GLU K 278 41.81 -41.20 -131.43
CA GLU K 278 42.32 -39.93 -131.90
C GLU K 278 41.63 -38.77 -131.19
N PRO K 279 42.37 -37.74 -130.77
CA PRO K 279 41.71 -36.50 -130.37
C PRO K 279 41.22 -35.75 -131.59
N PHE K 280 40.12 -36.26 -132.15
CA PHE K 280 39.58 -35.79 -133.43
C PHE K 280 39.25 -34.31 -133.44
N MET K 281 39.07 -33.70 -132.27
CA MET K 281 38.64 -32.32 -132.23
C MET K 281 39.66 -31.36 -132.80
N ALA K 282 40.88 -31.81 -133.08
CA ALA K 282 41.87 -30.95 -133.70
C ALA K 282 41.56 -30.70 -135.18
N ARG K 283 40.86 -31.63 -135.83
CA ARG K 283 40.54 -31.45 -137.24
C ARG K 283 39.49 -30.35 -137.44
N TYR K 284 38.54 -30.26 -136.52
CA TYR K 284 37.50 -29.24 -136.54
C TYR K 284 37.79 -28.27 -135.40
N ALA K 285 37.79 -26.97 -135.69
CA ALA K 285 38.18 -25.99 -134.67
C ALA K 285 39.60 -26.29 -134.18
N PRO K 286 40.59 -26.25 -135.08
CA PRO K 286 41.96 -26.65 -134.70
C PRO K 286 42.60 -25.81 -133.60
N THR K 287 42.41 -24.49 -133.60
CA THR K 287 43.06 -23.64 -132.61
C THR K 287 42.58 -23.97 -131.19
N ALA K 288 41.29 -24.24 -131.05
CA ALA K 288 40.67 -24.64 -129.77
C ALA K 288 39.98 -25.98 -130.00
N LYS K 289 40.76 -27.07 -129.98
CA LYS K 289 40.26 -28.41 -130.24
C LYS K 289 39.01 -28.81 -129.47
N ASP K 290 39.13 -29.00 -128.15
CA ASP K 290 37.99 -29.44 -127.34
C ASP K 290 37.25 -28.28 -126.71
N LEU K 291 37.89 -27.11 -126.66
CA LEU K 291 37.31 -25.89 -126.12
C LEU K 291 36.73 -25.00 -127.21
N ALA K 292 36.29 -25.59 -128.31
CA ALA K 292 35.59 -24.88 -129.36
C ALA K 292 34.16 -24.59 -128.92
N SER K 293 33.41 -23.87 -129.75
CA SER K 293 32.01 -23.58 -129.42
C SER K 293 31.21 -24.88 -129.35
N ARG K 294 30.23 -24.91 -128.43
CA ARG K 294 29.48 -26.14 -128.19
C ARG K 294 28.80 -26.64 -129.46
N ASP K 295 28.44 -25.75 -130.38
CA ASP K 295 27.79 -26.19 -131.61
C ASP K 295 28.78 -26.89 -132.55
N VAL K 296 30.02 -26.39 -132.61
CA VAL K 296 31.03 -27.04 -133.45
C VAL K 296 31.40 -28.41 -132.90
N VAL K 297 31.58 -28.51 -131.59
CA VAL K 297 31.97 -29.78 -130.99
C VAL K 297 30.89 -30.83 -131.22
N SER K 298 29.64 -30.44 -131.02
CA SER K 298 28.54 -31.39 -131.18
C SER K 298 28.44 -31.89 -132.61
N ARG K 299 28.53 -30.99 -133.58
CA ARG K 299 28.47 -31.41 -134.97
C ARG K 299 29.63 -32.33 -135.32
N ALA K 300 30.82 -32.03 -134.79
CA ALA K 300 31.98 -32.88 -135.03
C ALA K 300 31.75 -34.28 -134.46
N MET K 301 31.23 -34.36 -133.24
CA MET K 301 30.96 -35.66 -132.64
C MET K 301 29.93 -36.45 -133.43
N THR K 302 28.88 -35.79 -133.91
CA THR K 302 27.85 -36.48 -134.67
C THR K 302 28.39 -37.00 -135.98
N LEU K 303 29.21 -36.19 -136.68
CA LEU K 303 29.79 -36.65 -137.94
C LEU K 303 30.71 -37.83 -137.71
N GLU K 304 31.46 -37.82 -136.61
CA GLU K 304 32.40 -38.90 -136.33
C GLU K 304 31.68 -40.22 -136.13
N ILE K 305 30.64 -40.22 -135.29
CA ILE K 305 29.83 -41.43 -135.11
C ILE K 305 29.22 -41.85 -136.43
N ARG K 306 28.78 -40.87 -137.22
CA ARG K 306 28.17 -41.17 -138.52
C ARG K 306 29.19 -41.78 -139.47
N GLU K 307 30.44 -41.32 -139.43
CA GLU K 307 31.48 -41.86 -140.30
C GLU K 307 31.90 -43.26 -139.91
N GLY K 308 31.45 -43.77 -138.77
CA GLY K 308 31.77 -45.11 -138.31
C GLY K 308 32.80 -45.16 -137.21
N ARG K 309 33.48 -44.05 -136.95
CA ARG K 309 34.50 -43.99 -135.89
C ARG K 309 33.87 -43.64 -134.54
N GLY K 310 32.87 -44.41 -134.13
CA GLY K 310 32.25 -44.25 -132.83
C GLY K 310 32.68 -45.34 -131.87
N VAL K 311 32.58 -45.04 -130.58
CA VAL K 311 33.03 -45.96 -129.54
C VAL K 311 31.82 -46.69 -128.95
N GLY K 312 32.09 -47.85 -128.36
CA GLY K 312 31.06 -48.67 -127.76
C GLY K 312 30.80 -49.94 -128.54
N PRO K 313 30.03 -50.88 -127.96
CA PRO K 313 29.66 -52.08 -128.73
C PRO K 313 28.82 -51.75 -129.95
N ASN K 314 27.89 -50.80 -129.80
CA ASN K 314 27.06 -50.35 -130.91
C ASN K 314 27.71 -49.22 -131.70
N LYS K 315 28.93 -48.84 -131.34
CA LYS K 315 29.64 -47.75 -132.00
C LYS K 315 28.75 -46.52 -132.10
N ASP K 316 28.08 -46.20 -131.00
CA ASP K 316 27.04 -45.18 -130.97
C ASP K 316 27.41 -43.92 -130.22
N HIS K 317 28.50 -43.94 -129.45
CA HIS K 317 28.88 -42.76 -128.66
C HIS K 317 30.35 -42.42 -128.81
N ILE K 318 30.84 -41.47 -128.01
CA ILE K 318 32.23 -41.00 -128.01
C ILE K 318 32.73 -41.09 -126.58
N TYR K 319 34.05 -41.19 -126.41
CA TYR K 319 34.67 -41.31 -125.10
C TYR K 319 35.34 -40.01 -124.68
N LEU K 320 35.13 -39.62 -123.41
CA LEU K 320 35.78 -38.47 -122.79
C LEU K 320 36.79 -38.98 -121.77
N HIS K 321 38.08 -38.75 -122.02
CA HIS K 321 39.16 -39.28 -121.19
C HIS K 321 39.67 -38.19 -120.26
N LEU K 322 39.26 -38.25 -119.00
CA LEU K 322 39.80 -37.42 -117.94
C LEU K 322 40.83 -38.15 -117.09
N ASP K 323 41.10 -39.41 -117.43
CA ASP K 323 41.97 -40.26 -116.60
C ASP K 323 43.38 -39.70 -116.51
N HIS K 324 43.88 -39.08 -117.58
CA HIS K 324 45.27 -38.61 -117.59
C HIS K 324 45.49 -37.45 -116.63
N LEU K 325 44.45 -36.72 -116.27
CA LEU K 325 44.59 -35.56 -115.39
C LEU K 325 44.90 -35.99 -113.96
N PRO K 326 45.52 -35.10 -113.17
CA PRO K 326 45.83 -35.46 -111.77
C PRO K 326 44.59 -35.78 -110.96
N ALA K 327 44.72 -36.77 -110.07
CA ALA K 327 43.59 -37.17 -109.24
C ALA K 327 43.17 -36.08 -108.28
N GLU K 328 44.12 -35.30 -107.77
CA GLU K 328 43.80 -34.20 -106.88
C GLU K 328 42.98 -33.14 -107.60
N THR K 329 43.35 -32.79 -108.82
CA THR K 329 42.60 -31.80 -109.59
C THR K 329 41.19 -32.31 -109.87
N LEU K 330 41.06 -33.60 -110.19
CA LEU K 330 39.76 -34.18 -110.40
C LEU K 330 38.92 -34.08 -109.14
N ARG K 331 39.53 -34.38 -107.98
CA ARG K 331 38.83 -34.36 -106.72
C ARG K 331 38.48 -32.95 -106.27
N GLU K 332 39.34 -31.96 -106.62
CA GLU K 332 39.21 -30.60 -106.14
C GLU K 332 38.33 -29.76 -107.07
N ARG K 333 38.55 -29.86 -108.39
CA ARG K 333 37.88 -29.02 -109.38
C ARG K 333 36.65 -29.67 -109.99
N LEU K 334 36.62 -30.99 -110.09
CA LEU K 334 35.50 -31.73 -110.66
C LEU K 334 34.96 -32.74 -109.64
N PRO K 335 34.55 -32.27 -108.47
CA PRO K 335 34.11 -33.19 -107.41
C PRO K 335 32.80 -33.89 -107.69
N GLY K 336 31.89 -33.27 -108.45
CA GLY K 336 30.57 -33.81 -108.65
C GLY K 336 30.45 -34.75 -109.84
N ILE K 337 31.19 -34.43 -110.91
CA ILE K 337 31.20 -35.27 -112.11
C ILE K 337 31.54 -36.71 -111.75
N SER K 338 32.57 -36.88 -110.92
CA SER K 338 33.07 -38.21 -110.61
C SER K 338 31.97 -39.11 -110.05
N GLU K 339 31.21 -38.60 -109.08
CA GLU K 339 30.16 -39.40 -108.47
C GLU K 339 29.06 -39.72 -109.47
N THR K 340 28.63 -38.71 -110.24
CA THR K 340 27.57 -38.92 -111.20
C THR K 340 27.95 -39.97 -112.23
N ALA K 341 29.21 -39.94 -112.69
CA ALA K 341 29.70 -40.98 -113.59
C ALA K 341 29.65 -42.34 -112.93
N LYS K 342 30.11 -42.42 -111.68
CA LYS K 342 30.16 -43.69 -110.97
C LYS K 342 28.77 -44.31 -110.84
N ILE K 343 27.72 -43.49 -110.85
CA ILE K 343 26.36 -43.98 -110.66
C ILE K 343 25.69 -44.22 -112.01
N PHE K 344 25.47 -43.15 -112.76
CA PHE K 344 24.67 -43.24 -113.98
C PHE K 344 25.42 -43.87 -115.14
N ALA K 345 26.73 -44.04 -115.03
CA ALA K 345 27.52 -44.71 -116.05
C ALA K 345 28.38 -45.85 -115.53
N GLY K 346 28.67 -45.88 -114.24
CA GLY K 346 29.55 -46.90 -113.68
C GLY K 346 30.99 -46.76 -114.09
N VAL K 347 31.48 -45.53 -114.21
CA VAL K 347 32.83 -45.24 -114.69
C VAL K 347 33.65 -44.65 -113.54
N ASP K 348 34.91 -45.06 -113.45
CA ASP K 348 35.87 -44.45 -112.54
C ASP K 348 36.69 -43.43 -113.33
N VAL K 349 36.39 -42.15 -113.11
CA VAL K 349 36.97 -41.08 -113.92
C VAL K 349 38.50 -41.18 -113.95
N THR K 350 39.10 -41.54 -112.82
CA THR K 350 40.55 -41.57 -112.72
C THR K 350 41.18 -42.73 -113.47
N LYS K 351 40.39 -43.71 -113.92
CA LYS K 351 40.93 -44.90 -114.55
C LYS K 351 40.25 -45.27 -115.85
N GLU K 352 39.09 -44.70 -116.17
CA GLU K 352 38.28 -45.13 -117.30
C GLU K 352 37.74 -43.93 -118.05
N PRO K 353 37.39 -44.11 -119.33
CA PRO K 353 36.72 -43.04 -120.06
C PRO K 353 35.22 -43.04 -119.79
N ILE K 354 34.61 -41.88 -120.00
CA ILE K 354 33.18 -41.69 -119.76
C ILE K 354 32.45 -41.69 -121.10
N PRO K 355 31.39 -42.48 -121.27
CA PRO K 355 30.63 -42.43 -122.52
C PRO K 355 29.76 -41.17 -122.59
N VAL K 356 29.87 -40.46 -123.71
CA VAL K 356 29.17 -39.19 -123.89
C VAL K 356 28.62 -39.08 -125.30
N LEU K 357 27.59 -38.23 -125.46
CA LEU K 357 26.90 -38.01 -126.72
C LEU K 357 26.25 -36.64 -126.70
N PRO K 358 26.21 -35.92 -127.82
CA PRO K 358 25.51 -34.61 -127.82
C PRO K 358 24.05 -34.73 -127.40
N THR K 359 23.63 -33.85 -126.49
CA THR K 359 22.30 -33.89 -125.88
C THR K 359 21.73 -32.48 -125.77
N VAL K 360 20.42 -32.32 -125.98
CA VAL K 360 19.80 -30.99 -125.88
C VAL K 360 19.98 -30.47 -124.46
N HIS K 361 20.45 -29.23 -124.34
CA HIS K 361 20.82 -28.66 -123.05
C HIS K 361 20.12 -27.34 -122.74
N TYR K 362 20.14 -26.40 -123.69
CA TYR K 362 19.62 -25.06 -123.49
C TYR K 362 18.81 -24.67 -124.71
N ASN K 363 18.00 -23.62 -124.57
CA ASN K 363 17.20 -23.09 -125.68
C ASN K 363 17.47 -21.60 -125.80
N MET K 364 18.18 -21.20 -126.85
CA MET K 364 18.49 -19.80 -127.05
C MET K 364 17.25 -18.96 -127.33
N GLY K 365 16.16 -19.60 -127.76
CA GLY K 365 14.92 -18.87 -128.01
C GLY K 365 14.13 -18.63 -126.75
N GLY K 366 13.08 -17.82 -126.91
CA GLY K 366 12.24 -17.44 -125.79
C GLY K 366 11.40 -16.22 -126.12
N ILE K 367 10.88 -15.60 -125.09
CA ILE K 367 10.08 -14.37 -125.26
C ILE K 367 10.97 -13.27 -125.82
N PRO K 368 10.60 -12.60 -126.91
CA PRO K 368 11.40 -11.46 -127.38
C PRO K 368 11.48 -10.38 -126.32
N THR K 369 12.69 -9.89 -126.07
CA THR K 369 12.91 -8.87 -125.05
C THR K 369 13.94 -7.85 -125.53
N ASN K 370 13.86 -6.64 -124.95
CA ASN K 370 14.85 -5.60 -125.22
C ASN K 370 15.95 -5.68 -124.16
N TRP K 371 16.87 -4.71 -124.15
CA TRP K 371 17.97 -4.75 -123.21
C TRP K 371 17.54 -4.43 -121.78
N LYS K 372 16.32 -3.91 -121.60
CA LYS K 372 15.77 -3.62 -120.29
C LYS K 372 14.92 -4.76 -119.76
N ALA K 373 14.88 -5.88 -120.47
CA ALA K 373 14.12 -7.07 -120.11
C ALA K 373 12.62 -6.90 -120.29
N GLN K 374 12.20 -5.89 -121.04
CA GLN K 374 10.80 -5.67 -121.36
C GLN K 374 10.42 -6.52 -122.56
N CYS K 375 9.40 -7.36 -122.41
CA CYS K 375 8.95 -8.20 -123.51
C CYS K 375 8.46 -7.36 -124.67
N LEU K 376 8.72 -7.84 -125.89
CA LEU K 376 8.42 -7.10 -127.11
C LEU K 376 7.27 -7.76 -127.87
N ASN K 377 6.43 -6.94 -128.50
CA ASN K 377 5.39 -7.38 -129.43
C ASN K 377 5.62 -6.66 -130.74
N PRO K 378 6.63 -7.07 -131.51
CA PRO K 378 7.05 -6.28 -132.67
C PRO K 378 5.93 -6.07 -133.68
N THR K 379 5.96 -4.89 -134.30
CA THR K 379 5.05 -4.50 -135.35
C THR K 379 5.88 -4.10 -136.57
N SER K 380 5.25 -4.14 -137.75
CA SER K 380 6.00 -3.90 -138.98
C SER K 380 6.73 -2.57 -138.95
N SER K 381 6.18 -1.58 -138.25
CA SER K 381 6.79 -0.27 -138.15
C SER K 381 7.66 -0.10 -136.91
N ASP K 382 7.39 -0.86 -135.86
CA ASP K 382 8.09 -0.74 -134.58
C ASP K 382 8.61 -2.11 -134.18
N PRO K 383 9.77 -2.52 -134.71
CA PRO K 383 10.33 -3.82 -134.32
C PRO K 383 10.69 -3.88 -132.86
N ASN K 384 10.83 -2.74 -132.19
CA ASN K 384 11.19 -2.67 -130.79
C ASN K 384 10.00 -2.37 -129.88
N LYS K 385 8.77 -2.44 -130.42
CA LYS K 385 7.58 -2.18 -129.60
C LYS K 385 7.53 -3.18 -128.45
N ILE K 386 7.14 -2.71 -127.26
CA ILE K 386 7.18 -3.54 -126.06
C ILE K 386 5.77 -3.75 -125.51
N VAL K 387 5.51 -4.96 -125.03
CA VAL K 387 4.24 -5.19 -124.32
C VAL K 387 4.19 -4.26 -123.12
N PRO K 388 3.08 -3.57 -122.87
CA PRO K 388 3.11 -2.49 -121.87
C PRO K 388 3.49 -2.95 -120.47
N GLY K 389 2.96 -4.07 -120.00
CA GLY K 389 3.16 -4.49 -118.63
C GLY K 389 3.90 -5.79 -118.40
N LEU K 390 4.67 -6.25 -119.38
CA LEU K 390 5.33 -7.55 -119.31
C LEU K 390 6.85 -7.44 -119.45
N LEU K 391 7.56 -8.24 -118.67
CA LEU K 391 9.02 -8.36 -118.71
C LEU K 391 9.39 -9.84 -118.69
N ALA K 392 10.59 -10.19 -119.17
CA ALA K 392 11.06 -11.57 -119.13
C ALA K 392 12.53 -11.64 -118.75
N ALA K 393 12.93 -12.74 -118.10
CA ALA K 393 14.31 -12.94 -117.66
C ALA K 393 14.64 -14.44 -117.65
N GLY K 394 15.90 -14.76 -117.89
CA GLY K 394 16.38 -16.15 -117.80
C GLY K 394 16.31 -16.89 -119.12
N GLU K 395 16.36 -18.24 -119.03
CA GLU K 395 16.27 -19.06 -120.23
C GLU K 395 14.94 -18.82 -120.93
N ALA K 396 13.91 -18.49 -120.17
CA ALA K 396 12.60 -18.19 -120.76
C ALA K 396 12.67 -17.01 -121.71
N GLY K 397 13.46 -15.99 -121.37
CA GLY K 397 13.55 -14.81 -122.19
C GLY K 397 14.56 -14.95 -123.31
N SER K 398 14.39 -14.14 -124.36
CA SER K 398 15.34 -14.10 -125.48
C SER K 398 15.65 -12.63 -125.75
N ALA K 399 16.57 -12.07 -124.96
CA ALA K 399 17.12 -10.76 -125.27
C ALA K 399 18.13 -10.87 -126.39
N SER K 400 18.44 -12.10 -126.79
CA SER K 400 19.39 -12.44 -127.84
C SER K 400 20.82 -12.10 -127.42
N VAL K 401 21.10 -12.13 -126.12
CA VAL K 401 22.50 -12.04 -125.70
C VAL K 401 23.26 -13.25 -126.23
N HIS K 402 22.60 -14.40 -126.31
CA HIS K 402 23.22 -15.65 -126.73
C HIS K 402 23.03 -15.97 -128.22
N GLY K 403 22.11 -15.29 -128.90
CA GLY K 403 21.98 -15.44 -130.34
C GLY K 403 21.73 -16.88 -130.77
N ALA K 404 22.55 -17.35 -131.72
CA ALA K 404 22.38 -18.67 -132.31
C ALA K 404 23.08 -19.78 -131.52
N ASN K 405 24.03 -19.43 -130.65
CA ASN K 405 24.73 -20.38 -129.81
C ASN K 405 25.20 -19.68 -128.56
N ARG K 406 24.90 -20.28 -127.41
CA ARG K 406 25.27 -19.72 -126.11
C ARG K 406 26.67 -20.17 -125.74
N LEU K 407 27.50 -19.25 -125.25
CA LEU K 407 28.80 -19.63 -124.73
C LEU K 407 28.64 -20.13 -123.31
N GLY K 408 29.33 -21.23 -123.00
CA GLY K 408 29.23 -21.80 -121.67
C GLY K 408 29.53 -20.77 -120.61
N ALA K 409 28.78 -20.80 -119.50
CA ALA K 409 28.97 -19.89 -118.38
C ALA K 409 28.49 -18.48 -118.69
N ASN K 410 27.62 -18.30 -119.68
CA ASN K 410 26.98 -17.02 -119.94
C ASN K 410 25.52 -16.98 -119.53
N SER K 411 24.88 -18.14 -119.36
CA SER K 411 23.47 -18.17 -118.99
C SER K 411 23.30 -17.76 -117.53
N LEU K 412 24.07 -18.37 -116.63
CA LEU K 412 24.01 -17.98 -115.22
C LEU K 412 24.31 -16.50 -115.07
N LEU K 413 25.13 -15.94 -115.99
CA LEU K 413 25.38 -14.50 -116.00
C LEU K 413 24.15 -13.75 -116.47
N ASP K 414 23.42 -14.29 -117.45
CA ASP K 414 22.20 -13.66 -117.92
C ASP K 414 21.10 -13.71 -116.86
N LEU K 415 21.10 -14.75 -116.02
CA LEU K 415 20.13 -14.82 -114.94
C LEU K 415 20.29 -13.64 -114.00
N VAL K 416 21.51 -13.43 -113.50
CA VAL K 416 21.76 -12.37 -112.52
C VAL K 416 21.61 -10.99 -113.16
N VAL K 417 22.20 -10.78 -114.34
CA VAL K 417 22.21 -9.44 -114.93
C VAL K 417 20.78 -9.01 -115.29
N PHE K 418 20.06 -9.87 -116.01
CA PHE K 418 18.75 -9.46 -116.51
C PHE K 418 17.66 -9.55 -115.44
N GLY K 419 17.81 -10.42 -114.44
CA GLY K 419 16.94 -10.34 -113.29
C GLY K 419 17.08 -9.02 -112.58
N ARG K 420 18.32 -8.56 -112.41
CA ARG K 420 18.58 -7.26 -111.83
C ARG K 420 18.04 -6.13 -112.70
N THR K 421 18.24 -6.23 -114.02
CA THR K 421 17.76 -5.19 -114.92
C THR K 421 16.25 -5.10 -114.89
N ALA K 422 15.58 -6.26 -114.83
CA ALA K 422 14.12 -6.27 -114.80
C ALA K 422 13.60 -5.56 -113.57
N ALA K 423 14.24 -5.77 -112.43
CA ALA K 423 13.84 -5.08 -111.21
C ALA K 423 14.06 -3.57 -111.33
N ASP K 424 15.16 -3.15 -111.95
CA ASP K 424 15.42 -1.74 -112.15
C ASP K 424 14.38 -1.11 -113.08
N THR K 425 14.00 -1.84 -114.13
CA THR K 425 13.09 -1.31 -115.13
C THR K 425 11.70 -1.12 -114.55
N VAL K 426 11.25 -2.05 -113.72
CA VAL K 426 9.95 -1.92 -113.05
C VAL K 426 9.97 -0.76 -112.07
N ALA K 427 11.08 -0.58 -111.35
CA ALA K 427 11.17 0.50 -110.38
C ALA K 427 10.86 1.84 -111.04
N GLU K 428 11.41 2.07 -112.23
CA GLU K 428 11.14 3.31 -112.96
C GLU K 428 9.67 3.43 -113.34
N ILE K 429 9.08 2.33 -113.81
CA ILE K 429 7.64 2.31 -114.25
C ILE K 429 6.74 2.41 -113.01
N VAL K 430 6.71 1.38 -112.16
CA VAL K 430 5.83 1.33 -110.96
C VAL K 430 6.54 2.00 -109.78
N LYS K 431 5.86 2.91 -109.08
CA LYS K 431 6.43 3.60 -107.88
C LYS K 431 6.32 2.65 -106.69
N PRO K 432 7.09 2.86 -105.60
CA PRO K 432 7.08 1.93 -104.46
C PRO K 432 5.65 1.80 -103.92
N ASN K 433 4.91 2.90 -103.83
CA ASN K 433 3.49 2.89 -103.39
C ASN K 433 2.64 3.38 -104.57
N SER K 434 1.67 2.59 -105.04
CA SER K 434 0.82 2.94 -106.21
C SER K 434 -0.61 2.47 -105.99
N PRO K 435 -1.65 3.12 -106.57
CA PRO K 435 -3.03 2.64 -106.47
C PRO K 435 -3.09 1.22 -107.05
N PRO K 436 -3.94 0.31 -106.54
CA PRO K 436 -3.92 -1.10 -107.01
C PRO K 436 -4.42 -1.26 -108.44
N VAL K 437 -3.87 -2.26 -109.15
CA VAL K 437 -4.28 -2.54 -110.53
C VAL K 437 -5.76 -2.94 -110.57
N THR K 438 -6.44 -2.59 -111.67
CA THR K 438 -7.85 -2.92 -111.88
C THR K 438 -7.93 -4.15 -112.78
N LEU K 439 -8.00 -5.33 -112.17
CA LEU K 439 -8.11 -6.57 -112.94
C LEU K 439 -9.36 -6.51 -113.83
N PRO K 440 -9.24 -6.82 -115.12
CA PRO K 440 -10.40 -6.71 -116.01
C PRO K 440 -11.56 -7.57 -115.51
N LYS K 441 -12.77 -7.24 -115.99
CA LYS K 441 -13.96 -7.83 -115.40
C LYS K 441 -14.00 -9.35 -115.58
N ASP K 442 -13.72 -9.82 -116.79
CA ASP K 442 -13.71 -11.26 -117.08
C ASP K 442 -12.29 -11.81 -116.98
N ALA K 443 -11.66 -11.62 -115.83
CA ALA K 443 -10.26 -12.01 -115.64
C ALA K 443 -10.22 -13.46 -115.18
N GLY K 444 -9.72 -14.34 -116.06
CA GLY K 444 -9.60 -15.74 -115.77
C GLY K 444 -10.69 -16.61 -116.35
N GLY K 445 -11.83 -16.03 -116.70
CA GLY K 445 -12.95 -16.78 -117.24
C GLY K 445 -12.53 -17.87 -118.19
N GLY K 446 -11.80 -17.50 -119.24
CA GLY K 446 -11.33 -18.49 -120.19
C GLY K 446 -10.40 -19.53 -119.58
N THR K 447 -9.47 -19.07 -118.73
CA THR K 447 -8.53 -19.99 -118.11
C THR K 447 -9.25 -21.00 -117.21
N ILE K 448 -10.21 -20.52 -116.42
CA ILE K 448 -10.96 -21.43 -115.54
C ILE K 448 -11.72 -22.45 -116.36
N ASP K 449 -12.34 -22.00 -117.46
CA ASP K 449 -13.11 -22.91 -118.30
C ASP K 449 -12.23 -24.00 -118.90
N ARG K 450 -11.06 -23.61 -119.42
CA ARG K 450 -10.14 -24.58 -119.98
C ARG K 450 -9.61 -25.53 -118.90
N PHE K 451 -9.28 -24.99 -117.72
CA PHE K 451 -8.82 -25.83 -116.63
C PHE K 451 -9.87 -26.87 -116.27
N ASP K 452 -11.13 -26.46 -116.22
CA ASP K 452 -12.21 -27.38 -115.90
C ASP K 452 -12.43 -28.39 -117.02
N LYS K 453 -12.31 -27.94 -118.27
CA LYS K 453 -12.45 -28.85 -119.41
C LYS K 453 -11.36 -29.90 -119.41
N ILE K 454 -10.14 -29.51 -119.04
CA ILE K 454 -9.03 -30.46 -118.97
C ILE K 454 -9.15 -31.31 -117.72
N ARG K 455 -9.61 -30.74 -116.62
CA ARG K 455 -9.82 -31.52 -115.40
C ARG K 455 -10.75 -32.67 -115.67
N HIS K 456 -11.86 -32.42 -116.36
CA HIS K 456 -12.84 -33.44 -116.69
C HIS K 456 -12.67 -33.91 -118.14
N ALA K 457 -11.46 -34.39 -118.43
CA ALA K 457 -11.11 -34.89 -119.76
C ALA K 457 -11.14 -36.41 -119.75
N LYS K 458 -11.92 -36.99 -120.66
CA LYS K 458 -12.12 -38.44 -120.71
C LYS K 458 -11.93 -38.97 -122.13
N GLY K 459 -10.88 -38.52 -122.80
CA GLY K 459 -10.61 -38.92 -124.17
C GLY K 459 -9.71 -40.13 -124.27
N PRO K 460 -9.51 -40.62 -125.50
CA PRO K 460 -8.79 -41.90 -125.67
C PRO K 460 -7.30 -41.85 -125.37
N VAL K 461 -6.59 -40.83 -125.84
CA VAL K 461 -5.14 -40.81 -125.70
C VAL K 461 -4.75 -40.35 -124.31
N SER K 462 -3.63 -40.86 -123.81
CA SER K 462 -3.09 -40.50 -122.51
C SER K 462 -2.00 -39.44 -122.65
N THR K 463 -1.86 -38.62 -121.61
CA THR K 463 -0.87 -37.55 -121.63
C THR K 463 0.53 -38.12 -121.87
N ALA K 464 0.86 -39.23 -121.21
CA ALA K 464 2.18 -39.81 -121.34
C ALA K 464 2.44 -40.28 -122.76
N ASP K 465 1.47 -40.98 -123.36
CA ASP K 465 1.64 -41.45 -124.73
C ASP K 465 1.84 -40.30 -125.70
N LEU K 466 1.03 -39.25 -125.56
CA LEU K 466 1.17 -38.09 -126.44
C LEU K 466 2.51 -37.42 -126.26
N ARG K 467 2.99 -37.32 -125.02
CA ARG K 467 4.28 -36.69 -124.76
C ARG K 467 5.41 -37.51 -125.38
N SER K 468 5.36 -38.83 -125.25
CA SER K 468 6.38 -39.67 -125.86
C SER K 468 6.38 -39.51 -127.38
N LYS K 469 5.21 -39.37 -127.97
CA LYS K 469 5.13 -39.15 -129.41
C LYS K 469 5.82 -37.85 -129.80
N LEU K 470 5.53 -36.77 -129.07
CA LEU K 470 6.17 -35.48 -129.35
C LEU K 470 7.67 -35.55 -129.14
N GLN K 471 8.10 -36.17 -128.03
CA GLN K 471 9.52 -36.25 -127.75
C GLN K 471 10.25 -37.02 -128.85
N ARG K 472 9.64 -38.10 -129.33
CA ARG K 472 10.23 -38.88 -130.41
C ARG K 472 10.37 -38.06 -131.68
N THR K 473 9.30 -37.36 -132.06
CA THR K 473 9.35 -36.58 -133.30
C THR K 473 10.41 -35.49 -133.24
N MET K 474 10.50 -34.79 -132.11
CA MET K 474 11.50 -33.72 -131.98
C MET K 474 12.91 -34.29 -132.06
N GLN K 475 13.15 -35.42 -131.38
CA GLN K 475 14.48 -36.02 -131.36
C GLN K 475 14.89 -36.52 -132.74
N THR K 476 13.94 -37.06 -133.51
CA THR K 476 14.25 -37.64 -134.81
C THR K 476 14.18 -36.64 -135.96
N ARG K 477 13.30 -35.64 -135.87
CA ARG K 477 13.08 -34.71 -136.97
C ARG K 477 13.84 -33.40 -136.79
N ALA K 478 14.34 -33.12 -135.59
CA ALA K 478 15.15 -31.92 -135.34
C ALA K 478 16.41 -32.32 -134.58
N PRO K 479 17.29 -33.10 -135.20
CA PRO K 479 18.55 -33.51 -134.55
C PRO K 479 19.64 -32.46 -134.70
N VAL K 480 20.88 -32.82 -134.36
CA VAL K 480 22.00 -31.88 -134.53
C VAL K 480 22.10 -31.43 -135.98
N TYR K 481 22.02 -32.38 -136.92
CA TYR K 481 22.09 -32.08 -138.35
C TYR K 481 20.69 -32.25 -138.94
N ARG K 482 20.06 -31.14 -139.27
CA ARG K 482 18.68 -31.13 -139.72
C ARG K 482 18.65 -31.11 -141.25
N ASN K 483 17.71 -31.85 -141.84
CA ASN K 483 17.46 -31.77 -143.27
C ASN K 483 16.05 -31.30 -143.54
N GLY K 484 15.87 -30.67 -144.70
CA GLY K 484 14.61 -30.02 -145.00
C GLY K 484 13.46 -31.00 -145.15
N ASP K 485 13.74 -32.16 -145.74
CA ASP K 485 12.69 -33.17 -145.90
C ASP K 485 12.16 -33.62 -144.55
N ASP K 486 13.04 -34.02 -143.64
CA ASP K 486 12.59 -34.44 -142.31
C ASP K 486 11.88 -33.29 -141.60
N LEU K 487 12.41 -32.08 -141.71
CA LEU K 487 11.79 -30.94 -141.04
C LEU K 487 10.36 -30.76 -141.53
N LYS K 488 10.12 -31.01 -142.82
CA LYS K 488 8.75 -30.93 -143.34
C LYS K 488 7.89 -32.06 -142.78
N LYS K 489 8.38 -33.30 -142.86
CA LYS K 489 7.65 -34.42 -142.27
C LYS K 489 7.29 -34.12 -140.82
N GLY K 490 8.29 -33.70 -140.04
CA GLY K 490 8.05 -33.43 -138.64
C GLY K 490 7.03 -32.32 -138.44
N CYS K 491 7.10 -31.29 -139.28
CA CYS K 491 6.16 -30.18 -139.14
C CYS K 491 4.72 -30.65 -139.33
N GLU K 492 4.51 -31.61 -140.23
CA GLU K 492 3.19 -32.21 -140.37
C GLU K 492 2.83 -33.03 -139.14
N GLU K 493 3.80 -33.78 -138.60
CA GLU K 493 3.54 -34.62 -137.44
C GLU K 493 3.18 -33.81 -136.21
N VAL K 494 3.91 -32.72 -135.95
CA VAL K 494 3.63 -31.92 -134.76
C VAL K 494 2.26 -31.27 -134.88
N ARG K 495 1.86 -30.89 -136.08
CA ARG K 495 0.52 -30.35 -136.28
C ARG K 495 -0.54 -31.40 -135.96
N GLU K 496 -0.28 -32.66 -136.30
CA GLU K 496 -1.20 -33.73 -135.92
C GLU K 496 -1.24 -33.90 -134.41
N ILE K 497 -0.08 -33.90 -133.75
CA ILE K 497 -0.02 -34.00 -132.30
C ILE K 497 -0.74 -32.82 -131.66
N MET K 498 -0.77 -31.67 -132.34
CA MET K 498 -1.50 -30.51 -131.84
C MET K 498 -3.00 -30.77 -131.83
N LYS K 499 -3.53 -31.37 -132.89
CA LYS K 499 -4.96 -31.64 -132.96
C LYS K 499 -5.34 -32.89 -132.20
N GLU K 500 -4.35 -33.64 -131.71
CA GLU K 500 -4.57 -34.82 -130.90
C GLU K 500 -4.73 -34.50 -129.42
N TYR K 501 -4.36 -33.29 -129.01
CA TYR K 501 -4.51 -32.87 -127.62
C TYR K 501 -5.98 -32.74 -127.23
N LYS K 502 -6.87 -32.69 -128.22
CA LYS K 502 -8.31 -32.66 -128.01
C LYS K 502 -8.85 -34.01 -127.55
N ASP K 503 -8.05 -35.07 -127.64
CA ASP K 503 -8.46 -36.40 -127.23
C ASP K 503 -7.76 -36.88 -125.96
N VAL K 504 -6.94 -36.03 -125.33
CA VAL K 504 -6.23 -36.44 -124.13
C VAL K 504 -7.23 -36.67 -123.00
N GLY K 505 -6.91 -37.63 -122.13
CA GLY K 505 -7.76 -37.95 -121.00
C GLY K 505 -6.99 -38.19 -119.73
N ILE K 506 -7.48 -37.66 -118.60
CA ILE K 506 -6.84 -37.83 -117.31
C ILE K 506 -7.78 -38.63 -116.41
N LYS K 507 -7.20 -39.44 -115.52
CA LYS K 507 -7.98 -40.28 -114.63
C LYS K 507 -8.22 -39.67 -113.27
N ASP K 508 -7.34 -38.79 -112.80
CA ASP K 508 -7.50 -38.14 -111.50
C ASP K 508 -8.22 -36.81 -111.66
N ARG K 509 -9.27 -36.60 -110.88
CA ARG K 509 -10.11 -35.43 -111.00
C ARG K 509 -10.06 -34.54 -109.75
N THR K 510 -9.12 -34.78 -108.85
CA THR K 510 -8.91 -33.96 -107.68
C THR K 510 -8.08 -32.72 -108.03
N LEU K 511 -7.96 -31.79 -107.08
CA LEU K 511 -7.21 -30.56 -107.28
C LEU K 511 -5.98 -30.42 -106.41
N VAL K 512 -5.75 -31.31 -105.46
CA VAL K 512 -4.61 -31.24 -104.55
C VAL K 512 -3.53 -32.17 -105.09
N TRP K 513 -2.45 -31.60 -105.59
CA TRP K 513 -1.32 -32.36 -106.11
C TRP K 513 -1.76 -33.38 -107.17
N ASN K 514 -2.64 -32.93 -108.07
CA ASN K 514 -3.05 -33.73 -109.22
C ASN K 514 -1.98 -33.63 -110.31
N THR K 515 -0.94 -34.45 -110.15
CA THR K 515 0.15 -34.45 -111.12
C THR K 515 -0.34 -34.80 -112.52
N ASP K 516 -1.37 -35.64 -112.62
CA ASP K 516 -1.93 -36.00 -113.91
C ASP K 516 -2.42 -34.76 -114.65
N LEU K 517 -3.19 -33.91 -113.97
CA LEU K 517 -3.70 -32.69 -114.59
C LEU K 517 -2.56 -31.71 -114.88
N ILE K 518 -1.67 -31.49 -113.91
CA ILE K 518 -0.57 -30.56 -114.09
C ILE K 518 0.27 -30.96 -115.30
N GLU K 519 0.53 -32.26 -115.44
CA GLU K 519 1.36 -32.73 -116.54
C GLU K 519 0.66 -32.57 -117.89
N THR K 520 -0.68 -32.61 -117.90
CA THR K 520 -1.40 -32.40 -119.15
C THR K 520 -1.42 -30.92 -119.53
N LEU K 521 -1.52 -30.04 -118.54
CA LEU K 521 -1.38 -28.62 -118.79
C LEU K 521 0.02 -28.28 -119.27
N GLU K 522 1.02 -28.98 -118.75
CA GLU K 522 2.40 -28.77 -119.19
C GLU K 522 2.60 -29.26 -120.62
N LEU K 523 1.96 -30.38 -120.98
CA LEU K 523 2.08 -30.89 -122.34
C LEU K 523 1.54 -29.88 -123.36
N GLU K 524 0.53 -29.09 -122.99
CA GLU K 524 0.05 -28.05 -123.88
C GLU K 524 1.16 -27.04 -124.16
N ASN K 525 1.88 -26.62 -123.12
CA ASN K 525 2.99 -25.68 -123.31
C ASN K 525 4.10 -26.32 -124.13
N LEU K 526 4.41 -27.58 -123.85
CA LEU K 526 5.46 -28.28 -124.58
C LEU K 526 5.12 -28.41 -126.05
N ILE K 527 3.86 -28.72 -126.36
CA ILE K 527 3.45 -28.91 -127.75
C ILE K 527 3.58 -27.60 -128.52
N THR K 528 3.08 -26.49 -127.95
CA THR K 528 3.09 -25.24 -128.70
C THR K 528 4.51 -24.78 -128.99
N GLN K 529 5.41 -24.91 -128.02
CA GLN K 529 6.79 -24.48 -128.23
C GLN K 529 7.52 -25.43 -129.16
N ALA K 530 7.30 -26.74 -129.01
CA ALA K 530 7.93 -27.70 -129.91
C ALA K 530 7.45 -27.51 -131.34
N ALA K 531 6.17 -27.17 -131.51
CA ALA K 531 5.65 -26.90 -132.84
C ALA K 531 6.34 -25.68 -133.45
N GLN K 532 6.40 -24.58 -132.69
CA GLN K 532 7.03 -23.37 -133.19
C GLN K 532 8.50 -23.60 -133.52
N THR K 533 9.16 -24.50 -132.80
CA THR K 533 10.55 -24.82 -133.07
C THR K 533 10.71 -25.47 -134.44
N ILE K 534 9.91 -26.51 -134.72
CA ILE K 534 10.00 -27.21 -135.99
C ILE K 534 9.61 -26.29 -137.15
N VAL K 535 8.55 -25.50 -136.96
CA VAL K 535 8.10 -24.59 -138.02
C VAL K 535 9.17 -23.56 -138.33
N SER K 536 9.75 -22.97 -137.29
CA SER K 536 10.79 -21.96 -137.48
C SER K 536 12.04 -22.55 -138.12
N GLY K 537 12.41 -23.76 -137.71
CA GLY K 537 13.61 -24.37 -138.27
C GLY K 537 13.45 -24.71 -139.75
N GLU K 538 12.31 -25.29 -140.12
CA GLU K 538 12.07 -25.60 -141.52
C GLU K 538 12.05 -24.34 -142.37
N ALA K 539 11.61 -23.23 -141.80
CA ALA K 539 11.50 -21.98 -142.53
C ALA K 539 12.86 -21.33 -142.75
N ARG K 540 13.81 -21.55 -141.83
CA ARG K 540 15.15 -20.96 -141.94
C ARG K 540 15.99 -21.80 -142.90
N LYS K 541 16.27 -21.25 -144.07
CA LYS K 541 17.02 -21.96 -145.11
C LYS K 541 18.49 -21.53 -145.12
N GLU K 542 19.13 -21.70 -143.96
CA GLU K 542 20.54 -21.36 -143.77
C GLU K 542 21.07 -22.26 -142.65
N SER K 543 22.36 -22.11 -142.34
CA SER K 543 23.00 -22.85 -141.25
C SER K 543 23.77 -21.87 -140.36
N ARG K 544 23.15 -21.46 -139.26
CA ARG K 544 23.74 -20.52 -138.30
C ARG K 544 23.76 -21.15 -136.92
N GLY K 545 24.89 -21.06 -136.24
CA GLY K 545 25.01 -21.56 -134.89
C GLY K 545 24.53 -22.98 -134.69
N ALA K 546 23.55 -23.16 -133.79
CA ALA K 546 23.05 -24.49 -133.48
C ALA K 546 22.19 -25.05 -134.60
N HIS K 547 21.58 -24.19 -135.41
CA HIS K 547 20.77 -24.61 -136.54
C HIS K 547 21.70 -24.97 -137.70
N ALA K 548 21.81 -26.26 -138.02
CA ALA K 548 22.72 -26.76 -139.05
C ALA K 548 21.96 -27.57 -140.09
N ARG K 549 21.48 -26.89 -141.13
CA ARG K 549 20.79 -27.56 -142.23
C ARG K 549 21.79 -28.17 -143.20
N GLU K 550 21.62 -29.46 -143.51
CA GLU K 550 22.45 -30.10 -144.52
C GLU K 550 22.13 -29.57 -145.92
N ASP K 551 20.85 -29.25 -146.17
CA ASP K 551 20.46 -28.71 -147.47
C ASP K 551 21.16 -27.39 -147.74
N PHE K 552 21.18 -26.50 -146.74
CA PHE K 552 21.82 -25.19 -146.84
C PHE K 552 22.90 -25.17 -145.76
N THR K 553 24.16 -25.34 -146.18
CA THR K 553 25.27 -25.54 -145.25
C THR K 553 26.02 -24.25 -144.94
N GLU K 554 25.55 -23.10 -145.40
CA GLU K 554 26.28 -21.84 -145.28
C GLU K 554 25.41 -20.77 -144.64
N ARG K 555 26.03 -19.90 -143.85
CA ARG K 555 25.33 -18.74 -143.30
C ARG K 555 24.89 -17.82 -144.43
N ASP K 556 23.71 -17.24 -144.29
CA ASP K 556 23.24 -16.23 -145.23
C ASP K 556 23.01 -14.95 -144.43
N ASP K 557 24.04 -14.11 -144.36
CA ASP K 557 23.91 -12.84 -143.66
C ASP K 557 22.97 -11.90 -144.40
N LYS K 558 22.99 -11.96 -145.73
CA LYS K 558 22.19 -11.04 -146.55
C LYS K 558 20.69 -11.22 -146.31
N LYS K 559 20.22 -12.47 -146.25
CA LYS K 559 18.78 -12.74 -146.20
C LYS K 559 18.34 -13.49 -144.96
N TRP K 560 19.23 -13.76 -144.02
CA TRP K 560 18.85 -14.56 -142.86
C TRP K 560 19.50 -14.07 -141.57
N MET K 561 20.02 -12.84 -141.56
CA MET K 561 20.45 -12.19 -140.32
C MET K 561 19.25 -11.49 -139.67
N LYS K 562 18.27 -12.30 -139.27
CA LYS K 562 17.01 -11.84 -138.74
C LYS K 562 16.61 -12.70 -137.56
N HIS K 563 15.89 -12.11 -136.61
CA HIS K 563 15.26 -12.90 -135.55
C HIS K 563 13.94 -13.48 -136.08
N SER K 564 13.66 -14.73 -135.72
CA SER K 564 12.48 -15.45 -136.21
C SER K 564 11.39 -15.45 -135.14
N LEU K 565 10.27 -14.81 -135.45
CA LEU K 565 9.15 -14.66 -134.51
C LEU K 565 8.02 -15.62 -134.88
N SER K 566 7.60 -16.45 -133.93
CA SER K 566 6.51 -17.39 -134.11
C SER K 566 5.28 -16.96 -133.31
N TYR K 567 4.10 -17.18 -133.88
CA TYR K 567 2.82 -16.79 -133.27
C TYR K 567 1.83 -17.94 -133.35
N GLN K 568 1.17 -18.24 -132.24
CA GLN K 568 0.07 -19.21 -132.21
C GLN K 568 -1.23 -18.49 -132.52
N THR K 569 -1.93 -18.94 -133.58
CA THR K 569 -3.06 -18.18 -134.10
C THR K 569 -4.19 -18.08 -133.08
N LYS K 570 -4.52 -19.17 -132.39
CA LYS K 570 -5.66 -19.21 -131.49
C LYS K 570 -5.22 -19.70 -130.11
N PRO K 571 -5.91 -19.29 -129.05
CA PRO K 571 -5.47 -19.65 -127.69
C PRO K 571 -5.48 -21.14 -127.43
N HIS K 572 -6.26 -21.92 -128.17
CA HIS K 572 -6.33 -23.36 -127.97
C HIS K 572 -5.37 -24.05 -128.92
N VAL K 573 -4.54 -24.95 -128.37
CA VAL K 573 -3.49 -25.59 -129.16
C VAL K 573 -4.08 -26.47 -130.25
N GLU K 574 -5.27 -27.01 -130.03
CA GLU K 574 -5.92 -27.89 -131.01
C GLU K 574 -6.75 -27.11 -132.01
N GLU K 575 -6.65 -25.79 -132.00
CA GLU K 575 -7.43 -24.94 -132.89
C GLU K 575 -6.58 -23.83 -133.50
N SER K 576 -5.26 -24.02 -133.58
CA SER K 576 -4.33 -22.94 -133.91
C SER K 576 -3.36 -23.37 -135.00
N ASP K 577 -2.73 -22.36 -135.62
CA ASP K 577 -1.68 -22.53 -136.60
C ASP K 577 -0.47 -21.71 -136.17
N ILE K 578 0.72 -22.12 -136.58
CA ILE K 578 1.97 -21.43 -136.25
C ILE K 578 2.32 -20.51 -137.41
N VAL K 579 2.09 -19.20 -137.23
CA VAL K 579 2.47 -18.18 -138.22
C VAL K 579 3.85 -17.65 -137.87
N LEU K 580 4.66 -17.36 -138.90
CA LEU K 580 6.04 -16.92 -138.72
C LEU K 580 6.25 -15.55 -139.35
N LYS K 581 6.75 -14.61 -138.55
CA LYS K 581 7.20 -13.29 -138.99
C LYS K 581 8.64 -13.11 -138.51
N TYR K 582 9.26 -11.98 -138.87
CA TYR K 582 10.67 -11.77 -138.57
C TYR K 582 10.91 -10.34 -138.09
N ARG K 583 11.96 -10.17 -137.28
CA ARG K 583 12.36 -8.85 -136.79
C ARG K 583 13.88 -8.71 -136.89
N PRO K 584 14.37 -7.50 -137.17
CA PRO K 584 15.81 -7.31 -137.38
C PRO K 584 16.60 -7.42 -136.08
N VAL K 585 17.88 -7.77 -136.21
CA VAL K 585 18.79 -7.90 -135.07
C VAL K 585 19.44 -6.54 -134.79
N VAL K 586 19.61 -6.23 -133.51
CA VAL K 586 20.23 -4.97 -133.09
C VAL K 586 21.74 -5.16 -133.14
N ASP K 587 22.41 -4.45 -134.04
CA ASP K 587 23.84 -4.63 -134.25
C ASP K 587 24.69 -3.57 -133.58
N GLN K 588 24.15 -2.40 -133.30
CA GLN K 588 24.92 -1.32 -132.72
C GLN K 588 24.97 -1.46 -131.20
N PRO K 589 26.15 -1.38 -130.59
CA PRO K 589 26.22 -1.41 -129.12
C PRO K 589 25.56 -0.18 -128.51
N LEU K 590 25.12 -0.33 -127.25
CA LEU K 590 24.29 0.72 -126.65
C LEU K 590 25.10 1.97 -126.35
N ASP K 591 26.38 1.83 -125.99
CA ASP K 591 27.28 2.96 -125.76
C ASP K 591 28.41 2.93 -126.78
N SER K 592 29.34 3.86 -126.64
CA SER K 592 30.56 3.85 -127.44
C SER K 592 31.70 3.13 -126.76
N GLU K 593 31.52 2.74 -125.50
CA GLU K 593 32.57 2.02 -124.78
C GLU K 593 32.98 0.76 -125.51
N MET K 594 32.04 0.14 -126.23
CA MET K 594 32.28 -1.03 -127.07
C MET K 594 31.97 -0.66 -128.52
N HIS K 595 32.69 -1.28 -129.45
CA HIS K 595 32.51 -1.05 -130.87
C HIS K 595 31.64 -2.15 -131.48
N HIS K 596 31.10 -1.86 -132.67
CA HIS K 596 30.34 -2.88 -133.40
C HIS K 596 31.30 -3.94 -133.93
N VAL K 597 31.07 -5.19 -133.52
CA VAL K 597 31.86 -6.31 -134.00
C VAL K 597 31.31 -6.73 -135.38
N PRO K 598 31.97 -6.37 -136.47
CA PRO K 598 31.38 -6.62 -137.78
C PRO K 598 31.19 -8.10 -138.02
N PRO K 599 30.13 -8.48 -138.76
CA PRO K 599 29.94 -9.91 -139.08
C PRO K 599 31.14 -10.49 -139.82
N ALA K 600 31.52 -11.72 -139.46
CA ALA K 600 32.73 -12.33 -139.97
C ALA K 600 32.62 -13.85 -139.91
N LYS K 601 33.68 -14.53 -140.34
CA LYS K 601 33.76 -15.99 -140.28
C LYS K 601 33.96 -16.45 -138.85
N ARG K 602 33.34 -17.58 -138.52
CA ARG K 602 33.37 -18.16 -137.17
C ARG K 602 34.04 -19.52 -137.25
N VAL K 603 35.38 -19.53 -137.26
CA VAL K 603 36.13 -20.76 -137.46
C VAL K 603 36.36 -21.50 -136.15
N TYR K 604 36.76 -20.78 -135.10
CA TYR K 604 37.09 -21.38 -133.81
C TYR K 604 38.22 -22.41 -133.96
N MET L 1 10.11 -59.41 -113.51
CA MET L 1 8.82 -58.89 -113.06
C MET L 1 8.82 -58.58 -111.57
N GLN L 2 9.42 -57.46 -111.21
CA GLN L 2 9.48 -57.05 -109.82
C GLN L 2 8.15 -56.49 -109.35
N THR L 3 7.88 -56.68 -108.05
CA THR L 3 6.68 -56.17 -107.41
C THR L 3 7.02 -54.95 -106.56
N PHE L 4 6.28 -53.86 -106.75
CA PHE L 4 6.53 -52.59 -106.06
C PHE L 4 5.28 -52.17 -105.29
N ARG L 5 5.27 -52.37 -103.98
CA ARG L 5 4.21 -51.83 -103.14
C ARG L 5 4.45 -50.34 -102.86
N VAL L 6 3.43 -49.51 -103.10
CA VAL L 6 3.55 -48.05 -103.00
C VAL L 6 2.43 -47.48 -102.13
N TYR L 7 2.78 -46.60 -101.19
CA TYR L 7 1.83 -45.95 -100.28
C TYR L 7 0.90 -45.02 -101.06
N ARG L 8 -0.41 -45.09 -100.79
CA ARG L 8 -1.41 -44.34 -101.54
C ARG L 8 -2.40 -43.67 -100.59
N TYR L 9 -2.61 -42.36 -100.75
CA TYR L 9 -3.57 -41.60 -99.96
C TYR L 9 -4.24 -40.55 -100.83
N ASP L 10 -5.57 -40.50 -100.81
CA ASP L 10 -6.31 -39.47 -101.55
C ASP L 10 -6.69 -38.35 -100.59
N PRO L 11 -6.22 -37.12 -100.80
CA PRO L 11 -6.57 -36.04 -99.86
C PRO L 11 -8.05 -35.71 -99.80
N LEU L 12 -8.84 -36.14 -100.78
CA LEU L 12 -10.26 -35.79 -100.83
C LEU L 12 -11.13 -36.87 -100.20
N LEU L 13 -10.93 -38.14 -100.59
CA LEU L 13 -11.64 -39.22 -99.92
C LEU L 13 -11.28 -39.28 -98.45
N GLN L 14 -10.02 -38.99 -98.13
CA GLN L 14 -9.53 -39.04 -96.76
C GLN L 14 -9.73 -40.43 -96.15
N ASP L 15 -9.64 -41.45 -97.01
CA ASP L 15 -9.66 -42.83 -96.59
C ASP L 15 -8.29 -43.26 -96.07
N LYS L 16 -8.29 -44.22 -95.15
CA LYS L 16 -7.07 -44.63 -94.48
C LYS L 16 -6.00 -44.99 -95.51
N PRO L 17 -4.78 -44.46 -95.40
CA PRO L 17 -3.74 -44.77 -96.40
C PRO L 17 -3.48 -46.26 -96.50
N HIS L 18 -3.14 -46.72 -97.71
CA HIS L 18 -2.93 -48.13 -97.98
C HIS L 18 -1.78 -48.33 -98.97
N MET L 19 -1.21 -49.54 -98.97
CA MET L 19 -0.15 -49.93 -99.88
C MET L 19 -0.73 -50.73 -101.04
N GLN L 20 -0.55 -50.24 -102.26
CA GLN L 20 -1.00 -50.91 -103.47
C GLN L 20 0.20 -51.55 -104.18
N GLU L 21 0.03 -52.79 -104.61
CA GLU L 21 1.11 -53.55 -105.25
C GLU L 21 1.00 -53.45 -106.77
N PHE L 22 2.12 -53.12 -107.42
CA PHE L 22 2.22 -53.08 -108.87
C PHE L 22 3.29 -54.04 -109.34
N ASN L 23 3.11 -54.58 -110.54
CA ASN L 23 4.09 -55.44 -111.19
C ASN L 23 4.68 -54.73 -112.39
N ILE L 24 6.01 -54.66 -112.44
CA ILE L 24 6.74 -53.96 -113.49
C ILE L 24 7.83 -54.87 -114.02
N ASP L 25 8.02 -54.85 -115.33
CA ASP L 25 9.11 -55.58 -115.98
C ASP L 25 10.36 -54.70 -115.95
N LEU L 26 11.36 -55.13 -115.20
CA LEU L 26 12.58 -54.34 -115.09
C LEU L 26 13.34 -54.27 -116.41
N ALA L 27 13.05 -55.15 -117.36
CA ALA L 27 13.72 -55.09 -118.65
C ALA L 27 13.40 -53.79 -119.37
N GLN L 28 12.16 -53.31 -119.27
CA GLN L 28 11.73 -52.10 -119.93
C GLN L 28 11.68 -50.91 -118.97
N CYS L 29 12.52 -50.91 -117.94
CA CYS L 29 12.52 -49.84 -116.95
C CYS L 29 13.95 -49.46 -116.63
N GLY L 30 14.14 -48.22 -116.21
CA GLY L 30 15.45 -47.73 -115.84
C GLY L 30 15.92 -48.33 -114.53
N PRO L 31 17.24 -48.31 -114.31
CA PRO L 31 17.78 -48.95 -113.09
C PRO L 31 17.29 -48.32 -111.80
N MET L 32 17.00 -47.02 -111.80
CA MET L 32 16.70 -46.33 -110.56
C MET L 32 15.23 -46.50 -110.18
N ILE L 33 14.95 -46.28 -108.89
CA ILE L 33 13.59 -46.42 -108.39
C ILE L 33 12.67 -45.42 -109.07
N LEU L 34 13.14 -44.17 -109.24
CA LEU L 34 12.29 -43.15 -109.83
C LEU L 34 11.80 -43.56 -111.20
N ASP L 35 12.61 -44.30 -111.95
CA ASP L 35 12.18 -44.78 -113.26
C ASP L 35 10.99 -45.73 -113.13
N ALA L 36 11.02 -46.60 -112.11
CA ALA L 36 9.89 -47.50 -111.89
C ALA L 36 8.62 -46.74 -111.56
N LEU L 37 8.74 -45.72 -110.70
CA LEU L 37 7.57 -44.92 -110.35
C LEU L 37 7.01 -44.20 -111.57
N ILE L 38 7.89 -43.63 -112.39
CA ILE L 38 7.43 -42.96 -113.60
C ILE L 38 6.74 -43.95 -114.53
N LYS L 39 7.33 -45.15 -114.68
CA LYS L 39 6.73 -46.15 -115.55
C LYS L 39 5.36 -46.57 -115.04
N ILE L 40 5.22 -46.75 -113.73
CA ILE L 40 3.92 -47.10 -113.16
C ILE L 40 2.90 -46.01 -113.47
N LYS L 41 3.30 -44.75 -113.27
CA LYS L 41 2.38 -43.65 -113.54
C LYS L 41 2.02 -43.58 -115.02
N ALA L 42 3.00 -43.80 -115.89
CA ALA L 42 2.76 -43.65 -117.32
C ALA L 42 1.84 -44.74 -117.84
N THR L 43 2.01 -45.98 -117.35
CA THR L 43 1.31 -47.13 -117.92
C THR L 43 0.09 -47.55 -117.10
N GLN L 44 0.29 -47.85 -115.81
CA GLN L 44 -0.75 -48.54 -115.05
C GLN L 44 -1.70 -47.57 -114.34
N ASP L 45 -1.16 -46.74 -113.45
CA ASP L 45 -1.99 -45.86 -112.62
C ASP L 45 -1.42 -44.45 -112.68
N SER L 46 -2.02 -43.60 -113.51
CA SER L 46 -1.56 -42.23 -113.65
C SER L 46 -1.90 -41.36 -112.44
N THR L 47 -2.73 -41.85 -111.52
CA THR L 47 -3.07 -41.06 -110.34
C THR L 47 -1.90 -40.89 -109.40
N LEU L 48 -0.92 -41.81 -109.45
CA LEU L 48 0.22 -41.78 -108.54
C LEU L 48 0.91 -40.43 -108.56
N ALA L 49 1.19 -39.88 -107.38
CA ALA L 49 1.77 -38.54 -107.24
C ALA L 49 3.10 -38.60 -106.50
N PHE L 50 4.12 -37.89 -107.02
CA PHE L 50 5.43 -37.84 -106.39
C PHE L 50 6.21 -36.66 -106.96
N ARG L 51 7.10 -36.09 -106.14
CA ARG L 51 7.94 -34.97 -106.55
C ARG L 51 9.21 -35.49 -107.21
N ARG L 52 9.58 -34.88 -108.34
CA ARG L 52 10.78 -35.29 -109.08
C ARG L 52 11.15 -34.16 -110.04
N SER L 53 12.41 -33.71 -109.99
CA SER L 53 12.87 -32.77 -111.01
C SER L 53 14.18 -33.13 -111.70
N CYS L 54 15.26 -33.24 -110.92
CA CYS L 54 16.59 -33.20 -111.52
C CYS L 54 16.94 -34.51 -112.22
N ARG L 55 16.54 -35.64 -111.64
CA ARG L 55 16.80 -36.97 -112.16
C ARG L 55 18.27 -37.36 -111.93
N GLU L 56 19.10 -36.43 -111.46
CA GLU L 56 20.52 -36.69 -111.24
C GLU L 56 20.91 -36.55 -109.77
N GLY L 57 19.97 -36.32 -108.87
CA GLY L 57 20.25 -36.29 -107.45
C GLY L 57 20.52 -34.91 -106.86
N ILE L 58 20.40 -33.84 -107.64
CA ILE L 58 20.91 -32.54 -107.23
C ILE L 58 19.81 -31.63 -106.70
N CYS L 59 18.58 -31.80 -107.17
CA CYS L 59 17.51 -30.92 -106.71
C CYS L 59 17.06 -31.26 -105.30
N GLY L 60 17.12 -32.52 -104.91
CA GLY L 60 16.67 -32.92 -103.59
C GLY L 60 15.16 -32.96 -103.45
N SER L 61 14.45 -33.35 -104.50
CA SER L 61 12.99 -33.36 -104.49
C SER L 61 12.38 -34.74 -104.41
N CYS L 62 13.14 -35.80 -104.68
CA CYS L 62 12.61 -37.15 -104.74
C CYS L 62 12.90 -37.95 -103.47
N ALA L 63 13.02 -37.28 -102.34
CA ALA L 63 13.32 -37.96 -101.09
C ALA L 63 12.12 -38.80 -100.65
N MET L 64 12.36 -40.10 -100.46
CA MET L 64 11.32 -41.04 -100.07
C MET L 64 11.93 -42.03 -99.07
N ASN L 65 11.12 -43.00 -98.65
CA ASN L 65 11.56 -44.08 -97.78
C ASN L 65 11.41 -45.39 -98.55
N ILE L 66 12.54 -46.01 -98.90
CA ILE L 66 12.57 -47.22 -99.71
C ILE L 66 13.07 -48.36 -98.84
N ASN L 67 12.22 -49.38 -98.67
CA ASN L 67 12.55 -50.58 -97.90
C ASN L 67 13.12 -50.22 -96.53
N GLY L 68 12.56 -49.18 -95.91
CA GLY L 68 12.88 -48.81 -94.56
C GLY L 68 13.79 -47.61 -94.40
N LYS L 69 14.73 -47.41 -95.32
CA LYS L 69 15.73 -46.35 -95.19
C LYS L 69 15.44 -45.21 -96.15
N ASN L 70 15.53 -43.98 -95.65
CA ASN L 70 15.32 -42.81 -96.48
C ASN L 70 16.35 -42.75 -97.60
N GLY L 71 15.96 -42.10 -98.70
CA GLY L 71 16.87 -41.91 -99.81
C GLY L 71 16.20 -41.17 -100.94
N LEU L 72 17.01 -40.75 -101.90
CA LEU L 72 16.53 -40.12 -103.13
C LEU L 72 16.28 -41.19 -104.17
N ALA L 73 15.06 -41.21 -104.72
CA ALA L 73 14.69 -42.26 -105.66
C ALA L 73 15.56 -42.25 -106.91
N CYS L 74 16.02 -41.07 -107.33
CA CYS L 74 16.77 -40.98 -108.58
C CYS L 74 18.17 -41.59 -108.45
N LEU L 75 18.74 -41.58 -107.25
CA LEU L 75 20.03 -42.21 -107.02
C LEU L 75 19.92 -43.62 -106.45
N GLN L 76 18.76 -43.99 -105.95
CA GLN L 76 18.56 -45.33 -105.42
C GLN L 76 18.41 -46.33 -106.56
N TYR L 77 19.00 -47.51 -106.38
CA TYR L 77 18.95 -48.57 -107.38
C TYR L 77 17.83 -49.55 -107.04
N ILE L 78 17.13 -50.01 -108.07
CA ILE L 78 16.20 -51.12 -107.90
C ILE L 78 16.99 -52.37 -107.58
N GLU L 79 16.58 -53.09 -106.55
CA GLU L 79 17.23 -54.34 -106.15
C GLU L 79 16.26 -55.48 -106.35
N PRO L 80 16.33 -56.20 -107.47
CA PRO L 80 15.33 -57.23 -107.75
C PRO L 80 15.37 -58.35 -106.72
N GLY L 81 14.20 -58.92 -106.44
CA GLY L 81 14.09 -60.00 -105.49
C GLY L 81 12.65 -60.40 -105.32
N ALA L 82 12.45 -61.54 -104.65
CA ALA L 82 11.10 -62.00 -104.37
C ALA L 82 10.37 -61.01 -103.48
N ALA L 83 11.07 -60.36 -102.57
CA ALA L 83 10.44 -59.43 -101.64
C ALA L 83 9.98 -58.18 -102.37
N PRO L 84 8.72 -57.78 -102.23
CA PRO L 84 8.27 -56.52 -102.83
C PRO L 84 9.08 -55.33 -102.32
N ILE L 85 9.37 -54.40 -103.24
CA ILE L 85 10.06 -53.17 -102.89
C ILE L 85 9.02 -52.18 -102.38
N ASP L 86 9.08 -51.88 -101.07
CA ASP L 86 8.11 -51.00 -100.43
C ASP L 86 8.57 -49.55 -100.53
N ILE L 87 7.74 -48.69 -101.12
CA ILE L 87 8.02 -47.27 -101.26
C ILE L 87 6.93 -46.50 -100.51
N GLN L 88 7.34 -45.66 -99.56
CA GLN L 88 6.45 -44.88 -98.72
C GLN L 88 6.91 -43.44 -98.69
N PRO L 89 6.10 -42.53 -98.15
CA PRO L 89 6.53 -41.13 -98.03
C PRO L 89 7.59 -40.99 -96.93
N LEU L 90 8.18 -39.80 -96.84
CA LEU L 90 9.21 -39.56 -95.82
C LEU L 90 8.64 -39.83 -94.42
N PRO L 91 9.41 -40.44 -93.52
CA PRO L 91 8.86 -40.87 -92.23
C PRO L 91 8.33 -39.72 -91.39
N HIS L 92 7.22 -39.99 -90.69
CA HIS L 92 6.56 -39.06 -89.77
C HIS L 92 6.37 -37.66 -90.37
N THR L 93 5.91 -37.62 -91.61
CA THR L 93 5.58 -36.37 -92.28
C THR L 93 4.09 -36.40 -92.65
N TYR L 94 3.48 -35.22 -92.72
CA TYR L 94 2.08 -35.15 -93.16
C TYR L 94 2.07 -35.35 -94.67
N VAL L 95 1.29 -36.33 -95.14
CA VAL L 95 1.25 -36.70 -96.56
C VAL L 95 0.18 -35.86 -97.25
N LEU L 96 0.61 -34.97 -98.17
CA LEU L 96 -0.35 -34.20 -98.94
C LEU L 96 -1.11 -35.08 -99.93
N LYS L 97 -0.43 -36.08 -100.51
CA LYS L 97 -1.04 -37.03 -101.47
C LYS L 97 -0.01 -38.10 -101.83
N ASP L 98 -0.41 -39.37 -101.73
CA ASP L 98 0.43 -40.50 -102.09
C ASP L 98 1.85 -40.36 -101.50
N LEU L 99 2.89 -40.05 -102.30
CA LEU L 99 4.26 -40.03 -101.80
C LEU L 99 4.79 -38.61 -101.65
N VAL L 100 3.92 -37.61 -101.68
CA VAL L 100 4.31 -36.20 -101.62
C VAL L 100 4.22 -35.71 -100.17
N PRO L 101 5.33 -35.55 -99.46
CA PRO L 101 5.27 -35.14 -98.04
C PRO L 101 4.93 -33.66 -97.86
N ASP L 102 4.75 -33.22 -96.62
CA ASP L 102 4.55 -31.81 -96.27
C ASP L 102 5.77 -31.33 -95.49
N LEU L 103 6.67 -30.62 -96.17
CA LEU L 103 7.94 -30.20 -95.59
C LEU L 103 7.96 -28.71 -95.29
N SER L 104 6.80 -28.13 -94.99
CA SER L 104 6.70 -26.71 -94.75
C SER L 104 7.43 -26.30 -93.47
N ASN L 105 7.37 -27.15 -92.45
CA ASN L 105 8.08 -26.86 -91.20
C ASN L 105 9.59 -26.82 -91.43
N PHE L 106 10.10 -27.73 -92.27
CA PHE L 106 11.52 -27.77 -92.59
C PHE L 106 11.96 -26.48 -93.28
N TYR L 107 11.15 -25.98 -94.20
CA TYR L 107 11.47 -24.72 -94.87
C TYR L 107 11.46 -23.55 -93.91
N ASN L 108 10.48 -23.53 -93.00
CA ASN L 108 10.40 -22.45 -92.01
C ASN L 108 11.59 -22.45 -91.07
N GLN L 109 11.98 -23.63 -90.58
CA GLN L 109 13.10 -23.71 -89.65
C GLN L 109 14.37 -23.19 -90.29
N TYR L 110 14.57 -23.49 -91.57
CA TYR L 110 15.75 -23.01 -92.28
C TYR L 110 15.76 -21.49 -92.39
N LYS L 111 14.61 -20.90 -92.69
CA LYS L 111 14.52 -19.44 -92.74
C LYS L 111 14.87 -18.83 -91.39
N SER L 112 14.68 -19.58 -90.31
CA SER L 112 14.95 -19.06 -88.97
C SER L 112 16.44 -18.79 -88.76
N ILE L 113 17.30 -19.66 -89.28
CA ILE L 113 18.74 -19.51 -89.04
C ILE L 113 19.33 -18.35 -89.83
N GLU L 114 18.52 -17.71 -90.68
CA GLU L 114 18.95 -16.59 -91.51
C GLU L 114 20.22 -16.96 -92.26
N PRO L 115 20.12 -17.82 -93.27
CA PRO L 115 21.31 -18.29 -94.01
C PRO L 115 21.74 -17.31 -95.10
N PHE L 116 22.18 -16.13 -94.68
CA PHE L 116 22.78 -15.16 -95.59
C PHE L 116 23.91 -14.45 -94.86
N LEU L 117 24.95 -14.11 -95.61
CA LEU L 117 26.15 -13.53 -95.01
C LEU L 117 25.82 -12.21 -94.34
N LYS L 118 26.32 -12.03 -93.12
CA LYS L 118 26.14 -10.80 -92.36
C LYS L 118 27.49 -10.18 -92.07
N ARG L 119 27.60 -8.89 -92.32
CA ARG L 119 28.82 -8.15 -92.03
C ARG L 119 28.48 -6.84 -91.34
N ARG L 120 29.37 -6.40 -90.46
CA ARG L 120 29.12 -5.19 -89.70
C ARG L 120 29.26 -3.95 -90.55
N ARG L 121 30.15 -3.97 -91.54
CA ARG L 121 30.39 -2.84 -92.41
C ARG L 121 29.97 -3.19 -93.83
N ALA L 122 29.19 -2.30 -94.45
CA ALA L 122 28.75 -2.52 -95.82
C ALA L 122 29.92 -2.34 -96.77
N LYS L 123 30.01 -3.24 -97.77
CA LYS L 123 31.11 -3.21 -98.73
C LYS L 123 31.42 -1.79 -99.17
N GLN L 124 32.62 -1.33 -98.86
CA GLN L 124 33.02 0.02 -99.21
C GLN L 124 33.07 0.16 -100.73
N PRO L 125 32.68 1.33 -101.28
CA PRO L 125 32.79 1.49 -102.74
C PRO L 125 34.22 1.33 -103.21
N GLY L 126 34.38 0.61 -104.33
CA GLY L 126 35.69 0.29 -104.84
C GLY L 126 36.31 -0.95 -104.26
N GLU L 127 35.52 -1.79 -103.61
CA GLU L 127 36.01 -3.01 -102.98
C GLU L 127 35.65 -4.22 -103.83
N LYS L 128 36.57 -5.18 -103.91
CA LYS L 128 36.40 -6.43 -104.63
C LYS L 128 35.91 -7.52 -103.67
N GLU L 129 36.18 -8.79 -103.97
CA GLU L 129 35.70 -9.89 -103.16
C GLU L 129 36.30 -9.89 -101.76
N TYR L 130 35.48 -10.27 -100.76
CA TYR L 130 35.97 -10.45 -99.41
C TYR L 130 37.00 -11.57 -99.37
N TYR L 131 38.14 -11.33 -98.72
CA TYR L 131 39.22 -12.29 -98.74
C TYR L 131 38.84 -13.56 -97.98
N GLN L 132 39.08 -14.71 -98.60
CA GLN L 132 39.02 -16.00 -97.93
C GLN L 132 40.14 -16.88 -98.48
N SER L 133 40.92 -17.49 -97.59
CA SER L 133 42.02 -18.34 -98.02
C SER L 133 41.48 -19.69 -98.51
N ILE L 134 42.35 -20.44 -99.20
CA ILE L 134 41.96 -21.78 -99.64
C ILE L 134 41.66 -22.65 -98.43
N GLU L 135 42.45 -22.50 -97.37
CA GLU L 135 42.25 -23.28 -96.16
C GLU L 135 40.91 -22.96 -95.51
N ASP L 136 40.57 -21.67 -95.45
CA ASP L 136 39.27 -21.29 -94.90
C ASP L 136 38.14 -21.83 -95.75
N ARG L 137 38.30 -21.79 -97.07
CA ARG L 137 37.28 -22.30 -97.97
C ARG L 137 37.14 -23.81 -97.82
N GLU L 138 38.25 -24.48 -97.46
CA GLU L 138 38.24 -25.93 -97.22
C GLU L 138 37.35 -26.29 -96.03
N LYS L 139 37.26 -25.40 -95.05
CA LYS L 139 36.44 -25.68 -93.87
C LYS L 139 34.97 -25.88 -94.25
N LEU L 140 34.49 -25.15 -95.25
CA LEU L 140 33.10 -25.20 -95.69
C LEU L 140 32.86 -26.26 -96.75
N ASP L 141 33.69 -27.31 -96.80
CA ASP L 141 33.63 -28.27 -97.90
C ASP L 141 32.41 -29.19 -97.80
N GLY L 142 32.29 -29.94 -96.72
CA GLY L 142 31.24 -30.92 -96.61
C GLY L 142 29.91 -30.39 -96.17
N MET L 143 29.81 -29.08 -95.95
CA MET L 143 28.60 -28.46 -95.44
C MET L 143 27.81 -27.67 -96.47
N TYR L 144 28.43 -27.24 -97.57
CA TYR L 144 27.78 -26.40 -98.56
C TYR L 144 27.16 -27.21 -99.70
N GLU L 145 27.26 -28.54 -99.63
CA GLU L 145 26.75 -29.41 -100.67
C GLU L 145 25.37 -29.98 -100.34
N CYS L 146 24.79 -29.57 -99.21
CA CYS L 146 23.50 -30.10 -98.79
C CYS L 146 22.40 -29.65 -99.75
N ASN L 147 21.65 -30.61 -100.29
CA ASN L 147 20.62 -30.33 -101.27
C ASN L 147 19.23 -30.22 -100.65
N LEU L 148 19.15 -30.20 -99.32
CA LEU L 148 17.89 -30.02 -98.60
C LEU L 148 16.89 -31.14 -98.92
N CYS L 149 17.40 -32.32 -99.25
CA CYS L 149 16.52 -33.46 -99.52
C CYS L 149 15.63 -33.75 -98.33
N ALA L 150 16.10 -33.46 -97.12
CA ALA L 150 15.36 -33.63 -95.87
C ALA L 150 15.29 -35.08 -95.44
N CYS L 151 16.19 -35.93 -95.94
CA CYS L 151 16.26 -37.31 -95.47
C CYS L 151 16.80 -37.36 -94.04
N CYS L 152 17.96 -36.72 -93.81
CA CYS L 152 18.52 -36.71 -92.47
C CYS L 152 17.52 -36.18 -91.46
N MET L 153 16.71 -35.21 -91.88
CA MET L 153 15.69 -34.65 -90.99
C MET L 153 14.68 -35.70 -90.57
N THR L 154 14.09 -36.39 -91.56
CA THR L 154 13.06 -37.39 -91.33
C THR L 154 13.64 -38.76 -91.00
N SER L 155 14.89 -38.83 -90.59
CA SER L 155 15.50 -40.04 -90.08
C SER L 155 15.94 -39.90 -88.64
N CYS L 156 15.90 -38.69 -88.10
CA CYS L 156 16.32 -38.45 -86.74
C CYS L 156 15.19 -38.79 -85.78
N PRO L 157 15.39 -39.73 -84.86
CA PRO L 157 14.33 -40.01 -83.88
C PRO L 157 13.96 -38.82 -83.04
N SER L 158 14.84 -37.84 -82.92
CA SER L 158 14.57 -36.64 -82.13
C SER L 158 13.73 -35.63 -82.89
N TYR L 159 13.73 -35.67 -84.22
CA TYR L 159 12.85 -34.82 -85.01
C TYR L 159 11.48 -35.46 -85.14
N TRP L 160 11.41 -36.79 -85.04
CA TRP L 160 10.13 -37.48 -85.01
C TRP L 160 9.33 -37.06 -83.79
N TRP L 161 10.00 -36.92 -82.64
CA TRP L 161 9.30 -36.67 -81.38
C TRP L 161 8.99 -35.20 -81.17
N ASN L 162 9.94 -34.31 -81.47
CA ASN L 162 9.77 -32.87 -81.25
C ASN L 162 10.04 -32.11 -82.54
N PRO L 163 9.20 -32.30 -83.56
CA PRO L 163 9.46 -31.64 -84.85
C PRO L 163 9.41 -30.13 -84.80
N GLU L 164 8.57 -29.54 -83.96
CA GLU L 164 8.36 -28.10 -83.96
C GLU L 164 9.27 -27.36 -82.99
N TYR L 165 10.14 -28.06 -82.28
CA TYR L 165 11.06 -27.45 -81.34
C TYR L 165 12.52 -27.70 -81.70
N TYR L 166 12.84 -28.87 -82.24
CA TYR L 166 14.20 -29.23 -82.64
C TYR L 166 14.43 -28.82 -84.10
N LEU L 167 15.51 -28.07 -84.34
CA LEU L 167 15.79 -27.57 -85.68
C LEU L 167 16.06 -28.71 -86.66
N GLY L 168 16.70 -29.79 -86.21
CA GLY L 168 16.92 -30.94 -87.03
C GLY L 168 18.33 -30.95 -87.62
N PRO L 169 18.78 -32.11 -88.12
CA PRO L 169 20.18 -32.20 -88.58
C PRO L 169 20.53 -31.24 -89.70
N ALA L 170 19.68 -31.14 -90.73
CA ALA L 170 20.01 -30.34 -91.90
C ALA L 170 20.14 -28.86 -91.55
N VAL L 171 19.17 -28.33 -90.79
CA VAL L 171 19.21 -26.91 -90.42
C VAL L 171 20.43 -26.64 -89.54
N LEU L 172 20.73 -27.55 -88.62
CA LEU L 172 21.85 -27.38 -87.71
C LEU L 172 23.18 -27.38 -88.46
N LEU L 173 23.33 -28.26 -89.45
CA LEU L 173 24.54 -28.26 -90.26
C LEU L 173 24.67 -26.96 -91.04
N GLN L 174 23.56 -26.44 -91.56
CA GLN L 174 23.58 -25.18 -92.28
C GLN L 174 23.95 -24.03 -91.35
N ALA L 175 23.51 -24.08 -90.11
CA ALA L 175 23.90 -23.07 -89.13
C ALA L 175 25.40 -23.13 -88.86
N TYR L 176 25.97 -24.34 -88.79
CA TYR L 176 27.42 -24.46 -88.62
C TYR L 176 28.16 -23.96 -89.85
N ARG L 177 27.55 -24.11 -91.04
CA ARG L 177 28.19 -23.63 -92.26
C ARG L 177 28.37 -22.12 -92.21
N TRP L 178 27.40 -21.40 -91.63
CA TRP L 178 27.48 -19.96 -91.52
C TRP L 178 28.24 -19.51 -90.28
N ILE L 179 28.37 -20.38 -89.28
CA ILE L 179 29.22 -20.10 -88.14
C ILE L 179 30.68 -20.39 -88.45
N ALA L 180 30.95 -21.18 -89.48
CA ALA L 180 32.30 -21.55 -89.88
C ALA L 180 32.81 -20.74 -91.06
N ASP L 181 31.98 -19.88 -91.65
CA ASP L 181 32.36 -19.10 -92.82
C ASP L 181 33.14 -17.87 -92.39
N SER L 182 34.46 -17.91 -92.61
CA SER L 182 35.35 -16.84 -92.15
C SER L 182 34.84 -15.45 -92.53
N ARG L 183 34.09 -15.34 -93.63
CA ARG L 183 33.62 -14.04 -94.08
C ARG L 183 32.49 -13.50 -93.21
N ASP L 184 31.70 -14.38 -92.59
CA ASP L 184 30.64 -13.94 -91.70
C ASP L 184 31.24 -13.31 -90.44
N GLU L 185 30.61 -12.24 -89.97
CA GLU L 185 31.12 -11.49 -88.82
C GLU L 185 30.18 -11.55 -87.62
N PHE L 186 29.13 -12.36 -87.69
CA PHE L 186 28.16 -12.51 -86.61
C PHE L 186 28.25 -13.90 -86.00
N THR L 187 29.47 -14.38 -85.77
CA THR L 187 29.67 -15.72 -85.21
C THR L 187 29.03 -15.84 -83.83
N THR L 188 29.26 -14.85 -82.97
CA THR L 188 28.75 -14.92 -81.61
C THR L 188 27.23 -14.87 -81.59
N GLU L 189 26.64 -14.02 -82.41
CA GLU L 189 25.18 -13.92 -82.43
C GLU L 189 24.55 -15.24 -82.84
N ARG L 190 25.10 -15.89 -83.87
CA ARG L 190 24.55 -17.16 -84.33
C ARG L 190 24.70 -18.24 -83.27
N MET L 191 25.86 -18.30 -82.61
CA MET L 191 26.06 -19.31 -81.58
C MET L 191 25.13 -19.07 -80.40
N ALA L 192 24.93 -17.81 -80.02
CA ALA L 192 24.05 -17.51 -78.90
C ALA L 192 22.62 -17.95 -79.19
N TRP L 193 22.13 -17.68 -80.40
CA TRP L 193 20.77 -18.07 -80.74
C TRP L 193 20.61 -19.58 -80.77
N ILE L 194 21.59 -20.29 -81.36
CA ILE L 194 21.48 -21.73 -81.50
C ILE L 194 21.67 -22.43 -80.16
N ASN L 195 22.23 -21.75 -79.17
CA ASN L 195 22.52 -22.35 -77.86
C ASN L 195 21.23 -22.43 -77.06
N ASP L 196 20.38 -23.37 -77.45
CA ASP L 196 19.11 -23.62 -76.79
C ASP L 196 18.93 -25.11 -76.58
N SER L 197 18.27 -25.47 -75.48
CA SER L 197 18.11 -26.88 -75.15
C SER L 197 17.29 -27.62 -76.21
N MET L 198 16.23 -26.98 -76.72
CA MET L 198 15.37 -27.64 -77.68
C MET L 198 15.96 -27.56 -79.09
N ARG L 199 16.54 -26.41 -79.46
CA ARG L 199 17.01 -26.24 -80.82
C ARG L 199 18.17 -27.17 -81.16
N LEU L 200 19.14 -27.32 -80.25
CA LEU L 200 20.38 -27.99 -80.56
C LEU L 200 20.60 -29.26 -79.76
N TYR L 201 20.45 -29.21 -78.45
CA TYR L 201 20.84 -30.32 -77.59
C TYR L 201 19.79 -31.43 -77.55
N ARG L 202 18.87 -31.48 -78.51
CA ARG L 202 18.00 -32.64 -78.64
C ARG L 202 18.64 -33.72 -79.50
N CYS L 203 19.80 -33.42 -80.10
CA CYS L 203 20.57 -34.42 -80.82
C CYS L 203 21.26 -35.34 -79.84
N HIS L 204 20.94 -36.63 -79.90
CA HIS L 204 21.49 -37.64 -79.01
C HIS L 204 22.51 -38.52 -79.71
N GLY L 205 22.95 -38.14 -80.90
CA GLY L 205 23.95 -38.89 -81.64
C GLY L 205 23.47 -40.25 -82.12
N ILE L 206 22.27 -40.31 -82.69
CA ILE L 206 21.77 -41.57 -83.24
C ILE L 206 22.55 -41.93 -84.49
N MET L 207 22.94 -40.93 -85.27
CA MET L 207 23.76 -41.06 -86.48
C MET L 207 22.95 -41.55 -87.66
N ASN L 208 21.62 -41.52 -87.59
CA ASN L 208 20.81 -41.88 -88.76
C ASN L 208 20.94 -40.83 -89.85
N CYS L 209 21.20 -39.57 -89.46
CA CYS L 209 21.32 -38.50 -90.44
C CYS L 209 22.51 -38.72 -91.36
N THR L 210 23.64 -39.17 -90.81
CA THR L 210 24.84 -39.40 -91.60
C THR L 210 24.71 -40.67 -92.44
N SER L 211 24.00 -41.66 -91.92
CA SER L 211 23.88 -42.94 -92.62
C SER L 211 23.01 -42.81 -93.87
N CYS L 212 21.97 -41.98 -93.82
CA CYS L 212 21.03 -41.85 -94.92
C CYS L 212 21.32 -40.68 -95.85
N CYS L 213 22.35 -39.88 -95.58
CA CYS L 213 22.56 -38.70 -96.40
C CYS L 213 22.86 -39.10 -97.84
N PRO L 214 22.08 -38.63 -98.80
CA PRO L 214 22.31 -39.03 -100.21
C PRO L 214 23.53 -38.40 -100.81
N LYS L 215 23.98 -37.27 -100.28
CA LYS L 215 25.14 -36.55 -100.80
C LYS L 215 26.41 -36.93 -100.06
N GLY L 216 26.35 -37.89 -99.15
CA GLY L 216 27.51 -38.35 -98.42
C GLY L 216 28.08 -37.35 -97.45
N LEU L 217 27.25 -36.47 -96.91
CA LEU L 217 27.67 -35.49 -95.93
C LEU L 217 27.51 -36.09 -94.51
N ASP L 218 28.06 -35.40 -93.51
CA ASP L 218 28.09 -35.90 -92.14
C ASP L 218 27.49 -34.86 -91.21
N PRO L 219 26.16 -34.74 -91.20
CA PRO L 219 25.53 -33.75 -90.30
C PRO L 219 25.82 -34.02 -88.83
N ALA L 220 25.97 -35.29 -88.45
CA ALA L 220 26.26 -35.62 -87.07
C ALA L 220 27.59 -35.04 -86.59
N LYS L 221 28.62 -35.11 -87.43
CA LYS L 221 29.93 -34.56 -87.07
C LYS L 221 29.84 -33.04 -86.90
N ALA L 222 29.09 -32.38 -87.77
CA ALA L 222 28.96 -30.94 -87.70
C ALA L 222 28.29 -30.49 -86.42
N ILE L 223 27.25 -31.22 -85.99
CA ILE L 223 26.53 -30.84 -84.78
C ILE L 223 27.43 -31.02 -83.56
N ALA L 224 28.26 -32.07 -83.57
CA ALA L 224 29.22 -32.27 -82.49
C ALA L 224 30.23 -31.14 -82.40
N LYS L 225 30.74 -30.69 -83.55
CA LYS L 225 31.67 -29.56 -83.54
C LYS L 225 30.99 -28.30 -83.03
N MET L 226 29.75 -28.05 -83.47
CA MET L 226 29.05 -26.84 -83.07
C MET L 226 28.77 -26.84 -81.57
N LYS L 227 28.51 -28.01 -80.98
CA LYS L 227 28.29 -28.09 -79.55
C LYS L 227 29.58 -27.84 -78.77
N ALA L 228 30.71 -28.32 -79.29
CA ALA L 228 31.98 -28.08 -78.63
C ALA L 228 32.37 -26.61 -78.68
N ALA L 229 32.18 -25.98 -79.84
CA ALA L 229 32.52 -24.57 -79.98
C ALA L 229 31.69 -23.70 -79.05
N ILE L 230 30.38 -23.99 -78.95
CA ILE L 230 29.52 -23.20 -78.09
C ILE L 230 29.93 -23.34 -76.63
N ALA L 231 30.21 -24.57 -76.20
CA ALA L 231 30.55 -24.80 -74.81
C ALA L 231 31.80 -24.04 -74.41
N ALA L 232 32.80 -24.00 -75.31
CA ALA L 232 34.05 -23.32 -74.98
C ALA L 232 33.91 -21.81 -75.02
N ALA L 233 33.03 -21.29 -75.87
CA ALA L 233 32.96 -19.85 -76.12
C ALA L 233 31.83 -19.16 -75.38
N TYR L 234 31.07 -19.86 -74.55
CA TYR L 234 29.94 -19.24 -73.88
C TYR L 234 30.39 -18.15 -72.92
N GLU L 235 29.63 -17.07 -72.88
CA GLU L 235 29.86 -15.95 -71.99
C GLU L 235 28.55 -15.55 -71.34
N PRO L 236 28.59 -14.94 -70.16
CA PRO L 236 27.34 -14.53 -69.51
C PRO L 236 26.52 -13.55 -70.33
N GLY L 237 27.15 -12.77 -71.20
CA GLY L 237 26.46 -11.73 -71.94
C GLY L 237 25.78 -12.18 -73.20
N TRP L 238 25.77 -13.49 -73.49
CA TRP L 238 25.19 -13.96 -74.74
C TRP L 238 23.69 -13.66 -74.81
N THR L 239 22.99 -13.80 -73.69
CA THR L 239 21.54 -13.55 -73.70
C THR L 239 21.24 -12.12 -74.12
N LYS L 240 22.01 -11.15 -73.62
CA LYS L 240 21.82 -9.77 -74.04
C LYS L 240 22.07 -9.61 -75.53
N ILE L 241 23.06 -10.34 -76.06
CA ILE L 241 23.37 -10.25 -77.48
C ILE L 241 22.17 -10.69 -78.31
N VAL L 242 21.53 -11.80 -77.92
CA VAL L 242 20.34 -12.27 -78.63
C VAL L 242 19.26 -11.20 -78.59
N ALA L 243 19.06 -10.58 -77.42
CA ALA L 243 18.01 -9.57 -77.31
C ALA L 243 18.27 -8.39 -78.23
N GLN L 244 19.53 -7.93 -78.30
CA GLN L 244 19.83 -6.78 -79.13
C GLN L 244 19.58 -7.08 -80.60
N GLU L 245 19.95 -8.26 -81.06
CA GLU L 245 19.66 -8.64 -82.43
C GLU L 245 18.16 -8.73 -82.68
N SER L 246 17.41 -9.20 -81.69
CA SER L 246 15.95 -9.25 -81.83
C SER L 246 15.38 -7.85 -82.05
N ILE L 247 15.92 -6.86 -81.33
CA ILE L 247 15.48 -5.49 -81.52
C ILE L 247 15.79 -5.02 -82.93
N ALA L 248 16.91 -5.49 -83.48
CA ALA L 248 17.30 -5.09 -84.84
C ALA L 248 16.33 -5.63 -85.89
N ASN L 249 15.64 -6.73 -85.59
CA ASN L 249 14.71 -7.35 -86.52
C ASN L 249 13.26 -6.89 -86.29
N LYS L 250 13.07 -5.77 -85.60
CA LYS L 250 11.74 -5.34 -85.20
C LYS L 250 10.85 -5.05 -86.40
N LYS L 251 11.41 -4.49 -87.47
CA LYS L 251 10.64 -4.05 -88.63
C LYS L 251 10.56 -5.11 -89.73
N ARG L 252 11.02 -6.33 -89.46
CA ARG L 252 10.95 -7.43 -90.42
C ARG L 252 9.50 -7.84 -90.67
N GLU L 253 9.26 -8.51 -91.79
CA GLU L 253 7.92 -8.98 -92.16
C GLU L 253 7.54 -10.24 -91.35
N SER L 254 6.32 -10.74 -91.54
CA SER L 254 5.77 -11.86 -90.76
C SER L 254 6.20 -13.23 -91.27
N GLY L 255 7.18 -13.82 -90.59
CA GLY L 255 7.78 -15.08 -90.99
C GLY L 255 8.86 -15.42 -89.97
N MET L 256 9.32 -16.67 -90.02
CA MET L 256 10.34 -17.11 -89.06
C MET L 256 11.59 -16.24 -89.20
N MET L 257 12.16 -15.84 -88.06
CA MET L 257 13.32 -14.95 -88.05
C MET L 257 14.09 -15.13 -86.73
N TYR L 258 15.29 -14.58 -86.69
CA TYR L 258 16.08 -14.53 -85.46
C TYR L 258 15.34 -13.67 -84.43
N ALA L 259 15.16 -14.22 -83.23
CA ALA L 259 14.44 -13.51 -82.16
C ALA L 259 14.78 -14.11 -80.80
N LYS M 1 -73.57 1.18 -15.77
CA LYS M 1 -72.48 0.76 -14.89
C LYS M 1 -71.16 1.43 -15.26
N ALA M 2 -70.25 1.50 -14.30
CA ALA M 2 -68.95 2.13 -14.50
C ALA M 2 -69.11 3.52 -15.08
N SER M 3 -70.07 4.27 -14.56
CA SER M 3 -70.28 5.65 -14.96
C SER M 3 -69.54 6.63 -14.07
N THR M 4 -69.11 6.20 -12.89
CA THR M 4 -68.35 7.03 -11.96
C THR M 4 -67.17 6.23 -11.44
N LEU M 5 -66.17 6.94 -10.94
CA LEU M 5 -65.03 6.25 -10.33
C LEU M 5 -65.48 5.32 -9.22
N ALA M 6 -66.56 5.67 -8.52
CA ALA M 6 -67.08 4.80 -7.49
C ALA M 6 -67.72 3.54 -8.09
N THR M 7 -68.45 3.70 -9.20
CA THR M 7 -69.09 2.57 -9.85
C THR M 7 -68.10 1.67 -10.56
N GLY M 8 -66.85 2.09 -10.71
CA GLY M 8 -65.84 1.30 -11.37
C GLY M 8 -65.36 1.84 -12.70
N LYS M 9 -65.68 3.08 -13.04
CA LYS M 9 -65.19 3.67 -14.27
C LYS M 9 -63.67 3.67 -14.30
N GLY M 10 -63.11 3.20 -15.41
CA GLY M 10 -61.68 3.19 -15.57
C GLY M 10 -60.97 2.00 -14.99
N ILE M 11 -61.69 1.05 -14.40
CA ILE M 11 -61.09 -0.15 -13.82
C ILE M 11 -61.19 -1.27 -14.85
N PRO M 12 -60.08 -1.73 -15.43
CA PRO M 12 -60.16 -2.76 -16.45
C PRO M 12 -60.90 -4.00 -15.96
N GLY M 13 -61.71 -4.57 -16.85
CA GLY M 13 -62.55 -5.69 -16.52
C GLY M 13 -63.81 -5.34 -15.77
N ILE M 14 -63.86 -4.16 -15.15
CA ILE M 14 -65.07 -3.66 -14.50
C ILE M 14 -65.75 -2.57 -15.33
N ASP M 15 -65.01 -1.88 -16.18
CA ASP M 15 -65.52 -0.84 -17.07
C ASP M 15 -65.84 -1.45 -18.43
N PRO M 16 -67.02 -1.19 -18.99
CA PRO M 16 -67.36 -1.83 -20.28
C PRO M 16 -66.43 -1.44 -21.41
N LYS M 17 -65.74 -0.31 -21.33
CA LYS M 17 -64.86 0.15 -22.40
C LYS M 17 -63.42 -0.29 -22.21
N LEU M 18 -63.11 -1.04 -21.15
CA LEU M 18 -61.75 -1.48 -20.87
C LEU M 18 -61.72 -3.00 -20.77
N PRO M 19 -60.94 -3.70 -21.58
CA PRO M 19 -60.85 -5.16 -21.45
C PRO M 19 -60.01 -5.58 -20.26
N THR M 20 -60.22 -6.82 -19.83
CA THR M 20 -59.40 -7.38 -18.77
C THR M 20 -57.95 -7.48 -19.19
N HIS M 21 -57.70 -7.93 -20.41
CA HIS M 21 -56.35 -8.07 -20.96
C HIS M 21 -56.29 -7.39 -22.31
N THR M 22 -55.07 -7.08 -22.74
CA THR M 22 -54.84 -6.37 -23.99
C THR M 22 -53.81 -7.12 -24.82
N PRO M 23 -54.15 -8.30 -25.31
CA PRO M 23 -53.24 -9.01 -26.21
C PRO M 23 -53.17 -8.32 -27.56
N PRO M 24 -52.03 -8.37 -28.23
CA PRO M 24 -51.95 -7.80 -29.58
C PRO M 24 -52.81 -8.58 -30.56
N ALA M 25 -53.53 -7.86 -31.41
CA ALA M 25 -54.37 -8.49 -32.41
C ALA M 25 -53.53 -9.10 -33.52
N SER M 26 -54.05 -10.17 -34.12
CA SER M 26 -53.33 -10.83 -35.20
C SER M 26 -53.38 -9.99 -36.47
N TYR M 27 -52.38 -10.19 -37.32
CA TYR M 27 -52.28 -9.51 -38.60
C TYR M 27 -51.91 -10.54 -39.66
N ASP M 28 -52.35 -10.29 -40.90
CA ASP M 28 -52.09 -11.21 -41.99
C ASP M 28 -51.05 -10.71 -42.98
N VAL M 29 -50.75 -9.42 -42.97
CA VAL M 29 -49.70 -8.83 -43.80
C VAL M 29 -48.72 -8.13 -42.87
N LEU M 30 -47.43 -8.24 -43.17
CA LEU M 30 -46.44 -7.50 -42.41
C LEU M 30 -46.56 -6.00 -42.71
N SER M 31 -45.98 -5.19 -41.83
CA SER M 31 -46.04 -3.75 -42.04
C SER M 31 -45.25 -3.30 -43.25
N SER M 32 -44.25 -4.09 -43.66
CA SER M 32 -43.54 -3.79 -44.91
C SER M 32 -44.46 -3.89 -46.11
N GLY M 33 -45.52 -4.66 -46.01
CA GLY M 33 -46.39 -4.98 -47.13
C GLY M 33 -46.25 -6.40 -47.62
N LYS M 34 -45.20 -7.09 -47.23
CA LYS M 34 -45.07 -8.50 -47.56
C LYS M 34 -46.15 -9.32 -46.85
N ALA M 35 -46.55 -10.41 -47.47
CA ALA M 35 -47.48 -11.32 -46.82
C ALA M 35 -46.79 -12.00 -45.64
N ARG M 36 -47.51 -12.10 -44.54
CA ARG M 36 -46.95 -12.72 -43.36
C ARG M 36 -46.63 -14.18 -43.65
N PRO M 37 -45.38 -14.62 -43.52
CA PRO M 37 -45.07 -16.03 -43.75
C PRO M 37 -45.81 -16.91 -42.76
N VAL M 38 -46.15 -18.12 -43.19
CA VAL M 38 -46.88 -19.08 -42.37
C VAL M 38 -46.11 -20.39 -42.34
N GLN M 39 -45.89 -20.91 -41.14
CA GLN M 39 -45.17 -22.16 -40.93
C GLN M 39 -46.02 -23.10 -40.08
N VAL M 40 -46.04 -24.37 -40.47
CA VAL M 40 -46.76 -25.42 -39.72
C VAL M 40 -45.72 -26.42 -39.22
N ALA M 41 -45.65 -26.59 -37.91
CA ALA M 41 -44.66 -27.47 -37.30
C ALA M 41 -45.21 -28.87 -37.12
N LYS M 42 -44.33 -29.86 -37.24
CA LYS M 42 -44.67 -31.25 -36.98
C LYS M 42 -43.70 -31.90 -36.00
N TRP M 43 -42.91 -31.11 -35.30
CA TRP M 43 -41.95 -31.56 -34.30
C TRP M 43 -41.89 -30.52 -33.20
N PRO M 44 -41.57 -30.91 -31.97
CA PRO M 44 -41.61 -29.95 -30.85
C PRO M 44 -40.57 -28.85 -31.01
N PRO M 45 -40.72 -27.73 -30.30
CA PRO M 45 -39.81 -26.59 -30.52
C PRO M 45 -38.37 -26.90 -30.09
N MET M 46 -37.43 -26.21 -30.73
CA MET M 46 -36.01 -26.42 -30.41
C MET M 46 -35.73 -26.02 -28.96
N PRO M 47 -34.82 -26.72 -28.29
CA PRO M 47 -34.69 -26.54 -26.82
C PRO M 47 -34.40 -25.12 -26.36
N GLY M 48 -33.50 -24.38 -27.02
CA GLY M 48 -33.18 -23.04 -26.59
C GLY M 48 -33.69 -21.94 -27.47
N GLY M 49 -34.52 -22.25 -28.46
CA GLY M 49 -34.85 -21.31 -29.50
C GLY M 49 -33.79 -21.24 -30.55
N VAL M 50 -32.76 -22.07 -30.44
CA VAL M 50 -31.59 -22.06 -31.30
C VAL M 50 -32.00 -22.15 -32.76
N PRO M 51 -31.72 -21.12 -33.56
CA PRO M 51 -32.02 -21.19 -34.99
C PRO M 51 -31.14 -22.21 -35.70
N LEU M 52 -31.66 -22.73 -36.81
CA LEU M 52 -30.90 -23.67 -37.62
C LEU M 52 -30.34 -22.99 -38.86
N PRO M 53 -29.15 -23.37 -39.31
CA PRO M 53 -28.57 -22.70 -40.49
C PRO M 53 -29.44 -22.83 -41.72
N LYS M 54 -29.43 -21.77 -42.53
CA LYS M 54 -30.25 -21.77 -43.74
C LYS M 54 -29.86 -22.90 -44.67
N GLY M 55 -28.55 -23.12 -44.85
CA GLY M 55 -28.11 -24.21 -45.70
C GLY M 55 -28.39 -25.57 -45.10
N GLY M 56 -28.43 -25.65 -43.78
CA GLY M 56 -28.60 -26.93 -43.12
C GLY M 56 -27.26 -27.57 -42.80
N ILE M 57 -27.31 -28.86 -42.50
CA ILE M 57 -26.07 -29.60 -42.25
C ILE M 57 -25.22 -29.63 -43.50
N GLY M 58 -25.86 -29.70 -44.67
CA GLY M 58 -25.10 -29.65 -45.91
C GLY M 58 -24.35 -28.33 -46.08
N GLY M 59 -24.99 -27.24 -45.68
CA GLY M 59 -24.34 -25.94 -45.77
C GLY M 59 -23.17 -25.80 -44.82
N VAL M 60 -23.20 -26.51 -43.70
CA VAL M 60 -22.07 -26.52 -42.79
C VAL M 60 -20.97 -27.43 -43.32
N TRP M 61 -21.34 -28.51 -43.99
CA TRP M 61 -20.35 -29.41 -44.58
C TRP M 61 -19.62 -28.74 -45.74
N ARG M 62 -20.36 -28.09 -46.62
CA ARG M 62 -19.73 -27.40 -47.74
C ARG M 62 -18.90 -26.22 -47.27
N GLY M 63 -19.41 -25.46 -46.30
CA GLY M 63 -18.68 -24.29 -45.83
C GLY M 63 -17.36 -24.65 -45.18
N ALA M 64 -17.31 -25.78 -44.49
CA ALA M 64 -16.08 -26.19 -43.81
C ALA M 64 -15.04 -26.66 -44.81
N PHE M 65 -15.46 -27.33 -45.88
CA PHE M 65 -14.53 -27.74 -46.92
C PHE M 65 -13.98 -26.55 -47.69
N GLU M 66 -14.80 -25.52 -47.88
CA GLU M 66 -14.34 -24.32 -48.55
C GLU M 66 -13.24 -23.60 -47.78
N VAL M 67 -13.28 -23.69 -46.45
CA VAL M 67 -12.26 -23.06 -45.61
C VAL M 67 -11.10 -24.00 -45.32
N ALA M 68 -11.23 -25.27 -45.70
CA ALA M 68 -10.17 -26.25 -45.53
C ALA M 68 -9.37 -26.46 -46.80
N SER M 69 -10.01 -26.30 -47.96
CA SER M 69 -9.36 -26.42 -49.26
C SER M 69 -9.02 -25.06 -49.84
N ALA M 70 -8.73 -24.09 -48.98
CA ALA M 70 -8.51 -22.72 -49.42
C ALA M 70 -7.10 -22.48 -49.95
N TYR M 71 -6.11 -23.24 -49.47
CA TYR M 71 -4.73 -22.95 -49.82
C TYR M 71 -4.43 -23.29 -51.28
N THR M 72 -3.69 -22.39 -51.93
CA THR M 72 -3.14 -22.62 -53.26
C THR M 72 -1.80 -21.90 -53.37
N ALA M 73 -0.96 -22.34 -54.30
CA ALA M 73 0.31 -21.69 -54.54
C ALA M 73 0.14 -20.39 -55.31
N LEU M 74 -1.01 -20.20 -55.95
CA LEU M 74 -1.30 -18.94 -56.62
C LEU M 74 -1.58 -17.82 -55.61
N ASN M 75 -1.89 -18.18 -54.37
CA ASN M 75 -2.09 -17.18 -53.33
C ASN M 75 -0.78 -16.69 -52.73
N LEU M 76 0.31 -17.42 -52.94
CA LEU M 76 1.59 -17.06 -52.37
C LEU M 76 2.12 -15.76 -53.00
N GLU M 77 2.89 -15.01 -52.22
CA GLU M 77 3.51 -13.80 -52.71
C GLU M 77 4.62 -14.14 -53.70
N ARG M 78 5.04 -13.13 -54.46
CA ARG M 78 6.02 -13.36 -55.51
C ARG M 78 7.38 -13.77 -54.93
N GLN M 79 7.82 -13.09 -53.88
CA GLN M 79 9.13 -13.40 -53.30
C GLN M 79 9.16 -14.82 -52.75
N ARG M 80 8.13 -15.20 -52.01
CA ARG M 80 8.11 -16.54 -51.43
C ARG M 80 7.99 -17.60 -52.50
N PHE M 81 7.25 -17.33 -53.57
CA PHE M 81 7.13 -18.28 -54.66
C PHE M 81 8.49 -18.61 -55.25
N ALA M 82 9.32 -17.61 -55.46
CA ALA M 82 10.65 -17.85 -56.00
C ALA M 82 11.57 -18.47 -54.97
N ASN M 83 11.48 -18.03 -53.72
CA ASN M 83 12.38 -18.54 -52.69
C ASN M 83 12.19 -20.04 -52.47
N ILE M 84 10.95 -20.51 -52.56
CA ILE M 84 10.70 -21.94 -52.43
C ILE M 84 11.40 -22.71 -53.53
N ILE M 85 11.32 -22.20 -54.76
CA ILE M 85 12.03 -22.83 -55.87
C ILE M 85 13.53 -22.77 -55.66
N ARG M 86 14.04 -21.60 -55.23
CA ARG M 86 15.47 -21.48 -55.00
C ARG M 86 15.94 -22.45 -53.92
N LEU M 87 15.20 -22.53 -52.82
CA LEU M 87 15.61 -23.41 -51.73
C LEU M 87 15.58 -24.86 -52.18
N GLY M 88 14.55 -25.25 -52.92
CA GLY M 88 14.49 -26.61 -53.44
C GLY M 88 15.64 -26.92 -54.37
N THR M 89 15.96 -25.98 -55.26
CA THR M 89 17.07 -26.19 -56.19
C THR M 89 18.39 -26.25 -55.45
N PHE M 90 18.53 -25.46 -54.39
CA PHE M 90 19.75 -25.49 -53.59
C PHE M 90 19.91 -26.83 -52.89
N CYS M 91 18.81 -27.37 -52.36
CA CYS M 91 18.83 -28.69 -51.76
C CYS M 91 19.37 -29.74 -52.73
N ARG M 92 18.79 -29.82 -53.92
CA ARG M 92 19.20 -30.86 -54.86
C ARG M 92 20.66 -30.73 -55.26
N VAL M 93 21.11 -29.51 -55.53
CA VAL M 93 22.44 -29.33 -56.08
C VAL M 93 23.50 -29.41 -55.00
N VAL M 94 23.35 -28.66 -53.91
CA VAL M 94 24.40 -28.51 -52.91
C VAL M 94 24.21 -29.47 -51.75
N ILE M 95 23.04 -29.47 -51.11
CA ILE M 95 22.86 -30.25 -49.87
C ILE M 95 22.90 -31.75 -50.16
N TRP M 96 22.13 -32.23 -51.14
CA TRP M 96 22.06 -33.67 -51.37
C TRP M 96 23.44 -34.30 -51.55
N PRO M 97 24.34 -33.76 -52.37
CA PRO M 97 25.67 -34.39 -52.50
C PRO M 97 26.51 -34.31 -51.23
N VAL M 98 26.31 -33.29 -50.37
CA VAL M 98 27.14 -33.13 -49.18
C VAL M 98 26.73 -34.12 -48.10
N ILE M 99 25.40 -34.37 -47.91
CA ILE M 99 24.93 -35.22 -46.82
C ILE M 99 25.65 -36.57 -46.83
N PRO M 100 25.75 -37.28 -47.94
CA PRO M 100 26.47 -38.56 -47.96
C PRO M 100 27.88 -38.47 -47.43
N LEU M 101 28.55 -37.32 -47.61
CA LEU M 101 29.94 -37.16 -47.19
C LEU M 101 30.02 -36.92 -45.68
N VAL M 102 29.10 -36.09 -45.15
CA VAL M 102 29.07 -35.83 -43.70
C VAL M 102 28.74 -37.14 -43.00
N GLY M 103 27.94 -37.98 -43.66
CA GLY M 103 27.57 -39.27 -43.10
C GLY M 103 28.73 -40.25 -43.04
N LEU M 104 29.64 -40.18 -44.02
CA LEU M 104 30.84 -41.00 -44.00
C LEU M 104 31.78 -40.58 -42.87
N PHE M 105 31.93 -39.27 -42.66
CA PHE M 105 32.75 -38.79 -41.55
C PHE M 105 32.28 -39.39 -40.24
N HIS M 106 30.98 -39.30 -39.97
CA HIS M 106 30.46 -39.77 -38.69
C HIS M 106 30.57 -41.29 -38.59
N TYR M 107 30.36 -42.00 -39.70
CA TYR M 107 30.50 -43.45 -39.66
C TYR M 107 31.90 -43.81 -39.17
N ILE M 108 32.92 -43.21 -39.79
CA ILE M 108 34.30 -43.52 -39.45
C ILE M 108 34.56 -43.18 -37.99
N ARG M 109 34.14 -41.99 -37.57
CA ARG M 109 34.40 -41.55 -36.21
C ARG M 109 33.73 -42.45 -35.20
N GLN M 110 32.52 -42.93 -35.52
CA GLN M 110 31.74 -43.73 -34.57
C GLN M 110 32.22 -45.18 -34.55
N ARG M 111 32.75 -45.66 -35.68
CA ARG M 111 33.25 -47.03 -35.74
C ARG M 111 34.65 -47.06 -35.15
N ASP M 112 35.35 -45.92 -35.21
CA ASP M 112 36.64 -45.77 -34.56
C ASP M 112 36.48 -45.82 -33.04
N ARG M 113 35.38 -45.27 -32.53
CA ARG M 113 35.09 -45.33 -31.11
C ARG M 113 34.75 -46.75 -30.69
N ASP M 114 33.98 -47.46 -31.53
CA ASP M 114 33.60 -48.84 -31.25
C ASP M 114 34.83 -49.75 -31.24
N TRP M 115 35.78 -49.52 -32.13
CA TRP M 115 36.93 -50.41 -32.25
C TRP M 115 37.99 -50.12 -31.18
N TYR M 116 38.27 -48.84 -30.91
CA TYR M 116 39.27 -48.52 -29.90
C TYR M 116 38.83 -48.95 -28.52
N ALA M 117 37.53 -49.05 -28.28
CA ALA M 117 37.05 -49.54 -27.01
C ALA M 117 37.40 -51.00 -26.80
N LEU M 118 37.35 -51.79 -27.88
CA LEU M 118 37.81 -53.17 -27.79
C LEU M 118 39.31 -53.21 -27.52
N GLU M 119 40.07 -52.34 -28.17
CA GLU M 119 41.51 -52.29 -27.94
C GLU M 119 41.84 -51.85 -26.53
N LEU M 120 41.12 -50.86 -26.01
CA LEU M 120 41.30 -50.46 -24.63
C LEU M 120 41.05 -51.63 -23.69
N LEU M 121 40.00 -52.41 -23.96
CA LEU M 121 39.65 -53.52 -23.09
C LEU M 121 40.76 -54.57 -23.08
N ARG M 122 41.33 -54.86 -24.25
CA ARG M 122 42.37 -55.88 -24.34
C ARG M 122 43.63 -55.42 -23.62
N SER M 123 43.98 -54.14 -23.76
CA SER M 123 45.18 -53.64 -23.09
C SER M 123 45.02 -53.69 -21.58
N ARG M 124 43.86 -53.29 -21.06
CA ARG M 124 43.64 -53.37 -19.62
C ARG M 124 43.67 -54.82 -19.15
N CYS M 125 43.11 -55.73 -19.96
CA CYS M 125 43.11 -57.15 -19.61
C CYS M 125 44.50 -57.76 -19.72
N LYS M 126 45.38 -57.17 -20.53
CA LYS M 126 46.74 -57.67 -20.75
C LYS M 126 46.72 -59.10 -21.24
N SER M 127 45.84 -59.38 -22.21
CA SER M 127 45.67 -60.73 -22.74
C SER M 127 45.98 -60.72 -24.24
N GLU M 128 46.66 -61.77 -24.70
CA GLU M 128 46.95 -61.97 -26.12
C GLU M 128 46.00 -62.96 -26.76
N ASP M 129 44.94 -63.34 -26.07
CA ASP M 129 43.93 -64.27 -26.61
C ASP M 129 42.93 -63.46 -27.45
N CYS M 130 43.40 -63.03 -28.61
CA CYS M 130 42.63 -62.13 -29.46
C CYS M 130 41.23 -62.67 -29.71
N ALA M 131 41.14 -63.96 -30.04
CA ALA M 131 39.84 -64.54 -30.37
C ALA M 131 38.84 -64.36 -29.24
N ALA M 132 39.31 -64.31 -27.99
CA ALA M 132 38.40 -64.08 -26.88
C ALA M 132 37.69 -62.73 -27.02
N PHE M 133 38.43 -61.73 -27.54
CA PHE M 133 37.91 -60.38 -27.64
C PHE M 133 37.10 -60.23 -28.93
N TYR M 134 37.69 -60.61 -30.08
CA TYR M 134 36.96 -60.60 -31.33
C TYR M 134 37.47 -61.74 -32.20
N ASP M 135 36.61 -62.72 -32.47
CA ASP M 135 36.93 -63.83 -33.34
C ASP M 135 36.40 -63.52 -34.74
N TRP M 136 37.30 -63.45 -35.70
CA TRP M 136 36.92 -63.06 -37.06
C TRP M 136 36.38 -64.20 -37.88
N THR M 137 36.40 -65.43 -37.36
CA THR M 137 35.89 -66.58 -38.08
C THR M 137 34.42 -66.84 -37.80
N MET M 138 33.79 -66.08 -36.91
CA MET M 138 32.42 -66.35 -36.56
C MET M 138 31.46 -65.52 -37.41
N PRO M 139 30.29 -66.06 -37.73
CA PRO M 139 29.38 -65.38 -38.65
C PRO M 139 28.83 -64.08 -38.08
N GLY M 140 28.60 -63.13 -38.98
CA GLY M 140 27.95 -61.89 -38.61
C GLY M 140 28.71 -61.13 -37.55
N SER M 141 27.98 -60.62 -36.57
CA SER M 141 28.56 -59.87 -35.47
C SER M 141 28.89 -60.74 -34.26
N SER M 142 28.75 -62.06 -34.39
CA SER M 142 28.96 -62.95 -33.26
C SER M 142 30.39 -62.95 -32.75
N GLY M 143 31.34 -62.39 -33.52
CA GLY M 143 32.72 -62.41 -33.09
C GLY M 143 32.97 -61.60 -31.83
N HIS M 144 32.24 -60.49 -31.66
CA HIS M 144 32.46 -59.64 -30.50
C HIS M 144 32.25 -60.41 -29.22
N TRP M 145 33.12 -60.13 -28.24
CA TRP M 145 33.11 -60.86 -26.97
C TRP M 145 31.72 -60.92 -26.35
N ARG M 146 31.01 -59.78 -26.34
CA ARG M 146 29.66 -59.75 -25.75
C ARG M 146 28.71 -60.68 -26.49
N MET M 147 28.75 -60.67 -27.82
CA MET M 147 27.89 -61.55 -28.60
C MET M 147 28.24 -63.01 -28.35
N GLN M 148 29.53 -63.31 -28.22
CA GLN M 148 29.92 -64.68 -27.89
C GLN M 148 29.33 -65.09 -26.55
N ASN M 149 29.34 -64.21 -25.56
CA ASN M 149 28.77 -64.53 -24.27
C ASN M 149 27.28 -64.76 -24.36
N ASP M 150 26.58 -63.96 -25.17
CA ASP M 150 25.15 -64.18 -25.36
C ASP M 150 24.87 -65.56 -25.91
N LEU M 151 25.65 -65.98 -26.91
CA LEU M 151 25.47 -67.32 -27.46
C LEU M 151 25.75 -68.39 -26.42
N GLU M 152 26.76 -68.16 -25.58
CA GLU M 152 27.06 -69.14 -24.52
C GLU M 152 25.90 -69.26 -23.56
N ILE M 153 25.31 -68.13 -23.16
CA ILE M 153 24.15 -68.18 -22.27
C ILE M 153 23.03 -68.98 -22.91
N ILE M 154 22.79 -68.74 -24.20
CA ILE M 154 21.75 -69.46 -24.91
C ILE M 154 22.04 -70.96 -24.92
N ARG M 155 23.29 -71.33 -25.20
CA ARG M 155 23.63 -72.75 -25.25
C ARG M 155 23.43 -73.39 -23.88
N ARG M 156 23.91 -72.73 -22.82
CA ARG M 156 23.82 -73.32 -21.50
C ARG M 156 22.37 -73.54 -21.08
N ALA M 157 21.51 -72.55 -21.33
CA ALA M 157 20.12 -72.67 -20.92
C ALA M 157 19.38 -73.72 -21.73
N ALA M 158 19.60 -73.76 -23.03
CA ALA M 158 18.84 -74.67 -23.88
C ALA M 158 19.28 -76.11 -23.69
N ASN M 159 20.58 -76.36 -23.65
CA ASN M 159 21.08 -77.71 -23.53
C ASN M 159 21.01 -78.18 -22.07
N VAL M 160 20.96 -79.49 -21.91
CA VAL M 160 20.92 -80.11 -20.59
C VAL M 160 22.32 -80.54 -20.20
N ALA N 1 19.61 -86.66 -48.27
CA ALA N 1 18.98 -87.48 -47.22
C ALA N 1 17.82 -86.71 -46.58
N ASN N 2 17.42 -87.11 -45.38
CA ASN N 2 16.35 -86.42 -44.66
C ASN N 2 16.91 -85.24 -43.87
N LEU N 3 16.17 -84.13 -43.89
CA LEU N 3 16.49 -82.97 -43.07
C LEU N 3 15.45 -82.83 -41.97
N LEU N 4 15.86 -82.24 -40.84
CA LEU N 4 14.99 -82.04 -39.69
C LEU N 4 15.13 -80.60 -39.21
N LEU N 5 14.05 -79.83 -39.34
CA LEU N 5 14.01 -78.47 -38.83
C LEU N 5 13.41 -78.49 -37.43
N VAL N 6 14.14 -77.97 -36.47
CA VAL N 6 13.72 -77.99 -35.07
C VAL N 6 13.73 -76.55 -34.58
N PRO N 7 12.97 -76.26 -33.51
CA PRO N 7 13.08 -74.93 -32.90
C PRO N 7 14.52 -74.65 -32.50
N SER N 8 14.94 -73.41 -32.69
CA SER N 8 16.31 -73.06 -32.33
C SER N 8 16.44 -72.89 -30.82
N ASP N 9 17.68 -72.73 -30.36
CA ASP N 9 17.92 -72.61 -28.93
C ASP N 9 17.25 -71.38 -28.37
N ILE N 10 17.24 -70.28 -29.12
CA ILE N 10 16.57 -69.07 -28.66
C ILE N 10 15.07 -69.33 -28.51
N THR N 11 14.49 -70.09 -29.44
CA THR N 11 13.08 -70.44 -29.32
C THR N 11 12.82 -71.28 -28.10
N ILE N 12 13.71 -72.24 -27.82
CA ILE N 12 13.55 -73.10 -26.65
C ILE N 12 13.52 -72.26 -25.38
N ILE N 13 14.45 -71.32 -25.26
CA ILE N 13 14.50 -70.48 -24.06
C ILE N 13 13.27 -69.60 -23.97
N GLU N 14 12.85 -69.01 -25.10
CA GLU N 14 11.68 -68.15 -25.08
C GLU N 14 10.44 -68.91 -24.66
N GLU N 15 10.32 -70.19 -25.04
CA GLU N 15 9.17 -70.97 -24.66
C GLU N 15 9.21 -71.33 -23.18
N LYS N 16 10.41 -71.59 -22.65
CA LYS N 16 10.54 -71.93 -21.24
C LYS N 16 10.18 -70.76 -20.35
N ASN N 17 10.56 -69.55 -20.75
CA ASN N 17 10.44 -68.39 -19.89
C ASN N 17 9.13 -67.66 -20.04
N LYS N 18 8.38 -67.89 -21.11
CA LYS N 18 7.16 -67.13 -21.33
C LYS N 18 6.25 -67.23 -20.12
N ILE N 19 5.86 -66.08 -19.58
CA ILE N 19 5.05 -66.04 -18.36
C ILE N 19 3.56 -66.05 -18.69
N ALA N 20 3.18 -65.47 -19.83
CA ALA N 20 1.78 -65.35 -20.23
C ALA N 20 1.76 -64.91 -21.70
N LYS N 21 0.57 -64.60 -22.21
CA LYS N 21 0.42 -64.02 -23.54
C LYS N 21 0.65 -62.52 -23.46
N ARG N 22 0.96 -61.91 -24.61
CA ARG N 22 1.23 -60.49 -24.70
C ARG N 22 0.31 -59.88 -25.76
N ARG N 23 -0.48 -58.90 -25.34
CA ARG N 23 -1.35 -58.19 -26.28
C ARG N 23 -0.53 -57.61 -27.42
N ILE N 24 -0.93 -57.93 -28.65
CA ILE N 24 -0.32 -57.34 -29.83
C ILE N 24 -0.98 -55.99 -30.08
N ARG N 25 -0.15 -54.95 -30.24
CA ARG N 25 -0.68 -53.62 -30.46
C ARG N 25 -1.18 -53.46 -31.90
N LEU N 26 -1.88 -52.35 -32.15
CA LEU N 26 -2.50 -52.15 -33.46
C LEU N 26 -1.45 -52.05 -34.56
N LEU N 27 -0.37 -51.29 -34.31
CA LEU N 27 0.65 -51.11 -35.33
C LEU N 27 1.43 -52.40 -35.57
N GLU N 28 1.61 -53.20 -34.54
CA GLU N 28 2.26 -54.50 -34.72
C GLU N 28 1.41 -55.40 -35.60
N LYS N 29 0.10 -55.41 -35.37
CA LYS N 29 -0.79 -56.19 -36.22
C LYS N 29 -0.68 -55.75 -37.68
N THR N 30 -0.81 -54.45 -37.93
CA THR N 30 -0.75 -53.96 -39.30
C THR N 30 0.61 -54.22 -39.92
N GLY N 31 1.68 -54.02 -39.15
CA GLY N 31 3.00 -54.26 -39.69
C GLY N 31 3.20 -55.69 -40.13
N LEU N 32 2.76 -56.64 -39.30
CA LEU N 32 2.86 -58.06 -39.68
C LEU N 32 2.04 -58.32 -40.93
N ALA N 33 0.83 -57.75 -41.02
CA ALA N 33 -0.02 -57.99 -42.17
C ALA N 33 0.62 -57.43 -43.45
N LEU N 34 1.19 -56.24 -43.37
CA LEU N 34 1.79 -55.60 -44.54
C LEU N 34 3.17 -56.17 -44.87
N MET N 35 3.63 -57.18 -44.15
CA MET N 35 4.95 -57.77 -44.39
C MET N 35 4.88 -58.76 -45.54
N PHE N 36 5.80 -58.63 -46.50
CA PHE N 36 5.83 -59.53 -47.64
C PHE N 36 6.05 -60.97 -47.15
N PRO N 37 5.49 -61.96 -47.85
CA PRO N 37 5.81 -63.35 -47.52
C PRO N 37 7.26 -63.66 -47.89
N VAL N 38 7.81 -64.72 -47.27
CA VAL N 38 9.17 -65.16 -47.55
C VAL N 38 9.13 -66.62 -47.99
N PHE N 39 9.70 -66.91 -49.17
CA PHE N 39 9.80 -68.28 -49.67
C PHE N 39 11.09 -68.89 -49.15
N HIS N 40 10.97 -69.94 -48.35
CA HIS N 40 12.13 -70.54 -47.69
C HIS N 40 12.68 -71.67 -48.54
N TRP N 41 13.45 -71.31 -49.57
CA TRP N 41 14.19 -72.31 -50.31
C TRP N 41 15.12 -73.04 -49.36
N ARG N 42 15.78 -72.28 -48.50
CA ARG N 42 16.53 -72.75 -47.35
C ARG N 42 16.15 -71.86 -46.19
N TYR N 43 16.23 -72.37 -44.97
CA TYR N 43 15.78 -71.62 -43.80
C TYR N 43 16.98 -70.94 -43.15
N SER N 44 17.04 -69.62 -43.24
CA SER N 44 18.05 -68.84 -42.54
C SER N 44 17.56 -67.52 -41.95
N LYS N 45 16.34 -67.07 -42.25
CA LYS N 45 15.84 -65.76 -41.85
C LYS N 45 14.46 -65.88 -41.21
N LEU N 46 14.10 -64.89 -40.40
CA LEU N 46 12.80 -64.88 -39.73
C LEU N 46 11.73 -64.33 -40.68
N ASP N 47 10.53 -64.90 -40.60
CA ASP N 47 9.38 -64.47 -41.39
C ASP N 47 8.30 -63.92 -40.48
N LYS N 48 7.19 -63.49 -41.09
CA LYS N 48 6.12 -62.86 -40.33
C LYS N 48 5.52 -63.80 -39.30
N HIS N 49 5.50 -65.11 -39.59
CA HIS N 49 4.93 -66.05 -38.64
C HIS N 49 5.82 -66.21 -37.42
N ASP N 50 7.14 -66.33 -37.64
CA ASP N 50 8.05 -66.41 -36.50
C ASP N 50 7.99 -65.13 -35.68
N MET N 51 7.89 -63.98 -36.35
CA MET N 51 7.86 -62.71 -35.63
C MET N 51 6.61 -62.60 -34.75
N TYR N 52 5.47 -63.07 -35.25
CA TYR N 52 4.27 -63.04 -34.42
C TYR N 52 4.45 -63.85 -33.15
N ASN N 53 4.98 -65.05 -33.28
CA ASN N 53 5.21 -65.89 -32.10
C ASN N 53 6.06 -65.16 -31.07
N ILE N 54 7.13 -64.50 -31.52
CA ILE N 54 7.99 -63.76 -30.62
C ILE N 54 7.20 -62.66 -29.91
N LEU N 55 6.35 -61.96 -30.65
CA LEU N 55 5.62 -60.83 -30.09
C LEU N 55 4.40 -61.25 -29.28
N ARG N 56 3.93 -62.48 -29.43
CA ARG N 56 2.76 -62.95 -28.70
C ARG N 56 3.10 -63.52 -27.33
N ARG N 57 4.37 -63.82 -27.07
CA ARG N 57 4.81 -64.26 -25.76
C ARG N 57 5.00 -63.05 -24.83
N LYS N 58 4.98 -63.33 -23.53
CA LYS N 58 5.15 -62.31 -22.50
C LYS N 58 6.22 -62.76 -21.52
N PHE N 59 7.08 -61.82 -21.10
CA PHE N 59 8.17 -62.12 -20.19
C PHE N 59 8.13 -61.15 -19.01
N ASP N 60 8.71 -61.59 -17.89
CA ASP N 60 8.71 -60.78 -16.66
C ASP N 60 9.64 -59.58 -16.83
N PRO N 61 9.14 -58.34 -16.73
CA PRO N 61 10.01 -57.18 -17.00
C PRO N 61 11.10 -56.96 -15.98
N SER N 62 11.00 -57.56 -14.80
CA SER N 62 11.99 -57.37 -13.75
C SER N 62 12.99 -58.50 -13.65
N ALA N 63 12.61 -59.70 -14.10
CA ALA N 63 13.46 -60.87 -14.05
C ALA N 63 14.91 -60.51 -14.35
N SER N 64 15.82 -60.92 -13.47
CA SER N 64 17.23 -60.62 -13.62
C SER N 64 18.01 -61.77 -14.24
N ASP N 65 17.34 -62.86 -14.61
CA ASP N 65 18.02 -63.97 -15.25
C ASP N 65 18.63 -63.51 -16.57
N PRO N 66 19.91 -63.76 -16.82
CA PRO N 66 20.50 -63.35 -18.10
C PRO N 66 19.76 -63.90 -19.30
N ALA N 67 19.28 -65.15 -19.22
CA ALA N 67 18.57 -65.74 -20.34
C ALA N 67 17.32 -64.95 -20.68
N ILE N 68 16.52 -64.61 -19.66
CA ILE N 68 15.29 -63.85 -19.90
C ILE N 68 15.61 -62.50 -20.52
N ASP N 69 16.71 -61.89 -20.09
CA ASP N 69 17.11 -60.60 -20.63
C ASP N 69 17.36 -60.68 -22.12
N ILE N 70 18.02 -61.75 -22.57
CA ILE N 70 18.23 -61.96 -24.01
C ILE N 70 16.89 -62.03 -24.73
N CYS N 71 15.94 -62.78 -24.16
CA CYS N 71 14.63 -62.93 -24.80
C CYS N 71 13.93 -61.58 -24.94
N ARG N 72 13.96 -60.77 -23.87
CA ARG N 72 13.32 -59.46 -23.93
C ARG N 72 14.00 -58.57 -24.94
N ARG N 73 15.33 -58.58 -24.98
CA ARG N 73 16.07 -57.81 -25.97
C ARG N 73 15.67 -58.21 -27.38
N ARG N 74 15.59 -59.52 -27.64
CA ARG N 74 15.18 -60.01 -28.95
C ARG N 74 13.77 -59.56 -29.29
N GLN N 75 12.85 -59.71 -28.35
CA GLN N 75 11.46 -59.32 -28.60
C GLN N 75 11.35 -57.84 -28.92
N GLU N 76 12.18 -57.01 -28.29
CA GLU N 76 12.16 -55.59 -28.58
C GLU N 76 12.72 -55.29 -29.97
N SER N 77 13.76 -56.02 -30.37
CA SER N 77 14.31 -55.84 -31.71
C SER N 77 13.34 -56.31 -32.78
N VAL N 78 12.58 -57.36 -32.49
CA VAL N 78 11.57 -57.84 -33.43
C VAL N 78 10.42 -56.84 -33.51
N ARG N 79 10.06 -56.22 -32.39
CA ARG N 79 8.97 -55.25 -32.40
C ARG N 79 9.32 -54.05 -33.25
N ARG N 80 10.55 -53.54 -33.13
CA ARG N 80 10.95 -52.39 -33.94
C ARG N 80 10.92 -52.73 -35.41
N ARG N 81 11.30 -53.96 -35.76
CA ARG N 81 11.24 -54.39 -37.16
C ARG N 81 9.80 -54.43 -37.66
N VAL N 82 8.88 -54.97 -36.85
CA VAL N 82 7.52 -55.16 -37.31
C VAL N 82 6.82 -53.83 -37.52
N ILE N 83 6.90 -52.93 -36.54
CA ILE N 83 6.20 -51.67 -36.66
C ILE N 83 6.81 -50.81 -37.75
N ALA N 84 8.06 -51.07 -38.12
CA ALA N 84 8.69 -50.33 -39.21
C ALA N 84 8.07 -50.65 -40.56
N GLN N 85 7.44 -51.80 -40.70
CA GLN N 85 6.82 -52.19 -41.96
C GLN N 85 5.58 -51.37 -42.28
N ASN N 86 5.08 -50.58 -41.33
CA ASN N 86 3.87 -49.80 -41.55
C ASN N 86 4.10 -48.60 -42.46
N GLY N 87 5.35 -48.25 -42.74
CA GLY N 87 5.65 -47.08 -43.54
C GLY N 87 5.76 -47.33 -45.02
N LEU N 88 5.88 -48.59 -45.43
CA LEU N 88 6.03 -48.90 -46.85
C LEU N 88 4.76 -48.56 -47.62
N LEU N 89 3.61 -49.04 -47.15
CA LEU N 89 2.37 -48.80 -47.86
C LEU N 89 2.05 -47.31 -47.99
N PRO N 90 2.09 -46.50 -46.93
CA PRO N 90 1.90 -45.06 -47.13
C PRO N 90 2.82 -44.49 -48.17
N GLY N 91 4.09 -44.90 -48.16
CA GLY N 91 5.04 -44.36 -49.11
C GLY N 91 4.69 -44.71 -50.55
N LEU N 92 4.36 -45.98 -50.79
CA LEU N 92 4.05 -46.41 -52.15
C LEU N 92 2.78 -45.76 -52.66
N LEU N 93 1.79 -45.59 -51.79
CA LEU N 93 0.53 -44.97 -52.20
C LEU N 93 0.75 -43.52 -52.61
N LEU N 94 1.42 -42.75 -51.75
CA LEU N 94 1.73 -41.36 -52.07
C LEU N 94 2.73 -41.27 -53.21
N GLY N 95 3.58 -42.27 -53.36
CA GLY N 95 4.57 -42.28 -54.42
C GLY N 95 4.02 -42.55 -55.79
N VAL N 96 2.76 -42.93 -55.89
CA VAL N 96 2.05 -43.09 -57.15
C VAL N 96 0.99 -42.01 -57.32
N SER N 97 0.21 -41.77 -56.27
CA SER N 97 -0.91 -40.83 -56.36
C SER N 97 -0.43 -39.42 -56.63
N LEU N 98 0.50 -38.92 -55.82
CA LEU N 98 0.97 -37.55 -56.02
C LEU N 98 1.57 -37.36 -57.40
N PRO N 99 2.47 -38.21 -57.89
CA PRO N 99 2.93 -38.07 -59.28
C PRO N 99 1.82 -38.18 -60.31
N TRP N 100 0.87 -39.10 -60.11
CA TRP N 100 -0.18 -39.28 -61.11
C TRP N 100 -1.07 -38.05 -61.21
N TRP N 101 -1.45 -37.46 -60.07
CA TRP N 101 -2.23 -36.25 -60.09
C TRP N 101 -1.49 -35.13 -60.81
N SER N 102 -0.18 -35.06 -60.62
CA SER N 102 0.61 -33.99 -61.23
C SER N 102 0.71 -34.16 -62.74
N LEU N 103 0.80 -35.41 -63.20
CA LEU N 103 0.88 -35.71 -64.63
C LEU N 103 -0.47 -36.16 -65.19
N ARG N 104 -1.57 -35.78 -64.54
CA ARG N 104 -2.88 -36.26 -64.94
C ARG N 104 -3.29 -35.71 -66.30
N ARG N 105 -2.79 -34.54 -66.67
CA ARG N 105 -3.12 -33.92 -67.95
C ARG N 105 -2.12 -34.24 -69.04
N TYR N 106 -1.10 -35.05 -68.76
CA TYR N 106 -0.07 -35.39 -69.71
C TYR N 106 -0.38 -36.75 -70.36
N ASN N 107 0.36 -37.07 -71.42
CA ASN N 107 0.05 -38.22 -72.25
C ASN N 107 0.39 -39.52 -71.51
N TYR N 108 -0.04 -40.64 -72.09
CA TYR N 108 0.16 -41.94 -71.44
C TYR N 108 1.64 -42.25 -71.30
N GLN N 109 2.43 -41.95 -72.32
CA GLN N 109 3.85 -42.24 -72.28
C GLN N 109 4.50 -41.63 -71.04
N SER N 110 4.10 -40.42 -70.67
CA SER N 110 4.73 -39.75 -69.54
C SER N 110 4.43 -40.45 -68.22
N LYS N 111 3.22 -40.98 -68.08
CA LYS N 111 2.88 -41.72 -66.87
C LYS N 111 3.63 -43.04 -66.80
N LEU N 112 3.81 -43.71 -67.94
CA LEU N 112 4.57 -44.95 -67.94
C LEU N 112 6.03 -44.70 -67.58
N ILE N 113 6.58 -43.59 -68.04
CA ILE N 113 7.98 -43.29 -67.77
C ILE N 113 8.17 -42.93 -66.30
N VAL N 114 7.29 -42.12 -65.75
CA VAL N 114 7.54 -41.48 -64.46
C VAL N 114 7.01 -42.32 -63.30
N LEU N 115 5.75 -42.76 -63.39
CA LEU N 115 5.11 -43.38 -62.23
C LEU N 115 5.88 -44.57 -61.68
N PRO N 116 6.39 -45.49 -62.49
CA PRO N 116 7.13 -46.63 -61.91
C PRO N 116 8.30 -46.20 -61.03
N PHE N 117 9.03 -45.17 -61.43
CA PHE N 117 10.20 -44.77 -60.66
C PHE N 117 9.79 -44.03 -59.38
N CYS N 118 8.81 -43.14 -59.47
CA CYS N 118 8.35 -42.42 -58.29
C CYS N 118 7.73 -43.37 -57.27
N ALA N 119 7.12 -44.46 -57.75
CA ALA N 119 6.55 -45.44 -56.85
C ALA N 119 7.61 -46.10 -55.99
N TYR N 120 8.69 -46.57 -56.63
CA TYR N 120 9.78 -47.18 -55.89
C TYR N 120 10.45 -46.17 -54.97
N PHE N 121 10.64 -44.93 -55.45
CA PHE N 121 11.22 -43.90 -54.61
C PHE N 121 10.34 -43.59 -53.42
N GLY N 122 9.03 -43.49 -53.64
CA GLY N 122 8.13 -43.23 -52.52
C GLY N 122 8.11 -44.37 -51.53
N ALA N 123 8.15 -45.59 -52.02
CA ALA N 123 8.20 -46.75 -51.15
C ALA N 123 9.49 -46.79 -50.36
N ILE N 124 10.61 -46.47 -51.00
CA ILE N 124 11.89 -46.41 -50.32
C ILE N 124 11.87 -45.32 -49.26
N CYS N 125 11.38 -44.13 -49.62
CA CYS N 125 11.28 -43.05 -48.65
C CYS N 125 10.41 -43.45 -47.47
N GLY N 126 9.30 -44.14 -47.75
CA GLY N 126 8.45 -44.61 -46.66
C GLY N 126 9.14 -45.62 -45.78
N ARG N 127 9.90 -46.53 -46.38
CA ARG N 127 10.64 -47.51 -45.60
C ARG N 127 11.70 -46.84 -44.73
N ILE N 128 12.42 -45.87 -45.29
CA ILE N 128 13.41 -45.14 -44.51
C ILE N 128 12.73 -44.46 -43.32
N ALA N 129 11.62 -43.79 -43.59
CA ALA N 129 10.90 -43.09 -42.52
C ALA N 129 10.41 -44.07 -41.46
N GLY N 130 9.88 -45.22 -41.89
CA GLY N 130 9.37 -46.18 -40.92
C GLY N 130 10.46 -46.79 -40.06
N HIS N 131 11.54 -47.24 -40.69
CA HIS N 131 12.65 -47.79 -39.92
C HIS N 131 13.27 -46.73 -39.03
N GLY N 132 13.30 -45.48 -39.49
CA GLY N 132 13.84 -44.42 -38.65
C GLY N 132 12.99 -44.14 -37.44
N LEU N 133 11.67 -44.07 -37.61
CA LEU N 133 10.77 -43.76 -36.51
C LEU N 133 10.53 -44.95 -35.60
N SER N 134 10.93 -46.15 -36.00
CA SER N 134 10.87 -47.34 -35.17
C SER N 134 12.15 -47.56 -34.39
N TRP N 135 13.08 -46.60 -34.45
CA TRP N 135 14.30 -46.62 -33.64
C TRP N 135 15.27 -47.70 -34.09
N ARG N 136 15.25 -48.07 -35.36
CA ARG N 136 16.19 -49.05 -35.88
C ARG N 136 17.58 -48.46 -36.08
N TRP N 137 17.68 -47.15 -36.32
CA TRP N 137 18.96 -46.53 -36.58
C TRP N 137 19.81 -46.37 -35.32
N VAL N 138 19.21 -46.50 -34.14
CA VAL N 138 19.92 -46.37 -32.87
C VAL N 138 20.17 -47.70 -32.20
N GLU N 139 19.76 -48.81 -32.82
CA GLU N 139 20.03 -50.13 -32.27
C GLU N 139 21.52 -50.45 -32.36
N THR N 140 22.04 -51.12 -31.34
CA THR N 140 23.42 -51.58 -31.37
C THR N 140 23.52 -52.84 -32.24
N ASP N 141 24.76 -53.27 -32.50
CA ASP N 141 24.96 -54.48 -33.29
C ASP N 141 24.55 -55.73 -32.52
N ARG N 142 24.53 -55.65 -31.20
CA ARG N 142 24.09 -56.76 -30.36
C ARG N 142 22.58 -56.89 -30.38
N GLN N 143 21.87 -55.76 -30.35
CA GLN N 143 20.42 -55.77 -30.43
C GLN N 143 19.95 -56.33 -31.77
N ARG N 144 20.55 -55.86 -32.86
CA ARG N 144 20.12 -56.31 -34.19
C ARG N 144 20.41 -57.78 -34.38
N MET N 145 21.54 -58.26 -33.88
CA MET N 145 21.88 -59.68 -33.99
C MET N 145 20.86 -60.54 -33.28
N LEU N 146 20.50 -60.16 -32.05
CA LEU N 146 19.56 -60.95 -31.27
C LEU N 146 18.18 -60.96 -31.91
N GLY N 147 17.81 -59.89 -32.57
CA GLY N 147 16.54 -59.83 -33.28
C GLY N 147 16.53 -60.55 -34.60
N ASN N 148 17.68 -60.92 -35.12
CA ASN N 148 17.79 -61.62 -36.39
C ASN N 148 18.14 -63.09 -36.24
N LEU N 149 18.28 -63.58 -35.03
CA LEU N 149 18.61 -64.99 -34.84
C LEU N 149 17.48 -65.85 -35.36
N PRO N 150 17.78 -66.91 -36.13
CA PRO N 150 16.70 -67.73 -36.69
C PRO N 150 15.93 -68.46 -35.61
N ALA N 151 14.63 -68.67 -35.88
CA ALA N 151 13.76 -69.39 -34.96
C ALA N 151 13.71 -70.88 -35.26
N LYS N 152 14.03 -71.29 -36.48
CA LYS N 152 14.12 -72.68 -36.88
C LYS N 152 15.52 -72.95 -37.40
N VAL N 153 16.08 -74.09 -37.04
CA VAL N 153 17.45 -74.44 -37.40
C VAL N 153 17.51 -75.92 -37.76
N TYR N 154 18.29 -76.25 -38.79
CA TYR N 154 18.49 -77.66 -39.15
C TYR N 154 19.22 -78.37 -38.03
N TYR N 155 18.71 -79.54 -37.62
CA TYR N 155 19.31 -80.25 -36.51
C TYR N 155 20.67 -80.80 -36.88
N ARG N 156 21.63 -80.66 -35.97
CA ARG N 156 22.98 -81.16 -36.16
C ARG N 156 23.22 -82.31 -35.19
N PRO N 157 23.26 -83.56 -35.65
CA PRO N 157 23.41 -84.68 -34.72
C PRO N 157 24.73 -84.64 -33.97
N LYS N 158 24.71 -85.18 -32.77
CA LYS N 158 25.88 -85.22 -31.89
C LYS N 158 26.29 -83.81 -31.48
N ASN O 1 54.76 -55.94 -33.71
CA ASN O 1 53.44 -56.41 -33.31
C ASN O 1 52.83 -55.54 -32.22
N LYS O 2 53.67 -54.78 -31.53
CA LYS O 2 53.24 -53.90 -30.44
C LYS O 2 53.81 -52.51 -30.64
N PRO O 3 53.43 -51.84 -31.72
CA PRO O 3 53.93 -50.48 -31.94
C PRO O 3 53.39 -49.50 -30.91
N VAL O 4 54.22 -48.50 -30.61
CA VAL O 4 53.81 -47.48 -29.65
C VAL O 4 52.70 -46.63 -30.22
N VAL O 5 52.74 -46.34 -31.52
CA VAL O 5 51.70 -45.58 -32.19
C VAL O 5 51.39 -46.26 -33.52
N VAL O 6 50.21 -45.93 -34.06
CA VAL O 6 49.76 -46.44 -35.35
C VAL O 6 49.37 -45.25 -36.22
N ASN O 7 49.89 -45.22 -37.44
CA ASN O 7 49.60 -44.15 -38.39
C ASN O 7 48.32 -44.51 -39.14
N THR O 8 47.26 -43.73 -38.90
CA THR O 8 45.98 -43.96 -39.55
C THR O 8 45.57 -42.82 -40.47
N SER O 9 46.21 -41.66 -40.39
CA SER O 9 45.77 -40.52 -41.18
C SER O 9 45.88 -40.79 -42.66
N GLY O 10 46.98 -41.41 -43.10
CA GLY O 10 47.16 -41.64 -44.52
C GLY O 10 46.13 -42.58 -45.09
N VAL O 11 45.87 -43.69 -44.40
CA VAL O 11 44.93 -44.68 -44.90
C VAL O 11 43.51 -44.14 -44.89
N VAL O 12 43.12 -43.51 -43.79
CA VAL O 12 41.77 -42.98 -43.68
C VAL O 12 41.54 -41.90 -44.73
N ASN O 13 42.50 -40.99 -44.89
CA ASN O 13 42.34 -39.92 -45.86
C ASN O 13 42.25 -40.48 -47.28
N THR O 14 43.05 -41.51 -47.57
CA THR O 14 42.96 -42.13 -48.89
C THR O 14 41.55 -42.67 -49.14
N ALA O 15 40.99 -43.36 -48.15
CA ALA O 15 39.64 -43.89 -48.30
C ALA O 15 38.63 -42.76 -48.46
N VAL O 16 38.79 -41.68 -47.70
CA VAL O 16 37.87 -40.56 -47.80
C VAL O 16 37.90 -39.98 -49.21
N LEU O 17 39.10 -39.77 -49.75
CA LEU O 17 39.20 -39.20 -51.09
C LEU O 17 38.60 -40.14 -52.13
N GLY O 18 38.87 -41.44 -52.03
CA GLY O 18 38.34 -42.37 -53.00
C GLY O 18 36.83 -42.45 -52.95
N ILE O 19 36.27 -42.59 -51.75
CA ILE O 19 34.81 -42.68 -51.61
C ILE O 19 34.17 -41.35 -52.00
N SER O 20 34.70 -40.24 -51.51
CA SER O 20 34.13 -38.94 -51.85
C SER O 20 34.28 -38.66 -53.34
N GLY O 21 35.44 -38.99 -53.91
CA GLY O 21 35.65 -38.73 -55.32
C GLY O 21 34.68 -39.47 -56.21
N ALA O 22 34.45 -40.76 -55.91
CA ALA O 22 33.54 -41.54 -56.73
C ALA O 22 32.12 -41.00 -56.65
N TRP O 23 31.66 -40.67 -55.44
CA TRP O 23 30.30 -40.16 -55.28
C TRP O 23 30.15 -38.80 -55.93
N LEU O 24 31.10 -37.89 -55.70
CA LEU O 24 30.99 -36.56 -56.29
C LEU O 24 31.09 -36.63 -57.80
N TYR O 25 31.95 -37.49 -58.34
CA TYR O 25 32.01 -37.65 -59.79
C TYR O 25 30.67 -38.09 -60.33
N PHE O 26 30.10 -39.14 -59.77
CA PHE O 26 28.84 -39.68 -60.27
C PHE O 26 27.74 -38.63 -60.25
N TYR O 27 27.74 -37.76 -59.24
CA TYR O 27 26.68 -36.78 -59.07
C TYR O 27 26.88 -35.52 -59.91
N CYS O 28 28.11 -35.22 -60.33
CA CYS O 28 28.42 -33.92 -60.91
C CYS O 28 28.92 -34.00 -62.35
N VAL O 29 29.89 -34.87 -62.64
CA VAL O 29 30.62 -34.84 -63.89
C VAL O 29 29.82 -35.40 -65.07
N PRO O 30 29.34 -36.64 -65.03
CA PRO O 30 28.78 -37.25 -66.25
C PRO O 30 27.57 -36.50 -66.79
N LEU O 31 27.46 -36.46 -68.12
CA LEU O 31 26.27 -35.94 -68.76
C LEU O 31 25.10 -36.90 -68.63
N ARG O 32 25.37 -38.17 -68.35
CA ARG O 32 24.30 -39.11 -68.03
C ARG O 32 23.43 -38.59 -66.90
N ARG O 33 24.02 -37.82 -65.98
CA ARG O 33 23.27 -37.32 -64.84
C ARG O 33 22.05 -36.50 -65.28
N LYS O 34 22.08 -35.97 -66.50
CA LYS O 34 20.95 -35.26 -67.08
C LYS O 34 20.10 -36.14 -67.97
N GLU O 35 20.15 -37.46 -67.77
CA GLU O 35 19.36 -38.37 -68.60
C GLU O 35 17.88 -38.28 -68.28
N TRP O 36 17.53 -38.00 -67.03
CA TRP O 36 16.12 -37.85 -66.67
C TRP O 36 15.55 -36.55 -67.24
N TYR O 37 16.40 -35.53 -67.40
CA TYR O 37 15.96 -34.30 -68.03
C TYR O 37 15.72 -34.49 -69.52
N ASP O 38 16.59 -35.27 -70.19
CA ASP O 38 16.43 -35.50 -71.61
C ASP O 38 15.18 -36.31 -71.91
N ILE O 39 14.96 -37.40 -71.17
CA ILE O 39 13.79 -38.25 -71.39
C ILE O 39 12.52 -37.42 -71.24
N MET O 40 12.43 -36.63 -70.17
CA MET O 40 11.25 -35.80 -69.96
C MET O 40 11.08 -34.77 -71.06
N MET O 41 12.17 -34.14 -71.48
CA MET O 41 12.10 -33.15 -72.54
C MET O 41 11.63 -33.79 -73.84
N ASP O 42 12.13 -34.99 -74.13
CA ASP O 42 11.82 -35.67 -75.39
C ASP O 42 10.37 -36.11 -75.45
N TYR O 43 9.89 -36.80 -74.40
CA TYR O 43 8.62 -37.50 -74.47
C TYR O 43 7.49 -36.90 -73.65
N VAL O 44 7.78 -36.08 -72.63
CA VAL O 44 6.77 -35.59 -71.71
C VAL O 44 6.45 -34.11 -71.94
N HIS O 45 7.45 -33.30 -72.28
CA HIS O 45 7.27 -31.86 -72.37
C HIS O 45 6.31 -31.49 -73.51
N HIS O 46 5.53 -30.42 -73.29
CA HIS O 46 4.61 -29.84 -74.26
C HIS O 46 3.61 -30.85 -74.80
N LYS O 47 3.28 -31.86 -74.00
CA LYS O 47 2.32 -32.90 -74.37
C LYS O 47 1.29 -33.02 -73.25
N ARG O 48 0.38 -32.05 -73.19
CA ARG O 48 -0.64 -31.97 -72.15
C ARG O 48 -1.86 -31.25 -72.70
N THR O 49 -3.04 -31.67 -72.25
CA THR O 49 -4.30 -31.03 -72.61
C THR O 49 -5.23 -30.98 -71.41
N GLN O 50 -6.03 -29.91 -71.33
CA GLN O 50 -7.07 -29.79 -70.32
C GLN O 50 -8.44 -30.17 -70.84
N TYR O 51 -8.56 -30.47 -72.13
CA TYR O 51 -9.82 -30.75 -72.79
C TYR O 51 -10.02 -32.25 -73.01
N ALA O 52 -9.17 -33.08 -72.40
CA ALA O 52 -9.25 -34.53 -72.50
C ALA O 52 -9.45 -35.12 -71.12
N SER O 53 -10.29 -36.15 -71.02
CA SER O 53 -10.61 -36.74 -69.73
C SER O 53 -9.45 -37.61 -69.23
N ASN O 54 -9.25 -37.59 -67.91
CA ASN O 54 -8.25 -38.42 -67.27
C ASN O 54 -8.81 -38.92 -65.94
N PHE O 55 -8.34 -40.09 -65.52
CA PHE O 55 -8.90 -40.73 -64.34
C PHE O 55 -8.76 -39.89 -63.08
N PRO O 56 -7.60 -39.30 -62.77
CA PRO O 56 -7.51 -38.54 -61.51
C PRO O 56 -8.53 -37.42 -61.39
N ASP O 57 -8.77 -36.69 -62.48
CA ASP O 57 -9.81 -35.65 -62.44
C ASP O 57 -11.19 -36.27 -62.26
N LYS O 58 -11.46 -37.35 -62.98
CA LYS O 58 -12.76 -38.01 -62.86
C LYS O 58 -12.97 -38.54 -61.46
N ALA O 59 -11.94 -39.14 -60.86
CA ALA O 59 -12.06 -39.69 -59.52
C ALA O 59 -12.34 -38.60 -58.49
N VAL O 60 -11.52 -37.55 -58.49
CA VAL O 60 -11.72 -36.44 -57.57
C VAL O 60 -13.11 -35.86 -57.75
N ARG O 61 -13.54 -35.71 -59.00
CA ARG O 61 -14.83 -35.08 -59.29
C ARG O 61 -15.99 -35.92 -58.79
N THR O 62 -15.97 -37.22 -59.08
CA THR O 62 -17.05 -38.09 -58.62
C THR O 62 -17.12 -38.15 -57.11
N ALA O 63 -15.97 -38.29 -56.45
CA ALA O 63 -15.95 -38.38 -55.00
C ALA O 63 -16.46 -37.11 -54.36
N LEU O 64 -16.22 -35.96 -54.99
CA LEU O 64 -16.81 -34.72 -54.52
C LEU O 64 -18.32 -34.72 -54.75
N ARG O 65 -18.74 -35.01 -55.98
CA ARG O 65 -20.17 -35.09 -56.29
C ARG O 65 -20.89 -36.03 -55.34
N PHE O 66 -20.25 -37.15 -54.99
CA PHE O 66 -20.86 -38.13 -54.11
C PHE O 66 -21.10 -37.56 -52.72
N ALA O 67 -20.16 -36.77 -52.22
CA ALA O 67 -20.26 -36.18 -50.89
C ALA O 67 -20.94 -34.82 -50.89
N LYS O 68 -21.49 -34.40 -52.03
CA LYS O 68 -22.13 -33.09 -52.15
C LYS O 68 -21.13 -31.99 -51.79
N VAL O 69 -19.88 -32.17 -52.21
CA VAL O 69 -18.82 -31.21 -51.96
C VAL O 69 -18.55 -31.10 -50.47
N SER P 1 21.98 -34.69 -75.98
CA SER P 1 21.79 -34.82 -74.52
C SER P 1 22.25 -33.55 -73.81
N GLY P 2 21.75 -33.33 -72.60
CA GLY P 2 22.11 -32.15 -71.83
C GLY P 2 21.21 -30.97 -72.12
N ASN P 3 21.63 -29.81 -71.63
CA ASN P 3 20.90 -28.57 -71.82
C ASN P 3 21.84 -27.53 -72.42
N ALA P 4 21.29 -26.35 -72.69
CA ALA P 4 22.08 -25.27 -73.25
C ALA P 4 23.21 -24.89 -72.29
N ALA P 5 24.34 -24.46 -72.85
CA ALA P 5 25.47 -24.06 -72.04
C ALA P 5 25.08 -22.93 -71.10
N ARG P 6 25.40 -23.09 -69.82
CA ARG P 6 25.05 -22.11 -68.81
C ARG P 6 26.27 -21.48 -68.14
N GLY P 7 27.46 -22.05 -68.28
CA GLY P 7 28.64 -21.56 -67.61
C GLY P 7 29.89 -22.35 -67.97
N PRO P 8 30.96 -22.16 -67.19
CA PRO P 8 32.24 -22.78 -67.51
C PRO P 8 32.25 -24.25 -67.15
N PRO P 9 33.22 -25.02 -67.65
CA PRO P 9 33.36 -26.41 -67.22
C PRO P 9 33.89 -26.48 -65.80
N LEU P 10 33.82 -27.69 -65.24
CA LEU P 10 34.17 -27.88 -63.83
C LEU P 10 35.62 -27.51 -63.56
N TYR P 11 36.54 -27.92 -64.43
CA TYR P 11 37.95 -27.71 -64.18
C TYR P 11 38.37 -26.25 -64.25
N ASP P 12 37.50 -25.37 -64.74
CA ASP P 12 37.80 -23.94 -64.84
C ASP P 12 37.56 -23.31 -63.47
N LEU P 13 38.59 -23.34 -62.63
CA LEU P 13 38.44 -22.78 -61.28
C LEU P 13 38.10 -21.31 -61.27
N PRO P 14 38.84 -20.42 -61.95
CA PRO P 14 38.49 -18.99 -61.88
C PRO P 14 37.09 -18.68 -62.37
N GLY P 15 36.64 -19.34 -63.44
CA GLY P 15 35.29 -19.11 -63.91
C GLY P 15 34.24 -19.56 -62.92
N ASN P 16 34.42 -20.74 -62.35
CA ASN P 16 33.46 -21.23 -61.36
C ASN P 16 33.43 -20.35 -60.12
N PHE P 17 34.59 -19.84 -59.72
CA PHE P 17 34.61 -18.96 -58.56
C PHE P 17 33.77 -17.71 -58.80
N ARG P 18 33.77 -17.21 -60.03
CA ARG P 18 32.96 -16.03 -60.34
C ARG P 18 31.49 -16.31 -60.12
N TYR P 19 31.00 -17.43 -60.62
CA TYR P 19 29.59 -17.77 -60.43
C TYR P 19 29.27 -18.04 -58.97
N ALA P 20 30.18 -18.71 -58.27
CA ALA P 20 29.95 -18.98 -56.85
C ALA P 20 29.85 -17.69 -56.07
N LYS P 21 30.69 -16.71 -56.39
CA LYS P 21 30.62 -15.43 -55.70
C LYS P 21 29.30 -14.72 -55.98
N GLU P 22 28.83 -14.78 -57.23
CA GLU P 22 27.59 -14.09 -57.58
C GLU P 22 26.38 -14.67 -56.84
N PHE P 23 26.47 -15.93 -56.40
CA PHE P 23 25.39 -16.51 -55.62
C PHE P 23 25.03 -15.64 -54.43
N PHE P 24 26.01 -14.92 -53.87
CA PHE P 24 25.76 -14.08 -52.71
C PHE P 24 25.62 -12.61 -53.04
N THR P 25 26.17 -12.15 -54.16
CA THR P 25 26.24 -10.73 -54.48
C THR P 25 25.19 -10.33 -55.50
N LYS P 26 25.15 -10.98 -56.66
CA LYS P 26 24.21 -10.64 -57.71
C LYS P 26 23.09 -11.67 -57.77
N PRO P 27 21.86 -11.33 -57.42
CA PRO P 27 20.78 -12.32 -57.52
C PRO P 27 20.52 -12.71 -58.96
N ALA P 28 20.19 -13.98 -59.16
CA ALA P 28 19.94 -14.51 -60.49
C ALA P 28 18.57 -14.06 -61.00
N ILE P 29 18.50 -13.82 -62.30
CA ILE P 29 17.26 -13.41 -62.95
C ILE P 29 16.79 -14.46 -63.95
N SER P 30 17.24 -15.70 -63.80
CA SER P 30 16.76 -16.79 -64.62
C SER P 30 17.13 -18.10 -63.94
N TYR P 31 16.36 -19.15 -64.20
CA TYR P 31 16.62 -20.43 -63.57
C TYR P 31 17.96 -21.00 -63.99
N GLY P 32 18.27 -20.91 -65.29
CA GLY P 32 19.52 -21.48 -65.77
C GLY P 32 20.73 -20.89 -65.07
N GLU P 33 20.75 -19.57 -64.91
CA GLU P 33 21.91 -18.95 -64.29
C GLU P 33 21.91 -19.14 -62.78
N PHE P 34 20.73 -19.26 -62.15
CA PHE P 34 20.72 -19.63 -60.74
C PHE P 34 21.23 -21.03 -60.53
N HIS P 35 20.84 -21.95 -61.41
CA HIS P 35 21.33 -23.33 -61.31
C HIS P 35 22.83 -23.38 -61.49
N GLN P 36 23.37 -22.57 -62.40
CA GLN P 36 24.81 -22.51 -62.58
C GLN P 36 25.50 -22.02 -61.32
N GLN P 37 24.91 -21.03 -60.64
CA GLN P 37 25.50 -20.53 -59.40
C GLN P 37 25.57 -21.63 -58.35
N CYS P 38 24.54 -22.47 -58.28
CA CYS P 38 24.56 -23.57 -57.31
C CYS P 38 25.63 -24.60 -57.68
N THR P 39 25.73 -24.95 -58.97
CA THR P 39 26.71 -25.96 -59.38
C THR P 39 28.12 -25.47 -59.13
N SER P 40 28.39 -24.21 -59.48
CA SER P 40 29.72 -23.67 -59.23
C SER P 40 29.98 -23.54 -57.74
N LEU P 41 28.96 -23.22 -56.96
CA LEU P 41 29.12 -23.19 -55.52
C LEU P 41 29.25 -24.60 -54.96
N ARG P 42 28.66 -25.59 -55.63
CA ARG P 42 28.77 -26.97 -55.18
C ARG P 42 30.22 -27.43 -55.23
N LEU P 43 30.96 -26.98 -56.23
CA LEU P 43 32.36 -27.33 -56.35
C LEU P 43 33.13 -26.96 -55.09
N PHE P 44 32.92 -25.73 -54.60
CA PHE P 44 33.67 -25.24 -53.46
C PHE P 44 33.10 -25.75 -52.14
N VAL P 45 31.79 -25.89 -52.04
CA VAL P 45 31.19 -26.39 -50.81
C VAL P 45 31.57 -27.84 -50.61
N CYS P 46 31.63 -28.62 -51.69
CA CYS P 46 32.01 -30.02 -51.57
C CYS P 46 33.50 -30.15 -51.32
N ALA P 47 34.30 -29.30 -51.94
CA ALA P 47 35.74 -29.30 -51.69
C ALA P 47 36.03 -28.97 -50.23
N GLY P 48 35.31 -27.98 -49.69
CA GLY P 48 35.51 -27.64 -48.29
C GLY P 48 35.16 -28.78 -47.35
N THR P 49 34.07 -29.50 -47.64
CA THR P 49 33.70 -30.63 -46.79
C THR P 49 34.79 -31.67 -46.80
N VAL P 50 35.20 -32.11 -47.99
CA VAL P 50 36.28 -33.08 -48.07
C VAL P 50 37.52 -32.54 -47.39
N GLY P 51 37.78 -31.24 -47.55
CA GLY P 51 38.95 -30.65 -46.93
C GLY P 51 38.94 -30.78 -45.43
N TYR P 52 37.82 -30.45 -44.80
CA TYR P 52 37.73 -30.56 -43.35
C TYR P 52 37.91 -32.00 -42.90
N MET P 53 37.30 -32.94 -43.61
CA MET P 53 37.44 -34.34 -43.24
C MET P 53 38.90 -34.75 -43.24
N LEU P 54 39.62 -34.44 -44.32
CA LEU P 54 41.04 -34.74 -44.37
C LEU P 54 41.79 -34.05 -43.24
N PHE P 55 41.50 -32.77 -43.03
CA PHE P 55 42.12 -32.04 -41.93
C PHE P 55 41.82 -32.70 -40.60
N SER P 56 40.55 -33.05 -40.36
CA SER P 56 40.18 -33.57 -39.06
C SER P 56 40.84 -34.91 -38.78
N PHE P 57 41.05 -35.73 -39.81
CA PHE P 57 41.69 -37.03 -39.59
C PHE P 57 43.20 -36.93 -39.51
N THR P 58 43.79 -35.79 -39.86
CA THR P 58 45.21 -35.57 -39.60
C THR P 58 45.44 -34.90 -38.26
N MET P 59 44.65 -33.89 -37.93
CA MET P 59 44.81 -33.16 -36.68
C MET P 59 44.30 -33.95 -35.48
N TRP P 60 43.27 -34.77 -35.67
CA TRP P 60 42.71 -35.62 -34.62
C TRP P 60 42.57 -37.02 -35.17
N PRO P 61 43.66 -37.76 -35.29
CA PRO P 61 43.63 -39.05 -35.99
C PRO P 61 42.75 -40.08 -35.31
N CYS P 62 42.28 -41.03 -36.11
CA CYS P 62 41.59 -42.20 -35.57
C CYS P 62 42.59 -43.03 -34.77
N ARG P 63 42.12 -43.53 -33.63
CA ARG P 63 43.02 -44.19 -32.68
C ARG P 63 43.08 -45.70 -32.87
N SER P 64 42.08 -46.29 -33.50
CA SER P 64 42.06 -47.74 -33.66
C SER P 64 42.97 -48.17 -34.81
N SER P 65 43.38 -49.43 -34.76
CA SER P 65 44.18 -50.04 -35.81
C SER P 65 43.34 -50.83 -36.78
N TYR P 66 42.02 -50.78 -36.66
CA TYR P 66 41.15 -51.45 -37.64
C TYR P 66 41.29 -50.81 -39.02
N TRP P 67 41.55 -49.50 -39.06
CA TRP P 67 41.60 -48.79 -40.33
C TRP P 67 42.75 -49.25 -41.21
N LYS P 68 43.71 -49.99 -40.67
CA LYS P 68 44.69 -50.66 -41.51
C LYS P 68 44.02 -51.68 -42.43
N ASN P 69 42.85 -52.18 -42.05
CA ASN P 69 42.10 -53.09 -42.90
C ASN P 69 41.40 -52.40 -44.06
N TRP P 70 41.37 -51.07 -44.05
CA TRP P 70 40.74 -50.30 -45.12
C TRP P 70 41.74 -49.84 -46.16
N ALA P 71 42.96 -50.38 -46.14
CA ALA P 71 43.93 -50.07 -47.18
C ALA P 71 43.48 -50.62 -48.52
N VAL P 72 43.83 -49.91 -49.59
CA VAL P 72 43.35 -50.28 -50.92
C VAL P 72 43.79 -51.69 -51.29
N TRP P 73 45.06 -52.02 -51.03
CA TRP P 73 45.55 -53.33 -51.43
C TRP P 73 44.91 -54.44 -50.62
N LYS P 74 44.42 -54.16 -49.42
CA LYS P 74 43.76 -55.16 -48.59
C LYS P 74 42.28 -55.30 -48.90
N VAL P 75 41.72 -54.40 -49.72
CA VAL P 75 40.30 -54.50 -50.05
C VAL P 75 39.96 -55.84 -50.68
N PRO P 76 40.66 -56.32 -51.70
CA PRO P 76 40.30 -57.63 -52.27
C PRO P 76 40.29 -58.74 -51.25
N GLY P 77 41.29 -58.81 -50.37
CA GLY P 77 41.31 -59.87 -49.38
C GLY P 77 40.11 -59.83 -48.46
N ASN P 78 39.69 -58.62 -48.07
CA ASN P 78 38.52 -58.49 -47.21
C ASN P 78 37.27 -59.01 -47.91
N ILE P 79 37.14 -58.75 -49.20
CA ILE P 79 35.99 -59.26 -49.95
C ILE P 79 35.97 -60.78 -49.90
N MET P 80 37.13 -61.41 -50.13
CA MET P 80 37.19 -62.86 -50.08
C MET P 80 36.90 -63.38 -48.68
N HIS P 81 37.26 -62.60 -47.66
CA HIS P 81 37.04 -63.05 -46.29
C HIS P 81 35.57 -63.29 -46.01
N HIS P 82 34.70 -62.39 -46.48
CA HIS P 82 33.27 -62.52 -46.20
C HIS P 82 32.63 -63.63 -47.02
N PHE P 83 33.25 -64.05 -48.12
CA PHE P 83 32.72 -65.14 -48.92
C PHE P 83 33.29 -66.50 -48.53
N SER P 84 34.22 -66.55 -47.58
CA SER P 84 34.92 -67.79 -47.27
C SER P 84 34.87 -68.09 -45.77
N LYS P 85 33.81 -67.70 -45.09
CA LYS P 85 33.65 -68.05 -43.69
C LYS P 85 33.19 -69.49 -43.55
N ARG P 86 33.61 -70.13 -42.46
CA ARG P 86 33.29 -71.52 -42.25
C ARG P 86 31.79 -71.72 -42.16
N SER P 87 31.30 -72.76 -42.83
CA SER P 87 29.88 -73.08 -42.76
C SER P 87 29.57 -73.70 -41.41
N GLY P 88 28.34 -73.48 -40.95
CA GLY P 88 27.91 -74.01 -39.67
C GLY P 88 26.66 -73.28 -39.20
N SER P 89 26.44 -73.37 -37.90
CA SER P 89 25.31 -72.70 -37.25
C SER P 89 25.84 -71.55 -36.40
N ILE P 90 25.10 -70.45 -36.38
CA ILE P 90 25.50 -69.32 -35.56
C ILE P 90 25.48 -69.70 -34.09
N PHE P 91 24.55 -70.57 -33.70
CA PHE P 91 24.51 -71.05 -32.32
C PHE P 91 25.70 -71.95 -32.03
N LEU P 92 26.12 -71.96 -30.77
CA LEU P 92 27.26 -72.75 -30.34
C LEU P 92 26.80 -74.15 -29.95
N ASP P 93 27.38 -75.16 -30.60
CA ASP P 93 27.12 -76.55 -30.22
C ASP P 93 27.88 -76.93 -28.96
N GLU P 94 29.09 -76.41 -28.80
CA GLU P 94 29.98 -76.74 -27.70
C GLU P 94 30.51 -75.45 -27.08
N PRO P 95 30.81 -75.47 -25.78
CA PRO P 95 31.38 -74.27 -25.16
C PRO P 95 32.69 -73.87 -25.81
N LEU P 96 32.85 -72.56 -25.99
CA LEU P 96 34.12 -72.04 -26.49
C LEU P 96 35.18 -72.10 -25.40
N LYS P 97 36.39 -72.48 -25.79
CA LYS P 97 37.51 -72.61 -24.87
C LYS P 97 38.45 -71.43 -25.08
N ARG P 98 38.37 -70.44 -24.20
CA ARG P 98 39.23 -69.28 -24.26
C ARG P 98 40.07 -69.25 -22.99
N THR P 99 41.31 -68.76 -23.12
CA THR P 99 42.23 -68.68 -21.98
C THR P 99 41.83 -67.58 -21.01
N ILE P 100 40.98 -66.64 -21.45
CA ILE P 100 40.49 -65.54 -20.65
C ILE P 100 38.97 -65.49 -20.73
N ASP P 101 38.34 -64.95 -19.67
CA ASP P 101 36.88 -64.77 -19.60
C ASP P 101 36.59 -63.26 -19.71
N VAL P 102 36.51 -62.75 -20.96
CA VAL P 102 36.36 -61.31 -21.14
C VAL P 102 35.08 -60.84 -20.45
N PRO P 103 33.95 -61.54 -20.57
CA PRO P 103 32.74 -61.11 -19.85
C PRO P 103 32.95 -60.87 -18.36
N LYS P 104 33.60 -61.80 -17.64
CA LYS P 104 33.80 -61.66 -16.19
C LYS P 104 34.88 -60.64 -15.89
N THR P 105 35.95 -60.62 -16.68
CA THR P 105 37.05 -59.68 -16.46
C THR P 105 36.56 -58.27 -16.69
N TYR P 106 35.56 -58.12 -17.58
CA TYR P 106 35.01 -56.81 -17.93
C TYR P 106 34.07 -56.35 -16.81
N ALA P 107 33.38 -57.29 -16.18
CA ALA P 107 32.49 -56.94 -15.09
C ALA P 107 33.28 -56.37 -13.92
N HIS P 108 34.39 -57.03 -13.58
CA HIS P 108 35.23 -56.58 -12.48
C HIS P 108 35.93 -55.27 -12.83
N LEU P 109 36.40 -55.12 -14.06
CA LEU P 109 37.08 -53.89 -14.47
C LEU P 109 36.14 -52.70 -14.39
N ILE P 110 34.88 -52.88 -14.82
CA ILE P 110 33.91 -51.80 -14.77
C ILE P 110 33.51 -51.48 -13.35
N ALA P 111 33.74 -52.40 -12.41
CA ALA P 111 33.30 -52.19 -11.04
C ALA P 111 34.40 -51.63 -10.14
N THR P 112 35.63 -52.11 -10.28
CA THR P 112 36.72 -51.69 -9.42
C THR P 112 37.84 -50.96 -10.15
N ARG P 113 37.77 -50.87 -11.48
CA ARG P 113 38.87 -50.34 -12.27
C ARG P 113 40.18 -51.06 -11.90
N ARG P 114 40.08 -52.37 -11.73
CA ARG P 114 41.18 -53.21 -11.31
C ARG P 114 40.94 -54.62 -11.83
N LEU P 115 42.02 -55.32 -12.13
CA LEU P 115 41.91 -56.68 -12.61
C LEU P 115 41.49 -57.61 -11.47
N PRO P 116 40.90 -58.75 -11.80
CA PRO P 116 40.51 -59.71 -10.74
C PRO P 116 41.72 -60.31 -10.05
N GLY P 117 42.29 -59.58 -9.11
CA GLY P 117 43.45 -60.03 -8.38
C GLY P 117 44.18 -58.89 -7.68
N LEU Q 2 7.90 -4.50 -49.60
CA LEU Q 2 8.47 -4.46 -48.27
C LEU Q 2 9.95 -4.84 -48.32
N THR Q 3 10.81 -3.84 -48.28
CA THR Q 3 12.25 -4.06 -48.29
C THR Q 3 12.94 -2.85 -47.67
N VAL Q 4 14.11 -3.09 -47.10
CA VAL Q 4 14.95 -2.03 -46.55
C VAL Q 4 16.17 -1.75 -47.42
N ASP Q 5 16.34 -2.49 -48.51
CA ASP Q 5 17.49 -2.29 -49.38
C ASP Q 5 17.38 -0.98 -50.15
N LYS Q 6 18.51 -0.28 -50.28
CA LYS Q 6 18.59 0.99 -50.98
C LYS Q 6 19.55 0.85 -52.17
N PHE Q 7 19.16 1.43 -53.31
CA PHE Q 7 19.93 1.33 -54.54
C PHE Q 7 20.05 2.69 -55.20
N THR Q 8 21.22 2.96 -55.78
CA THR Q 8 21.43 4.20 -56.53
C THR Q 8 20.70 4.14 -57.86
N ARG Q 9 20.59 5.30 -58.52
CA ARG Q 9 19.94 5.33 -59.83
C ARG Q 9 20.75 4.53 -60.84
N ALA Q 10 22.07 4.52 -60.72
CA ALA Q 10 22.89 3.71 -61.61
C ALA Q 10 22.63 2.24 -61.40
N GLU Q 11 22.54 1.80 -60.14
CA GLU Q 11 22.22 0.41 -59.87
C GLU Q 11 20.81 0.06 -60.32
N ALA Q 12 19.86 0.97 -60.13
CA ALA Q 12 18.51 0.74 -60.61
C ALA Q 12 18.47 0.61 -62.12
N LEU Q 13 19.20 1.47 -62.82
CA LEU Q 13 19.25 1.38 -64.27
C LEU Q 13 19.85 0.05 -64.72
N GLN Q 14 20.90 -0.40 -64.03
CA GLN Q 14 21.54 -1.64 -64.42
C GLN Q 14 20.60 -2.83 -64.24
N ARG Q 15 19.92 -2.89 -63.10
CA ARG Q 15 19.01 -4.01 -62.84
C ARG Q 15 17.89 -4.05 -63.86
N ALA Q 16 17.29 -2.90 -64.17
CA ALA Q 16 16.18 -2.87 -65.10
C ALA Q 16 16.62 -3.27 -66.50
N SER Q 17 17.77 -2.77 -66.95
CA SER Q 17 18.25 -3.11 -68.29
C SER Q 17 18.63 -4.59 -68.37
N ASN Q 18 19.19 -5.14 -67.30
CA ASN Q 18 19.51 -6.56 -67.29
C ASN Q 18 18.26 -7.40 -67.44
N LEU Q 19 17.20 -7.08 -66.70
CA LEU Q 19 15.97 -7.84 -66.78
C LEU Q 19 15.32 -7.70 -68.14
N TYR Q 20 15.35 -6.50 -68.72
CA TYR Q 20 14.71 -6.28 -70.01
C TYR Q 20 15.34 -7.14 -71.09
N TYR Q 21 16.66 -7.14 -71.18
CA TYR Q 21 17.33 -7.94 -72.21
C TYR Q 21 17.25 -9.42 -71.89
N GLN Q 22 17.24 -9.78 -70.62
CA GLN Q 22 17.10 -11.18 -70.25
C GLN Q 22 15.77 -11.74 -70.74
N VAL Q 23 14.68 -10.99 -70.54
CA VAL Q 23 13.38 -11.45 -70.98
C VAL Q 23 13.31 -11.45 -72.50
N LEU Q 24 13.74 -10.37 -73.13
CA LEU Q 24 13.65 -10.24 -74.58
C LEU Q 24 14.59 -11.20 -75.30
N GLY Q 25 15.61 -11.72 -74.61
CA GLY Q 25 16.54 -12.63 -75.24
C GLY Q 25 16.17 -14.08 -75.07
N THR Q 26 15.48 -14.40 -73.97
CA THR Q 26 15.06 -15.77 -73.73
C THR Q 26 14.12 -16.24 -74.84
N ASN Q 27 14.24 -17.52 -75.19
CA ASN Q 27 13.39 -18.12 -76.22
C ASN Q 27 12.02 -18.41 -75.62
N TRP Q 28 11.00 -17.69 -76.09
CA TRP Q 28 9.65 -17.84 -75.55
C TRP Q 28 8.97 -19.11 -76.05
N GLU Q 29 9.33 -19.60 -77.23
CA GLU Q 29 8.65 -20.75 -77.81
C GLU Q 29 8.78 -21.99 -76.92
N ASP Q 30 9.97 -22.22 -76.37
CA ASP Q 30 10.16 -23.36 -75.48
C ASP Q 30 9.43 -23.08 -74.17
N GLY Q 31 8.46 -23.95 -73.84
CA GLY Q 31 7.64 -23.70 -72.67
C GLY Q 31 8.44 -23.76 -71.37
N LEU Q 32 9.38 -24.70 -71.28
CA LEU Q 32 10.17 -24.84 -70.07
C LEU Q 32 11.00 -23.60 -69.79
N ASN Q 33 11.35 -22.84 -70.83
CA ASN Q 33 12.09 -21.61 -70.63
C ASN Q 33 11.25 -20.60 -69.83
N LEU Q 34 9.98 -20.43 -70.22
CA LEU Q 34 9.11 -19.50 -69.51
C LEU Q 34 8.67 -20.04 -68.15
N VAL Q 35 8.36 -21.34 -68.04
CA VAL Q 35 7.88 -21.90 -66.78
C VAL Q 35 8.95 -21.74 -65.71
N LEU Q 36 10.20 -22.11 -66.04
CA LEU Q 36 11.30 -22.03 -65.08
C LEU Q 36 11.70 -20.58 -64.81
N ASP Q 37 11.77 -19.74 -65.84
CA ASP Q 37 12.28 -18.38 -65.69
C ASP Q 37 11.27 -17.40 -65.09
N VAL Q 38 9.97 -17.53 -65.40
CA VAL Q 38 9.00 -16.52 -64.97
C VAL Q 38 9.00 -16.35 -63.46
N PRO Q 39 9.11 -17.40 -62.66
CA PRO Q 39 9.21 -17.18 -61.20
C PRO Q 39 10.36 -16.28 -60.80
N PHE Q 40 11.54 -16.47 -61.40
CA PHE Q 40 12.67 -15.58 -61.13
C PHE Q 40 12.44 -14.18 -61.70
N TRP Q 41 11.77 -14.09 -62.85
CA TRP Q 41 11.49 -12.79 -63.46
C TRP Q 41 10.52 -11.97 -62.62
N GLU Q 42 9.54 -12.64 -62.02
CA GLU Q 42 8.55 -11.94 -61.21
C GLU Q 42 9.15 -11.42 -59.91
N SER Q 43 10.04 -12.20 -59.29
CA SER Q 43 10.72 -11.71 -58.09
C SER Q 43 11.59 -10.51 -58.41
N GLU Q 44 12.33 -10.58 -59.52
CA GLU Q 44 13.17 -9.47 -59.93
C GLU Q 44 12.34 -8.26 -60.33
N LEU Q 45 11.25 -8.48 -61.05
CA LEU Q 45 10.43 -7.38 -61.53
C LEU Q 45 9.83 -6.59 -60.38
N GLU Q 46 9.49 -7.27 -59.29
CA GLU Q 46 8.99 -6.55 -58.12
C GLU Q 46 10.07 -5.66 -57.51
N LYS Q 47 11.30 -6.17 -57.42
CA LYS Q 47 12.39 -5.36 -56.88
C LYS Q 47 12.73 -4.20 -57.81
N VAL Q 48 12.73 -4.46 -59.12
CA VAL Q 48 13.03 -3.39 -60.08
C VAL Q 48 12.00 -2.28 -59.98
N ASP Q 49 10.73 -2.64 -59.88
CA ASP Q 49 9.68 -1.62 -59.78
C ASP Q 49 9.87 -0.76 -58.54
N HIS Q 50 10.21 -1.38 -57.41
CA HIS Q 50 10.36 -0.62 -56.18
C HIS Q 50 11.49 0.39 -56.28
N MET Q 51 12.64 -0.03 -56.82
CA MET Q 51 13.79 0.85 -56.88
C MET Q 51 13.72 1.85 -58.02
N CYS Q 52 12.92 1.60 -59.05
CA CYS Q 52 12.79 2.51 -60.17
C CYS Q 52 11.58 3.43 -60.06
N GLU Q 53 10.80 3.32 -58.99
CA GLU Q 53 9.66 4.21 -58.83
C GLU Q 53 10.04 5.68 -58.84
N PRO Q 54 11.10 6.13 -58.18
CA PRO Q 54 11.51 7.53 -58.33
C PRO Q 54 11.86 7.92 -59.75
N TYR Q 55 12.38 7.00 -60.54
CA TYR Q 55 12.93 7.32 -61.86
C TYR Q 55 11.97 7.00 -63.00
N LEU Q 56 10.66 6.96 -62.72
CA LEU Q 56 9.71 6.69 -63.78
C LEU Q 56 9.70 7.79 -64.84
N CYS Q 57 9.99 9.02 -64.44
CA CYS Q 57 10.08 10.13 -65.38
C CYS Q 57 11.49 10.39 -65.86
N ASP Q 58 12.46 9.59 -65.42
CA ASP Q 58 13.84 9.76 -65.84
C ASP Q 58 13.98 9.48 -67.33
N ASP Q 59 14.93 10.19 -67.95
CA ASP Q 59 15.08 10.09 -69.40
C ASP Q 59 15.73 8.79 -69.84
N GLU Q 60 16.49 8.13 -68.97
CA GLU Q 60 17.10 6.85 -69.29
C GLU Q 60 16.36 5.67 -68.66
N ILE Q 61 16.10 5.74 -67.36
CA ILE Q 61 15.47 4.63 -66.67
C ILE Q 61 14.01 4.49 -67.11
N GLY Q 62 13.33 5.60 -67.33
CA GLY Q 62 11.93 5.57 -67.66
C GLY Q 62 11.62 4.75 -68.89
N PRO Q 63 12.32 5.02 -70.00
CA PRO Q 63 12.11 4.19 -71.20
C PRO Q 63 12.40 2.72 -70.98
N ILE Q 64 13.42 2.39 -70.19
CA ILE Q 64 13.73 0.99 -69.92
C ILE Q 64 12.57 0.33 -69.21
N ILE Q 65 11.99 1.00 -68.21
CA ILE Q 65 10.88 0.44 -67.47
C ILE Q 65 9.67 0.25 -68.39
N ARG Q 66 9.39 1.22 -69.25
CA ARG Q 66 8.25 1.11 -70.14
C ARG Q 66 8.43 -0.06 -71.10
N ASN Q 67 9.62 -0.21 -71.68
CA ASN Q 67 9.87 -1.35 -72.55
C ASN Q 67 9.79 -2.66 -71.78
N LEU Q 68 10.31 -2.68 -70.57
CA LEU Q 68 10.26 -3.89 -69.76
C LEU Q 68 8.83 -4.31 -69.47
N HIS Q 69 7.97 -3.35 -69.13
CA HIS Q 69 6.57 -3.66 -68.91
C HIS Q 69 5.91 -4.20 -70.17
N GLU Q 70 6.19 -3.57 -71.31
CA GLU Q 70 5.59 -4.01 -72.56
C GLU Q 70 6.04 -5.42 -72.91
N THR Q 71 7.32 -5.73 -72.69
CA THR Q 71 7.83 -7.06 -73.01
C THR Q 71 7.16 -8.12 -72.15
N VAL Q 72 6.95 -7.83 -70.86
CA VAL Q 72 6.30 -8.79 -69.98
C VAL Q 72 4.85 -8.99 -70.42
N ASN Q 73 4.17 -7.91 -70.82
CA ASN Q 73 2.80 -8.06 -71.32
C ASN Q 73 2.77 -8.95 -72.54
N CYS Q 74 3.69 -8.73 -73.48
CA CYS Q 74 3.73 -9.55 -74.68
C CYS Q 74 4.11 -10.99 -74.36
N MET Q 75 4.99 -11.17 -73.37
CA MET Q 75 5.38 -12.52 -72.99
C MET Q 75 4.21 -13.31 -72.46
N TYR Q 76 3.39 -12.70 -71.61
CA TYR Q 76 2.24 -13.41 -71.07
C TYR Q 76 1.18 -13.66 -72.13
N ALA Q 77 0.96 -12.68 -73.01
CA ALA Q 77 -0.09 -12.81 -74.01
C ALA Q 77 0.27 -13.88 -75.04
N CYS Q 78 1.51 -13.84 -75.55
CA CYS Q 78 1.92 -14.83 -76.54
C CYS Q 78 1.92 -16.23 -75.95
N GLU Q 79 2.40 -16.37 -74.73
CA GLU Q 79 2.44 -17.70 -74.10
C GLU Q 79 1.03 -18.29 -74.01
N ASP Q 80 0.02 -17.45 -73.81
CA ASP Q 80 -1.34 -17.96 -73.66
C ASP Q 80 -1.85 -18.58 -74.96
N VAL Q 81 -1.63 -17.89 -76.09
CA VAL Q 81 -2.13 -18.41 -77.36
C VAL Q 81 -1.40 -19.69 -77.73
N ARG Q 82 -0.07 -19.70 -77.60
CA ARG Q 82 0.68 -20.91 -77.95
C ARG Q 82 0.33 -22.06 -77.03
N ASP Q 83 -0.04 -21.76 -75.79
CA ASP Q 83 -0.47 -22.82 -74.88
C ASP Q 83 -1.74 -23.49 -75.40
N HIS Q 84 -2.66 -22.69 -75.92
CA HIS Q 84 -3.88 -23.26 -76.50
C HIS Q 84 -3.58 -24.04 -77.78
N ILE Q 85 -2.67 -23.52 -78.60
CA ILE Q 85 -2.27 -24.26 -79.80
C ILE Q 85 -1.67 -25.60 -79.41
N ASN Q 86 -0.79 -25.60 -78.41
CA ASN Q 86 -0.22 -26.85 -77.93
C ASN Q 86 -1.31 -27.79 -77.44
N GLU Q 87 -2.36 -27.25 -76.84
CA GLU Q 87 -3.49 -28.08 -76.44
C GLU Q 87 -4.18 -28.68 -77.66
N LEU Q 88 -4.36 -27.90 -78.72
CA LEU Q 88 -5.02 -28.41 -79.92
C LEU Q 88 -4.19 -29.49 -80.59
N LEU Q 89 -2.88 -29.28 -80.70
CA LEU Q 89 -2.03 -30.26 -81.37
C LEU Q 89 -1.91 -31.53 -80.56
N GLU Q 90 -1.92 -31.42 -79.22
CA GLU Q 90 -1.85 -32.63 -78.39
C GLU Q 90 -3.17 -33.38 -78.39
N LEU Q 91 -4.29 -32.68 -78.52
CA LEU Q 91 -5.55 -33.37 -78.75
C LEU Q 91 -5.53 -34.11 -80.08
N SER Q 92 -4.93 -33.49 -81.10
CA SER Q 92 -4.83 -34.14 -82.41
C SER Q 92 -3.92 -35.36 -82.36
N SER Q 93 -2.80 -35.25 -81.65
CA SER Q 93 -1.86 -36.36 -81.57
C SER Q 93 -2.47 -37.54 -80.84
N ARG Q 94 -3.19 -37.26 -79.75
CA ARG Q 94 -3.84 -38.33 -79.01
C ARG Q 94 -4.91 -39.00 -79.86
N ALA Q 95 -5.56 -38.24 -80.74
CA ALA Q 95 -6.54 -38.80 -81.65
C ALA Q 95 -5.93 -39.78 -82.63
N GLU Q 96 -4.65 -39.60 -82.97
CA GLU Q 96 -3.99 -40.53 -83.89
C GLU Q 96 -4.01 -41.95 -83.35
N GLY Q 97 -3.90 -42.11 -82.03
CA GLY Q 97 -3.90 -43.41 -81.38
C GLY Q 97 -2.49 -43.82 -80.98
N VAL Q 98 -2.40 -44.99 -80.37
CA VAL Q 98 -1.12 -45.49 -79.87
C VAL Q 98 -0.31 -46.04 -81.04
N MET Q 99 0.92 -45.55 -81.19
CA MET Q 99 1.81 -45.97 -82.26
C MET Q 99 1.35 -45.41 -83.61
N GLY Q 100 0.42 -44.46 -83.60
CA GLY Q 100 -0.20 -43.97 -84.80
C GLY Q 100 -1.21 -44.91 -85.38
N SER Q 101 -1.38 -46.08 -84.77
CA SER Q 101 -2.25 -47.12 -85.30
C SER Q 101 -3.72 -46.70 -85.24
N GLY Q 102 -4.09 -45.97 -84.20
CA GLY Q 102 -5.47 -45.69 -83.91
C GLY Q 102 -6.06 -46.63 -82.89
N ALA Q 103 -5.23 -47.54 -82.36
CA ALA Q 103 -5.69 -48.56 -81.42
C ALA Q 103 -6.51 -47.95 -80.29
N ALA Q 104 -5.84 -47.22 -79.38
CA ALA Q 104 -6.51 -46.58 -78.25
C ALA Q 104 -6.63 -45.08 -78.48
N ALA Q 105 -7.35 -44.68 -79.52
CA ALA Q 105 -7.34 -43.30 -79.98
C ALA Q 105 -8.38 -42.48 -79.21
N SER Q 106 -8.01 -41.26 -78.85
CA SER Q 106 -8.96 -40.34 -78.25
C SER Q 106 -9.88 -39.79 -79.34
N GLU Q 107 -10.99 -39.20 -78.92
CA GLU Q 107 -11.91 -38.59 -79.87
C GLU Q 107 -11.27 -37.31 -80.43
N GLU Q 108 -11.55 -36.99 -81.70
CA GLU Q 108 -10.82 -35.95 -82.42
C GLU Q 108 -11.61 -34.64 -82.49
N VAL Q 109 -10.94 -33.52 -82.18
CA VAL Q 109 -11.55 -32.19 -82.13
C VAL Q 109 -12.49 -32.03 -83.32
N GLU Q 110 -13.74 -31.64 -83.05
CA GLU Q 110 -14.75 -31.48 -84.09
C GLU Q 110 -14.87 -30.06 -84.60
N ASN Q 111 -14.69 -29.07 -83.72
CA ASN Q 111 -14.67 -27.68 -84.12
C ASN Q 111 -13.26 -27.18 -84.42
N MET Q 112 -12.42 -28.08 -84.92
CA MET Q 112 -11.06 -27.69 -85.31
C MET Q 112 -11.05 -26.58 -86.34
N PRO Q 113 -11.88 -26.60 -87.39
CA PRO Q 113 -11.92 -25.43 -88.28
C PRO Q 113 -12.23 -24.14 -87.54
N GLU Q 114 -13.07 -24.19 -86.51
CA GLU Q 114 -13.42 -22.98 -85.77
C GLU Q 114 -12.37 -22.64 -84.71
N GLN Q 115 -11.69 -23.65 -84.15
CA GLN Q 115 -10.64 -23.38 -83.19
C GLN Q 115 -9.42 -22.76 -83.86
N CYS Q 116 -9.24 -23.00 -85.16
CA CYS Q 116 -8.19 -22.36 -85.91
C CYS Q 116 -8.56 -20.94 -86.34
N GLY Q 117 -9.86 -20.64 -86.43
CA GLY Q 117 -10.27 -19.27 -86.65
C GLY Q 117 -10.14 -18.42 -85.41
N MET Q 118 -10.26 -19.03 -84.24
CA MET Q 118 -10.06 -18.30 -82.99
C MET Q 118 -8.60 -17.94 -82.79
N VAL Q 119 -7.71 -18.90 -83.01
CA VAL Q 119 -6.29 -18.65 -82.79
C VAL Q 119 -5.77 -17.58 -83.74
N THR Q 120 -6.14 -17.66 -85.01
CA THR Q 120 -5.62 -16.70 -85.98
C THR Q 120 -6.07 -15.29 -85.64
N LYS Q 121 -7.30 -15.13 -85.16
CA LYS Q 121 -7.74 -13.81 -84.71
C LYS Q 121 -6.89 -13.34 -83.55
N ALA Q 122 -6.62 -14.21 -82.58
CA ALA Q 122 -5.77 -13.84 -81.45
C ALA Q 122 -4.39 -13.44 -81.93
N TYR Q 123 -3.83 -14.19 -82.87
CA TYR Q 123 -2.52 -13.87 -83.42
C TYR Q 123 -2.50 -12.46 -83.99
N GLU Q 124 -3.53 -12.09 -84.75
CA GLU Q 124 -3.58 -10.76 -85.33
C GLU Q 124 -3.80 -9.70 -84.25
N ASP Q 125 -4.58 -10.01 -83.22
CA ASP Q 125 -4.76 -9.06 -82.13
C ASP Q 125 -3.45 -8.79 -81.42
N LEU Q 126 -2.64 -9.83 -81.19
CA LEU Q 126 -1.33 -9.63 -80.58
C LEU Q 126 -0.46 -8.74 -81.45
N LEU Q 127 -0.49 -8.96 -82.77
CA LEU Q 127 0.34 -8.16 -83.67
C LEU Q 127 0.00 -6.69 -83.56
N ALA Q 128 -1.28 -6.37 -83.46
CA ALA Q 128 -1.69 -4.97 -83.33
C ALA Q 128 -1.35 -4.42 -81.96
N ARG Q 129 -1.64 -5.18 -80.90
CA ARG Q 129 -1.41 -4.69 -79.55
C ARG Q 129 0.07 -4.47 -79.28
N TYR Q 130 0.92 -5.37 -79.78
CA TYR Q 130 2.36 -5.33 -79.53
C TYR Q 130 3.07 -5.17 -80.87
N PRO Q 131 3.07 -3.96 -81.44
CA PRO Q 131 3.70 -3.76 -82.74
C PRO Q 131 5.21 -3.83 -82.72
N GLU Q 132 5.84 -3.60 -81.58
CA GLU Q 132 7.29 -3.62 -81.47
C GLU Q 132 7.81 -4.95 -80.94
N HIS Q 133 7.01 -6.01 -81.03
CA HIS Q 133 7.42 -7.33 -80.60
C HIS Q 133 7.07 -8.41 -81.63
N HIS Q 134 6.91 -8.01 -82.89
CA HIS Q 134 6.60 -8.98 -83.93
C HIS Q 134 7.59 -10.13 -83.98
N PRO Q 135 8.91 -9.92 -83.87
CA PRO Q 135 9.81 -11.07 -83.89
C PRO Q 135 9.48 -12.11 -82.84
N LYS Q 136 9.09 -11.68 -81.64
CA LYS Q 136 8.74 -12.65 -80.61
C LYS Q 136 7.38 -13.28 -80.89
N ILE Q 137 6.44 -12.50 -81.43
CA ILE Q 137 5.11 -13.04 -81.74
C ILE Q 137 5.20 -14.11 -82.82
N GLU Q 138 6.10 -13.93 -83.80
CA GLU Q 138 6.24 -14.90 -84.86
C GLU Q 138 6.98 -16.15 -84.39
N GLN Q 139 7.93 -15.97 -83.47
CA GLN Q 139 8.65 -17.11 -82.92
C GLN Q 139 7.72 -18.06 -82.19
N THR Q 140 6.76 -17.52 -81.43
CA THR Q 140 5.88 -18.35 -80.64
C THR Q 140 4.55 -18.64 -81.33
N VAL Q 141 3.75 -17.61 -81.54
CA VAL Q 141 2.39 -17.82 -82.05
C VAL Q 141 2.41 -18.08 -83.55
N GLY Q 142 3.22 -17.32 -84.29
CA GLY Q 142 3.28 -17.54 -85.73
C GLY Q 142 3.69 -18.94 -86.09
N HIS Q 143 4.78 -19.43 -85.49
CA HIS Q 143 5.21 -20.79 -85.78
C HIS Q 143 4.18 -21.80 -85.30
N GLY Q 144 3.51 -21.51 -84.18
CA GLY Q 144 2.47 -22.40 -83.72
C GLY Q 144 1.35 -22.56 -84.74
N LEU Q 145 0.94 -21.45 -85.33
CA LEU Q 145 -0.10 -21.50 -86.36
C LEU Q 145 0.37 -22.23 -87.61
N ALA Q 146 1.67 -22.16 -87.91
CA ALA Q 146 2.19 -22.91 -89.04
C ALA Q 146 2.11 -24.41 -88.80
N VAL Q 147 2.33 -24.85 -87.56
CA VAL Q 147 2.19 -26.26 -87.23
C VAL Q 147 0.74 -26.69 -87.38
N LEU Q 148 -0.20 -25.87 -86.89
CA LEU Q 148 -1.61 -26.21 -87.03
C LEU Q 148 -2.01 -26.29 -88.49
N ARG Q 149 -1.44 -25.43 -89.33
CA ARG Q 149 -1.79 -25.41 -90.74
C ARG Q 149 -1.48 -26.74 -91.40
N GLN Q 150 -0.47 -27.46 -90.91
CA GLN Q 150 -0.13 -28.75 -91.49
C GLN Q 150 -1.18 -29.82 -91.21
N LEU Q 151 -2.07 -29.57 -90.25
CA LEU Q 151 -3.12 -30.51 -89.89
C LEU Q 151 -4.45 -30.14 -90.53
N GLU Q 152 -4.81 -28.86 -90.48
CA GLU Q 152 -6.05 -28.34 -91.02
C GLU Q 152 -5.70 -27.25 -92.02
N LYS Q 153 -6.36 -27.27 -93.18
CA LYS Q 153 -6.12 -26.26 -94.21
C LYS Q 153 -7.02 -25.06 -93.91
N PHE Q 154 -6.43 -24.03 -93.33
CA PHE Q 154 -7.11 -22.77 -93.03
C PHE Q 154 -6.28 -21.62 -93.57
N ASN Q 155 -6.90 -20.44 -93.65
CA ASN Q 155 -6.26 -19.27 -94.24
C ASN Q 155 -6.00 -18.22 -93.17
N PHE Q 156 -4.77 -17.73 -93.11
CA PHE Q 156 -4.42 -16.56 -92.32
C PHE Q 156 -3.48 -15.70 -93.14
N LYS Q 157 -3.40 -14.43 -92.75
CA LYS Q 157 -2.75 -13.43 -93.59
C LYS Q 157 -1.31 -13.81 -93.92
N SER Q 158 -0.56 -14.26 -92.92
CA SER Q 158 0.86 -14.56 -93.09
C SER Q 158 1.10 -16.01 -93.50
N SER Q 159 0.07 -16.70 -93.99
CA SER Q 159 0.23 -18.10 -94.36
C SER Q 159 1.25 -18.26 -95.47
N HIS Q 160 1.27 -17.33 -96.42
CA HIS Q 160 2.20 -17.44 -97.54
C HIS Q 160 3.64 -17.22 -97.11
N ARG Q 161 3.86 -16.41 -96.08
CA ARG Q 161 5.20 -16.18 -95.56
C ARG Q 161 5.66 -17.30 -94.65
N TYR Q 162 4.82 -18.30 -94.43
CA TYR Q 162 5.17 -19.52 -93.70
C TYR Q 162 5.20 -20.73 -94.63
N PHE Q 163 5.27 -20.48 -95.94
CA PHE Q 163 5.39 -21.52 -96.98
C PHE Q 163 4.11 -22.34 -97.08
N PHE Q 164 2.96 -21.66 -97.07
CA PHE Q 164 1.67 -22.30 -97.23
C PHE Q 164 0.83 -21.59 -98.28
N ALA R 1 -13.53 -35.03 -80.09
CA ALA R 1 -14.34 -34.27 -79.08
C ALA R 1 -14.56 -32.81 -79.51
N ARG R 2 -14.93 -31.95 -78.55
CA ARG R 2 -15.14 -30.52 -78.81
C ARG R 2 -14.34 -29.69 -77.79
N VAL R 3 -14.23 -28.39 -78.08
CA VAL R 3 -13.38 -27.49 -77.30
C VAL R 3 -14.03 -26.12 -77.22
N PRO R 4 -13.86 -25.41 -76.09
CA PRO R 4 -14.51 -24.10 -75.95
C PRO R 4 -14.11 -23.11 -77.04
N GLU R 5 -15.08 -22.31 -77.48
CA GLU R 5 -14.91 -21.41 -78.61
C GLU R 5 -15.03 -19.93 -78.24
N ASP R 6 -15.01 -19.57 -76.96
CA ASP R 6 -15.14 -18.19 -76.52
C ASP R 6 -14.10 -17.85 -75.46
N ILE R 7 -12.86 -18.26 -75.73
CA ILE R 7 -11.78 -18.10 -74.76
C ILE R 7 -11.31 -16.65 -74.75
N GLU R 8 -11.16 -16.10 -73.55
CA GLU R 8 -10.66 -14.74 -73.36
C GLU R 8 -9.17 -14.84 -73.08
N PHE R 9 -8.36 -14.66 -74.12
CA PHE R 9 -6.93 -14.81 -73.99
C PHE R 9 -6.33 -13.67 -73.18
N THR R 10 -5.19 -13.97 -72.55
CA THR R 10 -4.47 -12.94 -71.80
C THR R 10 -4.12 -11.78 -72.71
N LYS R 11 -4.31 -10.56 -72.19
CA LYS R 11 -4.01 -9.34 -72.93
C LYS R 11 -2.75 -8.64 -72.44
N ASN R 12 -2.40 -8.81 -71.17
CA ASN R 12 -1.22 -8.18 -70.59
C ASN R 12 -0.90 -8.88 -69.29
N ARG R 13 0.13 -8.39 -68.60
CA ARG R 13 0.59 -9.06 -67.40
C ARG R 13 -0.39 -8.95 -66.23
N TYR R 14 -1.31 -7.99 -66.28
CA TYR R 14 -2.26 -7.80 -65.19
C TYR R 14 -3.68 -8.23 -65.55
N THR R 15 -3.90 -8.73 -66.76
CA THR R 15 -5.19 -9.29 -67.17
C THR R 15 -4.89 -10.67 -67.75
N ARG R 16 -4.80 -11.67 -66.88
CA ARG R 16 -4.29 -12.98 -67.25
C ARG R 16 -5.37 -14.04 -67.14
N ARG R 17 -5.37 -14.96 -68.10
CA ARG R 17 -6.20 -16.15 -68.06
C ARG R 17 -5.42 -17.29 -67.45
N TYR R 18 -6.13 -18.13 -66.69
CA TYR R 18 -5.51 -19.33 -66.13
C TYR R 18 -5.36 -20.37 -67.22
N ASN R 19 -4.12 -20.75 -67.50
CA ASN R 19 -3.80 -21.71 -68.53
C ASN R 19 -2.88 -22.77 -67.96
N LEU R 20 -2.50 -23.74 -68.80
CA LEU R 20 -1.68 -24.84 -68.33
C LEU R 20 -0.22 -24.44 -68.13
N ALA R 21 0.19 -23.27 -68.62
CA ALA R 21 1.52 -22.78 -68.31
C ALA R 21 1.60 -22.33 -66.86
N THR R 22 0.56 -21.67 -66.36
CA THR R 22 0.54 -21.28 -64.95
C THR R 22 0.42 -22.50 -64.05
N GLU R 23 -0.35 -23.50 -64.49
CA GLU R 23 -0.44 -24.74 -63.72
C GLU R 23 0.92 -25.43 -63.63
N ASP R 24 1.70 -25.37 -64.71
CA ASP R 24 3.02 -25.98 -64.71
C ASP R 24 3.97 -25.27 -63.74
N ARG R 25 3.80 -23.96 -63.56
CA ARG R 25 4.59 -23.23 -62.59
C ARG R 25 4.23 -23.60 -61.16
N VAL R 26 2.95 -23.88 -60.89
CA VAL R 26 2.57 -24.39 -59.58
C VAL R 26 3.17 -25.77 -59.36
N LYS R 27 3.22 -26.60 -60.41
CA LYS R 27 3.86 -27.91 -60.29
C LYS R 27 5.33 -27.77 -59.95
N LEU R 28 6.01 -26.81 -60.58
CA LEU R 28 7.41 -26.56 -60.27
C LEU R 28 7.59 -26.23 -58.79
N LEU R 29 6.72 -25.37 -58.25
CA LEU R 29 6.82 -25.01 -56.84
C LEU R 29 6.54 -26.21 -55.95
N ASN R 30 5.52 -27.00 -56.28
CA ASN R 30 5.16 -28.11 -55.41
C ASN R 30 6.21 -29.21 -55.45
N TRP R 31 6.76 -29.50 -56.64
CA TRP R 31 7.84 -30.47 -56.72
C TRP R 31 9.06 -29.99 -55.95
N ASN R 32 9.39 -28.70 -56.08
CA ASN R 32 10.52 -28.15 -55.35
C ASN R 32 10.28 -28.15 -53.85
N ALA R 33 9.03 -27.93 -53.42
CA ALA R 33 8.70 -28.05 -52.01
C ALA R 33 8.90 -29.46 -51.50
N PHE R 34 8.56 -30.46 -52.32
CA PHE R 34 8.81 -31.85 -51.93
C PHE R 34 10.30 -32.08 -51.71
N CYS R 35 11.13 -31.52 -52.58
CA CYS R 35 12.57 -31.71 -52.46
C CYS R 35 13.09 -31.13 -51.15
N ILE R 36 12.57 -29.97 -50.75
CA ILE R 36 12.97 -29.40 -49.47
C ILE R 36 12.58 -30.33 -48.33
N ALA R 37 11.39 -30.93 -48.42
CA ALA R 37 10.91 -31.79 -47.36
C ALA R 37 11.65 -33.13 -47.34
N VAL R 38 11.96 -33.68 -48.52
CA VAL R 38 12.62 -34.97 -48.57
C VAL R 38 14.08 -34.85 -48.12
N THR R 39 14.63 -33.64 -48.09
CA THR R 39 15.99 -33.46 -47.57
C THR R 39 16.05 -33.79 -46.09
N ALA R 40 14.89 -33.78 -45.43
CA ALA R 40 14.84 -34.09 -44.01
C ALA R 40 15.08 -35.58 -43.75
N LEU R 41 14.88 -36.44 -44.76
CA LEU R 41 15.18 -37.86 -44.57
C LEU R 41 16.67 -38.11 -44.48
N PRO R 42 17.48 -37.72 -45.46
CA PRO R 42 18.91 -38.02 -45.39
C PRO R 42 19.57 -37.27 -44.24
N ILE R 43 19.12 -36.04 -43.96
CA ILE R 43 19.69 -35.25 -42.85
C ILE R 43 19.37 -35.89 -41.51
N ALA R 44 18.21 -36.52 -41.39
CA ALA R 44 17.82 -37.15 -40.13
C ALA R 44 18.61 -38.44 -39.90
N TYR R 45 18.92 -39.16 -40.98
CA TYR R 45 19.70 -40.39 -40.83
C TYR R 45 21.08 -40.08 -40.29
N VAL R 46 21.72 -39.05 -40.84
CA VAL R 46 23.10 -38.74 -40.46
C VAL R 46 23.13 -38.25 -39.01
N TYR R 47 22.06 -37.58 -38.55
CA TYR R 47 22.03 -37.00 -37.21
C TYR R 47 21.71 -38.03 -36.15
N TYR R 48 20.79 -38.94 -36.44
CA TYR R 48 20.28 -39.86 -35.42
C TYR R 48 20.97 -41.22 -35.46
N SER R 49 21.67 -41.57 -36.53
CA SER R 49 22.28 -42.88 -36.68
C SER R 49 23.54 -43.02 -35.84
N TRP R 50 23.63 -44.12 -35.08
CA TRP R 50 24.79 -44.44 -34.25
C TRP R 50 25.30 -45.81 -34.65
N TYR R 51 26.63 -45.96 -34.78
CA TYR R 51 27.28 -47.24 -35.12
C TYR R 51 28.07 -47.72 -33.93
N GLU R 52 27.44 -48.52 -33.07
CA GLU R 52 28.07 -49.04 -31.86
C GLU R 52 27.76 -50.51 -31.76
N SER R 53 28.73 -51.31 -31.27
CA SER R 53 28.56 -52.76 -31.20
C SER R 53 27.62 -53.18 -30.07
N SER R 54 27.72 -52.54 -28.91
CA SER R 54 26.93 -52.91 -27.75
C SER R 54 26.80 -51.69 -26.85
N GLU R 55 26.18 -51.89 -25.68
CA GLU R 55 26.13 -50.86 -24.67
C GLU R 55 27.45 -50.79 -23.88
N ASP R 56 28.31 -51.79 -24.04
CA ASP R 56 29.59 -51.80 -23.34
C ASP R 56 30.47 -50.63 -23.76
N THR R 57 30.44 -50.28 -25.04
CA THR R 57 31.37 -49.29 -25.58
C THR R 57 31.40 -48.04 -24.70
N ASP R 58 30.22 -47.52 -24.37
CA ASP R 58 30.16 -46.28 -23.60
C ASP R 58 30.67 -46.48 -22.18
N MET R 59 30.40 -47.65 -21.60
CA MET R 59 30.88 -47.96 -20.27
C MET R 59 32.39 -48.06 -20.25
N ILE R 60 32.99 -48.60 -21.32
CA ILE R 60 34.43 -48.69 -21.39
C ILE R 60 35.05 -47.30 -21.38
N TYR R 61 34.45 -46.36 -22.10
CA TYR R 61 34.99 -45.01 -22.16
C TYR R 61 34.78 -44.26 -20.86
N ARG R 62 33.69 -44.54 -20.14
CA ARG R 62 33.44 -43.86 -18.89
C ARG R 62 34.38 -44.31 -17.79
N THR R 63 34.89 -45.54 -17.87
CA THR R 63 35.70 -46.11 -16.80
C THR R 63 37.17 -46.27 -17.16
N MET R 64 37.52 -46.24 -18.44
CA MET R 64 38.89 -46.45 -18.87
C MET R 64 39.46 -45.31 -19.68
N ASP R 65 38.62 -44.57 -20.41
CA ASP R 65 39.09 -43.48 -21.29
C ASP R 65 38.14 -42.29 -21.19
N PRO R 66 37.97 -41.74 -19.98
CA PRO R 66 37.01 -40.63 -19.81
C PRO R 66 37.38 -39.36 -20.55
N MET R 67 38.67 -39.06 -20.68
CA MET R 67 39.14 -37.84 -21.31
C MET R 67 39.46 -38.04 -22.78
N ARG R 68 39.28 -39.25 -23.30
CA ARG R 68 39.59 -39.58 -24.69
C ARG R 68 41.07 -39.34 -24.97
N GLU R 69 41.90 -39.51 -23.94
CA GLU R 69 43.34 -39.36 -24.02
C GLU R 69 44.12 -40.59 -23.60
N ALA R 70 43.49 -41.52 -22.89
CA ALA R 70 44.18 -42.72 -22.43
C ALA R 70 44.69 -43.53 -23.62
N LYS R 71 45.93 -44.00 -23.54
CA LYS R 71 46.57 -44.71 -24.64
C LYS R 71 46.56 -46.21 -24.38
N ALA R 72 46.12 -46.97 -25.37
CA ALA R 72 46.01 -48.42 -25.27
C ALA R 72 47.18 -49.09 -25.98
N ASP R 73 47.82 -50.04 -25.31
CA ASP R 73 48.85 -50.83 -25.97
C ASP R 73 48.22 -51.52 -27.18
N TYR R 74 48.90 -51.48 -28.31
CA TYR R 74 48.36 -51.97 -29.57
C TYR R 74 48.91 -53.37 -29.85
N TYR R 75 48.03 -54.37 -29.92
CA TYR R 75 48.39 -55.71 -30.38
C TYR R 75 47.80 -55.84 -31.78
N LEU R 76 48.66 -55.72 -32.80
CA LEU R 76 48.18 -55.74 -34.19
C LEU R 76 47.34 -56.96 -34.50
N PRO R 77 47.72 -58.17 -34.10
CA PRO R 77 46.94 -59.36 -34.49
C PRO R 77 45.46 -59.28 -34.15
N LEU R 78 45.09 -58.48 -33.15
CA LEU R 78 43.69 -58.46 -32.70
C LEU R 78 42.76 -58.08 -33.84
N LEU R 79 43.03 -56.97 -34.51
CA LEU R 79 42.16 -56.47 -35.55
C LEU R 79 42.70 -56.73 -36.95
N ARG R 80 43.94 -57.18 -37.07
CA ARG R 80 44.50 -57.53 -38.36
C ARG R 80 43.96 -58.85 -38.89
N GLY R 81 43.26 -59.62 -38.06
CA GLY R 81 42.77 -60.91 -38.44
C GLY R 81 43.81 -62.00 -38.45
N HIS R 82 45.07 -61.67 -38.21
CA HIS R 82 46.14 -62.66 -38.21
C HIS R 82 47.38 -62.10 -37.50
N SER S 1 -12.09 -29.10 -97.72
CA SER S 1 -12.56 -30.40 -98.30
C SER S 1 -11.43 -31.42 -98.39
N TYR S 2 -10.20 -30.92 -98.36
CA TYR S 2 -9.00 -31.75 -98.43
C TYR S 2 -8.31 -31.76 -97.06
N LYS S 3 -7.83 -32.93 -96.66
CA LYS S 3 -7.07 -33.10 -95.43
C LYS S 3 -5.85 -33.96 -95.69
N SER S 4 -4.75 -33.65 -95.01
CA SER S 4 -3.54 -34.45 -95.10
C SER S 4 -3.58 -35.59 -94.09
N ALA S 5 -2.77 -36.61 -94.35
CA ALA S 5 -2.67 -37.77 -93.49
C ALA S 5 -1.44 -37.66 -92.59
N HIS S 6 -1.53 -38.27 -91.40
CA HIS S 6 -0.42 -38.35 -90.47
C HIS S 6 0.09 -39.78 -90.46
N GLN S 7 1.30 -39.98 -90.97
CA GLN S 7 1.90 -41.30 -91.00
C GLN S 7 2.09 -41.83 -89.58
N GLU S 8 2.06 -43.15 -89.45
CA GLU S 8 2.19 -43.80 -88.16
C GLU S 8 3.60 -43.61 -87.60
N THR S 9 3.86 -44.19 -86.44
CA THR S 9 5.20 -44.07 -85.86
C THR S 9 6.23 -44.69 -86.80
N PRO S 10 7.37 -44.05 -87.00
CA PRO S 10 8.40 -44.64 -87.88
C PRO S 10 9.16 -45.79 -87.26
N LEU S 11 8.99 -46.00 -85.95
CA LEU S 11 9.77 -47.02 -85.26
C LEU S 11 9.51 -48.41 -85.82
N THR S 12 8.27 -48.68 -86.24
CA THR S 12 7.91 -50.03 -86.66
C THR S 12 8.61 -50.46 -87.94
N TYR S 13 9.00 -49.51 -88.81
CA TYR S 13 9.54 -49.88 -90.11
C TYR S 13 10.92 -49.30 -90.44
N TYR S 14 11.32 -48.19 -89.84
CA TYR S 14 12.58 -47.58 -90.24
C TYR S 14 13.74 -48.53 -89.99
N ARG S 15 14.68 -48.56 -90.94
CA ARG S 15 15.84 -49.45 -90.83
C ARG S 15 16.68 -49.04 -89.63
N ALA S 16 17.24 -50.05 -88.94
CA ALA S 16 18.00 -49.83 -87.73
C ALA S 16 19.50 -49.92 -88.02
N THR S 17 20.25 -48.92 -87.53
CA THR S 17 21.70 -48.89 -87.64
C THR S 17 22.30 -49.34 -86.31
N GLN S 18 23.55 -49.81 -86.37
CA GLN S 18 24.21 -50.29 -85.15
C GLN S 18 24.51 -49.14 -84.20
N HIS S 19 24.67 -47.92 -84.73
CA HIS S 19 24.89 -46.75 -83.89
C HIS S 19 23.63 -46.29 -83.19
N ALA S 20 22.46 -46.66 -83.71
CA ALA S 20 21.20 -46.26 -83.11
C ALA S 20 20.75 -47.23 -82.03
N THR S 21 21.05 -48.52 -82.19
CA THR S 21 20.77 -49.48 -81.14
C THR S 21 21.70 -49.27 -79.95
N SER S 22 22.97 -48.94 -80.23
CA SER S 22 23.92 -48.77 -79.14
C SER S 22 23.71 -47.45 -78.40
N SER S 23 23.21 -46.43 -79.09
CA SER S 23 22.88 -45.18 -78.40
C SER S 23 21.74 -45.37 -77.43
N ILE S 24 20.80 -46.27 -77.75
CA ILE S 24 19.71 -46.58 -76.84
C ILE S 24 20.22 -47.33 -75.62
N ASN S 25 21.13 -48.28 -75.82
CA ASN S 25 21.66 -49.04 -74.70
C ASN S 25 22.39 -48.13 -73.71
N HIS S 26 22.91 -47.00 -74.19
CA HIS S 26 23.55 -46.00 -73.33
C HIS S 26 22.52 -45.20 -72.56
N ARG S 27 21.43 -44.78 -73.21
CA ARG S 27 20.39 -44.02 -72.55
C ARG S 27 19.54 -44.87 -71.62
N LEU S 28 19.62 -46.19 -71.75
CA LEU S 28 18.90 -47.12 -70.89
C LEU S 28 19.77 -47.70 -69.80
N ALA S 29 21.01 -47.22 -69.67
CA ALA S 29 21.95 -47.81 -68.72
C ALA S 29 21.49 -47.62 -67.28
N TYR S 30 21.08 -46.39 -66.92
CA TYR S 30 20.62 -46.13 -65.57
C TYR S 30 19.30 -46.82 -65.28
N ILE S 31 18.48 -47.04 -66.31
CA ILE S 31 17.19 -47.69 -66.11
C ILE S 31 17.40 -49.15 -65.73
N ASN S 32 18.42 -49.79 -66.29
CA ASN S 32 18.72 -51.16 -65.93
C ASN S 32 19.26 -51.25 -64.51
N ALA S 33 20.09 -50.30 -64.11
CA ALA S 33 20.67 -50.34 -62.77
C ALA S 33 19.59 -50.28 -61.71
N VAL S 34 18.61 -49.40 -61.89
CA VAL S 34 17.50 -49.32 -60.94
C VAL S 34 16.73 -50.63 -60.93
N PHE S 35 16.52 -51.22 -62.11
CA PHE S 35 15.79 -52.47 -62.18
C PHE S 35 16.50 -53.56 -61.40
N VAL S 36 17.82 -53.68 -61.57
CA VAL S 36 18.56 -54.71 -60.87
C VAL S 36 18.48 -54.50 -59.37
N ILE S 37 18.62 -53.26 -58.92
CA ILE S 37 18.53 -52.97 -57.49
C ILE S 37 17.18 -53.42 -56.95
N TRP S 38 16.12 -53.13 -57.70
CA TRP S 38 14.78 -53.55 -57.27
C TRP S 38 14.67 -55.05 -57.18
N VAL S 39 15.25 -55.77 -58.13
CA VAL S 39 15.20 -57.23 -58.08
C VAL S 39 15.93 -57.74 -56.85
N CYS S 40 17.15 -57.24 -56.62
CA CYS S 40 17.90 -57.69 -55.45
C CYS S 40 17.17 -57.35 -54.17
N ASP S 41 16.59 -56.17 -54.10
CA ASP S 41 15.80 -55.80 -52.92
C ASP S 41 14.64 -56.75 -52.73
N SER S 42 13.92 -57.06 -53.81
CA SER S 42 12.79 -57.98 -53.70
C SER S 42 13.25 -59.37 -53.30
N LEU S 43 14.37 -59.84 -53.84
CA LEU S 43 14.87 -61.16 -53.46
C LEU S 43 15.31 -61.19 -52.01
N ASN S 44 16.00 -60.14 -51.55
CA ASN S 44 16.39 -60.08 -50.16
C ASN S 44 15.20 -60.06 -49.22
N ASP S 45 14.00 -59.83 -49.76
CA ASP S 45 12.81 -59.70 -48.95
C ASP S 45 11.83 -60.87 -49.10
N VAL S 46 11.88 -61.62 -50.19
CA VAL S 46 10.87 -62.64 -50.45
C VAL S 46 11.53 -63.97 -50.81
N ASP S 47 12.84 -64.09 -50.58
CA ASP S 47 13.52 -65.34 -50.90
C ASP S 47 14.41 -65.77 -49.74
N GLN S 48 14.57 -67.09 -49.64
CA GLN S 48 15.33 -67.74 -48.58
C GLN S 48 15.15 -67.05 -47.23
N MET T 1 4.09 -52.16 -92.20
CA MET T 1 4.19 -51.58 -90.84
C MET T 1 5.32 -52.24 -90.05
N LEU T 2 5.14 -53.52 -89.77
CA LEU T 2 6.10 -54.28 -88.98
C LEU T 2 7.22 -54.88 -89.81
N ARG T 3 8.47 -54.66 -89.37
CA ARG T 3 9.63 -55.20 -90.07
C ARG T 3 10.66 -55.73 -89.07
N TYR T 4 11.39 -56.76 -89.48
CA TYR T 4 12.45 -57.32 -88.63
C TYR T 4 13.62 -56.35 -88.47
N ASP T 5 13.95 -55.61 -89.53
CA ASP T 5 15.05 -54.65 -89.49
C ASP T 5 14.62 -53.33 -88.88
N SER T 6 13.40 -53.30 -88.35
CA SER T 6 12.84 -52.12 -87.73
C SER T 6 13.68 -51.67 -86.54
N LEU T 7 13.66 -50.37 -86.28
CA LEU T 7 14.38 -49.82 -85.14
C LEU T 7 13.89 -50.42 -83.83
N LEU T 8 12.61 -50.74 -83.75
CA LEU T 8 12.04 -51.33 -82.54
C LEU T 8 12.56 -52.74 -82.30
N TRP T 9 12.46 -53.62 -83.29
CA TRP T 9 12.83 -55.02 -83.10
C TRP T 9 14.34 -55.18 -82.96
N GLN T 10 15.12 -54.35 -83.65
CA GLN T 10 16.57 -54.43 -83.56
C GLN T 10 17.11 -53.75 -82.31
N CYS T 11 16.36 -52.80 -81.74
CA CYS T 11 16.75 -52.21 -80.47
C CYS T 11 16.30 -53.04 -79.28
N THR T 12 15.34 -53.93 -79.48
CA THR T 12 14.87 -54.81 -78.42
C THR T 12 15.72 -56.06 -78.31
N LEU T 13 16.23 -56.57 -79.44
CA LEU T 13 17.17 -57.68 -79.40
C LEU T 13 18.54 -57.23 -78.94
N ALA T 14 18.99 -56.07 -79.40
CA ALA T 14 20.28 -55.54 -78.95
C ALA T 14 20.30 -55.34 -77.44
N ALA T 15 19.22 -54.74 -76.91
CA ALA T 15 19.14 -54.53 -75.47
C ALA T 15 19.17 -55.85 -74.72
N GLY T 16 18.45 -56.85 -75.21
CA GLY T 16 18.44 -58.14 -74.55
C GLY T 16 19.81 -58.79 -74.53
N ILE T 17 20.50 -58.80 -75.67
CA ILE T 17 21.82 -59.41 -75.75
C ILE T 17 22.80 -58.66 -74.86
N TRP T 18 22.61 -57.34 -74.72
CA TRP T 18 23.57 -56.52 -74.00
C TRP T 18 23.33 -56.54 -72.50
N PHE T 19 22.07 -56.51 -72.07
CA PHE T 19 21.77 -56.36 -70.65
C PHE T 19 21.54 -57.69 -69.95
N ILE T 20 20.84 -58.63 -70.57
CA ILE T 20 20.51 -59.90 -69.93
C ILE T 20 21.77 -60.58 -69.39
N PRO T 21 22.89 -60.58 -70.12
CA PRO T 21 24.11 -61.19 -69.55
C PRO T 21 24.62 -60.44 -68.33
N GLN T 22 24.75 -59.12 -68.44
CA GLN T 22 25.15 -58.32 -67.29
C GLN T 22 24.24 -58.60 -66.11
N ASP T 23 22.93 -58.55 -66.34
CA ASP T 23 21.97 -58.70 -65.26
C ASP T 23 22.06 -60.07 -64.61
N VAL T 24 22.15 -61.13 -65.41
CA VAL T 24 22.20 -62.47 -64.83
C VAL T 24 23.39 -62.56 -63.87
N ALA T 25 24.55 -62.05 -64.29
CA ALA T 25 25.70 -62.02 -63.42
C ALA T 25 25.41 -61.23 -62.16
N ALA T 26 24.86 -60.03 -62.32
CA ALA T 26 24.64 -59.14 -61.17
C ALA T 26 23.73 -59.80 -60.15
N ILE T 27 22.57 -60.31 -60.59
CA ILE T 27 21.66 -60.97 -59.67
C ILE T 27 22.33 -62.19 -59.06
N SER T 28 23.12 -62.91 -59.85
CA SER T 28 23.78 -64.12 -59.34
C SER T 28 24.73 -63.77 -58.21
N ALA T 29 25.47 -62.67 -58.34
CA ALA T 29 26.38 -62.26 -57.28
C ALA T 29 25.62 -61.98 -55.99
N PHE T 30 24.45 -61.34 -56.10
CA PHE T 30 23.63 -61.11 -54.91
C PHE T 30 23.16 -62.44 -54.33
N LEU T 31 22.73 -63.37 -55.20
CA LEU T 31 22.30 -64.68 -54.73
C LEU T 31 23.45 -65.42 -54.07
N LEU T 32 24.67 -65.26 -54.59
CA LEU T 32 25.83 -65.89 -53.99
C LEU T 32 26.14 -65.30 -52.62
N TYR T 33 26.10 -63.97 -52.49
CA TYR T 33 26.31 -63.35 -51.20
C TYR T 33 25.27 -63.80 -50.20
N GLY T 34 24.04 -64.05 -50.67
CA GLY T 34 23.02 -64.57 -49.78
C GLY T 34 23.35 -65.96 -49.27
N ARG T 35 23.82 -66.84 -50.15
CA ARG T 35 24.16 -68.19 -49.74
C ARG T 35 25.33 -68.19 -48.77
N SER T 36 26.32 -67.33 -49.01
CA SER T 36 27.46 -67.27 -48.10
C SER T 36 27.01 -66.98 -46.68
N LYS T 37 26.08 -66.05 -46.52
CA LYS T 37 25.55 -65.75 -45.19
C LYS T 37 24.71 -66.90 -44.66
N SER T 38 23.84 -67.47 -45.50
CA SER T 38 22.94 -68.53 -45.04
C SER T 38 23.71 -69.75 -44.58
N ARG T 39 24.71 -70.17 -45.36
CA ARG T 39 25.45 -71.38 -45.00
C ARG T 39 26.29 -71.19 -43.75
N THR T 40 26.55 -69.94 -43.35
CA THR T 40 27.30 -69.67 -42.14
C THR T 40 26.40 -69.46 -40.92
N ILE T 41 25.08 -69.42 -41.11
CA ILE T 41 24.13 -69.18 -40.03
C ILE T 41 23.31 -70.42 -39.74
N ASN T 42 22.89 -71.14 -40.78
CA ASN T 42 22.16 -72.40 -40.60
C ASN T 42 22.44 -73.27 -41.83
N GLN T 43 23.57 -73.98 -41.78
CA GLN T 43 23.92 -74.88 -42.87
C GLN T 43 22.96 -76.06 -42.88
N PRO T 44 22.40 -76.43 -44.02
CA PRO T 44 21.57 -77.65 -44.05
C PRO T 44 22.40 -78.87 -43.70
N VAL T 45 21.94 -79.61 -42.69
CA VAL T 45 22.64 -80.78 -42.17
C VAL T 45 21.72 -81.98 -42.34
N TYR T 46 22.23 -83.02 -42.99
CA TYR T 46 21.42 -84.19 -43.34
C TYR T 46 21.56 -85.29 -42.30
N VAL T 47 20.42 -85.80 -41.83
CA VAL T 47 20.37 -86.88 -40.83
C VAL T 47 19.85 -88.13 -41.53
N ASP T 48 20.21 -89.30 -41.00
CA ASP T 48 19.75 -90.54 -41.60
C ASP T 48 18.27 -90.80 -41.30
N ASN T 49 17.93 -91.08 -40.04
CA ASN T 49 16.56 -91.40 -39.66
C ASN T 49 16.00 -90.26 -38.82
N ILE T 50 14.87 -89.72 -39.26
CA ILE T 50 14.27 -88.56 -38.58
C ILE T 50 13.86 -88.94 -37.16
N ASP T 51 13.31 -90.13 -36.96
CA ASP T 51 12.79 -90.51 -35.65
C ASP T 51 13.90 -90.54 -34.59
N THR T 52 15.04 -91.15 -34.93
CA THR T 52 16.15 -91.19 -33.97
C THR T 52 16.66 -89.78 -33.69
N ALA T 53 16.80 -88.97 -34.74
CA ALA T 53 17.28 -87.60 -34.57
C ALA T 53 16.36 -86.82 -33.64
N ALA T 54 15.06 -86.97 -33.81
CA ALA T 54 14.10 -86.26 -32.98
C ALA T 54 14.27 -86.65 -31.52
N ASN T 55 14.48 -87.94 -31.25
CA ASN T 55 14.66 -88.38 -29.87
C ASN T 55 15.90 -87.75 -29.26
N GLU T 56 17.03 -87.80 -29.95
CA GLU T 56 18.24 -87.19 -29.43
C GLU T 56 18.02 -85.71 -29.15
N TYR T 57 17.26 -85.03 -30.00
CA TYR T 57 16.96 -83.62 -29.78
C TYR T 57 16.15 -83.41 -28.52
N PHE T 58 15.03 -84.14 -28.38
CA PHE T 58 14.20 -83.97 -27.20
C PHE T 58 14.99 -84.27 -25.93
N LYS T 59 15.83 -85.31 -25.98
CA LYS T 59 16.67 -85.65 -24.84
C LYS T 59 17.69 -84.55 -24.55
N ARG T 60 18.32 -84.02 -25.59
CA ARG T 60 19.36 -83.02 -25.41
C ARG T 60 18.81 -81.70 -24.90
N LYS T 61 17.59 -81.35 -25.29
CA LYS T 61 17.00 -80.06 -24.96
C LYS T 61 16.03 -80.13 -23.80
N GLY T 62 15.78 -81.32 -23.27
CA GLY T 62 14.87 -81.49 -22.15
C GLY T 62 13.42 -81.20 -22.48
N LEU T 63 12.99 -81.54 -23.68
CA LEU T 63 11.63 -81.27 -24.15
C LEU T 63 10.80 -82.54 -24.05
N ASP T 64 9.58 -82.42 -23.54
CA ASP T 64 8.70 -83.58 -23.40
C ASP T 64 8.26 -84.05 -24.77
N PRO T 65 8.57 -85.28 -25.18
CA PRO T 65 8.22 -85.71 -26.56
C PRO T 65 6.75 -85.67 -26.85
N THR T 66 5.88 -85.57 -25.84
CA THR T 66 4.45 -85.58 -26.05
C THR T 66 3.91 -84.23 -26.49
N LYS T 67 4.60 -83.15 -26.15
CA LYS T 67 4.12 -81.80 -26.43
C LYS T 67 4.67 -81.25 -27.73
N MET T 68 5.32 -82.08 -28.54
CA MET T 68 6.02 -81.64 -29.74
C MET T 68 5.38 -82.31 -30.96
N ILE T 69 4.72 -81.51 -31.79
CA ILE T 69 4.05 -81.99 -32.99
C ILE T 69 5.07 -82.09 -34.12
N MET T 70 5.42 -83.31 -34.50
CA MET T 70 6.34 -83.55 -35.61
C MET T 70 5.55 -83.75 -36.90
N MET T 71 5.78 -82.90 -37.89
CA MET T 71 5.07 -82.92 -39.16
C MET T 71 6.06 -83.02 -40.32
N ARG T 72 5.63 -83.68 -41.40
CA ARG T 72 6.45 -83.85 -42.59
C ARG T 72 6.07 -82.76 -43.60
N LYS T 73 6.94 -81.76 -43.73
CA LYS T 73 6.67 -80.62 -44.61
C LYS T 73 6.83 -80.98 -46.08
N SER T 74 7.81 -81.83 -46.39
CA SER T 74 8.10 -82.23 -47.76
C SER T 74 8.69 -83.62 -47.74
N SER T 75 8.92 -84.18 -48.94
CA SER T 75 9.45 -85.53 -49.02
C SER T 75 10.79 -85.65 -48.33
N LYS T 76 11.59 -84.59 -48.33
CA LYS T 76 12.92 -84.60 -47.72
C LYS T 76 13.03 -83.60 -46.57
N ILE T 77 11.91 -83.19 -45.99
CA ILE T 77 11.89 -82.20 -44.91
C ILE T 77 10.85 -82.62 -43.88
N THR T 78 11.29 -82.80 -42.63
CA THR T 78 10.41 -82.96 -41.48
C THR T 78 10.60 -81.75 -40.56
N GLU T 79 9.65 -81.54 -39.65
CA GLU T 79 9.69 -80.35 -38.80
C GLU T 79 9.02 -80.60 -37.47
N ILE T 80 9.79 -80.49 -36.38
CA ILE T 80 9.30 -80.55 -35.01
C ILE T 80 8.83 -79.15 -34.60
N ARG T 81 7.66 -79.07 -33.97
CA ARG T 81 7.10 -77.80 -33.52
C ARG T 81 6.47 -77.97 -32.14
N TYR T 82 6.41 -76.87 -31.39
CA TYR T 82 5.70 -76.88 -30.11
C TYR T 82 4.20 -76.94 -30.35
N GLY T 83 3.54 -77.91 -29.72
CA GLY T 83 2.10 -78.04 -29.88
C GLY T 83 1.30 -77.09 -29.01
N GLU T 84 1.91 -76.56 -27.95
CA GLU T 84 1.24 -75.66 -27.02
C GLU T 84 1.74 -74.23 -27.19
N MET T 85 2.09 -73.85 -28.41
CA MET T 85 2.58 -72.53 -28.73
C MET T 85 1.40 -71.61 -29.03
N TYR T 86 1.24 -70.55 -28.23
CA TYR T 86 0.11 -69.62 -28.34
C TYR T 86 -0.41 -69.50 -29.77
N ALA U 1 8.45 -36.77 18.93
CA ALA U 1 9.81 -36.62 18.44
C ALA U 1 9.81 -35.97 17.06
N GLY U 2 10.97 -35.47 16.63
CA GLY U 2 11.10 -34.92 15.30
C GLY U 2 11.75 -35.91 14.36
N ARG U 3 11.75 -37.20 14.75
CA ARG U 3 12.44 -38.24 13.98
C ARG U 3 11.76 -38.48 12.65
N ALA U 4 10.46 -38.18 12.54
CA ALA U 4 9.68 -38.42 11.34
C ALA U 4 9.25 -37.13 10.67
N LEU U 5 8.51 -36.26 11.36
CA LEU U 5 7.97 -35.05 10.76
C LEU U 5 8.94 -33.89 10.85
N GLU U 6 10.12 -34.10 11.42
CA GLU U 6 11.14 -33.08 11.56
C GLU U 6 10.69 -31.98 12.53
N ASP U 7 9.74 -32.30 13.41
CA ASP U 7 9.16 -31.33 14.34
C ASP U 7 9.95 -31.33 15.64
N SER U 8 11.13 -30.70 15.59
CA SER U 8 12.01 -30.57 16.75
C SER U 8 12.36 -29.11 16.98
N THR U 9 12.35 -28.69 18.25
CA THR U 9 12.63 -27.31 18.64
C THR U 9 13.98 -27.24 19.35
N SER U 10 14.79 -26.22 19.02
CA SER U 10 16.14 -26.05 19.53
C SER U 10 16.33 -24.64 20.10
N ASP U 11 17.36 -24.48 20.95
CA ASP U 11 17.68 -23.20 21.59
C ASP U 11 19.19 -22.97 21.53
N ILE U 12 19.63 -21.72 21.78
CA ILE U 12 21.06 -21.40 21.73
C ILE U 12 21.79 -22.29 22.74
N SER U 13 22.95 -22.80 22.35
CA SER U 13 23.76 -23.72 23.21
C SER U 13 24.27 -23.01 24.46
N THR U 14 24.60 -23.76 25.52
CA THR U 14 25.09 -23.20 26.80
C THR U 14 26.11 -24.18 27.41
N TRP U 15 26.67 -23.87 28.57
CA TRP U 15 27.65 -24.75 29.27
C TRP U 15 26.96 -26.08 29.61
N ALA U 16 27.65 -27.21 29.52
CA ALA U 16 27.06 -28.55 29.76
C ALA U 16 25.89 -28.70 28.77
N ALA U 17 24.64 -28.58 29.20
CA ALA U 17 23.45 -28.64 28.31
C ALA U 17 23.39 -30.03 27.67
N SER U 18 23.38 -30.17 26.34
CA SER U 18 23.37 -31.47 25.61
C SER U 18 22.01 -32.15 25.73
N SER U 19 21.57 -32.47 26.96
CA SER U 19 20.20 -32.95 27.28
C SER U 19 19.16 -31.88 26.95
N LEU U 20 17.91 -32.27 26.67
CA LEU U 20 16.80 -31.33 26.34
C LEU U 20 15.98 -31.06 27.60
N ALA U 21 16.41 -31.55 28.76
CA ALA U 21 15.69 -31.41 30.05
C ALA U 21 15.60 -29.93 30.44
N SER U 22 16.51 -29.09 29.97
CA SER U 22 16.57 -27.65 30.35
C SER U 22 15.26 -26.94 30.00
N GLY U 23 14.66 -27.23 28.84
CA GLY U 23 13.39 -26.62 28.41
C GLY U 23 12.26 -27.62 28.38
N ALA U 24 11.15 -27.37 29.09
CA ALA U 24 9.96 -28.25 29.10
C ALA U 24 9.30 -28.26 27.73
N TYR U 25 9.21 -27.12 27.05
CA TYR U 25 8.56 -26.98 25.72
C TYR U 25 9.61 -27.27 24.65
N GLU U 26 10.84 -27.60 25.03
CA GLU U 26 11.90 -27.99 24.10
C GLU U 26 12.41 -29.41 24.37
N ALA U 27 11.89 -30.08 25.39
CA ALA U 27 12.34 -31.40 25.82
C ALA U 27 11.78 -32.50 24.91
N THR U 28 12.41 -33.68 24.97
CA THR U 28 11.91 -34.84 24.24
C THR U 28 10.72 -35.44 24.99
N GLU U 29 10.01 -36.38 24.35
CA GLU U 29 8.81 -36.94 24.96
C GLU U 29 9.12 -37.60 26.31
N GLY U 30 10.21 -38.36 26.38
CA GLY U 30 10.57 -39.09 27.59
C GLY U 30 11.86 -38.62 28.24
N ALA U 31 12.27 -37.39 27.96
CA ALA U 31 13.52 -36.86 28.49
C ALA U 31 13.49 -36.82 30.01
N GLY U 32 14.63 -37.13 30.63
CA GLY U 32 14.75 -37.12 32.08
C GLY U 32 14.35 -38.40 32.77
N THR U 33 14.17 -39.49 32.02
CA THR U 33 13.81 -40.79 32.58
C THR U 33 15.08 -41.50 33.03
N PRO U 34 15.27 -41.73 34.34
CA PRO U 34 16.54 -42.31 34.81
C PRO U 34 16.84 -43.68 34.23
N ALA U 35 15.80 -44.50 34.04
CA ALA U 35 16.01 -45.83 33.47
C ALA U 35 16.63 -45.73 32.09
N GLY U 36 16.19 -44.76 31.30
CA GLY U 36 16.77 -44.54 29.98
C GLY U 36 16.72 -45.74 29.07
N GLY U 37 15.63 -46.52 29.13
CA GLY U 37 15.46 -47.68 28.26
C GLY U 37 16.23 -48.90 28.74
N GLY U 38 16.41 -49.86 27.83
CA GLY U 38 17.10 -51.09 28.14
C GLY U 38 18.21 -51.38 27.14
N GLY U 39 19.15 -52.24 27.56
CA GLY U 39 20.29 -52.58 26.70
C GLY U 39 19.91 -53.50 25.56
N ALA U 40 20.63 -53.35 24.44
CA ALA U 40 20.40 -54.21 23.27
C ALA U 40 20.76 -55.67 23.56
N ALA U 41 21.78 -55.91 24.37
CA ALA U 41 22.23 -57.25 24.72
C ALA U 41 22.67 -58.04 23.48
N ALA U 42 23.43 -57.38 22.60
CA ALA U 42 23.92 -57.99 21.37
C ALA U 42 25.28 -58.66 21.57
N ALA U 43 25.79 -58.68 22.80
CA ALA U 43 27.10 -59.27 23.10
C ALA U 43 27.15 -60.76 22.81
N ALA U 44 25.99 -61.42 22.73
CA ALA U 44 25.95 -62.87 22.53
C ALA U 44 26.64 -63.29 21.24
N ALA U 45 26.50 -62.48 20.18
CA ALA U 45 27.13 -62.80 18.90
C ALA U 45 28.65 -62.83 19.02
N ALA U 46 29.28 -63.81 18.35
CA ALA U 46 30.73 -63.96 18.42
C ALA U 46 31.44 -62.78 17.76
N TYR U 47 30.92 -62.30 16.64
CA TYR U 47 31.48 -61.17 15.90
C TYR U 47 30.36 -60.20 15.53
N SER U 48 30.73 -58.93 15.29
CA SER U 48 29.77 -57.89 14.94
C SER U 48 30.04 -57.38 13.53
N ALA U 49 28.97 -57.15 12.77
CA ALA U 49 29.11 -56.67 11.39
C ALA U 49 29.80 -55.31 11.40
N ASN U 50 30.80 -55.15 10.52
CA ASN U 50 31.66 -53.98 10.36
C ASN U 50 32.83 -53.98 11.33
N CYS U 51 32.83 -54.84 12.35
CA CYS U 51 33.98 -55.10 13.20
C CYS U 51 34.47 -53.86 13.94
N ARG U 52 33.67 -52.80 13.97
CA ARG U 52 34.09 -51.55 14.60
C ARG U 52 34.27 -51.72 16.09
N ASP U 53 33.35 -52.45 16.74
CA ASP U 53 33.41 -52.65 18.18
C ASP U 53 34.69 -53.38 18.58
N GLU U 54 35.08 -54.39 17.81
CA GLU U 54 36.29 -55.15 18.12
C GLU U 54 37.53 -54.26 18.05
N LEU U 55 37.61 -53.44 17.00
CA LEU U 55 38.76 -52.54 16.87
C LEU U 55 38.79 -51.53 18.00
N ASN U 56 37.62 -50.99 18.35
CA ASN U 56 37.55 -50.01 19.42
C ASN U 56 38.03 -50.60 20.73
N SER U 57 37.65 -51.85 21.00
CA SER U 57 38.10 -52.53 22.21
C SER U 57 39.61 -52.69 22.21
N HIS U 58 40.18 -53.13 21.08
CA HIS U 58 41.62 -53.33 21.02
C HIS U 58 42.38 -52.02 21.19
N VAL U 59 41.91 -50.95 20.54
CA VAL U 59 42.59 -49.66 20.62
C VAL U 59 42.58 -49.16 22.06
N GLU U 60 41.47 -49.34 22.75
CA GLU U 60 41.37 -48.90 24.14
C GLU U 60 42.35 -49.68 25.01
N CYS U 61 42.49 -50.98 24.76
CA CYS U 61 43.47 -51.77 25.50
C CYS U 61 44.89 -51.29 25.22
N VAL U 62 45.19 -51.01 23.95
CA VAL U 62 46.53 -50.56 23.58
C VAL U 62 46.86 -49.25 24.28
N LYS U 63 45.90 -48.32 24.28
CA LYS U 63 46.12 -47.04 24.93
C LYS U 63 46.30 -47.22 26.43
N ALA U 64 45.51 -48.10 27.03
CA ALA U 64 45.61 -48.34 28.47
C ALA U 64 46.97 -48.90 28.85
N PHE U 65 47.48 -49.86 28.07
CA PHE U 65 48.78 -50.45 28.38
C PHE U 65 49.90 -49.43 28.28
N LEU U 66 49.86 -48.59 27.25
CA LEU U 66 50.90 -47.57 27.07
C LEU U 66 50.90 -46.59 28.22
N ARG U 67 49.70 -46.18 28.66
CA ARG U 67 49.60 -45.26 29.79
C ARG U 67 50.14 -45.90 31.06
N LEU U 68 49.85 -47.19 31.25
CA LEU U 68 50.37 -47.91 32.42
C LEU U 68 51.88 -47.97 32.39
N SER U 69 52.46 -48.25 31.22
CA SER U 69 53.91 -48.29 31.09
C SER U 69 54.52 -46.91 31.31
N ALA U 70 53.87 -45.87 30.80
CA ALA U 70 54.35 -44.51 30.99
C ALA U 70 54.33 -44.14 32.47
N ALA U 71 53.31 -44.59 33.18
CA ALA U 71 53.15 -44.31 34.60
C ALA U 71 53.82 -45.40 35.42
N GLY U 72 57.56 -52.54 32.17
CA GLY U 72 56.93 -53.23 31.05
C GLY U 72 57.56 -52.90 29.71
N GLY U 73 58.36 -53.82 29.19
CA GLY U 73 59.01 -53.63 27.90
C GLY U 73 58.51 -54.63 26.86
N GLY U 74 58.03 -54.12 25.73
CA GLY U 74 57.48 -54.99 24.70
C GLY U 74 56.32 -55.84 25.20
N ALA U 75 55.50 -55.29 26.08
CA ALA U 75 54.35 -56.03 26.61
C ALA U 75 53.37 -56.36 25.49
N ALA U 76 52.91 -57.61 25.45
CA ALA U 76 52.09 -58.07 24.33
C ALA U 76 50.76 -57.32 24.25
N GLY U 77 50.05 -57.22 25.37
CA GLY U 77 48.71 -56.65 25.33
C GLY U 77 47.85 -57.29 24.27
N GLY U 78 47.95 -58.63 24.13
CA GLY U 78 47.31 -59.34 23.04
C GLY U 78 45.95 -59.91 23.42
N GLY U 79 45.24 -60.40 22.39
CA GLY U 79 43.93 -60.99 22.57
C GLY U 79 42.83 -60.12 22.02
N GLY U 80 42.92 -58.81 22.25
CA GLY U 80 42.00 -57.90 21.59
C GLY U 80 42.23 -57.88 20.10
N GLY U 81 43.51 -57.90 19.69
CA GLY U 81 43.83 -57.97 18.28
C GLY U 81 43.37 -59.27 17.66
N GLY U 82 43.50 -60.38 18.39
CA GLY U 82 43.05 -61.66 17.87
C GLY U 82 41.55 -61.65 17.62
N GLY U 83 40.79 -61.06 18.54
CA GLY U 83 39.35 -60.95 18.33
C GLY U 83 39.02 -60.10 17.12
N TYR U 84 39.76 -59.01 16.92
CA TYR U 84 39.52 -58.13 15.78
C TYR U 84 39.82 -58.84 14.47
N ALA U 85 40.93 -59.56 14.41
CA ALA U 85 41.33 -60.25 13.18
C ALA U 85 40.33 -61.33 12.82
N ALA U 86 39.89 -62.10 13.81
CA ALA U 86 38.90 -63.15 13.57
C ALA U 86 37.59 -62.55 13.08
N ALA U 87 37.18 -61.43 13.69
CA ALA U 87 35.95 -60.76 13.29
C ALA U 87 36.03 -60.24 11.87
N ALA U 88 37.20 -59.71 11.50
CA ALA U 88 37.39 -59.23 10.13
C ALA U 88 37.27 -60.35 9.12
N ALA U 89 37.85 -61.52 9.44
CA ALA U 89 37.74 -62.68 8.57
C ALA U 89 36.30 -63.15 8.45
N ALA U 90 35.58 -63.17 9.57
CA ALA U 90 34.18 -63.57 9.55
C ALA U 90 33.36 -62.61 8.70
N ALA U 91 33.66 -61.31 8.79
CA ALA U 91 32.96 -60.31 8.00
C ALA U 91 33.17 -60.54 6.51
N ALA U 92 34.39 -60.92 6.11
CA ALA U 92 34.70 -61.22 4.71
C ALA U 92 33.67 -62.18 4.12
N UNK U 93 33.09 -63.03 4.97
CA UNK U 93 32.03 -63.94 4.54
C UNK U 93 30.66 -63.24 4.63
N UNK U 94 29.68 -63.91 5.22
CA UNK U 94 28.34 -63.34 5.35
C UNK U 94 27.40 -64.31 6.09
N UNK U 95 26.66 -63.79 7.06
CA UNK U 95 25.74 -64.62 7.84
C UNK U 95 24.39 -63.94 8.06
N UNK U 96 24.21 -62.77 7.46
CA UNK U 96 22.95 -62.03 7.56
C UNK U 96 22.68 -61.24 6.28
N UNK U 97 22.82 -59.91 6.34
CA UNK U 97 22.55 -59.05 5.18
C UNK U 97 22.95 -57.60 5.48
N UNK U 98 22.13 -56.64 5.04
CA UNK U 98 22.35 -55.23 5.35
C UNK U 98 21.50 -54.80 6.53
N UNK U 99 22.14 -54.40 7.62
CA UNK U 99 21.42 -54.04 8.84
C UNK U 99 21.38 -52.52 9.04
N UNK U 100 21.77 -51.78 8.01
CA UNK U 100 21.83 -50.32 8.10
C UNK U 100 20.44 -49.69 7.96
N UNK U 101 19.44 -50.47 7.58
CA UNK U 101 18.09 -49.94 7.38
C UNK U 101 17.02 -51.03 7.35
N UNK U 102 17.07 -51.94 8.33
CA UNK U 102 16.06 -52.99 8.45
C UNK U 102 16.24 -53.76 9.76
N UNK U 103 15.31 -53.56 10.70
CA UNK U 103 15.36 -54.23 11.99
C UNK U 103 14.50 -55.49 11.98
N UNK U 104 14.06 -55.94 13.16
CA UNK U 104 13.24 -57.14 13.26
C UNK U 104 12.26 -57.05 14.43
N UNK U 105 10.97 -56.96 14.13
CA UNK U 105 9.94 -56.91 15.17
C UNK U 105 10.18 -58.04 16.17
N UNK U 106 10.29 -57.70 17.45
CA UNK U 106 10.58 -58.69 18.49
C UNK U 106 9.35 -59.55 18.79
N UNK U 107 9.23 -60.04 20.03
CA UNK U 107 8.10 -60.87 20.41
C UNK U 107 6.89 -60.02 20.80
N GLU U 108 5.74 -60.65 21.07
CA GLU U 108 4.54 -59.93 21.46
C GLU U 108 4.80 -59.13 22.74
N PRO U 109 4.04 -58.07 23.00
CA PRO U 109 4.08 -57.45 24.32
C PRO U 109 3.63 -58.45 25.37
N PRO U 110 4.23 -58.46 26.56
CA PRO U 110 3.85 -59.48 27.54
C PRO U 110 2.37 -59.38 27.91
N VAL U 111 1.72 -60.54 28.08
CA VAL U 111 0.29 -60.54 28.38
C VAL U 111 0.05 -60.10 29.82
N CYS U 112 -0.99 -59.32 30.05
CA CYS U 112 -1.41 -58.89 31.38
C CYS U 112 -0.36 -58.01 32.06
N GLU U 113 0.51 -57.39 31.26
CA GLU U 113 1.58 -56.57 31.81
C GLU U 113 1.03 -55.34 32.52
N ALA U 114 0.01 -54.70 31.94
CA ALA U 114 -0.56 -53.50 32.53
C ALA U 114 -1.18 -53.80 33.89
N GLU U 115 -1.87 -54.94 34.00
CA GLU U 115 -2.47 -55.32 35.28
C GLU U 115 -1.40 -55.60 36.31
N LEU U 116 -0.31 -56.23 35.89
CA LEU U 116 0.83 -56.46 36.78
C LEU U 116 1.46 -55.14 37.20
N THR U 117 1.56 -54.19 36.27
CA THR U 117 2.12 -52.88 36.57
C THR U 117 1.27 -52.15 37.60
N VAL U 118 -0.05 -52.23 37.47
CA VAL U 118 -0.96 -51.59 38.43
C VAL U 118 -0.79 -52.24 39.80
N HIS U 119 -0.69 -53.56 39.85
CA HIS U 119 -0.48 -54.24 41.13
C HIS U 119 0.86 -53.84 41.73
N GLY U 120 1.89 -53.71 40.88
CA GLY U 120 3.19 -53.30 41.37
C GLY U 120 3.19 -51.92 41.97
N SER U 121 2.50 -50.98 41.33
CA SER U 121 2.42 -49.63 41.88
C SER U 121 1.71 -49.62 43.22
N CYS U 122 0.64 -50.41 43.34
CA CYS U 122 -0.07 -50.52 44.61
C CYS U 122 0.85 -51.06 45.70
N VAL U 123 1.60 -52.12 45.38
CA VAL U 123 2.49 -52.75 46.36
C VAL U 123 3.53 -51.75 46.82
N GLY U 124 4.12 -51.02 45.88
CA GLY U 124 5.16 -50.07 46.23
C GLY U 124 4.65 -48.94 47.11
N GLN U 125 3.48 -48.39 46.76
CA GLN U 125 2.90 -47.33 47.57
C GLN U 125 2.53 -47.83 48.95
N TYR U 126 1.95 -49.02 49.04
CA TYR U 126 1.55 -49.57 50.33
C TYR U 126 2.77 -49.77 51.22
N LEU U 127 3.82 -50.38 50.68
CA LEU U 127 5.03 -50.63 51.45
C LEU U 127 5.68 -49.33 51.88
N LYS U 128 5.81 -48.39 50.94
CA LYS U 128 6.47 -47.12 51.23
C LYS U 128 5.68 -46.32 52.26
N ASN U 129 4.36 -46.22 52.07
CA ASN U 129 3.54 -45.44 53.00
C ASN U 129 3.52 -46.06 54.38
N SER U 130 3.42 -47.39 54.45
CA SER U 130 3.35 -48.06 55.75
C SER U 130 4.65 -47.87 56.54
N ILE U 131 5.79 -47.98 55.86
CA ILE U 131 7.07 -47.77 56.52
C ILE U 131 7.20 -46.31 56.97
N LEU U 132 6.84 -45.38 56.08
CA LEU U 132 6.96 -43.95 56.38
C LEU U 132 6.00 -43.52 57.48
N LYS U 133 4.78 -44.02 57.47
CA LYS U 133 3.77 -43.67 58.45
C LYS U 133 3.77 -44.59 59.67
N ARG U 134 4.61 -45.62 59.65
CA ARG U 134 4.78 -46.59 60.74
C ARG U 134 3.59 -47.54 60.86
N ARG U 135 2.75 -47.62 59.82
CA ARG U 135 1.67 -48.59 59.81
C ARG U 135 2.23 -49.99 59.53
N PRO U 136 1.59 -51.05 60.04
CA PRO U 136 2.10 -52.40 59.80
C PRO U 136 1.96 -52.83 58.35
N TYR U 137 2.98 -53.53 57.83
CA TYR U 137 2.95 -54.10 56.48
C TYR U 137 2.83 -55.61 56.58
N PRO U 138 1.88 -56.25 55.88
CA PRO U 138 1.60 -57.68 56.14
C PRO U 138 2.79 -58.61 55.96
N PHE U 139 3.62 -58.41 54.93
CA PHE U 139 4.71 -59.32 54.62
C PHE U 139 6.04 -58.88 55.22
N LEU U 140 6.11 -57.66 55.73
CA LEU U 140 7.34 -57.09 56.29
C LEU U 140 7.24 -57.07 57.82
N ASP U 141 8.33 -57.46 58.48
CA ASP U 141 8.32 -57.56 59.94
C ASP U 141 8.01 -56.19 60.56
N PRO U 142 7.21 -56.13 61.64
CA PRO U 142 6.85 -54.83 62.21
C PRO U 142 8.04 -54.00 62.65
N SER U 143 9.18 -54.64 62.94
CA SER U 143 10.36 -53.92 63.38
C SER U 143 10.75 -52.84 62.37
N TYR U 144 10.63 -53.16 61.07
CA TYR U 144 10.92 -52.18 60.04
C TYR U 144 9.95 -51.00 60.12
N THR U 145 8.68 -51.27 60.43
CA THR U 145 7.65 -50.26 60.60
C THR U 145 7.59 -49.86 62.08
N GLY U 146 6.47 -49.27 62.51
CA GLY U 146 6.33 -48.81 63.89
C GLY U 146 6.46 -49.91 64.93
N GLY U 147 6.26 -51.16 64.55
CA GLY U 147 6.29 -52.29 65.47
C GLY U 147 4.94 -52.84 65.83
N GLU U 148 3.86 -52.23 65.34
CA GLU U 148 2.52 -52.74 65.54
C GLU U 148 2.37 -54.09 64.82
N ASP U 149 1.62 -55.01 65.43
CA ASP U 149 1.51 -56.36 64.87
C ASP U 149 1.00 -56.30 63.43
N ASN U 150 1.70 -57.00 62.52
CA ASN U 150 1.34 -57.04 61.11
C ASN U 150 0.61 -58.31 60.72
N THR U 151 0.32 -59.19 61.69
CA THR U 151 -0.32 -60.46 61.39
C THR U 151 -1.69 -60.25 60.75
N TYR U 152 -2.41 -59.22 61.20
CA TYR U 152 -3.75 -58.91 60.71
C TYR U 152 -3.76 -57.73 59.75
N ALA U 153 -2.59 -57.34 59.24
CA ALA U 153 -2.49 -56.21 58.32
C ALA U 153 -3.32 -56.45 57.07
N ASP U 154 -4.06 -55.43 56.64
CA ASP U 154 -4.96 -55.55 55.49
C ASP U 154 -4.16 -55.74 54.20
N ASP U 155 -4.67 -56.59 53.30
CA ASP U 155 -4.05 -56.79 51.98
C ASP U 155 -4.65 -55.77 51.02
N LYS U 156 -4.07 -54.57 51.02
CA LYS U 156 -4.60 -53.47 50.20
C LYS U 156 -4.52 -53.80 48.72
N CYS U 157 -3.48 -54.51 48.29
CA CYS U 157 -3.25 -54.81 46.89
C CYS U 157 -3.87 -56.14 46.47
N PHE U 158 -4.70 -56.74 47.32
CA PHE U 158 -5.38 -57.98 46.96
C PHE U 158 -6.23 -57.80 45.70
N ALA U 159 -6.97 -56.70 45.64
CA ALA U 159 -7.83 -56.45 44.49
C ALA U 159 -7.04 -56.32 43.20
N THR U 160 -5.91 -55.59 43.26
CA THR U 160 -5.09 -55.44 42.07
C THR U 160 -4.47 -56.77 41.65
N ARG U 161 -4.06 -57.59 42.62
CA ARG U 161 -3.52 -58.91 42.31
C ARG U 161 -4.59 -59.77 41.64
N ALA U 162 -5.84 -59.66 42.11
CA ALA U 162 -6.93 -60.43 41.53
C ALA U 162 -7.14 -60.08 40.07
N GLN U 163 -7.03 -58.80 39.72
CA GLN U 163 -7.21 -58.38 38.33
C GLN U 163 -6.18 -59.03 37.42
N PHE U 164 -4.91 -59.08 37.87
CA PHE U 164 -3.88 -59.75 37.09
C PHE U 164 -4.20 -61.22 36.94
N GLU U 165 -4.64 -61.86 38.02
CA GLU U 165 -4.94 -63.28 37.99
C GLU U 165 -6.07 -63.58 37.02
N LYS U 166 -7.08 -62.72 36.99
CA LYS U 166 -8.19 -62.91 36.04
C LYS U 166 -7.70 -62.84 34.60
N CYS U 167 -6.82 -61.88 34.30
CA CYS U 167 -6.27 -61.77 32.95
C CYS U 167 -5.42 -62.99 32.60
N MET U 168 -4.63 -63.47 33.56
CA MET U 168 -3.79 -64.63 33.30
C MET U 168 -4.64 -65.86 33.01
N LEU U 169 -5.78 -65.97 33.67
CA LEU U 169 -6.68 -67.10 33.45
C LEU U 169 -7.20 -67.14 32.01
N LYS U 170 -7.52 -65.97 31.47
CA LYS U 170 -8.06 -65.85 30.11
C LYS U 170 -6.97 -65.59 29.08
N LYS U 171 -5.70 -65.60 29.48
CA LYS U 171 -4.62 -65.23 28.57
C LYS U 171 -4.50 -66.22 27.41
N ASP U 172 -4.77 -67.50 27.66
CA ASP U 172 -4.69 -68.53 26.63
C ASP U 172 -6.02 -68.68 25.89
N ILE U 173 -7.05 -67.96 26.30
CA ILE U 173 -8.37 -68.04 25.68
C ILE U 173 -8.43 -67.08 24.50
N SER V 1 26.10 -47.76 49.06
CA SER V 1 25.21 -48.72 49.69
C SER V 1 23.75 -48.41 49.36
N PHE V 2 23.21 -47.33 49.92
CA PHE V 2 21.81 -46.95 49.73
C PHE V 2 21.74 -45.56 49.10
N THR V 3 20.91 -45.43 48.06
CA THR V 3 20.75 -44.17 47.33
C THR V 3 20.08 -43.13 48.24
N PRO V 4 20.42 -41.84 48.09
CA PRO V 4 19.74 -40.84 48.95
C PRO V 4 18.24 -40.89 48.83
N THR V 5 17.75 -41.15 47.62
CA THR V 5 16.34 -41.41 47.36
C THR V 5 16.17 -42.90 47.15
N CYS V 6 15.17 -43.51 47.79
CA CYS V 6 15.01 -44.95 47.75
C CYS V 6 14.15 -45.38 46.58
N ASN V 7 13.94 -44.48 45.61
CA ASN V 7 13.18 -44.82 44.42
C ASN V 7 13.80 -46.02 43.71
N LYS V 8 15.13 -46.04 43.61
CA LYS V 8 15.83 -47.14 42.97
C LYS V 8 15.58 -48.46 43.71
N GLU V 9 15.67 -48.42 45.05
CA GLU V 9 15.47 -49.63 45.84
C GLU V 9 14.04 -50.13 45.72
N LEU V 10 13.07 -49.23 45.77
CA LEU V 10 11.68 -49.63 45.67
C LEU V 10 11.40 -50.24 44.30
N THR V 11 11.99 -49.65 43.25
CA THR V 11 11.79 -50.18 41.91
C THR V 11 12.29 -51.61 41.82
N ALA V 12 13.42 -51.90 42.47
CA ALA V 12 13.95 -53.25 42.48
C ALA V 12 12.98 -54.21 43.17
N HIS V 13 12.41 -53.80 44.31
CA HIS V 13 11.46 -54.66 45.01
C HIS V 13 10.22 -54.91 44.17
N ILE V 14 9.71 -53.86 43.52
CA ILE V 14 8.52 -54.00 42.70
C ILE V 14 8.80 -54.90 41.49
N ASP V 15 9.99 -54.75 40.91
CA ASP V 15 10.36 -55.61 39.78
C ASP V 15 10.39 -57.07 40.22
N CYS V 16 10.94 -57.32 41.41
CA CYS V 16 10.94 -58.68 41.96
C CYS V 16 9.53 -59.16 42.23
N VAL V 17 8.69 -58.30 42.80
CA VAL V 17 7.30 -58.66 43.10
C VAL V 17 6.56 -59.02 41.83
N LYS V 18 6.70 -58.18 40.80
CA LYS V 18 5.97 -58.40 39.56
C LYS V 18 6.43 -59.67 38.87
N SER V 19 7.74 -59.93 38.84
CA SER V 19 8.26 -61.11 38.17
C SER V 19 7.81 -62.40 38.88
N PHE V 20 7.85 -62.41 40.21
CA PHE V 20 7.45 -63.60 40.95
C PHE V 20 5.98 -63.91 40.76
N LEU V 21 5.12 -62.88 40.78
CA LEU V 21 3.70 -63.09 40.55
C LEU V 21 3.44 -63.61 39.15
N ARG V 22 4.13 -63.03 38.16
CA ARG V 22 3.94 -63.47 36.78
C ARG V 22 4.35 -64.93 36.62
N GLU V 23 5.47 -65.30 37.23
CA GLU V 23 5.92 -66.69 37.18
C GLU V 23 4.92 -67.62 37.85
N ALA V 24 4.42 -67.20 39.01
CA ALA V 24 3.50 -68.05 39.78
C ALA V 24 2.22 -68.33 39.01
N ARG V 25 1.63 -67.28 38.40
CA ARG V 25 0.39 -67.45 37.68
C ARG V 25 0.61 -68.24 36.38
N THR V 26 1.72 -67.97 35.69
CA THR V 26 2.02 -68.67 34.43
C THR V 26 2.25 -70.15 34.65
N LYS V 27 3.02 -70.52 35.67
CA LYS V 27 3.37 -71.90 35.94
C LYS V 27 2.44 -72.54 36.96
N HIS V 28 1.47 -71.78 37.46
CA HIS V 28 0.51 -72.27 38.44
C HIS V 28 1.22 -72.84 39.68
N THR V 29 2.29 -72.15 40.12
CA THR V 29 3.05 -72.49 41.31
C THR V 29 2.65 -71.57 42.47
N PRO V 30 2.83 -72.01 43.72
CA PRO V 30 2.31 -71.22 44.86
C PRO V 30 2.94 -69.83 44.98
N TYR V 31 2.11 -68.82 45.25
CA TYR V 31 2.55 -67.44 45.47
C TYR V 31 2.13 -67.00 46.86
N LEU V 32 3.09 -66.73 47.75
CA LEU V 32 2.82 -66.38 49.14
C LEU V 32 3.88 -65.43 49.67
N PRO V 33 3.66 -64.12 49.55
CA PRO V 33 4.61 -63.17 50.15
C PRO V 33 4.60 -63.26 51.66
N GLY V 34 5.76 -62.96 52.26
CA GLY V 34 5.90 -63.06 53.71
C GLY V 34 5.73 -64.46 54.28
N THR V 35 6.17 -65.49 53.54
CA THR V 35 6.10 -66.89 53.98
C THR V 35 7.45 -67.56 53.66
N GLY V 36 7.47 -68.89 53.70
CA GLY V 36 8.71 -69.62 53.47
C GLY V 36 9.30 -69.36 52.09
N ALA V 37 10.63 -69.22 52.04
CA ALA V 37 11.33 -68.85 50.81
C ALA V 37 11.26 -69.93 49.73
N ALA V 38 11.29 -71.21 50.12
CA ALA V 38 11.45 -72.30 49.15
C ALA V 38 10.32 -72.32 48.11
N ALA V 39 9.07 -72.17 48.55
CA ALA V 39 7.92 -72.25 47.65
C ALA V 39 7.31 -70.89 47.35
N ALA V 40 7.72 -69.84 48.07
CA ALA V 40 7.11 -68.52 47.94
C ALA V 40 8.04 -67.48 48.56
N ASP V 41 7.59 -66.22 48.58
CA ASP V 41 8.32 -65.14 49.23
C ASP V 41 9.73 -65.00 48.67
N LYS V 42 9.85 -65.10 47.35
CA LYS V 42 11.15 -64.94 46.69
C LYS V 42 11.60 -63.49 46.69
N CYS V 43 10.71 -62.56 47.04
CA CYS V 43 11.00 -61.13 47.07
C CYS V 43 11.24 -60.62 48.48
N SER V 44 11.43 -61.51 49.46
CA SER V 44 11.60 -61.09 50.83
C SER V 44 12.84 -60.21 51.00
N GLY V 45 13.95 -60.61 50.37
CA GLY V 45 15.18 -59.86 50.51
C GLY V 45 15.08 -58.45 49.96
N SER V 46 14.47 -58.31 48.78
CA SER V 46 14.34 -56.98 48.17
C SER V 46 13.50 -56.06 49.02
N ARG V 47 12.42 -56.59 49.60
CA ARG V 47 11.55 -55.78 50.45
C ARG V 47 12.30 -55.26 51.67
N GLU V 48 13.09 -56.13 52.31
CA GLU V 48 13.87 -55.72 53.47
C GLU V 48 14.94 -54.70 53.08
N TYR V 49 15.53 -54.85 51.90
CA TYR V 49 16.55 -53.91 51.43
C TYR V 49 15.97 -52.51 51.28
N PHE V 50 14.76 -52.40 50.74
CA PHE V 50 14.11 -51.09 50.63
C PHE V 50 13.85 -50.50 52.00
N ALA V 51 13.43 -51.34 52.95
CA ALA V 51 13.19 -50.88 54.30
C ALA V 51 14.49 -50.37 54.92
N LYS V 52 15.59 -51.08 54.67
CA LYS V 52 16.89 -50.62 55.14
C LYS V 52 17.26 -49.29 54.49
N CYS V 53 16.95 -49.13 53.20
CA CYS V 53 17.24 -47.87 52.44
C CYS V 53 16.49 -46.70 53.08
N THR V 54 15.45 -46.96 53.88
CA THR V 54 14.60 -45.91 54.49
C THR V 54 15.43 -45.09 55.48
N MET V 55 16.64 -45.54 55.84
CA MET V 55 17.53 -44.77 56.73
C MET V 55 17.72 -43.40 56.08
N TYR V 56 17.90 -43.33 54.75
CA TYR V 56 17.95 -42.05 53.99
C TYR V 56 19.17 -41.22 54.43
N ALA V 57 19.17 -39.91 54.16
CA ALA V 57 20.25 -38.98 54.57
C ALA V 57 19.62 -37.60 54.83
N ALA V 58 20.35 -36.69 55.47
CA ALA V 58 19.87 -35.33 55.78
C ALA V 58 19.63 -34.57 54.46
N ALA V 59 18.56 -33.78 54.38
CA ALA V 59 18.20 -33.00 53.16
C ALA V 59 18.78 -33.68 51.91
N THR V 60 18.28 -34.87 51.56
CA THR V 60 18.71 -35.55 50.34
C THR V 60 18.29 -34.78 49.10
N THR V 61 17.22 -33.97 49.22
CA THR V 61 16.69 -33.21 48.09
C THR V 61 17.67 -32.19 47.54
N SER V 62 18.58 -31.67 48.37
CA SER V 62 19.46 -30.56 47.97
C SER V 62 20.71 -31.08 47.25
N PHE V 63 20.53 -31.45 45.98
CA PHE V 63 21.65 -31.90 45.16
C PHE V 63 22.45 -30.71 44.67
N ARG V 64 23.77 -30.86 44.60
CA ARG V 64 24.66 -29.81 44.12
C ARG V 64 25.66 -30.38 43.12
N ARG V 65 25.66 -29.85 41.89
CA ARG V 65 26.68 -30.24 40.91
C ARG V 65 28.07 -29.94 41.45
N THR V 66 29.08 -30.67 40.96
CA THR V 66 30.46 -30.43 41.36
C THR V 66 31.41 -30.70 40.19
N MET V 67 32.50 -29.94 40.12
CA MET V 67 33.57 -30.23 39.17
C MET V 67 34.28 -31.51 39.57
N SER V 68 34.81 -32.24 38.58
CA SER V 68 35.47 -33.50 38.89
C SER V 68 36.69 -33.26 39.77
N THR V 69 36.90 -34.16 40.73
CA THR V 69 38.09 -34.07 41.58
C THR V 69 39.35 -34.20 40.75
N GLU V 70 39.32 -35.03 39.71
CA GLU V 70 40.44 -35.23 38.80
C GLU V 70 40.26 -34.37 37.55
N MET V 71 41.32 -33.67 37.16
CA MET V 71 41.30 -32.81 35.98
C MET V 71 41.44 -33.67 34.73
N PRO V 72 41.29 -33.07 33.53
CA PRO V 72 41.56 -33.83 32.31
C PRO V 72 42.97 -34.41 32.34
N GLN V 73 43.13 -35.61 31.80
CA GLN V 73 44.38 -36.36 31.96
C GLN V 73 45.57 -35.70 31.23
N PRO V 74 46.81 -36.07 31.62
CA PRO V 74 48.02 -35.34 31.14
C PRO V 74 48.33 -35.41 29.65
N CYS V 75 48.27 -36.59 29.02
CA CYS V 75 48.70 -36.77 27.65
C CYS V 75 47.67 -37.55 26.85
N GLU V 76 46.40 -37.33 27.18
CA GLU V 76 45.32 -38.11 26.56
C GLU V 76 45.28 -37.88 25.05
N MET V 77 45.50 -36.63 24.61
CA MET V 77 45.48 -36.33 23.19
C MET V 77 46.57 -37.09 22.44
N GLU V 78 47.76 -37.13 22.99
CA GLU V 78 48.87 -37.86 22.37
C GLU V 78 48.56 -39.36 22.36
N LEU V 79 48.00 -39.86 23.45
CA LEU V 79 47.63 -41.27 23.52
C LEU V 79 46.56 -41.62 22.49
N ASN V 80 45.58 -40.72 22.33
CA ASN V 80 44.50 -40.96 21.38
C ASN V 80 45.05 -41.03 19.95
N LEU V 81 46.01 -40.17 19.63
CA LEU V 81 46.64 -40.19 18.32
C LEU V 81 47.36 -41.51 18.07
N HIS V 82 48.09 -42.01 19.07
CA HIS V 82 48.77 -43.29 18.93
C HIS V 82 47.77 -44.43 18.77
N GLY V 83 46.68 -44.38 19.51
CA GLY V 83 45.67 -45.42 19.40
C GLY V 83 45.05 -45.46 18.01
N GLN V 84 44.79 -44.28 17.44
CA GLN V 84 44.24 -44.22 16.08
C GLN V 84 45.21 -44.82 15.08
N CYS V 85 46.50 -44.54 15.23
CA CYS V 85 47.51 -45.08 14.32
C CYS V 85 47.57 -46.59 14.41
N VAL V 86 47.54 -47.13 15.64
CA VAL V 86 47.60 -48.57 15.82
C VAL V 86 46.41 -49.24 15.16
N GLY V 87 45.22 -48.68 15.38
CA GLY V 87 44.02 -49.26 14.80
C GLY V 87 43.99 -49.17 13.29
N ASN V 88 44.37 -48.02 12.74
CA ASN V 88 44.34 -47.84 11.29
C ASN V 88 45.29 -48.82 10.60
N TYR V 89 46.50 -48.96 11.15
CA TYR V 89 47.47 -49.85 10.54
C TYR V 89 47.06 -51.31 10.69
N LEU V 90 46.44 -51.66 11.81
CA LEU V 90 45.91 -53.00 11.99
C LEU V 90 44.85 -53.30 10.94
N THR V 91 43.96 -52.34 10.68
CA THR V 91 42.91 -52.50 9.68
C THR V 91 43.51 -52.66 8.29
N GLN V 92 44.53 -51.86 7.97
CA GLN V 92 45.20 -51.98 6.67
C GLN V 92 45.94 -53.30 6.55
N SER V 93 46.62 -53.72 7.63
CA SER V 93 47.42 -54.94 7.58
C SER V 93 46.54 -56.18 7.41
N ILE V 94 45.43 -56.26 8.13
CA ILE V 94 44.54 -57.40 7.97
C ILE V 94 43.93 -57.39 6.57
N ARG V 95 43.62 -56.19 6.06
CA ARG V 95 43.05 -56.06 4.72
C ARG V 95 44.04 -56.48 3.63
N THR V 96 45.29 -56.07 3.75
CA THR V 96 46.30 -56.31 2.72
C THR V 96 47.28 -57.42 3.12
N GLY V 97 46.98 -58.15 4.20
CA GLY V 97 47.79 -59.28 4.61
C GLY V 97 49.25 -58.95 4.88
N LYS V 98 49.52 -57.78 5.44
CA LYS V 98 50.88 -57.36 5.77
C LYS V 98 51.34 -57.98 7.09
N ALA V 99 52.65 -57.92 7.33
CA ALA V 99 53.22 -58.37 8.59
C ALA V 99 53.21 -57.26 9.63
N ALA V 100 52.70 -56.08 9.26
CA ALA V 100 52.60 -54.96 10.17
C ALA V 100 51.67 -55.28 11.34
N ALA V 101 50.77 -56.24 11.16
CA ALA V 101 49.96 -56.70 12.28
C ALA V 101 50.85 -57.20 13.41
N GLY V 102 51.92 -57.91 13.07
CA GLY V 102 52.94 -58.26 14.04
C GLY V 102 53.90 -57.10 14.26
N ALA V 103 54.59 -57.13 15.39
CA ALA V 103 55.53 -56.06 15.73
C ALA V 103 54.82 -54.71 15.74
N ALA V 104 53.63 -54.67 16.35
CA ALA V 104 52.87 -53.43 16.44
C ALA V 104 53.65 -52.36 17.18
N ARG V 105 54.44 -52.77 18.18
CA ARG V 105 55.34 -51.87 18.89
C ARG V 105 56.76 -52.20 18.45
N GLY V 106 57.47 -51.20 17.92
CA GLY V 106 58.81 -51.38 17.39
C GLY V 106 59.78 -50.29 17.79
N ALA V 107 60.94 -50.68 18.34
CA ALA V 107 61.90 -49.70 18.83
C ALA V 107 62.46 -48.85 17.69
N ALA V 108 62.86 -49.49 16.59
CA ALA V 108 63.47 -48.78 15.47
C ALA V 108 62.49 -47.88 14.71
N GLN V 109 61.22 -48.25 14.63
CA GLN V 109 60.19 -47.66 13.78
C GLN V 109 60.15 -48.35 12.44
N SER V 110 61.12 -49.23 12.15
CA SER V 110 61.12 -50.00 10.92
C SER V 110 59.98 -51.01 10.93
N GLU V 111 59.74 -51.64 12.07
CA GLU V 111 58.67 -52.61 12.21
C GLU V 111 57.38 -52.00 12.74
N ASP V 112 57.44 -50.75 13.20
CA ASP V 112 56.28 -50.05 13.76
C ASP V 112 56.09 -48.73 13.03
N LYS V 113 54.94 -48.57 12.38
CA LYS V 113 54.58 -47.32 11.74
C LYS V 113 53.94 -46.35 12.71
N CYS V 114 53.64 -46.82 13.92
CA CYS V 114 53.07 -46.02 15.00
C CYS V 114 54.11 -45.73 16.08
N PHE V 115 55.39 -46.01 15.83
CA PHE V 115 56.42 -45.76 16.82
C PHE V 115 56.57 -44.27 17.11
N LEU V 116 56.52 -43.45 16.06
CA LEU V 116 56.73 -42.02 16.23
C LEU V 116 55.65 -41.40 17.11
N THR V 117 54.39 -41.76 16.88
CA THR V 117 53.31 -41.22 17.70
C THR V 117 53.43 -41.72 19.13
N ARG V 118 53.85 -42.98 19.31
CA ARG V 118 54.09 -43.50 20.65
C ARG V 118 55.18 -42.73 21.36
N ALA V 119 56.24 -42.38 20.64
CA ALA V 119 57.36 -41.65 21.23
C ALA V 119 56.90 -40.30 21.74
N ALA V 120 56.02 -39.64 21.00
CA ALA V 120 55.50 -38.35 21.44
C ALA V 120 54.75 -38.48 22.75
N PHE V 121 53.93 -39.53 22.89
CA PHE V 121 53.22 -39.74 24.15
C PHE V 121 54.20 -39.94 25.29
N GLU V 122 55.25 -40.73 25.05
CA GLU V 122 56.24 -41.01 26.08
C GLU V 122 56.97 -39.73 26.48
N LYS V 123 57.31 -38.88 25.51
CA LYS V 123 58.02 -37.64 25.82
C LYS V 123 57.16 -36.70 26.66
N CYS V 124 55.88 -36.57 26.30
CA CYS V 124 55.00 -35.67 27.06
C CYS V 124 54.86 -36.14 28.49
N MET V 125 54.72 -37.45 28.69
CA MET V 125 54.63 -38.01 30.03
C MET V 125 55.93 -37.78 30.80
N MET V 126 57.06 -37.95 30.12
CA MET V 126 58.37 -37.79 30.74
C MET V 126 58.62 -36.34 31.17
N TYR V 127 58.17 -35.39 30.37
CA TYR V 127 58.44 -33.97 30.62
C TYR V 127 57.36 -33.32 31.46
N GLN V 128 56.39 -34.09 31.95
CA GLN V 128 55.33 -33.55 32.78
C GLN V 128 55.90 -32.84 34.00
N LYS V 129 56.84 -33.50 34.68
CA LYS V 129 57.52 -32.89 35.82
C LYS V 129 58.45 -31.77 35.37
N ILE V 130 59.12 -31.96 34.23
CA ILE V 130 60.10 -31.00 33.74
C ILE V 130 59.44 -29.65 33.46
N THR V 131 58.24 -29.66 32.87
CA THR V 131 57.53 -28.46 32.47
C THR V 131 56.44 -28.09 33.47
N GLU V 132 56.48 -28.68 34.67
CA GLU V 132 55.45 -28.40 35.66
C GLU V 132 55.44 -26.93 36.07
N ARG V 133 56.61 -26.30 36.07
CA ARG V 133 56.75 -24.89 36.44
C ARG V 133 56.60 -23.94 35.24
N ALA V 134 56.39 -24.47 34.03
CA ALA V 134 56.32 -23.64 32.84
C ALA V 134 55.21 -22.59 32.97
N THR V 135 55.53 -21.34 32.62
CA THR V 135 54.57 -20.25 32.75
C THR V 135 53.41 -20.41 31.76
N ASN V 136 53.71 -20.88 30.56
CA ASN V 136 52.72 -20.97 29.47
C ASN V 136 52.30 -19.59 28.99
N GLU V 137 53.14 -18.58 29.25
CA GLU V 137 52.91 -17.20 28.86
C GLU V 137 53.74 -16.85 27.65
N GLY V 138 53.11 -16.24 26.65
CA GLY V 138 53.83 -15.67 25.53
C GLY V 138 53.76 -14.15 25.62
N GLN V 139 52.90 -13.54 24.82
CA GLN V 139 52.56 -12.13 24.95
C GLN V 139 51.10 -12.05 25.37
N VAL V 140 50.85 -11.48 26.55
CA VAL V 140 49.52 -11.44 27.16
C VAL V 140 49.00 -10.01 27.10
N GLU V 141 47.78 -9.83 26.59
CA GLU V 141 47.17 -8.51 26.49
C GLU V 141 47.04 -7.89 27.89
N TYR V 142 47.33 -6.60 27.98
CA TYR V 142 47.15 -5.90 29.25
C TYR V 142 45.64 -5.66 29.49
N ALA V 143 45.27 -5.50 30.76
CA ALA V 143 43.85 -5.46 31.11
C ALA V 143 43.12 -4.29 30.44
N ASP V 144 43.79 -3.14 30.32
CA ASP V 144 43.13 -1.99 29.72
C ASP V 144 42.70 -2.28 28.29
N PHE V 145 43.58 -2.93 27.51
CA PHE V 145 43.21 -3.32 26.15
C PHE V 145 42.12 -4.38 26.16
N SER V 146 42.19 -5.31 27.11
CA SER V 146 41.25 -6.43 27.15
C SER V 146 39.82 -5.97 27.41
N ARG V 147 39.63 -4.86 28.12
CA ARG V 147 38.32 -4.38 28.51
C ARG V 147 37.88 -3.15 27.70
N ARG V 148 38.34 -3.02 26.46
CA ARG V 148 38.01 -1.89 25.60
C ARG V 148 36.91 -2.35 24.63
N PHE V 149 36.19 -1.39 23.99
CA PHE V 149 35.07 -1.74 23.11
C PHE V 149 35.57 -2.55 21.91
N GLY V 150 35.05 -3.77 21.76
CA GLY V 150 35.49 -4.71 20.72
C GLY V 150 36.22 -5.88 21.32
N ARG V 151 36.45 -5.83 22.62
CA ARG V 151 37.12 -6.84 23.43
C ARG V 151 36.09 -7.21 24.51
N GLN V 152 36.54 -7.63 25.69
CA GLN V 152 35.65 -8.13 26.73
C GLN V 152 34.98 -6.98 27.50
N THR V 153 34.05 -6.29 26.84
CA THR V 153 33.23 -5.26 27.47
C THR V 153 31.81 -5.32 26.91
N GLN V 154 30.82 -5.02 27.75
CA GLN V 154 29.41 -5.14 27.36
C GLN V 154 29.11 -6.55 26.87
N THR V 155 29.82 -7.53 27.41
CA THR V 155 29.75 -8.91 26.96
C THR V 155 28.65 -9.72 27.65
N THR V 156 28.10 -9.23 28.76
CA THR V 156 27.04 -9.89 29.50
C THR V 156 25.82 -8.98 29.58
N LEU V 157 24.66 -9.50 29.16
CA LEU V 157 23.46 -8.67 29.03
C LEU V 157 23.15 -7.97 30.34
N GLY V 158 22.74 -6.70 30.24
CA GLY V 158 22.50 -5.88 31.40
C GLY V 158 23.72 -5.16 31.92
N ALA V 159 24.86 -5.31 31.24
CA ALA V 159 26.12 -4.66 31.59
C ALA V 159 25.91 -3.30 32.24
N TYR W 1 -7.11 43.65 26.16
CA TYR W 1 -6.18 44.55 26.84
C TYR W 1 -6.59 45.99 26.63
N TYR W 2 -6.33 46.84 27.63
CA TYR W 2 -6.76 48.23 27.59
C TYR W 2 -5.69 49.09 26.95
N TRP W 3 -6.10 49.89 25.97
CA TRP W 3 -5.17 50.71 25.19
C TRP W 3 -5.48 52.19 25.29
N GLY W 4 -6.38 52.60 26.16
CA GLY W 4 -6.67 54.00 26.40
C GLY W 4 -8.09 54.36 26.01
N SER W 5 -8.37 55.65 26.15
CA SER W 5 -9.70 56.19 25.85
C SER W 5 -9.67 56.88 24.50
N THR W 6 -10.66 56.60 23.67
CA THR W 6 -10.79 57.19 22.36
C THR W 6 -11.83 58.31 22.33
N VAL W 7 -12.38 58.69 23.48
CA VAL W 7 -13.29 59.82 23.53
C VAL W 7 -12.52 61.11 23.27
N THR W 8 -13.11 61.99 22.47
CA THR W 8 -12.49 63.24 22.07
C THR W 8 -13.36 64.41 22.50
N THR W 9 -12.79 65.61 22.41
CA THR W 9 -13.52 66.81 22.73
C THR W 9 -14.69 67.02 21.78
N GLU W 10 -14.49 66.69 20.50
CA GLU W 10 -15.54 66.89 19.52
C GLU W 10 -16.78 66.05 19.81
N MET W 11 -16.59 64.90 20.46
CA MET W 11 -17.74 64.07 20.81
C MET W 11 -18.66 64.76 21.80
N HIS W 12 -18.10 65.57 22.70
CA HIS W 12 -18.92 66.30 23.64
C HIS W 12 -19.62 67.49 23.02
N ASN W 13 -19.17 67.94 21.84
CA ASN W 13 -19.75 69.12 21.19
C ASN W 13 -20.90 68.69 20.28
N VAL W 14 -22.01 68.34 20.92
CA VAL W 14 -23.25 68.01 20.22
C VAL W 14 -24.41 68.58 21.02
N SER W 15 -25.42 69.07 20.30
CA SER W 15 -26.57 69.64 20.97
C SER W 15 -27.29 68.57 21.78
N PRO W 16 -27.75 68.88 22.99
CA PRO W 16 -28.39 67.86 23.81
C PRO W 16 -29.76 67.49 23.29
N THR W 17 -30.15 66.25 23.56
CA THR W 17 -31.49 65.76 23.25
C THR W 17 -32.36 65.98 24.48
N GLN W 18 -33.35 66.85 24.35
CA GLN W 18 -34.25 67.16 25.45
C GLN W 18 -35.49 66.29 25.34
N VAL W 19 -35.77 65.53 26.38
CA VAL W 19 -36.93 64.63 26.42
C VAL W 19 -37.80 65.03 27.59
N THR W 20 -39.06 65.34 27.31
CA THR W 20 -40.04 65.65 28.33
C THR W 20 -41.26 64.78 28.14
N ARG W 21 -41.88 64.41 29.25
CA ARG W 21 -43.10 63.59 29.23
C ARG W 21 -44.30 64.52 29.40
N LEU W 22 -45.19 64.52 28.42
CA LEU W 22 -46.43 65.28 28.53
C LEU W 22 -47.33 64.65 29.59
N PRO W 23 -48.29 65.40 30.10
CA PRO W 23 -49.17 64.84 31.14
C PRO W 23 -49.89 63.58 30.71
N ASN W 24 -50.27 63.47 29.44
CA ASN W 24 -50.94 62.26 28.97
C ASN W 24 -50.01 61.06 28.93
N GLY W 25 -48.70 61.27 29.01
CA GLY W 25 -47.73 60.20 28.96
C GLY W 25 -46.91 60.15 27.68
N MET W 26 -47.19 61.02 26.73
CA MET W 26 -46.43 61.04 25.48
C MET W 26 -45.09 61.73 25.72
N ARG W 27 -44.01 61.05 25.35
CA ARG W 27 -42.69 61.65 25.41
C ARG W 27 -42.43 62.49 24.18
N VAL W 28 -41.85 63.66 24.39
CA VAL W 28 -41.45 64.56 23.30
C VAL W 28 -39.95 64.75 23.41
N ALA W 29 -39.23 64.35 22.36
CA ALA W 29 -37.78 64.45 22.31
C ALA W 29 -37.38 65.31 21.12
N THR W 30 -36.43 66.23 21.35
CA THR W 30 -35.96 67.09 20.29
C THR W 30 -34.45 67.27 20.40
N GLN W 31 -33.82 67.50 19.26
CA GLN W 31 -32.42 67.92 19.20
C GLN W 31 -32.30 69.04 18.18
N PHE W 32 -31.67 70.14 18.57
CA PHE W 32 -31.45 71.25 17.66
C PHE W 32 -30.26 70.95 16.76
N SER W 33 -30.37 71.33 15.49
CA SER W 33 -29.27 71.23 14.55
C SER W 33 -29.30 72.43 13.62
N TYR W 34 -28.12 72.87 13.21
CA TYR W 34 -27.98 74.03 12.30
C TYR W 34 -28.25 73.57 10.87
N THR W 35 -29.52 73.33 10.60
CA THR W 35 -29.96 72.88 9.29
C THR W 35 -31.18 73.69 8.85
N ASP W 36 -31.40 73.71 7.54
CA ASP W 36 -32.58 74.34 6.97
C ASP W 36 -33.71 73.35 6.73
N SER W 37 -33.52 72.09 7.08
CA SER W 37 -34.53 71.06 6.95
C SER W 37 -34.68 70.35 8.29
N ALA W 38 -35.84 69.75 8.48
CA ALA W 38 -36.17 69.12 9.75
C ALA W 38 -36.85 67.79 9.51
N THR W 39 -36.97 67.01 10.58
CA THR W 39 -37.69 65.75 10.57
C THR W 39 -38.51 65.66 11.85
N VAL W 40 -39.83 65.62 11.70
CA VAL W 40 -40.74 65.50 12.83
C VAL W 40 -41.65 64.30 12.60
N GLY W 41 -41.70 63.39 13.57
CA GLY W 41 -42.48 62.18 13.40
C GLY W 41 -42.85 61.57 14.73
N LEU W 42 -43.56 60.45 14.66
CA LEU W 42 -44.07 59.73 15.81
C LEU W 42 -43.53 58.31 15.77
N TRP W 43 -42.67 57.98 16.72
CA TRP W 43 -42.14 56.63 16.86
C TRP W 43 -42.96 55.91 17.92
N ILE W 44 -43.72 54.90 17.50
CA ILE W 44 -44.67 54.20 18.34
C ILE W 44 -44.08 52.85 18.75
N ASP W 45 -44.50 52.37 19.91
CA ASP W 45 -44.11 51.05 20.40
C ASP W 45 -45.14 50.00 20.00
N ALA W 46 -45.43 49.95 18.71
CA ALA W 46 -46.37 48.99 18.14
C ALA W 46 -45.70 48.20 17.04
N GLY W 47 -46.32 47.10 16.65
CA GLY W 47 -45.76 46.27 15.60
C GLY W 47 -46.48 44.95 15.50
N ALA W 48 -45.96 44.11 14.60
CA ALA W 48 -46.57 42.82 14.32
C ALA W 48 -46.54 41.92 15.54
N ARG W 49 -45.47 41.97 16.32
CA ARG W 49 -45.36 41.10 17.49
C ARG W 49 -46.56 41.26 18.41
N TYR W 50 -47.09 42.47 18.50
CA TYR W 50 -48.21 42.77 19.39
C TYR W 50 -49.56 42.60 18.71
N GLU W 51 -49.62 41.77 17.68
CA GLU W 51 -50.86 41.37 17.03
C GLU W 51 -51.12 39.91 17.32
N THR W 52 -52.39 39.52 17.25
CA THR W 52 -52.74 38.12 17.47
C THR W 52 -52.70 37.38 16.14
N LYS W 53 -52.71 36.06 16.21
CA LYS W 53 -52.52 35.24 15.02
C LYS W 53 -53.60 35.53 13.98
N GLU W 54 -54.83 35.74 14.43
CA GLU W 54 -55.94 35.98 13.50
C GLU W 54 -55.91 37.38 12.92
N SER W 55 -55.29 38.34 13.60
CA SER W 55 -55.24 39.72 13.15
C SER W 55 -53.89 40.10 12.56
N ASN W 56 -52.96 39.17 12.43
CA ASN W 56 -51.64 39.51 11.90
C ASN W 56 -51.78 40.09 10.51
N GLY W 57 -51.14 41.23 10.29
CA GLY W 57 -51.24 41.97 9.04
C GLY W 57 -52.02 43.26 9.16
N THR W 58 -52.77 43.45 10.24
CA THR W 58 -53.57 44.67 10.39
C THR W 58 -52.68 45.90 10.50
N ALA W 59 -51.61 45.81 11.28
CA ALA W 59 -50.74 46.96 11.48
C ALA W 59 -50.13 47.41 10.17
N HIS W 60 -49.66 46.47 9.35
CA HIS W 60 -49.09 46.81 8.05
C HIS W 60 -50.14 47.44 7.15
N PHE W 61 -51.35 46.88 7.12
CA PHE W 61 -52.44 47.46 6.33
C PHE W 61 -52.73 48.88 6.77
N LEU W 62 -52.86 49.09 8.09
CA LEU W 62 -53.15 50.42 8.61
C LEU W 62 -52.08 51.41 8.19
N GLU W 63 -50.82 51.01 8.29
CA GLU W 63 -49.72 51.90 7.92
C GLU W 63 -49.80 52.29 6.44
N ARG W 64 -50.39 51.44 5.61
CA ARG W 64 -50.53 51.72 4.19
C ARG W 64 -51.75 52.57 3.86
N VAL W 65 -52.67 52.75 4.80
CA VAL W 65 -53.93 53.45 4.57
C VAL W 65 -54.06 54.70 5.44
N LEU W 66 -53.10 54.95 6.32
CA LEU W 66 -53.20 56.07 7.24
C LEU W 66 -53.03 57.41 6.54
N TYR W 67 -52.31 57.43 5.42
CA TYR W 67 -52.06 58.66 4.66
C TYR W 67 -53.00 58.79 3.47
N LEU W 68 -54.03 57.95 3.36
CA LEU W 68 -54.95 57.98 2.24
C LEU W 68 -56.19 58.82 2.53
N GLY W 69 -56.09 59.79 3.42
CA GLY W 69 -57.20 60.66 3.75
C GLY W 69 -57.57 60.60 5.22
N THR W 70 -57.97 61.72 5.78
CA THR W 70 -58.39 61.82 7.17
C THR W 70 -59.89 62.16 7.23
N LYS W 71 -60.39 62.32 8.44
CA LYS W 71 -61.75 62.77 8.64
C LYS W 71 -61.92 64.26 8.41
N ASN W 72 -60.81 65.01 8.35
CA ASN W 72 -60.85 66.44 8.09
C ASN W 72 -60.21 66.81 6.76
N ARG W 73 -59.61 65.86 6.06
CA ARG W 73 -59.01 66.09 4.75
C ARG W 73 -59.44 64.97 3.81
N SER W 74 -58.91 65.02 2.59
CA SER W 74 -59.06 63.95 1.62
C SER W 74 -57.68 63.60 1.09
N ARG W 75 -57.58 62.47 0.40
CA ARG W 75 -56.27 62.04 -0.08
C ARG W 75 -55.65 63.08 -1.01
N ASP W 76 -56.44 63.63 -1.94
CA ASP W 76 -55.93 64.66 -2.82
C ASP W 76 -55.56 65.92 -2.04
N GLN W 77 -56.42 66.35 -1.12
CA GLN W 77 -56.13 67.54 -0.34
C GLN W 77 -54.90 67.33 0.52
N LEU W 78 -54.80 66.18 1.18
CA LEU W 78 -53.66 65.90 2.03
C LEU W 78 -52.37 65.88 1.24
N GLU W 79 -52.36 65.18 0.10
CA GLU W 79 -51.17 65.13 -0.73
C GLU W 79 -50.83 66.52 -1.28
N THR W 80 -51.85 67.28 -1.66
CA THR W 80 -51.61 68.64 -2.14
C THR W 80 -50.99 69.50 -1.05
N GLU W 81 -51.51 69.42 0.17
CA GLU W 81 -51.01 70.27 1.24
C GLU W 81 -49.57 69.97 1.56
N VAL W 82 -49.21 68.68 1.65
CA VAL W 82 -47.83 68.32 1.94
C VAL W 82 -46.91 68.82 0.84
N GLU W 83 -47.32 68.66 -0.41
CA GLU W 83 -46.49 69.12 -1.52
C GLU W 83 -46.30 70.63 -1.48
N ASN W 84 -47.34 71.38 -1.13
CA ASN W 84 -47.21 72.82 -1.04
C ASN W 84 -46.21 73.22 0.04
N LEU W 85 -46.16 72.46 1.14
CA LEU W 85 -45.19 72.74 2.18
C LEU W 85 -43.76 72.36 1.78
N GLY W 86 -43.58 71.71 0.64
CA GLY W 86 -42.28 71.21 0.28
C GLY W 86 -41.80 70.12 1.21
N ALA W 87 -42.69 69.22 1.60
CA ALA W 87 -42.40 68.18 2.56
C ALA W 87 -42.80 66.83 1.98
N ASN W 88 -42.40 65.76 2.66
CA ASN W 88 -42.78 64.41 2.28
C ASN W 88 -43.05 63.59 3.52
N LEU W 89 -44.13 62.80 3.49
CA LEU W 89 -44.53 61.97 4.61
C LEU W 89 -44.04 60.54 4.39
N ASN W 90 -43.37 60.00 5.39
CA ASN W 90 -42.86 58.63 5.37
C ASN W 90 -43.46 57.83 6.52
N SER W 91 -43.32 56.51 6.43
CA SER W 91 -43.82 55.61 7.46
C SER W 91 -43.28 54.21 7.23
N TYR W 92 -43.04 53.49 8.32
CA TYR W 92 -42.61 52.10 8.28
C TYR W 92 -43.29 51.32 9.40
N THR W 93 -43.35 50.00 9.26
CA THR W 93 -43.91 49.12 10.26
C THR W 93 -43.00 47.91 10.46
N GLY W 94 -42.62 47.65 11.70
CA GLY W 94 -41.77 46.51 12.02
C GLY W 94 -42.44 45.54 12.97
N ARG W 95 -41.67 44.61 13.53
CA ARG W 95 -42.26 43.67 14.48
C ARG W 95 -42.55 44.33 15.82
N GLU W 96 -41.63 45.17 16.31
CA GLU W 96 -41.78 45.78 17.62
C GLU W 96 -41.93 47.29 17.60
N GLN W 97 -41.58 47.97 16.51
CA GLN W 97 -41.66 49.42 16.47
C GLN W 97 -42.25 49.87 15.14
N THR W 98 -42.83 51.06 15.18
CA THR W 98 -43.48 51.68 14.02
C THR W 98 -43.14 53.17 14.04
N ALA W 99 -43.21 53.80 12.87
CA ALA W 99 -42.93 55.22 12.80
C ALA W 99 -43.75 55.88 11.69
N PHE W 100 -44.04 57.16 11.90
CA PHE W 100 -44.72 58.01 10.92
C PHE W 100 -44.02 59.37 10.99
N TYR W 101 -43.05 59.59 10.10
CA TYR W 101 -42.21 60.77 10.17
C TYR W 101 -42.26 61.55 8.86
N ALA W 102 -42.23 62.87 8.99
CA ALA W 102 -42.25 63.80 7.88
C ALA W 102 -40.91 64.52 7.78
N LYS W 103 -40.39 64.62 6.55
CA LYS W 103 -39.19 65.38 6.26
C LYS W 103 -39.63 66.67 5.58
N THR W 104 -39.44 67.80 6.24
CA THR W 104 -39.93 69.08 5.75
C THR W 104 -38.86 70.14 5.93
N THR W 105 -39.18 71.36 5.51
CA THR W 105 -38.32 72.51 5.73
C THR W 105 -38.63 73.11 7.10
N LYS W 106 -37.96 74.21 7.42
CA LYS W 106 -38.12 74.80 8.75
C LYS W 106 -39.54 75.32 8.96
N ASP W 107 -40.13 75.94 7.94
CA ASP W 107 -41.45 76.51 8.08
C ASP W 107 -42.56 75.46 8.12
N GLY W 108 -42.26 74.23 7.72
CA GLY W 108 -43.23 73.16 7.72
C GLY W 108 -43.22 72.27 8.95
N ILE W 109 -42.45 72.62 9.98
CA ILE W 109 -42.35 71.75 11.15
C ILE W 109 -43.68 71.68 11.87
N LEU W 110 -44.15 72.81 12.39
CA LEU W 110 -45.45 72.82 13.06
C LEU W 110 -46.59 72.41 12.15
N PRO W 111 -46.68 72.91 10.91
CA PRO W 111 -47.76 72.43 10.02
C PRO W 111 -47.75 70.93 9.84
N CYS W 112 -46.56 70.31 9.75
CA CYS W 112 -46.51 68.87 9.59
C CYS W 112 -46.95 68.14 10.85
N ILE W 113 -46.68 68.70 12.02
CA ILE W 113 -47.20 68.10 13.26
C ILE W 113 -48.71 67.98 13.18
N ASP W 114 -49.37 69.03 12.69
CA ASP W 114 -50.82 68.99 12.53
C ASP W 114 -51.25 67.88 11.58
N ILE W 115 -50.54 67.74 10.47
CA ILE W 115 -50.90 66.73 9.48
C ILE W 115 -50.76 65.33 10.06
N LEU W 116 -49.64 65.08 10.74
CA LEU W 116 -49.41 63.75 11.30
C LEU W 116 -50.41 63.44 12.40
N ALA W 117 -50.73 64.42 13.24
CA ALA W 117 -51.68 64.18 14.31
C ALA W 117 -53.05 63.82 13.75
N ASP W 118 -53.48 64.51 12.70
CA ASP W 118 -54.77 64.20 12.09
C ASP W 118 -54.79 62.80 11.52
N CYS W 119 -53.71 62.38 10.85
CA CYS W 119 -53.67 61.04 10.28
C CYS W 119 -53.73 59.98 11.37
N ILE W 120 -52.97 60.16 12.45
CA ILE W 120 -52.89 59.13 13.48
C ILE W 120 -54.18 59.09 14.29
N LEU W 121 -54.76 60.25 14.58
CA LEU W 121 -55.88 60.30 15.51
C LEU W 121 -57.23 60.19 14.81
N ASN W 122 -57.36 60.66 13.58
CA ASN W 122 -58.63 60.68 12.87
C ASN W 122 -58.53 60.04 11.49
N PRO W 123 -57.97 58.83 11.40
CA PRO W 123 -57.83 58.20 10.08
C PRO W 123 -59.18 57.85 9.49
N LYS W 124 -59.36 58.24 8.22
CA LYS W 124 -60.57 57.92 7.46
C LYS W 124 -60.25 56.69 6.63
N LEU W 125 -60.55 55.52 7.20
CA LEU W 125 -60.20 54.24 6.57
C LEU W 125 -61.29 53.86 5.57
N ASP W 126 -61.32 54.61 4.47
CA ASP W 126 -62.34 54.42 3.46
C ASP W 126 -62.27 53.01 2.88
N GLY W 127 -63.44 52.44 2.60
CA GLY W 127 -63.49 51.09 2.07
C GLY W 127 -62.80 50.95 0.73
N ASP W 128 -62.99 51.94 -0.15
CA ASP W 128 -62.36 51.89 -1.46
C ASP W 128 -60.84 51.86 -1.33
N GLU W 129 -60.29 52.71 -0.45
CA GLU W 129 -58.85 52.69 -0.24
C GLU W 129 -58.39 51.34 0.29
N ILE W 130 -59.17 50.75 1.19
CA ILE W 130 -58.81 49.44 1.75
C ILE W 130 -58.77 48.39 0.65
N GLU W 131 -59.78 48.38 -0.22
CA GLU W 131 -59.86 47.35 -1.23
C GLU W 131 -58.71 47.46 -2.24
N LYS W 132 -58.39 48.68 -2.67
CA LYS W 132 -57.26 48.85 -3.57
C LYS W 132 -55.97 48.40 -2.92
N GLU W 133 -55.77 48.77 -1.65
CA GLU W 133 -54.57 48.34 -0.95
C GLU W 133 -54.56 46.83 -0.72
N ARG W 134 -55.73 46.22 -0.60
CA ARG W 134 -55.76 44.76 -0.45
C ARG W 134 -55.11 44.09 -1.64
N VAL W 135 -55.35 44.60 -2.84
CA VAL W 135 -54.74 44.04 -4.04
C VAL W 135 -53.23 44.24 -4.01
N ARG W 136 -52.78 45.46 -3.68
CA ARG W 136 -51.35 45.74 -3.64
C ARG W 136 -50.65 44.89 -2.59
N ILE W 137 -51.24 44.77 -1.41
CA ILE W 137 -50.65 43.96 -0.35
C ILE W 137 -50.61 42.50 -0.77
N THR W 138 -51.68 42.03 -1.43
CA THR W 138 -51.71 40.63 -1.87
C THR W 138 -50.62 40.35 -2.89
N GLN W 139 -50.42 41.26 -3.85
CA GLN W 139 -49.35 41.08 -4.82
C GLN W 139 -48.00 41.05 -4.15
N ASP W 140 -47.76 41.95 -3.20
CA ASP W 140 -46.51 41.95 -2.46
C ASP W 140 -46.35 40.67 -1.65
N LEU W 141 -47.45 40.16 -1.12
CA LEU W 141 -47.40 38.95 -0.31
C LEU W 141 -46.82 37.77 -1.10
N GLN W 142 -47.09 37.71 -2.40
CA GLN W 142 -46.54 36.66 -3.24
C GLN W 142 -45.02 36.64 -3.11
N ALA W 143 -44.47 35.46 -2.83
CA ALA W 143 -43.02 35.33 -2.68
C ALA W 143 -42.29 35.58 -3.98
N VAL W 144 -42.95 35.37 -5.13
CA VAL W 144 -42.33 35.68 -6.41
C VAL W 144 -42.04 37.16 -6.52
N ASN W 145 -42.82 37.99 -5.83
CA ASN W 145 -42.64 39.44 -5.83
C ASN W 145 -41.80 39.93 -4.66
N GLN W 146 -41.15 39.02 -3.94
CA GLN W 146 -40.31 39.35 -2.80
C GLN W 146 -38.88 38.93 -3.09
N SER W 147 -37.91 39.75 -2.69
CA SER W 147 -36.52 39.41 -2.85
C SER W 147 -36.14 38.26 -1.93
N TYR W 148 -34.99 37.63 -2.22
CA TYR W 148 -34.55 36.49 -1.43
C TYR W 148 -33.99 36.92 -0.08
N GLU W 149 -33.50 38.15 0.02
CA GLU W 149 -33.05 38.69 1.29
C GLU W 149 -34.24 39.00 2.21
N GLU W 150 -35.34 39.45 1.63
CA GLU W 150 -36.56 39.67 2.41
C GLU W 150 -37.17 38.34 2.84
N LEU W 151 -37.11 37.33 1.96
CA LEU W 151 -37.68 36.03 2.28
C LEU W 151 -36.93 35.37 3.43
N LEU W 152 -35.60 35.41 3.39
CA LEU W 152 -34.82 34.75 4.43
C LEU W 152 -34.84 35.53 5.73
N TYR W 153 -35.03 36.84 5.66
CA TYR W 153 -35.20 37.62 6.89
C TYR W 153 -36.44 37.17 7.64
N ASP W 154 -37.54 36.95 6.91
CA ASP W 154 -38.77 36.52 7.55
C ASP W 154 -38.68 35.07 8.02
N LYS W 155 -38.09 34.20 7.22
CA LYS W 155 -38.06 32.78 7.57
C LYS W 155 -37.14 32.51 8.76
N VAL W 156 -36.14 33.37 8.98
CA VAL W 156 -35.31 33.23 10.16
C VAL W 156 -36.15 33.40 11.42
N HIS W 157 -37.05 34.38 11.41
CA HIS W 157 -37.93 34.57 12.55
C HIS W 157 -38.93 33.43 12.68
N THR W 158 -39.45 32.94 11.54
CA THR W 158 -40.40 31.84 11.58
C THR W 158 -39.76 30.61 12.21
N ALA W 159 -38.52 30.31 11.85
CA ALA W 159 -37.85 29.12 12.36
C ALA W 159 -37.40 29.29 13.81
N CYS W 160 -36.89 30.47 14.16
CA CYS W 160 -36.30 30.65 15.47
C CYS W 160 -37.34 30.82 16.58
N TYR W 161 -38.51 31.35 16.25
CA TYR W 161 -39.50 31.79 17.25
C TYR W 161 -40.84 31.13 17.00
N ARG W 162 -40.83 29.81 16.86
CA ARG W 162 -42.04 29.06 16.55
C ARG W 162 -43.10 29.22 17.63
N ASP W 163 -42.69 29.49 18.87
CA ASP W 163 -43.63 29.47 19.99
C ASP W 163 -44.22 30.83 20.33
N CYS W 164 -43.72 31.93 19.77
CA CYS W 164 -44.14 33.25 20.18
C CYS W 164 -44.46 34.10 18.96
N SER W 165 -44.99 35.29 19.22
CA SER W 165 -45.48 36.16 18.16
C SER W 165 -44.35 36.77 17.33
N LEU W 166 -43.12 36.75 17.81
CA LEU W 166 -42.02 37.27 17.01
C LEU W 166 -41.84 36.49 15.72
N GLY W 167 -42.34 35.26 15.65
CA GLY W 167 -42.28 34.50 14.42
C GLY W 167 -43.21 35.00 13.35
N GLN W 168 -44.24 35.76 13.72
CA GLN W 168 -45.17 36.32 12.76
C GLN W 168 -44.47 37.34 11.86
N THR W 169 -44.92 37.41 10.61
CA THR W 169 -44.43 38.39 9.65
C THR W 169 -45.26 39.67 9.75
N VAL W 170 -44.71 40.75 9.19
CA VAL W 170 -45.39 42.05 9.25
C VAL W 170 -46.56 42.08 8.27
N ILE W 171 -46.33 41.66 7.03
CA ILE W 171 -47.39 41.70 6.02
C ILE W 171 -48.53 40.79 6.40
N GLY W 172 -48.24 39.66 7.05
CA GLY W 172 -49.25 38.74 7.50
C GLY W 172 -49.52 37.63 6.49
N PRO W 173 -50.22 36.59 6.91
CA PRO W 173 -50.60 35.53 5.96
C PRO W 173 -51.67 36.01 5.00
N GLU W 174 -51.74 35.33 3.85
CA GLU W 174 -52.68 35.75 2.82
C GLU W 174 -54.12 35.58 3.29
N GLU W 175 -54.39 34.61 4.15
CA GLU W 175 -55.73 34.43 4.66
C GLU W 175 -56.19 35.64 5.46
N ASN W 176 -55.31 36.18 6.30
CA ASN W 176 -55.68 37.37 7.07
C ASN W 176 -55.81 38.58 6.18
N VAL W 177 -54.88 38.75 5.23
CA VAL W 177 -54.95 39.90 4.33
C VAL W 177 -56.27 39.92 3.59
N ALA W 178 -56.76 38.74 3.19
CA ALA W 178 -58.01 38.67 2.47
C ALA W 178 -59.20 39.13 3.31
N THR W 179 -59.09 39.08 4.64
CA THR W 179 -60.24 39.32 5.51
C THR W 179 -60.16 40.61 6.31
N ILE W 180 -59.03 41.32 6.30
CA ILE W 180 -58.93 42.54 7.09
C ILE W 180 -59.96 43.54 6.61
N LYS W 181 -60.61 44.21 7.56
CA LYS W 181 -61.62 45.22 7.29
C LYS W 181 -61.33 46.46 8.15
N ARG W 182 -62.17 47.47 7.98
CA ARG W 182 -61.96 48.71 8.73
C ARG W 182 -62.02 48.46 10.23
N ASP W 183 -62.93 47.60 10.67
CA ASP W 183 -63.07 47.37 12.10
C ASP W 183 -61.78 46.83 12.71
N HIS W 184 -61.12 45.92 12.01
CA HIS W 184 -59.82 45.44 12.48
C HIS W 184 -58.86 46.61 12.70
N MET W 185 -58.76 47.49 11.71
CA MET W 185 -57.81 48.60 11.81
C MET W 185 -58.22 49.58 12.90
N VAL W 186 -59.52 49.84 13.04
CA VAL W 186 -59.99 50.74 14.08
C VAL W 186 -59.64 50.18 15.46
N ASN W 187 -59.82 48.88 15.64
CA ASN W 187 -59.45 48.27 16.91
C ASN W 187 -57.95 48.40 17.17
N TYR W 188 -57.14 48.15 16.15
CA TYR W 188 -55.69 48.24 16.33
C TYR W 188 -55.27 49.65 16.72
N LEU W 189 -55.86 50.65 16.07
CA LEU W 189 -55.56 52.04 16.44
C LEU W 189 -55.91 52.31 17.89
N TYR W 190 -57.07 51.84 18.31
CA TYR W 190 -57.54 52.11 19.67
C TYR W 190 -56.65 51.46 20.71
N ASN W 191 -56.21 50.23 20.45
CA ASN W 191 -55.49 49.47 21.47
C ASN W 191 -54.01 49.83 21.52
N ASN W 192 -53.39 50.09 20.37
CA ASN W 192 -51.94 50.20 20.29
C ASN W 192 -51.43 51.63 20.16
N PHE W 193 -52.12 52.49 19.39
CA PHE W 193 -51.65 53.85 19.18
C PHE W 193 -52.14 54.75 20.31
N THR W 194 -51.53 54.57 21.48
CA THR W 194 -51.85 55.32 22.67
C THR W 194 -50.66 56.17 23.10
N ALA W 195 -50.94 57.19 23.89
CA ALA W 195 -49.93 58.20 24.21
C ALA W 195 -48.73 57.59 24.91
N ASP W 196 -48.97 56.67 25.84
CA ASP W 196 -47.87 56.08 26.59
C ASP W 196 -46.87 55.35 25.71
N ARG W 197 -47.27 54.99 24.50
CA ARG W 197 -46.40 54.25 23.59
C ARG W 197 -45.88 55.10 22.44
N MET W 198 -46.09 56.41 22.47
CA MET W 198 -45.67 57.28 21.39
C MET W 198 -44.56 58.22 21.85
N VAL W 199 -43.65 58.53 20.92
CA VAL W 199 -42.60 59.50 21.13
C VAL W 199 -42.60 60.45 19.94
N LEU W 200 -42.79 61.73 20.20
CA LEU W 200 -42.72 62.75 19.17
C LEU W 200 -41.28 63.26 19.08
N VAL W 201 -40.64 63.02 17.94
CA VAL W 201 -39.25 63.37 17.72
C VAL W 201 -39.20 64.51 16.72
N ALA W 202 -38.50 65.58 17.10
CA ALA W 202 -38.27 66.72 16.22
C ALA W 202 -36.78 67.02 16.18
N VAL W 203 -36.20 66.99 14.99
CA VAL W 203 -34.77 67.22 14.79
C VAL W 203 -34.61 68.29 13.73
N GLY W 204 -33.87 69.35 14.08
CA GLY W 204 -33.60 70.40 13.14
C GLY W 204 -33.62 71.77 13.79
N PRO W 205 -33.95 72.80 13.02
CA PRO W 205 -34.11 74.13 13.60
C PRO W 205 -35.37 74.22 14.44
N VAL W 206 -35.35 73.59 15.61
CA VAL W 206 -36.54 73.43 16.43
C VAL W 206 -36.26 73.93 17.84
N ASP W 207 -37.33 74.37 18.50
CA ASP W 207 -37.30 74.79 19.90
C ASP W 207 -38.16 73.83 20.70
N HIS W 208 -37.59 73.25 21.75
CA HIS W 208 -38.29 72.25 22.53
C HIS W 208 -39.62 72.77 23.06
N ALA W 209 -39.62 74.00 23.60
CA ALA W 209 -40.83 74.55 24.19
C ALA W 209 -41.94 74.64 23.15
N GLN W 210 -41.62 75.15 21.96
CA GLN W 210 -42.63 75.30 20.92
C GLN W 210 -43.16 73.95 20.46
N ILE W 211 -42.27 72.98 20.27
CA ILE W 211 -42.70 71.64 19.86
C ILE W 211 -43.61 71.04 20.92
N VAL W 212 -43.24 71.19 22.19
CA VAL W 212 -44.05 70.63 23.27
C VAL W 212 -45.44 71.24 23.29
N LYS W 213 -45.51 72.56 23.13
CA LYS W 213 -46.81 73.23 23.14
C LYS W 213 -47.69 72.73 22.00
N GLU W 214 -47.13 72.65 20.80
CA GLU W 214 -47.89 72.15 19.67
C GLU W 214 -48.31 70.70 19.89
N ALA W 215 -47.41 69.89 20.44
CA ALA W 215 -47.72 68.49 20.66
C ALA W 215 -48.87 68.32 21.62
N GLU W 216 -48.86 69.06 22.72
CA GLU W 216 -49.94 68.95 23.71
C GLU W 216 -51.26 69.38 23.10
N LYS W 217 -51.25 70.42 22.28
CA LYS W 217 -52.47 70.91 21.66
C LYS W 217 -53.02 69.90 20.66
N LYS W 218 -52.17 69.35 19.81
CA LYS W 218 -52.66 68.49 18.73
C LYS W 218 -52.98 67.09 19.20
N PHE W 219 -52.26 66.57 20.20
CA PHE W 219 -52.48 65.24 20.72
C PHE W 219 -53.22 65.24 22.05
N ALA W 220 -54.06 66.25 22.27
CA ALA W 220 -54.81 66.33 23.53
C ALA W 220 -55.80 65.18 23.65
N ASN W 221 -56.45 64.81 22.56
CA ASN W 221 -57.55 63.84 22.60
C ASN W 221 -57.10 62.41 22.37
N ILE W 222 -55.79 62.16 22.31
CA ILE W 222 -55.30 60.80 22.18
C ILE W 222 -55.67 60.00 23.42
N ARG W 223 -55.88 58.71 23.24
CA ARG W 223 -56.17 57.85 24.37
C ARG W 223 -54.96 57.83 25.30
N PRO W 224 -55.12 58.16 26.59
CA PRO W 224 -53.94 58.28 27.45
C PRO W 224 -53.13 57.00 27.55
N THR W 225 -53.79 55.88 27.81
CA THR W 225 -53.09 54.61 27.98
C THR W 225 -53.99 53.47 27.56
N ALA W 226 -53.38 52.33 27.34
CA ALA W 226 -54.07 51.05 27.19
C ALA W 226 -53.54 50.10 28.25
N GLY W 227 -54.26 48.99 28.42
CA GLY W 227 -53.89 48.02 29.43
C GLY W 227 -52.47 47.54 29.24
N PRO W 228 -51.79 47.23 30.35
CA PRO W 228 -50.41 46.74 30.23
C PRO W 228 -50.35 45.45 29.43
N ARG W 229 -49.27 45.30 28.68
CA ARG W 229 -49.12 44.11 27.86
C ARG W 229 -48.97 42.88 28.74
N MET W 230 -49.54 41.77 28.28
CA MET W 230 -49.48 40.53 29.03
C MET W 230 -48.03 40.13 29.24
N LEU W 231 -47.70 39.74 30.47
CA LEU W 231 -46.35 39.30 30.78
C LEU W 231 -46.12 37.91 30.21
N GLU W 232 -44.99 37.74 29.54
CA GLU W 232 -44.64 36.49 28.89
C GLU W 232 -43.22 36.11 29.26
N GLU W 233 -42.92 34.82 29.13
CA GLU W 233 -41.58 34.35 29.39
C GLU W 233 -40.67 34.62 28.20
N LYS W 234 -39.37 34.43 28.41
CA LYS W 234 -38.40 34.71 27.37
C LYS W 234 -38.78 33.98 26.09
N PRO W 235 -38.76 34.65 24.94
CA PRO W 235 -39.02 33.94 23.68
C PRO W 235 -38.08 32.76 23.51
N TYR W 236 -38.65 31.57 23.38
CA TYR W 236 -37.84 30.36 23.25
C TYR W 236 -37.20 30.31 21.88
N PHE W 237 -35.90 30.05 21.84
CA PHE W 237 -35.14 29.95 20.60
C PHE W 237 -35.15 28.49 20.16
N CYS W 238 -35.75 28.22 18.99
CA CYS W 238 -35.85 26.88 18.46
C CYS W 238 -34.75 26.67 17.44
N ALA W 239 -33.80 25.79 17.75
CA ALA W 239 -32.77 25.40 16.82
C ALA W 239 -33.34 24.50 15.74
N SER W 240 -33.77 25.08 14.63
CA SER W 240 -34.47 24.36 13.59
C SER W 240 -33.87 24.70 12.23
N GLU W 241 -34.41 24.07 11.20
CA GLU W 241 -34.01 24.30 9.83
C GLU W 241 -35.26 24.52 8.98
N LEU W 242 -35.24 25.57 8.16
CA LEU W 242 -36.32 25.85 7.21
C LEU W 242 -35.67 26.19 5.88
N VAL W 243 -35.40 25.17 5.08
CA VAL W 243 -34.69 25.32 3.82
C VAL W 243 -35.66 25.06 2.68
N TYR W 244 -35.68 25.97 1.71
CA TYR W 244 -36.50 25.84 0.51
C TYR W 244 -35.57 25.49 -0.66
N ARG W 245 -35.32 24.20 -0.83
CA ARG W 245 -34.49 23.74 -1.94
C ARG W 245 -35.21 24.00 -3.26
N ASN W 246 -34.55 24.74 -4.14
CA ASN W 246 -35.13 25.06 -5.45
C ASN W 246 -33.99 25.10 -6.46
N ASP W 247 -33.88 24.05 -7.27
CA ASP W 247 -32.86 23.98 -8.31
C ASP W 247 -33.33 24.57 -9.63
N ASP W 248 -34.36 25.42 -9.60
CA ASP W 248 -34.90 26.06 -10.79
C ASP W 248 -34.96 27.56 -10.63
N MET W 249 -34.01 28.14 -9.89
CA MET W 249 -33.99 29.59 -9.66
C MET W 249 -32.60 30.18 -9.84
N GLY W 250 -31.71 29.50 -10.56
CA GLY W 250 -30.41 30.03 -10.85
C GLY W 250 -29.31 29.40 -10.01
N PRO W 251 -28.08 29.88 -10.18
CA PRO W 251 -26.94 29.25 -9.52
C PRO W 251 -26.67 29.74 -8.12
N THR W 252 -27.22 30.90 -7.75
CA THR W 252 -26.91 31.53 -6.48
C THR W 252 -27.81 30.98 -5.39
N ALA W 253 -27.20 30.61 -4.27
CA ALA W 253 -27.91 30.12 -3.10
C ALA W 253 -27.84 31.15 -1.99
N HIS W 254 -28.94 31.30 -1.26
CA HIS W 254 -29.05 32.27 -0.17
C HIS W 254 -29.24 31.49 1.13
N ILE W 255 -28.32 31.66 2.06
CA ILE W 255 -28.30 30.90 3.31
C ILE W 255 -28.13 31.88 4.46
N ALA W 256 -28.95 31.72 5.50
CA ALA W 256 -28.85 32.51 6.71
C ALA W 256 -28.75 31.59 7.91
N ILE W 257 -27.77 31.83 8.76
CA ILE W 257 -27.53 31.03 9.96
C ILE W 257 -27.61 31.97 11.16
N ALA W 258 -28.35 31.56 12.18
CA ALA W 258 -28.64 32.41 13.32
C ALA W 258 -28.28 31.73 14.63
N TYR W 259 -27.72 32.51 15.55
CA TYR W 259 -27.53 32.14 16.94
C TYR W 259 -28.50 32.97 17.78
N GLU W 260 -28.73 32.54 19.02
CA GLU W 260 -29.52 33.36 19.92
C GLU W 260 -28.70 34.56 20.37
N GLY W 261 -29.27 35.75 20.22
CA GLY W 261 -28.60 36.98 20.54
C GLY W 261 -28.99 37.51 21.91
N VAL W 262 -28.97 38.83 22.04
CA VAL W 262 -29.25 39.47 23.32
C VAL W 262 -30.28 40.57 23.13
N PRO W 263 -31.06 40.90 24.16
CA PRO W 263 -32.00 42.02 24.04
C PRO W 263 -31.30 43.37 23.99
N TRP W 264 -32.08 44.40 23.66
CA TRP W 264 -31.54 45.74 23.53
C TRP W 264 -30.78 46.14 24.78
N ARG W 265 -31.39 45.99 25.94
CA ARG W 265 -30.85 46.53 27.18
C ARG W 265 -29.82 45.62 27.82
N SER W 266 -29.46 44.52 27.19
CA SER W 266 -28.48 43.62 27.76
C SER W 266 -27.14 44.35 27.92
N PRO W 267 -26.40 44.07 28.99
CA PRO W 267 -25.04 44.63 29.09
C PRO W 267 -24.13 44.18 27.97
N ASP W 268 -24.43 43.05 27.34
CA ASP W 268 -23.58 42.51 26.28
C ASP W 268 -23.96 43.00 24.89
N TYR W 269 -24.94 43.89 24.76
CA TYR W 269 -25.40 44.26 23.43
C TYR W 269 -24.30 44.94 22.63
N ILE W 270 -23.55 45.84 23.27
CA ILE W 270 -22.48 46.52 22.54
C ILE W 270 -21.41 45.53 22.13
N THR W 271 -21.15 44.51 22.96
CA THR W 271 -20.21 43.47 22.56
C THR W 271 -20.70 42.75 21.32
N PHE W 272 -22.01 42.48 21.24
CA PHE W 272 -22.55 41.85 20.05
C PHE W 272 -22.51 42.77 18.85
N MET W 273 -22.66 44.08 19.05
CA MET W 273 -22.47 45.02 17.96
C MET W 273 -21.05 44.94 17.42
N LEU W 274 -20.06 44.90 18.31
CA LEU W 274 -18.67 44.79 17.87
C LEU W 274 -18.42 43.48 17.16
N MET W 275 -18.95 42.38 17.71
CA MET W 275 -18.79 41.09 17.04
C MET W 275 -19.41 41.12 15.65
N ASN W 276 -20.57 41.78 15.51
CA ASN W 276 -21.15 41.95 14.20
C ASN W 276 -20.23 42.74 13.28
N ALA W 277 -19.55 43.75 13.82
CA ALA W 277 -18.61 44.53 13.03
C ALA W 277 -17.41 43.69 12.61
N ILE W 278 -16.92 42.82 13.50
CA ILE W 278 -15.77 41.99 13.17
C ILE W 278 -16.10 41.06 12.00
N ILE W 279 -17.29 40.46 12.02
CA ILE W 279 -17.71 39.64 10.89
C ILE W 279 -17.72 40.47 9.62
N GLY W 280 -18.31 41.66 9.70
CA GLY W 280 -18.31 42.55 8.57
C GLY W 280 -19.13 42.03 7.40
N SER W 281 -18.86 42.61 6.23
CA SER W 281 -19.54 42.24 5.01
C SER W 281 -18.55 42.32 3.85
N TYR W 282 -18.85 41.58 2.80
CA TYR W 282 -17.99 41.53 1.63
C TYR W 282 -18.82 41.18 0.40
N ASP W 283 -18.59 41.90 -0.68
CA ASP W 283 -19.21 41.62 -1.97
C ASP W 283 -18.13 41.58 -3.04
N LYS W 284 -18.13 40.50 -3.83
CA LYS W 284 -17.14 40.39 -4.90
C LYS W 284 -17.26 41.53 -5.89
N LYS W 285 -18.46 42.12 -6.02
CA LYS W 285 -18.69 43.20 -6.98
C LYS W 285 -18.47 44.58 -6.38
N ASN W 286 -18.13 44.67 -5.10
CA ASN W 286 -17.71 45.93 -4.48
C ASN W 286 -16.72 45.54 -3.38
N GLU W 287 -15.46 45.36 -3.78
CA GLU W 287 -14.46 44.86 -2.85
C GLU W 287 -13.81 45.97 -2.04
N GLY W 288 -13.79 47.18 -2.58
CA GLY W 288 -13.20 48.30 -1.88
C GLY W 288 -11.76 48.53 -2.27
N LEU W 289 -11.09 49.36 -1.47
CA LEU W 289 -9.70 49.68 -1.73
C LEU W 289 -8.79 48.49 -1.48
N VAL W 290 -9.13 47.64 -0.53
CA VAL W 290 -8.34 46.46 -0.19
C VAL W 290 -8.98 45.24 -0.83
N PRO W 291 -8.25 44.43 -1.59
CA PRO W 291 -8.84 43.22 -2.15
C PRO W 291 -9.09 42.16 -1.08
N GLY W 292 -9.95 41.21 -1.43
CA GLY W 292 -10.27 40.14 -0.51
C GLY W 292 -9.04 39.34 -0.11
N LEU W 293 -8.17 39.05 -1.07
CA LEU W 293 -6.98 38.25 -0.79
C LEU W 293 -6.06 38.90 0.23
N GLN W 294 -6.16 40.22 0.42
CA GLN W 294 -5.30 40.94 1.33
C GLN W 294 -6.10 41.73 2.36
N SER W 295 -7.26 41.20 2.75
CA SER W 295 -8.14 41.90 3.66
C SER W 295 -7.72 41.66 5.10
N ALA W 296 -7.97 42.67 5.95
CA ALA W 296 -7.72 42.51 7.38
C ALA W 296 -8.78 41.62 8.02
N ASN W 297 -9.99 41.64 7.49
CA ASN W 297 -11.03 40.71 7.94
C ASN W 297 -10.59 39.27 7.67
N ARG W 298 -10.54 38.47 8.72
CA ARG W 298 -10.05 37.10 8.57
C ARG W 298 -11.01 36.24 7.78
N ILE W 299 -12.31 36.41 8.00
CA ILE W 299 -13.29 35.64 7.24
C ILE W 299 -13.18 35.96 5.77
N THR W 300 -13.10 37.24 5.44
CA THR W 300 -13.00 37.64 4.04
C THR W 300 -11.74 37.11 3.40
N GLN W 301 -10.61 37.19 4.11
CA GLN W 301 -9.33 36.84 3.50
C GLN W 301 -9.26 35.34 3.22
N THR W 302 -9.63 34.52 4.21
CA THR W 302 -9.60 33.08 3.99
C THR W 302 -10.62 32.67 2.93
N GLY W 303 -11.79 33.30 2.92
CA GLY W 303 -12.78 32.99 1.91
C GLY W 303 -12.31 33.33 0.51
N ALA W 304 -11.63 34.46 0.35
CA ALA W 304 -11.19 34.88 -0.97
C ALA W 304 -10.17 33.93 -1.57
N THR W 305 -9.57 33.05 -0.76
CA THR W 305 -8.55 32.15 -1.23
C THR W 305 -9.10 30.79 -1.66
N ARG W 306 -10.31 30.45 -1.25
CA ARG W 306 -10.83 29.11 -1.46
C ARG W 306 -10.93 28.79 -2.95
N MET W 307 -10.22 27.73 -3.37
CA MET W 307 -10.26 27.22 -4.73
C MET W 307 -9.75 28.22 -5.75
N ASP W 308 -9.02 29.24 -5.29
CA ASP W 308 -8.52 30.32 -6.14
C ASP W 308 -9.64 31.07 -6.82
N VAL W 309 -10.85 31.03 -6.26
CA VAL W 309 -12.02 31.66 -6.85
C VAL W 309 -12.79 32.49 -5.84
N GLY W 310 -12.71 32.15 -4.56
CA GLY W 310 -13.51 32.81 -3.54
C GLY W 310 -14.83 32.12 -3.26
N CYS W 311 -15.15 31.91 -1.98
CA CYS W 311 -16.34 31.16 -1.58
C CYS W 311 -17.47 32.05 -1.09
N PHE W 312 -17.35 33.37 -1.22
CA PHE W 312 -18.37 34.32 -0.77
C PHE W 312 -18.64 35.31 -1.89
N ASP W 313 -19.69 35.11 -2.68
CA ASP W 313 -20.12 36.17 -3.60
C ASP W 313 -20.61 37.39 -2.83
N TYR W 314 -21.29 37.16 -1.72
CA TYR W 314 -21.73 38.20 -0.80
C TYR W 314 -21.93 37.58 0.56
N TYR W 315 -21.62 38.34 1.62
CA TYR W 315 -22.01 37.93 2.95
C TYR W 315 -22.05 39.15 3.85
N THR W 316 -22.87 39.06 4.89
CA THR W 316 -22.97 40.11 5.89
C THR W 316 -23.36 39.49 7.22
N GLY W 317 -22.83 40.06 8.29
CA GLY W 317 -23.34 39.73 9.60
C GLY W 317 -24.62 40.47 9.91
N PHE W 318 -25.37 39.95 10.87
CA PHE W 318 -26.57 40.63 11.33
C PHE W 318 -26.70 40.45 12.84
N ASN W 319 -27.14 41.52 13.49
CA ASN W 319 -27.38 41.53 14.94
C ASN W 319 -28.73 42.21 15.15
N ILE W 320 -29.75 41.40 15.40
CA ILE W 320 -31.13 41.88 15.56
C ILE W 320 -31.48 41.79 17.03
N ALA W 321 -32.00 42.88 17.58
CA ALA W 321 -32.34 42.95 19.00
C ALA W 321 -33.81 43.28 19.15
N TYR W 322 -34.44 42.65 20.14
CA TYR W 322 -35.81 42.93 20.54
C TYR W 322 -35.81 43.16 22.04
N LYS W 323 -37.00 43.43 22.60
CA LYS W 323 -37.07 43.82 24.00
C LYS W 323 -36.57 42.73 24.93
N ASP W 324 -36.80 41.47 24.59
CA ASP W 324 -36.44 40.36 25.46
C ASP W 324 -35.66 39.25 24.77
N THR W 325 -35.24 39.45 23.52
CA THR W 325 -34.47 38.45 22.82
C THR W 325 -33.71 39.13 21.68
N GLY W 326 -32.92 38.34 20.97
CA GLY W 326 -32.18 38.84 19.83
C GLY W 326 -31.68 37.70 18.98
N LEU W 327 -31.26 38.05 17.77
CA LEU W 327 -30.71 37.10 16.81
C LEU W 327 -29.37 37.62 16.32
N PHE W 328 -28.36 36.75 16.32
CA PHE W 328 -27.02 37.08 15.87
C PHE W 328 -26.57 36.01 14.88
N GLY W 329 -26.11 36.44 13.72
CA GLY W 329 -25.68 35.47 12.72
C GLY W 329 -25.14 36.15 11.49
N PHE W 330 -25.16 35.41 10.38
CA PHE W 330 -24.65 35.89 9.11
C PHE W 330 -25.54 35.42 7.98
N TYR W 331 -25.52 36.19 6.89
CA TYR W 331 -26.27 35.89 5.68
C TYR W 331 -25.30 35.75 4.52
N ILE W 332 -25.49 34.73 3.71
CA ILE W 332 -24.58 34.40 2.61
C ILE W 332 -25.37 34.30 1.32
N ALA W 333 -24.83 34.86 0.25
CA ALA W 333 -25.29 34.63 -1.11
C ALA W 333 -24.08 34.16 -1.91
N THR W 334 -24.09 32.89 -2.31
CA THR W 334 -22.90 32.28 -2.88
C THR W 334 -23.29 31.26 -3.93
N ASP W 335 -22.29 30.85 -4.71
CA ASP W 335 -22.48 29.83 -5.72
C ASP W 335 -22.89 28.51 -5.07
N GLU W 336 -23.70 27.74 -5.81
CA GLU W 336 -24.21 26.49 -5.27
C GLU W 336 -23.09 25.60 -4.76
N VAL W 337 -22.04 25.42 -5.56
CA VAL W 337 -20.96 24.51 -5.20
C VAL W 337 -20.11 25.03 -4.07
N ALA W 338 -20.25 26.31 -3.72
CA ALA W 338 -19.43 26.94 -2.70
C ALA W 338 -20.08 27.01 -1.33
N VAL W 339 -21.30 26.48 -1.18
CA VAL W 339 -22.05 26.71 0.05
C VAL W 339 -21.38 26.05 1.23
N GLU W 340 -20.84 24.84 1.05
CA GLU W 340 -20.21 24.15 2.15
C GLU W 340 -19.01 24.92 2.68
N HIS W 341 -18.19 25.45 1.78
CA HIS W 341 -17.05 26.26 2.19
C HIS W 341 -17.51 27.56 2.84
N ALA W 342 -18.55 28.18 2.30
CA ALA W 342 -18.98 29.48 2.80
C ALA W 342 -19.52 29.38 4.21
N VAL W 343 -20.45 28.47 4.46
CA VAL W 343 -20.99 28.33 5.81
C VAL W 343 -19.92 27.85 6.77
N GLY W 344 -19.03 26.97 6.29
CA GLY W 344 -17.97 26.48 7.15
C GLY W 344 -17.02 27.58 7.59
N ASP W 345 -16.69 28.50 6.69
CA ASP W 345 -15.76 29.57 7.02
C ASP W 345 -16.38 30.57 7.98
N LEU W 346 -17.63 30.98 7.74
CA LEU W 346 -18.24 31.97 8.61
C LEU W 346 -18.51 31.40 9.99
N MET W 347 -18.82 30.11 10.08
CA MET W 347 -18.96 29.49 11.40
C MET W 347 -17.61 29.35 12.09
N PHE W 348 -16.57 29.04 11.31
CA PHE W 348 -15.22 29.03 11.86
C PHE W 348 -14.83 30.41 12.37
N GLY W 349 -15.28 31.46 11.67
CA GLY W 349 -15.00 32.81 12.12
C GLY W 349 -15.69 33.14 13.43
N VAL W 350 -16.96 32.75 13.57
CA VAL W 350 -17.69 33.03 14.79
C VAL W 350 -17.15 32.18 15.94
N THR W 351 -16.75 30.94 15.65
CA THR W 351 -16.15 30.11 16.68
C THR W 351 -14.79 30.63 17.09
N SER W 352 -14.09 31.33 16.19
CA SER W 352 -12.78 31.86 16.52
C SER W 352 -12.87 32.94 17.59
N PHE W 353 -13.98 33.67 17.65
CA PHE W 353 -14.14 34.68 18.68
C PHE W 353 -13.93 34.09 20.06
N SER W 354 -14.29 32.82 20.25
CA SER W 354 -14.20 32.17 21.54
C SER W 354 -12.82 31.59 21.83
N TYR W 355 -11.92 31.61 20.86
CA TYR W 355 -10.59 31.05 21.07
C TYR W 355 -9.45 32.02 20.77
N SER W 356 -9.40 32.51 19.51
CA SER W 356 -8.23 33.20 18.99
C SER W 356 -8.68 34.42 18.19
N LEU W 357 -8.94 35.52 18.90
CA LEU W 357 -9.29 36.79 18.28
C LEU W 357 -8.22 37.80 18.65
N THR W 358 -7.64 38.44 17.65
CA THR W 358 -6.50 39.32 17.85
C THR W 358 -6.97 40.72 18.23
N GLU W 359 -6.12 41.42 18.99
CA GLU W 359 -6.40 42.81 19.31
C GLU W 359 -6.48 43.67 18.06
N GLU W 360 -5.69 43.34 17.04
CA GLU W 360 -5.70 44.13 15.81
C GLU W 360 -7.08 44.13 15.17
N GLU W 361 -7.68 42.95 15.05
CA GLU W 361 -8.98 42.86 14.39
C GLU W 361 -10.05 43.59 15.21
N VAL W 362 -9.98 43.51 16.53
CA VAL W 362 -10.95 44.20 17.37
C VAL W 362 -10.83 45.71 17.16
N MET W 363 -9.61 46.23 17.18
CA MET W 363 -9.42 47.67 17.10
C MET W 363 -9.85 48.21 15.74
N LYS W 364 -9.55 47.49 14.67
CA LYS W 364 -10.07 47.87 13.37
C LYS W 364 -11.59 47.88 13.37
N ALA W 365 -12.19 46.86 13.98
CA ALA W 365 -13.65 46.77 14.00
C ALA W 365 -14.27 47.89 14.80
N LYS W 366 -13.64 48.29 15.90
CA LYS W 366 -14.15 49.42 16.67
C LYS W 366 -14.20 50.68 15.82
N ARG W 367 -13.16 50.93 15.03
CA ARG W 367 -13.13 52.14 14.23
C ARG W 367 -14.16 52.12 13.12
N GLU W 368 -14.34 50.96 12.48
CA GLU W 368 -15.35 50.89 11.42
C GLU W 368 -16.76 50.84 11.99
N LEU W 369 -16.93 50.33 13.20
CA LEU W 369 -18.22 50.42 13.87
C LEU W 369 -18.55 51.87 14.20
N LYS W 370 -17.57 52.62 14.72
CA LYS W 370 -17.79 54.02 15.04
C LYS W 370 -17.93 54.87 13.79
N THR W 371 -17.29 54.47 12.70
CA THR W 371 -17.40 55.19 11.44
C THR W 371 -18.76 54.98 10.80
N ASN W 372 -19.39 53.85 11.07
CA ASN W 372 -20.72 53.56 10.54
C ASN W 372 -21.81 54.21 11.39
N PHE W 373 -21.65 54.17 12.71
CA PHE W 373 -22.65 54.75 13.60
C PHE W 373 -22.68 56.27 13.47
N PHE W 374 -21.52 56.91 13.53
CA PHE W 374 -21.49 58.37 13.46
C PHE W 374 -21.97 58.89 12.12
N SER W 375 -21.57 58.23 11.03
CA SER W 375 -22.01 58.69 9.71
C SER W 375 -23.51 58.58 9.55
N GLY W 376 -24.14 57.63 10.26
CA GLY W 376 -25.59 57.53 10.22
C GLY W 376 -26.31 58.69 10.86
N LEU W 377 -25.61 59.43 11.73
CA LEU W 377 -26.18 60.60 12.41
C LEU W 377 -25.90 61.89 11.67
N ASP W 378 -25.68 61.82 10.36
CA ASP W 378 -25.31 63.00 9.60
C ASP W 378 -26.51 63.88 9.28
N ASN W 379 -27.59 63.28 8.79
CA ASN W 379 -28.78 64.01 8.39
C ASN W 379 -29.84 63.96 9.49
N THR W 380 -30.83 64.83 9.36
CA THR W 380 -31.86 64.94 10.39
C THR W 380 -32.66 63.66 10.52
N THR W 381 -32.99 63.03 9.39
CA THR W 381 -33.74 61.78 9.46
C THR W 381 -32.93 60.71 10.17
N GLY W 382 -31.62 60.64 9.91
CA GLY W 382 -30.79 59.71 10.64
C GLY W 382 -30.79 59.98 12.13
N VAL W 383 -30.70 61.24 12.51
CA VAL W 383 -30.77 61.60 13.93
C VAL W 383 -32.14 61.25 14.49
N ALA W 384 -33.20 61.56 13.74
CA ALA W 384 -34.54 61.30 14.23
C ALA W 384 -34.77 59.82 14.46
N GLU W 385 -34.34 58.98 13.52
CA GLU W 385 -34.43 57.54 13.71
C GLU W 385 -33.66 57.12 14.95
N ASP W 386 -32.46 57.66 15.14
CA ASP W 386 -31.65 57.29 16.29
C ASP W 386 -32.33 57.67 17.59
N ILE W 387 -32.90 58.88 17.65
CA ILE W 387 -33.58 59.31 18.87
C ILE W 387 -34.80 58.43 19.13
N GLY W 388 -35.65 58.28 18.11
CA GLY W 388 -36.87 57.54 18.31
C GLY W 388 -36.63 56.06 18.59
N ARG W 389 -35.67 55.46 17.89
CA ARG W 389 -35.37 54.05 18.10
C ARG W 389 -34.69 53.82 19.43
N GLN W 390 -33.90 54.79 19.91
CA GLN W 390 -33.15 54.61 21.14
C GLN W 390 -34.00 54.87 22.37
N ILE W 391 -34.97 55.78 22.28
CA ILE W 391 -35.86 56.03 23.40
C ILE W 391 -36.81 54.85 23.58
N LEU W 392 -37.31 54.29 22.48
CA LEU W 392 -38.16 53.11 22.58
C LEU W 392 -37.38 51.92 23.11
N ALA W 393 -36.14 51.74 22.65
CA ALA W 393 -35.36 50.58 23.05
C ALA W 393 -34.84 50.70 24.48
N TYR W 394 -34.37 51.89 24.86
CA TYR W 394 -33.71 52.08 26.14
C TYR W 394 -34.43 53.01 27.10
N GLY W 395 -35.38 53.80 26.63
CA GLY W 395 -35.95 54.86 27.44
C GLY W 395 -35.13 56.13 27.46
N ARG W 396 -34.00 56.15 26.76
CA ARG W 396 -33.13 57.31 26.70
C ARG W 396 -32.27 57.16 25.46
N ARG W 397 -31.62 58.25 25.07
CA ARG W 397 -30.70 58.24 23.95
C ARG W 397 -29.28 58.21 24.47
N LEU W 398 -28.51 57.20 24.07
CA LEU W 398 -27.10 57.14 24.44
C LEU W 398 -26.32 58.15 23.60
N SER W 399 -25.51 58.95 24.29
CA SER W 399 -24.69 59.94 23.62
C SER W 399 -23.56 59.26 22.85
N PRO W 400 -23.04 59.91 21.81
CA PRO W 400 -21.85 59.35 21.15
C PRO W 400 -20.70 59.15 22.11
N ALA W 401 -20.53 60.06 23.06
CA ALA W 401 -19.46 59.90 24.04
C ALA W 401 -19.67 58.68 24.92
N GLU W 402 -20.92 58.46 25.35
CA GLU W 402 -21.19 57.29 26.18
C GLU W 402 -20.97 55.99 25.40
N PHE W 403 -21.39 55.96 24.14
CA PHE W 403 -21.18 54.78 23.32
C PHE W 403 -19.69 54.48 23.19
N VAL W 404 -18.88 55.51 22.98
CA VAL W 404 -17.44 55.32 22.85
C VAL W 404 -16.84 54.89 24.19
N GLU W 405 -17.33 55.47 25.28
CA GLU W 405 -16.81 55.10 26.60
C GLU W 405 -17.04 53.62 26.88
N ARG W 406 -18.25 53.13 26.62
CA ARG W 406 -18.54 51.73 26.86
C ARG W 406 -17.80 50.84 25.87
N LEU W 407 -17.61 51.30 24.63
CA LEU W 407 -16.89 50.51 23.65
C LEU W 407 -15.40 50.42 23.98
N ASP W 408 -14.85 51.45 24.62
CA ASP W 408 -13.45 51.41 25.01
C ASP W 408 -13.17 50.25 25.95
N GLN W 409 -14.11 49.95 26.86
CA GLN W 409 -13.89 48.88 27.81
C GLN W 409 -13.88 47.52 27.14
N ILE W 410 -14.61 47.36 26.06
CA ILE W 410 -14.69 46.07 25.39
C ILE W 410 -13.39 45.82 24.65
N ASP W 411 -12.78 44.65 24.90
CA ASP W 411 -11.55 44.27 24.24
C ASP W 411 -11.66 42.86 23.71
N SER W 412 -10.54 42.29 23.25
CA SER W 412 -10.56 40.93 22.76
C SER W 412 -10.97 39.95 23.85
N GLN W 413 -10.50 40.18 25.08
CA GLN W 413 -10.86 39.28 26.17
C GLN W 413 -12.34 39.34 26.47
N GLU W 414 -12.93 40.54 26.43
CA GLU W 414 -14.36 40.64 26.67
C GLU W 414 -15.17 39.96 25.58
N VAL W 415 -14.76 40.13 24.32
CA VAL W 415 -15.43 39.42 23.23
C VAL W 415 -15.31 37.92 23.44
N GLN W 416 -14.14 37.45 23.88
CA GLN W 416 -13.95 36.03 24.09
C GLN W 416 -14.85 35.51 25.20
N ARG W 417 -14.99 36.28 26.28
CA ARG W 417 -15.82 35.84 27.39
C ARG W 417 -17.28 35.73 26.97
N VAL W 418 -17.78 36.76 26.26
CA VAL W 418 -19.18 36.74 25.83
C VAL W 418 -19.41 35.61 24.84
N ALA W 419 -18.52 35.46 23.87
CA ALA W 419 -18.69 34.40 22.88
C ALA W 419 -18.61 33.03 23.52
N TRP W 420 -17.69 32.84 24.47
CA TRP W 420 -17.58 31.56 25.15
C TRP W 420 -18.85 31.24 25.91
N ASN W 421 -19.47 32.25 26.50
CA ASN W 421 -20.67 32.02 27.30
C ASN W 421 -21.89 31.74 26.42
N ARG W 422 -22.02 32.43 25.29
CA ARG W 422 -23.26 32.42 24.54
C ARG W 422 -23.17 31.79 23.17
N LEU W 423 -22.03 31.88 22.48
CA LEU W 423 -21.95 31.41 21.10
C LEU W 423 -21.20 30.09 20.97
N HIS W 424 -20.23 29.81 21.84
CA HIS W 424 -19.54 28.53 21.77
C HIS W 424 -20.48 27.38 22.09
N ASP W 425 -20.36 26.29 21.34
CA ASP W 425 -21.14 25.09 21.57
C ASP W 425 -22.63 25.42 21.71
N ALA W 426 -23.07 26.38 20.91
CA ALA W 426 -24.42 26.92 20.99
C ALA W 426 -25.32 26.31 19.92
N GLU W 427 -26.62 26.43 20.14
CA GLU W 427 -27.61 25.96 19.18
C GLU W 427 -27.80 27.01 18.09
N ILE W 428 -27.96 26.53 16.86
CA ILE W 428 -28.07 27.41 15.69
C ILE W 428 -29.32 27.06 14.91
N THR W 429 -29.77 28.01 14.10
CA THR W 429 -30.88 27.84 13.18
C THR W 429 -30.42 28.21 11.79
N MET W 430 -30.65 27.31 10.83
CA MET W 430 -30.27 27.54 9.45
C MET W 430 -31.51 27.65 8.57
N THR W 431 -31.52 28.65 7.70
CA THR W 431 -32.59 28.89 6.76
C THR W 431 -31.98 29.19 5.40
N GLY W 432 -32.62 28.74 4.33
CA GLY W 432 -32.04 28.91 3.02
C GLY W 432 -33.05 28.79 1.91
N VAL W 433 -32.70 29.39 0.77
CA VAL W 433 -33.48 29.31 -0.46
C VAL W 433 -32.51 29.19 -1.62
N GLY W 434 -32.74 28.23 -2.51
CA GLY W 434 -31.95 28.08 -3.70
C GLY W 434 -31.38 26.69 -3.86
N PRO W 435 -30.40 26.54 -4.76
CA PRO W 435 -29.73 25.24 -4.89
C PRO W 435 -28.83 24.98 -3.70
N LEU W 436 -29.24 24.05 -2.84
CA LEU W 436 -28.61 23.85 -1.55
C LEU W 436 -28.27 22.39 -1.33
N HIS W 437 -27.79 21.71 -2.37
CA HIS W 437 -27.28 20.36 -2.20
C HIS W 437 -26.09 20.33 -1.26
N GLY W 438 -25.27 21.38 -1.28
CA GLY W 438 -24.10 21.42 -0.43
C GLY W 438 -24.38 21.75 1.02
N LEU W 439 -25.56 22.26 1.33
CA LEU W 439 -25.92 22.57 2.70
C LEU W 439 -26.13 21.27 3.47
N LEU W 440 -25.38 21.10 4.55
CA LEU W 440 -25.45 19.88 5.33
C LEU W 440 -26.59 19.96 6.34
N GLN W 441 -26.74 18.90 7.13
CA GLN W 441 -27.77 18.90 8.15
C GLN W 441 -27.43 19.89 9.25
N LEU W 442 -28.47 20.29 10.00
CA LEU W 442 -28.28 21.27 11.06
C LEU W 442 -27.29 20.77 12.10
N TRP W 443 -27.36 19.48 12.45
CA TRP W 443 -26.45 18.94 13.45
C TRP W 443 -25.02 18.99 12.97
N ASP W 444 -24.80 18.77 11.66
CA ASP W 444 -23.45 18.86 11.12
C ASP W 444 -22.90 20.27 11.23
N LEU W 445 -23.73 21.28 10.96
CA LEU W 445 -23.27 22.66 11.05
C LEU W 445 -23.10 23.10 12.50
N ARG W 446 -23.89 22.53 13.41
CA ARG W 446 -23.84 22.93 14.81
C ARG W 446 -22.58 22.43 15.50
N ARG W 447 -21.98 21.36 15.01
CA ARG W 447 -20.73 20.88 15.58
C ARG W 447 -19.57 21.81 15.26
N GLN W 448 -19.73 22.68 14.27
CA GLN W 448 -18.72 23.64 13.87
C GLN W 448 -18.70 24.87 14.77
N THR W 449 -19.47 24.88 15.84
CA THR W 449 -19.46 25.94 16.84
C THR W 449 -18.44 25.71 17.95
N TRP W 450 -17.59 24.69 17.81
CA TRP W 450 -16.55 24.40 18.78
C TRP W 450 -15.39 23.77 18.03
N TRP W 451 -14.20 23.80 18.63
CA TRP W 451 -12.97 23.36 17.97
C TRP W 451 -12.31 22.23 18.75
N TRP W 452 -11.67 21.32 18.01
CA TRP W 452 -10.83 20.29 18.63
C TRP W 452 -9.46 20.83 19.01
N ARG W 453 -8.94 21.77 18.24
CA ARG W 453 -7.72 22.47 18.61
C ARG W 453 -7.99 23.34 19.83
N TYR W 454 -6.92 23.87 20.40
CA TYR W 454 -7.03 24.80 21.51
C TYR W 454 -8.04 24.33 22.56
N GLY X 1 -9.39 88.15 2.90
CA GLY X 1 -9.07 87.61 1.59
C GLY X 1 -7.83 88.22 1.00
N LYS X 2 -6.85 87.36 0.68
CA LYS X 2 -5.59 87.82 0.12
C LYS X 2 -5.46 87.54 -1.38
N SER X 3 -6.32 86.71 -1.95
CA SER X 3 -6.19 86.35 -3.35
C SER X 3 -7.58 86.05 -3.92
N THR X 4 -7.84 86.58 -5.10
CA THR X 4 -9.09 86.34 -5.81
C THR X 4 -8.80 85.43 -7.00
N ILE X 5 -9.45 84.27 -7.03
CA ILE X 5 -9.22 83.27 -8.05
C ILE X 5 -10.56 82.93 -8.69
N GLN X 6 -10.71 83.26 -9.96
CA GLN X 6 -11.89 82.90 -10.73
C GLN X 6 -13.17 83.35 -10.03
N GLY X 7 -13.15 84.56 -9.51
CA GLY X 7 -14.34 85.17 -8.94
C GLY X 7 -14.54 84.93 -7.46
N THR X 8 -13.68 84.17 -6.80
CA THR X 8 -13.79 83.89 -5.38
C THR X 8 -12.51 84.31 -4.67
N SER X 9 -12.67 84.88 -3.48
CA SER X 9 -11.54 85.35 -2.69
C SER X 9 -11.13 84.27 -1.68
N TYR X 10 -9.83 84.02 -1.61
CA TYR X 10 -9.26 83.02 -0.72
C TYR X 10 -8.22 83.66 0.17
N ASN X 11 -8.08 83.11 1.38
CA ASN X 11 -7.03 83.51 2.29
C ASN X 11 -5.79 82.67 1.98
N VAL X 12 -4.65 83.34 1.76
CA VAL X 12 -3.45 82.66 1.30
C VAL X 12 -2.74 82.03 2.49
N VAL X 13 -2.54 80.72 2.42
CA VAL X 13 -1.77 79.97 3.42
C VAL X 13 -0.33 79.91 2.93
N LYS X 14 0.60 80.37 3.76
CA LYS X 14 2.01 80.44 3.39
C LYS X 14 2.74 79.15 3.75
N PHE X 15 3.60 78.70 2.84
CA PHE X 15 4.41 77.50 3.10
C PHE X 15 5.46 77.80 4.15
N GLN X 16 5.59 76.91 5.13
CA GLN X 16 6.58 77.04 6.20
C GLN X 16 7.42 75.78 6.29
N GLN X 17 8.70 75.94 6.62
CA GLN X 17 9.61 74.83 6.81
C GLN X 17 9.64 74.43 8.27
N GLU X 18 9.23 73.20 8.57
CA GLU X 18 9.21 72.66 9.91
C GLU X 18 9.96 71.34 9.93
N ASP X 19 10.61 71.04 11.05
CA ASP X 19 11.37 69.79 11.16
C ASP X 19 10.43 68.60 11.27
N VAL X 20 10.85 67.48 10.68
CA VAL X 20 10.06 66.26 10.81
C VAL X 20 9.90 65.89 12.29
N SER X 21 10.90 66.22 13.11
CA SER X 21 10.84 65.88 14.52
C SER X 21 9.68 66.58 15.22
N GLU X 22 9.38 67.81 14.80
CA GLU X 22 8.36 68.59 15.48
C GLU X 22 6.96 68.27 14.97
N VAL X 23 6.82 68.00 13.67
CA VAL X 23 5.50 67.66 13.12
C VAL X 23 5.09 66.26 13.58
N VAL X 24 6.05 65.35 13.75
CA VAL X 24 5.75 64.01 14.21
C VAL X 24 4.97 64.06 15.51
N LYS X 25 5.28 65.03 16.37
CA LYS X 25 4.60 65.15 17.64
C LYS X 25 3.12 65.40 17.49
N GLU X 26 2.68 65.92 16.35
CA GLU X 26 1.29 66.29 16.13
C GLU X 26 0.51 65.29 15.31
N VAL X 27 1.17 64.22 14.85
CA VAL X 27 0.49 63.20 14.06
C VAL X 27 -0.41 62.38 14.96
N PRO X 28 -1.64 62.06 14.54
CA PRO X 28 -2.52 61.26 15.40
C PRO X 28 -1.87 59.96 15.82
N HIS X 29 -2.12 59.56 17.06
CA HIS X 29 -1.53 58.32 17.56
C HIS X 29 -2.36 57.13 17.11
N PHE X 30 -1.69 56.11 16.60
CA PHE X 30 -2.32 54.85 16.26
C PHE X 30 -1.25 53.77 16.23
N GLN X 31 -1.67 52.53 16.48
CA GLN X 31 -0.79 51.37 16.45
C GLN X 31 -1.31 50.38 15.43
N PHE X 32 -0.39 49.73 14.72
CA PHE X 32 -0.76 48.60 13.87
C PHE X 32 -0.60 47.28 14.59
N TYR X 33 0.37 47.18 15.49
CA TYR X 33 0.63 45.99 16.28
C TYR X 33 0.30 46.25 17.74
N TYR X 34 -0.21 45.22 18.41
CA TYR X 34 -0.43 45.22 19.86
C TYR X 34 0.29 44.00 20.40
N ILE X 35 1.50 44.20 20.94
CA ILE X 35 2.38 43.09 21.24
C ILE X 35 2.09 42.46 22.61
N GLY X 36 1.57 43.22 23.55
CA GLY X 36 1.16 42.67 24.82
C GLY X 36 -0.14 43.27 25.30
N GLY X 37 -0.16 43.79 26.51
CA GLY X 37 -1.28 44.59 26.96
C GLY X 37 -1.43 44.55 28.47
N GLU X 38 -2.24 45.50 28.97
CA GLU X 38 -2.59 45.59 30.38
C GLU X 38 -4.04 45.13 30.53
N HIS X 39 -4.23 43.94 31.09
CA HIS X 39 -5.57 43.43 31.30
C HIS X 39 -6.39 44.38 32.17
N LYS X 40 -7.65 44.58 31.78
CA LYS X 40 -8.59 45.37 32.55
C LYS X 40 -9.98 44.82 32.27
N ASP X 41 -10.62 44.24 33.28
CA ASP X 41 -11.94 43.68 33.10
C ASP X 41 -12.93 44.77 32.69
N ASN X 42 -13.89 44.39 31.86
CA ASN X 42 -14.93 45.31 31.42
C ASN X 42 -15.72 45.80 32.64
N LYS X 43 -15.54 47.07 33.00
CA LYS X 43 -16.16 47.58 34.21
C LYS X 43 -17.68 47.63 34.09
N TYR X 44 -18.20 47.79 32.87
CA TYR X 44 -19.63 47.88 32.64
C TYR X 44 -20.25 46.53 32.27
N ARG X 45 -19.57 45.43 32.62
CA ARG X 45 -20.08 44.12 32.23
C ARG X 45 -21.42 43.82 32.86
N ASP X 46 -21.72 44.42 34.01
CA ASP X 46 -22.96 44.16 34.74
C ASP X 46 -23.93 45.33 34.72
N VAL X 47 -23.71 46.31 33.86
CA VAL X 47 -24.52 47.53 33.83
C VAL X 47 -25.40 47.46 32.59
N PRO X 48 -26.72 47.38 32.75
CA PRO X 48 -27.60 47.42 31.58
C PRO X 48 -27.53 48.76 30.87
N LEU X 49 -27.82 48.72 29.57
CA LEU X 49 -27.68 49.91 28.74
C LEU X 49 -28.69 50.99 29.10
N ASP X 50 -29.79 50.65 29.76
CA ASP X 50 -30.77 51.66 30.12
C ASP X 50 -30.30 52.54 31.27
N ILE X 51 -29.18 52.23 31.90
CA ILE X 51 -28.66 52.99 33.03
C ILE X 51 -27.51 53.85 32.52
N PRO X 52 -27.61 55.18 32.59
CA PRO X 52 -26.48 56.02 32.18
C PRO X 52 -25.27 55.79 33.08
N VAL X 53 -24.09 55.81 32.47
CA VAL X 53 -22.84 55.54 33.17
C VAL X 53 -21.85 56.68 33.07
N LEU X 54 -22.07 57.66 32.19
CA LEU X 54 -21.14 58.75 31.98
C LEU X 54 -21.58 59.96 32.80
N THR X 55 -20.65 60.56 33.54
CA THR X 55 -20.93 61.69 34.40
C THR X 55 -19.89 62.77 34.18
N GLU X 56 -20.26 64.00 34.50
CA GLU X 56 -19.39 65.17 34.39
C GLU X 56 -18.93 65.38 32.95
N ALA X 57 -19.89 65.40 32.05
CA ALA X 57 -19.59 65.64 30.64
C ALA X 57 -19.33 67.12 30.41
N PRO X 58 -18.28 67.49 29.68
CA PRO X 58 -18.02 68.90 29.40
C PRO X 58 -19.20 69.53 28.68
N PRO X 59 -19.53 70.79 28.97
CA PRO X 59 -20.63 71.43 28.26
C PRO X 59 -20.33 71.55 26.78
N PRO X 60 -21.33 71.36 25.92
CA PRO X 60 -21.09 71.41 24.48
C PRO X 60 -20.76 72.82 24.00
N GLN X 61 -20.00 72.88 22.92
CA GLN X 61 -19.57 74.12 22.29
C GLN X 61 -20.06 74.12 20.85
N LEU X 62 -21.21 74.73 20.60
CA LEU X 62 -21.84 74.71 19.29
C LEU X 62 -21.54 76.01 18.55
N LYS X 63 -21.15 75.88 17.29
CA LYS X 63 -20.87 77.01 16.42
C LYS X 63 -21.63 76.83 15.11
N LYS X 64 -22.23 77.91 14.63
CA LYS X 64 -22.94 77.83 13.36
C LYS X 64 -21.95 77.54 12.24
N PRO X 65 -22.16 76.49 11.45
CA PRO X 65 -21.18 76.17 10.40
C PRO X 65 -21.09 77.28 9.38
N GLU X 66 -19.85 77.53 8.91
CA GLU X 66 -19.59 78.50 7.86
C GLU X 66 -18.55 77.93 6.92
N MET X 67 -18.73 78.20 5.63
CA MET X 67 -17.80 77.74 4.62
C MET X 67 -16.64 78.72 4.52
N LYS X 68 -15.42 78.20 4.69
CA LYS X 68 -14.21 79.01 4.66
C LYS X 68 -13.35 78.60 3.47
N PHE X 69 -12.73 79.59 2.83
CA PHE X 69 -11.97 79.40 1.59
C PHE X 69 -10.53 79.85 1.79
N SER X 70 -9.58 78.98 1.49
CA SER X 70 -8.16 79.29 1.51
C SER X 70 -7.48 78.75 0.26
N VAL X 71 -6.27 79.25 -0.01
CA VAL X 71 -5.46 78.80 -1.14
C VAL X 71 -4.00 78.73 -0.70
N LEU X 72 -3.33 77.65 -1.10
CA LEU X 72 -1.89 77.52 -0.85
C LEU X 72 -1.11 78.36 -1.87
N GLU X 73 0.19 78.49 -1.64
CA GLU X 73 1.02 79.24 -2.58
C GLU X 73 1.22 78.49 -3.88
N ASN X 74 1.04 77.16 -3.89
CA ASN X 74 1.13 76.40 -5.13
C ASN X 74 -0.11 76.53 -5.99
N GLY X 75 -1.17 77.15 -5.47
CA GLY X 75 -2.39 77.36 -6.22
C GLY X 75 -3.52 76.41 -5.90
N MET X 76 -3.35 75.53 -4.93
CA MET X 76 -4.40 74.58 -4.58
C MET X 76 -5.41 75.26 -3.65
N ARG X 77 -6.67 75.25 -4.06
CA ARG X 77 -7.74 75.85 -3.28
C ARG X 77 -8.31 74.85 -2.29
N ILE X 78 -8.57 75.32 -1.07
CA ILE X 78 -9.09 74.51 0.02
C ILE X 78 -10.39 75.14 0.50
N VAL X 79 -11.48 74.38 0.45
CA VAL X 79 -12.80 74.84 0.86
C VAL X 79 -13.35 73.84 1.87
N SER X 80 -13.70 74.32 3.07
CA SER X 80 -14.15 73.43 4.13
C SER X 80 -15.34 73.98 4.88
N VAL X 81 -16.23 73.08 5.31
CA VAL X 81 -17.34 73.34 6.21
C VAL X 81 -17.22 72.39 7.38
N ASP X 82 -17.57 72.85 8.58
CA ASP X 82 -17.55 72.01 9.77
C ASP X 82 -18.94 72.05 10.40
N LYS X 83 -19.73 70.99 10.16
CA LYS X 83 -21.03 70.82 10.78
C LYS X 83 -20.91 70.19 12.16
N GLN X 84 -19.69 70.00 12.64
CA GLN X 84 -19.40 69.44 13.96
C GLN X 84 -19.81 67.98 14.08
N GLY X 85 -19.85 67.27 12.95
CA GLY X 85 -20.03 65.84 12.98
C GLY X 85 -18.76 65.13 13.41
N LEU X 86 -18.91 63.84 13.70
CA LEU X 86 -17.79 63.04 14.19
C LEU X 86 -17.09 62.26 13.09
N THR X 87 -17.60 62.28 11.87
CA THR X 87 -16.97 61.66 10.72
C THR X 87 -16.75 62.72 9.65
N SER X 88 -15.55 62.75 9.09
CA SER X 88 -15.19 63.73 8.08
C SER X 88 -15.28 63.13 6.68
N ASN X 89 -15.34 64.02 5.69
CA ASN X 89 -15.39 63.63 4.28
C ASN X 89 -14.43 64.51 3.51
N LEU X 90 -13.22 64.01 3.28
CA LEU X 90 -12.17 64.73 2.55
C LEU X 90 -12.18 64.31 1.09
N GLY X 91 -12.22 65.30 0.20
CA GLY X 91 -12.21 65.03 -1.22
C GLY X 91 -11.31 65.94 -2.02
N LEU X 92 -10.63 65.39 -3.04
CA LEU X 92 -9.72 66.13 -3.91
C LEU X 92 -10.27 66.08 -5.33
N PHE X 93 -10.66 67.24 -5.85
CA PHE X 93 -11.23 67.35 -7.18
C PHE X 93 -10.20 67.94 -8.13
N VAL X 94 -10.02 67.29 -9.29
CA VAL X 94 -9.10 67.75 -10.32
C VAL X 94 -9.88 67.96 -11.61
N HIS X 95 -9.58 69.07 -12.29
CA HIS X 95 -10.31 69.48 -13.49
C HIS X 95 -9.77 68.75 -14.72
N ALA X 96 -9.78 67.42 -14.64
CA ALA X 96 -9.30 66.57 -15.73
C ALA X 96 -10.24 65.38 -15.87
N GLY X 97 -11.26 65.53 -16.72
CA GLY X 97 -12.19 64.49 -17.02
C GLY X 97 -12.04 63.96 -18.43
N SER X 98 -13.02 63.15 -18.84
CA SER X 98 -12.98 62.54 -20.17
C SER X 98 -13.11 63.57 -21.27
N ARG X 99 -13.70 64.74 -21.00
CA ARG X 99 -13.92 65.71 -22.06
C ARG X 99 -12.62 66.28 -22.59
N PHE X 100 -11.54 66.22 -21.83
CA PHE X 100 -10.27 66.79 -22.25
C PHE X 100 -9.39 65.78 -22.99
N GLU X 101 -9.90 64.58 -23.24
CA GLU X 101 -9.14 63.57 -23.97
C GLU X 101 -9.19 63.82 -25.46
N THR X 102 -8.05 63.64 -26.12
CA THR X 102 -8.01 63.58 -27.57
C THR X 102 -8.37 62.17 -28.03
N PRO X 103 -8.78 62.01 -29.29
CA PRO X 103 -9.17 60.67 -29.75
C PRO X 103 -8.09 59.63 -29.56
N ALA X 104 -6.82 60.00 -29.71
CA ALA X 104 -5.74 59.06 -29.43
C ALA X 104 -5.54 58.79 -27.96
N GLU X 105 -6.13 59.60 -27.08
CA GLU X 105 -6.02 59.45 -25.64
C GLU X 105 -7.27 58.84 -25.02
N GLU X 106 -8.05 58.10 -25.81
CA GLU X 106 -9.33 57.62 -25.33
C GLU X 106 -9.17 56.78 -24.07
N GLY X 107 -9.99 57.09 -23.06
CA GLY X 107 -10.06 56.30 -21.85
C GLY X 107 -9.05 56.67 -20.78
N LEU X 108 -8.13 57.59 -21.05
CA LEU X 108 -7.05 57.84 -20.10
C LEU X 108 -7.56 58.38 -18.78
N SER X 109 -8.64 59.18 -18.79
CA SER X 109 -9.20 59.67 -17.54
C SER X 109 -9.66 58.52 -16.67
N HIS X 110 -10.32 57.52 -17.26
CA HIS X 110 -10.72 56.35 -16.50
C HIS X 110 -9.50 55.58 -15.99
N MET X 111 -8.44 55.53 -16.80
CA MET X 111 -7.24 54.81 -16.39
C MET X 111 -6.63 55.44 -15.15
N VAL X 112 -6.63 56.77 -15.07
CA VAL X 112 -6.12 57.44 -13.88
C VAL X 112 -6.90 56.99 -12.66
N GLU X 113 -8.23 56.92 -12.78
CA GLU X 113 -9.05 56.43 -11.68
C GLU X 113 -8.64 55.02 -11.29
N CYS X 114 -8.36 54.17 -12.28
CA CYS X 114 -8.05 52.78 -11.99
C CYS X 114 -6.76 52.63 -11.20
N VAL X 115 -5.82 53.55 -11.40
CA VAL X 115 -4.51 53.44 -10.75
C VAL X 115 -4.46 54.24 -9.46
N ALA X 116 -5.61 54.69 -8.97
CA ALA X 116 -5.63 55.49 -7.75
C ALA X 116 -5.25 54.66 -6.54
N PHE X 117 -4.56 55.33 -5.61
CA PHE X 117 -4.15 54.73 -4.34
C PHE X 117 -3.17 53.59 -4.52
N ARG X 118 -2.43 53.59 -5.63
CA ARG X 118 -1.32 52.67 -5.84
C ARG X 118 -0.05 53.30 -5.26
N SER X 119 1.10 52.71 -5.56
CA SER X 119 2.34 53.12 -4.93
C SER X 119 2.65 54.59 -5.20
N THR X 120 3.09 55.29 -4.17
CA THR X 120 3.56 56.66 -4.22
C THR X 120 5.03 56.69 -3.85
N ALA X 121 5.61 57.89 -3.86
CA ALA X 121 7.05 58.00 -3.60
C ALA X 121 7.41 57.53 -2.19
N HIS X 122 6.54 57.79 -1.21
CA HIS X 122 6.83 57.47 0.18
C HIS X 122 5.86 56.46 0.77
N LEU X 123 5.18 55.66 -0.07
CA LEU X 123 4.28 54.64 0.46
C LEU X 123 3.94 53.63 -0.61
N SER X 124 4.07 52.35 -0.28
CA SER X 124 3.72 51.28 -1.19
C SER X 124 2.19 51.17 -1.33
N HIS X 125 1.76 50.46 -2.36
CA HIS X 125 0.34 50.25 -2.59
C HIS X 125 -0.30 49.52 -1.41
N LEU X 126 0.35 48.45 -0.94
CA LEU X 126 -0.20 47.69 0.17
C LEU X 126 -0.30 48.53 1.43
N ARG X 127 0.73 49.31 1.71
CA ARG X 127 0.74 50.10 2.94
C ARG X 127 -0.30 51.22 2.90
N THR X 128 -0.56 51.79 1.72
CA THR X 128 -1.60 52.81 1.63
C THR X 128 -2.98 52.22 1.91
N ILE X 129 -3.28 51.04 1.35
CA ILE X 129 -4.61 50.49 1.49
C ILE X 129 -4.80 49.84 2.86
N LYS X 130 -3.74 49.27 3.43
CA LYS X 130 -3.87 48.69 4.76
C LYS X 130 -4.02 49.77 5.83
N THR X 131 -3.41 50.94 5.62
CA THR X 131 -3.61 52.05 6.55
C THR X 131 -5.04 52.56 6.48
N ILE X 132 -5.55 52.81 5.27
CA ILE X 132 -6.92 53.27 5.12
C ILE X 132 -7.88 52.29 5.78
N GLU X 133 -7.54 51.01 5.77
CA GLU X 133 -8.41 49.97 6.32
C GLU X 133 -8.34 49.92 7.84
N VAL X 134 -7.13 49.89 8.41
CA VAL X 134 -6.98 49.76 9.85
C VAL X 134 -7.59 50.96 10.56
N LEU X 135 -7.59 52.11 9.91
CA LEU X 135 -8.19 53.32 10.46
C LEU X 135 -9.67 53.41 10.18
N GLY X 136 -10.24 52.37 9.57
CA GLY X 136 -11.67 52.31 9.33
C GLY X 136 -12.18 53.34 8.35
N MET X 137 -11.38 53.68 7.36
CA MET X 137 -11.75 54.67 6.35
C MET X 137 -12.26 53.98 5.10
N ASN X 138 -13.28 54.57 4.48
CA ASN X 138 -13.81 54.11 3.20
C ASN X 138 -13.64 55.23 2.18
N GLY X 139 -13.63 54.85 0.91
CA GLY X 139 -13.52 55.83 -0.16
C GLY X 139 -13.06 55.20 -1.46
N GLY X 140 -12.61 56.06 -2.36
CA GLY X 140 -12.16 55.60 -3.66
C GLY X 140 -11.96 56.77 -4.60
N CYS X 141 -11.98 56.48 -5.89
CA CYS X 141 -11.82 57.48 -6.92
C CYS X 141 -12.89 57.28 -8.00
N GLN X 142 -13.41 58.39 -8.51
CA GLN X 142 -14.38 58.35 -9.59
C GLN X 142 -14.00 59.40 -10.64
N ALA X 143 -13.93 58.97 -11.89
CA ALA X 143 -13.60 59.86 -13.00
C ALA X 143 -14.87 60.19 -13.76
N GLY X 144 -15.16 61.48 -13.92
CA GLY X 144 -16.31 61.95 -14.62
C GLY X 144 -15.97 62.55 -15.96
N ARG X 145 -16.93 63.31 -16.51
CA ARG X 145 -16.71 63.94 -17.81
C ARG X 145 -15.89 65.22 -17.68
N GLU X 146 -15.98 65.92 -16.55
CA GLU X 146 -15.25 67.15 -16.35
C GLU X 146 -14.24 67.12 -15.23
N HIS X 147 -14.32 66.14 -14.33
CA HIS X 147 -13.44 66.14 -13.17
C HIS X 147 -13.24 64.71 -12.69
N ILE X 148 -12.21 64.55 -11.87
CA ILE X 148 -11.91 63.28 -11.20
C ILE X 148 -11.79 63.57 -9.71
N MET X 149 -12.46 62.75 -8.90
CA MET X 149 -12.56 62.99 -7.47
C MET X 149 -11.95 61.82 -6.71
N TYR X 150 -11.11 62.13 -5.73
CA TYR X 150 -10.58 61.17 -4.77
C TYR X 150 -11.16 61.50 -3.41
N ASN X 151 -11.97 60.59 -2.87
CA ASN X 151 -12.67 60.83 -1.61
C ASN X 151 -12.31 59.77 -0.57
N LEU X 152 -12.29 60.20 0.69
CA LEU X 152 -12.11 59.32 1.84
C LEU X 152 -13.01 59.79 2.96
N GLU X 153 -13.81 58.89 3.51
CA GLU X 153 -14.65 59.15 4.67
C GLU X 153 -13.99 58.55 5.89
N LEU X 154 -13.85 59.35 6.95
CA LEU X 154 -12.98 58.99 8.06
C LEU X 154 -13.49 59.58 9.36
N LEU X 155 -13.05 58.99 10.47
CA LEU X 155 -13.22 59.62 11.77
C LEU X 155 -12.33 60.85 11.84
N ARG X 156 -12.89 61.97 12.30
CA ARG X 156 -12.20 63.25 12.14
C ARG X 156 -10.80 63.22 12.73
N GLU X 157 -10.57 62.42 13.76
CA GLU X 157 -9.28 62.40 14.43
C GLU X 157 -8.13 62.00 13.51
N TYR X 158 -8.40 61.26 12.44
CA TYR X 158 -7.36 60.73 11.58
C TYR X 158 -7.18 61.53 10.30
N MET X 159 -7.73 62.74 10.24
CA MET X 159 -7.59 63.57 9.06
C MET X 159 -6.14 63.86 8.67
N PRO X 160 -5.21 64.09 9.59
CA PRO X 160 -3.83 64.31 9.16
C PRO X 160 -3.30 63.21 8.26
N VAL X 161 -3.64 61.95 8.54
CA VAL X 161 -3.17 60.85 7.71
C VAL X 161 -3.90 60.84 6.37
N ALA X 162 -5.23 60.98 6.41
CA ALA X 162 -6.02 60.88 5.18
C ALA X 162 -5.62 61.95 4.18
N SER X 163 -5.43 63.18 4.64
CA SER X 163 -5.04 64.26 3.75
C SER X 163 -3.78 63.91 2.99
N THR X 164 -2.79 63.37 3.70
CA THR X 164 -1.54 62.96 3.07
C THR X 164 -1.78 61.92 2.00
N LEU X 165 -2.54 60.87 2.31
CA LEU X 165 -2.73 59.78 1.37
C LEU X 165 -3.45 60.26 0.11
N VAL X 166 -4.48 61.07 0.24
CA VAL X 166 -5.22 61.55 -0.92
C VAL X 166 -4.31 62.38 -1.81
N VAL X 167 -3.54 63.29 -1.21
CA VAL X 167 -2.70 64.21 -1.98
C VAL X 167 -1.57 63.48 -2.68
N GLY X 168 -1.09 62.38 -2.09
CA GLY X 168 -0.02 61.63 -2.71
C GLY X 168 -0.40 61.02 -4.04
N ASN X 169 -1.69 60.84 -4.30
CA ASN X 169 -2.13 60.31 -5.58
C ASN X 169 -1.85 61.29 -6.72
N VAL X 170 -1.79 62.58 -6.42
CA VAL X 170 -1.58 63.60 -7.43
C VAL X 170 -0.23 64.27 -7.34
N LEU X 171 0.53 64.05 -6.26
CA LEU X 171 1.78 64.76 -6.06
C LEU X 171 2.98 63.97 -6.58
N PHE X 172 3.20 62.77 -6.03
CA PHE X 172 4.32 61.91 -6.44
C PHE X 172 3.87 60.47 -6.67
N PRO X 173 2.91 60.26 -7.57
CA PRO X 173 2.50 58.88 -7.90
C PRO X 173 3.58 58.14 -8.67
N ARG X 174 3.95 56.96 -8.17
CA ARG X 174 4.84 56.05 -8.90
C ARG X 174 3.98 55.13 -9.74
N LEU X 175 3.92 55.40 -11.05
CA LEU X 175 3.13 54.59 -11.95
C LEU X 175 3.98 53.42 -12.46
N LEU X 176 4.30 52.53 -11.53
CA LEU X 176 5.22 51.45 -11.81
C LEU X 176 4.60 50.48 -12.83
N PRO X 177 5.38 50.01 -13.81
CA PRO X 177 4.79 49.23 -14.91
C PRO X 177 3.94 48.05 -14.47
N TRP X 178 4.41 47.28 -13.49
CA TRP X 178 3.72 46.06 -13.11
C TRP X 178 2.53 46.31 -12.19
N GLU X 179 2.46 47.48 -11.58
CA GLU X 179 1.27 47.84 -10.81
C GLU X 179 0.16 48.34 -11.71
N VAL X 180 0.51 49.08 -12.76
CA VAL X 180 -0.47 49.54 -13.72
C VAL X 180 -1.07 48.35 -14.46
N ASN X 181 -0.23 47.39 -14.87
CA ASN X 181 -0.74 46.24 -15.59
C ASN X 181 -1.74 45.46 -14.77
N ALA X 182 -1.62 45.50 -13.44
CA ALA X 182 -2.58 44.83 -12.58
C ALA X 182 -3.93 45.53 -12.54
N CYS X 183 -4.02 46.75 -13.05
CA CYS X 183 -5.27 47.50 -13.04
C CYS X 183 -6.08 47.32 -14.32
N HIS X 184 -5.59 46.55 -15.28
CA HIS X 184 -6.37 46.30 -16.48
C HIS X 184 -7.68 45.59 -16.16
N LYS X 185 -7.73 44.86 -15.05
CA LYS X 185 -8.94 44.15 -14.68
C LYS X 185 -10.11 45.10 -14.46
N GLU X 186 -9.83 46.29 -13.93
CA GLU X 186 -10.91 47.19 -13.51
C GLU X 186 -11.75 47.67 -14.68
N ILE X 187 -11.23 47.63 -15.90
CA ILE X 187 -11.99 48.14 -17.04
C ILE X 187 -13.24 47.30 -17.25
N LYS X 188 -13.10 45.98 -17.25
CA LYS X 188 -14.25 45.11 -17.45
C LYS X 188 -15.25 45.26 -16.32
N LYS X 189 -14.76 45.39 -15.09
CA LYS X 189 -15.65 45.60 -13.96
C LYS X 189 -16.42 46.90 -14.10
N ALA X 190 -15.75 47.95 -14.56
CA ALA X 190 -16.42 49.24 -14.73
C ALA X 190 -17.54 49.16 -15.75
N HIS X 191 -17.32 48.44 -16.85
CA HIS X 191 -18.35 48.32 -17.88
C HIS X 191 -19.56 47.58 -17.34
N GLU X 192 -19.34 46.57 -16.50
CA GLU X 192 -20.44 45.80 -15.94
C GLU X 192 -21.22 46.63 -14.94
N ARG X 193 -20.51 47.44 -14.16
CA ARG X 193 -21.15 48.28 -13.17
C ARG X 193 -21.98 49.38 -13.82
N LEU X 194 -21.52 49.88 -14.96
CA LEU X 194 -22.29 50.88 -15.70
C LEU X 194 -23.54 50.27 -16.33
N LYS X 195 -23.37 49.14 -17.02
CA LYS X 195 -24.50 48.56 -17.74
C LYS X 195 -25.55 48.00 -16.79
N ALA X 196 -25.17 47.66 -15.56
CA ALA X 196 -26.15 47.19 -14.59
C ALA X 196 -27.18 48.27 -14.27
N ASP X 197 -26.73 49.51 -14.14
CA ASP X 197 -27.61 50.64 -13.88
C ASP X 197 -28.19 51.10 -15.21
N THR X 198 -29.43 50.70 -15.50
CA THR X 198 -30.01 50.99 -16.81
C THR X 198 -30.16 52.49 -17.03
N ASP X 199 -30.51 53.23 -15.98
CA ASP X 199 -30.71 54.67 -16.13
C ASP X 199 -29.40 55.37 -16.46
N GLN X 200 -28.32 54.98 -15.80
CA GLN X 200 -27.03 55.58 -16.09
C GLN X 200 -26.49 55.13 -17.43
N TYR X 201 -26.77 53.89 -17.84
CA TYR X 201 -26.35 53.43 -19.15
C TYR X 201 -27.06 54.21 -20.24
N VAL X 202 -28.37 54.43 -20.09
CA VAL X 202 -29.11 55.22 -21.07
C VAL X 202 -28.64 56.68 -21.06
N SER X 203 -28.15 57.15 -19.92
CA SER X 203 -27.59 58.50 -19.87
C SER X 203 -26.27 58.56 -20.63
N GLU X 204 -25.45 57.53 -20.53
CA GLU X 204 -24.22 57.50 -21.31
C GLU X 204 -24.51 57.46 -22.80
N LEU X 205 -25.54 56.72 -23.20
CA LEU X 205 -25.93 56.69 -24.61
C LEU X 205 -26.40 58.06 -25.06
N LEU X 206 -27.15 58.77 -24.21
CA LEU X 206 -27.63 60.09 -24.58
C LEU X 206 -26.48 61.03 -24.87
N HIS X 207 -25.50 61.10 -23.97
CA HIS X 207 -24.41 62.04 -24.13
C HIS X 207 -23.57 61.72 -25.36
N GLN X 208 -23.31 60.43 -25.60
CA GLN X 208 -22.55 60.05 -26.78
C GLN X 208 -23.29 60.40 -28.06
N THR X 209 -24.61 60.24 -28.07
CA THR X 209 -25.38 60.63 -29.24
C THR X 209 -25.53 62.14 -29.33
N ALA X 210 -25.76 62.80 -28.20
CA ALA X 210 -25.98 64.23 -28.20
C ALA X 210 -24.77 64.95 -28.76
N TYR X 211 -23.61 64.74 -28.14
CA TYR X 211 -22.36 65.35 -28.54
C TYR X 211 -21.55 64.28 -29.28
N HIS X 212 -21.51 64.37 -30.62
CA HIS X 212 -20.86 63.33 -31.46
C HIS X 212 -19.34 63.45 -31.46
N ASN X 213 -18.65 62.50 -30.83
CA ASN X 213 -17.15 62.45 -30.84
C ASN X 213 -16.57 63.79 -30.42
N ASN X 214 -17.10 64.42 -29.36
CA ASN X 214 -16.55 65.70 -28.84
C ASN X 214 -16.71 65.78 -27.32
N THR X 215 -15.87 66.56 -26.63
CA THR X 215 -15.88 66.76 -25.16
C THR X 215 -16.88 65.87 -24.40
N LEU X 216 -18.12 66.31 -24.19
CA LEU X 216 -19.10 65.58 -23.33
C LEU X 216 -19.39 64.19 -23.89
N GLY X 217 -19.46 64.04 -25.21
CA GLY X 217 -19.71 62.73 -25.86
C GLY X 217 -18.63 61.73 -25.53
N ASN X 218 -17.36 62.15 -25.53
CA ASN X 218 -16.20 61.26 -25.22
C ASN X 218 -16.65 60.19 -24.23
N ALA X 219 -16.48 58.90 -24.56
CA ALA X 219 -16.84 57.80 -23.67
C ALA X 219 -16.22 58.01 -22.29
N LEU X 220 -17.00 57.67 -21.25
CA LEU X 220 -16.52 57.84 -19.89
C LEU X 220 -15.59 56.72 -19.46
N LEU X 221 -15.79 55.52 -19.98
CA LEU X 221 -14.99 54.35 -19.64
C LEU X 221 -14.10 53.96 -20.81
N ALA X 222 -12.92 53.47 -20.49
CA ALA X 222 -12.00 52.96 -21.50
C ALA X 222 -12.47 51.60 -22.00
N ASN X 223 -12.24 51.34 -23.27
CA ASN X 223 -12.50 50.01 -23.82
C ASN X 223 -11.36 49.08 -23.47
N GLU X 224 -11.63 47.78 -23.58
CA GLU X 224 -10.65 46.76 -23.20
C GLU X 224 -10.00 46.10 -24.41
N GLY X 225 -10.02 46.77 -25.56
CA GLY X 225 -9.33 46.29 -26.73
C GLY X 225 -8.15 47.14 -27.09
N ARG X 226 -8.33 48.03 -28.07
CA ARG X 226 -7.22 48.83 -28.57
C ARG X 226 -6.78 49.89 -27.57
N ALA X 227 -7.62 50.23 -26.59
CA ALA X 227 -7.21 51.23 -25.61
C ALA X 227 -6.14 50.71 -24.67
N LEU X 228 -6.07 49.39 -24.48
CA LEU X 228 -5.06 48.82 -23.59
C LEU X 228 -3.65 49.02 -24.12
N GLU X 229 -3.50 49.42 -25.38
CA GLU X 229 -2.16 49.65 -25.92
C GLU X 229 -1.45 50.77 -25.16
N HIS X 230 -2.18 51.85 -24.84
CA HIS X 230 -1.62 52.97 -24.13
C HIS X 230 -2.05 53.01 -22.66
N PHE X 231 -2.58 51.91 -22.13
CA PHE X 231 -2.84 51.79 -20.70
C PHE X 231 -1.52 51.43 -20.01
N THR X 232 -0.64 52.42 -19.95
CA THR X 232 0.71 52.25 -19.44
C THR X 232 1.01 53.37 -18.46
N GLY X 233 1.94 53.10 -17.55
CA GLY X 233 2.35 54.12 -16.59
C GLY X 233 2.89 55.36 -17.26
N ASP X 234 3.69 55.18 -18.31
CA ASP X 234 4.25 56.33 -19.01
C ASP X 234 3.15 57.18 -19.63
N ASN X 235 2.19 56.53 -20.29
CA ASN X 235 1.10 57.28 -20.91
C ASN X 235 0.27 58.02 -19.87
N ILE X 236 0.00 57.37 -18.74
CA ILE X 236 -0.77 58.01 -17.68
C ILE X 236 -0.02 59.22 -17.15
N ARG X 237 1.29 59.11 -16.98
CA ARG X 237 2.07 60.23 -16.46
C ARG X 237 2.00 61.42 -17.42
N GLU X 238 2.10 61.17 -18.71
CA GLU X 238 2.01 62.27 -19.67
C GLU X 238 0.65 62.95 -19.62
N PHE X 239 -0.42 62.16 -19.47
CA PHE X 239 -1.74 62.74 -19.31
C PHE X 239 -1.83 63.59 -18.06
N MET X 240 -1.27 63.10 -16.96
CA MET X 240 -1.31 63.86 -15.71
C MET X 240 -0.51 65.14 -15.81
N MET X 241 0.62 65.12 -16.51
CA MET X 241 1.39 66.34 -16.68
C MET X 241 0.61 67.38 -17.47
N LYS X 242 -0.23 66.95 -18.41
CA LYS X 242 -0.98 67.90 -19.22
C LYS X 242 -2.08 68.59 -18.42
N HIS X 243 -2.80 67.83 -17.60
CA HIS X 243 -4.03 68.33 -17.00
C HIS X 243 -3.98 68.47 -15.49
N PHE X 244 -3.32 67.55 -14.79
CA PHE X 244 -3.30 67.60 -13.33
C PHE X 244 -2.32 68.66 -12.87
N SER X 245 -2.84 69.70 -12.22
CA SER X 245 -2.00 70.74 -11.67
C SER X 245 -2.67 71.33 -10.43
N ALA X 246 -1.85 71.92 -9.57
CA ALA X 246 -2.38 72.53 -8.35
C ALA X 246 -3.40 73.61 -8.65
N GLU X 247 -3.26 74.29 -9.79
CA GLU X 247 -4.20 75.34 -10.14
C GLU X 247 -5.56 74.80 -10.56
N ARG X 248 -5.61 73.54 -11.01
CA ARG X 248 -6.85 72.91 -11.43
C ARG X 248 -7.42 71.97 -10.37
N SER X 249 -6.87 71.98 -9.16
CA SER X 249 -7.28 71.08 -8.10
C SER X 249 -7.90 71.85 -6.95
N VAL X 250 -8.86 71.20 -6.27
CA VAL X 250 -9.60 71.81 -5.18
C VAL X 250 -9.85 70.74 -4.12
N PHE X 251 -9.29 70.93 -2.93
CA PHE X 251 -9.45 69.99 -1.82
C PHE X 251 -10.61 70.47 -0.95
N VAL X 252 -11.68 69.69 -0.90
CA VAL X 252 -12.87 70.00 -0.10
C VAL X 252 -12.86 69.11 1.14
N GLY X 253 -13.24 69.69 2.28
CA GLY X 253 -13.34 68.94 3.52
C GLY X 253 -14.57 69.27 4.33
N ILE X 254 -15.38 68.26 4.62
CA ILE X 254 -16.61 68.41 5.39
C ILE X 254 -16.36 67.85 6.79
N ASN X 255 -16.85 68.56 7.80
CA ASN X 255 -16.64 68.20 9.20
C ASN X 255 -15.15 68.15 9.55
N VAL X 256 -14.42 69.18 9.14
CA VAL X 256 -13.00 69.30 9.46
C VAL X 256 -12.71 70.75 9.83
N ASP X 257 -11.82 70.93 10.81
CA ASP X 257 -11.35 72.26 11.15
C ASP X 257 -10.51 72.82 10.00
N HIS X 258 -10.90 73.98 9.49
CA HIS X 258 -10.26 74.54 8.30
C HIS X 258 -8.79 74.83 8.56
N ASP X 259 -8.48 75.44 9.70
CA ASP X 259 -7.10 75.80 10.00
C ASP X 259 -6.21 74.57 10.11
N GLU X 260 -6.74 73.48 10.69
CA GLU X 260 -5.97 72.25 10.77
C GLU X 260 -5.79 71.62 9.40
N LEU X 261 -6.87 71.56 8.61
CA LEU X 261 -6.77 71.00 7.27
C LEU X 261 -5.77 71.76 6.43
N CYS X 262 -5.82 73.10 6.50
CA CYS X 262 -4.89 73.91 5.73
C CYS X 262 -3.46 73.66 6.17
N LYS X 263 -3.23 73.53 7.48
CA LYS X 263 -1.89 73.27 7.97
C LYS X 263 -1.33 71.97 7.40
N TRP X 264 -2.07 70.88 7.54
CA TRP X 264 -1.57 69.58 7.10
C TRP X 264 -1.42 69.53 5.59
N LEU X 265 -2.34 70.16 4.85
CA LEU X 265 -2.19 70.22 3.40
C LEU X 265 -0.99 71.06 3.01
N MET X 266 -0.72 72.14 3.75
CA MET X 266 0.48 72.93 3.49
C MET X 266 1.73 72.09 3.70
N ARG X 267 1.78 71.35 4.80
CA ARG X 267 2.94 70.52 5.09
C ARG X 267 3.13 69.45 4.02
N SER X 268 2.06 69.04 3.36
CA SER X 268 2.14 67.98 2.37
C SER X 268 2.77 68.46 1.07
N PHE X 269 2.64 69.74 0.75
CA PHE X 269 3.17 70.30 -0.48
C PHE X 269 4.40 71.16 -0.27
N ALA X 270 4.82 71.35 0.97
CA ALA X 270 5.85 72.34 1.28
C ALA X 270 7.18 71.99 0.64
N GLU X 271 7.62 70.74 0.78
CA GLU X 271 8.95 70.34 0.35
C GLU X 271 8.95 69.68 -1.02
N TYR X 272 7.84 69.76 -1.75
CA TYR X 272 7.71 69.10 -3.04
C TYR X 272 7.17 70.10 -4.07
N VAL X 273 7.42 69.81 -5.34
CA VAL X 273 6.97 70.64 -6.44
C VAL X 273 5.78 69.94 -7.10
N ALA X 274 4.64 70.63 -7.15
CA ALA X 274 3.45 70.09 -7.80
C ALA X 274 3.59 70.21 -9.31
N ILE X 275 2.71 69.50 -10.02
CA ILE X 275 2.77 69.53 -11.48
C ILE X 275 2.52 70.95 -11.97
N PRO X 276 3.39 71.52 -12.81
CA PRO X 276 3.17 72.89 -13.26
C PRO X 276 1.94 73.02 -14.13
N ASN X 277 1.31 74.19 -14.05
CA ASN X 277 0.12 74.46 -14.82
C ASN X 277 0.51 74.88 -16.24
N LEU X 278 -0.07 74.20 -17.22
CA LEU X 278 0.20 74.50 -18.62
C LEU X 278 -1.10 74.71 -19.37
N PRO X 279 -1.10 75.56 -20.39
CA PRO X 279 -2.32 75.77 -21.18
C PRO X 279 -2.72 74.49 -21.89
N ARG X 280 -4.02 74.32 -22.07
CA ARG X 280 -4.57 73.15 -22.74
C ARG X 280 -5.71 73.59 -23.65
N ASP X 281 -6.01 72.75 -24.62
CA ASP X 281 -7.11 73.03 -25.54
C ASP X 281 -8.44 72.78 -24.83
N GLU X 282 -9.24 73.83 -24.71
CA GLU X 282 -10.56 73.76 -24.08
C GLU X 282 -11.59 74.23 -25.10
N ALA X 283 -12.22 73.29 -25.78
CA ALA X 283 -13.17 73.57 -26.84
C ALA X 283 -14.60 73.42 -26.33
N LYS X 284 -15.46 74.32 -26.75
CA LYS X 284 -16.85 74.25 -26.35
C LYS X 284 -17.52 73.01 -26.96
N PRO X 285 -18.44 72.38 -26.25
CA PRO X 285 -19.13 71.23 -26.81
C PRO X 285 -19.90 71.58 -28.06
N VAL X 286 -19.94 70.64 -29.00
CA VAL X 286 -20.72 70.76 -30.22
C VAL X 286 -21.89 69.79 -30.10
N TYR X 287 -23.10 70.33 -30.04
CA TYR X 287 -24.30 69.52 -29.92
C TYR X 287 -24.82 69.19 -31.30
N THR X 288 -24.86 67.90 -31.62
CA THR X 288 -25.33 67.43 -32.91
C THR X 288 -26.69 66.78 -32.87
N GLY X 289 -27.14 66.33 -31.71
CA GLY X 289 -28.35 65.55 -31.65
C GLY X 289 -28.12 64.18 -32.27
N GLY X 290 -29.21 63.53 -32.63
CA GLY X 290 -29.14 62.26 -33.32
C GLY X 290 -29.94 61.20 -32.61
N TYR X 291 -29.66 59.94 -32.94
CA TYR X 291 -30.39 58.83 -32.38
C TYR X 291 -29.52 57.59 -32.31
N LYS X 292 -29.80 56.75 -31.32
CA LYS X 292 -29.12 55.47 -31.16
C LYS X 292 -30.12 54.46 -30.61
N LEU X 293 -30.20 53.31 -31.26
CA LEU X 293 -31.08 52.22 -30.84
C LEU X 293 -30.20 51.03 -30.44
N GLU X 294 -29.99 50.88 -29.13
CA GLU X 294 -29.17 49.81 -28.60
C GLU X 294 -30.08 48.67 -28.15
N GLU X 295 -29.75 47.46 -28.58
CA GLU X 295 -30.55 46.27 -28.28
C GLU X 295 -29.93 45.49 -27.14
N ASN X 296 -30.75 45.11 -26.18
CA ASN X 296 -30.36 44.20 -25.10
C ASN X 296 -31.26 42.97 -25.24
N ALA X 297 -30.69 41.89 -25.78
CA ALA X 297 -31.50 40.70 -26.06
C ALA X 297 -32.20 40.18 -24.82
N ASP X 298 -31.60 40.35 -23.65
CA ASP X 298 -32.19 39.83 -22.42
C ASP X 298 -33.33 40.67 -21.89
N MET X 299 -33.41 41.94 -22.27
CA MET X 299 -34.44 42.81 -21.72
C MET X 299 -35.70 42.76 -22.58
N PRO X 300 -36.88 42.57 -21.99
CA PRO X 300 -38.13 42.70 -22.75
C PRO X 300 -38.72 44.10 -22.72
N VAL X 301 -38.17 45.00 -21.92
CA VAL X 301 -38.72 46.33 -21.76
C VAL X 301 -37.97 47.28 -22.69
N CYS X 302 -38.64 48.37 -23.03
CA CYS X 302 -38.10 49.40 -23.92
C CYS X 302 -37.90 50.68 -23.12
N ASN X 303 -36.67 51.17 -23.08
CA ASN X 303 -36.33 52.43 -22.44
C ASN X 303 -36.10 53.48 -23.51
N ILE X 304 -36.91 54.53 -23.48
CA ILE X 304 -36.86 55.59 -24.49
C ILE X 304 -36.50 56.89 -23.79
N ALA X 305 -35.59 57.64 -24.40
CA ALA X 305 -35.17 58.93 -23.89
C ALA X 305 -35.11 59.92 -25.04
N ILE X 306 -35.73 61.09 -24.85
CA ILE X 306 -35.68 62.19 -25.80
C ILE X 306 -35.11 63.39 -25.07
N GLY X 307 -34.00 63.92 -25.57
CA GLY X 307 -33.29 64.99 -24.88
C GLY X 307 -33.06 66.18 -25.79
N PHE X 308 -32.72 67.29 -25.14
CA PHE X 308 -32.44 68.54 -25.82
C PHE X 308 -31.29 69.23 -25.10
N GLU X 309 -30.58 70.09 -25.83
CA GLU X 309 -29.42 70.75 -25.27
C GLU X 309 -29.83 71.92 -24.38
N THR X 310 -29.13 72.05 -23.25
CA THR X 310 -29.26 73.16 -22.35
C THR X 310 -27.93 73.89 -22.25
N GLU X 311 -27.99 75.20 -21.99
CA GLU X 311 -26.77 76.01 -21.99
C GLU X 311 -25.80 75.57 -20.91
N GLY X 312 -26.29 75.04 -19.80
CA GLY X 312 -25.42 74.48 -18.80
C GLY X 312 -25.52 75.11 -17.43
N TRP X 313 -24.50 74.85 -16.60
CA TRP X 313 -24.53 75.33 -15.22
C TRP X 313 -24.26 76.82 -15.12
N ASN X 314 -23.42 77.36 -15.99
CA ASN X 314 -23.01 78.76 -15.89
C ASN X 314 -24.00 79.71 -16.52
N SER X 315 -25.09 79.22 -17.08
CA SER X 315 -26.11 80.06 -17.69
C SER X 315 -27.09 80.56 -16.65
N ALA X 316 -27.91 81.53 -17.04
CA ALA X 316 -29.00 82.00 -16.20
C ALA X 316 -30.24 81.13 -16.32
N ASP X 317 -30.22 80.12 -17.19
CA ASP X 317 -31.32 79.20 -17.35
C ASP X 317 -31.27 78.02 -16.39
N LEU X 318 -30.24 77.96 -15.53
CA LEU X 318 -30.05 76.78 -14.69
C LEU X 318 -31.22 76.58 -13.73
N VAL X 319 -31.56 77.61 -12.97
CA VAL X 319 -32.61 77.48 -11.96
C VAL X 319 -33.96 77.31 -12.65
N PRO X 320 -34.30 78.12 -13.66
CA PRO X 320 -35.59 77.90 -14.34
C PRO X 320 -35.74 76.51 -14.92
N VAL X 321 -34.70 75.94 -15.53
CA VAL X 321 -34.86 74.62 -16.11
C VAL X 321 -34.99 73.57 -15.02
N THR X 322 -34.38 73.80 -13.86
CA THR X 322 -34.56 72.87 -12.75
C THR X 322 -35.96 72.94 -12.18
N VAL X 323 -36.58 74.13 -12.19
CA VAL X 323 -37.99 74.22 -11.82
C VAL X 323 -38.84 73.47 -12.82
N LEU X 324 -38.48 73.56 -14.11
CA LEU X 324 -39.22 72.82 -15.12
C LEU X 324 -39.13 71.32 -14.90
N GLN X 325 -37.97 70.84 -14.48
CA GLN X 325 -37.82 69.41 -14.19
C GLN X 325 -38.70 68.99 -13.03
N THR X 326 -38.78 69.80 -11.98
CA THR X 326 -39.64 69.46 -10.86
C THR X 326 -41.11 69.62 -11.23
N LEU X 327 -41.43 70.61 -12.05
CA LEU X 327 -42.81 70.79 -12.49
C LEU X 327 -43.28 69.57 -13.27
N LEU X 328 -42.46 69.10 -14.21
CA LEU X 328 -42.80 67.89 -14.93
C LEU X 328 -42.59 66.65 -14.06
N GLY X 329 -41.68 66.73 -13.10
CA GLY X 329 -41.45 65.65 -12.17
C GLY X 329 -41.37 64.29 -12.81
N GLY X 330 -42.27 63.40 -12.41
CA GLY X 330 -42.32 62.04 -12.92
C GLY X 330 -42.21 61.03 -11.79
N GLY X 331 -42.46 59.78 -12.17
CA GLY X 331 -42.41 58.70 -11.21
C GLY X 331 -42.35 57.35 -11.90
N GLY X 332 -42.45 56.31 -11.09
CA GLY X 332 -42.42 54.95 -11.58
C GLY X 332 -43.41 54.05 -10.86
N SER X 333 -44.01 53.12 -11.59
CA SER X 333 -44.97 52.21 -10.97
C SER X 333 -44.31 51.33 -9.93
N PHE X 334 -43.03 51.04 -10.10
CA PHE X 334 -42.32 50.20 -9.14
C PHE X 334 -42.40 50.79 -7.75
N SER X 335 -42.29 52.12 -7.65
CA SER X 335 -42.29 52.81 -6.37
C SER X 335 -43.71 53.19 -5.96
N THR X 336 -43.98 53.10 -4.66
CA THR X 336 -45.24 53.52 -4.05
C THR X 336 -44.97 54.68 -3.10
N GLY X 337 -45.02 55.89 -3.64
CA GLY X 337 -44.65 57.05 -2.88
C GLY X 337 -45.82 57.66 -2.13
N GLY X 338 -45.57 58.04 -0.87
CA GLY X 338 -46.58 58.67 -0.05
C GLY X 338 -46.75 60.14 -0.39
N PRO X 339 -47.47 60.87 0.46
CA PRO X 339 -47.69 62.29 0.18
C PRO X 339 -46.38 63.05 0.04
N GLY X 340 -46.36 63.98 -0.90
CA GLY X 340 -45.21 64.84 -1.10
C GLY X 340 -44.07 64.21 -1.87
N LYS X 341 -44.30 63.10 -2.54
CA LYS X 341 -43.26 62.37 -3.25
C LYS X 341 -43.50 62.35 -4.75
N GLY X 342 -43.97 63.46 -5.30
CA GLY X 342 -44.13 63.60 -6.73
C GLY X 342 -45.42 63.05 -7.27
N MET X 343 -46.38 62.73 -6.39
CA MET X 343 -47.65 62.18 -6.84
C MET X 343 -48.45 63.15 -7.66
N HIS X 344 -48.15 64.45 -7.57
CA HIS X 344 -48.90 65.48 -8.27
C HIS X 344 -48.03 66.23 -9.27
N SER X 345 -46.96 65.60 -9.75
CA SER X 345 -46.21 66.17 -10.85
C SER X 345 -46.99 65.99 -12.15
N ARG X 346 -46.68 66.83 -13.14
CA ARG X 346 -47.44 66.78 -14.38
C ARG X 346 -47.32 65.42 -15.05
N LEU X 347 -46.12 64.84 -15.06
CA LEU X 347 -45.94 63.54 -15.69
C LEU X 347 -46.72 62.46 -14.95
N TYR X 348 -46.70 62.49 -13.63
CA TYR X 348 -47.43 61.49 -12.86
C TYR X 348 -48.93 61.58 -13.13
N LEU X 349 -49.46 62.80 -13.19
CA LEU X 349 -50.89 62.99 -13.37
C LEU X 349 -51.32 62.76 -14.82
N ASN X 350 -50.49 63.16 -15.77
CA ASN X 350 -50.88 63.10 -17.18
C ASN X 350 -50.48 61.79 -17.86
N VAL X 351 -49.41 61.16 -17.42
CA VAL X 351 -48.89 59.95 -18.05
C VAL X 351 -49.17 58.72 -17.19
N LEU X 352 -48.70 58.71 -15.94
CA LEU X 352 -48.76 57.51 -15.13
C LEU X 352 -50.19 57.17 -14.75
N ASN X 353 -50.97 58.17 -14.34
CA ASN X 353 -52.33 57.91 -13.89
C ASN X 353 -53.26 57.55 -15.04
N GLN X 354 -52.93 57.92 -16.26
CA GLN X 354 -53.83 57.75 -17.40
C GLN X 354 -53.40 56.66 -18.37
N ASN X 355 -52.18 56.14 -18.25
CA ASN X 355 -51.66 55.14 -19.17
C ASN X 355 -51.14 53.96 -18.38
N PRO X 356 -51.95 52.93 -18.16
CA PRO X 356 -51.49 51.77 -17.38
C PRO X 356 -50.35 51.02 -18.05
N ASN X 357 -50.17 51.17 -19.37
CA ASN X 357 -49.10 50.48 -20.06
C ASN X 357 -47.74 51.14 -19.87
N VAL X 358 -47.69 52.33 -19.31
CA VAL X 358 -46.43 53.03 -19.10
C VAL X 358 -45.83 52.55 -17.78
N GLU X 359 -44.64 51.96 -17.85
CA GLU X 359 -43.99 51.45 -16.65
C GLU X 359 -43.38 52.57 -15.83
N SER X 360 -42.82 53.59 -16.47
CA SER X 360 -42.19 54.69 -15.77
C SER X 360 -41.99 55.86 -16.73
N CYS X 361 -42.17 57.07 -16.22
CA CYS X 361 -41.93 58.29 -16.98
C CYS X 361 -41.32 59.33 -16.07
N MET X 362 -40.22 59.92 -16.50
CA MET X 362 -39.47 60.86 -15.69
C MET X 362 -38.87 61.93 -16.59
N ALA X 363 -38.49 63.04 -15.97
CA ALA X 363 -37.75 64.11 -16.62
C ALA X 363 -36.33 64.13 -16.09
N PHE X 364 -35.37 64.41 -16.96
CA PHE X 364 -33.96 64.42 -16.60
C PHE X 364 -33.33 65.75 -16.95
N ASN X 365 -32.33 66.16 -16.17
CA ASN X 365 -31.67 67.46 -16.37
C ASN X 365 -30.20 67.32 -15.94
N THR X 366 -29.34 66.89 -16.86
CA THR X 366 -27.92 66.90 -16.60
C THR X 366 -27.35 68.29 -16.83
N GLN X 367 -26.34 68.65 -16.04
CA GLN X 367 -25.78 69.98 -16.07
C GLN X 367 -24.27 69.91 -16.01
N TYR X 368 -23.60 70.54 -16.96
CA TYR X 368 -22.15 70.65 -17.01
C TYR X 368 -21.79 72.11 -17.24
N SER X 369 -20.49 72.42 -17.11
CA SER X 369 -20.06 73.81 -17.02
C SER X 369 -20.67 74.69 -18.09
N ASP X 370 -20.63 74.23 -19.35
CA ASP X 370 -21.07 75.05 -20.46
C ASP X 370 -22.09 74.34 -21.35
N SER X 371 -22.65 73.23 -20.90
CA SER X 371 -23.65 72.53 -21.68
C SER X 371 -24.41 71.57 -20.78
N GLY X 372 -25.54 71.10 -21.27
CA GLY X 372 -26.35 70.16 -20.53
C GLY X 372 -27.42 69.57 -21.41
N LEU X 373 -28.14 68.61 -20.86
CA LEU X 373 -29.20 67.90 -21.57
C LEU X 373 -30.45 67.88 -20.71
N PHE X 374 -31.59 68.18 -21.33
CA PHE X 374 -32.89 68.12 -20.69
C PHE X 374 -33.83 67.30 -21.55
N GLY X 375 -34.65 66.47 -20.92
CA GLY X 375 -35.60 65.69 -21.68
C GLY X 375 -36.38 64.75 -20.79
N MET X 376 -37.12 63.86 -21.45
CA MET X 376 -38.00 62.91 -20.79
C MET X 376 -37.49 61.49 -21.00
N TYR X 377 -37.68 60.67 -19.97
CA TYR X 377 -37.28 59.26 -19.98
C TYR X 377 -38.50 58.42 -19.64
N ILE X 378 -38.94 57.59 -20.59
CA ILE X 378 -40.16 56.80 -20.43
C ILE X 378 -39.82 55.35 -20.76
N THR X 379 -40.43 54.42 -20.02
CA THR X 379 -40.18 53.00 -20.18
C THR X 379 -41.49 52.23 -20.23
N GLY X 380 -41.43 51.07 -20.89
CA GLY X 380 -42.59 50.22 -21.00
C GLY X 380 -42.22 48.95 -21.73
N PHE X 381 -43.25 48.19 -22.09
CA PHE X 381 -43.02 46.96 -22.84
C PHE X 381 -42.65 47.28 -24.29
N GLY X 382 -41.94 46.33 -24.91
CA GLY X 382 -41.37 46.58 -26.22
C GLY X 382 -42.42 46.92 -27.26
N GLN X 383 -43.50 46.13 -27.31
CA GLN X 383 -44.53 46.36 -28.30
C GLN X 383 -45.23 47.69 -28.11
N GLU X 384 -45.11 48.31 -26.94
CA GLU X 384 -45.77 49.57 -26.65
C GLU X 384 -44.96 50.78 -27.12
N ALA X 385 -43.77 50.57 -27.67
CA ALA X 385 -42.89 51.68 -27.99
C ALA X 385 -43.54 52.75 -28.86
N PRO X 386 -44.29 52.43 -29.92
CA PRO X 386 -44.93 53.50 -30.69
C PRO X 386 -45.82 54.38 -29.85
N ARG X 387 -46.57 53.81 -28.92
CA ARG X 387 -47.43 54.62 -28.08
C ARG X 387 -46.63 55.38 -27.02
N LEU X 388 -45.55 54.78 -26.52
CA LEU X 388 -44.74 55.46 -25.53
C LEU X 388 -44.14 56.75 -26.10
N VAL X 389 -43.65 56.69 -27.33
CA VAL X 389 -43.08 57.88 -27.96
C VAL X 389 -44.16 58.94 -28.15
N ASP X 390 -45.36 58.53 -28.56
CA ASP X 390 -46.43 59.50 -28.73
C ASP X 390 -46.75 60.21 -27.42
N ILE X 391 -46.78 59.47 -26.32
CA ILE X 391 -47.05 60.07 -25.02
C ILE X 391 -45.96 61.09 -24.70
N ALA X 392 -44.71 60.72 -24.92
CA ALA X 392 -43.61 61.64 -24.64
C ALA X 392 -43.70 62.89 -25.49
N LEU X 393 -44.01 62.73 -26.78
CA LEU X 393 -44.11 63.89 -27.66
C LEU X 393 -45.25 64.80 -27.24
N ASN X 394 -46.38 64.23 -26.83
CA ASN X 394 -47.51 65.04 -26.41
C ASN X 394 -47.17 65.89 -25.20
N GLU X 395 -46.46 65.31 -24.24
CA GLU X 395 -46.04 66.08 -23.07
C GLU X 395 -45.10 67.22 -23.48
N LEU X 396 -44.21 66.97 -24.43
CA LEU X 396 -43.31 68.02 -24.88
C LEU X 396 -44.07 69.17 -25.52
N ARG X 397 -45.22 68.88 -26.13
CA ARG X 397 -46.02 69.93 -26.74
C ARG X 397 -46.84 70.72 -25.75
N LYS X 398 -46.92 70.27 -24.49
CA LYS X 398 -47.69 70.98 -23.47
C LYS X 398 -46.84 71.94 -22.66
N LEU X 399 -45.56 72.08 -22.98
CA LEU X 399 -44.69 72.98 -22.25
C LEU X 399 -44.86 74.43 -22.66
N ASP X 400 -45.89 74.74 -23.45
CA ASP X 400 -46.12 76.12 -23.87
C ASP X 400 -46.70 76.96 -22.75
N SER X 401 -47.48 76.37 -21.85
CA SER X 401 -48.12 77.12 -20.78
C SER X 401 -48.07 76.32 -19.49
N PHE X 402 -48.11 77.02 -18.36
CA PHE X 402 -48.07 76.42 -17.04
C PHE X 402 -49.05 77.15 -16.12
N THR X 403 -49.79 76.39 -15.33
CA THR X 403 -50.75 76.99 -14.41
C THR X 403 -50.04 77.58 -13.19
N PRO X 404 -50.62 78.61 -12.57
CA PRO X 404 -49.99 79.18 -11.37
C PRO X 404 -49.80 78.18 -10.24
N ASP X 405 -50.76 77.26 -10.06
CA ASP X 405 -50.64 76.29 -9.00
C ASP X 405 -49.47 75.35 -9.25
N GLU X 406 -49.27 74.93 -10.50
CA GLU X 406 -48.16 74.05 -10.82
C GLU X 406 -46.83 74.73 -10.56
N VAL X 407 -46.69 76.01 -10.91
CA VAL X 407 -45.43 76.72 -10.72
C VAL X 407 -45.11 76.80 -9.24
N SER X 408 -46.09 77.16 -8.42
CA SER X 408 -45.84 77.29 -6.99
C SER X 408 -45.47 75.95 -6.37
N ARG X 409 -46.18 74.89 -6.75
CA ARG X 409 -45.85 73.57 -6.22
C ARG X 409 -44.45 73.15 -6.63
N ALA X 410 -44.06 73.41 -7.87
CA ALA X 410 -42.73 73.06 -8.33
C ALA X 410 -41.67 73.82 -7.56
N LYS X 411 -41.89 75.11 -7.33
CA LYS X 411 -40.90 75.91 -6.62
C LYS X 411 -40.74 75.44 -5.17
N ASN X 412 -41.85 75.14 -4.51
CA ASN X 412 -41.76 74.67 -3.13
C ASN X 412 -41.09 73.31 -3.04
N THR X 413 -41.42 72.39 -3.95
CA THR X 413 -40.78 71.08 -3.93
C THR X 413 -39.30 71.19 -4.22
N LEU X 414 -38.92 72.06 -5.15
CA LEU X 414 -37.50 72.21 -5.46
C LEU X 414 -36.72 72.74 -4.26
N LYS X 415 -37.28 73.72 -3.54
CA LYS X 415 -36.61 74.23 -2.36
C LYS X 415 -36.47 73.14 -1.30
N GLY X 416 -37.52 72.34 -1.11
CA GLY X 416 -37.43 71.23 -0.17
C GLY X 416 -36.35 70.24 -0.57
N ASN X 417 -36.26 69.94 -1.86
CA ASN X 417 -35.22 69.03 -2.34
C ASN X 417 -33.83 69.60 -2.08
N ILE X 418 -33.66 70.90 -2.32
CA ILE X 418 -32.34 71.51 -2.14
C ILE X 418 -31.89 71.39 -0.70
N PHE X 419 -32.76 71.79 0.23
CA PHE X 419 -32.38 71.78 1.64
C PHE X 419 -32.20 70.37 2.16
N MET X 420 -33.05 69.44 1.75
CA MET X 420 -32.95 68.08 2.25
C MET X 420 -31.74 67.36 1.68
N ASN X 421 -31.41 67.63 0.42
CA ASN X 421 -30.20 67.04 -0.15
C ASN X 421 -28.95 67.60 0.49
N ALA X 422 -28.97 68.88 0.85
CA ALA X 422 -27.77 69.55 1.35
C ALA X 422 -27.28 68.95 2.65
N GLU X 423 -28.19 68.47 3.50
CA GLU X 423 -27.81 68.01 4.82
C GLU X 423 -26.92 66.77 4.77
N ASN X 424 -26.98 66.00 3.69
CA ASN X 424 -26.06 64.89 3.52
C ASN X 424 -24.65 65.42 3.25
N SER X 425 -23.68 64.92 4.02
CA SER X 425 -22.34 65.49 3.96
C SER X 425 -21.61 65.09 2.68
N LYS X 426 -21.72 63.83 2.27
CA LYS X 426 -21.10 63.42 1.03
C LYS X 426 -21.66 64.19 -0.16
N VAL X 427 -22.97 64.43 -0.17
CA VAL X 427 -23.58 65.22 -1.22
C VAL X 427 -23.01 66.64 -1.20
N LEU X 428 -22.90 67.23 -0.01
CA LEU X 428 -22.41 68.59 0.08
C LEU X 428 -20.96 68.68 -0.42
N MET X 429 -20.14 67.70 -0.06
CA MET X 429 -18.75 67.70 -0.52
C MET X 429 -18.67 67.65 -2.03
N GLU X 430 -19.45 66.76 -2.65
CA GLU X 430 -19.41 66.62 -4.10
C GLU X 430 -20.01 67.85 -4.78
N ASP X 431 -21.03 68.45 -4.18
CA ASP X 431 -21.63 69.64 -4.75
C ASP X 431 -20.63 70.80 -4.77
N ILE X 432 -19.93 71.00 -3.65
CA ILE X 432 -18.97 72.10 -3.56
C ILE X 432 -17.84 71.90 -4.56
N GLY X 433 -17.26 70.70 -4.57
CA GLY X 433 -16.14 70.45 -5.45
C GLY X 433 -16.50 70.57 -6.92
N ARG X 434 -17.68 70.07 -7.29
CA ARG X 434 -18.11 70.17 -8.68
C ARG X 434 -18.52 71.58 -9.04
N GLN X 435 -18.99 72.36 -8.06
CA GLN X 435 -19.32 73.75 -8.33
C GLN X 435 -18.07 74.56 -8.64
N ILE X 436 -17.05 74.45 -7.80
CA ILE X 436 -15.83 75.22 -7.98
C ILE X 436 -15.15 74.85 -9.28
N ILE X 437 -15.10 73.55 -9.60
CA ILE X 437 -14.48 73.13 -10.85
C ILE X 437 -15.23 73.73 -12.04
N MET X 438 -16.56 73.69 -12.00
CA MET X 438 -17.35 74.17 -13.13
C MET X 438 -17.30 75.68 -13.24
N SER X 439 -17.47 76.39 -12.12
CA SER X 439 -17.66 77.83 -12.14
C SER X 439 -16.62 78.63 -11.37
N GLY X 440 -15.86 78.00 -10.49
CA GLY X 440 -14.97 78.73 -9.62
C GLY X 440 -15.66 79.40 -8.45
N LYS X 441 -16.95 79.18 -8.28
CA LYS X 441 -17.72 79.78 -7.20
C LYS X 441 -18.63 78.72 -6.60
N VAL X 442 -19.06 78.97 -5.37
CA VAL X 442 -20.00 78.12 -4.66
C VAL X 442 -21.26 78.92 -4.38
N VAL X 443 -22.39 78.40 -4.82
CA VAL X 443 -23.70 78.97 -4.51
C VAL X 443 -24.31 78.13 -3.40
N THR X 444 -24.62 78.76 -2.28
CA THR X 444 -25.11 78.04 -1.12
C THR X 444 -26.55 77.59 -1.35
N PRO X 445 -27.02 76.60 -0.59
CA PRO X 445 -28.41 76.16 -0.75
C PRO X 445 -29.42 77.27 -0.53
N GLU X 446 -29.15 78.17 0.43
CA GLU X 446 -30.07 79.27 0.67
C GLU X 446 -30.11 80.22 -0.52
N GLU X 447 -28.95 80.50 -1.12
CA GLU X 447 -28.92 81.38 -2.28
C GLU X 447 -29.67 80.77 -3.46
N PHE X 448 -29.55 79.46 -3.65
CA PHE X 448 -30.32 78.80 -4.69
C PHE X 448 -31.81 78.91 -4.40
N ALA X 449 -32.19 78.81 -3.12
CA ALA X 449 -33.60 78.96 -2.76
C ALA X 449 -34.11 80.34 -3.15
N ALA X 450 -33.30 81.38 -2.93
CA ALA X 450 -33.71 82.72 -3.31
C ALA X 450 -33.93 82.81 -4.82
N ARG X 451 -33.05 82.20 -5.61
CA ARG X 451 -33.23 82.20 -7.06
C ARG X 451 -34.50 81.46 -7.45
N VAL X 452 -34.78 80.33 -6.80
CA VAL X 452 -35.95 79.54 -7.15
C VAL X 452 -37.22 80.36 -6.95
N ASP X 453 -37.26 81.19 -5.91
CA ASP X 453 -38.45 81.98 -5.65
C ASP X 453 -38.69 83.04 -6.71
N ALA X 454 -37.66 83.43 -7.45
CA ALA X 454 -37.79 84.48 -8.45
C ALA X 454 -38.18 83.95 -9.83
N VAL X 455 -38.37 82.65 -9.97
CA VAL X 455 -38.72 82.07 -11.27
C VAL X 455 -40.20 82.30 -11.52
N THR X 456 -40.52 82.82 -12.69
CA THR X 456 -41.89 83.08 -13.10
C THR X 456 -42.27 82.17 -14.26
N GLU X 457 -43.57 82.16 -14.58
CA GLU X 457 -44.04 81.35 -15.70
C GLU X 457 -43.41 81.81 -17.00
N ALA X 458 -43.15 83.11 -17.14
CA ALA X 458 -42.51 83.60 -18.36
C ALA X 458 -41.13 82.98 -18.55
N ASP X 459 -40.37 82.85 -17.46
CA ASP X 459 -39.06 82.22 -17.56
C ASP X 459 -39.18 80.78 -18.00
N LEU X 460 -40.14 80.04 -17.45
CA LEU X 460 -40.32 78.64 -17.83
C LEU X 460 -40.66 78.52 -19.31
N LYS X 461 -41.56 79.37 -19.80
CA LYS X 461 -41.92 79.33 -21.21
C LYS X 461 -40.72 79.63 -22.10
N LYS X 462 -39.93 80.65 -21.72
CA LYS X 462 -38.79 81.03 -22.53
C LYS X 462 -37.76 79.90 -22.60
N VAL X 463 -37.44 79.30 -21.46
CA VAL X 463 -36.45 78.24 -21.43
C VAL X 463 -36.94 77.04 -22.22
N ALA X 464 -38.21 76.67 -22.04
CA ALA X 464 -38.74 75.51 -22.75
C ALA X 464 -38.72 75.73 -24.25
N ALA X 465 -39.04 76.94 -24.70
CA ALA X 465 -39.01 77.22 -26.13
C ALA X 465 -37.61 77.03 -26.70
N LYS X 466 -36.60 77.50 -25.98
CA LYS X 466 -35.22 77.33 -26.46
C LYS X 466 -34.85 75.86 -26.55
N LEU X 467 -35.22 75.06 -25.56
CA LEU X 467 -34.88 73.64 -25.58
C LEU X 467 -35.52 72.96 -26.79
N LEU X 468 -36.79 73.26 -27.05
CA LEU X 468 -37.51 72.58 -28.12
C LEU X 468 -37.05 72.97 -29.51
N ARG X 469 -36.27 74.04 -29.64
CA ARG X 469 -35.73 74.41 -30.94
C ARG X 469 -34.47 73.62 -31.29
N LYS X 470 -33.87 72.92 -30.34
CA LYS X 470 -32.68 72.15 -30.62
C LYS X 470 -33.03 70.84 -31.32
N ASN X 471 -32.07 70.32 -32.07
CA ASN X 471 -32.23 69.03 -32.71
C ASN X 471 -32.33 67.96 -31.63
N PRO X 472 -33.40 67.16 -31.60
CA PRO X 472 -33.56 66.19 -30.51
C PRO X 472 -32.52 65.09 -30.56
N THR X 473 -32.23 64.53 -29.39
CA THR X 473 -31.44 63.31 -29.26
C THR X 473 -32.36 62.21 -28.78
N TYR X 474 -32.37 61.10 -29.51
CA TYR X 474 -33.40 60.07 -29.41
C TYR X 474 -32.73 58.72 -29.17
N VAL X 475 -32.82 58.22 -27.95
CA VAL X 475 -32.16 56.98 -27.55
C VAL X 475 -33.22 55.96 -27.18
N VAL X 476 -33.08 54.75 -27.72
CA VAL X 476 -33.93 53.63 -27.38
C VAL X 476 -33.04 52.48 -26.97
N TYR X 477 -33.33 51.89 -25.81
CA TYR X 477 -32.50 50.85 -25.23
C TYR X 477 -33.38 49.69 -24.76
N GLY X 478 -32.93 48.47 -25.04
CA GLY X 478 -33.66 47.29 -24.67
C GLY X 478 -34.29 46.58 -25.85
N ASP X 479 -35.62 46.44 -25.83
CA ASP X 479 -36.37 45.89 -26.95
C ASP X 479 -36.72 47.05 -27.88
N THR X 480 -35.96 47.18 -28.96
CA THR X 480 -36.08 48.30 -29.88
C THR X 480 -36.78 47.93 -31.17
N LYS X 481 -37.35 46.73 -31.26
CA LYS X 481 -37.86 46.23 -32.53
C LYS X 481 -39.15 46.91 -32.96
N SER X 482 -39.76 47.74 -32.11
CA SER X 482 -41.00 48.41 -32.45
C SER X 482 -40.94 49.92 -32.33
N ALA X 483 -39.77 50.48 -32.00
CA ALA X 483 -39.68 51.90 -31.80
C ALA X 483 -39.80 52.65 -33.13
N PRO X 484 -40.35 53.86 -33.10
CA PRO X 484 -40.41 54.67 -34.32
C PRO X 484 -39.02 55.07 -34.80
N HIS X 485 -38.98 55.61 -36.01
CA HIS X 485 -37.73 56.11 -36.54
C HIS X 485 -37.47 57.51 -36.02
N TYR X 486 -36.20 57.92 -36.10
CA TYR X 486 -35.80 59.22 -35.62
C TYR X 486 -36.51 60.34 -36.36
N GLU X 487 -36.79 60.14 -37.65
CA GLU X 487 -37.45 61.18 -38.42
C GLU X 487 -38.88 61.41 -37.94
N TYR X 488 -39.55 60.37 -37.44
CA TYR X 488 -40.87 60.57 -36.85
C TYR X 488 -40.79 61.48 -35.64
N VAL X 489 -39.81 61.26 -34.77
CA VAL X 489 -39.62 62.13 -33.62
C VAL X 489 -39.28 63.54 -34.06
N ARG X 490 -38.42 63.67 -35.08
CA ARG X 490 -38.04 64.99 -35.56
C ARG X 490 -39.23 65.75 -36.12
N THR X 491 -40.04 65.08 -36.94
CA THR X 491 -41.16 65.76 -37.56
C THR X 491 -42.18 66.21 -36.53
N ALA X 492 -42.42 65.39 -35.50
CA ALA X 492 -43.34 65.79 -34.45
C ALA X 492 -42.85 67.03 -33.73
N LEU X 493 -41.55 67.10 -33.45
CA LEU X 493 -40.97 68.24 -32.75
C LEU X 493 -40.60 69.38 -33.70
N ALA X 494 -40.74 69.20 -35.00
CA ALA X 494 -40.47 70.28 -35.93
C ALA X 494 -41.44 71.43 -35.75
N SER X 495 -42.69 71.13 -35.39
CA SER X 495 -43.67 72.19 -35.15
C SER X 495 -43.24 73.09 -34.00
N LEU X 496 -42.71 72.49 -32.93
CA LEU X 496 -42.28 73.26 -31.76
C LEU X 496 -41.07 74.13 -32.09
N LYS Y 2 -22.15 -44.00 13.69
CA LYS Y 2 -21.78 -44.83 14.83
C LYS Y 2 -20.72 -44.12 15.69
N ASP Y 3 -20.91 -42.81 15.95
CA ASP Y 3 -19.98 -42.03 16.77
C ASP Y 3 -20.05 -42.48 18.23
N PRO Y 4 -18.95 -42.34 18.98
CA PRO Y 4 -18.95 -42.84 20.37
C PRO Y 4 -20.00 -42.13 21.21
N PRO Y 5 -20.71 -42.86 22.09
CA PRO Y 5 -21.68 -42.21 22.97
C PRO Y 5 -21.22 -40.87 23.54
N SER Y 6 -22.05 -39.84 23.42
CA SER Y 6 -21.68 -38.51 23.90
C SER Y 6 -21.61 -38.49 25.42
N PRO Y 7 -20.57 -37.89 26.01
CA PRO Y 7 -20.48 -37.86 27.48
C PRO Y 7 -21.59 -37.02 28.08
N PRO Y 8 -22.11 -37.40 29.25
CA PRO Y 8 -23.13 -36.57 29.92
C PRO Y 8 -22.57 -35.22 30.36
N ASP Y 9 -23.49 -34.32 30.70
CA ASP Y 9 -23.16 -32.96 31.13
C ASP Y 9 -23.06 -32.92 32.64
N TRP Y 10 -21.85 -33.06 33.17
CA TRP Y 10 -21.65 -33.07 34.61
C TRP Y 10 -21.66 -31.64 35.16
N PRO Y 11 -22.19 -31.43 36.37
CA PRO Y 11 -22.28 -30.08 36.94
C PRO Y 11 -21.03 -29.67 37.72
N PHE Y 12 -19.93 -29.51 37.01
CA PHE Y 12 -18.71 -29.02 37.64
C PHE Y 12 -18.87 -27.57 38.07
N TRP Y 13 -18.17 -27.19 39.13
CA TRP Y 13 -18.31 -25.84 39.65
C TRP Y 13 -17.85 -24.80 38.64
N PHE Y 14 -16.77 -25.08 37.93
CA PHE Y 14 -16.13 -24.08 37.09
C PHE Y 14 -16.89 -23.81 35.79
N LYS Y 15 -18.02 -24.45 35.56
CA LYS Y 15 -18.72 -24.28 34.29
C LYS Y 15 -19.48 -22.97 34.21
N ALA Y 16 -19.78 -22.34 35.34
CA ALA Y 16 -20.51 -21.08 35.30
C ALA Y 16 -19.58 -19.92 34.96
N PHE Y 17 -20.19 -18.83 34.50
CA PHE Y 17 -19.40 -17.71 34.00
C PHE Y 17 -18.50 -17.12 35.07
N SER Y 18 -19.03 -16.99 36.30
CA SER Y 18 -18.31 -16.31 37.37
C SER Y 18 -17.69 -17.27 38.37
N HIS Y 19 -17.44 -18.51 37.97
CA HIS Y 19 -16.91 -19.54 38.86
C HIS Y 19 -15.47 -19.87 38.48
N CYS Y 20 -14.71 -20.35 39.46
CA CYS Y 20 -13.29 -20.65 39.35
C CYS Y 20 -13.07 -22.16 39.34
N HIS Y 21 -11.80 -22.58 39.20
CA HIS Y 21 -11.45 -23.97 39.44
C HIS Y 21 -11.35 -24.22 40.94
N ASP Y 22 -12.10 -25.20 41.44
CA ASP Y 22 -12.12 -25.50 42.87
C ASP Y 22 -10.76 -26.07 43.29
N ILE Y 23 -9.94 -25.24 43.94
CA ILE Y 23 -8.59 -25.66 44.31
C ILE Y 23 -8.62 -26.90 45.19
N PRO Y 24 -9.49 -27.02 46.19
CA PRO Y 24 -9.51 -28.27 46.97
C PRO Y 24 -9.66 -29.51 46.13
N SER Y 25 -10.51 -29.48 45.10
CA SER Y 25 -10.66 -30.64 44.23
C SER Y 25 -9.44 -30.84 43.35
N CYS Y 26 -8.84 -29.74 42.87
CA CYS Y 26 -7.63 -29.86 42.05
C CYS Y 26 -6.48 -30.48 42.84
N ARG Y 27 -6.39 -30.17 44.13
CA ARG Y 27 -5.34 -30.75 44.96
C ARG Y 27 -5.53 -32.26 45.08
N ARG Y 28 -6.76 -32.69 45.38
CA ARG Y 28 -7.05 -34.12 45.43
C ARG Y 28 -6.79 -34.75 44.07
N GLY Y 29 -7.12 -34.03 42.99
CA GLY Y 29 -6.84 -34.55 41.67
C GLY Y 29 -5.37 -34.81 41.41
N TYR Y 30 -4.50 -33.92 41.91
CA TYR Y 30 -3.07 -34.18 41.75
C TYR Y 30 -2.68 -35.48 42.43
N GLU Y 31 -3.25 -35.75 43.60
CA GLU Y 31 -2.94 -36.98 44.31
C GLU Y 31 -3.40 -38.19 43.50
N VAL Y 32 -4.60 -38.12 42.92
CA VAL Y 32 -5.08 -39.23 42.11
C VAL Y 32 -4.18 -39.44 40.90
N TYR Y 33 -3.78 -38.34 40.25
CA TYR Y 33 -2.91 -38.47 39.07
C TYR Y 33 -1.55 -39.04 39.45
N ARG Y 34 -1.00 -38.60 40.58
CA ARG Y 34 0.34 -39.03 40.95
C ARG Y 34 0.38 -40.49 41.36
N GLN Y 35 -0.69 -40.98 41.97
CA GLN Y 35 -0.70 -42.32 42.54
C GLN Y 35 -1.39 -43.35 41.65
N VAL Y 36 -2.12 -42.92 40.63
CA VAL Y 36 -2.84 -43.85 39.77
C VAL Y 36 -2.45 -43.65 38.31
N CYS Y 37 -2.74 -42.47 37.76
CA CYS Y 37 -2.57 -42.27 36.32
C CYS Y 37 -1.10 -42.24 35.92
N ALA Y 38 -0.22 -41.76 36.80
CA ALA Y 38 1.16 -41.52 36.43
C ALA Y 38 1.89 -42.81 36.08
N THR Y 39 1.45 -43.95 36.60
CA THR Y 39 2.15 -45.20 36.32
C THR Y 39 2.26 -45.45 34.82
N CYS Y 40 1.27 -45.03 34.05
CA CYS Y 40 1.25 -45.29 32.63
C CYS Y 40 1.25 -44.04 31.77
N HIS Y 41 0.75 -42.93 32.28
CA HIS Y 41 0.69 -41.73 31.48
C HIS Y 41 1.73 -40.74 31.96
N ALA Y 42 2.00 -39.78 31.09
CA ALA Y 42 2.92 -38.70 31.37
C ALA Y 42 2.21 -37.38 31.12
N ALA Y 43 2.64 -36.35 31.83
CA ALA Y 43 2.19 -34.97 31.60
C ALA Y 43 3.44 -34.17 31.27
N ARG Y 44 3.85 -34.25 30.01
CA ARG Y 44 5.11 -33.62 29.60
C ARG Y 44 5.05 -32.11 29.73
N PHE Y 45 3.92 -31.51 29.38
CA PHE Y 45 3.79 -30.07 29.34
C PHE Y 45 3.31 -29.47 30.65
N VAL Y 46 3.20 -30.26 31.70
CA VAL Y 46 2.84 -29.78 33.02
C VAL Y 46 4.10 -29.77 33.87
N CYS Y 47 4.45 -28.61 34.41
CA CYS Y 47 5.63 -28.44 35.23
C CYS Y 47 5.22 -28.16 36.68
N PHE Y 48 6.12 -28.48 37.59
CA PHE Y 48 5.83 -28.31 39.00
C PHE Y 48 5.61 -26.84 39.36
N ARG Y 49 6.38 -25.94 38.73
CA ARG Y 49 6.21 -24.53 39.01
C ARG Y 49 4.81 -24.03 38.67
N HIS Y 50 4.10 -24.72 37.80
CA HIS Y 50 2.73 -24.32 37.48
C HIS Y 50 1.82 -24.45 38.70
N MET Y 51 2.14 -25.35 39.62
CA MET Y 51 1.31 -25.58 40.79
C MET Y 51 1.66 -24.68 41.97
N VAL Y 52 2.76 -23.93 41.89
CA VAL Y 52 3.20 -23.15 43.03
C VAL Y 52 2.29 -21.93 43.18
N ASN Y 53 1.78 -21.73 44.40
CA ASN Y 53 0.91 -20.63 44.75
C ASN Y 53 -0.43 -20.68 44.01
N THR Y 54 -0.70 -21.78 43.30
CA THR Y 54 -1.98 -21.97 42.62
C THR Y 54 -2.71 -23.19 43.13
N ILE Y 55 -2.04 -24.33 43.26
CA ILE Y 55 -2.61 -25.53 43.87
C ILE Y 55 -1.97 -25.83 45.21
N TYR Y 56 -0.66 -25.70 45.32
CA TYR Y 56 0.10 -26.02 46.53
C TYR Y 56 1.08 -24.90 46.86
N PRO Y 57 1.44 -24.76 48.13
CA PRO Y 57 2.48 -23.79 48.49
C PRO Y 57 3.85 -24.20 47.96
N GLU Y 58 4.75 -23.22 47.88
CA GLU Y 58 6.03 -23.44 47.21
C GLU Y 58 6.83 -24.56 47.87
N ASN Y 59 6.90 -24.55 49.21
CA ASN Y 59 7.66 -25.59 49.90
C ASN Y 59 7.09 -26.98 49.61
N ARG Y 60 5.78 -27.09 49.58
CA ARG Y 60 5.16 -28.38 49.31
C ARG Y 60 5.50 -28.88 47.91
N VAL Y 61 5.48 -27.98 46.92
CA VAL Y 61 5.81 -28.40 45.56
C VAL Y 61 7.25 -28.85 45.48
N LYS Y 62 8.14 -28.21 46.24
CA LYS Y 62 9.53 -28.68 46.28
C LYS Y 62 9.61 -30.12 46.76
N GLN Y 63 8.87 -30.44 47.82
CA GLN Y 63 8.92 -31.80 48.35
C GLN Y 63 8.39 -32.80 47.34
N LEU Y 64 7.31 -32.45 46.64
CA LEU Y 64 6.76 -33.35 45.63
C LEU Y 64 7.77 -33.60 44.52
N ALA Y 65 8.36 -32.54 43.98
CA ALA Y 65 9.31 -32.69 42.90
C ALA Y 65 10.55 -33.45 43.36
N ALA Y 66 11.04 -33.15 44.56
CA ALA Y 66 12.22 -33.82 45.07
C ALA Y 66 11.99 -35.32 45.27
N SER Y 67 10.73 -35.75 45.36
CA SER Y 67 10.44 -37.17 45.51
C SER Y 67 10.85 -37.96 44.28
N PHE Y 68 10.92 -37.33 43.12
CA PHE Y 68 11.26 -38.00 41.88
C PHE Y 68 12.73 -37.84 41.55
N ASP Y 69 13.22 -38.72 40.68
CA ASP Y 69 14.60 -38.68 40.20
C ASP Y 69 14.59 -38.42 38.71
N TYR Y 70 15.35 -37.41 38.29
CA TYR Y 70 15.47 -37.05 36.89
C TYR Y 70 16.89 -37.29 36.40
N GLU Y 71 17.03 -37.39 35.08
CA GLU Y 71 18.32 -37.61 34.43
C GLU Y 71 18.79 -36.30 33.84
N ASP Y 72 19.83 -35.72 34.44
CA ASP Y 72 20.41 -34.46 33.99
C ASP Y 72 21.86 -34.72 33.58
N GLY Y 73 22.48 -33.75 32.93
CA GLY Y 73 23.85 -33.84 32.52
C GLY Y 73 24.05 -33.18 31.17
N PRO Y 74 25.29 -33.17 30.65
CA PRO Y 74 26.39 -34.02 31.10
C PRO Y 74 27.20 -33.38 32.23
N ASN Y 75 27.97 -34.15 32.99
CA ASN Y 75 28.86 -33.57 34.00
C ASN Y 75 30.13 -33.14 33.28
N ASP Y 76 31.14 -32.68 34.04
CA ASP Y 76 32.39 -32.26 33.43
C ASP Y 76 33.08 -33.39 32.68
N ARG Y 77 32.79 -34.63 33.04
CA ARG Y 77 33.37 -35.80 32.40
C ARG Y 77 32.52 -36.29 31.25
N GLY Y 78 31.45 -35.58 30.91
CA GLY Y 78 30.60 -35.90 29.78
C GLY Y 78 29.59 -36.98 30.06
N GLU Y 79 29.37 -37.31 31.33
CA GLU Y 79 28.49 -38.39 31.76
C GLU Y 79 27.17 -37.82 32.25
N MET Y 80 26.13 -38.63 32.18
CA MET Y 80 24.81 -38.25 32.67
C MET Y 80 24.66 -38.74 34.10
N PHE Y 81 24.02 -37.93 34.94
CA PHE Y 81 23.80 -38.25 36.34
C PHE Y 81 22.31 -38.16 36.68
N THR Y 82 21.97 -38.58 37.89
CA THR Y 82 20.61 -38.54 38.40
C THR Y 82 20.54 -37.61 39.60
N ARG Y 83 19.59 -36.69 39.58
CA ARG Y 83 19.39 -35.70 40.63
C ARG Y 83 17.95 -35.73 41.08
N PRO Y 84 17.67 -35.23 42.28
CA PRO Y 84 16.28 -35.00 42.68
C PRO Y 84 15.65 -33.92 41.81
N GLY Y 85 14.33 -33.94 41.75
CA GLY Y 85 13.61 -32.99 40.91
C GLY Y 85 13.58 -31.59 41.51
N ASN Y 86 13.18 -30.63 40.68
CA ASN Y 86 13.09 -29.24 41.10
C ASN Y 86 11.80 -28.64 40.55
N LEU Y 87 11.53 -27.38 40.93
CA LEU Y 87 10.31 -26.71 40.50
C LEU Y 87 10.31 -26.44 39.00
N LEU Y 88 11.45 -26.53 38.34
CA LEU Y 88 11.54 -26.28 36.91
C LEU Y 88 11.46 -27.55 36.08
N ASP Y 89 11.26 -28.68 36.70
CA ASP Y 89 11.21 -29.92 35.96
C ASP Y 89 9.77 -30.26 35.54
N PRO Y 90 9.60 -30.90 34.39
CA PRO Y 90 8.28 -31.40 34.02
C PRO Y 90 7.89 -32.59 34.87
N PHE Y 91 6.60 -32.90 34.86
CA PHE Y 91 6.13 -34.04 35.63
C PHE Y 91 6.81 -35.31 35.10
N PRO Y 92 7.18 -36.23 35.97
CA PRO Y 92 7.91 -37.42 35.53
C PRO Y 92 7.12 -38.26 34.54
N SER Y 93 7.85 -38.89 33.63
CA SER Y 93 7.27 -39.74 32.61
C SER Y 93 7.61 -41.20 32.88
N PRO Y 94 6.62 -42.10 32.90
CA PRO Y 94 6.91 -43.49 33.28
C PRO Y 94 7.82 -44.22 32.31
N TYR Y 95 7.75 -43.92 31.02
CA TYR Y 95 8.51 -44.67 30.02
C TYR Y 95 9.41 -43.73 29.22
N PRO Y 96 10.52 -44.24 28.68
CA PRO Y 96 11.44 -43.37 27.95
C PRO Y 96 10.98 -43.01 26.54
N ASN Y 97 10.16 -43.86 25.93
CA ASN Y 97 9.66 -43.60 24.58
C ASN Y 97 8.31 -44.28 24.41
N GLU Y 98 7.64 -43.94 23.30
CA GLU Y 98 6.33 -44.53 23.04
C GLU Y 98 6.43 -46.04 22.86
N GLU Y 99 7.51 -46.51 22.22
CA GLU Y 99 7.69 -47.93 22.01
C GLU Y 99 7.71 -48.68 23.34
N ALA Y 100 8.45 -48.15 24.30
CA ALA Y 100 8.52 -48.79 25.61
C ALA Y 100 7.14 -48.84 26.26
N ALA Y 101 6.41 -47.73 26.20
CA ALA Y 101 5.07 -47.69 26.76
C ALA Y 101 4.15 -48.67 26.07
N ARG Y 102 4.22 -48.73 24.74
CA ARG Y 102 3.39 -49.66 23.99
C ARG Y 102 3.70 -51.10 24.37
N PHE Y 103 4.98 -51.45 24.48
CA PHE Y 103 5.39 -52.79 24.84
C PHE Y 103 4.98 -53.17 26.25
N ALA Y 104 4.59 -52.20 27.06
CA ALA Y 104 4.14 -52.44 28.43
C ALA Y 104 2.63 -52.41 28.57
N ASN Y 105 1.90 -52.06 27.50
CA ASN Y 105 0.46 -51.95 27.52
C ASN Y 105 -0.17 -52.68 26.33
N GLN Y 106 0.33 -53.88 26.04
CA GLN Y 106 -0.19 -54.72 24.97
C GLN Y 106 -0.26 -53.95 23.65
N GLY Y 107 0.78 -53.16 23.37
CA GLY Y 107 0.87 -52.41 22.14
C GLY Y 107 0.17 -51.07 22.17
N ALA Y 108 -0.70 -50.85 23.14
CA ALA Y 108 -1.44 -49.60 23.26
C ALA Y 108 -0.58 -48.52 23.90
N SER Y 109 -0.77 -47.28 23.46
CA SER Y 109 0.05 -46.18 23.94
C SER Y 109 -0.75 -45.32 24.92
N PRO Y 110 -0.36 -45.24 26.18
CA PRO Y 110 -1.03 -44.33 27.10
C PRO Y 110 -0.82 -42.88 26.68
N PRO Y 111 -1.86 -42.19 26.25
CA PRO Y 111 -1.68 -40.82 25.77
C PRO Y 111 -1.27 -39.87 26.87
N ASP Y 112 -0.48 -38.87 26.49
CA ASP Y 112 -0.12 -37.81 27.42
C ASP Y 112 -1.37 -37.07 27.86
N LEU Y 113 -1.49 -36.85 29.16
CA LEU Y 113 -2.69 -36.27 29.74
C LEU Y 113 -2.58 -34.76 29.93
N SER Y 114 -1.67 -34.10 29.22
CA SER Y 114 -1.49 -32.67 29.39
C SER Y 114 -2.68 -31.89 28.83
N GLN Y 115 -3.17 -32.27 27.64
CA GLN Y 115 -4.28 -31.59 27.01
C GLN Y 115 -5.47 -32.52 26.76
N GLN Y 116 -5.52 -33.66 27.44
CA GLN Y 116 -6.60 -34.61 27.22
C GLN Y 116 -7.94 -34.10 27.71
N ALA Y 117 -7.96 -33.19 28.67
CA ALA Y 117 -9.22 -32.64 29.15
C ALA Y 117 -9.95 -31.84 28.08
N ALA Y 118 -9.27 -31.49 26.99
CA ALA Y 118 -9.88 -30.75 25.90
C ALA Y 118 -9.60 -31.38 24.55
N ALA Y 119 -9.04 -32.58 24.51
CA ALA Y 119 -8.70 -33.26 23.27
C ALA Y 119 -9.78 -34.21 22.80
N HIS Y 120 -10.88 -34.34 23.53
CA HIS Y 120 -11.97 -35.23 23.18
C HIS Y 120 -13.28 -34.46 23.25
N HIS Y 121 -14.20 -34.84 22.36
CA HIS Y 121 -15.52 -34.23 22.38
C HIS Y 121 -16.21 -34.54 23.70
N GLY Y 122 -16.75 -33.50 24.33
CA GLY Y 122 -17.22 -33.55 25.69
C GLY Y 122 -16.29 -32.86 26.66
N GLY Y 123 -15.01 -32.79 26.34
CA GLY Y 123 -14.06 -32.09 27.19
C GLY Y 123 -13.89 -32.79 28.52
N CYS Y 124 -14.02 -32.00 29.59
CA CYS Y 124 -13.88 -32.56 30.94
C CYS Y 124 -14.90 -33.65 31.19
N ASP Y 125 -16.11 -33.49 30.64
CA ASP Y 125 -17.14 -34.52 30.83
C ASP Y 125 -16.68 -35.86 30.28
N TYR Y 126 -15.85 -35.86 29.24
CA TYR Y 126 -15.38 -37.12 28.67
C TYR Y 126 -14.46 -37.87 29.62
N ILE Y 127 -13.65 -37.15 30.39
CA ILE Y 127 -12.77 -37.80 31.35
C ILE Y 127 -13.59 -38.41 32.48
N MET Y 128 -14.51 -37.64 33.03
CA MET Y 128 -15.34 -38.15 34.12
C MET Y 128 -16.14 -39.36 33.66
N SER Y 129 -16.75 -39.27 32.47
CA SER Y 129 -17.56 -40.36 31.96
C SER Y 129 -16.72 -41.60 31.71
N LEU Y 130 -15.55 -41.42 31.09
CA LEU Y 130 -14.72 -42.56 30.75
C LEU Y 130 -14.30 -43.33 31.99
N LEU Y 131 -13.79 -42.62 33.00
CA LEU Y 131 -13.28 -43.27 34.20
C LEU Y 131 -14.38 -43.97 34.97
N THR Y 132 -15.62 -43.51 34.83
CA THR Y 132 -16.76 -44.13 35.49
C THR Y 132 -17.63 -44.89 34.50
N GLY Y 133 -17.14 -45.16 33.30
CA GLY Y 133 -17.93 -45.77 32.26
C GLY Y 133 -17.60 -47.21 31.95
N TYR Y 134 -16.71 -47.82 32.73
CA TYR Y 134 -16.45 -49.24 32.58
C TYR Y 134 -17.67 -50.04 33.02
N ARG Y 135 -17.99 -51.08 32.26
CA ARG Y 135 -19.18 -51.90 32.47
C ARG Y 135 -18.87 -53.34 32.07
N ASP Y 136 -19.74 -54.27 32.46
CA ASP Y 136 -19.61 -55.62 31.95
C ASP Y 136 -19.89 -55.62 30.45
N PRO Y 137 -19.18 -56.44 29.66
CA PRO Y 137 -19.32 -56.35 28.22
C PRO Y 137 -20.76 -56.58 27.81
N PRO Y 138 -21.21 -55.95 26.72
CA PRO Y 138 -22.55 -56.25 26.21
C PRO Y 138 -22.64 -57.70 25.78
N ALA Y 139 -23.86 -58.23 25.83
CA ALA Y 139 -24.08 -59.61 25.39
C ALA Y 139 -23.66 -59.77 23.94
N GLY Y 140 -22.90 -60.82 23.66
CA GLY Y 140 -22.37 -61.06 22.34
C GLY Y 140 -20.99 -60.50 22.10
N VAL Y 141 -20.51 -59.64 23.00
CA VAL Y 141 -19.17 -59.06 22.93
C VAL Y 141 -18.28 -59.81 23.90
N SER Y 142 -17.16 -60.34 23.40
CA SER Y 142 -16.19 -61.04 24.21
C SER Y 142 -14.85 -60.36 24.06
N LEU Y 143 -14.20 -60.06 25.18
CA LEU Y 143 -12.97 -59.29 25.18
C LEU Y 143 -11.80 -60.15 25.64
N ARG Y 144 -10.70 -60.07 24.91
CA ARG Y 144 -9.49 -60.80 25.25
C ARG Y 144 -8.89 -60.28 26.54
N SER Y 145 -7.89 -61.00 27.04
CA SER Y 145 -7.14 -60.55 28.20
C SER Y 145 -6.58 -59.16 27.94
N GLY Y 146 -6.74 -58.26 28.91
CA GLY Y 146 -6.22 -56.92 28.78
C GLY Y 146 -7.11 -55.97 28.02
N LEU Y 147 -8.27 -56.42 27.58
CA LEU Y 147 -9.25 -55.56 26.92
C LEU Y 147 -10.47 -55.48 27.79
N TYR Y 148 -10.91 -54.24 28.07
CA TYR Y 148 -12.02 -53.97 28.96
C TYR Y 148 -13.05 -53.12 28.23
N TYR Y 149 -14.31 -53.29 28.58
CA TYR Y 149 -15.39 -52.55 27.91
C TYR Y 149 -15.64 -51.23 28.61
N ASN Y 150 -15.89 -50.19 27.81
CA ASN Y 150 -16.18 -48.87 28.32
C ASN Y 150 -17.10 -48.18 27.32
N THR Y 151 -18.22 -47.64 27.81
CA THR Y 151 -19.25 -47.13 26.91
C THR Y 151 -18.81 -45.88 26.16
N TYR Y 152 -17.81 -45.16 26.65
CA TYR Y 152 -17.47 -43.88 26.05
C TYR Y 152 -16.22 -43.93 25.19
N PHE Y 153 -15.37 -44.94 25.36
CA PHE Y 153 -14.24 -45.12 24.47
C PHE Y 153 -14.74 -45.47 23.06
N PRO Y 154 -14.15 -44.88 22.02
CA PRO Y 154 -14.56 -45.24 20.65
C PRO Y 154 -14.33 -46.73 20.40
N GLY Y 155 -15.40 -47.43 20.04
CA GLY Y 155 -15.37 -48.84 19.77
C GLY Y 155 -15.91 -49.69 20.90
N GLY Y 156 -15.72 -49.27 22.15
CA GLY Y 156 -16.19 -49.99 23.30
C GLY Y 156 -15.13 -50.74 24.07
N ALA Y 157 -13.98 -51.04 23.45
CA ALA Y 157 -12.95 -51.87 24.06
C ALA Y 157 -11.69 -51.05 24.26
N ILE Y 158 -11.28 -50.88 25.51
CA ILE Y 158 -10.13 -50.07 25.86
C ILE Y 158 -9.09 -50.96 26.52
N SER Y 159 -7.82 -50.69 26.24
CA SER Y 159 -6.72 -51.46 26.79
C SER Y 159 -6.30 -50.96 28.16
N MET Y 160 -7.04 -50.01 28.71
CA MET Y 160 -6.77 -49.48 30.02
C MET Y 160 -7.52 -50.29 31.07
N PRO Y 161 -6.83 -50.94 32.00
CA PRO Y 161 -7.54 -51.57 33.10
C PRO Y 161 -8.35 -50.54 33.86
N PRO Y 162 -9.51 -50.92 34.38
CA PRO Y 162 -10.27 -49.98 35.21
C PRO Y 162 -9.40 -49.41 36.30
N PRO Y 163 -9.13 -48.10 36.28
CA PRO Y 163 -8.06 -47.56 37.12
C PRO Y 163 -8.45 -47.19 38.53
N LEU Y 164 -9.73 -46.92 38.77
CA LEU Y 164 -10.18 -46.36 40.03
C LEU Y 164 -10.92 -47.43 40.81
N ASN Y 165 -10.41 -47.75 42.00
CA ASN Y 165 -11.04 -48.70 42.91
C ASN Y 165 -11.17 -48.04 44.27
N ASP Y 166 -12.29 -48.30 44.95
CA ASP Y 166 -12.53 -47.68 46.24
C ASP Y 166 -11.40 -48.03 47.21
N GLY Y 167 -10.92 -47.02 47.93
CA GLY Y 167 -9.83 -47.21 48.85
C GLY Y 167 -8.45 -47.29 48.24
N ALA Y 168 -8.33 -46.96 46.95
CA ALA Y 168 -7.02 -47.05 46.30
C ALA Y 168 -6.01 -46.12 46.96
N ILE Y 169 -6.44 -44.91 47.33
CA ILE Y 169 -5.60 -43.93 47.97
C ILE Y 169 -6.36 -43.35 49.16
N GLU Y 170 -5.64 -42.66 50.02
CA GLU Y 170 -6.24 -41.90 51.12
C GLU Y 170 -5.99 -40.42 50.88
N TYR Y 171 -7.08 -39.67 50.71
CA TYR Y 171 -6.96 -38.22 50.55
C TYR Y 171 -6.45 -37.58 51.82
N GLU Y 172 -5.49 -36.67 51.67
CA GLU Y 172 -4.91 -35.99 52.83
C GLU Y 172 -5.97 -35.21 53.61
N ASP Y 173 -6.98 -34.67 52.93
CA ASP Y 173 -7.97 -33.86 53.60
C ASP Y 173 -9.05 -34.69 54.27
N GLY Y 174 -9.08 -36.00 54.06
CA GLY Y 174 -10.04 -36.86 54.70
C GLY Y 174 -11.28 -37.15 53.88
N THR Y 175 -11.44 -36.49 52.74
CA THR Y 175 -12.56 -36.76 51.85
C THR Y 175 -12.69 -38.27 51.61
N PRO Y 176 -13.90 -38.82 51.64
CA PRO Y 176 -14.05 -40.25 51.39
C PRO Y 176 -13.56 -40.63 50.00
N ALA Y 177 -12.68 -41.63 49.95
CA ALA Y 177 -12.06 -42.07 48.70
C ALA Y 177 -12.92 -43.15 48.07
N VAL Y 178 -13.76 -42.74 47.13
CA VAL Y 178 -14.60 -43.64 46.35
C VAL Y 178 -14.30 -43.39 44.87
N ALA Y 179 -14.62 -44.38 44.04
CA ALA Y 179 -14.26 -44.30 42.64
C ALA Y 179 -14.80 -43.01 42.00
N SER Y 180 -16.04 -42.65 42.31
CA SER Y 180 -16.64 -41.47 41.67
C SER Y 180 -15.99 -40.18 42.15
N GLN Y 181 -15.52 -40.13 43.40
CA GLN Y 181 -14.81 -38.95 43.89
C GLN Y 181 -13.49 -38.77 43.16
N MET Y 182 -12.69 -39.84 43.10
CA MET Y 182 -11.41 -39.78 42.40
C MET Y 182 -11.61 -39.32 40.96
N ALA Y 183 -12.65 -39.82 40.31
CA ALA Y 183 -12.95 -39.40 38.96
C ALA Y 183 -13.24 -37.90 38.90
N LYS Y 184 -14.17 -37.44 39.73
CA LYS Y 184 -14.50 -36.01 39.75
C LYS Y 184 -13.28 -35.16 40.01
N ASP Y 185 -12.35 -35.66 40.83
CA ASP Y 185 -11.19 -34.87 41.23
C ASP Y 185 -10.09 -34.89 40.18
N VAL Y 186 -9.81 -36.05 39.58
CA VAL Y 186 -8.77 -36.10 38.56
C VAL Y 186 -9.24 -35.40 37.29
N SER Y 187 -10.53 -35.44 37.01
CA SER Y 187 -11.06 -34.67 35.89
C SER Y 187 -10.87 -33.18 36.14
N GLN Y 188 -11.13 -32.73 37.36
CA GLN Y 188 -10.92 -31.34 37.71
C GLN Y 188 -9.46 -30.95 37.53
N PHE Y 189 -8.54 -31.78 38.03
CA PHE Y 189 -7.12 -31.45 37.95
C PHE Y 189 -6.63 -31.40 36.51
N LEU Y 190 -7.02 -32.39 35.70
CA LEU Y 190 -6.58 -32.40 34.31
C LEU Y 190 -7.15 -31.21 33.54
N THR Y 191 -8.37 -30.79 33.88
CA THR Y 191 -8.89 -29.58 33.27
C THR Y 191 -8.04 -28.37 33.61
N TRP Y 192 -7.62 -28.27 34.88
CA TRP Y 192 -6.74 -27.17 35.26
C TRP Y 192 -5.41 -27.26 34.53
N ALA Y 193 -4.85 -28.46 34.43
CA ALA Y 193 -3.54 -28.62 33.79
C ALA Y 193 -3.57 -28.16 32.34
N GLN Y 194 -4.68 -28.43 31.64
CA GLN Y 194 -4.79 -28.01 30.25
C GLN Y 194 -4.62 -26.51 30.10
N ASP Y 195 -5.30 -25.74 30.93
CA ASP Y 195 -5.25 -24.27 30.86
C ASP Y 195 -5.15 -23.70 32.26
N PRO Y 196 -3.94 -23.63 32.81
CA PRO Y 196 -3.79 -23.08 34.16
C PRO Y 196 -4.19 -21.61 34.28
N GLN Y 197 -4.26 -20.88 33.17
CA GLN Y 197 -4.71 -19.49 33.19
C GLN Y 197 -6.21 -19.36 33.05
N HIS Y 198 -6.96 -20.40 33.39
CA HIS Y 198 -8.41 -20.38 33.24
C HIS Y 198 -9.06 -19.33 34.12
N ASP Y 199 -8.57 -19.17 35.34
CA ASP Y 199 -9.19 -18.24 36.28
C ASP Y 199 -8.90 -16.79 35.92
N GLU Y 200 -7.66 -16.49 35.54
CA GLU Y 200 -7.34 -15.15 35.06
C GLU Y 200 -8.18 -14.79 33.83
N ARG Y 201 -8.35 -15.76 32.92
CA ARG Y 201 -9.14 -15.51 31.73
C ARG Y 201 -10.57 -15.15 32.06
N LYS Y 202 -11.13 -15.76 33.10
CA LYS Y 202 -12.54 -15.57 33.43
C LYS Y 202 -12.77 -14.37 34.33
N LEU Y 203 -11.79 -13.99 35.15
CA LEU Y 203 -11.91 -12.79 35.95
C LEU Y 203 -11.74 -11.54 35.10
N ILE Y 204 -10.79 -11.56 34.17
CA ILE Y 204 -10.63 -10.46 33.24
C ILE Y 204 -11.78 -10.41 32.24
N GLY Y 205 -12.29 -11.58 31.86
CA GLY Y 205 -13.46 -11.60 31.00
C GLY Y 205 -14.68 -10.99 31.66
N LEU Y 206 -14.85 -11.23 32.96
CA LEU Y 206 -15.98 -10.66 33.67
C LEU Y 206 -15.92 -9.13 33.64
N LYS Y 207 -14.74 -8.57 33.88
CA LYS Y 207 -14.58 -7.12 33.87
C LYS Y 207 -14.75 -6.54 32.47
N MET Y 208 -14.39 -7.30 31.44
CA MET Y 208 -14.56 -6.83 30.07
C MET Y 208 -16.02 -6.89 29.64
N SER Y 209 -16.69 -8.00 29.95
CA SER Y 209 -18.07 -8.16 29.50
C SER Y 209 -18.99 -7.13 30.13
N THR Y 210 -18.85 -6.92 31.44
CA THR Y 210 -19.68 -5.94 32.11
C THR Y 210 -19.40 -4.52 31.61
N ALA Y 211 -18.13 -4.19 31.41
CA ALA Y 211 -17.79 -2.88 30.88
C ALA Y 211 -18.35 -2.71 29.47
N ALA Y 212 -18.31 -3.76 28.67
CA ALA Y 212 -18.83 -3.68 27.31
C ALA Y 212 -20.32 -3.35 27.30
N LEU Y 213 -21.07 -3.83 28.29
CA LEU Y 213 -22.48 -3.48 28.37
C LEU Y 213 -22.68 -2.00 28.62
N VAL Y 214 -21.91 -1.41 29.53
CA VAL Y 214 -22.00 0.02 29.76
C VAL Y 214 -21.63 0.76 28.49
N TRP Y 215 -20.62 0.26 27.77
CA TRP Y 215 -20.19 0.86 26.52
C TRP Y 215 -21.32 0.84 25.49
N LEU Y 216 -22.04 -0.29 25.41
CA LEU Y 216 -23.16 -0.39 24.48
C LEU Y 216 -24.20 0.68 24.76
N PHE Y 217 -24.47 0.96 26.03
CA PHE Y 217 -25.48 1.96 26.38
C PHE Y 217 -25.04 3.36 26.01
N SER Y 218 -23.75 3.66 26.07
CA SER Y 218 -23.28 5.00 25.70
C SER Y 218 -23.39 5.21 24.20
N ILE Y 219 -22.94 4.24 23.40
CA ILE Y 219 -23.00 4.39 21.96
C ILE Y 219 -24.44 4.36 21.47
N SER Y 220 -25.33 3.74 22.24
CA SER Y 220 -26.74 3.70 21.85
C SER Y 220 -27.40 5.06 22.07
N VAL Y 221 -27.16 5.69 23.22
CA VAL Y 221 -27.69 7.03 23.46
C VAL Y 221 -27.18 7.99 22.39
N TRP Y 222 -25.90 7.86 22.05
CA TRP Y 222 -25.30 8.69 21.00
C TRP Y 222 -25.99 8.45 19.66
N ASN Y 223 -26.15 7.17 19.29
CA ASN Y 223 -26.81 6.84 18.03
C ASN Y 223 -28.23 7.40 18.00
N ARG Y 224 -28.98 7.20 19.09
CA ARG Y 224 -30.34 7.71 19.15
C ARG Y 224 -30.37 9.22 19.01
N HIS Y 225 -29.37 9.91 19.58
CA HIS Y 225 -29.35 11.37 19.54
C HIS Y 225 -29.17 11.89 18.12
N VAL Y 226 -28.06 11.51 17.48
CA VAL Y 226 -27.73 12.11 16.19
C VAL Y 226 -28.76 11.75 15.14
N TRP Y 227 -29.32 10.55 15.20
CA TRP Y 227 -30.29 10.12 14.20
C TRP Y 227 -31.68 10.70 14.43
N THR Y 228 -31.94 11.32 15.57
CA THR Y 228 -33.20 12.04 15.74
C THR Y 228 -33.30 13.17 14.73
N MET Y 229 -32.19 13.88 14.50
CA MET Y 229 -32.16 14.91 13.47
C MET Y 229 -32.74 14.41 12.16
N ILE Y 230 -32.40 13.18 11.78
CA ILE Y 230 -32.78 12.63 10.48
C ILE Y 230 -34.19 12.04 10.51
N LYS Y 231 -34.52 11.28 11.55
CA LYS Y 231 -35.74 10.48 11.57
C LYS Y 231 -36.98 11.28 11.93
N THR Y 232 -36.85 12.58 12.22
CA THR Y 232 -38.01 13.42 12.55
C THR Y 232 -38.15 14.61 11.61
N ARG Y 233 -37.34 14.68 10.56
CA ARG Y 233 -37.47 15.76 9.60
C ARG Y 233 -38.79 15.66 8.85
N ARG Y 234 -39.25 16.80 8.35
CA ARG Y 234 -40.48 16.90 7.57
C ARG Y 234 -40.18 17.62 6.28
N ILE Y 235 -40.36 16.92 5.16
CA ILE Y 235 -40.18 17.50 3.83
C ILE Y 235 -41.56 17.69 3.23
N ASP Y 236 -41.85 18.93 2.84
CA ASP Y 236 -43.14 19.31 2.28
C ASP Y 236 -42.96 19.78 0.85
N PHE Y 237 -44.01 19.63 0.04
CA PHE Y 237 -43.97 20.03 -1.35
C PHE Y 237 -45.00 21.10 -1.68
N THR Y 238 -46.27 20.88 -1.35
CA THR Y 238 -47.32 21.86 -1.54
C THR Y 238 -47.92 22.30 -0.21
N LYS Y 239 -47.22 22.03 0.89
CA LYS Y 239 -47.74 22.22 2.22
C LYS Y 239 -46.68 22.91 3.07
N THR Y 240 -47.12 23.58 4.12
CA THR Y 240 -46.18 24.17 5.07
C THR Y 240 -46.79 24.14 6.46
N VAL Y 241 -46.05 23.59 7.41
CA VAL Y 241 -46.48 23.51 8.80
C VAL Y 241 -45.28 23.87 9.67
N TYR Y 242 -45.49 24.78 10.63
CA TYR Y 242 -44.42 25.20 11.52
C TYR Y 242 -44.68 24.75 12.95
N PRO Z 1 -21.59 7.24 -9.97
CA PRO Z 1 -22.32 8.49 -9.71
C PRO Z 1 -23.76 8.45 -10.20
N ASN Z 2 -24.51 9.52 -9.92
CA ASN Z 2 -25.89 9.60 -10.36
C ASN Z 2 -25.93 9.88 -11.87
N THR Z 3 -27.16 9.95 -12.40
CA THR Z 3 -27.35 10.22 -13.82
C THR Z 3 -26.64 11.52 -14.19
N LYS Z 4 -26.31 11.69 -15.48
CA LYS Z 4 -25.57 12.88 -15.88
C LYS Z 4 -26.43 14.14 -15.76
N ARG Z 5 -27.75 14.00 -15.82
CA ARG Z 5 -28.64 15.13 -15.59
C ARG Z 5 -28.68 15.50 -14.11
N ASP Z 6 -28.64 14.49 -13.24
CA ASP Z 6 -28.67 14.74 -11.81
C ASP Z 6 -27.38 15.40 -11.33
N ILE Z 7 -26.22 14.94 -11.83
CA ILE Z 7 -24.95 15.46 -11.35
C ILE Z 7 -24.54 16.72 -12.08
N ARG Z 8 -25.30 17.16 -13.09
CA ARG Z 8 -25.02 18.42 -13.75
C ARG Z 8 -25.23 19.57 -12.77
N ARG Z 9 -24.22 20.43 -12.66
CA ARG Z 9 -24.20 21.46 -11.62
C ARG Z 9 -24.56 22.81 -12.21
N LEU Z 10 -25.39 23.56 -11.47
CA LEU Z 10 -25.79 24.89 -11.88
C LEU Z 10 -24.67 25.90 -11.65
N GLY Z 11 -23.91 25.74 -10.58
CA GLY Z 11 -22.89 26.71 -10.25
C GLY Z 11 -21.60 26.49 -11.01
N SER Z 12 -20.85 27.58 -11.16
CA SER Z 12 -19.57 27.55 -11.86
C SER Z 12 -18.39 27.49 -10.91
N TYR Z 13 -18.62 27.47 -9.61
CA TYR Z 13 -17.55 27.33 -8.65
C TYR Z 13 -16.98 25.93 -8.70
N PRO Z 14 -15.66 25.75 -8.72
CA PRO Z 14 -15.09 24.42 -8.89
C PRO Z 14 -15.42 23.50 -7.72
N VAL Z 15 -15.55 22.22 -8.03
CA VAL Z 15 -15.85 21.21 -7.03
C VAL Z 15 -14.63 21.05 -6.13
N PRO Z 16 -14.77 21.21 -4.81
CA PRO Z 16 -13.63 21.03 -3.93
C PRO Z 16 -13.11 19.60 -4.02
N PRO Z 17 -11.79 19.42 -3.91
CA PRO Z 17 -11.24 18.06 -4.01
C PRO Z 17 -11.75 17.11 -2.94
N GLU Z 18 -12.07 17.61 -1.76
CA GLU Z 18 -12.57 16.74 -0.70
C GLU Z 18 -14.05 16.43 -0.83
N SER Z 19 -14.74 17.03 -1.80
CA SER Z 19 -16.18 16.87 -1.95
C SER Z 19 -16.52 16.26 -3.31
N LYS Z 20 -15.59 15.51 -3.88
CA LYS Z 20 -15.82 14.89 -5.18
C LYS Z 20 -16.97 13.90 -5.12
N ASN Z 21 -16.91 12.96 -4.18
CA ASN Z 21 -17.97 11.98 -4.04
C ASN Z 21 -19.29 12.63 -3.67
N PHE Z 22 -19.24 13.68 -2.86
CA PHE Z 22 -20.47 14.35 -2.43
C PHE Z 22 -21.22 14.91 -3.64
N TRP Z 23 -20.51 15.53 -4.56
CA TRP Z 23 -21.14 16.17 -5.70
C TRP Z 23 -21.40 15.22 -6.87
N ARG Z 24 -20.86 14.01 -6.82
CA ARG Z 24 -21.25 12.96 -7.74
C ARG Z 24 -22.54 12.27 -7.32
N GLY Z 25 -23.09 12.64 -6.16
CA GLY Z 25 -24.36 12.12 -5.70
C GLY Z 25 -25.43 13.19 -5.66
N ARG Z 26 -25.22 14.26 -6.42
CA ARG Z 26 -26.19 15.35 -6.50
C ARG Z 26 -27.42 14.91 -7.27
N PHE Z 27 -28.57 15.46 -6.86
CA PHE Z 27 -29.84 15.25 -7.55
C PHE Z 27 -30.41 16.59 -7.97
N GLN Z 28 -30.98 16.63 -9.17
CA GLN Z 28 -31.70 17.82 -9.65
C GLN Z 28 -33.12 17.76 -9.12
N VAL Z 29 -33.40 18.52 -8.06
CA VAL Z 29 -34.69 18.46 -7.39
C VAL Z 29 -35.76 19.08 -8.31
N PRO Z 30 -36.78 18.31 -8.69
CA PRO Z 30 -37.84 18.88 -9.53
C PRO Z 30 -39.00 19.44 -8.72
N GLY Z 31 -39.37 20.69 -8.99
CA GLY Z 31 -40.50 21.31 -8.35
C GLY Z 31 -40.22 21.92 -7.00
N GLY Z 32 -39.10 21.58 -6.37
CA GLY Z 32 -38.73 22.14 -5.10
C GLY Z 32 -39.23 21.31 -3.92
N GLN Z 33 -38.65 21.60 -2.75
CA GLN Z 33 -39.03 20.94 -1.52
C GLN Z 33 -38.79 21.91 -0.36
N ILE Z 34 -39.51 21.68 0.72
CA ILE Z 34 -39.40 22.51 1.93
C ILE Z 34 -39.02 21.56 3.07
N GLN Z 35 -37.72 21.43 3.32
CA GLN Z 35 -37.22 20.52 4.34
C GLN Z 35 -37.13 21.23 5.68
N GLN Z 36 -37.61 20.57 6.73
CA GLN Z 36 -37.62 21.12 8.07
C GLN Z 36 -37.12 20.08 9.06
N GLY Z 37 -36.68 20.57 10.21
CA GLY Z 37 -36.14 19.72 11.24
C GLY Z 37 -35.79 20.53 12.46
N VAL Z 38 -35.49 19.81 13.54
CA VAL Z 38 -35.16 20.39 14.83
C VAL Z 38 -33.94 19.68 15.38
N SER Z 39 -33.11 20.42 16.10
CA SER Z 39 -31.89 19.84 16.64
C SER Z 39 -32.23 18.73 17.62
N PRO Z 40 -31.44 17.66 17.68
CA PRO Z 40 -31.71 16.60 18.65
C PRO Z 40 -31.57 17.07 20.08
N MET Z 41 -30.89 18.19 20.32
CA MET Z 41 -30.77 18.72 21.67
C MET Z 41 -32.08 19.27 22.21
N GLN Z 42 -33.07 19.50 21.35
CA GLN Z 42 -34.36 20.03 21.76
C GLN Z 42 -35.49 19.07 21.44
N GLN Z 43 -35.21 17.77 21.45
CA GLN Z 43 -36.21 16.76 21.09
C GLN Z 43 -36.07 15.56 22.01
N LYS Z 44 -37.12 14.74 22.03
CA LYS Z 44 -37.07 13.44 22.66
C LYS Z 44 -36.35 12.48 21.71
N ILE Z 45 -35.29 11.83 22.20
CA ILE Z 45 -34.43 11.05 21.32
C ILE Z 45 -34.71 9.56 21.36
N PHE Z 46 -35.51 9.08 22.33
CA PHE Z 46 -35.84 7.66 22.41
C PHE Z 46 -37.31 7.36 22.21
N PHE Z 47 -38.19 8.37 22.21
CA PHE Z 47 -39.62 8.09 22.13
C PHE Z 47 -40.00 7.40 20.83
N GLN Z 48 -39.47 7.88 19.70
CA GLN Z 48 -39.88 7.34 18.41
C GLN Z 48 -39.62 5.85 18.30
N TRP Z 49 -38.58 5.35 18.96
CA TRP Z 49 -38.33 3.91 18.98
C TRP Z 49 -39.50 3.16 19.59
N TRP Z 50 -40.09 3.73 20.65
CA TRP Z 50 -41.24 3.14 21.32
C TRP Z 50 -42.50 3.33 20.51
N TRP Z 51 -42.68 4.53 19.94
CA TRP Z 51 -43.89 4.83 19.18
C TRP Z 51 -44.03 3.90 17.98
N ASN Z 52 -42.93 3.62 17.29
CA ASN Z 52 -42.91 2.78 16.10
C ASN Z 52 -42.73 1.30 16.43
N LEU Z 53 -42.57 0.95 17.70
CA LEU Z 53 -42.27 -0.43 18.06
C LEU Z 53 -43.33 -1.41 17.60
N PRO Z 54 -44.61 -1.23 17.89
CA PRO Z 54 -45.59 -2.25 17.47
C PRO Z 54 -45.68 -2.42 15.96
N THR Z 55 -45.79 -1.31 15.22
CA THR Z 55 -45.94 -1.42 13.77
C THR Z 55 -44.70 -2.02 13.13
N ARG Z 56 -43.51 -1.67 13.64
CA ARG Z 56 -42.28 -2.22 13.09
C ARG Z 56 -42.29 -3.74 13.17
N TYR Z 57 -42.67 -4.29 14.31
CA TYR Z 57 -42.62 -5.73 14.50
C TYR Z 57 -43.80 -6.44 13.85
N PHE Z 58 -44.95 -5.76 13.69
CA PHE Z 58 -46.07 -6.36 12.96
C PHE Z 58 -45.72 -6.54 11.49
N TRP Z 59 -45.23 -5.49 10.86
CA TRP Z 59 -44.93 -5.52 9.43
C TRP Z 59 -43.71 -6.37 9.13
N ARG Z 60 -42.92 -6.69 10.15
CA ARG Z 60 -41.77 -7.57 9.99
C ARG Z 60 -42.20 -9.02 10.06
N PHE Z 61 -43.07 -9.35 11.00
CA PHE Z 61 -43.53 -10.72 11.16
C PHE Z 61 -44.51 -11.12 10.05
N THR Z 62 -45.26 -10.15 9.50
CA THR Z 62 -46.15 -10.48 8.39
C THR Z 62 -45.39 -10.79 7.12
N LYS Z 63 -44.24 -10.14 6.91
CA LYS Z 63 -43.41 -10.43 5.75
C LYS Z 63 -42.64 -11.74 5.94
N TRP Z 64 -42.13 -11.97 7.16
CA TRP Z 64 -41.38 -13.18 7.44
C TRP Z 64 -42.26 -14.42 7.48
N SER Z 65 -43.59 -14.26 7.55
CA SER Z 65 -44.50 -15.38 7.50
C SER Z 65 -44.60 -16.00 6.10
N ASP Z 66 -44.10 -15.26 5.09
CA ASP Z 66 -44.06 -15.78 3.73
C ASP Z 66 -43.22 -17.05 3.64
N PHE Z 67 -42.25 -17.20 4.53
CA PHE Z 67 -41.31 -18.29 4.49
C PHE Z 67 -41.78 -19.49 5.33
N LEU Z 68 -42.96 -19.38 5.93
CA LEU Z 68 -43.47 -20.44 6.80
C LEU Z 68 -43.57 -21.77 6.07
N ILE Z 69 -44.30 -21.79 4.95
CA ILE Z 69 -44.53 -23.05 4.19
C ILE Z 69 -43.16 -23.59 3.74
N PRO Z 70 -42.25 -22.80 3.13
CA PRO Z 70 -40.90 -23.29 2.83
C PRO Z 70 -40.23 -23.88 4.06
N SER Z 71 -40.36 -23.22 5.21
CA SER Z 71 -39.69 -23.67 6.42
C SER Z 71 -40.21 -25.02 6.86
N LEU Z 72 -41.52 -25.25 6.68
CA LEU Z 72 -42.15 -26.48 7.18
C LEU Z 72 -41.75 -27.67 6.30
N MET Z 73 -41.68 -27.45 4.99
CA MET Z 73 -41.26 -28.51 4.07
C MET Z 73 -39.84 -28.95 4.38
N TRP Z 74 -38.95 -27.98 4.72
CA TRP Z 74 -37.57 -28.27 5.01
C TRP Z 74 -37.42 -29.02 6.34
N TYR Z 75 -38.23 -28.68 7.33
CA TYR Z 75 -38.19 -29.36 8.61
C TYR Z 75 -38.78 -30.77 8.51
N THR Z 76 -39.83 -30.94 7.71
CA THR Z 76 -40.34 -32.28 7.45
C THR Z 76 -39.27 -33.15 6.83
N GLY Z 77 -38.49 -32.60 5.91
CA GLY Z 77 -37.41 -33.35 5.31
C GLY Z 77 -36.30 -33.66 6.31
N PHE Z 78 -36.03 -32.73 7.22
CA PHE Z 78 -35.03 -32.95 8.25
C PHE Z 78 -35.42 -34.09 9.17
N LEU Z 79 -36.70 -34.19 9.50
CA LEU Z 79 -37.16 -35.25 10.39
C LEU Z 79 -37.16 -36.58 9.67
N MET Z 80 -37.57 -36.59 8.40
CA MET Z 80 -37.58 -37.82 7.63
C MET Z 80 -36.17 -38.38 7.50
N CYS Z 81 -35.20 -37.52 7.20
CA CYS Z 81 -33.82 -37.97 7.09
C CYS Z 81 -33.31 -38.53 8.41
N LYS Z 82 -33.59 -37.84 9.51
CA LYS Z 82 -33.09 -38.29 10.81
C LYS Z 82 -33.60 -39.68 11.11
N ASN Z 83 -34.89 -39.91 10.91
CA ASN Z 83 -35.47 -41.21 11.21
C ASN Z 83 -34.94 -42.26 10.24
N ASP Z 84 -34.76 -41.90 8.97
CA ASP Z 84 -34.23 -42.84 8.00
C ASP Z 84 -32.81 -43.28 8.38
N VAL Z 85 -32.00 -42.34 8.86
CA VAL Z 85 -30.64 -42.68 9.28
C VAL Z 85 -30.69 -43.67 10.44
N GLU Z 86 -31.57 -43.41 11.41
CA GLU Z 86 -31.63 -44.27 12.59
C GLU Z 86 -32.09 -45.67 12.24
N GLU Z 87 -33.15 -45.77 11.42
CA GLU Z 87 -33.65 -47.10 11.07
C GLU Z 87 -32.63 -47.87 10.24
N GLY Z 88 -31.88 -47.14 9.39
CA GLY Z 88 -30.88 -47.78 8.55
C GLY Z 88 -29.71 -48.31 9.36
N THR Z 89 -29.31 -47.57 10.40
CA THR Z 89 -28.23 -48.02 11.27
C THR Z 89 -28.67 -49.24 12.07
N ARG Z 90 -29.91 -49.22 12.58
CA ARG Z 90 -30.44 -50.34 13.35
C ARG Z 90 -30.67 -51.57 12.49
N SER Z 91 -30.77 -51.39 11.18
CA SER Z 91 -31.02 -52.50 10.25
C SER Z 91 -29.68 -53.10 9.81
N ARG Z 92 -28.72 -52.25 9.45
CA ARG Z 92 -27.42 -52.75 9.03
C ARG Z 92 -26.75 -53.51 10.18
N TYR Z 93 -26.73 -52.89 11.37
CA TYR Z 93 -26.18 -53.50 12.61
C TYR Z 93 -27.38 -53.77 13.53
N TRP Z 94 -27.21 -53.90 14.85
CA TRP Z 94 -28.30 -54.12 15.79
C TRP Z 94 -29.06 -55.42 15.48
N TYR Z 95 -28.55 -56.55 16.01
CA TYR Z 95 -29.26 -57.84 15.87
C TYR Z 95 -30.52 -57.86 16.73
N SER AA 1 -55.32 -6.88 11.65
CA SER AA 1 -55.80 -8.15 11.13
C SER AA 1 -55.23 -8.39 9.74
N GLY AA 2 -55.71 -9.44 9.08
CA GLY AA 2 -55.18 -9.79 7.77
C GLY AA 2 -53.75 -10.27 7.80
N PHE AA 3 -53.24 -10.63 8.98
CA PHE AA 3 -51.86 -11.04 9.12
C PHE AA 3 -51.55 -12.21 8.19
N GLY AA 4 -50.41 -12.13 7.51
CA GLY AA 4 -49.98 -13.18 6.63
C GLY AA 4 -50.59 -13.16 5.25
N THR AA 5 -51.23 -12.07 4.85
CA THR AA 5 -51.86 -11.95 3.54
C THR AA 5 -51.51 -10.60 2.94
N SER AA 6 -51.94 -10.41 1.69
CA SER AA 6 -51.80 -9.11 1.03
C SER AA 6 -52.75 -8.08 1.62
N TYR AA 7 -53.69 -8.50 2.46
CA TYR AA 7 -54.64 -7.62 3.10
C TYR AA 7 -54.19 -7.20 4.49
N ALA AA 8 -52.96 -7.56 4.86
CA ALA AA 8 -52.43 -7.23 6.18
C ALA AA 8 -52.52 -5.74 6.43
N HIS AA 9 -53.00 -5.38 7.62
CA HIS AA 9 -53.10 -4.00 8.03
C HIS AA 9 -52.89 -3.92 9.53
N ASP AA 10 -52.52 -2.74 9.99
CA ASP AA 10 -52.25 -2.55 11.41
C ASP AA 10 -53.52 -2.77 12.22
N PRO AA 11 -53.47 -3.57 13.28
CA PRO AA 11 -54.65 -3.73 14.13
C PRO AA 11 -55.02 -2.42 14.83
N LYS AA 12 -56.22 -2.42 15.39
CA LYS AA 12 -56.72 -1.23 16.07
C LYS AA 12 -55.82 -0.84 17.24
N TRP AA 13 -55.26 -1.83 17.93
CA TRP AA 13 -54.44 -1.52 19.09
C TRP AA 13 -53.09 -0.93 18.69
N ILE AA 14 -52.55 -1.35 17.54
CA ILE AA 14 -51.34 -0.71 17.04
C ILE AA 14 -51.65 0.72 16.59
N GLU AA 15 -52.86 0.95 16.06
CA GLU AA 15 -53.23 2.28 15.61
C GLU AA 15 -53.53 3.20 16.78
N ASP AA 16 -54.19 2.70 17.82
CA ASP AA 16 -54.36 3.49 19.04
C ASP AA 16 -53.03 3.82 19.66
N TRP AA 17 -52.10 2.86 19.63
CA TRP AA 17 -50.76 3.08 20.15
C TRP AA 17 -50.11 4.29 19.49
N MET AA 18 -50.17 4.35 18.16
CA MET AA 18 -49.55 5.44 17.43
C MET AA 18 -50.32 6.75 17.55
N ALA AA 19 -51.54 6.72 18.07
CA ALA AA 19 -52.29 7.94 18.31
C ALA AA 19 -51.87 8.64 19.58
N ARG AA 20 -51.07 7.98 20.43
CA ARG AA 20 -50.57 8.58 21.66
C ARG AA 20 -49.20 9.17 21.38
N LYS AA 21 -49.17 10.45 21.01
CA LYS AA 21 -47.92 11.10 20.65
C LYS AA 21 -47.19 11.69 21.87
N ARG AA 22 -47.85 11.76 23.02
CA ARG AA 22 -47.25 12.25 24.25
C ARG AA 22 -46.75 13.70 24.11
N VAL AA 23 -47.39 14.48 23.22
CA VAL AA 23 -46.93 15.83 22.95
C VAL AA 23 -47.07 16.68 24.21
N GLY AA 24 -46.00 17.41 24.54
CA GLY AA 24 -45.98 18.30 25.68
C GLY AA 24 -45.59 17.63 26.98
N VAL AA 25 -45.64 16.32 27.02
CA VAL AA 25 -45.29 15.56 28.22
C VAL AA 25 -43.78 15.36 28.28
N ASP AA 26 -43.21 15.55 29.46
CA ASP AA 26 -41.79 15.29 29.67
C ASP AA 26 -41.65 14.78 31.11
N ARG AA 27 -41.55 13.46 31.25
CA ARG AA 27 -41.58 12.79 32.55
C ARG AA 27 -40.20 12.45 33.07
N MET AA 28 -39.17 12.75 32.30
CA MET AA 28 -37.79 12.42 32.63
C MET AA 28 -36.94 13.67 32.74
N ASP AA 29 -37.57 14.84 32.79
CA ASP AA 29 -36.83 16.11 32.87
C ASP AA 29 -36.13 16.25 34.20
N TRP AA 30 -36.71 15.72 35.27
CA TRP AA 30 -36.11 15.80 36.59
C TRP AA 30 -34.68 15.28 36.57
N PHE AA 31 -34.43 14.24 35.78
CA PHE AA 31 -33.10 13.64 35.75
C PHE AA 31 -32.09 14.58 35.11
N PHE AA 32 -32.51 15.31 34.08
CA PHE AA 32 -31.59 16.19 33.39
C PHE AA 32 -31.29 17.44 34.21
N ARG AA 33 -32.31 18.01 34.86
CA ARG AA 33 -32.08 19.13 35.76
C ARG AA 33 -31.07 18.75 36.83
N ALA AA 34 -31.24 17.58 37.43
CA ALA AA 34 -30.36 17.14 38.51
C ALA AA 34 -28.95 16.89 38.01
N PHE AA 35 -28.82 16.28 36.84
CA PHE AA 35 -27.49 16.05 36.26
C PHE AA 35 -26.80 17.37 35.94
N ASN AA 36 -27.58 18.38 35.53
CA ASN AA 36 -26.99 19.67 35.19
C ASN AA 36 -26.50 20.42 36.41
N ARG AA 37 -27.01 20.10 37.59
CA ARG AA 37 -26.53 20.73 38.81
C ARG AA 37 -25.16 20.23 39.23
N LEU AA 38 -24.65 19.17 38.59
CA LEU AA 38 -23.29 18.71 38.84
C LEU AA 38 -22.24 19.56 38.12
N ARG AA 39 -22.65 20.44 37.22
CA ARG AA 39 -21.75 21.39 36.56
C ARG AA 39 -20.63 20.67 35.81
N LEU AA 40 -20.91 19.48 35.29
CA LEU AA 40 -19.89 18.77 34.52
C LEU AA 40 -19.63 19.45 33.19
N TYR AA 41 -20.66 20.07 32.59
CA TYR AA 41 -20.47 20.73 31.31
C TYR AA 41 -19.63 21.99 31.46
N GLU AA 42 -19.97 22.83 32.43
CA GLU AA 42 -19.24 24.09 32.61
C GLU AA 42 -17.82 23.86 33.07
N LEU AA 43 -17.53 22.71 33.67
CA LEU AA 43 -16.22 22.46 34.25
C LEU AA 43 -15.33 21.60 33.38
N PHE AA 44 -15.88 20.58 32.73
CA PHE AA 44 -15.08 19.64 31.96
C PHE AA 44 -15.44 19.59 30.49
N PHE AA 45 -16.71 19.37 30.16
CA PHE AA 45 -17.06 19.00 28.78
C PHE AA 45 -16.83 20.15 27.81
N LYS AA 46 -17.15 21.37 28.22
CA LYS AA 46 -17.20 22.46 27.24
C LYS AA 46 -15.86 22.67 26.57
N SER AA 47 -14.77 22.60 27.33
CA SER AA 47 -13.43 22.81 26.78
C SER AA 47 -12.84 21.48 26.32
N THR AA 48 -12.32 21.46 25.09
CA THR AA 48 -11.77 20.23 24.55
C THR AA 48 -10.64 19.66 25.40
N PRO AA 49 -9.63 20.43 25.81
CA PRO AA 49 -8.59 19.83 26.65
C PRO AA 49 -9.14 19.23 27.93
N ARG AA 50 -10.14 19.88 28.52
CA ARG AA 50 -10.73 19.37 29.75
C ARG AA 50 -11.62 18.15 29.50
N PHE AA 51 -12.27 18.10 28.34
CA PHE AA 51 -13.04 16.93 27.94
C PHE AA 51 -12.13 15.73 27.77
N TYR AA 52 -10.95 15.95 27.17
CA TYR AA 52 -9.96 14.89 27.03
C TYR AA 52 -9.48 14.42 28.40
N ALA AA 53 -9.31 15.36 29.34
CA ALA AA 53 -8.83 15.02 30.66
C ALA AA 53 -9.87 14.26 31.46
N PHE AA 54 -11.14 14.52 31.21
CA PHE AA 54 -12.20 13.75 31.85
C PHE AA 54 -12.21 12.31 31.37
N MET AA 55 -12.03 12.12 30.06
CA MET AA 55 -12.01 10.76 29.52
C MET AA 55 -10.78 9.99 29.98
N VAL AA 56 -9.64 10.66 30.10
CA VAL AA 56 -8.41 10.01 30.53
C VAL AA 56 -8.45 9.72 32.02
N ILE AA 57 -8.60 10.77 32.83
CA ILE AA 57 -8.59 10.61 34.28
C ILE AA 57 -9.78 9.77 34.73
N GLY AA 58 -10.94 10.00 34.12
CA GLY AA 58 -12.10 9.19 34.46
C GLY AA 58 -11.97 7.75 34.00
N GLY AA 59 -11.16 7.51 32.97
CA GLY AA 59 -10.93 6.15 32.53
C GLY AA 59 -9.87 5.45 33.35
N LEU AA 60 -8.93 6.21 33.91
CA LEU AA 60 -7.95 5.65 34.81
C LEU AA 60 -8.60 5.20 36.11
N LEU AA 61 -9.39 6.08 36.71
CA LEU AA 61 -10.01 5.77 37.99
C LEU AA 61 -11.18 4.81 37.83
N GLY AA 62 -11.93 4.96 36.74
CA GLY AA 62 -13.01 4.04 36.47
C GLY AA 62 -12.53 2.62 36.25
N SER AA 63 -11.46 2.46 35.47
CA SER AA 63 -10.93 1.13 35.20
C SER AA 63 -10.45 0.46 36.48
N TYR AA 64 -9.77 1.19 37.35
CA TYR AA 64 -9.24 0.58 38.56
C TYR AA 64 -10.36 0.11 39.48
N TYR AA 65 -11.35 0.96 39.72
CA TYR AA 65 -12.39 0.61 40.67
C TYR AA 65 -13.38 -0.40 40.11
N TRP AA 66 -13.60 -0.36 38.80
CA TRP AA 66 -14.39 -1.42 38.17
C TRP AA 66 -13.74 -2.77 38.40
N SER AA 67 -12.42 -2.85 38.20
CA SER AA 67 -11.69 -4.08 38.50
C SER AA 67 -11.83 -4.44 39.97
N ARG AA 68 -11.70 -3.45 40.85
CA ARG AA 68 -11.79 -3.71 42.27
C ARG AA 68 -13.14 -4.31 42.64
N PHE AA 69 -14.22 -3.77 42.08
CA PHE AA 69 -15.56 -4.25 42.40
C PHE AA 69 -15.75 -5.69 41.96
N TRP AA 70 -15.37 -6.00 40.73
CA TRP AA 70 -15.60 -7.34 40.20
C TRP AA 70 -14.63 -8.35 40.76
N GLU AA 71 -13.49 -7.90 41.31
CA GLU AA 71 -12.63 -8.79 42.08
C GLU AA 71 -13.30 -9.22 43.37
N GLN AA 72 -13.93 -8.28 44.07
CA GLN AA 72 -14.66 -8.60 45.29
C GLN AA 72 -15.86 -9.49 44.98
N TYR AA 73 -16.57 -9.21 43.89
CA TYR AA 73 -17.67 -10.06 43.47
C TYR AA 73 -17.19 -11.49 43.29
N TRP AA 74 -16.04 -11.67 42.63
CA TRP AA 74 -15.50 -13.00 42.40
C TRP AA 74 -15.07 -13.66 43.71
N ILE AA 75 -14.42 -12.90 44.58
CA ILE AA 75 -13.94 -13.46 45.85
C ILE AA 75 -15.11 -13.96 46.68
N ARG AA 76 -16.29 -13.39 46.50
CA ARG AA 76 -17.47 -13.77 47.26
C ARG AA 76 -18.18 -14.97 46.67
N VAL AA 77 -18.40 -14.95 45.35
CA VAL AA 77 -19.08 -16.07 44.70
C VAL AA 77 -18.32 -17.36 44.95
N ASN AA 78 -16.99 -17.32 44.84
CA ASN AA 78 -16.15 -18.50 44.97
C ASN AA 78 -15.57 -18.65 46.37
N LYS AA 79 -16.27 -18.18 47.40
CA LYS AA 79 -15.76 -18.31 48.75
C LYS AA 79 -15.59 -19.78 49.11
N GLY AA 80 -14.45 -20.11 49.70
CA GLY AA 80 -14.15 -21.46 50.11
C GLY AA 80 -13.58 -22.35 49.03
N ARG AA 81 -13.55 -21.88 47.79
CA ARG AA 81 -13.07 -22.65 46.66
C ARG AA 81 -11.80 -22.07 46.04
N LEU AA 82 -11.30 -20.97 46.58
CA LEU AA 82 -10.10 -20.31 46.09
C LEU AA 82 -8.89 -20.78 46.89
N TYR AA 83 -7.71 -20.70 46.27
CA TYR AA 83 -6.49 -21.14 46.94
C TYR AA 83 -6.25 -20.34 48.20
N LYS AA 84 -6.46 -19.03 48.15
CA LYS AA 84 -6.24 -18.19 49.32
C LYS AA 84 -7.20 -18.52 50.45
N ASP AA 85 -8.38 -19.05 50.12
CA ASP AA 85 -9.41 -19.31 51.11
C ASP AA 85 -9.25 -20.64 51.82
N VAL AA 86 -8.31 -21.48 51.41
CA VAL AA 86 -8.15 -22.82 51.97
C VAL AA 86 -6.68 -23.13 52.20
N PRO AA 87 -6.06 -22.63 53.26
CA PRO AA 87 -4.66 -22.96 53.52
C PRO AA 87 -4.42 -24.46 53.59
N TYR AA 88 -3.31 -24.89 52.99
CA TYR AA 88 -2.99 -26.31 52.85
C TYR AA 88 -2.34 -26.85 54.11
N VAL AA 89 -2.75 -28.05 54.51
CA VAL AA 89 -2.22 -28.73 55.67
C VAL AA 89 -1.18 -29.74 55.21
N TYR AA 90 0.06 -29.54 55.61
CA TYR AA 90 1.12 -30.45 55.21
C TYR AA 90 0.91 -31.83 55.85
N PRO AA 91 1.13 -32.90 55.11
CA PRO AA 91 1.05 -34.24 55.71
C PRO AA 91 2.11 -34.41 56.78
N PRO AA 92 1.79 -35.13 57.86
CA PRO AA 92 2.76 -35.30 58.95
C PRO AA 92 3.95 -36.17 58.56
N THR BA 1 4.44 66.36 5.96
CA THR BA 1 3.79 65.06 5.63
C THR BA 1 4.76 63.90 5.77
N LEU BA 2 6.06 64.18 5.64
CA LEU BA 2 7.04 63.14 5.92
C LEU BA 2 6.86 62.60 7.32
N ALA BA 3 6.39 63.44 8.24
CA ALA BA 3 6.09 62.99 9.59
C ALA BA 3 5.05 61.88 9.58
N VAL BA 4 3.98 62.06 8.79
CA VAL BA 4 2.98 61.01 8.67
C VAL BA 4 3.62 59.75 8.10
N TYR BA 5 4.42 59.91 7.05
CA TYR BA 5 5.07 58.76 6.44
C TYR BA 5 6.01 58.06 7.41
N HIS BA 6 6.72 58.83 8.24
CA HIS BA 6 7.60 58.22 9.23
C HIS BA 6 6.83 57.31 10.17
N ARG BA 7 5.67 57.76 10.64
CA ARG BA 7 4.86 56.93 11.51
C ARG BA 7 4.31 55.71 10.78
N LEU BA 8 3.83 55.91 9.56
CA LEU BA 8 3.30 54.79 8.79
C LEU BA 8 4.38 53.78 8.44
N TRP BA 9 5.62 54.24 8.23
CA TRP BA 9 6.71 53.30 8.04
C TRP BA 9 7.04 52.57 9.33
N GLY BA 10 7.04 53.29 10.45
CA GLY BA 10 7.47 52.76 11.73
C GLY BA 10 6.46 51.91 12.46
N MET BA 11 5.19 51.93 12.03
CA MET BA 11 4.17 51.18 12.75
C MET BA 11 4.41 49.69 12.71
N THR BA 12 5.23 49.21 11.78
CA THR BA 12 5.54 47.79 11.65
C THR BA 12 7.00 47.49 12.01
N GLU BA 13 7.65 48.42 12.71
CA GLU BA 13 9.05 48.24 13.07
C GLU BA 13 9.27 46.94 13.83
N GLN BA 14 8.39 46.64 14.77
CA GLN BA 14 8.56 45.50 15.68
C GLN BA 14 7.80 44.26 15.21
N PHE BA 15 8.03 43.84 13.96
CA PHE BA 15 7.36 42.66 13.43
C PHE BA 15 7.79 41.40 14.16
N ALA BA 16 9.09 41.28 14.45
CA ALA BA 16 9.60 40.06 15.07
C ALA BA 16 9.02 39.85 16.45
N ALA BA 17 8.79 40.93 17.19
CA ALA BA 17 8.19 40.83 18.51
C ALA BA 17 6.70 40.54 18.45
N ARG BA 18 6.02 41.00 17.41
CA ARG BA 18 4.60 40.69 17.27
C ARG BA 18 4.38 39.25 16.83
N LYS BA 19 5.22 38.75 15.93
CA LYS BA 19 5.08 37.36 15.50
C LYS BA 19 5.44 36.40 16.63
N LYS BA 20 6.43 36.77 17.45
CA LYS BA 20 6.75 35.97 18.63
C LYS BA 20 5.57 35.92 19.59
N TRP BA 21 4.88 37.05 19.77
CA TRP BA 21 3.73 37.08 20.66
C TRP BA 21 2.63 36.18 20.14
N GLY BA 22 2.36 36.22 18.84
CA GLY BA 22 1.32 35.38 18.28
C GLY BA 22 1.58 33.90 18.52
N TRP BA 23 2.82 33.46 18.32
CA TRP BA 23 3.14 32.06 18.53
C TRP BA 23 3.10 31.70 20.01
N ARG BA 24 3.50 32.62 20.89
CA ARG BA 24 3.36 32.38 22.31
C ARG BA 24 1.89 32.23 22.71
N GLN BA 25 1.02 33.03 22.10
CA GLN BA 25 -0.40 32.92 22.40
C GLN BA 25 -0.94 31.57 21.95
N VAL BA 26 -0.45 31.05 20.82
CA VAL BA 26 -0.79 29.70 20.41
C VAL BA 26 -0.29 28.69 21.44
N TYR BA 27 0.97 28.85 21.87
CA TYR BA 27 1.55 27.92 22.84
C TYR BA 27 0.78 27.97 24.16
N HIS BA 28 0.34 29.16 24.56
CA HIS BA 28 -0.45 29.27 25.78
C HIS BA 28 -1.73 28.44 25.67
N ARG BA 29 -2.39 28.51 24.52
CA ARG BA 29 -3.63 27.81 24.31
C ARG BA 29 -3.46 26.31 24.14
N MET BA 30 -2.22 25.82 24.02
CA MET BA 30 -1.95 24.39 24.01
C MET BA 30 -1.56 23.87 25.39
N LEU BA 31 -1.12 24.75 26.28
CA LEU BA 31 -0.74 24.33 27.62
C LEU BA 31 -1.81 23.52 28.32
N PRO BA 32 -3.11 23.85 28.24
CA PRO BA 32 -4.10 23.06 28.96
C PRO BA 32 -4.16 21.61 28.52
N PHE BA 33 -3.62 21.26 27.35
CA PHE BA 33 -3.67 19.88 26.89
C PHE BA 33 -2.78 18.97 27.72
N GLN BA 34 -1.95 19.51 28.61
CA GLN BA 34 -1.11 18.71 29.47
C GLN BA 34 -1.92 17.91 30.48
N ILE BA 35 -3.05 18.48 30.94
CA ILE BA 35 -3.83 17.86 32.00
C ILE BA 35 -4.29 16.47 31.59
N ALA BA 36 -4.43 16.21 30.30
CA ALA BA 36 -4.78 14.88 29.83
C ALA BA 36 -3.57 14.07 29.40
N LEU BA 37 -2.52 14.72 28.92
CA LEU BA 37 -1.35 14.01 28.42
C LEU BA 37 -0.58 13.37 29.57
N TYR BA 38 -0.13 14.17 30.53
CA TYR BA 38 0.71 13.65 31.60
C TYR BA 38 0.06 12.48 32.33
N PRO BA 39 -1.21 12.55 32.75
CA PRO BA 39 -1.81 11.37 33.37
C PRO BA 39 -1.92 10.18 32.42
N SER BA 40 -2.19 10.42 31.13
CA SER BA 40 -2.29 9.30 30.20
C SER BA 40 -0.95 8.59 30.06
N LEU BA 41 0.14 9.35 30.11
CA LEU BA 41 1.47 8.74 30.07
C LEU BA 41 1.69 7.82 31.27
N MET BA 42 1.43 8.34 32.47
CA MET BA 42 1.64 7.54 33.67
C MET BA 42 0.72 6.33 33.70
N TRP BA 43 -0.48 6.47 33.15
CA TRP BA 43 -1.41 5.35 33.05
C TRP BA 43 -0.80 4.21 32.26
N TYR BA 44 -0.19 4.53 31.12
CA TYR BA 44 0.44 3.53 30.28
C TYR BA 44 1.76 3.04 30.85
N LEU BA 45 2.50 3.90 31.53
CA LEU BA 45 3.81 3.57 32.05
C LEU BA 45 3.77 3.11 33.51
N PHE BA 46 2.58 2.94 34.07
CA PHE BA 46 2.46 2.58 35.49
C PHE BA 46 3.21 1.29 35.80
N GLY BA 47 3.00 0.25 35.00
CA GLY BA 47 3.61 -1.03 35.28
C GLY BA 47 5.12 -1.02 35.20
N TRP BA 48 5.71 -0.01 34.57
CA TRP BA 48 7.16 0.08 34.49
C TRP BA 48 7.77 0.43 35.83
N PHE BA 49 7.10 1.28 36.60
CA PHE BA 49 7.64 1.74 37.87
C PHE BA 49 7.65 0.61 38.90
N ASP BA 50 8.50 0.77 39.91
CA ASP BA 50 8.59 -0.20 40.99
C ASP BA 50 7.41 -0.06 41.93
N ASP BA 51 7.12 -1.14 42.68
CA ASP BA 51 6.05 -1.08 43.66
C ASP BA 51 6.17 0.13 44.58
N PRO BA 52 7.32 0.44 45.16
CA PRO BA 52 7.40 1.62 46.04
C PRO BA 52 6.93 2.91 45.40
N TYR BA 53 7.25 3.13 44.13
CA TYR BA 53 6.86 4.36 43.47
C TYR BA 53 5.42 4.32 43.00
N LYS BA 54 4.90 3.14 42.66
CA LYS BA 54 3.49 3.02 42.32
C LYS BA 54 2.62 3.51 43.47
N GLU BA 55 3.03 3.21 44.71
CA GLU BA 55 2.26 3.63 45.88
C GLU BA 55 2.31 5.14 46.06
N ALA BA 56 3.49 5.73 45.91
CA ALA BA 56 3.61 7.19 46.05
C ALA BA 56 2.86 7.92 44.95
N MET BA 57 3.00 7.43 43.71
CA MET BA 57 2.35 8.06 42.57
C MET BA 57 0.84 8.09 42.72
N THR BA 58 0.27 7.13 43.45
CA THR BA 58 -1.17 7.04 43.65
C THR BA 58 -1.60 7.56 45.00
N LEU BA 59 -0.68 8.10 45.80
CA LEU BA 59 -0.97 8.57 47.15
C LEU BA 59 -1.49 7.44 48.03
N GLY BA 60 -0.87 6.27 47.92
CA GLY BA 60 -1.18 5.15 48.77
C GLY BA 60 -2.39 4.33 48.36
N ILE BA 61 -3.16 4.78 47.38
CA ILE BA 61 -4.38 4.08 47.01
C ILE BA 61 -4.05 2.71 46.42
N TRP BA 62 -2.93 2.58 45.73
CA TRP BA 62 -2.47 1.30 45.20
C TRP BA 62 -1.37 0.76 46.09
N ASN BA 63 -1.42 -0.54 46.36
CA ASN BA 63 -0.38 -1.22 47.09
C ASN BA 63 -0.38 -2.69 46.68
N VAL BA 64 0.49 -3.48 47.30
CA VAL BA 64 0.62 -4.88 46.93
C VAL BA 64 -0.69 -5.63 47.18
N SER BA 65 -1.43 -5.24 48.22
CA SER BA 65 -2.70 -5.89 48.50
C SER BA 65 -3.71 -5.66 47.39
N LYS BA 66 -3.50 -4.64 46.55
CA LYS BA 66 -4.41 -4.33 45.47
C LYS BA 66 -4.09 -5.06 44.18
N ARG BA 67 -3.00 -5.82 44.13
CA ARG BA 67 -2.73 -6.65 42.98
C ARG BA 67 -3.80 -7.72 42.84
N SER BA 68 -4.18 -8.00 41.60
CA SER BA 68 -5.31 -8.90 41.34
C SER BA 68 -5.13 -10.24 42.03
N LEU BA 69 -6.26 -10.88 42.32
CA LEU BA 69 -6.22 -12.23 42.91
C LEU BA 69 -5.38 -13.16 42.05
N TYR BA 70 -5.44 -12.99 40.74
CA TYR BA 70 -4.66 -13.77 39.79
C TYR BA 70 -3.67 -12.81 39.12
N PHE BA 71 -2.55 -12.57 39.80
CA PHE BA 71 -1.52 -11.66 39.32
C PHE BA 71 -0.80 -12.26 38.11
N TRP BA 72 -0.29 -11.39 37.25
CA TRP BA 72 0.32 -11.88 36.01
C TRP BA 72 1.48 -12.81 36.29
N ASP BA 73 2.16 -12.64 37.41
CA ASP BA 73 3.14 -13.62 37.87
C ASP BA 73 2.44 -14.53 38.89
N PRO BA 74 2.10 -15.77 38.53
CA PRO BA 74 1.29 -16.58 39.44
C PRO BA 74 1.92 -16.81 40.80
N LEU BA 75 3.24 -16.90 40.86
CA LEU BA 75 3.90 -17.20 42.12
C LEU BA 75 3.90 -16.02 43.08
N ARG BA 76 3.48 -14.84 42.63
CA ARG BA 76 3.49 -13.65 43.47
C ARG BA 76 2.10 -13.09 43.72
N SER BA 77 1.05 -13.85 43.44
CA SER BA 77 -0.29 -13.42 43.81
C SER BA 77 -0.44 -13.44 45.32
N GLY BA 78 -0.99 -12.37 45.88
CA GLY BA 78 -1.12 -12.27 47.31
C GLY BA 78 0.15 -11.89 48.02
N GLY BA 79 1.16 -11.43 47.30
CA GLY BA 79 2.41 -11.00 47.89
C GLY BA 79 3.60 -11.65 47.21
N ASP BA 80 4.78 -11.10 47.54
CA ASP BA 80 6.01 -11.62 46.94
C ASP BA 80 6.32 -13.03 47.40
N LYS BA 81 5.86 -13.40 48.59
CA LYS BA 81 6.08 -14.73 49.13
C LYS BA 81 4.86 -15.63 49.00
N GLY BA 82 3.87 -15.21 48.22
CA GLY BA 82 2.66 -15.98 48.06
C GLY BA 82 1.68 -15.72 49.18
N TRP BA 83 0.57 -16.43 49.13
CA TRP BA 83 -0.48 -16.24 50.13
C TRP BA 83 -0.02 -16.71 51.51
N TYR BA 84 0.60 -17.89 51.57
CA TYR BA 84 1.07 -18.42 52.84
C TYR BA 84 2.26 -19.36 52.65
N PHE CA 1 -3.00 12.25 2.10
CA PHE CA 1 -4.14 11.30 2.25
C PHE CA 1 -5.27 11.87 3.10
N ILE CA 2 -5.02 12.99 3.78
CA ILE CA 2 -6.05 13.54 4.65
C ILE CA 2 -7.25 13.99 3.82
N LEU CA 3 -7.00 14.63 2.68
CA LEU CA 3 -8.10 15.01 1.80
C LEU CA 3 -8.85 13.80 1.29
N ILE CA 4 -8.12 12.72 0.97
CA ILE CA 4 -8.75 11.48 0.56
C ILE CA 4 -9.66 10.96 1.66
N ILE CA 5 -9.15 10.96 2.90
CA ILE CA 5 -9.94 10.49 4.04
C ILE CA 5 -11.20 11.35 4.19
N LYS CA 6 -11.06 12.66 4.05
CA LYS CA 6 -12.21 13.56 4.19
C LYS CA 6 -13.23 13.31 3.09
N ASP CA 7 -12.77 12.97 1.89
CA ASP CA 7 -13.67 12.71 0.77
C ASP CA 7 -14.39 11.38 0.91
N ASN CA 8 -13.78 10.43 1.61
CA ASN CA 8 -14.32 9.07 1.69
C ASN CA 8 -14.86 8.71 3.06
N ILE CA 9 -14.73 9.59 4.05
CA ILE CA 9 -15.25 9.31 5.39
C ILE CA 9 -16.08 10.46 5.95
N ILE CA 10 -15.64 11.70 5.76
CA ILE CA 10 -16.26 12.85 6.41
C ILE CA 10 -17.33 13.49 5.53
N LEU CA 11 -17.07 13.60 4.23
CA LEU CA 11 -18.05 14.15 3.29
C LEU CA 11 -18.62 13.09 2.37
N TYR CA 12 -18.56 11.83 2.78
CA TYR CA 12 -19.17 10.73 2.05
C TYR CA 12 -20.65 10.65 2.40
N ASN CA 13 -21.51 10.77 1.39
CA ASN CA 13 -22.96 10.77 1.55
C ASN CA 13 -23.51 9.37 1.28
N ILE CA 14 -24.35 8.88 2.19
CA ILE CA 14 -25.01 7.58 2.06
C ILE CA 14 -26.49 7.77 2.35
N ASN CA 15 -27.33 6.93 1.75
CA ASN CA 15 -28.76 7.03 1.96
C ASN CA 15 -29.10 6.82 3.44
N ASP CA 16 -30.09 7.57 3.94
CA ASP CA 16 -30.47 7.47 5.34
C ASP CA 16 -31.43 6.32 5.62
N SER CA 17 -31.81 5.55 4.61
CA SER CA 17 -32.82 4.51 4.76
C SER CA 17 -32.22 3.11 4.90
N ILE CA 18 -30.92 3.00 5.09
CA ILE CA 18 -30.26 1.69 5.14
C ILE CA 18 -30.49 1.05 6.51
N ASN CA 19 -30.50 -0.29 6.54
CA ASN CA 19 -30.71 -1.06 7.76
C ASN CA 19 -29.38 -1.30 8.47
N TYR CA 20 -29.39 -2.15 9.50
CA TYR CA 20 -28.16 -2.57 10.15
C TYR CA 20 -27.44 -3.67 9.39
N LEU CA 21 -28.04 -4.20 8.33
CA LEU CA 21 -27.38 -5.14 7.45
C LEU CA 21 -26.38 -4.46 6.53
N TRP CA 22 -26.36 -3.14 6.51
CA TRP CA 22 -25.37 -2.34 5.81
C TRP CA 22 -24.20 -1.95 6.70
N ASN CA 23 -24.14 -2.51 7.91
CA ASN CA 23 -23.03 -2.33 8.83
C ASN CA 23 -22.12 -3.54 8.89
N ILE CA 24 -22.54 -4.65 8.31
CA ILE CA 24 -21.75 -5.88 8.30
C ILE CA 24 -20.37 -5.63 7.72
N GLY CA 25 -20.30 -4.85 6.63
CA GLY CA 25 -19.03 -4.61 5.99
C GLY CA 25 -18.05 -3.85 6.87
N TYR CA 26 -18.53 -2.85 7.61
CA TYR CA 26 -17.67 -2.16 8.55
C TYR CA 26 -17.07 -3.14 9.55
N ILE CA 27 -17.88 -4.08 10.03
CA ILE CA 27 -17.40 -5.05 11.00
C ILE CA 27 -16.33 -5.94 10.39
N ILE CA 28 -16.53 -6.39 9.14
CA ILE CA 28 -15.50 -7.21 8.50
C ILE CA 28 -14.17 -6.48 8.50
N MET CA 29 -14.18 -5.21 8.13
CA MET CA 29 -12.94 -4.46 8.03
C MET CA 29 -12.25 -4.35 9.38
N VAL CA 30 -13.03 -4.12 10.43
CA VAL CA 30 -12.45 -3.97 11.77
C VAL CA 30 -11.95 -5.31 12.29
N VAL CA 31 -12.76 -6.36 12.16
CA VAL CA 31 -12.34 -7.67 12.66
C VAL CA 31 -11.18 -8.21 11.84
N MET CA 32 -11.06 -7.78 10.58
CA MET CA 32 -9.93 -8.19 9.76
C MET CA 32 -8.63 -7.59 10.26
N ILE CA 33 -8.66 -6.29 10.57
CA ILE CA 33 -7.48 -5.64 11.13
C ILE CA 33 -7.06 -6.33 12.42
N VAL CA 34 -8.03 -6.69 13.26
CA VAL CA 34 -7.72 -7.35 14.52
C VAL CA 34 -7.04 -8.70 14.29
N GLN CA 35 -7.44 -9.40 13.23
CA GLN CA 35 -6.87 -10.71 12.97
C GLN CA 35 -5.43 -10.60 12.48
N VAL CA 36 -5.11 -9.55 11.73
CA VAL CA 36 -3.74 -9.32 11.29
C VAL CA 36 -2.86 -8.93 12.48
N ILE CA 37 -3.34 -8.01 13.31
CA ILE CA 37 -2.54 -7.54 14.44
C ILE CA 37 -2.25 -8.69 15.40
N THR CA 38 -3.29 -9.43 15.78
CA THR CA 38 -3.08 -10.53 16.71
C THR CA 38 -2.19 -11.60 16.11
N GLY CA 39 -2.30 -11.83 14.81
CA GLY CA 39 -1.44 -12.80 14.16
C GLY CA 39 0.02 -12.41 14.22
N ILE CA 40 0.31 -11.15 13.92
CA ILE CA 40 1.70 -10.68 13.97
C ILE CA 40 2.25 -10.75 15.39
N ILE CA 41 1.41 -10.42 16.38
CA ILE CA 41 1.88 -10.44 17.76
C ILE CA 41 2.09 -11.87 18.24
N ILE CA 42 1.20 -12.79 17.86
CA ILE CA 42 1.37 -14.20 18.21
C ILE CA 42 2.66 -14.73 17.62
N ASN CA 43 2.99 -14.29 16.40
CA ASN CA 43 4.20 -14.71 15.72
C ASN CA 43 5.45 -14.39 16.53
N LEU CA 44 5.38 -13.39 17.41
CA LEU CA 44 6.51 -13.00 18.23
C LEU CA 44 6.91 -14.08 19.22
N TYR CA 45 6.01 -15.01 19.51
CA TYR CA 45 6.23 -16.02 20.53
C TYR CA 45 6.08 -17.44 19.99
N MET CA 46 5.79 -17.59 18.71
CA MET CA 46 5.47 -18.88 18.11
C MET CA 46 6.67 -19.44 17.36
N ASN CA 47 6.88 -20.74 17.48
CA ASN CA 47 7.89 -21.47 16.73
C ASN CA 47 7.21 -22.46 15.81
N ILE CA 48 7.24 -22.20 14.50
CA ILE CA 48 6.51 -23.00 13.53
C ILE CA 48 7.16 -24.36 13.33
N ASN CA 49 8.26 -24.62 14.02
CA ASN CA 49 8.86 -25.94 13.96
C ASN CA 49 8.04 -26.97 14.72
N ASN CA 50 7.42 -26.57 15.82
CA ASN CA 50 6.39 -27.40 16.46
C ASN CA 50 5.34 -26.45 17.02
N GLY CA 51 4.23 -26.32 16.29
CA GLY CA 51 3.15 -25.44 16.68
C GLY CA 51 2.21 -26.03 17.70
N TYR CA 52 2.30 -27.34 17.94
CA TYR CA 52 1.57 -27.94 19.04
C TYR CA 52 2.16 -27.50 20.37
N LYS CA 53 3.47 -27.67 20.53
CA LYS CA 53 4.17 -27.20 21.72
C LYS CA 53 4.26 -25.69 21.78
N GLY CA 54 4.20 -25.03 20.62
CA GLY CA 54 4.26 -23.57 20.61
C GLY CA 54 3.00 -22.93 21.14
N ILE CA 55 1.84 -23.48 20.79
CA ILE CA 55 0.58 -22.95 21.29
C ILE CA 55 0.48 -23.17 22.80
N ILE CA 56 1.01 -24.29 23.29
CA ILE CA 56 1.01 -24.52 24.74
C ILE CA 56 1.86 -23.47 25.43
N TYR CA 57 3.03 -23.17 24.86
CA TYR CA 57 3.94 -22.21 25.49
C TYR CA 57 3.35 -20.80 25.49
N ILE CA 58 2.49 -20.49 24.52
CA ILE CA 58 1.85 -19.18 24.49
C ILE CA 58 0.80 -19.06 25.58
N ILE CA 59 -0.01 -20.11 25.76
CA ILE CA 59 -1.12 -20.05 26.70
C ILE CA 59 -0.68 -20.20 28.14
N LYS CA 60 0.51 -20.77 28.39
CA LYS CA 60 0.95 -21.05 29.76
C LYS CA 60 2.07 -20.13 30.24
N GLU CA 61 2.96 -19.69 29.36
CA GLU CA 61 4.13 -18.93 29.77
C GLU CA 61 4.05 -17.45 29.43
N ILE CA 62 3.53 -17.09 28.26
CA ILE CA 62 3.43 -15.69 27.88
C ILE CA 62 2.35 -15.01 28.72
N TYR CA 63 2.63 -13.80 29.15
CA TYR CA 63 1.67 -13.03 29.93
C TYR CA 63 0.54 -12.57 29.03
N TYR CA 64 -0.69 -12.96 29.37
CA TYR CA 64 -1.87 -12.66 28.58
C TYR CA 64 -1.79 -13.29 27.20
N GLY CA 65 -0.96 -14.33 27.06
CA GLY CA 65 -0.90 -15.03 25.79
C GLY CA 65 -2.20 -15.74 25.46
N TYR CA 66 -2.91 -16.23 26.47
CA TYR CA 66 -4.18 -16.88 26.23
C TYR CA 66 -5.13 -15.96 25.46
N ILE CA 67 -5.08 -14.67 25.75
CA ILE CA 67 -5.93 -13.72 25.02
C ILE CA 67 -5.60 -13.74 23.55
N LEU CA 68 -4.31 -13.68 23.22
CA LEU CA 68 -3.89 -13.68 21.83
C LEU CA 68 -4.29 -14.97 21.12
N ARG CA 69 -4.09 -16.11 21.79
CA ARG CA 69 -4.39 -17.39 21.17
C ARG CA 69 -5.88 -17.52 20.86
N TYR CA 70 -6.73 -17.23 21.86
CA TYR CA 70 -8.15 -17.41 21.68
C TYR CA 70 -8.79 -16.33 20.80
N ILE CA 71 -8.25 -15.10 20.82
CA ILE CA 71 -8.78 -14.07 19.92
C ILE CA 71 -8.51 -14.46 18.47
N HIS CA 72 -7.31 -14.96 18.20
CA HIS CA 72 -6.95 -15.27 16.82
C HIS CA 72 -7.75 -16.44 16.27
N ASN CA 73 -8.09 -17.40 17.13
CA ASN CA 73 -8.93 -18.52 16.70
C ASN CA 73 -10.39 -18.10 16.59
N ASN CA 74 -10.91 -17.41 17.62
CA ASN CA 74 -12.31 -17.05 17.63
C ASN CA 74 -12.63 -15.93 16.65
N ASN CA 75 -11.70 -14.99 16.45
CA ASN CA 75 -11.93 -13.90 15.50
C ASN CA 75 -11.93 -14.41 14.07
N SER CA 76 -11.33 -15.57 13.81
CA SER CA 76 -11.46 -16.19 12.50
C SER CA 76 -12.90 -16.65 12.28
N THR CA 77 -13.41 -17.47 13.19
CA THR CA 77 -14.83 -17.80 13.20
C THR CA 77 -15.67 -16.56 12.96
N LEU CA 78 -15.36 -15.48 13.67
CA LEU CA 78 -16.12 -14.24 13.51
C LEU CA 78 -15.98 -13.68 12.10
N ILE CA 79 -14.76 -13.67 11.56
CA ILE CA 79 -14.56 -13.16 10.20
C ILE CA 79 -15.47 -13.90 9.23
N TYR CA 80 -15.49 -15.22 9.30
CA TYR CA 80 -16.27 -16.01 8.35
C TYR CA 80 -17.77 -15.82 8.57
N VAL CA 81 -18.19 -15.69 9.82
CA VAL CA 81 -19.61 -15.43 10.09
C VAL CA 81 -20.05 -14.15 9.41
N VAL CA 82 -19.29 -13.07 9.62
CA VAL CA 82 -19.68 -11.77 9.10
C VAL CA 82 -19.61 -11.77 7.57
N VAL CA 83 -18.59 -12.42 7.00
CA VAL CA 83 -18.47 -12.49 5.55
C VAL CA 83 -19.63 -13.26 4.96
N TYR CA 84 -19.91 -14.45 5.49
CA TYR CA 84 -21.00 -15.27 4.97
C TYR CA 84 -22.34 -14.56 5.12
N LEU CA 85 -22.50 -13.77 6.18
CA LEU CA 85 -23.73 -13.00 6.37
C LEU CA 85 -23.77 -11.81 5.43
N HIS CA 86 -22.61 -11.28 5.08
CA HIS CA 86 -22.52 -10.20 4.12
C HIS CA 86 -22.92 -10.66 2.71
N ILE CA 87 -22.62 -11.92 2.38
CA ILE CA 87 -23.05 -12.48 1.11
C ILE CA 87 -24.55 -12.75 1.11
N ILE CA 88 -25.06 -13.33 2.20
CA ILE CA 88 -26.49 -13.60 2.28
C ILE CA 88 -27.28 -12.31 2.07
N ARG CA 89 -26.82 -11.22 2.69
CA ARG CA 89 -27.44 -9.93 2.48
C ARG CA 89 -27.41 -9.53 1.01
N ASN CA 90 -26.22 -9.60 0.41
CA ASN CA 90 -26.08 -9.17 -0.98
C ASN CA 90 -26.96 -9.98 -1.90
N LEU CA 91 -27.21 -11.24 -1.58
CA LEU CA 91 -28.11 -12.05 -2.38
C LEU CA 91 -29.55 -11.63 -2.18
N TYR CA 92 -29.95 -11.33 -0.94
CA TYR CA 92 -31.33 -10.98 -0.65
C TYR CA 92 -31.74 -9.70 -1.37
N TYR CA 93 -30.89 -8.68 -1.31
CA TYR CA 93 -31.19 -7.41 -1.96
C TYR CA 93 -30.63 -7.35 -3.37
N LYS CA 94 -30.13 -8.48 -3.88
CA LYS CA 94 -29.63 -8.58 -5.24
C LYS CA 94 -28.73 -7.39 -5.58
N THR CA 95 -27.72 -7.19 -4.73
CA THR CA 95 -26.80 -6.07 -4.88
C THR CA 95 -25.69 -6.37 -5.87
N TYR CA 96 -25.90 -7.38 -6.71
CA TYR CA 96 -24.98 -7.75 -7.78
C TYR CA 96 -25.52 -7.39 -9.16
N TYR CA 97 -26.75 -6.92 -9.24
CA TYR CA 97 -27.37 -6.68 -10.54
C TYR CA 97 -26.78 -5.47 -11.22
N TYR CA 98 -26.55 -4.38 -10.48
CA TYR CA 98 -25.97 -3.17 -11.04
C TYR CA 98 -24.60 -2.85 -10.47
N ASN CA 99 -24.18 -3.53 -9.42
CA ASN CA 99 -22.90 -3.28 -8.79
C ASN CA 99 -22.04 -4.54 -8.87
N ILE CA 100 -21.99 -5.13 -10.06
CA ILE CA 100 -21.25 -6.37 -10.25
C ILE CA 100 -19.77 -6.16 -9.94
N LEU CA 101 -19.23 -5.00 -10.31
CA LEU CA 101 -17.82 -4.73 -10.04
C LEU CA 101 -17.53 -4.84 -8.55
N ILE CA 102 -18.43 -4.35 -7.70
CA ILE CA 102 -18.27 -4.52 -6.26
C ILE CA 102 -18.34 -6.01 -5.92
N TRP CA 103 -19.27 -6.73 -6.54
CA TRP CA 103 -19.41 -8.15 -6.27
C TRP CA 103 -18.15 -8.91 -6.68
N TYR CA 104 -17.58 -8.56 -7.83
CA TYR CA 104 -16.36 -9.23 -8.28
C TYR CA 104 -15.20 -8.98 -7.32
N SER CA 105 -15.04 -7.73 -6.87
CA SER CA 105 -13.96 -7.43 -5.94
C SER CA 105 -14.13 -8.21 -4.65
N GLY CA 106 -15.37 -8.33 -4.17
CA GLY CA 106 -15.62 -9.10 -2.97
C GLY CA 106 -15.27 -10.57 -3.13
N MET CA 107 -15.67 -11.16 -4.26
CA MET CA 107 -15.41 -12.58 -4.47
C MET CA 107 -13.93 -12.87 -4.47
N ILE CA 108 -13.11 -11.96 -4.99
CA ILE CA 108 -11.67 -12.14 -4.94
C ILE CA 108 -11.21 -12.25 -3.49
N MET CA 109 -11.72 -11.39 -2.61
CA MET CA 109 -11.38 -11.50 -1.21
C MET CA 109 -11.88 -12.78 -0.59
N LEU CA 110 -13.04 -13.26 -1.03
CA LEU CA 110 -13.55 -14.55 -0.53
C LEU CA 110 -12.60 -15.68 -0.90
N TYR CA 111 -12.11 -15.70 -2.14
CA TYR CA 111 -11.18 -16.73 -2.54
C TYR CA 111 -9.92 -16.70 -1.68
N GLN CA 112 -9.38 -15.50 -1.46
CA GLN CA 112 -8.18 -15.37 -0.65
C GLN CA 112 -8.42 -15.83 0.77
N LEU CA 113 -9.58 -15.47 1.33
CA LEU CA 113 -9.90 -15.86 2.70
C LEU CA 113 -9.97 -17.37 2.84
N ILE CA 114 -10.52 -18.04 1.83
CA ILE CA 114 -10.66 -19.50 1.90
C ILE CA 114 -9.29 -20.16 1.98
N ILE CA 115 -8.27 -19.56 1.38
CA ILE CA 115 -6.93 -20.11 1.45
C ILE CA 115 -6.27 -19.76 2.78
N ILE CA 116 -6.46 -18.53 3.25
CA ILE CA 116 -5.81 -18.10 4.49
C ILE CA 116 -6.27 -18.97 5.66
N GLY CA 117 -7.59 -19.17 5.77
CA GLY CA 117 -8.10 -19.89 6.93
C GLY CA 117 -7.60 -21.32 6.98
N PHE CA 118 -7.66 -22.02 5.86
CA PHE CA 118 -7.24 -23.42 5.83
C PHE CA 118 -5.79 -23.56 6.28
N ILE CA 119 -4.89 -22.75 5.72
CA ILE CA 119 -3.49 -22.92 6.05
C ILE CA 119 -3.23 -22.55 7.50
N GLY CA 120 -3.98 -21.59 8.04
CA GLY CA 120 -3.82 -21.26 9.45
C GLY CA 120 -4.17 -22.41 10.36
N TYR CA 121 -5.16 -23.22 9.98
CA TYR CA 121 -5.50 -24.39 10.76
C TYR CA 121 -4.33 -25.35 10.86
N ILE CA 122 -3.60 -25.54 9.76
CA ILE CA 122 -2.48 -26.48 9.72
C ILE CA 122 -1.31 -26.00 10.56
N LEU CA 123 -1.20 -24.69 10.79
CA LEU CA 123 -0.15 -24.17 11.67
C LEU CA 123 -0.36 -24.60 13.11
N GLY CA 124 -1.57 -25.02 13.47
CA GLY CA 124 -1.80 -25.57 14.79
C GLY CA 124 -1.10 -26.87 15.04
N TRP CA 125 -0.78 -27.61 13.97
CA TRP CA 125 0.04 -28.81 14.07
C TRP CA 125 -0.58 -29.85 14.99
N GLY CA 126 -1.88 -30.08 14.81
CA GLY CA 126 -2.61 -31.10 15.54
C GLY CA 126 -3.18 -32.15 14.59
N GLN CA 127 -3.63 -33.26 15.19
CA GLN CA 127 -4.11 -34.40 14.42
C GLN CA 127 -5.03 -33.97 13.28
N LEU CA 128 -6.13 -33.29 13.62
CA LEU CA 128 -7.12 -32.94 12.60
C LEU CA 128 -6.50 -32.15 11.47
N SER CA 129 -5.67 -31.16 11.82
CA SER CA 129 -5.06 -30.32 10.80
C SER CA 129 -4.19 -31.13 9.86
N TYR CA 130 -3.35 -32.01 10.43
CA TYR CA 130 -2.44 -32.79 9.61
C TYR CA 130 -3.18 -33.68 8.65
N TRP CA 131 -4.16 -34.44 9.14
CA TRP CA 131 -4.87 -35.37 8.27
C TRP CA 131 -5.76 -34.64 7.29
N GLY CA 132 -6.27 -33.47 7.68
CA GLY CA 132 -7.12 -32.72 6.77
C GLY CA 132 -6.40 -32.25 5.53
N ILE CA 133 -5.21 -31.67 5.71
CA ILE CA 133 -4.42 -31.24 4.56
C ILE CA 133 -3.97 -32.44 3.74
N THR CA 134 -3.61 -33.53 4.42
CA THR CA 134 -3.24 -34.76 3.72
C THR CA 134 -4.37 -35.27 2.84
N VAL CA 135 -5.61 -34.95 3.17
CA VAL CA 135 -6.75 -35.38 2.35
C VAL CA 135 -7.00 -34.39 1.23
N ILE CA 136 -6.94 -33.09 1.51
CA ILE CA 136 -7.17 -32.09 0.47
C ILE CA 136 -6.08 -32.13 -0.58
N ILE CA 137 -4.82 -32.17 -0.15
CA ILE CA 137 -3.72 -32.14 -1.12
C ILE CA 137 -3.86 -33.29 -2.11
N ASN CA 138 -4.46 -34.40 -1.68
CA ASN CA 138 -4.62 -35.56 -2.54
C ASN CA 138 -5.82 -35.46 -3.48
N LEU CA 139 -6.38 -34.26 -3.64
CA LEU CA 139 -7.39 -34.03 -4.66
C LEU CA 139 -6.77 -33.55 -5.96
N ILE CA 140 -5.62 -32.89 -5.85
CA ILE CA 140 -4.84 -32.50 -7.00
C ILE CA 140 -3.77 -33.55 -7.28
N SER CA 141 -3.99 -34.76 -6.77
CA SER CA 141 -3.09 -35.88 -7.00
C SER CA 141 -3.09 -36.30 -8.46
N GLY CA 142 -4.06 -35.85 -9.23
CA GLY CA 142 -4.08 -36.19 -10.65
C GLY CA 142 -3.05 -35.41 -11.45
N ILE CA 143 -2.95 -34.11 -11.21
CA ILE CA 143 -1.92 -33.31 -11.86
C ILE CA 143 -0.59 -33.93 -11.48
N PRO CA 144 0.19 -34.44 -12.44
CA PRO CA 144 1.39 -35.20 -12.08
C PRO CA 144 2.41 -34.33 -11.36
N TYR CA 145 2.96 -34.86 -10.27
CA TYR CA 145 4.09 -34.31 -9.54
C TYR CA 145 3.77 -33.03 -8.77
N LEU CA 146 2.56 -32.47 -8.88
CA LEU CA 146 2.28 -31.21 -8.20
C LEU CA 146 2.14 -31.36 -6.70
N ILE CA 147 1.66 -32.51 -6.22
CA ILE CA 147 1.60 -32.72 -4.77
C ILE CA 147 3.00 -32.58 -4.17
N LEU CA 148 4.00 -33.13 -4.85
CA LEU CA 148 5.36 -33.09 -4.34
C LEU CA 148 5.89 -31.66 -4.29
N LEU CA 149 5.53 -30.84 -5.27
CA LEU CA 149 6.02 -29.46 -5.29
C LEU CA 149 5.38 -28.64 -4.19
N ILE CA 150 4.10 -28.88 -3.91
CA ILE CA 150 3.42 -28.14 -2.85
C ILE CA 150 3.85 -28.64 -1.48
N SER CA 151 3.92 -29.95 -1.31
CA SER CA 151 4.25 -30.51 0.00
C SER CA 151 5.71 -30.32 0.34
N GLY CA 152 6.60 -30.49 -0.64
CA GLY CA 152 8.03 -30.48 -0.38
C GLY CA 152 8.59 -31.79 0.10
N ASN CA 153 7.76 -32.82 0.20
CA ASN CA 153 8.20 -34.15 0.59
C ASN CA 153 7.13 -35.13 0.12
N TYR CA 154 7.34 -36.41 0.40
CA TYR CA 154 6.35 -37.41 0.05
C TYR CA 154 5.22 -37.50 1.07
N TYR CA 155 5.35 -36.78 2.18
CA TYR CA 155 4.29 -36.69 3.18
C TYR CA 155 4.42 -35.34 3.86
N ILE CA 156 3.30 -34.85 4.42
CA ILE CA 156 3.31 -33.55 5.07
C ILE CA 156 4.28 -33.56 6.24
N THR CA 157 5.18 -32.59 6.28
CA THR CA 157 6.17 -32.46 7.34
C THR CA 157 6.31 -30.98 7.68
N ILE CA 158 7.28 -30.65 8.54
CA ILE CA 158 7.54 -29.25 8.86
C ILE CA 158 7.93 -28.48 7.60
N VAL CA 159 8.50 -29.17 6.61
CA VAL CA 159 8.83 -28.54 5.33
C VAL CA 159 7.59 -27.87 4.75
N THR CA 160 6.44 -28.55 4.80
CA THR CA 160 5.22 -27.97 4.29
C THR CA 160 4.73 -26.83 5.18
N ILE CA 161 4.94 -26.95 6.49
CA ILE CA 161 4.50 -25.91 7.41
C ILE CA 161 5.29 -24.63 7.18
N LYS CA 162 6.59 -24.75 6.88
CA LYS CA 162 7.43 -23.57 6.74
C LYS CA 162 7.07 -22.75 5.51
N ARG CA 163 6.48 -23.37 4.50
CA ARG CA 163 6.11 -22.67 3.27
C ARG CA 163 4.69 -22.13 3.32
N LEU CA 164 3.75 -22.93 3.82
CA LEU CA 164 2.37 -22.45 3.95
C LEU CA 164 2.30 -21.28 4.93
N TYR CA 165 3.18 -21.27 5.92
CA TYR CA 165 3.23 -20.18 6.89
C TYR CA 165 3.51 -18.84 6.22
N ILE CA 166 4.36 -18.83 5.19
CA ILE CA 166 4.66 -17.60 4.49
C ILE CA 166 3.43 -17.13 3.71
N VAL CA 167 2.67 -18.05 3.14
CA VAL CA 167 1.42 -17.70 2.46
C VAL CA 167 0.42 -17.15 3.47
N HIS CA 168 0.42 -17.68 4.69
CA HIS CA 168 -0.50 -17.22 5.71
C HIS CA 168 -0.12 -15.86 6.26
N PHE CA 169 1.18 -15.55 6.25
CA PHE CA 169 1.68 -14.25 6.70
C PHE CA 169 1.40 -13.16 5.67
N ILE CA 170 1.57 -13.46 4.39
CA ILE CA 170 1.58 -12.45 3.35
C ILE CA 170 0.20 -12.27 2.71
N LEU CA 171 -0.50 -13.36 2.45
CA LEU CA 171 -1.79 -13.25 1.77
C LEU CA 171 -2.77 -12.32 2.48
N PRO CA 172 -2.81 -12.24 3.81
CA PRO CA 172 -3.71 -11.25 4.44
C PRO CA 172 -3.42 -9.81 4.09
N ILE CA 173 -2.15 -9.44 3.87
CA ILE CA 173 -1.86 -8.06 3.52
C ILE CA 173 -2.39 -7.74 2.13
N ILE CA 174 -2.33 -8.70 1.22
CA ILE CA 174 -2.89 -8.52 -0.11
C ILE CA 174 -4.41 -8.38 -0.02
N LEU CA 175 -5.04 -9.16 0.84
CA LEU CA 175 -6.47 -9.04 1.05
C LEU CA 175 -6.86 -7.62 1.44
N ILE CA 176 -6.06 -6.99 2.30
CA ILE CA 176 -6.32 -5.62 2.72
C ILE CA 176 -6.23 -4.67 1.53
N TYR CA 177 -5.35 -4.96 0.57
CA TYR CA 177 -5.28 -4.14 -0.63
C TYR CA 177 -6.52 -4.30 -1.49
N VAL CA 178 -7.01 -5.53 -1.62
CA VAL CA 178 -8.24 -5.74 -2.38
C VAL CA 178 -9.43 -5.10 -1.68
N GLU CA 179 -9.37 -4.98 -0.35
CA GLU CA 179 -10.41 -4.26 0.38
C GLU CA 179 -10.48 -2.80 -0.06
N ILE CA 180 -9.34 -2.21 -0.41
CA ILE CA 180 -9.33 -0.84 -0.92
C ILE CA 180 -9.98 -0.79 -2.30
N ILE CA 181 -9.68 -1.76 -3.16
CA ILE CA 181 -10.32 -1.82 -4.47
C ILE CA 181 -11.81 -1.99 -4.32
N HIS CA 182 -12.23 -2.67 -3.25
CA HIS CA 182 -13.64 -2.91 -2.97
C HIS CA 182 -14.33 -1.62 -2.52
N VAL CA 183 -13.73 -0.93 -1.55
CA VAL CA 183 -14.24 0.35 -1.09
C VAL CA 183 -14.14 1.42 -2.18
N TYR CA 184 -13.24 1.25 -3.14
CA TYR CA 184 -13.17 2.19 -4.25
C TYR CA 184 -14.40 2.11 -5.14
N TYR CA 185 -14.80 0.89 -5.50
CA TYR CA 185 -15.97 0.71 -6.35
C TYR CA 185 -17.24 1.10 -5.61
N ILE CA 186 -17.31 0.79 -4.33
CA ILE CA 186 -18.49 1.14 -3.54
C ILE CA 186 -18.69 2.66 -3.54
N HIS CA 187 -17.61 3.41 -3.39
CA HIS CA 187 -17.74 4.86 -3.32
C HIS CA 187 -18.04 5.45 -4.69
N TYR CA 188 -17.51 4.88 -5.76
CA TYR CA 188 -17.86 5.36 -7.10
C TYR CA 188 -19.25 4.88 -7.51
N LEU CA 189 -19.43 3.57 -7.56
CA LEU CA 189 -20.74 2.96 -7.80
C LEU CA 189 -21.50 3.01 -6.49
N ILE CA 190 -22.42 3.95 -6.37
CA ILE CA 190 -23.09 4.21 -5.10
C ILE CA 190 -23.73 2.94 -4.56
N ASN CA 191 -23.82 2.85 -3.24
CA ASN CA 191 -24.41 1.69 -2.59
C ASN CA 191 -25.88 1.57 -2.93
N ASN CA 192 -26.39 0.34 -2.83
CA ASN CA 192 -27.81 0.11 -3.02
C ASN CA 192 -28.57 0.40 -1.73
N ASN CA 193 -29.85 0.72 -1.89
CA ASN CA 193 -30.72 1.10 -0.79
C ASN CA 193 -31.68 -0.04 -0.48
N ILE CA 194 -32.45 0.13 0.60
CA ILE CA 194 -33.49 -0.83 0.90
C ILE CA 194 -34.62 -0.74 -0.12
N VAL CA 195 -34.73 0.39 -0.81
CA VAL CA 195 -35.70 0.58 -1.87
C VAL CA 195 -34.99 0.39 -3.21
N GLU CA 196 -35.73 -0.07 -4.21
CA GLU CA 196 -35.13 -0.42 -5.49
C GLU CA 196 -34.66 0.79 -6.29
N TYR CA 197 -35.25 1.96 -6.05
CA TYR CA 197 -34.92 3.14 -6.82
C TYR CA 197 -33.84 3.97 -6.14
N ASN CA 198 -33.51 5.12 -6.71
CA ASN CA 198 -32.51 6.04 -6.18
C ASN CA 198 -33.20 7.32 -5.73
N VAL CA 199 -32.95 7.71 -4.48
CA VAL CA 199 -33.66 8.81 -3.84
C VAL CA 199 -32.66 9.77 -3.20
N ASN CA 200 -33.05 11.06 -3.16
CA ASN CA 200 -32.25 12.13 -2.59
C ASN CA 200 -32.45 12.21 -1.07
N ASN CA 201 -31.91 11.20 -0.37
CA ASN CA 201 -32.04 11.12 1.08
C ASN CA 201 -30.70 10.85 1.76
N LYS CA 202 -29.60 11.30 1.16
CA LYS CA 202 -28.27 10.96 1.63
C LYS CA 202 -27.80 11.89 2.74
N ILE CA 203 -27.06 11.33 3.70
CA ILE CA 203 -26.52 12.05 4.85
C ILE CA 203 -25.05 11.68 5.01
N ILE CA 204 -24.26 12.60 5.58
CA ILE CA 204 -22.80 12.36 5.70
C ILE CA 204 -22.55 11.16 6.63
N PHE CA 205 -21.36 10.57 6.49
CA PHE CA 205 -21.04 9.28 7.11
C PHE CA 205 -20.52 9.41 8.54
N ASN CA 206 -19.58 10.32 8.79
CA ASN CA 206 -18.94 10.37 10.10
C ASN CA 206 -19.93 10.74 11.20
N ASN CA 207 -20.80 11.71 10.93
CA ASN CA 207 -21.71 12.20 11.96
C ASN CA 207 -22.88 11.26 12.21
N TYR CA 208 -23.28 10.44 11.24
CA TYR CA 208 -24.43 9.55 11.42
C TYR CA 208 -24.11 8.08 11.22
N ILE CA 209 -23.60 7.69 10.05
CA ILE CA 209 -23.48 6.26 9.73
C ILE CA 209 -22.41 5.60 10.59
N LEU CA 210 -21.36 6.34 10.96
CA LEU CA 210 -20.30 5.77 11.77
C LEU CA 210 -20.75 5.57 13.21
N VAL CA 211 -21.60 6.46 13.72
CA VAL CA 211 -22.16 6.27 15.06
C VAL CA 211 -23.01 5.02 15.10
N LYS CA 212 -23.85 4.83 14.08
CA LYS CA 212 -24.68 3.63 14.00
C LYS CA 212 -23.84 2.39 13.76
N ASP CA 213 -22.81 2.49 12.90
CA ASP CA 213 -21.96 1.34 12.63
C ASP CA 213 -21.19 0.91 13.88
N ASN CA 214 -20.89 1.85 14.76
CA ASN CA 214 -20.20 1.52 16.01
C ASN CA 214 -21.15 0.89 17.02
N ASN CA 215 -22.41 1.34 17.05
CA ASN CA 215 -23.40 0.66 17.88
C ASN CA 215 -23.50 -0.80 17.47
N GLY CA 216 -23.45 -1.06 16.18
CA GLY CA 216 -23.46 -2.43 15.71
C GLY CA 216 -22.22 -3.20 16.13
N ILE CA 217 -21.05 -2.62 15.91
CA ILE CA 217 -19.82 -3.35 16.21
C ILE CA 217 -19.68 -3.60 17.71
N ILE CA 218 -20.15 -2.66 18.54
CA ILE CA 218 -20.07 -2.85 19.98
C ILE CA 218 -21.06 -3.91 20.44
N PHE CA 219 -22.21 -4.03 19.76
CA PHE CA 219 -23.14 -5.12 20.05
C PHE CA 219 -22.48 -6.47 19.79
N ILE CA 220 -21.81 -6.60 18.65
CA ILE CA 220 -21.12 -7.85 18.31
C ILE CA 220 -19.97 -8.10 19.27
N LEU CA 221 -19.29 -7.04 19.72
CA LEU CA 221 -18.19 -7.20 20.65
C LEU CA 221 -18.66 -7.80 21.96
N ASN CA 222 -19.81 -7.35 22.48
CA ASN CA 222 -20.33 -7.93 23.71
C ASN CA 222 -20.45 -9.44 23.57
N ILE CA 223 -20.99 -9.89 22.44
CA ILE CA 223 -21.18 -11.32 22.20
C ILE CA 223 -19.83 -12.00 21.95
N PHE CA 224 -18.93 -11.35 21.22
CA PHE CA 224 -17.63 -11.96 20.95
C PHE CA 224 -16.77 -12.04 22.20
N ILE CA 225 -16.94 -11.12 23.13
CA ILE CA 225 -16.19 -11.17 24.39
C ILE CA 225 -16.65 -12.36 25.22
N LEU CA 226 -17.95 -12.65 25.19
CA LEU CA 226 -18.47 -13.79 25.94
C LEU CA 226 -17.93 -15.10 25.39
N GLU CA 227 -17.91 -15.24 24.07
CA GLU CA 227 -17.32 -16.44 23.47
C GLU CA 227 -15.82 -16.50 23.71
N LEU CA 228 -15.15 -15.35 23.65
CA LEU CA 228 -13.70 -15.32 23.78
C LEU CA 228 -13.24 -15.81 25.14
N ASN CA 229 -14.04 -15.59 26.17
CA ASN CA 229 -13.62 -15.90 27.53
C ASN CA 229 -14.39 -17.04 28.17
N ASN CA 230 -15.47 -17.53 27.56
CA ASN CA 230 -16.26 -18.57 28.18
C ASN CA 230 -16.70 -19.67 27.22
N ASN CA 231 -16.37 -19.59 25.95
CA ASN CA 231 -16.66 -20.65 24.98
C ASN CA 231 -18.14 -21.06 25.06
N ILE CA 232 -19.02 -20.08 24.88
CA ILE CA 232 -20.44 -20.37 24.92
C ILE CA 232 -20.85 -21.26 23.76
N PHE CA 233 -20.19 -21.11 22.61
CA PHE CA 233 -20.44 -21.95 21.44
C PHE CA 233 -19.16 -22.69 21.08
N ILE CA 234 -19.28 -23.98 20.78
CA ILE CA 234 -18.14 -24.79 20.34
C ILE CA 234 -17.84 -24.42 18.89
N ILE CA 235 -16.81 -23.62 18.67
CA ILE CA 235 -16.42 -23.18 17.34
C ILE CA 235 -15.09 -23.75 16.90
N ALA CA 236 -14.43 -24.54 17.74
CA ALA CA 236 -13.16 -25.18 17.44
C ALA CA 236 -13.24 -26.64 17.84
N ASP CA 237 -12.91 -27.52 16.90
CA ASP CA 237 -12.95 -28.96 17.18
C ASP CA 237 -11.85 -29.34 18.17
N ASN CA 238 -12.20 -30.23 19.09
CA ASN CA 238 -11.28 -30.61 20.17
C ASN CA 238 -10.14 -31.49 19.69
N ASP CA 239 -10.30 -32.16 18.56
CA ASP CA 239 -9.30 -33.13 18.11
C ASP CA 239 -8.07 -32.48 17.51
N ASN CA 240 -8.00 -31.16 17.50
CA ASN CA 240 -6.79 -30.45 17.10
C ASN CA 240 -5.82 -30.27 18.26
N LEU CA 241 -6.18 -30.75 19.45
CA LEU CA 241 -5.29 -30.77 20.61
C LEU CA 241 -4.72 -32.15 20.86
N ILE CA 242 -4.71 -33.01 19.85
CA ILE CA 242 -4.11 -34.34 19.92
C ILE CA 242 -2.83 -34.32 19.10
N GLU CA 243 -1.74 -34.79 19.69
CA GLU CA 243 -0.46 -34.78 19.01
C GLU CA 243 -0.54 -35.60 17.73
N ILE CA 244 0.11 -35.11 16.68
CA ILE CA 244 0.02 -35.77 15.37
C ILE CA 244 0.63 -37.16 15.45
N ASN CA 245 -0.08 -38.14 14.90
CA ASN CA 245 0.43 -39.49 14.74
C ASN CA 245 0.05 -39.96 13.34
N ILE CA 246 1.05 -40.11 12.48
CA ILE CA 246 0.76 -40.44 11.09
C ILE CA 246 0.18 -41.84 10.94
N LEU CA 247 0.32 -42.68 11.96
CA LEU CA 247 -0.14 -44.07 11.85
C LEU CA 247 -1.62 -44.20 12.15
N VAL CA 248 -2.16 -43.41 13.07
CA VAL CA 248 -3.55 -43.52 13.50
C VAL CA 248 -4.36 -42.43 12.82
N THR CA 249 -5.50 -42.82 12.25
CA THR CA 249 -6.39 -41.88 11.60
C THR CA 249 -7.39 -41.31 12.60
N PRO CA 250 -7.66 -40.00 12.57
CA PRO CA 250 -8.58 -39.42 13.55
C PRO CA 250 -9.97 -40.04 13.47
N ILE CA 251 -10.75 -39.86 14.54
CA ILE CA 251 -12.11 -40.39 14.58
C ILE CA 251 -12.92 -39.84 13.41
N HIS CA 252 -12.73 -38.57 13.08
CA HIS CA 252 -13.39 -37.93 11.95
C HIS CA 252 -12.50 -36.83 11.42
N ILE CA 253 -12.19 -36.87 10.13
CA ILE CA 253 -11.34 -35.86 9.49
C ILE CA 253 -12.29 -34.83 8.88
N ILE CA 254 -12.58 -33.77 9.63
CA ILE CA 254 -13.47 -32.71 9.18
C ILE CA 254 -12.74 -31.38 9.29
N PRO CA 255 -13.14 -30.38 8.50
CA PRO CA 255 -12.56 -29.05 8.64
C PRO CA 255 -13.25 -28.23 9.72
N GLU CA 256 -12.88 -26.95 9.85
CA GLU CA 256 -13.64 -26.04 10.69
C GLU CA 256 -15.04 -25.85 10.12
N TRP CA 257 -15.93 -25.34 10.97
CA TRP CA 257 -17.33 -25.24 10.57
C TRP CA 257 -17.50 -24.45 9.29
N TYR CA 258 -16.64 -23.46 9.05
CA TYR CA 258 -16.76 -22.63 7.85
C TYR CA 258 -16.15 -23.27 6.61
N TYR CA 259 -15.84 -24.56 6.64
CA TYR CA 259 -15.47 -25.27 5.43
C TYR CA 259 -16.30 -26.52 5.26
N LEU CA 260 -17.37 -26.67 6.04
CA LEU CA 260 -18.18 -27.88 6.04
C LEU CA 260 -19.10 -27.97 4.84
N TYR CA 261 -19.49 -26.83 4.26
CA TYR CA 261 -20.32 -26.86 3.06
C TYR CA 261 -19.57 -27.55 1.92
N TRP CA 262 -18.31 -27.19 1.72
CA TRP CA 262 -17.53 -27.76 0.63
C TRP CA 262 -16.99 -29.14 0.97
N TYR CA 263 -16.78 -29.42 2.27
CA TYR CA 263 -16.42 -30.77 2.69
C TYR CA 263 -17.53 -31.76 2.37
N SER CA 264 -18.78 -31.37 2.62
CA SER CA 264 -19.90 -32.23 2.32
C SER CA 264 -20.03 -32.47 0.83
N ILE CA 265 -19.92 -31.42 0.03
CA ILE CA 265 -19.99 -31.56 -1.42
C ILE CA 265 -18.99 -32.60 -1.90
N LEU CA 266 -17.79 -32.59 -1.31
CA LEU CA 266 -16.74 -33.51 -1.70
C LEU CA 266 -16.96 -34.93 -1.16
N LYS CA 267 -17.72 -35.07 -0.07
CA LYS CA 267 -17.98 -36.39 0.49
C LYS CA 267 -19.26 -37.00 -0.04
N LEU CA 268 -20.08 -36.22 -0.75
CA LEU CA 268 -21.36 -36.69 -1.27
C LEU CA 268 -21.22 -37.21 -2.70
N LEU CA 269 -20.55 -36.47 -3.55
CA LEU CA 269 -20.40 -36.87 -4.94
C LEU CA 269 -19.52 -38.11 -5.05
N PRO CA 270 -19.85 -39.05 -5.94
CA PRO CA 270 -19.14 -40.34 -5.97
C PRO CA 270 -17.77 -40.32 -6.64
N ASN CA 271 -17.46 -39.33 -7.47
CA ASN CA 271 -16.14 -39.20 -8.09
C ASN CA 271 -15.40 -38.02 -7.46
N LYS CA 272 -14.12 -38.23 -7.12
CA LYS CA 272 -13.37 -37.21 -6.40
C LYS CA 272 -13.35 -35.90 -7.16
N TYR CA 273 -13.11 -35.96 -8.47
CA TYR CA 273 -12.98 -34.72 -9.24
C TYR CA 273 -14.34 -34.05 -9.41
N SER CA 274 -15.40 -34.84 -9.61
CA SER CA 274 -16.73 -34.28 -9.65
C SER CA 274 -16.99 -33.44 -8.41
N GLY CA 275 -16.57 -33.94 -7.25
CA GLY CA 275 -16.73 -33.18 -6.03
C GLY CA 275 -15.92 -31.88 -6.04
N LEU CA 276 -14.65 -31.97 -6.41
CA LEU CA 276 -13.85 -30.77 -6.56
C LEU CA 276 -14.52 -29.81 -7.53
N TYR CA 277 -15.05 -30.34 -8.64
CA TYR CA 277 -15.66 -29.49 -9.66
C TYR CA 277 -16.94 -28.84 -9.16
N ILE CA 278 -17.74 -29.55 -8.36
CA ILE CA 278 -18.96 -28.96 -7.82
C ILE CA 278 -18.65 -27.90 -6.77
N VAL CA 279 -17.47 -27.97 -6.15
CA VAL CA 279 -17.04 -26.89 -5.27
C VAL CA 279 -16.69 -25.66 -6.08
N VAL CA 280 -16.06 -25.84 -7.24
CA VAL CA 280 -15.79 -24.72 -8.14
C VAL CA 280 -17.09 -24.08 -8.58
N ASN CA 281 -18.07 -24.90 -8.93
CA ASN CA 281 -19.35 -24.37 -9.37
C ASN CA 281 -19.98 -23.49 -8.31
N SER CA 282 -19.87 -23.88 -7.05
CA SER CA 282 -20.50 -23.11 -5.97
C SER CA 282 -19.91 -21.72 -5.87
N ILE CA 283 -18.59 -21.60 -6.05
CA ILE CA 283 -17.92 -20.31 -5.87
C ILE CA 283 -17.70 -19.59 -7.19
N SER CA 284 -18.30 -20.07 -8.26
CA SER CA 284 -18.17 -19.41 -9.57
C SER CA 284 -19.50 -19.07 -10.19
N ILE CA 285 -20.50 -19.95 -10.08
CA ILE CA 285 -21.78 -19.70 -10.73
C ILE CA 285 -22.47 -18.50 -10.12
N ILE CA 286 -22.17 -18.18 -8.87
CA ILE CA 286 -22.86 -17.12 -8.15
C ILE CA 286 -22.40 -15.76 -8.66
N ASN CA 287 -21.41 -15.76 -9.55
CA ASN CA 287 -20.89 -14.52 -10.11
C ASN CA 287 -21.53 -14.16 -11.43
N ILE CA 288 -22.50 -14.94 -11.91
CA ILE CA 288 -23.15 -14.66 -13.18
C ILE CA 288 -24.67 -14.77 -13.09
N LEU CA 289 -25.24 -14.47 -11.93
CA LEU CA 289 -26.65 -14.75 -11.71
C LEU CA 289 -27.59 -13.71 -12.29
N SER CA 290 -27.06 -12.65 -12.88
CA SER CA 290 -27.89 -11.61 -13.48
C SER CA 290 -27.49 -11.35 -14.92
N GLU CA 291 -26.58 -12.15 -15.46
CA GLU CA 291 -25.99 -11.85 -16.75
C GLU CA 291 -26.93 -12.17 -17.91
N TYR CA 292 -27.79 -13.18 -17.77
CA TYR CA 292 -28.63 -13.60 -18.86
C TYR CA 292 -30.01 -12.96 -18.84
N LYS CA 293 -30.29 -12.11 -17.87
CA LYS CA 293 -31.59 -11.47 -17.77
C LYS CA 293 -31.74 -10.39 -18.84
N ILE CA 294 -32.99 -10.08 -19.18
CA ILE CA 294 -33.25 -9.16 -20.29
C ILE CA 294 -34.33 -8.12 -19.98
N VAL CA 295 -34.90 -8.14 -18.78
CA VAL CA 295 -35.99 -7.23 -18.44
C VAL CA 295 -35.41 -6.04 -17.71
N ILE CA 296 -36.11 -4.90 -17.79
CA ILE CA 296 -35.69 -3.72 -17.05
C ILE CA 296 -36.26 -3.85 -15.65
N SER CA 297 -35.57 -4.61 -14.82
CA SER CA 297 -35.92 -4.85 -13.42
C SER CA 297 -34.73 -5.52 -12.77
N GLU CA 298 -34.60 -5.34 -11.45
CA GLU CA 298 -33.54 -6.00 -10.71
C GLU CA 298 -34.05 -7.15 -9.87
N TYR CA 299 -35.30 -7.59 -10.08
CA TYR CA 299 -35.85 -8.73 -9.36
C TYR CA 299 -35.66 -8.54 -7.86
N LYS CA 300 -36.00 -7.35 -7.37
CA LYS CA 300 -35.69 -6.99 -5.98
C LYS CA 300 -36.96 -6.66 -5.22
N ASN CA 301 -36.99 -7.08 -3.96
CA ASN CA 301 -38.07 -6.80 -3.03
C ASN CA 301 -39.34 -7.59 -3.37
N TYR CA 302 -39.17 -8.74 -4.02
CA TYR CA 302 -40.21 -9.73 -4.12
C TYR CA 302 -40.16 -10.61 -2.88
N LYS CA 303 -40.91 -11.71 -2.87
CA LYS CA 303 -40.93 -12.55 -1.68
C LYS CA 303 -39.62 -13.29 -1.45
N ASN CA 304 -38.73 -13.33 -2.45
CA ASN CA 304 -37.41 -13.94 -2.31
C ASN CA 304 -37.51 -15.38 -1.82
N ILE CA 305 -38.47 -16.12 -2.37
CA ILE CA 305 -38.64 -17.52 -1.97
C ILE CA 305 -37.42 -18.33 -2.40
N ILE CA 306 -36.92 -18.10 -3.61
CA ILE CA 306 -35.75 -18.82 -4.08
C ILE CA 306 -34.55 -18.53 -3.17
N TRP CA 307 -34.42 -17.30 -2.72
CA TRP CA 307 -33.32 -16.96 -1.82
C TRP CA 307 -33.38 -17.75 -0.52
N TYR CA 308 -34.57 -17.84 0.07
CA TYR CA 308 -34.70 -18.53 1.35
C TYR CA 308 -34.31 -19.98 1.23
N ASN CA 309 -34.72 -20.64 0.16
CA ASN CA 309 -34.39 -22.05 -0.01
C ASN CA 309 -32.90 -22.23 -0.27
N GLN CA 310 -32.23 -21.23 -0.82
CA GLN CA 310 -30.79 -21.32 -1.01
C GLN CA 310 -30.06 -21.20 0.33
N ILE CA 311 -30.46 -20.23 1.15
CA ILE CA 311 -29.79 -20.05 2.44
C ILE CA 311 -29.95 -21.29 3.30
N ILE CA 312 -31.11 -21.94 3.24
CA ILE CA 312 -31.33 -23.15 4.01
C ILE CA 312 -30.51 -24.31 3.43
N GLN CA 313 -30.37 -24.36 2.11
CA GLN CA 313 -29.53 -25.39 1.49
C GLN CA 313 -28.12 -25.35 2.06
N TYR CA 314 -27.58 -24.14 2.26
CA TYR CA 314 -26.24 -24.00 2.82
C TYR CA 314 -26.18 -24.58 4.24
N ILE CA 315 -27.15 -24.20 5.08
CA ILE CA 315 -27.17 -24.65 6.46
C ILE CA 315 -27.31 -26.16 6.52
N SER CA 316 -28.18 -26.71 5.67
CA SER CA 316 -28.45 -28.15 5.71
C SER CA 316 -27.23 -28.95 5.27
N MET CA 317 -26.48 -28.43 4.29
CA MET CA 317 -25.27 -29.10 3.85
C MET CA 317 -24.19 -29.08 4.93
N ILE CA 318 -24.12 -28.00 5.70
CA ILE CA 318 -23.18 -27.93 6.82
C ILE CA 318 -23.52 -28.99 7.85
N TYR CA 319 -24.80 -29.24 8.07
CA TYR CA 319 -25.21 -30.29 8.99
C TYR CA 319 -24.74 -31.66 8.50
N ILE CA 320 -25.05 -31.98 7.24
CA ILE CA 320 -24.65 -33.27 6.68
C ILE CA 320 -23.15 -33.47 6.81
N GLY CA 321 -22.38 -32.39 6.73
CA GLY CA 321 -20.93 -32.51 6.85
C GLY CA 321 -20.48 -32.95 8.23
N ILE CA 322 -21.10 -32.41 9.27
CA ILE CA 322 -20.80 -32.85 10.63
C ILE CA 322 -21.07 -34.33 10.77
N GLN CA 323 -22.20 -34.80 10.25
CA GLN CA 323 -22.59 -36.19 10.43
C GLN CA 323 -21.57 -37.11 9.77
N LEU CA 324 -21.38 -38.28 10.36
CA LEU CA 324 -20.49 -39.28 9.79
C LEU CA 324 -21.04 -39.70 8.44
N PRO CA 325 -20.27 -40.45 7.62
CA PRO CA 325 -20.74 -40.82 6.28
C PRO CA 325 -21.80 -41.92 6.24
N ILE CA 326 -22.84 -41.78 7.08
CA ILE CA 326 -23.94 -42.75 7.02
C ILE CA 326 -24.57 -42.68 5.63
N ILE CA 327 -24.90 -43.83 5.05
CA ILE CA 327 -25.42 -43.85 3.69
C ILE CA 327 -26.65 -42.97 3.56
N GLU CA 328 -27.53 -43.02 4.56
CA GLU CA 328 -28.78 -42.26 4.48
C GLU CA 328 -28.50 -40.77 4.25
N TYR CA 329 -27.53 -40.21 4.99
CA TYR CA 329 -27.20 -38.80 4.85
C TYR CA 329 -26.65 -38.48 3.47
N ILE CA 330 -25.99 -39.46 2.83
CA ILE CA 330 -25.42 -39.24 1.50
C ILE CA 330 -26.53 -39.13 0.46
N ASN CA 331 -27.53 -40.00 0.53
CA ASN CA 331 -28.63 -39.94 -0.41
C ASN CA 331 -29.39 -38.63 -0.26
N TYR CA 332 -29.73 -38.27 0.97
CA TYR CA 332 -30.45 -37.03 1.21
C TYR CA 332 -29.63 -35.83 0.78
N GLY CA 333 -28.32 -35.88 0.99
CA GLY CA 333 -27.47 -34.78 0.61
C GLY CA 333 -27.31 -34.63 -0.89
N ARG CA 334 -27.38 -35.73 -1.63
CA ARG CA 334 -27.33 -35.66 -3.08
C ARG CA 334 -28.57 -34.98 -3.64
N TYR CA 335 -29.73 -35.18 -2.98
CA TYR CA 335 -30.95 -34.49 -3.38
C TYR CA 335 -30.84 -32.99 -3.12
N ILE CA 336 -30.18 -32.61 -2.01
CA ILE CA 336 -30.01 -31.20 -1.68
C ILE CA 336 -29.11 -30.52 -2.71
N ILE CA 337 -28.13 -31.27 -3.26
CA ILE CA 337 -27.27 -30.72 -4.30
C ILE CA 337 -28.05 -30.56 -5.60
N ILE CA 338 -28.87 -31.54 -5.96
CA ILE CA 338 -29.70 -31.44 -7.16
C ILE CA 338 -30.63 -30.23 -7.03
N PHE CA 339 -31.19 -30.04 -5.84
CA PHE CA 339 -32.09 -28.91 -5.59
C PHE CA 339 -31.36 -27.58 -5.73
N ASN CA 340 -30.11 -27.52 -5.26
CA ASN CA 340 -29.32 -26.29 -5.40
C ASN CA 340 -29.07 -25.96 -6.87
N ILE CA 341 -28.75 -26.96 -7.68
CA ILE CA 341 -28.57 -26.70 -9.11
C ILE CA 341 -29.84 -26.11 -9.69
N LEU CA 342 -31.00 -26.64 -9.29
CA LEU CA 342 -32.27 -26.15 -9.83
C LEU CA 342 -32.55 -24.72 -9.38
N LEU CA 343 -32.32 -24.41 -8.11
CA LEU CA 343 -32.53 -23.05 -7.63
C LEU CA 343 -31.61 -22.07 -8.34
N LEU CA 344 -30.38 -22.50 -8.63
CA LEU CA 344 -29.43 -21.63 -9.30
C LEU CA 344 -29.79 -21.45 -10.76
N ILE CA 345 -30.40 -22.46 -11.37
CA ILE CA 345 -30.92 -22.33 -12.73
C ILE CA 345 -32.07 -21.33 -12.76
N MET CA 346 -32.91 -21.32 -11.71
CA MET CA 346 -34.01 -20.39 -11.65
C MET CA 346 -33.52 -18.94 -11.67
N TYR CA 347 -32.48 -18.65 -10.89
CA TYR CA 347 -31.90 -17.31 -10.91
C TYR CA 347 -31.37 -16.96 -12.29
N LEU CA 348 -30.70 -17.92 -12.95
CA LEU CA 348 -30.01 -17.63 -14.20
C LEU CA 348 -30.97 -17.41 -15.36
N TYR CA 349 -32.06 -18.16 -15.42
CA TYR CA 349 -32.85 -18.23 -16.65
C TYR CA 349 -33.66 -16.94 -16.89
N PRO CA 350 -33.59 -16.37 -18.09
CA PRO CA 350 -34.50 -15.28 -18.45
C PRO CA 350 -35.87 -15.83 -18.79
N LYS CA 351 -36.88 -14.95 -18.75
CA LYS CA 351 -38.26 -15.38 -18.91
C LYS CA 351 -38.78 -15.07 -20.31
N LYS CA 352 -39.63 -15.95 -20.82
CA LYS CA 352 -40.29 -15.75 -22.10
C LYS CA 352 -41.53 -14.88 -21.85
N LYS CA 353 -42.24 -14.50 -22.91
CA LYS CA 353 -43.44 -13.68 -22.76
C LYS CA 353 -44.69 -14.50 -23.07
N LYS CA 354 -45.74 -14.28 -22.29
CA LYS CA 354 -47.02 -14.97 -22.49
C LYS CA 354 -47.63 -14.58 -23.82
N HIS DA 1 -20.11 8.16 -19.56
CA HIS DA 1 -20.68 7.09 -18.75
C HIS DA 1 -19.64 6.01 -18.48
N ARG DA 2 -19.78 5.34 -17.34
CA ARG DA 2 -18.86 4.31 -16.92
C ARG DA 2 -18.96 3.12 -17.85
N PRO DA 3 -17.99 2.20 -17.80
CA PRO DA 3 -18.15 0.94 -18.53
C PRO DA 3 -19.51 0.34 -18.26
N THR DA 4 -20.37 0.26 -19.26
CA THR DA 4 -21.74 -0.20 -19.06
C THR DA 4 -22.19 -1.02 -20.27
N THR DA 5 -23.26 -1.78 -20.05
CA THR DA 5 -23.80 -2.67 -21.08
C THR DA 5 -25.31 -2.79 -20.92
N VAL DA 6 -26.01 -2.85 -22.05
CA VAL DA 6 -27.44 -3.07 -22.11
C VAL DA 6 -27.70 -4.30 -22.96
N LYS DA 7 -28.66 -5.13 -22.53
CA LYS DA 7 -28.94 -6.37 -23.23
C LYS DA 7 -29.81 -6.12 -24.47
N MET DA 8 -29.38 -5.18 -25.31
CA MET DA 8 -30.12 -4.83 -26.52
C MET DA 8 -29.73 -5.82 -27.61
N ILE DA 9 -30.37 -6.99 -27.56
CA ILE DA 9 -30.05 -8.10 -28.43
C ILE DA 9 -31.34 -8.64 -29.04
N ASP DA 10 -31.19 -9.38 -30.14
CA ASP DA 10 -32.30 -10.08 -30.78
C ASP DA 10 -32.41 -11.45 -30.13
N SER DA 11 -33.40 -11.62 -29.25
CA SER DA 11 -33.54 -12.87 -28.53
C SER DA 11 -34.02 -13.98 -29.45
N TRP DA 12 -33.69 -15.22 -29.07
CA TRP DA 12 -34.15 -16.40 -29.79
C TRP DA 12 -35.43 -16.96 -29.20
N ARG DA 13 -35.80 -16.56 -28.00
CA ARG DA 13 -36.94 -17.11 -27.30
C ARG DA 13 -37.96 -16.08 -26.85
N THR DA 14 -37.59 -14.82 -26.68
CA THR DA 14 -38.48 -13.78 -26.19
C THR DA 14 -38.72 -12.73 -27.27
N GLU DA 15 -39.98 -12.31 -27.43
CA GLU DA 15 -40.37 -11.39 -28.48
C GLU DA 15 -40.08 -9.94 -28.07
N PRO DA 16 -39.91 -9.05 -29.03
CA PRO DA 16 -39.72 -7.63 -28.70
C PRO DA 16 -41.01 -7.00 -28.18
N SER DA 17 -40.85 -5.84 -27.56
CA SER DA 17 -42.00 -5.13 -27.01
C SER DA 17 -42.97 -4.72 -28.10
N SER DA 18 -42.47 -4.39 -29.29
CA SER DA 18 -43.34 -3.95 -30.37
C SER DA 18 -44.29 -5.07 -30.82
N GLU DA 19 -43.92 -6.32 -30.60
CA GLU DA 19 -44.76 -7.45 -30.96
C GLU DA 19 -45.70 -7.84 -29.83
N LYS DA 20 -45.18 -7.91 -28.60
CA LYS DA 20 -45.95 -8.29 -27.42
C LYS DA 20 -45.69 -7.31 -26.28
N PRO DA 21 -46.41 -6.20 -26.22
CA PRO DA 21 -46.26 -5.30 -25.08
C PRO DA 21 -46.65 -6.01 -23.78
N MET DA 22 -45.85 -5.78 -22.75
CA MET DA 22 -46.12 -6.36 -21.44
C MET DA 22 -46.94 -5.44 -20.54
N TRP DA 23 -47.09 -4.18 -20.90
CA TRP DA 23 -47.92 -3.25 -20.15
C TRP DA 23 -49.36 -3.35 -20.62
N TYR DA 24 -50.25 -2.77 -19.82
CA TYR DA 24 -51.67 -2.67 -20.20
C TYR DA 24 -51.77 -1.62 -21.31
N ASN DA 25 -51.91 -2.08 -22.54
CA ASN DA 25 -51.71 -1.23 -23.71
C ASN DA 25 -53.01 -0.51 -24.07
N ARG DA 26 -53.39 0.41 -23.19
CA ARG DA 26 -54.50 1.32 -23.44
C ARG DA 26 -54.06 2.71 -23.02
N PHE DA 27 -53.95 3.62 -23.98
CA PHE DA 27 -53.50 4.97 -23.74
C PHE DA 27 -54.47 5.97 -24.33
N ASP DA 28 -54.46 7.18 -23.79
CA ASP DA 28 -55.24 8.29 -24.29
C ASP DA 28 -54.30 9.25 -25.01
N GLN DA 29 -54.66 9.61 -26.24
CA GLN DA 29 -53.85 10.48 -27.08
C GLN DA 29 -54.50 11.85 -27.22
N VAL DA 30 -53.70 12.90 -27.13
CA VAL DA 30 -54.16 14.27 -27.23
C VAL DA 30 -53.41 14.95 -28.36
N ASP DA 31 -53.94 16.09 -28.80
CA ASP DA 31 -53.27 16.86 -29.84
C ASP DA 31 -52.09 17.64 -29.29
N HIS DA 32 -52.17 18.10 -28.05
CA HIS DA 32 -51.10 18.85 -27.41
C HIS DA 32 -51.02 18.43 -25.95
N ILE DA 33 -49.82 18.49 -25.38
CA ILE DA 33 -49.61 17.97 -24.03
C ILE DA 33 -50.49 18.71 -23.03
N SER DA 34 -50.81 19.98 -23.31
CA SER DA 34 -51.61 20.76 -22.38
C SER DA 34 -53.03 20.22 -22.25
N GLN DA 35 -53.50 19.45 -23.23
CA GLN DA 35 -54.87 18.96 -23.22
C GLN DA 35 -55.06 17.76 -22.30
N HIS DA 36 -53.98 17.18 -21.77
CA HIS DA 36 -54.11 16.11 -20.81
C HIS DA 36 -54.77 16.61 -19.53
N PRO DA 37 -55.57 15.78 -18.87
CA PRO DA 37 -56.14 16.19 -17.58
C PRO DA 37 -55.06 16.38 -16.54
N ASP DA 38 -55.28 17.34 -15.64
CA ASP DA 38 -54.32 17.65 -14.60
C ASP DA 38 -54.48 16.70 -13.43
N PRO DA 39 -53.46 15.94 -13.06
CA PRO DA 39 -53.61 15.02 -11.92
C PRO DA 39 -53.90 15.71 -10.60
N GLU DA 40 -53.32 16.88 -10.37
CA GLU DA 40 -53.48 17.53 -9.08
C GLU DA 40 -54.89 18.07 -8.90
N LYS DA 41 -55.57 18.43 -9.98
CA LYS DA 41 -56.92 18.98 -9.92
C LYS DA 41 -57.98 17.96 -10.32
N THR DA 42 -57.62 16.67 -10.38
CA THR DA 42 -58.54 15.61 -10.76
C THR DA 42 -58.93 14.82 -9.53
N GLU DA 43 -60.23 14.55 -9.38
CA GLU DA 43 -60.68 13.74 -8.27
C GLU DA 43 -60.18 12.31 -8.41
N LYS DA 44 -59.72 11.74 -7.31
CA LYS DA 44 -59.18 10.39 -7.30
C LYS DA 44 -60.28 9.40 -6.93
N TYR DA 45 -59.94 8.12 -7.00
CA TYR DA 45 -60.90 7.09 -6.63
C TYR DA 45 -61.25 7.20 -5.15
N PRO DA 46 -62.48 6.91 -4.78
CA PRO DA 46 -62.92 7.14 -3.40
C PRO DA 46 -62.11 6.33 -2.41
N PRO DA 47 -61.80 6.90 -1.25
CA PRO DA 47 -61.07 6.13 -0.23
C PRO DA 47 -61.89 4.98 0.32
N VAL DA 48 -61.18 3.94 0.76
CA VAL DA 48 -61.80 2.75 1.32
C VAL DA 48 -61.35 2.62 2.78
N ASP DA 49 -62.11 1.82 3.54
CA ASP DA 49 -61.83 1.59 4.95
C ASP DA 49 -61.27 0.21 5.25
N ASP DA 50 -61.28 -0.70 4.27
CA ASP DA 50 -60.79 -2.06 4.44
C ASP DA 50 -59.87 -2.39 3.28
N THR DA 51 -58.79 -3.11 3.57
CA THR DA 51 -57.84 -3.45 2.51
C THR DA 51 -58.44 -4.37 1.47
N ARG DA 52 -59.54 -5.04 1.80
CA ARG DA 52 -60.22 -5.94 0.87
C ARG DA 52 -61.18 -5.21 -0.04
N LYS DA 53 -61.33 -3.89 0.13
CA LYS DA 53 -62.12 -3.05 -0.75
C LYS DA 53 -61.27 -2.27 -1.74
N LEU DA 54 -59.96 -2.19 -1.53
CA LEU DA 54 -59.07 -1.51 -2.46
C LEU DA 54 -59.27 -2.05 -3.87
N MET DA 55 -59.31 -1.13 -4.83
CA MET DA 55 -59.65 -1.45 -6.20
C MET DA 55 -58.74 -2.55 -6.77
N LYS DA 56 -59.18 -3.13 -7.88
CA LYS DA 56 -58.37 -4.10 -8.61
C LYS DA 56 -57.34 -3.39 -9.46
N THR DA 57 -56.34 -4.16 -9.88
CA THR DA 57 -55.15 -3.63 -10.53
C THR DA 57 -55.07 -4.17 -11.96
N ARG DA 58 -54.76 -3.29 -12.90
CA ARG DA 58 -54.82 -3.64 -14.32
C ARG DA 58 -53.72 -4.60 -14.75
N GLY DA 59 -52.69 -4.80 -13.94
CA GLY DA 59 -51.59 -5.64 -14.35
C GLY DA 59 -52.02 -7.09 -14.53
N ASP DA 60 -51.30 -7.79 -15.40
CA ASP DA 60 -51.53 -9.21 -15.63
C ASP DA 60 -50.49 -9.99 -14.86
N PRO DA 61 -50.85 -10.74 -13.82
CA PRO DA 61 -49.83 -11.44 -13.04
C PRO DA 61 -49.02 -12.42 -13.86
N HIS DA 62 -49.58 -12.95 -14.95
CA HIS DA 62 -48.97 -14.02 -15.72
C HIS DA 62 -48.46 -13.52 -17.06
N ILE DA 63 -47.95 -12.29 -17.10
CA ILE DA 63 -47.52 -11.69 -18.36
C ILE DA 63 -46.29 -12.42 -18.92
N MET DA 64 -45.49 -13.04 -18.05
CA MET DA 64 -44.25 -13.69 -18.43
C MET DA 64 -44.30 -15.16 -18.03
N ARG DA 65 -43.65 -16.02 -18.82
CA ARG DA 65 -43.72 -17.46 -18.64
C ARG DA 65 -42.32 -18.07 -18.67
N GLY DA 66 -42.25 -19.39 -18.54
CA GLY DA 66 -41.01 -20.14 -18.65
C GLY DA 66 -40.38 -20.41 -17.30
N TRP DA 67 -39.26 -21.13 -17.33
CA TRP DA 67 -38.46 -21.28 -16.11
C TRP DA 67 -37.90 -19.91 -15.73
N GLY DA 68 -37.66 -19.72 -14.43
CA GLY DA 68 -37.09 -18.48 -13.96
C GLY DA 68 -37.76 -17.95 -12.70
N GLU DA 69 -37.12 -16.98 -12.05
CA GLU DA 69 -37.68 -16.36 -10.86
C GLU DA 69 -38.80 -15.40 -11.26
N TYR DA 70 -39.83 -15.33 -10.42
CA TYR DA 70 -40.99 -14.52 -10.77
C TYR DA 70 -40.62 -13.05 -10.83
N VAL DA 71 -41.17 -12.36 -11.83
CA VAL DA 71 -40.99 -10.92 -11.99
C VAL DA 71 -42.23 -10.37 -12.67
N TYR DA 72 -42.63 -9.17 -12.27
CA TYR DA 72 -43.61 -8.38 -13.00
C TYR DA 72 -42.97 -7.05 -13.35
N CYS DA 73 -42.84 -6.78 -14.65
CA CYS DA 73 -42.32 -5.52 -15.13
C CYS DA 73 -42.90 -5.26 -16.51
N HIS DA 74 -42.85 -4.01 -16.92
CA HIS DA 74 -43.46 -3.58 -18.17
C HIS DA 74 -42.50 -3.53 -19.34
N TYR DA 75 -41.19 -3.57 -19.11
CA TYR DA 75 -40.23 -3.20 -20.14
C TYR DA 75 -39.08 -4.19 -20.19
N GLU DA 76 -38.42 -4.21 -21.35
CA GLU DA 76 -37.28 -5.07 -21.62
C GLU DA 76 -36.29 -4.30 -22.49
N HIS DA 77 -35.12 -4.90 -22.71
CA HIS DA 77 -34.08 -4.25 -23.50
C HIS DA 77 -33.98 -4.77 -24.94
N LEU DA 78 -34.87 -5.67 -25.35
CA LEU DA 78 -34.71 -6.35 -26.63
C LEU DA 78 -34.83 -5.42 -27.82
N ARG DA 79 -34.05 -5.72 -28.86
CA ARG DA 79 -34.06 -4.96 -30.11
C ARG DA 79 -35.37 -5.16 -30.87
N GLU DA 80 -35.80 -4.09 -31.64
CA GLU DA 80 -37.03 -4.10 -32.41
C GLU DA 80 -36.77 -4.40 -33.88
N PRO DA 81 -37.73 -4.99 -34.58
CA PRO DA 81 -37.50 -5.38 -35.99
C PRO DA 81 -37.45 -4.19 -36.93
N VAL DA 82 -36.89 -4.43 -38.13
CA VAL DA 82 -36.83 -3.36 -39.13
C VAL DA 82 -38.23 -2.90 -39.49
N PHE DA 83 -39.20 -3.83 -39.55
CA PHE DA 83 -40.57 -3.52 -39.93
C PHE DA 83 -41.48 -3.90 -38.76
N PRO DA 84 -41.66 -2.99 -37.80
CA PRO DA 84 -42.45 -3.31 -36.62
C PRO DA 84 -43.93 -3.47 -36.91
N ARG DA 85 -44.60 -4.21 -36.03
CA ARG DA 85 -46.04 -4.41 -36.11
C ARG DA 85 -46.77 -3.09 -35.95
N LYS DA 86 -47.71 -2.82 -36.85
CA LYS DA 86 -48.44 -1.55 -36.82
C LYS DA 86 -49.33 -1.48 -35.59
N PRO DA 87 -49.15 -0.50 -34.71
CA PRO DA 87 -49.99 -0.43 -33.52
C PRO DA 87 -51.42 0.00 -33.84
N ASP DA 88 -52.36 -0.52 -33.07
CA ASP DA 88 -53.77 -0.20 -33.23
C ASP DA 88 -54.12 0.98 -32.34
N VAL DA 89 -53.73 2.18 -32.80
CA VAL DA 89 -53.96 3.37 -32.01
C VAL DA 89 -55.44 3.72 -31.92
N ALA DA 90 -56.25 3.23 -32.85
CA ALA DA 90 -57.68 3.49 -32.78
C ALA DA 90 -58.29 2.90 -31.52
N LYS DA 91 -57.84 1.70 -31.14
CA LYS DA 91 -58.34 1.05 -29.94
C LYS DA 91 -57.59 1.45 -28.67
N GLY DA 92 -56.60 2.33 -28.78
CA GLY DA 92 -55.88 2.81 -27.61
C GLY DA 92 -54.50 2.25 -27.42
N GLU DA 93 -54.00 1.45 -28.35
CA GLU DA 93 -52.65 0.93 -28.22
C GLU DA 93 -51.62 2.04 -28.40
N LEU DA 94 -50.52 1.91 -27.68
CA LEU DA 94 -49.47 2.92 -27.71
C LEU DA 94 -48.66 2.83 -28.99
N ALA DA 95 -48.32 4.01 -29.53
CA ALA DA 95 -47.42 4.12 -30.67
C ALA DA 95 -46.28 5.04 -30.27
N ALA DA 96 -45.10 4.46 -30.03
CA ALA DA 96 -43.95 5.23 -29.60
C ALA DA 96 -42.68 4.52 -30.04
N GLY DA 97 -41.69 5.31 -30.43
CA GLY DA 97 -40.41 4.77 -30.83
C GLY DA 97 -40.39 4.18 -32.23
N ALA DA 98 -40.03 2.90 -32.32
CA ALA DA 98 -39.86 2.27 -33.62
C ALA DA 98 -41.19 2.07 -34.34
N ASN DA 99 -42.28 1.90 -33.60
CA ASN DA 99 -43.56 1.61 -34.25
C ASN DA 99 -44.25 2.86 -34.77
N VAL DA 100 -43.64 4.02 -34.60
CA VAL DA 100 -44.11 5.25 -35.24
C VAL DA 100 -43.24 5.61 -36.42
N THR DA 101 -41.93 5.59 -36.25
CA THR DA 101 -41.02 5.95 -37.34
C THR DA 101 -41.09 4.93 -38.47
N ARG DA 102 -40.93 3.65 -38.15
CA ARG DA 102 -40.84 2.60 -39.16
C ARG DA 102 -42.20 1.94 -39.42
N THR DA 103 -43.27 2.71 -39.31
CA THR DA 103 -44.64 2.29 -39.61
C THR DA 103 -45.38 3.54 -40.07
N ASP DA 104 -46.58 3.34 -40.62
CA ASP DA 104 -47.40 4.45 -41.09
C ASP DA 104 -48.67 4.65 -40.28
N VAL DA 105 -48.62 4.31 -38.99
CA VAL DA 105 -49.81 4.45 -38.13
C VAL DA 105 -50.20 5.90 -37.92
N TRP DA 106 -49.30 6.84 -38.19
CA TRP DA 106 -49.55 8.24 -37.94
C TRP DA 106 -50.29 8.95 -39.08
N LYS DA 107 -50.37 8.33 -40.25
CA LYS DA 107 -50.92 8.99 -41.41
C LYS DA 107 -52.44 9.13 -41.31
N ARG DA 108 -52.93 10.34 -41.53
CA ARG DA 108 -54.35 10.59 -41.68
C ARG DA 108 -54.66 10.90 -43.14
N GLU DA 109 -55.94 10.76 -43.50
CA GLU DA 109 -56.31 10.85 -44.91
C GLU DA 109 -55.98 12.22 -45.48
N GLY DA 110 -56.52 13.28 -44.89
CA GLY DA 110 -56.44 14.58 -45.51
C GLY DA 110 -55.65 15.61 -44.72
N GLU DA 111 -55.22 15.23 -43.52
CA GLU DA 111 -54.48 16.16 -42.69
C GLU DA 111 -53.09 16.39 -43.27
N PRO DA 112 -52.55 17.60 -43.11
CA PRO DA 112 -51.15 17.82 -43.49
C PRO DA 112 -50.24 16.90 -42.69
N ALA DA 113 -49.22 16.38 -43.37
CA ALA DA 113 -48.38 15.36 -42.74
C ALA DA 113 -47.65 15.91 -41.52
N ILE DA 114 -47.25 17.18 -41.57
CA ILE DA 114 -46.57 17.77 -40.43
C ILE DA 114 -47.48 17.78 -39.21
N GLN DA 115 -48.76 18.03 -39.41
CA GLN DA 115 -49.71 18.01 -38.30
C GLN DA 115 -49.95 16.59 -37.80
N SER DA 116 -49.96 15.62 -38.70
CA SER DA 116 -50.25 14.24 -38.31
C SER DA 116 -49.15 13.68 -37.44
N ILE DA 117 -47.89 13.87 -37.82
CA ILE DA 117 -46.80 13.32 -37.05
C ILE DA 117 -46.62 14.05 -35.73
N ALA DA 118 -47.08 15.30 -35.64
CA ALA DA 118 -46.96 16.04 -34.40
C ALA DA 118 -47.80 15.41 -33.29
N ARG DA 119 -48.95 14.84 -33.65
CA ARG DA 119 -49.81 14.23 -32.65
C ARG DA 119 -49.18 12.99 -32.01
N PHE DA 120 -48.14 12.43 -32.62
CA PHE DA 120 -47.52 11.21 -32.11
C PHE DA 120 -46.24 11.49 -31.32
N ASN DA 121 -46.05 12.73 -30.88
CA ASN DA 121 -45.01 13.01 -29.90
C ASN DA 121 -45.25 12.14 -28.68
N PRO DA 122 -44.20 11.53 -28.11
CA PRO DA 122 -44.42 10.70 -26.92
C PRO DA 122 -45.13 11.41 -25.77
N ASP DA 123 -45.13 12.74 -25.78
CA ASP DA 123 -45.79 13.49 -24.73
C ASP DA 123 -47.31 13.51 -24.89
N ASN DA 124 -47.81 13.21 -26.08
CA ASN DA 124 -49.24 13.26 -26.35
C ASN DA 124 -49.94 11.96 -25.99
N PHE DA 125 -49.22 10.96 -25.53
CA PHE DA 125 -49.79 9.70 -25.07
C PHE DA 125 -49.62 9.59 -23.56
N ARG DA 126 -50.73 9.37 -22.85
CA ARG DA 126 -50.67 9.05 -21.44
C ARG DA 126 -51.57 7.87 -21.14
N PRO DA 127 -51.22 7.05 -20.16
CA PRO DA 127 -52.06 5.89 -19.84
C PRO DA 127 -53.45 6.30 -19.43
N VAL DA 128 -54.42 5.47 -19.80
CA VAL DA 128 -55.80 5.75 -19.41
C VAL DA 128 -55.91 5.67 -17.89
N GLY DA 129 -56.63 6.63 -17.32
CA GLY DA 129 -56.77 6.69 -15.88
C GLY DA 129 -55.56 7.23 -15.15
N TYR DA 130 -54.67 7.93 -15.84
CA TYR DA 130 -53.47 8.45 -15.21
C TYR DA 130 -53.80 9.49 -14.14
N ALA DA 131 -54.61 10.48 -14.51
CA ALA DA 131 -54.90 11.56 -13.57
C ALA DA 131 -55.74 11.10 -12.39
N GLU DA 132 -56.44 9.99 -12.51
CA GLU DA 132 -57.29 9.49 -11.44
C GLU DA 132 -56.59 8.46 -10.56
N ASN DA 133 -55.36 8.08 -10.90
CA ASN DA 133 -54.66 7.05 -10.15
C ASN DA 133 -53.30 7.47 -9.61
N ILE DA 134 -52.59 8.37 -10.28
CA ILE DA 134 -51.22 8.64 -9.81
C ILE DA 134 -51.29 9.37 -8.47
N PRO DA 135 -50.56 8.91 -7.46
CA PRO DA 135 -50.52 9.64 -6.19
C PRO DA 135 -49.73 10.93 -6.36
N CYS DA 136 -50.31 12.03 -5.88
CA CYS DA 136 -49.67 13.34 -5.92
C CYS DA 136 -49.37 13.76 -4.49
N PRO DA 137 -48.25 13.35 -3.92
CA PRO DA 137 -47.99 13.64 -2.50
C PRO DA 137 -47.71 15.11 -2.25
N ASP DA 138 -48.23 15.60 -1.13
CA ASP DA 138 -47.95 16.95 -0.66
C ASP DA 138 -46.92 16.97 0.46
N THR DA 139 -46.54 15.81 0.98
CA THR DA 139 -45.55 15.73 2.04
C THR DA 139 -45.00 14.31 2.07
N CYS DA 140 -43.82 14.16 2.67
CA CYS DA 140 -43.25 12.85 2.92
C CYS DA 140 -43.64 12.30 4.27
N VAL DA 141 -44.29 13.10 5.11
CA VAL DA 141 -44.74 12.65 6.43
C VAL DA 141 -46.26 12.71 6.44
N PRO DA 142 -46.96 11.63 6.12
CA PRO DA 142 -48.41 11.68 6.07
C PRO DA 142 -49.02 11.93 7.43
N GLU DA 143 -50.28 12.35 7.43
CA GLU DA 143 -50.99 12.63 8.67
C GLU DA 143 -51.01 11.39 9.55
N GLY DA 144 -50.79 11.61 10.84
CA GLY DA 144 -50.72 10.52 11.80
C GLY DA 144 -49.34 9.95 12.02
N HIS DA 145 -48.34 10.44 11.30
CA HIS DA 145 -46.97 9.99 11.47
C HIS DA 145 -46.19 10.98 12.33
N LEU DA 146 -45.25 10.45 13.09
CA LEU DA 146 -44.47 11.27 14.02
C LEU DA 146 -43.50 12.16 13.28
N ASP DA 147 -43.34 13.39 13.77
CA ASP DA 147 -42.38 14.34 13.21
C ASP DA 147 -41.88 15.23 14.34
N PHE DA 148 -41.12 16.26 13.98
CA PHE DA 148 -40.48 17.09 15.00
C PHE DA 148 -41.50 17.84 15.85
N ARG DA 149 -42.68 18.12 15.30
CA ARG DA 149 -43.69 18.83 16.06
C ARG DA 149 -44.10 18.05 17.28
N HIS DA 150 -44.20 16.73 17.16
CA HIS DA 150 -44.61 15.91 18.29
C HIS DA 150 -43.44 15.58 19.22
N THR DA 151 -42.23 15.46 18.69
CA THR DA 151 -41.09 15.07 19.49
C THR DA 151 -40.39 16.24 20.16
N ARG DA 152 -40.74 17.48 19.82
CA ARG DA 152 -40.10 18.61 20.45
C ARG DA 152 -40.35 18.60 21.95
N LEU DA 153 -39.31 18.89 22.72
CA LEU DA 153 -39.42 18.96 24.16
C LEU DA 153 -40.20 20.20 24.58
N PRO DA 154 -40.81 20.18 25.76
CA PRO DA 154 -41.45 21.40 26.27
C PRO DA 154 -40.43 22.50 26.47
N THR DA 155 -40.88 23.75 26.31
CA THR DA 155 -39.97 24.89 26.35
C THR DA 155 -39.34 25.09 27.72
N TRP DA 156 -39.85 24.44 28.76
CA TRP DA 156 -39.27 24.52 30.09
C TRP DA 156 -38.25 23.42 30.36
N HIS DA 157 -37.95 22.60 29.36
CA HIS DA 157 -37.02 21.51 29.55
C HIS DA 157 -35.64 22.01 29.95
N ALA DA 158 -34.90 21.14 30.62
CA ALA DA 158 -33.53 21.45 31.01
C ALA DA 158 -32.56 21.18 29.85
N ASP DA 159 -31.40 21.81 29.94
CA ASP DA 159 -30.40 21.66 28.89
C ASP DA 159 -30.06 20.18 28.71
N ARG DA 160 -30.08 19.72 27.46
CA ARG DA 160 -29.73 18.35 27.14
C ARG DA 160 -28.31 18.21 26.60
N ARG DA 161 -27.59 19.32 26.46
CA ARG DA 161 -26.18 19.26 26.10
C ARG DA 161 -25.34 18.58 27.18
N PRO DA 162 -25.44 18.96 28.46
CA PRO DA 162 -24.55 18.35 29.45
C PRO DA 162 -24.62 16.83 29.48
N PHE DA 163 -25.81 16.25 29.30
CA PHE DA 163 -25.89 14.79 29.35
C PHE DA 163 -25.41 14.14 28.06
N HIS DA 164 -25.66 14.77 26.91
CA HIS DA 164 -25.19 14.20 25.66
C HIS DA 164 -23.68 14.04 25.67
N TYR DA 165 -22.99 15.08 26.12
CA TYR DA 165 -21.54 15.05 26.12
C TYR DA 165 -21.00 14.10 27.20
N PHE DA 166 -21.80 13.81 28.23
CA PHE DA 166 -21.44 12.74 29.16
C PHE DA 166 -21.47 11.39 28.47
N ALA DA 167 -22.46 11.17 27.61
CA ALA DA 167 -22.59 9.90 26.91
C ALA DA 167 -21.49 9.72 25.87
N THR DA 168 -21.24 10.75 25.05
CA THR DA 168 -20.14 10.65 24.11
C THR DA 168 -18.82 10.54 24.85
N GLY DA 169 -18.71 11.23 25.98
CA GLY DA 169 -17.51 11.14 26.79
C GLY DA 169 -17.32 9.77 27.43
N MET DA 170 -18.41 9.15 27.87
CA MET DA 170 -18.30 7.80 28.43
C MET DA 170 -17.90 6.78 27.37
N PHE DA 171 -18.31 7.00 26.12
CA PHE DA 171 -17.83 6.15 25.05
C PHE DA 171 -16.32 6.34 24.89
N GLY DA 172 -15.85 7.58 25.08
CA GLY DA 172 -14.43 7.83 25.08
C GLY DA 172 -13.72 7.34 26.34
N LEU DA 173 -14.39 7.44 27.49
CA LEU DA 173 -13.79 6.98 28.73
C LEU DA 173 -13.55 5.48 28.69
N ILE DA 174 -14.57 4.70 28.31
CA ILE DA 174 -14.45 3.25 28.29
C ILE DA 174 -13.54 2.82 27.16
N GLY DA 175 -13.65 3.46 25.99
CA GLY DA 175 -12.78 3.12 24.88
C GLY DA 175 -11.31 3.29 25.23
N LEU DA 176 -10.96 4.41 25.85
CA LEU DA 176 -9.57 4.65 26.20
C LEU DA 176 -9.07 3.65 27.24
N ALA DA 177 -9.94 3.20 28.14
CA ALA DA 177 -9.54 2.17 29.09
C ALA DA 177 -9.27 0.85 28.38
N PHE DA 178 -10.13 0.47 27.44
CA PHE DA 178 -9.88 -0.75 26.67
C PHE DA 178 -8.62 -0.63 25.84
N LEU DA 179 -8.34 0.57 25.32
CA LEU DA 179 -7.12 0.76 24.53
C LEU DA 179 -5.88 0.66 25.41
N ARG DA 180 -5.89 1.35 26.55
CA ARG DA 180 -4.77 1.24 27.48
C ARG DA 180 -4.52 -0.21 27.85
N GLY DA 181 -5.58 -0.91 28.26
CA GLY DA 181 -5.43 -2.30 28.65
C GLY DA 181 -4.88 -3.16 27.53
N THR DA 182 -5.37 -2.96 26.31
CA THR DA 182 -4.89 -3.73 25.17
C THR DA 182 -3.41 -3.47 24.92
N VAL DA 183 -3.04 -2.19 24.80
CA VAL DA 183 -1.65 -1.84 24.53
C VAL DA 183 -0.74 -2.32 25.66
N VAL DA 184 -1.16 -2.10 26.90
CA VAL DA 184 -0.29 -2.41 28.04
C VAL DA 184 -0.09 -3.92 28.17
N LYS DA 185 -1.11 -4.71 27.85
CA LYS DA 185 -0.97 -6.16 27.93
C LYS DA 185 -0.16 -6.72 26.77
N VAL DA 186 -0.21 -6.10 25.60
CA VAL DA 186 0.59 -6.55 24.47
C VAL DA 186 2.07 -6.33 24.75
N VAL DA 187 2.43 -5.16 25.28
CA VAL DA 187 3.82 -4.89 25.61
C VAL DA 187 4.28 -5.77 26.76
N HIS DA 188 3.37 -6.09 27.68
CA HIS DA 188 3.70 -6.94 28.83
C HIS DA 188 4.09 -8.35 28.38
N GLY DA 189 3.53 -8.82 27.28
CA GLY DA 189 3.90 -10.13 26.76
C GLY DA 189 5.34 -10.21 26.31
N LEU DA 190 5.96 -9.07 26.01
CA LEU DA 190 7.37 -9.05 25.65
C LEU DA 190 8.29 -9.17 26.85
N TRP DA 191 7.77 -9.00 28.07
CA TRP DA 191 8.58 -9.21 29.26
C TRP DA 191 9.03 -10.67 29.31
N PRO DA 192 10.19 -10.95 29.88
CA PRO DA 192 10.65 -12.33 29.98
C PRO DA 192 9.56 -13.24 30.53
N ALA DA 193 9.39 -14.38 29.86
CA ALA DA 193 8.25 -15.24 30.12
C ALA DA 193 8.34 -15.86 31.51
N ARG DA 194 7.25 -16.50 31.91
CA ARG DA 194 7.19 -17.09 33.25
C ARG DA 194 8.26 -18.16 33.44
N ASP DA 195 8.46 -19.00 32.42
CA ASP DA 195 9.53 -19.99 32.50
C ASP DA 195 10.90 -19.32 32.50
N ALA DA 196 11.05 -18.23 31.74
CA ALA DA 196 12.34 -17.57 31.65
C ALA DA 196 12.68 -16.84 32.95
N ILE DA 197 11.68 -16.25 33.60
CA ILE DA 197 11.92 -15.57 34.87
C ILE DA 197 12.34 -16.57 35.93
N ALA DA 198 11.68 -17.73 35.96
CA ALA DA 198 11.97 -18.72 36.99
C ALA DA 198 13.41 -19.19 36.92
N ALA DA 199 13.89 -19.49 35.71
CA ALA DA 199 15.27 -19.95 35.57
C ALA DA 199 16.26 -18.83 35.82
N GLY DA 200 15.94 -17.62 35.37
CA GLY DA 200 16.83 -16.50 35.51
C GLY DA 200 17.36 -16.33 36.92
N VAL DA 201 16.48 -15.95 37.84
CA VAL DA 201 16.87 -15.80 39.24
C VAL DA 201 16.89 -17.17 39.90
N ILE DA 202 18.01 -17.50 40.51
CA ILE DA 202 18.23 -18.79 41.15
C ILE DA 202 18.64 -18.53 42.60
N GLU DA 203 17.88 -19.06 43.54
CA GLU DA 203 18.26 -19.04 44.95
C GLU DA 203 19.09 -20.28 45.25
N VAL DA 204 20.26 -20.08 45.86
CA VAL DA 204 21.19 -21.16 46.15
C VAL DA 204 21.25 -21.33 47.66
N ASP DA 205 21.00 -22.54 48.14
CA ASP DA 205 20.98 -22.85 49.56
C ASP DA 205 22.41 -23.15 50.00
N LEU DA 206 22.97 -22.27 50.84
CA LEU DA 206 24.33 -22.47 51.32
C LEU DA 206 24.40 -23.43 52.50
N ARG DA 207 23.25 -23.89 53.01
CA ARG DA 207 23.23 -24.84 54.11
C ARG DA 207 23.69 -26.21 53.64
N GLY DA 208 24.71 -26.75 54.31
CA GLY DA 208 25.24 -28.06 53.99
C GLY DA 208 26.60 -28.01 53.35
N ILE DA 209 26.99 -26.86 52.82
CA ILE DA 209 28.34 -26.69 52.31
C ILE DA 209 29.34 -26.81 53.46
N GLN DA 210 30.50 -27.35 53.16
CA GLN DA 210 31.57 -27.46 54.13
C GLN DA 210 32.73 -26.56 53.73
N PRO DA 211 33.49 -26.03 54.69
CA PRO DA 211 34.55 -25.09 54.33
C PRO DA 211 35.56 -25.75 53.41
N GLY DA 212 35.84 -25.09 52.29
CA GLY DA 212 36.74 -25.60 51.28
C GLY DA 212 36.06 -26.25 50.09
N GLN DA 213 34.75 -26.46 50.14
CA GLN DA 213 34.04 -27.14 49.07
C GLN DA 213 33.63 -26.15 47.99
N ASN DA 214 33.77 -26.57 46.73
CA ASN DA 214 33.37 -25.79 45.58
C ASN DA 214 32.26 -26.53 44.83
N PHE DA 215 31.15 -25.83 44.60
CA PHE DA 215 30.03 -26.38 43.84
C PHE DA 215 29.75 -25.48 42.64
N VAL DA 216 29.08 -26.04 41.64
CA VAL DA 216 28.81 -25.35 40.39
C VAL DA 216 27.31 -25.25 40.20
N VAL DA 217 26.84 -24.07 39.85
CA VAL DA 217 25.42 -23.82 39.55
C VAL DA 217 25.34 -23.26 38.14
N LYS DA 218 24.53 -23.89 37.30
CA LYS DA 218 24.31 -23.39 35.95
C LYS DA 218 23.32 -22.23 36.03
N TRP DA 219 23.82 -21.01 35.80
CA TRP DA 219 23.02 -19.80 35.91
C TRP DA 219 23.13 -19.04 34.61
N ARG DA 220 22.01 -18.89 33.91
CA ARG DA 220 21.95 -18.18 32.64
C ARG DA 220 22.95 -18.76 31.65
N GLY DA 221 23.07 -20.09 31.65
CA GLY DA 221 23.87 -20.81 30.70
C GLY DA 221 25.33 -20.97 31.05
N LYS DA 222 25.78 -20.39 32.16
CA LYS DA 222 27.21 -20.37 32.47
C LYS DA 222 27.47 -21.06 33.81
N PRO DA 223 28.64 -21.67 33.97
CA PRO DA 223 29.00 -22.25 35.27
C PRO DA 223 29.33 -21.16 36.28
N VAL DA 224 28.66 -21.21 37.43
CA VAL DA 224 28.86 -20.24 38.51
C VAL DA 224 29.43 -21.01 39.70
N PHE DA 225 30.74 -20.90 39.91
CA PHE DA 225 31.38 -21.56 41.04
C PHE DA 225 31.05 -20.83 42.34
N VAL DA 226 30.56 -21.57 43.32
CA VAL DA 226 30.26 -21.04 44.66
C VAL DA 226 31.08 -21.85 45.65
N ARG DA 227 32.14 -21.25 46.18
CA ARG DA 227 33.08 -21.95 47.06
C ARG DA 227 33.07 -21.33 48.44
N ARG DA 228 32.84 -22.16 49.46
CA ARG DA 228 33.13 -21.76 50.83
C ARG DA 228 34.63 -21.76 51.03
N ARG DA 229 35.17 -20.71 51.63
CA ARG DA 229 36.60 -20.52 51.73
C ARG DA 229 37.05 -20.72 53.17
N THR DA 230 38.01 -21.63 53.36
CA THR DA 230 38.61 -21.82 54.66
C THR DA 230 39.44 -20.60 55.05
N GLN DA 231 39.73 -20.48 56.34
CA GLN DA 231 40.50 -19.34 56.80
C GLN DA 231 41.84 -19.24 56.07
N ALA DA 232 42.44 -20.38 55.75
CA ALA DA 232 43.69 -20.37 54.99
C ALA DA 232 43.48 -19.75 53.61
N MET DA 233 42.41 -20.13 52.92
CA MET DA 233 42.12 -19.54 51.62
C MET DA 233 41.89 -18.04 51.74
N ILE DA 234 41.11 -17.62 52.73
CA ILE DA 234 40.81 -16.20 52.90
C ILE DA 234 42.08 -15.43 53.21
N ASP DA 235 42.91 -15.95 54.10
CA ASP DA 235 44.15 -15.28 54.45
C ASP DA 235 45.07 -15.18 53.24
N ALA DA 236 45.08 -16.21 52.40
CA ALA DA 236 45.95 -16.21 51.23
C ALA DA 236 45.63 -15.03 50.31
N ALA DA 237 44.34 -14.82 50.02
CA ALA DA 237 43.95 -13.70 49.17
C ALA DA 237 44.21 -12.37 49.86
N THR DA 238 44.03 -12.32 51.17
CA THR DA 238 44.33 -11.12 51.93
C THR DA 238 45.81 -10.77 51.84
N ALA DA 239 46.68 -11.78 51.80
CA ALA DA 239 48.11 -11.54 51.65
C ALA DA 239 48.44 -10.93 50.30
N ASP DA 240 47.80 -11.41 49.24
CA ASP DA 240 47.99 -10.82 47.92
C ASP DA 240 47.30 -9.46 47.81
N ASP DA 241 46.40 -9.15 48.73
CA ASP DA 241 45.74 -7.86 48.76
C ASP DA 241 46.73 -6.72 49.00
N ALA DA 242 47.88 -7.03 49.59
CA ALA DA 242 48.94 -6.05 49.79
C ALA DA 242 49.86 -5.92 48.58
N ILE DA 243 49.96 -6.97 47.77
CA ILE DA 243 50.84 -7.00 46.60
C ILE DA 243 50.06 -6.55 45.38
N VAL DA 244 48.84 -6.07 45.57
CA VAL DA 244 48.06 -5.52 44.47
C VAL DA 244 48.92 -4.47 43.77
N ASN DA 245 48.66 -4.24 42.49
CA ASN DA 245 49.45 -3.48 41.54
C ASN DA 245 50.62 -4.29 41.01
N SER DA 246 50.89 -5.48 41.56
CA SER DA 246 51.81 -6.43 40.97
C SER DA 246 51.06 -7.54 40.23
N LEU DA 247 49.77 -7.35 39.99
CA LEU DA 247 48.91 -8.32 39.36
C LEU DA 247 48.44 -7.77 38.02
N ARG DA 248 48.24 -8.67 37.06
CA ARG DA 248 47.80 -8.25 35.72
C ARG DA 248 46.55 -7.40 35.81
N ASP DA 249 45.59 -7.79 36.64
CA ASP DA 249 44.33 -7.08 36.84
C ASP DA 249 44.20 -6.77 38.31
N PRO DA 250 44.73 -5.64 38.78
CA PRO DA 250 44.73 -5.36 40.22
C PRO DA 250 43.34 -5.20 40.80
N GLU DA 251 42.95 -6.14 41.66
CA GLU DA 251 41.68 -6.11 42.37
C GLU DA 251 41.90 -6.66 43.78
N ARG DA 252 41.19 -6.10 44.75
CA ARG DA 252 41.31 -6.51 46.14
C ARG DA 252 40.20 -7.49 46.48
N ASP DA 253 40.53 -8.48 47.32
CA ASP DA 253 39.57 -9.53 47.66
C ASP DA 253 38.30 -8.95 48.25
N LYS DA 254 38.42 -7.86 49.00
CA LYS DA 254 37.24 -7.22 49.59
C LYS DA 254 36.26 -6.76 48.52
N ASP DA 255 36.74 -6.42 47.34
CA ASP DA 255 35.91 -5.91 46.26
C ASP DA 255 35.42 -7.02 45.34
N ARG DA 256 35.78 -8.27 45.63
CA ARG DA 256 35.34 -9.42 44.85
C ARG DA 256 34.46 -10.36 45.64
N VAL DA 257 34.37 -10.20 46.97
CA VAL DA 257 33.57 -11.05 47.83
C VAL DA 257 32.72 -10.15 48.73
N LYS DA 258 31.44 -10.49 48.86
CA LYS DA 258 30.58 -9.77 49.81
C LYS DA 258 30.79 -10.28 51.23
N LYS DA 259 31.00 -11.58 51.39
CA LYS DA 259 31.35 -12.19 52.66
C LYS DA 259 32.63 -12.99 52.46
N PRO DA 260 33.64 -12.81 53.33
CA PRO DA 260 34.92 -13.48 53.08
C PRO DA 260 34.81 -14.99 52.98
N GLU DA 261 33.89 -15.60 53.71
CA GLU DA 261 33.75 -17.05 53.70
C GLU DA 261 33.24 -17.58 52.38
N TRP DA 262 32.66 -16.73 51.54
CA TRP DA 262 31.94 -17.17 50.35
C TRP DA 262 32.48 -16.43 49.13
N LEU DA 263 32.94 -17.19 48.14
CA LEU DA 263 33.36 -16.67 46.84
C LEU DA 263 32.40 -17.20 45.77
N VAL DA 264 31.63 -16.30 45.18
CA VAL DA 264 30.76 -16.62 44.05
C VAL DA 264 31.36 -15.98 42.82
N MET DA 265 31.75 -16.80 41.84
CA MET DA 265 32.40 -16.33 40.62
C MET DA 265 31.85 -17.13 39.45
N LEU DA 266 31.96 -16.55 38.24
CA LEU DA 266 31.62 -17.27 37.02
C LEU DA 266 32.86 -18.05 36.57
N GLY DA 267 32.72 -19.37 36.46
CA GLY DA 267 33.84 -20.23 36.15
C GLY DA 267 34.12 -20.35 34.67
N VAL DA 268 34.60 -19.27 34.07
CA VAL DA 268 34.89 -19.21 32.64
C VAL DA 268 36.25 -18.55 32.52
N CYS DA 269 37.24 -19.30 32.06
CA CYS DA 269 38.57 -18.72 31.89
C CYS DA 269 38.49 -17.50 30.99
N THR DA 270 39.19 -16.44 31.38
CA THR DA 270 39.20 -15.22 30.61
C THR DA 270 40.09 -15.31 29.38
N HIS DA 271 40.76 -16.45 29.16
CA HIS DA 271 41.53 -16.58 27.92
C HIS DA 271 40.64 -16.99 26.75
N LEU DA 272 40.17 -18.23 26.74
CA LEU DA 272 39.35 -18.73 25.62
C LEU DA 272 38.12 -19.50 26.11
N GLY DA 273 37.64 -19.20 27.31
CA GLY DA 273 36.35 -19.66 27.76
C GLY DA 273 36.31 -21.02 28.43
N CYS DA 274 37.37 -21.83 28.34
CA CYS DA 274 37.39 -23.10 29.05
C CYS DA 274 37.00 -22.90 30.51
N VAL DA 275 36.48 -23.94 31.14
CA VAL DA 275 36.02 -23.88 32.53
C VAL DA 275 37.14 -24.37 33.43
N PRO DA 276 37.66 -23.54 34.34
CA PRO DA 276 38.76 -23.97 35.20
C PRO DA 276 38.31 -25.01 36.23
N TYR DA 277 39.28 -25.82 36.70
CA TYR DA 277 39.00 -26.83 37.73
C TYR DA 277 39.54 -26.38 39.08
N PRO DA 278 38.78 -26.49 40.16
CA PRO DA 278 39.23 -25.96 41.46
C PRO DA 278 40.29 -26.84 42.12
N ASP DA 279 40.94 -26.24 43.11
CA ASP DA 279 42.00 -26.89 43.88
C ASP DA 279 43.14 -27.36 42.97
N GLN DA 280 43.44 -26.54 41.96
CA GLN DA 280 44.47 -26.86 41.00
C GLN DA 280 45.29 -25.60 40.72
N GLY DA 281 46.51 -25.80 40.27
CA GLY DA 281 47.41 -24.72 39.96
C GLY DA 281 48.52 -24.57 40.96
N LEU DA 282 49.15 -23.39 40.92
CA LEU DA 282 50.23 -23.07 41.86
C LEU DA 282 49.71 -22.38 43.11
N TYR DA 283 48.53 -21.76 43.04
CA TYR DA 283 47.93 -21.06 44.17
C TYR DA 283 46.79 -21.84 44.80
N GLY DA 284 46.61 -23.11 44.41
CA GLY DA 284 45.54 -23.91 44.97
C GLY DA 284 44.18 -23.30 44.77
N GLY DA 285 44.03 -22.48 43.72
CA GLY DA 285 42.81 -21.78 43.42
C GLY DA 285 42.03 -22.52 42.36
N TYR DA 286 42.22 -22.10 41.11
CA TYR DA 286 41.52 -22.70 39.97
C TYR DA 286 42.46 -22.67 38.78
N PHE DA 287 42.75 -23.85 38.21
CA PHE DA 287 43.68 -23.99 37.10
C PHE DA 287 42.92 -24.39 35.86
N CYS DA 288 42.99 -23.56 34.82
CA CYS DA 288 42.42 -23.94 33.53
C CYS DA 288 43.43 -24.81 32.78
N PRO DA 289 43.11 -26.08 32.52
CA PRO DA 289 44.09 -26.97 31.87
C PRO DA 289 44.25 -26.72 30.39
N CYS DA 290 43.38 -25.92 29.78
CA CYS DA 290 43.44 -25.73 28.34
C CYS DA 290 44.79 -25.17 27.93
N HIS DA 291 45.15 -24.01 28.47
CA HIS DA 291 46.39 -23.36 28.09
C HIS DA 291 47.23 -22.98 29.30
N GLY DA 292 46.79 -23.36 30.50
CA GLY DA 292 47.59 -23.20 31.69
C GLY DA 292 47.46 -21.88 32.44
N SER DA 293 46.24 -21.44 32.72
CA SER DA 293 46.01 -20.22 33.48
C SER DA 293 45.76 -20.59 34.95
N HIS DA 294 46.47 -19.92 35.85
CA HIS DA 294 46.36 -20.16 37.28
C HIS DA 294 45.70 -18.95 37.94
N TYR DA 295 44.61 -19.20 38.67
CA TYR DA 295 43.92 -18.16 39.42
C TYR DA 295 44.08 -18.44 40.91
N ASP DA 296 44.02 -17.38 41.73
CA ASP DA 296 44.26 -17.52 43.17
C ASP DA 296 42.95 -17.88 43.87
N HIS DA 297 42.95 -17.81 45.20
CA HIS DA 297 41.77 -18.17 45.98
C HIS DA 297 40.70 -17.09 45.94
N SER DA 298 40.98 -15.96 45.32
CA SER DA 298 40.01 -14.90 45.07
C SER DA 298 39.55 -14.86 43.62
N GLY DA 299 40.12 -15.70 42.76
CA GLY DA 299 39.76 -15.73 41.36
C GLY DA 299 40.51 -14.76 40.49
N ARG DA 300 41.62 -14.22 40.98
CA ARG DA 300 42.43 -13.27 40.21
C ARG DA 300 43.51 -14.00 39.45
N ILE DA 301 43.72 -13.61 38.19
CA ILE DA 301 44.68 -14.31 37.35
C ILE DA 301 46.09 -14.02 37.85
N ARG DA 302 46.85 -15.10 38.09
CA ARG DA 302 48.20 -14.98 38.61
C ARG DA 302 49.27 -15.51 37.66
N LEU DA 303 48.91 -16.35 36.70
CA LEU DA 303 49.86 -16.94 35.75
C LEU DA 303 49.07 -17.54 34.60
N GLY DA 304 49.70 -17.60 33.42
CA GLY DA 304 49.09 -18.21 32.26
C GLY DA 304 48.84 -17.26 31.11
N PRO DA 305 48.05 -17.70 30.12
CA PRO DA 305 47.69 -16.80 29.01
C PRO DA 305 46.51 -15.89 29.33
N ALA DA 306 45.67 -16.25 30.28
CA ALA DA 306 44.46 -15.48 30.57
C ALA DA 306 44.78 -14.01 30.84
N PRO DA 307 43.95 -13.07 30.35
CA PRO DA 307 44.23 -11.65 30.53
C PRO DA 307 43.65 -10.96 31.76
N LEU DA 308 42.50 -11.42 32.26
CA LEU DA 308 41.75 -10.72 33.31
C LEU DA 308 41.43 -11.68 34.45
N ASN DA 309 40.73 -11.17 35.47
CA ASN DA 309 40.27 -12.01 36.56
C ASN DA 309 38.91 -12.61 36.22
N MET DA 310 38.61 -13.76 36.83
CA MET DA 310 37.29 -14.35 36.65
C MET DA 310 36.22 -13.41 37.19
N GLU DA 311 35.16 -13.22 36.42
CA GLU DA 311 34.14 -12.23 36.73
C GLU DA 311 33.28 -12.65 37.92
N ILE DA 312 32.85 -11.66 38.69
CA ILE DA 312 31.97 -11.87 39.84
C ILE DA 312 30.54 -11.58 39.38
N PRO DA 313 29.63 -12.55 39.45
CA PRO DA 313 28.27 -12.33 38.96
C PRO DA 313 27.49 -11.39 39.85
N THR DA 314 26.32 -10.98 39.37
CA THR DA 314 25.37 -10.23 40.19
C THR DA 314 24.67 -11.20 41.13
N TYR DA 315 24.90 -11.05 42.43
CA TYR DA 315 24.29 -11.91 43.43
C TYR DA 315 24.26 -11.20 44.77
N GLU DA 316 23.16 -11.36 45.50
CA GLU DA 316 23.02 -10.83 46.86
C GLU DA 316 22.76 -11.96 47.84
N PHE DA 317 22.94 -11.66 49.13
CA PHE DA 317 22.66 -12.60 50.21
C PHE DA 317 21.27 -12.32 50.77
N THR DA 318 20.35 -13.28 50.59
CA THR DA 318 19.01 -13.14 51.15
C THR DA 318 19.03 -13.22 52.67
N ASP DA 319 19.81 -14.15 53.21
CA ASP DA 319 20.01 -14.34 54.64
C ASP DA 319 21.44 -14.82 54.80
N ASP DA 320 21.74 -15.47 55.94
CA ASP DA 320 23.09 -15.97 56.15
C ASP DA 320 23.37 -17.27 55.43
N ASP DA 321 22.34 -18.04 55.08
CA ASP DA 321 22.52 -19.35 54.46
C ASP DA 321 21.76 -19.45 53.14
N THR DA 322 21.66 -18.35 52.42
CA THR DA 322 21.00 -18.32 51.12
C THR DA 322 21.50 -17.12 50.32
N ILE DA 323 21.77 -17.36 49.04
CA ILE DA 323 22.15 -16.35 48.07
C ILE DA 323 21.09 -16.35 46.98
N ILE DA 324 20.96 -15.24 46.27
CA ILE DA 324 20.08 -15.16 45.11
C ILE DA 324 20.89 -14.62 43.93
N LEU DA 325 21.13 -15.48 42.94
CA LEU DA 325 21.86 -15.10 41.74
C LEU DA 325 20.92 -14.37 40.79
N GLY DA 326 21.25 -13.12 40.48
CA GLY DA 326 20.39 -12.29 39.65
C GLY DA 326 19.80 -11.16 40.45
N SER EA 1 -3.62 35.63 37.53
CA SER EA 1 -3.13 34.91 36.37
C SER EA 1 -1.72 35.35 36.00
N PHE EA 2 -0.86 34.37 35.75
CA PHE EA 2 0.53 34.67 35.42
C PHE EA 2 0.72 35.01 33.95
N HIS EA 3 -0.21 34.63 33.08
CA HIS EA 3 -0.11 35.02 31.68
C HIS EA 3 -0.38 36.52 31.52
N ARG EA 4 -1.34 37.03 32.27
CA ARG EA 4 -1.65 38.46 32.18
C ARG EA 4 -0.48 39.32 32.62
N ALA EA 5 0.29 38.84 33.59
CA ALA EA 5 1.48 39.56 34.02
C ALA EA 5 2.56 39.54 32.94
N PHE EA 6 2.78 38.38 32.34
CA PHE EA 6 3.76 38.26 31.27
C PHE EA 6 3.41 39.16 30.10
N ALA EA 7 2.12 39.34 29.84
CA ALA EA 7 1.70 40.20 28.75
C ALA EA 7 2.03 41.66 29.03
N ARG EA 8 1.98 42.07 30.30
CA ARG EA 8 2.39 43.42 30.66
C ARG EA 8 3.90 43.60 30.56
N VAL EA 9 4.65 42.59 30.99
CA VAL EA 9 6.11 42.65 30.88
C VAL EA 9 6.53 42.80 29.42
N VAL EA 10 5.93 42.00 28.55
CA VAL EA 10 6.28 42.05 27.13
C VAL EA 10 5.87 43.40 26.54
N CYS EA 11 4.67 43.87 26.90
CA CYS EA 11 4.21 45.15 26.37
C CYS EA 11 5.11 46.30 26.81
N ASN EA 12 5.54 46.28 28.06
CA ASN EA 12 6.36 47.37 28.58
C ASN EA 12 7.80 47.29 28.06
N TYR EA 13 8.32 46.08 27.86
CA TYR EA 13 9.69 45.96 27.36
C TYR EA 13 9.78 46.34 25.89
N ASN EA 14 8.71 46.14 25.13
CA ASN EA 14 8.75 46.51 23.72
C ASN EA 14 8.47 48.00 23.54
N LYS EA 15 7.63 48.58 24.40
CA LYS EA 15 7.40 50.01 24.36
C LYS EA 15 8.65 50.80 24.70
N SER EA 16 9.58 50.21 25.45
CA SER EA 16 10.79 50.88 25.88
C SER EA 16 11.92 50.79 24.86
N ILE EA 17 11.72 50.04 23.77
CA ILE EA 17 12.73 49.91 22.73
C ILE EA 17 12.21 50.34 21.36
N GLU EA 18 11.06 51.02 21.33
CA GLU EA 18 10.57 51.56 20.08
C GLU EA 18 11.49 52.67 19.59
N GLY EA 19 11.73 52.70 18.28
CA GLY EA 19 12.57 53.72 17.70
C GLY EA 19 14.05 53.52 17.89
N SER EA 20 14.46 52.38 18.44
CA SER EA 20 15.88 52.14 18.68
C SER EA 20 16.62 52.00 17.35
N VAL EA 21 17.83 52.53 17.31
CA VAL EA 21 18.65 52.47 16.10
C VAL EA 21 19.20 51.05 15.96
N PRO EA 22 19.11 50.43 14.77
CA PRO EA 22 19.67 49.09 14.60
C PRO EA 22 21.17 49.05 14.87
N TRP EA 23 21.65 47.86 15.23
CA TRP EA 23 23.05 47.73 15.64
C TRP EA 23 24.00 48.16 14.54
N TYR EA 24 23.58 48.05 13.28
CA TYR EA 24 24.45 48.36 12.15
C TYR EA 24 24.42 49.82 11.75
N GLN EA 25 23.55 50.63 12.35
CA GLN EA 25 23.49 52.05 12.07
C GLN EA 25 24.06 52.88 13.20
N VAL EA 26 24.70 52.23 14.17
CA VAL EA 26 25.38 52.89 15.28
C VAL EA 26 26.85 53.02 14.92
N LYS EA 27 27.38 54.24 14.96
CA LYS EA 27 28.82 54.44 14.81
C LYS EA 27 29.54 53.72 15.94
N ARG EA 28 30.33 52.71 15.60
CA ARG EA 28 30.93 51.81 16.58
C ARG EA 28 32.44 51.83 16.45
N GLU EA 29 33.12 52.06 17.57
CA GLU EA 29 34.57 52.01 17.66
C GLU EA 29 34.96 50.66 18.23
N LYS EA 30 35.81 49.92 17.52
CA LYS EA 30 36.14 48.58 17.95
C LYS EA 30 36.86 48.62 19.31
N SER EA 31 36.65 47.57 20.10
CA SER EA 31 37.28 47.49 21.41
C SER EA 31 38.80 47.46 21.24
N PRO EA 32 39.55 48.00 22.20
CA PRO EA 32 41.02 47.93 22.08
C PRO EA 32 41.50 46.50 21.89
N PHE EA 33 40.88 45.55 22.56
CA PHE EA 33 41.24 44.15 22.39
C PHE EA 33 41.06 43.71 20.95
N GLN EA 34 39.94 44.08 20.33
CA GLN EA 34 39.71 43.72 18.93
C GLN EA 34 40.72 44.41 18.04
N GLN EA 35 41.09 45.65 18.36
CA GLN EA 35 42.07 46.36 17.55
C GLN EA 35 43.41 45.63 17.56
N VAL EA 36 43.85 45.15 18.72
CA VAL EA 36 45.10 44.39 18.77
C VAL EA 36 44.99 43.12 17.95
N TRP EA 37 43.85 42.43 18.09
CA TRP EA 37 43.59 41.22 17.31
C TRP EA 37 43.61 41.50 15.81
N ASP EA 38 43.09 42.65 15.40
CA ASP EA 38 42.99 42.98 13.98
C ASP EA 38 44.28 43.52 13.40
N GLU EA 39 45.33 43.66 14.22
CA GLU EA 39 46.63 44.12 13.75
C GLU EA 39 47.67 43.01 13.75
N VAL EA 40 47.42 41.91 14.47
CA VAL EA 40 48.32 40.77 14.52
C VAL EA 40 47.76 39.64 13.67
N PHE EA 41 46.55 39.17 14.01
CA PHE EA 41 46.00 37.99 13.33
C PHE EA 41 45.54 38.32 11.92
N THR EA 42 44.58 39.23 11.79
CA THR EA 42 43.98 39.50 10.49
C THR EA 42 45.02 39.68 9.39
N PRO EA 43 46.05 40.51 9.54
CA PRO EA 43 47.03 40.65 8.45
C PRO EA 43 47.69 39.34 8.05
N ILE EA 44 48.24 38.59 8.99
CA ILE EA 44 48.94 37.35 8.67
C ILE EA 44 47.96 36.33 8.12
N TRP EA 45 46.78 36.21 8.73
CA TRP EA 45 45.80 35.23 8.28
C TRP EA 45 45.39 35.47 6.84
N PHE EA 46 45.26 36.74 6.44
CA PHE EA 46 44.89 37.05 5.07
C PHE EA 46 46.02 36.71 4.10
N LYS EA 47 47.27 36.98 4.49
CA LYS EA 47 48.39 36.76 3.60
C LYS EA 47 48.66 35.28 3.38
N LEU EA 48 48.34 34.45 4.36
CA LEU EA 48 48.71 33.04 4.30
C LEU EA 48 47.54 32.09 4.07
N VAL EA 49 46.36 32.38 4.59
CA VAL EA 49 45.24 31.45 4.43
C VAL EA 49 44.07 32.08 3.67
N LYS EA 50 43.42 33.07 4.26
CA LYS EA 50 42.18 33.58 3.69
C LYS EA 50 42.41 34.09 2.27
N GLY EA 51 43.32 35.05 2.12
CA GLY EA 51 43.61 35.64 0.84
C GLY EA 51 43.79 34.61 -0.25
N PRO EA 52 44.81 33.76 -0.13
CA PRO EA 52 45.04 32.75 -1.17
C PRO EA 52 43.88 31.79 -1.36
N TYR EA 53 43.26 31.31 -0.28
CA TYR EA 53 42.18 30.34 -0.44
C TYR EA 53 41.00 30.96 -1.17
N GLU EA 54 40.65 32.19 -0.81
CA GLU EA 54 39.45 32.80 -1.37
C GLU EA 54 39.68 33.33 -2.78
N ARG EA 55 40.92 33.68 -3.11
CA ARG EA 55 41.25 33.98 -4.50
C ARG EA 55 41.23 32.71 -5.35
N TRP EA 56 41.71 31.60 -4.78
CA TRP EA 56 41.68 30.32 -5.47
C TRP EA 56 40.26 29.92 -5.82
N GLU EA 57 39.34 30.08 -4.86
CA GLU EA 57 37.94 29.74 -5.12
C GLU EA 57 37.29 30.73 -6.08
N TYR EA 58 37.54 32.03 -5.87
CA TYR EA 58 36.89 33.04 -6.70
C TYR EA 58 37.29 32.90 -8.15
N ASN EA 59 38.60 32.73 -8.41
CA ASN EA 59 39.06 32.61 -9.79
C ASN EA 59 38.47 31.38 -10.45
N ALA EA 60 38.33 30.29 -9.71
CA ALA EA 60 37.70 29.09 -10.26
C ALA EA 60 36.23 29.36 -10.60
N LEU EA 61 35.53 30.10 -9.74
CA LEU EA 61 34.13 30.39 -10.01
C LEU EA 61 33.97 31.23 -11.27
N VAL EA 62 34.83 32.23 -11.44
CA VAL EA 62 34.78 33.04 -12.65
C VAL EA 62 35.02 32.17 -13.88
N ALA EA 63 35.98 31.26 -13.80
CA ALA EA 63 36.27 30.38 -14.93
C ALA EA 63 35.07 29.49 -15.25
N ARG EA 64 34.42 28.96 -14.22
CA ARG EA 64 33.27 28.09 -14.46
C ARG EA 64 32.15 28.85 -15.14
N TYR EA 65 31.88 30.08 -14.68
CA TYR EA 65 30.87 30.90 -15.34
C TYR EA 65 31.26 31.18 -16.78
N ARG EA 66 32.52 31.51 -17.02
CA ARG EA 66 32.96 31.81 -18.38
C ARG EA 66 32.85 30.58 -19.27
N GLY EA 67 33.17 29.41 -18.74
CA GLY EA 67 33.00 28.19 -19.52
C GLY EA 67 31.56 27.94 -19.91
N MET EA 68 30.64 28.12 -18.97
CA MET EA 68 29.23 27.98 -19.28
C MET EA 68 28.71 29.12 -20.13
N GLY EA 69 29.42 30.25 -20.16
CA GLY EA 69 28.93 31.41 -20.86
C GLY EA 69 27.83 32.16 -20.16
N ILE EA 70 27.71 32.00 -18.84
CA ILE EA 70 26.62 32.58 -18.08
C ILE EA 70 27.17 33.64 -17.15
N MET EA 71 26.29 34.50 -16.67
CA MET EA 71 26.60 35.47 -15.65
C MET EA 71 26.40 34.86 -14.26
N ALA EA 72 26.91 35.55 -13.24
CA ALA EA 72 26.74 35.07 -11.88
C ALA EA 72 25.28 35.10 -11.47
N ASP EA 73 24.55 36.15 -11.84
CA ASP EA 73 23.15 36.25 -11.48
C ASP EA 73 22.29 35.23 -12.22
N ASP EA 74 22.75 34.71 -13.35
CA ASP EA 74 22.03 33.64 -14.02
C ASP EA 74 21.96 32.39 -13.15
N ALA EA 75 22.99 32.17 -12.33
CA ALA EA 75 23.10 30.94 -11.55
C ALA EA 75 22.06 30.84 -10.45
N MET EA 76 21.33 31.91 -10.15
CA MET EA 76 20.36 31.87 -9.07
C MET EA 76 19.23 30.91 -9.41
N ASN EA 77 18.84 30.12 -8.42
CA ASN EA 77 17.77 29.14 -8.58
C ASN EA 77 16.44 29.79 -8.25
N ASP EA 78 15.46 29.62 -9.14
CA ASP EA 78 14.15 30.25 -8.94
C ASP EA 78 13.30 29.52 -7.92
N LYS EA 79 13.78 28.42 -7.34
CA LYS EA 79 13.09 27.84 -6.20
C LYS EA 79 13.14 28.76 -4.99
N ASP EA 80 14.08 29.69 -4.95
CA ASP EA 80 14.09 30.73 -3.94
C ASP EA 80 13.00 31.74 -4.23
N MET EA 81 12.21 32.10 -3.22
CA MET EA 81 11.03 32.91 -3.45
C MET EA 81 11.37 34.36 -3.75
N ILE EA 82 12.49 34.86 -3.24
CA ILE EA 82 12.89 36.22 -3.60
C ILE EA 82 13.29 36.27 -5.07
N VAL EA 83 13.99 35.24 -5.55
CA VAL EA 83 14.38 35.20 -6.95
C VAL EA 83 13.14 35.13 -7.85
N GLU EA 84 12.16 34.30 -7.46
CA GLU EA 84 10.95 34.20 -8.28
C GLU EA 84 10.22 35.53 -8.34
N ARG EA 85 10.07 36.19 -7.20
CA ARG EA 85 9.35 37.46 -7.17
C ARG EA 85 10.08 38.53 -7.95
N ALA EA 86 11.41 38.44 -8.02
CA ALA EA 86 12.18 39.37 -8.85
C ALA EA 86 12.02 39.06 -10.33
N LEU EA 87 12.05 37.77 -10.69
CA LEU EA 87 11.93 37.39 -12.08
C LEU EA 87 10.57 37.73 -12.66
N ASP EA 88 9.57 37.99 -11.82
CA ASP EA 88 8.28 38.43 -12.32
C ASP EA 88 8.38 39.78 -13.00
N ILE EA 89 9.29 40.64 -12.55
CA ILE EA 89 9.27 42.05 -12.93
C ILE EA 89 10.50 42.47 -13.71
N ILE EA 90 11.32 41.53 -14.17
CA ILE EA 90 12.45 41.89 -15.01
C ILE EA 90 11.95 42.30 -16.39
N PRO EA 91 12.58 43.26 -17.06
CA PRO EA 91 12.15 43.64 -18.41
C PRO EA 91 12.45 42.53 -19.41
N GLU EA 92 11.71 42.57 -20.52
CA GLU EA 92 11.79 41.47 -21.49
C GLU EA 92 13.18 41.38 -22.11
N ASP EA 93 13.83 42.52 -22.34
CA ASP EA 93 15.17 42.48 -22.93
C ASP EA 93 16.14 41.71 -22.05
N ILE EA 94 16.18 42.05 -20.75
CA ILE EA 94 17.01 41.28 -19.82
C ILE EA 94 16.55 39.84 -19.79
N ARG EA 95 15.24 39.61 -19.78
CA ARG EA 95 14.71 38.26 -19.66
C ARG EA 95 15.12 37.39 -20.85
N ILE EA 96 15.08 37.94 -22.06
CA ILE EA 96 15.39 37.15 -23.25
C ILE EA 96 16.84 36.69 -23.21
N GLN EA 97 17.77 37.61 -22.97
CA GLN EA 97 19.18 37.24 -22.96
C GLN EA 97 19.52 36.33 -21.81
N ARG EA 98 18.82 36.46 -20.69
CA ARG EA 98 19.04 35.59 -19.54
C ARG EA 98 18.68 34.15 -19.87
N TYR EA 99 17.58 33.95 -20.58
CA TYR EA 99 17.15 32.60 -20.96
C TYR EA 99 18.11 31.97 -21.95
N ARG EA 100 18.54 32.73 -22.95
CA ARG EA 100 19.43 32.17 -23.96
C ARG EA 100 20.76 31.77 -23.36
N ARG EA 101 21.30 32.59 -22.46
CA ARG EA 101 22.56 32.23 -21.80
C ARG EA 101 22.40 30.97 -20.97
N MET EA 102 21.32 30.87 -20.20
CA MET EA 102 21.11 29.69 -19.37
C MET EA 102 20.89 28.45 -20.23
N MET EA 103 20.21 28.60 -21.36
CA MET EA 103 20.02 27.46 -22.26
C MET EA 103 21.35 26.99 -22.84
N ARG EA 104 22.19 27.92 -23.29
CA ARG EA 104 23.49 27.54 -23.82
C ARG EA 104 24.35 26.88 -22.74
N GLY EA 105 24.29 27.41 -21.52
CA GLY EA 105 25.07 26.82 -20.45
C GLY EA 105 24.70 25.38 -20.17
N ALA EA 106 23.40 25.09 -20.15
CA ALA EA 106 22.95 23.74 -19.86
C ALA EA 106 23.30 22.79 -21.00
N VAL EA 107 23.20 23.25 -22.24
CA VAL EA 107 23.61 22.42 -23.37
C VAL EA 107 25.08 22.08 -23.25
N LEU EA 108 25.92 23.07 -23.01
CA LEU EA 108 27.35 22.82 -22.90
C LEU EA 108 27.67 21.90 -21.74
N ALA EA 109 27.05 22.15 -20.58
CA ALA EA 109 27.33 21.31 -19.42
C ALA EA 109 26.87 19.87 -19.64
N GLY EA 110 25.70 19.70 -20.25
CA GLY EA 110 25.22 18.36 -20.51
C GLY EA 110 26.07 17.59 -21.49
N ARG EA 111 26.56 18.27 -22.53
CA ARG EA 111 27.38 17.64 -23.56
C ARG EA 111 28.87 17.69 -23.21
N LYS EA 112 29.20 18.09 -21.98
CA LYS EA 112 30.58 18.07 -21.48
C LYS EA 112 31.51 18.91 -22.34
N LEU EA 113 31.04 20.07 -22.76
CA LEU EA 113 31.80 21.00 -23.59
C LEU EA 113 31.92 22.34 -22.87
N HIS EA 114 32.76 23.22 -23.43
CA HIS EA 114 32.99 24.54 -22.86
C HIS EA 114 32.90 25.61 -23.93
N LEU EA 115 32.53 26.81 -23.51
CA LEU EA 115 32.35 27.90 -24.45
C LEU EA 115 33.67 28.19 -25.15
N PRO EA 116 33.66 28.44 -26.46
CA PRO EA 116 34.91 28.81 -27.14
C PRO EA 116 35.53 30.02 -26.51
N LEU EA 117 36.86 30.00 -26.40
CA LEU EA 117 37.58 31.08 -25.74
C LEU EA 117 37.29 32.42 -26.39
N GLU EA 118 36.97 32.43 -27.68
CA GLU EA 118 36.69 33.68 -28.38
C GLU EA 118 35.54 34.43 -27.72
N LEU EA 119 34.65 33.72 -27.02
CA LEU EA 119 33.46 34.32 -26.43
C LEU EA 119 33.57 34.47 -24.91
N GLN EA 120 34.74 34.25 -24.34
CA GLN EA 120 34.89 34.19 -22.89
C GLN EA 120 35.41 35.48 -22.27
N ASN EA 121 35.65 36.53 -23.05
CA ASN EA 121 36.24 37.76 -22.51
C ASN EA 121 35.11 38.70 -22.10
N TYR EA 122 34.55 38.40 -20.93
CA TYR EA 122 33.50 39.23 -20.36
C TYR EA 122 33.57 39.14 -18.85
N ASP EA 123 32.92 40.09 -18.18
CA ASP EA 123 32.91 40.16 -16.73
C ASP EA 123 31.66 39.45 -16.21
N PRO EA 124 31.77 38.26 -15.62
CA PRO EA 124 30.57 37.52 -15.23
C PRO EA 124 29.92 38.02 -13.96
N MET EA 125 30.55 38.95 -13.23
CA MET EA 125 30.04 39.40 -11.94
C MET EA 125 29.31 40.74 -12.03
N VAL EA 126 28.77 41.07 -13.19
CA VAL EA 126 27.95 42.27 -13.35
C VAL EA 126 26.59 42.02 -12.70
N PRO EA 127 26.16 42.84 -11.74
CA PRO EA 127 24.94 42.55 -10.97
C PRO EA 127 23.67 43.09 -11.61
N TYR EA 128 23.28 42.48 -12.72
CA TYR EA 128 22.15 43.00 -13.48
C TYR EA 128 20.82 42.76 -12.79
N MET EA 129 20.74 41.80 -11.88
CA MET EA 129 19.50 41.53 -11.17
C MET EA 129 19.31 42.40 -9.94
N ALA EA 130 20.32 43.15 -9.53
CA ALA EA 130 20.26 43.87 -8.25
C ALA EA 130 19.02 44.75 -8.13
N PRO EA 131 18.69 45.61 -9.09
CA PRO EA 131 17.50 46.47 -8.90
C PRO EA 131 16.25 45.68 -8.59
N TYR EA 132 16.05 44.55 -9.26
CA TYR EA 132 14.81 43.81 -9.11
C TYR EA 132 14.80 42.93 -7.87
N ILE EA 133 15.97 42.48 -7.43
CA ILE EA 133 16.04 41.79 -6.14
C ILE EA 133 15.62 42.72 -5.02
N GLU EA 134 16.12 43.96 -5.04
CA GLU EA 134 15.78 44.90 -3.98
C GLU EA 134 14.29 45.24 -4.00
N GLU EA 135 13.71 45.44 -5.18
CA GLU EA 135 12.28 45.70 -5.26
C GLU EA 135 11.49 44.53 -4.72
N ALA EA 136 11.88 43.30 -5.09
CA ALA EA 136 11.16 42.13 -4.62
C ALA EA 136 11.22 42.00 -3.11
N LYS EA 137 12.39 42.25 -2.53
CA LYS EA 137 12.52 42.16 -1.08
C LYS EA 137 11.62 43.19 -0.40
N PHE EA 138 11.53 44.39 -0.96
CA PHE EA 138 10.67 45.41 -0.40
C PHE EA 138 9.20 44.98 -0.44
N GLN EA 139 8.77 44.44 -1.57
CA GLN EA 139 7.39 43.96 -1.67
C GLN EA 139 7.12 42.86 -0.67
N MET EA 140 8.06 41.93 -0.52
CA MET EA 140 7.86 40.82 0.40
C MET EA 140 7.86 41.29 1.85
N GLN EA 141 8.68 42.28 2.18
CA GLN EA 141 8.73 42.76 3.55
C GLN EA 141 7.43 43.46 3.92
N GLU EA 142 6.84 44.20 3.00
CA GLU EA 142 5.55 44.82 3.24
C GLU EA 142 4.48 43.76 3.51
N GLU EA 143 4.44 42.72 2.67
CA GLU EA 143 3.47 41.66 2.87
C GLU EA 143 3.70 40.96 4.20
N GLN EA 144 4.96 40.72 4.54
CA GLN EA 144 5.28 40.08 5.81
C GLN EA 144 4.77 40.91 6.98
N GLU EA 145 5.03 42.22 6.95
CA GLU EA 145 4.71 43.06 8.08
C GLU EA 145 3.21 43.39 8.16
N LEU EA 146 2.56 43.58 7.02
CA LEU EA 146 1.18 44.03 7.00
C LEU EA 146 0.17 42.89 6.89
N LEU EA 147 0.60 41.68 6.57
CA LEU EA 147 -0.34 40.60 6.31
C LEU EA 147 0.03 39.28 6.95
N ALA EA 148 1.17 39.18 7.65
CA ALA EA 148 1.61 37.92 8.21
C ALA EA 148 2.26 38.11 9.57
N TYR EA 149 1.67 38.97 10.41
CA TYR EA 149 2.26 39.28 11.70
C TYR EA 149 1.78 38.38 12.82
N HIS EA 150 0.94 37.40 12.51
CA HIS EA 150 0.34 36.52 13.50
C HIS EA 150 0.20 35.12 12.89
N PRO EA 151 0.31 34.07 13.70
CA PRO EA 151 0.02 32.73 13.20
C PRO EA 151 -1.47 32.45 13.07
N TRP EA 152 -2.03 32.80 11.91
CA TRP EA 152 -3.47 32.80 11.73
C TRP EA 152 -4.08 31.40 11.83
N ASP EA 153 -5.34 31.37 12.25
CA ASP EA 153 -6.14 30.15 12.33
C ASP EA 153 -7.04 30.05 11.11
N ARG EA 154 -7.04 28.88 10.47
CA ARG EA 154 -7.90 28.62 9.33
C ARG EA 154 -8.43 27.20 9.41
N ARG EA 155 -9.59 26.97 8.80
CA ARG EA 155 -10.14 25.62 8.73
C ARG EA 155 -9.15 24.72 8.00
N LEU EA 156 -8.87 23.56 8.59
CA LEU EA 156 -7.79 22.70 8.12
C LEU EA 156 -8.26 21.78 7.02
N TYR EA 157 -7.35 21.49 6.10
CA TYR EA 157 -7.54 20.54 5.00
C TYR EA 157 -8.90 20.72 4.34
N THR EA 158 -9.04 21.91 3.75
CA THR EA 158 -10.23 22.31 3.01
C THR EA 158 -9.78 23.01 1.74
N ALA EA 159 -10.57 22.85 0.67
CA ALA EA 159 -10.30 23.52 -0.59
C ALA EA 159 -8.96 23.13 -1.18
N GLY EA 160 -8.43 21.98 -0.80
CA GLY EA 160 -7.17 21.52 -1.33
C GLY EA 160 -5.94 22.10 -0.66
N VAL EA 161 -6.09 22.68 0.52
CA VAL EA 161 -4.98 23.30 1.24
C VAL EA 161 -5.04 22.88 2.69
N SER EA 162 -3.86 22.80 3.33
CA SER EA 162 -3.77 22.27 4.68
C SER EA 162 -4.35 23.22 5.72
N GLY EA 163 -4.51 24.50 5.39
CA GLY EA 163 -4.94 25.48 6.36
C GLY EA 163 -3.85 26.00 7.25
N PHE EA 164 -2.63 25.46 7.14
CA PHE EA 164 -1.49 25.90 7.92
C PHE EA 164 -0.71 27.02 7.24
N GLY EA 165 -1.17 27.51 6.09
CA GLY EA 165 -0.55 28.66 5.47
C GLY EA 165 -0.29 28.61 3.97
N GLU EA 166 0.09 27.45 3.42
CA GLU EA 166 0.39 27.41 2.00
C GLU EA 166 -0.84 27.81 1.19
N THR EA 167 -0.60 28.36 0.01
CA THR EA 167 -1.67 28.91 -0.81
C THR EA 167 -1.95 28.14 -2.09
N SER EA 168 -1.13 27.14 -2.42
CA SER EA 168 -1.34 26.32 -3.60
C SER EA 168 -2.02 25.01 -3.23
N MET EA 169 -3.00 24.61 -4.03
CA MET EA 169 -3.68 23.35 -3.79
C MET EA 169 -2.81 22.18 -4.16
N HIS EA 170 -2.96 21.09 -3.41
CA HIS EA 170 -2.28 19.83 -3.71
C HIS EA 170 -0.77 20.04 -3.76
N SER EA 171 -0.24 20.74 -2.77
CA SER EA 171 1.16 21.09 -2.68
C SER EA 171 1.88 20.44 -1.50
N THR EA 172 1.21 19.52 -0.79
CA THR EA 172 1.80 18.75 0.29
C THR EA 172 1.42 17.29 0.08
N PHE EA 173 2.08 16.39 0.81
CA PHE EA 173 1.73 14.98 0.70
C PHE EA 173 0.35 14.71 1.30
N LEU EA 174 0.06 15.30 2.46
CA LEU EA 174 -1.21 15.08 3.12
C LEU EA 174 -2.37 15.77 2.41
N THR EA 175 -2.05 16.72 1.54
CA THR EA 175 -3.02 17.35 0.68
C THR EA 175 -2.97 16.75 -0.73
N MET EA 176 -2.09 15.77 -0.93
CA MET EA 176 -1.95 15.03 -2.18
C MET EA 176 -2.09 15.97 -3.37
N ALA FA 1 -11.32 -26.94 21.61
CA ALA FA 1 -10.24 -26.08 22.05
C ALA FA 1 -10.29 -25.83 23.56
N ARG FA 2 -11.48 -26.04 24.14
CA ARG FA 2 -11.67 -25.79 25.56
C ARG FA 2 -12.52 -26.92 26.16
N ALA FA 3 -12.40 -27.07 27.48
CA ALA FA 3 -12.96 -28.23 28.15
C ALA FA 3 -14.47 -28.15 28.31
N TYR FA 4 -15.04 -26.96 28.48
CA TYR FA 4 -16.44 -26.83 28.80
C TYR FA 4 -17.02 -25.62 28.09
N CYS FA 5 -18.34 -25.59 28.00
CA CYS FA 5 -19.08 -24.44 27.53
C CYS FA 5 -19.65 -23.68 28.72
N GLY FA 6 -19.43 -22.38 28.75
CA GLY FA 6 -19.90 -21.58 29.86
C GLY FA 6 -21.39 -21.39 29.83
N ARG FA 7 -21.96 -21.18 31.02
CA ARG FA 7 -23.39 -21.05 31.22
C ARG FA 7 -23.62 -20.19 32.44
N PHE FA 8 -24.81 -19.60 32.53
CA PHE FA 8 -25.20 -18.92 33.75
C PHE FA 8 -25.33 -19.94 34.88
N ALA FA 9 -24.98 -19.50 36.10
CA ALA FA 9 -25.07 -20.41 37.23
C ALA FA 9 -26.50 -20.88 37.45
N PHE FA 10 -27.49 -20.09 37.03
CA PHE FA 10 -28.88 -20.53 37.15
C PHE FA 10 -29.19 -21.65 36.15
N MET FA 11 -28.37 -21.79 35.11
CA MET FA 11 -28.48 -22.90 34.19
C MET FA 11 -27.62 -24.09 34.61
N LEU FA 12 -26.66 -23.86 35.50
CA LEU FA 12 -25.79 -24.90 36.05
C LEU FA 12 -26.35 -25.31 37.41
N ASP FA 13 -27.04 -26.45 37.46
CA ASP FA 13 -27.67 -26.92 38.69
C ASP FA 13 -26.63 -27.61 39.57
N TYR FA 14 -25.84 -26.80 40.27
CA TYR FA 14 -24.83 -27.32 41.17
C TYR FA 14 -25.47 -27.78 42.49
N PRO FA 15 -24.99 -28.87 43.08
CA PRO FA 15 -25.56 -29.30 44.36
C PRO FA 15 -25.54 -28.18 45.39
N LYS FA 16 -26.68 -27.96 46.03
CA LYS FA 16 -26.81 -26.93 47.04
C LYS FA 16 -26.40 -27.42 48.43
N SER FA 17 -26.35 -28.73 48.64
CA SER FA 17 -25.95 -29.33 49.90
C SER FA 17 -25.13 -30.59 49.60
N TYR FA 18 -24.59 -31.21 50.66
CA TYR FA 18 -23.75 -32.40 50.54
C TYR FA 18 -24.28 -33.49 51.46
N HIS FA 19 -24.61 -34.65 50.90
CA HIS FA 19 -24.99 -35.81 51.69
C HIS FA 19 -23.83 -36.81 51.71
N PRO FA 20 -23.21 -37.07 52.86
CA PRO FA 20 -22.03 -37.92 52.87
C PRO FA 20 -22.36 -39.31 52.37
N PRO FA 21 -21.41 -39.98 51.72
CA PRO FA 21 -21.66 -41.35 51.27
C PRO FA 21 -21.96 -42.28 52.43
N ARG FA 22 -22.86 -43.22 52.21
CA ARG FA 22 -23.21 -44.19 53.22
C ARG FA 22 -21.99 -45.04 53.58
N LYS FA 23 -21.96 -45.52 54.81
CA LYS FA 23 -20.89 -46.39 55.26
C LYS FA 23 -21.38 -47.84 55.33
N ASN FA 24 -20.52 -48.74 54.90
CA ASN FA 24 -20.85 -50.15 54.83
C ASN FA 24 -20.77 -50.79 56.22
N GLU FA 25 -21.27 -52.02 56.31
CA GLU FA 25 -21.14 -52.77 57.57
C GLU FA 25 -19.68 -52.90 57.97
N ASP FA 26 -18.81 -53.17 56.99
CA ASP FA 26 -17.37 -53.22 57.28
C ASP FA 26 -16.86 -51.87 57.76
N GLY FA 27 -17.49 -50.78 57.31
CA GLY FA 27 -17.03 -49.44 57.62
C GLY FA 27 -16.41 -48.70 56.45
N ASP FA 28 -16.28 -49.35 55.30
CA ASP FA 28 -15.80 -48.67 54.11
C ASP FA 28 -16.94 -47.94 53.43
N TYR FA 29 -16.67 -46.70 53.03
CA TYR FA 29 -17.70 -45.90 52.35
C TYR FA 29 -18.09 -46.57 51.04
N VAL FA 30 -19.37 -46.64 50.79
CA VAL FA 30 -19.88 -47.22 49.56
C VAL FA 30 -19.98 -46.13 48.51
N ASP FA 31 -19.61 -46.47 47.28
CA ASP FA 31 -19.62 -45.51 46.20
C ASP FA 31 -21.03 -44.98 45.96
N PRO FA 32 -21.25 -43.67 46.02
CA PRO FA 32 -22.58 -43.14 45.71
C PRO FA 32 -23.10 -43.57 44.36
N ARG FA 33 -22.21 -43.69 43.38
CA ARG FA 33 -22.64 -44.08 42.04
C ARG FA 33 -23.20 -45.48 42.02
N THR FA 34 -22.54 -46.41 42.70
CA THR FA 34 -23.02 -47.79 42.73
C THR FA 34 -24.41 -47.86 43.35
N ASP FA 35 -24.67 -47.07 44.38
CA ASP FA 35 -26.00 -47.05 44.97
C ASP FA 35 -27.03 -46.45 44.02
N MET FA 36 -26.60 -45.51 43.17
CA MET FA 36 -27.51 -44.88 42.23
C MET FA 36 -27.77 -45.72 41.00
N LEU FA 37 -27.00 -46.77 40.77
CA LEU FA 37 -27.18 -47.57 39.56
C LEU FA 37 -28.56 -48.18 39.46
N PRO FA 38 -29.08 -48.89 40.48
CA PRO FA 38 -30.41 -49.49 40.33
C PRO FA 38 -31.50 -48.46 40.07
N LYS FA 39 -31.46 -47.33 40.78
CA LYS FA 39 -32.50 -46.33 40.62
C LYS FA 39 -32.50 -45.74 39.22
N CYS FA 40 -31.32 -45.51 38.64
CA CYS FA 40 -31.24 -44.94 37.31
C CYS FA 40 -31.56 -45.97 36.24
N ALA FA 41 -31.33 -47.25 36.52
CA ALA FA 41 -31.71 -48.30 35.59
C ALA FA 41 -33.23 -48.38 35.46
N ALA FA 42 -33.94 -48.15 36.56
CA ALA FA 42 -35.40 -48.17 36.53
C ALA FA 42 -35.93 -46.99 35.72
N GLU FA 43 -35.28 -45.83 35.82
CA GLU FA 43 -35.67 -44.67 35.05
C GLU FA 43 -35.46 -44.88 33.56
N CYS FA 44 -34.59 -45.82 33.18
CA CYS FA 44 -34.30 -46.15 31.79
C CYS FA 44 -34.85 -47.52 31.42
N SER FA 45 -35.96 -47.91 32.06
CA SER FA 45 -36.49 -49.26 31.87
C SER FA 45 -36.83 -49.53 30.41
N GLU FA 46 -37.32 -48.52 29.70
CA GLU FA 46 -37.76 -48.75 28.32
C GLU FA 46 -36.59 -49.21 27.44
N TRP FA 47 -35.42 -48.58 27.61
CA TRP FA 47 -34.26 -49.00 26.83
C TRP FA 47 -33.72 -50.33 27.33
N LEU FA 48 -33.85 -50.59 28.63
CA LEU FA 48 -33.37 -51.85 29.18
C LEU FA 48 -34.18 -53.03 28.67
N THR FA 49 -35.49 -52.84 28.48
CA THR FA 49 -36.31 -53.89 27.89
C THR FA 49 -35.87 -54.18 26.47
N GLU FA 50 -35.56 -53.13 25.70
CA GLU FA 50 -35.06 -53.32 24.35
C GLU FA 50 -33.76 -54.13 24.35
N TYR FA 51 -32.84 -53.79 25.27
CA TYR FA 51 -31.58 -54.54 25.36
C TYR FA 51 -31.82 -55.97 25.79
N ASN FA 52 -32.69 -56.18 26.77
CA ASN FA 52 -32.95 -57.53 27.26
C ASN FA 52 -33.57 -58.38 26.17
N ALA FA 53 -34.42 -57.78 25.35
CA ALA FA 53 -35.01 -58.49 24.22
C ALA FA 53 -33.94 -58.93 23.25
N CYS FA 54 -33.00 -58.05 22.93
CA CYS FA 54 -31.93 -58.39 22.00
C CYS FA 54 -31.15 -59.59 22.52
N VAL FA 55 -30.84 -59.59 23.81
CA VAL FA 55 -30.06 -60.67 24.41
C VAL FA 55 -30.73 -62.02 24.14
N GLN FA 56 -32.05 -62.07 24.29
CA GLN FA 56 -32.76 -63.32 24.11
C GLN FA 56 -32.85 -63.70 22.63
N ARG FA 57 -32.90 -62.70 21.74
CA ARG FA 57 -32.95 -62.99 20.30
C ARG FA 57 -31.60 -63.51 19.81
N ILE FA 58 -30.50 -62.99 20.36
CA ILE FA 58 -29.18 -63.46 19.95
C ILE FA 58 -28.88 -64.80 20.62
N LYS FA 59 -29.57 -65.10 21.73
CA LYS FA 59 -29.35 -66.35 22.44
C LYS FA 59 -29.89 -67.53 21.63
N MET FA 60 -30.95 -67.27 20.86
CA MET FA 60 -31.59 -68.32 20.06
C MET FA 60 -30.74 -68.66 18.84
N ARG FA 61 -30.25 -67.64 18.12
CA ARG FA 61 -29.41 -67.86 16.95
C ARG FA 61 -28.48 -69.04 17.20
N THR FA 62 -28.54 -70.05 16.31
CA THR FA 62 -27.68 -71.23 16.45
C THR FA 62 -26.29 -71.02 15.89
N ASP FA 63 -26.07 -69.98 15.11
CA ASP FA 63 -24.73 -69.58 14.74
C ASP FA 63 -24.15 -68.76 15.90
N GLY FA 64 -22.90 -68.34 15.78
CA GLY FA 64 -22.25 -67.60 16.86
C GLY FA 64 -22.36 -66.09 16.70
N ARG FA 65 -22.96 -65.65 15.60
CA ARG FA 65 -23.08 -64.19 15.30
C ARG FA 65 -24.15 -63.55 16.18
N GLY FA 66 -24.09 -62.23 16.39
CA GLY FA 66 -25.09 -61.47 17.17
C GLY FA 66 -24.45 -60.74 18.35
N ASN FA 67 -24.72 -59.42 18.42
CA ASN FA 67 -24.27 -58.57 19.52
C ASN FA 67 -25.43 -57.68 19.93
N CYS FA 68 -25.37 -57.13 21.15
CA CYS FA 68 -26.39 -56.21 21.63
C CYS FA 68 -25.74 -54.93 22.14
N GLN FA 69 -24.61 -54.55 21.53
CA GLN FA 69 -23.90 -53.34 21.91
C GLN FA 69 -24.71 -52.10 21.60
N GLY FA 70 -25.38 -52.08 20.45
CA GLY FA 70 -26.14 -50.90 20.07
C GLY FA 70 -27.17 -50.52 21.10
N GLN FA 71 -27.90 -51.51 21.60
CA GLN FA 71 -28.95 -51.26 22.58
C GLN FA 71 -28.39 -51.01 23.97
N TYR FA 72 -27.20 -51.57 24.25
CA TYR FA 72 -26.53 -51.34 25.53
C TYR FA 72 -26.00 -49.92 25.61
N GLU FA 73 -25.53 -49.37 24.48
CA GLU FA 73 -25.01 -48.01 24.47
C GLU FA 73 -26.13 -46.99 24.66
N GLU FA 74 -27.33 -47.31 24.19
CA GLU FA 74 -28.48 -46.43 24.43
C GLU FA 74 -28.93 -46.51 25.88
N PHE FA 75 -28.95 -47.72 26.46
CA PHE FA 75 -29.29 -47.85 27.87
C PHE FA 75 -28.25 -47.17 28.75
N ALA FA 76 -26.98 -47.37 28.42
CA ALA FA 76 -25.91 -46.82 29.25
C ALA FA 76 -25.92 -45.30 29.21
N MET FA 77 -26.10 -44.73 28.01
CA MET FA 77 -26.20 -43.28 27.89
C MET FA 77 -27.36 -42.74 28.71
N CYS FA 78 -28.46 -43.48 28.77
CA CYS FA 78 -29.61 -43.04 29.55
C CYS FA 78 -29.33 -43.15 31.04
N GLN FA 79 -28.82 -44.29 31.49
CA GLN FA 79 -28.51 -44.45 32.91
C GLN FA 79 -27.52 -43.40 33.38
N ASP FA 80 -26.59 -43.03 32.51
CA ASP FA 80 -25.55 -42.08 32.89
C ASP FA 80 -26.07 -40.65 32.95
N HIS FA 81 -26.98 -40.28 32.04
CA HIS FA 81 -27.62 -38.97 32.13
C HIS FA 81 -28.33 -38.82 33.46
N CYS FA 82 -29.00 -39.88 33.91
CA CYS FA 82 -29.65 -39.87 35.21
C CYS FA 82 -28.65 -39.69 36.34
N ILE FA 83 -27.51 -40.38 36.26
CA ILE FA 83 -26.51 -40.27 37.32
C ILE FA 83 -25.96 -38.87 37.39
N ALA FA 84 -25.72 -38.24 36.24
CA ALA FA 84 -25.11 -36.92 36.23
C ALA FA 84 -25.96 -35.90 36.97
N HIS FA 85 -27.27 -36.08 36.97
CA HIS FA 85 -28.16 -35.10 37.59
C HIS FA 85 -28.10 -35.14 39.11
N GLU FA 86 -27.55 -36.18 39.72
CA GLU FA 86 -27.60 -36.30 41.17
C GLU FA 86 -26.34 -36.86 41.83
N LEU FA 87 -25.27 -37.11 41.10
CA LEU FA 87 -24.11 -37.78 41.70
C LEU FA 87 -23.24 -36.81 42.49
N PHE FA 88 -22.99 -35.62 41.96
CA PHE FA 88 -22.09 -34.67 42.61
C PHE FA 88 -22.63 -34.17 43.94
N HIS FA 89 -23.90 -34.45 44.24
CA HIS FA 89 -24.48 -34.09 45.53
C HIS FA 89 -23.97 -34.98 46.66
N TYR FA 90 -23.38 -36.13 46.32
CA TYR FA 90 -22.78 -37.03 47.29
C TYR FA 90 -21.26 -36.97 47.26
N LEU FA 91 -20.67 -36.07 46.47
CA LEU FA 91 -19.24 -35.97 46.31
C LEU FA 91 -18.76 -34.60 46.76
N LYS FA 92 -17.61 -34.56 47.43
CA LYS FA 92 -17.04 -33.31 47.90
C LYS FA 92 -16.25 -32.63 46.78
N PRO GA 1 -26.87 51.27 20.44
CA PRO GA 1 -27.69 52.02 19.49
C PRO GA 1 -27.82 51.34 18.14
N PRO GA 2 -28.86 51.69 17.38
CA PRO GA 2 -29.08 51.03 16.09
C PRO GA 2 -28.06 51.42 15.05
N ILE GA 3 -27.80 50.50 14.14
CA ILE GA 3 -26.93 50.72 12.99
C ILE GA 3 -27.81 50.93 11.78
N GLN GA 4 -27.68 52.08 11.14
CA GLN GA 4 -28.56 52.47 10.04
C GLN GA 4 -27.92 52.32 8.68
N LYS GA 5 -26.72 51.76 8.59
CA LYS GA 5 -26.03 51.62 7.32
C LYS GA 5 -25.47 50.21 7.20
N PRO GA 6 -25.30 49.72 5.97
CA PRO GA 6 -24.74 48.38 5.79
C PRO GA 6 -23.31 48.30 6.27
N LEU GA 7 -22.91 47.11 6.71
CA LEU GA 7 -21.54 46.90 7.19
C LEU GA 7 -20.51 47.13 6.11
N LEU GA 8 -20.91 47.04 4.84
CA LEU GA 8 -20.00 47.29 3.73
C LEU GA 8 -20.25 48.71 3.22
N PRO GA 9 -19.39 49.67 3.51
CA PRO GA 9 -19.59 51.02 2.97
C PRO GA 9 -19.49 51.03 1.45
N SER GA 10 -20.33 51.85 0.83
CA SER GA 10 -20.37 51.89 -0.63
C SER GA 10 -19.04 52.34 -1.20
N GLY GA 11 -18.54 53.49 -0.72
CA GLY GA 11 -17.30 54.02 -1.24
C GLY GA 11 -17.42 54.66 -2.60
N ARG GA 12 -18.63 54.81 -3.12
CA ARG GA 12 -18.87 55.41 -4.43
C ARG GA 12 -19.46 56.80 -4.26
N ALA GA 13 -19.47 57.54 -5.37
CA ALA GA 13 -20.09 58.86 -5.36
C ALA GA 13 -21.60 58.74 -5.24
N VAL GA 14 -22.19 59.61 -4.43
CA VAL GA 14 -23.63 59.58 -4.22
C VAL GA 14 -24.36 60.16 -5.43
N LEU GA 15 -24.01 61.39 -5.80
CA LEU GA 15 -24.62 62.02 -6.96
C LEU GA 15 -24.17 61.34 -8.24
N LYS GA 16 -25.10 61.18 -9.18
CA LYS GA 16 -24.82 60.53 -10.45
C LYS GA 16 -24.12 61.49 -11.40
N HIS GA 17 -23.54 60.94 -12.47
CA HIS GA 17 -22.78 61.74 -13.43
C HIS GA 17 -23.65 62.84 -14.02
N GLY GA 18 -23.19 64.09 -13.91
CA GLY GA 18 -23.88 65.21 -14.49
C GLY GA 18 -25.03 65.74 -13.67
N ARG GA 19 -25.44 65.01 -12.64
CA ARG GA 19 -26.52 65.43 -11.76
C ARG GA 19 -25.94 66.10 -10.53
N SER GA 20 -26.55 67.20 -10.12
CA SER GA 20 -26.10 67.99 -8.98
C SER GA 20 -27.08 67.87 -7.83
N MET GA 21 -26.73 68.53 -6.72
CA MET GA 21 -27.60 68.59 -5.56
C MET GA 21 -28.86 69.40 -5.85
N LEU GA 22 -28.86 70.18 -6.92
CA LEU GA 22 -30.00 70.98 -7.33
C LEU GA 22 -30.92 70.23 -8.28
N CYS GA 23 -30.38 69.31 -9.09
CA CYS GA 23 -31.14 68.66 -10.14
C CYS GA 23 -31.19 67.14 -9.99
N SER GA 24 -30.80 66.60 -8.85
CA SER GA 24 -30.85 65.16 -8.61
C SER GA 24 -32.22 64.70 -8.13
N GLY GA 25 -33.20 65.59 -8.07
CA GLY GA 25 -34.47 65.26 -7.47
C GLY GA 25 -34.38 65.35 -5.96
N ASN GA 26 -35.14 64.51 -5.29
CA ASN GA 26 -35.05 64.36 -3.84
C ASN GA 26 -34.37 63.02 -3.57
N LEU GA 27 -33.15 63.08 -3.04
CA LEU GA 27 -32.36 61.86 -2.85
C LEU GA 27 -32.96 60.92 -1.82
N SER GA 28 -33.94 61.38 -1.04
CA SER GA 28 -34.53 60.51 -0.03
C SER GA 28 -35.43 59.45 -0.65
N TYR GA 29 -36.10 59.77 -1.76
CA TYR GA 29 -37.04 58.84 -2.36
C TYR GA 29 -36.94 58.72 -3.88
N ASP GA 30 -36.07 59.49 -4.53
CA ASP GA 30 -35.95 59.39 -5.98
C ASP GA 30 -35.46 58.01 -6.39
N VAL GA 31 -35.99 57.52 -7.52
CA VAL GA 31 -35.69 56.16 -7.97
C VAL GA 31 -34.21 56.02 -8.29
N ASN GA 32 -33.61 57.03 -8.90
CA ASN GA 32 -32.21 56.95 -9.30
C ASN GA 32 -31.26 57.27 -8.14
N SER GA 33 -31.78 57.76 -7.03
CA SER GA 33 -30.92 58.08 -5.89
C SER GA 33 -30.25 56.83 -5.35
N THR GA 34 -28.96 56.95 -5.04
CA THR GA 34 -28.22 55.85 -4.47
C THR GA 34 -28.38 55.72 -2.97
N ILE GA 35 -29.00 56.71 -2.32
CA ILE GA 35 -29.19 56.71 -0.89
C ILE GA 35 -30.67 56.75 -0.51
N LYS GA 36 -31.55 56.43 -1.46
CA LYS GA 36 -32.97 56.40 -1.18
C LYS GA 36 -33.28 55.40 -0.08
N ALA GA 37 -34.02 55.84 0.93
CA ALA GA 37 -34.44 54.94 1.99
C ALA GA 37 -35.28 53.81 1.39
N PRO GA 38 -34.93 52.55 1.63
CA PRO GA 38 -35.63 51.46 0.94
C PRO GA 38 -37.12 51.43 1.26
N GLU GA 39 -37.85 50.64 0.46
CA GLU GA 39 -39.29 50.52 0.58
C GLU GA 39 -39.68 49.42 1.55
N CYS GA 40 -40.65 49.72 2.41
CA CYS GA 40 -41.18 48.75 3.37
C CYS GA 40 -42.42 48.07 2.80
N LYS GA 41 -42.24 47.37 1.69
CA LYS GA 41 -43.34 46.66 1.08
C LYS GA 41 -43.81 45.49 1.95
N ARG GA 42 -42.86 44.80 2.58
CA ARG GA 42 -43.16 43.67 3.45
C ARG GA 42 -42.78 43.94 4.90
N GLY GA 43 -42.48 45.17 5.27
CA GLY GA 43 -42.11 45.54 6.63
C GLY GA 43 -40.67 46.01 6.72
N MET GA 44 -40.32 46.48 7.91
CA MET GA 44 -39.00 47.02 8.20
C MET GA 44 -38.13 45.96 8.88
N GLY GA 45 -36.85 45.91 8.47
CA GLY GA 45 -35.91 45.00 9.08
C GLY GA 45 -35.03 44.26 8.10
N PHE GA 46 -35.52 44.07 6.87
CA PHE GA 46 -34.79 43.31 5.86
C PHE GA 46 -33.55 44.01 5.37
N THR GA 47 -33.39 45.30 5.66
CA THR GA 47 -32.21 46.03 5.23
C THR GA 47 -30.96 45.57 5.94
N GLN GA 48 -31.09 44.86 7.07
CA GLN GA 48 -29.93 44.30 7.74
C GLN GA 48 -29.34 43.13 6.97
N PHE GA 49 -30.10 42.54 6.06
CA PHE GA 49 -29.64 41.43 5.25
C PHE GA 49 -29.44 41.83 3.79
N LYS GA 50 -29.95 42.99 3.38
CA LYS GA 50 -29.97 43.37 1.98
C LYS GA 50 -28.57 43.65 1.46
N ARG GA 51 -28.32 43.25 0.21
CA ARG GA 51 -27.09 43.58 -0.49
C ARG GA 51 -27.33 44.88 -1.26
N PHE GA 52 -26.69 45.96 -0.80
CA PHE GA 52 -26.88 47.27 -1.40
C PHE GA 52 -25.97 47.51 -2.60
N THR GA 53 -25.11 46.57 -2.95
CA THR GA 53 -24.26 46.71 -4.12
C THR GA 53 -25.12 46.64 -5.37
N PRO GA 54 -25.08 47.64 -6.26
CA PRO GA 54 -26.02 47.64 -7.40
C PRO GA 54 -25.78 46.53 -8.40
N VAL GA 55 -24.54 46.14 -8.66
CA VAL GA 55 -24.23 45.20 -9.74
C VAL GA 55 -24.77 43.81 -9.39
N PRO GA 56 -25.55 43.18 -10.26
CA PRO GA 56 -26.04 41.81 -9.96
C PRO GA 56 -24.90 40.82 -9.75
N ILE GA 57 -25.18 39.81 -8.94
CA ILE GA 57 -24.18 38.80 -8.59
C ILE GA 57 -23.86 37.94 -9.81
N GLU GA 58 -22.57 37.71 -10.04
CA GLU GA 58 -22.07 36.76 -11.03
C GLU GA 58 -21.53 35.54 -10.27
N SER GA 59 -22.32 34.48 -10.22
CA SER GA 59 -21.96 33.33 -9.39
C SER GA 59 -20.63 32.74 -9.84
N GLY GA 60 -19.72 32.56 -8.91
CA GLY GA 60 -18.45 31.92 -9.16
C GLY GA 60 -17.39 32.81 -9.79
N VAL GA 61 -17.68 34.09 -10.05
CA VAL GA 61 -16.66 34.99 -10.54
C VAL GA 61 -15.45 34.89 -9.64
N SER GA 62 -14.27 34.82 -10.24
CA SER GA 62 -13.05 34.59 -9.47
C SER GA 62 -12.56 35.88 -8.85
N VAL GA 63 -12.19 35.80 -7.57
CA VAL GA 63 -11.52 36.89 -6.87
C VAL GA 63 -10.26 36.41 -6.16
N GLY GA 64 -9.91 35.14 -6.28
CA GLY GA 64 -8.76 34.60 -5.59
C GLY GA 64 -7.61 34.26 -6.52
N ASN GA 65 -7.50 34.96 -7.64
CA ASN GA 65 -6.39 34.77 -8.57
C ASN GA 65 -5.27 35.73 -8.18
N ARG GA 66 -4.14 35.19 -7.75
CA ARG GA 66 -2.98 35.98 -7.39
C ARG GA 66 -2.11 36.30 -8.59
N GLY GA 67 -2.67 36.24 -9.80
CA GLY GA 67 -1.89 36.40 -11.01
C GLY GA 67 -1.28 35.11 -11.53
N TRP GA 68 -1.77 33.96 -11.09
CA TRP GA 68 -1.23 32.68 -11.49
C TRP GA 68 -1.87 32.10 -12.73
N PHE GA 69 -2.99 32.67 -13.18
CA PHE GA 69 -3.71 32.13 -14.33
C PHE GA 69 -4.23 33.28 -15.20
N PHE GA 70 -4.33 33.01 -16.49
CA PHE GA 70 -5.00 33.91 -17.41
C PHE GA 70 -6.50 33.68 -17.36
N PRO GA 71 -7.29 34.67 -17.77
CA PRO GA 71 -8.74 34.46 -17.86
C PRO GA 71 -9.07 33.36 -18.85
N GLY GA 72 -10.03 32.52 -18.49
CA GLY GA 72 -10.48 31.44 -19.33
C GLY GA 72 -9.70 30.15 -19.21
N VAL GA 73 -8.63 30.13 -18.43
CA VAL GA 73 -7.80 28.95 -18.25
C VAL GA 73 -8.19 28.29 -16.94
N ILE GA 74 -8.44 26.99 -16.98
CA ILE GA 74 -8.95 26.25 -15.83
C ILE GA 74 -7.75 25.68 -15.07
N PRO GA 75 -7.56 26.03 -13.81
CA PRO GA 75 -6.49 25.40 -13.02
C PRO GA 75 -6.73 23.91 -12.82
N TYR GA 76 -5.66 23.13 -12.87
CA TYR GA 76 -5.72 21.69 -12.66
C TYR GA 76 -4.93 21.35 -11.39
N GLN GA 77 -5.64 20.83 -10.39
CA GLN GA 77 -5.04 20.51 -9.09
C GLN GA 77 -4.24 21.70 -8.57
N GLY GA 78 -4.76 22.90 -8.81
CA GLY GA 78 -4.16 24.12 -8.32
C GLY GA 78 -2.85 24.49 -8.97
N HIS GA 79 -2.65 24.10 -10.22
CA HIS GA 79 -1.40 24.37 -10.93
C HIS GA 79 -1.68 24.55 -12.41
N ILE HA 1 -33.34 30.92 -15.36
CA ILE HA 1 -34.36 30.62 -14.38
C ILE HA 1 -35.38 29.66 -14.99
N GLY HA 2 -36.02 28.84 -14.16
CA GLY HA 2 -36.96 27.84 -14.62
C GLY HA 2 -36.33 26.46 -14.68
N PRO HA 3 -37.14 25.44 -14.99
CA PRO HA 3 -36.62 24.07 -15.00
C PRO HA 3 -35.68 23.85 -16.17
N PRO HA 4 -34.75 22.91 -16.05
CA PRO HA 4 -33.85 22.62 -17.17
C PRO HA 4 -34.59 22.08 -18.38
N LEU HA 5 -34.18 22.55 -19.55
CA LEU HA 5 -34.77 22.09 -20.81
C LEU HA 5 -34.35 20.65 -21.10
N ARG HA 6 -35.28 19.88 -21.66
CA ARG HA 6 -35.02 18.47 -21.97
C ARG HA 6 -34.15 18.35 -23.21
N THR HA 7 -33.13 17.50 -23.14
CA THR HA 7 -32.28 17.22 -24.29
C THR HA 7 -31.73 15.81 -24.16
N ALA HA 8 -31.68 15.09 -25.27
CA ALA HA 8 -31.08 13.77 -25.29
C ALA HA 8 -29.56 13.87 -25.22
N GLN HA 9 -28.93 12.86 -24.65
CA GLN HA 9 -27.49 12.79 -24.62
C GLN HA 9 -26.96 12.26 -25.94
N ILE HA 10 -25.95 12.93 -26.49
CA ILE HA 10 -25.25 12.39 -27.65
C ILE HA 10 -24.59 11.07 -27.25
N GLY HA 11 -24.86 10.02 -28.01
CA GLY HA 11 -24.31 8.72 -27.72
C GLY HA 11 -23.29 8.29 -28.76
N PRO HA 12 -22.86 7.02 -28.71
CA PRO HA 12 -23.39 5.96 -27.85
C PRO HA 12 -23.08 6.18 -26.36
N THR HA 13 -24.03 5.80 -25.49
CA THR HA 13 -23.87 5.91 -24.05
C THR HA 13 -23.60 4.57 -23.38
N VAL HA 14 -23.30 3.52 -24.16
CA VAL HA 14 -22.95 2.22 -23.64
C VAL HA 14 -21.65 1.79 -24.30
N GLY HA 15 -20.98 0.83 -23.69
CA GLY HA 15 -19.72 0.30 -24.20
C GLY HA 15 -18.65 0.24 -23.13
N GLY HA 16 -17.52 -0.35 -23.51
CA GLY HA 16 -16.37 -0.40 -22.65
C GLY HA 16 -16.40 -1.46 -21.59
N ASN HA 17 -17.28 -2.44 -21.73
CA ASN HA 17 -17.49 -3.47 -20.71
C ASN HA 17 -17.27 -4.82 -21.37
N GLY HA 18 -16.00 -5.16 -21.60
CA GLY HA 18 -15.64 -6.41 -22.22
C GLY HA 18 -15.09 -7.38 -21.20
N GLY HA 19 -14.59 -6.84 -20.10
CA GLY HA 19 -14.15 -7.69 -19.00
C GLY HA 19 -15.31 -8.45 -18.37
N ARG HA 20 -16.47 -7.81 -18.28
CA ARG HA 20 -17.64 -8.47 -17.73
C ARG HA 20 -18.15 -9.55 -18.69
N THR HA 21 -18.08 -9.30 -19.99
CA THR HA 21 -18.47 -10.30 -20.97
C THR HA 21 -17.50 -11.47 -21.00
N PHE HA 22 -16.22 -11.22 -20.72
CA PHE HA 22 -15.25 -12.30 -20.63
C PHE HA 22 -15.57 -13.21 -19.45
N VAL HA 23 -15.85 -12.62 -18.29
CA VAL HA 23 -16.18 -13.39 -17.10
C VAL HA 23 -17.42 -14.25 -17.36
N LEU HA 24 -18.42 -13.68 -18.02
CA LEU HA 24 -19.62 -14.44 -18.35
C LEU HA 24 -19.26 -15.67 -19.18
N TYR HA 25 -18.48 -15.48 -20.25
CA TYR HA 25 -18.18 -16.60 -21.14
C TYR HA 25 -17.26 -17.62 -20.47
N LEU HA 26 -16.30 -17.15 -19.68
CA LEU HA 26 -15.42 -18.07 -18.96
C LEU HA 26 -16.21 -18.88 -17.93
N THR HA 27 -17.06 -18.21 -17.14
CA THR HA 27 -17.81 -18.89 -16.11
C THR HA 27 -18.81 -19.89 -16.70
N THR HA 28 -19.53 -19.48 -17.75
CA THR HA 28 -20.45 -20.39 -18.41
C THR HA 28 -19.71 -21.59 -18.97
N THR HA 29 -18.59 -21.33 -19.66
CA THR HA 29 -17.82 -22.43 -20.25
C THR HA 29 -17.36 -23.41 -19.18
N ILE HA 30 -16.75 -22.92 -18.11
CA ILE HA 30 -16.26 -23.79 -17.05
C ILE HA 30 -17.41 -24.60 -16.46
N ASN HA 31 -18.52 -23.92 -16.16
CA ASN HA 31 -19.62 -24.61 -15.50
C ASN HA 31 -20.38 -25.51 -16.47
N VAL HA 32 -20.37 -25.20 -17.76
CA VAL HA 32 -20.95 -26.11 -18.74
C VAL HA 32 -20.11 -27.37 -18.86
N LEU HA 33 -18.79 -27.24 -18.76
CA LEU HA 33 -17.91 -28.39 -18.83
C LEU HA 33 -17.89 -29.17 -17.52
N ILE HA 34 -18.19 -28.51 -16.40
CA ILE HA 34 -18.35 -29.22 -15.14
C ILE HA 34 -19.61 -30.06 -15.17
N ALA HA 35 -20.66 -29.55 -15.80
CA ALA HA 35 -21.90 -30.31 -15.93
C ALA HA 35 -21.69 -31.60 -16.70
N PHE HA 36 -20.92 -31.54 -17.79
CA PHE HA 36 -20.64 -32.73 -18.59
C PHE HA 36 -19.89 -33.76 -17.77
N GLN HA 37 -18.85 -33.33 -17.05
CA GLN HA 37 -18.04 -34.27 -16.27
C GLN HA 37 -18.85 -34.91 -15.16
N VAL HA 38 -19.63 -34.11 -14.44
CA VAL HA 38 -20.40 -34.64 -13.32
C VAL HA 38 -21.54 -35.51 -13.82
N SER HA 39 -22.19 -35.11 -14.92
CA SER HA 39 -23.25 -35.94 -15.47
C SER HA 39 -22.70 -37.27 -15.96
N TRP HA 40 -21.52 -37.25 -16.56
CA TRP HA 40 -20.92 -38.47 -17.09
C TRP HA 40 -20.44 -39.37 -15.97
N ALA HA 41 -19.52 -38.87 -15.13
CA ALA HA 41 -18.84 -39.71 -14.16
C ALA HA 41 -19.78 -40.20 -13.06
N CYS HA 42 -20.77 -39.41 -12.69
CA CYS HA 42 -21.63 -39.76 -11.56
C CYS HA 42 -22.88 -40.51 -11.96
N TYR HA 43 -23.35 -40.36 -13.21
CA TYR HA 43 -24.56 -41.04 -13.66
C TYR HA 43 -24.36 -41.88 -14.90
N LEU HA 44 -23.95 -41.28 -16.02
CA LEU HA 44 -23.91 -41.99 -17.28
C LEU HA 44 -22.87 -43.11 -17.25
N GLN HA 45 -21.61 -42.75 -17.07
CA GLN HA 45 -20.50 -43.69 -17.03
C GLN HA 45 -20.84 -44.94 -16.21
N PRO HA 46 -21.24 -44.80 -14.94
CA PRO HA 46 -21.57 -46.01 -14.17
C PRO HA 46 -22.56 -46.92 -14.87
N ARG HA 47 -23.64 -46.34 -15.39
CA ARG HA 47 -24.68 -47.14 -16.04
C ARG HA 47 -24.18 -47.75 -17.34
N TRP HA 48 -23.33 -47.02 -18.07
CA TRP HA 48 -22.77 -47.57 -19.30
C TRP HA 48 -21.92 -48.80 -19.02
N ARG HA 49 -21.10 -48.75 -17.97
CA ARG HA 49 -20.27 -49.89 -17.64
C ARG HA 49 -21.12 -51.11 -17.29
N SER HA 50 -22.19 -50.90 -16.53
CA SER HA 50 -23.07 -52.01 -16.18
C SER HA 50 -23.64 -52.66 -17.43
N PHE HA 51 -24.12 -51.85 -18.37
CA PHE HA 51 -24.65 -52.40 -19.62
C PHE HA 51 -23.61 -53.22 -20.34
N ARG HA 52 -22.40 -52.67 -20.52
CA ARG HA 52 -21.35 -53.41 -21.19
C ARG HA 52 -21.04 -54.71 -20.46
N SER HA 53 -21.08 -54.67 -19.13
CA SER HA 53 -20.77 -55.87 -18.36
C SER HA 53 -21.88 -56.89 -18.43
N ASP HA 54 -23.13 -56.45 -18.62
CA ASP HA 54 -24.23 -57.35 -18.90
C ASP HA 54 -24.36 -57.65 -20.39
N MET HA 55 -23.66 -56.89 -21.23
CA MET HA 55 -23.50 -57.24 -22.64
C MET HA 55 -22.40 -58.26 -22.83
N LEU HA 56 -21.67 -58.59 -21.77
CA LEU HA 56 -20.68 -59.65 -21.81
C LEU HA 56 -21.28 -61.02 -21.50
N GLU HA 57 -22.56 -61.06 -21.11
CA GLU HA 57 -23.24 -62.36 -21.03
C GLU HA 57 -23.26 -63.02 -22.40
N LYS HA 58 -23.33 -62.22 -23.46
CA LYS HA 58 -23.23 -62.74 -24.81
C LYS HA 58 -21.86 -63.35 -25.05
N PHE HA 59 -20.83 -62.74 -24.46
CA PHE HA 59 -19.42 -63.14 -24.55
C PHE HA 59 -19.08 -63.72 -25.92
N PRO HA 60 -19.46 -63.06 -27.03
CA PRO HA 60 -18.93 -63.49 -28.32
C PRO HA 60 -17.43 -63.23 -28.32
N SER HA 61 -17.07 -61.97 -28.02
CA SER HA 61 -15.67 -61.58 -27.84
C SER HA 61 -15.60 -60.72 -26.57
N LEU HA 62 -15.69 -61.35 -25.41
CA LEU HA 62 -15.39 -60.71 -24.14
C LEU HA 62 -13.87 -60.60 -24.00
N GLN HA 63 -13.42 -59.78 -23.05
CA GLN HA 63 -11.98 -59.53 -22.95
C GLN HA 63 -11.24 -60.82 -22.60
N PRO HA 64 -10.08 -61.07 -23.22
CA PRO HA 64 -9.35 -62.32 -22.98
C PRO HA 64 -8.74 -62.40 -21.58
N ASP HA 65 -8.55 -63.65 -21.10
CA ASP HA 65 -8.00 -63.85 -19.77
C ASP HA 65 -6.56 -63.34 -19.66
N MET HA 66 -5.67 -63.70 -20.60
CA MET HA 66 -4.28 -63.28 -20.45
C MET HA 66 -3.98 -61.94 -21.10
N ASP HA 67 -3.58 -61.96 -22.37
CA ASP HA 67 -3.43 -60.74 -23.15
C ASP HA 67 -2.88 -59.63 -22.28
N GLU HA 68 -1.83 -59.97 -21.52
CA GLU HA 68 -1.18 -59.03 -20.60
C GLU HA 68 -0.28 -58.08 -21.37
N TYR IA 1 -11.72 -6.14 -49.75
CA TYR IA 1 -12.65 -7.03 -50.42
C TYR IA 1 -13.33 -6.30 -51.59
N TYR IA 2 -13.64 -7.04 -52.64
CA TYR IA 2 -14.20 -6.45 -53.85
C TYR IA 2 -15.72 -6.42 -53.76
N TRP IA 3 -16.30 -5.25 -54.00
CA TRP IA 3 -17.73 -5.04 -53.88
C TRP IA 3 -18.39 -4.61 -55.17
N GLY IA 4 -17.68 -4.64 -56.29
CA GLY IA 4 -18.24 -4.34 -57.59
C GLY IA 4 -17.63 -3.09 -58.19
N SER IA 5 -18.16 -2.74 -59.36
CA SER IA 5 -17.68 -1.59 -60.12
C SER IA 5 -18.64 -0.42 -59.94
N THR IA 6 -18.08 0.75 -59.65
CA THR IA 6 -18.87 1.96 -59.48
C THR IA 6 -18.83 2.86 -60.71
N VAL IA 7 -18.25 2.39 -61.81
CA VAL IA 7 -18.29 3.15 -63.05
C VAL IA 7 -19.70 3.17 -63.59
N THR IA 8 -20.13 4.33 -64.07
CA THR IA 8 -21.48 4.53 -64.57
C THR IA 8 -21.42 4.99 -66.02
N THR IA 9 -22.59 4.97 -66.67
CA THR IA 9 -22.68 5.44 -68.05
C THR IA 9 -22.37 6.92 -68.14
N GLU IA 10 -22.78 7.70 -67.15
CA GLU IA 10 -22.55 9.14 -67.19
C GLU IA 10 -21.07 9.48 -67.17
N MET IA 11 -20.25 8.62 -66.56
CA MET IA 11 -18.81 8.88 -66.55
C MET IA 11 -18.22 8.83 -67.95
N HIS IA 12 -18.76 7.98 -68.82
CA HIS IA 12 -18.27 7.93 -70.19
C HIS IA 12 -18.76 9.09 -71.04
N ASN IA 13 -19.79 9.81 -70.60
CA ASN IA 13 -20.35 10.92 -71.37
C ASN IA 13 -19.64 12.22 -71.00
N VAL IA 14 -18.40 12.32 -71.49
CA VAL IA 14 -17.61 13.54 -71.35
C VAL IA 14 -16.85 13.77 -72.64
N SER IA 15 -16.72 15.03 -73.03
CA SER IA 15 -16.01 15.35 -74.25
C SER IA 15 -14.55 14.94 -74.13
N PRO IA 16 -13.96 14.38 -75.18
CA PRO IA 16 -12.58 13.91 -75.08
C PRO IA 16 -11.60 15.07 -75.04
N THR IA 17 -10.47 14.82 -74.39
CA THR IA 17 -9.36 15.76 -74.36
C THR IA 17 -8.42 15.41 -75.50
N GLN IA 18 -8.31 16.30 -76.48
CA GLN IA 18 -7.45 16.08 -77.64
C GLN IA 18 -6.10 16.73 -77.38
N VAL IA 19 -5.04 15.94 -77.45
CA VAL IA 19 -3.69 16.42 -77.23
C VAL IA 19 -2.88 16.14 -78.49
N THR IA 20 -2.29 17.20 -79.05
CA THR IA 20 -1.42 17.08 -80.20
C THR IA 20 -0.10 17.78 -79.90
N ARG IA 21 0.98 17.24 -80.43
CA ARG IA 21 2.30 17.82 -80.27
C ARG IA 21 2.66 18.61 -81.52
N LEU IA 22 2.90 19.90 -81.35
CA LEU IA 22 3.33 20.73 -82.45
C LEU IA 22 4.75 20.34 -82.87
N PRO IA 23 5.16 20.71 -84.09
CA PRO IA 23 6.50 20.32 -84.53
C PRO IA 23 7.60 20.82 -83.62
N ASN IA 24 7.46 22.00 -83.02
CA ASN IA 24 8.47 22.49 -82.10
C ASN IA 24 8.54 21.70 -80.81
N GLY IA 25 7.54 20.89 -80.52
CA GLY IA 25 7.50 20.10 -79.30
C GLY IA 25 6.47 20.56 -78.29
N MET IA 26 5.77 21.65 -78.55
CA MET IA 26 4.76 22.13 -77.62
C MET IA 26 3.49 21.30 -77.76
N ARG IA 27 3.01 20.77 -76.64
CA ARG IA 27 1.76 20.04 -76.63
C ARG IA 27 0.60 21.02 -76.53
N VAL IA 28 -0.45 20.76 -77.31
CA VAL IA 28 -1.68 21.53 -77.27
C VAL IA 28 -2.81 20.58 -76.90
N ALA IA 29 -3.46 20.85 -75.77
CA ALA IA 29 -4.55 20.03 -75.27
C ALA IA 29 -5.80 20.87 -75.15
N THR IA 30 -6.92 20.33 -75.60
CA THR IA 30 -8.19 21.03 -75.53
C THR IA 30 -9.31 20.07 -75.15
N GLN IA 31 -10.33 20.61 -74.49
CA GLN IA 31 -11.57 19.89 -74.25
C GLN IA 31 -12.73 20.84 -74.52
N PHE IA 32 -13.69 20.40 -75.33
CA PHE IA 32 -14.86 21.21 -75.60
C PHE IA 32 -15.85 21.09 -74.45
N SER IA 33 -16.49 22.22 -74.12
CA SER IA 33 -17.55 22.24 -73.13
C SER IA 33 -18.62 23.23 -73.58
N TYR IA 34 -19.87 22.92 -73.24
CA TYR IA 34 -21.01 23.77 -73.59
C TYR IA 34 -21.09 24.93 -72.60
N THR IA 35 -20.16 25.86 -72.75
CA THR IA 35 -20.08 27.03 -71.89
C THR IA 35 -19.90 28.28 -72.74
N ASP IA 36 -20.25 29.42 -72.17
CA ASP IA 36 -20.04 30.71 -72.80
C ASP IA 36 -18.74 31.36 -72.36
N SER IA 37 -17.97 30.70 -71.49
CA SER IA 37 -16.69 31.20 -71.02
C SER IA 37 -15.64 30.12 -71.24
N ALA IA 38 -14.39 30.54 -71.34
CA ALA IA 38 -13.29 29.64 -71.64
C ALA IA 38 -12.10 29.95 -70.76
N THR IA 39 -11.13 29.03 -70.77
CA THR IA 39 -9.87 29.20 -70.07
C THR IA 39 -8.76 28.72 -71.00
N VAL IA 40 -7.87 29.61 -71.39
CA VAL IA 40 -6.74 29.28 -72.24
C VAL IA 40 -5.46 29.76 -71.54
N GLY IA 41 -4.50 28.85 -71.38
CA GLY IA 41 -3.29 29.18 -70.67
C GLY IA 41 -2.16 28.26 -71.04
N LEU IA 42 -1.00 28.51 -70.42
CA LEU IA 42 0.22 27.77 -70.67
C LEU IA 42 0.70 27.18 -69.36
N TRP IA 43 0.67 25.85 -69.27
CA TRP IA 43 1.17 25.12 -68.12
C TRP IA 43 2.59 24.67 -68.44
N ILE IA 44 3.57 25.24 -67.74
CA ILE IA 44 4.98 25.00 -68.00
C ILE IA 44 5.55 24.05 -66.97
N ASP IA 45 6.57 23.31 -67.37
CA ASP IA 45 7.30 22.42 -66.48
C ASP IA 45 8.50 23.11 -65.85
N ALA IA 46 8.25 24.27 -65.25
CA ALA IA 46 9.27 25.07 -64.59
C ALA IA 46 8.85 25.31 -63.15
N GLY IA 47 9.81 25.75 -62.34
CA GLY IA 47 9.53 26.03 -60.95
C GLY IA 47 10.79 26.26 -60.15
N ALA IA 48 10.59 26.44 -58.85
CA ALA IA 48 11.71 26.76 -57.96
C ALA IA 48 12.70 25.60 -57.89
N ARG IA 49 12.22 24.37 -57.93
CA ARG IA 49 13.12 23.23 -57.85
C ARG IA 49 14.20 23.28 -58.90
N TYR IA 50 13.87 23.81 -60.08
CA TYR IA 50 14.81 23.87 -61.19
C TYR IA 50 15.59 25.18 -61.22
N GLU IA 51 15.75 25.82 -60.08
CA GLU IA 51 16.60 26.98 -59.91
C GLU IA 51 17.78 26.60 -59.04
N THR IA 52 18.87 27.33 -59.19
CA THR IA 52 20.05 27.08 -58.38
C THR IA 52 19.97 27.92 -57.11
N LYS IA 53 20.83 27.57 -56.13
CA LYS IA 53 20.74 28.19 -54.82
C LYS IA 53 20.90 29.70 -54.90
N GLU IA 54 21.81 30.16 -55.77
CA GLU IA 54 22.07 31.59 -55.89
C GLU IA 54 20.97 32.32 -56.64
N SER IA 55 20.23 31.63 -57.48
CA SER IA 55 19.17 32.24 -58.28
C SER IA 55 17.77 31.96 -57.76
N ASN IA 56 17.65 31.28 -56.62
CA ASN IA 56 16.33 30.96 -56.10
C ASN IA 56 15.54 32.23 -55.86
N GLY IA 57 14.31 32.26 -56.37
CA GLY IA 57 13.47 33.43 -56.33
C GLY IA 57 13.26 34.10 -57.67
N THR IA 58 14.09 33.78 -58.66
CA THR IA 58 13.95 34.41 -59.97
C THR IA 58 12.62 34.06 -60.63
N ALA IA 59 12.23 32.78 -60.56
CA ALA IA 59 11.00 32.36 -61.21
C ALA IA 59 9.79 33.09 -60.64
N HIS IA 60 9.74 33.22 -59.32
CA HIS IA 60 8.63 33.94 -58.68
C HIS IA 60 8.63 35.40 -59.09
N PHE IA 61 9.81 36.04 -59.11
CA PHE IA 61 9.91 37.43 -59.55
C PHE IA 61 9.42 37.58 -60.97
N LEU IA 62 9.88 36.70 -61.87
CA LEU IA 62 9.47 36.78 -63.27
C LEU IA 62 7.96 36.66 -63.40
N GLU IA 63 7.36 35.72 -62.66
CA GLU IA 63 5.91 35.54 -62.72
C GLU IA 63 5.18 36.79 -62.28
N ARG IA 64 5.78 37.60 -61.42
CA ARG IA 64 5.17 38.83 -60.94
C ARG IA 64 5.37 40.00 -61.88
N VAL IA 65 6.26 39.89 -62.87
CA VAL IA 65 6.62 40.99 -63.76
C VAL IA 65 6.28 40.68 -65.21
N LEU IA 66 5.80 39.48 -65.51
CA LEU IA 66 5.54 39.08 -66.89
C LEU IA 66 4.33 39.80 -67.46
N TYR IA 67 3.39 40.21 -66.62
CA TYR IA 67 2.19 40.91 -67.07
C TYR IA 67 2.30 42.43 -66.90
N LEU IA 68 3.49 42.94 -66.60
CA LEU IA 68 3.68 44.37 -66.38
C LEU IA 68 4.14 45.10 -67.64
N GLY IA 69 3.82 44.55 -68.81
CA GLY IA 69 4.19 45.17 -70.07
C GLY IA 69 5.04 44.27 -70.93
N THR IA 70 4.85 44.33 -72.24
CA THR IA 70 5.62 43.56 -73.19
C THR IA 70 6.47 44.50 -74.05
N LYS IA 71 7.18 43.91 -75.01
CA LYS IA 71 7.93 44.69 -75.97
C LYS IA 71 7.05 45.29 -77.05
N ASN IA 72 5.81 44.83 -77.17
CA ASN IA 72 4.86 45.35 -78.13
C ASN IA 72 3.68 46.06 -77.49
N ARG IA 73 3.58 46.04 -76.16
CA ARG IA 73 2.52 46.71 -75.42
C ARG IA 73 3.15 47.43 -74.24
N SER IA 74 2.29 48.06 -73.44
CA SER IA 74 2.67 48.65 -72.17
C SER IA 74 1.72 48.13 -71.10
N ARG IA 75 2.08 48.37 -69.83
CA ARG IA 75 1.24 47.84 -68.76
C ARG IA 75 -0.17 48.40 -68.83
N ASP IA 76 -0.31 49.70 -69.07
CA ASP IA 76 -1.64 50.28 -69.20
C ASP IA 76 -2.36 49.75 -70.42
N GLN IA 77 -1.68 49.67 -71.56
CA GLN IA 77 -2.31 49.15 -72.77
C GLN IA 77 -2.70 47.69 -72.59
N LEU IA 78 -1.82 46.89 -72.01
CA LEU IA 78 -2.11 45.48 -71.81
C LEU IA 78 -3.31 45.30 -70.88
N GLU IA 79 -3.32 46.00 -69.76
CA GLU IA 79 -4.45 45.89 -68.83
C GLU IA 79 -5.73 46.42 -69.47
N THR IA 80 -5.63 47.49 -70.24
CA THR IA 80 -6.81 48.01 -70.93
C THR IA 80 -7.34 46.99 -71.93
N GLU IA 81 -6.46 46.36 -72.71
CA GLU IA 81 -6.92 45.43 -73.73
C GLU IA 81 -7.62 44.22 -73.11
N VAL IA 82 -7.06 43.66 -72.04
CA VAL IA 82 -7.68 42.52 -71.38
C VAL IA 82 -9.05 42.91 -70.84
N GLU IA 83 -9.15 44.08 -70.21
CA GLU IA 83 -10.43 44.52 -69.67
C GLU IA 83 -11.46 44.70 -70.77
N ASN IA 84 -11.05 45.24 -71.92
CA ASN IA 84 -12.00 45.41 -73.02
C ASN IA 84 -12.51 44.06 -73.52
N LEU IA 85 -11.68 43.02 -73.48
CA LEU IA 85 -12.13 41.70 -73.87
C LEU IA 85 -13.03 41.05 -72.83
N GLY IA 86 -13.19 41.67 -71.67
CA GLY IA 86 -13.93 41.04 -70.60
C GLY IA 86 -13.25 39.79 -70.08
N ALA IA 87 -11.93 39.84 -69.93
CA ALA IA 87 -11.13 38.70 -69.52
C ALA IA 87 -10.26 39.10 -68.36
N ASN IA 88 -9.62 38.11 -67.75
CA ASN IA 88 -8.68 38.33 -66.66
C ASN IA 88 -7.51 37.37 -66.80
N LEU IA 89 -6.30 37.88 -66.59
CA LEU IA 89 -5.08 37.09 -66.69
C LEU IA 89 -4.64 36.64 -65.31
N ASN IA 90 -4.39 35.35 -65.16
CA ASN IA 90 -3.92 34.76 -63.90
C ASN IA 90 -2.58 34.08 -64.12
N SER IA 91 -1.90 33.78 -63.02
CA SER IA 91 -0.61 33.08 -63.07
C SER IA 91 -0.22 32.63 -61.66
N TYR IA 92 0.46 31.49 -61.60
CA TYR IA 92 1.00 30.97 -60.35
C TYR IA 92 2.37 30.36 -60.61
N THR IA 93 3.16 30.21 -59.55
CA THR IA 93 4.47 29.59 -59.63
C THR IA 93 4.65 28.63 -58.45
N GLY IA 94 5.02 27.39 -58.75
CA GLY IA 94 5.24 26.38 -57.73
C GLY IA 94 6.66 25.85 -57.75
N ARG IA 95 6.91 24.75 -57.04
CA ARG IA 95 8.25 24.18 -57.05
C ARG IA 95 8.56 23.48 -58.36
N GLU IA 96 7.60 22.73 -58.90
CA GLU IA 96 7.83 21.96 -60.12
C GLU IA 96 7.01 22.40 -61.31
N GLN IA 97 5.94 23.16 -61.12
CA GLN IA 97 5.09 23.56 -62.24
C GLN IA 97 4.71 25.03 -62.12
N THR IA 98 4.41 25.62 -63.26
CA THR IA 98 4.04 27.02 -63.38
C THR IA 98 2.91 27.13 -64.38
N ALA IA 99 2.13 28.20 -64.28
CA ALA IA 99 1.03 28.41 -65.22
C ALA IA 99 0.79 29.88 -65.46
N PHE IA 100 0.29 30.19 -66.66
CA PHE IA 100 -0.13 31.53 -67.05
C PHE IA 100 -1.42 31.35 -67.84
N TYR IA 101 -2.57 31.48 -67.18
CA TYR IA 101 -3.84 31.18 -67.80
C TYR IA 101 -4.79 32.37 -67.73
N ALA IA 102 -5.56 32.54 -68.80
CA ALA IA 102 -6.55 33.61 -68.92
C ALA IA 102 -7.95 33.02 -68.90
N LYS IA 103 -8.84 33.66 -68.15
CA LYS IA 103 -10.25 33.32 -68.13
C LYS IA 103 -11.00 34.39 -68.91
N THR IA 104 -11.56 34.01 -70.05
CA THR IA 104 -12.18 34.97 -70.95
C THR IA 104 -13.51 34.41 -71.44
N THR IA 105 -14.19 35.20 -72.27
CA THR IA 105 -15.40 34.76 -72.95
C THR IA 105 -15.03 34.03 -74.24
N LYS IA 106 -16.05 33.61 -74.99
CA LYS IA 106 -15.79 32.84 -76.19
C LYS IA 106 -15.03 33.65 -77.23
N ASP IA 107 -15.40 34.92 -77.39
CA ASP IA 107 -14.77 35.74 -78.42
C ASP IA 107 -13.35 36.15 -78.05
N GLY IA 108 -12.95 36.01 -76.80
CA GLY IA 108 -11.62 36.37 -76.35
C GLY IA 108 -10.62 35.23 -76.32
N ILE IA 109 -10.99 34.06 -76.82
CA ILE IA 109 -10.08 32.92 -76.73
C ILE IA 109 -8.83 33.16 -77.56
N LEU IA 110 -8.99 33.31 -78.88
CA LEU IA 110 -7.84 33.58 -79.73
C LEU IA 110 -7.15 34.88 -79.37
N PRO IA 111 -7.86 35.99 -79.15
CA PRO IA 111 -7.16 37.22 -78.72
C PRO IA 111 -6.31 37.02 -77.47
N CYS IA 112 -6.80 36.23 -76.51
CA CYS IA 112 -6.02 36.01 -75.30
C CYS IA 112 -4.79 35.16 -75.58
N ILE IA 113 -4.86 34.22 -76.52
CA ILE IA 113 -3.67 33.46 -76.90
C ILE IA 113 -2.58 34.42 -77.34
N ASP IA 114 -2.95 35.43 -78.14
CA ASP IA 114 -1.97 36.42 -78.59
C ASP IA 114 -1.37 37.16 -77.41
N ILE IA 115 -2.20 37.55 -76.43
CA ILE IA 115 -1.70 38.31 -75.29
C ILE IA 115 -0.74 37.47 -74.48
N LEU IA 116 -1.10 36.21 -74.21
CA LEU IA 116 -0.23 35.36 -73.41
C LEU IA 116 1.08 35.06 -74.13
N ALA IA 117 1.02 34.83 -75.43
CA ALA IA 117 2.24 34.55 -76.18
C ALA IA 117 3.19 35.72 -76.12
N ASP IA 118 2.68 36.93 -76.27
CA ASP IA 118 3.52 38.11 -76.21
C ASP IA 118 4.18 38.26 -74.84
N CYS IA 119 3.43 38.01 -73.77
CA CYS IA 119 3.99 38.13 -72.43
C CYS IA 119 5.09 37.11 -72.21
N ILE IA 120 4.87 35.87 -72.63
CA ILE IA 120 5.84 34.81 -72.35
C ILE IA 120 7.07 34.95 -73.24
N LEU IA 121 6.88 35.34 -74.50
CA LEU IA 121 7.98 35.34 -75.45
C LEU IA 121 8.72 36.67 -75.52
N ASN IA 122 8.04 37.79 -75.27
CA ASN IA 122 8.66 39.11 -75.40
C ASN IA 122 8.44 39.95 -74.15
N PRO IA 123 8.76 39.42 -72.97
CA PRO IA 123 8.53 40.20 -71.75
C PRO IA 123 9.46 41.40 -71.68
N LYS IA 124 8.87 42.56 -71.38
CA LYS IA 124 9.61 43.80 -71.21
C LYS IA 124 9.84 43.98 -69.72
N LEU IA 125 10.97 43.47 -69.23
CA LEU IA 125 11.26 43.46 -67.80
C LEU IA 125 11.87 44.80 -67.41
N ASP IA 126 11.01 45.82 -67.41
CA ASP IA 126 11.46 47.17 -67.12
C ASP IA 126 12.04 47.26 -65.72
N GLY IA 127 13.10 48.07 -65.59
CA GLY IA 127 13.76 48.19 -64.29
C GLY IA 127 12.85 48.78 -63.23
N ASP IA 128 12.04 49.77 -63.59
CA ASP IA 128 11.13 50.37 -62.62
C ASP IA 128 10.15 49.35 -62.09
N GLU IA 129 9.58 48.53 -62.98
CA GLU IA 129 8.68 47.48 -62.54
C GLU IA 129 9.38 46.51 -61.60
N ILE IA 130 10.63 46.16 -61.92
CA ILE IA 130 11.37 45.23 -61.08
C ILE IA 130 11.58 45.81 -59.70
N GLU IA 131 11.95 47.10 -59.62
CA GLU IA 131 12.25 47.69 -58.32
C GLU IA 131 11.01 47.79 -57.45
N LYS IA 132 9.88 48.18 -58.04
CA LYS IA 132 8.64 48.23 -57.26
C LYS IA 132 8.27 46.83 -56.78
N GLU IA 133 8.39 45.83 -57.64
CA GLU IA 133 8.08 44.46 -57.23
C GLU IA 133 9.08 43.95 -56.20
N ARG IA 134 10.31 44.45 -56.22
CA ARG IA 134 11.28 44.03 -55.22
C ARG IA 134 10.78 44.39 -53.82
N VAL IA 135 10.18 45.58 -53.68
CA VAL IA 135 9.64 45.98 -52.39
C VAL IA 135 8.48 45.08 -51.99
N ARG IA 136 7.56 44.83 -52.92
CA ARG IA 136 6.40 43.99 -52.60
C ARG IA 136 6.83 42.58 -52.24
N ILE IA 137 7.76 42.00 -53.00
CA ILE IA 137 8.26 40.67 -52.70
C ILE IA 137 8.96 40.64 -51.35
N THR IA 138 9.73 41.68 -51.04
CA THR IA 138 10.44 41.74 -49.78
C THR IA 138 9.46 41.79 -48.61
N GLN IA 139 8.41 42.60 -48.72
CA GLN IA 139 7.40 42.65 -47.67
C GLN IA 139 6.74 41.30 -47.48
N ASP IA 140 6.39 40.63 -48.58
CA ASP IA 140 5.80 39.31 -48.49
C ASP IA 140 6.78 38.32 -47.88
N LEU IA 141 8.07 38.46 -48.19
CA LEU IA 141 9.07 37.55 -47.66
C LEU IA 141 9.08 37.55 -46.13
N GLN IA 142 8.81 38.69 -45.52
CA GLN IA 142 8.74 38.76 -44.06
C GLN IA 142 7.74 37.74 -43.53
N ALA IA 143 8.19 36.93 -42.57
CA ALA IA 143 7.33 35.90 -42.00
C ALA IA 143 6.16 36.50 -41.22
N VAL IA 144 6.31 37.74 -40.72
CA VAL IA 144 5.22 38.40 -40.05
C VAL IA 144 4.06 38.63 -41.01
N ASN IA 145 4.36 38.75 -42.31
CA ASN IA 145 3.35 38.97 -43.33
C ASN IA 145 2.92 37.67 -44.00
N GLN IA 146 3.30 36.53 -43.43
CA GLN IA 146 2.94 35.21 -43.96
C GLN IA 146 2.09 34.47 -42.93
N SER IA 147 1.08 33.76 -43.42
CA SER IA 147 0.25 32.96 -42.53
C SER IA 147 1.04 31.77 -41.99
N TYR IA 148 0.52 31.16 -40.93
CA TYR IA 148 1.21 30.04 -40.31
C TYR IA 148 1.07 28.76 -41.13
N GLU IA 149 0.01 28.66 -41.93
CA GLU IA 149 -0.14 27.53 -42.83
C GLU IA 149 0.84 27.62 -44.00
N GLU IA 150 1.11 28.84 -44.47
CA GLU IA 150 2.13 29.03 -45.50
C GLU IA 150 3.52 28.79 -44.95
N LEU IA 151 3.76 29.20 -43.69
CA LEU IA 151 5.07 29.02 -43.09
C LEU IA 151 5.40 27.55 -42.90
N LEU IA 152 4.44 26.77 -42.40
CA LEU IA 152 4.68 25.36 -42.15
C LEU IA 152 4.73 24.55 -43.44
N TYR IA 153 4.02 25.01 -44.47
CA TYR IA 153 4.14 24.34 -45.76
C TYR IA 153 5.56 24.43 -46.29
N ASP IA 154 6.18 25.61 -46.17
CA ASP IA 154 7.55 25.79 -46.64
C ASP IA 154 8.55 25.05 -45.75
N LYS IA 155 8.36 25.10 -44.44
CA LYS IA 155 9.34 24.51 -43.53
C LYS IA 155 9.31 22.99 -43.60
N VAL IA 156 8.18 22.40 -43.98
CA VAL IA 156 8.14 20.95 -44.18
C VAL IA 156 9.10 20.55 -45.28
N HIS IA 157 9.12 21.31 -46.37
CA HIS IA 157 10.06 21.02 -47.45
C HIS IA 157 11.50 21.30 -47.02
N THR IA 158 11.71 22.36 -46.26
CA THR IA 158 13.06 22.67 -45.81
C THR IA 158 13.61 21.55 -44.95
N ALA IA 159 12.79 20.99 -44.06
CA ALA IA 159 13.25 19.94 -43.17
C ALA IA 159 13.38 18.60 -43.87
N CYS IA 160 12.45 18.28 -44.77
CA CYS IA 160 12.43 16.94 -45.37
C CYS IA 160 13.46 16.78 -46.48
N TYR IA 161 13.84 17.86 -47.16
CA TYR IA 161 14.63 17.79 -48.39
C TYR IA 161 15.87 18.66 -48.25
N ARG IA 162 16.61 18.47 -47.17
CA ARG IA 162 17.79 19.28 -46.92
C ARG IA 162 18.84 19.14 -48.01
N ASP IA 163 18.87 18.01 -48.71
CA ASP IA 163 19.95 17.71 -49.63
C ASP IA 163 19.67 18.12 -51.07
N CYS IA 164 18.44 18.48 -51.42
CA CYS IA 164 18.08 18.71 -52.80
C CYS IA 164 17.31 20.02 -52.93
N SER IA 165 17.06 20.40 -54.18
CA SER IA 165 16.46 21.70 -54.46
C SER IA 165 15.00 21.79 -54.07
N LEU IA 166 14.33 20.65 -53.84
CA LEU IA 166 12.94 20.71 -53.40
C LEU IA 166 12.80 21.42 -52.06
N GLY IA 167 13.88 21.50 -51.28
CA GLY IA 167 13.83 22.24 -50.03
C GLY IA 167 13.76 23.74 -50.21
N GLN IA 168 14.16 24.23 -51.37
CA GLN IA 168 14.09 25.66 -51.66
C GLN IA 168 12.65 26.14 -51.69
N THR IA 169 12.45 27.38 -51.26
CA THR IA 169 11.14 28.03 -51.32
C THR IA 169 10.97 28.75 -52.66
N VAL IA 170 9.71 29.08 -52.98
CA VAL IA 170 9.42 29.72 -54.26
C VAL IA 170 9.84 31.19 -54.22
N ILE IA 171 9.46 31.90 -53.16
CA ILE IA 171 9.79 33.32 -53.07
C ILE IA 171 11.29 33.53 -53.01
N GLY IA 172 12.02 32.61 -52.38
CA GLY IA 172 13.46 32.69 -52.30
C GLY IA 172 13.92 33.37 -51.03
N PRO IA 173 15.22 33.26 -50.72
CA PRO IA 173 15.76 33.98 -49.56
C PRO IA 173 15.86 35.47 -49.83
N GLU IA 174 15.87 36.24 -48.74
CA GLU IA 174 15.88 37.69 -48.88
C GLU IA 174 17.15 38.18 -49.55
N GLU IA 175 18.27 37.47 -49.36
CA GLU IA 175 19.51 37.86 -50.00
C GLU IA 175 19.40 37.80 -51.52
N ASN IA 176 18.78 36.74 -52.04
CA ASN IA 176 18.60 36.63 -53.48
C ASN IA 176 17.61 37.66 -53.99
N VAL IA 177 16.49 37.85 -53.27
CA VAL IA 177 15.50 38.83 -53.69
C VAL IA 177 16.13 40.20 -53.83
N ALA IA 178 17.04 40.54 -52.91
CA ALA IA 178 17.68 41.85 -52.95
C ALA IA 178 18.54 42.03 -54.19
N THR IA 179 19.00 40.94 -54.81
CA THR IA 179 19.98 41.03 -55.89
C THR IA 179 19.44 40.65 -57.26
N ILE IA 180 18.22 40.13 -57.36
CA ILE IA 180 17.72 39.72 -58.67
C ILE IA 180 17.63 40.94 -59.58
N LYS IA 181 18.03 40.76 -60.83
CA LYS IA 181 18.02 41.80 -61.85
C LYS IA 181 17.40 41.24 -63.12
N ARG IA 182 17.30 42.10 -64.14
CA ARG IA 182 16.69 41.68 -65.39
C ARG IA 182 17.44 40.51 -66.01
N ASP IA 183 18.77 40.54 -65.93
CA ASP IA 183 19.56 39.49 -66.56
C ASP IA 183 19.22 38.12 -65.98
N HIS IA 184 19.04 38.05 -64.65
CA HIS IA 184 18.61 36.79 -64.05
C HIS IA 184 17.32 36.31 -64.68
N MET IA 185 16.33 37.19 -64.79
CA MET IA 185 15.04 36.78 -65.33
C MET IA 185 15.15 36.41 -66.80
N VAL IA 186 15.95 37.16 -67.57
CA VAL IA 186 16.12 36.84 -68.99
C VAL IA 186 16.74 35.46 -69.15
N ASN IA 187 17.73 35.14 -68.32
CA ASN IA 187 18.32 33.82 -68.38
C ASN IA 187 17.30 32.73 -68.05
N TYR IA 188 16.50 32.97 -67.01
CA TYR IA 188 15.51 31.96 -66.62
C TYR IA 188 14.51 31.71 -67.74
N LEU IA 189 14.04 32.78 -68.39
CA LEU IA 189 13.13 32.63 -69.51
C LEU IA 189 13.77 31.79 -70.61
N TYR IA 190 15.03 32.08 -70.92
CA TYR IA 190 15.71 31.40 -72.02
C TYR IA 190 15.88 29.91 -71.73
N ASN IA 191 16.22 29.57 -70.48
CA ASN IA 191 16.57 28.20 -70.17
C ASN IA 191 15.34 27.33 -69.90
N ASN IA 192 14.32 27.88 -69.26
CA ASN IA 192 13.21 27.08 -68.76
C ASN IA 192 11.94 27.19 -69.58
N PHE IA 193 11.61 28.37 -70.09
CA PHE IA 193 10.36 28.55 -70.85
C PHE IA 193 10.59 28.19 -72.31
N THR IA 194 10.72 26.88 -72.54
CA THR IA 194 10.94 26.33 -73.87
C THR IA 194 9.76 25.46 -74.28
N ALA IA 195 9.62 25.25 -75.59
CA ALA IA 195 8.43 24.62 -76.13
C ALA IA 195 8.24 23.22 -75.58
N ASP IA 196 9.32 22.45 -75.45
CA ASP IA 196 9.20 21.08 -74.99
C ASP IA 196 8.62 20.99 -73.58
N ARG IA 197 8.65 22.07 -72.82
CA ARG IA 197 8.16 22.08 -71.45
C ARG IA 197 6.83 22.82 -71.30
N MET IA 198 6.20 23.21 -72.39
CA MET IA 198 4.96 23.98 -72.33
C MET IA 198 3.80 23.14 -72.86
N VAL IA 199 2.62 23.37 -72.27
CA VAL IA 199 1.37 22.79 -72.73
C VAL IA 199 0.35 23.91 -72.82
N LEU IA 200 -0.21 24.10 -74.01
CA LEU IA 200 -1.28 25.07 -74.21
C LEU IA 200 -2.62 24.37 -74.01
N VAL IA 201 -3.35 24.79 -72.98
CA VAL IA 201 -4.62 24.19 -72.60
C VAL IA 201 -5.73 25.16 -72.94
N ALA IA 202 -6.72 24.69 -73.68
CA ALA IA 202 -7.91 25.47 -74.01
C ALA IA 202 -9.14 24.66 -73.64
N VAL IA 203 -9.98 25.21 -72.77
CA VAL IA 203 -11.19 24.53 -72.29
C VAL IA 203 -12.37 25.47 -72.50
N GLY IA 204 -13.39 24.99 -73.20
CA GLY IA 204 -14.58 25.77 -73.41
C GLY IA 204 -15.14 25.59 -74.80
N PRO IA 205 -15.84 26.60 -75.31
CA PRO IA 205 -16.33 26.54 -76.70
C PRO IA 205 -15.18 26.69 -77.68
N VAL IA 206 -14.37 25.64 -77.81
CA VAL IA 206 -13.13 25.71 -78.56
C VAL IA 206 -13.08 24.58 -79.58
N ASP IA 207 -12.36 24.82 -80.67
CA ASP IA 207 -12.10 23.83 -81.69
C ASP IA 207 -10.61 23.54 -81.74
N HIS IA 208 -10.26 22.25 -81.62
CA HIS IA 208 -8.86 21.88 -81.52
C HIS IA 208 -8.06 22.39 -82.70
N ALA IA 209 -8.60 22.25 -83.91
CA ALA IA 209 -7.86 22.66 -85.11
C ALA IA 209 -7.55 24.15 -85.07
N GLN IA 210 -8.53 24.98 -84.70
CA GLN IA 210 -8.32 26.41 -84.67
C GLN IA 210 -7.30 26.79 -83.59
N ILE IA 211 -7.40 26.18 -82.42
CA ILE IA 211 -6.44 26.46 -81.35
C ILE IA 211 -5.04 26.09 -81.79
N VAL IA 212 -4.90 24.93 -82.42
CA VAL IA 212 -3.59 24.47 -82.87
C VAL IA 212 -2.99 25.43 -83.87
N LYS IA 213 -3.80 25.89 -84.82
CA LYS IA 213 -3.31 26.83 -85.83
C LYS IA 213 -2.82 28.11 -85.20
N GLU IA 214 -3.62 28.67 -84.28
CA GLU IA 214 -3.21 29.88 -83.61
C GLU IA 214 -1.96 29.65 -82.78
N ALA IA 215 -1.88 28.51 -82.10
CA ALA IA 215 -0.72 28.22 -81.27
C ALA IA 215 0.55 28.15 -82.09
N GLU IA 216 0.51 27.47 -83.23
CA GLU IA 216 1.69 27.36 -84.06
C GLU IA 216 2.13 28.72 -84.58
N LYS IA 217 1.16 29.56 -84.94
CA LYS IA 217 1.48 30.89 -85.45
C LYS IA 217 2.11 31.76 -84.38
N LYS IA 218 1.52 31.78 -83.18
CA LYS IA 218 1.97 32.72 -82.14
C LYS IA 218 3.22 32.24 -81.44
N PHE IA 219 3.41 30.92 -81.31
CA PHE IA 219 4.59 30.37 -80.63
C PHE IA 219 5.60 29.81 -81.62
N ALA IA 220 5.67 30.37 -82.83
CA ALA IA 220 6.61 29.89 -83.82
C ALA IA 220 8.05 30.14 -83.40
N ASN IA 221 8.32 31.29 -82.79
CA ASN IA 221 9.67 31.72 -82.49
C ASN IA 221 10.14 31.31 -81.11
N ILE IA 222 9.37 30.50 -80.40
CA ILE IA 222 9.81 30.01 -79.09
C ILE IA 222 11.03 29.12 -79.28
N ARG IA 223 11.90 29.10 -78.29
CA ARG IA 223 13.05 28.23 -78.33
C ARG IA 223 12.57 26.78 -78.34
N PRO IA 224 12.98 25.97 -79.33
CA PRO IA 224 12.41 24.61 -79.42
C PRO IA 224 12.67 23.76 -78.19
N THR IA 225 13.91 23.71 -77.72
CA THR IA 225 14.25 22.89 -76.58
C THR IA 225 15.41 23.51 -75.83
N ALA IA 226 15.61 23.06 -74.61
CA ALA IA 226 16.80 23.32 -73.83
C ALA IA 226 17.42 21.97 -73.45
N GLY IA 227 18.66 22.03 -72.97
CA GLY IA 227 19.38 20.84 -72.63
C GLY IA 227 18.62 20.01 -71.61
N PRO IA 228 18.75 18.68 -71.70
CA PRO IA 228 18.05 17.82 -70.74
C PRO IA 228 18.48 18.11 -69.32
N ARG IA 229 17.55 18.00 -68.39
CA ARG IA 229 17.85 18.27 -66.99
C ARG IA 229 18.84 17.24 -66.46
N MET IA 230 19.73 17.69 -65.60
CA MET IA 230 20.73 16.80 -65.02
C MET IA 230 20.05 15.68 -64.27
N LEU IA 231 20.53 14.45 -64.50
CA LEU IA 231 19.97 13.30 -63.81
C LEU IA 231 20.44 13.29 -62.37
N GLU IA 232 19.50 13.08 -61.45
CA GLU IA 232 19.78 13.08 -60.03
C GLU IA 232 19.16 11.85 -59.38
N GLU IA 233 19.68 11.49 -58.22
CA GLU IA 233 19.14 10.36 -57.49
C GLU IA 233 17.88 10.78 -56.73
N LYS IA 234 17.18 9.79 -56.20
CA LYS IA 234 15.94 10.04 -55.49
C LYS IA 234 16.16 11.09 -54.41
N PRO IA 235 15.31 12.11 -54.31
CA PRO IA 235 15.45 13.07 -53.21
C PRO IA 235 15.44 12.37 -51.87
N TYR IA 236 16.51 12.55 -51.10
CA TYR IA 236 16.64 11.90 -49.81
C TYR IA 236 15.69 12.55 -48.80
N PHE IA 237 14.94 11.72 -48.10
CA PHE IA 237 14.01 12.18 -47.07
C PHE IA 237 14.72 12.21 -45.73
N CYS IA 238 14.86 13.40 -45.16
CA CYS IA 238 15.55 13.57 -43.89
C CYS IA 238 14.52 13.64 -42.77
N ALA IA 239 14.52 12.62 -41.91
CA ALA IA 239 13.67 12.62 -40.73
C ALA IA 239 14.22 13.59 -39.70
N SER IA 240 13.73 14.83 -39.72
CA SER IA 240 14.27 15.90 -38.90
C SER IA 240 13.13 16.64 -38.22
N GLU IA 241 13.50 17.61 -37.40
CA GLU IA 241 12.54 18.47 -36.71
C GLU IA 241 12.96 19.92 -36.91
N LEU IA 242 12.00 20.77 -37.27
CA LEU IA 242 12.22 22.21 -37.40
C LEU IA 242 11.05 22.89 -36.71
N VAL IA 243 11.17 23.13 -35.41
CA VAL IA 243 10.11 23.68 -34.58
C VAL IA 243 10.51 25.09 -34.17
N TYR IA 244 9.60 26.04 -34.36
CA TYR IA 244 9.79 27.43 -33.94
C TYR IA 244 8.91 27.67 -32.72
N ARG IA 245 9.46 27.37 -31.54
CA ARG IA 245 8.75 27.60 -30.29
C ARG IA 245 8.58 29.10 -30.08
N ASN IA 246 7.34 29.55 -29.93
CA ASN IA 246 7.04 30.96 -29.70
C ASN IA 246 5.84 31.03 -28.78
N ASP IA 247 6.09 31.36 -27.51
CA ASP IA 247 5.03 31.52 -26.52
C ASP IA 247 4.50 32.94 -26.47
N ASP IA 248 4.71 33.73 -27.52
CA ASP IA 248 4.25 35.11 -27.58
C ASP IA 248 3.42 35.35 -28.85
N MET IA 249 2.69 34.34 -29.31
CA MET IA 249 1.89 34.47 -30.51
C MET IA 249 0.48 33.89 -30.34
N GLY IA 250 0.02 33.74 -29.11
CA GLY IA 250 -1.33 33.29 -28.87
C GLY IA 250 -1.38 31.84 -28.42
N PRO IA 251 -2.59 31.33 -28.22
CA PRO IA 251 -2.75 29.99 -27.66
C PRO IA 251 -2.70 28.86 -28.66
N THR IA 252 -2.90 29.17 -29.94
CA THR IA 252 -3.00 28.15 -30.97
C THR IA 252 -1.62 27.74 -31.46
N ALA IA 253 -1.40 26.44 -31.54
CA ALA IA 253 -0.17 25.87 -32.05
C ALA IA 253 -0.42 25.21 -33.39
N HIS IA 254 0.53 25.36 -34.31
CA HIS IA 254 0.44 24.79 -35.65
C HIS IA 254 1.54 23.76 -35.82
N ILE IA 255 1.15 22.52 -36.08
CA ILE IA 255 2.07 21.39 -36.15
C ILE IA 255 1.80 20.62 -37.43
N ALA IA 256 2.86 20.31 -38.16
CA ALA IA 256 2.77 19.49 -39.37
C ALA IA 256 3.73 18.32 -39.25
N ILE IA 257 3.21 17.12 -39.50
CA ILE IA 257 4.00 15.89 -39.44
C ILE IA 257 3.93 15.23 -40.81
N ALA IA 258 5.09 14.81 -41.32
CA ALA IA 258 5.20 14.30 -42.67
C ALA IA 258 5.86 12.94 -42.70
N TYR IA 259 5.35 12.06 -43.56
CA TYR IA 259 5.98 10.82 -43.93
C TYR IA 259 6.47 10.94 -45.37
N GLU IA 260 7.36 10.04 -45.78
CA GLU IA 260 7.75 10.02 -47.17
C GLU IA 260 6.62 9.44 -48.01
N GLY IA 261 6.24 10.16 -49.05
CA GLY IA 261 5.15 9.78 -49.92
C GLY IA 261 5.61 9.09 -51.17
N VAL IA 262 4.86 9.27 -52.25
CA VAL IA 262 5.14 8.61 -53.51
C VAL IA 262 5.11 9.62 -54.64
N PRO IA 263 5.83 9.38 -55.74
CA PRO IA 263 5.77 10.29 -56.88
C PRO IA 263 4.44 10.19 -57.61
N TRP IA 264 4.24 11.15 -58.52
CA TRP IA 264 2.99 11.20 -59.28
C TRP IA 264 2.68 9.88 -59.94
N ARG IA 265 3.65 9.33 -60.67
CA ARG IA 265 3.42 8.17 -61.52
C ARG IA 265 3.49 6.86 -60.77
N SER IA 266 3.68 6.89 -59.46
CA SER IA 266 3.76 5.65 -58.71
C SER IA 266 2.46 4.88 -58.83
N PRO IA 267 2.51 3.55 -58.90
CA PRO IA 267 1.27 2.77 -58.86
C PRO IA 267 0.48 2.95 -57.58
N ASP IA 268 1.13 3.38 -56.50
CA ASP IA 268 0.47 3.55 -55.21
C ASP IA 268 -0.09 4.94 -55.00
N TYR IA 269 0.00 5.84 -55.99
CA TYR IA 269 -0.41 7.22 -55.75
C TYR IA 269 -1.90 7.30 -55.43
N ILE IA 270 -2.72 6.56 -56.16
CA ILE IA 270 -4.16 6.61 -55.89
C ILE IA 270 -4.46 6.04 -54.51
N THR IA 271 -3.71 5.04 -54.08
CA THR IA 271 -3.88 4.54 -52.72
C THR IA 271 -3.57 5.63 -51.71
N PHE IA 272 -2.53 6.43 -51.95
CA PHE IA 272 -2.21 7.53 -51.06
C PHE IA 272 -3.27 8.63 -51.11
N MET IA 273 -3.89 8.84 -52.28
CA MET IA 273 -5.01 9.76 -52.34
C MET IA 273 -6.15 9.30 -51.46
N LEU IA 274 -6.46 8.00 -51.52
CA LEU IA 274 -7.54 7.47 -50.69
C LEU IA 274 -7.18 7.57 -49.22
N MET IA 275 -5.94 7.24 -48.86
CA MET IA 275 -5.52 7.37 -47.47
C MET IA 275 -5.63 8.81 -47.00
N ASN IA 276 -5.28 9.76 -47.88
CA ASN IA 276 -5.48 11.16 -47.54
C ASN IA 276 -6.96 11.46 -47.30
N ALA IA 277 -7.83 10.86 -48.09
CA ALA IA 277 -9.26 11.06 -47.91
C ALA IA 277 -9.74 10.47 -46.60
N ILE IA 278 -9.21 9.30 -46.22
CA ILE IA 278 -9.64 8.68 -44.98
C ILE IA 278 -9.29 9.55 -43.79
N ILE IA 279 -8.09 10.14 -43.80
CA ILE IA 279 -7.73 11.07 -42.74
C ILE IA 279 -8.71 12.23 -42.72
N GLY IA 280 -8.99 12.80 -43.87
CA GLY IA 280 -9.97 13.85 -43.96
C GLY IA 280 -9.53 15.12 -43.26
N SER IA 281 -10.51 15.98 -43.01
CA SER IA 281 -10.28 17.24 -42.33
C SER IA 281 -11.46 17.54 -41.42
N TYR IA 282 -11.20 18.36 -40.41
CA TYR IA 282 -12.22 18.72 -39.43
C TYR IA 282 -11.89 20.08 -38.85
N ASP IA 283 -12.91 20.93 -38.74
CA ASP IA 283 -12.79 22.23 -38.10
C ASP IA 283 -13.92 22.37 -37.08
N LYS IA 284 -13.57 22.73 -35.85
CA LYS IA 284 -14.59 22.93 -34.82
C LYS IA 284 -15.59 24.01 -35.22
N LYS IA 285 -15.16 24.95 -36.06
CA LYS IA 285 -16.02 26.06 -36.47
C LYS IA 285 -16.80 25.78 -37.74
N ASN IA 286 -16.59 24.62 -38.36
CA ASN IA 286 -17.41 24.16 -39.49
C ASN IA 286 -17.45 22.64 -39.39
N GLU IA 287 -18.37 22.14 -38.56
CA GLU IA 287 -18.40 20.71 -38.28
C GLU IA 287 -19.22 19.94 -39.30
N GLY IA 288 -20.18 20.59 -39.94
CA GLY IA 288 -21.01 19.95 -40.93
C GLY IA 288 -22.30 19.42 -40.36
N LEU IA 289 -22.96 18.58 -41.15
CA LEU IA 289 -24.22 18.01 -40.73
C LEU IA 289 -24.03 17.00 -39.61
N VAL IA 290 -22.92 16.29 -39.58
CA VAL IA 290 -22.62 15.30 -38.56
C VAL IA 290 -21.67 15.91 -37.54
N PRO IA 291 -21.98 15.86 -36.25
CA PRO IA 291 -21.04 16.39 -35.25
C PRO IA 291 -19.82 15.49 -35.10
N GLY IA 292 -18.77 16.08 -34.52
CA GLY IA 292 -17.54 15.33 -34.31
C GLY IA 292 -17.76 14.11 -33.43
N LEU IA 293 -18.56 14.24 -32.39
CA LEU IA 293 -18.78 13.13 -31.47
C LEU IA 293 -19.44 11.94 -32.15
N GLN IA 294 -20.09 12.15 -33.29
CA GLN IA 294 -20.79 11.08 -33.99
C GLN IA 294 -20.32 10.96 -35.43
N SER IA 295 -19.05 11.26 -35.68
CA SER IA 295 -18.51 11.25 -37.03
C SER IA 295 -18.11 9.84 -37.44
N ALA IA 296 -18.22 9.57 -38.74
CA ALA IA 296 -17.76 8.29 -39.27
C ALA IA 296 -16.24 8.25 -39.34
N ASN IA 297 -15.60 9.40 -39.53
CA ASN IA 297 -14.14 9.48 -39.46
C ASN IA 297 -13.68 9.11 -38.06
N ARG IA 298 -12.81 8.11 -37.97
CA ARG IA 298 -12.39 7.62 -36.66
C ARG IA 298 -11.50 8.62 -35.95
N ILE IA 299 -10.60 9.29 -36.70
CA ILE IA 299 -9.74 10.29 -36.10
C ILE IA 299 -10.57 11.42 -35.52
N THR IA 300 -11.55 11.90 -36.30
CA THR IA 300 -12.39 12.99 -35.84
C THR IA 300 -13.19 12.59 -34.61
N GLN IA 301 -13.75 11.38 -34.62
CA GLN IA 301 -14.65 10.98 -33.54
C GLN IA 301 -13.90 10.82 -32.22
N THR IA 302 -12.76 10.13 -32.25
CA THR IA 302 -11.99 9.96 -31.03
C THR IA 302 -11.44 11.30 -30.55
N GLY IA 303 -11.02 12.15 -31.47
CA GLY IA 303 -10.52 13.46 -31.09
C GLY IA 303 -11.58 14.32 -30.43
N ALA IA 304 -12.80 14.28 -30.96
CA ALA IA 304 -13.88 15.10 -30.42
C ALA IA 304 -14.24 14.72 -28.99
N THR IA 305 -13.81 13.55 -28.52
CA THR IA 305 -14.14 13.09 -27.19
C THR IA 305 -13.10 13.46 -26.14
N ARG IA 306 -11.89 13.81 -26.55
CA ARG IA 306 -10.80 13.99 -25.61
C ARG IA 306 -11.10 15.12 -24.64
N MET IA 307 -11.10 14.77 -23.35
CA MET IA 307 -11.28 15.72 -22.25
C MET IA 307 -12.64 16.40 -22.30
N ASP IA 308 -13.59 15.84 -23.03
CA ASP IA 308 -14.92 16.41 -23.21
C ASP IA 308 -14.86 17.79 -23.86
N VAL IA 309 -13.77 18.08 -24.59
CA VAL IA 309 -13.58 19.39 -25.20
C VAL IA 309 -13.16 19.27 -26.66
N GLY IA 310 -12.53 18.16 -27.03
CA GLY IA 310 -11.98 18.02 -28.37
C GLY IA 310 -10.54 18.46 -28.51
N CYS IA 311 -9.70 17.64 -29.13
CA CYS IA 311 -8.27 17.90 -29.22
C CYS IA 311 -7.84 18.40 -30.60
N PHE IA 312 -8.77 18.71 -31.49
CA PHE IA 312 -8.47 19.20 -32.83
C PHE IA 312 -9.31 20.44 -33.11
N ASP IA 313 -8.76 21.64 -32.95
CA ASP IA 313 -9.46 22.82 -33.42
C ASP IA 313 -9.57 22.80 -34.94
N TYR IA 314 -8.53 22.32 -35.61
CA TYR IA 314 -8.52 22.12 -37.05
C TYR IA 314 -7.47 21.07 -37.37
N TYR IA 315 -7.75 20.24 -38.37
CA TYR IA 315 -6.72 19.37 -38.92
C TYR IA 315 -7.09 18.98 -40.34
N THR IA 316 -6.07 18.67 -41.12
CA THR IA 316 -6.26 18.20 -42.48
C THR IA 316 -5.11 17.29 -42.86
N GLY IA 317 -5.41 16.27 -43.64
CA GLY IA 317 -4.37 15.50 -44.27
C GLY IA 317 -3.80 16.22 -45.48
N PHE IA 318 -2.60 15.83 -45.88
CA PHE IA 318 -2.01 16.35 -47.10
C PHE IA 318 -1.23 15.25 -47.80
N ASN IA 319 -1.32 15.25 -49.12
CA ASN IA 319 -0.62 14.30 -49.99
C ASN IA 319 -0.01 15.11 -51.12
N ILE IA 320 1.29 15.37 -51.04
CA ILE IA 320 2.01 16.18 -52.00
C ILE IA 320 2.88 15.26 -52.84
N ALA IA 321 2.79 15.39 -54.15
CA ALA IA 321 3.52 14.54 -55.08
C ALA IA 321 4.40 15.39 -55.98
N TYR IA 322 5.60 14.89 -56.24
CA TYR IA 322 6.53 15.48 -57.20
C TYR IA 322 6.97 14.38 -58.16
N LYS IA 323 7.83 14.74 -59.11
CA LYS IA 323 8.17 13.80 -60.17
C LYS IA 323 8.85 12.55 -59.63
N ASP IA 324 9.65 12.68 -58.57
CA ASP IA 324 10.41 11.55 -58.05
C ASP IA 324 10.28 11.36 -56.54
N THR IA 325 9.38 12.09 -55.89
CA THR IA 325 9.20 11.95 -54.46
C THR IA 325 7.82 12.50 -54.09
N GLY IA 326 7.48 12.37 -52.82
CA GLY IA 326 6.23 12.91 -52.32
C GLY IA 326 6.25 13.00 -50.82
N LEU IA 327 5.28 13.74 -50.29
CA LEU IA 327 5.11 13.93 -48.85
C LEU IA 327 3.68 13.60 -48.48
N PHE IA 328 3.51 12.79 -47.44
CA PHE IA 328 2.20 12.40 -46.94
C PHE IA 328 2.17 12.64 -45.44
N GLY IA 329 1.14 13.33 -44.97
CA GLY IA 329 1.05 13.63 -43.56
C GLY IA 329 -0.21 14.39 -43.22
N PHE IA 330 -0.16 15.08 -42.09
CA PHE IA 330 -1.29 15.83 -41.59
C PHE IA 330 -0.82 17.15 -40.99
N TYR IA 331 -1.72 18.12 -40.99
CA TYR IA 331 -1.48 19.45 -40.41
C TYR IA 331 -2.51 19.70 -39.33
N ILE IA 332 -2.06 20.22 -38.19
CA ILE IA 332 -2.91 20.43 -37.03
C ILE IA 332 -2.79 21.88 -36.57
N ALA IA 333 -3.92 22.48 -36.24
CA ALA IA 333 -3.98 23.76 -35.52
C ALA IA 333 -4.83 23.51 -34.29
N THR IA 334 -4.20 23.55 -33.11
CA THR IA 334 -4.88 23.12 -31.90
C THR IA 334 -4.38 23.94 -30.71
N ASP IA 335 -5.13 23.84 -29.62
CA ASP IA 335 -4.76 24.50 -28.38
C ASP IA 335 -3.43 23.97 -27.87
N GLU IA 336 -2.67 24.84 -27.21
CA GLU IA 336 -1.35 24.48 -26.72
C GLU IA 336 -1.39 23.20 -25.89
N VAL IA 337 -2.32 23.15 -24.93
CA VAL IA 337 -2.38 22.01 -24.02
C VAL IA 337 -2.86 20.75 -24.70
N ALA IA 338 -3.41 20.84 -25.91
CA ALA IA 338 -3.98 19.70 -26.60
C ALA IA 338 -3.03 19.08 -27.62
N VAL IA 339 -1.81 19.59 -27.75
CA VAL IA 339 -0.96 19.17 -28.86
C VAL IA 339 -0.57 17.70 -28.72
N GLU IA 340 -0.28 17.25 -27.49
CA GLU IA 340 0.13 15.87 -27.31
C GLU IA 340 -0.98 14.91 -27.71
N HIS IA 341 -2.22 15.21 -27.33
CA HIS IA 341 -3.33 14.38 -27.74
C HIS IA 341 -3.56 14.45 -29.23
N ALA IA 342 -3.42 15.63 -29.82
CA ALA IA 342 -3.74 15.80 -31.23
C ALA IA 342 -2.77 15.02 -32.11
N VAL IA 343 -1.46 15.20 -31.90
CA VAL IA 343 -0.50 14.48 -32.72
C VAL IA 343 -0.58 12.99 -32.43
N GLY IA 344 -0.84 12.62 -31.18
CA GLY IA 344 -0.95 11.21 -30.85
C GLY IA 344 -2.11 10.53 -31.56
N ASP IA 345 -3.24 11.23 -31.66
CA ASP IA 345 -4.41 10.64 -32.29
C ASP IA 345 -4.23 10.49 -33.80
N LEU IA 346 -3.71 11.53 -34.45
CA LEU IA 346 -3.54 11.46 -35.89
C LEU IA 346 -2.49 10.44 -36.29
N MET IA 347 -1.45 10.28 -35.47
CA MET IA 347 -0.47 9.23 -35.74
C MET IA 347 -1.06 7.86 -35.48
N PHE IA 348 -1.89 7.74 -34.44
CA PHE IA 348 -2.61 6.49 -34.21
C PHE IA 348 -3.54 6.19 -35.38
N GLY IA 349 -4.13 7.22 -35.98
CA GLY IA 349 -4.97 7.00 -37.13
C GLY IA 349 -4.20 6.50 -38.34
N VAL IA 350 -3.03 7.08 -38.60
CA VAL IA 350 -2.23 6.65 -39.74
C VAL IA 350 -1.65 5.26 -39.48
N THR IA 351 -1.27 4.97 -38.23
CA THR IA 351 -0.79 3.63 -37.90
C THR IA 351 -1.91 2.60 -38.01
N SER IA 352 -3.15 3.01 -37.79
CA SER IA 352 -4.26 2.07 -37.87
C SER IA 352 -4.46 1.55 -39.29
N PHE IA 353 -4.10 2.34 -40.29
CA PHE IA 353 -4.21 1.87 -41.67
C PHE IA 353 -3.47 0.57 -41.87
N SER IA 354 -2.39 0.37 -41.13
CA SER IA 354 -1.55 -0.80 -41.28
C SER IA 354 -2.05 -1.99 -40.47
N TYR IA 355 -3.06 -1.81 -39.63
CA TYR IA 355 -3.57 -2.90 -38.81
C TYR IA 355 -5.06 -3.15 -38.95
N SER IA 356 -5.87 -2.12 -38.65
CA SER IA 356 -7.31 -2.28 -38.45
C SER IA 356 -8.03 -1.13 -39.15
N LEU IA 357 -8.25 -1.27 -40.45
CA LEU IA 357 -9.02 -0.31 -41.23
C LEU IA 357 -10.24 -1.03 -41.78
N THR IA 358 -11.42 -0.47 -41.51
CA THR IA 358 -12.67 -1.14 -41.87
C THR IA 358 -13.05 -0.83 -43.31
N GLU IA 359 -13.78 -1.77 -43.91
CA GLU IA 359 -14.31 -1.54 -45.25
C GLU IA 359 -15.25 -0.35 -45.28
N GLU IA 360 -15.98 -0.12 -44.19
CA GLU IA 360 -16.93 0.99 -44.16
C GLU IA 360 -16.22 2.32 -44.34
N GLU IA 361 -15.12 2.53 -43.61
CA GLU IA 361 -14.42 3.79 -43.71
C GLU IA 361 -13.81 3.99 -45.09
N VAL IA 362 -13.31 2.92 -45.68
CA VAL IA 362 -12.74 3.01 -47.03
C VAL IA 362 -13.82 3.43 -48.03
N MET IA 363 -14.98 2.78 -47.97
CA MET IA 363 -16.02 3.05 -48.95
C MET IA 363 -16.56 4.46 -48.82
N LYS IA 364 -16.74 4.94 -47.58
CA LYS IA 364 -17.11 6.34 -47.40
C LYS IA 364 -16.06 7.25 -47.99
N ALA IA 365 -14.78 6.93 -47.75
CA ALA IA 365 -13.71 7.79 -48.24
C ALA IA 365 -13.66 7.80 -49.76
N LYS IA 366 -13.93 6.67 -50.40
CA LYS IA 366 -13.97 6.63 -51.85
C LYS IA 366 -15.01 7.59 -52.39
N ARG IA 367 -16.19 7.61 -51.77
CA ARG IA 367 -17.26 8.47 -52.27
C ARG IA 367 -16.95 9.93 -52.06
N GLU IA 368 -16.36 10.29 -50.92
CA GLU IA 368 -16.02 11.69 -50.69
C GLU IA 368 -14.80 12.11 -51.48
N LEU IA 369 -13.90 11.18 -51.78
CA LEU IA 369 -12.81 11.48 -52.71
C LEU IA 369 -13.34 11.74 -54.11
N LYS IA 370 -14.28 10.91 -54.58
CA LYS IA 370 -14.85 11.10 -55.90
C LYS IA 370 -15.75 12.33 -55.94
N THR IA 371 -16.36 12.68 -54.82
CA THR IA 371 -17.21 13.86 -54.76
C THR IA 371 -16.38 15.14 -54.78
N ASN IA 372 -15.14 15.07 -54.30
CA ASN IA 372 -14.25 16.22 -54.31
C ASN IA 372 -13.57 16.38 -55.66
N PHE IA 373 -13.14 15.27 -56.26
CA PHE IA 373 -12.47 15.32 -57.55
C PHE IA 373 -13.43 15.78 -58.65
N PHE IA 374 -14.61 15.17 -58.73
CA PHE IA 374 -15.54 15.51 -59.79
C PHE IA 374 -16.03 16.94 -59.67
N SER IA 375 -16.32 17.38 -58.45
CA SER IA 375 -16.79 18.76 -58.27
C SER IA 375 -15.74 19.77 -58.68
N GLY IA 376 -14.47 19.41 -58.57
CA GLY IA 376 -13.41 20.30 -59.02
C GLY IA 376 -13.37 20.50 -60.51
N LEU IA 377 -13.98 19.57 -61.27
CA LEU IA 377 -14.03 19.66 -62.73
C LEU IA 377 -15.30 20.33 -63.21
N ASP IA 378 -15.91 21.19 -62.40
CA ASP IA 378 -17.18 21.80 -62.76
C ASP IA 378 -16.99 22.96 -63.71
N ASN IA 379 -16.06 23.86 -63.41
CA ASN IA 379 -15.84 25.06 -64.22
C ASN IA 379 -14.66 24.84 -65.15
N THR IA 380 -14.54 25.75 -66.13
CA THR IA 380 -13.50 25.61 -67.15
C THR IA 380 -12.11 25.72 -66.54
N THR IA 381 -11.93 26.64 -65.60
CA THR IA 381 -10.63 26.77 -64.96
C THR IA 381 -10.26 25.50 -64.21
N GLY IA 382 -11.23 24.89 -63.53
CA GLY IA 382 -10.96 23.63 -62.88
C GLY IA 382 -10.56 22.55 -63.86
N VAL IA 383 -11.26 22.47 -65.00
CA VAL IA 383 -10.88 21.52 -66.03
C VAL IA 383 -9.49 21.85 -66.59
N ALA IA 384 -9.23 23.13 -66.84
CA ALA IA 384 -7.95 23.51 -67.41
C ALA IA 384 -6.80 23.16 -66.48
N GLU IA 385 -6.95 23.44 -65.19
CA GLU IA 385 -5.94 23.03 -64.23
C GLU IA 385 -5.74 21.52 -64.26
N ASP IA 386 -6.84 20.77 -64.31
CA ASP IA 386 -6.75 19.32 -64.33
C ASP IA 386 -5.99 18.83 -65.56
N ILE IA 387 -6.32 19.38 -66.72
CA ILE IA 387 -5.64 18.96 -67.95
C ILE IA 387 -4.16 19.32 -67.89
N GLY IA 388 -3.86 20.57 -67.56
CA GLY IA 388 -2.48 21.01 -67.57
C GLY IA 388 -1.64 20.34 -66.49
N ARG IA 389 -2.22 20.15 -65.30
CA ARG IA 389 -1.49 19.50 -64.22
C ARG IA 389 -1.31 18.02 -64.48
N GLN IA 390 -2.27 17.39 -65.17
CA GLN IA 390 -2.21 15.95 -65.39
C GLN IA 390 -1.31 15.59 -66.56
N ILE IA 391 -1.23 16.45 -67.57
CA ILE IA 391 -0.33 16.18 -68.68
C ILE IA 391 1.11 16.36 -68.25
N LEU IA 392 1.38 17.40 -67.44
CA LEU IA 392 2.73 17.58 -66.91
C LEU IA 392 3.11 16.43 -65.99
N ALA IA 393 2.19 16.00 -65.14
CA ALA IA 393 2.51 14.96 -64.17
C ALA IA 393 2.62 13.58 -64.81
N TYR IA 394 1.71 13.26 -65.73
CA TYR IA 394 1.63 11.92 -66.30
C TYR IA 394 1.92 11.83 -67.78
N GLY IA 395 1.92 12.95 -68.50
CA GLY IA 395 1.98 12.91 -69.94
C GLY IA 395 0.65 12.67 -70.61
N ARG IA 396 -0.42 12.52 -69.84
CA ARG IA 396 -1.75 12.29 -70.35
C ARG IA 396 -2.73 12.68 -69.26
N ARG IA 397 -3.99 12.81 -69.64
CA ARG IA 397 -5.05 13.11 -68.69
C ARG IA 397 -5.84 11.83 -68.40
N LEU IA 398 -5.89 11.45 -67.13
CA LEU IA 398 -6.70 10.31 -66.74
C LEU IA 398 -8.17 10.67 -66.77
N SER IA 399 -8.96 9.84 -67.44
CA SER IA 399 -10.39 10.07 -67.53
C SER IA 399 -11.05 9.81 -66.18
N PRO IA 400 -12.21 10.43 -65.93
CA PRO IA 400 -12.95 10.09 -64.70
C PRO IA 400 -13.26 8.61 -64.61
N ALA IA 401 -13.58 7.98 -65.74
CA ALA IA 401 -13.85 6.55 -65.73
C ALA IA 401 -12.62 5.74 -65.33
N GLU IA 402 -11.45 6.12 -65.87
CA GLU IA 402 -10.24 5.40 -65.51
C GLU IA 402 -9.89 5.58 -64.04
N PHE IA 403 -10.06 6.79 -63.51
CA PHE IA 403 -9.81 7.02 -62.10
C PHE IA 403 -10.70 6.15 -61.24
N VAL IA 404 -11.98 6.04 -61.60
CA VAL IA 404 -12.91 5.22 -60.83
C VAL IA 404 -12.55 3.75 -60.98
N GLU IA 405 -12.15 3.33 -62.19
CA GLU IA 405 -11.78 1.94 -62.40
C GLU IA 405 -10.62 1.54 -61.51
N ARG IA 406 -9.58 2.37 -61.46
CA ARG IA 406 -8.44 2.04 -60.62
C ARG IA 406 -8.78 2.16 -59.14
N LEU IA 407 -9.66 3.09 -58.78
CA LEU IA 407 -10.05 3.22 -57.38
C LEU IA 407 -10.91 2.05 -56.93
N ASP IA 408 -11.68 1.45 -57.84
CA ASP IA 408 -12.48 0.29 -57.48
C ASP IA 408 -11.60 -0.86 -56.97
N GLN IA 409 -10.43 -1.03 -57.57
CA GLN IA 409 -9.56 -2.13 -57.18
C GLN IA 409 -9.00 -1.93 -55.79
N ILE IA 410 -8.79 -0.68 -55.37
CA ILE IA 410 -8.21 -0.41 -54.07
C ILE IA 410 -9.25 -0.69 -52.99
N ASP IA 411 -8.87 -1.50 -52.02
CA ASP IA 411 -9.74 -1.84 -50.90
C ASP IA 411 -9.00 -1.68 -49.60
N SER IA 412 -9.61 -2.13 -48.50
CA SER IA 412 -8.96 -2.04 -47.20
C SER IA 412 -7.66 -2.83 -47.18
N GLN IA 413 -7.66 -4.01 -47.82
CA GLN IA 413 -6.45 -4.82 -47.85
C GLN IA 413 -5.33 -4.13 -48.62
N GLU IA 414 -5.67 -3.48 -49.73
CA GLU IA 414 -4.65 -2.77 -50.49
C GLU IA 414 -4.09 -1.59 -49.70
N VAL IA 415 -4.96 -0.85 -49.02
CA VAL IA 415 -4.49 0.23 -48.16
C VAL IA 415 -3.56 -0.32 -47.08
N GLN IA 416 -3.92 -1.47 -46.51
CA GLN IA 416 -3.10 -2.06 -45.46
C GLN IA 416 -1.74 -2.48 -46.00
N ARG IA 417 -1.70 -3.04 -47.19
CA ARG IA 417 -0.43 -3.47 -47.76
C ARG IA 417 0.49 -2.29 -48.01
N VAL IA 418 -0.05 -1.23 -48.60
CA VAL IA 418 0.76 -0.05 -48.91
C VAL IA 418 1.23 0.61 -47.61
N ALA IA 419 0.33 0.77 -46.65
CA ALA IA 419 0.72 1.39 -45.39
C ALA IA 419 1.75 0.56 -44.65
N TRP IA 420 1.58 -0.77 -44.64
CA TRP IA 420 2.53 -1.63 -43.99
C TRP IA 420 3.91 -1.52 -44.63
N ASN IA 421 3.96 -1.35 -45.95
CA ASN IA 421 5.23 -1.29 -46.64
C ASN IA 421 5.91 0.05 -46.45
N ARG IA 422 5.16 1.15 -46.43
CA ARG IA 422 5.73 2.48 -46.50
C ARG IA 422 5.54 3.33 -45.25
N LEU IA 423 4.42 3.19 -44.55
CA LEU IA 423 4.13 4.07 -43.43
C LEU IA 423 4.37 3.44 -42.06
N HIS IA 424 4.20 2.13 -41.93
CA HIS IA 424 4.47 1.47 -40.67
C HIS IA 424 5.95 1.54 -40.32
N ASP IA 425 6.24 1.81 -39.04
CA ASP IA 425 7.61 1.85 -38.54
C ASP IA 425 8.49 2.73 -39.43
N ALA IA 426 7.91 3.81 -39.91
CA ALA IA 426 8.55 4.69 -40.89
C ALA IA 426 9.13 5.91 -40.21
N GLU IA 427 10.05 6.56 -40.91
CA GLU IA 427 10.65 7.80 -40.43
C GLU IA 427 9.73 8.98 -40.72
N ILE IA 428 9.66 9.92 -39.79
CA ILE IA 428 8.76 11.05 -39.88
C ILE IA 428 9.55 12.34 -39.67
N THR IA 429 8.97 13.43 -40.15
CA THR IA 429 9.50 14.77 -39.97
C THR IA 429 8.42 15.64 -39.34
N MET IA 430 8.77 16.32 -38.24
CA MET IA 430 7.84 17.19 -37.54
C MET IA 430 8.29 18.64 -37.66
N THR IA 431 7.36 19.52 -37.95
CA THR IA 431 7.60 20.94 -38.06
C THR IA 431 6.47 21.67 -37.34
N GLY IA 432 6.78 22.78 -36.68
CA GLY IA 432 5.78 23.46 -35.90
C GLY IA 432 6.13 24.91 -35.61
N VAL IA 433 5.09 25.68 -35.34
CA VAL IA 433 5.20 27.08 -34.93
C VAL IA 433 4.16 27.34 -33.86
N GLY IA 434 4.57 27.96 -32.76
CA GLY IA 434 3.65 28.34 -31.72
C GLY IA 434 4.05 27.82 -30.36
N PRO IA 435 3.12 27.87 -29.40
CA PRO IA 435 3.39 27.28 -28.09
C PRO IA 435 3.38 25.77 -28.16
N LEU IA 436 4.56 25.16 -28.07
CA LEU IA 436 4.73 23.74 -28.34
C LEU IA 436 5.48 23.06 -27.21
N HIS IA 437 5.16 23.42 -25.97
CA HIS IA 437 5.69 22.68 -24.83
C HIS IA 437 5.24 21.23 -24.85
N GLY IA 438 4.02 20.97 -25.33
CA GLY IA 438 3.51 19.62 -25.36
C GLY IA 438 4.05 18.76 -26.47
N LEU IA 439 4.68 19.36 -27.47
CA LEU IA 439 5.26 18.59 -28.57
C LEU IA 439 6.49 17.85 -28.07
N LEU IA 440 6.49 16.53 -28.21
CA LEU IA 440 7.58 15.71 -27.71
C LEU IA 440 8.70 15.66 -28.74
N GLN IA 441 9.75 14.91 -28.42
CA GLN IA 441 10.87 14.77 -29.33
C GLN IA 441 10.45 13.94 -30.54
N LEU IA 442 11.22 14.09 -31.62
CA LEU IA 442 10.90 13.38 -32.86
C LEU IA 442 10.90 11.87 -32.64
N TRP IA 443 11.87 11.37 -31.87
CA TRP IA 443 11.95 9.93 -31.63
C TRP IA 443 10.73 9.43 -30.87
N ASP IA 444 10.22 10.24 -29.94
CA ASP IA 444 9.02 9.86 -29.20
C ASP IA 444 7.81 9.74 -30.14
N LEU IA 445 7.68 10.67 -31.08
CA LEU IA 445 6.55 10.63 -32.00
C LEU IA 445 6.71 9.52 -33.03
N ARG IA 446 7.95 9.18 -33.37
CA ARG IA 446 8.21 8.18 -34.39
C ARG IA 446 7.91 6.77 -33.89
N ARG IA 447 7.96 6.54 -32.58
CA ARG IA 447 7.59 5.25 -32.04
C ARG IA 447 6.10 4.99 -32.15
N GLN IA 448 5.31 6.03 -32.35
CA GLN IA 448 3.87 5.93 -32.48
C GLN IA 448 3.43 5.50 -33.89
N THR IA 449 4.39 5.15 -34.75
CA THR IA 449 4.11 4.62 -36.08
C THR IA 449 3.97 3.10 -36.09
N TRP IA 450 3.93 2.47 -34.92
CA TRP IA 450 3.77 1.02 -34.81
C TRP IA 450 3.06 0.75 -33.49
N TRP IA 451 2.44 -0.43 -33.38
CA TRP IA 451 1.60 -0.77 -32.23
C TRP IA 451 2.13 -2.00 -31.52
N TRP IA 452 1.96 -2.04 -30.19
CA TRP IA 452 2.25 -3.25 -29.42
C TRP IA 452 1.11 -4.25 -29.51
N ARG IA 453 -0.13 -3.78 -29.62
CA ARG IA 453 -1.26 -4.64 -29.89
C ARG IA 453 -1.14 -5.21 -31.29
N TYR IA 454 -1.99 -6.19 -31.58
CA TYR IA 454 -2.05 -6.77 -32.92
C TYR IA 454 -0.67 -7.06 -33.49
N GLY JA 1 -46.14 22.70 -72.36
CA GLY JA 1 -46.53 23.38 -71.13
C GLY JA 1 -47.99 23.20 -70.82
N LYS JA 2 -48.28 22.67 -69.63
CA LYS JA 2 -49.64 22.43 -69.20
C LYS JA 2 -50.13 23.42 -68.15
N SER JA 3 -49.25 24.20 -67.54
CA SER JA 3 -49.65 25.12 -66.49
C SER JA 3 -48.72 26.32 -66.50
N THR JA 4 -49.31 27.51 -66.38
CA THR JA 4 -48.57 28.76 -66.30
C THR JA 4 -48.67 29.28 -64.88
N ILE JA 5 -47.52 29.45 -64.23
CA ILE JA 5 -47.46 29.87 -62.84
C ILE JA 5 -46.56 31.10 -62.77
N GLN JA 6 -47.14 32.23 -62.40
CA GLN JA 6 -46.40 33.46 -62.17
C GLN JA 6 -45.52 33.81 -63.37
N GLY JA 7 -46.07 33.66 -64.56
CA GLY JA 7 -45.39 34.07 -65.77
C GLY JA 7 -44.54 33.03 -66.44
N THR JA 8 -44.43 31.83 -65.87
CA THR JA 8 -43.64 30.76 -66.45
C THR JA 8 -44.52 29.53 -66.66
N SER JA 9 -44.30 28.84 -67.77
CA SER JA 9 -45.07 27.65 -68.12
C SER JA 9 -44.32 26.40 -67.66
N TYR JA 10 -45.04 25.50 -67.01
CA TYR JA 10 -44.48 24.26 -66.50
C TYR JA 10 -45.25 23.08 -67.06
N ASN JA 11 -44.56 21.96 -67.23
CA ASN JA 11 -45.19 20.70 -67.59
C ASN JA 11 -45.65 20.01 -66.32
N VAL JA 12 -46.93 19.62 -66.28
CA VAL JA 12 -47.53 19.10 -65.07
C VAL JA 12 -47.19 17.61 -64.93
N VAL JA 13 -46.55 17.25 -63.82
CA VAL JA 13 -46.25 15.87 -63.49
C VAL JA 13 -47.41 15.35 -62.64
N LYS JA 14 -48.02 14.25 -63.07
CA LYS JA 14 -49.18 13.69 -62.39
C LYS JA 14 -48.76 12.69 -61.32
N PHE JA 15 -49.43 12.75 -60.17
CA PHE JA 15 -49.16 11.81 -59.08
C PHE JA 15 -49.67 10.42 -59.46
N GLN JA 16 -48.85 9.40 -59.25
CA GLN JA 16 -49.21 8.02 -59.53
C GLN JA 16 -48.98 7.16 -58.30
N GLN JA 17 -49.85 6.17 -58.11
CA GLN JA 17 -49.73 5.22 -56.99
C GLN JA 17 -48.95 4.00 -57.46
N GLU JA 18 -47.80 3.76 -56.83
CA GLU JA 18 -46.95 2.63 -57.13
C GLU JA 18 -46.66 1.86 -55.84
N ASP JA 19 -46.50 0.55 -55.96
CA ASP JA 19 -46.23 -0.25 -54.78
C ASP JA 19 -44.81 -0.03 -54.29
N VAL JA 20 -44.63 -0.09 -52.97
CA VAL JA 20 -43.29 0.02 -52.40
C VAL JA 20 -42.40 -1.08 -52.95
N SER JA 21 -42.97 -2.24 -53.25
CA SER JA 21 -42.20 -3.36 -53.75
C SER JA 21 -41.55 -3.03 -55.09
N GLU JA 22 -42.25 -2.27 -55.93
CA GLU JA 22 -41.76 -1.98 -57.28
C GLU JA 22 -40.78 -0.81 -57.30
N VAL JA 23 -41.01 0.20 -56.45
CA VAL JA 23 -40.10 1.34 -56.41
C VAL JA 23 -38.80 0.95 -55.74
N VAL JA 24 -38.84 0.03 -54.77
CA VAL JA 24 -37.63 -0.42 -54.10
C VAL JA 24 -36.63 -0.93 -55.12
N LYS JA 25 -37.11 -1.57 -56.19
CA LYS JA 25 -36.24 -2.10 -57.22
C LYS JA 25 -35.40 -1.02 -57.89
N GLU JA 26 -35.85 0.24 -57.86
CA GLU JA 26 -35.20 1.33 -58.56
C GLU JA 26 -34.35 2.21 -57.65
N VAL JA 27 -34.33 1.92 -56.35
CA VAL JA 27 -33.54 2.72 -55.41
C VAL JA 27 -32.07 2.40 -55.61
N PRO JA 28 -31.18 3.40 -55.60
CA PRO JA 28 -29.76 3.11 -55.80
C PRO JA 28 -29.25 2.11 -54.77
N HIS JA 29 -28.37 1.22 -55.21
CA HIS JA 29 -27.82 0.22 -54.30
C HIS JA 29 -26.69 0.80 -53.48
N PHE JA 30 -26.74 0.56 -52.18
CA PHE JA 30 -25.65 0.93 -51.28
C PHE JA 30 -25.76 0.06 -50.04
N GLN JA 31 -24.62 -0.15 -49.38
CA GLN JA 31 -24.54 -0.91 -48.15
C GLN JA 31 -23.96 -0.03 -47.06
N PHE JA 32 -24.45 -0.19 -45.83
CA PHE JA 32 -23.85 0.43 -44.67
C PHE JA 32 -22.87 -0.51 -43.98
N TYR JA 33 -23.16 -1.81 -44.01
CA TYR JA 33 -22.30 -2.82 -43.42
C TYR JA 33 -21.67 -3.68 -44.51
N TYR JA 34 -20.44 -4.11 -44.26
CA TYR JA 34 -19.73 -5.07 -45.11
C TYR JA 34 -19.28 -6.20 -44.19
N ILE JA 35 -20.03 -7.29 -44.17
CA ILE JA 35 -19.85 -8.31 -43.14
C ILE JA 35 -18.75 -9.30 -43.48
N GLY JA 36 -18.49 -9.54 -44.76
CA GLY JA 36 -17.39 -10.39 -45.16
C GLY JA 36 -16.67 -9.83 -46.36
N GLY JA 37 -16.52 -10.62 -47.40
CA GLY JA 37 -16.04 -10.10 -48.68
C GLY JA 37 -15.35 -11.17 -49.49
N GLU JA 38 -15.18 -10.85 -50.77
CA GLU JA 38 -14.44 -11.69 -51.72
C GLU JA 38 -13.11 -11.02 -52.00
N HIS JA 39 -12.03 -11.58 -51.47
CA HIS JA 39 -10.70 -11.05 -51.70
C HIS JA 39 -10.38 -10.99 -53.19
N LYS JA 40 -9.78 -9.90 -53.61
CA LYS JA 40 -9.32 -9.74 -54.98
C LYS JA 40 -8.12 -8.80 -54.94
N ASP JA 41 -6.94 -9.30 -55.28
CA ASP JA 41 -5.74 -8.47 -55.26
C ASP JA 41 -5.88 -7.32 -56.24
N ASN JA 42 -5.29 -6.18 -55.89
CA ASN JA 42 -5.29 -5.02 -56.77
C ASN JA 42 -4.59 -5.36 -58.06
N LYS JA 43 -5.35 -5.47 -59.16
CA LYS JA 43 -4.77 -5.90 -60.42
C LYS JA 43 -3.79 -4.87 -60.97
N TYR JA 44 -3.99 -3.59 -60.65
CA TYR JA 44 -3.13 -2.53 -61.15
C TYR JA 44 -2.03 -2.17 -60.16
N ARG JA 45 -1.69 -3.08 -59.25
CA ARG JA 45 -0.69 -2.76 -58.24
C ARG JA 45 0.67 -2.48 -58.85
N ASP JA 46 0.95 -3.04 -60.03
CA ASP JA 46 2.24 -2.91 -60.68
C ASP JA 46 2.19 -2.05 -61.93
N VAL JA 47 1.11 -1.31 -62.14
CA VAL JA 47 0.92 -0.53 -63.36
C VAL JA 47 1.12 0.94 -63.01
N PRO JA 48 2.14 1.61 -63.53
CA PRO JA 48 2.29 3.05 -63.28
C PRO JA 48 1.15 3.83 -63.90
N LEU JA 49 0.87 4.99 -63.30
CA LEU JA 49 -0.26 5.80 -63.72
C LEU JA 49 -0.10 6.36 -65.12
N ASP JA 50 1.14 6.46 -65.62
CA ASP JA 50 1.33 7.01 -66.95
C ASP JA 50 0.91 6.05 -68.05
N ILE JA 51 0.56 4.81 -67.71
CA ILE JA 51 0.17 3.80 -68.68
C ILE JA 51 -1.35 3.66 -68.64
N PRO JA 52 -2.07 3.98 -69.73
CA PRO JA 52 -3.52 3.78 -69.72
C PRO JA 52 -3.87 2.31 -69.56
N VAL JA 53 -4.95 2.06 -68.80
CA VAL JA 53 -5.38 0.71 -68.50
C VAL JA 53 -6.80 0.42 -68.92
N LEU JA 54 -7.57 1.44 -69.30
CA LEU JA 54 -8.97 1.27 -69.67
C LEU JA 54 -9.09 1.19 -71.18
N THR JA 55 -9.81 0.18 -71.66
CA THR JA 55 -9.98 -0.05 -73.08
C THR JA 55 -11.45 -0.28 -73.40
N GLU JA 56 -11.82 -0.03 -74.65
CA GLU JA 56 -13.17 -0.23 -75.14
C GLU JA 56 -14.18 0.64 -74.38
N ALA JA 57 -13.86 1.92 -74.29
CA ALA JA 57 -14.75 2.85 -73.62
C ALA JA 57 -15.93 3.20 -74.53
N PRO JA 58 -17.16 3.19 -74.02
CA PRO JA 58 -18.31 3.56 -74.85
C PRO JA 58 -18.15 4.96 -75.41
N PRO JA 59 -18.58 5.21 -76.64
CA PRO JA 59 -18.48 6.57 -77.19
C PRO JA 59 -19.32 7.54 -76.38
N PRO JA 60 -18.83 8.76 -76.17
CA PRO JA 60 -19.58 9.73 -75.36
C PRO JA 60 -20.85 10.20 -76.06
N GLN JA 61 -21.83 10.57 -75.24
CA GLN JA 61 -23.12 11.06 -75.71
C GLN JA 61 -23.33 12.46 -75.13
N LEU JA 62 -23.00 13.48 -75.90
CA LEU JA 62 -23.04 14.86 -75.45
C LEU JA 62 -24.32 15.53 -75.93
N LYS JA 63 -25.01 16.22 -75.03
CA LYS JA 63 -26.22 16.96 -75.33
C LYS JA 63 -26.08 18.37 -74.80
N LYS JA 64 -26.50 19.35 -75.59
CA LYS JA 64 -26.44 20.73 -75.13
C LYS JA 64 -27.39 20.91 -73.95
N PRO JA 65 -26.91 21.42 -72.81
CA PRO JA 65 -27.79 21.55 -71.65
C PRO JA 65 -28.92 22.52 -71.92
N GLU JA 66 -30.10 22.16 -71.40
CA GLU JA 66 -31.27 23.02 -71.50
C GLU JA 66 -32.01 22.98 -70.17
N MET JA 67 -32.54 24.13 -69.77
CA MET JA 67 -33.30 24.23 -68.52
C MET JA 67 -34.73 23.82 -68.78
N LYS JA 68 -35.21 22.83 -68.01
CA LYS JA 68 -36.55 22.29 -68.15
C LYS JA 68 -37.35 22.58 -66.89
N PHE JA 69 -38.63 22.92 -67.07
CA PHE JA 69 -39.51 23.35 -65.98
C PHE JA 69 -40.71 22.43 -65.89
N SER JA 70 -40.96 21.88 -64.69
CA SER JA 70 -42.13 21.07 -64.41
C SER JA 70 -42.75 21.49 -63.08
N VAL JA 71 -43.99 21.07 -62.86
CA VAL JA 71 -44.71 21.33 -61.62
C VAL JA 71 -45.51 20.09 -61.24
N LEU JA 72 -45.48 19.75 -59.95
CA LEU JA 72 -46.31 18.67 -59.42
C LEU JA 72 -47.74 19.15 -59.24
N GLU JA 73 -48.64 18.20 -58.96
CA GLU JA 73 -50.03 18.57 -58.73
C GLU JA 73 -50.21 19.29 -57.39
N ASN JA 74 -49.28 19.12 -56.46
CA ASN JA 74 -49.34 19.83 -55.19
C ASN JA 74 -48.89 21.27 -55.31
N GLY JA 75 -48.34 21.66 -56.45
CA GLY JA 75 -47.90 23.02 -56.69
C GLY JA 75 -46.42 23.26 -56.56
N MET JA 76 -45.62 22.22 -56.34
CA MET JA 76 -44.18 22.39 -56.20
C MET JA 76 -43.54 22.44 -57.58
N ARG JA 77 -42.81 23.52 -57.85
CA ARG JA 77 -42.14 23.71 -59.12
C ARG JA 77 -40.75 23.09 -59.10
N ILE JA 78 -40.40 22.41 -60.19
CA ILE JA 78 -39.12 21.72 -60.34
C ILE JA 78 -38.43 22.28 -61.56
N VAL JA 79 -37.23 22.82 -61.38
CA VAL JA 79 -36.42 23.42 -62.44
C VAL JA 79 -35.06 22.76 -62.43
N SER JA 80 -34.64 22.18 -63.55
CA SER JA 80 -33.39 21.43 -63.59
C SER JA 80 -32.61 21.71 -64.88
N VAL JA 81 -31.29 21.73 -64.74
CA VAL JA 81 -30.33 21.79 -65.83
C VAL JA 81 -29.39 20.61 -65.67
N ASP JA 82 -28.97 20.00 -66.79
CA ASP JA 82 -28.01 18.91 -66.76
C ASP JA 82 -26.82 19.28 -67.65
N LYS JA 83 -25.74 19.71 -67.03
CA LYS JA 83 -24.49 20.00 -67.71
C LYS JA 83 -23.65 18.74 -67.92
N GLN JA 84 -24.20 17.59 -67.55
CA GLN JA 84 -23.57 16.29 -67.71
C GLN JA 84 -22.35 16.12 -66.81
N GLY JA 85 -22.31 16.85 -65.70
CA GLY JA 85 -21.30 16.63 -64.69
C GLY JA 85 -21.59 15.37 -63.90
N LEU JA 86 -20.59 14.96 -63.12
CA LEU JA 86 -20.69 13.72 -62.34
C LEU JA 86 -21.12 13.96 -60.89
N THR JA 87 -21.24 15.21 -60.47
CA THR JA 87 -21.74 15.57 -59.16
C THR JA 87 -22.94 16.48 -59.32
N SER JA 88 -24.01 16.19 -58.59
CA SER JA 88 -25.24 16.95 -58.68
C SER JA 88 -25.35 17.95 -57.52
N ASN JA 89 -26.23 18.92 -57.70
CA ASN JA 89 -26.49 19.95 -56.69
C ASN JA 89 -28.00 20.14 -56.58
N LEU JA 90 -28.62 19.46 -55.62
CA LEU JA 90 -30.05 19.53 -55.39
C LEU JA 90 -30.36 20.56 -54.31
N GLY JA 91 -31.27 21.49 -54.61
CA GLY JA 91 -31.66 22.51 -53.65
C GLY JA 91 -33.15 22.77 -53.59
N LEU JA 92 -33.66 23.00 -52.37
CA LEU JA 92 -35.07 23.28 -52.14
C LEU JA 92 -35.21 24.68 -51.57
N PHE JA 93 -35.85 25.56 -52.32
CA PHE JA 93 -36.02 26.96 -51.94
C PHE JA 93 -37.46 27.19 -51.49
N VAL JA 94 -37.63 27.81 -50.32
CA VAL JA 94 -38.94 28.13 -49.78
C VAL JA 94 -39.02 29.64 -49.56
N HIS JA 95 -40.16 30.22 -49.94
CA HIS JA 95 -40.36 31.66 -49.90
C HIS JA 95 -40.77 32.12 -48.50
N ALA JA 96 -39.91 31.77 -47.52
CA ALA JA 96 -40.15 32.12 -46.12
C ALA JA 96 -38.83 32.54 -45.50
N GLY JA 97 -38.53 33.83 -45.57
CA GLY JA 97 -37.35 34.41 -44.96
C GLY JA 97 -37.69 35.28 -43.77
N SER JA 98 -36.66 36.01 -43.31
CA SER JA 98 -36.83 36.86 -42.14
C SER JA 98 -37.78 38.02 -42.39
N ARG JA 99 -37.99 38.41 -43.65
CA ARG JA 99 -38.83 39.56 -43.92
C ARG JA 99 -40.29 39.31 -43.57
N PHE JA 100 -40.70 38.06 -43.52
CA PHE JA 100 -42.09 37.72 -43.24
C PHE JA 100 -42.37 37.53 -41.76
N GLU JA 101 -41.38 37.78 -40.91
CA GLU JA 101 -41.57 37.65 -39.47
C GLU JA 101 -42.26 38.87 -38.89
N THR JA 102 -43.19 38.63 -37.97
CA THR JA 102 -43.73 39.70 -37.16
C THR JA 102 -42.80 39.97 -35.98
N PRO JA 103 -42.90 41.13 -35.35
CA PRO JA 103 -41.99 41.43 -34.24
C PRO JA 103 -42.03 40.41 -33.12
N ALA JA 104 -43.19 39.82 -32.86
CA ALA JA 104 -43.27 38.75 -31.87
C ALA JA 104 -42.67 37.45 -32.36
N GLU JA 105 -42.43 37.32 -33.67
CA GLU JA 105 -41.86 36.11 -34.26
C GLU JA 105 -40.39 36.27 -34.60
N GLU JA 106 -39.69 37.19 -33.92
CA GLU JA 106 -38.32 37.50 -34.29
C GLU JA 106 -37.45 36.26 -34.25
N GLY JA 107 -36.68 36.05 -35.33
CA GLY JA 107 -35.70 35.01 -35.39
C GLY JA 107 -36.20 33.66 -35.84
N LEU JA 108 -37.51 33.50 -36.05
CA LEU JA 108 -38.05 32.17 -36.33
C LEU JA 108 -37.52 31.60 -37.63
N SER JA 109 -37.27 32.44 -38.64
CA SER JA 109 -36.70 31.93 -39.88
C SER JA 109 -35.35 31.29 -39.63
N HIS JA 110 -34.51 31.92 -38.82
CA HIS JA 110 -33.22 31.33 -38.48
C HIS JA 110 -33.41 30.05 -37.69
N MET JA 111 -34.42 30.00 -36.82
CA MET JA 111 -34.66 28.80 -36.03
C MET JA 111 -34.99 27.62 -36.93
N VAL JA 112 -35.78 27.85 -37.99
CA VAL JA 112 -36.08 26.78 -38.93
C VAL JA 112 -34.80 26.23 -39.52
N GLU JA 113 -33.89 27.11 -39.91
CA GLU JA 113 -32.60 26.66 -40.42
C GLU JA 113 -31.87 25.81 -39.40
N CYS JA 114 -31.92 26.22 -38.13
CA CYS JA 114 -31.18 25.50 -37.10
C CYS JA 114 -31.69 24.08 -36.91
N VAL JA 115 -32.98 23.85 -37.14
CA VAL JA 115 -33.57 22.54 -36.90
C VAL JA 115 -33.60 21.70 -38.17
N ALA JA 116 -32.89 22.12 -39.21
CA ALA JA 116 -32.90 21.40 -40.46
C ALA JA 116 -32.20 20.05 -40.33
N PHE JA 117 -32.73 19.06 -41.06
CA PHE JA 117 -32.17 17.71 -41.11
C PHE JA 117 -32.22 17.01 -39.76
N ARG JA 118 -33.16 17.40 -38.91
CA ARG JA 118 -33.45 16.68 -37.68
C ARG JA 118 -34.49 15.60 -37.96
N SER JA 119 -35.05 15.00 -36.92
CA SER JA 119 -35.93 13.85 -37.09
C SER JA 119 -37.14 14.19 -37.95
N THR JA 120 -37.47 13.29 -38.86
CA THR JA 120 -38.65 13.35 -39.70
C THR JA 120 -39.56 12.17 -39.35
N ALA JA 121 -40.69 12.08 -40.03
CA ALA JA 121 -41.66 11.04 -39.72
C ALA JA 121 -41.09 9.65 -39.95
N HIS JA 122 -40.27 9.48 -41.00
CA HIS JA 122 -39.75 8.18 -41.37
C HIS JA 122 -38.23 8.10 -41.27
N LEU JA 123 -37.59 8.97 -40.49
CA LEU JA 123 -36.14 8.90 -40.34
C LEU JA 123 -35.70 9.70 -39.12
N SER JA 124 -34.88 9.08 -38.28
CA SER JA 124 -34.32 9.77 -37.11
C SER JA 124 -33.26 10.77 -37.55
N HIS JA 125 -32.92 11.67 -36.62
CA HIS JA 125 -31.88 12.66 -36.90
C HIS JA 125 -30.56 11.99 -37.20
N LEU JA 126 -30.17 11.00 -36.39
CA LEU JA 126 -28.89 10.34 -36.59
C LEU JA 126 -28.86 9.62 -37.93
N ARG JA 127 -29.95 8.94 -38.29
CA ARG JA 127 -29.98 8.17 -39.52
C ARG JA 127 -29.95 9.08 -40.75
N THR JA 128 -30.56 10.26 -40.67
CA THR JA 128 -30.48 11.20 -41.78
C THR JA 128 -29.07 11.69 -42.01
N ILE JA 129 -28.36 12.04 -40.93
CA ILE JA 129 -27.04 12.62 -41.10
C ILE JA 129 -26.00 11.55 -41.39
N LYS JA 130 -26.16 10.35 -40.85
CA LYS JA 130 -25.21 9.28 -41.16
C LYS JA 130 -25.36 8.80 -42.60
N THR JA 131 -26.57 8.84 -43.15
CA THR JA 131 -26.76 8.51 -44.56
C THR JA 131 -26.11 9.54 -45.46
N ILE JA 132 -26.35 10.82 -45.20
CA ILE JA 132 -25.74 11.88 -46.00
C ILE JA 132 -24.23 11.75 -45.96
N GLU JA 133 -23.69 11.27 -44.85
CA GLU JA 133 -22.25 11.14 -44.69
C GLU JA 133 -21.68 9.93 -45.42
N VAL JA 134 -22.28 8.76 -45.23
CA VAL JA 134 -21.76 7.54 -45.82
C VAL JA 134 -21.80 7.63 -47.34
N LEU JA 135 -22.75 8.38 -47.88
CA LEU JA 135 -22.87 8.59 -49.32
C LEU JA 135 -21.98 9.73 -49.80
N GLY JA 136 -21.19 10.32 -48.92
CA GLY JA 136 -20.26 11.36 -49.29
C GLY JA 136 -20.90 12.63 -49.75
N MET JA 137 -22.04 12.99 -49.19
CA MET JA 137 -22.77 14.19 -49.55
C MET JA 137 -22.47 15.30 -48.57
N ASN JA 138 -22.37 16.53 -49.08
CA ASN JA 138 -22.21 17.72 -48.27
C ASN JA 138 -23.39 18.64 -48.52
N GLY JA 139 -23.66 19.52 -47.56
CA GLY JA 139 -24.73 20.48 -47.71
C GLY JA 139 -25.15 21.05 -46.37
N GLY JA 140 -26.33 21.66 -46.38
CA GLY JA 140 -26.86 22.28 -45.18
C GLY JA 140 -28.08 23.11 -45.51
N CYS JA 141 -28.38 24.05 -44.61
CA CYS JA 141 -29.50 24.96 -44.77
C CYS JA 141 -29.05 26.38 -44.46
N GLN JA 142 -29.55 27.34 -45.24
CA GLN JA 142 -29.27 28.75 -45.02
C GLN JA 142 -30.57 29.54 -45.12
N ALA JA 143 -30.83 30.35 -44.12
CA ALA JA 143 -32.03 31.19 -44.08
C ALA JA 143 -31.63 32.62 -44.42
N GLY JA 144 -32.29 33.20 -45.43
CA GLY JA 144 -32.03 34.54 -45.86
C GLY JA 144 -33.16 35.49 -45.48
N ARG JA 145 -33.16 36.65 -46.14
CA ARG JA 145 -34.19 37.64 -45.86
C ARG JA 145 -35.49 37.33 -46.59
N GLU JA 146 -35.42 36.67 -47.74
CA GLU JA 146 -36.60 36.35 -48.51
C GLU JA 146 -36.86 34.87 -48.68
N HIS JA 147 -35.87 34.01 -48.44
CA HIS JA 147 -36.03 32.60 -48.71
C HIS JA 147 -35.12 31.79 -47.80
N ILE JA 148 -35.42 30.51 -47.71
CA ILE JA 148 -34.61 29.55 -46.99
C ILE JA 148 -34.30 28.40 -47.94
N MET JA 149 -33.02 28.01 -48.00
CA MET JA 149 -32.55 27.02 -48.96
C MET JA 149 -31.97 25.82 -48.24
N TYR JA 150 -32.37 24.63 -48.67
CA TYR JA 150 -31.79 23.37 -48.23
C TYR JA 150 -31.06 22.76 -49.42
N ASN JA 151 -29.74 22.64 -49.32
CA ASN JA 151 -28.92 22.16 -50.43
C ASN JA 151 -28.13 20.92 -50.03
N LEU JA 152 -27.93 20.04 -51.01
CA LEU JA 152 -27.08 18.88 -50.87
C LEU JA 152 -26.31 18.66 -52.16
N GLU JA 153 -25.00 18.53 -52.06
CA GLU JA 153 -24.13 18.22 -53.19
C GLU JA 153 -23.76 16.75 -53.13
N LEU JA 154 -23.95 16.03 -54.23
CA LEU JA 154 -23.91 14.59 -54.20
C LEU JA 154 -23.41 14.03 -55.54
N LEU JA 155 -22.94 12.79 -55.49
CA LEU JA 155 -22.70 12.04 -56.72
C LEU JA 155 -24.05 11.71 -57.35
N ARG JA 156 -24.17 11.95 -58.66
CA ARG JA 156 -25.48 11.93 -59.30
C ARG JA 156 -26.22 10.62 -59.04
N GLU JA 157 -25.50 9.52 -58.88
CA GLU JA 157 -26.13 8.21 -58.72
C GLU JA 157 -27.03 8.13 -57.51
N TYR JA 158 -26.80 8.95 -56.49
CA TYR JA 158 -27.52 8.85 -55.23
C TYR JA 158 -28.63 9.89 -55.11
N MET JA 159 -29.00 10.53 -56.20
CA MET JA 159 -30.06 11.53 -56.17
C MET JA 159 -31.38 11.01 -55.63
N PRO JA 160 -31.82 9.79 -55.94
CA PRO JA 160 -33.09 9.32 -55.34
C PRO JA 160 -33.13 9.44 -53.83
N VAL JA 161 -32.02 9.17 -53.16
CA VAL JA 161 -31.98 9.27 -51.70
C VAL JA 161 -31.98 10.74 -51.27
N ALA JA 162 -31.13 11.55 -51.90
CA ALA JA 162 -31.00 12.94 -51.49
C ALA JA 162 -32.30 13.70 -51.62
N SER JA 163 -33.01 13.49 -52.73
CA SER JA 163 -34.28 14.18 -52.94
C SER JA 163 -35.22 13.91 -51.79
N THR JA 164 -35.32 12.65 -51.38
CA THR JA 164 -36.17 12.27 -50.26
C THR JA 164 -35.78 13.02 -48.99
N LEU JA 165 -34.49 13.01 -48.66
CA LEU JA 165 -34.05 13.60 -47.41
C LEU JA 165 -34.33 15.10 -47.37
N VAL JA 166 -34.06 15.81 -48.46
CA VAL JA 166 -34.28 17.25 -48.50
C VAL JA 166 -35.76 17.56 -48.32
N VAL JA 167 -36.62 16.82 -49.03
CA VAL JA 167 -38.05 17.11 -49.01
C VAL JA 167 -38.66 16.79 -47.66
N GLY JA 168 -38.10 15.81 -46.95
CA GLY JA 168 -38.63 15.47 -45.63
C GLY JA 168 -38.50 16.57 -44.61
N ASN JA 169 -37.58 17.51 -44.84
CA ASN JA 169 -37.44 18.65 -43.93
C ASN JA 169 -38.67 19.55 -43.98
N VAL JA 170 -39.38 19.57 -45.09
CA VAL JA 170 -40.54 20.45 -45.26
C VAL JA 170 -41.86 19.69 -45.31
N LEU JA 171 -41.84 18.37 -45.42
CA LEU JA 171 -43.07 17.61 -45.58
C LEU JA 171 -43.60 17.09 -44.24
N PHE JA 172 -42.82 16.28 -43.54
CA PHE JA 172 -43.23 15.72 -42.25
C PHE JA 172 -42.12 15.86 -41.21
N PRO JA 173 -41.68 17.08 -40.93
CA PRO JA 173 -40.68 17.27 -39.87
C PRO JA 173 -41.27 17.04 -38.49
N ARG JA 174 -40.61 16.18 -37.71
CA ARG JA 174 -40.96 16.00 -36.30
C ARG JA 174 -40.12 16.97 -35.48
N LEU JA 175 -40.75 18.05 -35.03
CA LEU JA 175 -40.03 19.06 -34.23
C LEU JA 175 -40.11 18.66 -32.76
N LEU JA 176 -39.43 17.56 -32.44
CA LEU JA 176 -39.51 16.98 -31.11
C LEU JA 176 -38.89 17.91 -30.07
N PRO JA 177 -39.52 18.09 -28.92
CA PRO JA 177 -39.05 19.12 -27.98
C PRO JA 177 -37.58 19.04 -27.62
N TRP JA 178 -37.06 17.84 -27.37
CA TRP JA 178 -35.68 17.70 -26.90
C TRP JA 178 -34.67 17.78 -28.03
N GLU JA 179 -35.10 17.63 -29.28
CA GLU JA 179 -34.20 17.83 -30.39
C GLU JA 179 -34.08 19.30 -30.73
N VAL JA 180 -35.17 20.05 -30.61
CA VAL JA 180 -35.13 21.48 -30.83
C VAL JA 180 -34.28 22.16 -29.77
N ASN JA 181 -34.43 21.75 -28.51
CA ASN JA 181 -33.65 22.35 -27.44
C ASN JA 181 -32.16 22.17 -27.66
N ALA JA 182 -31.77 21.09 -28.34
CA ALA JA 182 -30.36 20.88 -28.64
C ALA JA 182 -29.83 21.81 -29.72
N CYS JA 183 -30.71 22.53 -30.41
CA CYS JA 183 -30.29 23.45 -31.47
C CYS JA 183 -30.11 24.87 -30.97
N HIS JA 184 -30.35 25.14 -29.68
CA HIS JA 184 -30.10 26.48 -29.16
C HIS JA 184 -28.65 26.88 -29.30
N LYS JA 185 -27.74 25.90 -29.34
CA LYS JA 185 -26.32 26.20 -29.45
C LYS JA 185 -26.01 26.95 -30.74
N GLU JA 186 -26.72 26.65 -31.82
CA GLU JA 186 -26.37 27.17 -33.13
C GLU JA 186 -26.52 28.68 -33.21
N ILE JA 187 -27.32 29.29 -32.34
CA ILE JA 187 -27.54 30.73 -32.42
C ILE JA 187 -26.24 31.48 -32.15
N LYS JA 188 -25.53 31.09 -31.09
CA LYS JA 188 -24.29 31.77 -30.76
C LYS JA 188 -23.25 31.54 -31.85
N LYS JA 189 -23.19 30.33 -32.40
CA LYS JA 189 -22.27 30.07 -33.49
C LYS JA 189 -22.59 30.92 -34.70
N ALA JA 190 -23.87 31.10 -35.01
CA ALA JA 190 -24.25 31.90 -36.16
C ALA JA 190 -23.80 33.35 -35.98
N HIS JA 191 -23.95 33.91 -34.78
CA HIS JA 191 -23.54 35.28 -34.54
C HIS JA 191 -22.05 35.45 -34.72
N GLU JA 192 -21.27 34.46 -34.31
CA GLU JA 192 -19.82 34.53 -34.44
C GLU JA 192 -19.40 34.42 -35.89
N ARG JA 193 -20.09 33.58 -36.65
CA ARG JA 193 -19.79 33.39 -38.06
C ARG JA 193 -20.12 34.63 -38.86
N LEU JA 194 -21.18 35.35 -38.47
CA LEU JA 194 -21.54 36.58 -39.14
C LEU JA 194 -20.54 37.69 -38.82
N LYS JA 195 -20.24 37.87 -37.54
CA LYS JA 195 -19.37 38.97 -37.14
C LYS JA 195 -17.93 38.78 -37.62
N ALA JA 196 -17.53 37.53 -37.86
CA ALA JA 196 -16.18 37.29 -38.38
C ALA JA 196 -16.01 37.91 -39.76
N ASP JA 197 -17.03 37.81 -40.60
CA ASP JA 197 -17.00 38.40 -41.94
C ASP JA 197 -17.39 39.87 -41.81
N THR JA 198 -16.39 40.75 -41.83
CA THR JA 198 -16.67 42.16 -41.58
C THR JA 198 -17.57 42.74 -42.66
N ASP JA 199 -17.37 42.33 -43.92
CA ASP JA 199 -18.16 42.88 -45.01
C ASP JA 199 -19.62 42.48 -44.88
N GLN JA 200 -19.89 41.23 -44.50
CA GLN JA 200 -21.27 40.79 -44.32
C GLN JA 200 -21.88 41.40 -43.07
N TYR JA 201 -21.08 41.60 -42.03
CA TYR JA 201 -21.59 42.25 -40.83
C TYR JA 201 -21.99 43.69 -41.12
N VAL JA 202 -21.17 44.41 -41.87
CA VAL JA 202 -21.50 45.79 -42.23
C VAL JA 202 -22.70 45.80 -43.18
N SER JA 203 -22.90 44.74 -43.94
CA SER JA 203 -24.09 44.66 -44.78
C SER JA 203 -25.34 44.45 -43.94
N GLU JA 204 -25.25 43.65 -42.89
CA GLU JA 204 -26.38 43.48 -41.98
C GLU JA 204 -26.72 44.79 -41.28
N LEU JA 205 -25.70 45.56 -40.90
CA LEU JA 205 -25.96 46.86 -40.30
C LEU JA 205 -26.63 47.80 -41.27
N LEU JA 206 -26.22 47.76 -42.54
CA LEU JA 206 -26.84 48.63 -43.55
C LEU JA 206 -28.32 48.35 -43.67
N HIS JA 207 -28.69 47.08 -43.82
CA HIS JA 207 -30.09 46.75 -44.04
C HIS JA 207 -30.94 47.09 -42.83
N GLN JA 208 -30.43 46.84 -41.63
CA GLN JA 208 -31.18 47.18 -40.43
C GLN JA 208 -31.37 48.69 -40.30
N THR JA 209 -30.35 49.47 -40.68
CA THR JA 209 -30.49 50.93 -40.66
C THR JA 209 -31.35 51.41 -41.82
N ALA JA 210 -31.15 50.84 -43.00
CA ALA JA 210 -31.88 51.29 -44.17
C ALA JA 210 -33.38 51.13 -43.97
N TYR JA 211 -33.81 49.90 -43.68
CA TYR JA 211 -35.22 49.58 -43.46
C TYR JA 211 -35.41 49.42 -41.97
N HIS JA 212 -35.97 50.44 -41.30
CA HIS JA 212 -36.09 50.47 -39.82
C HIS JA 212 -37.20 49.53 -39.33
N ASN JA 213 -36.84 48.43 -38.68
CA ASN JA 213 -37.83 47.50 -38.06
C ASN JA 213 -38.90 47.12 -39.07
N ASN JA 214 -38.54 46.79 -40.32
CA ASN JA 214 -39.50 46.34 -41.34
C ASN JA 214 -38.87 45.29 -42.26
N THR JA 215 -39.67 44.43 -42.88
CA THR JA 215 -39.23 43.35 -43.82
C THR JA 215 -37.71 43.19 -43.93
N LEU JA 216 -37.04 43.87 -44.86
CA LEU JA 216 -35.59 43.66 -45.14
C LEU JA 216 -34.74 43.96 -43.90
N GLY JA 217 -35.09 44.98 -43.13
CA GLY JA 217 -34.36 45.35 -41.90
C GLY JA 217 -34.40 44.23 -40.87
N ASN JA 218 -35.55 43.57 -40.71
CA ASN JA 218 -35.70 42.44 -39.75
C ASN JA 218 -34.37 41.70 -39.61
N ALA JA 219 -33.85 41.55 -38.39
CA ALA JA 219 -32.59 40.85 -38.16
C ALA JA 219 -32.61 39.47 -38.81
N LEU JA 220 -31.48 39.07 -39.38
CA LEU JA 220 -31.39 37.78 -40.05
C LEU JA 220 -31.18 36.64 -39.06
N LEU JA 221 -30.52 36.91 -37.94
CA LEU JA 221 -30.23 35.90 -36.94
C LEU JA 221 -31.05 36.17 -35.69
N ALA JA 222 -31.46 35.09 -35.03
CA ALA JA 222 -32.17 35.20 -33.77
C ALA JA 222 -31.20 35.56 -32.65
N ASN JA 223 -31.70 36.33 -31.69
CA ASN JA 223 -30.90 36.61 -30.51
C ASN JA 223 -31.00 35.45 -29.53
N GLU JA 224 -30.06 35.42 -28.58
CA GLU JA 224 -29.97 34.32 -27.63
C GLU JA 224 -30.48 34.69 -26.26
N GLY JA 225 -31.32 35.73 -26.17
CA GLY JA 225 -31.94 36.09 -24.92
C GLY JA 225 -33.43 35.83 -24.93
N ARG JA 226 -34.22 36.88 -25.16
CA ARG JA 226 -35.67 36.76 -25.10
C ARG JA 226 -36.24 35.96 -26.26
N ALA JA 227 -35.49 35.80 -27.35
CA ALA JA 227 -36.00 35.02 -28.47
C ALA JA 227 -36.08 33.54 -28.15
N LEU JA 228 -35.25 33.06 -27.22
CA LEU JA 228 -35.27 31.65 -26.87
C LEU JA 228 -36.58 31.23 -26.21
N GLU JA 229 -37.40 32.18 -25.79
CA GLU JA 229 -38.67 31.83 -25.18
C GLU JA 229 -39.57 31.07 -26.16
N HIS JA 230 -39.59 31.51 -27.42
CA HIS JA 230 -40.40 30.87 -28.45
C HIS JA 230 -39.57 30.02 -29.40
N PHE JA 231 -38.33 29.70 -29.04
CA PHE JA 231 -37.53 28.74 -29.80
C PHE JA 231 -37.96 27.34 -29.38
N THR JA 232 -39.15 26.97 -29.84
CA THR JA 232 -39.78 25.72 -29.46
C THR JA 232 -40.31 25.03 -30.71
N GLY JA 233 -40.44 23.71 -30.63
CA GLY JA 233 -40.97 22.96 -31.75
C GLY JA 233 -42.36 23.40 -32.14
N ASP JA 234 -43.21 23.68 -31.15
CA ASP JA 234 -44.57 24.13 -31.43
C ASP JA 234 -44.56 25.46 -32.17
N ASN JA 235 -43.75 26.40 -31.71
CA ASN JA 235 -43.68 27.70 -32.36
C ASN JA 235 -43.16 27.57 -33.79
N ILE JA 236 -42.15 26.73 -34.00
CA ILE JA 236 -41.61 26.54 -35.33
C ILE JA 236 -42.66 25.95 -36.25
N ARG JA 237 -43.44 24.99 -35.75
CA ARG JA 237 -44.46 24.37 -36.58
C ARG JA 237 -45.50 25.39 -37.01
N GLU JA 238 -45.92 26.27 -36.10
CA GLU JA 238 -46.89 27.30 -36.46
C GLU JA 238 -46.32 28.22 -37.53
N PHE JA 239 -45.05 28.59 -37.42
CA PHE JA 239 -44.43 29.41 -38.45
C PHE JA 239 -44.41 28.69 -39.78
N MET JA 240 -44.08 27.40 -39.78
CA MET JA 240 -44.04 26.65 -41.02
C MET JA 240 -45.42 26.51 -41.65
N MET JA 241 -46.46 26.35 -40.82
CA MET JA 241 -47.80 26.28 -41.38
C MET JA 241 -48.20 27.58 -42.06
N LYS JA 242 -47.70 28.72 -41.56
CA LYS JA 242 -48.07 30.00 -42.14
C LYS JA 242 -47.43 30.20 -43.50
N HIS JA 243 -46.14 29.86 -43.63
CA HIS JA 243 -45.36 30.26 -44.79
C HIS JA 243 -44.90 29.11 -45.67
N PHE JA 244 -44.54 27.97 -45.09
CA PHE JA 244 -44.03 26.86 -45.87
C PHE JA 244 -45.19 26.15 -46.56
N SER JA 245 -45.20 26.19 -47.88
CA SER JA 245 -46.21 25.49 -48.65
C SER JA 245 -45.63 25.08 -49.99
N ALA JA 246 -46.24 24.06 -50.59
CA ALA JA 246 -45.78 23.58 -51.89
C ALA JA 246 -45.84 24.67 -52.94
N GLU JA 247 -46.78 25.60 -52.81
CA GLU JA 247 -46.91 26.67 -53.79
C GLU JA 247 -45.79 27.69 -53.67
N ARG JA 248 -45.17 27.79 -52.50
CA ARG JA 248 -44.08 28.73 -52.28
C ARG JA 248 -42.71 28.06 -52.33
N SER JA 249 -42.63 26.81 -52.76
CA SER JA 249 -41.39 26.06 -52.78
C SER JA 249 -40.99 25.73 -54.21
N VAL JA 250 -39.68 25.66 -54.44
CA VAL JA 250 -39.11 25.40 -55.75
C VAL JA 250 -37.89 24.52 -55.58
N PHE JA 251 -37.93 23.31 -56.14
CA PHE JA 251 -36.82 22.36 -56.07
C PHE JA 251 -35.98 22.50 -57.34
N VAL JA 252 -34.74 22.96 -57.18
CA VAL JA 252 -33.79 23.13 -58.28
C VAL JA 252 -32.80 22.00 -58.25
N GLY JA 253 -32.45 21.48 -59.43
CA GLY JA 253 -31.45 20.43 -59.55
C GLY JA 253 -30.49 20.63 -60.69
N ILE JA 254 -29.20 20.69 -60.38
CA ILE JA 254 -28.14 20.88 -61.37
C ILE JA 254 -27.44 19.55 -61.58
N ASN JA 255 -27.15 19.23 -62.84
CA ASN JA 255 -26.54 17.96 -63.21
C ASN JA 255 -27.40 16.77 -62.79
N VAL JA 256 -28.70 16.86 -63.09
CA VAL JA 256 -29.64 15.78 -62.80
C VAL JA 256 -30.58 15.63 -63.99
N ASP JA 257 -30.94 14.39 -64.30
CA ASP JA 257 -31.95 14.13 -65.32
C ASP JA 257 -33.31 14.61 -64.81
N HIS JA 258 -33.94 15.51 -65.58
CA HIS JA 258 -35.19 16.14 -65.14
C HIS JA 258 -36.29 15.10 -64.93
N ASP JA 259 -36.43 14.18 -65.88
CA ASP JA 259 -37.51 13.19 -65.79
C ASP JA 259 -37.32 12.29 -64.57
N GLU JA 260 -36.07 11.95 -64.25
CA GLU JA 260 -35.82 11.14 -63.06
C GLU JA 260 -36.08 11.94 -61.80
N LEU JA 261 -35.60 13.19 -61.75
CA LEU JA 261 -35.83 14.02 -60.58
C LEU JA 261 -37.32 14.22 -60.34
N CYS JA 262 -38.07 14.49 -61.41
CA CYS JA 262 -39.51 14.68 -61.27
C CYS JA 262 -40.19 13.43 -60.76
N LYS JA 263 -39.77 12.26 -61.26
CA LYS JA 263 -40.36 11.01 -60.82
C LYS JA 263 -40.16 10.82 -59.31
N TRP JA 264 -38.93 10.93 -58.84
CA TRP JA 264 -38.65 10.67 -57.43
C TRP JA 264 -39.29 11.72 -56.53
N LEU JA 265 -39.33 12.97 -56.98
CA LEU JA 265 -40.01 14.00 -56.21
C LEU JA 265 -41.52 13.76 -56.18
N MET JA 266 -42.09 13.27 -57.30
CA MET JA 266 -43.49 12.90 -57.31
C MET JA 266 -43.77 11.81 -56.29
N ARG JA 267 -42.94 10.77 -56.29
CA ARG JA 267 -43.13 9.66 -55.37
C ARG JA 267 -43.02 10.12 -53.92
N SER JA 268 -42.27 11.19 -53.68
CA SER JA 268 -42.06 11.66 -52.31
C SER JA 268 -43.28 12.37 -51.75
N PHE JA 269 -44.10 12.97 -52.61
CA PHE JA 269 -45.27 13.72 -52.19
C PHE JA 269 -46.57 12.99 -52.49
N ALA JA 270 -46.51 11.82 -53.13
CA ALA JA 270 -47.72 11.19 -53.65
C ALA JA 270 -48.67 10.79 -52.54
N GLU JA 271 -48.16 10.13 -51.50
CA GLU JA 271 -49.00 9.56 -50.45
C GLU JA 271 -49.12 10.46 -49.24
N TYR JA 272 -48.67 11.72 -49.33
CA TYR JA 272 -48.67 12.64 -48.21
C TYR JA 272 -49.30 13.96 -48.64
N VAL JA 273 -49.78 14.71 -47.65
CA VAL JA 273 -50.39 16.02 -47.88
C VAL JA 273 -49.38 17.09 -47.46
N ALA JA 274 -49.04 17.97 -48.40
CA ALA JA 274 -48.14 19.07 -48.10
C ALA JA 274 -48.88 20.17 -47.33
N ILE JA 275 -48.11 21.09 -46.78
CA ILE JA 275 -48.72 22.17 -46.00
C ILE JA 275 -49.61 23.00 -46.92
N PRO JA 276 -50.86 23.24 -46.58
CA PRO JA 276 -51.73 24.02 -47.48
C PRO JA 276 -51.27 25.46 -47.59
N ASN JA 277 -51.53 26.03 -48.76
CA ASN JA 277 -51.16 27.41 -49.02
C ASN JA 277 -52.22 28.34 -48.45
N LEU JA 278 -51.79 29.29 -47.64
CA LEU JA 278 -52.68 30.27 -47.03
C LEU JA 278 -52.20 31.68 -47.30
N PRO JA 279 -53.10 32.64 -47.42
CA PRO JA 279 -52.67 34.02 -47.62
C PRO JA 279 -51.90 34.53 -46.42
N ARG JA 280 -50.95 35.43 -46.70
CA ARG JA 280 -50.12 36.02 -45.67
C ARG JA 280 -49.94 37.50 -45.96
N ASP JA 281 -49.59 38.25 -44.93
CA ASP JA 281 -49.34 39.68 -45.07
C ASP JA 281 -48.00 39.89 -45.76
N GLU JA 282 -48.03 40.51 -46.94
CA GLU JA 282 -46.84 40.82 -47.71
C GLU JA 282 -46.80 42.33 -47.93
N ALA JA 283 -46.04 43.02 -47.09
CA ALA JA 283 -45.96 44.48 -47.11
C ALA JA 283 -44.68 44.92 -47.81
N LYS JA 284 -44.79 45.97 -48.61
CA LYS JA 284 -43.63 46.51 -49.30
C LYS JA 284 -42.64 47.10 -48.28
N PRO JA 285 -41.35 46.99 -48.53
CA PRO JA 285 -40.38 47.57 -47.61
C PRO JA 285 -40.54 49.08 -47.53
N VAL JA 286 -40.29 49.61 -46.33
CA VAL JA 286 -40.29 51.04 -46.08
C VAL JA 286 -38.84 51.45 -45.85
N TYR JA 287 -38.30 52.25 -46.76
CA TYR JA 287 -36.93 52.71 -46.67
C TYR JA 287 -36.89 54.02 -45.89
N THR JA 288 -36.20 54.00 -44.74
CA THR JA 288 -36.09 55.17 -43.90
C THR JA 288 -34.72 55.83 -43.94
N GLY JA 289 -33.69 55.12 -44.38
CA GLY JA 289 -32.35 55.65 -44.28
C GLY JA 289 -31.92 55.67 -42.82
N GLY JA 290 -30.89 56.47 -42.55
CA GLY JA 290 -30.44 56.68 -41.20
C GLY JA 290 -28.96 56.40 -41.06
N TYR JA 291 -28.52 56.20 -39.82
CA TYR JA 291 -27.12 55.98 -39.55
C TYR JA 291 -26.95 55.11 -38.31
N LYS JA 292 -25.85 54.35 -38.30
CA LYS JA 292 -25.48 53.53 -37.15
C LYS JA 292 -23.96 53.51 -37.05
N LEU JA 293 -23.45 53.81 -35.86
CA LEU JA 293 -22.02 53.78 -35.58
C LEU JA 293 -21.75 52.68 -34.56
N GLU JA 294 -21.31 51.52 -35.04
CA GLU JA 294 -21.02 50.38 -34.19
C GLU JA 294 -19.52 50.34 -33.91
N GLU JA 295 -19.18 50.21 -32.63
CA GLU JA 295 -17.78 50.21 -32.19
C GLU JA 295 -17.31 48.78 -31.96
N ASN JA 296 -16.13 48.47 -32.48
CA ASN JA 296 -15.43 47.21 -32.20
C ASN JA 296 -14.12 47.59 -31.54
N ALA JA 297 -14.05 47.42 -30.22
CA ALA JA 297 -12.89 47.87 -29.47
C ALA JA 297 -11.60 47.23 -29.99
N ASP JA 298 -11.68 46.02 -30.52
CA ASP JA 298 -10.48 45.33 -30.97
C ASP JA 298 -10.00 45.81 -32.33
N MET JA 299 -10.86 46.42 -33.13
CA MET JA 299 -10.48 46.82 -34.48
C MET JA 299 -9.89 48.23 -34.46
N PRO JA 300 -8.73 48.45 -35.08
CA PRO JA 300 -8.23 49.82 -35.26
C PRO JA 300 -8.66 50.47 -36.56
N VAL JA 301 -9.29 49.72 -37.46
CA VAL JA 301 -9.66 50.23 -38.76
C VAL JA 301 -11.11 50.68 -38.72
N CYS JA 302 -11.45 51.60 -39.62
CA CYS JA 302 -12.79 52.16 -39.74
C CYS JA 302 -13.40 51.71 -41.06
N ASN JA 303 -14.54 51.04 -40.98
CA ASN JA 303 -15.30 50.61 -42.15
C ASN JA 303 -16.50 51.54 -42.30
N ILE JA 304 -16.57 52.23 -43.43
CA ILE JA 304 -17.63 53.19 -43.69
C ILE JA 304 -18.41 52.73 -44.91
N ALA JA 305 -19.73 52.80 -44.81
CA ALA JA 305 -20.62 52.45 -45.91
C ALA JA 305 -21.70 53.49 -46.03
N ILE JA 306 -21.91 53.98 -47.25
CA ILE JA 306 -22.98 54.92 -47.57
C ILE JA 306 -23.83 54.27 -48.66
N GLY JA 307 -25.12 54.10 -48.38
CA GLY JA 307 -25.99 53.38 -49.27
C GLY JA 307 -27.23 54.18 -49.61
N PHE JA 308 -27.90 53.73 -50.67
CA PHE JA 308 -29.12 54.35 -51.17
C PHE JA 308 -30.07 53.26 -51.63
N GLU JA 309 -31.35 53.56 -51.65
CA GLU JA 309 -32.35 52.57 -51.99
C GLU JA 309 -32.44 52.39 -53.50
N THR JA 310 -32.57 51.14 -53.92
CA THR JA 310 -32.81 50.77 -55.30
C THR JA 310 -34.15 50.04 -55.39
N GLU JA 311 -34.80 50.17 -56.55
CA GLU JA 311 -36.14 49.61 -56.69
C GLU JA 311 -36.14 48.09 -56.57
N GLY JA 312 -35.05 47.44 -56.94
CA GLY JA 312 -34.93 46.01 -56.69
C GLY JA 312 -34.73 45.17 -57.93
N TRP JA 313 -34.97 43.86 -57.79
CA TRP JA 313 -34.71 42.93 -58.87
C TRP JA 313 -35.76 43.02 -59.96
N ASN JA 314 -37.01 43.28 -59.60
CA ASN JA 314 -38.10 43.27 -60.55
C ASN JA 314 -38.25 44.56 -61.33
N SER JA 315 -37.40 45.54 -61.07
CA SER JA 315 -37.44 46.81 -61.79
C SER JA 315 -36.66 46.71 -63.09
N ALA JA 316 -36.83 47.73 -63.93
CA ALA JA 316 -36.04 47.85 -65.15
C ALA JA 316 -34.70 48.51 -64.90
N ASP JA 317 -34.43 48.94 -63.66
CA ASP JA 317 -33.16 49.54 -63.29
C ASP JA 317 -32.11 48.51 -62.89
N LEU JA 318 -32.46 47.23 -62.90
CA LEU JA 318 -31.55 46.22 -62.36
C LEU JA 318 -30.26 46.14 -63.16
N VAL JA 319 -30.36 45.99 -64.47
CA VAL JA 319 -29.17 45.85 -65.30
C VAL JA 319 -28.39 47.15 -65.33
N PRO JA 320 -29.03 48.30 -65.54
CA PRO JA 320 -28.26 49.56 -65.52
C PRO JA 320 -27.52 49.80 -64.20
N VAL JA 321 -28.13 49.49 -63.06
CA VAL JA 321 -27.44 49.75 -61.80
C VAL JA 321 -26.29 48.78 -61.62
N THR JA 322 -26.41 47.57 -62.18
CA THR JA 322 -25.30 46.62 -62.11
C THR JA 322 -24.15 47.07 -63.00
N VAL JA 323 -24.44 47.71 -64.13
CA VAL JA 323 -23.39 48.30 -64.95
C VAL JA 323 -22.72 49.42 -64.16
N LEU JA 324 -23.50 50.20 -63.42
CA LEU JA 324 -22.93 51.27 -62.61
C LEU JA 324 -21.99 50.71 -61.56
N GLN JA 325 -22.35 49.57 -60.97
CA GLN JA 325 -21.48 48.96 -59.98
C GLN JA 325 -20.16 48.52 -60.59
N THR JA 326 -20.21 47.93 -61.79
CA THR JA 326 -18.97 47.53 -62.45
C THR JA 326 -18.18 48.75 -62.94
N LEU JA 327 -18.88 49.79 -63.38
CA LEU JA 327 -18.21 51.00 -63.81
C LEU JA 327 -17.42 51.61 -62.66
N LEU JA 328 -18.06 51.73 -61.50
CA LEU JA 328 -17.36 52.22 -60.32
C LEU JA 328 -16.42 51.16 -59.75
N GLY JA 329 -16.74 49.89 -59.97
CA GLY JA 329 -15.89 48.80 -59.55
C GLY JA 329 -15.35 48.95 -58.14
N GLY JA 330 -14.04 49.00 -58.02
CA GLY JA 330 -13.36 49.11 -56.75
C GLY JA 330 -12.39 47.98 -56.51
N GLY JA 331 -11.60 48.13 -55.46
CA GLY JA 331 -10.61 47.14 -55.12
C GLY JA 331 -10.10 47.34 -53.71
N GLY JA 332 -9.09 46.54 -53.37
CA GLY JA 332 -8.46 46.62 -52.07
C GLY JA 332 -6.96 46.46 -52.14
N SER JA 333 -6.24 47.19 -51.28
CA SER JA 333 -4.78 47.10 -51.29
C SER JA 333 -4.30 45.71 -50.90
N PHE JA 334 -5.09 45.00 -50.11
CA PHE JA 334 -4.71 43.65 -49.70
C PHE JA 334 -4.48 42.76 -50.91
N SER JA 335 -5.33 42.92 -51.93
CA SER JA 335 -5.26 42.09 -53.13
C SER JA 335 -4.35 42.73 -54.16
N THR JA 336 -3.61 41.88 -54.88
CA THR JA 336 -2.76 42.27 -56.00
C THR JA 336 -3.29 41.64 -57.28
N GLY JA 337 -4.21 42.35 -57.94
CA GLY JA 337 -4.89 41.80 -59.09
C GLY JA 337 -4.15 42.07 -60.39
N GLY JA 338 -4.08 41.05 -61.23
CA GLY JA 338 -3.44 41.17 -62.52
C GLY JA 338 -4.34 41.86 -63.53
N PRO JA 339 -3.97 41.80 -64.82
CA PRO JA 339 -4.79 42.46 -65.83
C PRO JA 339 -6.22 41.93 -65.84
N GLY JA 340 -7.17 42.84 -66.05
CA GLY JA 340 -8.56 42.49 -66.16
C GLY JA 340 -9.26 42.23 -64.85
N LYS JA 341 -8.68 42.64 -63.73
CA LYS JA 341 -9.23 42.39 -62.40
C LYS JA 341 -9.62 43.69 -61.70
N GLY JA 342 -10.18 44.63 -62.44
CA GLY JA 342 -10.70 45.84 -61.85
C GLY JA 342 -9.67 46.93 -61.65
N MET JA 343 -8.48 46.77 -62.23
CA MET JA 343 -7.42 47.76 -62.06
C MET JA 343 -7.77 49.10 -62.67
N HIS JA 344 -8.74 49.12 -63.60
CA HIS JA 344 -9.11 50.35 -64.29
C HIS JA 344 -10.56 50.73 -64.01
N SER JA 345 -11.11 50.31 -62.88
CA SER JA 345 -12.40 50.82 -62.45
C SER JA 345 -12.23 52.24 -61.92
N ARG JA 346 -13.33 52.99 -61.92
CA ARG JA 346 -13.26 54.38 -61.53
C ARG JA 346 -12.77 54.52 -60.10
N LEU JA 347 -13.25 53.67 -59.20
CA LEU JA 347 -12.82 53.76 -57.81
C LEU JA 347 -11.34 53.44 -57.66
N TYR JA 348 -10.86 52.42 -58.38
CA TYR JA 348 -9.44 52.08 -58.29
C TYR JA 348 -8.57 53.21 -58.79
N LEU JA 349 -8.98 53.84 -59.90
CA LEU JA 349 -8.16 54.90 -60.50
C LEU JA 349 -8.27 56.21 -59.73
N ASN JA 350 -9.46 56.52 -59.21
CA ASN JA 350 -9.68 57.81 -58.57
C ASN JA 350 -9.42 57.80 -57.08
N VAL JA 351 -9.61 56.67 -56.42
CA VAL JA 351 -9.48 56.57 -54.97
C VAL JA 351 -8.21 55.82 -54.58
N LEU JA 352 -8.06 54.59 -55.05
CA LEU JA 352 -6.97 53.74 -54.57
C LEU JA 352 -5.62 54.24 -55.07
N ASN JA 353 -5.53 54.63 -56.35
CA ASN JA 353 -4.26 55.06 -56.90
C ASN JA 353 -3.82 56.42 -56.38
N GLN JA 354 -4.76 57.24 -55.89
CA GLN JA 354 -4.46 58.61 -55.51
C GLN JA 354 -4.47 58.85 -54.02
N ASN JA 355 -4.94 57.90 -53.22
CA ASN JA 355 -5.05 58.07 -51.77
C ASN JA 355 -4.39 56.88 -51.08
N PRO JA 356 -3.11 56.99 -50.73
CA PRO JA 356 -2.44 55.87 -50.06
C PRO JA 356 -3.02 55.52 -48.72
N ASN JA 357 -3.74 56.43 -48.07
CA ASN JA 357 -4.33 56.16 -46.77
C ASN JA 357 -5.60 55.34 -46.85
N VAL JA 358 -6.15 55.15 -48.04
CA VAL JA 358 -7.37 54.36 -48.21
C VAL JA 358 -6.99 52.89 -48.30
N GLU JA 359 -7.49 52.09 -47.36
CA GLU JA 359 -7.17 50.66 -47.35
C GLU JA 359 -7.97 49.91 -48.41
N SER JA 360 -9.22 50.29 -48.62
CA SER JA 360 -10.06 49.61 -49.59
C SER JA 360 -11.27 50.47 -49.90
N CYS JA 361 -11.69 50.45 -51.17
CA CYS JA 361 -12.89 51.16 -51.60
C CYS JA 361 -13.61 50.33 -52.65
N MET JA 362 -14.90 50.10 -52.44
CA MET JA 362 -15.68 49.24 -53.31
C MET JA 362 -17.10 49.78 -53.42
N ALA JA 363 -17.81 49.33 -54.45
CA ALA JA 363 -19.22 49.61 -54.64
C ALA JA 363 -20.01 48.33 -54.38
N PHE JA 364 -21.19 48.48 -53.77
CA PHE JA 364 -22.03 47.34 -53.43
C PHE JA 364 -23.42 47.53 -54.02
N ASN JA 365 -24.06 46.40 -54.37
CA ASN JA 365 -25.39 46.44 -54.99
C ASN JA 365 -26.15 45.19 -54.56
N THR JA 366 -26.84 45.27 -53.42
CA THR JA 366 -27.74 44.20 -53.02
C THR JA 366 -29.07 44.34 -53.74
N GLN JA 367 -29.68 43.20 -54.05
CA GLN JA 367 -30.91 43.17 -54.84
C GLN JA 367 -31.89 42.17 -54.23
N TYR JA 368 -33.10 42.65 -53.96
CA TYR JA 368 -34.19 41.82 -53.47
C TYR JA 368 -35.42 42.10 -54.32
N SER JA 369 -36.47 41.28 -54.13
CA SER JA 369 -37.57 41.23 -55.07
C SER JA 369 -38.10 42.63 -55.41
N ASP JA 370 -38.32 43.45 -54.39
CA ASP JA 370 -38.94 44.76 -54.59
C ASP JA 370 -38.14 45.90 -53.98
N SER JA 371 -36.90 45.66 -53.58
CA SER JA 371 -36.07 46.71 -53.02
C SER JA 371 -34.62 46.27 -53.06
N GLY JA 372 -33.74 47.24 -52.88
CA GLY JA 372 -32.32 46.96 -52.86
C GLY JA 372 -31.55 48.15 -52.34
N LEU JA 373 -30.25 47.96 -52.17
CA LEU JA 373 -29.35 48.99 -51.67
C LEU JA 373 -28.14 49.09 -52.58
N PHE JA 374 -27.77 50.33 -52.92
CA PHE JA 374 -26.58 50.61 -53.71
C PHE JA 374 -25.76 51.67 -53.00
N GLY JA 375 -24.45 51.51 -53.00
CA GLY JA 375 -23.59 52.49 -52.37
C GLY JA 375 -22.14 52.09 -52.41
N MET JA 376 -21.34 52.85 -51.68
CA MET JA 376 -19.90 52.68 -51.63
C MET JA 376 -19.47 52.21 -50.24
N TYR JA 377 -18.44 51.36 -50.22
CA TYR JA 377 -17.86 50.83 -49.00
C TYR JA 377 -16.37 51.12 -49.01
N ILE JA 378 -15.92 51.93 -48.05
CA ILE JA 378 -14.55 52.37 -47.98
C ILE JA 378 -14.01 52.11 -46.58
N THR JA 379 -12.74 51.72 -46.50
CA THR JA 379 -12.11 51.36 -45.24
C THR JA 379 -10.74 52.04 -45.12
N GLY JA 380 -10.34 52.25 -43.88
CA GLY JA 380 -9.05 52.85 -43.60
C GLY JA 380 -8.80 52.92 -42.11
N PHE JA 381 -7.76 53.64 -41.72
CA PHE JA 381 -7.47 53.81 -40.32
C PHE JA 381 -8.47 54.75 -39.66
N GLY JA 382 -8.62 54.59 -38.35
CA GLY JA 382 -9.67 55.29 -37.64
C GLY JA 382 -9.55 56.81 -37.74
N GLN JA 383 -8.33 57.32 -37.54
CA GLN JA 383 -8.13 58.77 -37.58
C GLN JA 383 -8.38 59.34 -38.97
N GLU JA 384 -8.40 58.51 -39.99
CA GLU JA 384 -8.60 58.96 -41.36
C GLU JA 384 -10.07 59.09 -41.73
N ALA JA 385 -10.98 58.73 -40.83
CA ALA JA 385 -12.40 58.70 -41.17
C ALA JA 385 -12.92 59.99 -41.78
N PRO JA 386 -12.60 61.17 -41.27
CA PRO JA 386 -13.12 62.39 -41.91
C PRO JA 386 -12.72 62.49 -43.37
N ARG JA 387 -11.48 62.10 -43.71
CA ARG JA 387 -11.07 62.16 -45.10
C ARG JA 387 -11.67 61.04 -45.93
N LEU JA 388 -11.88 59.87 -45.32
CA LEU JA 388 -12.49 58.76 -46.05
C LEU JA 388 -13.90 59.11 -46.50
N VAL JA 389 -14.67 59.75 -45.62
CA VAL JA 389 -16.03 60.14 -45.98
C VAL JA 389 -16.00 61.16 -47.10
N ASP JA 390 -15.08 62.12 -47.03
CA ASP JA 390 -14.99 63.11 -48.09
C ASP JA 390 -14.70 62.47 -49.44
N ILE JA 391 -13.80 61.48 -49.46
CA ILE JA 391 -13.49 60.79 -50.71
C ILE JA 391 -14.75 60.11 -51.24
N ALA JA 392 -15.48 59.43 -50.36
CA ALA JA 392 -16.69 58.75 -50.79
C ALA JA 392 -17.71 59.72 -51.34
N LEU JA 393 -17.90 60.86 -50.66
CA LEU JA 393 -18.87 61.85 -51.11
C LEU JA 393 -18.47 62.42 -52.46
N ASN JA 394 -17.17 62.67 -52.67
CA ASN JA 394 -16.73 63.22 -53.94
C ASN JA 394 -17.02 62.27 -55.09
N GLU JA 395 -16.80 60.97 -54.88
CA GLU JA 395 -17.12 60.01 -55.92
C GLU JA 395 -18.62 59.99 -56.22
N LEU JA 396 -19.45 60.11 -55.19
CA LEU JA 396 -20.89 60.14 -55.41
C LEU JA 396 -21.30 61.35 -56.25
N ARG JA 397 -20.55 62.45 -56.14
CA ARG JA 397 -20.87 63.63 -56.92
C ARG JA 397 -20.40 63.55 -58.36
N LYS JA 398 -19.60 62.54 -58.70
CA LYS JA 398 -19.11 62.39 -60.06
C LYS JA 398 -19.97 61.46 -60.91
N LEU JA 399 -21.07 60.95 -60.35
CA LEU JA 399 -21.96 60.06 -61.09
C LEU JA 399 -22.87 60.80 -62.04
N ASP JA 400 -22.64 62.10 -62.26
CA ASP JA 400 -23.48 62.85 -63.17
C ASP JA 400 -23.17 62.54 -64.63
N SER JA 401 -21.92 62.21 -64.96
CA SER JA 401 -21.52 61.94 -66.33
C SER JA 401 -20.58 60.74 -66.37
N PHE JA 402 -20.56 60.07 -67.52
CA PHE JA 402 -19.71 58.90 -67.73
C PHE JA 402 -19.13 58.96 -69.14
N THR JA 403 -17.84 58.64 -69.26
CA THR JA 403 -17.19 58.66 -70.56
C THR JA 403 -17.58 57.43 -71.38
N PRO JA 404 -17.57 57.53 -72.70
CA PRO JA 404 -17.90 56.36 -73.53
C PRO JA 404 -16.98 55.18 -73.28
N ASP JA 405 -15.70 55.41 -73.05
CA ASP JA 405 -14.77 54.31 -72.81
C ASP JA 405 -15.12 53.58 -71.52
N GLU JA 406 -15.47 54.33 -70.48
CA GLU JA 406 -15.84 53.70 -69.21
C GLU JA 406 -17.07 52.83 -69.36
N VAL JA 407 -18.08 53.32 -70.10
CA VAL JA 407 -19.31 52.55 -70.25
C VAL JA 407 -19.03 51.24 -70.96
N SER JA 408 -18.25 51.29 -72.05
CA SER JA 408 -17.96 50.08 -72.80
C SER JA 408 -17.16 49.09 -71.96
N ARG JA 409 -16.17 49.57 -71.22
CA ARG JA 409 -15.39 48.69 -70.38
C ARG JA 409 -16.26 48.05 -69.31
N ALA JA 410 -17.16 48.82 -68.71
CA ALA JA 410 -18.05 48.28 -67.69
C ALA JA 410 -18.96 47.21 -68.27
N LYS JA 411 -19.51 47.45 -69.46
CA LYS JA 411 -20.42 46.48 -70.07
C LYS JA 411 -19.68 45.19 -70.39
N ASN JA 412 -18.48 45.28 -70.93
CA ASN JA 412 -17.72 44.08 -71.27
C ASN JA 412 -17.34 43.30 -70.02
N THR JA 413 -16.89 44.00 -68.98
CA THR JA 413 -16.53 43.31 -67.75
C THR JA 413 -17.73 42.64 -67.11
N LEU JA 414 -18.89 43.31 -67.14
CA LEU JA 414 -20.09 42.72 -66.56
C LEU JA 414 -20.48 41.45 -67.29
N LYS JA 415 -20.42 41.45 -68.63
CA LYS JA 415 -20.74 40.25 -69.38
C LYS JA 415 -19.76 39.12 -69.05
N GLY JA 416 -18.48 39.45 -68.93
CA GLY JA 416 -17.52 38.43 -68.54
C GLY JA 416 -17.80 37.87 -67.17
N ASN JA 417 -18.17 38.72 -66.22
CA ASN JA 417 -18.52 38.25 -64.90
C ASN JA 417 -19.74 37.33 -64.94
N ILE JA 418 -20.75 37.70 -65.72
CA ILE JA 418 -21.96 36.90 -65.79
C ILE JA 418 -21.66 35.50 -66.29
N PHE JA 419 -20.94 35.40 -67.41
CA PHE JA 419 -20.66 34.09 -67.99
C PHE JA 419 -19.73 33.27 -67.12
N MET JA 420 -18.73 33.91 -66.53
CA MET JA 420 -17.78 33.17 -65.71
C MET JA 420 -18.40 32.70 -64.40
N ASN JA 421 -19.27 33.52 -63.81
CA ASN JA 421 -19.97 33.10 -62.61
C ASN JA 421 -20.94 31.97 -62.89
N ALA JA 422 -21.57 31.98 -64.08
CA ALA JA 422 -22.62 31.02 -64.37
C ALA JA 422 -22.10 29.59 -64.42
N GLU JA 423 -20.84 29.40 -64.84
CA GLU JA 423 -20.33 28.05 -65.03
C GLU JA 423 -20.21 27.29 -63.73
N ASN JA 424 -20.11 27.98 -62.61
CA ASN JA 424 -20.14 27.30 -61.31
C ASN JA 424 -21.54 26.76 -61.04
N SER JA 425 -21.62 25.48 -60.69
CA SER JA 425 -22.92 24.83 -60.59
C SER JA 425 -23.67 25.27 -59.33
N LYS JA 426 -22.98 25.38 -58.19
CA LYS JA 426 -23.64 25.86 -56.99
C LYS JA 426 -24.17 27.27 -57.18
N VAL JA 427 -23.41 28.12 -57.86
CA VAL JA 427 -23.88 29.47 -58.14
C VAL JA 427 -25.12 29.43 -59.01
N LEU JA 428 -25.10 28.58 -60.05
CA LEU JA 428 -26.25 28.50 -60.94
C LEU JA 428 -27.49 28.03 -60.20
N MET JA 429 -27.33 27.04 -59.32
CA MET JA 429 -28.47 26.54 -58.56
C MET JA 429 -29.07 27.64 -57.69
N GLU JA 430 -28.22 28.38 -56.98
CA GLU JA 430 -28.72 29.44 -56.11
C GLU JA 430 -29.31 30.58 -56.91
N ASP JA 431 -28.74 30.88 -58.08
CA ASP JA 431 -29.27 31.95 -58.91
C ASP JA 431 -30.67 31.60 -59.41
N ILE JA 432 -30.86 30.36 -59.87
CA ILE JA 432 -32.16 29.95 -60.39
C ILE JA 432 -33.20 29.98 -59.29
N GLY JA 433 -32.88 29.37 -58.15
CA GLY JA 433 -33.85 29.31 -57.07
C GLY JA 433 -34.22 30.67 -56.54
N ARG JA 434 -33.24 31.56 -56.40
CA ARG JA 434 -33.53 32.90 -55.91
C ARG JA 434 -34.25 33.73 -56.96
N GLN JA 435 -34.02 33.45 -58.25
CA GLN JA 435 -34.74 34.16 -59.29
C GLN JA 435 -36.22 33.81 -59.27
N ILE JA 436 -36.54 32.51 -59.23
CA ILE JA 436 -37.93 32.09 -59.26
C ILE JA 436 -38.68 32.58 -58.03
N ILE JA 437 -38.05 32.51 -56.87
CA ILE JA 437 -38.68 33.00 -55.65
C ILE JA 437 -38.98 34.48 -55.78
N MET JA 438 -38.02 35.26 -56.28
CA MET JA 438 -38.19 36.70 -56.36
C MET JA 438 -39.20 37.09 -57.43
N SER JA 439 -39.08 36.50 -58.62
CA SER JA 439 -39.83 36.95 -59.77
C SER JA 439 -40.75 35.89 -60.38
N GLY JA 440 -40.56 34.62 -60.07
CA GLY JA 440 -41.29 33.58 -60.75
C GLY JA 440 -40.78 33.26 -62.13
N LYS JA 441 -39.68 33.87 -62.55
CA LYS JA 441 -39.10 33.64 -63.86
C LYS JA 441 -37.59 33.51 -63.73
N VAL JA 442 -36.98 32.88 -64.73
CA VAL JA 442 -35.54 32.73 -64.80
C VAL JA 442 -35.05 33.46 -66.03
N VAL JA 443 -34.11 34.38 -65.84
CA VAL JA 443 -33.43 35.06 -66.94
C VAL JA 443 -32.06 34.40 -67.11
N THR JA 444 -31.81 33.88 -68.30
CA THR JA 444 -30.59 33.14 -68.54
C THR JA 444 -29.40 34.10 -68.63
N PRO JA 445 -28.18 33.58 -68.44
CA PRO JA 445 -27.00 34.45 -68.57
C PRO JA 445 -26.90 35.13 -69.91
N GLU JA 446 -27.26 34.44 -71.00
CA GLU JA 446 -27.21 35.07 -72.31
C GLU JA 446 -28.21 36.20 -72.43
N GLU JA 447 -29.41 36.02 -71.88
CA GLU JA 447 -30.42 37.07 -71.93
C GLU JA 447 -29.98 38.29 -71.14
N PHE JA 448 -29.34 38.07 -69.99
CA PHE JA 448 -28.78 39.19 -69.24
C PHE JA 448 -27.70 39.90 -70.04
N ALA JA 449 -26.90 39.14 -70.77
CA ALA JA 449 -25.88 39.77 -71.61
C ALA JA 449 -26.50 40.67 -72.66
N ALA JA 450 -27.61 40.23 -73.26
CA ALA JA 450 -28.30 41.07 -74.23
C ALA JA 450 -28.77 42.37 -73.60
N ARG JA 451 -29.31 42.30 -72.39
CA ARG JA 451 -29.74 43.51 -71.70
C ARG JA 451 -28.56 44.43 -71.42
N VAL JA 452 -27.43 43.85 -71.01
CA VAL JA 452 -26.26 44.66 -70.67
C VAL JA 452 -25.80 45.46 -71.88
N ASP JA 453 -25.88 44.87 -73.07
CA ASP JA 453 -25.44 45.57 -74.27
C ASP JA 453 -26.33 46.76 -74.61
N ALA JA 454 -27.56 46.79 -74.12
CA ALA JA 454 -28.50 47.86 -74.44
C ALA JA 454 -28.43 49.02 -73.47
N VAL JA 455 -27.56 48.97 -72.47
CA VAL JA 455 -27.46 50.04 -71.50
C VAL JA 455 -26.66 51.19 -72.10
N THR JA 456 -27.21 52.39 -72.01
CA THR JA 456 -26.56 53.60 -72.50
C THR JA 456 -26.18 54.51 -71.35
N GLU JA 457 -25.39 55.53 -71.67
CA GLU JA 457 -25.01 56.50 -70.65
C GLU JA 457 -26.22 57.21 -70.07
N ALA JA 458 -27.25 57.44 -70.89
CA ALA JA 458 -28.46 58.08 -70.39
C ALA JA 458 -29.10 57.26 -69.29
N ASP JA 459 -29.14 55.93 -69.47
CA ASP JA 459 -29.70 55.07 -68.44
C ASP JA 459 -28.91 55.16 -67.15
N LEU JA 460 -27.58 55.17 -67.25
CA LEU JA 460 -26.76 55.27 -66.05
C LEU JA 460 -27.01 56.58 -65.31
N LYS JA 461 -27.08 57.68 -66.05
CA LYS JA 461 -27.35 58.97 -65.42
C LYS JA 461 -28.70 58.98 -64.73
N LYS JA 462 -29.72 58.44 -65.40
CA LYS JA 462 -31.07 58.45 -64.82
C LYS JA 462 -31.11 57.62 -63.54
N VAL JA 463 -30.53 56.42 -63.56
CA VAL JA 463 -30.57 55.57 -62.39
C VAL JA 463 -29.79 56.21 -61.24
N ALA JA 464 -28.61 56.76 -61.54
CA ALA JA 464 -27.81 57.37 -60.49
C ALA JA 464 -28.54 58.54 -59.86
N ALA JA 465 -29.22 59.35 -60.66
CA ALA JA 465 -29.96 60.48 -60.13
C ALA JA 465 -31.03 60.03 -59.14
N LYS JA 466 -31.74 58.96 -59.48
CA LYS JA 466 -32.78 58.46 -58.59
C LYS JA 466 -32.19 57.97 -57.28
N LEU JA 467 -31.05 57.27 -57.33
CA LEU JA 467 -30.44 56.78 -56.10
C LEU JA 467 -30.04 57.93 -55.20
N LEU JA 468 -29.44 58.97 -55.77
CA LEU JA 468 -28.92 60.06 -54.97
C LEU JA 468 -30.02 60.92 -54.36
N ARG JA 469 -31.26 60.79 -54.81
CA ARG JA 469 -32.36 61.52 -54.21
C ARG JA 469 -32.89 60.86 -52.95
N LYS JA 470 -32.51 59.62 -52.68
CA LYS JA 470 -32.98 58.93 -51.49
C LYS JA 470 -32.20 59.39 -50.27
N ASN JA 471 -32.84 59.26 -49.11
CA ASN JA 471 -32.17 59.58 -47.85
C ASN JA 471 -31.04 58.59 -47.64
N PRO JA 472 -29.80 59.03 -47.46
CA PRO JA 472 -28.69 58.09 -47.36
C PRO JA 472 -28.75 57.25 -46.08
N THR JA 473 -28.18 56.06 -46.17
CA THR JA 473 -27.93 55.22 -45.01
C THR JA 473 -26.43 55.18 -44.76
N TYR JA 474 -26.03 55.48 -43.53
CA TYR JA 474 -24.65 55.81 -43.20
C TYR JA 474 -24.20 54.93 -42.04
N VAL JA 475 -23.37 53.95 -42.33
CA VAL JA 475 -22.92 52.97 -41.35
C VAL JA 475 -21.42 53.11 -41.17
N VAL JA 476 -20.99 53.18 -39.92
CA VAL JA 476 -19.58 53.19 -39.55
C VAL JA 476 -19.34 52.07 -38.56
N TYR JA 477 -18.34 51.23 -38.83
CA TYR JA 477 -18.06 50.06 -38.02
C TYR JA 477 -16.57 50.00 -37.71
N GLY JA 478 -16.24 49.67 -36.47
CA GLY JA 478 -14.86 49.57 -36.03
C GLY JA 478 -14.45 50.70 -35.12
N ASP JA 479 -13.44 51.46 -35.54
CA ASP JA 479 -13.00 52.65 -34.82
C ASP JA 479 -13.82 53.83 -35.34
N THR JA 480 -14.85 54.22 -34.59
CA THR JA 480 -15.79 55.24 -35.01
C THR JA 480 -15.57 56.57 -34.31
N LYS JA 481 -14.47 56.72 -33.58
CA LYS JA 481 -14.30 57.89 -32.73
C LYS JA 481 -13.97 59.15 -33.51
N SER JA 482 -13.73 59.06 -34.81
CA SER JA 482 -13.41 60.22 -35.62
C SER JA 482 -14.33 60.41 -36.82
N ALA JA 483 -15.36 59.57 -36.97
CA ALA JA 483 -16.22 59.67 -38.13
C ALA JA 483 -17.09 60.93 -38.05
N PRO JA 484 -17.43 61.51 -39.20
CA PRO JA 484 -18.36 62.65 -39.19
C PRO JA 484 -19.74 62.25 -38.71
N HIS JA 485 -20.56 63.27 -38.48
CA HIS JA 485 -21.94 63.03 -38.10
C HIS JA 485 -22.79 62.78 -39.35
N TYR JA 486 -23.94 62.15 -39.12
CA TYR JA 486 -24.84 61.82 -40.22
C TYR JA 486 -25.30 63.07 -40.95
N GLU JA 487 -25.47 64.17 -40.23
CA GLU JA 487 -25.94 65.40 -40.87
C GLU JA 487 -24.90 65.95 -41.85
N TYR JA 488 -23.62 65.75 -41.57
CA TYR JA 488 -22.60 66.15 -42.53
C TYR JA 488 -22.74 65.37 -43.83
N VAL JA 489 -22.96 64.07 -43.74
CA VAL JA 489 -23.18 63.26 -44.94
C VAL JA 489 -24.46 63.72 -45.65
N ARG JA 490 -25.51 63.98 -44.89
CA ARG JA 490 -26.77 64.40 -45.50
C ARG JA 490 -26.62 65.73 -46.23
N THR JA 491 -25.96 66.69 -45.61
CA THR JA 491 -25.83 68.01 -46.23
C THR JA 491 -25.00 67.93 -47.50
N ALA JA 492 -23.95 67.11 -47.50
CA ALA JA 492 -23.15 66.96 -48.71
C ALA JA 492 -23.97 66.39 -49.85
N LEU JA 493 -24.81 65.40 -49.55
CA LEU JA 493 -25.64 64.76 -50.55
C LEU JA 493 -26.95 65.50 -50.80
N ALA JA 494 -27.23 66.55 -50.02
CA ALA JA 494 -28.45 67.32 -50.26
C ALA JA 494 -28.40 68.03 -51.60
N SER JA 495 -27.22 68.44 -52.04
CA SER JA 495 -27.09 69.09 -53.34
C SER JA 495 -27.49 68.15 -54.47
N LEU JA 496 -27.10 66.89 -54.37
CA LEU JA 496 -27.42 65.91 -55.40
C LEU JA 496 -28.91 65.61 -55.43
N GLU KA 1 47.17 -5.97 21.41
CA GLU KA 1 48.25 -6.36 20.51
C GLU KA 1 47.67 -6.60 19.11
N LYS KA 2 48.49 -7.09 18.18
CA LYS KA 2 48.06 -7.34 16.80
C LYS KA 2 47.17 -8.58 16.71
N ASP KA 3 46.39 -8.68 15.63
CA ASP KA 3 45.53 -9.84 15.40
C ASP KA 3 46.39 -11.04 14.94
N PRO KA 4 45.86 -12.26 15.02
CA PRO KA 4 46.69 -13.44 14.70
C PRO KA 4 47.32 -13.33 13.32
N PRO KA 5 48.56 -13.78 13.16
CA PRO KA 5 49.24 -13.65 11.86
C PRO KA 5 48.38 -14.11 10.69
N SER KA 6 48.34 -13.29 9.63
CA SER KA 6 47.52 -13.60 8.46
C SER KA 6 48.08 -14.79 7.68
N PRO KA 7 47.24 -15.76 7.29
CA PRO KA 7 47.75 -16.93 6.53
C PRO KA 7 48.28 -16.56 5.16
N PRO KA 8 49.35 -17.19 4.68
CA PRO KA 8 49.80 -16.97 3.30
C PRO KA 8 48.75 -17.33 2.26
N ASP KA 9 48.93 -16.80 1.05
CA ASP KA 9 47.98 -16.96 -0.06
C ASP KA 9 48.42 -18.14 -0.93
N TRP KA 10 47.90 -19.35 -0.63
CA TRP KA 10 48.30 -20.58 -1.32
C TRP KA 10 47.64 -20.69 -2.69
N PRO KA 11 48.34 -21.25 -3.68
CA PRO KA 11 47.79 -21.34 -5.05
C PRO KA 11 46.96 -22.60 -5.30
N PHE KA 12 45.83 -22.69 -4.62
CA PHE KA 12 44.92 -23.80 -4.85
C PHE KA 12 44.31 -23.70 -6.24
N TRP KA 13 43.99 -24.86 -6.82
CA TRP KA 13 43.46 -24.88 -8.18
C TRP KA 13 42.12 -24.15 -8.25
N PHE KA 14 41.26 -24.32 -7.25
CA PHE KA 14 39.89 -23.85 -7.32
C PHE KA 14 39.77 -22.34 -7.15
N LYS KA 15 40.87 -21.62 -6.96
CA LYS KA 15 40.77 -20.19 -6.70
C LYS KA 15 40.48 -19.37 -7.95
N ALA KA 16 40.72 -19.92 -9.13
CA ALA KA 16 40.45 -19.18 -10.36
C ALA KA 16 38.97 -19.21 -10.70
N PHE KA 17 38.54 -18.25 -11.51
CA PHE KA 17 37.13 -18.10 -11.81
C PHE KA 17 36.55 -19.35 -12.47
N SER KA 18 37.29 -19.93 -13.42
CA SER KA 18 36.79 -21.03 -14.23
C SER KA 18 37.31 -22.39 -13.78
N HIS KA 19 37.75 -22.50 -12.53
CA HIS KA 19 38.33 -23.73 -12.01
C HIS KA 19 37.39 -24.39 -11.00
N CYS KA 20 37.52 -25.71 -10.86
CA CYS KA 20 36.67 -26.54 -10.03
C CYS KA 20 37.44 -27.00 -8.79
N HIS KA 21 36.76 -27.76 -7.92
CA HIS KA 21 37.45 -28.46 -6.85
C HIS KA 21 38.10 -29.72 -7.42
N ASP KA 22 39.40 -29.87 -7.21
CA ASP KA 22 40.14 -31.02 -7.73
C ASP KA 22 39.70 -32.28 -7.00
N ILE KA 23 38.87 -33.09 -7.67
CA ILE KA 23 38.33 -34.29 -7.02
C ILE KA 23 39.43 -35.22 -6.54
N PRO KA 24 40.49 -35.48 -7.30
CA PRO KA 24 41.55 -36.35 -6.78
C PRO KA 24 42.12 -35.88 -5.44
N SER KA 25 42.27 -34.57 -5.26
CA SER KA 25 42.77 -34.07 -3.97
C SER KA 25 41.71 -34.18 -2.89
N CYS KA 26 40.45 -33.94 -3.24
CA CYS KA 26 39.37 -34.07 -2.27
C CYS KA 26 39.24 -35.50 -1.77
N ARG KA 27 39.47 -36.48 -2.65
CA ARG KA 27 39.41 -37.87 -2.23
C ARG KA 27 40.50 -38.18 -1.22
N ARG KA 28 41.73 -37.76 -1.52
CA ARG KA 28 42.82 -37.93 -0.57
C ARG KA 28 42.53 -37.20 0.72
N GLY KA 29 41.91 -36.03 0.61
CA GLY KA 29 41.53 -35.28 1.80
C GLY KA 29 40.57 -36.03 2.69
N TYR KA 30 39.61 -36.75 2.10
CA TYR KA 30 38.71 -37.55 2.93
C TYR KA 30 39.48 -38.59 3.71
N GLU KA 31 40.49 -39.20 3.09
CA GLU KA 31 41.29 -40.20 3.78
C GLU KA 31 42.05 -39.58 4.94
N VAL KA 32 42.63 -38.39 4.73
CA VAL KA 32 43.33 -37.71 5.81
C VAL KA 32 42.36 -37.38 6.95
N TYR KA 33 41.17 -36.88 6.61
CA TYR KA 33 40.21 -36.54 7.66
C TYR KA 33 39.75 -37.79 8.41
N ARG KA 34 39.52 -38.88 7.70
CA ARG KA 34 38.98 -40.07 8.35
C ARG KA 34 40.00 -40.73 9.26
N GLN KA 35 41.28 -40.66 8.90
CA GLN KA 35 42.32 -41.38 9.62
C GLN KA 35 43.10 -40.52 10.59
N VAL KA 36 42.96 -39.19 10.53
CA VAL KA 36 43.70 -38.31 11.41
C VAL KA 36 42.77 -37.37 12.17
N CYS KA 37 42.03 -36.52 11.45
CA CYS KA 37 41.26 -35.49 12.12
C CYS KA 37 40.06 -36.06 12.87
N ALA KA 38 39.49 -37.16 12.38
CA ALA KA 38 38.25 -37.66 12.93
C ALA KA 38 38.39 -38.13 14.37
N THR KA 39 39.58 -38.50 14.80
CA THR KA 39 39.75 -38.98 16.16
C THR KA 39 39.27 -37.95 17.18
N CYS KA 40 39.42 -36.67 16.87
CA CYS KA 40 39.05 -35.64 17.81
C CYS KA 40 37.97 -34.71 17.30
N HIS KA 41 37.86 -34.51 16.01
CA HIS KA 41 36.86 -33.63 15.45
C HIS KA 41 35.68 -34.42 14.90
N ALA KA 42 34.59 -33.70 14.71
CA ALA KA 42 33.39 -34.23 14.10
C ALA KA 42 32.98 -33.31 12.96
N ALA KA 43 32.32 -33.90 11.96
CA ALA KA 43 31.71 -33.14 10.87
C ALA KA 43 30.22 -33.48 10.91
N ARG KA 44 29.50 -32.77 11.78
CA ARG KA 44 28.10 -33.09 12.00
C ARG KA 44 27.26 -32.82 10.76
N PHE KA 45 27.56 -31.74 10.05
CA PHE KA 45 26.74 -31.30 8.93
C PHE KA 45 27.22 -31.88 7.60
N VAL KA 46 28.17 -32.80 7.62
CA VAL KA 46 28.62 -33.48 6.41
C VAL KA 46 28.05 -34.89 6.45
N CYS KA 47 27.30 -35.26 5.42
CA CYS KA 47 26.68 -36.56 5.30
C CYS KA 47 27.35 -37.36 4.19
N PHE KA 48 27.25 -38.68 4.30
CA PHE KA 48 27.89 -39.55 3.32
C PHE KA 48 27.27 -39.35 1.94
N ARG KA 49 25.96 -39.14 1.87
CA ARG KA 49 25.32 -38.95 0.57
C ARG KA 49 25.86 -37.73 -0.16
N HIS KA 50 26.46 -36.78 0.56
CA HIS KA 50 27.05 -35.63 -0.11
C HIS KA 50 28.21 -36.02 -1.00
N MET KA 51 28.89 -37.12 -0.68
CA MET KA 51 30.04 -37.57 -1.43
C MET KA 51 29.69 -38.48 -2.59
N VAL KA 52 28.44 -38.92 -2.70
CA VAL KA 52 28.08 -39.89 -3.73
C VAL KA 52 28.03 -39.19 -5.08
N ASN KA 53 28.73 -39.76 -6.06
CA ASN KA 53 28.80 -39.26 -7.42
C ASN KA 53 29.48 -37.90 -7.51
N THR KA 54 30.06 -37.44 -6.42
CA THR KA 54 30.82 -36.19 -6.39
C THR KA 54 32.28 -36.40 -6.02
N ILE KA 55 32.54 -37.16 -4.97
CA ILE KA 55 33.90 -37.54 -4.59
C ILE KA 55 34.15 -39.02 -4.82
N TYR KA 56 33.19 -39.87 -4.46
CA TYR KA 56 33.32 -41.32 -4.56
C TYR KA 56 32.07 -41.92 -5.20
N PRO KA 57 32.21 -43.08 -5.85
CA PRO KA 57 31.04 -43.77 -6.37
C PRO KA 57 30.13 -44.29 -5.26
N GLU KA 58 28.87 -44.55 -5.62
CA GLU KA 58 27.86 -44.87 -4.60
C GLU KA 58 28.24 -46.10 -3.80
N ASN KA 59 28.69 -47.16 -4.47
CA ASN KA 59 29.04 -48.38 -3.74
C ASN KA 59 30.18 -48.12 -2.76
N ARG KA 60 31.16 -47.32 -3.16
CA ARG KA 60 32.28 -47.03 -2.27
C ARG KA 60 31.82 -46.28 -1.04
N VAL KA 61 30.90 -45.31 -1.21
CA VAL KA 61 30.42 -44.55 -0.06
C VAL KA 61 29.66 -45.47 0.89
N LYS KA 62 28.94 -46.45 0.34
CA LYS KA 62 28.27 -47.42 1.21
C LYS KA 62 29.27 -48.16 2.08
N GLN KA 63 30.38 -48.60 1.49
CA GLN KA 63 31.38 -49.32 2.26
C GLN KA 63 31.97 -48.46 3.36
N LEU KA 64 32.26 -47.19 3.04
CA LEU KA 64 32.80 -46.29 4.04
C LEU KA 64 31.84 -46.10 5.20
N ALA KA 65 30.58 -45.82 4.90
CA ALA KA 65 29.60 -45.60 5.95
C ALA KA 65 29.37 -46.87 6.76
N ALA KA 66 29.29 -48.01 6.09
CA ALA KA 66 29.08 -49.27 6.79
C ALA KA 66 30.22 -49.61 7.73
N SER KA 67 31.40 -49.01 7.53
CA SER KA 67 32.51 -49.26 8.42
C SER KA 67 32.26 -48.75 9.83
N PHE KA 68 31.38 -47.76 9.98
CA PHE KA 68 31.10 -47.16 11.28
C PHE KA 68 29.85 -47.76 11.88
N ASP KA 69 29.72 -47.59 13.19
CA ASP KA 69 28.55 -48.05 13.95
C ASP KA 69 27.83 -46.85 14.53
N TYR KA 70 26.54 -46.76 14.28
CA TYR KA 70 25.71 -45.67 14.78
C TYR KA 70 24.68 -46.22 15.75
N GLU KA 71 24.15 -45.32 16.57
CA GLU KA 71 23.15 -45.66 17.58
C GLU KA 71 21.79 -45.20 17.07
N ASP KA 72 20.94 -46.14 16.71
CA ASP KA 72 19.60 -45.88 16.21
C ASP KA 72 18.59 -46.49 17.17
N GLY KA 73 17.33 -46.14 16.97
CA GLY KA 73 16.27 -46.66 17.79
C GLY KA 73 15.09 -45.71 17.86
N PRO KA 74 14.12 -46.07 18.69
CA PRO KA 74 14.13 -47.23 19.57
C PRO KA 74 13.62 -48.45 18.84
N ASN KA 75 13.78 -49.64 19.41
CA ASN KA 75 13.17 -50.83 18.82
C ASN KA 75 11.75 -50.96 19.36
N ASP KA 76 11.07 -52.06 19.02
CA ASP KA 76 9.69 -52.25 19.47
C ASP KA 76 9.61 -52.38 20.98
N ARG KA 77 10.72 -52.69 21.64
CA ARG KA 77 10.79 -52.81 23.08
C ARG KA 77 11.28 -51.52 23.73
N GLY KA 78 11.40 -50.45 22.95
CA GLY KA 78 11.79 -49.16 23.48
C GLY KA 78 13.27 -49.00 23.75
N GLU KA 79 14.09 -49.89 23.22
CA GLU KA 79 15.52 -49.92 23.48
C GLU KA 79 16.29 -49.39 22.26
N MET KA 80 17.50 -48.90 22.52
CA MET KA 80 18.37 -48.39 21.48
C MET KA 80 19.35 -49.46 21.04
N PHE KA 81 19.56 -49.57 19.74
CA PHE KA 81 20.44 -50.58 19.17
C PHE KA 81 21.54 -49.91 18.36
N THR KA 82 22.50 -50.73 17.90
CA THR KA 82 23.61 -50.27 17.09
C THR KA 82 23.54 -50.95 15.73
N ARG KA 83 23.62 -50.16 14.68
CA ARG KA 83 23.55 -50.62 13.30
C ARG KA 83 24.75 -50.11 12.53
N PRO KA 84 25.09 -50.75 11.41
CA PRO KA 84 26.07 -50.15 10.50
C PRO KA 84 25.52 -48.87 9.89
N GLY KA 85 26.44 -48.03 9.42
CA GLY KA 85 26.04 -46.76 8.87
C GLY KA 85 25.43 -46.88 7.48
N ASN KA 86 24.82 -45.79 7.03
CA ASN KA 86 24.18 -45.74 5.72
C ASN KA 86 24.50 -44.41 5.05
N LEU KA 87 24.07 -44.26 3.80
CA LEU KA 87 24.35 -43.05 3.04
C LEU KA 87 23.63 -41.84 3.61
N LEU KA 88 22.64 -42.04 4.46
CA LEU KA 88 21.87 -40.95 5.05
C LEU KA 88 22.40 -40.54 6.42
N ASP KA 89 23.46 -41.15 6.89
CA ASP KA 89 23.98 -40.82 8.20
C ASP KA 89 25.02 -39.71 8.12
N PRO KA 90 25.10 -38.87 9.14
CA PRO KA 90 26.19 -37.89 9.20
C PRO KA 90 27.50 -38.57 9.52
N PHE KA 91 28.59 -37.85 9.27
CA PHE KA 91 29.90 -38.41 9.56
C PHE KA 91 30.00 -38.70 11.06
N PRO KA 92 30.65 -39.79 11.45
CA PRO KA 92 30.69 -40.15 12.87
C PRO KA 92 31.37 -39.10 13.71
N SER KA 93 30.92 -38.99 14.96
CA SER KA 93 31.46 -38.04 15.92
C SER KA 93 32.22 -38.79 17.01
N PRO KA 94 33.46 -38.39 17.31
CA PRO KA 94 34.24 -39.16 18.28
C PRO KA 94 33.69 -39.14 19.69
N TYR KA 95 33.09 -38.04 20.12
CA TYR KA 95 32.65 -37.91 21.50
C TYR KA 95 31.15 -37.64 21.56
N PRO KA 96 30.49 -38.10 22.62
CA PRO KA 96 29.02 -38.00 22.69
C PRO KA 96 28.49 -36.59 22.93
N ASN KA 97 29.21 -35.76 23.69
CA ASN KA 97 28.83 -34.39 23.96
C ASN KA 97 30.09 -33.53 23.93
N GLU KA 98 29.93 -32.21 24.08
CA GLU KA 98 31.08 -31.31 24.11
C GLU KA 98 31.86 -31.44 25.40
N GLU KA 99 31.23 -31.94 26.46
CA GLU KA 99 31.88 -32.03 27.75
C GLU KA 99 32.77 -33.26 27.80
N ALA KA 100 32.36 -34.32 27.11
CA ALA KA 100 33.19 -35.51 26.97
C ALA KA 100 34.41 -35.21 26.12
N ALA KA 101 34.22 -34.47 25.03
CA ALA KA 101 35.33 -34.08 24.17
C ALA KA 101 36.32 -33.22 24.91
N ARG KA 102 35.82 -32.23 25.66
CA ARG KA 102 36.69 -31.35 26.41
C ARG KA 102 37.50 -32.14 27.43
N PHE KA 103 36.89 -33.16 28.04
CA PHE KA 103 37.59 -33.95 29.06
C PHE KA 103 38.72 -34.78 28.47
N ALA KA 104 38.74 -34.95 27.15
CA ALA KA 104 39.75 -35.77 26.49
C ALA KA 104 40.83 -34.94 25.79
N ASN KA 105 40.78 -33.61 25.90
CA ASN KA 105 41.74 -32.73 25.24
C ASN KA 105 42.17 -31.60 26.18
N GLN KA 106 42.45 -31.95 27.43
CA GLN KA 106 42.92 -30.98 28.43
C GLN KA 106 42.01 -29.77 28.53
N GLY KA 107 40.70 -30.01 28.47
CA GLY KA 107 39.72 -28.96 28.57
C GLY KA 107 39.39 -28.28 27.27
N ALA KA 108 40.23 -28.44 26.25
CA ALA KA 108 40.02 -27.79 24.97
C ALA KA 108 39.01 -28.58 24.14
N SER KA 109 38.22 -27.84 23.36
CA SER KA 109 37.16 -28.46 22.57
C SER KA 109 37.56 -28.53 21.11
N PRO KA 110 37.71 -29.73 20.53
CA PRO KA 110 37.97 -29.82 19.10
C PRO KA 110 36.79 -29.32 18.30
N PRO KA 111 36.93 -28.19 17.61
CA PRO KA 111 35.78 -27.63 16.89
C PRO KA 111 35.33 -28.52 15.74
N ASP KA 112 34.03 -28.47 15.48
CA ASP KA 112 33.48 -29.18 14.33
C ASP KA 112 34.07 -28.58 13.04
N LEU KA 113 34.51 -29.46 12.15
CA LEU KA 113 35.20 -29.05 10.94
C LEU KA 113 34.27 -28.93 9.74
N SER KA 114 32.97 -28.80 9.97
CA SER KA 114 32.04 -28.71 8.85
C SER KA 114 32.18 -27.39 8.09
N GLN KA 115 32.30 -26.28 8.82
CA GLN KA 115 32.43 -24.96 8.20
C GLN KA 115 33.73 -24.27 8.58
N GLN KA 116 34.72 -25.02 9.07
CA GLN KA 116 35.97 -24.40 9.51
C GLN KA 116 36.78 -23.85 8.35
N ALA KA 117 36.59 -24.37 7.14
CA ALA KA 117 37.32 -23.85 5.99
C ALA KA 117 36.93 -22.42 5.66
N ALA KA 118 35.84 -21.92 6.23
CA ALA KA 118 35.40 -20.56 6.00
C ALA KA 118 35.08 -19.83 7.29
N ALA KA 119 35.42 -20.40 8.44
CA ALA KA 119 35.13 -19.81 9.74
C ALA KA 119 36.28 -19.00 10.29
N HIS KA 120 37.40 -18.93 9.58
CA HIS KA 120 38.57 -18.19 10.03
C HIS KA 120 39.05 -17.28 8.91
N HIS KA 121 39.58 -16.13 9.30
CA HIS KA 121 40.14 -15.21 8.32
C HIS KA 121 41.30 -15.86 7.60
N GLY KA 122 41.29 -15.79 6.27
CA GLY KA 122 42.15 -16.56 5.42
C GLY KA 122 41.45 -17.72 4.74
N GLY KA 123 40.40 -18.23 5.36
CA GLY KA 123 39.63 -19.30 4.76
C GLY KA 123 40.44 -20.58 4.65
N CYS KA 124 40.44 -21.14 3.43
CA CYS KA 124 41.19 -22.37 3.20
C CYS KA 124 42.66 -22.19 3.51
N ASP KA 125 43.21 -21.01 3.21
CA ASP KA 125 44.61 -20.76 3.50
C ASP KA 125 44.91 -20.92 4.99
N TYR KA 126 43.94 -20.62 5.84
CA TYR KA 126 44.17 -20.74 7.28
C TYR KA 126 44.33 -22.19 7.71
N ILE KA 127 43.63 -23.11 7.06
CA ILE KA 127 43.77 -24.53 7.40
C ILE KA 127 45.14 -25.03 6.96
N MET KA 128 45.52 -24.72 5.73
CA MET KA 128 46.82 -25.16 5.23
C MET KA 128 47.94 -24.59 6.08
N SER KA 129 47.86 -23.29 6.40
CA SER KA 129 48.90 -22.66 7.19
C SER KA 129 48.98 -23.23 8.58
N LEU KA 130 47.83 -23.43 9.22
CA LEU KA 130 47.81 -23.93 10.59
C LEU KA 130 48.45 -25.30 10.69
N LEU KA 131 48.04 -26.22 9.82
CA LEU KA 131 48.53 -27.59 9.88
C LEU KA 131 50.02 -27.67 9.58
N THR KA 132 50.55 -26.71 8.83
CA THR KA 132 51.98 -26.66 8.52
C THR KA 132 52.68 -25.54 9.28
N GLY KA 133 52.05 -24.99 10.31
CA GLY KA 133 52.58 -23.85 11.01
C GLY KA 133 53.11 -24.13 12.39
N TYR KA 134 53.15 -25.40 12.80
CA TYR KA 134 53.78 -25.76 14.04
C TYR KA 134 55.29 -25.52 13.96
N ARG KA 135 55.87 -24.99 15.03
CA ARG KA 135 57.28 -24.61 15.08
C ARG KA 135 57.78 -24.81 16.50
N ASP KA 136 59.10 -24.78 16.67
CA ASP KA 136 59.66 -24.77 18.03
C ASP KA 136 59.28 -23.46 18.70
N PRO KA 137 58.98 -23.46 20.00
CA PRO KA 137 58.49 -22.25 20.63
C PRO KA 137 59.48 -21.11 20.48
N PRO KA 138 58.99 -19.87 20.39
CA PRO KA 138 59.92 -18.73 20.36
C PRO KA 138 60.72 -18.67 21.66
N ALA KA 139 61.89 -18.09 21.58
CA ALA KA 139 62.72 -17.93 22.77
C ALA KA 139 61.98 -17.10 23.80
N GLY KA 140 62.00 -17.58 25.05
CA GLY KA 140 61.28 -16.95 26.13
C GLY KA 140 59.88 -17.47 26.34
N VAL KA 141 59.37 -18.27 25.41
CA VAL KA 141 58.05 -18.89 25.52
C VAL KA 141 58.26 -20.35 25.93
N SER KA 142 57.61 -20.75 27.02
CA SER KA 142 57.67 -22.12 27.51
C SER KA 142 56.26 -22.67 27.58
N LEU KA 143 56.04 -23.85 27.02
CA LEU KA 143 54.71 -24.42 26.91
C LEU KA 143 54.60 -25.67 27.77
N ARG KA 144 53.51 -25.76 28.51
CA ARG KA 144 53.24 -26.91 29.35
C ARG KA 144 52.99 -28.15 28.51
N SER KA 145 52.91 -29.29 29.18
CA SER KA 145 52.56 -30.53 28.51
C SER KA 145 51.22 -30.38 27.81
N GLY KA 146 51.15 -30.82 26.57
CA GLY KA 146 49.92 -30.74 25.81
C GLY KA 146 49.67 -29.42 25.14
N LEU KA 147 50.59 -28.47 25.28
CA LEU KA 147 50.49 -27.19 24.59
C LEU KA 147 51.62 -27.09 23.58
N TYR KA 148 51.27 -26.76 22.35
CA TYR KA 148 52.23 -26.71 21.24
C TYR KA 148 52.14 -25.35 20.58
N TYR KA 149 53.27 -24.87 20.05
CA TYR KA 149 53.32 -23.56 19.42
C TYR KA 149 52.94 -23.64 17.95
N ASN KA 150 52.18 -22.65 17.49
CA ASN KA 150 51.76 -22.58 16.10
C ASN KA 150 51.61 -21.11 15.74
N THR KA 151 52.24 -20.68 14.64
CA THR KA 151 52.31 -19.27 14.33
C THR KA 151 50.97 -18.67 13.95
N TYR KA 152 50.01 -19.50 13.53
CA TYR KA 152 48.77 -18.96 13.00
C TYR KA 152 47.59 -19.08 13.96
N PHE KA 153 47.69 -19.94 14.97
CA PHE KA 153 46.67 -19.98 16.01
C PHE KA 153 46.71 -18.68 16.81
N PRO KA 154 45.55 -18.10 17.13
CA PRO KA 154 45.54 -16.89 17.97
C PRO KA 154 46.19 -17.17 19.32
N GLY KA 155 47.23 -16.39 19.63
CA GLY KA 155 47.97 -16.53 20.86
C GLY KA 155 49.29 -17.25 20.72
N GLY KA 156 49.37 -18.23 19.82
CA GLY KA 156 50.58 -18.98 19.58
C GLY KA 156 50.57 -20.38 20.15
N ALA KA 157 49.73 -20.67 21.14
CA ALA KA 157 49.75 -21.93 21.85
C ALA KA 157 48.44 -22.66 21.61
N ILE KA 158 48.52 -23.84 20.99
CA ILE KA 158 47.35 -24.63 20.62
C ILE KA 158 47.42 -25.96 21.35
N SER KA 159 46.27 -26.44 21.79
CA SER KA 159 46.18 -27.71 22.50
C SER KA 159 46.09 -28.89 21.57
N MET KA 160 46.17 -28.67 20.27
CA MET KA 160 46.15 -29.76 19.33
C MET KA 160 47.60 -30.23 19.12
N PRO KA 161 47.88 -31.51 19.34
CA PRO KA 161 49.17 -32.05 18.97
C PRO KA 161 49.41 -31.91 17.47
N PRO KA 162 50.65 -31.71 17.05
CA PRO KA 162 50.92 -31.66 15.61
C PRO KA 162 50.37 -32.91 14.94
N PRO KA 163 49.38 -32.76 14.06
CA PRO KA 163 48.61 -33.94 13.63
C PRO KA 163 49.19 -34.70 12.44
N LEU KA 164 50.00 -34.05 11.63
CA LEU KA 164 50.46 -34.61 10.36
C LEU KA 164 51.92 -35.00 10.49
N ASN KA 165 52.21 -36.28 10.31
CA ASN KA 165 53.57 -36.81 10.31
C ASN KA 165 53.76 -37.63 9.05
N ASP KA 166 54.96 -37.52 8.47
CA ASP KA 166 55.23 -38.24 7.23
C ASP KA 166 55.01 -39.73 7.41
N GLY KA 167 54.33 -40.35 6.46
CA GLY KA 167 54.04 -41.76 6.53
C GLY KA 167 52.90 -42.13 7.45
N ALA KA 168 52.13 -41.16 7.92
CA ALA KA 168 51.02 -41.47 8.82
C ALA KA 168 50.00 -42.38 8.15
N ILE KA 169 49.71 -42.14 6.88
CA ILE KA 169 48.75 -42.92 6.12
C ILE KA 169 49.38 -43.24 4.76
N GLU KA 170 48.77 -44.19 4.06
CA GLU KA 170 49.15 -44.50 2.68
C GLU KA 170 47.99 -44.13 1.78
N TYR KA 171 48.22 -43.19 0.87
CA TYR KA 171 47.20 -42.81 -0.09
C TYR KA 171 46.93 -43.96 -1.05
N GLU KA 172 45.64 -44.22 -1.30
CA GLU KA 172 45.26 -45.31 -2.20
C GLU KA 172 45.81 -45.10 -3.60
N ASP KA 173 45.93 -43.85 -4.05
CA ASP KA 173 46.38 -43.58 -5.40
C ASP KA 173 47.89 -43.61 -5.54
N GLY KA 174 48.63 -43.73 -4.44
CA GLY KA 174 50.08 -43.82 -4.48
C GLY KA 174 50.80 -42.50 -4.31
N THR KA 175 50.08 -41.39 -4.28
CA THR KA 175 50.70 -40.10 -4.04
C THR KA 175 51.62 -40.18 -2.82
N PRO KA 176 52.81 -39.59 -2.87
CA PRO KA 176 53.71 -39.62 -1.71
C PRO KA 176 53.07 -38.94 -0.51
N ALA KA 177 53.05 -39.65 0.61
CA ALA KA 177 52.41 -39.17 1.83
C ALA KA 177 53.43 -38.40 2.66
N VAL KA 178 53.41 -37.08 2.52
CA VAL KA 178 54.26 -36.18 3.29
C VAL KA 178 53.34 -35.18 3.99
N ALA KA 179 53.85 -34.56 5.05
CA ALA KA 179 53.02 -33.67 5.87
C ALA KA 179 52.37 -32.59 5.02
N SER KA 180 53.12 -31.99 4.10
CA SER KA 180 52.59 -30.89 3.31
C SER KA 180 51.52 -31.36 2.33
N GLN KA 181 51.64 -32.59 1.82
CA GLN KA 181 50.61 -33.12 0.94
C GLN KA 181 49.31 -33.33 1.69
N MET KA 182 49.37 -34.01 2.83
CA MET KA 182 48.18 -34.22 3.65
C MET KA 182 47.50 -32.91 3.98
N ALA KA 183 48.29 -31.89 4.30
CA ALA KA 183 47.73 -30.58 4.57
C ALA KA 183 47.00 -30.03 3.35
N LYS KA 184 47.68 -30.00 2.20
CA LYS KA 184 47.04 -29.50 0.99
C LYS KA 184 45.78 -30.26 0.66
N ASP KA 185 45.74 -31.56 0.98
CA ASP KA 185 44.60 -32.38 0.61
C ASP KA 185 43.44 -32.26 1.59
N VAL KA 186 43.73 -32.22 2.89
CA VAL KA 186 42.66 -32.08 3.87
C VAL KA 186 42.08 -30.68 3.83
N SER KA 187 42.90 -29.68 3.50
CA SER KA 187 42.37 -28.34 3.30
C SER KA 187 41.43 -28.31 2.11
N GLN KA 188 41.79 -29.00 1.03
CA GLN KA 188 40.93 -29.08 -0.13
C GLN KA 188 39.61 -29.74 0.23
N PHE KA 189 39.66 -30.86 0.96
CA PHE KA 189 38.45 -31.59 1.28
C PHE KA 189 37.54 -30.77 2.18
N LEU KA 190 38.10 -30.14 3.21
CA LEU KA 190 37.27 -29.34 4.11
C LEU KA 190 36.67 -28.15 3.41
N THR KA 191 37.37 -27.57 2.44
CA THR KA 191 36.77 -26.52 1.63
C THR KA 191 35.57 -27.04 0.86
N TRP KA 192 35.68 -28.24 0.28
CA TRP KA 192 34.54 -28.82 -0.42
C TRP KA 192 33.40 -29.09 0.55
N ALA KA 193 33.70 -29.61 1.73
CA ALA KA 193 32.65 -29.94 2.68
C ALA KA 193 31.85 -28.72 3.07
N GLN KA 194 32.52 -27.57 3.22
CA GLN KA 194 31.82 -26.35 3.60
C GLN KA 194 30.72 -26.01 2.60
N ASP KA 195 31.04 -26.07 1.31
CA ASP KA 195 30.09 -25.71 0.25
C ASP KA 195 30.20 -26.72 -0.88
N PRO KA 196 29.52 -27.86 -0.75
CA PRO KA 196 29.58 -28.87 -1.83
C PRO KA 196 29.02 -28.39 -3.15
N GLN KA 197 28.20 -27.34 -3.16
CA GLN KA 197 27.66 -26.78 -4.39
C GLN KA 197 28.59 -25.72 -5.00
N HIS KA 198 29.88 -25.76 -4.68
CA HIS KA 198 30.82 -24.76 -5.17
C HIS KA 198 30.95 -24.81 -6.68
N ASP KA 199 30.97 -26.02 -7.25
CA ASP KA 199 31.19 -26.15 -8.68
C ASP KA 199 29.96 -25.73 -9.49
N GLU KA 200 28.77 -26.12 -9.04
CA GLU KA 200 27.55 -25.65 -9.69
C GLU KA 200 27.46 -24.13 -9.63
N ARG KA 201 27.83 -23.55 -8.50
CA ARG KA 201 27.78 -22.09 -8.36
C ARG KA 201 28.68 -21.40 -9.37
N LYS KA 202 29.84 -21.99 -9.65
CA LYS KA 202 30.83 -21.35 -10.51
C LYS KA 202 30.59 -21.64 -11.98
N LEU KA 203 29.98 -22.77 -12.32
CA LEU KA 203 29.63 -23.05 -13.71
C LEU KA 203 28.43 -22.22 -14.14
N ILE KA 204 27.44 -22.09 -13.27
CA ILE KA 204 26.30 -21.24 -13.57
C ILE KA 204 26.70 -19.77 -13.52
N GLY KA 205 27.62 -19.41 -12.64
CA GLY KA 205 28.13 -18.06 -12.61
C GLY KA 205 28.86 -17.69 -13.90
N LEU KA 206 29.61 -18.63 -14.45
CA LEU KA 206 30.31 -18.37 -15.70
C LEU KA 206 29.33 -18.05 -16.82
N LYS KA 207 28.25 -18.82 -16.92
CA LYS KA 207 27.25 -18.59 -17.95
C LYS KA 207 26.50 -17.29 -17.73
N MET KA 208 26.32 -16.89 -16.47
CA MET KA 208 25.63 -15.63 -16.17
C MET KA 208 26.53 -14.44 -16.46
N SER KA 209 27.79 -14.50 -16.05
CA SER KA 209 28.69 -13.36 -16.21
C SER KA 209 28.93 -13.07 -17.68
N THR KA 210 29.18 -14.10 -18.48
CA THR KA 210 29.43 -13.90 -19.89
C THR KA 210 28.19 -13.37 -20.59
N ALA KA 211 27.02 -13.92 -20.26
CA ALA KA 211 25.78 -13.42 -20.84
C ALA KA 211 25.54 -11.98 -20.46
N ALA KA 212 25.85 -11.61 -19.22
CA ALA KA 212 25.65 -10.24 -18.78
C ALA KA 212 26.49 -9.25 -19.59
N LEU KA 213 27.66 -9.67 -20.03
CA LEU KA 213 28.48 -8.80 -20.87
C LEU KA 213 27.80 -8.53 -22.21
N VAL KA 214 27.26 -9.58 -22.84
CA VAL KA 214 26.53 -9.38 -24.09
C VAL KA 214 25.33 -8.47 -23.84
N TRP KA 215 24.68 -8.64 -22.70
CA TRP KA 215 23.54 -7.81 -22.34
C TRP KA 215 23.95 -6.35 -22.22
N LEU KA 216 25.11 -6.10 -21.59
CA LEU KA 216 25.59 -4.74 -21.46
C LEU KA 216 25.77 -4.08 -22.82
N PHE KA 217 26.27 -4.83 -23.79
CA PHE KA 217 26.50 -4.27 -25.12
C PHE KA 217 25.19 -3.93 -25.83
N SER KA 218 24.14 -4.70 -25.59
CA SER KA 218 22.87 -4.40 -26.24
C SER KA 218 22.24 -3.14 -25.65
N ILE KA 219 22.21 -3.02 -24.33
CA ILE KA 219 21.62 -1.85 -23.71
C ILE KA 219 22.46 -0.61 -23.99
N SER KA 220 23.75 -0.79 -24.25
CA SER KA 220 24.61 0.35 -24.57
C SER KA 220 24.32 0.89 -25.96
N VAL KA 221 24.20 0.00 -26.95
CA VAL KA 221 23.84 0.43 -28.29
C VAL KA 221 22.49 1.13 -28.28
N TRP KA 222 21.56 0.60 -27.50
CA TRP KA 222 20.24 1.23 -27.36
C TRP KA 222 20.36 2.61 -26.74
N ASN KA 223 21.10 2.72 -25.64
CA ASN KA 223 21.30 4.01 -24.99
C ASN KA 223 21.93 5.00 -25.94
N ARG KA 224 22.99 4.58 -26.64
CA ARG KA 224 23.66 5.48 -27.59
C ARG KA 224 22.70 5.93 -28.68
N HIS KA 225 21.80 5.05 -29.11
CA HIS KA 225 20.88 5.39 -30.20
C HIS KA 225 19.90 6.47 -29.78
N VAL KA 226 19.11 6.21 -28.72
CA VAL KA 226 18.03 7.13 -28.39
C VAL KA 226 18.58 8.49 -27.96
N TRP KA 227 19.72 8.51 -27.30
CA TRP KA 227 20.28 9.77 -26.82
C TRP KA 227 20.99 10.57 -27.90
N THR KA 228 21.22 9.98 -29.08
CA THR KA 228 21.72 10.77 -30.20
C THR KA 228 20.72 11.86 -30.56
N MET KA 229 19.43 11.52 -30.55
CA MET KA 229 18.39 12.51 -30.79
C MET KA 229 18.61 13.75 -29.95
N ILE KA 230 18.99 13.57 -28.68
CA ILE KA 230 19.09 14.67 -27.73
C ILE KA 230 20.45 15.37 -27.84
N LYS KA 231 21.52 14.61 -27.93
CA LYS KA 231 22.87 15.15 -27.81
C LYS KA 231 23.38 15.80 -29.09
N THR KA 232 22.61 15.80 -30.17
CA THR KA 232 23.03 16.42 -31.42
C THR KA 232 22.05 17.50 -31.89
N ARG KA 233 21.05 17.83 -31.09
CA ARG KA 233 20.12 18.88 -31.45
C ARG KA 233 20.82 20.23 -31.49
N ARG KA 234 20.25 21.13 -32.27
CA ARG KA 234 20.77 22.49 -32.42
C ARG KA 234 19.62 23.46 -32.17
N ILE KA 235 19.75 24.27 -31.12
CA ILE KA 235 18.78 25.31 -30.79
C ILE KA 235 19.39 26.65 -31.17
N ASP KA 236 18.69 27.40 -32.01
CA ASP KA 236 19.15 28.68 -32.49
C ASP KA 236 18.20 29.77 -32.04
N PHE KA 237 18.73 30.98 -31.90
CA PHE KA 237 17.94 32.13 -31.46
C PHE KA 237 17.87 33.23 -32.52
N THR KA 238 19.02 33.70 -32.99
CA THR KA 238 19.08 34.70 -34.05
C THR KA 238 19.72 34.14 -35.31
N LYS KA 239 19.81 32.82 -35.41
CA LYS KA 239 20.56 32.16 -36.46
C LYS KA 239 19.72 31.02 -37.01
N THR KA 240 20.02 30.63 -38.25
CA THR KA 240 19.36 29.47 -38.82
C THR KA 240 20.32 28.77 -39.77
N VAL KA 241 20.51 27.47 -39.55
CA VAL KA 241 21.37 26.64 -40.39
C VAL KA 241 20.65 25.33 -40.67
N TYR KA 242 20.60 24.93 -41.93
CA TYR KA 242 19.92 23.69 -42.30
C TYR KA 242 20.92 22.66 -42.82
N PRO LA 1 6.71 22.29 -8.62
CA PRO LA 1 6.56 22.81 -9.99
C PRO LA 1 7.41 24.05 -10.25
N ASN LA 2 7.39 24.54 -11.48
CA ASN LA 2 8.14 25.73 -11.85
C ASN LA 2 7.43 26.96 -11.30
N THR LA 3 8.04 28.12 -11.53
CA THR LA 3 7.46 29.39 -11.07
C THR LA 3 6.04 29.52 -11.60
N LYS LA 4 5.22 30.34 -10.95
CA LYS LA 4 3.82 30.47 -11.36
C LYS LA 4 3.71 31.17 -12.71
N ARG LA 5 4.70 31.99 -13.07
CA ARG LA 5 4.71 32.60 -14.39
C ARG LA 5 5.10 31.58 -15.47
N ASP LA 6 6.00 30.66 -15.13
CA ASP LA 6 6.42 29.64 -16.08
C ASP LA 6 5.30 28.64 -16.34
N ILE LA 7 4.59 28.22 -15.30
CA ILE LA 7 3.55 27.20 -15.45
C ILE LA 7 2.22 27.78 -15.89
N ARG LA 8 2.12 29.10 -15.98
CA ARG LA 8 0.90 29.71 -16.50
C ARG LA 8 0.72 29.34 -17.96
N ARG LA 9 -0.45 28.84 -18.30
CA ARG LA 9 -0.70 28.26 -19.62
C ARG LA 9 -1.49 29.24 -20.49
N LEU LA 10 -1.08 29.33 -21.75
CA LEU LA 10 -1.78 30.18 -22.71
C LEU LA 10 -3.07 29.55 -23.18
N GLY LA 11 -3.10 28.23 -23.34
CA GLY LA 11 -4.27 27.57 -23.86
C GLY LA 11 -5.33 27.32 -22.81
N SER LA 12 -6.58 27.22 -23.27
CA SER LA 12 -7.72 26.98 -22.40
C SER LA 12 -8.15 25.52 -22.40
N TYR LA 13 -7.47 24.67 -23.14
CA TYR LA 13 -7.77 23.25 -23.15
C TYR LA 13 -7.34 22.63 -21.82
N PRO LA 14 -8.17 21.80 -21.18
CA PRO LA 14 -7.82 21.30 -19.86
C PRO LA 14 -6.59 20.41 -19.89
N VAL LA 15 -5.84 20.44 -18.79
CA VAL LA 15 -4.63 19.63 -18.65
C VAL LA 15 -5.05 18.17 -18.55
N PRO LA 16 -4.55 17.30 -19.40
CA PRO LA 16 -4.90 15.88 -19.30
C PRO LA 16 -4.43 15.32 -17.97
N PRO LA 17 -5.20 14.40 -17.37
CA PRO LA 17 -4.81 13.84 -16.08
C PRO LA 17 -3.46 13.13 -16.10
N GLU LA 18 -3.09 12.53 -17.22
CA GLU LA 18 -1.82 11.82 -17.30
C GLU LA 18 -0.63 12.76 -17.56
N SER LA 19 -0.89 14.05 -17.77
CA SER LA 19 0.16 15.00 -18.10
C SER LA 19 0.25 16.11 -17.07
N LYS LA 20 -0.18 15.82 -15.83
CA LYS LA 20 -0.13 16.82 -14.77
C LYS LA 20 1.30 17.25 -14.48
N ASN LA 21 2.18 16.28 -14.23
CA ASN LA 21 3.57 16.62 -13.95
C ASN LA 21 4.24 17.27 -15.14
N PHE LA 22 3.88 16.85 -16.36
CA PHE LA 22 4.48 17.42 -17.55
C PHE LA 22 4.22 18.92 -17.64
N TRP LA 23 2.99 19.33 -17.36
CA TRP LA 23 2.61 20.73 -17.50
C TRP LA 23 2.93 21.56 -16.27
N ARG LA 24 3.30 20.94 -15.16
CA ARG LA 24 3.86 21.64 -14.02
C ARG LA 24 5.34 21.95 -14.21
N GLY LA 25 5.94 21.49 -15.30
CA GLY LA 25 7.32 21.79 -15.63
C GLY LA 25 7.43 22.64 -16.87
N ARG LA 26 6.35 23.33 -17.21
CA ARG LA 26 6.33 24.21 -18.36
C ARG LA 26 7.18 25.46 -18.11
N PHE LA 27 7.79 25.97 -19.17
CA PHE LA 27 8.55 27.21 -19.13
C PHE LA 27 7.98 28.17 -20.15
N GLN LA 28 7.89 29.44 -19.78
CA GLN LA 28 7.49 30.50 -20.70
C GLN LA 28 8.73 30.95 -21.48
N VAL LA 29 8.86 30.48 -22.72
CA VAL LA 29 10.05 30.74 -23.51
C VAL LA 29 10.08 32.22 -23.91
N PRO LA 30 11.11 32.97 -23.52
CA PRO LA 30 11.19 34.38 -23.91
C PRO LA 30 11.96 34.57 -25.20
N GLY LA 31 11.36 35.29 -26.15
CA GLY LA 31 12.02 35.62 -27.39
C GLY LA 31 11.98 34.55 -28.46
N GLY LA 32 11.63 33.32 -28.10
CA GLY LA 32 11.53 32.25 -29.06
C GLY LA 32 12.81 31.47 -29.22
N GLN LA 33 12.68 30.29 -29.83
CA GLN LA 33 13.82 29.43 -30.11
C GLN LA 33 13.50 28.62 -31.36
N ILE LA 34 14.56 28.16 -32.03
CA ILE LA 34 14.44 27.36 -33.25
C ILE LA 34 15.19 26.06 -32.97
N GLN LA 35 14.46 25.05 -32.50
CA GLN LA 35 15.05 23.77 -32.15
C GLN LA 35 15.05 22.85 -33.36
N GLN LA 36 16.20 22.19 -33.59
CA GLN LA 36 16.38 21.29 -34.71
C GLN LA 36 17.03 20.00 -34.24
N GLY LA 37 16.86 18.96 -35.05
CA GLY LA 37 17.40 17.67 -34.72
C GLY LA 37 17.14 16.69 -35.85
N VAL LA 38 17.77 15.54 -35.74
CA VAL LA 38 17.68 14.47 -36.74
C VAL LA 38 17.47 13.15 -36.02
N SER LA 39 16.71 12.26 -36.64
CA SER LA 39 16.41 10.99 -36.02
C SER LA 39 17.70 10.20 -35.81
N PRO LA 40 17.81 9.44 -34.71
CA PRO LA 40 19.01 8.62 -34.52
C PRO LA 40 19.18 7.55 -35.57
N MET LA 41 18.12 7.20 -36.30
CA MET LA 41 18.22 6.22 -37.36
C MET LA 41 19.01 6.72 -38.56
N GLN LA 42 19.23 8.03 -38.66
CA GLN LA 42 19.97 8.62 -39.77
C GLN LA 42 21.23 9.33 -39.31
N GLN LA 43 21.82 8.87 -38.21
CA GLN LA 43 22.98 9.52 -37.62
C GLN LA 43 23.97 8.48 -37.13
N LYS LA 44 25.20 8.92 -36.91
CA LYS LA 44 26.20 8.12 -36.22
C LYS LA 44 25.92 8.20 -34.73
N ILE LA 45 25.76 7.04 -34.08
CA ILE LA 45 25.29 7.02 -32.69
C ILE LA 45 26.41 6.84 -31.69
N PHE LA 46 27.62 6.47 -32.12
CA PHE LA 46 28.74 6.29 -31.21
C PHE LA 46 29.88 7.28 -31.43
N PHE LA 47 29.89 8.03 -32.53
CA PHE LA 47 31.02 8.90 -32.83
C PHE LA 47 31.20 9.97 -31.76
N GLN LA 48 30.12 10.61 -31.34
CA GLN LA 48 30.24 11.73 -30.42
C GLN LA 48 30.93 11.33 -29.12
N TRP LA 49 30.76 10.08 -28.68
CA TRP LA 49 31.45 9.61 -27.49
C TRP LA 49 32.96 9.68 -27.70
N TRP LA 50 33.42 9.36 -28.89
CA TRP LA 50 34.84 9.41 -29.22
C TRP LA 50 35.30 10.85 -29.44
N TRP LA 51 34.48 11.65 -30.11
CA TRP LA 51 34.85 13.03 -30.41
C TRP LA 51 35.05 13.84 -29.13
N ASN LA 52 34.20 13.63 -28.14
CA ASN LA 52 34.25 14.34 -26.87
C ASN LA 52 35.13 13.66 -25.84
N LEU LA 53 35.72 12.51 -26.18
CA LEU LA 53 36.49 11.74 -25.20
C LEU LA 53 37.64 12.52 -24.60
N PRO LA 54 38.55 13.12 -25.39
CA PRO LA 54 39.68 13.80 -24.75
C PRO LA 54 39.26 14.98 -23.88
N THR LA 55 38.39 15.86 -24.37
CA THR LA 55 38.01 17.03 -23.60
C THR LA 55 37.27 16.64 -22.34
N ARG LA 56 36.43 15.60 -22.41
CA ARG LA 56 35.68 15.15 -21.24
C ARG LA 56 36.63 14.77 -20.11
N TYR LA 57 37.67 14.01 -20.44
CA TYR LA 57 38.58 13.52 -19.42
C TYR LA 57 39.59 14.57 -18.99
N PHE LA 58 39.92 15.54 -19.86
CA PHE LA 58 40.78 16.65 -19.44
C PHE LA 58 40.09 17.51 -18.41
N TRP LA 59 38.87 17.94 -18.70
CA TRP LA 59 38.14 18.83 -17.82
C TRP LA 59 37.69 18.13 -16.55
N ARG LA 60 37.71 16.81 -16.54
CA ARG LA 60 37.39 16.05 -15.35
C ARG LA 60 38.59 15.94 -14.43
N PHE LA 61 39.76 15.67 -14.99
CA PHE LA 61 40.97 15.54 -14.21
C PHE LA 61 41.47 16.88 -13.70
N THR LA 62 41.20 17.97 -14.43
CA THR LA 62 41.60 19.29 -13.95
C THR LA 62 40.76 19.72 -12.75
N LYS LA 63 39.49 19.33 -12.71
CA LYS LA 63 38.65 19.64 -11.56
C LYS LA 63 38.98 18.74 -10.38
N TRP LA 64 39.23 17.46 -10.64
CA TRP LA 64 39.54 16.52 -9.57
C TRP LA 64 40.92 16.76 -8.98
N SER LA 65 41.77 17.55 -9.64
CA SER LA 65 43.07 17.89 -9.11
C SER LA 65 42.98 18.88 -7.95
N ASP LA 66 41.80 19.51 -7.78
CA ASP LA 66 41.58 20.41 -6.66
C ASP LA 66 41.73 19.69 -5.34
N PHE LA 67 41.47 18.39 -5.31
CA PHE LA 67 41.46 17.61 -4.10
C PHE LA 67 42.83 16.99 -3.80
N LEU LA 68 43.83 17.27 -4.64
CA LEU LA 68 45.15 16.68 -4.48
C LEU LA 68 45.75 17.00 -3.12
N ILE LA 69 45.86 18.30 -2.81
CA ILE LA 69 46.46 18.76 -1.53
C ILE LA 69 45.68 18.14 -0.37
N PRO LA 70 44.33 18.22 -0.30
CA PRO LA 70 43.57 17.53 0.74
C PRO LA 70 43.93 16.07 0.81
N SER LA 71 44.06 15.40 -0.35
CA SER LA 71 44.32 13.97 -0.38
C SER LA 71 45.68 13.66 0.23
N LEU LA 72 46.67 14.54 0.00
CA LEU LA 72 48.03 14.27 0.45
C LEU LA 72 48.15 14.44 1.97
N MET LA 73 47.46 15.45 2.51
CA MET LA 73 47.45 15.65 3.95
C MET LA 73 46.84 14.47 4.67
N TRP LA 74 45.78 13.87 4.08
CA TRP LA 74 45.09 12.75 4.68
C TRP LA 74 45.95 11.48 4.62
N TYR LA 75 46.69 11.30 3.54
CA TYR LA 75 47.57 10.14 3.39
C TYR LA 75 48.79 10.26 4.31
N THR LA 76 49.32 11.47 4.46
CA THR LA 76 50.38 11.70 5.42
C THR LA 76 49.93 11.31 6.82
N GLY LA 77 48.70 11.68 7.17
CA GLY LA 77 48.17 11.31 8.47
C GLY LA 77 47.97 9.81 8.61
N PHE LA 78 47.56 9.15 7.52
CA PHE LA 78 47.38 7.71 7.54
C PHE LA 78 48.70 6.99 7.78
N LEU LA 79 49.78 7.50 7.20
CA LEU LA 79 51.07 6.87 7.37
C LEU LA 79 51.61 7.13 8.76
N MET LA 80 51.42 8.34 9.27
CA MET LA 80 51.88 8.66 10.62
C MET LA 80 51.19 7.79 11.65
N CYS LA 81 49.87 7.60 11.50
CA CYS LA 81 49.14 6.77 12.43
C CYS LA 81 49.62 5.32 12.37
N LYS LA 82 49.82 4.80 11.16
CA LYS LA 82 50.24 3.41 11.02
C LYS LA 82 51.55 3.17 11.75
N ASN LA 83 52.52 4.06 11.52
CA ASN LA 83 53.82 3.90 12.15
C ASN LA 83 53.73 4.09 13.65
N ASP LA 84 52.88 5.03 14.10
CA ASP LA 84 52.72 5.24 15.54
C ASP LA 84 52.14 4.00 16.21
N VAL LA 85 51.19 3.34 15.54
CA VAL LA 85 50.61 2.12 16.10
C VAL LA 85 51.68 1.05 16.23
N GLU LA 86 52.50 0.89 15.20
CA GLU LA 86 53.52 -0.16 15.22
C GLU LA 86 54.56 0.09 16.30
N GLU LA 87 55.04 1.32 16.41
CA GLU LA 87 56.07 1.61 17.40
C GLU LA 87 55.51 1.46 18.82
N GLY LA 88 54.22 1.81 18.99
CA GLY LA 88 53.58 1.70 20.29
C GLY LA 88 53.39 0.26 20.71
N THR LA 89 53.07 -0.62 19.75
CA THR LA 89 52.92 -2.03 20.07
C THR LA 89 54.26 -2.65 20.41
N ARG LA 90 55.31 -2.27 19.66
CA ARG LA 90 56.66 -2.79 19.91
C ARG LA 90 57.23 -2.27 21.22
N SER LA 91 56.69 -1.16 21.73
CA SER LA 91 57.19 -0.54 22.96
C SER LA 91 56.45 -1.15 24.17
N ARG LA 92 55.12 -1.28 24.06
CA ARG LA 92 54.36 -1.85 25.15
C ARG LA 92 54.79 -3.30 25.39
N TYR LA 93 54.93 -4.07 24.30
CA TYR LA 93 55.35 -5.48 24.30
C TYR LA 93 56.69 -5.50 23.58
N TRP LA 94 57.13 -6.68 23.08
CA TRP LA 94 58.38 -6.78 22.35
C TRP LA 94 59.58 -6.37 23.21
N TYR LA 95 60.11 -7.33 24.00
CA TYR LA 95 61.33 -7.09 24.80
C TYR LA 95 62.55 -6.97 23.88
N SER MA 1 47.03 23.26 -21.99
CA SER MA 1 47.94 23.67 -20.93
C SER MA 1 47.16 24.34 -19.80
N GLY MA 2 47.88 24.90 -18.84
CA GLY MA 2 47.23 25.50 -17.70
C GLY MA 2 46.54 24.49 -16.80
N PHE MA 3 46.85 23.21 -16.95
CA PHE MA 3 46.19 22.18 -16.18
C PHE MA 3 46.34 22.44 -14.69
N GLY MA 4 45.24 22.28 -13.96
CA GLY MA 4 45.24 22.46 -12.53
C GLY MA 4 45.12 23.89 -12.05
N THR MA 5 44.76 24.81 -12.92
CA THR MA 5 44.62 26.21 -12.56
C THR MA 5 43.32 26.76 -13.15
N SER MA 6 43.02 28.02 -12.80
CA SER MA 6 41.90 28.72 -13.40
C SER MA 6 42.14 29.07 -14.85
N TYR MA 7 43.37 28.92 -15.33
CA TYR MA 7 43.75 29.20 -16.70
C TYR MA 7 43.70 27.95 -17.57
N ALA MA 8 43.22 26.85 -17.02
CA ALA MA 8 43.16 25.59 -17.75
C ALA MA 8 42.39 25.77 -19.06
N HIS MA 9 42.97 25.25 -20.14
CA HIS MA 9 42.35 25.30 -21.45
C HIS MA 9 42.73 24.05 -22.22
N ASP MA 10 41.93 23.72 -23.22
CA ASP MA 10 42.16 22.52 -24.00
C ASP MA 10 43.49 22.63 -24.74
N PRO MA 11 44.36 21.62 -24.67
CA PRO MA 11 45.60 21.65 -25.45
C PRO MA 11 45.32 21.64 -26.93
N LYS MA 12 46.38 21.94 -27.70
CA LYS MA 12 46.25 21.99 -29.14
C LYS MA 12 45.83 20.63 -29.70
N TRP MA 13 46.32 19.54 -29.09
CA TRP MA 13 45.99 18.22 -29.63
C TRP MA 13 44.54 17.84 -29.36
N ILE MA 14 43.99 18.29 -28.24
CA ILE MA 14 42.56 18.09 -28.01
C ILE MA 14 41.74 18.93 -28.98
N GLU MA 15 42.24 20.11 -29.33
CA GLU MA 15 41.52 20.98 -30.25
C GLU MA 15 41.60 20.46 -31.68
N ASP MA 16 42.77 19.97 -32.10
CA ASP MA 16 42.87 19.33 -33.40
C ASP MA 16 41.98 18.10 -33.47
N TRP MA 17 41.91 17.34 -32.37
CA TRP MA 17 41.04 16.18 -32.30
C TRP MA 17 39.60 16.56 -32.63
N MET MA 18 39.10 17.63 -32.00
CA MET MA 18 37.72 18.04 -32.21
C MET MA 18 37.51 18.70 -33.56
N ALA MA 19 38.57 19.04 -34.28
CA ALA MA 19 38.45 19.58 -35.62
C ALA MA 19 38.21 18.51 -36.66
N ARG MA 20 38.38 17.24 -36.31
CA ARG MA 20 38.14 16.12 -37.22
C ARG MA 20 36.72 15.62 -36.99
N LYS MA 21 35.78 16.17 -37.76
CA LYS MA 21 34.37 15.82 -37.60
C LYS MA 21 33.98 14.60 -38.41
N ARG MA 22 34.83 14.13 -39.31
CA ARG MA 22 34.58 12.93 -40.11
C ARG MA 22 33.30 13.05 -40.94
N VAL MA 23 32.93 14.28 -41.31
CA VAL MA 23 31.68 14.50 -42.03
C VAL MA 23 31.74 13.82 -43.40
N GLY MA 24 30.68 13.08 -43.72
CA GLY MA 24 30.57 12.40 -44.98
C GLY MA 24 31.19 11.03 -45.01
N VAL MA 25 32.04 10.72 -44.04
CA VAL MA 25 32.71 9.43 -43.97
C VAL MA 25 31.81 8.43 -43.26
N ASP MA 26 31.75 7.22 -43.81
CA ASP MA 26 31.00 6.14 -43.19
C ASP MA 26 31.76 4.84 -43.49
N ARG MA 27 32.55 4.38 -42.52
CA ARG MA 27 33.47 3.27 -42.71
C ARG MA 27 32.92 1.96 -42.19
N MET MA 28 31.72 1.98 -41.62
CA MET MA 28 31.10 0.82 -41.03
C MET MA 28 29.78 0.49 -41.71
N ASP MA 29 29.52 1.09 -42.87
CA ASP MA 29 28.28 0.85 -43.59
C ASP MA 29 28.20 -0.55 -44.14
N TRP MA 30 29.35 -1.12 -44.51
CA TRP MA 30 29.38 -2.48 -45.03
C TRP MA 30 28.70 -3.46 -44.08
N PHE MA 31 28.86 -3.24 -42.78
CA PHE MA 31 28.27 -4.16 -41.79
C PHE MA 31 26.76 -4.07 -41.80
N PHE MA 32 26.21 -2.88 -41.97
CA PHE MA 32 24.77 -2.70 -41.93
C PHE MA 32 24.12 -3.25 -43.21
N ARG MA 33 24.73 -2.99 -44.37
CA ARG MA 33 24.24 -3.59 -45.61
C ARG MA 33 24.18 -5.10 -45.50
N ALA MA 34 25.23 -5.70 -44.97
CA ALA MA 34 25.30 -7.16 -44.86
C ALA MA 34 24.27 -7.68 -43.88
N PHE MA 35 24.11 -7.01 -42.74
CA PHE MA 35 23.10 -7.43 -41.78
C PHE MA 35 21.70 -7.32 -42.35
N ASN MA 36 21.46 -6.32 -43.20
CA ASN MA 36 20.14 -6.12 -43.79
C ASN MA 36 19.80 -7.19 -44.81
N ARG MA 37 20.82 -7.86 -45.37
CA ARG MA 37 20.57 -8.94 -46.31
C ARG MA 37 20.08 -10.20 -45.63
N LEU MA 38 20.11 -10.25 -44.30
CA LEU MA 38 19.55 -11.37 -43.56
C LEU MA 38 18.04 -11.28 -43.43
N ARG MA 39 17.43 -10.15 -43.79
CA ARG MA 39 15.98 -9.99 -43.81
C ARG MA 39 15.34 -10.26 -42.45
N LEU MA 40 16.06 -9.96 -41.37
CA LEU MA 40 15.50 -10.14 -40.05
C LEU MA 40 14.39 -9.13 -39.77
N TYR MA 41 14.50 -7.92 -40.32
CA TYR MA 41 13.48 -6.91 -40.08
C TYR MA 41 12.19 -7.26 -40.80
N GLU MA 42 12.28 -7.61 -42.08
CA GLU MA 42 11.08 -7.91 -42.85
C GLU MA 42 10.40 -9.19 -42.39
N LEU MA 43 11.13 -10.07 -41.71
CA LEU MA 43 10.60 -11.37 -41.33
C LEU MA 43 10.16 -11.43 -39.88
N PHE MA 44 10.93 -10.82 -38.96
CA PHE MA 44 10.65 -10.94 -37.55
C PHE MA 44 10.36 -9.60 -36.87
N PHE MA 45 11.26 -8.63 -37.01
CA PHE MA 45 11.20 -7.45 -36.14
C PHE MA 45 9.97 -6.60 -36.42
N LYS MA 46 9.61 -6.43 -37.69
CA LYS MA 46 8.60 -5.43 -38.03
C LYS MA 46 7.28 -5.69 -37.32
N SER MA 47 6.85 -6.95 -37.25
CA SER MA 47 5.60 -7.29 -36.62
C SER MA 47 5.82 -7.59 -35.14
N THR MA 48 5.00 -6.98 -34.30
CA THR MA 48 5.16 -7.18 -32.85
C THR MA 48 5.04 -8.63 -32.44
N PRO MA 49 4.03 -9.39 -32.85
CA PRO MA 49 3.99 -10.81 -32.43
C PRO MA 49 5.22 -11.58 -32.87
N ARG MA 50 5.76 -11.27 -34.04
CA ARG MA 50 6.94 -11.96 -34.52
C ARG MA 50 8.20 -11.50 -33.80
N PHE MA 51 8.25 -10.22 -33.41
CA PHE MA 51 9.35 -9.71 -32.60
C PHE MA 51 9.38 -10.39 -31.24
N TYR MA 52 8.19 -10.60 -30.65
CA TYR MA 52 8.10 -11.34 -29.39
C TYR MA 52 8.57 -12.77 -29.57
N ALA MA 53 8.23 -13.39 -30.71
CA ALA MA 53 8.61 -14.77 -30.96
C ALA MA 53 10.10 -14.92 -31.19
N PHE MA 54 10.74 -13.88 -31.74
CA PHE MA 54 12.19 -13.90 -31.90
C PHE MA 54 12.88 -13.83 -30.55
N MET MA 55 12.37 -13.00 -29.64
CA MET MA 55 12.98 -12.88 -28.33
C MET MA 55 12.78 -14.16 -27.51
N VAL MA 56 11.61 -14.80 -27.66
CA VAL MA 56 11.32 -16.01 -26.91
C VAL MA 56 12.09 -17.19 -27.49
N ILE MA 57 11.87 -17.48 -28.77
CA ILE MA 57 12.51 -18.63 -29.40
C ILE MA 57 14.02 -18.43 -29.45
N GLY MA 58 14.46 -17.22 -29.75
CA GLY MA 58 15.88 -16.94 -29.74
C GLY MA 58 16.49 -16.99 -28.37
N GLY MA 59 15.69 -16.74 -27.33
CA GLY MA 59 16.19 -16.85 -25.97
C GLY MA 59 16.18 -18.28 -25.46
N LEU MA 60 15.29 -19.10 -25.99
CA LEU MA 60 15.28 -20.52 -25.65
C LEU MA 60 16.50 -21.21 -26.24
N LEU MA 61 16.76 -21.00 -27.53
CA LEU MA 61 17.86 -21.66 -28.20
C LEU MA 61 19.19 -21.03 -27.83
N GLY MA 62 19.22 -19.70 -27.65
CA GLY MA 62 20.43 -19.05 -27.22
C GLY MA 62 20.87 -19.49 -25.83
N SER MA 63 19.92 -19.58 -24.90
CA SER MA 63 20.25 -19.99 -23.55
C SER MA 63 20.84 -21.40 -23.52
N TYR MA 64 20.23 -22.32 -24.27
CA TYR MA 64 20.70 -23.70 -24.24
C TYR MA 64 22.11 -23.82 -24.79
N TYR MA 65 22.37 -23.21 -25.94
CA TYR MA 65 23.68 -23.38 -26.57
C TYR MA 65 24.76 -22.57 -25.87
N TRP MA 66 24.40 -21.43 -25.31
CA TRP MA 66 25.35 -20.70 -24.46
C TRP MA 66 25.81 -21.56 -23.31
N SER MA 67 24.86 -22.24 -22.65
CA SER MA 67 25.22 -23.17 -21.60
C SER MA 67 26.10 -24.29 -22.13
N ARG MA 68 25.74 -24.82 -23.29
CA ARG MA 68 26.51 -25.90 -23.89
C ARG MA 68 27.96 -25.49 -24.12
N PHE MA 69 28.15 -24.30 -24.66
CA PHE MA 69 29.49 -23.82 -24.97
C PHE MA 69 30.33 -23.69 -23.71
N TRP MA 70 29.79 -23.05 -22.69
CA TRP MA 70 30.56 -22.80 -21.48
C TRP MA 70 30.72 -24.05 -20.63
N GLU MA 71 29.87 -25.05 -20.83
CA GLU MA 71 30.10 -26.36 -20.22
C GLU MA 71 31.33 -27.04 -20.83
N GLN MA 72 31.46 -26.97 -22.16
CA GLN MA 72 32.64 -27.52 -22.81
C GLN MA 72 33.89 -26.75 -22.43
N TYR MA 73 33.79 -25.43 -22.35
CA TYR MA 73 34.92 -24.63 -21.89
C TYR MA 73 35.39 -25.10 -20.53
N TRP MA 74 34.45 -25.33 -19.61
CA TRP MA 74 34.80 -25.78 -18.26
C TRP MA 74 35.39 -27.18 -18.28
N ILE MA 75 34.80 -28.08 -19.07
CA ILE MA 75 35.31 -29.46 -19.12
C ILE MA 75 36.73 -29.49 -19.62
N ARG MA 76 37.13 -28.50 -20.42
CA ARG MA 76 38.49 -28.46 -20.97
C ARG MA 76 39.48 -27.82 -20.02
N VAL MA 77 39.12 -26.68 -19.43
CA VAL MA 77 40.02 -26.03 -18.50
C VAL MA 77 40.38 -26.95 -17.35
N ASN MA 78 39.39 -27.68 -16.83
CA ASN MA 78 39.57 -28.55 -15.67
C ASN MA 78 39.80 -30.00 -16.07
N LYS MA 79 40.39 -30.25 -17.23
CA LYS MA 79 40.63 -31.63 -17.65
C LYS MA 79 41.54 -32.33 -16.65
N GLY MA 80 41.17 -33.54 -16.27
CA GLY MA 80 41.94 -34.33 -15.34
C GLY MA 80 41.67 -34.05 -13.89
N ARG MA 81 40.88 -33.02 -13.58
CA ARG MA 81 40.59 -32.62 -12.22
C ARG MA 81 39.13 -32.79 -11.86
N LEU MA 82 38.31 -33.26 -12.79
CA LEU MA 82 36.89 -33.48 -12.58
C LEU MA 82 36.64 -34.93 -12.18
N TYR MA 83 35.54 -35.16 -11.46
CA TYR MA 83 35.21 -36.51 -11.01
C TYR MA 83 35.03 -37.45 -12.20
N LYS MA 84 34.37 -36.98 -13.25
CA LYS MA 84 34.15 -37.83 -14.41
C LYS MA 84 35.45 -38.18 -15.12
N ASP MA 85 36.46 -37.34 -14.99
CA ASP MA 85 37.71 -37.51 -15.71
C ASP MA 85 38.70 -38.44 -15.00
N VAL MA 86 38.38 -38.89 -13.79
CA VAL MA 86 39.30 -39.69 -13.00
C VAL MA 86 38.55 -40.84 -12.31
N PRO MA 87 38.23 -41.92 -13.02
CA PRO MA 87 37.55 -43.05 -12.38
C PRO MA 87 38.32 -43.57 -11.17
N TYR MA 88 37.58 -43.89 -10.11
CA TYR MA 88 38.17 -44.28 -8.84
C TYR MA 88 38.54 -45.76 -8.84
N VAL MA 89 39.70 -46.08 -8.28
CA VAL MA 89 40.19 -47.44 -8.18
C VAL MA 89 39.91 -47.93 -6.76
N TYR MA 90 39.08 -48.95 -6.65
CA TYR MA 90 38.74 -49.50 -5.35
C TYR MA 90 39.97 -50.15 -4.72
N PRO MA 91 40.18 -49.95 -3.42
CA PRO MA 91 41.28 -50.65 -2.76
C PRO MA 91 41.06 -52.16 -2.77
N PRO MA 92 42.12 -52.95 -2.90
CA PRO MA 92 41.98 -54.40 -2.98
C PRO MA 92 41.52 -55.02 -1.66
N THR NA 1 -41.32 7.20 -52.11
CA THR NA 1 -40.21 7.56 -51.19
C THR NA 1 -40.13 6.61 -50.01
N LEU NA 2 -41.24 5.97 -49.66
CA LEU NA 2 -41.19 4.94 -48.64
C LEU NA 2 -40.19 3.86 -49.03
N ALA NA 3 -40.04 3.63 -50.33
CA ALA NA 3 -39.04 2.69 -50.82
C ALA NA 3 -37.65 3.09 -50.36
N VAL NA 4 -37.30 4.38 -50.49
CA VAL NA 4 -36.01 4.85 -50.00
C VAL NA 4 -35.91 4.62 -48.50
N TYR NA 5 -36.97 4.96 -47.77
CA TYR NA 5 -36.95 4.78 -46.33
C TYR NA 5 -36.81 3.32 -45.94
N HIS NA 6 -37.44 2.42 -46.70
CA HIS NA 6 -37.31 1.00 -46.42
C HIS NA 6 -35.86 0.55 -46.51
N ARG NA 7 -35.15 1.00 -47.53
CA ARG NA 7 -33.75 0.64 -47.67
C ARG NA 7 -32.92 1.27 -46.57
N LEU NA 8 -33.16 2.54 -46.27
CA LEU NA 8 -32.40 3.21 -45.21
C LEU NA 8 -32.68 2.59 -43.84
N TRP NA 9 -33.89 2.09 -43.61
CA TRP NA 9 -34.15 1.37 -42.38
C TRP NA 9 -33.44 0.01 -42.38
N GLY NA 10 -33.46 -0.68 -43.51
CA GLY NA 10 -32.94 -2.03 -43.61
C GLY NA 10 -31.44 -2.15 -43.73
N MET NA 11 -30.74 -1.05 -44.01
CA MET NA 11 -29.30 -1.13 -44.20
C MET NA 11 -28.57 -1.58 -42.94
N THR NA 12 -29.21 -1.48 -41.78
CA THR NA 12 -28.61 -1.89 -40.52
C THR NA 12 -29.31 -3.10 -39.93
N GLU NA 13 -30.06 -3.83 -40.75
CA GLU NA 13 -30.78 -5.00 -40.27
C GLU NA 13 -29.84 -6.00 -39.59
N GLN NA 14 -28.69 -6.24 -40.19
CA GLN NA 14 -27.77 -7.29 -39.73
C GLN NA 14 -26.66 -6.74 -38.83
N PHE NA 15 -27.05 -6.02 -37.77
CA PHE NA 15 -26.06 -5.47 -36.85
C PHE NA 15 -25.32 -6.56 -36.10
N ALA NA 16 -26.03 -7.60 -35.67
CA ALA NA 16 -25.41 -8.65 -34.87
C ALA NA 16 -24.36 -9.39 -35.65
N ALA NA 17 -24.57 -9.57 -36.96
CA ALA NA 17 -23.59 -10.25 -37.80
C ALA NA 17 -22.40 -9.35 -38.11
N ARG NA 18 -22.60 -8.03 -38.18
CA ARG NA 18 -21.49 -7.13 -38.41
C ARG NA 18 -20.62 -6.99 -37.17
N LYS NA 19 -21.24 -6.92 -35.99
CA LYS NA 19 -20.46 -6.81 -34.76
C LYS NA 19 -19.70 -8.10 -34.48
N LYS NA 20 -20.29 -9.25 -34.82
CA LYS NA 20 -19.58 -10.51 -34.71
C LYS NA 20 -18.37 -10.54 -35.61
N TRP NA 21 -18.51 -10.02 -36.84
CA TRP NA 21 -17.39 -9.98 -37.76
C TRP NA 21 -16.26 -9.11 -37.24
N GLY NA 22 -16.61 -7.95 -36.67
CA GLY NA 22 -15.58 -7.08 -36.13
C GLY NA 22 -14.77 -7.73 -35.04
N TRP NA 23 -15.44 -8.43 -34.12
CA TRP NA 23 -14.73 -9.10 -33.05
C TRP NA 23 -13.92 -10.28 -33.56
N ARG NA 24 -14.42 -10.98 -34.57
CA ARG NA 24 -13.63 -12.04 -35.19
C ARG NA 24 -12.37 -11.47 -35.84
N GLN NA 25 -12.48 -10.31 -36.47
CA GLN NA 25 -11.31 -9.69 -37.07
C GLN NA 25 -10.29 -9.32 -36.01
N VAL NA 26 -10.74 -8.87 -34.84
CA VAL NA 26 -9.83 -8.64 -33.72
C VAL NA 26 -9.18 -9.96 -33.30
N TYR NA 27 -10.00 -11.02 -33.18
CA TYR NA 27 -9.46 -12.31 -32.75
C TYR NA 27 -8.46 -12.84 -33.77
N HIS NA 28 -8.71 -12.62 -35.05
CA HIS NA 28 -7.77 -13.04 -36.08
C HIS NA 28 -6.42 -12.36 -35.88
N ARG NA 29 -6.44 -11.06 -35.57
CA ARG NA 29 -5.21 -10.30 -35.41
C ARG NA 29 -4.50 -10.61 -34.11
N MET NA 30 -5.11 -11.36 -33.20
CA MET NA 30 -4.42 -11.85 -32.01
C MET NA 30 -3.86 -13.24 -32.18
N LEU NA 31 -4.37 -14.00 -33.16
CA LEU NA 31 -3.86 -15.34 -33.39
C LEU NA 31 -2.35 -15.40 -33.55
N PRO NA 32 -1.69 -14.47 -34.25
CA PRO NA 32 -0.23 -14.59 -34.41
C PRO NA 32 0.53 -14.54 -33.09
N PHE NA 33 -0.08 -14.05 -32.01
CA PHE NA 33 0.61 -13.98 -30.73
C PHE NA 33 0.87 -15.35 -30.13
N GLN NA 34 0.29 -16.41 -30.70
CA GLN NA 34 0.53 -17.76 -30.21
C GLN NA 34 1.97 -18.21 -30.45
N ILE NA 35 2.58 -17.74 -31.54
CA ILE NA 35 3.91 -18.22 -31.93
C ILE NA 35 4.92 -17.93 -30.85
N ALA NA 36 4.67 -16.92 -30.01
CA ALA NA 36 5.55 -16.64 -28.89
C ALA NA 36 5.05 -17.22 -27.58
N LEU NA 37 3.73 -17.35 -27.43
CA LEU NA 37 3.17 -17.85 -26.18
C LEU NA 37 3.46 -19.33 -26.00
N TYR NA 38 3.02 -20.16 -26.95
CA TYR NA 38 3.17 -21.59 -26.78
C TYR NA 38 4.61 -22.01 -26.53
N PRO NA 39 5.60 -21.55 -27.29
CA PRO NA 39 6.98 -21.90 -26.93
C PRO NA 39 7.41 -21.38 -25.57
N SER NA 40 6.97 -20.18 -25.18
CA SER NA 40 7.37 -19.66 -23.88
C SER NA 40 6.81 -20.53 -22.76
N LEU NA 41 5.61 -21.06 -22.94
CA LEU NA 41 5.05 -21.97 -21.95
C LEU NA 41 5.91 -23.22 -21.80
N MET NA 42 6.23 -23.87 -22.91
CA MET NA 42 7.03 -25.08 -22.87
C MET NA 42 8.42 -24.82 -22.31
N TRP NA 43 8.95 -23.63 -22.57
CA TRP NA 43 10.25 -23.23 -22.03
C TRP NA 43 10.22 -23.25 -20.51
N TYR NA 44 9.17 -22.69 -19.93
CA TYR NA 44 9.01 -22.64 -18.48
C TYR NA 44 8.61 -23.99 -17.90
N LEU NA 45 7.83 -24.77 -18.64
CA LEU NA 45 7.32 -26.04 -18.16
C LEU NA 45 8.18 -27.23 -18.59
N PHE NA 46 9.34 -26.97 -19.21
CA PHE NA 46 10.18 -28.05 -19.71
C PHE NA 46 10.55 -29.03 -18.62
N GLY NA 47 11.03 -28.52 -17.49
CA GLY NA 47 11.50 -29.38 -16.42
C GLY NA 47 10.41 -30.24 -15.81
N TRP NA 48 9.14 -29.89 -16.03
CA TRP NA 48 8.05 -30.69 -15.49
C TRP NA 48 7.92 -32.02 -16.24
N PHE NA 49 8.17 -32.02 -17.54
CA PHE NA 49 7.99 -33.21 -18.35
C PHE NA 49 9.07 -34.24 -18.03
N ASP NA 50 8.77 -35.50 -18.36
CA ASP NA 50 9.71 -36.59 -18.13
C ASP NA 50 10.80 -36.56 -19.20
N ASP NA 51 11.94 -37.18 -18.87
CA ASP NA 51 13.03 -37.27 -19.84
C ASP NA 51 12.57 -37.77 -21.20
N PRO NA 52 11.80 -38.85 -21.30
CA PRO NA 52 11.35 -39.31 -22.64
C PRO NA 52 10.65 -38.26 -23.46
N TYR NA 53 9.81 -37.43 -22.84
CA TYR NA 53 9.07 -36.42 -23.59
C TYR NA 53 9.92 -35.19 -23.85
N LYS NA 54 10.87 -34.88 -22.97
CA LYS NA 54 11.80 -33.80 -23.24
C LYS NA 54 12.55 -34.03 -24.54
N GLU NA 55 12.92 -35.28 -24.81
CA GLU NA 55 13.63 -35.62 -26.03
C GLU NA 55 12.76 -35.46 -27.27
N ALA NA 56 11.52 -35.93 -27.19
CA ALA NA 56 10.60 -35.79 -28.32
C ALA NA 56 10.25 -34.33 -28.58
N MET NA 57 9.98 -33.58 -27.51
CA MET NA 57 9.61 -32.18 -27.64
C MET NA 57 10.70 -31.37 -28.32
N THR NA 58 11.95 -31.77 -28.19
CA THR NA 58 13.09 -31.08 -28.77
C THR NA 58 13.59 -31.73 -30.05
N LEU NA 59 12.93 -32.78 -30.51
CA LEU NA 59 13.36 -33.53 -31.70
C LEU NA 59 14.75 -34.13 -31.50
N GLY NA 60 14.99 -34.68 -30.31
CA GLY NA 60 16.21 -35.38 -30.02
C GLY NA 60 17.39 -34.52 -29.64
N ILE NA 61 17.27 -33.20 -29.76
CA ILE NA 61 18.41 -32.33 -29.49
C ILE NA 61 18.80 -32.38 -28.02
N TRP NA 62 17.83 -32.56 -27.13
CA TRP NA 62 18.09 -32.72 -25.71
C TRP NA 62 17.99 -34.19 -25.34
N ASN NA 63 18.92 -34.64 -24.51
CA ASN NA 63 18.89 -36.00 -23.97
C ASN NA 63 19.63 -35.99 -22.64
N VAL NA 64 19.74 -37.18 -22.03
CA VAL NA 64 20.37 -37.27 -20.73
C VAL NA 64 21.82 -36.83 -20.79
N SER NA 65 22.50 -37.09 -21.91
CA SER NA 65 23.88 -36.67 -22.04
C SER NA 65 24.03 -35.15 -22.01
N LYS NA 66 22.94 -34.43 -22.27
CA LYS NA 66 22.97 -32.98 -22.30
C LYS NA 66 22.71 -32.35 -20.94
N ARG NA 67 22.39 -33.14 -19.92
CA ARG NA 67 22.26 -32.61 -18.58
C ARG NA 67 23.61 -32.08 -18.11
N SER NA 68 23.57 -30.97 -17.38
CA SER NA 68 24.80 -30.28 -16.99
C SER NA 68 25.76 -31.21 -16.27
N LEU NA 69 27.05 -30.89 -16.35
CA LEU NA 69 28.06 -31.65 -15.63
C LEU NA 69 27.72 -31.71 -14.15
N TYR NA 70 27.16 -30.64 -13.61
CA TYR NA 70 26.72 -30.57 -12.22
C TYR NA 70 25.20 -30.44 -12.22
N PHE NA 71 24.54 -31.59 -12.34
CA PHE NA 71 23.08 -31.66 -12.38
C PHE NA 71 22.50 -31.30 -11.03
N TRP NA 72 21.27 -30.77 -11.04
CA TRP NA 72 20.68 -30.30 -9.79
C TRP NA 72 20.54 -31.43 -8.77
N ASP NA 73 20.39 -32.67 -9.24
CA ASP NA 73 20.49 -33.83 -8.36
C ASP NA 73 21.90 -34.37 -8.47
N PRO NA 74 22.76 -34.15 -7.46
CA PRO NA 74 24.17 -34.53 -7.63
C PRO NA 74 24.38 -36.01 -7.93
N LEU NA 75 23.56 -36.88 -7.38
CA LEU NA 75 23.76 -38.31 -7.57
C LEU NA 75 23.40 -38.78 -8.96
N ARG NA 76 22.81 -37.92 -9.80
CA ARG NA 76 22.39 -38.30 -11.14
C ARG NA 76 23.11 -37.52 -12.22
N SER NA 77 24.20 -36.84 -11.90
CA SER NA 77 25.01 -36.21 -12.93
C SER NA 77 25.69 -37.28 -13.76
N GLY NA 78 25.65 -37.13 -15.08
CA GLY NA 78 26.22 -38.12 -15.95
C GLY NA 78 25.38 -39.36 -16.13
N GLY NA 79 24.12 -39.33 -15.73
CA GLY NA 79 23.21 -40.45 -15.89
C GLY NA 79 22.52 -40.79 -14.58
N ASP NA 80 21.50 -41.64 -14.71
CA ASP NA 80 20.73 -42.04 -13.55
C ASP NA 80 21.56 -42.89 -12.59
N LYS NA 81 22.55 -43.60 -13.11
CA LYS NA 81 23.41 -44.45 -12.29
C LYS NA 81 24.76 -43.79 -12.02
N GLY NA 82 24.89 -42.50 -12.29
CA GLY NA 82 26.14 -41.82 -12.09
C GLY NA 82 27.08 -42.02 -13.25
N TRP NA 83 28.29 -41.45 -13.09
CA TRP NA 83 29.27 -41.54 -14.16
C TRP NA 83 29.76 -42.97 -14.35
N TYR NA 84 30.07 -43.64 -13.25
CA TYR NA 84 30.56 -45.01 -13.34
C TYR NA 84 30.22 -45.81 -12.07
N PHE OA 1 -4.62 2.87 -11.74
CA PHE OA 1 -3.21 3.24 -11.53
C PHE OA 1 -2.44 3.41 -12.84
N ILE OA 2 -3.03 2.98 -13.96
CA ILE OA 2 -2.31 3.07 -15.23
C ILE OA 2 -2.05 4.52 -15.59
N LEU OA 3 -3.05 5.39 -15.38
CA LEU OA 3 -2.86 6.81 -15.62
C LEU OA 3 -1.80 7.39 -14.71
N ILE OA 4 -1.78 6.95 -13.45
CA ILE OA 4 -0.74 7.39 -12.52
C ILE OA 4 0.63 6.98 -13.05
N ILE OA 5 0.75 5.73 -13.50
CA ILE OA 5 2.02 5.25 -14.05
C ILE OA 5 2.44 6.08 -15.25
N LYS OA 6 1.48 6.39 -16.13
CA LYS OA 6 1.79 7.18 -17.32
C LYS OA 6 2.24 8.58 -16.94
N ASP OA 7 1.67 9.14 -15.88
CA ASP OA 7 2.02 10.49 -15.45
C ASP OA 7 3.38 10.53 -14.76
N ASN OA 8 3.80 9.42 -14.17
CA ASN OA 8 5.03 9.38 -13.38
C ASN OA 8 6.16 8.59 -14.04
N ILE OA 9 5.91 7.95 -15.18
CA ILE OA 9 6.95 7.18 -15.86
C ILE OA 9 7.04 7.52 -17.34
N ILE OA 10 5.91 7.66 -18.01
CA ILE OA 10 5.89 7.80 -19.48
C ILE OA 10 5.91 9.26 -19.91
N LEU OA 11 5.18 10.13 -19.21
CA LEU OA 11 5.15 11.55 -19.52
C LEU OA 11 5.86 12.37 -18.43
N TYR OA 12 6.74 11.74 -17.67
CA TYR OA 12 7.55 12.43 -16.67
C TYR OA 12 8.76 13.04 -17.36
N ASN OA 13 8.90 14.36 -17.24
CA ASN OA 13 9.97 15.13 -17.87
C ASN OA 13 11.10 15.35 -16.87
N ILE OA 14 12.34 15.07 -17.29
CA ILE OA 14 13.53 15.28 -16.49
C ILE OA 14 14.57 16.00 -17.35
N ASN OA 15 15.42 16.79 -16.70
CA ASN OA 15 16.45 17.53 -17.43
C ASN OA 15 17.37 16.56 -18.17
N ASP OA 16 17.79 16.95 -19.38
CA ASP OA 16 18.65 16.10 -20.19
C ASP OA 16 20.12 16.21 -19.81
N SER OA 17 20.48 17.05 -18.85
CA SER OA 17 21.87 17.32 -18.50
C SER OA 17 22.35 16.54 -17.29
N ILE OA 18 21.58 15.56 -16.80
CA ILE OA 18 21.94 14.83 -15.59
C ILE OA 18 23.01 13.81 -15.91
N ASN OA 19 23.84 13.49 -14.89
CA ASN OA 19 24.92 12.53 -15.03
C ASN OA 19 24.41 11.11 -14.71
N TYR OA 20 25.34 10.16 -14.61
CA TYR OA 20 24.98 8.81 -14.17
C TYR OA 20 24.85 8.71 -12.66
N LEU OA 21 25.19 9.77 -11.92
CA LEU OA 21 24.97 9.83 -10.49
C LEU OA 21 23.51 10.07 -10.15
N TRP OA 22 22.69 10.35 -11.15
CA TRP OA 22 21.24 10.47 -11.02
C TRP OA 22 20.53 9.15 -11.33
N ASN OA 23 21.29 8.08 -11.50
CA ASN OA 23 20.76 6.75 -11.73
C ASN OA 23 20.87 5.87 -10.48
N ILE OA 24 21.63 6.33 -9.48
CA ILE OA 24 21.82 5.58 -8.26
C ILE OA 24 20.48 5.25 -7.61
N GLY OA 25 19.55 6.20 -7.61
CA GLY OA 25 18.26 5.96 -6.98
C GLY OA 25 17.46 4.86 -7.64
N TYR OA 26 17.47 4.82 -8.98
CA TYR OA 26 16.81 3.71 -9.68
C TYR OA 26 17.37 2.38 -9.22
N ILE OA 27 18.68 2.30 -9.07
CA ILE OA 27 19.31 1.06 -8.65
C ILE OA 27 18.88 0.68 -7.24
N ILE OA 28 18.80 1.64 -6.33
CA ILE OA 28 18.35 1.33 -4.97
C ILE OA 28 16.99 0.68 -5.01
N MET OA 29 16.07 1.25 -5.80
CA MET OA 29 14.71 0.73 -5.86
C MET OA 29 14.68 -0.69 -6.38
N VAL OA 30 15.48 -0.97 -7.41
CA VAL OA 30 15.50 -2.31 -8.00
C VAL OA 30 16.17 -3.31 -7.06
N VAL OA 31 17.32 -2.94 -6.50
CA VAL OA 31 18.01 -3.87 -5.60
C VAL OA 31 17.21 -4.07 -4.32
N MET OA 32 16.40 -3.09 -3.94
CA MET OA 32 15.54 -3.24 -2.77
C MET OA 32 14.46 -4.28 -3.01
N ILE OA 33 13.82 -4.22 -4.17
CA ILE OA 33 12.81 -5.22 -4.51
C ILE OA 33 13.43 -6.61 -4.50
N VAL OA 34 14.64 -6.74 -5.04
CA VAL OA 34 15.31 -8.04 -5.08
C VAL OA 34 15.57 -8.56 -3.67
N GLN OA 35 15.87 -7.66 -2.72
CA GLN OA 35 16.17 -8.11 -1.37
C GLN OA 35 14.91 -8.59 -0.66
N VAL OA 36 13.76 -7.98 -0.96
CA VAL OA 36 12.50 -8.43 -0.38
C VAL OA 36 12.12 -9.79 -0.96
N ILE OA 37 12.20 -9.92 -2.28
CA ILE OA 37 11.78 -11.17 -2.92
C ILE OA 37 12.65 -12.33 -2.43
N THR OA 38 13.97 -12.15 -2.47
CA THR OA 38 14.85 -13.22 -2.03
C THR OA 38 14.64 -13.55 -0.57
N GLY OA 39 14.36 -12.52 0.25
CA GLY OA 39 14.11 -12.77 1.65
C GLY OA 39 12.88 -13.63 1.87
N ILE OA 40 11.80 -13.31 1.19
CA ILE OA 40 10.56 -14.08 1.33
C ILE OA 40 10.78 -15.52 0.86
N ILE OA 41 11.58 -15.71 -0.19
CA ILE OA 41 11.82 -17.06 -0.69
C ILE OA 41 12.70 -17.86 0.26
N ILE OA 42 13.73 -17.24 0.84
CA ILE OA 42 14.57 -17.94 1.80
C ILE OA 42 13.73 -18.43 2.96
N ASN OA 43 12.82 -17.58 3.45
CA ASN OA 43 12.00 -17.94 4.60
C ASN OA 43 11.15 -19.17 4.32
N LEU OA 44 10.93 -19.48 3.05
CA LEU OA 44 10.17 -20.67 2.69
C LEU OA 44 10.89 -21.95 3.09
N TYR OA 45 12.20 -21.88 3.29
CA TYR OA 45 13.01 -23.06 3.57
C TYR OA 45 13.71 -22.97 4.92
N MET OA 46 13.52 -21.87 5.65
CA MET OA 46 14.16 -21.66 6.94
C MET OA 46 13.29 -20.73 7.75
N ASN OA 47 13.37 -20.88 9.07
CA ASN OA 47 12.65 -20.00 9.99
C ASN OA 47 13.64 -19.65 11.10
N ILE OA 48 13.16 -19.52 12.34
CA ILE OA 48 13.98 -19.02 13.43
C ILE OA 48 14.49 -20.14 14.35
N ASN OA 49 14.14 -21.39 14.11
CA ASN OA 49 14.45 -22.44 15.08
C ASN OA 49 15.96 -22.57 15.30
N ASN OA 50 16.73 -22.75 14.24
CA ASN OA 50 18.19 -22.78 14.34
C ASN OA 50 18.74 -22.31 13.00
N GLY OA 51 19.10 -21.03 12.93
CA GLY OA 51 19.59 -20.47 11.67
C GLY OA 51 20.88 -21.12 11.20
N TYR OA 52 21.79 -21.42 12.12
CA TYR OA 52 23.07 -21.99 11.74
C TYR OA 52 22.86 -23.22 10.87
N LYS OA 53 22.05 -24.16 11.34
CA LYS OA 53 21.76 -25.36 10.56
C LYS OA 53 20.86 -25.03 9.38
N GLY OA 54 20.00 -24.04 9.53
CA GLY OA 54 19.10 -23.68 8.44
C GLY OA 54 19.82 -23.13 7.24
N ILE OA 55 20.81 -22.25 7.46
CA ILE OA 55 21.62 -21.74 6.37
C ILE OA 55 22.39 -22.87 5.71
N ILE OA 56 22.91 -23.80 6.53
CA ILE OA 56 23.59 -24.97 5.98
C ILE OA 56 22.61 -25.80 5.15
N TYR OA 57 21.39 -25.96 5.64
CA TYR OA 57 20.40 -26.77 4.93
C TYR OA 57 19.95 -26.10 3.64
N ILE OA 58 20.00 -24.76 3.58
CA ILE OA 58 19.63 -24.07 2.36
C ILE OA 58 20.71 -24.23 1.29
N ILE OA 59 21.97 -24.09 1.70
CA ILE OA 59 23.07 -24.12 0.73
C ILE OA 59 23.41 -25.53 0.27
N LYS OA 60 23.03 -26.56 1.02
CA LYS OA 60 23.41 -27.93 0.68
C LYS OA 60 22.26 -28.78 0.16
N GLU OA 61 21.04 -28.55 0.60
CA GLU OA 61 19.91 -29.41 0.26
C GLU OA 61 18.94 -28.78 -0.72
N ILE OA 62 18.64 -27.49 -0.58
CA ILE OA 62 17.71 -26.83 -1.49
C ILE OA 62 18.38 -26.67 -2.85
N TYR OA 63 17.60 -26.90 -3.90
CA TYR OA 63 18.11 -26.75 -5.26
C TYR OA 63 18.27 -25.26 -5.57
N TYR OA 64 19.49 -24.87 -5.91
CA TYR OA 64 19.83 -23.47 -6.18
C TYR OA 64 19.63 -22.61 -4.94
N GLY OA 65 19.62 -23.23 -3.76
CA GLY OA 65 19.53 -22.47 -2.53
C GLY OA 65 20.73 -21.58 -2.30
N TYR OA 66 21.91 -22.02 -2.74
CA TYR OA 66 23.11 -21.20 -2.59
C TYR OA 66 22.90 -19.84 -3.25
N ILE OA 67 22.20 -19.80 -4.37
CA ILE OA 67 21.95 -18.52 -5.04
C ILE OA 67 21.17 -17.60 -4.11
N LEU OA 68 20.10 -18.13 -3.50
CA LEU OA 68 19.28 -17.32 -2.62
C LEU OA 68 20.07 -16.83 -1.42
N ARG OA 69 20.87 -17.71 -0.83
CA ARG OA 69 21.63 -17.33 0.37
C ARG OA 69 22.62 -16.23 0.05
N TYR OA 70 23.41 -16.40 -1.00
CA TYR OA 70 24.46 -15.43 -1.30
C TYR OA 70 23.90 -14.14 -1.91
N ILE OA 71 22.80 -14.20 -2.66
CA ILE OA 71 22.19 -12.98 -3.17
C ILE OA 71 21.69 -12.13 -2.02
N HIS OA 72 21.05 -12.77 -1.04
CA HIS OA 72 20.46 -12.00 0.06
C HIS OA 72 21.53 -11.36 0.93
N ASN OA 73 22.67 -12.01 1.09
CA ASN OA 73 23.77 -11.42 1.84
C ASN OA 73 24.49 -10.35 1.02
N ASN OA 74 24.82 -10.66 -0.23
CA ASN OA 74 25.59 -9.74 -1.04
C ASN OA 74 24.75 -8.54 -1.50
N ASN OA 75 23.46 -8.75 -1.77
CA ASN OA 75 22.61 -7.66 -2.18
C ASN OA 75 22.35 -6.67 -1.04
N SER OA 76 22.54 -7.11 0.20
CA SER OA 76 22.51 -6.17 1.32
C SER OA 76 23.71 -5.22 1.25
N THR OA 77 24.92 -5.78 1.19
CA THR OA 77 26.11 -4.99 0.91
C THR OA 77 25.85 -4.03 -0.23
N LEU OA 78 25.25 -4.51 -1.31
CA LEU OA 78 24.97 -3.65 -2.45
C LEU OA 78 23.99 -2.55 -2.10
N ILE OA 79 22.92 -2.88 -1.36
CA ILE OA 79 21.96 -1.85 -0.96
C ILE OA 79 22.68 -0.72 -0.24
N TYR OA 80 23.58 -1.06 0.67
CA TYR OA 80 24.21 -0.06 1.53
C TYR OA 80 25.27 0.72 0.79
N VAL OA 81 25.90 0.10 -0.21
CA VAL OA 81 26.82 0.82 -1.08
C VAL OA 81 26.08 1.88 -1.87
N VAL OA 82 24.97 1.49 -2.51
CA VAL OA 82 24.26 2.42 -3.38
C VAL OA 82 23.63 3.53 -2.55
N VAL OA 83 23.09 3.20 -1.37
CA VAL OA 83 22.49 4.22 -0.52
C VAL OA 83 23.55 5.22 -0.06
N TYR OA 84 24.67 4.71 0.46
CA TYR OA 84 25.72 5.60 0.94
C TYR OA 84 26.29 6.45 -0.18
N LEU OA 85 26.33 5.91 -1.40
CA LEU OA 85 26.79 6.69 -2.54
C LEU OA 85 25.73 7.69 -2.99
N HIS OA 86 24.46 7.37 -2.75
CA HIS OA 86 23.38 8.29 -3.05
C HIS OA 86 23.41 9.49 -2.12
N ILE OA 87 23.83 9.30 -0.87
CA ILE OA 87 23.98 10.39 0.07
C ILE OA 87 25.19 11.25 -0.29
N ILE OA 88 26.32 10.61 -0.61
CA ILE OA 88 27.51 11.35 -0.99
C ILE OA 88 27.19 12.27 -2.16
N ARG OA 89 26.45 11.77 -3.15
CA ARG OA 89 26.02 12.60 -4.26
C ARG OA 89 25.19 13.78 -3.78
N ASN OA 90 24.18 13.50 -2.96
CA ASN OA 90 23.28 14.56 -2.52
C ASN OA 90 24.04 15.63 -1.75
N LEU OA 91 25.10 15.24 -1.04
CA LEU OA 91 25.91 16.22 -0.34
C LEU OA 91 26.74 17.05 -1.32
N TYR OA 92 27.31 16.41 -2.35
CA TYR OA 92 28.16 17.12 -3.29
C TYR OA 92 27.41 18.19 -4.04
N TYR OA 93 26.22 17.86 -4.53
CA TYR OA 93 25.41 18.81 -5.27
C TYR OA 93 24.44 19.55 -4.37
N LYS OA 94 24.57 19.39 -3.06
CA LYS OA 94 23.77 20.10 -2.08
C LYS OA 94 22.30 20.07 -2.47
N THR OA 95 21.80 18.85 -2.68
CA THR OA 95 20.42 18.66 -3.11
C THR OA 95 19.45 18.67 -1.94
N TYR OA 96 19.88 19.21 -0.80
CA TYR OA 96 19.06 19.39 0.38
C TYR OA 96 18.68 20.84 0.62
N TYR OA 97 19.24 21.77 -0.16
CA TYR OA 97 19.03 23.18 0.10
C TYR OA 97 17.60 23.60 -0.24
N TYR OA 98 17.08 23.15 -1.37
CA TYR OA 98 15.72 23.48 -1.78
C TYR OA 98 14.78 22.29 -1.80
N ASN OA 99 15.31 21.07 -1.68
CA ASN OA 99 14.51 19.87 -1.71
C ASN OA 99 14.64 19.13 -0.39
N ILE OA 100 14.52 19.88 0.71
CA ILE OA 100 14.69 19.29 2.03
C ILE OA 100 13.64 18.20 2.27
N LEU OA 101 12.42 18.41 1.78
CA LEU OA 101 11.38 17.40 1.96
C LEU OA 101 11.81 16.06 1.38
N ILE OA 102 12.46 16.08 0.22
CA ILE OA 102 13.01 14.85 -0.33
C ILE OA 102 14.08 14.30 0.58
N TRP OA 103 14.94 15.19 1.11
CA TRP OA 103 16.00 14.74 2.00
C TRP OA 103 15.43 14.12 3.28
N TYR OA 104 14.38 14.73 3.82
CA TYR OA 104 13.76 14.18 5.03
C TYR OA 104 13.18 12.80 4.77
N SER OA 105 12.48 12.63 3.65
CA SER OA 105 11.90 11.33 3.34
C SER OA 105 12.98 10.28 3.19
N GLY OA 106 14.10 10.65 2.57
CA GLY OA 106 15.20 9.71 2.44
C GLY OA 106 15.79 9.31 3.77
N MET OA 107 16.00 10.28 4.66
CA MET OA 107 16.59 9.97 5.96
C MET OA 107 15.74 8.99 6.74
N ILE OA 108 14.41 9.09 6.62
CA ILE OA 108 13.54 8.14 7.28
C ILE OA 108 13.83 6.73 6.78
N MET OA 109 14.01 6.57 5.47
CA MET OA 109 14.36 5.26 4.94
C MET OA 109 15.74 4.81 5.42
N LEU OA 110 16.67 5.76 5.58
CA LEU OA 110 17.98 5.39 6.10
C LEU OA 110 17.89 4.85 7.51
N TYR OA 111 17.08 5.49 8.36
CA TYR OA 111 16.90 5.00 9.72
C TYR OA 111 16.33 3.59 9.72
N GLN OA 112 15.30 3.36 8.89
CA GLN OA 112 14.70 2.03 8.82
C GLN OA 112 15.70 1.00 8.33
N LEU OA 113 16.51 1.36 7.34
CA LEU OA 113 17.48 0.43 6.81
C LEU OA 113 18.52 0.02 7.85
N ILE OA 114 18.83 0.91 8.79
CA ILE OA 114 19.91 0.64 9.74
C ILE OA 114 19.45 -0.36 10.78
N ILE OA 115 18.14 -0.51 10.94
CA ILE OA 115 17.58 -1.49 11.86
C ILE OA 115 17.33 -2.80 11.14
N ILE OA 116 16.92 -2.73 9.87
CA ILE OA 116 16.69 -3.95 9.13
C ILE OA 116 17.97 -4.77 9.04
N GLY OA 117 19.12 -4.13 8.90
CA GLY OA 117 20.33 -4.87 8.60
C GLY OA 117 20.93 -5.56 9.81
N PHE OA 118 21.17 -4.78 10.88
CA PHE OA 118 21.60 -5.29 12.17
C PHE OA 118 20.89 -6.57 12.58
N ILE OA 119 19.57 -6.66 12.36
CA ILE OA 119 18.81 -7.78 12.91
C ILE OA 119 18.85 -8.99 11.99
N GLY OA 120 19.14 -8.78 10.71
CA GLY OA 120 19.26 -9.90 9.79
C GLY OA 120 20.42 -10.82 10.09
N TYR OA 121 21.48 -10.31 10.72
CA TYR OA 121 22.67 -11.13 10.92
C TYR OA 121 22.54 -11.99 12.16
N ILE OA 122 21.54 -11.73 12.99
CA ILE OA 122 21.28 -12.54 14.17
C ILE OA 122 20.41 -13.72 13.74
N LEU OA 123 19.72 -13.58 12.61
CA LEU OA 123 18.95 -14.66 12.03
C LEU OA 123 19.83 -15.81 11.58
N GLY OA 124 21.11 -15.55 11.34
CA GLY OA 124 22.05 -16.60 10.98
C GLY OA 124 22.58 -17.40 12.14
N TRP OA 125 22.28 -16.99 13.37
CA TRP OA 125 22.69 -17.71 14.57
C TRP OA 125 24.20 -17.95 14.62
N GLY OA 126 24.98 -16.92 14.27
CA GLY OA 126 26.43 -17.02 14.28
C GLY OA 126 27.07 -16.32 15.47
N GLN OA 127 28.33 -16.68 15.74
CA GLN OA 127 29.02 -16.17 16.93
C GLN OA 127 29.13 -14.65 16.90
N LEU OA 128 29.48 -14.08 15.75
CA LEU OA 128 29.82 -12.67 15.68
C LEU OA 128 28.58 -11.82 15.75
N SER OA 129 27.44 -12.42 15.45
CA SER OA 129 26.15 -11.75 15.49
C SER OA 129 25.54 -11.89 16.86
N TYR OA 130 25.74 -13.06 17.49
CA TYR OA 130 25.31 -13.25 18.86
C TYR OA 130 25.95 -12.23 19.77
N TRP OA 131 27.27 -12.04 19.66
CA TRP OA 131 28.00 -11.21 20.60
C TRP OA 131 28.03 -9.75 20.19
N GLY OA 132 27.40 -9.41 19.08
CA GLY OA 132 27.37 -8.05 18.61
C GLY OA 132 26.02 -7.42 18.89
N ILE OA 133 25.04 -8.25 19.22
CA ILE OA 133 23.71 -7.77 19.62
C ILE OA 133 23.72 -7.71 21.13
N THR OA 134 24.48 -8.61 21.75
CA THR OA 134 24.69 -8.57 23.19
C THR OA 134 25.45 -7.30 23.62
N VAL OA 135 26.17 -6.66 22.70
CA VAL OA 135 27.01 -5.51 23.02
C VAL OA 135 26.32 -4.20 22.62
N ILE OA 136 25.28 -4.26 21.79
CA ILE OA 136 24.57 -3.08 21.34
C ILE OA 136 23.29 -2.95 22.15
N ILE OA 137 22.74 -4.08 22.61
CA ILE OA 137 21.61 -4.02 23.53
C ILE OA 137 22.03 -3.43 24.87
N ASN OA 138 23.28 -3.63 25.27
CA ASN OA 138 23.77 -3.14 26.56
C ASN OA 138 24.17 -1.67 26.52
N LEU OA 139 23.72 -0.94 25.51
CA LEU OA 139 23.93 0.50 25.43
C LEU OA 139 22.72 1.26 25.93
N ILE OA 140 21.58 0.61 25.85
CA ILE OA 140 20.35 1.07 26.47
C ILE OA 140 20.16 0.41 27.83
N SER OA 141 21.23 -0.13 28.41
CA SER OA 141 21.18 -0.75 29.73
C SER OA 141 20.89 0.26 30.82
N GLY OA 142 21.00 1.56 30.51
CA GLY OA 142 20.67 2.57 31.50
C GLY OA 142 19.19 2.72 31.71
N ILE OA 143 18.42 2.76 30.63
CA ILE OA 143 16.96 2.81 30.74
C ILE OA 143 16.55 1.57 31.53
N PRO OA 144 15.92 1.72 32.70
CA PRO OA 144 15.65 0.54 33.53
C PRO OA 144 14.68 -0.42 32.87
N TYR OA 145 15.04 -1.70 32.89
CA TYR OA 145 14.19 -2.81 32.49
C TYR OA 145 13.97 -2.89 30.98
N LEU OA 146 14.48 -1.93 30.21
CA LEU OA 146 14.19 -1.93 28.77
C LEU OA 146 14.89 -3.08 28.08
N ILE OA 147 16.10 -3.44 28.52
CA ILE OA 147 16.80 -4.56 27.91
C ILE OA 147 15.99 -5.84 28.03
N LEU OA 148 15.43 -6.09 29.21
CA LEU OA 148 14.66 -7.30 29.41
C LEU OA 148 13.45 -7.35 28.49
N LEU OA 149 12.78 -6.22 28.31
CA LEU OA 149 11.60 -6.21 27.45
C LEU OA 149 11.98 -6.52 26.00
N ILE OA 150 13.07 -5.95 25.52
CA ILE OA 150 13.50 -6.19 24.14
C ILE OA 150 14.00 -7.61 23.98
N SER OA 151 14.88 -8.06 24.88
CA SER OA 151 15.48 -9.37 24.74
C SER OA 151 14.48 -10.48 24.97
N GLY OA 152 13.60 -10.32 25.95
CA GLY OA 152 12.70 -11.37 26.34
C GLY OA 152 13.28 -12.38 27.29
N ASN OA 153 14.53 -12.18 27.72
CA ASN OA 153 15.18 -13.04 28.70
C ASN OA 153 16.34 -12.25 29.28
N TYR OA 154 17.07 -12.88 30.19
CA TYR OA 154 18.25 -12.23 30.77
C TYR OA 154 19.49 -12.37 29.90
N TYR OA 155 19.48 -13.25 28.91
CA TYR OA 155 20.55 -13.37 27.92
C TYR OA 155 19.90 -13.54 26.56
N ILE OA 156 20.64 -13.22 25.50
CA ILE OA 156 20.08 -13.39 24.16
C ILE OA 156 19.83 -14.88 23.93
N THR OA 157 18.66 -15.20 23.38
CA THR OA 157 18.20 -16.58 23.25
C THR OA 157 17.29 -16.66 22.02
N ILE OA 158 16.72 -17.84 21.77
CA ILE OA 158 15.81 -17.98 20.64
C ILE OA 158 14.66 -17.00 20.75
N VAL OA 159 14.27 -16.67 21.99
CA VAL OA 159 13.18 -15.72 22.22
C VAL OA 159 13.48 -14.38 21.58
N THR OA 160 14.73 -13.94 21.68
CA THR OA 160 15.15 -12.68 21.06
C THR OA 160 15.05 -12.75 19.55
N ILE OA 161 15.34 -13.91 18.96
CA ILE OA 161 15.31 -14.06 17.51
C ILE OA 161 13.88 -14.09 16.99
N LYS OA 162 12.99 -14.79 17.70
CA LYS OA 162 11.61 -14.94 17.22
C LYS OA 162 10.91 -13.60 17.05
N ARG OA 163 11.33 -12.59 17.79
CA ARG OA 163 10.68 -11.28 17.74
C ARG OA 163 11.37 -10.32 16.77
N LEU OA 164 12.70 -10.31 16.76
CA LEU OA 164 13.41 -9.47 15.80
C LEU OA 164 13.13 -9.90 14.37
N TYR OA 165 12.89 -11.20 14.17
CA TYR OA 165 12.56 -11.72 12.86
C TYR OA 165 11.30 -11.08 12.29
N ILE OA 166 10.31 -10.82 13.15
CA ILE OA 166 9.08 -10.19 12.69
C ILE OA 166 9.35 -8.75 12.27
N VAL OA 167 10.22 -8.06 12.99
CA VAL OA 167 10.62 -6.71 12.60
C VAL OA 167 11.37 -6.74 11.28
N HIS OA 168 12.16 -7.78 11.05
CA HIS OA 168 12.92 -7.89 9.81
C HIS OA 168 12.02 -8.25 8.62
N PHE OA 169 10.92 -8.97 8.88
CA PHE OA 169 9.96 -9.32 7.84
C PHE OA 169 9.11 -8.12 7.44
N ILE OA 170 8.68 -7.33 8.42
CA ILE OA 170 7.66 -6.31 8.18
C ILE OA 170 8.27 -4.95 7.86
N LEU OA 171 9.32 -4.56 8.57
CA LEU OA 171 9.90 -3.23 8.35
C LEU OA 171 10.28 -2.96 6.90
N PRO OA 172 10.77 -3.93 6.12
CA PRO OA 172 11.05 -3.66 4.71
C PRO OA 172 9.82 -3.25 3.90
N ILE OA 173 8.64 -3.77 4.21
CA ILE OA 173 7.45 -3.38 3.45
C ILE OA 173 7.10 -1.93 3.73
N ILE OA 174 7.30 -1.48 4.97
CA ILE OA 174 7.07 -0.08 5.30
C ILE OA 174 8.07 0.80 4.58
N LEU OA 175 9.32 0.35 4.49
CA LEU OA 175 10.33 1.10 3.75
C LEU OA 175 9.88 1.35 2.31
N ILE OA 176 9.28 0.34 1.68
CA ILE OA 176 8.78 0.49 0.32
C ILE OA 176 7.70 1.54 0.25
N TYR OA 177 6.88 1.67 1.30
CA TYR OA 177 5.87 2.72 1.34
C TYR OA 177 6.51 4.09 1.43
N VAL OA 178 7.55 4.24 2.26
CA VAL OA 178 8.25 5.51 2.36
C VAL OA 178 8.95 5.83 1.05
N GLU OA 179 9.34 4.82 0.28
CA GLU OA 179 9.90 5.06 -1.05
C GLU OA 179 8.91 5.76 -1.96
N ILE OA 180 7.61 5.46 -1.80
CA ILE OA 180 6.58 6.14 -2.57
C ILE OA 180 6.48 7.60 -2.14
N ILE OA 181 6.52 7.86 -0.82
CA ILE OA 181 6.51 9.23 -0.32
C ILE OA 181 7.72 9.99 -0.84
N HIS OA 182 8.82 9.28 -1.04
CA HIS OA 182 10.06 9.87 -1.54
C HIS OA 182 9.94 10.23 -3.02
N VAL OA 183 9.46 9.28 -3.84
CA VAL OA 183 9.21 9.53 -5.25
C VAL OA 183 8.08 10.53 -5.45
N TYR OA 184 7.19 10.69 -4.47
CA TYR OA 184 6.14 11.69 -4.59
C TYR OA 184 6.71 13.09 -4.52
N TYR OA 185 7.60 13.34 -3.56
CA TYR OA 185 8.18 14.67 -3.42
C TYR OA 185 9.13 14.97 -4.58
N ILE OA 186 9.85 13.96 -5.05
CA ILE OA 186 10.76 14.16 -6.18
C ILE OA 186 9.98 14.61 -7.40
N HIS OA 187 8.83 14.00 -7.65
CA HIS OA 187 8.06 14.34 -8.84
C HIS OA 187 7.39 15.71 -8.70
N TYR OA 188 6.96 16.08 -7.49
CA TYR OA 188 6.40 17.41 -7.29
C TYR OA 188 7.50 18.46 -7.23
N LEU OA 189 8.41 18.33 -6.27
CA LEU OA 189 9.59 19.18 -6.18
C LEU OA 189 10.60 18.65 -7.20
N ILE OA 190 10.71 19.33 -8.33
CA ILE OA 190 11.50 18.82 -9.44
C ILE OA 190 12.93 18.53 -9.00
N ASN OA 191 13.54 17.55 -9.64
CA ASN OA 191 14.91 17.16 -9.32
C ASN OA 191 15.89 18.29 -9.62
N ASN OA 192 17.02 18.26 -8.93
CA ASN OA 192 18.09 19.21 -9.18
C ASN OA 192 18.92 18.76 -10.37
N ASN OA 193 19.56 19.72 -11.01
CA ASN OA 193 20.36 19.50 -12.21
C ASN OA 193 21.84 19.61 -11.86
N ILE OA 194 22.68 19.29 -12.85
CA ILE OA 194 24.11 19.49 -12.67
C ILE OA 194 24.45 20.98 -12.63
N VAL OA 195 23.58 21.82 -13.17
CA VAL OA 195 23.73 23.26 -13.13
C VAL OA 195 22.85 23.79 -12.01
N GLU OA 196 23.25 24.92 -11.42
CA GLU OA 196 22.56 25.44 -10.25
C GLU OA 196 21.19 26.04 -10.58
N TYR OA 197 20.98 26.46 -11.82
CA TYR OA 197 19.74 27.11 -12.20
C TYR OA 197 18.75 26.11 -12.78
N ASN OA 198 17.59 26.61 -13.23
CA ASN OA 198 16.54 25.79 -13.83
C ASN OA 198 16.41 26.15 -15.31
N VAL OA 199 16.48 25.14 -16.16
CA VAL OA 199 16.55 25.33 -17.61
C VAL OA 199 15.52 24.45 -18.30
N ASN OA 200 15.04 24.92 -19.45
CA ASN OA 200 14.03 24.24 -20.27
C ASN OA 200 14.70 23.23 -21.20
N ASN OA 201 15.20 22.15 -20.59
CA ASN OA 201 15.90 21.10 -21.33
C ASN OA 201 15.40 19.71 -20.97
N LYS OA 202 14.13 19.59 -20.59
CA LYS OA 202 13.59 18.34 -20.07
C LYS OA 202 13.12 17.42 -21.19
N ILE OA 203 13.30 16.11 -20.98
CA ILE OA 203 12.94 15.06 -21.93
C ILE OA 203 12.19 13.97 -21.17
N ILE OA 204 11.29 13.25 -21.87
CA ILE OA 204 10.48 12.22 -21.21
C ILE OA 204 11.38 11.11 -20.68
N PHE OA 205 10.85 10.35 -19.71
CA PHE OA 205 11.66 9.39 -18.93
C PHE OA 205 11.77 8.02 -19.59
N ASN OA 206 10.65 7.46 -20.05
CA ASN OA 206 10.67 6.08 -20.54
C ASN OA 206 11.57 5.94 -21.77
N ASN OA 207 11.48 6.88 -22.69
CA ASN OA 207 12.21 6.76 -23.94
C ASN OA 207 13.70 7.07 -23.81
N TYR OA 208 14.10 7.87 -22.82
CA TYR OA 208 15.50 8.25 -22.67
C TYR OA 208 16.10 7.87 -21.32
N ILE OA 209 15.54 8.36 -20.22
CA ILE OA 209 16.19 8.22 -18.92
C ILE OA 209 16.18 6.77 -18.46
N LEU OA 210 15.14 6.01 -18.82
CA LEU OA 210 15.07 4.63 -18.40
C LEU OA 210 16.04 3.75 -19.19
N VAL OA 211 16.29 4.08 -20.45
CA VAL OA 211 17.29 3.35 -21.21
C VAL OA 211 18.67 3.57 -20.60
N LYS OA 212 18.98 4.81 -20.24
CA LYS OA 212 20.25 5.12 -19.60
C LYS OA 212 20.34 4.52 -18.19
N ASP OA 213 19.24 4.56 -17.45
CA ASP OA 213 19.23 3.99 -16.10
C ASP OA 213 19.43 2.49 -16.13
N ASN OA 214 18.99 1.83 -17.21
CA ASN OA 214 19.19 0.40 -17.35
C ASN OA 214 20.62 0.07 -17.76
N ASN OA 215 21.23 0.90 -18.59
CA ASN OA 215 22.65 0.72 -18.88
C ASN OA 215 23.45 0.79 -17.60
N GLY OA 216 23.09 1.68 -16.69
CA GLY OA 216 23.74 1.74 -15.40
C GLY OA 216 23.51 0.50 -14.57
N ILE OA 217 22.26 0.07 -14.46
CA ILE OA 217 21.96 -1.07 -13.59
C ILE OA 217 22.59 -2.34 -14.14
N ILE OA 218 22.65 -2.48 -15.46
CA ILE OA 218 23.27 -3.67 -16.04
C ILE OA 218 24.78 -3.64 -15.84
N PHE OA 219 25.39 -2.46 -15.83
CA PHE OA 219 26.81 -2.35 -15.50
C PHE OA 219 27.07 -2.86 -14.09
N ILE OA 220 26.24 -2.43 -13.13
CA ILE OA 220 26.40 -2.86 -11.75
C ILE OA 220 26.11 -4.35 -11.62
N LEU OA 221 25.17 -4.86 -12.42
CA LEU OA 221 24.85 -6.29 -12.35
C LEU OA 221 26.05 -7.13 -12.77
N ASN OA 222 26.77 -6.72 -13.81
CA ASN OA 222 27.96 -7.46 -14.21
C ASN OA 222 28.91 -7.62 -13.03
N ILE OA 223 29.13 -6.53 -12.30
CA ILE OA 223 30.03 -6.55 -11.15
C ILE OA 223 29.42 -7.33 -10.00
N PHE OA 224 28.11 -7.19 -9.77
CA PHE OA 224 27.47 -7.90 -8.67
C PHE OA 224 27.40 -9.40 -8.94
N ILE OA 225 27.31 -9.80 -10.20
CA ILE OA 225 27.30 -11.22 -10.52
C ILE OA 225 28.66 -11.84 -10.25
N LEU OA 226 29.73 -11.09 -10.49
CA LEU OA 226 31.07 -11.60 -10.21
C LEU OA 226 31.29 -11.80 -8.72
N GLU OA 227 30.85 -10.84 -7.90
CA GLU OA 227 30.94 -11.00 -6.46
C GLU OA 227 30.02 -12.10 -5.97
N LEU OA 228 28.83 -12.21 -6.56
CA LEU OA 228 27.85 -13.19 -6.10
C LEU OA 228 28.36 -14.62 -6.27
N ASN OA 229 29.17 -14.88 -7.27
CA ASN OA 229 29.58 -16.23 -7.59
C ASN OA 229 31.06 -16.50 -7.35
N ASN OA 230 31.86 -15.49 -7.06
CA ASN OA 230 33.29 -15.70 -6.89
C ASN OA 230 33.90 -14.95 -5.72
N ASN OA 231 33.14 -14.15 -4.98
CA ASN OA 231 33.62 -13.47 -3.79
C ASN OA 231 34.92 -12.73 -4.07
N ILE OA 232 34.86 -11.85 -5.05
CA ILE OA 232 36.05 -11.06 -5.40
C ILE OA 232 36.42 -10.13 -4.26
N PHE OA 233 35.45 -9.62 -3.53
CA PHE OA 233 35.67 -8.77 -2.37
C PHE OA 233 35.09 -9.43 -1.12
N ILE OA 234 35.85 -9.42 -0.02
CA ILE OA 234 35.37 -9.96 1.25
C ILE OA 234 34.39 -8.95 1.83
N ILE OA 235 33.10 -9.24 1.74
CA ILE OA 235 32.06 -8.36 2.24
C ILE OA 235 31.31 -8.96 3.41
N ALA OA 236 31.66 -10.18 3.82
CA ALA OA 236 31.04 -10.86 4.95
C ALA OA 236 32.13 -11.45 5.83
N ASP OA 237 32.09 -11.13 7.12
CA ASP OA 237 33.10 -11.64 8.05
C ASP OA 237 32.94 -13.14 8.24
N ASN OA 238 34.07 -13.83 8.30
CA ASN OA 238 34.07 -15.29 8.37
C ASN OA 238 33.63 -15.81 9.73
N ASP OA 239 33.71 -15.00 10.78
CA ASP OA 239 33.44 -15.48 12.13
C ASP OA 239 31.95 -15.64 12.41
N ASN OA 240 31.10 -15.38 11.43
CA ASN OA 240 29.68 -15.66 11.56
C ASN OA 240 29.34 -17.09 11.18
N LEU OA 241 30.34 -17.88 10.79
CA LEU OA 241 30.16 -19.31 10.54
C LEU OA 241 30.70 -20.16 11.68
N ILE OA 242 30.82 -19.59 12.86
CA ILE OA 242 31.23 -20.30 14.06
C ILE OA 242 30.00 -20.41 14.96
N GLU OA 243 29.70 -21.64 15.39
CA GLU OA 243 28.52 -21.87 16.22
C GLU OA 243 28.62 -21.06 17.51
N ILE OA 244 27.47 -20.56 17.99
CA ILE OA 244 27.43 -19.68 19.15
C ILE OA 244 27.86 -20.46 20.39
N ASN OA 245 28.91 -19.98 21.05
CA ASN OA 245 29.29 -20.43 22.38
C ASN OA 245 29.24 -19.20 23.28
N ILE OA 246 28.41 -19.24 24.33
CA ILE OA 246 28.17 -18.04 25.13
C ILE OA 246 29.29 -17.82 26.13
N LEU OA 247 30.17 -18.79 26.29
CA LEU OA 247 31.29 -18.70 27.21
C LEU OA 247 32.53 -18.07 26.60
N VAL OA 248 32.78 -18.28 25.31
CA VAL OA 248 33.98 -17.77 24.65
C VAL OA 248 33.63 -16.52 23.86
N THR OA 249 34.44 -15.48 24.02
CA THR OA 249 34.24 -14.22 23.32
C THR OA 249 34.97 -14.25 21.97
N PRO OA 250 34.34 -13.79 20.89
CA PRO OA 250 35.00 -13.84 19.59
C PRO OA 250 36.31 -13.06 19.59
N ILE OA 251 37.15 -13.36 18.59
CA ILE OA 251 38.43 -12.67 18.48
C ILE OA 251 38.21 -11.17 18.38
N HIS OA 252 37.20 -10.76 17.62
CA HIS OA 252 36.86 -9.35 17.46
C HIS OA 252 35.36 -9.24 17.25
N ILE OA 253 34.70 -8.44 18.07
CA ILE OA 253 33.26 -8.25 18.00
C ILE OA 253 33.07 -6.97 17.19
N ILE OA 254 33.06 -7.11 15.86
CA ILE OA 254 32.88 -5.99 14.96
C ILE OA 254 31.61 -6.21 14.17
N PRO OA 255 30.95 -5.16 13.71
CA PRO OA 255 29.77 -5.32 12.86
C PRO OA 255 30.15 -5.64 11.42
N GLU OA 256 29.19 -5.51 10.51
CA GLU OA 256 29.49 -5.67 9.11
C GLU OA 256 30.00 -4.32 8.60
N TRP OA 257 30.60 -4.31 7.41
CA TRP OA 257 31.37 -3.13 7.01
C TRP OA 257 30.53 -1.87 7.04
N TYR OA 258 29.21 -1.99 6.89
CA TYR OA 258 28.35 -0.84 6.74
C TYR OA 258 27.80 -0.36 8.08
N TYR OA 259 28.44 -0.76 9.18
CA TYR OA 259 28.19 -0.21 10.50
C TYR OA 259 29.49 0.10 11.23
N LEU OA 260 30.60 0.21 10.49
CA LEU OA 260 31.91 0.39 11.09
C LEU OA 260 32.22 1.85 11.35
N TYR OA 261 31.38 2.75 10.82
CA TYR OA 261 31.55 4.19 11.03
C TYR OA 261 30.91 4.61 12.33
N TRP OA 262 29.92 3.85 12.78
CA TRP OA 262 29.24 4.11 14.03
C TRP OA 262 29.70 3.15 15.11
N TYR OA 263 30.49 2.14 14.74
CA TYR OA 263 31.08 1.22 15.68
C TYR OA 263 32.34 1.85 16.23
N SER OA 264 33.08 2.51 15.34
CA SER OA 264 34.27 3.23 15.72
C SER OA 264 33.94 4.40 16.65
N ILE OA 265 32.98 5.24 16.26
CA ILE OA 265 32.48 6.28 17.16
C ILE OA 265 32.24 5.73 18.56
N LEU OA 266 31.69 4.51 18.66
CA LEU OA 266 31.31 3.97 19.95
C LEU OA 266 32.50 3.42 20.70
N LYS OA 267 33.55 3.05 19.97
CA LYS OA 267 34.75 2.50 20.57
C LYS OA 267 35.81 3.56 20.82
N LEU OA 268 35.63 4.76 20.29
CA LEU OA 268 36.60 5.84 20.44
C LEU OA 268 36.27 6.73 21.63
N LEU OA 269 35.02 7.14 21.76
CA LEU OA 269 34.63 8.01 22.86
C LEU OA 269 34.72 7.29 24.20
N PRO OA 270 35.20 7.96 25.26
CA PRO OA 270 35.47 7.26 26.52
C PRO OA 270 34.24 6.94 27.37
N ASN OA 271 33.11 7.60 27.17
CA ASN OA 271 31.88 7.30 27.90
C ASN OA 271 30.89 6.63 26.95
N LYS OA 272 30.26 5.55 27.42
CA LYS OA 272 29.39 4.76 26.54
C LYS OA 272 28.28 5.62 25.94
N TYR OA 273 27.65 6.45 26.76
CA TYR OA 273 26.52 7.24 26.28
C TYR OA 273 26.99 8.35 25.34
N SER OA 274 28.13 8.96 25.65
CA SER OA 274 28.70 9.94 24.73
C SER OA 274 28.83 9.34 23.34
N GLY OA 275 29.13 8.05 23.25
CA GLY OA 275 29.31 7.41 21.98
C GLY OA 275 27.98 7.27 21.29
N LEU OA 276 27.05 6.56 21.95
CA LEU OA 276 25.67 6.56 21.51
C LEU OA 276 25.23 7.95 21.03
N TYR OA 277 25.53 8.99 21.82
CA TYR OA 277 25.05 10.32 21.49
C TYR OA 277 25.74 10.89 20.25
N ILE OA 278 27.04 10.61 20.07
CA ILE OA 278 27.72 11.07 18.87
C ILE OA 278 27.26 10.31 17.64
N VAL OA 279 26.61 9.16 17.84
CA VAL OA 279 26.08 8.38 16.72
C VAL OA 279 24.72 8.95 16.34
N VAL OA 280 24.01 9.53 17.29
CA VAL OA 280 22.82 10.30 16.99
C VAL OA 280 23.18 11.57 16.24
N ASN OA 281 24.23 12.26 16.69
CA ASN OA 281 24.63 13.50 16.04
C ASN OA 281 24.93 13.27 14.56
N SER OA 282 25.58 12.15 14.25
CA SER OA 282 25.97 11.90 12.87
C SER OA 282 24.76 11.77 11.96
N ILE OA 283 23.67 11.16 12.46
CA ILE OA 283 22.53 10.87 11.60
C ILE OA 283 21.50 11.98 11.67
N SER OA 284 21.70 12.97 12.53
CA SER OA 284 20.71 14.02 12.78
C SER OA 284 21.19 15.40 12.35
N ILE OA 285 22.46 15.71 12.60
CA ILE OA 285 22.96 17.04 12.25
C ILE OA 285 22.95 17.26 10.76
N ILE OA 286 23.02 16.20 9.98
CA ILE OA 286 23.13 16.32 8.53
C ILE OA 286 21.79 16.72 7.94
N ASN OA 287 20.76 16.79 8.77
CA ASN OA 287 19.44 17.17 8.32
C ASN OA 287 19.15 18.65 8.50
N ILE OA 288 20.12 19.43 8.98
CA ILE OA 288 19.92 20.86 9.18
C ILE OA 288 21.08 21.69 8.64
N LEU OA 289 21.73 21.23 7.58
CA LEU OA 289 22.98 21.85 7.15
C LEU OA 289 22.78 23.10 6.31
N SER OA 290 21.54 23.46 6.00
CA SER OA 290 21.25 24.64 5.21
C SER OA 290 20.27 25.56 5.93
N GLU OA 291 19.92 25.24 7.16
CA GLU OA 291 18.83 25.93 7.83
C GLU OA 291 19.24 27.31 8.32
N TYR OA 292 20.49 27.50 8.69
CA TYR OA 292 20.92 28.76 9.27
C TYR OA 292 21.50 29.72 8.24
N LYS OA 293 21.55 29.34 6.98
CA LYS OA 293 22.10 30.20 5.94
C LYS OA 293 21.14 31.35 5.63
N ILE OA 294 21.70 32.44 5.10
CA ILE OA 294 20.91 33.64 4.88
C ILE OA 294 21.14 34.30 3.51
N VAL OA 295 22.00 33.72 2.69
CA VAL OA 295 22.34 34.32 1.41
C VAL OA 295 21.50 33.68 0.32
N ILE OA 296 21.27 34.42 -0.76
CA ILE OA 296 20.54 33.87 -1.90
C ILE OA 296 21.54 33.11 -2.75
N SER OA 297 21.85 31.88 -2.34
CA SER OA 297 22.76 30.99 -3.02
C SER OA 297 22.60 29.61 -2.40
N GLU OA 298 22.90 28.57 -3.18
CA GLU OA 298 22.85 27.22 -2.66
C GLU OA 298 24.22 26.64 -2.42
N TYR OA 299 25.27 27.46 -2.44
CA TYR OA 299 26.63 26.99 -2.16
C TYR OA 299 26.96 25.78 -3.02
N LYS OA 300 26.65 25.87 -4.31
CA LYS OA 300 26.75 24.71 -5.19
C LYS OA 300 27.73 24.98 -6.32
N ASN OA 301 28.48 23.95 -6.68
CA ASN OA 301 29.43 23.96 -7.79
C ASN OA 301 30.65 24.82 -7.49
N TYR OA 302 30.98 24.95 -6.21
CA TYR OA 302 32.28 25.45 -5.78
C TYR OA 302 33.25 24.27 -5.74
N LYS OA 303 34.44 24.48 -5.19
CA LYS OA 303 35.42 23.40 -5.18
C LYS OA 303 35.03 22.26 -4.24
N ASN OA 304 34.06 22.48 -3.35
CA ASN OA 304 33.57 21.42 -2.46
C ASN OA 304 34.70 20.80 -1.66
N ILE OA 305 35.61 21.64 -1.17
CA ILE OA 305 36.71 21.14 -0.37
C ILE OA 305 36.21 20.54 0.94
N ILE OA 306 35.26 21.21 1.59
CA ILE OA 306 34.70 20.69 2.83
C ILE OA 306 34.05 19.34 2.58
N TRP OA 307 33.37 19.17 1.44
CA TRP OA 307 32.74 17.90 1.13
C TRP OA 307 33.76 16.78 1.03
N TYR OA 308 34.87 17.02 0.34
CA TYR OA 308 35.87 15.98 0.15
C TYR OA 308 36.43 15.51 1.47
N ASN OA 309 36.71 16.44 2.38
CA ASN OA 309 37.27 16.06 3.67
C ASN OA 309 36.25 15.30 4.51
N GLN OA 310 34.96 15.54 4.29
CA GLN OA 310 33.94 14.78 5.00
C GLN OA 310 33.86 13.34 4.48
N ILE OA 311 33.87 13.16 3.15
CA ILE OA 311 33.79 11.83 2.60
C ILE OA 311 34.98 10.99 3.03
N ILE OA 312 36.15 11.61 3.13
CA ILE OA 312 37.34 10.88 3.57
C ILE OA 312 37.27 10.57 5.06
N GLN OA 313 36.69 11.48 5.85
CA GLN OA 313 36.49 11.20 7.27
C GLN OA 313 35.69 9.92 7.47
N TYR OA 314 34.66 9.71 6.65
CA TYR OA 314 33.86 8.50 6.76
C TYR OA 314 34.70 7.26 6.48
N ILE OA 315 35.47 7.29 5.40
CA ILE OA 315 36.29 6.15 5.01
C ILE OA 315 37.34 5.86 6.06
N SER OA 316 37.95 6.91 6.60
CA SER OA 316 39.01 6.73 7.58
C SER OA 316 38.48 6.15 8.88
N MET OA 317 37.27 6.55 9.28
CA MET OA 317 36.67 6.00 10.49
C MET OA 317 36.32 4.53 10.31
N ILE OA 318 35.91 4.13 9.10
CA ILE OA 318 35.63 2.73 8.83
C ILE OA 318 36.90 1.91 8.97
N TYR OA 319 38.04 2.47 8.55
CA TYR OA 319 39.32 1.79 8.72
C TYR OA 319 39.63 1.58 10.19
N ILE OA 320 39.56 2.65 10.99
CA ILE OA 320 39.85 2.55 12.41
C ILE OA 320 38.97 1.50 13.07
N GLY OA 321 37.75 1.32 12.57
CA GLY OA 321 36.85 0.32 13.16
C GLY OA 321 37.33 -1.10 12.93
N ILE OA 322 37.85 -1.39 11.75
CA ILE OA 322 38.41 -2.71 11.48
C ILE OA 322 39.56 -3.00 12.45
N GLN OA 323 40.38 -1.99 12.72
CA GLN OA 323 41.55 -2.21 13.54
C GLN OA 323 41.11 -2.52 14.97
N LEU OA 324 41.96 -3.25 15.69
CA LEU OA 324 41.72 -3.57 17.09
C LEU OA 324 41.74 -2.29 17.90
N PRO OA 325 41.30 -2.31 19.17
CA PRO OA 325 41.26 -1.08 19.98
C PRO OA 325 42.63 -0.60 20.50
N ILE OA 326 43.63 -0.57 19.61
CA ILE OA 326 44.97 -0.13 20.01
C ILE OA 326 44.91 1.36 20.37
N ILE OA 327 45.74 1.78 21.33
CA ILE OA 327 45.65 3.15 21.82
C ILE OA 327 45.95 4.16 20.71
N GLU OA 328 46.93 3.86 19.86
CA GLU OA 328 47.33 4.86 18.88
C GLU OA 328 46.20 5.12 17.89
N TYR OA 329 45.45 4.08 17.50
CA TYR OA 329 44.30 4.28 16.63
C TYR OA 329 43.18 5.06 17.33
N ILE OA 330 43.07 4.93 18.65
CA ILE OA 330 42.04 5.64 19.39
C ILE OA 330 42.34 7.13 19.44
N ASN OA 331 43.59 7.49 19.69
CA ASN OA 331 43.97 8.90 19.71
C ASN OA 331 43.75 9.55 18.35
N TYR OA 332 44.25 8.91 17.30
CA TYR OA 332 44.10 9.46 15.96
C TYR OA 332 42.62 9.54 15.58
N GLY OA 333 41.84 8.54 15.99
CA GLY OA 333 40.41 8.56 15.68
C GLY OA 333 39.64 9.63 16.41
N ARG OA 334 40.08 9.99 17.62
CA ARG OA 334 39.44 11.09 18.33
C ARG OA 334 39.69 12.42 17.64
N TYR OA 335 40.85 12.58 17.02
CA TYR OA 335 41.12 13.78 16.23
C TYR OA 335 40.25 13.84 15.00
N ILE OA 336 39.98 12.69 14.37
CA ILE OA 336 39.13 12.64 13.19
C ILE OA 336 37.70 13.02 13.55
N ILE OA 337 37.27 12.69 14.77
CA ILE OA 337 35.93 13.08 15.22
C ILE OA 337 35.88 14.57 15.49
N ILE OA 338 36.91 15.13 16.11
CA ILE OA 338 36.97 16.56 16.34
C ILE OA 338 36.93 17.30 15.01
N PHE OA 339 37.65 16.77 14.02
CA PHE OA 339 37.69 17.38 12.69
C PHE OA 339 36.31 17.34 12.02
N ASN OA 340 35.56 16.25 12.21
CA ASN OA 340 34.23 16.19 11.61
C ASN OA 340 33.32 17.29 12.14
N ILE OA 341 33.40 17.57 13.45
CA ILE OA 341 32.55 18.60 14.04
C ILE OA 341 32.88 19.96 13.44
N LEU OA 342 34.16 20.26 13.27
CA LEU OA 342 34.57 21.53 12.68
C LEU OA 342 34.10 21.65 11.24
N LEU OA 343 34.22 20.56 10.47
CA LEU OA 343 33.70 20.57 9.10
C LEU OA 343 32.20 20.76 9.08
N LEU OA 344 31.50 20.11 10.01
CA LEU OA 344 30.05 20.27 10.12
C LEU OA 344 29.67 21.69 10.51
N ILE OA 345 30.46 22.29 11.41
CA ILE OA 345 30.23 23.68 11.81
C ILE OA 345 30.38 24.61 10.63
N MET OA 346 31.35 24.33 9.76
CA MET OA 346 31.56 25.15 8.57
C MET OA 346 30.35 25.12 7.65
N TYR OA 347 29.73 23.95 7.48
CA TYR OA 347 28.50 23.88 6.70
C TYR OA 347 27.39 24.69 7.37
N LEU OA 348 27.30 24.63 8.70
CA LEU OA 348 26.15 25.22 9.39
C LEU OA 348 26.22 26.74 9.50
N TYR OA 349 27.42 27.32 9.59
CA TYR OA 349 27.55 28.73 9.99
C TYR OA 349 27.20 29.69 8.87
N PRO OA 350 26.33 30.68 9.10
CA PRO OA 350 26.13 31.76 8.15
C PRO OA 350 27.33 32.72 8.17
N LYS OA 351 27.48 33.52 7.11
CA LYS OA 351 28.65 34.37 6.93
C LYS OA 351 28.32 35.83 7.18
N LYS OA 352 29.21 36.52 7.91
CA LYS OA 352 29.13 37.95 8.15
C LYS OA 352 29.65 38.70 6.93
N LYS OA 353 29.38 40.00 6.86
CA LYS OA 353 29.74 40.80 5.69
C LYS OA 353 30.96 41.67 6.00
N LYS OA 354 31.93 41.67 5.09
CA LYS OA 354 33.16 42.43 5.25
C LYS OA 354 32.85 43.91 5.43
N HIS PA 1 1.50 28.90 -3.77
CA HIS PA 1 2.84 28.39 -3.60
C HIS PA 1 2.88 27.32 -2.52
N ARG PA 2 3.83 26.39 -2.66
CA ARG PA 2 3.96 25.28 -1.74
C ARG PA 2 4.41 25.79 -0.38
N PRO PA 3 4.31 24.95 0.66
CA PRO PA 3 4.91 25.34 1.94
C PRO PA 3 6.33 25.82 1.74
N THR PA 4 6.59 27.11 2.00
CA THR PA 4 7.89 27.68 1.73
C THR PA 4 8.26 28.69 2.81
N THR PA 5 9.54 29.02 2.88
CA THR PA 5 10.07 29.92 3.89
C THR PA 5 11.25 30.70 3.33
N VAL PA 6 11.34 31.98 3.70
CA VAL PA 6 12.45 32.85 3.35
C VAL PA 6 13.06 33.38 4.64
N LYS PA 7 14.39 33.46 4.68
CA LYS PA 7 15.08 33.89 5.89
C LYS PA 7 15.05 35.42 6.01
N MET PA 8 13.86 36.01 5.89
CA MET PA 8 13.70 37.45 5.98
C MET PA 8 13.61 37.83 7.46
N ILE PA 9 14.79 37.94 8.08
CA ILE PA 9 14.91 38.16 9.50
C ILE PA 9 15.90 39.29 9.74
N ASP PA 10 15.82 39.87 10.94
CA ASP PA 10 16.79 40.88 11.38
C ASP PA 10 17.95 40.15 12.05
N SER PA 11 19.06 40.04 11.35
CA SER PA 11 20.20 39.31 11.87
C SER PA 11 20.86 40.06 13.02
N TRP PA 12 21.52 39.31 13.89
CA TRP PA 12 22.28 39.87 14.99
C TRP PA 12 23.74 40.08 14.63
N ARG PA 13 24.21 39.47 13.55
CA ARG PA 13 25.61 39.51 13.17
C ARG PA 13 25.87 40.02 11.76
N THR PA 14 24.91 39.95 10.85
CA THR PA 14 25.09 40.35 9.46
C THR PA 14 24.20 41.54 9.15
N GLU PA 15 24.76 42.51 8.42
CA GLU PA 15 24.07 43.75 8.12
C GLU PA 15 23.15 43.59 6.91
N PRO PA 16 22.12 44.41 6.80
CA PRO PA 16 21.26 44.36 5.62
C PRO PA 16 21.97 44.87 4.38
N SER PA 17 21.38 44.56 3.22
CA SER PA 17 21.96 45.00 1.96
C SER PA 17 21.98 46.52 1.84
N SER PA 18 20.98 47.19 2.41
CA SER PA 18 20.91 48.64 2.30
C SER PA 18 22.07 49.31 3.02
N GLU PA 19 22.66 48.65 4.01
CA GLU PA 19 23.79 49.18 4.74
C GLU PA 19 25.12 48.81 4.09
N LYS PA 20 25.26 47.54 3.70
CA LYS PA 20 26.48 47.03 3.09
C LYS PA 20 26.14 46.22 1.84
N PRO PA 21 25.99 46.86 0.68
CA PRO PA 21 25.78 46.09 -0.54
C PRO PA 21 26.96 45.18 -0.82
N MET PA 22 26.67 43.95 -1.24
CA MET PA 22 27.72 42.99 -1.58
C MET PA 22 28.07 43.01 -3.06
N TRP PA 23 27.27 43.65 -3.89
CA TRP PA 23 27.57 43.79 -5.31
C TRP PA 23 28.46 45.00 -5.55
N TYR PA 24 29.03 45.07 -6.74
CA TYR PA 24 29.80 46.24 -7.15
C TYR PA 24 28.82 47.37 -7.42
N ASN PA 25 28.72 48.29 -6.46
CA ASN PA 25 27.61 49.25 -6.43
C ASN PA 25 27.95 50.48 -7.28
N ARG PA 26 28.00 50.24 -8.59
CA ARG PA 26 28.12 51.30 -9.58
C ARG PA 26 27.13 51.02 -10.70
N PHE PA 27 26.13 51.89 -10.85
CA PHE PA 27 25.08 51.71 -11.83
C PHE PA 27 24.94 52.98 -12.65
N ASP PA 28 24.40 52.82 -13.86
CA ASP PA 28 24.06 53.93 -14.73
C ASP PA 28 22.56 54.12 -14.74
N GLN PA 29 22.11 55.35 -14.51
CA GLN PA 29 20.70 55.68 -14.43
C GLN PA 29 20.29 56.49 -15.65
N VAL PA 30 19.11 56.15 -16.19
CA VAL PA 30 18.57 56.82 -17.36
C VAL PA 30 17.19 57.37 -17.00
N ASP PA 31 16.71 58.28 -17.84
CA ASP PA 31 15.37 58.83 -17.64
C ASP PA 31 14.28 57.87 -18.06
N HIS PA 32 14.54 57.07 -19.10
CA HIS PA 32 13.59 56.09 -19.59
C HIS PA 32 14.34 54.84 -20.00
N ILE PA 33 13.68 53.69 -19.90
CA ILE PA 33 14.36 52.42 -20.13
C ILE PA 33 14.91 52.36 -21.55
N SER PA 34 14.26 53.04 -22.49
CA SER PA 34 14.70 52.99 -23.87
C SER PA 34 16.07 53.63 -24.07
N GLN PA 35 16.49 54.51 -23.16
CA GLN PA 35 17.74 55.22 -23.30
C GLN PA 35 18.95 54.37 -22.94
N HIS PA 36 18.75 53.19 -22.37
CA HIS PA 36 19.86 52.30 -22.10
C HIS PA 36 20.50 51.83 -23.40
N PRO PA 37 21.83 51.63 -23.41
CA PRO PA 37 22.46 51.09 -24.62
C PRO PA 37 21.99 49.66 -24.90
N ASP PA 38 21.91 49.35 -26.18
CA ASP PA 38 21.44 48.03 -26.60
C ASP PA 38 22.58 47.03 -26.55
N PRO PA 39 22.47 45.94 -25.77
CA PRO PA 39 23.57 44.97 -25.72
C PRO PA 39 23.86 44.30 -27.05
N GLU PA 40 22.83 44.02 -27.84
CA GLU PA 40 23.04 43.28 -29.07
C GLU PA 40 23.76 44.12 -30.11
N LYS PA 41 23.61 45.44 -30.08
CA LYS PA 41 24.24 46.34 -31.04
C LYS PA 41 25.44 47.07 -30.45
N THR PA 42 25.95 46.60 -29.32
CA THR PA 42 27.08 47.23 -28.65
C THR PA 42 28.31 46.34 -28.83
N GLU PA 43 29.43 46.97 -29.20
CA GLU PA 43 30.67 46.22 -29.34
C GLU PA 43 31.13 45.71 -27.98
N LYS PA 44 31.57 44.46 -27.95
CA LYS PA 44 32.03 43.83 -26.72
C LYS PA 44 33.54 44.00 -26.57
N TYR PA 45 34.06 43.58 -25.43
CA TYR PA 45 35.49 43.66 -25.19
C TYR PA 45 36.22 42.76 -26.19
N PRO PA 46 37.41 43.17 -26.63
CA PRO PA 46 38.10 42.44 -27.70
C PRO PA 46 38.41 41.01 -27.28
N PRO PA 47 38.29 40.05 -28.20
CA PRO PA 47 38.63 38.67 -27.87
C PRO PA 47 40.11 38.49 -27.60
N VAL PA 48 40.42 37.50 -26.76
CA VAL PA 48 41.79 37.18 -26.39
C VAL PA 48 42.12 35.78 -26.87
N ASP PA 49 43.42 35.48 -26.94
CA ASP PA 49 43.89 34.18 -27.40
C ASP PA 49 44.46 33.31 -26.29
N ASP PA 50 44.65 33.86 -25.09
CA ASP PA 50 45.20 33.14 -23.96
C ASP PA 50 44.32 33.39 -22.75
N THR PA 51 44.11 32.36 -21.93
CA THR PA 51 43.25 32.50 -20.77
C THR PA 51 43.84 33.47 -19.75
N ARG PA 52 45.14 33.75 -19.83
CA ARG PA 52 45.79 34.66 -18.91
C ARG PA 52 45.67 36.11 -19.36
N LYS PA 53 45.03 36.36 -20.51
CA LYS PA 53 44.75 37.69 -20.99
C LYS PA 53 43.30 38.10 -20.76
N LEU PA 54 42.43 37.15 -20.41
CA LEU PA 54 41.04 37.47 -20.12
C LEU PA 54 40.96 38.54 -19.04
N MET PA 55 40.06 39.51 -19.26
CA MET PA 55 39.97 40.69 -18.42
C MET PA 55 39.78 40.33 -16.95
N LYS PA 56 40.03 41.32 -16.09
CA LYS PA 56 39.78 41.17 -14.66
C LYS PA 56 38.29 41.34 -14.36
N THR PA 57 37.90 40.88 -13.19
CA THR PA 57 36.50 40.78 -12.79
C THR PA 57 36.23 41.69 -11.60
N ARG PA 58 35.12 42.42 -11.66
CA ARG PA 58 34.83 43.46 -10.68
C ARG PA 58 34.49 42.90 -9.30
N GLY PA 59 34.19 41.61 -9.18
CA GLY PA 59 33.79 41.08 -7.91
C GLY PA 59 34.89 41.15 -6.87
N ASP PA 60 34.50 41.23 -5.61
CA ASP PA 60 35.43 41.24 -4.50
C ASP PA 60 35.47 39.84 -3.90
N PRO PA 61 36.59 39.11 -4.02
CA PRO PA 61 36.59 37.74 -3.49
C PRO PA 61 36.31 37.65 -2.01
N HIS PA 62 36.61 38.70 -1.26
CA HIS PA 62 36.53 38.68 0.20
C HIS PA 62 35.36 39.51 0.72
N ILE PA 63 34.25 39.51 -0.02
CA ILE PA 63 33.11 40.33 0.35
C ILE PA 63 32.47 39.84 1.66
N MET PA 64 32.62 38.56 1.98
CA MET PA 64 32.01 37.97 3.15
C MET PA 64 33.10 37.36 4.04
N ARG PA 65 32.87 37.38 5.36
CA ARG PA 65 33.85 36.96 6.35
C ARG PA 65 33.23 36.01 7.36
N GLY PA 66 34.04 35.57 8.32
CA GLY PA 66 33.60 34.74 9.43
C GLY PA 66 33.83 33.27 9.16
N TRP PA 67 33.48 32.45 10.15
CA TRP PA 67 33.48 31.01 9.93
C TRP PA 67 32.41 30.67 8.91
N GLY PA 68 32.62 29.57 8.17
CA GLY PA 68 31.65 29.14 7.20
C GLY PA 68 32.28 28.71 5.88
N GLU PA 69 31.49 28.04 5.04
CA GLU PA 69 31.96 27.61 3.73
C GLU PA 69 32.00 28.80 2.78
N TYR PA 70 32.99 28.80 1.90
CA TYR PA 70 33.17 29.95 1.02
C TYR PA 70 31.99 30.10 0.07
N VAL PA 71 31.58 31.34 -0.14
CA VAL PA 71 30.53 31.67 -1.08
C VAL PA 71 30.79 33.06 -1.62
N TYR PA 72 30.49 33.26 -2.90
CA TYR PA 72 30.41 34.59 -3.49
C TYR PA 72 29.02 34.76 -4.08
N CYS PA 73 28.28 35.73 -3.55
CA CYS PA 73 26.97 36.05 -4.07
C CYS PA 73 26.69 37.51 -3.77
N HIS PA 74 25.72 38.07 -4.50
CA HIS PA 74 25.42 39.49 -4.40
C HIS PA 74 24.27 39.81 -3.47
N TYR PA 75 23.47 38.82 -3.06
CA TYR PA 75 22.18 39.10 -2.44
C TYR PA 75 21.96 38.23 -1.22
N GLU PA 76 21.08 38.70 -0.35
CA GLU PA 76 20.70 38.03 0.89
C GLU PA 76 19.21 38.26 1.12
N HIS PA 77 18.67 37.59 2.14
CA HIS PA 77 17.26 37.70 2.46
C HIS PA 77 16.96 38.62 3.64
N LEU PA 78 17.97 39.28 4.20
CA LEU PA 78 17.79 40.00 5.46
C LEU PA 78 16.83 41.19 5.32
N ARG PA 79 16.09 41.44 6.39
CA ARG PA 79 15.15 42.56 6.45
C ARG PA 79 15.90 43.89 6.52
N GLU PA 80 15.25 44.97 5.94
CA GLU PA 80 15.82 46.31 5.88
C GLU PA 80 15.26 47.21 6.98
N PRO PA 81 16.02 48.20 7.43
CA PRO PA 81 15.56 49.04 8.54
C PRO PA 81 14.44 50.00 8.15
N VAL PA 82 13.74 50.52 9.16
CA VAL PA 82 12.67 51.49 8.91
C VAL PA 82 13.22 52.71 8.21
N PHE PA 83 14.43 53.13 8.57
CA PHE PA 83 15.07 54.32 8.02
C PHE PA 83 16.37 53.91 7.35
N PRO PA 84 16.31 53.48 6.09
CA PRO PA 84 17.52 52.99 5.42
C PRO PA 84 18.52 54.09 5.12
N ARG PA 85 19.78 53.65 4.98
CA ARG PA 85 20.86 54.56 4.63
C ARG PA 85 20.63 55.17 3.25
N LYS PA 86 20.78 56.49 3.15
CA LYS PA 86 20.53 57.18 1.91
C LYS PA 86 21.58 56.80 0.87
N PRO PA 87 21.20 56.24 -0.27
CA PRO PA 87 22.19 55.86 -1.27
C PRO PA 87 22.80 57.06 -1.96
N ASP PA 88 24.07 56.92 -2.34
CA ASP PA 88 24.79 57.99 -3.03
C ASP PA 88 24.66 57.77 -4.52
N VAL PA 89 23.50 58.15 -5.05
CA VAL PA 89 23.22 57.95 -6.46
C VAL PA 89 24.08 58.86 -7.33
N ALA PA 90 24.59 59.96 -6.78
CA ALA PA 90 25.45 60.84 -7.56
C ALA PA 90 26.72 60.12 -8.00
N LYS PA 91 27.27 59.28 -7.12
CA LYS PA 91 28.47 58.54 -7.43
C LYS PA 91 28.19 57.20 -8.11
N GLY PA 92 26.93 56.87 -8.37
CA GLY PA 92 26.59 55.66 -9.06
C GLY PA 92 26.03 54.54 -8.21
N GLU PA 93 25.81 54.77 -6.92
CA GLU PA 93 25.24 53.73 -6.08
C GLU PA 93 23.78 53.49 -6.45
N LEU PA 94 23.36 52.23 -6.30
CA LEU PA 94 22.01 51.84 -6.67
C LEU PA 94 21.00 52.31 -5.63
N ALA PA 95 19.86 52.76 -6.10
CA ALA PA 95 18.72 53.12 -5.25
C ALA PA 95 17.52 52.31 -5.73
N ALA PA 96 17.15 51.29 -4.97
CA ALA PA 96 16.04 50.42 -5.34
C ALA PA 96 15.42 49.84 -4.09
N GLY PA 97 14.10 49.71 -4.11
CA GLY PA 97 13.38 49.11 -3.00
C GLY PA 97 13.19 50.03 -1.82
N ALA PA 98 13.68 49.61 -0.66
CA ALA PA 98 13.45 50.37 0.57
C ALA PA 98 14.23 51.67 0.60
N ASN PA 99 15.37 51.74 -0.07
CA ASN PA 99 16.20 52.94 0.00
C ASN PA 99 15.72 54.03 -0.95
N VAL PA 100 14.65 53.79 -1.70
CA VAL PA 100 13.99 54.82 -2.48
C VAL PA 100 12.71 55.29 -1.80
N THR PA 101 11.87 54.34 -1.38
CA THR PA 101 10.61 54.70 -0.74
C THR PA 101 10.85 55.39 0.60
N ARG PA 102 11.63 54.76 1.48
CA ARG PA 102 11.83 55.25 2.84
C ARG PA 102 13.07 56.13 2.96
N THR PA 103 13.39 56.87 1.91
CA THR PA 103 14.48 57.83 1.87
C THR PA 103 14.07 58.91 0.88
N ASP PA 104 14.82 60.02 0.85
CA ASP PA 104 14.53 61.13 -0.05
C ASP PA 104 15.60 61.32 -1.12
N VAL PA 105 16.27 60.23 -1.52
CA VAL PA 105 17.33 60.33 -2.51
C VAL PA 105 16.81 60.73 -3.88
N TRP PA 106 15.51 60.59 -4.11
CA TRP PA 106 14.92 60.86 -5.42
C TRP PA 106 14.57 62.33 -5.63
N LYS PA 107 14.56 63.14 -4.57
CA LYS PA 107 14.10 64.51 -4.69
C LYS PA 107 15.11 65.38 -5.42
N ARG PA 108 14.63 66.10 -6.42
CA ARG PA 108 15.41 67.14 -7.08
C ARG PA 108 14.89 68.52 -6.66
N GLU PA 109 15.72 69.53 -6.86
CA GLU PA 109 15.39 70.85 -6.33
C GLU PA 109 14.11 71.39 -6.95
N GLY PA 110 14.07 71.50 -8.27
CA GLY PA 110 12.98 72.21 -8.91
C GLY PA 110 12.11 71.36 -9.81
N GLU PA 111 12.49 70.10 -9.98
CA GLU PA 111 11.74 69.21 -10.84
C GLU PA 111 10.40 68.85 -10.19
N PRO PA 112 9.35 68.68 -10.99
CA PRO PA 112 8.10 68.16 -10.43
C PRO PA 112 8.32 66.79 -9.80
N ALA PA 113 7.68 66.57 -8.66
CA ALA PA 113 7.95 65.36 -7.88
C ALA PA 113 7.59 64.11 -8.67
N ILE PA 114 6.51 64.18 -9.47
CA ILE PA 114 6.10 63.02 -10.25
C ILE PA 114 7.20 62.64 -11.24
N GLN PA 115 7.87 63.64 -11.81
CA GLN PA 115 8.96 63.36 -12.74
C GLN PA 115 10.18 62.82 -12.01
N SER PA 116 10.44 63.31 -10.80
CA SER PA 116 11.62 62.89 -10.06
C SER PA 116 11.53 61.42 -9.68
N ILE PA 117 10.39 60.99 -9.14
CA ILE PA 117 10.26 59.61 -8.70
C ILE PA 117 10.21 58.66 -9.89
N ALA PA 118 9.80 59.15 -11.06
CA ALA PA 118 9.74 58.30 -12.23
C ALA PA 118 11.13 57.82 -12.65
N ARG PA 119 12.14 58.66 -12.46
CA ARG PA 119 13.50 58.29 -12.84
C ARG PA 119 14.05 57.16 -12.00
N PHE PA 120 13.44 56.86 -10.85
CA PHE PA 120 13.93 55.83 -9.95
C PHE PA 120 13.18 54.51 -10.10
N ASN PA 121 12.45 54.33 -11.19
CA ASN PA 121 11.94 53.02 -11.54
C ASN PA 121 13.11 52.03 -11.58
N PRO PA 122 12.96 50.82 -11.03
CA PRO PA 122 14.07 49.87 -11.10
C PRO PA 122 14.57 49.58 -12.51
N ASP PA 123 13.75 49.87 -13.52
CA ASP PA 123 14.17 49.64 -14.90
C ASP PA 123 15.15 50.70 -15.40
N ASN PA 124 15.22 51.84 -14.74
CA ASN PA 124 16.08 52.93 -15.17
C ASN PA 124 17.50 52.80 -14.64
N PHE PA 125 17.79 51.78 -13.84
CA PHE PA 125 19.12 51.52 -13.34
C PHE PA 125 19.64 50.24 -13.98
N ARG PA 126 20.82 50.32 -14.60
CA ARG PA 126 21.51 49.14 -15.07
C ARG PA 126 22.97 49.21 -14.66
N PRO PA 127 23.61 48.05 -14.43
CA PRO PA 127 25.01 48.06 -14.02
C PRO PA 127 25.89 48.70 -15.09
N VAL PA 128 26.93 49.39 -14.62
CA VAL PA 128 27.88 49.98 -15.56
C VAL PA 128 28.58 48.88 -16.34
N GLY PA 129 28.71 49.09 -17.64
CA GLY PA 129 29.32 48.10 -18.49
C GLY PA 129 28.44 46.92 -18.83
N TYR PA 130 27.13 47.06 -18.66
CA TYR PA 130 26.22 45.96 -18.93
C TYR PA 130 26.22 45.58 -20.41
N ALA PA 131 26.04 46.56 -21.28
CA ALA PA 131 25.94 46.26 -22.70
C ALA PA 131 27.26 45.77 -23.29
N GLU PA 132 28.37 46.05 -22.65
CA GLU PA 132 29.68 45.64 -23.15
C GLU PA 132 30.15 44.32 -22.55
N ASN PA 133 29.39 43.75 -21.62
CA ASN PA 133 29.82 42.52 -20.96
C ASN PA 133 28.83 41.37 -21.05
N ILE PA 134 27.53 41.65 -21.11
CA ILE PA 134 26.60 40.53 -21.05
C ILE PA 134 26.71 39.70 -22.33
N PRO PA 135 26.88 38.38 -22.23
CA PRO PA 135 26.88 37.55 -23.44
C PRO PA 135 25.48 37.48 -24.03
N CYS PA 136 25.39 37.71 -25.34
CA CYS PA 136 24.14 37.63 -26.08
C CYS PA 136 24.23 36.45 -27.03
N PRO PA 137 23.90 35.24 -26.60
CA PRO PA 137 24.09 34.07 -27.45
C PRO PA 137 23.10 34.03 -28.61
N ASP PA 138 23.60 33.60 -29.76
CA ASP PA 138 22.76 33.37 -30.93
C ASP PA 138 22.46 31.89 -31.14
N THR PA 139 23.10 31.01 -30.37
CA THR PA 139 22.86 29.58 -30.48
C THR PA 139 23.35 28.91 -29.21
N CYS PA 140 22.84 27.71 -28.97
CA CYS PA 140 23.34 26.88 -27.88
C CYS PA 140 24.47 25.97 -28.32
N VAL PA 141 24.76 25.90 -29.61
CA VAL PA 141 25.84 25.07 -30.13
C VAL PA 141 26.86 26.00 -30.77
N PRO PA 142 27.89 26.43 -30.03
CA PRO PA 142 28.86 27.36 -30.60
C PRO PA 142 29.64 26.75 -31.74
N GLU PA 143 30.27 27.62 -32.52
CA GLU PA 143 31.06 27.16 -33.66
C GLU PA 143 32.18 26.24 -33.18
N GLY PA 144 32.37 25.16 -33.92
CA GLY PA 144 33.35 24.16 -33.58
C GLY PA 144 32.82 23.02 -32.74
N HIS PA 145 31.55 23.06 -32.35
CA HIS PA 145 30.94 21.99 -31.57
C HIS PA 145 30.13 21.09 -32.49
N LEU PA 146 30.08 19.81 -32.12
CA LEU PA 146 29.40 18.82 -32.94
C LEU PA 146 27.89 18.98 -32.86
N ASP PA 147 27.22 18.78 -34.00
CA ASP PA 147 25.77 18.83 -34.07
C ASP PA 147 25.31 17.86 -35.14
N PHE PA 148 24.01 17.89 -35.46
CA PHE PA 148 23.45 16.90 -36.38
C PHE PA 148 24.03 17.04 -37.78
N ARG PA 149 24.47 18.24 -38.15
CA ARG PA 149 25.03 18.44 -39.48
C ARG PA 149 26.27 17.58 -39.68
N HIS PA 150 27.09 17.45 -38.65
CA HIS PA 150 28.30 16.67 -38.76
C HIS PA 150 28.05 15.18 -38.56
N THR PA 151 27.08 14.82 -37.73
CA THR PA 151 26.83 13.41 -37.42
C THR PA 151 25.88 12.73 -38.40
N ARG PA 152 25.24 13.48 -39.28
CA ARG PA 152 24.35 12.86 -40.26
C ARG PA 152 25.11 11.86 -41.12
N LEU PA 153 24.49 10.70 -41.34
CA LEU PA 153 25.08 9.69 -42.20
C LEU PA 153 25.03 10.13 -43.65
N PRO PA 154 25.91 9.58 -44.49
CA PRO PA 154 25.82 9.86 -45.92
C PRO PA 154 24.51 9.32 -46.49
N THR PA 155 24.00 9.99 -47.52
CA THR PA 155 22.70 9.65 -48.07
C THR PA 155 22.66 8.26 -48.70
N TRP PA 156 23.81 7.65 -48.95
CA TRP PA 156 23.86 6.30 -49.48
C TRP PA 156 23.93 5.23 -48.40
N HIS PA 157 23.83 5.62 -47.13
CA HIS PA 157 23.92 4.68 -46.04
C HIS PA 157 22.81 3.64 -46.11
N ALA PA 158 23.07 2.48 -45.51
CA ALA PA 158 22.08 1.42 -45.43
C ALA PA 158 21.13 1.66 -44.27
N ASP PA 159 19.96 1.03 -44.34
CA ASP PA 159 18.96 1.19 -43.29
C ASP PA 159 19.56 0.79 -41.95
N ARG PA 160 19.37 1.65 -40.96
CA ARG PA 160 19.85 1.39 -39.61
C ARG PA 160 18.74 0.90 -38.69
N ARG PA 161 17.50 0.82 -39.17
CA ARG PA 161 16.42 0.21 -38.41
C ARG PA 161 16.65 -1.26 -38.14
N PRO PA 162 16.98 -2.10 -39.12
CA PRO PA 162 17.12 -3.53 -38.84
C PRO PA 162 18.10 -3.84 -37.73
N PHE PA 163 19.21 -3.12 -37.64
CA PHE PA 163 20.17 -3.41 -36.58
C PHE PA 163 19.74 -2.86 -35.24
N HIS PA 164 19.09 -1.70 -35.21
CA HIS PA 164 18.63 -1.16 -33.94
C HIS PA 164 17.69 -2.12 -33.25
N TYR PA 165 16.73 -2.66 -34.01
CA TYR PA 165 15.76 -3.56 -33.44
C TYR PA 165 16.37 -4.91 -33.07
N PHE PA 166 17.50 -5.27 -33.70
CA PHE PA 166 18.25 -6.44 -33.24
C PHE PA 166 18.82 -6.18 -31.84
N ALA PA 167 19.32 -4.98 -31.61
CA ALA PA 167 19.92 -4.64 -30.33
C ALA PA 167 18.86 -4.56 -29.23
N THR PA 168 17.76 -3.86 -29.49
CA THR PA 168 16.68 -3.83 -28.50
C THR PA 168 16.11 -5.22 -28.30
N GLY PA 169 16.05 -6.00 -29.38
CA GLY PA 169 15.58 -7.37 -29.28
C GLY PA 169 16.51 -8.28 -28.50
N MET PA 170 17.83 -8.09 -28.66
CA MET PA 170 18.78 -8.87 -27.88
C MET PA 170 18.72 -8.53 -26.41
N PHE PA 171 18.40 -7.28 -26.07
CA PHE PA 171 18.16 -6.94 -24.67
C PHE PA 171 16.95 -7.70 -24.17
N GLY PA 172 15.94 -7.85 -25.03
CA GLY PA 172 14.80 -8.67 -24.68
C GLY PA 172 15.08 -10.16 -24.70
N LEU PA 173 15.92 -10.61 -25.62
CA LEU PA 173 16.26 -12.03 -25.70
C LEU PA 173 16.99 -12.47 -24.45
N ILE PA 174 18.02 -11.73 -24.05
CA ILE PA 174 18.81 -12.11 -22.88
C ILE PA 174 18.01 -11.89 -21.60
N GLY PA 175 17.25 -10.80 -21.54
CA GLY PA 175 16.43 -10.56 -20.35
C GLY PA 175 15.44 -11.67 -20.12
N LEU PA 176 14.76 -12.11 -21.16
CA LEU PA 176 13.77 -13.18 -21.00
C LEU PA 176 14.43 -14.49 -20.59
N ALA PA 177 15.64 -14.75 -21.05
CA ALA PA 177 16.36 -15.94 -20.60
C ALA PA 177 16.71 -15.86 -19.12
N PHE PA 178 17.17 -14.69 -18.66
CA PHE PA 178 17.45 -14.53 -17.24
C PHE PA 178 16.18 -14.63 -16.42
N LEU PA 179 15.05 -14.15 -16.94
CA LEU PA 179 13.79 -14.25 -16.23
C LEU PA 179 13.33 -15.69 -16.14
N ARG PA 180 13.33 -16.41 -17.26
CA ARG PA 180 12.98 -17.82 -17.24
C ARG PA 180 13.84 -18.57 -16.24
N GLY PA 181 15.15 -18.39 -16.32
CA GLY PA 181 16.03 -19.09 -15.40
C GLY PA 181 15.75 -18.76 -13.95
N THR PA 182 15.51 -17.48 -13.65
CA THR PA 182 15.21 -17.08 -12.29
C THR PA 182 13.92 -17.73 -11.79
N VAL PA 183 12.84 -17.59 -12.56
CA VAL PA 183 11.56 -18.15 -12.16
C VAL PA 183 11.64 -19.66 -12.04
N VAL PA 184 12.27 -20.31 -13.01
CA VAL PA 184 12.31 -21.77 -13.05
C VAL PA 184 13.12 -22.32 -11.89
N LYS PA 185 14.19 -21.63 -11.49
CA LYS PA 185 15.01 -22.10 -10.38
C LYS PA 185 14.35 -21.83 -9.04
N VAL PA 186 13.56 -20.76 -8.93
CA VAL PA 186 12.84 -20.50 -7.69
C VAL PA 186 11.79 -21.57 -7.43
N VAL PA 187 11.02 -21.93 -8.47
CA VAL PA 187 10.01 -22.98 -8.32
C VAL PA 187 10.67 -24.32 -8.07
N HIS PA 188 11.84 -24.55 -8.66
CA HIS PA 188 12.57 -25.80 -8.49
C HIS PA 188 12.97 -26.00 -7.03
N GLY PA 189 13.24 -24.92 -6.30
CA GLY PA 189 13.58 -25.03 -4.90
C GLY PA 189 12.45 -25.59 -4.05
N LEU PA 190 11.22 -25.49 -4.53
CA LEU PA 190 10.08 -26.07 -3.83
C LEU PA 190 9.98 -27.58 -4.01
N TRP PA 191 10.70 -28.14 -4.97
CA TRP PA 191 10.72 -29.59 -5.13
C TRP PA 191 11.31 -30.23 -3.87
N PRO PA 192 10.88 -31.43 -3.51
CA PRO PA 192 11.45 -32.09 -2.33
C PRO PA 192 12.97 -32.03 -2.33
N ALA PA 193 13.53 -31.68 -1.19
CA ALA PA 193 14.94 -31.37 -1.09
C ALA PA 193 15.78 -32.62 -1.32
N ARG PA 194 17.10 -32.40 -1.45
CA ARG PA 194 18.00 -33.51 -1.73
C ARG PA 194 17.98 -34.54 -0.61
N ASP PA 195 17.96 -34.07 0.64
CA ASP PA 195 17.84 -35.00 1.77
C ASP PA 195 16.48 -35.69 1.78
N ALA PA 196 15.43 -34.96 1.41
CA ALA PA 196 14.09 -35.54 1.43
C ALA PA 196 13.91 -36.57 0.33
N ILE PA 197 14.49 -36.33 -0.84
CA ILE PA 197 14.40 -37.30 -1.93
C ILE PA 197 15.12 -38.58 -1.56
N ALA PA 198 16.29 -38.46 -0.94
CA ALA PA 198 17.09 -39.64 -0.62
C ALA PA 198 16.35 -40.57 0.33
N ALA PA 199 15.73 -40.00 1.37
CA ALA PA 199 15.00 -40.83 2.32
C ALA PA 199 13.72 -41.38 1.71
N GLY PA 200 13.04 -40.57 0.90
CA GLY PA 200 11.79 -40.98 0.30
C GLY PA 200 11.85 -42.33 -0.36
N VAL PA 201 12.59 -42.42 -1.46
CA VAL PA 201 12.76 -43.68 -2.16
C VAL PA 201 13.83 -44.50 -1.45
N ILE PA 202 13.49 -45.74 -1.09
CA ILE PA 202 14.36 -46.64 -0.36
C ILE PA 202 14.47 -47.93 -1.16
N GLU PA 203 15.69 -48.30 -1.54
CA GLU PA 203 15.94 -49.60 -2.14
C GLU PA 203 16.24 -50.61 -1.04
N VAL PA 204 15.54 -51.73 -1.07
CA VAL PA 204 15.65 -52.77 -0.04
C VAL PA 204 16.28 -54.00 -0.68
N ASP PA 205 17.38 -54.46 -0.09
CA ASP PA 205 18.12 -55.61 -0.61
C ASP PA 205 17.49 -56.89 -0.07
N LEU PA 206 16.87 -57.67 -0.96
CA LEU PA 206 16.23 -58.91 -0.55
C LEU PA 206 17.23 -60.06 -0.41
N ARG PA 207 18.50 -59.85 -0.76
CA ARG PA 207 19.50 -60.89 -0.61
C ARG PA 207 19.84 -61.10 0.85
N GLY PA 208 19.71 -62.36 1.30
CA GLY PA 208 20.02 -62.73 2.67
C GLY PA 208 18.79 -63.05 3.49
N ILE PA 209 17.62 -62.63 3.03
CA ILE PA 209 16.38 -63.03 3.68
C ILE PA 209 16.20 -64.53 3.54
N GLN PA 210 15.61 -65.14 4.55
CA GLN PA 210 15.30 -66.56 4.54
C GLN PA 210 13.78 -66.75 4.50
N PRO PA 211 13.31 -67.83 3.88
CA PRO PA 211 11.86 -68.01 3.76
C PRO PA 211 11.20 -68.05 5.13
N GLY PA 212 10.18 -67.23 5.31
CA GLY PA 212 9.48 -67.13 6.57
C GLY PA 212 9.89 -65.95 7.43
N GLN PA 213 10.95 -65.24 7.07
CA GLN PA 213 11.44 -64.13 7.88
C GLN PA 213 10.72 -62.83 7.54
N ASN PA 214 10.40 -62.06 8.56
CA ASN PA 214 9.76 -60.76 8.43
C ASN PA 214 10.71 -59.68 8.95
N PHE PA 215 10.96 -58.67 8.13
CA PHE PA 215 11.78 -57.53 8.51
C PHE PA 215 10.97 -56.25 8.33
N VAL PA 216 11.39 -55.21 9.04
CA VAL PA 216 10.69 -53.93 9.06
C VAL PA 216 11.60 -52.85 8.52
N VAL PA 217 11.07 -52.03 7.61
CA VAL PA 217 11.79 -50.90 7.04
C VAL PA 217 10.97 -49.65 7.32
N LYS PA 218 11.60 -48.66 7.94
CA LYS PA 218 10.93 -47.37 8.17
C LYS PA 218 10.95 -46.59 6.87
N TRP PA 219 9.78 -46.44 6.25
CA TRP PA 219 9.63 -45.78 4.97
C TRP PA 219 8.59 -44.68 5.11
N ARG PA 220 9.03 -43.44 4.93
CA ARG PA 220 8.15 -42.27 5.03
C ARG PA 220 7.43 -42.25 6.38
N GLY PA 221 8.16 -42.63 7.43
CA GLY PA 221 7.67 -42.54 8.78
C GLY PA 221 6.88 -43.74 9.28
N LYS PA 222 6.64 -44.73 8.43
CA LYS PA 222 5.75 -45.83 8.79
C LYS PA 222 6.50 -47.16 8.72
N PRO PA 223 6.12 -48.14 9.54
CA PRO PA 223 6.72 -49.47 9.44
C PRO PA 223 6.22 -50.20 8.20
N VAL PA 224 7.16 -50.68 7.39
CA VAL PA 224 6.83 -51.41 6.17
C VAL PA 224 7.36 -52.84 6.34
N PHE PA 225 6.45 -53.77 6.66
CA PHE PA 225 6.84 -55.17 6.81
C PHE PA 225 7.12 -55.79 5.45
N VAL PA 226 8.30 -56.41 5.31
CA VAL PA 226 8.69 -57.12 4.09
C VAL PA 226 8.99 -58.56 4.50
N ARG PA 227 8.09 -59.48 4.17
CA ARG PA 227 8.20 -60.87 4.60
C ARG PA 227 8.35 -61.80 3.41
N ARG PA 228 9.41 -62.60 3.41
CA ARG PA 228 9.49 -63.73 2.49
C ARG PA 228 8.53 -64.81 2.98
N ARG PA 229 7.74 -65.35 2.06
CA ARG PA 229 6.66 -66.26 2.41
C ARG PA 229 7.02 -67.68 1.98
N THR PA 230 6.97 -68.61 2.94
CA THR PA 230 7.18 -70.01 2.63
C THR PA 230 6.00 -70.55 1.82
N GLN PA 231 6.21 -71.68 1.15
CA GLN PA 231 5.15 -72.24 0.34
C GLN PA 231 3.90 -72.49 1.15
N ALA PA 232 4.05 -72.86 2.43
CA ALA PA 232 2.88 -73.03 3.28
C ALA PA 232 2.12 -71.72 3.45
N MET PA 233 2.84 -70.63 3.68
CA MET PA 233 2.18 -69.34 3.81
C MET PA 233 1.47 -68.95 2.52
N ILE PA 234 2.14 -69.15 1.38
CA ILE PA 234 1.56 -68.78 0.10
C ILE PA 234 0.32 -69.61 -0.17
N ASP PA 235 0.41 -70.92 0.07
CA ASP PA 235 -0.75 -71.80 -0.15
C ASP PA 235 -1.91 -71.41 0.75
N ALA PA 236 -1.61 -71.00 1.99
CA ALA PA 236 -2.66 -70.63 2.93
C ALA PA 236 -3.51 -69.48 2.39
N ALA PA 237 -2.85 -68.44 1.89
CA ALA PA 237 -3.58 -67.29 1.34
C ALA PA 237 -4.31 -67.69 0.06
N THR PA 238 -3.70 -68.58 -0.74
CA THR PA 238 -4.36 -69.07 -1.94
C THR PA 238 -5.64 -69.83 -1.59
N ALA PA 239 -5.65 -70.54 -0.47
CA ALA PA 239 -6.84 -71.25 -0.04
C ALA PA 239 -7.95 -70.29 0.32
N ASP PA 240 -7.63 -69.19 1.01
CA ASP PA 240 -8.62 -68.16 1.31
C ASP PA 240 -9.01 -67.38 0.07
N ASP PA 241 -8.21 -67.47 -0.99
CA ASP PA 241 -8.53 -66.80 -2.24
C ASP PA 241 -9.82 -67.33 -2.86
N ALA PA 242 -10.21 -68.56 -2.50
CA ALA PA 242 -11.46 -69.14 -2.94
C ALA PA 242 -12.64 -68.74 -2.06
N ILE PA 243 -12.39 -68.41 -0.80
CA ILE PA 243 -13.43 -68.08 0.16
C ILE PA 243 -13.62 -66.57 0.18
N VAL PA 244 -13.00 -65.86 -0.77
CA VAL PA 244 -13.20 -64.43 -0.90
C VAL PA 244 -14.70 -64.20 -1.01
N ASN PA 245 -15.16 -63.00 -0.62
CA ASN PA 245 -16.53 -62.60 -0.40
C ASN PA 245 -17.06 -63.09 0.94
N SER PA 246 -16.31 -63.92 1.66
CA SER PA 246 -16.60 -64.24 3.04
C SER PA 246 -15.69 -63.47 3.99
N LEU PA 247 -15.00 -62.46 3.48
CA LEU PA 247 -14.05 -61.66 4.23
C LEU PA 247 -14.57 -60.23 4.33
N ARG PA 248 -14.25 -59.58 5.44
CA ARG PA 248 -14.70 -58.21 5.65
C ARG PA 248 -14.33 -57.31 4.48
N ASP PA 249 -13.10 -57.45 3.99
CA ASP PA 249 -12.58 -56.68 2.87
C ASP PA 249 -12.10 -57.66 1.80
N PRO PA 250 -12.99 -58.09 0.90
CA PRO PA 250 -12.62 -59.12 -0.07
C PRO PA 250 -11.51 -58.68 -1.02
N GLU PA 251 -10.34 -59.31 -0.90
CA GLU PA 251 -9.21 -59.08 -1.78
C GLU PA 251 -8.49 -60.40 -2.00
N ARG PA 252 -7.96 -60.58 -3.21
CA ARG PA 252 -7.26 -61.81 -3.58
C ARG PA 252 -5.76 -61.61 -3.44
N ASP PA 253 -5.08 -62.66 -2.99
CA ASP PA 253 -3.64 -62.57 -2.73
C ASP PA 253 -2.88 -62.12 -3.97
N LYS PA 254 -3.34 -62.52 -5.15
CA LYS PA 254 -2.68 -62.12 -6.38
C LYS PA 254 -2.69 -60.60 -6.55
N ASP PA 255 -3.69 -59.92 -6.02
CA ASP PA 255 -3.82 -58.48 -6.15
C ASP PA 255 -3.17 -57.72 -5.01
N ARG PA 256 -2.55 -58.44 -4.07
CA ARG PA 256 -1.84 -57.83 -2.96
C ARG PA 256 -0.34 -58.10 -2.99
N VAL PA 257 0.12 -59.02 -3.83
CA VAL PA 257 1.52 -59.37 -3.94
C VAL PA 257 1.92 -59.35 -5.42
N LYS PA 258 3.07 -58.75 -5.71
CA LYS PA 258 3.58 -58.79 -7.08
C LYS PA 258 4.29 -60.10 -7.35
N LYS PA 259 5.00 -60.64 -6.36
CA LYS PA 259 5.62 -61.95 -6.43
C LYS PA 259 5.13 -62.76 -5.24
N PRO PA 260 4.65 -63.99 -5.44
CA PRO PA 260 4.07 -64.74 -4.31
C PRO PA 260 5.02 -64.92 -3.14
N GLU PA 261 6.32 -65.05 -3.41
CA GLU PA 261 7.28 -65.28 -2.35
C GLU PA 261 7.47 -64.07 -1.45
N TRP PA 262 7.04 -62.89 -1.88
CA TRP PA 262 7.33 -61.64 -1.20
C TRP PA 262 6.05 -60.87 -0.92
N LEU PA 263 5.81 -60.58 0.36
CA LEU PA 263 4.71 -59.72 0.78
C LEU PA 263 5.29 -58.44 1.38
N VAL PA 264 5.06 -57.32 0.72
CA VAL PA 264 5.43 -56.00 1.23
C VAL PA 264 4.15 -55.29 1.61
N MET PA 265 4.00 -54.97 2.89
CA MET PA 265 2.80 -54.33 3.42
C MET PA 265 3.21 -53.27 4.43
N LEU PA 266 2.33 -52.29 4.65
CA LEU PA 266 2.52 -51.31 5.72
C LEU PA 266 1.98 -51.90 7.01
N GLY PA 267 2.83 -52.02 8.03
CA GLY PA 267 2.46 -52.64 9.27
C GLY PA 267 1.77 -51.71 10.25
N VAL PA 268 0.55 -51.31 9.92
CA VAL PA 268 -0.23 -50.39 10.73
C VAL PA 268 -1.63 -50.98 10.81
N CYS PA 269 -2.04 -51.40 11.99
CA CYS PA 269 -3.38 -51.95 12.15
C CYS PA 269 -4.41 -50.95 11.65
N THR PA 270 -5.39 -51.44 10.91
CA THR PA 270 -6.44 -50.59 10.38
C THR PA 270 -7.46 -50.21 11.43
N HIS PA 271 -7.34 -50.70 12.67
CA HIS PA 271 -8.26 -50.25 13.71
C HIS PA 271 -7.84 -48.91 14.30
N LEU PA 272 -6.76 -48.88 15.07
CA LEU PA 272 -6.31 -47.65 15.72
C LEU PA 272 -4.81 -47.44 15.60
N GLY PA 273 -4.20 -48.00 14.56
CA GLY PA 273 -2.83 -47.66 14.18
C GLY PA 273 -1.73 -48.44 14.86
N CYS PA 274 -2.02 -49.19 15.91
CA CYS PA 274 -0.98 -50.02 16.53
C CYS PA 274 -0.28 -50.86 15.47
N VAL PA 275 0.97 -51.24 15.74
CA VAL PA 275 1.77 -52.01 14.79
C VAL PA 275 1.63 -53.49 15.12
N PRO PA 276 1.12 -54.32 14.20
CA PRO PA 276 0.94 -55.74 14.51
C PRO PA 276 2.27 -56.46 14.58
N TYR PA 277 2.27 -57.61 15.33
CA TYR PA 277 3.47 -58.44 15.45
C TYR PA 277 3.34 -59.69 14.60
N PRO PA 278 4.36 -60.09 13.83
CA PRO PA 278 4.21 -61.22 12.93
C PRO PA 278 4.26 -62.57 13.65
N ASP PA 279 3.81 -63.59 12.93
CA ASP PA 279 3.77 -64.96 13.43
C ASP PA 279 2.92 -65.07 14.68
N GLN PA 280 1.83 -64.30 14.70
CA GLN PA 280 0.93 -64.27 15.84
C GLN PA 280 -0.50 -64.28 15.34
N GLY PA 281 -1.41 -64.72 16.19
CA GLY PA 281 -2.81 -64.78 15.87
C GLY PA 281 -3.29 -66.21 15.65
N LEU PA 282 -4.46 -66.30 15.02
CA LEU PA 282 -5.04 -67.60 14.68
C LEU PA 282 -4.63 -68.08 13.31
N TYR PA 283 -4.20 -67.19 12.43
CA TYR PA 283 -3.79 -67.52 11.08
C TYR PA 283 -2.28 -67.48 10.91
N GLY PA 284 -1.53 -67.35 12.00
CA GLY PA 284 -0.09 -67.30 11.92
C GLY PA 284 0.41 -66.18 11.04
N GLY PA 285 -0.37 -65.12 10.90
CA GLY PA 285 -0.06 -63.99 10.06
C GLY PA 285 0.51 -62.87 10.89
N TYR PA 286 -0.34 -61.93 11.30
CA TYR PA 286 0.07 -60.77 12.09
C TYR PA 286 -1.04 -60.43 13.05
N PHE PA 287 -0.76 -60.44 14.35
CA PHE PA 287 -1.76 -60.19 15.39
C PHE PA 287 -1.45 -58.86 16.06
N CYS PA 288 -2.41 -57.93 15.99
CA CYS PA 288 -2.27 -56.69 16.74
C CYS PA 288 -2.73 -56.92 18.17
N PRO PA 289 -1.84 -56.81 19.16
CA PRO PA 289 -2.22 -57.10 20.55
C PRO PA 289 -3.06 -56.02 21.20
N CYS PA 290 -3.17 -54.85 20.58
CA CYS PA 290 -3.87 -53.74 21.20
C CYS PA 290 -5.31 -54.13 21.50
N HIS PA 291 -6.06 -54.49 20.47
CA HIS PA 291 -7.46 -54.83 20.64
C HIS PA 291 -7.81 -56.18 20.03
N GLY PA 292 -6.82 -56.91 19.53
CA GLY PA 292 -7.02 -58.28 19.10
C GLY PA 292 -7.44 -58.48 17.65
N SER PA 293 -6.75 -57.85 16.70
CA SER PA 293 -7.04 -58.03 15.29
C SER PA 293 -6.10 -59.06 14.71
N HIS PA 294 -6.64 -60.04 14.00
CA HIS PA 294 -5.88 -61.12 13.39
C HIS PA 294 -5.90 -60.95 11.87
N TYR PA 295 -4.72 -60.90 11.27
CA TYR PA 295 -4.57 -60.82 9.82
C TYR PA 295 -3.94 -62.12 9.31
N ASP PA 296 -4.23 -62.47 8.05
CA ASP PA 296 -3.77 -63.74 7.50
C ASP PA 296 -2.37 -63.57 6.91
N HIS PA 297 -1.91 -64.56 6.15
CA HIS PA 297 -0.56 -64.51 5.58
C HIS PA 297 -0.48 -63.60 4.37
N SER PA 298 -1.62 -63.05 3.93
CA SER PA 298 -1.67 -62.04 2.89
C SER PA 298 -1.93 -60.64 3.44
N GLY PA 299 -2.15 -60.52 4.75
CA GLY PA 299 -2.41 -59.24 5.36
C GLY PA 299 -3.86 -58.82 5.36
N ARG PA 300 -4.78 -59.75 5.13
CA ARG PA 300 -6.20 -59.45 5.10
C ARG PA 300 -6.81 -59.70 6.48
N ILE PA 301 -7.67 -58.77 6.91
CA ILE PA 301 -8.23 -58.87 8.24
C ILE PA 301 -9.20 -60.05 8.30
N ARG PA 302 -8.99 -60.92 9.28
CA ARG PA 302 -9.79 -62.12 9.44
C ARG PA 302 -10.57 -62.16 10.75
N LEU PA 303 -10.18 -61.40 11.75
CA LEU PA 303 -10.86 -61.38 13.05
C LEU PA 303 -10.37 -60.15 13.82
N GLY PA 304 -11.23 -59.65 14.71
CA GLY PA 304 -10.88 -58.53 15.55
C GLY PA 304 -11.72 -57.29 15.34
N PRO PA 305 -11.28 -56.15 15.89
CA PRO PA 305 -11.99 -54.89 15.64
C PRO PA 305 -11.61 -54.21 14.34
N ALA PA 306 -10.45 -54.51 13.79
CA ALA PA 306 -9.96 -53.82 12.60
C ALA PA 306 -10.96 -53.89 11.46
N PRO PA 307 -11.14 -52.81 10.69
CA PRO PA 307 -12.14 -52.81 9.61
C PRO PA 307 -11.68 -53.25 8.23
N LEU PA 308 -10.41 -53.03 7.86
CA LEU PA 308 -9.93 -53.21 6.50
C LEU PA 308 -8.68 -54.10 6.52
N ASN PA 309 -8.10 -54.33 5.34
CA ASN PA 309 -6.85 -55.08 5.22
C ASN PA 309 -5.67 -54.13 5.34
N MET PA 310 -4.54 -54.65 5.80
CA MET PA 310 -3.33 -53.84 5.84
C MET PA 310 -2.94 -53.40 4.43
N GLU PA 311 -2.62 -52.11 4.28
CA GLU PA 311 -2.39 -51.52 2.98
C GLU PA 311 -1.09 -51.99 2.35
N ILE PA 312 -1.10 -52.10 1.03
CA ILE PA 312 0.09 -52.48 0.26
C ILE PA 312 0.74 -51.20 -0.26
N PRO PA 313 1.98 -50.91 0.09
CA PRO PA 313 2.61 -49.66 -0.33
C PRO PA 313 2.92 -49.66 -1.82
N THR PA 314 3.31 -48.49 -2.32
CA THR PA 314 3.82 -48.38 -3.69
C THR PA 314 5.26 -48.88 -3.70
N TYR PA 315 5.50 -49.98 -4.42
CA TYR PA 315 6.83 -50.56 -4.49
C TYR PA 315 6.93 -51.41 -5.76
N GLU PA 316 8.08 -51.33 -6.43
CA GLU PA 316 8.38 -52.16 -7.60
C GLU PA 316 9.62 -53.00 -7.35
N PHE PA 317 9.80 -54.03 -8.19
CA PHE PA 317 10.98 -54.89 -8.13
C PHE PA 317 11.99 -54.39 -9.17
N THR PA 318 13.14 -53.92 -8.69
CA THR PA 318 14.21 -53.50 -9.60
C THR PA 318 14.82 -54.69 -10.32
N ASP PA 319 15.05 -55.78 -9.60
CA ASP PA 319 15.57 -57.02 -10.13
C ASP PA 319 14.93 -58.13 -9.30
N ASP PA 320 15.55 -59.32 -9.29
CA ASP PA 320 14.99 -60.41 -8.51
C ASP PA 320 15.31 -60.31 -7.03
N ASP PA 321 16.37 -59.60 -6.65
CA ASP PA 321 16.81 -59.52 -5.26
C ASP PA 321 16.89 -58.08 -4.78
N THR PA 322 16.00 -57.21 -5.29
CA THR PA 322 15.95 -55.82 -4.88
C THR PA 322 14.57 -55.25 -5.18
N ILE PA 323 14.04 -54.50 -4.23
CA ILE PA 323 12.79 -53.76 -4.35
C ILE PA 323 13.12 -52.29 -4.19
N ILE PA 324 12.25 -51.42 -4.70
CA ILE PA 324 12.38 -49.99 -4.50
C ILE PA 324 11.04 -49.46 -3.98
N LEU PA 325 11.01 -49.03 -2.72
CA LEU PA 325 9.81 -48.49 -2.10
C LEU PA 325 9.66 -47.03 -2.52
N GLY PA 326 8.56 -46.72 -3.19
CA GLY PA 326 8.34 -45.39 -3.71
C GLY PA 326 8.36 -45.39 -5.23
N SER QA 1 -4.94 -18.68 -48.24
CA SER QA 1 -5.27 -18.26 -46.89
C SER QA 1 -6.67 -18.73 -46.50
N PHE QA 2 -6.77 -19.28 -45.30
CA PHE QA 2 -8.04 -19.81 -44.82
C PHE QA 2 -8.94 -18.74 -44.23
N HIS QA 3 -8.39 -17.59 -43.85
CA HIS QA 3 -9.23 -16.49 -43.38
C HIS QA 3 -10.01 -15.88 -44.52
N ARG QA 4 -9.39 -15.76 -45.69
CA ARG QA 4 -10.06 -15.19 -46.84
C ARG QA 4 -11.24 -16.05 -47.28
N ALA QA 5 -11.12 -17.37 -47.13
CA ALA QA 5 -12.22 -18.26 -47.45
C ALA QA 5 -13.36 -18.10 -46.46
N PHE QA 6 -13.03 -18.04 -45.17
CA PHE QA 6 -14.06 -17.83 -44.15
C PHE QA 6 -14.81 -16.53 -44.36
N ALA QA 7 -14.12 -15.51 -44.85
CA ALA QA 7 -14.77 -14.24 -45.10
C ALA QA 7 -15.79 -14.34 -46.23
N ARG QA 8 -15.51 -15.18 -47.22
CA ARG QA 8 -16.48 -15.41 -48.29
C ARG QA 8 -17.67 -16.22 -47.79
N VAL QA 9 -17.42 -17.23 -46.96
CA VAL QA 9 -18.51 -18.01 -46.40
C VAL QA 9 -19.45 -17.12 -45.59
N VAL QA 10 -18.88 -16.27 -44.74
CA VAL QA 10 -19.70 -15.39 -43.91
C VAL QA 10 -20.45 -14.40 -44.79
N CYS QA 11 -19.78 -13.84 -45.79
CA CYS QA 11 -20.43 -12.87 -46.67
C CYS QA 11 -21.60 -13.51 -47.43
N ASN QA 12 -21.40 -14.74 -47.91
CA ASN QA 12 -22.44 -15.39 -48.68
C ASN QA 12 -23.58 -15.89 -47.81
N TYR QA 13 -23.30 -16.31 -46.58
CA TYR QA 13 -24.37 -16.79 -45.71
C TYR QA 13 -25.22 -15.65 -45.19
N ASN QA 14 -24.65 -14.46 -45.06
CA ASN QA 14 -25.44 -13.33 -44.59
C ASN QA 14 -26.21 -12.70 -45.73
N LYS QA 15 -25.66 -12.72 -46.94
CA LYS QA 15 -26.39 -12.22 -48.11
C LYS QA 15 -27.61 -13.08 -48.40
N SER QA 16 -27.60 -14.34 -47.99
CA SER QA 16 -28.69 -15.26 -48.27
C SER QA 16 -29.81 -15.20 -47.22
N ILE QA 17 -29.63 -14.41 -46.16
CA ILE QA 17 -30.65 -14.26 -45.13
C ILE QA 17 -31.07 -12.81 -44.95
N GLU QA 18 -30.70 -11.94 -45.88
CA GLU QA 18 -31.16 -10.56 -45.83
C GLU QA 18 -32.67 -10.50 -46.07
N GLY QA 19 -33.34 -9.65 -45.32
CA GLY QA 19 -34.78 -9.49 -45.47
C GLY QA 19 -35.61 -10.60 -44.86
N SER QA 20 -35.00 -11.52 -44.12
CA SER QA 20 -35.74 -12.60 -43.51
C SER QA 20 -36.67 -12.07 -42.43
N VAL QA 21 -37.86 -12.66 -42.35
CA VAL QA 21 -38.85 -12.25 -41.36
C VAL QA 21 -38.42 -12.79 -39.99
N PRO QA 22 -38.44 -11.97 -38.94
CA PRO QA 22 -38.07 -12.47 -37.61
C PRO QA 22 -38.98 -13.59 -37.14
N TRP QA 23 -38.46 -14.42 -36.25
CA TRP QA 23 -39.18 -15.61 -35.83
C TRP QA 23 -40.53 -15.26 -35.21
N TYR QA 24 -40.66 -14.08 -34.63
CA TYR QA 24 -41.88 -13.68 -33.95
C TYR QA 24 -42.90 -13.03 -34.85
N GLN QA 25 -42.55 -12.77 -36.12
CA GLN QA 25 -43.49 -12.21 -37.09
C GLN QA 25 -43.97 -13.25 -38.08
N VAL QA 26 -43.65 -14.52 -37.85
CA VAL QA 26 -44.10 -15.64 -38.68
C VAL QA 26 -45.33 -16.24 -38.02
N LYS QA 27 -46.43 -16.33 -38.78
CA LYS QA 27 -47.61 -17.04 -38.30
C LYS QA 27 -47.24 -18.50 -38.07
N ARG QA 28 -47.31 -18.94 -36.81
CA ARG QA 28 -46.80 -20.25 -36.42
C ARG QA 28 -47.92 -21.06 -35.79
N GLU QA 29 -48.10 -22.28 -36.29
CA GLU QA 29 -49.04 -23.24 -35.74
C GLU QA 29 -48.26 -24.22 -34.87
N LYS QA 30 -48.67 -24.35 -33.61
CA LYS QA 30 -47.92 -25.18 -32.68
C LYS QA 30 -47.94 -26.63 -33.15
N SER QA 31 -46.85 -27.33 -32.84
CA SER QA 31 -46.74 -28.74 -33.22
C SER QA 31 -47.84 -29.54 -32.53
N PRO QA 32 -48.33 -30.61 -33.16
CA PRO QA 32 -49.34 -31.44 -32.49
C PRO QA 32 -48.88 -31.89 -31.11
N PHE QA 33 -47.61 -32.23 -30.98
CA PHE QA 33 -47.08 -32.63 -29.68
C PHE QA 33 -47.24 -31.51 -28.65
N GLN QA 34 -46.91 -30.28 -29.05
CA GLN QA 34 -47.07 -29.16 -28.13
C GLN QA 34 -48.53 -28.94 -27.79
N GLN QA 35 -49.42 -29.14 -28.77
CA GLN QA 35 -50.84 -28.97 -28.52
C GLN QA 35 -51.32 -29.95 -27.45
N VAL QA 36 -50.89 -31.21 -27.52
CA VAL QA 36 -51.29 -32.17 -26.50
C VAL QA 36 -50.73 -31.75 -25.14
N TRP QA 37 -49.48 -31.31 -25.12
CA TRP QA 37 -48.85 -30.82 -23.89
C TRP QA 37 -49.61 -29.63 -23.31
N ASP QA 38 -50.11 -28.76 -24.18
CA ASP QA 38 -50.78 -27.54 -23.72
C ASP QA 38 -52.23 -27.77 -23.34
N GLU QA 39 -52.73 -28.99 -23.47
CA GLU QA 39 -54.08 -29.33 -23.08
C GLU QA 39 -54.13 -30.21 -21.84
N VAL QA 40 -53.02 -30.84 -21.48
CA VAL QA 40 -52.93 -31.68 -20.28
C VAL QA 40 -52.16 -30.94 -19.19
N PHE QA 41 -50.92 -30.56 -19.47
CA PHE QA 41 -50.07 -29.96 -18.44
C PHE QA 41 -50.48 -28.54 -18.12
N THR QA 42 -50.44 -27.66 -19.11
CA THR QA 42 -50.69 -26.24 -18.87
C THR QA 42 -51.93 -25.99 -18.04
N PRO QA 43 -53.10 -26.57 -18.35
CA PRO QA 43 -54.27 -26.30 -17.52
C PRO QA 43 -54.09 -26.66 -16.04
N ILE QA 44 -53.66 -27.89 -15.76
CA ILE QA 44 -53.50 -28.33 -14.39
C ILE QA 44 -52.41 -27.54 -13.68
N TRP QA 45 -51.29 -27.31 -14.37
CA TRP QA 45 -50.18 -26.59 -13.76
C TRP QA 45 -50.60 -25.19 -13.35
N PHE QA 46 -51.42 -24.53 -14.16
CA PHE QA 46 -51.89 -23.19 -13.82
C PHE QA 46 -52.83 -23.22 -12.62
N LYS QA 47 -53.70 -24.22 -12.56
CA LYS QA 47 -54.70 -24.26 -11.50
C LYS QA 47 -54.07 -24.59 -10.15
N LEU QA 48 -52.96 -25.31 -10.14
CA LEU QA 48 -52.38 -25.80 -8.90
C LEU QA 48 -51.08 -25.14 -8.50
N VAL QA 49 -50.24 -24.73 -9.45
CA VAL QA 49 -48.96 -24.13 -9.08
C VAL QA 49 -48.81 -22.71 -9.61
N LYS QA 50 -48.74 -22.55 -10.92
CA LYS QA 50 -48.41 -21.24 -11.48
C LYS QA 50 -49.42 -20.20 -11.04
N GLY QA 51 -50.69 -20.42 -11.35
CA GLY QA 51 -51.75 -19.50 -11.02
C GLY QA 51 -51.65 -19.00 -9.59
N PRO QA 52 -51.80 -19.90 -8.62
CA PRO QA 52 -51.74 -19.46 -7.22
C PRO QA 52 -50.43 -18.82 -6.83
N TYR QA 53 -49.29 -19.37 -7.26
CA TYR QA 53 -48.01 -18.80 -6.86
C TYR QA 53 -47.84 -17.39 -7.41
N GLU QA 54 -48.21 -17.17 -8.67
CA GLU QA 54 -47.96 -15.89 -9.29
C GLU QA 54 -48.98 -14.85 -8.88
N ARG QA 55 -50.19 -15.27 -8.49
CA ARG QA 55 -51.12 -14.34 -7.86
C ARG QA 55 -50.66 -13.97 -6.46
N TRP QA 56 -50.10 -14.94 -5.73
CA TRP QA 56 -49.57 -14.66 -4.40
C TRP QA 56 -48.46 -13.62 -4.46
N GLU QA 57 -47.56 -13.75 -5.43
CA GLU QA 57 -46.48 -12.78 -5.58
C GLU QA 57 -47.00 -11.44 -6.08
N TYR QA 58 -47.88 -11.46 -7.08
CA TYR QA 58 -48.36 -10.21 -7.66
C TYR QA 58 -49.12 -9.38 -6.64
N ASN QA 59 -50.01 -10.02 -5.88
CA ASN QA 59 -50.78 -9.28 -4.89
C ASN QA 59 -49.88 -8.68 -3.83
N ALA QA 60 -48.84 -9.40 -3.44
CA ALA QA 60 -47.87 -8.86 -2.49
C ALA QA 60 -47.15 -7.65 -3.07
N LEU QA 61 -46.79 -7.71 -4.34
CA LEU QA 61 -46.09 -6.59 -4.97
C LEU QA 61 -46.97 -5.35 -5.01
N VAL QA 62 -48.26 -5.53 -5.35
CA VAL QA 62 -49.17 -4.39 -5.35
C VAL QA 62 -49.28 -3.78 -3.96
N ALA QA 63 -49.35 -4.63 -2.94
CA ALA QA 63 -49.45 -4.14 -1.57
C ALA QA 63 -48.20 -3.37 -1.18
N ARG QA 64 -47.03 -3.87 -1.57
CA ARG QA 64 -45.79 -3.18 -1.23
C ARG QA 64 -45.74 -1.81 -1.88
N TYR QA 65 -46.12 -1.72 -3.14
CA TYR QA 65 -46.17 -0.42 -3.81
C TYR QA 65 -47.16 0.51 -3.13
N ARG QA 66 -48.33 -0.02 -2.76
CA ARG QA 66 -49.34 0.82 -2.12
C ARG QA 66 -48.86 1.29 -0.76
N GLY QA 67 -48.15 0.45 -0.02
CA GLY QA 67 -47.60 0.87 1.25
C GLY QA 67 -46.60 2.00 1.10
N MET QA 68 -45.70 1.88 0.12
CA MET QA 68 -44.75 2.94 -0.15
C MET QA 68 -45.42 4.16 -0.79
N GLY QA 69 -46.61 3.99 -1.35
CA GLY QA 69 -47.24 5.08 -2.06
C GLY QA 69 -46.66 5.37 -3.42
N ILE QA 70 -45.98 4.41 -4.03
CA ILE QA 70 -45.29 4.62 -5.28
C ILE QA 70 -45.96 3.81 -6.37
N MET QA 71 -45.68 4.17 -7.61
CA MET QA 71 -46.11 3.40 -8.77
C MET QA 71 -45.06 2.34 -9.10
N ALA QA 72 -45.47 1.40 -9.96
CA ALA QA 72 -44.53 0.36 -10.39
C ALA QA 72 -43.37 0.95 -11.17
N ASP QA 73 -43.65 1.90 -12.06
CA ASP QA 73 -42.59 2.50 -12.86
C ASP QA 73 -41.66 3.37 -12.02
N ASP QA 74 -42.10 3.84 -10.86
CA ASP QA 74 -41.20 4.55 -9.97
C ASP QA 74 -40.06 3.65 -9.50
N ALA QA 75 -40.32 2.35 -9.37
CA ALA QA 75 -39.36 1.43 -8.80
C ALA QA 75 -38.14 1.20 -9.69
N MET QA 76 -38.19 1.64 -10.94
CA MET QA 76 -37.07 1.42 -11.84
C MET QA 76 -35.83 2.15 -11.37
N ASN QA 77 -34.69 1.47 -11.43
CA ASN QA 77 -33.42 2.02 -11.01
C ASN QA 77 -32.77 2.72 -12.20
N ASP QA 78 -32.32 3.96 -11.98
CA ASP QA 78 -31.72 4.75 -13.04
C ASP QA 78 -30.29 4.33 -13.35
N LYS QA 79 -29.74 3.35 -12.63
CA LYS QA 79 -28.47 2.78 -13.05
C LYS QA 79 -28.59 2.03 -14.37
N ASP QA 80 -29.81 1.62 -14.74
CA ASP QA 80 -30.06 1.06 -16.06
C ASP QA 80 -30.04 2.18 -17.09
N MET QA 81 -29.32 1.95 -18.20
CA MET QA 81 -29.08 3.04 -19.14
C MET QA 81 -30.32 3.38 -19.96
N ILE QA 82 -31.21 2.41 -20.18
CA ILE QA 82 -32.45 2.73 -20.88
C ILE QA 82 -33.32 3.63 -19.99
N VAL QA 83 -33.36 3.34 -18.70
CA VAL QA 83 -34.14 4.17 -17.77
C VAL QA 83 -33.57 5.58 -17.73
N GLU QA 84 -32.25 5.71 -17.67
CA GLU QA 84 -31.65 7.04 -17.64
C GLU QA 84 -31.98 7.82 -18.89
N ARG QA 85 -31.84 7.19 -20.05
CA ARG QA 85 -32.10 7.88 -21.30
C ARG QA 85 -33.57 8.27 -21.43
N ALA QA 86 -34.46 7.49 -20.82
CA ALA QA 86 -35.88 7.86 -20.81
C ALA QA 86 -36.13 9.01 -19.85
N LEU QA 87 -35.52 8.98 -18.67
CA LEU QA 87 -35.74 10.04 -17.69
C LEU QA 87 -35.22 11.39 -18.18
N ASP QA 88 -34.36 11.41 -19.20
CA ASP QA 88 -33.92 12.68 -19.76
C ASP QA 88 -35.07 13.43 -20.40
N ILE QA 89 -36.06 12.73 -20.94
CA ILE QA 89 -37.04 13.32 -21.83
C ILE QA 89 -38.46 13.26 -21.26
N ILE QA 90 -38.62 12.91 -19.99
CA ILE QA 90 -39.96 12.93 -19.40
C ILE QA 90 -40.38 14.39 -19.18
N PRO QA 91 -41.65 14.72 -19.32
CA PRO QA 91 -42.09 16.10 -19.07
C PRO QA 91 -42.01 16.44 -17.59
N GLU QA 92 -41.95 17.74 -17.31
CA GLU QA 92 -41.71 18.19 -15.94
C GLU QA 92 -42.85 17.80 -15.02
N ASP QA 93 -44.09 17.82 -15.51
CA ASP QA 93 -45.22 17.45 -14.67
C ASP QA 93 -45.09 16.02 -14.18
N ILE QA 94 -44.83 15.08 -15.09
CA ILE QA 94 -44.58 13.70 -14.68
C ILE QA 94 -43.37 13.63 -13.76
N ARG QA 95 -42.32 14.38 -14.10
CA ARG QA 95 -41.08 14.32 -13.33
C ARG QA 95 -41.28 14.79 -11.90
N ILE QA 96 -42.06 15.85 -11.69
CA ILE QA 96 -42.23 16.40 -10.35
C ILE QA 96 -42.96 15.39 -9.46
N GLN QA 97 -44.06 14.83 -9.95
CA GLN QA 97 -44.82 13.89 -9.13
C GLN QA 97 -44.06 12.60 -8.90
N ARG QA 98 -43.23 12.20 -9.87
CA ARG QA 98 -42.42 11.00 -9.71
C ARG QA 98 -41.42 11.16 -8.58
N TYR QA 99 -40.80 12.34 -8.48
CA TYR QA 99 -39.83 12.59 -7.42
C TYR QA 99 -40.48 12.62 -6.05
N ARG QA 100 -41.62 13.29 -5.93
CA ARG QA 100 -42.28 13.40 -4.65
C ARG QA 100 -42.74 12.04 -4.15
N ARG QA 101 -43.27 11.20 -5.03
CA ARG QA 101 -43.67 9.85 -4.62
C ARG QA 101 -42.47 9.04 -4.16
N MET QA 102 -41.38 9.09 -4.90
CA MET QA 102 -40.19 8.34 -4.51
C MET QA 102 -39.61 8.85 -3.21
N MET QA 103 -39.66 10.16 -2.99
CA MET QA 103 -39.18 10.71 -1.73
C MET QA 103 -40.03 10.23 -0.55
N ARG QA 104 -41.36 10.27 -0.71
CA ARG QA 104 -42.22 9.80 0.36
C ARG QA 104 -42.01 8.32 0.63
N GLY QA 105 -41.83 7.53 -0.43
CA GLY QA 105 -41.60 6.11 -0.24
C GLY QA 105 -40.35 5.81 0.56
N ALA QA 106 -39.27 6.53 0.26
CA ALA QA 106 -38.02 6.28 0.98
C ALA QA 106 -38.12 6.73 2.43
N VAL QA 107 -38.81 7.85 2.69
CA VAL QA 107 -39.02 8.28 4.07
C VAL QA 107 -39.78 7.21 4.84
N LEU QA 108 -40.88 6.73 4.27
CA LEU QA 108 -41.68 5.72 4.96
C LEU QA 108 -40.90 4.44 5.16
N ALA QA 109 -40.18 3.99 4.14
CA ALA QA 109 -39.41 2.75 4.27
C ALA QA 109 -38.32 2.89 5.31
N GLY QA 110 -37.63 4.03 5.32
CA GLY QA 110 -36.56 4.23 6.28
C GLY QA 110 -37.07 4.30 7.71
N ARG QA 111 -38.21 4.93 7.92
CA ARG QA 111 -38.80 5.08 9.24
C ARG QA 111 -39.73 3.93 9.60
N LYS QA 112 -39.74 2.86 8.79
CA LYS QA 112 -40.48 1.64 9.06
C LYS QA 112 -41.97 1.91 9.23
N LEU QA 113 -42.52 2.77 8.38
CA LEU QA 113 -43.93 3.14 8.39
C LEU QA 113 -44.56 2.80 7.05
N HIS QA 114 -45.88 2.92 6.98
CA HIS QA 114 -46.63 2.62 5.77
C HIS QA 114 -47.63 3.74 5.49
N LEU QA 115 -47.94 3.90 4.21
CA LEU QA 115 -48.84 4.96 3.81
C LEU QA 115 -50.20 4.76 4.45
N PRO QA 116 -50.85 5.82 4.94
CA PRO QA 116 -52.19 5.66 5.49
C PRO QA 116 -53.15 5.06 4.47
N LEU QA 117 -54.01 4.16 4.95
CA LEU QA 117 -54.90 3.46 4.04
C LEU QA 117 -55.78 4.42 3.25
N GLU QA 118 -56.05 5.60 3.80
CA GLU QA 118 -56.88 6.57 3.11
C GLU QA 118 -56.28 6.93 1.75
N LEU QA 119 -54.97 6.79 1.59
CA LEU QA 119 -54.28 7.19 0.37
C LEU QA 119 -53.88 6.00 -0.50
N GLN QA 120 -54.34 4.80 -0.18
CA GLN QA 120 -53.85 3.60 -0.84
C GLN QA 120 -54.76 3.09 -1.95
N ASN QA 121 -55.87 3.76 -2.24
CA ASN QA 121 -56.81 3.26 -3.24
C ASN QA 121 -56.45 3.84 -4.60
N TYR QA 122 -55.44 3.22 -5.21
CA TYR QA 122 -54.99 3.61 -6.53
C TYR QA 122 -54.40 2.40 -7.23
N ASP QA 123 -54.28 2.49 -8.55
CA ASP QA 123 -53.77 1.41 -9.36
C ASP QA 123 -52.27 1.61 -9.57
N PRO QA 124 -51.40 0.84 -8.93
CA PRO QA 124 -49.97 1.11 -9.03
C PRO QA 124 -49.33 0.64 -10.33
N MET QA 125 -50.05 -0.08 -11.18
CA MET QA 125 -49.49 -0.67 -12.38
C MET QA 125 -49.83 0.14 -13.63
N VAL QA 126 -50.09 1.43 -13.49
CA VAL QA 126 -50.32 2.30 -14.63
C VAL QA 126 -48.97 2.58 -15.30
N PRO QA 127 -48.82 2.29 -16.60
CA PRO QA 127 -47.50 2.38 -17.24
C PRO QA 127 -47.19 3.77 -17.80
N TYR QA 128 -46.95 4.72 -16.91
CA TYR QA 128 -46.79 6.10 -17.34
C TYR QA 128 -45.45 6.34 -18.03
N MET QA 129 -44.46 5.48 -17.80
CA MET QA 129 -43.16 5.63 -18.44
C MET QA 129 -43.09 5.01 -19.82
N ALA QA 130 -44.10 4.24 -20.23
CA ALA QA 130 -44.01 3.46 -21.46
C ALA QA 130 -43.64 4.31 -22.68
N PRO QA 131 -44.30 5.43 -22.96
CA PRO QA 131 -43.92 6.19 -24.15
C PRO QA 131 -42.45 6.56 -24.19
N TYR QA 132 -41.88 6.95 -23.05
CA TYR QA 132 -40.51 7.42 -23.04
C TYR QA 132 -39.50 6.28 -23.03
N ILE QA 133 -39.87 5.13 -22.47
CA ILE QA 133 -39.00 3.97 -22.58
C ILE QA 133 -38.85 3.57 -24.04
N GLU QA 134 -39.96 3.56 -24.79
CA GLU QA 134 -39.89 3.17 -26.19
C GLU QA 134 -39.07 4.15 -27.01
N GLU QA 135 -39.24 5.45 -26.77
CA GLU QA 135 -38.44 6.43 -27.47
C GLU QA 135 -36.96 6.26 -27.15
N ALA QA 136 -36.63 6.04 -25.88
CA ALA QA 136 -35.24 5.87 -25.50
C ALA QA 136 -34.63 4.65 -26.18
N LYS QA 137 -35.37 3.53 -26.22
CA LYS QA 137 -34.85 2.34 -26.86
C LYS QA 137 -34.59 2.58 -28.35
N PHE QA 138 -35.48 3.33 -28.99
CA PHE QA 138 -35.28 3.65 -30.40
C PHE QA 138 -34.02 4.48 -30.61
N GLN QA 139 -33.82 5.50 -29.77
CA GLN QA 139 -32.62 6.31 -29.88
C GLN QA 139 -31.37 5.48 -29.67
N MET QA 140 -31.40 4.58 -28.68
CA MET QA 140 -30.23 3.76 -28.39
C MET QA 140 -29.97 2.76 -29.51
N GLN QA 141 -31.02 2.22 -30.12
CA GLN QA 141 -30.82 1.24 -31.18
C GLN QA 141 -30.20 1.90 -32.41
N GLU QA 142 -30.61 3.13 -32.71
CA GLU QA 142 -29.98 3.87 -33.81
C GLU QA 142 -28.49 4.09 -33.55
N GLU QA 143 -28.15 4.52 -32.34
CA GLU QA 143 -26.75 4.73 -32.00
C GLU QA 143 -25.98 3.42 -32.08
N GLN QA 144 -26.58 2.34 -31.59
CA GLN QA 144 -25.94 1.04 -31.64
C GLN QA 144 -25.64 0.64 -33.08
N GLU QA 145 -26.62 0.79 -33.96
CA GLU QA 145 -26.48 0.31 -35.32
C GLU QA 145 -25.62 1.23 -36.18
N LEU QA 146 -25.71 2.54 -35.98
CA LEU QA 146 -25.03 3.49 -36.84
C LEU QA 146 -23.69 3.95 -36.30
N LEU QA 147 -23.37 3.66 -35.05
CA LEU QA 147 -22.14 4.20 -34.45
C LEU QA 147 -21.36 3.19 -33.64
N ALA QA 148 -21.81 1.96 -33.49
CA ALA QA 148 -21.15 0.98 -32.65
C ALA QA 148 -21.20 -0.42 -33.27
N TYR QA 149 -20.99 -0.50 -34.57
CA TYR QA 149 -21.10 -1.78 -35.27
C TYR QA 149 -19.78 -2.54 -35.35
N HIS QA 150 -18.72 -2.00 -34.77
CA HIS QA 150 -17.39 -2.58 -34.83
C HIS QA 150 -16.67 -2.34 -33.52
N PRO QA 151 -15.80 -3.26 -33.09
CA PRO QA 151 -14.97 -2.99 -31.91
C PRO QA 151 -13.82 -2.03 -32.21
N TRP QA 152 -14.09 -0.73 -32.07
CA TRP QA 152 -13.15 0.28 -32.53
C TRP QA 152 -11.84 0.27 -31.76
N ASP QA 153 -10.78 0.70 -32.43
CA ASP QA 153 -9.46 0.86 -31.85
C ASP QA 153 -9.23 2.33 -31.47
N ARG QA 154 -8.76 2.56 -30.25
CA ARG QA 154 -8.45 3.90 -29.79
C ARG QA 154 -7.17 3.85 -28.95
N ARG QA 155 -6.46 4.97 -28.90
CA ARG QA 155 -5.29 5.07 -28.04
C ARG QA 155 -5.69 4.82 -26.60
N LEU QA 156 -4.97 3.94 -25.92
CA LEU QA 156 -5.36 3.46 -24.61
C LEU QA 156 -4.90 4.39 -23.49
N TYR QA 157 -5.71 4.48 -22.45
CA TYR QA 157 -5.42 5.22 -21.23
C TYR QA 157 -4.84 6.59 -21.55
N THR QA 158 -5.67 7.39 -22.20
CA THR QA 158 -5.38 8.77 -22.56
C THR QA 158 -6.60 9.61 -22.27
N ALA QA 159 -6.37 10.87 -21.88
CA ALA QA 159 -7.44 11.81 -21.64
C ALA QA 159 -8.36 11.37 -20.51
N GLY QA 160 -7.88 10.49 -19.63
CA GLY QA 160 -8.68 10.03 -18.52
C GLY QA 160 -9.62 8.90 -18.85
N VAL QA 161 -9.44 8.21 -19.97
CA VAL QA 161 -10.31 7.13 -20.39
C VAL QA 161 -9.46 5.96 -20.85
N SER QA 162 -9.99 4.75 -20.67
CA SER QA 162 -9.20 3.54 -20.95
C SER QA 162 -8.99 3.31 -22.44
N GLY QA 163 -9.78 3.92 -23.29
CA GLY QA 163 -9.71 3.67 -24.70
C GLY QA 163 -10.45 2.44 -25.15
N PHE QA 164 -11.01 1.68 -24.23
CA PHE QA 164 -11.78 0.47 -24.54
C PHE QA 164 -13.25 0.76 -24.72
N GLY QA 165 -13.67 2.03 -24.68
CA GLY QA 165 -15.04 2.37 -24.98
C GLY QA 165 -15.76 3.34 -24.07
N GLU QA 166 -15.53 3.29 -22.76
CA GLU QA 166 -16.26 4.17 -21.86
C GLU QA 166 -15.96 5.62 -22.22
N THR QA 167 -16.91 6.50 -21.92
CA THR QA 167 -16.81 7.90 -22.33
C THR QA 167 -16.64 8.87 -21.17
N SER QA 168 -16.71 8.41 -19.93
CA SER QA 168 -16.52 9.25 -18.77
C SER QA 168 -15.12 9.09 -18.22
N MET QA 169 -14.50 10.21 -17.87
CA MET QA 169 -13.16 10.18 -17.31
C MET QA 169 -13.20 9.68 -15.87
N HIS QA 170 -12.13 8.96 -15.49
CA HIS QA 170 -11.95 8.50 -14.12
C HIS QA 170 -13.15 7.67 -13.68
N SER QA 171 -13.56 6.74 -14.53
CA SER QA 171 -14.73 5.90 -14.31
C SER QA 171 -14.37 4.42 -14.15
N THR QA 172 -13.08 4.09 -14.09
CA THR QA 172 -12.61 2.74 -13.84
C THR QA 172 -11.53 2.80 -12.76
N PHE QA 173 -11.16 1.65 -12.20
CA PHE QA 173 -10.10 1.64 -11.20
C PHE QA 173 -8.76 1.96 -11.83
N LEU QA 174 -8.47 1.39 -13.00
CA LEU QA 174 -7.19 1.61 -13.67
C LEU QA 174 -7.09 3.00 -14.27
N THR QA 175 -8.21 3.68 -14.41
CA THR QA 175 -8.26 5.08 -14.80
C THR QA 175 -8.46 5.97 -13.60
N MET QA 176 -8.55 5.38 -12.41
CA MET QA 176 -8.68 6.09 -11.14
C MET QA 176 -9.59 7.29 -11.29
N ALA RA 1 32.43 -15.67 5.13
CA ALA RA 1 31.32 -16.50 4.66
C ALA RA 1 31.79 -17.53 3.65
N ARG RA 2 32.95 -17.30 3.04
CA ARG RA 2 33.48 -18.19 2.03
C ARG RA 2 34.98 -18.38 2.25
N ALA RA 3 35.49 -19.48 1.71
CA ALA RA 3 36.85 -19.91 2.01
C ALA RA 3 37.91 -19.07 1.31
N TYR RA 4 37.63 -18.59 0.10
CA TYR RA 4 38.65 -17.94 -0.71
C TYR RA 4 38.03 -16.79 -1.46
N CYS RA 5 38.90 -15.89 -1.94
CA CYS RA 5 38.52 -14.82 -2.84
C CYS RA 5 38.91 -15.22 -4.26
N GLY RA 6 37.96 -15.07 -5.18
CA GLY RA 6 38.21 -15.45 -6.56
C GLY RA 6 39.12 -14.46 -7.27
N ARG RA 7 39.84 -14.97 -8.26
CA ARG RA 7 40.83 -14.21 -9.01
C ARG RA 7 40.93 -14.80 -10.40
N PHE RA 8 41.42 -14.01 -11.34
CA PHE RA 8 41.74 -14.55 -12.65
C PHE RA 8 42.87 -15.55 -12.53
N ALA RA 9 42.84 -16.58 -13.37
CA ALA RA 9 43.89 -17.59 -13.33
C ALA RA 9 45.25 -16.98 -13.62
N PHE RA 10 45.29 -15.88 -14.37
CA PHE RA 10 46.56 -15.21 -14.63
C PHE RA 10 47.08 -14.51 -13.37
N MET RA 11 46.21 -14.26 -12.40
CA MET RA 11 46.62 -13.74 -11.10
C MET RA 11 46.90 -14.86 -10.11
N LEU RA 12 46.45 -16.08 -10.39
CA LEU RA 12 46.70 -17.25 -9.58
C LEU RA 12 47.84 -18.03 -10.20
N ASP RA 13 49.05 -17.91 -9.62
CA ASP RA 13 50.24 -18.54 -10.16
C ASP RA 13 50.27 -20.01 -9.70
N TYR RA 14 49.50 -20.84 -10.39
CA TYR RA 14 49.46 -22.26 -10.09
C TYR RA 14 50.68 -22.95 -10.68
N PRO RA 15 51.26 -23.95 -9.98
CA PRO RA 15 52.40 -24.67 -10.56
C PRO RA 15 52.08 -25.21 -11.94
N LYS RA 16 52.99 -24.94 -12.88
CA LYS RA 16 52.83 -25.40 -14.26
C LYS RA 16 53.37 -26.81 -14.47
N SER RA 17 54.23 -27.28 -13.56
CA SER RA 17 54.80 -28.62 -13.62
C SER RA 17 54.90 -29.18 -12.20
N TYR RA 18 55.31 -30.44 -12.09
CA TYR RA 18 55.42 -31.13 -10.81
C TYR RA 18 56.79 -31.76 -10.67
N HIS RA 19 57.52 -31.39 -9.62
CA HIS RA 19 58.79 -32.01 -9.30
C HIS RA 19 58.60 -32.96 -8.13
N PRO RA 20 58.77 -34.27 -8.30
CA PRO RA 20 58.49 -35.19 -7.21
C PRO RA 20 59.38 -34.92 -6.01
N PRO RA 21 58.88 -35.16 -4.80
CA PRO RA 21 59.72 -34.98 -3.62
C PRO RA 21 60.95 -35.88 -3.65
N ARG RA 22 62.06 -35.35 -3.16
CA ARG RA 22 63.29 -36.13 -3.10
C ARG RA 22 63.09 -37.34 -2.18
N LYS RA 23 63.85 -38.40 -2.45
CA LYS RA 23 63.81 -39.59 -1.63
C LYS RA 23 65.06 -39.67 -0.76
N ASN RA 24 64.86 -40.07 0.48
CA ASN RA 24 65.92 -40.13 1.46
C ASN RA 24 66.78 -41.37 1.24
N GLU RA 25 67.93 -41.42 1.93
CA GLU RA 25 68.77 -42.60 1.88
C GLU RA 25 68.00 -43.83 2.32
N ASP RA 26 67.19 -43.70 3.37
CA ASP RA 26 66.33 -44.79 3.80
C ASP RA 26 65.33 -45.17 2.71
N GLY RA 27 64.93 -44.21 1.89
CA GLY RA 27 63.91 -44.43 0.89
C GLY RA 27 62.59 -43.76 1.18
N ASP RA 28 62.45 -43.11 2.33
CA ASP RA 28 61.24 -42.36 2.64
C ASP RA 28 61.32 -40.97 2.00
N TYR RA 29 60.23 -40.56 1.38
CA TYR RA 29 60.19 -39.24 0.76
C TYR RA 29 60.37 -38.16 1.81
N VAL RA 30 61.20 -37.20 1.51
CA VAL RA 30 61.45 -36.08 2.40
C VAL RA 30 60.43 -34.98 2.09
N ASP RA 31 59.92 -34.36 3.14
CA ASP RA 31 58.93 -33.31 2.99
C ASP RA 31 59.50 -32.15 2.19
N PRO RA 32 58.85 -31.77 1.08
CA PRO RA 32 59.35 -30.61 0.33
C PRO RA 32 59.46 -29.35 1.18
N ARG RA 33 58.54 -29.18 2.13
CA ARG RA 33 58.56 -27.99 2.97
C ARG RA 33 59.80 -27.94 3.84
N THR RA 34 60.17 -29.09 4.44
CA THR RA 34 61.37 -29.12 5.27
C THR RA 34 62.61 -28.74 4.48
N ASP RA 35 62.69 -29.19 3.22
CA ASP RA 35 63.82 -28.81 2.39
C ASP RA 35 63.81 -27.33 2.05
N MET RA 36 62.61 -26.74 1.96
CA MET RA 36 62.49 -25.32 1.62
C MET RA 36 62.70 -24.41 2.82
N LEU RA 37 62.73 -24.96 4.04
CA LEU RA 37 62.90 -24.11 5.22
C LEU RA 37 64.19 -23.33 5.21
N PRO RA 38 65.37 -23.93 5.01
CA PRO RA 38 66.59 -23.13 5.03
C PRO RA 38 66.63 -22.04 3.98
N LYS RA 39 66.18 -22.34 2.77
CA LYS RA 39 66.22 -21.36 1.68
C LYS RA 39 65.33 -20.16 2.00
N CYS RA 40 64.15 -20.41 2.58
CA CYS RA 40 63.24 -19.32 2.88
C CYS RA 40 63.68 -18.55 4.11
N ALA RA 41 64.41 -19.19 5.02
CA ALA RA 41 64.97 -18.48 6.16
C ALA RA 41 66.01 -17.47 5.71
N ALA RA 42 66.78 -17.81 4.69
CA ALA RA 42 67.79 -16.90 4.16
C ALA RA 42 67.13 -15.69 3.51
N GLU RA 43 66.00 -15.92 2.82
CA GLU RA 43 65.26 -14.83 2.20
C GLU RA 43 64.68 -13.87 3.23
N CYS RA 44 64.51 -14.34 4.47
CA CYS RA 44 63.99 -13.53 5.57
C CYS RA 44 65.07 -13.22 6.60
N SER RA 45 66.32 -13.12 6.14
CA SER RA 45 67.44 -12.94 7.05
C SER RA 45 67.28 -11.69 7.90
N GLU RA 46 66.73 -10.62 7.33
CA GLU RA 46 66.65 -9.36 8.07
C GLU RA 46 65.79 -9.52 9.33
N TRP RA 47 64.67 -10.22 9.21
CA TRP RA 47 63.82 -10.45 10.37
C TRP RA 47 64.46 -11.45 11.32
N LEU RA 48 65.20 -12.41 10.79
CA LEU RA 48 65.85 -13.40 11.63
C LEU RA 48 66.93 -12.77 12.49
N THR RA 49 67.65 -11.79 11.95
CA THR RA 49 68.64 -11.09 12.75
C THR RA 49 67.97 -10.33 13.89
N GLU RA 50 66.82 -9.72 13.62
CA GLU RA 50 66.07 -9.04 14.66
C GLU RA 50 65.68 -10.02 15.77
N TYR RA 51 65.18 -11.20 15.38
CA TYR RA 51 64.80 -12.21 16.37
C TYR RA 51 66.01 -12.71 17.14
N ASN RA 52 67.12 -12.97 16.45
CA ASN RA 52 68.30 -13.48 17.11
C ASN RA 52 68.84 -12.46 18.10
N ALA RA 53 68.75 -11.18 17.75
CA ALA RA 53 69.17 -10.12 18.66
C ALA RA 53 68.32 -10.14 19.93
N CYS RA 54 67.01 -10.28 19.79
CA CYS RA 54 66.13 -10.32 20.94
C CYS RA 54 66.52 -11.45 21.87
N VAL RA 55 66.80 -12.63 21.31
CA VAL RA 55 67.15 -13.80 22.10
C VAL RA 55 68.34 -13.49 23.01
N GLN RA 56 69.34 -12.80 22.47
CA GLN RA 56 70.53 -12.50 23.25
C GLN RA 56 70.26 -11.40 24.28
N ARG RA 57 69.34 -10.48 23.98
CA ARG RA 57 69.00 -9.43 24.94
C ARG RA 57 68.20 -10.00 26.11
N ILE RA 58 67.34 -10.98 25.85
CA ILE RA 58 66.55 -11.59 26.92
C ILE RA 58 67.43 -12.57 27.70
N LYS RA 59 68.50 -13.07 27.07
CA LYS RA 59 69.40 -14.01 27.72
C LYS RA 59 70.17 -13.33 28.84
N MET RA 60 70.47 -12.04 28.65
CA MET RA 60 71.23 -11.27 29.63
C MET RA 60 70.40 -10.94 30.86
N ARG RA 61 69.16 -10.48 30.65
CA ARG RA 61 68.27 -10.15 31.76
C ARG RA 61 68.45 -11.18 32.87
N THR RA 62 68.75 -10.70 34.09
CA THR RA 62 68.95 -11.59 35.22
C THR RA 62 67.65 -11.98 35.89
N ASP RA 63 66.56 -11.29 35.60
CA ASP RA 63 65.24 -11.74 36.00
C ASP RA 63 64.78 -12.80 35.00
N GLY RA 64 63.61 -13.39 35.21
CA GLY RA 64 63.13 -14.42 34.32
C GLY RA 64 62.22 -13.91 33.22
N ARG RA 65 61.91 -12.61 33.25
CA ARG RA 65 61.02 -11.98 32.25
C ARG RA 65 61.70 -11.90 30.89
N GLY RA 66 60.92 -11.75 29.81
CA GLY RA 66 61.45 -11.56 28.44
C GLY RA 66 61.00 -12.67 27.51
N ASN RA 67 60.41 -12.28 26.36
CA ASN RA 67 60.00 -13.18 25.31
C ASN RA 67 60.41 -12.58 23.97
N CYS RA 68 60.49 -13.42 22.93
CA CYS RA 68 60.81 -12.96 21.59
C CYS RA 68 59.77 -13.46 20.59
N GLN RA 69 58.52 -13.60 21.07
CA GLN RA 69 57.44 -14.07 20.21
C GLN RA 69 57.12 -13.05 19.13
N GLY RA 70 57.13 -11.77 19.47
CA GLY RA 70 56.79 -10.74 18.50
C GLY RA 70 57.66 -10.82 17.26
N GLN RA 71 58.97 -10.97 17.47
CA GLN RA 71 59.91 -11.00 16.37
C GLN RA 71 59.90 -12.34 15.65
N TYR RA 72 59.54 -13.41 16.38
CA TYR RA 72 59.41 -14.73 15.77
C TYR RA 72 58.20 -14.80 14.85
N GLU RA 73 57.11 -14.13 15.22
CA GLU RA 73 55.92 -14.12 14.39
C GLU RA 73 56.13 -13.36 13.09
N GLU RA 74 56.98 -12.33 13.12
CA GLU RA 74 57.32 -11.61 11.91
C GLU RA 74 58.24 -12.45 11.02
N PHE RA 75 59.22 -13.14 11.62
CA PHE RA 75 60.07 -14.03 10.84
C PHE RA 75 59.27 -15.18 10.26
N ALA RA 76 58.39 -15.76 11.06
CA ALA RA 76 57.63 -16.92 10.61
C ALA RA 76 56.68 -16.53 9.48
N MET RA 77 56.01 -15.40 9.60
CA MET RA 77 55.14 -14.93 8.54
C MET RA 77 55.92 -14.71 7.26
N CYS RA 78 57.16 -14.24 7.37
CA CYS RA 78 57.99 -14.04 6.19
C CYS RA 78 58.42 -15.36 5.57
N GLN RA 79 58.94 -16.27 6.40
CA GLN RA 79 59.37 -17.56 5.88
C GLN RA 79 58.22 -18.29 5.21
N ASP RA 80 57.01 -18.13 5.75
CA ASP RA 80 55.86 -18.84 5.22
C ASP RA 80 55.37 -18.24 3.91
N HIS RA 81 55.43 -16.92 3.77
CA HIS RA 81 55.09 -16.30 2.49
C HIS RA 81 56.01 -16.83 1.39
N CYS RA 82 57.29 -17.00 1.71
CA CYS RA 82 58.22 -17.58 0.76
C CYS RA 82 57.85 -19.02 0.40
N ILE RA 83 57.45 -19.81 1.40
CA ILE RA 83 57.10 -21.20 1.14
C ILE RA 83 55.89 -21.28 0.24
N ALA RA 84 54.90 -20.41 0.47
CA ALA RA 84 53.66 -20.48 -0.29
C ALA RA 84 53.90 -20.30 -1.78
N HIS RA 85 54.93 -19.53 -2.14
CA HIS RA 85 55.18 -19.23 -3.54
C HIS RA 85 55.73 -20.43 -4.32
N GLU RA 86 56.23 -21.47 -3.64
CA GLU RA 86 56.89 -22.56 -4.34
C GLU RA 86 56.61 -23.96 -3.79
N LEU RA 87 55.75 -24.11 -2.80
CA LEU RA 87 55.58 -25.43 -2.18
C LEU RA 87 54.68 -26.35 -2.99
N PHE RA 88 53.58 -25.83 -3.53
CA PHE RA 88 52.62 -26.67 -4.25
C PHE RA 88 53.19 -27.23 -5.54
N HIS RA 89 54.36 -26.74 -5.97
CA HIS RA 89 55.04 -27.27 -7.14
C HIS RA 89 55.65 -28.64 -6.87
N TYR RA 90 55.83 -29.00 -5.60
CA TYR RA 90 56.33 -30.32 -5.21
C TYR RA 90 55.23 -31.21 -4.66
N LEU RA 91 53.98 -30.77 -4.70
CA LEU RA 91 52.86 -31.51 -4.15
C LEU RA 91 51.87 -31.84 -5.25
N LYS RA 92 51.30 -33.04 -5.19
CA LYS RA 92 50.31 -33.46 -6.18
C LYS RA 92 48.93 -32.96 -5.80
N PRO SA 1 -4.79 11.96 -60.08
CA PRO SA 1 -5.05 13.35 -60.48
C PRO SA 1 -5.06 14.31 -59.30
N PRO SA 2 -4.84 15.59 -59.56
CA PRO SA 2 -4.78 16.56 -58.47
C PRO SA 2 -6.13 16.82 -57.84
N ILE SA 3 -6.09 17.16 -56.56
CA ILE SA 3 -7.27 17.55 -55.79
C ILE SA 3 -7.25 19.06 -55.65
N GLN SA 4 -8.29 19.72 -56.15
CA GLN SA 4 -8.34 21.16 -56.21
C GLN SA 4 -9.21 21.79 -55.13
N LYS SA 5 -9.74 20.99 -54.21
CA LYS SA 5 -10.61 21.51 -53.16
C LYS SA 5 -10.20 20.95 -51.81
N PRO SA 6 -10.47 21.68 -50.73
CA PRO SA 6 -10.11 21.18 -49.40
C PRO SA 6 -10.89 19.92 -49.05
N LEU SA 7 -10.26 19.08 -48.22
CA LEU SA 7 -10.90 17.85 -47.80
C LEU SA 7 -12.18 18.09 -47.00
N LEU SA 8 -12.34 19.28 -46.42
CA LEU SA 8 -13.54 19.61 -45.69
C LEU SA 8 -14.42 20.47 -46.59
N PRO SA 9 -15.50 19.93 -47.15
CA PRO SA 9 -16.38 20.76 -47.98
C PRO SA 9 -17.03 21.85 -47.15
N SER SA 10 -17.19 23.02 -47.77
CA SER SA 10 -17.75 24.17 -47.05
C SER SA 10 -19.17 23.89 -46.60
N GLY SA 11 -20.03 23.47 -47.52
CA GLY SA 11 -21.41 23.22 -47.19
C GLY SA 11 -22.25 24.47 -47.01
N ARG SA 12 -21.70 25.63 -47.31
CA ARG SA 12 -22.39 26.91 -47.17
C ARG SA 12 -22.76 27.44 -48.55
N ALA SA 13 -23.64 28.45 -48.55
CA ALA SA 13 -24.01 29.10 -49.79
C ALA SA 13 -22.83 29.91 -50.33
N VAL SA 14 -22.64 29.84 -51.65
CA VAL SA 14 -21.55 30.56 -52.28
C VAL SA 14 -21.87 32.06 -52.37
N LEU SA 15 -23.00 32.39 -52.97
CA LEU SA 15 -23.41 33.78 -53.09
C LEU SA 15 -23.78 34.33 -51.72
N LYS SA 16 -23.40 35.59 -51.47
CA LYS SA 16 -23.68 36.23 -50.20
C LYS SA 16 -25.13 36.75 -50.16
N HIS SA 17 -25.59 37.09 -48.97
CA HIS SA 17 -26.98 37.53 -48.78
C HIS SA 17 -27.27 38.75 -49.64
N GLY SA 18 -28.31 38.65 -50.48
CA GLY SA 18 -28.74 39.76 -51.30
C GLY SA 18 -27.95 39.94 -52.57
N ARG SA 19 -26.82 39.27 -52.71
CA ARG SA 19 -25.99 39.35 -53.90
C ARG SA 19 -26.34 38.20 -54.83
N SER SA 20 -26.42 38.49 -56.12
CA SER SA 20 -26.80 37.52 -57.14
C SER SA 20 -25.59 37.21 -58.03
N MET SA 21 -25.82 36.31 -58.97
CA MET SA 21 -24.80 35.97 -59.96
C MET SA 21 -24.53 37.13 -60.91
N LEU SA 22 -25.42 38.11 -60.95
CA LEU SA 22 -25.27 39.30 -61.76
C LEU SA 22 -24.53 40.42 -61.05
N CYS SA 23 -24.65 40.51 -59.73
CA CYS SA 23 -24.13 41.63 -58.97
C CYS SA 23 -23.12 41.22 -57.91
N SER SA 24 -22.62 39.99 -57.95
CA SER SA 24 -21.62 39.53 -56.99
C SER SA 24 -20.21 39.89 -57.42
N GLY SA 25 -20.06 40.66 -58.49
CA GLY SA 25 -18.73 40.90 -59.04
C GLY SA 25 -18.29 39.71 -59.87
N ASN SA 26 -16.97 39.47 -59.87
CA ASN SA 26 -16.39 38.28 -60.47
C ASN SA 26 -15.95 37.38 -59.34
N LEU SA 27 -16.62 36.24 -59.19
CA LEU SA 27 -16.36 35.35 -58.07
C LEU SA 27 -14.97 34.73 -58.12
N SER SA 28 -14.27 34.83 -59.25
CA SER SA 28 -12.94 34.22 -59.33
C SER SA 28 -11.91 35.02 -58.55
N TYR SA 29 -12.07 36.35 -58.47
CA TYR SA 29 -11.08 37.17 -57.80
C TYR SA 29 -11.66 38.24 -56.88
N ASP SA 30 -12.98 38.37 -56.79
CA ASP SA 30 -13.55 39.39 -55.91
C ASP SA 30 -13.21 39.10 -54.46
N VAL SA 31 -12.97 40.18 -53.69
CA VAL SA 31 -12.53 40.03 -52.31
C VAL SA 31 -13.59 39.34 -51.47
N ASN SA 32 -14.86 39.67 -51.69
CA ASN SA 32 -15.93 39.09 -50.89
C ASN SA 32 -16.35 37.71 -51.38
N SER SA 33 -15.85 37.28 -52.53
CA SER SA 33 -16.21 35.97 -53.05
C SER SA 33 -15.70 34.87 -52.11
N THR SA 34 -16.56 33.87 -51.88
CA THR SA 34 -16.19 32.74 -51.05
C THR SA 34 -15.43 31.67 -51.81
N ILE SA 35 -15.34 31.78 -53.13
CA ILE SA 35 -14.66 30.79 -53.96
C ILE SA 35 -13.52 31.42 -54.74
N LYS SA 36 -13.07 32.60 -54.34
CA LYS SA 36 -11.97 33.26 -55.02
C LYS SA 36 -10.72 32.39 -54.94
N ALA SA 37 -10.09 32.17 -56.09
CA ALA SA 37 -8.84 31.42 -56.11
C ALA SA 37 -7.80 32.15 -55.26
N PRO SA 38 -7.18 31.48 -54.28
CA PRO SA 38 -6.30 32.20 -53.36
C PRO SA 38 -5.11 32.85 -54.07
N GLU SA 39 -4.44 33.72 -53.33
CA GLU SA 39 -3.32 34.51 -53.86
C GLU SA 39 -2.01 33.76 -53.67
N CYS SA 40 -1.18 33.76 -54.72
CA CYS SA 40 0.14 33.14 -54.68
C CYS SA 40 1.20 34.18 -54.34
N LYS SA 41 1.07 34.78 -53.16
CA LYS SA 41 2.04 35.76 -52.71
C LYS SA 41 3.40 35.12 -52.46
N ARG SA 42 3.41 33.92 -51.90
CA ARG SA 42 4.64 33.19 -51.61
C ARG SA 42 4.77 31.90 -52.42
N GLY SA 43 3.95 31.72 -53.45
CA GLY SA 43 3.99 30.53 -54.29
C GLY SA 43 2.73 29.69 -54.15
N MET SA 44 2.67 28.67 -55.01
CA MET SA 44 1.54 27.76 -55.06
C MET SA 44 1.83 26.48 -54.27
N GLY SA 45 0.82 26.00 -53.54
CA GLY SA 45 0.95 24.76 -52.80
C GLY SA 45 0.41 24.81 -51.39
N PHE SA 46 0.40 26.01 -50.79
CA PHE SA 46 -0.02 26.16 -49.41
C PHE SA 46 -1.51 25.93 -49.21
N THR SA 47 -2.28 25.89 -50.29
CA THR SA 47 -3.72 25.66 -50.17
C THR SA 47 -4.04 24.25 -49.72
N GLN SA 48 -3.08 23.32 -49.81
CA GLN SA 48 -3.28 21.98 -49.30
C GLN SA 48 -3.28 21.95 -47.78
N PHE SA 49 -2.73 22.98 -47.14
CA PHE SA 49 -2.69 23.09 -45.68
C PHE SA 49 -3.63 24.15 -45.16
N LYS SA 50 -4.13 25.03 -46.02
CA LYS SA 50 -4.89 26.19 -45.58
C LYS SA 50 -6.23 25.79 -44.99
N ARG SA 51 -6.64 26.51 -43.95
CA ARG SA 51 -7.96 26.36 -43.36
C ARG SA 51 -8.89 27.37 -44.03
N PHE SA 52 -9.81 26.87 -44.85
CA PHE SA 52 -10.71 27.72 -45.61
C PHE SA 52 -11.95 28.14 -44.82
N THR SA 53 -12.10 27.67 -43.59
CA THR SA 53 -13.22 28.08 -42.77
C THR SA 53 -13.07 29.54 -42.38
N PRO SA 54 -14.04 30.40 -42.66
CA PRO SA 54 -13.83 31.83 -42.43
C PRO SA 54 -13.70 32.23 -40.96
N VAL SA 55 -14.43 31.58 -40.07
CA VAL SA 55 -14.47 32.01 -38.66
C VAL SA 55 -13.12 31.76 -37.99
N PRO SA 56 -12.52 32.77 -37.35
CA PRO SA 56 -11.25 32.55 -36.65
C PRO SA 56 -11.34 31.47 -35.58
N ILE SA 57 -10.21 30.80 -35.33
CA ILE SA 57 -10.17 29.70 -34.36
C ILE SA 57 -10.33 30.25 -32.95
N GLU SA 58 -11.17 29.59 -32.16
CA GLU SA 58 -11.32 29.84 -30.73
C GLU SA 58 -10.66 28.66 -30.00
N SER SA 59 -9.45 28.87 -29.51
CA SER SA 59 -8.68 27.77 -28.93
C SER SA 59 -9.42 27.18 -27.73
N GLY SA 60 -9.58 25.86 -27.74
CA GLY SA 60 -10.18 25.15 -26.64
C GLY SA 60 -11.69 25.18 -26.58
N VAL SA 61 -12.37 25.83 -27.54
CA VAL SA 61 -13.81 25.77 -27.58
C VAL SA 61 -14.25 24.32 -27.51
N SER SA 62 -15.26 24.04 -26.69
CA SER SA 62 -15.67 22.67 -26.44
C SER SA 62 -16.56 22.17 -27.58
N VAL SA 63 -16.27 20.96 -28.05
CA VAL SA 63 -17.13 20.25 -28.98
C VAL SA 63 -17.45 18.85 -28.52
N GLY SA 64 -16.95 18.44 -27.35
CA GLY SA 64 -17.16 17.10 -26.86
C GLY SA 64 -18.11 17.03 -25.67
N ASN SA 65 -19.04 17.97 -25.58
CA ASN SA 65 -20.05 17.94 -24.53
C ASN SA 65 -21.28 17.19 -25.04
N ARG SA 66 -21.56 16.04 -24.42
CA ARG SA 66 -22.71 15.24 -24.76
C ARG SA 66 -23.98 15.69 -24.04
N GLY SA 67 -24.00 16.93 -23.58
CA GLY SA 67 -25.10 17.41 -22.78
C GLY SA 67 -24.95 17.16 -21.29
N TRP SA 68 -23.72 16.87 -20.83
CA TRP SA 68 -23.48 16.56 -19.43
C TRP SA 68 -23.15 17.79 -18.59
N PHE SA 69 -22.90 18.94 -19.21
CA PHE SA 69 -22.51 20.13 -18.48
C PHE SA 69 -23.17 21.35 -19.10
N PHE SA 70 -23.45 22.35 -18.25
CA PHE SA 70 -23.88 23.65 -18.71
C PHE SA 70 -22.68 24.48 -19.14
N PRO SA 71 -22.89 25.49 -19.98
CA PRO SA 71 -21.79 26.39 -20.32
C PRO SA 71 -21.27 27.12 -19.08
N GLY SA 72 -19.95 27.23 -19.01
CA GLY SA 72 -19.30 27.93 -17.91
C GLY SA 72 -19.00 27.08 -16.70
N VAL SA 73 -19.45 25.83 -16.68
CA VAL SA 73 -19.23 24.92 -15.55
C VAL SA 73 -18.06 24.02 -15.89
N ILE SA 74 -17.11 23.91 -14.97
CA ILE SA 74 -15.86 23.19 -15.19
C ILE SA 74 -16.05 21.76 -14.71
N PRO SA 75 -15.92 20.75 -15.57
CA PRO SA 75 -15.98 19.36 -15.08
C PRO SA 75 -14.82 19.04 -14.15
N TYR SA 76 -15.12 18.26 -13.11
CA TYR SA 76 -14.11 17.81 -12.16
C TYR SA 76 -13.96 16.29 -12.27
N GLN SA 77 -12.77 15.85 -12.66
CA GLN SA 77 -12.50 14.42 -12.88
C GLN SA 77 -13.58 13.79 -13.74
N GLY SA 78 -14.04 14.56 -14.72
CA GLY SA 78 -15.01 14.09 -15.69
C GLY SA 78 -16.39 13.86 -15.13
N HIS SA 79 -16.78 14.61 -14.10
CA HIS SA 79 -18.08 14.44 -13.47
C HIS SA 79 -18.56 15.77 -12.92
N ILE TA 1 -1.52 38.73 -28.33
CA ILE TA 1 -0.24 38.53 -29.01
C ILE TA 1 0.81 39.41 -28.34
N GLY TA 2 2.07 38.97 -28.39
CA GLY TA 2 3.16 39.68 -27.75
C GLY TA 2 3.55 39.05 -26.42
N PRO TA 3 4.61 39.56 -25.79
CA PRO TA 3 5.07 38.95 -24.55
C PRO TA 3 4.11 39.22 -23.42
N PRO TA 4 4.07 38.35 -22.40
CA PRO TA 4 3.19 38.58 -21.24
C PRO TA 4 3.58 39.85 -20.48
N LEU TA 5 2.56 40.60 -20.07
CA LEU TA 5 2.77 41.81 -19.29
C LEU TA 5 3.25 41.46 -17.88
N ARG TA 6 4.14 42.28 -17.35
CA ARG TA 6 4.70 42.05 -16.02
C ARG TA 6 3.69 42.44 -14.95
N THR TA 7 3.53 41.59 -13.94
CA THR TA 7 2.67 41.88 -12.81
C THR TA 7 3.20 41.13 -11.59
N ALA TA 8 3.18 41.80 -10.44
CA ALA TA 8 3.55 41.15 -9.19
C ALA TA 8 2.46 40.20 -8.74
N GLN TA 9 2.86 39.15 -8.02
CA GLN TA 9 1.91 38.22 -7.44
C GLN TA 9 1.36 38.80 -6.14
N ILE TA 10 0.04 38.75 -5.98
CA ILE TA 10 -0.56 39.09 -4.70
C ILE TA 10 -0.07 38.09 -3.65
N GLY TA 11 0.46 38.61 -2.55
CA GLY TA 11 0.99 37.78 -1.50
C GLY TA 11 0.14 37.84 -0.24
N PRO TA 12 0.63 37.27 0.86
CA PRO TA 12 1.97 36.69 1.02
C PRO TA 12 2.20 35.42 0.19
N THR TA 13 3.42 35.25 -0.33
CA THR TA 13 3.79 34.08 -1.11
C THR TA 13 4.67 33.12 -0.34
N VAL TA 14 4.81 33.30 0.98
CA VAL TA 14 5.55 32.41 1.84
C VAL TA 14 4.66 32.02 3.00
N GLY TA 15 5.01 30.93 3.68
CA GLY TA 15 4.26 30.44 4.81
C GLY TA 15 3.96 28.96 4.71
N GLY TA 16 3.39 28.45 5.79
CA GLY TA 16 2.94 27.07 5.81
C GLY TA 16 4.03 26.05 6.05
N ASN TA 17 5.18 26.47 6.54
CA ASN TA 17 6.33 25.60 6.71
C ASN TA 17 6.76 25.68 8.18
N GLY TA 18 6.00 25.01 9.03
CA GLY TA 18 6.27 24.98 10.46
C GLY TA 18 6.86 23.65 10.87
N GLY TA 19 6.61 22.62 10.07
CA GLY TA 19 7.24 21.34 10.30
C GLY TA 19 8.73 21.40 10.12
N ARG TA 20 9.20 22.18 9.15
CA ARG TA 20 10.63 22.33 8.92
C ARG TA 20 11.28 23.13 10.04
N THR TA 21 10.56 24.14 10.56
CA THR TA 21 11.07 24.90 11.69
C THR TA 21 11.10 24.07 12.97
N PHE TA 22 10.16 23.14 13.11
CA PHE TA 22 10.19 22.23 14.27
C PHE TA 22 11.42 21.34 14.21
N VAL TA 23 11.68 20.74 13.05
CA VAL TA 23 12.85 19.88 12.89
C VAL TA 23 14.12 20.65 13.22
N LEU TA 24 14.23 21.89 12.74
CA LEU TA 24 15.39 22.70 13.05
C LEU TA 24 15.58 22.84 14.56
N TYR TA 25 14.51 23.22 15.26
CA TYR TA 25 14.63 23.47 16.69
C TYR TA 25 14.87 22.18 17.47
N LEU TA 26 14.23 21.10 17.07
CA LEU TA 26 14.45 19.81 17.72
C LEU TA 26 15.88 19.33 17.50
N THR TA 27 16.36 19.40 16.27
CA THR TA 27 17.71 18.92 15.95
C THR TA 27 18.77 19.76 16.65
N THR TA 28 18.63 21.08 16.60
CA THR TA 28 19.57 21.95 17.30
C THR TA 28 19.56 21.66 18.79
N THR TA 29 18.37 21.55 19.39
CA THR TA 29 18.27 21.30 20.82
C THR TA 29 18.96 19.99 21.19
N ILE TA 30 18.64 18.91 20.47
CA ILE TA 30 19.24 17.62 20.77
C ILE TA 30 20.76 17.69 20.64
N ASN TA 31 21.23 18.28 19.55
CA ASN TA 31 22.67 18.31 19.31
C ASN TA 31 23.38 19.31 20.21
N VAL TA 32 22.68 20.35 20.66
CA VAL TA 32 23.27 21.26 21.64
C VAL TA 32 23.41 20.56 22.99
N LEU TA 33 22.45 19.71 23.34
CA LEU TA 33 22.51 18.97 24.59
C LEU TA 33 23.47 17.79 24.50
N ILE TA 34 23.70 17.25 23.30
CA ILE TA 34 24.73 16.24 23.12
C ILE TA 34 26.11 16.85 23.30
N ALA TA 35 26.29 18.09 22.84
CA ALA TA 35 27.57 18.77 23.02
C ALA TA 35 27.90 18.95 24.49
N PHE TA 36 26.91 19.33 25.30
CA PHE TA 36 27.15 19.50 26.72
C PHE TA 36 27.56 18.19 27.37
N GLN TA 37 26.85 17.10 27.06
CA GLN TA 37 27.15 15.82 27.68
C GLN TA 37 28.53 15.33 27.28
N VAL TA 38 28.87 15.42 26.00
CA VAL TA 38 30.15 14.92 25.53
C VAL TA 38 31.29 15.81 26.02
N SER TA 39 31.08 17.12 26.04
CA SER TA 39 32.10 18.02 26.55
C SER TA 39 32.35 17.76 28.03
N TRP TA 40 31.28 17.50 28.79
CA TRP TA 40 31.40 17.26 30.22
C TRP TA 40 32.04 15.92 30.51
N ALA TA 41 31.42 14.85 30.02
CA ALA TA 41 31.84 13.51 30.42
C ALA TA 41 33.20 13.13 29.87
N CYS TA 42 33.55 13.62 28.68
CA CYS TA 42 34.79 13.21 28.05
C CYS TA 42 35.97 14.11 28.36
N TYR TA 43 35.73 15.38 28.70
CA TYR TA 43 36.81 16.31 29.00
C TYR TA 43 36.70 16.95 30.38
N LEU TA 44 35.63 17.69 30.65
CA LEU TA 44 35.55 18.47 31.87
C LEU TA 44 35.53 17.57 33.11
N GLN TA 45 34.50 16.74 33.23
CA GLN TA 45 34.32 15.82 34.34
C GLN TA 45 35.61 15.14 34.72
N PRO TA 46 36.30 14.45 33.81
CA PRO TA 46 37.56 13.78 34.20
C PRO TA 46 38.53 14.73 34.89
N ARG TA 47 38.73 15.92 34.30
CA ARG TA 47 39.70 16.86 34.85
C ARG TA 47 39.21 17.41 36.19
N TRP TA 48 37.91 17.62 36.34
CA TRP TA 48 37.38 18.08 37.61
C TRP TA 48 37.65 17.09 38.72
N ARG TA 49 37.45 15.80 38.45
CA ARG TA 49 37.69 14.79 39.47
C ARG TA 49 39.15 14.78 39.89
N SER TA 50 40.06 14.90 38.93
CA SER TA 50 41.48 14.92 39.26
C SER TA 50 41.80 16.09 40.19
N PHE TA 51 41.27 17.27 39.89
CA PHE TA 51 41.50 18.43 40.75
C PHE TA 51 40.99 18.16 42.16
N ARG TA 52 39.76 17.67 42.28
CA ARG TA 52 39.21 17.39 43.60
C ARG TA 52 40.08 16.36 44.32
N SER TA 53 40.59 15.37 43.60
CA SER TA 53 41.40 14.33 44.22
C SER TA 53 42.77 14.84 44.62
N ASP TA 54 43.30 15.84 43.90
CA ASP TA 54 44.50 16.55 44.32
C ASP TA 54 44.20 17.68 45.27
N MET TA 55 42.93 18.07 45.40
CA MET TA 55 42.50 18.96 46.46
C MET TA 55 42.28 18.22 47.76
N LEU TA 56 42.38 16.88 47.74
CA LEU TA 56 42.32 16.08 48.94
C LEU TA 56 43.69 15.91 49.59
N GLU TA 57 44.76 16.38 48.95
CA GLU TA 57 46.05 16.46 49.62
C GLU TA 57 45.95 17.37 50.83
N LYS TA 58 45.10 18.39 50.75
CA LYS TA 58 44.83 19.25 51.89
C LYS TA 58 44.15 18.46 53.01
N PHE TA 59 43.28 17.52 52.62
CA PHE TA 59 42.52 16.64 53.51
C PHE TA 59 42.11 17.34 54.79
N PRO TA 60 41.55 18.56 54.73
CA PRO TA 60 40.95 19.13 55.93
C PRO TA 60 39.75 18.29 56.30
N SER TA 61 38.84 18.10 55.34
CA SER TA 61 37.71 17.20 55.46
C SER TA 61 37.61 16.38 54.16
N LEU TA 62 38.51 15.40 54.02
CA LEU TA 62 38.39 14.40 52.97
C LEU TA 62 37.33 13.39 53.39
N GLN TA 63 36.87 12.57 52.44
CA GLN TA 63 35.76 11.68 52.75
C GLN TA 63 36.16 10.67 53.84
N PRO TA 64 35.28 10.38 54.79
CA PRO TA 64 35.62 9.47 55.89
C PRO TA 64 35.78 8.02 55.45
N ASP TA 65 36.58 7.27 56.23
CA ASP TA 65 36.83 5.87 55.89
C ASP TA 65 35.56 5.02 55.99
N MET TA 66 34.81 5.12 57.10
CA MET TA 66 33.64 4.25 57.21
C MET TA 66 32.36 4.85 56.66
N ASP TA 67 31.61 5.57 57.48
CA ASP TA 67 30.47 6.35 57.03
C ASP TA 67 29.73 5.58 55.93
N GLU TA 68 29.51 4.29 56.19
CA GLU TA 68 28.85 3.40 55.24
C GLU TA 68 27.34 3.64 55.25
N PHE UA 1 -113.08 -12.52 27.15
CA PHE UA 1 -111.79 -13.02 27.68
C PHE UA 1 -111.96 -14.44 28.23
N GLU UA 2 -110.96 -15.29 27.99
CA GLU UA 2 -110.96 -16.66 28.49
C GLU UA 2 -109.74 -16.88 29.37
N LEU UA 3 -109.73 -17.99 30.10
CA LEU UA 3 -108.58 -18.38 30.90
C LEU UA 3 -107.42 -18.80 29.99
N ASN UA 4 -106.20 -18.60 30.47
CA ASN UA 4 -105.02 -18.95 29.69
C ASN UA 4 -104.93 -20.45 29.44
N ILE UA 5 -105.46 -21.26 30.38
CA ILE UA 5 -105.36 -22.71 30.34
C ILE UA 5 -106.73 -23.31 30.61
N ASN UA 6 -107.09 -24.36 29.88
CA ASN UA 6 -108.30 -25.14 30.15
C ASN UA 6 -107.92 -26.30 31.06
N ILE UA 7 -108.08 -26.09 32.37
CA ILE UA 7 -107.61 -27.05 33.37
C ILE UA 7 -108.33 -28.38 33.22
N ILE UA 8 -107.57 -29.47 33.33
CA ILE UA 8 -108.12 -30.82 33.42
C ILE UA 8 -108.33 -31.14 34.89
N ASN UA 9 -109.57 -31.41 35.28
CA ASN UA 9 -109.89 -31.56 36.69
C ASN UA 9 -109.81 -33.00 37.20
N TYR UA 10 -110.12 -33.99 36.36
CA TYR UA 10 -110.18 -35.37 36.79
C TYR UA 10 -109.59 -36.28 35.73
N ASN UA 11 -109.06 -37.41 36.18
CA ASN UA 11 -108.48 -38.41 35.29
C ASN UA 11 -108.50 -39.76 35.99
N TYR UA 12 -108.90 -40.80 35.26
CA TYR UA 12 -108.95 -42.15 35.81
C TYR UA 12 -108.01 -43.13 35.13
N LEU UA 13 -107.36 -42.75 34.02
CA LEU UA 13 -106.40 -43.65 33.40
C LEU UA 13 -105.23 -43.94 34.33
N GLY UA 14 -104.84 -42.98 35.15
CA GLY UA 14 -103.68 -43.18 36.01
C GLY UA 14 -103.85 -44.37 36.93
N ILE UA 15 -105.04 -44.52 37.52
CA ILE UA 15 -105.30 -45.64 38.40
C ILE UA 15 -105.18 -46.95 37.63
N ILE UA 16 -105.80 -47.01 36.45
CA ILE UA 16 -105.79 -48.24 35.67
C ILE UA 16 -104.36 -48.63 35.30
N ILE UA 17 -103.60 -47.67 34.77
CA ILE UA 17 -102.24 -47.98 34.34
C ILE UA 17 -101.40 -48.45 35.52
N THR UA 18 -101.58 -47.81 36.68
CA THR UA 18 -100.79 -48.20 37.84
C THR UA 18 -101.19 -49.59 38.33
N VAL UA 19 -102.47 -49.93 38.25
CA VAL UA 19 -102.92 -51.28 38.58
C VAL UA 19 -102.38 -52.29 37.57
N ILE UA 20 -102.43 -51.95 36.28
CA ILE UA 20 -101.90 -52.84 35.26
C ILE UA 20 -100.45 -53.18 35.58
N ILE UA 21 -99.67 -52.20 36.01
CA ILE UA 21 -98.28 -52.43 36.36
C ILE UA 21 -98.17 -53.42 37.51
N SER UA 22 -99.03 -53.29 38.51
CA SER UA 22 -98.98 -54.21 39.65
C SER UA 22 -99.25 -55.65 39.22
N ILE UA 23 -100.11 -55.86 38.23
CA ILE UA 23 -100.43 -57.20 37.77
C ILE UA 23 -99.16 -57.91 37.30
N TYR UA 24 -98.26 -57.17 36.65
CA TYR UA 24 -96.98 -57.75 36.26
C TYR UA 24 -96.27 -58.39 37.45
N ILE UA 25 -96.39 -57.77 38.63
CA ILE UA 25 -95.75 -58.30 39.83
C ILE UA 25 -96.61 -59.37 40.48
N TYR UA 26 -97.87 -59.03 40.78
CA TYR UA 26 -98.78 -59.96 41.46
C TYR UA 26 -99.46 -60.84 40.42
N ASN UA 27 -98.74 -61.85 39.95
CA ASN UA 27 -99.34 -62.83 39.06
C ASN UA 27 -98.65 -64.17 39.22
N ASN UA 28 -99.38 -65.24 38.89
CA ASN UA 28 -98.89 -66.60 38.96
C ASN UA 28 -98.78 -67.27 37.59
N SER UA 29 -99.03 -66.53 36.52
CA SER UA 29 -98.99 -67.06 35.18
C SER UA 29 -98.34 -66.06 34.25
N ASN UA 30 -97.51 -66.54 33.32
CA ASN UA 30 -96.92 -65.65 32.33
C ASN UA 30 -97.90 -65.30 31.22
N ILE UA 31 -98.96 -66.08 31.06
CA ILE UA 31 -100.01 -65.69 30.11
C ILE UA 31 -100.72 -64.45 30.60
N ILE UA 32 -100.96 -64.35 31.90
CA ILE UA 32 -101.58 -63.15 32.45
C ILE UA 32 -100.73 -61.93 32.11
N SER UA 33 -99.41 -62.09 32.11
CA SER UA 33 -98.53 -60.98 31.79
C SER UA 33 -98.69 -60.56 30.33
N VAL UA 34 -98.87 -61.53 29.43
CA VAL UA 34 -99.04 -61.19 28.02
C VAL UA 34 -100.31 -60.36 27.82
N TYR UA 35 -101.43 -60.81 28.38
CA TYR UA 35 -102.67 -60.08 28.21
C TYR UA 35 -102.63 -58.75 28.95
N ASN UA 36 -101.90 -58.69 30.06
CA ASN UA 36 -101.76 -57.43 30.77
C ASN UA 36 -101.06 -56.39 29.91
N SER UA 37 -100.08 -56.83 29.12
CA SER UA 37 -99.38 -55.90 28.23
C SER UA 37 -100.34 -55.28 27.22
N ASN UA 38 -101.30 -56.07 26.74
CA ASN UA 38 -102.30 -55.51 25.84
C ASN UA 38 -103.13 -54.44 26.53
N LEU UA 39 -103.52 -54.69 27.78
CA LEU UA 39 -104.25 -53.67 28.52
C LEU UA 39 -103.44 -52.39 28.63
N LEU UA 40 -102.15 -52.51 28.89
CA LEU UA 40 -101.30 -51.33 28.98
C LEU UA 40 -101.32 -50.56 27.67
N LEU UA 41 -101.12 -51.26 26.56
CA LEU UA 41 -101.15 -50.62 25.25
C LEU UA 41 -102.45 -49.85 25.05
N ILE UA 42 -103.57 -50.49 25.38
CA ILE UA 42 -104.87 -49.86 25.17
C ILE UA 42 -104.95 -48.55 25.96
N ASN UA 43 -104.58 -48.58 27.23
CA ASN UA 43 -104.77 -47.41 28.07
C ASN UA 43 -103.76 -46.32 27.75
N ILE UA 44 -102.53 -46.69 27.37
CA ILE UA 44 -101.59 -45.69 26.89
C ILE UA 44 -102.13 -45.01 25.64
N ASN UA 45 -102.83 -45.77 24.79
CA ASN UA 45 -103.43 -45.17 23.61
C ASN UA 45 -104.55 -44.19 23.97
N ILE UA 46 -105.30 -44.47 25.04
CA ILE UA 46 -106.33 -43.54 25.49
C ILE UA 46 -105.68 -42.23 25.92
N TRP UA 47 -104.56 -42.31 26.65
CA TRP UA 47 -103.85 -41.11 27.05
C TRP UA 47 -103.42 -40.30 25.82
N MET UA 48 -102.99 -40.99 24.77
CA MET UA 48 -102.62 -40.30 23.53
C MET UA 48 -103.84 -39.62 22.91
N LYS UA 49 -105.02 -40.25 23.01
CA LYS UA 49 -106.23 -39.62 22.52
C LYS UA 49 -106.54 -38.35 23.28
N TYR UA 50 -106.32 -38.37 24.60
CA TYR UA 50 -106.50 -37.15 25.39
C TYR UA 50 -105.57 -36.05 24.89
N ASN UA 51 -104.36 -36.41 24.49
CA ASN UA 51 -103.43 -35.40 23.98
C ASN UA 51 -103.94 -34.81 22.66
N ILE UA 52 -104.49 -35.66 21.79
CA ILE UA 52 -105.00 -35.19 20.50
C ILE UA 52 -106.22 -34.31 20.71
N LEU UA 53 -107.05 -34.64 21.70
CA LEU UA 53 -108.27 -33.88 21.96
C LEU UA 53 -107.97 -32.56 22.64
N ASP UA 54 -106.79 -32.43 23.26
CA ASP UA 54 -106.38 -31.17 23.84
C ASP UA 54 -106.10 -30.12 22.78
N MET UA 55 -106.01 -30.53 21.52
CA MET UA 55 -105.84 -29.59 20.40
C MET UA 55 -106.97 -28.58 20.35
N LEU UA 56 -108.14 -28.93 20.89
CA LEU UA 56 -109.30 -28.05 20.84
C LEU UA 56 -109.10 -26.79 21.66
N ASN UA 57 -108.10 -26.76 22.54
CA ASN UA 57 -107.83 -25.58 23.35
C ASN UA 57 -107.12 -24.48 22.59
N LEU UA 58 -106.50 -24.80 21.45
CA LEU UA 58 -105.81 -23.82 20.62
C LEU UA 58 -104.74 -23.08 21.42
N ASN UA 59 -103.98 -23.82 22.22
CA ASN UA 59 -102.95 -23.25 23.08
C ASN UA 59 -101.60 -23.34 22.37
N VAL UA 60 -100.94 -22.19 22.20
CA VAL UA 60 -99.70 -22.17 21.43
C VAL UA 60 -98.59 -22.92 22.14
N LEU UA 61 -98.59 -22.93 23.47
CA LEU UA 61 -97.50 -23.53 24.22
C LEU UA 61 -97.56 -25.04 24.28
N ASP UA 62 -98.65 -25.66 23.82
CA ASP UA 62 -98.77 -27.11 23.92
C ASP UA 62 -97.72 -27.83 23.08
N TYR UA 63 -97.54 -27.39 21.82
CA TYR UA 63 -96.51 -28.00 20.99
C TYR UA 63 -95.15 -27.93 21.68
N LYS UA 64 -94.76 -26.74 22.15
CA LYS UA 64 -93.46 -26.57 22.79
C LYS UA 64 -93.31 -27.48 23.99
N ILE UA 65 -94.34 -27.57 24.84
CA ILE UA 65 -94.23 -28.40 26.04
C ILE UA 65 -93.95 -29.84 25.67
N LEU UA 66 -94.73 -30.40 24.74
CA LEU UA 66 -94.54 -31.79 24.36
C LEU UA 66 -93.20 -32.01 23.70
N LEU UA 67 -92.78 -31.07 22.84
CA LEU UA 67 -91.49 -31.21 22.17
C LEU UA 67 -90.36 -31.31 23.18
N TRP UA 68 -90.37 -30.47 24.21
CA TRP UA 68 -89.29 -30.49 25.18
C TRP UA 68 -89.34 -31.75 26.04
N ILE UA 69 -90.52 -32.30 26.30
CA ILE UA 69 -90.62 -33.58 26.99
C ILE UA 69 -89.88 -34.65 26.20
N VAL UA 70 -90.10 -34.69 24.88
CA VAL UA 70 -89.43 -35.66 24.04
C VAL UA 70 -87.92 -35.49 24.15
N VAL UA 71 -87.44 -34.23 24.16
CA VAL UA 71 -86.02 -33.98 24.33
C VAL UA 71 -85.51 -34.66 25.60
N ILE UA 72 -86.23 -34.48 26.71
CA ILE UA 72 -85.82 -35.09 27.97
C ILE UA 72 -85.82 -36.60 27.84
N ILE UA 73 -86.85 -37.17 27.20
CA ILE UA 73 -86.94 -38.62 27.07
C ILE UA 73 -85.78 -39.15 26.24
N ILE UA 74 -85.53 -38.53 25.08
CA ILE UA 74 -84.40 -38.92 24.26
C ILE UA 74 -83.12 -38.90 25.09
N SER UA 75 -82.97 -37.86 25.91
CA SER UA 75 -81.81 -37.77 26.78
C SER UA 75 -81.72 -38.99 27.70
N ASN UA 76 -82.86 -39.41 28.26
CA ASN UA 76 -82.86 -40.59 29.12
C ASN UA 76 -82.53 -41.86 28.35
N GLU UA 77 -82.96 -41.94 27.09
CA GLU UA 77 -82.60 -43.10 26.27
C GLU UA 77 -81.10 -43.11 25.99
N ILE UA 78 -80.52 -41.94 25.74
CA ILE UA 78 -79.09 -41.85 25.46
C ILE UA 78 -78.28 -42.23 26.70
N LEU UA 79 -78.76 -41.84 27.88
CA LEU UA 79 -78.02 -42.10 29.10
C LEU UA 79 -78.14 -43.55 29.55
N LEU UA 80 -79.23 -44.23 29.19
CA LEU UA 80 -79.32 -45.65 29.46
C LEU UA 80 -78.33 -46.44 28.62
N PHE UA 81 -78.21 -46.09 27.34
CA PHE UA 81 -77.21 -46.72 26.48
C PHE UA 81 -75.81 -46.43 26.99
N VAL UA 82 -75.57 -45.20 27.49
CA VAL UA 82 -74.28 -44.87 28.07
C VAL UA 82 -73.95 -45.84 29.21
N SER UA 83 -74.95 -46.15 30.04
CA SER UA 83 -74.70 -47.06 31.16
C SER UA 83 -74.29 -48.45 30.69
N PHE UA 84 -74.84 -48.90 29.56
CA PHE UA 84 -74.44 -50.18 29.01
C PHE UA 84 -73.03 -50.10 28.42
N TYR UA 85 -72.72 -49.01 27.71
CA TYR UA 85 -71.37 -48.81 27.21
C TYR UA 85 -70.36 -48.77 28.37
N TRP UA 86 -70.76 -48.16 29.49
CA TRP UA 86 -69.93 -48.13 30.68
C TRP UA 86 -69.69 -49.54 31.22
N ILE UA 87 -70.77 -50.32 31.35
CA ILE UA 87 -70.64 -51.70 31.81
C ILE UA 87 -69.72 -52.48 30.89
N TYR UA 88 -69.80 -52.21 29.58
CA TYR UA 88 -68.97 -52.91 28.62
C TYR UA 88 -67.49 -52.56 28.79
N TYR UA 89 -67.18 -51.27 28.90
CA TYR UA 89 -65.79 -50.83 28.92
C TYR UA 89 -65.11 -51.04 30.27
N HIS UA 90 -65.88 -51.15 31.35
CA HIS UA 90 -65.29 -51.37 32.66
C HIS UA 90 -64.51 -52.68 32.70
N ASN UA 91 -64.99 -53.70 31.99
CA ASN UA 91 -64.35 -55.01 31.95
C ASN UA 91 -63.51 -55.20 30.69
N TYR UA 92 -63.20 -54.11 30.00
CA TYR UA 92 -62.42 -54.16 28.76
C TYR UA 92 -61.10 -54.87 28.96
N ILE UA 93 -60.50 -54.76 30.14
CA ILE UA 93 -59.20 -55.36 30.42
C ILE UA 93 -59.23 -56.88 30.43
N ASN UA 94 -60.42 -57.48 30.40
CA ASN UA 94 -60.57 -58.94 30.40
C ASN UA 94 -61.09 -59.46 29.07
N TYR UA 95 -61.03 -58.65 28.02
CA TYR UA 95 -61.52 -59.01 26.70
C TYR UA 95 -60.37 -59.34 25.76
N TYR UA 96 -60.69 -60.07 24.70
CA TYR UA 96 -59.87 -60.32 23.52
C TYR UA 96 -58.77 -61.36 23.75
N HIS UA 97 -58.59 -61.88 24.97
CA HIS UA 97 -57.64 -62.95 25.22
C HIS UA 97 -58.30 -64.18 25.83
N VAL UA 98 -59.63 -64.23 25.83
CA VAL UA 98 -60.37 -65.36 26.36
C VAL UA 98 -60.72 -66.28 25.21
N ASN UA 99 -60.99 -67.56 25.53
CA ASN UA 99 -61.24 -68.55 24.50
C ASN UA 99 -62.70 -68.51 24.02
N ILE UA 100 -63.05 -67.37 23.44
CA ILE UA 100 -64.36 -67.17 22.83
C ILE UA 100 -64.17 -66.56 21.45
N LEU UA 101 -65.17 -66.74 20.60
CA LEU UA 101 -65.16 -66.22 19.24
C LEU UA 101 -65.98 -64.93 19.21
N ILE UA 102 -65.28 -63.80 19.05
CA ILE UA 102 -65.93 -62.50 18.94
C ILE UA 102 -66.45 -62.37 17.51
N LEU UA 103 -67.26 -61.35 17.26
CA LEU UA 103 -67.96 -61.24 15.99
C LEU UA 103 -67.05 -60.72 14.88
N ASN UA 104 -67.36 -61.12 13.65
CA ASN UA 104 -66.64 -60.64 12.48
C ASN UA 104 -66.87 -59.15 12.27
N SER UA 105 -65.96 -58.52 11.53
CA SER UA 105 -66.04 -57.09 11.25
C SER UA 105 -66.40 -56.80 9.80
N TYR UA 106 -66.87 -57.79 9.06
CA TYR UA 106 -67.14 -57.65 7.63
C TYR UA 106 -68.62 -57.77 7.29
N ASN UA 107 -69.26 -58.85 7.70
CA ASN UA 107 -70.60 -59.15 7.21
C ASN UA 107 -71.67 -58.39 7.98
N ILE UA 108 -71.79 -58.65 9.27
CA ILE UA 108 -72.93 -58.13 10.04
C ILE UA 108 -72.91 -56.60 10.05
N VAL UA 109 -71.75 -56.01 10.33
CA VAL UA 109 -71.69 -54.56 10.48
C VAL UA 109 -72.10 -53.87 9.17
N TYR UA 110 -71.59 -54.35 8.04
CA TYR UA 110 -71.86 -53.68 6.77
C TYR UA 110 -73.34 -53.76 6.40
N ASN UA 111 -73.91 -54.97 6.37
CA ASN UA 111 -75.29 -55.07 5.94
C ASN UA 111 -76.22 -54.33 6.90
N ASN UA 112 -75.91 -54.35 8.19
CA ASN UA 112 -76.72 -53.63 9.16
C ASN UA 112 -76.59 -52.12 8.98
N ILE UA 113 -75.37 -51.61 8.80
CA ILE UA 113 -75.19 -50.18 8.63
C ILE UA 113 -75.86 -49.72 7.33
N ILE UA 114 -75.74 -50.52 6.27
CA ILE UA 114 -76.40 -50.19 5.02
C ILE UA 114 -77.92 -50.23 5.19
N LEU UA 115 -78.43 -51.21 5.93
CA LEU UA 115 -79.86 -51.33 6.14
C LEU UA 115 -80.40 -50.15 6.93
N LEU UA 116 -79.81 -49.88 8.10
CA LEU UA 116 -80.29 -48.80 8.96
C LEU UA 116 -80.18 -47.44 8.27
N THR UA 117 -79.17 -47.27 7.42
CA THR UA 117 -79.07 -46.03 6.66
C THR UA 117 -80.27 -45.84 5.75
N LEU UA 118 -80.70 -46.91 5.08
CA LEU UA 118 -81.86 -46.82 4.21
C LEU UA 118 -83.11 -46.47 5.02
N LEU UA 119 -83.20 -46.99 6.23
CA LEU UA 119 -84.32 -46.61 7.10
C LEU UA 119 -84.33 -45.11 7.35
N SER UA 120 -83.15 -44.53 7.59
CA SER UA 120 -83.07 -43.09 7.80
C SER UA 120 -83.51 -42.32 6.57
N THR UA 121 -83.11 -42.80 5.39
CA THR UA 121 -83.48 -42.11 4.15
C THR UA 121 -84.99 -42.10 3.97
N ILE UA 122 -85.67 -43.20 4.30
CA ILE UA 122 -87.12 -43.25 4.20
C ILE UA 122 -87.75 -42.22 5.12
N VAL UA 123 -87.31 -42.21 6.38
CA VAL UA 123 -87.87 -41.26 7.35
C VAL UA 123 -87.62 -39.84 6.88
N ASN UA 124 -86.45 -39.61 6.30
CA ASN UA 124 -86.13 -38.28 5.78
C ASN UA 124 -87.08 -37.88 4.66
N ILE UA 125 -87.40 -38.81 3.78
CA ILE UA 125 -88.36 -38.53 2.72
C ILE UA 125 -89.73 -38.23 3.32
N LYS UA 126 -90.11 -38.97 4.35
CA LYS UA 126 -91.36 -38.68 5.05
C LYS UA 126 -91.36 -37.26 5.59
N PHE UA 127 -90.25 -36.83 6.21
CA PHE UA 127 -90.15 -35.47 6.69
C PHE UA 127 -90.26 -34.47 5.55
N TYR UA 128 -89.59 -34.76 4.43
CA TYR UA 128 -89.63 -33.84 3.29
C TYR UA 128 -91.05 -33.67 2.79
N ASN UA 129 -91.78 -34.78 2.65
CA ASN UA 129 -93.18 -34.70 2.24
C ASN UA 129 -94.01 -33.96 3.28
N TYR UA 130 -93.75 -34.21 4.56
CA TYR UA 130 -94.43 -33.49 5.62
C TYR UA 130 -94.24 -31.98 5.44
N ILE UA 131 -93.05 -31.55 5.04
CA ILE UA 131 -92.80 -30.13 4.82
C ILE UA 131 -93.57 -29.64 3.61
N LEU UA 132 -93.75 -30.50 2.61
CA LEU UA 132 -94.36 -30.12 1.34
C LEU UA 132 -95.85 -30.43 1.28
N SER UA 133 -96.46 -30.80 2.41
CA SER UA 133 -97.88 -31.12 2.45
C SER UA 133 -98.24 -32.13 1.37
N TYR UA 134 -97.47 -33.23 1.35
CA TYR UA 134 -97.61 -34.28 0.35
C TYR UA 134 -97.44 -35.63 1.05
N TYR UA 135 -97.84 -36.71 0.37
CA TYR UA 135 -97.74 -38.06 0.92
C TYR UA 135 -97.40 -39.05 -0.19
N LYS UA 136 -96.63 -40.08 0.17
CA LYS UA 136 -96.29 -41.17 -0.73
C LYS UA 136 -96.60 -42.47 -0.03
N TYR UA 137 -97.52 -43.26 -0.60
CA TYR UA 137 -98.03 -44.43 0.10
C TYR UA 137 -96.95 -45.47 0.35
N ILE UA 138 -96.07 -45.68 -0.63
CA ILE UA 138 -95.12 -46.78 -0.56
C ILE UA 138 -94.12 -46.62 0.59
N LEU UA 139 -93.97 -45.41 1.13
CA LEU UA 139 -92.89 -45.17 2.09
C LEU UA 139 -93.02 -46.07 3.30
N SER UA 140 -94.21 -46.14 3.89
CA SER UA 140 -94.38 -46.92 5.12
C SER UA 140 -94.07 -48.39 4.88
N TYR UA 141 -94.44 -48.91 3.72
CA TYR UA 141 -94.20 -50.32 3.44
C TYR UA 141 -92.72 -50.61 3.24
N LEU UA 142 -91.94 -49.62 2.79
CA LEU UA 142 -90.50 -49.78 2.78
C LEU UA 142 -89.95 -49.93 4.19
N ILE UA 143 -90.51 -49.17 5.14
CA ILE UA 143 -90.11 -49.32 6.53
C ILE UA 143 -90.44 -50.72 7.03
N TYR UA 144 -91.62 -51.24 6.67
CA TYR UA 144 -92.00 -52.57 7.11
C TYR UA 144 -91.04 -53.62 6.56
N TYR UA 145 -90.65 -53.49 5.29
CA TYR UA 145 -89.66 -54.40 4.73
C TYR UA 145 -88.32 -54.30 5.47
N ASN UA 146 -87.89 -53.08 5.77
CA ASN UA 146 -86.63 -52.90 6.49
C ASN UA 146 -86.70 -53.52 7.88
N ASN UA 147 -87.81 -53.30 8.59
CA ASN UA 147 -87.96 -53.90 9.91
C ASN UA 147 -87.99 -55.42 9.82
N TYR UA 148 -88.67 -55.96 8.81
CA TYR UA 148 -88.72 -57.40 8.65
C TYR UA 148 -87.33 -57.98 8.46
N MET UA 149 -86.53 -57.38 7.57
CA MET UA 149 -85.19 -57.88 7.34
C MET UA 149 -84.34 -57.77 8.60
N PHE UA 150 -84.45 -56.65 9.31
CA PHE UA 150 -83.70 -56.48 10.54
C PHE UA 150 -84.05 -57.56 11.55
N ASN UA 151 -85.34 -57.84 11.71
CA ASN UA 151 -85.77 -58.89 12.61
C ASN UA 151 -85.28 -60.25 12.15
N ASN UA 152 -85.35 -60.51 10.84
CA ASN UA 152 -84.90 -61.79 10.32
C ASN UA 152 -83.42 -62.00 10.56
N LYS UA 153 -82.62 -60.96 10.38
CA LYS UA 153 -81.18 -61.09 10.54
C LYS UA 153 -80.79 -61.25 12.00
N ILE UA 154 -81.42 -60.49 12.90
CA ILE UA 154 -81.03 -60.55 14.30
C ILE UA 154 -81.40 -61.91 14.90
N ILE UA 155 -82.54 -62.47 14.48
CA ILE UA 155 -82.97 -63.76 15.01
C ILE UA 155 -81.97 -64.84 14.63
N LEU UA 156 -81.57 -64.88 13.36
CA LEU UA 156 -80.62 -65.90 12.92
C LEU UA 156 -79.28 -65.76 13.62
N GLU UA 157 -78.80 -64.53 13.80
CA GLU UA 157 -77.52 -64.32 14.45
C GLU UA 157 -77.52 -64.94 15.84
N TYR UA 158 -78.53 -64.61 16.64
CA TYR UA 158 -78.57 -65.12 18.01
C TYR UA 158 -78.64 -66.64 18.03
N LYS UA 159 -79.43 -67.22 17.14
CA LYS UA 159 -79.63 -68.66 17.15
C LYS UA 159 -78.38 -69.41 16.69
N ASN UA 160 -77.55 -68.78 15.84
CA ASN UA 160 -76.38 -69.44 15.29
C ASN UA 160 -75.09 -69.00 15.99
N ASN UA 161 -75.19 -68.19 17.05
CA ASN UA 161 -74.02 -67.80 17.81
C ASN UA 161 -73.63 -68.97 18.72
N SER UA 162 -72.34 -69.28 18.76
CA SER UA 162 -71.86 -70.46 19.47
C SER UA 162 -71.41 -70.15 20.89
N ASN UA 163 -71.50 -68.90 21.31
CA ASN UA 163 -71.15 -68.47 22.66
C ASN UA 163 -72.41 -67.96 23.35
N TYR UA 164 -72.53 -68.25 24.64
CA TYR UA 164 -73.74 -67.97 25.40
C TYR UA 164 -73.48 -66.86 26.41
N THR UA 165 -74.58 -66.40 27.04
CA THR UA 165 -74.48 -65.31 28.00
C THR UA 165 -73.62 -65.67 29.19
N ASN UA 166 -73.60 -66.94 29.59
CA ASN UA 166 -72.85 -67.36 30.75
C ASN UA 166 -71.38 -67.63 30.45
N ASP UA 167 -70.94 -67.44 29.21
CA ASP UA 167 -69.55 -67.75 28.86
C ASP UA 167 -68.59 -66.66 29.32
N SER UA 168 -68.99 -65.39 29.19
CA SER UA 168 -68.11 -64.30 29.60
C SER UA 168 -68.92 -63.03 29.66
N VAL UA 169 -68.44 -62.09 30.48
CA VAL UA 169 -69.07 -60.77 30.54
C VAL UA 169 -69.00 -60.07 29.20
N TYR UA 170 -68.02 -60.44 28.38
CA TYR UA 170 -68.01 -59.93 27.01
C TYR UA 170 -69.26 -60.36 26.27
N MET UA 171 -69.56 -61.66 26.31
CA MET UA 171 -70.71 -62.15 25.58
C MET UA 171 -72.00 -61.55 26.15
N THR UA 172 -72.09 -61.45 27.47
CA THR UA 172 -73.27 -60.85 28.07
C THR UA 172 -73.48 -59.43 27.59
N SER UA 173 -72.40 -58.64 27.58
CA SER UA 173 -72.50 -57.26 27.15
C SER UA 173 -72.85 -57.17 25.67
N TYR UA 174 -72.27 -58.04 24.84
CA TYR UA 174 -72.62 -58.04 23.42
C TYR UA 174 -74.10 -58.31 23.22
N PHE UA 175 -74.61 -59.38 23.82
CA PHE UA 175 -76.02 -59.71 23.66
C PHE UA 175 -76.92 -58.62 24.21
N TYR UA 176 -76.57 -58.09 25.39
CA TYR UA 176 -77.43 -57.10 26.03
C TYR UA 176 -77.47 -55.80 25.24
N ILE UA 177 -76.32 -55.33 24.77
CA ILE UA 177 -76.30 -54.09 24.00
C ILE UA 177 -77.09 -54.25 22.71
N ILE UA 178 -76.93 -55.39 22.04
CA ILE UA 178 -77.68 -55.62 20.80
C ILE UA 178 -79.17 -55.72 21.10
N LEU UA 179 -79.54 -56.39 22.19
CA LEU UA 179 -80.96 -56.48 22.54
C LEU UA 179 -81.53 -55.10 22.86
N LEU UA 180 -80.78 -54.28 23.59
CA LEU UA 180 -81.28 -52.96 23.93
C LEU UA 180 -81.53 -52.14 22.67
N HIS UA 181 -80.65 -52.24 21.68
CA HIS UA 181 -80.90 -51.58 20.41
C HIS UA 181 -82.14 -52.14 19.74
N TYR UA 182 -82.31 -53.47 19.76
CA TYR UA 182 -83.47 -54.06 19.12
C TYR UA 182 -84.77 -53.58 19.76
N ILE UA 183 -84.80 -53.52 21.09
CA ILE UA 183 -85.99 -53.05 21.78
C ILE UA 183 -86.35 -51.65 21.31
N HIS UA 184 -85.35 -50.78 21.16
CA HIS UA 184 -85.60 -49.45 20.65
C HIS UA 184 -86.02 -49.49 19.18
N ILE UA 185 -85.57 -50.48 18.43
CA ILE UA 185 -86.05 -50.66 17.07
C ILE UA 185 -87.52 -51.07 17.08
N TYR UA 186 -87.89 -51.98 17.99
CA TYR UA 186 -89.28 -52.41 18.09
C TYR UA 186 -90.18 -51.27 18.54
N ASP UA 187 -89.70 -50.43 19.46
CA ASP UA 187 -90.48 -49.25 19.83
C ASP UA 187 -90.71 -48.35 18.64
N SER UA 188 -89.77 -48.33 17.69
CA SER UA 188 -89.96 -47.53 16.48
C SER UA 188 -91.08 -48.10 15.62
N ILE UA 189 -91.22 -49.42 15.60
CA ILE UA 189 -92.35 -50.04 14.91
C ILE UA 189 -93.65 -49.62 15.58
N ILE UA 190 -93.67 -49.66 16.91
CA ILE UA 190 -94.87 -49.27 17.65
C ILE UA 190 -95.30 -47.87 17.25
N LEU UA 191 -94.35 -46.96 17.11
CA LEU UA 191 -94.69 -45.58 16.76
C LEU UA 191 -95.08 -45.44 15.30
N ILE UA 192 -94.36 -46.12 14.40
CA ILE UA 192 -94.53 -45.82 12.98
C ILE UA 192 -95.75 -46.48 12.38
N VAL UA 193 -96.37 -47.46 13.04
CA VAL UA 193 -97.48 -48.17 12.43
C VAL UA 193 -98.69 -47.27 12.23
N VAL UA 194 -98.74 -46.12 12.90
CA VAL UA 194 -99.90 -45.24 12.81
C VAL UA 194 -99.67 -44.06 11.88
N TYR UA 195 -98.52 -44.00 11.21
CA TYR UA 195 -98.21 -42.85 10.36
C TYR UA 195 -99.28 -42.67 9.29
N ASN UA 196 -99.85 -41.46 9.23
CA ASN UA 196 -100.83 -41.10 8.22
C ASN UA 196 -100.68 -39.60 7.94
N TYR UA 197 -101.38 -39.11 6.90
CA TYR UA 197 -101.42 -37.69 6.61
C TYR UA 197 -102.52 -37.03 7.42
N VAL UA 198 -102.19 -36.06 8.27
CA VAL UA 198 -103.16 -35.29 9.03
C VAL UA 198 -103.15 -33.87 8.47
N ASN UA 199 -104.34 -33.29 8.26
CA ASN UA 199 -104.42 -31.99 7.57
C ASN UA 199 -104.06 -30.80 8.44
N TYR UA 200 -103.82 -30.99 9.76
CA TYR UA 200 -103.36 -29.89 10.56
C TYR UA 200 -101.84 -29.73 10.47
N LYS UA 201 -101.19 -30.67 9.77
CA LYS UA 201 -99.79 -30.62 9.32
C LYS UA 201 -98.70 -30.34 10.38
N ASN UA 202 -98.10 -29.12 10.40
CA ASN UA 202 -96.93 -28.88 11.25
C ASN UA 202 -97.26 -28.41 12.65
N ILE UA 203 -98.49 -28.63 13.12
CA ILE UA 203 -98.82 -28.42 14.53
C ILE UA 203 -99.05 -29.77 15.19
N ASN UA 204 -98.64 -30.85 14.52
CA ASN UA 204 -98.75 -32.23 14.95
C ASN UA 204 -97.39 -32.68 15.51
N ASN UA 205 -97.34 -32.95 16.81
CA ASN UA 205 -96.06 -33.30 17.44
C ASN UA 205 -95.55 -34.67 17.02
N TYR UA 206 -96.43 -35.53 16.49
CA TYR UA 206 -96.02 -36.87 16.08
C TYR UA 206 -94.90 -36.83 15.05
N TYR UA 207 -95.01 -35.94 14.06
CA TYR UA 207 -94.07 -35.96 12.95
C TYR UA 207 -92.65 -35.64 13.41
N ILE UA 208 -92.50 -34.59 14.21
CA ILE UA 208 -91.17 -34.22 14.70
C ILE UA 208 -90.62 -35.29 15.62
N ASN UA 209 -91.49 -35.91 16.43
CA ASN UA 209 -91.03 -36.93 17.37
C ASN UA 209 -90.48 -38.15 16.64
N ILE UA 210 -91.16 -38.59 15.57
CA ILE UA 210 -90.70 -39.75 14.83
C ILE UA 210 -89.34 -39.48 14.21
N ASN UA 211 -89.17 -38.30 13.61
CA ASN UA 211 -87.91 -37.97 12.97
C ASN UA 211 -86.76 -38.01 13.97
N ILE UA 212 -86.97 -37.41 15.14
CA ILE UA 212 -85.92 -37.39 16.16
C ILE UA 212 -85.60 -38.80 16.63
N TYR UA 213 -86.63 -39.60 16.89
CA TYR UA 213 -86.39 -40.92 17.47
C TYR UA 213 -85.63 -41.81 16.49
N TYR UA 214 -86.07 -41.85 15.23
CA TYR UA 214 -85.40 -42.70 14.26
C TYR UA 214 -83.94 -42.33 14.11
N HIS UA 215 -83.64 -41.03 14.09
CA HIS UA 215 -82.25 -40.59 14.00
C HIS UA 215 -81.47 -41.03 15.23
N LEU UA 216 -82.08 -40.96 16.41
CA LEU UA 216 -81.40 -41.40 17.62
C LEU UA 216 -81.01 -42.87 17.52
N ILE UA 217 -81.94 -43.72 17.10
CA ILE UA 217 -81.68 -45.15 17.06
C ILE UA 217 -80.58 -45.47 16.06
N GLU UA 218 -80.62 -44.85 14.88
CA GLU UA 218 -79.58 -45.11 13.90
C GLU UA 218 -78.23 -44.63 14.39
N VAL UA 219 -78.18 -43.45 14.99
CA VAL UA 219 -76.93 -42.93 15.51
C VAL UA 219 -76.40 -43.86 16.60
N LEU UA 220 -77.31 -44.36 17.44
CA LEU UA 220 -76.89 -45.27 18.50
C LEU UA 220 -76.26 -46.54 17.92
N TYR UA 221 -76.69 -46.97 16.74
CA TYR UA 221 -76.10 -48.17 16.14
C TYR UA 221 -74.70 -47.90 15.61
N ILE UA 222 -74.42 -46.67 15.19
CA ILE UA 222 -73.06 -46.33 14.78
C ILE UA 222 -72.10 -46.50 15.94
N VAL UA 223 -72.50 -46.04 17.12
CA VAL UA 223 -71.65 -46.18 18.31
C VAL UA 223 -71.46 -47.65 18.65
N ILE UA 224 -72.54 -48.43 18.59
CA ILE UA 224 -72.43 -49.86 18.90
C ILE UA 224 -71.51 -50.56 17.92
N SER UA 225 -71.64 -50.24 16.63
CA SER UA 225 -70.84 -50.92 15.61
C SER UA 225 -69.36 -50.69 15.85
N ILE UA 226 -68.97 -49.46 16.19
CA ILE UA 226 -67.58 -49.16 16.45
C ILE UA 226 -67.08 -49.91 17.68
N LEU UA 227 -67.91 -49.98 18.72
CA LEU UA 227 -67.47 -50.61 19.97
C LEU UA 227 -67.30 -52.12 19.80
N LEU UA 228 -68.25 -52.79 19.16
CA LEU UA 228 -68.31 -54.25 19.17
C LEU UA 228 -67.76 -54.88 17.89
N TYR UA 229 -68.24 -54.45 16.73
CA TYR UA 229 -67.86 -55.12 15.49
C TYR UA 229 -66.52 -54.61 14.97
N LEU UA 230 -66.32 -53.30 14.96
CA LEU UA 230 -65.09 -52.71 14.45
C LEU UA 230 -64.17 -52.32 15.60
N PHE VA 1 96.57 45.36 -47.80
CA PHE VA 1 96.18 44.06 -47.19
C PHE VA 1 97.37 43.44 -46.46
N GLU VA 2 97.12 42.83 -45.31
CA GLU VA 2 98.12 42.14 -44.52
C GLU VA 2 97.74 40.67 -44.35
N LEU VA 3 98.70 39.88 -43.87
CA LEU VA 3 98.43 38.48 -43.56
C LEU VA 3 97.55 38.37 -42.33
N ASN VA 4 96.74 37.30 -42.27
CA ASN VA 4 95.84 37.11 -41.14
C ASN VA 4 96.61 36.91 -39.84
N ILE VA 5 97.82 36.35 -39.91
CA ILE VA 5 98.62 36.00 -38.74
C ILE VA 5 100.05 36.49 -38.96
N ASN VA 6 100.65 37.04 -37.90
CA ASN VA 6 102.08 37.40 -37.91
C ASN VA 6 102.86 36.23 -37.35
N ILE VA 7 103.34 35.37 -38.26
CA ILE VA 7 103.97 34.12 -37.88
C ILE VA 7 105.24 34.38 -37.06
N ILE VA 8 105.42 33.59 -36.00
CA ILE VA 8 106.65 33.57 -35.22
C ILE VA 8 107.55 32.49 -35.82
N ASN VA 9 108.73 32.90 -36.29
CA ASN VA 9 109.59 31.98 -37.05
C ASN VA 9 110.60 31.24 -36.17
N TYR VA 10 111.09 31.85 -35.10
CA TYR VA 10 112.14 31.26 -34.30
C TYR VA 10 111.88 31.50 -32.83
N ASN VA 11 112.38 30.59 -31.99
CA ASN VA 11 112.24 30.70 -30.55
C ASN VA 11 113.34 29.88 -29.89
N TYR VA 12 113.97 30.45 -28.86
CA TYR VA 12 115.04 29.77 -28.15
C TYR VA 12 114.72 29.50 -26.68
N LEU VA 13 113.62 30.03 -26.14
CA LEU VA 13 113.25 29.72 -24.77
C LEU VA 13 112.97 28.24 -24.58
N GLY VA 14 112.43 27.59 -25.60
CA GLY VA 14 112.08 26.18 -25.45
C GLY VA 14 113.27 25.31 -25.10
N ILE VA 15 114.41 25.57 -25.75
CA ILE VA 15 115.61 24.81 -25.44
C ILE VA 15 116.03 25.03 -24.00
N ILE VA 16 116.05 26.30 -23.57
CA ILE VA 16 116.49 26.62 -22.22
C ILE VA 16 115.60 25.94 -21.19
N ILE VA 17 114.28 26.10 -21.35
CA ILE VA 17 113.36 25.53 -20.38
C ILE VA 17 113.51 24.02 -20.32
N THR VA 18 113.69 23.38 -21.48
CA THR VA 18 113.82 21.93 -21.49
C THR VA 18 115.13 21.50 -20.83
N VAL VA 19 116.20 22.27 -21.02
CA VAL VA 19 117.46 21.98 -20.33
C VAL VA 19 117.31 22.20 -18.84
N ILE VA 20 116.65 23.29 -18.44
CA ILE VA 20 116.42 23.55 -17.02
C ILE VA 20 115.76 22.35 -16.37
N ILE VA 21 114.77 21.77 -17.06
CA ILE VA 21 114.07 20.59 -16.53
C ILE VA 21 115.05 19.44 -16.33
N SER VA 22 115.95 19.23 -17.28
CA SER VA 22 116.91 18.13 -17.16
C SER VA 22 117.80 18.31 -15.94
N ILE VA 23 118.15 19.55 -15.60
CA ILE VA 23 119.02 19.79 -14.45
C ILE VA 23 118.39 19.22 -13.18
N TYR VA 24 117.06 19.33 -13.06
CA TYR VA 24 116.38 18.72 -11.93
C TYR VA 24 116.74 17.25 -11.80
N ILE VA 25 116.89 16.56 -12.93
CA ILE VA 25 117.22 15.13 -12.91
C ILE VA 25 118.72 14.93 -12.75
N TYR VA 26 119.50 15.54 -13.65
CA TYR VA 26 120.96 15.37 -13.65
C TYR VA 26 121.58 16.39 -12.69
N ASN VA 27 121.51 16.08 -11.39
CA ASN VA 27 122.18 16.92 -10.41
C ASN VA 27 122.57 16.08 -9.21
N ASN VA 28 123.61 16.55 -8.51
CA ASN VA 28 124.12 15.89 -7.32
C ASN VA 28 123.93 16.72 -6.06
N SER VA 29 123.25 17.86 -6.15
CA SER VA 29 123.03 18.73 -5.01
C SER VA 29 121.61 19.27 -5.06
N ASN VA 30 120.98 19.36 -3.89
CA ASN VA 30 119.64 19.95 -3.82
C ASN VA 30 119.69 21.47 -3.88
N ILE VA 31 120.85 22.08 -3.61
CA ILE VA 31 120.98 23.51 -3.80
C ILE VA 31 120.89 23.85 -5.28
N ILE VA 32 121.50 23.02 -6.13
CA ILE VA 32 121.41 23.24 -7.56
C ILE VA 32 119.95 23.26 -7.99
N SER VA 33 119.12 22.41 -7.38
CA SER VA 33 117.72 22.37 -7.73
C SER VA 33 117.02 23.67 -7.33
N VAL VA 34 117.39 24.26 -6.19
CA VAL VA 34 116.77 25.50 -5.77
C VAL VA 34 117.05 26.61 -6.78
N TYR VA 35 118.33 26.77 -7.15
CA TYR VA 35 118.68 27.82 -8.10
C TYR VA 35 118.13 27.52 -9.49
N ASN VA 36 118.01 26.24 -9.84
CA ASN VA 36 117.43 25.88 -11.12
C ASN VA 36 115.97 26.34 -11.19
N SER VA 37 115.25 26.25 -10.07
CA SER VA 37 113.86 26.71 -10.05
C SER VA 37 113.77 28.19 -10.36
N ASN VA 38 114.72 28.98 -9.88
CA ASN VA 38 114.74 30.40 -10.20
C ASN VA 38 114.93 30.61 -11.70
N LEU VA 39 115.82 29.84 -12.32
CA LEU VA 39 116.00 29.94 -13.76
C LEU VA 39 114.70 29.64 -14.48
N LEU VA 40 113.97 28.63 -14.03
CA LEU VA 40 112.70 28.31 -14.65
C LEU VA 40 111.75 29.48 -14.57
N LEU VA 41 111.60 30.06 -13.37
CA LEU VA 41 110.72 31.21 -13.20
C LEU VA 41 111.10 32.33 -14.17
N ILE VA 42 112.39 32.62 -14.28
CA ILE VA 42 112.84 33.70 -15.15
C ILE VA 42 112.38 33.45 -16.59
N ASN VA 43 112.64 32.24 -17.09
CA ASN VA 43 112.37 31.98 -18.50
C ASN VA 43 110.89 31.83 -18.77
N ILE VA 44 110.11 31.31 -17.82
CA ILE VA 44 108.67 31.31 -17.98
C ILE VA 44 108.16 32.74 -18.05
N ASN VA 45 108.77 33.64 -17.29
CA ASN VA 45 108.37 35.06 -17.36
C ASN VA 45 108.69 35.66 -18.72
N ILE VA 46 109.80 35.25 -19.34
CA ILE VA 46 110.11 35.73 -20.68
C ILE VA 46 109.04 35.30 -21.66
N TRP VA 47 108.59 34.05 -21.56
CA TRP VA 47 107.51 33.57 -22.42
C TRP VA 47 106.25 34.42 -22.22
N MET VA 48 105.96 34.80 -20.99
CA MET VA 48 104.83 35.68 -20.72
C MET VA 48 105.01 37.04 -21.38
N LYS VA 49 106.25 37.54 -21.40
CA LYS VA 49 106.53 38.80 -22.09
C LYS VA 49 106.25 38.68 -23.58
N TYR VA 50 106.63 37.54 -24.17
CA TYR VA 50 106.31 37.30 -25.56
C TYR VA 50 104.81 37.36 -25.80
N ASN VA 51 104.02 36.85 -24.85
CA ASN VA 51 102.57 36.90 -25.00
C ASN VA 51 102.07 38.34 -24.96
N ILE VA 52 102.64 39.16 -24.07
CA ILE VA 52 102.21 40.55 -23.95
C ILE VA 52 102.61 41.33 -25.19
N LEU VA 53 103.76 41.01 -25.77
CA LEU VA 53 104.24 41.72 -26.94
C LEU VA 53 103.50 41.30 -28.20
N ASP VA 54 102.84 40.14 -28.17
CA ASP VA 54 102.00 39.72 -29.29
C ASP VA 54 100.75 40.59 -29.42
N MET VA 55 100.47 41.41 -28.41
CA MET VA 55 99.36 42.35 -28.48
C MET VA 55 99.50 43.31 -29.66
N LEU VA 56 100.73 43.54 -30.12
CA LEU VA 56 100.98 44.47 -31.20
C LEU VA 56 100.39 44.00 -32.52
N ASN VA 57 100.00 42.73 -32.62
CA ASN VA 57 99.42 42.21 -33.84
C ASN VA 57 97.96 42.59 -34.01
N LEU VA 58 97.30 43.01 -32.93
CA LEU VA 58 95.90 43.43 -32.98
C LEU VA 58 95.01 42.33 -33.56
N ASN VA 59 95.24 41.10 -33.13
CA ASN VA 59 94.49 39.94 -33.63
C ASN VA 59 93.35 39.65 -32.67
N VAL VA 60 92.13 39.62 -33.20
CA VAL VA 60 90.95 39.45 -32.35
C VAL VA 60 90.91 38.07 -31.71
N LEU VA 61 91.42 37.06 -32.41
CA LEU VA 61 91.31 35.69 -31.93
C LEU VA 61 92.30 35.35 -30.83
N ASP VA 62 93.26 36.23 -30.53
CA ASP VA 62 94.27 35.91 -29.53
C ASP VA 62 93.65 35.76 -28.14
N TYR VA 63 92.78 36.69 -27.75
CA TYR VA 63 92.11 36.56 -26.45
C TYR VA 63 91.39 35.23 -26.35
N LYS VA 64 90.57 34.90 -27.35
CA LYS VA 64 89.81 33.66 -27.33
C LYS VA 64 90.72 32.45 -27.20
N ILE VA 65 91.82 32.41 -27.97
CA ILE VA 65 92.70 31.25 -27.93
C ILE VA 65 93.24 31.04 -26.52
N LEU VA 66 93.77 32.11 -25.91
CA LEU VA 66 94.34 31.99 -24.58
C LEU VA 66 93.28 31.62 -23.55
N LEU VA 67 92.10 32.21 -23.66
CA LEU VA 67 91.03 31.91 -22.72
C LEU VA 67 90.68 30.43 -22.74
N TRP VA 68 90.57 29.84 -23.93
CA TRP VA 68 90.21 28.43 -23.99
C TRP VA 68 91.33 27.54 -23.50
N ILE VA 69 92.59 27.94 -23.67
CA ILE VA 69 93.70 27.19 -23.10
C ILE VA 69 93.54 27.11 -21.58
N VAL VA 70 93.21 28.24 -20.95
CA VAL VA 70 93.01 28.26 -19.51
C VAL VA 70 91.90 27.29 -19.13
N VAL VA 71 90.82 27.26 -19.91
CA VAL VA 71 89.73 26.32 -19.64
C VAL VA 71 90.27 24.90 -19.60
N ILE VA 72 91.09 24.54 -20.59
CA ILE VA 72 91.66 23.19 -20.63
C ILE VA 72 92.54 22.95 -19.41
N ILE VA 73 93.35 23.95 -19.04
CA ILE VA 73 94.25 23.79 -17.90
C ILE VA 73 93.44 23.59 -16.62
N ILE VA 74 92.46 24.46 -16.39
CA ILE VA 74 91.58 24.32 -15.23
C ILE VA 74 91.01 22.91 -15.19
N SER VA 75 90.57 22.42 -16.35
CA SER VA 75 90.05 21.06 -16.43
C SER VA 75 91.08 20.05 -15.96
N ASN VA 76 92.34 20.21 -16.36
CA ASN VA 76 93.38 19.30 -15.91
C ASN VA 76 93.63 19.42 -14.42
N GLU VA 77 93.51 20.62 -13.85
CA GLU VA 77 93.64 20.77 -12.41
C GLU VA 77 92.51 20.06 -11.69
N ILE VA 78 91.29 20.16 -12.22
CA ILE VA 78 90.14 19.52 -11.59
C ILE VA 78 90.28 18.00 -11.65
N LEU VA 79 90.82 17.48 -12.75
CA LEU VA 79 90.94 16.04 -12.91
C LEU VA 79 92.07 15.45 -12.08
N LEU VA 80 93.11 16.25 -11.79
CA LEU VA 80 94.14 15.78 -10.88
C LEU VA 80 93.60 15.65 -9.46
N PHE VA 81 92.83 16.63 -9.01
CA PHE VA 81 92.18 16.53 -7.71
C PHE VA 81 91.22 15.35 -7.66
N VAL VA 82 90.50 15.10 -8.76
CA VAL VA 82 89.63 13.93 -8.83
C VAL VA 82 90.42 12.66 -8.57
N SER VA 83 91.62 12.56 -9.13
CA SER VA 83 92.43 11.37 -8.94
C SER VA 83 92.81 11.17 -7.48
N PHE VA 84 93.05 12.26 -6.75
CA PHE VA 84 93.33 12.17 -5.32
C PHE VA 84 92.07 11.77 -4.55
N TYR VA 85 90.93 12.36 -4.89
CA TYR VA 85 89.67 11.95 -4.27
C TYR VA 85 89.39 10.47 -4.53
N TRP VA 86 89.72 10.00 -5.73
CA TRP VA 86 89.58 8.59 -6.06
C TRP VA 86 90.48 7.73 -5.18
N ILE VA 87 91.76 8.11 -5.06
CA ILE VA 87 92.68 7.39 -4.20
C ILE VA 87 92.15 7.35 -2.77
N TYR VA 88 91.55 8.45 -2.33
CA TYR VA 88 91.03 8.52 -0.96
C TYR VA 88 89.86 7.57 -0.76
N TYR VA 89 88.90 7.58 -1.68
CA TYR VA 89 87.68 6.81 -1.50
C TYR VA 89 87.84 5.32 -1.79
N HIS VA 90 88.86 4.95 -2.57
CA HIS VA 90 89.08 3.55 -2.85
C HIS VA 90 89.36 2.75 -1.59
N ASN VA 91 90.04 3.36 -0.61
CA ASN VA 91 90.37 2.71 0.65
C ASN VA 91 89.42 3.13 1.77
N TYR VA 92 88.27 3.70 1.42
CA TYR VA 92 87.30 4.16 2.41
C TYR VA 92 86.88 3.04 3.35
N ILE VA 93 86.85 1.80 2.86
CA ILE VA 93 86.43 0.66 3.68
C ILE VA 93 87.37 0.35 4.82
N ASN VA 94 88.56 0.96 4.84
CA ASN VA 94 89.55 0.73 5.89
C ASN VA 94 89.72 1.95 6.79
N TYR VA 95 88.79 2.89 6.75
CA TYR VA 95 88.84 4.11 7.52
C TYR VA 95 87.88 4.06 8.71
N TYR VA 96 88.14 4.91 9.69
CA TYR VA 96 87.27 5.24 10.82
C TYR VA 96 87.23 4.17 11.91
N HIS VA 97 87.88 3.03 11.73
CA HIS VA 97 87.97 2.01 12.78
C HIS VA 97 89.41 1.69 13.14
N VAL VA 98 90.37 2.48 12.68
CA VAL VA 98 91.77 2.29 12.97
C VAL VA 98 92.14 3.18 14.16
N ASN VA 99 93.22 2.81 14.85
CA ASN VA 99 93.61 3.54 16.07
C ASN VA 99 94.41 4.80 15.71
N ILE VA 100 93.74 5.72 15.02
CA ILE VA 100 94.30 7.01 14.70
C ILE VA 100 93.27 8.08 15.02
N LEU VA 101 93.75 9.30 15.23
CA LEU VA 101 92.90 10.45 15.53
C LEU VA 101 92.68 11.24 14.26
N ILE VA 102 91.44 11.19 13.74
CA ILE VA 102 91.07 11.96 12.57
C ILE VA 102 90.80 13.38 13.02
N LEU VA 103 90.65 14.30 12.06
CA LEU VA 103 90.58 15.72 12.38
C LEU VA 103 89.21 16.12 12.90
N ASN VA 104 89.19 17.16 13.73
CA ASN VA 104 87.95 17.71 14.26
C ASN VA 104 87.13 18.34 13.14
N SER VA 105 85.83 18.49 13.39
CA SER VA 105 84.91 19.06 12.42
C SER VA 105 84.43 20.45 12.81
N TYR VA 106 85.07 21.08 13.78
CA TYR VA 106 84.64 22.37 14.32
C TYR VA 106 85.60 23.51 14.02
N ASN VA 107 86.87 23.35 14.39
CA ASN VA 107 87.79 24.48 14.37
C ASN VA 107 88.37 24.71 12.98
N ILE VA 108 89.10 23.74 12.45
CA ILE VA 108 89.86 23.95 11.22
C ILE VA 108 88.92 24.27 10.07
N VAL VA 109 87.87 23.48 9.90
CA VAL VA 109 87.00 23.66 8.74
C VAL VA 109 86.37 25.04 8.75
N TYR VA 110 85.88 25.49 9.90
CA TYR VA 110 85.17 26.77 9.95
C TYR VA 110 86.10 27.93 9.64
N ASN VA 111 87.23 28.05 10.36
CA ASN VA 111 88.09 29.20 10.13
C ASN VA 111 88.65 29.18 8.72
N ASN VA 112 88.93 28.00 8.18
CA ASN VA 112 89.43 27.93 6.81
C ASN VA 112 88.36 28.31 5.80
N ILE VA 113 87.13 27.81 5.97
CA ILE VA 113 86.06 28.15 5.04
C ILE VA 113 85.76 29.64 5.11
N ILE VA 114 85.76 30.21 6.32
CA ILE VA 114 85.55 31.64 6.47
C ILE VA 114 86.68 32.42 5.83
N LEU VA 115 87.91 31.96 6.01
CA LEU VA 115 89.07 32.64 5.43
C LEU VA 115 89.01 32.62 3.92
N LEU VA 116 88.90 31.43 3.33
CA LEU VA 116 88.90 31.32 1.88
C LEU VA 116 87.74 32.05 1.24
N THR VA 117 86.60 32.14 1.94
CA THR VA 117 85.49 32.92 1.42
C THR VA 117 85.87 34.38 1.30
N LEU VA 118 86.55 34.93 2.32
CA LEU VA 118 86.97 36.32 2.24
C LEU VA 118 87.93 36.54 1.09
N LEU VA 119 88.79 35.56 0.80
CA LEU VA 119 89.66 35.66 -0.35
C LEU VA 119 88.84 35.81 -1.63
N SER VA 120 87.76 35.03 -1.76
CA SER VA 120 86.92 35.14 -2.94
C SER VA 120 86.29 36.52 -3.04
N THR VA 121 85.84 37.06 -1.91
CA THR VA 121 85.21 38.38 -1.93
C THR VA 121 86.19 39.45 -2.41
N ILE VA 122 87.46 39.36 -2.00
CA ILE VA 122 88.46 40.31 -2.47
C ILE VA 122 88.62 40.21 -3.97
N VAL VA 123 88.79 38.99 -4.48
CA VAL VA 123 88.96 38.81 -5.91
C VAL VA 123 87.75 39.31 -6.66
N ASN VA 124 86.57 39.10 -6.10
CA ASN VA 124 85.34 39.58 -6.70
C ASN VA 124 85.33 41.10 -6.79
N ILE VA 125 85.79 41.77 -5.73
CA ILE VA 125 85.88 43.23 -5.76
C ILE VA 125 86.88 43.67 -6.83
N LYS VA 126 87.99 42.95 -6.95
CA LYS VA 126 88.94 43.25 -8.01
C LYS VA 126 88.29 43.14 -9.38
N PHE VA 127 87.50 42.09 -9.59
CA PHE VA 127 86.77 41.96 -10.86
C PHE VA 127 85.81 43.12 -11.06
N TYR VA 128 85.09 43.50 -10.01
CA TYR VA 128 84.13 44.59 -10.12
C TYR VA 128 84.82 45.88 -10.53
N ASN VA 129 85.94 46.19 -9.89
CA ASN VA 129 86.72 47.36 -10.27
C ASN VA 129 87.23 47.24 -11.69
N TYR VA 130 87.70 46.05 -12.07
CA TYR VA 130 88.14 45.81 -13.44
C TYR VA 130 87.02 46.17 -14.43
N ILE VA 131 85.78 45.83 -14.08
CA ILE VA 131 84.66 46.16 -14.95
C ILE VA 131 84.43 47.67 -14.99
N LEU VA 132 84.70 48.36 -13.89
CA LEU VA 132 84.40 49.77 -13.74
C LEU VA 132 85.60 50.65 -14.05
N SER VA 133 86.68 50.09 -14.58
CA SER VA 133 87.89 50.85 -14.90
C SER VA 133 88.34 51.67 -13.70
N TYR VA 134 88.47 50.98 -12.56
CA TYR VA 134 88.82 51.60 -11.28
C TYR VA 134 89.80 50.67 -10.56
N TYR VA 135 90.47 51.20 -9.53
CA TYR VA 135 91.44 50.42 -8.76
C TYR VA 135 91.37 50.83 -7.29
N LYS VA 136 91.59 49.87 -6.41
CA LYS VA 136 91.68 50.11 -4.97
C LYS VA 136 92.97 49.48 -4.46
N TYR VA 137 93.85 50.30 -3.91
CA TYR VA 137 95.20 49.83 -3.58
C TYR VA 137 95.17 48.75 -2.50
N ILE VA 138 94.31 48.92 -1.50
CA ILE VA 138 94.35 48.04 -0.33
C ILE VA 138 94.01 46.59 -0.67
N LEU VA 139 93.36 46.35 -1.81
CA LEU VA 139 92.84 45.02 -2.09
C LEU VA 139 93.94 43.97 -2.09
N SER VA 140 95.03 44.23 -2.80
CA SER VA 140 96.09 43.23 -2.91
C SER VA 140 96.68 42.91 -1.55
N TYR VA 141 96.80 43.90 -0.68
CA TYR VA 141 97.39 43.65 0.63
C TYR VA 141 96.47 42.84 1.52
N LEU VA 142 95.15 42.92 1.30
CA LEU VA 142 94.23 42.02 1.98
C LEU VA 142 94.48 40.59 1.55
N ILE VA 143 94.77 40.36 0.27
CA ILE VA 143 95.13 39.03 -0.20
C ILE VA 143 96.39 38.54 0.49
N TYR VA 144 97.38 39.43 0.62
CA TYR VA 144 98.63 39.03 1.27
C TYR VA 144 98.40 38.64 2.72
N TYR VA 145 97.56 39.39 3.43
CA TYR VA 145 97.21 39.02 4.79
C TYR VA 145 96.50 37.67 4.84
N ASN VA 146 95.57 37.44 3.91
CA ASN VA 146 94.86 36.17 3.87
C ASN VA 146 95.82 35.02 3.61
N ASN VA 147 96.72 35.19 2.64
CA ASN VA 147 97.70 34.14 2.35
C ASN VA 147 98.61 33.90 3.54
N TYR VA 148 99.03 34.97 4.22
CA TYR VA 148 99.89 34.81 5.39
C TYR VA 148 99.20 33.97 6.46
N MET VA 149 97.95 34.29 6.76
CA MET VA 149 97.22 33.54 7.78
C MET VA 149 97.03 32.10 7.36
N PHE VA 150 96.71 31.87 6.09
CA PHE VA 150 96.54 30.50 5.61
C PHE VA 150 97.84 29.71 5.78
N ASN VA 151 98.97 30.32 5.41
CA ASN VA 151 100.25 29.65 5.57
C ASN VA 151 100.56 29.42 7.04
N ASN VA 152 100.27 30.41 7.89
CA ASN VA 152 100.54 30.25 9.32
C ASN VA 152 99.73 29.11 9.92
N LYS VA 153 98.46 28.99 9.52
CA LYS VA 153 97.60 27.96 10.09
C LYS VA 153 97.98 26.57 9.58
N ILE VA 154 98.30 26.44 8.30
CA ILE VA 154 98.61 25.12 7.77
C ILE VA 154 99.92 24.60 8.35
N ILE VA 155 100.89 25.48 8.56
CA ILE VA 155 102.18 25.06 9.10
C ILE VA 155 102.00 24.50 10.50
N LEU VA 156 101.25 25.22 11.35
CA LEU VA 156 101.05 24.76 12.72
C LEU VA 156 100.30 23.43 12.75
N GLU VA 157 99.28 23.28 11.91
CA GLU VA 157 98.51 22.04 11.89
C GLU VA 157 99.42 20.85 11.64
N TYR VA 158 100.24 20.93 10.58
CA TYR VA 158 101.09 19.81 10.23
C TYR VA 158 102.07 19.49 11.36
N LYS VA 159 102.63 20.53 11.98
CA LYS VA 159 103.65 20.32 12.99
C LYS VA 159 103.07 19.75 14.27
N ASN VA 160 101.80 20.03 14.55
CA ASN VA 160 101.16 19.59 15.79
C ASN VA 160 100.26 18.37 15.58
N ASN VA 161 100.24 17.80 14.38
CA ASN VA 161 99.48 16.59 14.12
C ASN VA 161 100.27 15.41 14.69
N SER VA 162 99.59 14.52 15.39
CA SER VA 162 100.24 13.42 16.10
C SER VA 162 100.27 12.14 15.30
N ASN VA 163 99.73 12.15 14.09
CA ASN VA 163 99.75 11.00 13.19
C ASN VA 163 100.57 11.35 11.96
N TYR VA 164 101.32 10.38 11.46
CA TYR VA 164 102.29 10.60 10.39
C TYR VA 164 101.83 9.91 9.11
N THR VA 165 102.55 10.21 8.02
CA THR VA 165 102.18 9.66 6.71
C THR VA 165 102.26 8.13 6.69
N ASN VA 166 103.16 7.56 7.46
CA ASN VA 166 103.34 6.10 7.46
C ASN VA 166 102.38 5.38 8.38
N ASP VA 167 101.48 6.10 9.06
CA ASP VA 167 100.57 5.46 10.01
C ASP VA 167 99.41 4.77 9.30
N SER VA 168 98.86 5.38 8.25
CA SER VA 168 97.75 4.77 7.54
C SER VA 168 97.56 5.49 6.22
N VAL VA 169 96.96 4.78 5.26
CA VAL VA 169 96.63 5.40 3.98
C VAL VA 169 95.64 6.54 4.19
N TYR VA 170 94.86 6.49 5.26
CA TYR VA 170 94.02 7.63 5.59
C TYR VA 170 94.87 8.86 5.83
N MET VA 171 95.89 8.73 6.69
CA MET VA 171 96.71 9.88 7.00
C MET VA 171 97.46 10.37 5.77
N THR VA 172 97.96 9.44 4.96
CA THR VA 172 98.66 9.83 3.74
C THR VA 172 97.74 10.63 2.83
N SER VA 173 96.51 10.16 2.64
CA SER VA 173 95.58 10.86 1.78
C SER VA 173 95.20 12.22 2.35
N TYR VA 174 95.02 12.30 3.67
CA TYR VA 174 94.72 13.59 4.28
C TYR VA 174 95.83 14.59 4.03
N PHE VA 175 97.06 14.21 4.34
CA PHE VA 175 98.19 15.12 4.14
C PHE VA 175 98.35 15.48 2.66
N TYR VA 176 98.25 14.50 1.78
CA TYR VA 176 98.49 14.74 0.37
C TYR VA 176 97.42 15.65 -0.24
N ILE VA 177 96.15 15.42 0.10
CA ILE VA 177 95.08 16.26 -0.43
C ILE VA 177 95.25 17.69 0.06
N ILE VA 178 95.57 17.85 1.34
CA ILE VA 178 95.76 19.19 1.88
C ILE VA 178 96.97 19.86 1.24
N LEU VA 179 98.05 19.11 1.03
CA LEU VA 179 99.22 19.69 0.37
C LEU VA 179 98.91 20.10 -1.06
N LEU VA 180 98.16 19.26 -1.78
CA LEU VA 180 97.83 19.60 -3.17
C LEU VA 180 97.03 20.89 -3.22
N HIS VA 181 96.11 21.08 -2.29
CA HIS VA 181 95.39 22.34 -2.23
C HIS VA 181 96.33 23.50 -1.92
N TYR VA 182 97.26 23.29 -0.99
CA TYR VA 182 98.19 24.36 -0.63
C TYR VA 182 99.05 24.77 -1.83
N ILE VA 183 99.54 23.78 -2.59
CA ILE VA 183 100.35 24.09 -3.76
C ILE VA 183 99.56 24.97 -4.72
N HIS VA 184 98.29 24.66 -4.92
CA HIS VA 184 97.45 25.50 -5.77
C HIS VA 184 97.20 26.86 -5.13
N ILE VA 185 97.22 26.94 -3.80
CA ILE VA 185 97.14 28.23 -3.14
C ILE VA 185 98.42 29.03 -3.40
N TYR VA 186 99.57 28.36 -3.32
CA TYR VA 186 100.84 29.04 -3.57
C TYR VA 186 100.95 29.50 -5.01
N ASP VA 187 100.45 28.69 -5.95
CA ASP VA 187 100.41 29.14 -7.34
C ASP VA 187 99.57 30.38 -7.50
N SER VA 188 98.54 30.53 -6.66
CA SER VA 188 97.73 31.75 -6.71
C SER VA 188 98.52 32.96 -6.25
N ILE VA 189 99.42 32.77 -5.28
CA ILE VA 189 100.31 33.85 -4.88
C ILE VA 189 101.22 34.22 -6.04
N ILE VA 190 101.77 33.21 -6.72
CA ILE VA 190 102.65 33.47 -7.86
C ILE VA 190 101.94 34.35 -8.88
N LEU VA 191 100.67 34.06 -9.15
CA LEU VA 191 99.94 34.84 -10.15
C LEU VA 191 99.57 36.22 -9.63
N ILE VA 192 99.13 36.33 -8.38
CA ILE VA 192 98.53 37.57 -7.91
C ILE VA 192 99.55 38.65 -7.57
N VAL VA 193 100.83 38.29 -7.39
CA VAL VA 193 101.80 39.28 -6.95
C VAL VA 193 102.02 40.36 -8.00
N VAL VA 194 101.61 40.14 -9.25
CA VAL VA 194 101.84 41.10 -10.32
C VAL VA 194 100.60 41.93 -10.65
N TYR VA 195 99.51 41.76 -9.91
CA TYR VA 195 98.28 42.46 -10.22
C TYR VA 195 98.50 43.97 -10.20
N ASN VA 196 98.15 44.63 -11.30
CA ASN VA 196 98.22 46.08 -11.42
C ASN VA 196 97.10 46.52 -12.36
N TYR VA 197 96.89 47.84 -12.46
CA TYR VA 197 95.94 48.40 -13.41
C TYR VA 197 96.61 48.60 -14.75
N VAL VA 198 96.11 47.96 -15.82
CA VAL VA 198 96.61 48.14 -17.17
C VAL VA 198 95.52 48.88 -17.95
N ASN VA 199 95.91 49.90 -18.74
CA ASN VA 199 94.92 50.75 -19.40
C ASN VA 199 94.29 50.12 -20.63
N TYR VA 200 94.73 48.93 -21.08
CA TYR VA 200 94.04 48.28 -22.17
C TYR VA 200 92.85 47.46 -21.65
N LYS VA 201 92.71 47.39 -20.33
CA LYS VA 201 91.54 46.89 -19.60
C LYS VA 201 91.02 45.49 -19.95
N ASN VA 202 89.85 45.36 -20.66
CA ASN VA 202 89.22 44.05 -20.84
C ASN VA 202 89.70 43.29 -22.07
N ILE VA 203 90.87 43.64 -22.61
CA ILE VA 203 91.51 42.81 -23.64
C ILE VA 203 92.74 42.15 -23.04
N ASN VA 204 92.85 42.18 -21.70
CA ASN VA 204 93.94 41.61 -20.92
C ASN VA 204 93.48 40.27 -20.35
N ASN VA 205 94.11 39.18 -20.81
CA ASN VA 205 93.68 37.84 -20.38
C ASN VA 205 93.99 37.56 -18.93
N TYR VA 206 94.92 38.31 -18.33
CA TYR VA 206 95.30 38.08 -16.94
C TYR VA 206 94.10 38.18 -16.00
N TYR VA 207 93.26 39.20 -16.20
CA TYR VA 207 92.20 39.47 -15.25
C TYR VA 207 91.19 38.32 -15.19
N ILE VA 208 90.74 37.85 -16.36
CA ILE VA 208 89.78 36.75 -16.39
C ILE VA 208 90.41 35.48 -15.84
N ASN VA 209 91.70 35.26 -16.14
CA ASN VA 209 92.37 34.04 -15.66
C ASN VA 209 92.44 34.00 -14.14
N ILE VA 210 92.77 35.12 -13.51
CA ILE VA 210 92.87 35.15 -12.06
C ILE VA 210 91.52 34.86 -11.42
N ASN VA 211 90.46 35.47 -11.94
CA ASN VA 211 89.14 35.26 -11.38
C ASN VA 211 88.76 33.79 -11.44
N ILE VA 212 88.98 33.15 -12.59
CA ILE VA 212 88.62 31.75 -12.75
C ILE VA 212 89.43 30.89 -11.78
N TYR VA 213 90.74 31.13 -11.71
CA TYR VA 213 91.59 30.26 -10.91
C TYR VA 213 91.25 30.35 -9.43
N TYR VA 214 91.08 31.56 -8.91
CA TYR VA 214 90.77 31.72 -7.49
C TYR VA 214 89.46 31.01 -7.15
N HIS VA 215 88.46 31.14 -8.01
CA HIS VA 215 87.19 30.45 -7.77
C HIS VA 215 87.38 28.94 -7.77
N LEU VA 216 88.22 28.43 -8.68
CA LEU VA 216 88.47 27.00 -8.72
C LEU VA 216 89.06 26.52 -7.40
N ILE VA 217 90.07 27.22 -6.89
CA ILE VA 217 90.75 26.77 -5.68
C ILE VA 217 89.80 26.80 -4.49
N GLU VA 218 89.00 27.86 -4.36
CA GLU VA 218 88.05 27.92 -3.25
C GLU VA 218 87.01 26.83 -3.36
N VAL VA 219 86.48 26.60 -4.57
CA VAL VA 219 85.50 25.54 -4.75
C VAL VA 219 86.11 24.19 -4.42
N LEU VA 220 87.36 24.00 -4.80
CA LEU VA 220 88.04 22.73 -4.50
C LEU VA 220 88.13 22.51 -3.01
N TYR VA 221 88.25 23.59 -2.22
CA TYR VA 221 88.35 23.41 -0.78
C TYR VA 221 87.01 23.02 -0.17
N ILE VA 222 85.90 23.44 -0.78
CA ILE VA 222 84.59 23.01 -0.30
C ILE VA 222 84.48 21.50 -0.42
N VAL VA 223 84.92 20.94 -1.54
CA VAL VA 223 84.87 19.49 -1.73
C VAL VA 223 85.76 18.79 -0.72
N ILE VA 224 86.97 19.32 -0.48
CA ILE VA 224 87.87 18.70 0.47
C ILE VA 224 87.28 18.75 1.87
N SER VA 225 86.69 19.88 2.25
CA SER VA 225 86.16 20.01 3.60
C SER VA 225 85.08 18.98 3.88
N ILE VA 226 84.19 18.75 2.90
CA ILE VA 226 83.14 17.77 3.07
C ILE VA 226 83.72 16.37 3.19
N LEU VA 227 84.74 16.07 2.38
CA LEU VA 227 85.30 14.71 2.37
C LEU VA 227 86.03 14.39 3.67
N LEU VA 228 86.84 15.32 4.16
CA LEU VA 228 87.78 15.03 5.24
C LEU VA 228 87.29 15.54 6.60
N TYR VA 229 86.92 16.81 6.70
CA TYR VA 229 86.59 17.37 8.01
C TYR VA 229 85.15 17.06 8.40
N LEU VA 230 84.22 17.24 7.48
CA LEU VA 230 82.81 17.01 7.76
C LEU VA 230 82.37 15.65 7.22
N GLU WA 1 -24.56 -59.81 39.67
CA GLU WA 1 -23.61 -59.08 40.50
C GLU WA 1 -23.85 -57.57 40.37
N SER WA 2 -23.86 -57.05 39.14
CA SER WA 2 -24.09 -55.63 38.90
C SER WA 2 -25.26 -55.12 39.74
N ALA WA 3 -25.17 -53.85 40.16
CA ALA WA 3 -26.20 -53.29 41.02
C ALA WA 3 -27.56 -53.30 40.34
N ASP WA 4 -27.59 -53.07 39.02
CA ASP WA 4 -28.84 -53.03 38.26
C ASP WA 4 -29.09 -54.33 37.52
N ALA WA 5 -28.50 -55.43 38.00
CA ALA WA 5 -28.67 -56.74 37.36
C ALA WA 5 -30.13 -57.18 37.38
N LEU WA 6 -30.85 -56.87 38.46
CA LEU WA 6 -32.24 -57.29 38.59
C LEU WA 6 -33.08 -56.73 37.45
N PHE WA 7 -32.94 -55.44 37.16
CA PHE WA 7 -33.69 -54.83 36.06
C PHE WA 7 -33.20 -55.37 34.72
N VAL WA 8 -31.90 -55.65 34.61
CA VAL WA 8 -31.34 -56.27 33.40
C VAL WA 8 -31.83 -57.70 33.30
N GLY WA 9 -31.86 -58.22 32.06
CA GLY WA 9 -32.39 -59.55 31.82
C GLY WA 9 -33.91 -59.61 31.68
N THR WA 10 -34.64 -59.28 32.74
CA THR WA 10 -36.09 -59.21 32.70
C THR WA 10 -36.58 -58.28 33.81
N LEU WA 11 -37.83 -57.81 33.68
CA LEU WA 11 -38.52 -57.19 34.81
C LEU WA 11 -38.99 -58.25 35.81
N ASP WA 12 -39.10 -59.50 35.35
CA ASP WA 12 -39.52 -60.59 36.23
C ASP WA 12 -38.53 -60.82 37.37
N ARG WA 13 -37.24 -60.62 37.11
CA ARG WA 13 -36.22 -60.98 38.10
C ARG WA 13 -36.42 -60.24 39.41
N LEU WA 14 -36.93 -59.01 39.36
CA LEU WA 14 -37.00 -58.16 40.55
C LEU WA 14 -37.76 -58.86 41.67
N THR WA 15 -38.95 -59.40 41.37
CA THR WA 15 -39.72 -60.09 42.39
C THR WA 15 -39.17 -61.49 42.67
N ALA WA 16 -38.39 -62.05 41.74
CA ALA WA 16 -37.81 -63.37 41.96
C ALA WA 16 -36.73 -63.33 43.04
N GLU WA 17 -36.03 -62.21 43.16
CA GLU WA 17 -35.03 -62.06 44.21
C GLU WA 17 -35.64 -61.47 45.48
N HIS WA 18 -36.76 -60.77 45.34
CA HIS WA 18 -37.49 -60.18 46.46
C HIS WA 18 -38.95 -60.59 46.31
N PRO WA 19 -39.30 -61.81 46.72
CA PRO WA 19 -40.65 -62.33 46.44
C PRO WA 19 -41.78 -61.53 47.07
N HIS WA 20 -41.56 -60.89 48.22
CA HIS WA 20 -42.64 -60.24 48.96
C HIS WA 20 -42.67 -58.73 48.75
N THR WA 21 -42.16 -58.24 47.63
CA THR WA 21 -42.16 -56.83 47.30
C THR WA 21 -42.99 -56.58 46.04
N ASP WA 22 -43.25 -55.31 45.76
CA ASP WA 22 -44.06 -54.95 44.61
C ASP WA 22 -43.34 -55.27 43.31
N ASP WA 23 -44.10 -55.79 42.35
CA ASP WA 23 -43.59 -56.01 41.00
C ASP WA 23 -43.61 -54.69 40.22
N PRO WA 24 -42.55 -54.37 39.47
CA PRO WA 24 -42.49 -53.06 38.82
C PRO WA 24 -43.68 -52.79 37.90
N ARG WA 25 -44.25 -53.82 37.31
CA ARG WA 25 -45.32 -53.66 36.34
C ARG WA 25 -46.69 -53.45 36.98
N PHE WA 26 -46.81 -53.63 38.30
CA PHE WA 26 -48.11 -53.52 38.97
C PHE WA 26 -48.05 -52.72 40.27
N ALA WA 27 -46.92 -52.06 40.57
CA ALA WA 27 -46.79 -51.35 41.82
C ALA WA 27 -47.63 -50.09 41.88
N PHE WA 28 -48.08 -49.58 40.73
CA PHE WA 28 -48.87 -48.36 40.69
C PHE WA 28 -50.27 -48.54 41.25
N GLN WA 29 -50.77 -49.77 41.30
CA GLN WA 29 -52.13 -50.06 41.70
C GLN WA 29 -52.12 -50.95 42.94
N SER WA 30 -53.10 -50.72 43.83
CA SER WA 30 -53.24 -51.57 45.01
C SER WA 30 -53.79 -52.94 44.64
N ASN WA 31 -54.69 -52.99 43.66
CA ASN WA 31 -55.26 -54.25 43.22
C ASN WA 31 -54.19 -55.08 42.52
N GLN WA 32 -53.96 -56.30 43.02
CA GLN WA 32 -52.90 -57.17 42.52
C GLN WA 32 -53.45 -58.38 41.76
N TRP WA 33 -54.69 -58.32 41.31
CA TRP WA 33 -55.26 -59.44 40.56
C TRP WA 33 -54.45 -59.72 39.31
N ASN WA 34 -54.22 -58.69 38.49
CA ASN WA 34 -53.46 -58.88 37.27
C ASN WA 34 -52.08 -59.44 37.55
N ASN WA 35 -51.48 -59.04 38.68
CA ASN WA 35 -50.19 -59.60 39.07
C ASN WA 35 -50.28 -61.11 39.27
N CYS WA 36 -51.35 -61.57 39.92
CA CYS WA 36 -51.51 -62.99 40.14
C CYS WA 36 -51.64 -63.75 38.83
N GLU WA 37 -52.39 -63.19 37.88
CA GLU WA 37 -52.62 -63.88 36.62
C GLU WA 37 -51.34 -63.99 35.79
N LEU WA 38 -50.51 -62.94 35.80
CA LEU WA 38 -49.23 -63.03 35.11
C LEU WA 38 -48.35 -64.10 35.73
N ARG WA 39 -48.30 -64.15 37.07
CA ARG WA 39 -47.46 -65.12 37.74
C ARG WA 39 -47.92 -66.55 37.45
N PHE WA 40 -49.23 -66.76 37.40
CA PHE WA 40 -49.74 -68.10 37.08
C PHE WA 40 -49.42 -68.48 35.64
N THR WA 41 -49.63 -67.55 34.71
CA THR WA 41 -49.28 -67.82 33.31
C THR WA 41 -47.81 -68.19 33.18
N GLN WA 42 -46.95 -67.55 33.97
CA GLN WA 42 -45.52 -67.85 33.93
C GLN WA 42 -45.22 -69.23 34.49
N PHE WA 43 -45.95 -69.65 35.52
CA PHE WA 43 -45.81 -71.02 36.00
C PHE WA 43 -46.27 -72.01 34.95
N CYS WA 44 -47.36 -71.70 34.25
CA CYS WA 44 -47.87 -72.60 33.23
C CYS WA 44 -46.88 -72.74 32.07
N ARG WA 45 -46.24 -71.64 31.67
CA ARG WA 45 -45.31 -71.71 30.56
C ARG WA 45 -44.01 -72.41 30.96
N CYS WA 46 -43.61 -72.29 32.23
CA CYS WA 46 -42.41 -72.97 32.70
C CYS WA 46 -42.54 -74.48 32.57
N THR WA 47 -43.67 -75.03 33.03
CA THR WA 47 -43.85 -76.47 33.01
C THR WA 47 -43.83 -77.00 31.59
N ARG WA 48 -44.43 -76.27 30.66
CA ARG WA 48 -44.45 -76.70 29.26
C ARG WA 48 -43.04 -76.83 28.70
N GLU WA 49 -42.10 -76.03 29.19
CA GLU WA 49 -40.73 -76.01 28.69
C GLU WA 49 -39.79 -76.89 29.47
N LEU WA 50 -39.99 -77.00 30.78
CA LEU WA 50 -39.04 -77.65 31.68
C LEU WA 50 -39.61 -78.84 32.42
N GLY WA 51 -40.93 -78.97 32.51
CA GLY WA 51 -41.56 -80.01 33.28
C GLY WA 51 -41.88 -79.56 34.70
N GLU WA 52 -42.71 -80.36 35.37
CA GLU WA 52 -43.15 -80.01 36.71
C GLU WA 52 -42.03 -80.20 37.73
N ASP WA 53 -41.14 -81.17 37.51
CA ASP WA 53 -40.13 -81.50 38.51
C ASP WA 53 -38.99 -80.50 38.57
N ASP WA 54 -38.85 -79.64 37.58
CA ASP WA 54 -37.72 -78.72 37.54
C ASP WA 54 -37.80 -77.76 38.73
N PRO WA 55 -36.70 -77.52 39.43
CA PRO WA 55 -36.74 -76.55 40.54
C PRO WA 55 -37.19 -75.17 40.12
N ARG WA 56 -36.88 -74.77 38.88
CA ARG WA 56 -37.32 -73.47 38.40
C ARG WA 56 -38.83 -73.34 38.42
N CYS WA 57 -39.52 -74.34 37.86
CA CYS WA 57 -40.97 -74.27 37.78
C CYS WA 57 -41.61 -74.40 39.16
N LYS WA 58 -40.98 -75.17 40.06
CA LYS WA 58 -41.45 -75.24 41.43
C LYS WA 58 -41.38 -73.86 42.09
N TYR WA 59 -40.30 -73.12 41.82
CA TYR WA 59 -40.20 -71.78 42.38
C TYR WA 59 -41.16 -70.81 41.70
N GLN WA 60 -41.42 -70.98 40.41
CA GLN WA 60 -42.41 -70.16 39.75
C GLN WA 60 -43.79 -70.38 40.36
N TYR WA 61 -44.02 -71.55 40.94
CA TYR WA 61 -45.25 -71.78 41.68
C TYR WA 61 -45.24 -71.11 43.04
N TYR WA 62 -44.10 -71.13 43.74
CA TYR WA 62 -44.01 -70.40 44.99
C TYR WA 62 -44.22 -68.91 44.75
N ARG WA 63 -43.67 -68.39 43.65
CA ARG WA 63 -43.87 -66.98 43.33
C ARG WA 63 -45.35 -66.70 43.07
N ALA WA 64 -46.04 -67.62 42.40
CA ALA WA 64 -47.46 -67.45 42.15
C ALA WA 64 -48.24 -67.46 43.46
N GLN WA 65 -47.85 -68.31 44.41
CA GLN WA 65 -48.53 -68.36 45.70
C GLN WA 65 -48.36 -67.06 46.46
N THR WA 66 -47.23 -66.38 46.28
CA THR WA 66 -46.98 -65.16 47.05
C THR WA 66 -48.03 -64.10 46.77
N VAL WA 67 -48.63 -64.12 45.59
CA VAL WA 67 -49.60 -63.11 45.20
C VAL WA 67 -51.00 -63.67 44.97
N CYS WA 68 -51.16 -64.98 44.82
CA CYS WA 68 -52.45 -65.60 44.56
C CYS WA 68 -52.96 -66.32 45.80
N HIS WA 69 -54.18 -65.98 46.22
CA HIS WA 69 -54.82 -66.69 47.32
C HIS WA 69 -55.05 -68.15 46.96
N GLU WA 70 -55.08 -69.01 47.98
CA GLU WA 70 -55.14 -70.44 47.74
C GLU WA 70 -56.43 -70.86 47.05
N PHE WA 71 -57.56 -70.23 47.41
CA PHE WA 71 -58.82 -70.67 46.82
C PHE WA 71 -58.86 -70.42 45.32
N LEU WA 72 -58.19 -69.37 44.85
CA LEU WA 72 -58.10 -69.12 43.41
C LEU WA 72 -57.15 -70.11 42.75
N LEU WA 73 -56.00 -70.37 43.36
CA LEU WA 73 -55.02 -71.26 42.77
C LEU WA 73 -55.55 -72.68 42.64
N GLU WA 74 -56.23 -73.18 43.67
CA GLU WA 74 -56.76 -74.53 43.60
C GLU WA 74 -57.72 -74.69 42.44
N ASP WA 75 -58.62 -73.71 42.26
CA ASP WA 75 -59.55 -73.76 41.14
C ASP WA 75 -58.81 -73.68 39.81
N TRP WA 76 -57.90 -72.71 39.68
CA TRP WA 76 -57.19 -72.54 38.43
C TRP WA 76 -56.25 -73.70 38.16
N MET WA 77 -55.75 -74.36 39.20
CA MET WA 77 -54.88 -75.52 39.01
C MET WA 77 -55.65 -76.75 38.59
N GLU WA 78 -56.94 -76.84 38.94
CA GLU WA 78 -57.76 -77.93 38.45
C GLU WA 78 -58.08 -77.75 36.97
N HIS WA 79 -58.48 -76.54 36.58
CA HIS WA 79 -58.70 -76.25 35.17
C HIS WA 79 -57.47 -76.57 34.36
N ARG WA 80 -56.28 -76.26 34.90
CA ARG WA 80 -55.04 -76.53 34.18
C ARG WA 80 -54.82 -78.03 33.99
N HIS WA 81 -55.09 -78.82 35.03
CA HIS WA 81 -54.90 -80.26 34.93
C HIS WA 81 -55.87 -80.90 33.94
N ARG WA 82 -57.13 -80.44 33.94
CA ARG WA 82 -58.09 -80.96 32.97
C ARG WA 82 -57.67 -80.62 31.56
N GLY WA 83 -57.24 -79.40 31.34
CA GLY WA 83 -56.93 -78.91 30.01
C GLY WA 83 -57.90 -77.85 29.54
N THR WA 84 -58.49 -77.13 30.49
CA THR WA 84 -59.44 -76.07 30.18
C THR WA 84 -58.96 -74.69 30.62
N CYS WA 85 -57.79 -74.59 31.26
CA CYS WA 85 -57.25 -73.30 31.66
C CYS WA 85 -56.92 -72.46 30.44
N ASP WA 86 -57.52 -71.27 30.35
CA ASP WA 86 -57.33 -70.42 29.19
C ASP WA 86 -55.95 -69.79 29.16
N LEU WA 87 -55.23 -69.80 30.27
CA LEU WA 87 -53.88 -69.26 30.34
C LEU WA 87 -52.82 -70.29 29.96
N ASP WA 88 -53.23 -71.53 29.66
CA ASP WA 88 -52.31 -72.61 29.36
C ASP WA 88 -52.59 -73.31 28.04
N ILE WA 89 -53.70 -73.00 27.36
CA ILE WA 89 -53.97 -73.57 26.05
C ILE WA 89 -52.76 -73.33 25.15
N MET WA 90 -52.29 -74.37 24.48
CA MET WA 90 -51.16 -74.19 23.57
C MET WA 90 -51.51 -73.16 22.51
N PRO WA 91 -50.57 -72.33 22.09
CA PRO WA 91 -50.94 -71.19 21.23
C PRO WA 91 -51.56 -71.58 19.90
N ASP WA 92 -51.25 -72.76 19.36
CA ASP WA 92 -51.81 -73.12 18.06
C ASP WA 92 -53.24 -73.64 18.17
N ARG WA 93 -53.76 -73.81 19.38
CA ARG WA 93 -55.15 -74.21 19.59
C ARG WA 93 -55.97 -73.09 20.23
N GLN WA 94 -55.46 -71.86 20.23
CA GLN WA 94 -56.21 -70.71 20.69
C GLN WA 94 -57.17 -70.25 19.61
N VAL WA 95 -58.28 -69.62 20.03
CA VAL WA 95 -59.31 -69.14 19.12
C VAL WA 95 -59.41 -67.62 19.14
N ILE WA 96 -58.43 -66.94 19.74
CA ILE WA 96 -58.55 -65.51 19.98
C ILE WA 96 -58.61 -64.71 18.68
N HIS WA 97 -58.00 -65.22 17.61
CA HIS WA 97 -57.95 -64.51 16.35
C HIS WA 97 -58.98 -65.01 15.34
N MET WA 98 -59.91 -65.87 15.76
CA MET WA 98 -60.91 -66.46 14.88
C MET WA 98 -62.23 -65.70 14.95
N ARG WA 99 -62.93 -65.68 13.82
CA ARG WA 99 -64.19 -64.94 13.65
C ARG WA 99 -64.09 -63.49 14.07
N GLY WA 100 -62.86 -62.98 14.21
CA GLY WA 100 -62.64 -61.64 14.75
C GLY WA 100 -61.54 -61.63 15.80
N GLY XA 1 -38.07 -37.16 -40.93
CA GLY XA 1 -38.46 -36.85 -42.33
C GLY XA 1 -39.17 -38.03 -42.97
N SER XA 2 -40.33 -37.75 -43.57
CA SER XA 2 -41.25 -38.72 -44.19
C SER XA 2 -42.18 -39.37 -43.17
N ILE XA 3 -42.05 -39.07 -41.89
CA ILE XA 3 -43.00 -39.51 -40.87
C ILE XA 3 -44.00 -38.39 -40.56
N GLU XA 4 -43.67 -37.16 -40.93
CA GLU XA 4 -44.55 -36.02 -40.67
C GLU XA 4 -45.96 -36.26 -41.19
N GLN XA 5 -46.09 -36.95 -42.32
CA GLN XA 5 -47.40 -37.25 -42.86
C GLN XA 5 -48.27 -37.94 -41.82
N PHE XA 6 -47.67 -38.83 -41.03
CA PHE XA 6 -48.42 -39.52 -39.97
C PHE XA 6 -48.67 -38.59 -38.78
N ILE XA 7 -47.61 -37.92 -38.31
CA ILE XA 7 -47.71 -37.02 -37.17
C ILE XA 7 -48.92 -36.12 -37.35
N ASN XA 8 -49.86 -36.19 -36.41
CA ASN XA 8 -51.13 -35.47 -36.50
C ASN XA 8 -51.73 -35.43 -35.11
N LEU XA 9 -52.64 -34.47 -34.88
CA LEU XA 9 -53.24 -34.30 -33.57
C LEU XA 9 -53.88 -35.60 -33.08
N ARG XA 10 -54.76 -36.19 -33.89
CA ARG XA 10 -55.39 -37.45 -33.51
C ARG XA 10 -54.35 -38.56 -33.37
N THR XA 11 -53.35 -38.57 -34.25
CA THR XA 11 -52.28 -39.56 -34.19
C THR XA 11 -51.36 -39.32 -33.01
N ALA XA 12 -51.31 -38.10 -32.49
CA ALA XA 12 -50.50 -37.78 -31.33
C ALA XA 12 -51.27 -38.01 -30.03
N ARG XA 13 -52.55 -37.64 -30.00
CA ARG XA 13 -53.34 -37.79 -28.78
C ARG XA 13 -53.52 -39.25 -28.43
N MET XA 14 -53.58 -40.13 -29.43
CA MET XA 14 -53.68 -41.57 -29.25
C MET XA 14 -52.33 -42.24 -29.08
N PHE XA 15 -51.25 -41.49 -29.24
CA PHE XA 15 -49.89 -41.97 -29.06
C PHE XA 15 -49.33 -41.66 -27.68
N ILE XA 16 -49.57 -40.44 -27.18
CA ILE XA 16 -49.19 -40.10 -25.82
C ILE XA 16 -50.14 -40.76 -24.83
N TYR XA 17 -51.44 -40.48 -24.96
CA TYR XA 17 -52.42 -41.08 -24.06
C TYR XA 17 -52.36 -42.60 -24.13
N GLY XA 18 -52.39 -43.15 -25.34
CA GLY XA 18 -52.39 -44.60 -25.49
C GLY XA 18 -51.11 -45.23 -24.98
N GLY XA 19 -49.97 -44.58 -25.24
CA GLY XA 19 -48.71 -45.08 -24.72
C GLY XA 19 -48.61 -44.97 -23.21
N VAL XA 20 -49.09 -43.87 -22.65
CA VAL XA 20 -49.13 -43.72 -21.20
C VAL XA 20 -49.94 -44.86 -20.60
N SER XA 21 -51.08 -45.19 -21.21
CA SER XA 21 -51.88 -46.32 -20.76
C SER XA 21 -51.13 -47.63 -20.90
N ALA XA 22 -50.43 -47.82 -22.02
CA ALA XA 22 -49.68 -49.05 -22.24
C ALA XA 22 -48.70 -49.32 -21.11
N VAL XA 23 -48.14 -48.27 -20.51
CA VAL XA 23 -47.24 -48.42 -19.40
C VAL XA 23 -47.98 -48.50 -18.07
N PHE XA 24 -49.15 -47.86 -17.97
CA PHE XA 24 -49.93 -47.93 -16.74
C PHE XA 24 -50.39 -49.35 -16.46
N LEU XA 25 -50.89 -50.04 -17.49
CA LEU XA 25 -51.34 -51.42 -17.33
C LEU XA 25 -50.16 -52.36 -17.18
N TYR XA 26 -49.11 -52.19 -17.98
CA TYR XA 26 -47.98 -53.09 -17.91
C TYR XA 26 -47.31 -53.05 -16.54
N LYS XA 27 -47.40 -51.92 -15.85
CA LYS XA 27 -46.76 -51.76 -14.54
C LYS XA 27 -47.71 -52.01 -13.38
N ALA XA 28 -49.02 -51.81 -13.59
CA ALA XA 28 -49.98 -51.98 -12.51
C ALA XA 28 -50.55 -53.40 -12.46
N THR XA 29 -50.70 -54.06 -13.59
CA THR XA 29 -51.28 -55.40 -13.59
C THR XA 29 -50.56 -56.36 -12.67
N PRO XA 30 -49.22 -56.44 -12.67
CA PRO XA 30 -48.56 -57.36 -11.71
C PRO XA 30 -48.90 -57.04 -10.26
N VAL XA 31 -49.04 -55.76 -9.92
CA VAL XA 31 -49.37 -55.40 -8.55
C VAL XA 31 -50.77 -55.87 -8.18
N MET XA 32 -51.72 -55.70 -9.11
CA MET XA 32 -53.08 -56.16 -8.85
C MET XA 32 -53.12 -57.66 -8.67
N TYR XA 33 -52.36 -58.40 -9.48
CA TYR XA 33 -52.29 -59.84 -9.33
C TYR XA 33 -51.74 -60.23 -7.97
N ARG XA 34 -50.69 -59.54 -7.52
CA ARG XA 34 -50.07 -59.87 -6.25
C ARG XA 34 -51.02 -59.62 -5.09
N TRP XA 35 -51.82 -58.54 -5.17
CA TRP XA 35 -52.69 -58.13 -4.08
C TRP XA 35 -54.11 -58.62 -4.23
N GLU XA 36 -54.33 -59.64 -5.07
CA GLU XA 36 -55.64 -60.30 -5.17
C GLU XA 36 -56.73 -59.34 -5.61
N MET XA 37 -56.38 -58.32 -6.40
CA MET XA 37 -57.38 -57.38 -6.89
C MET XA 37 -58.00 -57.83 -8.21
N LEU XA 38 -57.36 -58.73 -8.94
CA LEU XA 38 -57.93 -59.20 -10.19
C LEU XA 38 -59.13 -60.10 -9.91
N PRO XA 39 -60.11 -60.12 -10.82
CA PRO XA 39 -61.26 -61.01 -10.63
C PRO XA 39 -60.84 -62.46 -10.59
N THR XA 40 -61.50 -63.23 -9.73
CA THR XA 40 -61.14 -64.64 -9.56
C THR XA 40 -61.41 -65.43 -10.82
N PHE XA 41 -62.54 -65.17 -11.49
CA PHE XA 41 -62.89 -65.95 -12.67
C PHE XA 41 -61.88 -65.74 -13.79
N LEU XA 42 -61.36 -64.52 -13.91
CA LEU XA 42 -60.37 -64.24 -14.96
C LEU XA 42 -59.10 -65.04 -14.73
N VAL XA 43 -58.61 -65.12 -13.49
CA VAL XA 43 -57.38 -65.81 -13.19
C VAL XA 43 -57.33 -66.06 -11.69
N LYS XA 44 -56.66 -67.13 -11.30
CA LYS XA 44 -56.43 -67.48 -9.90
C LYS XA 44 -54.95 -67.38 -9.59
N THR XA 45 -54.62 -66.66 -8.52
CA THR XA 45 -53.23 -66.52 -8.12
C THR XA 45 -52.71 -67.84 -7.55
N GLU XA 46 -51.39 -67.97 -7.52
CA GLU XA 46 -50.79 -69.17 -6.96
C GLU XA 46 -51.14 -69.31 -5.48
N ALA XA 47 -51.17 -68.19 -4.76
CA ALA XA 47 -51.59 -68.24 -3.36
C ALA XA 47 -53.03 -68.72 -3.24
N TYR XA 48 -53.90 -68.30 -4.15
CA TYR XA 48 -55.28 -68.77 -4.14
C TYR XA 48 -55.34 -70.28 -4.34
N LYS XA 49 -54.57 -70.80 -5.30
CA LYS XA 49 -54.57 -72.23 -5.54
C LYS XA 49 -54.01 -72.99 -4.35
N ALA XA 50 -52.97 -72.45 -3.72
CA ALA XA 50 -52.36 -73.14 -2.58
C ALA XA 50 -53.35 -73.30 -1.44
N ARG XA 51 -54.13 -72.25 -1.16
CA ARG XA 51 -55.14 -72.34 -0.11
C ARG XA 51 -56.28 -73.28 -0.53
N GLU XA 52 -56.76 -73.15 -1.77
CA GLU XA 52 -57.90 -73.94 -2.20
C GLU XA 52 -57.56 -75.42 -2.26
N ALA XA 53 -56.31 -75.76 -2.56
CA ALA XA 53 -55.92 -77.16 -2.63
C ALA XA 53 -56.03 -77.86 -1.28
N MET XA 54 -56.12 -77.10 -0.20
CA MET XA 54 -56.19 -77.65 1.15
C MET XA 54 -57.62 -77.87 1.63
N ILE XA 55 -58.61 -77.63 0.78
CA ILE XA 55 -60.02 -77.68 1.17
C ILE XA 55 -60.66 -78.92 0.60
N ALA XA 56 -61.35 -79.67 1.46
CA ALA XA 56 -62.10 -80.86 1.07
C ALA XA 56 -63.43 -80.84 1.79
N PHE XA 57 -64.36 -81.66 1.32
CA PHE XA 57 -65.73 -81.70 1.82
C PHE XA 57 -66.15 -83.12 2.14
N ASP XA 58 -65.28 -83.86 2.85
CA ASP XA 58 -65.59 -85.24 3.18
C ASP XA 58 -65.21 -85.61 4.60
N ASN XA 59 -65.11 -84.63 5.50
CA ASN XA 59 -64.76 -84.90 6.89
C ASN XA 59 -66.03 -85.09 7.70
N MET XA 60 -66.16 -86.26 8.33
CA MET XA 60 -67.36 -86.63 9.08
C MET XA 60 -67.03 -86.97 10.53
N LYS XA 61 -66.00 -86.33 11.08
CA LYS XA 61 -65.57 -86.57 12.45
C LYS XA 61 -65.92 -85.38 13.33
N GLY XA 62 -65.75 -85.57 14.64
CA GLY XA 62 -65.91 -84.50 15.59
C GLY XA 62 -67.34 -84.18 15.97
N ILE XA 63 -68.30 -85.04 15.63
CA ILE XA 63 -69.68 -84.79 16.01
C ILE XA 63 -69.82 -84.99 17.52
N VAL XA 64 -70.34 -83.97 18.20
CA VAL XA 64 -70.51 -84.00 19.65
C VAL XA 64 -71.94 -83.55 19.96
N TYR XA 65 -72.39 -83.92 21.16
CA TYR XA 65 -73.76 -83.65 21.60
C TYR XA 65 -73.77 -82.82 22.88
N GLY XA 66 -72.75 -81.99 23.08
CA GLY XA 66 -72.70 -81.10 24.20
C GLY XA 66 -72.07 -79.77 23.82
N PRO XA 67 -72.44 -78.71 24.54
CA PRO XA 67 -71.93 -77.38 24.19
C PRO XA 67 -70.52 -77.11 24.68
N TYR XA 68 -70.03 -77.86 25.66
CA TYR XA 68 -68.74 -77.59 26.28
C TYR XA 68 -67.88 -78.85 26.30
N ASP XA 69 -66.58 -78.63 26.14
CA ASP XA 69 -65.57 -79.64 26.43
C ASP XA 69 -64.99 -79.29 27.80
N LYS XA 70 -65.31 -80.11 28.81
CA LYS XA 70 -64.94 -79.82 30.19
C LYS XA 70 -63.66 -80.55 30.58
N GLY XA 71 -62.80 -80.83 29.61
CA GLY XA 71 -61.54 -81.46 29.84
C GLY XA 71 -61.68 -82.91 30.28
N GLY XA 72 -60.63 -83.41 30.89
CA GLY XA 72 -60.59 -84.80 31.30
C GLY XA 72 -60.15 -85.70 30.17
N LEU XA 73 -60.29 -87.01 30.40
CA LEU XA 73 -60.01 -87.99 29.38
C LEU XA 73 -61.25 -88.48 28.65
N GLU XA 74 -62.45 -88.20 29.19
CA GLU XA 74 -63.67 -88.70 28.55
C GLU XA 74 -64.10 -87.80 27.41
N GLY XA 75 -63.96 -86.48 27.58
CA GLY XA 75 -64.32 -85.54 26.54
C GLY XA 75 -65.81 -85.34 26.42
N PRO XA 76 -66.23 -84.53 25.45
CA PRO XA 76 -67.67 -84.29 25.28
C PRO XA 76 -68.37 -85.55 24.83
N PRO XA 77 -69.67 -85.67 25.10
CA PRO XA 77 -70.40 -86.87 24.65
C PRO XA 77 -70.41 -86.97 23.14
N THR XA 78 -70.28 -88.21 22.65
CA THR XA 78 -70.20 -88.47 21.23
C THR XA 78 -71.29 -89.42 20.74
N LYS XA 79 -72.13 -89.93 21.62
CA LYS XA 79 -73.17 -90.88 21.27
C LYS XA 79 -74.53 -90.18 21.32
N ILE XA 80 -75.33 -90.36 20.28
CA ILE XA 80 -76.63 -89.70 20.24
C ILE XA 80 -77.49 -90.24 21.38
N PRO XA 81 -78.23 -89.40 22.11
CA PRO XA 81 -79.11 -89.92 23.16
C PRO XA 81 -80.17 -90.84 22.59
N GLU XA 82 -80.53 -91.86 23.39
CA GLU XA 82 -81.54 -92.81 22.95
C GLU XA 82 -82.87 -92.12 22.70
N THR XA 83 -83.23 -91.16 23.56
CA THR XA 83 -84.50 -90.47 23.41
C THR XA 83 -84.58 -89.66 22.13
N SER XA 84 -83.45 -89.37 21.49
CA SER XA 84 -83.44 -88.59 20.26
C SER XA 84 -83.42 -89.46 19.00
N VAL XA 85 -83.16 -90.76 19.13
CA VAL XA 85 -83.13 -91.63 17.98
C VAL XA 85 -84.52 -91.71 17.36
N GLY XA 86 -84.59 -91.56 16.04
CA GLY XA 86 -85.85 -91.70 15.33
C GLY XA 86 -86.88 -90.65 15.68
N MET XA 87 -86.45 -89.42 15.97
CA MET XA 87 -87.35 -88.33 16.29
C MET XA 87 -87.49 -87.33 15.15
N MET XA 88 -86.94 -87.62 13.98
CA MET XA 88 -86.95 -86.71 12.84
C MET XA 88 -88.07 -87.07 11.89
N LYS XA 89 -88.80 -86.06 11.43
CA LYS XA 89 -89.91 -86.25 10.50
C LYS XA 89 -89.44 -86.00 9.06
N VAL XA 90 -88.61 -86.93 8.58
CA VAL XA 90 -88.01 -86.81 7.26
C VAL XA 90 -89.02 -87.27 6.20
N ASP XA 91 -89.17 -86.47 5.15
CA ASP XA 91 -90.09 -86.81 4.07
C ASP XA 91 -89.68 -88.12 3.39
N PRO XA 92 -90.64 -88.87 2.85
CA PRO XA 92 -90.30 -90.16 2.23
C PRO XA 92 -89.42 -89.98 1.01
N MET XA 93 -88.30 -90.72 0.98
CA MET XA 93 -87.37 -90.66 -0.14
C MET XA 93 -88.11 -90.86 -1.46
N TYR YA 1 -91.56 -4.96 -18.30
CA TYR YA 1 -90.96 -4.86 -16.94
C TYR YA 1 -89.86 -5.91 -16.76
N LYS YA 2 -89.06 -5.75 -15.72
CA LYS YA 2 -87.97 -6.67 -15.42
C LYS YA 2 -88.19 -7.27 -14.03
N THR YA 3 -87.78 -8.53 -13.88
CA THR YA 3 -87.99 -9.29 -12.65
C THR YA 3 -86.74 -10.09 -12.33
N GLU YA 4 -86.69 -10.60 -11.09
CA GLU YA 4 -85.60 -11.43 -10.62
C GLU YA 4 -86.15 -12.76 -10.12
N ASN YA 5 -85.55 -13.86 -10.58
CA ASN YA 5 -85.97 -15.18 -10.12
C ASN YA 5 -85.78 -15.26 -8.60
N PRO YA 6 -86.81 -15.56 -7.82
CA PRO YA 6 -86.64 -15.54 -6.36
C PRO YA 6 -85.65 -16.56 -5.85
N LEU YA 7 -85.41 -17.64 -6.60
CA LEU YA 7 -84.51 -18.68 -6.13
C LEU YA 7 -83.07 -18.23 -6.06
N TYR YA 8 -82.70 -17.16 -6.77
CA TYR YA 8 -81.32 -16.71 -6.84
C TYR YA 8 -81.14 -15.33 -6.20
N LYS YA 9 -82.17 -14.81 -5.54
CA LYS YA 9 -82.05 -13.58 -4.76
C LYS YA 9 -81.18 -13.82 -3.53
N ASP YA 10 -80.66 -12.74 -2.97
CA ASP YA 10 -79.80 -12.83 -1.80
C ASP YA 10 -80.64 -12.93 -0.52
N ASP YA 11 -80.01 -13.46 0.53
CA ASP YA 11 -80.68 -13.56 1.82
C ASP YA 11 -81.04 -12.18 2.35
N GLU YA 12 -82.21 -12.08 2.97
CA GLU YA 12 -82.63 -10.83 3.57
C GLU YA 12 -81.79 -10.52 4.80
N PRO YA 13 -81.44 -9.25 5.02
CA PRO YA 13 -80.68 -8.89 6.23
C PRO YA 13 -81.55 -8.85 7.48
N PHE YA 14 -80.88 -8.99 8.61
CA PHE YA 14 -81.54 -8.78 9.89
C PHE YA 14 -82.01 -7.35 10.00
N ALA YA 15 -83.16 -7.14 10.62
CA ALA YA 15 -83.68 -5.80 10.82
C ALA YA 15 -82.79 -5.01 11.77
N LYS YA 16 -82.64 -3.72 11.50
CA LYS YA 16 -81.86 -2.83 12.35
C LYS YA 16 -82.80 -2.15 13.34
N THR YA 17 -82.71 -2.55 14.60
CA THR YA 17 -83.57 -2.02 15.66
C THR YA 17 -82.72 -1.88 16.91
N CYS YA 18 -83.40 -1.64 18.04
CA CYS YA 18 -82.72 -1.69 19.33
C CYS YA 18 -82.22 -3.10 19.63
N HIS YA 19 -82.92 -4.11 19.11
CA HIS YA 19 -82.57 -5.52 19.30
C HIS YA 19 -82.15 -6.06 17.94
N THR YA 20 -80.85 -5.96 17.66
CA THR YA 20 -80.31 -6.32 16.35
C THR YA 20 -79.43 -7.56 16.47
N PHE YA 21 -79.59 -8.48 15.53
CA PHE YA 21 -78.80 -9.70 15.49
C PHE YA 21 -77.63 -9.50 14.54
N ASP YA 22 -76.43 -9.84 15.01
CA ASP YA 22 -75.21 -9.65 14.24
C ASP YA 22 -74.29 -10.83 14.46
N TYR YA 23 -73.99 -11.57 13.39
CA TYR YA 23 -73.05 -12.67 13.43
C TYR YA 23 -71.75 -12.38 12.70
N THR YA 24 -71.57 -11.16 12.21
CA THR YA 24 -70.43 -10.87 11.33
C THR YA 24 -69.11 -11.01 12.06
N ARG YA 25 -69.05 -10.56 13.31
CA ARG YA 25 -67.79 -10.55 14.05
C ARG YA 25 -67.53 -11.85 14.81
N GLU YA 26 -68.46 -12.80 14.78
CA GLU YA 26 -68.27 -14.02 15.57
C GLU YA 26 -67.23 -14.94 14.93
N GLY YA 27 -67.22 -15.03 13.59
CA GLY YA 27 -66.30 -15.94 12.94
C GLY YA 27 -66.63 -17.40 13.14
N THR YA 28 -67.87 -17.72 13.49
CA THR YA 28 -68.32 -19.08 13.70
C THR YA 28 -69.11 -19.61 12.52
N GLU YA 29 -69.15 -18.88 11.41
CA GLU YA 29 -70.00 -19.27 10.29
C GLU YA 29 -69.48 -20.53 9.60
N LYS YA 30 -68.16 -20.67 9.50
CA LYS YA 30 -67.56 -21.80 8.79
C LYS YA 30 -66.23 -22.13 9.43
N ASN YA 31 -65.78 -23.37 9.19
CA ASN YA 31 -64.47 -23.77 9.66
C ASN YA 31 -63.38 -22.94 8.98
N GLY YA 32 -62.42 -22.48 9.78
CA GLY YA 32 -61.34 -21.65 9.30
C GLY YA 32 -60.10 -22.45 8.97
N LEU YA 33 -59.05 -21.71 8.57
CA LEU YA 33 -57.79 -22.34 8.22
C LEU YA 33 -57.23 -23.13 9.39
N GLY YA 34 -57.37 -22.61 10.60
CA GLY YA 34 -56.86 -23.32 11.76
C GLY YA 34 -57.43 -24.72 11.89
N TYR YA 35 -58.74 -24.85 11.65
CA TYR YA 35 -59.35 -26.18 11.70
C TYR YA 35 -58.71 -27.11 10.68
N TYR YA 36 -58.51 -26.62 9.46
CA TYR YA 36 -57.88 -27.44 8.43
C TYR YA 36 -56.42 -27.70 8.75
N CYS YA 37 -55.78 -26.82 9.53
CA CYS YA 37 -54.43 -27.11 10.00
C CYS YA 37 -54.44 -28.21 11.04
N LEU YA 38 -55.48 -28.26 11.87
CA LEU YA 38 -55.63 -29.38 12.81
C LEU YA 38 -55.81 -30.69 12.05
N MET YA 39 -56.62 -30.68 10.99
CA MET YA 39 -56.80 -31.89 10.19
C MET YA 39 -55.49 -32.32 9.55
N GLY YA 40 -54.73 -31.36 9.02
CA GLY YA 40 -53.47 -31.71 8.39
C GLY YA 40 -52.48 -32.30 9.38
N LEU YA 41 -52.39 -31.72 10.58
CA LEU YA 41 -51.50 -32.24 11.61
C LEU YA 41 -51.93 -33.64 12.04
N TRP YA 42 -53.24 -33.86 12.17
CA TRP YA 42 -53.74 -35.18 12.53
C TRP YA 42 -53.34 -36.22 11.50
N ALA YA 43 -53.51 -35.91 10.22
CA ALA YA 43 -53.05 -36.81 9.17
C ALA YA 43 -51.55 -37.02 9.26
N SER YA 44 -50.80 -35.95 9.52
CA SER YA 44 -49.35 -36.05 9.59
C SER YA 44 -48.90 -36.92 10.76
N ILE YA 45 -49.47 -36.68 11.94
CA ILE YA 45 -49.12 -37.49 13.11
C ILE YA 45 -49.48 -38.96 12.85
N PHE YA 46 -50.62 -39.20 12.23
CA PHE YA 46 -51.06 -40.56 11.93
C PHE YA 46 -50.05 -41.27 11.02
N ILE YA 47 -49.63 -40.61 9.95
CA ILE YA 47 -48.67 -41.21 9.03
C ILE YA 47 -47.31 -41.34 9.70
N TRP YA 48 -46.87 -40.30 10.40
CA TRP YA 48 -45.54 -40.30 11.00
C TRP YA 48 -45.40 -41.41 12.03
N ASP YA 49 -46.38 -41.52 12.93
CA ASP YA 49 -46.31 -42.52 13.99
C ASP YA 49 -46.16 -43.93 13.44
N SER YA 50 -46.70 -44.17 12.24
CA SER YA 50 -46.63 -45.49 11.62
C SER YA 50 -45.37 -45.65 10.77
N LEU YA 51 -45.00 -44.63 10.00
CA LEU YA 51 -43.80 -44.72 9.18
C LEU YA 51 -42.55 -44.86 10.03
N TYR YA 52 -42.38 -43.98 11.01
CA TYR YA 52 -41.18 -43.93 11.84
C TYR YA 52 -41.56 -44.34 13.26
N THR YA 53 -41.44 -45.64 13.54
CA THR YA 53 -41.86 -46.22 14.80
C THR YA 53 -40.79 -46.15 15.89
N GLY YA 54 -39.58 -45.68 15.55
CA GLY YA 54 -38.52 -45.50 16.52
C GLY YA 54 -38.31 -44.06 16.91
N ALA YA 55 -39.22 -43.16 16.56
CA ALA YA 55 -39.05 -41.74 16.87
C ALA YA 55 -39.20 -41.47 18.36
N THR YA 56 -40.13 -42.16 19.01
CA THR YA 56 -40.35 -41.98 20.45
C THR YA 56 -39.19 -42.51 21.27
N MET YA 57 -38.31 -43.32 20.67
CA MET YA 57 -37.13 -43.88 21.34
C MET YA 57 -35.85 -43.31 20.73
N PRO YA 58 -35.59 -42.00 20.86
CA PRO YA 58 -34.46 -41.40 20.14
C PRO YA 58 -33.09 -41.77 20.71
N THR YA 59 -32.03 -41.31 20.02
CA THR YA 59 -30.66 -41.55 20.45
C THR YA 59 -30.15 -40.35 21.24
N GLY YA 60 -29.59 -40.62 22.42
CA GLY YA 60 -29.05 -39.56 23.25
C GLY YA 60 -27.71 -39.02 22.79
N VAL YA 61 -27.08 -39.66 21.81
CA VAL YA 61 -25.81 -39.18 21.29
C VAL YA 61 -26.07 -37.92 20.46
N HIS YA 62 -25.40 -36.82 20.82
CA HIS YA 62 -25.59 -35.53 20.16
C HIS YA 62 -24.26 -34.83 19.97
N ARG YA 63 -23.98 -34.37 18.75
CA ARG YA 63 -22.78 -33.59 18.47
C ARG YA 63 -23.05 -32.08 18.52
N TYR YA 64 -23.96 -31.58 17.68
CA TYR YA 64 -24.37 -30.18 17.74
C TYR YA 64 -23.27 -29.15 17.43
N VAL YA 65 -23.04 -28.86 16.15
CA VAL YA 65 -22.12 -27.78 15.80
C VAL YA 65 -22.50 -26.53 16.61
N TRP YA 66 -21.49 -25.76 17.00
CA TRP YA 66 -21.65 -24.55 17.82
C TRP YA 66 -22.18 -24.87 19.21
N GLY YA 67 -22.04 -26.12 19.65
CA GLY YA 67 -22.39 -26.51 21.00
C GLY YA 67 -23.88 -26.63 21.24
N PRO YA 68 -24.26 -26.80 22.51
CA PRO YA 68 -25.68 -27.00 22.82
C PRO YA 68 -26.46 -25.70 23.06
N TYR YA 69 -25.75 -24.60 23.28
CA TYR YA 69 -26.39 -23.34 23.62
C TYR YA 69 -26.67 -22.47 22.39
N PHE YA 70 -26.50 -23.02 21.18
CA PHE YA 70 -26.82 -22.33 19.93
C PHE YA 70 -28.26 -22.63 19.52
N PRO YA 71 -28.98 -21.67 18.93
CA PRO YA 71 -30.42 -21.87 18.71
C PRO YA 71 -30.78 -23.07 17.85
N THR YA 72 -29.96 -23.43 16.87
CA THR YA 72 -30.27 -24.56 16.01
C THR YA 72 -29.98 -25.89 16.69
N ALA YA 73 -29.61 -25.88 17.96
CA ALA YA 73 -29.38 -27.07 18.76
C ALA YA 73 -30.56 -27.41 19.65
N TRP YA 74 -31.67 -26.68 19.51
CA TRP YA 74 -32.89 -26.97 20.25
C TRP YA 74 -33.99 -27.51 19.34
N PHE YA 75 -33.74 -27.62 18.04
CA PHE YA 75 -34.67 -28.23 17.10
C PHE YA 75 -33.91 -29.14 16.14
N SER ZA 1 -58.97 -13.12 36.17
CA SER ZA 1 -58.31 -12.61 37.36
C SER ZA 1 -58.47 -13.58 38.54
N ILE ZA 2 -57.35 -13.88 39.19
CA ILE ZA 2 -57.28 -14.87 40.26
C ILE ZA 2 -57.40 -14.15 41.59
N PHE ZA 3 -58.25 -14.68 42.48
CA PHE ZA 3 -58.44 -14.12 43.83
C PHE ZA 3 -58.63 -12.60 43.79
N THR ZA 4 -59.38 -12.14 42.80
CA THR ZA 4 -59.55 -10.71 42.56
C THR ZA 4 -61.00 -10.30 42.79
N PRO ZA 5 -61.29 -9.36 43.68
CA PRO ZA 5 -62.64 -8.77 43.72
C PRO ZA 5 -62.95 -8.12 42.37
N MET ZA 6 -64.00 -8.60 41.72
CA MET ZA 6 -64.32 -8.11 40.39
C MET ZA 6 -64.84 -6.69 40.41
N ASP ZA 7 -65.28 -6.20 41.57
CA ASP ZA 7 -65.59 -4.78 41.69
C ASP ZA 7 -64.35 -3.94 41.41
N TRP ZA 8 -63.19 -4.40 41.88
CA TRP ZA 8 -61.93 -3.73 41.58
C TRP ZA 8 -61.59 -3.84 40.10
N MET ZA 9 -61.81 -5.01 39.50
CA MET ZA 9 -61.56 -5.18 38.07
C MET ZA 9 -62.42 -4.22 37.26
N PHE ZA 10 -63.66 -4.00 37.68
CA PHE ZA 10 -64.55 -3.10 36.94
C PHE ZA 10 -64.09 -1.66 37.04
N TYR ZA 11 -63.53 -1.27 38.20
CA TYR ZA 11 -63.16 0.12 38.43
C TYR ZA 11 -61.84 0.47 37.76
N TYR ZA 12 -60.80 -0.32 38.01
CA TYR ZA 12 -59.46 0.02 37.54
C TYR ZA 12 -59.22 -0.35 36.08
N PHE ZA 13 -60.01 -1.26 35.52
CA PHE ZA 13 -59.83 -1.72 34.14
C PHE ZA 13 -61.16 -1.60 33.40
N PRO ZA 14 -61.68 -0.38 33.26
CA PRO ZA 14 -63.01 -0.22 32.65
C PRO ZA 14 -63.09 -0.69 31.22
N ASN ZA 15 -62.07 -0.43 30.40
CA ASN ZA 15 -62.14 -0.81 29.00
C ASN ZA 15 -62.01 -2.31 28.82
N TYR ZA 16 -61.17 -2.96 29.64
CA TYR ZA 16 -61.05 -4.40 29.57
C TYR ZA 16 -62.32 -5.10 30.04
N SER ZA 17 -63.13 -4.43 30.86
CA SER ZA 17 -64.34 -5.02 31.41
C SER ZA 17 -65.61 -4.56 30.70
N ARG ZA 18 -65.51 -3.71 29.67
CA ARG ZA 18 -66.70 -3.14 29.04
C ARG ZA 18 -67.71 -4.20 28.65
N ASP ZA 19 -67.27 -5.28 28.00
CA ASP ZA 19 -68.17 -6.36 27.62
C ASP ZA 19 -68.14 -7.37 28.76
N LYS ZA 20 -69.19 -7.36 29.58
CA LYS ZA 20 -69.20 -8.21 30.77
C LYS ZA 20 -69.40 -9.67 30.42
N VAL ZA 21 -70.09 -9.95 29.31
CA VAL ZA 21 -70.25 -11.33 28.87
C VAL ZA 21 -68.90 -11.92 28.49
N ALA ZA 22 -68.13 -11.19 27.68
CA ALA ZA 22 -66.80 -11.65 27.32
C ALA ZA 22 -65.91 -11.75 28.54
N LEU ZA 23 -66.06 -10.83 29.49
CA LEU ZA 23 -65.28 -10.87 30.71
C LEU ZA 23 -65.55 -12.16 31.47
N MET ZA 24 -66.81 -12.58 31.54
CA MET ZA 24 -67.15 -13.82 32.22
C MET ZA 24 -66.50 -15.02 31.53
N ALA ZA 25 -66.50 -15.03 30.20
CA ALA ZA 25 -65.89 -16.14 29.48
C ALA ZA 25 -64.41 -16.26 29.78
N ARG ZA 26 -63.69 -15.13 29.83
CA ARG ZA 26 -62.28 -15.18 30.15
C ARG ZA 26 -62.06 -15.70 31.56
N GLN ZA 27 -62.92 -15.32 32.50
CA GLN ZA 27 -62.82 -15.84 33.85
C GLN ZA 27 -62.84 -17.36 33.85
N ILE ZA 28 -63.79 -17.94 33.12
CA ILE ZA 28 -63.89 -19.40 33.05
C ILE ZA 28 -62.66 -19.98 32.36
N LYS ZA 29 -62.28 -19.42 31.22
CA LYS ZA 29 -61.17 -19.97 30.45
C LYS ZA 29 -59.86 -19.92 31.23
N ILE ZA 30 -59.60 -18.79 31.90
CA ILE ZA 30 -58.34 -18.64 32.61
C ILE ZA 30 -58.24 -19.69 33.71
N HIS ZA 31 -59.31 -19.88 34.47
CA HIS ZA 31 -59.26 -20.85 35.57
C HIS ZA 31 -59.33 -22.28 35.06
N PHE ZA 32 -59.93 -22.50 33.88
CA PHE ZA 32 -59.86 -23.82 33.27
C PHE ZA 32 -58.43 -24.18 32.90
N ALA ZA 33 -57.71 -23.23 32.29
CA ALA ZA 33 -56.32 -23.48 31.92
C ALA ZA 33 -55.44 -23.67 33.15
N ILE ZA 34 -55.75 -22.98 34.24
CA ILE ZA 34 -54.97 -23.13 35.46
C ILE ZA 34 -55.13 -24.54 36.02
N GLY ZA 35 -56.37 -25.03 36.08
CA GLY ZA 35 -56.60 -26.37 36.57
C GLY ZA 35 -55.95 -27.42 35.69
N PHE ZA 36 -56.09 -27.28 34.37
CA PHE ZA 36 -55.48 -28.22 33.44
C PHE ZA 36 -53.96 -28.23 33.59
N ALA ZA 37 -53.37 -27.04 33.73
CA ALA ZA 37 -51.92 -26.95 33.82
C ALA ZA 37 -51.40 -27.58 35.10
N LEU ZA 38 -52.14 -27.44 36.20
CA LEU ZA 38 -51.69 -28.01 37.47
C LEU ZA 38 -51.52 -29.52 37.36
N VAL ZA 39 -52.45 -30.20 36.71
CA VAL ZA 39 -52.37 -31.66 36.62
C VAL ZA 39 -51.16 -32.08 35.81
N PHE ZA 40 -50.98 -31.47 34.63
CA PHE ZA 40 -49.97 -31.93 33.69
C PHE ZA 40 -48.63 -31.22 33.84
N LEU ZA 41 -48.51 -30.23 34.72
CA LEU ZA 41 -47.25 -29.53 34.92
C LEU ZA 41 -46.76 -29.54 36.36
N VAL ZA 42 -47.61 -29.88 37.33
CA VAL ZA 42 -47.23 -29.93 38.73
C VAL ZA 42 -47.29 -31.35 39.29
N TYR ZA 43 -48.27 -32.12 38.86
CA TYR ZA 43 -48.46 -33.51 39.32
C TYR ZA 43 -47.85 -34.53 38.36
N HIS ZA 44 -48.20 -34.44 37.08
CA HIS ZA 44 -47.79 -35.47 36.13
C HIS ZA 44 -46.28 -35.59 35.91
N PRO ZA 45 -45.53 -34.50 35.75
CA PRO ZA 45 -44.14 -34.62 35.27
C PRO ZA 45 -43.39 -35.77 35.93
N PRO ZA 46 -42.96 -36.75 35.14
CA PRO ZA 46 -42.35 -37.95 35.72
C PRO ZA 46 -40.89 -37.78 36.10
N TYR ZA 47 -40.49 -38.51 37.14
CA TYR ZA 47 -39.11 -38.54 37.63
C TYR ZA 47 -38.58 -37.14 37.94
N LYS ZA 48 -39.42 -36.31 38.54
CA LYS ZA 48 -39.05 -34.95 38.91
C LYS ZA 48 -39.47 -34.67 40.33
N GLY ZA 49 -38.80 -33.68 40.94
CA GLY ZA 49 -39.12 -33.28 42.29
C GLY ZA 49 -38.49 -34.12 43.37
N ALA ZA 50 -37.50 -34.94 43.03
CA ALA ZA 50 -36.84 -35.82 43.98
C ALA ZA 50 -35.46 -35.33 44.37
N ASP ZA 51 -35.18 -34.04 44.17
CA ASP ZA 51 -33.90 -33.44 44.54
C ASP ZA 51 -34.01 -32.92 45.97
N TYR ZA 52 -33.84 -33.83 46.92
CA TYR ZA 52 -33.97 -33.51 48.34
C TYR ZA 52 -32.74 -32.83 48.90
N GLY ZA 53 -31.65 -32.75 48.15
CA GLY ZA 53 -30.52 -31.93 48.52
C GLY ZA 53 -30.71 -30.47 48.22
N ASN ZA 54 -31.82 -30.13 47.57
CA ASN ZA 54 -32.15 -28.75 47.21
C ASN ZA 54 -33.38 -28.23 47.94
N PHE ZA 55 -33.71 -28.78 49.10
CA PHE ZA 55 -34.82 -28.27 49.90
C PHE ZA 55 -34.67 -26.76 50.10
N HIS ZA 56 -35.68 -26.00 49.72
CA HIS ZA 56 -35.62 -24.55 49.90
C HIS ZA 56 -35.50 -24.21 51.37
N LYS ZA 57 -34.54 -23.34 51.70
CA LYS ZA 57 -34.33 -22.85 53.06
C LYS ZA 57 -34.52 -21.33 53.05
N SER ZA 58 -35.70 -20.88 53.48
CA SER ZA 58 -36.10 -19.48 53.37
C SER ZA 58 -35.32 -18.58 54.31
N PRO ZA 59 -35.43 -17.27 54.12
CA PRO ZA 59 -34.77 -16.33 55.05
C PRO ZA 59 -35.15 -16.53 56.49
N LEU ZA 60 -36.38 -16.98 56.75
CA LEU ZA 60 -36.81 -17.23 58.13
C LEU ZA 60 -36.14 -18.48 58.67
N TYR ZA 61 -35.93 -19.48 57.83
CA TYR ZA 61 -35.18 -20.66 58.24
C TYR ZA 61 -33.83 -20.27 58.80
N TRP ZA 62 -33.10 -19.42 58.09
CA TRP ZA 62 -31.75 -19.06 58.51
C TRP ZA 62 -31.76 -18.17 59.75
N TYR ZA 63 -32.72 -17.23 59.83
CA TYR ZA 63 -32.81 -16.41 61.04
C TYR ZA 63 -32.92 -17.28 62.28
N LYS ZA 64 -33.84 -18.25 62.24
CA LYS ZA 64 -34.06 -19.10 63.40
C LYS ZA 64 -32.91 -20.09 63.59
N TYR ZA 65 -32.31 -20.56 62.49
CA TYR ZA 65 -31.20 -21.49 62.58
C TYR ZA 65 -29.97 -20.84 63.20
N ASN ZA 66 -29.63 -19.63 62.73
CA ASN ZA 66 -28.47 -18.94 63.26
C ASN ZA 66 -28.68 -18.57 64.72
N GLN ZA 67 -29.88 -18.15 65.08
CA GLN ZA 67 -30.14 -17.82 66.48
C GLN ZA 67 -29.84 -19.01 67.38
N LEU ZA 68 -30.34 -20.20 67.01
CA LEU ZA 68 -30.08 -21.37 67.82
C LEU ZA 68 -28.63 -21.82 67.71
N GLU ZA 69 -28.02 -21.65 66.54
CA GLU ZA 69 -26.62 -22.00 66.38
C GLU ZA 69 -25.74 -21.15 67.29
N ARG ZA 70 -26.02 -19.85 67.38
CA ARG ZA 70 -25.22 -18.97 68.21
C ARG ZA 70 -25.19 -19.47 69.65
N SER ZA 71 -26.35 -19.82 70.19
CA SER ZA 71 -26.40 -20.46 71.50
C SER ZA 71 -26.16 -21.96 71.33
N GLY ZA 72 -26.25 -22.69 72.43
CA GLY ZA 72 -26.08 -24.12 72.39
C GLY ZA 72 -27.33 -24.91 72.08
N GLN ZA 73 -28.44 -24.22 71.81
CA GLN ZA 73 -29.71 -24.91 71.65
C GLN ZA 73 -29.69 -25.83 70.44
N LEU ZA 74 -29.09 -25.39 69.33
CA LEU ZA 74 -29.07 -26.22 68.13
C LEU ZA 74 -28.33 -27.52 68.38
N GLN ZA 75 -27.16 -27.44 69.03
CA GLN ZA 75 -26.43 -28.66 69.38
C GLN ZA 75 -27.26 -29.52 70.33
N GLU ZA 76 -27.86 -28.90 71.35
CA GLU ZA 76 -28.64 -29.65 72.31
C GLU ZA 76 -29.86 -30.28 71.65
N ASN ZA 77 -30.54 -29.54 70.77
CA ASN ZA 77 -31.71 -30.09 70.10
C ASN ZA 77 -31.36 -31.31 69.26
N LEU ZA 78 -30.24 -31.25 68.53
CA LEU ZA 78 -29.88 -32.34 67.65
C LEU ZA 78 -29.34 -33.54 68.42
N ARG ZA 79 -28.85 -33.34 69.64
CA ARG ZA 79 -28.30 -34.44 70.40
C ARG ZA 79 -29.37 -35.50 70.66
N ILE ZA 80 -28.97 -36.77 70.58
CA ILE ZA 80 -29.87 -37.87 70.86
C ILE ZA 80 -30.02 -37.99 72.37
N LYS ZA 81 -31.26 -37.87 72.84
CA LYS ZA 81 -31.53 -37.79 74.27
C LYS ZA 81 -31.44 -39.15 74.94
N ARG ZA 82 -31.91 -40.21 74.26
CA ARG ZA 82 -31.84 -41.56 74.79
C ARG ZA 82 -31.55 -42.52 73.64
N ASP ZA 83 -30.60 -43.43 73.86
CA ASP ZA 83 -30.32 -44.49 72.89
C ASP ZA 83 -30.23 -45.86 73.56
N TRP ZA 84 -30.92 -45.99 74.71
CA TRP ZA 84 -31.05 -47.26 75.43
C TRP ZA 84 -32.52 -47.45 75.78
N PHE ZA 85 -32.94 -48.70 75.92
CA PHE ZA 85 -34.35 -48.99 76.20
C PHE ZA 85 -34.65 -49.01 77.70
N TYR ZA 86 -33.86 -49.74 78.48
CA TYR ZA 86 -34.11 -49.95 79.90
C TYR ZA 86 -33.16 -49.12 80.75
N ASP ZA 87 -33.71 -48.47 81.78
CA ASP ZA 87 -32.89 -47.87 82.82
C ASP ZA 87 -32.36 -48.96 83.75
N GLU ZA 88 -31.28 -48.64 84.47
CA GLU ZA 88 -30.64 -49.59 85.37
C GLU ZA 88 -31.26 -49.48 86.76
N ASP ZA 89 -31.73 -50.61 87.28
CA ASP ZA 89 -32.44 -50.63 88.56
C ASP ZA 89 -31.44 -50.79 89.70
N PRO ZA 90 -31.34 -49.82 90.62
CA PRO ZA 90 -30.39 -49.91 91.74
C PRO ZA 90 -30.86 -50.87 92.83
N ILE AB 1 -85.74 -54.37 -33.73
CA ILE AB 1 -85.10 -53.22 -33.11
C ILE AB 1 -85.51 -51.95 -33.83
N SER AB 2 -86.06 -50.99 -33.09
CA SER AB 2 -86.55 -49.76 -33.70
C SER AB 2 -85.38 -48.86 -34.11
N THR AB 3 -85.45 -48.33 -35.34
CA THR AB 3 -84.48 -47.36 -35.83
C THR AB 3 -85.07 -45.96 -35.92
N SER AB 4 -86.27 -45.75 -35.38
CA SER AB 4 -86.91 -44.46 -35.36
C SER AB 4 -86.45 -43.60 -34.19
N GLU AB 5 -85.49 -44.09 -33.41
CA GLU AB 5 -84.97 -43.38 -32.26
C GLU AB 5 -83.46 -43.60 -32.19
N THR AB 6 -82.76 -42.71 -31.49
CA THR AB 6 -81.34 -42.88 -31.28
C THR AB 6 -81.08 -43.93 -30.20
N LEU AB 7 -79.83 -44.36 -30.09
CA LEU AB 7 -79.48 -45.34 -29.07
C LEU AB 7 -79.69 -44.77 -27.68
N ASN AB 8 -79.30 -43.51 -27.47
CA ASN AB 8 -79.51 -42.89 -26.15
C ASN AB 8 -80.99 -42.80 -25.83
N GLN AB 9 -81.81 -42.39 -26.79
CA GLN AB 9 -83.25 -42.28 -26.56
C GLN AB 9 -83.85 -43.64 -26.20
N LYS AB 10 -83.42 -44.69 -26.89
CA LYS AB 10 -83.94 -46.03 -26.61
C LYS AB 10 -83.64 -46.44 -25.18
N ILE AB 11 -82.39 -46.25 -24.74
CA ILE AB 11 -82.01 -46.62 -23.38
C ILE AB 11 -82.85 -45.83 -22.37
N LEU AB 12 -83.00 -44.53 -22.60
CA LEU AB 12 -83.76 -43.70 -21.67
C LEU AB 12 -85.24 -44.08 -21.67
N ARG AB 13 -85.79 -44.42 -22.84
CA ARG AB 13 -87.17 -44.87 -22.89
C ARG AB 13 -87.38 -46.09 -22.02
N TRP AB 14 -86.47 -47.06 -22.11
CA TRP AB 14 -86.61 -48.29 -21.33
C TRP AB 14 -86.40 -48.05 -19.84
N LEU AB 15 -85.50 -47.13 -19.48
CA LEU AB 15 -85.38 -46.74 -18.08
C LEU AB 15 -86.59 -45.94 -17.61
N ASP AB 16 -87.40 -45.44 -18.54
CA ASP AB 16 -88.62 -44.71 -18.24
C ASP AB 16 -89.85 -45.59 -18.34
N VAL AB 17 -89.67 -46.92 -18.33
CA VAL AB 17 -90.80 -47.83 -18.48
C VAL AB 17 -91.83 -47.57 -17.39
N THR AB 18 -91.39 -47.22 -16.19
CA THR AB 18 -92.29 -46.87 -15.10
C THR AB 18 -92.59 -45.38 -15.03
N GLY AB 19 -92.07 -44.58 -15.95
CA GLY AB 19 -92.37 -43.17 -16.01
C GLY AB 19 -91.54 -42.30 -15.08
N MET AB 20 -90.50 -42.85 -14.45
CA MET AB 20 -89.70 -42.07 -13.51
C MET AB 20 -89.07 -40.87 -14.18
N LEU AB 21 -88.42 -41.10 -15.33
CA LEU AB 21 -87.72 -40.01 -16.01
C LEU AB 21 -88.69 -38.97 -16.55
N THR AB 22 -89.84 -39.42 -17.06
CA THR AB 22 -90.84 -38.48 -17.57
C THR AB 22 -91.34 -37.57 -16.45
N ARG AB 23 -91.59 -38.12 -15.27
CA ARG AB 23 -92.04 -37.30 -14.15
C ARG AB 23 -90.96 -36.33 -13.70
N TRP AB 24 -89.69 -36.69 -13.86
CA TRP AB 24 -88.62 -35.76 -13.53
C TRP AB 24 -88.57 -34.59 -14.51
N HIS AB 25 -88.72 -34.86 -15.80
CA HIS AB 25 -88.58 -33.82 -16.82
C HIS AB 25 -89.89 -33.13 -17.17
N SER AB 26 -91.00 -33.49 -16.53
CA SER AB 26 -92.27 -32.82 -16.75
C SER AB 26 -92.94 -32.56 -15.42
N ARG AB 27 -93.14 -31.28 -15.09
CA ARG AB 27 -93.90 -30.93 -13.89
C ARG AB 27 -95.35 -31.37 -14.02
N ARG AB 28 -95.96 -31.15 -15.18
CA ARG AB 28 -97.36 -31.53 -15.36
C ARG AB 28 -97.55 -33.04 -15.13
N GLU AB 29 -96.63 -33.85 -15.65
CA GLU AB 29 -96.76 -35.29 -15.48
C GLU AB 29 -96.58 -35.71 -14.03
N PHE AB 30 -95.71 -35.02 -13.29
CA PHE AB 30 -95.53 -35.34 -11.88
C PHE AB 30 -96.78 -34.99 -11.07
N ILE AB 31 -97.38 -33.83 -11.33
CA ILE AB 31 -98.52 -33.42 -10.52
C ILE AB 31 -99.74 -34.27 -10.83
N LEU AB 32 -99.86 -34.76 -12.06
CA LEU AB 32 -100.99 -35.59 -12.45
C LEU AB 32 -100.80 -37.06 -12.11
N ASP AB 33 -99.68 -37.41 -11.47
CA ASP AB 33 -99.49 -38.73 -10.89
C ASP AB 33 -99.78 -38.74 -9.40
N MET AB 34 -100.02 -37.56 -8.83
CA MET AB 34 -100.44 -37.42 -7.45
C MET AB 34 -101.94 -37.67 -7.35
N ASP AB 35 -102.36 -38.23 -6.23
CA ASP AB 35 -103.79 -38.39 -6.04
C ASP AB 35 -104.43 -37.02 -5.83
N PRO AB 36 -105.62 -36.80 -6.38
CA PRO AB 36 -106.24 -35.45 -6.37
C PRO AB 36 -106.13 -34.65 -5.08
N TYR AB 37 -106.20 -35.30 -3.92
CA TYR AB 37 -106.21 -34.56 -2.66
C TYR AB 37 -104.90 -33.84 -2.42
N PHE AB 38 -103.79 -34.46 -2.80
CA PHE AB 38 -102.46 -33.90 -2.61
C PHE AB 38 -102.03 -33.03 -3.78
N ARG AB 39 -102.68 -33.21 -4.94
CA ARG AB 39 -102.38 -32.38 -6.10
C ARG AB 39 -102.80 -30.94 -5.85
N LYS AB 40 -103.73 -30.74 -4.92
CA LYS AB 40 -104.20 -29.42 -4.55
C LYS AB 40 -103.08 -28.53 -4.02
N ASN AB 41 -102.10 -29.10 -3.35
CA ASN AB 41 -101.01 -28.36 -2.74
C ASN AB 41 -99.78 -28.28 -3.63
N SER AB 42 -99.84 -28.86 -4.83
CA SER AB 42 -98.65 -29.00 -5.68
C SER AB 42 -98.19 -27.66 -6.23
N GLY AB 43 -99.12 -26.76 -6.55
CA GLY AB 43 -98.75 -25.51 -7.21
C GLY AB 43 -97.81 -24.64 -6.41
N MET AB 44 -97.69 -24.90 -5.10
CA MET AB 44 -96.81 -24.11 -4.24
C MET AB 44 -95.36 -24.58 -4.28
N TRP AB 45 -95.11 -25.82 -4.71
CA TRP AB 45 -93.76 -26.38 -4.73
C TRP AB 45 -92.88 -25.63 -5.72
N THR AB 46 -91.61 -25.45 -5.37
CA THR AB 46 -90.63 -24.94 -6.34
C THR AB 46 -90.08 -26.11 -7.15
N GLU AB 47 -89.52 -25.82 -8.32
CA GLU AB 47 -88.87 -26.88 -9.09
C GLU AB 47 -87.66 -27.44 -8.36
N TRP AB 48 -86.96 -26.60 -7.60
CA TRP AB 48 -85.87 -27.09 -6.76
C TRP AB 48 -86.39 -28.15 -5.79
N GLU AB 49 -87.45 -27.83 -5.06
CA GLU AB 49 -88.01 -28.76 -4.09
C GLU AB 49 -88.50 -30.03 -4.75
N ARG AB 50 -89.10 -29.92 -5.93
CA ARG AB 50 -89.68 -31.09 -6.59
C ARG AB 50 -88.60 -32.07 -7.01
N LYS AB 51 -87.57 -31.59 -7.72
CA LYS AB 51 -86.55 -32.49 -8.23
C LYS AB 51 -85.67 -33.01 -7.11
N THR AB 52 -85.42 -32.20 -6.08
CA THR AB 52 -84.68 -32.69 -4.93
C THR AB 52 -85.43 -33.83 -4.24
N LEU AB 53 -86.76 -33.70 -4.13
CA LEU AB 53 -87.56 -34.78 -3.55
C LEU AB 53 -87.45 -36.04 -4.39
N LEU AB 54 -87.58 -35.91 -5.70
CA LEU AB 54 -87.45 -37.08 -6.57
C LEU AB 54 -86.07 -37.70 -6.46
N PHE AB 55 -85.03 -36.85 -6.36
CA PHE AB 55 -83.68 -37.36 -6.24
C PHE AB 55 -83.52 -38.18 -4.96
N LEU AB 56 -84.00 -37.64 -3.83
CA LEU AB 56 -83.91 -38.40 -2.59
C LEU AB 56 -84.75 -39.67 -2.66
N PHE AB 57 -85.94 -39.58 -3.25
CA PHE AB 57 -86.78 -40.77 -3.40
C PHE AB 57 -86.15 -41.78 -4.34
N TYR AB 58 -85.62 -41.31 -5.48
CA TYR AB 58 -85.03 -42.24 -6.45
C TYR AB 58 -83.78 -42.89 -5.91
N CYS AB 59 -82.93 -42.13 -5.21
CA CYS AB 59 -81.74 -42.73 -4.62
C CYS AB 59 -82.11 -43.82 -3.63
N CYS AB 60 -83.13 -43.57 -2.81
CA CYS AB 60 -83.54 -44.55 -1.80
C CYS AB 60 -84.07 -45.82 -2.45
N THR AB 61 -84.99 -45.68 -3.40
CA THR AB 61 -85.61 -46.85 -4.01
C THR AB 61 -84.61 -47.64 -4.85
N LEU AB 62 -83.60 -46.98 -5.40
CA LEU AB 62 -82.60 -47.66 -6.22
C LEU AB 62 -81.53 -48.35 -5.39
N ALA AB 63 -81.45 -48.05 -4.09
CA ALA AB 63 -80.52 -48.70 -3.19
C ALA AB 63 -81.18 -49.83 -2.41
N THR AB 64 -82.51 -49.84 -2.34
CA THR AB 64 -83.22 -50.95 -1.71
C THR AB 64 -82.86 -52.29 -2.34
N PRO AB 65 -82.79 -52.44 -3.66
CA PRO AB 65 -82.32 -53.71 -4.22
C PRO AB 65 -80.93 -54.11 -3.76
N TYR AB 66 -80.02 -53.14 -3.60
CA TYR AB 66 -78.68 -53.46 -3.13
C TYR AB 66 -78.70 -53.96 -1.70
N SER AB 67 -79.45 -53.29 -0.83
CA SER AB 67 -79.58 -53.77 0.55
C SER AB 67 -80.24 -55.15 0.57
N ALA AB 68 -81.20 -55.36 -0.32
CA ALA AB 68 -81.83 -56.68 -0.42
C ALA AB 68 -80.83 -57.75 -0.82
N TYR AB 69 -79.92 -57.42 -1.75
CA TYR AB 69 -78.87 -58.36 -2.11
C TYR AB 69 -77.95 -58.63 -0.93
N LEU AB 70 -77.56 -57.58 -0.22
CA LEU AB 70 -76.68 -57.75 0.94
C LEU AB 70 -77.35 -58.58 2.01
N ASP AB 71 -78.66 -58.41 2.18
CA ASP AB 71 -79.37 -59.14 3.22
C ASP AB 71 -79.54 -60.61 2.84
N LEU AB 72 -79.78 -60.89 1.56
CA LEU AB 72 -79.88 -62.28 1.12
C LEU AB 72 -78.57 -63.02 1.34
N GLN AB 73 -77.45 -62.39 1.01
CA GLN AB 73 -76.16 -63.02 1.25
C GLN AB 73 -75.95 -63.27 2.73
N GLU AB 74 -76.42 -62.35 3.57
CA GLU AB 74 -76.31 -62.56 5.01
C GLU AB 74 -77.12 -63.78 5.43
N LEU AB 75 -78.35 -63.90 4.93
CA LEU AB 75 -79.17 -65.04 5.30
C LEU AB 75 -78.53 -66.35 4.85
N LYS AB 76 -77.95 -66.35 3.64
CA LYS AB 76 -77.28 -67.56 3.16
C LYS AB 76 -76.07 -67.88 4.03
N HIS AB 77 -75.31 -66.87 4.43
CA HIS AB 77 -74.16 -67.10 5.29
C HIS AB 77 -74.59 -67.72 6.61
N GLN AB 78 -75.63 -67.16 7.23
CA GLN AB 78 -76.12 -67.71 8.49
C GLN AB 78 -76.75 -69.08 8.29
N GLY AB 79 -77.36 -69.31 7.13
CA GLY AB 79 -77.98 -70.60 6.85
C GLY AB 79 -76.99 -71.73 6.73
N THR AB 80 -75.74 -71.44 6.40
CA THR AB 80 -74.69 -72.43 6.28
C THR AB 80 -73.47 -72.02 7.10
N LYS AB 81 -73.71 -71.58 8.33
CA LYS AB 81 -72.64 -71.07 9.17
C LYS AB 81 -71.68 -72.22 9.53
N PRO AB 82 -70.38 -72.05 9.36
CA PRO AB 82 -69.44 -73.15 9.61
C PRO AB 82 -69.45 -73.57 11.07
N PRO AB 83 -69.30 -74.87 11.35
CA PRO AB 83 -69.13 -75.30 12.75
C PRO AB 83 -67.86 -74.71 13.35
N ARG AB 84 -67.90 -74.43 14.64
CA ARG AB 84 -66.80 -73.84 15.39
C ARG AB 84 -66.36 -74.81 16.48
N PRO AB 85 -65.13 -74.69 16.99
CA PRO AB 85 -64.67 -75.67 17.99
C PRO AB 85 -65.52 -75.61 19.26
N VAL AB 86 -65.73 -76.77 19.89
CA VAL AB 86 -66.45 -76.78 21.16
C VAL AB 86 -65.62 -76.05 22.20
N SER AB 87 -66.26 -75.13 22.92
CA SER AB 87 -65.54 -74.30 23.87
C SER AB 87 -65.05 -75.13 25.05
N LEU AB 88 -63.76 -75.03 25.34
CA LEU AB 88 -63.24 -75.56 26.59
C LEU AB 88 -63.81 -74.73 27.74
N GLU AB 89 -64.15 -75.39 28.85
CA GLU AB 89 -64.85 -74.73 29.94
C GLU AB 89 -63.83 -74.08 30.86
N SER AB 90 -63.53 -72.81 30.58
CA SER AB 90 -62.42 -72.10 31.22
C SER AB 90 -62.76 -71.71 32.67
N ARG AB 91 -61.86 -70.94 33.28
CA ARG AB 91 -61.96 -70.62 34.70
C ARG AB 91 -63.27 -69.93 35.03
N PHE AB 92 -63.75 -69.05 34.14
CA PHE AB 92 -64.91 -68.23 34.41
C PHE AB 92 -66.00 -68.45 33.36
N MET AB 93 -66.08 -69.66 32.83
CA MET AB 93 -66.99 -69.98 31.73
C MET AB 93 -68.07 -70.95 32.21
N ASN AB 94 -69.31 -70.67 31.83
CA ASN AB 94 -70.46 -71.53 32.12
C ASN AB 94 -70.72 -71.61 33.62
N GLN AB 95 -70.74 -70.46 34.27
CA GLN AB 95 -71.06 -70.38 35.68
C GLN AB 95 -72.57 -70.21 35.84
N ARG AB 96 -73.15 -71.02 36.71
CA ARG AB 96 -74.59 -71.02 36.93
C ARG AB 96 -74.87 -71.05 38.43
N ARG AB 97 -75.71 -70.13 38.89
CA ARG AB 97 -76.18 -70.14 40.26
C ARG AB 97 -77.53 -70.80 40.42
N TYR AB 98 -78.33 -70.84 39.36
CA TYR AB 98 -79.66 -71.44 39.37
C TYR AB 98 -80.02 -71.77 37.94
N ASP AB 99 -81.06 -72.58 37.79
CA ASP AB 99 -81.47 -73.03 36.47
C ASP AB 99 -82.07 -71.88 35.67
N PHE AB 100 -82.14 -72.09 34.35
CA PHE AB 100 -82.70 -71.10 33.43
C PHE AB 100 -84.21 -71.32 33.37
N THR AB 101 -84.97 -70.43 34.00
CA THR AB 101 -86.42 -70.55 34.02
C THR AB 101 -87.14 -69.23 33.80
N TRP AB 102 -86.42 -68.15 33.53
CA TRP AB 102 -87.08 -66.85 33.41
C TRP AB 102 -88.03 -66.79 32.23
N MET AB 103 -87.82 -67.62 31.21
CA MET AB 103 -88.75 -67.65 30.09
C MET AB 103 -90.04 -68.38 30.44
N HIS AB 104 -89.97 -69.42 31.28
CA HIS AB 104 -91.12 -70.24 31.64
C HIS AB 104 -91.15 -70.36 33.16
N PRO AB 105 -91.59 -69.31 33.87
CA PRO AB 105 -91.52 -69.36 35.33
C PRO AB 105 -92.28 -70.51 35.95
N GLN AB 106 -93.42 -70.90 35.37
CA GLN AB 106 -94.23 -71.97 35.91
C GLN AB 106 -93.98 -73.31 35.23
N ASP AB 107 -93.86 -73.32 33.90
CA ASP AB 107 -93.65 -74.58 33.19
C ASP AB 107 -92.23 -75.09 33.38
N LYS AB 108 -91.25 -74.19 33.34
CA LYS AB 108 -89.85 -74.55 33.56
C LYS AB 108 -89.35 -75.54 32.52
N PHE AB 109 -89.63 -75.23 31.25
CA PHE AB 109 -89.11 -76.04 30.16
C PHE AB 109 -87.60 -75.86 30.03
N CYS AB 110 -86.90 -76.97 29.81
CA CYS AB 110 -85.47 -76.96 29.51
C CYS AB 110 -84.70 -76.12 30.52
N SER AB 111 -84.88 -76.46 31.80
CA SER AB 111 -84.24 -75.68 32.86
C SER AB 111 -82.72 -75.69 32.70
N GLU AB 112 -82.15 -76.76 32.16
CA GLU AB 112 -80.71 -76.85 32.01
C GLU AB 112 -80.20 -76.13 30.76
N CYS AB 113 -81.05 -75.94 29.76
CA CYS AB 113 -80.62 -75.30 28.52
C CYS AB 113 -80.75 -73.79 28.61
N ARG AB 114 -79.91 -73.10 27.84
CA ARG AB 114 -79.93 -71.65 27.82
C ARG AB 114 -81.00 -71.14 26.85
N PRO AB 115 -81.39 -69.88 26.99
CA PRO AB 115 -82.59 -69.40 26.28
C PRO AB 115 -82.59 -69.64 24.77
N VAL AB 116 -81.45 -69.50 24.09
CA VAL AB 116 -81.43 -69.68 22.64
C VAL AB 116 -80.41 -70.77 22.27
N GLU AB 117 -80.24 -71.76 23.15
CA GLU AB 117 -79.34 -72.88 22.88
C GLU AB 117 -80.12 -73.97 22.18
N LEU AB 118 -80.13 -73.92 20.84
CA LEU AB 118 -81.05 -74.73 20.06
C LEU AB 118 -80.76 -76.23 20.14
N GLU AB 119 -79.50 -76.63 20.24
CA GLU AB 119 -79.19 -78.06 20.23
C GLU AB 119 -79.53 -78.71 21.55
N CYS AB 120 -79.29 -78.00 22.66
CA CYS AB 120 -79.69 -78.51 23.97
C CYS AB 120 -81.19 -78.66 24.06
N LYS AB 121 -81.95 -77.69 23.54
CA LYS AB 121 -83.39 -77.77 23.59
C LYS AB 121 -83.91 -78.93 22.76
N LYS AB 122 -83.31 -79.18 21.60
CA LYS AB 122 -83.77 -80.28 20.76
C LYS AB 122 -83.71 -81.60 21.50
N MET AB 123 -82.58 -81.89 22.14
CA MET AB 123 -82.47 -83.12 22.91
C MET AB 123 -83.40 -83.11 24.10
N CYS AB 124 -83.62 -81.94 24.70
CA CYS AB 124 -84.55 -81.85 25.81
C CYS AB 124 -85.98 -82.08 25.36
N PHE AB 125 -86.36 -81.51 24.21
CA PHE AB 125 -87.69 -81.77 23.67
C PHE AB 125 -87.88 -83.25 23.36
N ASP AB 126 -86.82 -83.91 22.89
CA ASP AB 126 -86.91 -85.33 22.60
C ASP AB 126 -87.22 -86.14 23.85
N ARG AB 127 -86.61 -85.77 24.98
CA ARG AB 127 -86.94 -86.43 26.23
C ARG AB 127 -88.41 -86.25 26.59
N TYR AB 128 -88.92 -85.02 26.44
CA TYR AB 128 -90.32 -84.77 26.77
C TYR AB 128 -91.24 -85.56 25.85
N ARG AB 129 -90.91 -85.62 24.56
CA ARG AB 129 -91.71 -86.42 23.63
C ARG AB 129 -91.66 -87.89 24.00
N SER AB 130 -90.48 -88.40 24.38
CA SER AB 130 -90.39 -89.77 24.84
C SER AB 130 -91.17 -89.99 26.12
N MET AB 131 -91.51 -88.92 26.84
CA MET AB 131 -92.31 -88.98 28.04
C MET AB 131 -93.77 -88.65 27.77
N ASP AB 132 -94.19 -88.66 26.50
CA ASP AB 132 -95.59 -88.48 26.10
C ASP AB 132 -96.04 -87.04 26.17
N TYR AB 133 -95.10 -86.09 26.15
CA TYR AB 133 -95.41 -84.66 26.20
C TYR AB 133 -94.93 -84.03 24.90
N ARG AB 134 -95.87 -83.47 24.13
CA ARG AB 134 -95.54 -82.90 22.84
C ARG AB 134 -94.87 -81.54 22.98
N MET AB 135 -93.83 -81.32 22.17
CA MET AB 135 -93.14 -80.05 22.05
C MET AB 135 -92.96 -79.75 20.56
N TYR AB 136 -92.93 -78.46 20.21
CA TYR AB 136 -92.83 -78.05 18.82
C TYR AB 136 -91.40 -77.69 18.44
N GLY AB 137 -90.97 -78.19 17.29
CA GLY AB 137 -89.73 -77.76 16.67
C GLY AB 137 -88.67 -78.84 16.64
N PHE AB 138 -87.66 -78.59 15.83
CA PHE AB 138 -86.43 -79.39 15.79
C PHE AB 138 -86.69 -80.81 15.27
N GLN AB 139 -87.52 -80.93 14.24
CA GLN AB 139 -87.85 -82.24 13.69
C GLN AB 139 -87.73 -82.34 12.18
N ARG AB 140 -87.82 -81.25 11.46
CA ARG AB 140 -87.72 -81.32 10.00
C ARG AB 140 -86.28 -81.04 9.56
N PRO AB 141 -85.72 -81.84 8.65
CA PRO AB 141 -84.40 -81.51 8.11
C PRO AB 141 -84.43 -80.15 7.41
N ARG AB 142 -83.33 -79.42 7.54
CA ARG AB 142 -83.29 -78.05 7.04
C ARG AB 142 -83.50 -78.00 5.53
N ILE AB 143 -82.91 -78.95 4.80
CA ILE AB 143 -82.97 -78.93 3.35
C ILE AB 143 -84.34 -79.31 2.81
N GLN AB 144 -85.24 -79.81 3.66
CA GLN AB 144 -86.58 -80.20 3.24
C GLN AB 144 -87.63 -79.16 3.60
N THR AB 145 -87.22 -77.97 4.03
CA THR AB 145 -88.14 -76.91 4.41
C THR AB 145 -87.85 -75.66 3.58
N TYR AB 146 -88.88 -74.83 3.44
CA TYR AB 146 -88.74 -73.59 2.71
C TYR AB 146 -88.12 -72.50 3.58
N TYR AB 147 -87.44 -71.56 2.93
CA TYR AB 147 -86.86 -70.40 3.57
C TYR AB 147 -85.71 -70.76 4.51
N SER AB 148 -85.11 -71.94 4.34
CA SER AB 148 -84.02 -72.36 5.20
C SER AB 148 -82.70 -71.67 4.85
N PHE AB 149 -82.52 -71.29 3.58
CA PHE AB 149 -81.27 -70.71 3.10
C PHE AB 149 -80.09 -71.66 3.33
N SER AB 150 -80.33 -72.97 3.23
CA SER AB 150 -79.28 -73.97 3.40
C SER AB 150 -79.25 -74.96 2.25
N THR AB 151 -79.99 -74.71 1.18
CA THR AB 151 -80.04 -75.62 0.05
C THR AB 151 -78.93 -75.31 -0.94
N CYS AB 152 -78.44 -76.36 -1.59
CA CYS AB 152 -77.35 -76.24 -2.53
C CYS AB 152 -77.79 -75.43 -3.76
N HIS BB 1 -77.05 -16.48 11.87
CA HIS BB 1 -76.36 -16.72 10.61
C HIS BB 1 -75.90 -15.39 10.00
N ILE BB 2 -75.22 -15.46 8.86
CA ILE BB 2 -74.77 -14.27 8.14
C ILE BB 2 -75.38 -14.28 6.74
N PRO BB 3 -76.33 -13.41 6.44
CA PRO BB 3 -76.93 -13.38 5.09
C PRO BB 3 -75.89 -13.30 3.98
N HIS BB 4 -75.99 -14.21 3.01
CA HIS BB 4 -75.05 -14.32 1.91
C HIS BB 4 -75.79 -14.59 0.60
N PRO BB 5 -75.14 -14.39 -0.54
CA PRO BB 5 -75.81 -14.62 -1.84
C PRO BB 5 -75.77 -16.08 -2.26
N VAL BB 6 -76.65 -16.42 -3.23
CA VAL BB 6 -76.65 -17.76 -3.81
C VAL BB 6 -75.40 -17.93 -4.67
N LYS BB 7 -74.62 -18.98 -4.39
CA LYS BB 7 -73.32 -19.16 -5.02
C LYS BB 7 -73.39 -19.94 -6.33
N TYR BB 8 -74.58 -20.37 -6.75
CA TYR BB 8 -74.73 -21.10 -8.00
C TYR BB 8 -74.52 -20.16 -9.18
N VAL BB 9 -73.50 -20.45 -10.00
CA VAL BB 9 -73.18 -19.64 -11.16
C VAL BB 9 -73.44 -20.38 -12.47
N GLY BB 10 -73.97 -21.59 -12.41
CA GLY BB 10 -74.22 -22.37 -13.61
C GLY BB 10 -75.52 -21.98 -14.29
N PRO BB 11 -75.91 -22.77 -15.30
CA PRO BB 11 -77.09 -22.44 -16.10
C PRO BB 11 -78.38 -22.69 -15.33
N ARG BB 12 -79.23 -21.66 -15.27
CA ARG BB 12 -80.46 -21.76 -14.49
C ARG BB 12 -81.54 -22.58 -15.19
N ARG BB 13 -81.49 -22.72 -16.51
CA ARG BB 13 -82.47 -23.54 -17.23
C ARG BB 13 -81.84 -24.09 -18.50
N TYR BB 14 -82.11 -25.37 -18.77
CA TYR BB 14 -81.67 -26.01 -20.00
C TYR BB 14 -82.70 -25.88 -21.13
N GLY BB 15 -83.91 -25.44 -20.83
CA GLY BB 15 -84.99 -25.46 -21.79
C GLY BB 15 -85.86 -26.70 -21.66
N ARG BB 16 -86.96 -26.69 -22.40
CA ARG BB 16 -87.87 -27.83 -22.36
C ARG BB 16 -87.19 -29.08 -22.90
N TYR BB 17 -87.45 -30.20 -22.23
CA TYR BB 17 -86.91 -31.48 -22.68
C TYR BB 17 -87.58 -31.86 -23.99
N VAL BB 18 -86.79 -31.98 -25.05
CA VAL BB 18 -87.27 -32.42 -26.35
C VAL BB 18 -86.41 -33.61 -26.73
N TYR BB 19 -86.82 -34.80 -26.31
CA TYR BB 19 -86.12 -36.04 -26.62
C TYR BB 19 -84.61 -35.92 -26.39
N GLY BB 20 -84.26 -35.20 -25.32
CA GLY BB 20 -82.86 -35.09 -24.92
C GLY BB 20 -81.97 -34.40 -25.95
N MET BB 21 -82.49 -33.39 -26.63
CA MET BB 21 -81.73 -32.63 -27.60
C MET BB 21 -81.28 -31.31 -27.00
N ASN BB 22 -80.13 -30.82 -27.45
CA ASN BB 22 -79.61 -29.52 -27.04
C ASN BB 22 -79.44 -29.45 -25.54
N ARG BB 23 -78.82 -30.47 -24.97
CA ARG BB 23 -78.55 -30.56 -23.54
C ARG BB 23 -77.07 -30.74 -23.29
N PRO BB 24 -76.58 -30.36 -22.11
CA PRO BB 24 -75.15 -30.42 -21.84
C PRO BB 24 -74.66 -31.85 -21.79
N PRO BB 25 -73.34 -32.06 -21.78
CA PRO BB 25 -72.82 -33.41 -21.56
C PRO BB 25 -73.20 -33.92 -20.18
N VAL BB 26 -73.23 -35.25 -20.06
CA VAL BB 26 -73.70 -35.87 -18.82
C VAL BB 26 -72.90 -35.37 -17.64
N LEU BB 27 -71.57 -35.37 -17.74
CA LEU BB 27 -70.74 -34.95 -16.62
C LEU BB 27 -70.98 -33.49 -16.28
N ARG BB 28 -71.16 -32.65 -17.28
CA ARG BB 28 -71.52 -31.27 -17.02
C ARG BB 28 -72.82 -31.18 -16.25
N GLN BB 29 -73.80 -32.02 -16.61
CA GLN BB 29 -75.08 -32.01 -15.90
C GLN BB 29 -74.91 -32.46 -14.45
N VAL BB 30 -74.09 -33.49 -14.21
CA VAL BB 30 -73.85 -33.92 -12.84
C VAL BB 30 -73.23 -32.80 -12.03
N LYS BB 31 -72.24 -32.11 -12.61
CA LYS BB 31 -71.60 -31.01 -11.91
C LYS BB 31 -72.60 -29.91 -11.62
N ASP BB 32 -73.44 -29.56 -12.59
CA ASP BB 32 -74.44 -28.52 -12.38
C ASP BB 32 -75.42 -28.91 -11.28
N TRP BB 33 -75.78 -30.19 -11.22
CA TRP BB 33 -76.71 -30.64 -10.19
C TRP BB 33 -76.14 -30.42 -8.80
N ILE BB 34 -74.90 -30.84 -8.58
CA ILE BB 34 -74.30 -30.70 -7.27
C ILE BB 34 -74.08 -29.23 -6.94
N ASP BB 35 -73.74 -28.41 -7.95
CA ASP BB 35 -73.67 -26.97 -7.74
C ASP BB 35 -75.02 -26.44 -7.30
N TRP BB 36 -76.09 -26.94 -7.89
CA TRP BB 36 -77.44 -26.43 -7.60
C TRP BB 36 -77.91 -26.87 -6.22
N THR BB 37 -77.53 -28.06 -5.78
CA THR BB 37 -77.98 -28.61 -4.51
C THR BB 37 -76.97 -28.47 -3.40
N GLY BB 38 -75.78 -27.96 -3.69
CA GLY BB 38 -74.80 -27.70 -2.66
C GLY BB 38 -73.74 -28.76 -2.53
N TRP BB 39 -72.48 -28.35 -2.57
CA TRP BB 39 -71.38 -29.28 -2.36
C TRP BB 39 -71.13 -29.55 -0.88
N ASN BB 40 -71.69 -28.74 0.02
CA ASN BB 40 -71.46 -28.94 1.44
C ASN BB 40 -71.99 -30.29 1.90
N SER BB 41 -73.16 -30.68 1.38
CA SER BB 41 -73.72 -31.99 1.71
C SER BB 41 -72.84 -33.11 1.16
N VAL BB 42 -72.32 -32.96 -0.05
CA VAL BB 42 -71.44 -33.98 -0.62
C VAL BB 42 -70.20 -34.15 0.25
N PHE BB 43 -69.52 -33.04 0.55
CA PHE BB 43 -68.31 -33.14 1.36
C PHE BB 43 -68.63 -33.67 2.75
N GLY BB 44 -69.70 -33.17 3.36
CA GLY BB 44 -70.07 -33.64 4.68
C GLY BB 44 -70.43 -35.11 4.70
N GLY BB 45 -71.23 -35.54 3.73
CA GLY BB 45 -71.66 -36.93 3.71
C GLY BB 45 -70.54 -37.90 3.46
N PHE BB 46 -69.67 -37.61 2.49
CA PHE BB 46 -68.59 -38.51 2.14
C PHE BB 46 -67.40 -38.42 3.08
N SER BB 47 -67.31 -37.37 3.90
CA SER BB 47 -66.12 -37.16 4.71
C SER BB 47 -65.88 -38.33 5.65
N PHE BB 48 -66.92 -38.80 6.33
CA PHE BB 48 -66.74 -39.85 7.33
C PHE BB 48 -66.17 -41.11 6.70
N GLN BB 49 -66.75 -41.54 5.58
CA GLN BB 49 -66.30 -42.77 4.94
C GLN BB 49 -64.90 -42.60 4.35
N VAL BB 50 -64.63 -41.45 3.74
CA VAL BB 50 -63.31 -41.20 3.19
C VAL BB 50 -62.25 -41.32 4.28
N ALA BB 51 -62.50 -40.70 5.43
CA ALA BB 51 -61.55 -40.75 6.53
C ALA BB 51 -61.32 -42.19 6.98
N PHE BB 52 -62.40 -42.93 7.25
CA PHE BB 52 -62.27 -44.30 7.72
C PHE BB 52 -61.58 -45.17 6.69
N GLY BB 53 -61.97 -45.05 5.42
CA GLY BB 53 -61.36 -45.85 4.39
C GLY BB 53 -59.89 -45.54 4.20
N LEU BB 54 -59.55 -44.24 4.17
CA LEU BB 54 -58.15 -43.87 4.01
C LEU BB 54 -57.29 -44.44 5.12
N MET BB 55 -57.78 -44.40 6.35
CA MET BB 55 -56.99 -44.91 7.47
C MET BB 55 -56.81 -46.41 7.40
N ILE BB 56 -57.89 -47.14 7.14
CA ILE BB 56 -57.80 -48.59 7.10
C ILE BB 56 -56.90 -49.03 5.95
N VAL BB 57 -57.15 -48.51 4.75
CA VAL BB 57 -56.40 -48.94 3.58
C VAL BB 57 -54.95 -48.46 3.66
N SER BB 58 -54.70 -47.34 4.33
CA SER BB 58 -53.32 -46.88 4.47
C SER BB 58 -52.46 -47.91 5.17
N GLY BB 59 -53.08 -48.77 6.00
CA GLY BB 59 -52.32 -49.83 6.65
C GLY BB 59 -51.73 -50.82 5.69
N VAL BB 60 -52.21 -50.85 4.45
CA VAL BB 60 -51.65 -51.77 3.46
C VAL BB 60 -50.17 -51.47 3.24
N TYR BB 61 -49.80 -50.21 3.30
CA TYR BB 61 -48.41 -49.79 3.17
C TYR BB 61 -47.76 -49.44 4.49
N LEU BB 62 -48.49 -48.77 5.38
CA LEU BB 62 -47.92 -48.32 6.65
C LEU BB 62 -47.81 -49.46 7.65
N ASN BB 63 -48.78 -50.36 7.66
CA ASN BB 63 -48.80 -51.44 8.64
C ASN BB 63 -48.30 -52.76 8.09
N ASN BB 64 -48.47 -53.02 6.79
CA ASN BB 64 -48.07 -54.31 6.23
C ASN BB 64 -46.76 -54.25 5.46
N TYR BB 65 -46.71 -53.48 4.37
CA TYR BB 65 -45.50 -53.45 3.54
C TYR BB 65 -44.32 -52.91 4.32
N ARG BB 66 -44.43 -51.67 4.79
CA ARG BB 66 -43.36 -51.07 5.57
C ARG BB 66 -42.88 -52.01 6.67
N ALA BB 67 -43.84 -52.56 7.44
CA ALA BB 67 -43.50 -53.43 8.56
C ALA BB 67 -42.64 -54.61 8.14
N THR BB 68 -42.89 -55.16 6.95
CA THR BB 68 -42.08 -56.27 6.44
C THR BB 68 -40.61 -55.89 6.41
N HIS BB 69 -40.29 -54.62 6.22
CA HIS BB 69 -38.93 -54.11 6.19
C HIS BB 69 -38.67 -53.12 7.32
N THR BB 70 -39.46 -53.20 8.40
CA THR BB 70 -39.31 -52.35 9.57
C THR BB 70 -38.50 -53.03 10.67
N LEU BB 71 -38.88 -54.24 11.03
CA LEU BB 71 -38.17 -54.99 12.06
C LEU BB 71 -36.68 -55.04 11.73
N TYR BB 72 -35.87 -54.37 12.56
CA TYR BB 72 -34.44 -54.29 12.31
C TYR BB 72 -33.74 -55.59 12.66
N TYR BB 73 -34.42 -56.47 13.39
CA TYR BB 73 -33.85 -57.73 13.88
C TYR BB 73 -34.35 -58.91 13.06
N THR BB 74 -34.93 -58.65 11.89
CA THR BB 74 -35.44 -59.66 10.97
C THR BB 74 -34.59 -59.84 9.73
N ASN BB 75 -34.02 -58.76 9.18
CA ASN BB 75 -33.17 -58.88 7.99
C ASN BB 75 -32.02 -59.85 8.23
N LYS BB 76 -31.53 -59.94 9.47
CA LYS BB 76 -30.40 -60.82 9.81
C LYS BB 76 -30.86 -62.28 9.71
N PRO BB 77 -30.24 -63.11 8.85
CA PRO BB 77 -30.59 -64.54 8.80
C PRO BB 77 -29.65 -65.39 9.66
N ASP BB 78 -30.16 -66.44 10.31
CA ASP BB 78 -29.35 -67.25 11.22
C ASP BB 78 -28.44 -68.20 10.41
N ASN BB 79 -27.27 -68.53 10.97
CA ASN BB 79 -26.26 -69.34 10.27
C ASN BB 79 -25.79 -68.70 8.96
N GLN BB 80 -25.56 -67.39 8.99
CA GLN BB 80 -25.04 -66.68 7.81
C GLN BB 80 -23.91 -65.74 8.21
N GLY CB 1 -84.61 -16.87 10.83
CA GLY CB 1 -83.38 -17.57 10.56
C GLY CB 1 -82.22 -17.07 11.39
N ARG CB 2 -81.99 -17.71 12.53
CA ARG CB 2 -80.94 -17.33 13.46
C ARG CB 2 -80.23 -18.59 13.92
N ARG CB 3 -78.91 -18.53 13.99
CA ARG CB 3 -78.07 -19.70 14.23
C ARG CB 3 -77.65 -19.76 15.70
N LEU CB 4 -77.68 -20.97 16.25
CA LEU CB 4 -77.31 -21.21 17.64
C LEU CB 4 -75.93 -21.82 17.79
N LEU CB 5 -75.53 -22.71 16.88
CA LEU CB 5 -74.27 -23.43 16.96
C LEU CB 5 -73.34 -23.01 15.84
N HIS CB 6 -72.13 -23.55 15.87
CA HIS CB 6 -71.18 -23.29 14.80
C HIS CB 6 -71.74 -23.80 13.48
N GLY CB 7 -71.47 -23.05 12.41
CA GLY CB 7 -72.05 -23.38 11.12
C GLY CB 7 -71.74 -24.78 10.66
N ASN CB 8 -70.58 -25.31 11.04
CA ASN CB 8 -70.19 -26.67 10.70
C ASN CB 8 -69.97 -27.49 11.96
N TYR CB 9 -70.87 -27.38 12.92
CA TYR CB 9 -70.59 -27.88 14.26
C TYR CB 9 -70.34 -29.39 14.26
N PHE CB 10 -71.14 -30.15 13.51
CA PHE CB 10 -71.05 -31.60 13.63
C PHE CB 10 -69.70 -32.11 13.16
N THR CB 11 -69.29 -31.74 11.95
CA THR CB 11 -67.97 -32.15 11.47
C THR CB 11 -66.86 -31.53 12.29
N ARG CB 12 -67.04 -30.27 12.69
CA ARG CB 12 -65.99 -29.58 13.43
C ARG CB 12 -65.65 -30.30 14.72
N TYR CB 13 -66.64 -30.59 15.55
CA TYR CB 13 -66.37 -31.19 16.85
C TYR CB 13 -66.14 -32.69 16.77
N LEU CB 14 -66.55 -33.34 15.68
CA LEU CB 14 -66.26 -34.76 15.52
C LEU CB 14 -64.83 -34.97 15.04
N PHE CB 15 -64.51 -34.48 13.84
CA PHE CB 15 -63.16 -34.64 13.33
C PHE CB 15 -62.17 -33.90 14.22
N GLY CB 16 -62.56 -32.72 14.71
CA GLY CB 16 -61.69 -31.96 15.59
C GLY CB 16 -61.32 -32.72 16.84
N SER CB 17 -62.32 -33.32 17.49
CA SER CB 17 -62.03 -34.09 18.70
C SER CB 17 -61.11 -35.27 18.39
N LEU CB 18 -61.37 -35.97 17.29
CA LEU CB 18 -60.52 -37.09 16.91
C LEU CB 18 -59.07 -36.62 16.71
N ALA CB 19 -58.90 -35.48 16.05
CA ALA CB 19 -57.55 -34.97 15.82
C ALA CB 19 -56.84 -34.66 17.12
N VAL CB 20 -57.53 -34.02 18.06
CA VAL CB 20 -56.91 -33.67 19.33
C VAL CB 20 -56.54 -34.94 20.10
N ILE CB 21 -57.41 -35.95 20.07
CA ILE CB 21 -57.12 -37.20 20.76
C ILE CB 21 -55.87 -37.85 20.18
N TRP CB 22 -55.78 -37.92 18.86
CA TRP CB 22 -54.63 -38.56 18.22
C TRP CB 22 -53.34 -37.81 18.52
N ILE CB 23 -53.36 -36.49 18.41
CA ILE CB 23 -52.17 -35.69 18.63
C ILE CB 23 -51.73 -35.76 20.08
N ALA CB 24 -52.68 -35.67 21.01
CA ALA CB 24 -52.34 -35.76 22.43
C ALA CB 24 -51.72 -37.10 22.77
N GLU CB 25 -52.18 -38.17 22.13
CA GLU CB 25 -51.64 -39.49 22.40
C GLU CB 25 -50.20 -39.60 21.94
N TYR CB 26 -49.88 -39.05 20.77
CA TYR CB 26 -48.49 -39.05 20.31
C TYR CB 26 -47.61 -38.30 21.30
N ALA CB 27 -48.07 -37.15 21.77
CA ALA CB 27 -47.30 -36.38 22.75
C ALA CB 27 -47.07 -37.18 24.01
N ALA CB 28 -48.09 -37.89 24.48
CA ALA CB 28 -47.97 -38.68 25.69
C ALA CB 28 -46.95 -39.79 25.52
N ALA CB 29 -46.96 -40.45 24.35
CA ALA CB 29 -46.01 -41.52 24.09
C ALA CB 29 -44.58 -40.99 24.10
N CYS CB 30 -44.36 -39.81 23.52
CA CYS CB 30 -43.02 -39.24 23.47
C CYS CB 30 -42.49 -38.95 24.86
N GLN CB 31 -43.35 -38.42 25.74
CA GLN CB 31 -42.92 -38.02 27.07
C GLN CB 31 -42.54 -39.23 27.93
N TYR CB 32 -43.20 -40.37 27.73
CA TYR CB 32 -42.90 -41.58 28.47
C TYR CB 32 -41.96 -42.53 27.73
N GLY CB 33 -41.60 -42.20 26.49
CA GLY CB 33 -40.72 -43.05 25.71
C GLY CB 33 -41.26 -44.45 25.48
N ILE CB 34 -42.52 -44.54 25.07
CA ILE CB 34 -43.17 -45.83 24.85
C ILE CB 34 -42.78 -46.35 23.47
N PRO CB 35 -42.42 -47.63 23.33
CA PRO CB 35 -42.17 -48.19 21.99
C PRO CB 35 -43.44 -48.16 21.15
N ARG CB 36 -43.32 -47.60 19.94
CA ARG CB 36 -44.47 -47.39 19.07
C ARG CB 36 -44.56 -48.38 17.92
N HIS CB 37 -43.73 -49.43 17.92
CA HIS CB 37 -43.73 -50.40 16.83
C HIS CB 37 -44.69 -51.53 17.16
N ARG CB 38 -45.69 -51.73 16.31
CA ARG CB 38 -46.71 -52.75 16.56
C ARG CB 38 -46.16 -54.15 16.31
N ASN CB 39 -46.34 -55.03 17.29
CA ASN CB 39 -46.03 -56.44 17.17
C ASN CB 39 -47.33 -57.22 17.21
N PRO CB 40 -47.70 -58.00 16.20
CA PRO CB 40 -48.94 -58.77 16.25
C PRO CB 40 -48.81 -60.16 16.85
N ASN CB 41 -47.63 -60.54 17.31
CA ASN CB 41 -47.34 -61.92 17.71
C ASN CB 41 -47.25 -62.04 19.22
N TRP CB 42 -47.35 -63.28 19.70
CA TRP CB 42 -47.01 -63.60 21.07
C TRP CB 42 -45.50 -63.55 21.24
N MET CB 43 -45.06 -63.35 22.48
CA MET CB 43 -43.64 -63.17 22.78
C MET CB 43 -43.03 -64.37 23.48
N TRP CB 44 -43.77 -65.46 23.65
CA TRP CB 44 -43.21 -66.67 24.24
C TRP CB 44 -42.04 -67.15 23.38
N SER CB 45 -40.82 -67.00 23.89
CA SER CB 45 -39.65 -67.19 23.06
C SER CB 45 -39.50 -68.66 22.63
N TRP CB 46 -39.68 -69.58 23.57
CA TRP CB 46 -39.56 -70.99 23.26
C TRP CB 46 -40.58 -71.40 22.19
N TRP CB 47 -41.79 -70.85 22.25
CA TRP CB 47 -42.79 -71.17 21.25
C TRP CB 47 -42.40 -70.66 19.87
N LEU CB 48 -41.95 -69.41 19.80
CA LEU CB 48 -41.55 -68.84 18.52
C LEU CB 48 -40.39 -69.61 17.91
N GLU CB 49 -39.53 -70.19 18.76
CA GLU CB 49 -38.44 -71.02 18.27
C GLU CB 49 -38.96 -72.33 17.68
N LYS CB 50 -39.96 -72.94 18.33
CA LYS CB 50 -40.57 -74.15 17.78
C LYS CB 50 -41.23 -73.86 16.44
N GLN CB 51 -41.83 -72.68 16.31
CA GLN CB 51 -42.50 -72.31 15.06
C GLN CB 51 -41.49 -72.13 13.94
N ASN CB 52 -40.31 -71.58 14.24
CA ASN CB 52 -39.27 -71.48 13.23
C ASN CB 52 -38.80 -72.85 12.79
N GLN CB 53 -38.69 -73.80 13.74
CA GLN CB 53 -38.29 -75.15 13.38
C GLN CB 53 -39.29 -75.78 12.41
N ILE CB 54 -40.57 -75.49 12.60
CA ILE CB 54 -41.58 -75.98 11.67
C ILE CB 54 -41.41 -75.33 10.30
N LYS CB 55 -41.13 -74.03 10.27
CA LYS CB 55 -40.92 -73.34 9.00
C LYS CB 55 -39.64 -73.81 8.33
N ASN CB 56 -38.65 -74.22 9.11
CA ASN CB 56 -37.40 -74.73 8.56
C ASN CB 56 -37.47 -76.20 8.18
N GLY CB 57 -38.55 -76.90 8.52
CA GLY CB 57 -38.67 -78.30 8.25
C GLY CB 57 -38.05 -79.21 9.29
N GLU CB 58 -37.58 -78.66 10.41
CA GLU CB 58 -37.01 -79.49 11.46
C GLU CB 58 -38.09 -80.26 12.20
N ILE CB 59 -39.26 -79.64 12.39
CA ILE CB 59 -40.43 -80.27 13.00
C ILE CB 59 -41.45 -80.51 11.90
N PRO CB 60 -42.04 -81.70 11.78
CA PRO CB 60 -42.96 -81.96 10.67
C PRO CB 60 -44.17 -81.04 10.71
N ALA CB 61 -44.70 -80.74 9.52
CA ALA CB 61 -45.80 -79.80 9.40
C ALA CB 61 -47.05 -80.35 10.10
N ASN CB 62 -47.86 -79.43 10.61
CA ASN CB 62 -49.12 -79.73 11.28
C ASN CB 62 -48.91 -80.52 12.57
N THR CB 63 -47.70 -80.52 13.10
CA THR CB 63 -47.45 -81.14 14.40
C THR CB 63 -48.03 -80.25 15.50
N PRO CB 64 -48.91 -80.76 16.35
CA PRO CB 64 -49.55 -79.91 17.36
C PRO CB 64 -48.55 -79.46 18.42
N GLY CB 65 -48.90 -78.33 19.06
CA GLY CB 65 -48.05 -77.78 20.09
C GLY CB 65 -47.93 -78.66 21.31
N TYR CB 66 -48.97 -79.45 21.59
CA TYR CB 66 -48.93 -80.39 22.70
C TYR CB 66 -48.11 -81.63 22.38
N ALA CB 67 -47.76 -81.84 21.11
CA ALA CB 67 -46.84 -82.90 20.73
C ALA CB 67 -45.39 -82.49 20.94
N MET CB 68 -45.15 -81.30 21.48
CA MET CB 68 -43.81 -80.75 21.63
C MET CB 68 -43.48 -80.31 23.06
N VAL CB 69 -44.46 -80.29 23.96
CA VAL CB 69 -44.23 -79.81 25.32
C VAL CB 69 -43.67 -80.94 26.18
N LYS CB 70 -43.11 -80.56 27.33
CA LYS CB 70 -42.59 -81.53 28.29
C LYS CB 70 -43.57 -81.79 29.42
N TRP CB 71 -44.78 -81.26 29.34
CA TRP CB 71 -45.86 -81.59 30.27
C TRP CB 71 -47.18 -81.46 29.54
N ASN CB 72 -48.02 -82.49 29.64
CA ASN CB 72 -49.30 -82.52 28.97
C ASN CB 72 -50.43 -82.63 29.98
N ASN CB 73 -51.49 -81.86 29.76
CA ASN CB 73 -52.69 -81.97 30.58
C ASN CB 73 -53.51 -83.17 30.11
N GLU CB 74 -54.60 -83.43 30.84
CA GLU CB 74 -55.41 -84.62 30.56
C GLU CB 74 -56.03 -84.58 29.18
N ALA CB 75 -56.56 -83.42 28.78
CA ALA CB 75 -57.22 -83.33 27.48
C ALA CB 75 -56.23 -83.51 26.34
N GLU CB 76 -54.99 -83.10 26.52
CA GLU CB 76 -53.99 -83.27 25.49
C GLU CB 76 -53.45 -84.69 25.45
N GLN CB 77 -53.49 -85.42 26.58
CA GLN CB 77 -53.22 -86.85 26.55
C GLN CB 77 -54.28 -87.58 25.75
N ARG CB 78 -55.54 -87.18 25.90
CA ARG CB 78 -56.61 -87.77 25.10
C ARG CB 78 -56.35 -87.57 23.61
N TRP CB 79 -55.89 -86.38 23.24
CA TRP CB 79 -55.66 -86.07 21.84
C TRP CB 79 -54.45 -86.81 21.30
N LEU CB 80 -53.41 -86.99 22.12
CA LEU CB 80 -52.21 -87.66 21.65
C LEU CB 80 -52.48 -89.11 21.28
N LYS CB 81 -53.50 -89.72 21.86
CA LYS CB 81 -53.81 -91.11 21.53
C LYS CB 81 -54.33 -91.26 20.11
N THR CB 82 -54.92 -90.21 19.55
CA THR CB 82 -55.49 -90.26 18.21
C THR CB 82 -54.70 -89.42 17.21
N LEU CB 83 -53.55 -88.88 17.61
CA LEU CB 83 -52.78 -88.01 16.74
C LEU CB 83 -51.92 -88.84 15.79
N ASN CB 84 -52.03 -88.54 14.50
CA ASN CB 84 -51.18 -89.15 13.47
C ASN CB 84 -50.81 -88.06 12.49
N VAL CB 85 -49.69 -87.38 12.76
CA VAL CB 85 -49.24 -86.30 11.88
C VAL CB 85 -48.88 -86.84 10.50
N GLU CB 86 -48.24 -88.00 10.46
CA GLU CB 86 -47.84 -88.57 9.17
C GLU CB 86 -49.06 -88.80 8.29
N ALA CB 87 -50.14 -89.34 8.85
CA ALA CB 87 -51.35 -89.55 8.07
C ALA CB 87 -51.95 -88.22 7.62
N MET CB 88 -51.92 -87.22 8.49
CA MET CB 88 -52.46 -85.91 8.12
C MET CB 88 -51.70 -85.32 6.95
N ASN CB 89 -50.37 -85.42 6.95
CA ASN CB 89 -49.58 -84.88 5.85
C ASN CB 89 -49.88 -85.60 4.55
N GLU CB 90 -50.03 -86.93 4.60
CA GLU CB 90 -50.36 -87.68 3.40
C GLU CB 90 -51.71 -87.26 2.85
N GLU CB 91 -52.68 -87.03 3.74
CA GLU CB 91 -54.00 -86.60 3.30
C GLU CB 91 -53.93 -85.25 2.59
N PHE CB 92 -53.17 -84.31 3.16
CA PHE CB 92 -53.01 -83.02 2.52
C PHE CB 92 -52.33 -83.17 1.16
N ALA CB 93 -51.33 -84.04 1.07
CA ALA CB 93 -50.65 -84.28 -0.19
C ALA CB 93 -51.62 -84.81 -1.24
N ARG CB 94 -52.50 -85.74 -0.83
CA ARG CB 94 -53.48 -86.27 -1.77
C ARG CB 94 -54.41 -85.16 -2.27
N ARG CB 95 -54.83 -84.27 -1.38
CA ARG CB 95 -55.71 -83.18 -1.80
C ARG CB 95 -55.04 -82.30 -2.85
N ARG CB 96 -53.76 -81.99 -2.65
CA ARG CB 96 -53.07 -81.14 -3.62
C ARG CB 96 -53.01 -81.82 -4.98
N GLU CB 97 -52.72 -83.12 -5.02
CA GLU CB 97 -52.67 -83.82 -6.30
C GLU CB 97 -54.03 -83.76 -6.99
N ALA CB 98 -55.11 -83.98 -6.25
CA ALA CB 98 -56.44 -83.93 -6.85
C ALA CB 98 -56.74 -82.55 -7.39
N TYR CB 99 -56.38 -81.50 -6.64
CA TYR CB 99 -56.67 -80.14 -7.09
C TYR CB 99 -55.93 -79.81 -8.37
N TYR CB 100 -54.67 -80.21 -8.47
CA TYR CB 100 -53.87 -79.95 -9.67
C TYR CB 100 -54.00 -81.11 -10.66
N GLN DB 1 -115.53 14.91 4.73
CA GLN DB 1 -114.99 14.39 5.97
C GLN DB 1 -115.22 12.88 6.05
N VAL DB 2 -114.17 12.15 6.40
CA VAL DB 2 -114.20 10.69 6.43
C VAL DB 2 -114.17 10.23 7.87
N PRO DB 3 -115.20 9.55 8.37
CA PRO DB 3 -115.16 9.05 9.75
C PRO DB 3 -114.29 7.82 9.88
N ASP DB 4 -113.70 7.66 11.07
CA ASP DB 4 -112.99 6.44 11.40
C ASP DB 4 -113.96 5.34 11.77
N VAL DB 5 -113.54 4.10 11.55
CA VAL DB 5 -114.38 2.93 11.81
C VAL DB 5 -113.56 1.88 12.55
N PHE DB 6 -114.26 0.97 13.22
CA PHE DB 6 -113.64 -0.20 13.81
C PHE DB 6 -113.66 -1.33 12.80
N ALA DB 7 -112.52 -1.95 12.58
CA ALA DB 7 -112.40 -3.12 11.72
C ALA DB 7 -111.92 -4.29 12.56
N THR DB 8 -112.70 -5.36 12.57
CA THR DB 8 -112.42 -6.53 13.38
C THR DB 8 -112.11 -7.72 12.48
N PHE DB 9 -111.21 -8.58 12.95
CA PHE DB 9 -110.78 -9.76 12.22
C PHE DB 9 -110.76 -10.96 13.14
N GLY DB 10 -111.09 -12.12 12.58
CA GLY DB 10 -111.15 -13.34 13.35
C GLY DB 10 -112.58 -13.67 13.77
N TRP DB 11 -112.85 -14.97 13.92
CA TRP DB 11 -114.20 -15.42 14.25
C TRP DB 11 -114.38 -15.61 15.75
N GLU DB 12 -113.62 -16.52 16.36
CA GLU DB 12 -113.72 -16.75 17.78
C GLU DB 12 -112.77 -15.85 18.57
N ARG DB 13 -111.55 -15.67 18.07
CA ARG DB 13 -110.58 -14.76 18.66
C ARG DB 13 -110.54 -13.52 17.77
N ARG DB 14 -111.13 -12.43 18.23
CA ARG DB 14 -111.36 -11.25 17.42
C ARG DB 14 -110.41 -10.13 17.82
N LEU DB 15 -109.73 -9.56 16.84
CA LEU DB 15 -108.82 -8.45 17.03
C LEU DB 15 -109.40 -7.21 16.36
N THR DB 16 -109.54 -6.13 17.13
CA THR DB 16 -110.16 -4.90 16.66
C THR DB 16 -109.10 -3.81 16.53
N VAL DB 17 -109.13 -3.10 15.40
CA VAL DB 17 -108.29 -1.94 15.15
C VAL DB 17 -109.17 -0.85 14.55
N ILE DB 18 -108.61 0.35 14.42
CA ILE DB 18 -109.26 1.44 13.72
C ILE DB 18 -108.74 1.47 12.29
N HIS DB 19 -109.60 1.87 11.35
CA HIS DB 19 -109.27 1.80 9.93
C HIS DB 19 -110.08 2.84 9.17
N HIS DB 20 -109.79 2.95 7.87
CA HIS DB 20 -110.45 3.89 6.96
C HIS DB 20 -111.68 3.25 6.35
N PRO DB 21 -112.83 3.91 6.37
CA PRO DB 21 -114.03 3.29 5.77
C PRO DB 21 -113.88 2.96 4.31
N GLY DB 22 -113.20 3.82 3.55
CA GLY DB 22 -112.99 3.54 2.14
C GLY DB 22 -112.01 2.39 1.91
N VAL DB 23 -110.98 2.30 2.74
CA VAL DB 23 -110.01 1.22 2.59
C VAL DB 23 -110.67 -0.11 2.93
N MET DB 24 -111.57 -0.12 3.90
CA MET DB 24 -112.28 -1.36 4.23
C MET DB 24 -113.24 -1.75 3.12
N ALA DB 25 -113.89 -0.78 2.50
CA ALA DB 25 -114.79 -1.07 1.39
C ALA DB 25 -114.02 -1.69 0.22
N ILE DB 26 -112.84 -1.15 -0.08
CA ILE DB 26 -112.01 -1.73 -1.13
C ILE DB 26 -111.60 -3.15 -0.76
N SER DB 27 -111.24 -3.35 0.51
CA SER DB 27 -110.78 -4.67 0.95
C SER DB 27 -111.87 -5.71 0.74
N LYS DB 28 -113.10 -5.41 1.14
CA LYS DB 28 -114.20 -6.34 0.94
C LYS DB 28 -114.53 -6.51 -0.53
N LEU DB 29 -114.39 -5.44 -1.32
CA LEU DB 29 -114.65 -5.56 -2.76
C LEU DB 29 -113.67 -6.50 -3.42
N LEU DB 30 -112.39 -6.43 -3.05
CA LEU DB 30 -111.40 -7.34 -3.62
C LEU DB 30 -111.60 -8.77 -3.14
N ASP DB 31 -112.36 -8.97 -2.07
CA ASP DB 31 -112.69 -10.31 -1.63
C ASP DB 31 -113.76 -10.97 -2.48
N GLN DB 32 -114.46 -10.19 -3.31
CA GLN DB 32 -115.44 -10.74 -4.25
C GLN DB 32 -114.68 -11.31 -5.44
N ARG DB 33 -114.16 -12.52 -5.24
CA ARG DB 33 -113.26 -13.11 -6.24
C ARG DB 33 -113.95 -13.33 -7.57
N THR DB 34 -115.27 -13.50 -7.56
CA THR DB 34 -116.00 -13.69 -8.81
C THR DB 34 -116.21 -12.40 -9.57
N VAL DB 35 -116.13 -11.24 -8.91
CA VAL DB 35 -116.39 -9.98 -9.56
C VAL DB 35 -115.08 -9.31 -9.93
N VAL DB 36 -114.26 -9.01 -8.93
CA VAL DB 36 -112.94 -8.43 -9.14
C VAL DB 36 -111.96 -9.55 -9.41
N LYS DB 37 -111.28 -9.49 -10.55
CA LYS DB 37 -110.45 -10.58 -11.02
C LYS DB 37 -109.00 -10.16 -11.15
N PRO DB 38 -108.04 -10.94 -10.66
CA PRO DB 38 -106.64 -10.70 -11.00
C PRO DB 38 -106.37 -11.05 -12.46
N ARG DB 39 -105.53 -10.24 -13.10
CA ARG DB 39 -105.16 -10.43 -14.49
C ARG DB 39 -103.64 -10.38 -14.61
N ALA DB 40 -103.12 -11.16 -15.55
CA ALA DB 40 -101.69 -11.32 -15.73
C ALA DB 40 -101.20 -10.50 -16.92
N THR DB 41 -100.06 -9.84 -16.74
CA THR DB 41 -99.35 -9.16 -17.82
C THR DB 41 -98.00 -9.83 -17.99
N PHE DB 42 -97.64 -10.13 -19.23
CA PHE DB 42 -96.43 -10.88 -19.53
C PHE DB 42 -95.35 -9.99 -20.12
N ASN DB 43 -94.13 -10.52 -20.12
CA ASN DB 43 -93.02 -9.96 -20.87
C ASN DB 43 -92.35 -11.09 -21.65
N GLN DB 44 -91.58 -10.71 -22.67
CA GLN DB 44 -91.00 -11.72 -23.55
C GLN DB 44 -90.14 -12.71 -22.77
N GLU DB 45 -89.41 -12.23 -21.77
CA GLU DB 45 -88.56 -13.11 -20.99
C GLU DB 45 -89.36 -14.21 -20.31
N LEU DB 46 -90.46 -13.84 -19.66
CA LEU DB 46 -91.25 -14.82 -18.93
C LEU DB 46 -92.06 -15.73 -19.86
N VAL DB 47 -92.50 -15.20 -21.00
CA VAL DB 47 -93.23 -16.03 -21.95
C VAL DB 47 -92.35 -17.19 -22.42
N GLU DB 48 -91.08 -16.91 -22.70
CA GLU DB 48 -90.17 -17.97 -23.14
C GLU DB 48 -90.01 -19.03 -22.05
N GLU DB 49 -89.93 -18.61 -20.79
CA GLU DB 49 -89.77 -19.57 -19.71
C GLU DB 49 -91.00 -20.46 -19.55
N ILE DB 50 -92.18 -19.95 -19.91
CA ILE DB 50 -93.39 -20.76 -19.77
C ILE DB 50 -93.30 -22.00 -20.64
N GLY DB 51 -92.70 -21.87 -21.83
CA GLY DB 51 -92.59 -23.02 -22.71
C GLY DB 51 -91.89 -24.20 -22.10
N ASP DB 52 -91.03 -23.96 -21.11
CA ASP DB 52 -90.35 -25.06 -20.44
C ASP DB 52 -91.29 -25.95 -19.65
N TYR DB 53 -92.52 -25.49 -19.41
CA TYR DB 53 -93.48 -26.24 -18.62
C TYR DB 53 -94.80 -26.50 -19.33
N ASP DB 54 -95.19 -25.65 -20.29
CA ASP DB 54 -96.43 -25.87 -21.03
C ASP DB 54 -96.27 -25.19 -22.38
N GLU DB 55 -96.04 -25.99 -23.43
CA GLU DB 55 -95.81 -25.42 -24.75
C GLU DB 55 -97.04 -24.68 -25.27
N ASP DB 56 -98.23 -25.24 -25.05
CA ASP DB 56 -99.44 -24.60 -25.53
C ASP DB 56 -99.64 -23.23 -24.88
N LEU DB 57 -99.42 -23.14 -23.57
CA LEU DB 57 -99.56 -21.86 -22.90
C LEU DB 57 -98.56 -20.84 -23.42
N GLN DB 58 -97.37 -21.28 -23.83
CA GLN DB 58 -96.38 -20.35 -24.38
C GLN DB 58 -96.91 -19.69 -25.63
N ARG DB 59 -97.52 -20.47 -26.53
CA ARG DB 59 -98.06 -19.90 -27.76
C ARG DB 59 -99.18 -18.92 -27.46
N LYS DB 60 -100.10 -19.31 -26.56
CA LYS DB 60 -101.21 -18.43 -26.22
C LYS DB 60 -100.71 -17.21 -25.46
N ALA DB 61 -99.74 -17.39 -24.56
CA ALA DB 61 -99.18 -16.24 -23.84
C ALA DB 61 -98.48 -15.29 -24.79
N GLN DB 62 -97.85 -15.81 -25.84
CA GLN DB 62 -97.20 -14.95 -26.82
C GLN DB 62 -98.21 -14.05 -27.51
N VAL DB 63 -99.39 -14.60 -27.84
CA VAL DB 63 -100.44 -13.79 -28.45
C VAL DB 63 -100.85 -12.66 -27.52
N ALA DB 64 -101.04 -12.98 -26.24
CA ALA DB 64 -101.41 -11.95 -25.27
C ALA DB 64 -100.34 -10.87 -25.17
N LEU DB 65 -99.06 -11.29 -25.13
CA LEU DB 65 -97.97 -10.32 -25.05
C LEU DB 65 -97.93 -9.44 -26.30
N ASP DB 66 -98.10 -10.03 -27.48
CA ASP DB 66 -98.01 -9.27 -28.71
C ASP DB 66 -99.07 -8.19 -28.78
N ASN DB 67 -100.22 -8.41 -28.16
CA ASN DB 67 -101.30 -7.42 -28.14
C ASN DB 67 -101.34 -6.62 -26.85
N GLY DB 68 -100.39 -6.82 -25.95
CA GLY DB 68 -100.33 -6.06 -24.73
C GLY DB 68 -101.57 -6.20 -23.87
N LEU DB 69 -102.04 -7.42 -23.70
CA LEU DB 69 -103.28 -7.71 -22.99
C LEU DB 69 -103.00 -8.11 -21.56
N ALA DB 70 -103.73 -7.51 -20.62
CA ALA DB 70 -103.83 -8.02 -19.26
C ALA DB 70 -104.98 -9.01 -19.24
N ILE DB 71 -104.67 -10.29 -19.10
CA ILE DB 71 -105.62 -11.36 -19.36
C ILE DB 71 -105.66 -12.31 -18.18
N GLU DB 72 -106.85 -12.82 -17.88
CA GLU DB 72 -107.00 -13.89 -16.90
C GLU DB 72 -106.54 -15.21 -17.51
N TRP DB 73 -105.99 -16.07 -16.66
CA TRP DB 73 -105.45 -17.34 -17.14
C TRP DB 73 -106.53 -18.21 -17.76
N ARG DB 74 -107.71 -18.25 -17.15
CA ARG DB 74 -108.80 -19.05 -17.71
C ARG DB 74 -109.16 -18.59 -19.11
N VAL DB 75 -109.23 -17.26 -19.31
CA VAL DB 75 -109.50 -16.73 -20.64
C VAL DB 75 -108.34 -17.02 -21.58
N LEU DB 76 -107.11 -17.00 -21.05
CA LEU DB 76 -105.94 -17.23 -21.90
C LEU DB 76 -106.03 -18.58 -22.60
N ASP DB 77 -106.64 -19.57 -21.96
CA ASP DB 77 -106.81 -20.88 -22.59
C ASP DB 77 -107.69 -20.82 -23.82
N PHE DB 78 -108.48 -19.76 -23.99
CA PHE DB 78 -109.38 -19.60 -25.12
C PHE DB 78 -109.07 -18.33 -25.91
N ILE DB 79 -107.82 -17.87 -25.84
CA ILE DB 79 -107.45 -16.62 -26.48
C ILE DB 79 -107.67 -16.68 -27.99
N ASP DB 80 -107.63 -17.88 -28.57
CA ASP DB 80 -107.86 -18.00 -30.01
C ASP DB 80 -109.23 -17.50 -30.40
N ASP DB 81 -110.24 -17.78 -29.58
CA ASP DB 81 -111.61 -17.37 -29.88
C ASP DB 81 -111.96 -16.03 -29.25
N GLU DB 82 -111.38 -15.70 -28.10
CA GLU DB 82 -111.72 -14.49 -27.38
C GLU DB 82 -110.94 -13.27 -27.82
N LEU DB 83 -109.97 -13.43 -28.72
CA LEU DB 83 -109.10 -12.32 -29.07
C LEU DB 83 -109.86 -11.10 -29.57
N PRO DB 84 -110.80 -11.22 -30.52
CA PRO DB 84 -111.52 -10.01 -30.95
C PRO DB 84 -112.25 -9.31 -29.82
N ARG DB 85 -112.84 -10.06 -28.89
CA ARG DB 85 -113.51 -9.42 -27.77
C ARG DB 85 -112.48 -8.80 -26.81
N LEU DB 86 -111.35 -9.47 -26.61
CA LEU DB 86 -110.35 -8.94 -25.68
C LEU DB 86 -109.80 -7.62 -26.19
N LEU DB 87 -109.54 -7.51 -27.50
CA LEU DB 87 -109.08 -6.24 -28.04
C LEU DB 87 -110.12 -5.15 -27.86
N ALA DB 88 -111.39 -5.47 -28.12
CA ALA DB 88 -112.45 -4.50 -27.88
C ALA DB 88 -112.54 -4.14 -26.41
N GLU DB 89 -112.40 -5.14 -25.53
CA GLU DB 89 -112.44 -4.88 -24.10
C GLU DB 89 -111.31 -3.95 -23.68
N LYS DB 90 -110.11 -4.17 -24.21
CA LYS DB 90 -108.98 -3.31 -23.87
C LYS DB 90 -109.28 -1.85 -24.18
N ARG DB 91 -109.84 -1.59 -25.37
CA ARG DB 91 -110.16 -0.22 -25.75
C ARG DB 91 -111.15 0.41 -24.79
N GLU DB 92 -112.21 -0.31 -24.46
CA GLU DB 92 -113.27 0.26 -23.63
C GLU DB 92 -112.75 0.58 -22.24
N ILE DB 93 -111.95 -0.30 -21.65
CA ILE DB 93 -111.40 -0.03 -20.32
C ILE DB 93 -110.53 1.21 -20.36
N GLU DB 94 -109.70 1.34 -21.40
CA GLU DB 94 -108.84 2.51 -21.53
C GLU DB 94 -109.66 3.78 -21.65
N LYS DB 95 -110.71 3.76 -22.48
CA LYS DB 95 -111.59 4.92 -22.59
C LYS DB 95 -112.14 5.31 -21.23
N ALA DB 96 -112.66 4.33 -20.48
CA ALA DB 96 -113.24 4.61 -19.18
C ALA DB 96 -112.23 5.18 -18.22
N ARG DB 97 -111.04 4.57 -18.16
CA ARG DB 97 -109.99 5.08 -17.28
C ARG DB 97 -109.69 6.54 -17.58
N GLU DB 98 -109.53 6.86 -18.86
CA GLU DB 98 -109.24 8.22 -19.27
C GLU DB 98 -110.36 9.18 -18.86
N GLN DB 99 -111.60 8.79 -19.10
CA GLN DB 99 -112.72 9.68 -18.81
C GLN DB 99 -112.81 9.98 -17.31
N VAL DB 100 -112.69 8.95 -16.47
CA VAL DB 100 -112.82 9.16 -15.03
C VAL DB 100 -111.64 9.98 -14.52
N MET DB 101 -110.43 9.67 -14.98
CA MET DB 101 -109.25 10.40 -14.51
C MET DB 101 -109.31 11.86 -14.91
N SER DB 102 -109.75 12.15 -16.13
CA SER DB 102 -109.75 13.52 -16.61
C SER DB 102 -110.88 14.36 -16.03
N LYS DB 103 -111.91 13.73 -15.48
CA LYS DB 103 -113.04 14.49 -14.94
C LYS DB 103 -112.60 15.37 -13.78
N ALA DB 104 -113.26 16.51 -13.66
CA ALA DB 104 -112.93 17.47 -12.62
C ALA DB 104 -113.27 16.89 -11.24
N PRO DB 105 -112.59 17.36 -10.19
CA PRO DB 105 -112.90 16.85 -8.85
C PRO DB 105 -114.35 17.11 -8.47
N GLY DB 106 -114.94 16.12 -7.80
CA GLY DB 106 -116.33 16.17 -7.42
C GLY DB 106 -117.30 15.66 -8.47
N ASP DB 107 -116.82 15.34 -9.66
CA ASP DB 107 -117.64 14.81 -10.74
C ASP DB 107 -117.54 13.29 -10.72
N TYR DB 108 -118.58 12.63 -10.23
CA TYR DB 108 -118.59 11.19 -10.05
C TYR DB 108 -119.57 10.49 -10.99
N THR DB 109 -119.84 11.10 -12.14
CA THR DB 109 -120.71 10.47 -13.12
C THR DB 109 -120.04 9.24 -13.73
N GLN DB 110 -120.86 8.27 -14.10
CA GLN DB 110 -120.35 7.03 -14.66
C GLN DB 110 -119.70 7.29 -16.02
N PRO DB 111 -118.64 6.54 -16.35
CA PRO DB 111 -118.04 6.68 -17.68
C PRO DB 111 -118.94 6.10 -18.75
N VAL DB 112 -118.75 6.60 -19.98
CA VAL DB 112 -119.51 6.17 -21.13
C VAL DB 112 -118.63 5.19 -21.90
N PHE DB 113 -119.06 3.93 -21.94
CA PHE DB 113 -118.30 2.89 -22.63
C PHE DB 113 -119.24 1.73 -22.93
N ASP DB 114 -118.77 0.83 -23.80
CA ASP DB 114 -119.55 -0.34 -24.19
C ASP DB 114 -119.23 -1.46 -23.19
N SER DB 115 -120.12 -1.64 -22.22
CA SER DB 115 -119.92 -2.65 -21.18
C SER DB 115 -120.18 -4.06 -21.68
N SER DB 116 -120.81 -4.23 -22.85
CA SER DB 116 -121.14 -5.56 -23.33
C SER DB 116 -119.91 -6.40 -23.63
N VAL DB 117 -118.75 -5.77 -23.79
CA VAL DB 117 -117.52 -6.50 -24.11
C VAL DB 117 -116.60 -6.64 -22.90
N VAL DB 118 -116.95 -6.04 -21.76
CA VAL DB 118 -116.13 -6.08 -20.57
C VAL DB 118 -116.69 -7.15 -19.64
N VAL DB 119 -115.83 -8.06 -19.20
CA VAL DB 119 -116.22 -9.16 -18.33
C VAL DB 119 -115.32 -9.15 -17.10
N PRO DB 120 -115.84 -9.34 -15.89
CA PRO DB 120 -117.26 -9.49 -15.51
C PRO DB 120 -117.96 -8.16 -15.28
N THR DB 121 -119.08 -7.96 -15.95
CA THR DB 121 -119.95 -6.82 -15.75
C THR DB 121 -121.39 -7.29 -15.88
N PRO DB 122 -122.34 -6.53 -15.34
CA PRO DB 122 -123.75 -6.91 -15.52
C PRO DB 122 -124.12 -7.15 -16.98
N ALA DB 123 -123.59 -6.32 -17.88
CA ALA DB 123 -123.94 -6.46 -19.29
C ALA DB 123 -123.39 -7.74 -19.90
N ASN DB 124 -122.24 -8.23 -19.42
CA ASN DB 124 -121.64 -9.46 -19.93
C ASN DB 124 -120.99 -10.17 -18.75
N LEU DB 125 -121.69 -11.15 -18.20
CA LEU DB 125 -121.22 -11.87 -17.03
C LEU DB 125 -120.30 -13.02 -17.37
N GLY DB 126 -119.93 -13.18 -18.64
CA GLY DB 126 -118.94 -14.14 -19.05
C GLY DB 126 -119.53 -15.37 -19.73
N ARG DB 127 -118.66 -16.33 -19.98
CA ARG DB 127 -118.96 -17.56 -20.68
C ARG DB 127 -118.69 -18.75 -19.77
N ASN DB 128 -119.41 -19.85 -19.99
CA ASN DB 128 -119.17 -21.09 -19.26
C ASN DB 128 -118.07 -21.86 -20.00
N TYR DB 129 -116.84 -21.64 -19.57
CA TYR DB 129 -115.69 -22.25 -20.24
C TYR DB 129 -115.61 -23.75 -19.95
N PRO DB 130 -115.50 -24.59 -20.98
CA PRO DB 130 -115.32 -26.02 -20.73
C PRO DB 130 -113.92 -26.34 -20.26
N THR DB 131 -113.82 -27.31 -19.34
CA THR DB 131 -112.51 -27.78 -18.93
C THR DB 131 -111.75 -28.31 -20.14
N LEU DB 132 -110.46 -27.99 -20.21
CA LEU DB 132 -109.60 -28.44 -21.29
C LEU DB 132 -108.62 -29.51 -20.81
N ASN DB 133 -108.84 -30.06 -19.63
CA ASN DB 133 -107.98 -31.09 -19.06
C ASN DB 133 -108.44 -32.48 -19.51
N LEU DB 134 -108.43 -32.68 -20.83
CA LEU DB 134 -108.87 -33.93 -21.43
C LEU DB 134 -107.81 -34.40 -22.42
N PRO DB 135 -107.25 -35.60 -22.23
CA PRO DB 135 -106.29 -36.11 -23.22
C PRO DB 135 -106.97 -36.40 -24.55
N SER DB 136 -106.30 -36.02 -25.64
CA SER DB 136 -106.84 -36.20 -26.98
C SER DB 136 -105.91 -37.02 -27.88
N GLY DB 137 -104.86 -37.62 -27.32
CA GLY DB 137 -103.90 -38.39 -28.09
C GLY DB 137 -103.93 -39.85 -27.72
N ASP DB 138 -103.63 -40.71 -28.69
CA ASP DB 138 -103.56 -42.14 -28.46
C ASP DB 138 -102.13 -42.51 -28.09
N PRO DB 139 -101.90 -43.07 -26.90
CA PRO DB 139 -100.51 -43.39 -26.51
C PRO DB 139 -99.83 -44.38 -27.42
N THR DB 140 -100.59 -45.15 -28.21
CA THR DB 140 -100.04 -46.15 -29.12
C THR DB 140 -100.11 -45.58 -30.53
N GLU DB 141 -99.05 -44.91 -30.96
CA GLU DB 141 -98.99 -44.34 -32.30
C GLU DB 141 -97.55 -44.30 -32.82
N ALA EB 1 -91.44 -15.42 4.86
CA ALA EB 1 -90.47 -15.50 5.94
C ALA EB 1 -91.01 -16.33 7.11
N TYR EB 2 -92.16 -16.98 6.90
CA TYR EB 2 -92.73 -17.89 7.87
C TYR EB 2 -93.19 -19.15 7.14
N ASN EB 3 -92.99 -20.30 7.75
CA ASN EB 3 -93.46 -21.58 7.19
C ASN EB 3 -92.90 -21.82 5.80
N GLY EB 4 -91.68 -21.38 5.54
CA GLY EB 4 -91.02 -21.60 4.27
C GLY EB 4 -91.64 -20.89 3.09
N GLY EB 5 -92.44 -19.86 3.33
CA GLY EB 5 -93.13 -19.16 2.28
C GLY EB 5 -94.48 -19.75 1.93
N TYR EB 6 -94.82 -20.91 2.48
CA TYR EB 6 -96.11 -21.52 2.24
C TYR EB 6 -97.16 -20.78 3.06
N PRO EB 7 -98.19 -20.21 2.45
CA PRO EB 7 -99.24 -19.58 3.25
C PRO EB 7 -100.04 -20.62 4.00
N PHE EB 8 -100.36 -20.33 5.26
CA PHE EB 8 -101.16 -21.26 6.05
C PHE EB 8 -102.49 -21.54 5.35
N HIS EB 9 -103.15 -20.50 4.83
CA HIS EB 9 -104.39 -20.63 4.09
C HIS EB 9 -104.23 -20.01 2.70
N TYR EB 10 -104.73 -20.70 1.68
CA TYR EB 10 -104.65 -20.22 0.31
C TYR EB 10 -105.83 -20.76 -0.50
N VAL EB 11 -106.18 -20.02 -1.58
CA VAL EB 11 -107.31 -20.37 -2.45
C VAL EB 11 -106.84 -21.29 -3.58
N VAL EB 12 -107.65 -22.30 -3.90
CA VAL EB 12 -107.43 -23.20 -5.02
C VAL EB 12 -108.68 -23.21 -5.88
N GLN EB 13 -108.50 -23.23 -7.20
CA GLN EB 13 -109.60 -23.23 -8.16
C GLN EB 13 -109.55 -24.46 -9.05
N TYR EB 14 -110.72 -24.92 -9.50
CA TYR EB 14 -110.86 -26.11 -10.33
C TYR EB 14 -111.73 -25.80 -11.55
N ASP EB 15 -111.29 -26.24 -12.74
CA ASP EB 15 -111.99 -25.91 -13.96
C ASP EB 15 -113.34 -26.62 -14.05
N ASP EB 16 -113.39 -27.89 -13.67
CA ASP EB 16 -114.63 -28.64 -13.72
C ASP EB 16 -115.54 -28.22 -12.58
N PRO EB 17 -116.78 -27.80 -12.86
CA PRO EB 17 -117.65 -27.31 -11.78
C PRO EB 17 -118.06 -28.38 -10.79
N ASN EB 18 -118.04 -29.66 -11.17
CA ASN EB 18 -118.47 -30.75 -10.31
C ASN EB 18 -117.29 -31.57 -9.80
N TYR EB 19 -116.11 -30.96 -9.74
CA TYR EB 19 -114.91 -31.68 -9.32
C TYR EB 19 -114.82 -31.69 -7.80
N ASP EB 20 -114.40 -32.83 -7.25
CA ASP EB 20 -114.19 -33.00 -5.82
C ASP EB 20 -112.87 -33.71 -5.63
N CYS EB 21 -111.91 -33.04 -4.98
CA CYS EB 21 -110.58 -33.63 -4.79
C CYS EB 21 -110.59 -34.82 -3.86
N GLU EB 22 -111.69 -35.05 -3.13
CA GLU EB 22 -111.76 -36.16 -2.18
C GLU EB 22 -112.56 -37.35 -2.70
N ALA EB 23 -113.57 -37.11 -3.54
CA ALA EB 23 -114.37 -38.21 -4.07
C ALA EB 23 -113.80 -38.77 -5.36
N ASP EB 24 -113.32 -37.91 -6.24
CA ASP EB 24 -112.81 -38.36 -7.53
C ASP EB 24 -111.37 -38.88 -7.39
N PHE EB 25 -111.02 -39.81 -8.27
CA PHE EB 25 -109.67 -40.34 -8.37
C PHE EB 25 -109.21 -40.35 -9.81
N GLU EB 26 -109.46 -39.25 -10.50
CA GLU EB 26 -108.98 -39.06 -11.86
C GLU EB 26 -107.60 -38.42 -11.82
N PHE EB 27 -106.93 -38.41 -12.97
CA PHE EB 27 -105.53 -37.99 -13.02
C PHE EB 27 -105.27 -37.03 -14.16
N GLU EB 28 -106.26 -36.21 -14.53
CA GLU EB 28 -106.11 -35.24 -15.59
C GLU EB 28 -106.35 -33.80 -15.17
N GLU EB 29 -107.08 -33.55 -14.08
CA GLU EB 29 -107.43 -32.19 -13.68
C GLU EB 29 -106.25 -31.53 -12.98
N ILE EB 30 -105.95 -30.30 -13.37
CA ILE EB 30 -104.82 -29.53 -12.84
C ILE EB 30 -105.37 -28.37 -12.04
N PRO EB 31 -105.09 -28.30 -10.73
CA PRO EB 31 -105.60 -27.19 -9.93
C PRO EB 31 -104.89 -25.87 -10.24
N ARG EB 32 -105.61 -24.77 -10.01
CA ARG EB 32 -105.08 -23.43 -10.20
C ARG EB 32 -104.97 -22.72 -8.85
N ASP EB 33 -104.25 -21.59 -8.84
CA ASP EB 33 -104.04 -20.79 -7.64
C ASP EB 33 -105.07 -19.67 -7.58
N GLU EB 34 -104.89 -18.73 -6.65
CA GLU EB 34 -105.87 -17.66 -6.48
C GLU EB 34 -105.89 -16.73 -7.69
N PHE EB 35 -104.72 -16.46 -8.28
CA PHE EB 35 -104.66 -15.65 -9.48
C PHE EB 35 -105.04 -16.42 -10.74
N GLY EB 36 -105.25 -17.72 -10.64
CA GLY EB 36 -105.59 -18.54 -11.78
C GLY EB 36 -104.44 -19.24 -12.44
N VAL EB 37 -103.25 -19.19 -11.85
CA VAL EB 37 -102.08 -19.82 -12.46
C VAL EB 37 -102.21 -21.34 -12.34
N PRO EB 38 -102.10 -22.08 -13.44
CA PRO EB 38 -102.16 -23.54 -13.33
C PRO EB 38 -100.99 -24.08 -12.50
N ALA EB 39 -101.25 -25.20 -11.83
CA ALA EB 39 -100.29 -25.73 -10.87
C ALA EB 39 -99.01 -26.19 -11.52
N HIS EB 40 -99.03 -26.50 -12.82
CA HIS EB 40 -97.87 -26.98 -13.54
C HIS EB 40 -96.89 -25.87 -13.92
N ILE EB 41 -97.26 -24.62 -13.65
CA ILE EB 41 -96.33 -23.46 -13.85
C ILE EB 41 -95.72 -23.22 -12.47
N PRO EB 42 -94.40 -23.45 -12.25
CA PRO EB 42 -93.81 -23.38 -10.88
C PRO EB 42 -93.99 -22.03 -10.20
N PRO EB 43 -93.96 -21.99 -8.86
CA PRO EB 43 -94.09 -20.69 -8.15
C PRO EB 43 -93.01 -19.69 -8.53
N GLU EB 44 -91.77 -20.13 -8.68
CA GLU EB 44 -90.68 -19.20 -8.97
C GLU EB 44 -90.96 -18.40 -10.24
N LEU EB 45 -91.64 -19.00 -11.21
CA LEU EB 45 -91.97 -18.33 -12.45
C LEU EB 45 -93.25 -17.50 -12.34
N SER EB 46 -94.28 -18.05 -11.71
CA SER EB 46 -95.56 -17.34 -11.64
C SER EB 46 -95.47 -16.12 -10.74
N THR EB 47 -94.67 -16.18 -9.67
CA THR EB 47 -94.52 -15.04 -8.78
C THR EB 47 -93.83 -13.87 -9.46
N GLN EB 48 -93.05 -14.13 -10.51
CA GLN EB 48 -92.44 -13.05 -11.28
C GLN EB 48 -93.45 -12.38 -12.20
N ILE EB 49 -94.39 -13.14 -12.75
CA ILE EB 49 -95.45 -12.57 -13.58
C ILE EB 49 -96.24 -11.57 -12.76
N ARG EB 50 -96.55 -10.43 -13.35
CA ARG EB 50 -97.21 -9.33 -12.65
C ARG EB 50 -98.72 -9.48 -12.78
N HIS EB 51 -99.39 -9.62 -11.64
CA HIS EB 51 -100.85 -9.73 -11.59
C HIS EB 51 -101.42 -8.48 -10.93
N THR EB 52 -102.42 -7.89 -11.58
CA THR EB 52 -103.07 -6.69 -11.08
C THR EB 52 -104.57 -6.91 -10.99
N TYR EB 53 -105.20 -6.21 -10.04
CA TYR EB 53 -106.63 -6.34 -9.83
C TYR EB 53 -107.39 -5.48 -10.83
N TYR EB 54 -108.40 -6.06 -11.47
CA TYR EB 54 -109.26 -5.37 -12.41
C TYR EB 54 -110.67 -5.32 -11.83
N VAL EB 55 -111.11 -4.12 -11.47
CA VAL EB 55 -112.47 -3.93 -11.00
C VAL EB 55 -113.32 -3.52 -12.21
N PRO EB 56 -114.61 -3.79 -12.22
CA PRO EB 56 -115.46 -3.33 -13.32
C PRO EB 56 -115.41 -1.81 -13.43
N PRO EB 57 -115.45 -1.26 -14.64
CA PRO EB 57 -115.31 0.19 -14.79
C PRO EB 57 -116.39 0.99 -14.07
N GLN EB 58 -117.52 0.38 -13.75
CA GLN EB 58 -118.55 1.10 -13.02
C GLN EB 58 -118.08 1.52 -11.62
N TYR EB 59 -117.00 0.91 -11.13
CA TYR EB 59 -116.46 1.28 -9.83
C TYR EB 59 -115.50 2.46 -9.89
N TYR EB 60 -115.01 2.83 -11.07
CA TYR EB 60 -114.04 3.91 -11.16
C TYR EB 60 -114.55 5.19 -10.50
N PRO EB 61 -115.78 5.64 -10.72
CA PRO EB 61 -116.24 6.85 -10.03
C PRO EB 61 -116.19 6.76 -8.52
N PHE EB 62 -116.46 5.58 -7.95
CA PHE EB 62 -116.37 5.42 -6.50
C PHE EB 62 -114.92 5.50 -6.03
N LEU EB 63 -114.02 4.82 -6.72
CA LEU EB 63 -112.60 4.86 -6.37
C LEU EB 63 -112.05 6.28 -6.52
N LYS EB 64 -112.59 7.05 -7.45
CA LYS EB 64 -112.19 8.45 -7.59
C LYS EB 64 -112.65 9.27 -6.39
N LYS EB 65 -113.87 9.04 -5.92
CA LYS EB 65 -114.37 9.78 -4.76
C LYS EB 65 -113.51 9.51 -3.53
N LEU EB 66 -113.06 8.27 -3.36
CA LEU EB 66 -112.24 7.95 -2.20
C LEU EB 66 -110.91 8.72 -2.24
N GLY EB 67 -110.30 8.80 -3.41
CA GLY EB 67 -109.03 9.51 -3.51
C GLY EB 67 -109.16 10.98 -3.18
N GLU EB 68 -110.24 11.62 -3.64
CA GLU EB 68 -110.40 13.05 -3.42
C GLU EB 68 -110.66 13.36 -1.95
N ASP EB 69 -111.50 12.56 -1.29
CA ASP EB 69 -111.80 12.82 0.12
C ASP EB 69 -110.59 12.57 0.99
N THR EB 70 -109.71 11.64 0.61
CA THR EB 70 -108.49 11.34 1.36
C THR EB 70 -107.31 11.41 0.39
N PRO EB 71 -106.67 12.57 0.26
CA PRO EB 71 -105.58 12.69 -0.73
C PRO EB 71 -104.45 11.71 -0.51
N GLU EB 72 -104.15 11.35 0.74
CA GLU EB 72 -103.11 10.36 0.98
C GLU EB 72 -103.48 9.01 0.37
N LEU EB 73 -104.77 8.75 0.22
CA LEU EB 73 -105.24 7.51 -0.38
C LEU EB 73 -105.31 7.57 -1.90
N LYS EB 74 -105.19 8.76 -2.48
CA LYS EB 74 -105.35 8.90 -3.93
C LYS EB 74 -104.37 8.06 -4.72
N PRO EB 75 -103.06 8.04 -4.43
CA PRO EB 75 -102.16 7.25 -5.28
C PRO EB 75 -102.52 5.79 -5.35
N TYR EB 76 -103.00 5.19 -4.25
CA TYR EB 76 -103.39 3.80 -4.30
C TYR EB 76 -104.66 3.61 -5.13
N THR EB 77 -105.65 4.49 -4.98
CA THR EB 77 -106.86 4.39 -5.77
C THR EB 77 -106.57 4.57 -7.25
N ASP EB 78 -105.66 5.48 -7.58
CA ASP EB 78 -105.29 5.67 -8.99
C ASP EB 78 -104.69 4.40 -9.57
N LYS EB 79 -103.82 3.73 -8.82
CA LYS EB 79 -103.27 2.48 -9.28
C LYS EB 79 -104.37 1.46 -9.55
N LEU EB 80 -105.36 1.39 -8.65
CA LEU EB 80 -106.45 0.44 -8.83
C LEU EB 80 -107.27 0.77 -10.07
N ILE EB 81 -107.55 2.05 -10.29
CA ILE EB 81 -108.30 2.44 -11.49
C ILE EB 81 -107.53 2.08 -12.75
N MET EB 82 -106.23 2.35 -12.76
CA MET EB 82 -105.41 2.10 -13.93
C MET EB 82 -104.96 0.66 -14.05
N GLY EB 83 -105.45 -0.22 -13.19
CA GLY EB 83 -105.06 -1.62 -13.26
C GLY EB 83 -103.59 -1.85 -13.00
N ASP EB 84 -103.01 -1.10 -12.07
CA ASP EB 84 -101.61 -1.24 -11.72
C ASP EB 84 -101.41 -1.67 -10.27
N MET EB 85 -102.48 -2.02 -9.56
CA MET EB 85 -102.39 -2.39 -8.16
C MET EB 85 -102.18 -3.90 -8.05
N THR EB 86 -101.00 -4.28 -7.56
CA THR EB 86 -100.74 -5.68 -7.27
C THR EB 86 -101.20 -6.00 -5.86
N TYR EB 87 -101.01 -7.26 -5.45
CA TYR EB 87 -101.35 -7.63 -4.09
C TYR EB 87 -100.50 -6.86 -3.08
N ASP EB 88 -99.22 -6.68 -3.38
CA ASP EB 88 -98.34 -5.93 -2.49
C ASP EB 88 -98.80 -4.49 -2.34
N ASP EB 89 -99.21 -3.86 -3.44
CA ASP EB 89 -99.72 -2.50 -3.36
C ASP EB 89 -100.95 -2.43 -2.47
N TYR EB 90 -101.85 -3.42 -2.60
CA TYR EB 90 -103.02 -3.45 -1.74
C TYR EB 90 -102.63 -3.58 -0.27
N GLU EB 91 -101.65 -4.44 0.02
CA GLU EB 91 -101.22 -4.60 1.41
C GLU EB 91 -100.66 -3.30 1.96
N GLU EB 92 -99.87 -2.58 1.17
CA GLU EB 92 -99.33 -1.31 1.63
C GLU EB 92 -100.44 -0.33 1.94
N MET EB 93 -101.45 -0.27 1.08
CA MET EB 93 -102.60 0.60 1.35
C MET EB 93 -103.31 0.18 2.63
N PHE EB 94 -103.48 -1.12 2.84
CA PHE EB 94 -104.24 -1.59 3.98
C PHE EB 94 -103.58 -1.19 5.30
N TYR EB 95 -102.28 -1.47 5.43
CA TYR EB 95 -101.59 -1.21 6.68
C TYR EB 95 -101.25 0.26 6.87
N LYS EB 96 -101.25 1.06 5.80
CA LYS EB 96 -100.94 2.47 5.94
C LYS EB 96 -102.04 3.22 6.69
N PHE EB 97 -103.28 2.77 6.56
CA PHE EB 97 -104.43 3.48 7.13
C PHE EB 97 -104.99 2.80 8.38
N ALA EB 98 -104.22 1.89 8.98
CA ALA EB 98 -104.62 1.26 10.23
C ALA EB 98 -104.11 2.08 11.40
N LYS EB 99 -104.99 2.40 12.34
CA LYS EB 99 -104.64 3.23 13.49
C LYS EB 99 -104.91 2.49 14.79
N PRO EB 100 -104.15 2.80 15.84
CA PRO EB 100 -104.33 2.11 17.11
C PRO EB 100 -105.51 2.67 17.89
N LEU EB 101 -106.10 1.81 18.72
CA LEU EB 101 -107.19 2.21 19.59
C LEU EB 101 -106.68 3.15 20.68
N LYS EB 102 -107.50 4.12 21.06
CA LYS EB 102 -107.12 5.17 22.00
C LYS EB 102 -107.83 4.98 23.33
N ILE EB 103 -107.08 5.13 24.43
CA ILE EB 103 -107.61 5.06 25.79
C ILE EB 103 -107.54 6.45 26.40
N TYR EB 104 -108.63 6.88 27.03
CA TYR EB 104 -108.74 8.20 27.65
C TYR EB 104 -108.74 8.04 29.16
N ARG EB 105 -107.71 8.56 29.82
CA ARG EB 105 -107.65 8.50 31.27
C ARG EB 105 -108.71 9.36 31.94
N SER EB 106 -109.20 10.38 31.25
CA SER EB 106 -110.22 11.26 31.84
C SER EB 106 -111.55 10.54 32.04
N ARG EB 107 -111.75 9.39 31.42
CA ARG EB 107 -112.99 8.65 31.53
C ARG EB 107 -112.94 7.57 32.61
N LEU EB 108 -111.81 7.39 33.27
CA LEU EB 108 -111.69 6.35 34.29
C LEU EB 108 -112.25 6.85 35.61
N PRO EB 109 -113.22 6.15 36.21
CA PRO EB 109 -113.65 6.51 37.55
C PRO EB 109 -112.51 6.32 38.55
N LEU EB 110 -112.44 7.21 39.50
CA LEU EB 110 -111.33 7.20 40.44
C LEU EB 110 -111.75 6.61 41.77
N PRO EB 111 -110.82 6.00 42.51
CA PRO EB 111 -111.14 5.58 43.87
C PRO EB 111 -111.50 6.78 44.73
N TYR EB 112 -112.47 6.58 45.61
CA TYR EB 112 -113.03 7.70 46.37
C TYR EB 112 -112.02 8.23 47.37
N ARG EB 113 -111.82 9.55 47.34
CA ARG EB 113 -110.94 10.24 48.28
C ARG EB 113 -111.55 11.60 48.57
N THR EB 114 -111.66 11.94 49.84
CA THR EB 114 -112.28 13.21 50.22
C THR EB 114 -111.36 14.37 49.86
N ASP EB 115 -111.96 15.56 49.78
CA ASP EB 115 -111.18 16.75 49.48
C ASP EB 115 -110.14 17.03 50.55
N GLU EB 116 -110.46 16.71 51.81
CA GLU EB 116 -109.45 16.81 52.86
C GLU EB 116 -108.27 15.90 52.56
N GLU EB 117 -108.53 14.68 52.11
CA GLU EB 117 -107.45 13.75 51.82
C GLU EB 117 -106.63 14.20 50.63
N ILE EB 118 -107.29 14.79 49.62
CA ILE EB 118 -106.58 15.20 48.41
C ILE EB 118 -105.60 16.33 48.71
N SER EB 119 -105.86 17.14 49.73
CA SER EB 119 -104.96 18.24 50.07
C SER EB 119 -103.74 17.80 50.85
N GLN EB 120 -103.65 16.52 51.24
CA GLN EB 120 -102.54 16.01 52.01
C GLN EB 120 -101.54 15.22 51.16
N GLU EB 121 -101.67 15.29 49.83
CA GLU EB 121 -100.80 14.50 48.97
C GLU EB 121 -99.34 14.88 49.14
N LYS EB 122 -99.06 16.18 49.19
CA LYS EB 122 -97.67 16.62 49.35
C LYS EB 122 -97.08 16.14 50.67
N TYR EB 123 -97.87 16.17 51.73
CA TYR EB 123 -97.39 15.71 53.02
C TYR EB 123 -96.99 14.24 52.98
N VAL EB 124 -97.83 13.40 52.38
CA VAL EB 124 -97.54 11.97 52.35
C VAL EB 124 -96.30 11.69 51.51
N ASN EB 125 -96.14 12.40 50.39
CA ASN EB 125 -94.92 12.27 49.60
C ASN EB 125 -93.70 12.69 50.42
N TRP EB 126 -93.85 13.77 51.19
CA TRP EB 126 -92.76 14.23 52.04
C TRP EB 126 -92.37 13.16 53.06
N CYS EB 127 -93.35 12.52 53.68
CA CYS EB 127 -93.05 11.44 54.62
C CYS EB 127 -92.34 10.30 53.92
N GLY EB 128 -92.74 9.98 52.70
CA GLY EB 128 -92.12 8.87 51.99
C GLY EB 128 -90.65 9.12 51.68
N ARG EB 129 -90.31 10.35 51.33
CA ARG EB 129 -88.91 10.67 51.04
C ARG EB 129 -88.06 10.57 52.30
N TRP EB 130 -88.56 11.06 53.42
CA TRP EB 130 -87.82 10.96 54.68
C TRP EB 130 -87.67 9.50 55.11
N TYR EB 131 -88.64 8.66 54.82
CA TYR EB 131 -88.52 7.24 55.12
C TYR EB 131 -87.44 6.59 54.25
N SER EB 132 -87.33 7.01 53.00
CA SER EB 132 -86.30 6.46 52.12
C SER EB 132 -84.92 6.98 52.50
N TYR EB 133 -84.84 8.23 52.96
CA TYR EB 133 -83.57 8.78 53.44
C TYR EB 133 -83.10 8.04 54.68
N ARG EB 134 -84.00 7.81 55.63
CA ARG EB 134 -83.65 7.10 56.85
C ARG EB 134 -83.31 5.64 56.57
N GLN EB 135 -84.01 5.03 55.61
CA GLN EB 135 -83.70 3.66 55.24
C GLN EB 135 -82.28 3.54 54.70
N ARG EB 136 -81.94 4.41 53.75
CA ARG EB 136 -80.65 4.31 53.09
C ARG EB 136 -79.50 4.52 54.06
N LEU EB 137 -79.64 5.51 54.94
CA LEU EB 137 -78.58 5.77 55.92
C LEU EB 137 -78.43 4.59 56.88
N GLN EB 138 -79.54 4.02 57.34
CA GLN EB 138 -79.48 2.90 58.27
C GLN EB 138 -78.77 1.70 57.65
N GLY EB 139 -78.91 1.51 56.34
CA GLY EB 139 -78.24 0.41 55.69
C GLY EB 139 -76.73 0.47 55.88
N ASP EB 140 -76.16 1.65 55.68
CA ASP EB 140 -74.72 1.84 55.92
C ASP EB 140 -74.38 1.61 57.38
N TYR EB 141 -75.20 2.15 58.29
CA TYR EB 141 -74.93 2.01 59.72
C TYR EB 141 -74.95 0.55 60.14
N TYR EB 142 -75.99 -0.18 59.74
CA TYR EB 142 -76.09 -1.59 60.13
C TYR EB 142 -75.01 -2.44 59.51
N SER EB 143 -74.72 -2.22 58.23
CA SER EB 143 -73.69 -3.02 57.57
C SER EB 143 -72.37 -2.90 58.32
N ARG EB 144 -72.03 -1.69 58.75
CA ARG EB 144 -70.78 -1.50 59.50
C ARG EB 144 -70.82 -2.21 60.85
N HIS EB 145 -71.94 -2.17 61.55
CA HIS EB 145 -72.01 -2.73 62.89
C HIS EB 145 -71.89 -4.24 62.88
N TYR EB 146 -72.68 -4.90 62.02
CA TYR EB 146 -72.78 -6.35 62.10
C TYR EB 146 -71.59 -7.04 61.44
N PHE EB 147 -71.11 -6.52 60.31
CA PHE EB 147 -69.93 -7.09 59.70
C PHE EB 147 -68.70 -6.91 60.60
N ARG EB 148 -68.66 -5.81 61.36
CA ARG EB 148 -67.62 -5.66 62.38
C ARG EB 148 -67.79 -6.68 63.50
N ASP EB 149 -69.03 -6.94 63.91
CA ASP EB 149 -69.26 -7.93 64.97
C ASP EB 149 -68.75 -9.30 64.55
N TRP EB 150 -68.96 -9.67 63.28
CA TRP EB 150 -68.53 -10.98 62.81
C TRP EB 150 -67.06 -11.22 63.13
N LEU EB 151 -66.28 -10.15 63.25
CA LEU EB 151 -64.88 -10.28 63.65
C LEU EB 151 -64.75 -10.84 65.06
N ILE EB 152 -65.64 -10.45 65.96
CA ILE EB 152 -65.63 -11.02 67.31
C ILE EB 152 -65.77 -12.54 67.23
N GLY EB 153 -66.62 -13.01 66.32
CA GLY EB 153 -66.77 -14.45 66.13
C GLY EB 153 -65.51 -15.09 65.59
N VAL EB 154 -64.82 -14.42 64.67
CA VAL EB 154 -63.55 -14.94 64.17
C VAL EB 154 -62.56 -15.07 65.32
N MET EB 155 -62.47 -14.03 66.16
CA MET EB 155 -61.52 -14.07 67.26
C MET EB 155 -61.90 -15.09 68.31
N LEU EB 156 -63.21 -15.24 68.57
CA LEU EB 156 -63.65 -16.26 69.50
C LEU EB 156 -63.40 -17.66 68.95
N GLY EB 157 -63.59 -17.84 67.64
CA GLY EB 157 -63.30 -19.12 67.02
C GLY EB 157 -61.82 -19.39 66.88
N MET EB 158 -60.99 -18.34 66.86
CA MET EB 158 -59.55 -18.54 66.85
C MET EB 158 -59.01 -18.88 68.23
N TYR EB 159 -59.63 -18.33 69.29
CA TYR EB 159 -59.21 -18.69 70.64
C TYR EB 159 -59.58 -20.13 70.96
N LEU EB 160 -60.81 -20.52 70.67
CA LEU EB 160 -61.25 -21.88 70.98
C LEU EB 160 -60.50 -22.89 70.14
N GLY EB 161 -60.21 -22.58 68.88
CA GLY EB 161 -59.41 -23.46 68.07
C GLY EB 161 -57.99 -23.61 68.61
N ASN EB 162 -57.41 -22.52 69.09
CA ASN EB 162 -56.05 -22.58 69.61
C ASN EB 162 -55.95 -23.48 70.83
N LEU EB 163 -57.05 -23.64 71.58
CA LEU EB 163 -57.04 -24.55 72.72
C LEU EB 163 -56.75 -25.97 72.27
N CYS EB 164 -57.36 -26.39 71.16
CA CYS EB 164 -57.12 -27.73 70.65
C CYS EB 164 -55.75 -27.84 69.99
N VAL EB 165 -55.23 -26.74 69.46
CA VAL EB 165 -53.86 -26.77 68.95
C VAL EB 165 -52.88 -27.07 70.07
N GLN EB 166 -53.08 -26.43 71.23
CA GLN EB 166 -52.19 -26.68 72.35
C GLN EB 166 -52.31 -28.12 72.86
N GLN EB 167 -53.53 -28.64 72.92
CA GLN EB 167 -53.70 -30.03 73.32
C GLN EB 167 -53.01 -30.96 72.33
N HIS EB 168 -53.17 -30.70 71.04
CA HIS EB 168 -52.49 -31.51 70.03
C HIS EB 168 -50.99 -31.38 70.15
N ARG EB 169 -50.50 -30.17 70.43
CA ARG EB 169 -49.06 -29.96 70.59
C ARG EB 169 -48.51 -30.80 71.74
N GLN EB 170 -49.19 -30.78 72.88
CA GLN EB 170 -48.75 -31.59 74.01
C GLN EB 170 -48.89 -33.07 73.71
N TYR EB 171 -49.91 -33.46 72.95
CA TYR EB 171 -50.10 -34.86 72.61
C TYR EB 171 -48.90 -35.40 71.84
N ARG EB 172 -48.41 -34.63 70.86
CA ARG EB 172 -47.27 -35.09 70.06
C ARG EB 172 -46.01 -35.22 70.90
N VAL EB 173 -45.80 -34.29 71.84
CA VAL EB 173 -44.66 -34.41 72.75
C VAL EB 173 -44.75 -35.70 73.55
N ASP EB 174 -45.94 -36.00 74.07
CA ASP EB 174 -46.12 -37.22 74.85
C ASP EB 174 -45.85 -38.45 74.01
N MET EB 175 -46.35 -38.46 72.77
CA MET EB 175 -46.19 -39.63 71.91
C MET EB 175 -44.72 -39.91 71.64
N LYS EB 176 -43.92 -38.84 71.44
CA LYS EB 176 -42.50 -39.02 71.19
C LYS EB 176 -41.77 -39.66 72.36
N LEU EB 177 -42.30 -39.52 73.57
CA LEU EB 177 -41.67 -40.10 74.74
C LEU EB 177 -42.18 -41.48 75.10
N PHE EB 178 -43.21 -41.98 74.41
CA PHE EB 178 -43.76 -43.28 74.76
C PHE EB 178 -42.76 -44.39 74.49
N TYR EB 179 -42.36 -44.53 73.23
CA TYR EB 179 -41.45 -45.60 72.85
C TYR EB 179 -40.04 -45.40 73.38
N LEU EB 180 -39.74 -44.22 73.93
CA LEU EB 180 -38.40 -43.89 74.39
C LEU EB 180 -38.23 -44.02 75.90
N GLU EB 181 -39.23 -43.62 76.68
CA GLU EB 181 -39.10 -43.56 78.13
C GLU EB 181 -40.27 -44.16 78.90
N ALA EB 182 -41.45 -44.26 78.31
CA ALA EB 182 -42.63 -44.66 79.06
C ALA EB 182 -42.51 -46.10 79.53
N PRO EB 183 -42.65 -46.37 80.83
CA PRO EB 183 -42.66 -47.77 81.29
C PRO EB 183 -43.86 -48.56 80.80
N GLU EB 184 -44.91 -47.88 80.34
CA GLU EB 184 -46.05 -48.59 79.77
C GLU EB 184 -45.65 -49.38 78.54
N HIS EB 185 -44.65 -48.92 77.80
CA HIS EB 185 -44.17 -49.63 76.63
C HIS EB 185 -43.35 -50.83 77.06
N LYS EB 186 -43.79 -52.02 76.66
CA LYS EB 186 -43.17 -53.26 77.06
C LYS EB 186 -42.83 -54.07 75.82
N ILE EB 187 -41.67 -54.72 75.84
CA ILE EB 187 -41.20 -55.56 74.75
C ILE EB 187 -40.85 -56.92 75.35
N ASN EB 188 -40.83 -57.94 74.49
CA ASN EB 188 -40.63 -59.31 74.93
C ASN EB 188 -41.60 -59.66 76.06
N TRP EB 189 -42.86 -59.28 75.86
CA TRP EB 189 -43.90 -59.38 76.88
C TRP EB 189 -45.07 -60.24 76.43
N VAL EB 190 -45.64 -59.96 75.27
CA VAL EB 190 -46.81 -60.69 74.79
C VAL EB 190 -46.36 -62.03 74.22
N LYS EB 191 -46.98 -63.10 74.70
CA LYS EB 191 -46.70 -64.44 74.20
C LYS EB 191 -47.90 -64.97 73.43
N PRO EB 192 -47.69 -65.71 72.36
CA PRO EB 192 -48.83 -66.25 71.61
C PRO EB 192 -49.69 -67.14 72.50
N ARG EB 193 -51.01 -66.99 72.34
CA ARG EB 193 -51.94 -67.80 73.13
C ARG EB 193 -51.96 -69.24 72.63
N GLY EB 194 -51.97 -69.43 71.32
CA GLY EB 194 -52.15 -70.75 70.74
C GLY EB 194 -53.62 -71.05 70.48
N ASP EB 195 -53.83 -72.02 69.59
CA ASP EB 195 -55.19 -72.42 69.25
C ASP EB 195 -55.89 -73.01 70.47
N LEU EB 196 -57.17 -72.70 70.62
CA LEU EB 196 -57.96 -73.24 71.72
C LEU EB 196 -58.29 -74.71 71.47
N GLY FB 1 -133.86 -49.90 26.41
CA GLY FB 1 -134.75 -49.07 27.21
C GLY FB 1 -135.39 -47.95 26.40
N CYS FB 2 -134.58 -47.01 25.95
CA CYS FB 2 -135.08 -45.89 25.18
C CYS FB 2 -135.27 -46.27 23.73
N GLU FB 3 -136.02 -45.43 23.01
CA GLU FB 3 -136.30 -45.71 21.60
C GLU FB 3 -135.02 -45.75 20.78
N ALA FB 4 -134.05 -44.89 21.11
CA ALA FB 4 -132.82 -44.83 20.33
C ALA FB 4 -132.10 -46.18 20.32
N VAL FB 5 -132.01 -46.81 21.48
CA VAL FB 5 -131.37 -48.13 21.56
C VAL FB 5 -132.20 -49.15 20.81
N LYS FB 6 -133.52 -49.07 20.91
CA LYS FB 6 -134.38 -50.03 20.22
C LYS FB 6 -134.27 -49.87 18.71
N ASN FB 7 -134.18 -48.65 18.22
CA ASN FB 7 -134.10 -48.35 16.79
C ASN FB 7 -132.93 -47.42 16.54
N PRO FB 8 -131.71 -47.97 16.45
CA PRO FB 8 -130.53 -47.12 16.25
C PRO FB 8 -130.61 -46.37 14.92
N LEU FB 9 -130.31 -45.08 14.97
CA LEU FB 9 -130.33 -44.23 13.79
C LEU FB 9 -129.22 -43.19 13.91
N ILE FB 10 -128.83 -42.63 12.77
CA ILE FB 10 -127.79 -41.62 12.69
C ILE FB 10 -128.44 -40.34 12.18
N GLY FB 11 -128.56 -39.34 13.06
CA GLY FB 11 -129.02 -38.02 12.67
C GLY FB 11 -130.47 -37.92 12.26
N GLY FB 12 -131.36 -38.47 13.08
CA GLY FB 12 -132.79 -38.38 12.82
C GLY FB 12 -133.43 -37.23 13.56
N PRO FB 13 -134.72 -37.02 13.33
CA PRO FB 13 -135.48 -36.04 14.12
C PRO FB 13 -135.84 -36.60 15.49
N ASN FB 14 -136.29 -35.70 16.35
CA ASN FB 14 -136.73 -36.06 17.71
C ASN FB 14 -135.64 -36.79 18.49
N GLN FB 15 -134.39 -36.34 18.37
CA GLN FB 15 -133.31 -37.02 19.07
C GLN FB 15 -133.50 -36.94 20.59
N LYS FB 16 -133.88 -35.76 21.09
CA LYS FB 16 -134.05 -35.62 22.53
C LYS FB 16 -135.14 -36.53 23.06
N ALA FB 17 -136.26 -36.63 22.35
CA ALA FB 17 -137.34 -37.51 22.78
C ALA FB 17 -136.88 -38.96 22.75
N ARG FB 18 -136.11 -39.35 21.74
CA ARG FB 18 -135.61 -40.73 21.66
C ARG FB 18 -134.72 -41.07 22.84
N GLY FB 19 -134.05 -40.07 23.43
CA GLY FB 19 -133.43 -40.21 24.72
C GLY FB 19 -131.93 -40.42 24.71
N ALA FB 20 -131.34 -40.77 23.57
CA ALA FB 20 -129.91 -41.00 23.51
C ALA FB 20 -129.43 -40.88 22.09
N ILE FB 21 -128.11 -40.71 21.96
CA ILE FB 21 -127.43 -40.67 20.66
C ILE FB 21 -126.51 -41.89 20.63
N THR FB 22 -126.81 -42.84 19.75
CA THR FB 22 -126.10 -44.10 19.71
C THR FB 22 -124.97 -44.12 18.70
N SER FB 23 -124.80 -43.08 17.90
CA SER FB 23 -123.82 -43.05 16.83
C SER FB 23 -122.75 -42.01 17.14
N GLY FB 24 -121.49 -42.43 17.04
CA GLY FB 24 -120.38 -41.53 17.17
C GLY FB 24 -120.03 -40.78 15.92
N PHE FB 25 -120.74 -41.02 14.82
CA PHE FB 25 -120.48 -40.34 13.57
C PHE FB 25 -120.85 -38.86 13.71
N ALA FB 26 -119.91 -37.99 13.34
CA ALA FB 26 -120.09 -36.55 13.45
C ALA FB 26 -119.77 -35.90 12.13
N GLY FB 27 -120.65 -35.02 11.67
CA GLY FB 27 -120.47 -34.32 10.42
C GLY FB 27 -121.36 -34.86 9.31
N GLY FB 28 -121.04 -34.42 8.11
CA GLY FB 28 -121.80 -34.71 6.92
C GLY FB 28 -121.89 -33.47 6.06
N GLY FB 29 -122.84 -33.46 5.14
CA GLY FB 29 -123.03 -32.34 4.25
C GLY FB 29 -122.41 -32.52 2.89
N ALA FB 30 -121.74 -33.64 2.63
CA ALA FB 30 -121.20 -33.91 1.32
C ALA FB 30 -122.33 -33.97 0.29
N LYS FB 31 -122.05 -33.46 -0.91
CA LYS FB 31 -123.01 -33.52 -2.00
C LYS FB 31 -122.94 -34.83 -2.77
N ARG FB 32 -121.85 -35.58 -2.61
CA ARG FB 32 -121.66 -36.89 -3.22
C ARG FB 32 -121.01 -37.82 -2.22
N LEU FB 33 -121.01 -39.11 -2.54
CA LEU FB 33 -120.36 -40.08 -1.68
C LEU FB 33 -118.85 -39.93 -1.78
N GLY FB 34 -118.18 -39.86 -0.62
CA GLY FB 34 -116.76 -39.63 -0.57
C GLY FB 34 -116.34 -38.20 -0.81
N GLY FB 35 -117.28 -37.26 -0.85
CA GLY FB 35 -116.99 -35.89 -1.20
C GLY FB 35 -116.63 -35.02 -0.01
N LYS FB 36 -116.27 -33.78 -0.32
CA LYS FB 36 -115.92 -32.82 0.72
C LYS FB 36 -117.14 -32.50 1.56
N GLY FB 37 -117.03 -32.72 2.87
CA GLY FB 37 -118.09 -32.43 3.79
C GLY FB 37 -117.58 -31.68 5.00
N TYR FB 38 -118.44 -31.52 6.00
CA TYR FB 38 -118.08 -30.89 7.26
C TYR FB 38 -117.94 -31.95 8.34
N GLY FB 39 -117.22 -31.61 9.40
CA GLY FB 39 -117.01 -32.53 10.49
C GLY FB 39 -115.98 -33.60 10.14
N ILE FB 40 -115.70 -34.45 11.13
CA ILE FB 40 -114.64 -35.44 11.00
C ILE FB 40 -115.12 -36.74 10.35
N MET FB 41 -116.38 -37.10 10.53
CA MET FB 41 -117.00 -38.22 9.83
C MET FB 41 -116.22 -39.52 10.06
N ALA FB 42 -116.19 -39.94 11.32
CA ALA FB 42 -115.53 -41.18 11.73
C ALA FB 42 -116.53 -42.09 12.40
N ASP FB 43 -116.45 -43.38 12.09
CA ASP FB 43 -117.37 -44.37 12.64
C ASP FB 43 -116.75 -45.76 12.50
N TRP FB 44 -117.36 -46.74 13.17
CA TRP FB 44 -116.90 -48.12 13.05
C TRP FB 44 -117.21 -48.66 11.67
N CYS FB 45 -118.28 -48.17 11.03
CA CYS FB 45 -118.72 -48.69 9.74
C CYS FB 45 -119.07 -47.53 8.81
N ASP FB 46 -119.07 -47.84 7.52
CA ASP FB 46 -119.57 -46.94 6.48
C ASP FB 46 -118.90 -45.56 6.57
N HIS FB 47 -117.57 -45.57 6.46
CA HIS FB 47 -116.82 -44.33 6.46
C HIS FB 47 -115.50 -44.58 5.74
N GLY FB 48 -114.86 -43.49 5.34
CA GLY FB 48 -113.54 -43.59 4.74
C GLY FB 48 -113.60 -44.12 3.33
N TYR FB 49 -112.63 -44.96 3.00
CA TYR FB 49 -112.46 -45.51 1.65
C TYR FB 49 -112.70 -47.01 1.69
N SER FB 50 -113.57 -47.49 0.80
CA SER FB 50 -113.90 -48.90 0.73
C SER FB 50 -112.89 -49.62 -0.16
N PHE FB 51 -112.18 -50.59 0.41
CA PHE FB 51 -111.18 -51.32 -0.36
C PHE FB 51 -111.83 -52.24 -1.38
N THR FB 52 -112.86 -52.97 -0.97
CA THR FB 52 -113.50 -53.91 -1.88
C THR FB 52 -114.13 -53.20 -3.07
N LYS FB 53 -114.83 -52.10 -2.81
CA LYS FB 53 -115.48 -51.35 -3.88
C LYS FB 53 -114.54 -50.35 -4.55
N GLY FB 54 -113.37 -50.10 -3.98
CA GLY FB 54 -112.46 -49.13 -4.55
C GLY FB 54 -113.08 -47.75 -4.68
N GLN FB 55 -113.86 -47.33 -3.69
CA GLN FB 55 -114.59 -46.08 -3.75
C GLN FB 55 -114.51 -45.39 -2.40
N ALA FB 56 -114.62 -44.07 -2.42
CA ALA FB 56 -114.64 -43.29 -1.19
C ALA FB 56 -116.06 -43.23 -0.63
N ILE FB 57 -116.19 -43.47 0.66
CA ILE FB 57 -117.48 -43.39 1.33
C ILE FB 57 -117.70 -42.01 1.93
N THR FB 58 -116.72 -41.50 2.67
CA THR FB 58 -116.74 -40.17 3.23
C THR FB 58 -115.48 -39.42 2.82
N GLY FB 59 -115.57 -38.11 2.82
CA GLY FB 59 -114.44 -37.28 2.46
C GLY FB 59 -113.39 -37.25 3.56
N MET FB 60 -112.30 -36.56 3.26
CA MET FB 60 -111.24 -36.40 4.25
C MET FB 60 -111.78 -35.59 5.43
N PRO FB 61 -111.26 -35.85 6.63
CA PRO FB 61 -111.80 -35.18 7.82
C PRO FB 61 -111.62 -33.67 7.74
N HIS FB 62 -112.61 -32.93 8.26
CA HIS FB 62 -112.59 -31.48 8.36
C HIS FB 62 -112.42 -31.15 9.83
N TRP FB 63 -111.18 -30.87 10.23
CA TRP FB 63 -110.84 -30.79 11.65
C TRP FB 63 -111.40 -29.51 12.26
N PRO FB 64 -111.75 -29.54 13.55
CA PRO FB 64 -112.22 -28.33 14.23
C PRO FB 64 -111.06 -27.49 14.73
N LEU FB 65 -109.99 -27.42 13.93
CA LEU FB 65 -108.75 -26.73 14.26
C LEU FB 65 -108.49 -25.66 13.19
N TRP FB 66 -107.27 -25.12 13.17
CA TRP FB 66 -106.96 -24.06 12.17
C TRP FB 66 -107.24 -24.49 10.77
N CYS FB 67 -106.98 -25.75 10.43
CA CYS FB 67 -107.13 -26.20 9.04
C CYS FB 67 -108.57 -26.24 8.59
N GLY FB 68 -109.52 -26.26 9.52
CA GLY FB 68 -110.93 -26.27 9.19
C GLY FB 68 -111.73 -25.28 10.00
N GLY FB 69 -112.80 -25.74 10.65
CA GLY FB 69 -113.68 -24.85 11.39
C GLY FB 69 -114.89 -25.61 11.89
N GLY FB 70 -115.93 -24.84 12.22
CA GLY FB 70 -117.15 -25.44 12.73
C GLY FB 70 -117.99 -26.11 11.66
N VAL FB 71 -118.98 -26.86 12.12
CA VAL FB 71 -119.90 -27.58 11.25
C VAL FB 71 -121.20 -26.79 11.19
N PRO FB 72 -121.78 -26.59 10.00
CA PRO FB 72 -123.08 -25.91 9.93
C PRO FB 72 -124.16 -26.69 10.67
N ASP FB 73 -125.12 -25.96 11.22
CA ASP FB 73 -126.17 -26.59 12.01
C ASP FB 73 -127.00 -27.55 11.17
N LYS FB 74 -127.12 -27.31 9.87
CA LYS FB 74 -127.90 -28.20 9.02
C LYS FB 74 -127.41 -29.64 9.09
N PHE FB 75 -126.15 -29.85 9.44
CA PHE FB 75 -125.52 -31.17 9.34
C PHE FB 75 -124.95 -31.66 10.65
N ILE FB 76 -125.31 -31.05 11.78
CA ILE FB 76 -124.86 -31.53 13.08
C ILE FB 76 -125.74 -32.70 13.50
N LYS FB 77 -125.11 -33.78 13.96
CA LYS FB 77 -125.83 -34.98 14.35
C LYS FB 77 -125.64 -35.38 15.80
N ILE FB 78 -124.61 -34.86 16.48
CA ILE FB 78 -124.43 -35.15 17.90
C ILE FB 78 -124.74 -33.88 18.69
N ASP FB 79 -125.98 -33.75 19.13
CA ASP FB 79 -126.39 -32.58 19.88
C ASP FB 79 -125.82 -32.67 21.30
N PRO FB 80 -125.03 -31.71 21.76
CA PRO FB 80 -124.46 -31.81 23.11
C PRO FB 80 -125.51 -31.88 24.20
N ASP FB 81 -126.68 -31.26 24.01
CA ASP FB 81 -127.72 -31.34 25.03
C ASP FB 81 -128.15 -32.78 25.26
N VAL FB 82 -128.29 -33.55 24.18
CA VAL FB 82 -128.66 -34.96 24.31
C VAL FB 82 -127.44 -35.83 24.52
N HIS FB 83 -126.32 -35.48 23.90
CA HIS FB 83 -125.09 -36.27 24.05
C HIS FB 83 -124.64 -36.29 25.50
N PHE FB 84 -124.68 -35.14 26.17
CA PHE FB 84 -124.39 -35.06 27.59
C PHE FB 84 -125.69 -35.22 28.37
N ASN FB 85 -125.69 -34.84 29.65
CA ASN FB 85 -126.82 -35.09 30.54
C ASN FB 85 -127.03 -36.60 30.71
N LEU FB 86 -126.00 -37.25 31.25
CA LEU FB 86 -125.97 -38.69 31.42
C LEU FB 86 -126.77 -39.17 32.63
N GLN FB 87 -127.63 -38.33 33.19
CA GLN FB 87 -128.43 -38.74 34.34
C GLN FB 87 -129.24 -39.98 34.00
N GLY FB 88 -128.98 -41.07 34.70
CA GLY FB 88 -129.71 -42.30 34.45
C GLY FB 88 -129.58 -42.82 33.04
N TYR FB 89 -128.38 -42.75 32.48
CA TYR FB 89 -128.17 -43.23 31.11
C TYR FB 89 -128.17 -44.75 31.07
N ARG FB 90 -127.74 -45.40 32.16
CA ARG FB 90 -127.66 -46.86 32.16
C ARG FB 90 -129.04 -47.47 32.01
N GLU FB 91 -130.06 -46.85 32.60
CA GLU FB 91 -131.42 -47.35 32.45
C GLU FB 91 -131.91 -47.15 31.02
N ARG FB 92 -131.48 -46.08 30.36
CA ARG FB 92 -131.91 -45.82 28.99
C ARG FB 92 -131.26 -46.79 28.01
N ILE FB 93 -130.04 -47.25 28.30
CA ILE FB 93 -129.32 -48.09 27.35
C ILE FB 93 -129.40 -49.58 27.70
N GLY FB 94 -129.67 -49.92 28.94
CA GLY FB 94 -129.73 -51.32 29.34
C GLY FB 94 -128.34 -51.91 29.49
N TRP FB 95 -128.33 -53.20 29.81
CA TRP FB 95 -127.05 -53.88 30.03
C TRP FB 95 -126.33 -54.14 28.72
N TYR FB 96 -127.04 -54.59 27.69
CA TYR FB 96 -126.40 -54.81 26.40
C TYR FB 96 -125.91 -53.50 25.81
N GLY FB 97 -126.67 -52.42 26.01
CA GLY FB 97 -126.20 -51.11 25.58
C GLY FB 97 -124.94 -50.68 26.31
N PHE FB 98 -124.85 -50.99 27.59
CA PHE FB 98 -123.62 -50.69 28.35
C PHE FB 98 -122.44 -51.43 27.77
N PHE FB 99 -122.62 -52.70 27.43
CA PHE FB 99 -121.57 -53.47 26.77
C PHE FB 99 -121.23 -52.90 25.41
N THR FB 100 -122.25 -52.48 24.66
CA THR FB 100 -122.00 -51.86 23.36
C THR FB 100 -121.22 -50.56 23.51
N ALA FB 101 -121.61 -49.73 24.47
CA ALA FB 101 -120.94 -48.44 24.66
C ALA FB 101 -119.48 -48.64 25.05
N PHE FB 102 -119.21 -49.60 25.93
CA PHE FB 102 -117.83 -49.88 26.32
C PHE FB 102 -117.00 -50.30 25.11
N LEU FB 103 -117.57 -51.18 24.29
CA LEU FB 103 -116.86 -51.66 23.10
C LEU FB 103 -116.62 -50.52 22.12
N GLN FB 104 -117.57 -49.57 22.06
CA GLN FB 104 -117.51 -48.49 21.08
C GLN FB 104 -116.60 -47.37 21.59
N ALA FB 105 -116.37 -47.32 22.90
CA ALA FB 105 -115.46 -46.34 23.47
C ALA FB 105 -114.01 -46.62 23.13
N ASN FB 106 -113.70 -47.82 22.66
CA ASN FB 106 -112.33 -48.24 22.39
C ASN FB 106 -112.05 -48.34 20.90
N TYR FB 107 -112.69 -47.49 20.09
CA TYR FB 107 -112.42 -47.46 18.66
C TYR FB 107 -110.98 -47.03 18.38
N HIS FB 108 -110.50 -46.05 19.15
CA HIS FB 108 -109.12 -45.58 18.98
C HIS FB 108 -108.13 -46.71 19.23
N ALA FB 109 -108.35 -47.47 20.30
CA ALA FB 109 -107.49 -48.61 20.60
C ALA FB 109 -107.64 -49.70 19.55
N PHE FB 110 -108.85 -49.89 19.02
CA PHE FB 110 -109.07 -50.87 17.96
C PHE FB 110 -108.37 -50.45 16.67
N VAL FB 111 -108.44 -49.17 16.32
CA VAL FB 111 -107.76 -48.69 15.13
C VAL FB 111 -106.27 -48.97 15.22
N TYR FB 112 -105.68 -48.77 16.40
CA TYR FB 112 -104.26 -49.02 16.56
C TYR FB 112 -103.94 -50.50 16.37
N PHE FB 113 -104.71 -51.38 17.02
CA PHE FB 113 -104.41 -52.80 16.95
C PHE FB 113 -104.54 -53.34 15.53
N VAL FB 114 -105.43 -52.75 14.73
CA VAL FB 114 -105.57 -53.17 13.34
C VAL FB 114 -104.33 -52.80 12.54
N ARG FB 115 -103.64 -51.72 12.93
CA ARG FB 115 -102.44 -51.29 12.22
C ARG FB 115 -101.17 -51.90 12.78
N PHE FB 116 -101.20 -52.39 14.03
CA PHE FB 116 -100.02 -52.88 14.72
C PHE FB 116 -99.83 -54.40 14.59
N ILE FB 117 -100.93 -55.15 14.59
CA ILE FB 117 -100.82 -56.60 14.62
C ILE FB 117 -100.12 -57.15 13.38
N PRO FB 118 -100.42 -56.71 12.15
CA PRO FB 118 -99.86 -57.40 10.98
C PRO FB 118 -98.36 -57.55 10.99
N ILE FB 119 -97.61 -56.50 11.30
CA ILE FB 119 -96.16 -56.59 11.30
C ILE FB 119 -95.69 -57.61 12.33
N ASN FB 120 -96.36 -57.66 13.48
CA ASN FB 120 -95.97 -58.61 14.52
C ASN FB 120 -96.26 -60.04 14.09
N ILE FB 121 -97.33 -60.27 13.34
CA ILE FB 121 -97.57 -61.60 12.78
C ILE FB 121 -96.42 -62.01 11.88
N ALA FB 122 -95.94 -61.07 11.05
CA ALA FB 122 -94.83 -61.38 10.15
C ALA FB 122 -93.59 -61.76 10.93
N ILE FB 123 -93.29 -61.03 11.99
CA ILE FB 123 -92.13 -61.36 12.83
C ILE FB 123 -92.31 -62.74 13.44
N PHE FB 124 -93.52 -63.05 13.90
CA PHE FB 124 -93.76 -64.37 14.48
C PHE FB 124 -93.61 -65.48 13.45
N TRP FB 125 -93.93 -65.19 12.19
CA TRP FB 125 -93.75 -66.21 11.15
C TRP FB 125 -92.28 -66.56 10.98
N ILE FB 126 -91.39 -65.57 11.13
CA ILE FB 126 -89.96 -65.87 11.05
C ILE FB 126 -89.57 -66.89 12.10
N TYR FB 127 -90.05 -66.69 13.34
CA TYR FB 127 -89.70 -67.61 14.42
C TYR FB 127 -90.25 -69.01 14.17
N VAL FB 128 -91.53 -69.10 13.82
CA VAL FB 128 -92.15 -70.41 13.65
C VAL FB 128 -91.48 -71.17 12.53
N ASN FB 129 -91.23 -70.50 11.40
CA ASN FB 129 -90.61 -71.16 10.28
C ASN FB 129 -89.22 -71.69 10.62
N GLU FB 130 -88.49 -70.98 11.48
CA GLU FB 130 -87.17 -71.45 11.87
C GLU FB 130 -87.24 -72.53 12.93
N ARG FB 131 -88.17 -72.44 13.87
CA ARG FB 131 -88.24 -73.41 14.95
C ARG FB 131 -88.48 -74.82 14.42
N GLN FB 132 -89.21 -74.95 13.31
CA GLN FB 132 -89.49 -76.28 12.79
C GLN FB 132 -88.21 -76.98 12.34
N ARG FB 133 -87.27 -76.23 11.81
CA ARG FB 133 -86.07 -76.84 11.24
C ARG FB 133 -85.15 -77.36 12.33
N GLU FB 134 -84.45 -78.44 12.01
CA GLU FB 134 -83.45 -78.97 12.92
C GLU FB 134 -82.36 -77.93 13.17
N PRO FB 135 -81.77 -77.92 14.35
CA PRO FB 135 -80.70 -76.95 14.63
C PRO FB 135 -79.47 -77.21 13.75
N GLN FB 136 -78.83 -76.12 13.30
CA GLN FB 136 -77.57 -76.29 12.60
C GLN FB 136 -76.51 -76.74 13.59
N GLU FB 137 -75.42 -77.31 13.08
CA GLU FB 137 -74.36 -77.80 13.97
C GLU FB 137 -73.48 -76.62 14.35
N ASN FB 138 -73.77 -76.00 15.49
CA ASN FB 138 -73.04 -74.82 15.91
C ASN FB 138 -71.58 -75.16 16.20
N VAL FB 139 -71.32 -76.27 16.87
CA VAL FB 139 -69.99 -76.63 17.33
C VAL FB 139 -69.66 -78.07 16.95
N MET FB 140 -68.36 -78.33 16.82
CA MET FB 140 -67.80 -79.67 16.62
C MET FB 140 -66.69 -79.90 17.63
N ASP FB 141 -66.03 -81.05 17.54
CA ASP FB 141 -64.92 -81.35 18.45
C ASP FB 141 -63.81 -80.31 18.31
N HIS FB 142 -63.28 -79.87 19.44
CA HIS FB 142 -62.23 -78.87 19.42
C HIS FB 142 -61.01 -79.38 18.68
N GLU FB 143 -60.61 -80.62 18.95
CA GLU FB 143 -59.39 -81.13 18.35
C GLU FB 143 -59.55 -81.33 16.85
N GLU FB 144 -60.62 -82.02 16.44
CA GLU FB 144 -60.80 -82.32 15.03
C GLU FB 144 -60.91 -81.05 14.21
N PHE FB 145 -61.47 -79.98 14.78
CA PHE FB 145 -61.57 -78.73 14.06
C PHE FB 145 -60.20 -78.19 13.68
N PHE FB 146 -59.26 -78.21 14.64
CA PHE FB 146 -57.95 -77.63 14.39
C PHE FB 146 -57.07 -78.53 13.53
N ARG FB 147 -57.38 -79.82 13.44
CA ARG FB 147 -56.65 -80.69 12.54
C ARG FB 147 -57.08 -80.53 11.09
N ASP FB 148 -58.23 -79.92 10.84
CA ASP FB 148 -58.70 -79.61 9.50
C ASP FB 148 -59.20 -78.17 9.44
N PHE FB 149 -58.42 -77.26 10.03
CA PHE FB 149 -58.86 -75.88 10.20
C PHE FB 149 -59.21 -75.24 8.85
N ASP FB 150 -58.33 -75.36 7.87
CA ASP FB 150 -58.50 -74.63 6.62
C ASP FB 150 -59.76 -75.06 5.91
N SER FB 151 -59.99 -76.37 5.79
CA SER FB 151 -61.18 -76.85 5.10
C SER FB 151 -62.44 -76.34 5.76
N ILE FB 152 -62.53 -76.50 7.09
CA ILE FB 152 -63.74 -76.13 7.80
C ILE FB 152 -63.89 -74.61 7.88
N TYR FB 153 -62.82 -73.91 8.27
CA TYR FB 153 -62.92 -72.48 8.52
C TYR FB 153 -63.12 -71.69 7.24
N LEU FB 154 -62.57 -72.16 6.12
CA LEU FB 154 -62.60 -71.41 4.87
C LEU FB 154 -63.39 -72.11 3.77
N GLY FB 155 -63.94 -73.29 4.03
CA GLY FB 155 -64.64 -74.02 2.97
C GLY FB 155 -65.80 -73.24 2.40
N GLN FB 156 -66.50 -72.49 3.25
CA GLN FB 156 -67.70 -71.78 2.81
C GLN FB 156 -67.37 -70.74 1.74
N VAL FB 157 -66.32 -69.96 1.96
CA VAL FB 157 -66.01 -68.87 1.04
C VAL FB 157 -65.53 -69.42 -0.30
N PHE FB 158 -64.77 -70.52 -0.28
CA PHE FB 158 -64.23 -71.05 -1.52
C PHE FB 158 -65.31 -71.72 -2.36
N ASP FB 159 -66.17 -72.54 -1.76
CA ASP FB 159 -67.27 -73.16 -2.49
C ASP FB 159 -68.45 -73.36 -1.54
N HIS FB 160 -69.46 -72.49 -1.66
CA HIS FB 160 -70.57 -72.51 -0.72
C HIS FB 160 -71.55 -73.64 -1.00
N HIS FB 161 -71.72 -74.06 -2.26
CA HIS FB 161 -72.68 -75.13 -2.54
C HIS FB 161 -72.20 -76.46 -2.00
N ARG FB 162 -70.92 -76.78 -2.19
CA ARG FB 162 -70.39 -78.03 -1.66
C ARG FB 162 -70.29 -77.98 -0.14
N PHE FB 163 -69.98 -76.81 0.42
CA PHE FB 163 -69.96 -76.67 1.86
C PHE FB 163 -71.34 -76.88 2.44
N ALA FB 164 -72.36 -76.37 1.76
CA ALA FB 164 -73.73 -76.57 2.20
C ALA FB 164 -74.11 -78.04 2.17
N GLU FB 165 -73.71 -78.75 1.12
CA GLU FB 165 -74.01 -80.17 1.04
C GLU FB 165 -73.28 -80.96 2.11
N TRP FB 166 -72.02 -80.62 2.36
CA TRP FB 166 -71.26 -81.27 3.41
C TRP FB 166 -71.91 -81.07 4.77
N LEU FB 167 -72.36 -79.85 5.04
CA LEU FB 167 -73.05 -79.58 6.30
C LEU FB 167 -74.31 -80.43 6.44
N ALA FB 168 -75.08 -80.53 5.35
CA ALA FB 168 -76.31 -81.31 5.41
C ALA FB 168 -76.04 -82.77 5.75
N ARG FB 169 -75.01 -83.35 5.14
CA ARG FB 169 -74.68 -84.74 5.42
C ARG FB 169 -74.24 -84.93 6.86
N ARG FB 170 -73.55 -83.94 7.43
CA ARG FB 170 -73.16 -84.04 8.82
C ARG FB 170 -74.38 -83.95 9.74
N ARG FB 171 -75.34 -83.09 9.40
CA ARG FB 171 -76.57 -83.04 10.17
C ARG FB 171 -77.32 -84.37 10.09
N ALA FB 172 -77.33 -84.98 8.91
CA ALA FB 172 -77.98 -86.28 8.76
C ALA FB 172 -77.27 -87.35 9.57
N VAL FB 173 -75.97 -87.20 9.80
CA VAL FB 173 -75.26 -88.17 10.62
C VAL FB 173 -75.44 -87.87 12.10
N LYS FB 174 -75.55 -86.59 12.47
CA LYS FB 174 -75.64 -86.23 13.88
C LYS FB 174 -77.00 -86.56 14.46
N TRP FB 175 -78.03 -86.63 13.62
CA TRP FB 175 -79.39 -86.88 14.09
C TRP FB 175 -79.96 -88.19 13.54
N GLY FB 176 -79.12 -89.04 12.96
CA GLY FB 176 -79.53 -90.39 12.64
C GLY FB 176 -80.69 -90.50 11.67
N TYR FB 177 -80.69 -89.70 10.60
CA TYR FB 177 -81.66 -89.84 9.54
C TYR FB 177 -80.98 -89.93 8.17
N ALA FB 178 -79.71 -90.33 8.15
CA ALA FB 178 -78.94 -90.35 6.91
C ALA FB 178 -79.50 -91.36 5.92
N ASP FB 179 -79.97 -92.51 6.41
CA ASP FB 179 -80.52 -93.55 5.54
C ASP FB 179 -81.96 -93.29 5.16
N GLN FB 180 -82.57 -92.23 5.70
CA GLN FB 180 -83.96 -91.89 5.40
C GLN FB 180 -84.09 -90.69 4.48
N ILE FB 181 -82.98 -90.04 4.15
CA ILE FB 181 -82.98 -88.86 3.29
C ILE FB 181 -82.02 -89.11 2.14
N HIS FB 182 -82.32 -88.52 0.98
CA HIS FB 182 -81.43 -88.54 -0.16
C HIS FB 182 -80.95 -87.11 -0.38
N ILE FB 183 -79.67 -86.88 -0.10
CA ILE FB 183 -79.14 -85.51 -0.18
C ILE FB 183 -78.83 -85.20 -1.64
N PRO FB 184 -79.43 -84.17 -2.21
CA PRO FB 184 -79.25 -83.90 -3.64
C PRO FB 184 -77.80 -83.71 -3.99
N PRO FB 185 -77.35 -84.22 -5.13
CA PRO FB 185 -75.95 -84.06 -5.53
C PRO FB 185 -75.63 -82.62 -5.90
N VAL FB 186 -74.39 -82.22 -5.65
CA VAL FB 186 -73.96 -80.87 -5.97
C VAL FB 186 -73.19 -80.88 -7.30
N ARG GB 1 -119.82 -29.60 2.09
CA ARG GB 1 -119.56 -28.94 0.82
C ARG GB 1 -118.08 -28.64 0.66
N GLY GB 2 -117.39 -28.41 1.76
CA GLY GB 2 -115.95 -28.24 1.78
C GLY GB 2 -115.54 -26.85 2.22
N SER GB 3 -114.25 -26.58 2.07
CA SER GB 3 -113.66 -25.32 2.49
C SER GB 3 -114.21 -24.17 1.66
N VAL GB 4 -114.23 -22.98 2.27
CA VAL GB 4 -114.57 -21.76 1.54
C VAL GB 4 -113.47 -21.36 0.57
N PHE GB 5 -112.29 -21.97 0.69
CA PHE GB 5 -111.16 -21.61 -0.17
C PHE GB 5 -111.21 -22.30 -1.51
N GLN GB 6 -111.56 -23.59 -1.55
CA GLN GB 6 -111.76 -24.26 -2.82
C GLN GB 6 -113.02 -23.73 -3.50
N MET GB 7 -112.93 -23.51 -4.80
CA MET GB 7 -114.02 -22.88 -5.55
C MET GB 7 -113.87 -23.24 -7.02
N PRO GB 8 -114.93 -23.06 -7.81
CA PRO GB 8 -114.81 -23.28 -9.25
C PRO GB 8 -114.17 -22.08 -9.95
N SER GB 9 -113.36 -22.37 -10.96
CA SER GB 9 -112.69 -21.31 -11.69
C SER GB 9 -113.69 -20.42 -12.42
N THR GB 10 -114.75 -21.02 -12.98
CA THR GB 10 -115.86 -20.28 -13.55
C THR GB 10 -117.11 -20.52 -12.70
N PRO GB 11 -117.76 -19.47 -12.20
CA PRO GB 11 -118.88 -19.66 -11.26
C PRO GB 11 -120.22 -19.94 -11.91
N VAL GB 12 -120.54 -21.21 -12.17
CA VAL GB 12 -121.72 -21.60 -12.93
C VAL GB 12 -122.60 -22.51 -12.09
N TYR GB 13 -123.92 -22.29 -12.15
CA TYR GB 13 -124.91 -23.16 -11.51
C TYR GB 13 -125.76 -23.84 -12.57
N PRO GB 14 -125.84 -25.17 -12.57
CA PRO GB 14 -126.50 -25.88 -13.69
C PRO GB 14 -128.00 -25.64 -13.72
N LEU GB 15 -128.52 -25.37 -14.92
CA LEU GB 15 -129.97 -25.28 -15.16
C LEU GB 15 -130.50 -26.69 -15.43
N THR GB 16 -130.58 -27.47 -14.35
CA THR GB 16 -130.98 -28.87 -14.46
C THR GB 16 -132.34 -28.99 -15.13
N THR GB 17 -132.41 -29.75 -16.22
CA THR GB 17 -133.66 -30.00 -16.92
C THR GB 17 -134.35 -31.27 -16.45
N THR GB 18 -133.66 -32.12 -15.70
CA THR GB 18 -134.27 -33.31 -15.12
C THR GB 18 -135.45 -32.91 -14.23
N LYS GB 19 -136.45 -33.79 -14.17
CA LYS GB 19 -137.69 -33.52 -13.44
C LYS GB 19 -137.79 -34.35 -12.16
N LYS GB 20 -136.68 -34.91 -11.68
CA LYS GB 20 -136.68 -35.71 -10.46
C LYS GB 20 -137.25 -34.92 -9.29
N VAL GB 21 -138.04 -35.61 -8.44
CA VAL GB 21 -138.63 -34.97 -7.25
C VAL GB 21 -137.52 -34.59 -6.28
N ALA GB 22 -137.71 -33.47 -5.56
CA ALA GB 22 -136.68 -32.98 -4.63
C ALA GB 22 -136.56 -33.90 -3.40
N PRO GB 23 -135.35 -34.33 -3.03
CA PRO GB 23 -135.21 -35.11 -1.80
C PRO GB 23 -135.80 -34.33 -0.65
N PRO GB 24 -136.41 -35.01 0.34
CA PRO GB 24 -137.09 -34.25 1.42
C PRO GB 24 -136.16 -33.32 2.18
N THR GB 25 -134.92 -33.75 2.45
CA THR GB 25 -133.97 -32.95 3.22
C THR GB 25 -133.49 -31.73 2.44
N ALA GB 26 -133.66 -31.73 1.13
CA ALA GB 26 -133.21 -30.62 0.31
C ALA GB 26 -134.08 -29.38 0.52
N LEU GB 27 -135.36 -29.59 0.85
CA LEU GB 27 -136.30 -28.49 1.10
C LEU GB 27 -136.62 -28.33 2.57
N ALA GB 28 -135.86 -28.98 3.46
CA ALA GB 28 -136.17 -28.99 4.88
C ALA GB 28 -135.75 -27.68 5.54
N LYS GB 29 -136.25 -27.47 6.76
CA LYS GB 29 -135.93 -26.31 7.57
C LYS GB 29 -135.71 -26.75 9.01
N ARG GB 30 -135.01 -25.93 9.77
CA ARG GB 30 -134.88 -26.20 11.20
C ARG GB 30 -136.25 -26.17 11.86
N THR GB 31 -136.48 -27.14 12.73
CA THR GB 31 -137.75 -27.33 13.40
C THR GB 31 -137.52 -27.52 14.88
N PRO GB 32 -138.54 -27.29 15.72
CA PRO GB 32 -138.39 -27.60 17.15
C PRO GB 32 -138.05 -29.05 17.42
N GLU GB 33 -138.57 -29.99 16.62
CA GLU GB 33 -138.20 -31.39 16.83
C GLU GB 33 -136.78 -31.68 16.38
N GLN GB 34 -136.27 -30.94 15.40
CA GLN GB 34 -134.95 -31.17 14.83
C GLN GB 34 -134.15 -29.89 14.91
N PRO GB 35 -133.62 -29.56 16.08
CA PRO GB 35 -132.77 -28.36 16.19
C PRO GB 35 -131.53 -28.43 15.32
N PHE GB 36 -130.98 -29.62 15.10
CA PHE GB 36 -129.78 -29.79 14.31
C PHE GB 36 -129.97 -30.96 13.34
N GLY GB 37 -129.20 -30.93 12.26
CA GLY GB 37 -129.12 -32.05 11.34
C GLY GB 37 -130.23 -32.15 10.33
N TRP GB 38 -131.05 -31.12 10.18
CA TRP GB 38 -132.22 -31.21 9.33
C TRP GB 38 -131.88 -31.28 7.84
N GLY GB 39 -130.65 -30.92 7.47
CA GLY GB 39 -130.22 -31.00 6.09
C GLY GB 39 -129.58 -32.29 5.68
N SER GB 40 -129.37 -33.22 6.61
CA SER GB 40 -128.74 -34.49 6.33
C SER GB 40 -129.77 -35.62 6.35
N PRO GB 41 -129.73 -36.52 5.38
CA PRO GB 41 -130.70 -37.63 5.37
C PRO GB 41 -130.46 -38.59 6.53
N VAL GB 42 -131.55 -39.01 7.17
CA VAL GB 42 -131.45 -39.95 8.27
C VAL GB 42 -130.93 -41.29 7.75
N ARG GB 43 -130.12 -41.97 8.56
CA ARG GB 43 -129.49 -43.22 8.16
C ARG GB 43 -129.56 -44.20 9.31
N GLU GB 44 -129.35 -45.48 8.99
CA GLU GB 44 -129.26 -46.52 9.99
C GLU GB 44 -127.90 -46.49 10.67
N ASP GB 45 -127.90 -46.81 11.96
CA ASP GB 45 -126.68 -46.89 12.77
C ASP GB 45 -126.30 -48.36 12.89
N ARG GB 46 -125.54 -48.84 11.91
CA ARG GB 46 -125.14 -50.25 11.91
C ARG GB 46 -124.14 -50.56 13.02
N ALA GB 47 -123.28 -49.59 13.35
CA ALA GB 47 -122.23 -49.85 14.34
C ALA GB 47 -122.83 -50.31 15.66
N TRP GB 48 -123.99 -49.77 16.04
CA TRP GB 48 -124.57 -50.10 17.35
C TRP GB 48 -124.93 -51.58 17.44
N ARG GB 49 -125.28 -52.20 16.32
CA ARG GB 49 -125.62 -53.61 16.28
C ARG GB 49 -124.45 -54.49 15.84
N VAL GB 50 -123.63 -54.02 14.91
CA VAL GB 50 -122.58 -54.84 14.30
C VAL GB 50 -121.37 -54.95 15.22
N VAL GB 51 -121.05 -53.92 16.00
CA VAL GB 51 -119.85 -53.93 16.85
C VAL GB 51 -120.05 -54.94 17.96
N PRO GB 52 -121.13 -54.88 18.74
CA PRO GB 52 -121.30 -55.86 19.83
C PRO GB 52 -121.50 -57.28 19.30
N ARG GB 53 -122.16 -57.45 18.16
CA ARG GB 53 -122.34 -58.78 17.56
C ARG GB 53 -121.02 -59.38 17.13
N ASN GB 54 -120.22 -58.62 16.37
CA ASN GB 54 -118.95 -59.14 15.88
C ASN GB 54 -118.01 -59.45 17.03
N PHE GB 55 -118.00 -58.61 18.06
CA PHE GB 55 -117.09 -58.82 19.18
C PHE GB 55 -117.43 -60.15 19.86
N ILE GB 56 -118.72 -60.42 20.06
CA ILE GB 56 -119.13 -61.66 20.73
C ILE GB 56 -118.71 -62.87 19.91
N ILE GB 57 -118.90 -62.81 18.59
CA ILE GB 57 -118.56 -63.97 17.75
C ILE GB 57 -117.08 -64.26 17.85
N LEU GB 58 -116.25 -63.23 17.74
CA LEU GB 58 -114.80 -63.43 17.77
C LEU GB 58 -114.35 -64.01 19.10
N VAL GB 59 -114.92 -63.52 20.20
CA VAL GB 59 -114.57 -64.05 21.51
C VAL GB 59 -114.98 -65.50 21.63
N ILE GB 60 -116.17 -65.84 21.14
CA ILE GB 60 -116.64 -67.22 21.23
C ILE GB 60 -115.74 -68.13 20.42
N VAL GB 61 -115.40 -67.73 19.20
CA VAL GB 61 -114.51 -68.54 18.38
C VAL GB 61 -113.14 -68.64 19.03
N TYR GB 62 -112.63 -67.52 19.55
CA TYR GB 62 -111.31 -67.52 20.18
C TYR GB 62 -111.28 -68.47 21.37
N LEU GB 63 -112.23 -68.33 22.29
CA LEU GB 63 -112.24 -69.17 23.48
C LEU GB 63 -112.57 -70.62 23.14
N SER GB 64 -113.57 -70.84 22.27
CA SER GB 64 -113.95 -72.20 21.94
C SER GB 64 -112.81 -72.95 21.28
N GLY GB 65 -112.11 -72.30 20.35
CA GLY GB 65 -110.97 -72.95 19.73
C GLY GB 65 -109.87 -73.25 20.72
N TRP GB 66 -109.61 -72.32 21.63
CA TRP GB 66 -108.57 -72.53 22.64
C TRP GB 66 -108.92 -73.70 23.54
N ALA GB 67 -110.14 -73.73 24.07
CA ALA GB 67 -110.58 -74.86 24.88
C ALA GB 67 -110.45 -76.15 24.10
N ALA GB 68 -110.95 -76.17 22.87
CA ALA GB 68 -110.91 -77.38 22.05
C ALA GB 68 -109.48 -77.87 21.89
N ILE GB 69 -108.57 -76.99 21.48
CA ILE GB 69 -107.19 -77.40 21.25
C ILE GB 69 -106.60 -78.01 22.52
N LYS GB 70 -106.82 -77.36 23.66
CA LYS GB 70 -106.23 -77.77 24.92
C LYS GB 70 -106.97 -78.93 25.58
N THR GB 71 -108.04 -79.43 24.97
CA THR GB 71 -108.78 -80.56 25.51
C THR GB 71 -109.00 -81.68 24.51
N MET GB 72 -108.88 -81.43 23.21
CA MET GB 72 -109.11 -82.43 22.18
C MET GB 72 -107.82 -82.88 21.50
N LEU GB 73 -106.68 -82.30 21.87
CA LEU GB 73 -105.38 -82.66 21.35
C LEU GB 73 -104.50 -83.16 22.50
N PRO GB 74 -103.50 -83.99 22.21
CA PRO GB 74 -102.66 -84.51 23.29
C PRO GB 74 -101.91 -83.40 24.02
N ARG GB 75 -101.62 -83.64 25.29
CA ARG GB 75 -100.96 -82.64 26.10
C ARG GB 75 -99.60 -82.26 25.53
N GLY GB 76 -99.28 -80.97 25.56
CA GLY GB 76 -98.04 -80.49 24.98
C GLY GB 76 -97.65 -79.14 25.55
N GLY GB 77 -96.45 -78.70 25.18
CA GLY GB 77 -95.89 -77.50 25.76
C GLY GB 77 -96.51 -76.21 25.26
N SER GB 78 -96.90 -76.18 23.98
CA SER GB 78 -97.57 -75.03 23.41
C SER GB 78 -98.62 -75.53 22.43
N ILE GB 79 -99.40 -74.60 21.88
CA ILE GB 79 -100.43 -74.97 20.92
C ILE GB 79 -99.78 -75.59 19.68
N LEU GB 80 -98.73 -74.95 19.17
CA LEU GB 80 -97.98 -75.54 18.07
C LEU GB 80 -97.40 -76.89 18.47
N GLY GB 81 -97.01 -77.03 19.73
CA GLY GB 81 -96.54 -78.32 20.20
C GLY GB 81 -97.63 -79.38 20.18
N GLN GB 82 -98.84 -79.01 20.57
CA GLN GB 82 -99.93 -79.97 20.62
C GLN GB 82 -100.41 -80.36 19.23
N ILE GB 83 -100.07 -79.59 18.21
CA ILE GB 83 -100.49 -79.86 16.83
C ILE GB 83 -99.39 -80.55 16.04
N TYR GB 84 -98.17 -80.00 16.05
CA TYR GB 84 -97.07 -80.53 15.25
C TYR GB 84 -95.92 -81.02 16.12
N GLY GB 85 -96.17 -81.35 17.39
CA GLY GB 85 -95.10 -81.68 18.30
C GLY GB 85 -94.99 -83.13 18.72
N GLY GB 86 -95.72 -84.03 18.09
CA GLY GB 86 -95.60 -85.44 18.40
C GLY GB 86 -94.40 -86.07 17.72
N PRO GB 87 -94.05 -87.27 18.18
CA PRO GB 87 -92.94 -87.98 17.56
C PRO GB 87 -93.30 -88.46 16.17
N PRO GB 88 -92.32 -88.82 15.36
CA PRO GB 88 -92.62 -89.30 14.01
C PRO GB 88 -93.51 -90.53 14.06
N LYS GB 89 -94.38 -90.65 13.06
CA LYS GB 89 -95.26 -91.81 12.98
C LYS GB 89 -94.42 -93.08 12.89
N GLY GB 90 -94.78 -94.07 13.70
CA GLY GB 90 -94.03 -95.29 13.79
C GLY GB 90 -92.94 -95.29 14.84
N ARG GB 91 -92.72 -94.18 15.53
CA ARG GB 91 -91.76 -94.09 16.61
C ARG GB 91 -92.48 -94.38 17.92
N LEU GB 92 -92.29 -95.58 18.45
CA LEU GB 92 -92.97 -95.98 19.68
C LEU GB 92 -92.21 -95.46 20.89
N ILE GB 93 -92.93 -94.77 21.78
CA ILE GB 93 -92.31 -94.22 22.98
C ILE GB 93 -92.54 -95.18 24.14
N VAL HB 1 -100.60 -28.87 -29.95
CA VAL HB 1 -99.86 -29.90 -29.23
C VAL HB 1 -100.83 -30.95 -28.72
N THR HB 2 -100.52 -32.22 -29.00
CA THR HB 2 -101.37 -33.33 -28.57
C THR HB 2 -101.05 -33.68 -27.12
N ARG HB 3 -102.09 -33.84 -26.31
CA ARG HB 3 -101.95 -34.21 -24.91
C ARG HB 3 -102.43 -35.65 -24.74
N TYR HB 4 -101.55 -36.52 -24.29
CA TYR HB 4 -101.88 -37.90 -24.05
C TYR HB 4 -102.34 -38.11 -22.61
N PRO HB 5 -103.03 -39.21 -22.33
CA PRO HB 5 -103.37 -39.50 -20.93
C PRO HB 5 -102.11 -39.60 -20.08
N SER HB 6 -102.22 -39.07 -18.86
CA SER HB 6 -101.07 -38.98 -17.98
C SER HB 6 -100.48 -40.36 -17.71
N GLY HB 7 -99.16 -40.46 -17.82
CA GLY HB 7 -98.46 -41.68 -17.50
C GLY HB 7 -98.51 -42.76 -18.57
N THR HB 8 -99.05 -42.46 -19.75
CA THR HB 8 -99.21 -43.47 -20.79
C THR HB 8 -98.20 -43.36 -21.92
N ARG HB 9 -97.68 -42.16 -22.19
CA ARG HB 9 -96.74 -41.94 -23.30
C ARG HB 9 -95.44 -41.36 -22.76
N THR HB 10 -94.32 -41.90 -23.22
CA THR HB 10 -93.02 -41.41 -22.78
C THR HB 10 -92.66 -40.12 -23.51
N ILE HB 11 -91.89 -39.27 -22.82
CA ILE HB 11 -91.36 -38.05 -23.40
C ILE HB 11 -89.88 -38.17 -23.70
N MET HB 12 -89.27 -39.31 -23.36
CA MET HB 12 -87.84 -39.51 -23.55
C MET HB 12 -87.48 -39.86 -24.99
N SER HB 13 -88.45 -40.32 -25.79
CA SER HB 13 -88.18 -40.74 -27.14
C SER HB 13 -89.34 -40.39 -28.06
N PRO HB 14 -89.04 -40.03 -29.33
CA PRO HB 14 -90.13 -39.84 -30.29
C PRO HB 14 -90.85 -41.13 -30.63
N TYR HB 15 -90.20 -42.27 -30.45
CA TYR HB 15 -90.82 -43.56 -30.70
C TYR HB 15 -91.63 -43.99 -29.47
N PRO HB 16 -92.93 -44.22 -29.61
CA PRO HB 16 -93.73 -44.59 -28.43
C PRO HB 16 -93.26 -45.86 -27.74
N GLY HB 17 -92.61 -46.75 -28.46
CA GLY HB 17 -92.19 -48.03 -27.93
C GLY HB 17 -92.90 -49.19 -28.62
N GLY HB 18 -92.37 -50.39 -28.38
CA GLY HB 18 -92.93 -51.59 -28.95
C GLY HB 18 -94.07 -52.12 -28.12
N PRO HB 19 -94.74 -53.16 -28.66
CA PRO HB 19 -95.91 -53.71 -27.95
C PRO HB 19 -95.64 -54.06 -26.49
N VAL HB 20 -94.59 -54.83 -26.21
CA VAL HB 20 -94.30 -55.20 -24.84
C VAL HB 20 -94.06 -53.97 -23.99
N TYR HB 21 -93.28 -53.02 -24.49
CA TYR HB 21 -93.00 -51.80 -23.75
C TYR HB 21 -94.30 -51.08 -23.41
N GLN HB 22 -95.14 -50.84 -24.42
CA GLN HB 22 -96.39 -50.13 -24.19
C GLN HB 22 -97.25 -50.85 -23.18
N TRP HB 23 -97.33 -52.19 -23.28
CA TRP HB 23 -98.11 -52.96 -22.32
C TRP HB 23 -97.58 -52.75 -20.90
N LEU HB 24 -96.27 -52.81 -20.73
CA LEU HB 24 -95.69 -52.62 -19.40
C LEU HB 24 -95.99 -51.23 -18.87
N ARG HB 25 -95.83 -50.21 -19.71
CA ARG HB 25 -96.03 -48.84 -19.25
C ARG HB 25 -97.49 -48.59 -18.89
N ILE HB 26 -98.41 -49.00 -19.77
CA ILE HB 26 -99.82 -48.77 -19.51
C ILE HB 26 -100.28 -49.51 -18.26
N ASN HB 27 -99.87 -50.77 -18.13
CA ASN HB 27 -100.39 -51.60 -17.06
C ASN HB 27 -99.77 -51.25 -15.70
N TYR HB 28 -98.50 -50.84 -15.67
CA TYR HB 28 -97.96 -50.32 -14.41
C TYR HB 28 -98.69 -49.07 -13.99
N ASN HB 29 -99.00 -48.19 -14.95
CA ASN HB 29 -99.73 -46.97 -14.63
C ASN HB 29 -101.10 -47.31 -14.05
N TYR HB 30 -101.78 -48.30 -14.62
CA TYR HB 30 -103.08 -48.72 -14.09
C TYR HB 30 -102.92 -49.37 -12.73
N PHE HB 31 -101.96 -50.27 -12.58
CA PHE HB 31 -101.80 -50.98 -11.32
C PHE HB 31 -101.51 -50.02 -10.18
N LYS HB 32 -100.63 -49.04 -10.40
CA LYS HB 32 -100.32 -48.08 -9.35
C LYS HB 32 -101.55 -47.26 -8.98
N ARG HB 33 -102.25 -46.73 -9.98
CA ARG HB 33 -103.27 -45.72 -9.72
C ARG HB 33 -104.59 -46.33 -9.27
N TYR HB 34 -104.92 -47.54 -9.71
CA TYR HB 34 -106.23 -48.11 -9.47
C TYR HB 34 -106.20 -49.45 -8.74
N GLN HB 35 -105.03 -50.05 -8.51
CA GLN HB 35 -104.95 -51.29 -7.75
C GLN HB 35 -104.07 -51.17 -6.50
N TRP HB 36 -102.78 -50.87 -6.65
CA TRP HB 36 -101.90 -50.71 -5.49
C TRP HB 36 -102.42 -49.64 -4.54
N ARG HB 37 -102.80 -48.49 -5.09
CA ARG HB 37 -103.18 -47.36 -4.25
C ARG HB 37 -104.53 -47.55 -3.56
N ARG HB 38 -105.23 -48.65 -3.83
CA ARG HB 38 -106.42 -48.97 -3.05
C ARG HB 38 -106.05 -49.22 -1.58
N VAL HB 39 -104.91 -49.87 -1.35
CA VAL HB 39 -104.47 -50.17 0.00
C VAL HB 39 -104.13 -48.88 0.74
N GLY HB 40 -103.40 -47.98 0.08
CA GLY HB 40 -103.00 -46.75 0.74
C GLY HB 40 -104.20 -45.87 1.07
N ARG HB 41 -105.13 -45.73 0.13
CA ARG HB 41 -106.33 -44.94 0.39
C ARG HB 41 -107.14 -45.56 1.51
N TRP HB 42 -107.23 -46.88 1.54
CA TRP HB 42 -107.97 -47.57 2.59
C TRP HB 42 -107.34 -47.32 3.96
N GLN HB 43 -106.02 -47.41 4.05
CA GLN HB 43 -105.35 -47.16 5.33
C GLN HB 43 -105.45 -45.70 5.74
N MET HB 44 -105.32 -44.79 4.78
CA MET HB 44 -105.30 -43.37 5.11
C MET HB 44 -106.66 -42.90 5.60
N ARG HB 45 -107.74 -43.35 4.97
CA ARG HB 45 -109.06 -42.84 5.28
C ARG HB 45 -109.79 -43.67 6.32
N SER HB 46 -109.86 -44.98 6.13
CA SER HB 46 -110.68 -45.83 6.98
C SER HB 46 -110.00 -46.21 8.30
N TRP HB 47 -108.70 -45.99 8.43
CA TRP HB 47 -107.97 -46.41 9.63
C TRP HB 47 -107.03 -45.30 10.10
N CYS HB 48 -107.53 -44.09 10.19
CA CYS HB 48 -106.74 -42.96 10.66
C CYS HB 48 -106.76 -42.94 12.19
N TYR HB 49 -105.55 -42.96 12.77
CA TYR HB 49 -105.41 -42.96 14.22
C TYR HB 49 -105.84 -41.64 14.84
N TRP HB 50 -105.83 -40.56 14.06
CA TRP HB 50 -106.22 -39.26 14.55
C TRP HB 50 -107.71 -39.00 14.37
N LYS HB 51 -108.32 -39.57 13.33
CA LYS HB 51 -109.77 -39.50 13.21
C LYS HB 51 -110.43 -40.26 14.35
N ALA HB 52 -109.81 -41.37 14.76
CA ALA HB 52 -110.35 -42.23 15.81
C ALA HB 52 -110.32 -41.57 17.18
N ALA HB 53 -109.47 -40.58 17.37
CA ALA HB 53 -109.44 -39.87 18.65
C ALA HB 53 -110.62 -38.93 18.80
N PHE HB 54 -111.18 -38.46 17.69
CA PHE HB 54 -112.32 -37.56 17.69
C PHE HB 54 -113.62 -38.29 17.42
N TYR HB 55 -113.60 -39.63 17.37
CA TYR HB 55 -114.83 -40.40 17.25
C TYR HB 55 -115.69 -40.23 18.49
N GLY HB 56 -116.95 -39.87 18.28
CA GLY HB 56 -117.88 -39.72 19.38
C GLY HB 56 -117.83 -38.38 20.07
N VAL HB 57 -116.98 -37.47 19.62
CA VAL HB 57 -116.91 -36.11 20.16
C VAL HB 57 -117.94 -35.27 19.42
N PRO HB 58 -118.70 -34.41 20.10
CA PRO HB 58 -119.68 -33.58 19.41
C PRO HB 58 -119.02 -32.71 18.34
N GLU HB 59 -119.84 -32.33 17.36
CA GLU HB 59 -119.37 -31.40 16.35
C GLU HB 59 -119.00 -30.07 16.98
N TRP HB 60 -118.07 -29.37 16.35
CA TRP HB 60 -117.70 -28.02 16.78
C TRP HB 60 -118.67 -27.05 16.12
N ASN HB 61 -119.52 -26.43 16.93
CA ASN HB 61 -120.51 -25.51 16.40
C ASN HB 61 -119.85 -24.26 15.86
N ILE HB 62 -120.40 -23.73 14.77
CA ILE HB 62 -119.89 -22.47 14.23
C ILE HB 62 -120.16 -21.33 15.19
N ASP HB 63 -121.30 -21.37 15.86
CA ASP HB 63 -121.59 -20.38 16.89
C ASP HB 63 -120.62 -20.59 18.05
N PRO HB 64 -119.80 -19.61 18.40
CA PRO HB 64 -118.75 -19.86 19.41
C PRO HB 64 -119.29 -20.20 20.79
N THR HB 65 -120.51 -19.80 21.12
CA THR HB 65 -121.03 -19.98 22.47
C THR HB 65 -121.70 -21.33 22.69
N LYS HB 66 -121.77 -22.17 21.66
CA LYS HB 66 -122.40 -23.48 21.78
C LYS HB 66 -121.41 -24.61 21.96
N ASN HB 67 -120.14 -24.29 22.21
CA ASN HB 67 -119.11 -25.30 22.41
C ASN HB 67 -118.59 -25.31 23.83
N GLN HB 68 -119.37 -24.82 24.79
CA GLN HB 68 -118.89 -24.67 26.15
C GLN HB 68 -118.60 -26.00 26.82
N TRP HB 69 -119.06 -27.11 26.24
CA TRP HB 69 -118.72 -28.42 26.79
C TRP HB 69 -117.22 -28.68 26.76
N ARG HB 70 -116.47 -27.93 25.94
CA ARG HB 70 -115.02 -28.10 25.90
C ARG HB 70 -114.40 -27.88 27.27
N TRP HB 71 -114.83 -26.84 27.98
CA TRP HB 71 -114.31 -26.56 29.30
C TRP HB 71 -115.27 -26.93 30.43
N CYS HB 72 -116.55 -27.10 30.13
CA CYS HB 72 -117.49 -27.54 31.17
C CYS HB 72 -117.31 -29.02 31.49
N VAL HB 73 -116.86 -29.81 30.52
CA VAL HB 73 -116.69 -31.25 30.67
C VAL HB 73 -115.22 -31.57 30.49
N ASP HB 74 -114.70 -32.45 31.34
CA ASP HB 74 -113.31 -32.86 31.21
C ASP HB 74 -113.11 -33.64 29.91
N PRO HB 75 -111.93 -33.54 29.30
CA PRO HB 75 -111.71 -34.26 28.04
C PRO HB 75 -111.90 -35.76 28.14
N ALA HB 76 -111.64 -36.35 29.31
CA ALA HB 76 -111.80 -37.78 29.45
C ALA HB 76 -113.24 -38.24 29.26
N TRP HB 77 -114.20 -37.32 29.32
CA TRP HB 77 -115.61 -37.66 29.17
C TRP HB 77 -116.27 -36.87 28.04
N TYR HB 78 -115.49 -36.48 27.03
CA TYR HB 78 -116.08 -35.86 25.85
C TYR HB 78 -116.98 -36.82 25.09
N GLY HB 79 -116.82 -38.12 25.30
CA GLY HB 79 -117.55 -39.14 24.57
C GLY HB 79 -118.92 -39.47 25.12
N GLY HB 80 -119.38 -38.76 26.14
CA GLY HB 80 -120.70 -39.04 26.70
C GLY HB 80 -120.75 -40.42 27.33
N MET HB 81 -121.80 -41.17 27.00
CA MET HB 81 -122.01 -42.46 27.63
C MET HB 81 -120.88 -43.44 27.31
N ARG HB 82 -120.29 -43.34 26.12
CA ARG HB 82 -119.21 -44.25 25.77
C ARG HB 82 -118.05 -44.10 26.74
N ASP HB 83 -117.66 -42.86 27.03
CA ASP HB 83 -116.55 -42.63 27.93
C ASP HB 83 -116.92 -42.94 29.38
N LYS HB 84 -118.17 -42.67 29.76
CA LYS HB 84 -118.63 -43.04 31.09
C LYS HB 84 -118.70 -44.56 31.24
N ALA HB 85 -119.06 -45.26 30.17
CA ALA HB 85 -119.14 -46.71 30.21
C ALA HB 85 -117.76 -47.34 30.41
N ASN HB 86 -116.75 -46.82 29.73
CA ASN HB 86 -115.40 -47.38 29.85
C ASN HB 86 -114.92 -47.26 31.30
N MET HB 87 -115.11 -46.08 31.89
CA MET HB 87 -114.75 -45.91 33.30
C MET HB 87 -115.55 -46.86 34.18
N ASP HB 88 -116.86 -46.97 33.94
CA ASP HB 88 -117.70 -47.81 34.78
C ASP HB 88 -117.30 -49.28 34.68
N MET HB 89 -116.97 -49.74 33.47
CA MET HB 89 -116.57 -51.12 33.30
C MET HB 89 -115.34 -51.45 34.12
N TYR HB 90 -114.30 -50.61 34.03
CA TYR HB 90 -113.11 -50.84 34.82
C TYR HB 90 -113.41 -50.75 36.31
N ARG HB 91 -114.38 -49.93 36.69
CA ARG HB 91 -114.78 -49.85 38.09
C ARG HB 91 -115.31 -51.20 38.58
N LEU HB 92 -116.01 -51.93 37.72
CA LEU HB 92 -116.58 -53.21 38.12
C LEU HB 92 -115.51 -54.24 38.45
N MET HB 93 -114.27 -54.02 38.01
CA MET HB 93 -113.19 -54.98 38.19
C MET HB 93 -112.40 -54.77 39.47
N VAL HB 94 -112.83 -53.84 40.32
CA VAL HB 94 -112.05 -53.52 41.52
C VAL HB 94 -111.97 -54.73 42.43
N TYR HB 95 -113.12 -55.21 42.92
CA TYR HB 95 -113.11 -56.32 43.85
C TYR HB 95 -112.53 -57.60 43.25
N PRO HB 96 -112.82 -57.96 42.01
CA PRO HB 96 -112.10 -59.09 41.40
C PRO HB 96 -110.60 -58.93 41.48
N PHE HB 97 -110.10 -57.70 41.30
CA PHE HB 97 -108.67 -57.46 41.45
C PHE HB 97 -108.21 -57.69 42.88
N PHE HB 98 -108.99 -57.25 43.86
CA PHE HB 98 -108.60 -57.44 45.26
C PHE HB 98 -108.47 -58.92 45.59
N GLY HB 99 -109.44 -59.72 45.17
CA GLY HB 99 -109.34 -61.15 45.41
C GLY HB 99 -108.13 -61.76 44.73
N TYR HB 100 -107.86 -61.34 43.49
CA TYR HB 100 -106.71 -61.83 42.76
C TYR HB 100 -105.41 -61.45 43.46
N ALA HB 101 -105.29 -60.19 43.86
CA ALA HB 101 -104.08 -59.75 44.55
C ALA HB 101 -103.93 -60.43 45.89
N LEU HB 102 -105.03 -60.58 46.64
CA LEU HB 102 -104.97 -61.26 47.92
C LEU HB 102 -104.53 -62.71 47.75
N LEU HB 103 -104.93 -63.35 46.65
CA LEU HB 103 -104.49 -64.72 46.41
C LEU HB 103 -102.98 -64.79 46.25
N TYR HB 104 -102.39 -63.82 45.54
CA TYR HB 104 -100.94 -63.84 45.36
C TYR HB 104 -100.23 -63.75 46.69
N LEU HB 105 -100.73 -62.90 47.60
CA LEU HB 105 -100.13 -62.83 48.93
C LEU HB 105 -100.24 -64.16 49.65
N HIS HB 106 -101.39 -64.81 49.54
CA HIS HB 106 -101.54 -66.14 50.14
C HIS HB 106 -100.59 -67.14 49.52
N SER HB 107 -100.42 -67.08 48.20
CA SER HB 107 -99.53 -68.02 47.52
C SER HB 107 -98.12 -67.90 48.05
N ARG HB 108 -97.59 -66.68 48.13
CA ARG HB 108 -96.24 -66.49 48.65
C ARG HB 108 -96.17 -66.87 50.12
N PHE HB 109 -97.18 -66.49 50.90
CA PHE HB 109 -97.17 -66.78 52.32
C PHE HB 109 -97.14 -68.29 52.57
N LYS HB 110 -97.88 -69.06 51.77
CA LYS HB 110 -97.90 -70.49 51.95
C LYS HB 110 -96.58 -71.12 51.50
N GLN HB 111 -96.08 -70.71 50.33
CA GLN HB 111 -94.87 -71.31 49.79
C GLN HB 111 -93.67 -71.09 50.68
N ASN HB 112 -93.68 -70.05 51.50
CA ASN HB 112 -92.59 -69.77 52.43
C ASN HB 112 -92.80 -70.45 53.77
N ASP HB 113 -93.80 -71.31 53.90
CA ASP HB 113 -94.03 -72.07 55.12
C ASP HB 113 -94.30 -71.17 56.31
N LYS HB 114 -94.90 -70.01 56.06
CA LYS HB 114 -95.20 -69.09 57.16
C LYS HB 114 -96.46 -69.48 57.91
N TYR HB 115 -97.29 -70.36 57.37
CA TYR HB 115 -98.44 -70.85 58.10
C TYR HB 115 -98.07 -71.88 59.16
N ASN HB 116 -96.91 -72.54 59.03
CA ASN HB 116 -96.49 -73.55 59.99
C ASN HB 116 -95.63 -72.97 61.10
N VAL HB 117 -95.78 -71.68 61.39
CA VAL HB 117 -94.96 -71.05 62.43
C VAL HB 117 -95.21 -71.74 63.77
N PHE HB 118 -96.47 -72.03 64.08
CA PHE HB 118 -96.79 -72.66 65.36
C PHE HB 118 -96.67 -74.18 65.28
N ALA HB 119 -97.09 -74.78 64.17
CA ALA HB 119 -96.97 -76.23 64.03
C ALA HB 119 -95.52 -76.67 64.03
N LYS HB 120 -94.61 -75.80 63.60
CA LYS HB 120 -93.20 -76.16 63.57
C LYS HB 120 -92.68 -76.48 64.96
N TRP HB 121 -93.09 -75.71 65.96
CA TRP HB 121 -92.59 -75.86 67.32
C TRP HB 121 -93.57 -76.56 68.25
N ARG HB 122 -94.63 -77.16 67.70
CA ARG HB 122 -95.57 -77.89 68.54
C ARG HB 122 -95.30 -79.38 68.49
N ALA IB 1 -56.99 7.67 92.75
CA ALA IB 1 -58.28 8.16 92.26
C ALA IB 1 -58.08 9.35 91.35
N ALA IB 2 -57.13 10.22 91.71
CA ALA IB 2 -56.81 11.35 90.85
C ALA IB 2 -56.27 10.88 89.50
N VAL IB 3 -55.37 9.90 89.52
CA VAL IB 3 -54.86 9.33 88.27
C VAL IB 3 -55.97 8.59 87.55
N ARG IB 4 -56.86 7.92 88.28
CA ARG IB 4 -57.97 7.21 87.67
C ARG IB 4 -58.85 8.16 86.86
N SER IB 5 -59.24 9.27 87.46
CA SER IB 5 -60.05 10.25 86.74
C SER IB 5 -59.27 10.87 85.60
N GLN IB 6 -57.96 11.04 85.76
CA GLN IB 6 -57.13 11.63 84.73
C GLN IB 6 -57.12 10.75 83.48
N ILE IB 7 -56.82 9.46 83.64
CA ILE IB 7 -56.79 8.56 82.49
C ILE IB 7 -58.18 8.33 81.93
N GLU IB 8 -59.19 8.31 82.79
CA GLU IB 8 -60.57 8.19 82.32
C GLU IB 8 -60.96 9.39 81.46
N ALA IB 9 -60.56 10.59 81.87
CA ALA IB 9 -60.86 11.78 81.09
C ALA IB 9 -59.99 11.88 79.84
N ALA IB 10 -58.79 11.29 79.90
CA ALA IB 10 -57.91 11.30 78.72
C ALA IB 10 -58.42 10.36 77.65
N VAL IB 11 -58.81 9.15 78.04
CA VAL IB 11 -59.39 8.20 77.09
C VAL IB 11 -60.66 8.77 76.48
N TYR IB 12 -61.55 9.28 77.33
CA TYR IB 12 -62.85 9.77 76.86
C TYR IB 12 -62.69 10.82 75.77
N LYS IB 13 -61.82 11.81 76.00
CA LYS IB 13 -61.67 12.89 75.03
C LYS IB 13 -61.19 12.36 73.68
N TRP IB 14 -60.25 11.42 73.69
CA TRP IB 14 -59.70 10.91 72.45
C TRP IB 14 -60.69 10.06 71.67
N THR IB 15 -61.62 9.39 72.35
CA THR IB 15 -62.51 8.44 71.70
C THR IB 15 -63.79 9.09 71.15
N ARG IB 16 -64.06 10.34 71.49
CA ARG IB 16 -65.30 10.96 71.04
C ARG IB 16 -65.41 10.86 69.52
N PRO IB 17 -66.49 10.29 68.99
CA PRO IB 17 -66.55 9.99 67.56
C PRO IB 17 -66.64 11.23 66.69
N ARG IB 18 -66.08 11.11 65.49
CA ARG IB 18 -66.17 12.12 64.44
C ARG IB 18 -67.27 11.71 63.47
N PRO IB 19 -67.80 12.63 62.67
CA PRO IB 19 -68.91 12.28 61.79
C PRO IB 19 -68.52 11.20 60.80
N PRO IB 20 -69.41 10.26 60.51
CA PRO IB 20 -69.05 9.16 59.60
C PRO IB 20 -68.84 9.62 58.17
N ARG IB 21 -67.91 8.95 57.48
CA ARG IB 21 -67.70 9.14 56.05
C ARG IB 21 -68.69 8.24 55.32
N LEU IB 22 -69.88 8.77 55.04
CA LEU IB 22 -70.94 7.94 54.48
C LEU IB 22 -70.48 7.26 53.21
N GLY IB 23 -70.69 5.94 53.15
CA GLY IB 23 -70.39 5.16 51.97
C GLY IB 23 -71.62 4.97 51.12
N VAL IB 24 -72.56 5.90 51.22
CA VAL IB 24 -73.83 5.84 50.51
C VAL IB 24 -74.20 7.25 50.07
N ALA IB 25 -74.92 7.33 48.94
CA ALA IB 25 -75.27 8.61 48.32
C ALA IB 25 -76.62 9.10 48.86
N VAL IB 26 -76.57 9.77 50.00
CA VAL IB 26 -77.77 10.30 50.64
C VAL IB 26 -77.82 11.82 50.49
N PRO IB 27 -78.99 12.42 50.57
CA PRO IB 27 -79.09 13.89 50.52
C PRO IB 27 -78.62 14.52 51.83
N ARG IB 28 -78.42 15.84 51.78
CA ARG IB 28 -78.22 16.61 53.00
C ARG IB 28 -79.57 16.96 53.60
N SER IB 29 -79.69 16.80 54.91
CA SER IB 29 -80.92 17.17 55.57
C SER IB 29 -81.16 18.67 55.38
N PRO IB 30 -82.39 19.08 55.10
CA PRO IB 30 -82.66 20.52 55.00
C PRO IB 30 -82.21 21.24 56.26
N PRO IB 31 -81.77 22.49 56.15
CA PRO IB 31 -81.26 23.17 57.34
C PRO IB 31 -82.37 23.57 58.28
N GLY IB 32 -82.14 23.35 59.58
CA GLY IB 32 -83.13 23.67 60.58
C GLY IB 32 -84.15 22.59 60.85
N THR IB 33 -83.87 21.37 60.41
CA THR IB 33 -84.82 20.26 60.55
C THR IB 33 -84.52 19.51 61.85
N GLY IB 34 -85.51 19.42 62.71
CA GLY IB 34 -85.37 18.76 64.00
C GLY IB 34 -85.81 17.32 63.98
N ILE IB 35 -86.33 16.87 65.12
CA ILE IB 35 -86.77 15.49 65.25
C ILE IB 35 -88.12 15.34 64.56
N LEU IB 36 -88.21 14.41 63.61
CA LEU IB 36 -89.44 14.15 62.89
C LEU IB 36 -90.07 12.81 63.23
N PHE IB 37 -89.26 11.82 63.59
CA PHE IB 37 -89.76 10.50 63.92
C PHE IB 37 -90.05 10.41 65.42
N HIS IB 38 -90.49 9.23 65.85
CA HIS IB 38 -90.88 8.98 67.22
C HIS IB 38 -90.17 7.75 67.75
N THR IB 39 -90.34 7.50 69.04
CA THR IB 39 -89.66 6.38 69.69
C THR IB 39 -90.32 5.04 69.46
N ASN IB 40 -91.51 5.01 68.84
CA ASN IB 40 -92.15 3.74 68.52
C ASN IB 40 -91.63 3.13 67.23
N MET IB 41 -90.71 3.81 66.54
CA MET IB 41 -90.06 3.22 65.39
C MET IB 41 -89.28 1.97 65.81
N GLN IB 42 -89.18 1.02 64.90
CA GLN IB 42 -88.42 -0.19 65.17
C GLN IB 42 -87.03 0.19 65.68
N THR IB 43 -86.66 -0.39 66.82
CA THR IB 43 -85.42 0.01 67.47
C THR IB 43 -84.22 -0.21 66.55
N ILE IB 44 -83.32 0.76 66.54
CA ILE IB 44 -82.06 0.68 65.80
C ILE IB 44 -80.96 0.41 66.81
N ARG IB 45 -80.19 -0.65 66.57
CA ARG IB 45 -79.21 -1.10 67.54
C ARG IB 45 -78.19 -0.02 67.86
N TYR IB 46 -77.85 0.10 69.13
CA TYR IB 46 -76.84 1.06 69.57
C TYR IB 46 -75.45 0.46 69.37
N SER IB 47 -74.66 1.07 68.50
CA SER IB 47 -73.37 0.54 68.10
C SER IB 47 -72.25 1.45 68.60
N LEU IB 48 -71.20 0.84 69.14
CA LEU IB 48 -70.03 1.59 69.59
C LEU IB 48 -69.31 2.22 68.41
N SER IB 49 -68.66 3.36 68.66
CA SER IB 49 -67.87 4.00 67.62
C SER IB 49 -66.58 3.20 67.39
N PRO IB 50 -66.01 3.28 66.19
CA PRO IB 50 -64.86 2.42 65.87
C PRO IB 50 -63.74 2.44 66.90
N LYS IB 51 -63.32 3.62 67.34
CA LYS IB 51 -62.22 3.71 68.30
C LYS IB 51 -62.55 2.98 69.60
N VAL IB 52 -63.75 3.24 70.14
CA VAL IB 52 -64.15 2.59 71.38
C VAL IB 52 -64.23 1.08 71.19
N TRP IB 53 -64.75 0.64 70.05
CA TRP IB 53 -64.87 -0.80 69.79
C TRP IB 53 -63.49 -1.46 69.78
N VAL IB 54 -62.51 -0.81 69.15
CA VAL IB 54 -61.16 -1.36 69.12
C VAL IB 54 -60.58 -1.43 70.53
N LEU IB 55 -60.76 -0.38 71.31
CA LEU IB 55 -60.20 -0.33 72.65
C LEU IB 55 -60.74 -1.48 73.52
N VAL IB 56 -62.06 -1.64 73.57
CA VAL IB 56 -62.64 -2.66 74.43
C VAL IB 56 -62.35 -4.04 73.87
N THR IB 57 -62.45 -4.20 72.55
CA THR IB 57 -62.15 -5.49 71.95
C THR IB 57 -60.70 -5.87 72.16
N GLY IB 58 -59.80 -4.89 72.09
CA GLY IB 58 -58.41 -5.16 72.38
C GLY IB 58 -58.16 -5.51 73.83
N ALA IB 59 -58.86 -4.84 74.74
CA ALA IB 59 -58.75 -5.19 76.15
C ALA IB 59 -59.24 -6.62 76.38
N ALA IB 60 -60.27 -7.03 75.66
CA ALA IB 60 -60.77 -8.40 75.78
C ALA IB 60 -59.74 -9.41 75.29
N LEU IB 61 -59.09 -9.11 74.16
CA LEU IB 61 -58.08 -10.03 73.63
C LEU IB 61 -56.87 -10.10 74.55
N VAL IB 62 -56.42 -8.96 75.06
CA VAL IB 62 -55.32 -8.95 76.02
C VAL IB 62 -55.73 -9.67 77.30
N GLY IB 63 -57.03 -9.65 77.61
CA GLY IB 63 -57.49 -10.30 78.83
C GLY IB 63 -57.52 -11.81 78.73
N VAL IB 64 -58.02 -12.34 77.60
CA VAL IB 64 -58.19 -13.79 77.49
C VAL IB 64 -56.83 -14.48 77.41
N PHE IB 65 -55.87 -13.88 76.70
CA PHE IB 65 -54.57 -14.51 76.55
C PHE IB 65 -53.71 -14.35 77.80
N SER IB 66 -53.87 -13.25 78.54
CA SER IB 66 -53.23 -13.15 79.83
C SER IB 66 -53.87 -14.12 80.82
N GLY IB 67 -55.17 -14.36 80.70
CA GLY IB 67 -55.80 -15.38 81.52
C GLY IB 67 -55.31 -16.77 81.18
N GLN IB 68 -55.12 -17.04 79.88
CA GLN IB 68 -54.55 -18.31 79.48
C GLN IB 68 -53.16 -18.51 80.07
N ARG IB 69 -52.35 -17.45 80.07
CA ARG IB 69 -51.02 -17.55 80.66
C ARG IB 69 -51.09 -17.76 82.16
N PHE IB 70 -52.01 -17.07 82.85
CA PHE IB 70 -52.13 -17.25 84.29
C PHE IB 70 -52.48 -18.70 84.62
N ALA IB 71 -53.42 -19.28 83.88
CA ALA IB 71 -53.78 -20.68 84.13
C ALA IB 71 -52.61 -21.61 83.86
N GLN IB 72 -51.85 -21.33 82.79
CA GLN IB 72 -50.75 -22.22 82.42
C GLN IB 72 -49.62 -22.20 83.43
N THR IB 73 -49.36 -21.05 84.06
CA THR IB 73 -48.20 -20.92 84.92
C THR IB 73 -48.49 -21.14 86.39
N VAL IB 74 -49.72 -20.94 86.84
CA VAL IB 74 -50.09 -21.04 88.25
C VAL IB 74 -51.01 -22.21 88.51
N LEU IB 75 -52.11 -22.32 87.77
CA LEU IB 75 -53.10 -23.35 88.06
C LEU IB 75 -52.66 -24.72 87.57
N LEU IB 76 -51.99 -24.78 86.42
CA LEU IB 76 -51.57 -26.05 85.86
C LEU IB 76 -50.14 -26.37 86.27
N SER IB 77 -49.74 -27.61 86.04
CA SER IB 77 -48.42 -28.11 86.40
C SER IB 77 -47.78 -28.78 85.20
N LYS IB 78 -46.45 -28.85 85.24
CA LYS IB 78 -45.68 -29.50 84.18
C LYS IB 78 -45.51 -30.97 84.48
N ASN IB 79 -45.36 -31.75 83.43
CA ASN IB 79 -45.16 -33.18 83.59
C ASN IB 79 -43.82 -33.45 84.25
N PRO IB 80 -43.77 -34.20 85.35
CA PRO IB 80 -42.49 -34.67 85.85
C PRO IB 80 -41.91 -35.73 84.93
N PRO IB 81 -40.62 -36.02 85.03
CA PRO IB 81 -40.03 -37.03 84.15
C PRO IB 81 -40.72 -38.37 84.33
N ASN IB 82 -40.83 -39.11 83.23
CA ASN IB 82 -41.49 -40.40 83.27
C ASN IB 82 -40.75 -41.32 84.24
N PRO IB 83 -41.47 -42.23 84.90
CA PRO IB 83 -40.80 -43.14 85.81
C PRO IB 83 -39.78 -43.98 85.06
N PRO IB 84 -38.69 -44.37 85.72
CA PRO IB 84 -37.71 -45.24 85.06
C PRO IB 84 -38.36 -46.52 84.56
N ARG IB 85 -37.96 -46.94 83.38
CA ARG IB 85 -38.48 -48.15 82.73
C ARG IB 85 -37.53 -49.29 83.03
N TYR IB 86 -37.84 -50.07 84.07
CA TYR IB 86 -37.03 -51.21 84.47
C TYR IB 86 -37.59 -52.48 83.85
N ARG IB 87 -36.71 -53.47 83.70
CA ARG IB 87 -37.13 -54.78 83.20
C ARG IB 87 -38.04 -55.45 84.21
N GLU IB 88 -39.21 -55.91 83.74
CA GLU IB 88 -40.20 -56.57 84.58
C GLU IB 88 -40.57 -57.91 83.95
N LYS IB 89 -40.88 -58.89 84.80
CA LYS IB 89 -41.21 -60.23 84.31
C LYS IB 89 -42.63 -60.25 83.75
N PRO IB 90 -42.83 -60.74 82.54
CA PRO IB 90 -44.19 -60.88 82.01
C PRO IB 90 -44.89 -62.09 82.61
N PRO IB 91 -46.22 -62.16 82.51
CA PRO IB 91 -46.92 -63.35 83.02
C PRO IB 91 -46.47 -64.61 82.31
N VAL IB 92 -46.42 -65.71 83.07
CA VAL IB 92 -45.87 -66.95 82.54
C VAL IB 92 -46.70 -67.45 81.37
N ARG IB 93 -48.02 -67.45 81.51
CA ARG IB 93 -48.91 -67.95 80.49
C ARG IB 93 -50.01 -66.95 80.20
N HIS IB 94 -50.48 -66.96 78.96
CA HIS IB 94 -51.72 -66.27 78.64
C HIS IB 94 -52.86 -66.95 79.39
N PRO IB 95 -53.78 -66.18 80.00
CA PRO IB 95 -54.84 -66.80 80.79
C PRO IB 95 -55.72 -67.75 80.00
N HIS IB 96 -55.72 -67.63 78.67
CA HIS IB 96 -56.58 -68.43 77.80
C HIS IB 96 -55.83 -69.55 77.11
N THR IB 97 -54.57 -69.78 77.47
CA THR IB 97 -53.79 -70.85 76.86
C THR IB 97 -54.31 -72.21 77.32
N PRO IB 98 -54.64 -73.11 76.40
CA PRO IB 98 -55.10 -74.45 76.82
C PRO IB 98 -54.02 -75.18 77.61
N ASP IB 99 -54.45 -75.91 78.63
CA ASP IB 99 -53.53 -76.62 79.52
C ASP IB 99 -53.24 -78.02 78.99
N SER JB 1 -36.32 -70.39 27.29
CA SER JB 1 -35.08 -70.82 27.92
C SER JB 1 -35.27 -70.94 29.42
N PRO JB 2 -34.46 -71.76 30.09
CA PRO JB 2 -34.56 -71.84 31.55
C PRO JB 2 -34.40 -70.49 32.21
N GLU JB 3 -33.63 -69.59 31.61
CA GLU JB 3 -33.36 -68.29 32.19
C GLU JB 3 -34.51 -67.30 32.01
N ASP JB 4 -35.53 -67.65 31.24
CA ASP JB 4 -36.73 -66.84 31.16
C ASP JB 4 -37.64 -67.05 32.37
N TYR JB 5 -37.21 -67.86 33.33
CA TYR JB 5 -37.96 -68.17 34.54
C TYR JB 5 -37.04 -67.96 35.74
N PRO JB 6 -36.80 -66.71 36.10
CA PRO JB 6 -35.77 -66.39 37.12
C PRO JB 6 -36.00 -67.08 38.46
N THR JB 7 -34.97 -67.75 38.95
CA THR JB 7 -34.99 -68.45 40.25
C THR JB 7 -33.67 -68.21 40.98
N PRO JB 8 -33.72 -67.97 42.30
CA PRO JB 8 -32.49 -67.76 43.05
C PRO JB 8 -31.58 -68.99 43.00
N GLN JB 9 -30.28 -68.73 43.03
CA GLN JB 9 -29.29 -69.79 42.86
C GLN JB 9 -29.39 -70.84 43.97
N LYS JB 10 -29.79 -70.43 45.18
CA LYS JB 10 -29.86 -71.38 46.29
C LYS JB 10 -30.84 -72.50 46.00
N TYR JB 11 -31.99 -72.17 45.39
CA TYR JB 11 -32.99 -73.19 45.09
C TYR JB 11 -32.55 -74.08 43.94
N LEU JB 12 -31.82 -73.51 42.97
CA LEU JB 12 -31.28 -74.33 41.89
C LEU JB 12 -30.26 -75.34 42.40
N GLU JB 13 -29.68 -75.10 43.57
CA GLU JB 13 -28.70 -76.00 44.16
C GLU JB 13 -29.31 -77.00 45.12
N GLY JB 14 -30.64 -77.02 45.27
CA GLY JB 14 -31.32 -77.99 46.10
C GLY JB 14 -31.93 -77.47 47.37
N ALA JB 15 -31.94 -76.16 47.59
CA ALA JB 15 -32.54 -75.63 48.81
C ALA JB 15 -34.06 -75.85 48.77
N PRO JB 16 -34.68 -76.15 49.91
CA PRO JB 16 -36.14 -76.37 49.93
C PRO JB 16 -36.90 -75.08 49.63
N ILE JB 17 -37.82 -75.16 48.69
CA ILE JB 17 -38.70 -74.04 48.36
C ILE JB 17 -39.78 -73.94 49.44
N PRO JB 18 -40.11 -72.75 49.93
CA PRO JB 18 -41.04 -72.65 51.06
C PRO JB 18 -42.45 -73.10 50.68
N SER JB 19 -43.14 -73.66 51.66
CA SER JB 19 -44.56 -74.00 51.55
C SER JB 19 -45.39 -72.93 52.23
N TRP JB 20 -46.71 -73.06 52.13
CA TRP JB 20 -47.64 -72.13 52.76
C TRP JB 20 -48.62 -72.90 53.64
N TYR JB 21 -49.06 -72.26 54.73
CA TYR JB 21 -49.99 -72.84 55.67
C TYR JB 21 -51.22 -71.95 55.78
N SER JB 22 -52.40 -72.56 55.71
CA SER JB 22 -53.67 -71.85 55.81
C SER JB 22 -54.43 -72.32 57.04
N PHE JB 23 -55.08 -71.39 57.72
CA PHE JB 23 -55.90 -71.69 58.88
C PHE JB 23 -57.14 -70.82 58.88
N GLN JB 24 -58.20 -71.32 59.52
CA GLN JB 24 -59.48 -70.63 59.58
C GLN JB 24 -59.67 -69.99 60.95
N SER JB 25 -60.13 -68.74 60.96
CA SER JB 25 -60.38 -68.00 62.19
C SER JB 25 -61.87 -67.78 62.34
N ASN JB 26 -62.44 -68.29 63.42
CA ASN JB 26 -63.88 -68.24 63.67
C ASN JB 26 -64.17 -67.58 65.01
N LEU JB 27 -65.31 -66.93 65.09
CA LEU JB 27 -65.76 -66.33 66.34
C LEU JB 27 -65.98 -67.42 67.39
N VAL JB 28 -65.66 -67.10 68.63
CA VAL JB 28 -65.96 -67.98 69.75
C VAL JB 28 -67.42 -67.76 70.14
N GLY JB 29 -68.20 -68.84 70.15
CA GLY JB 29 -69.61 -68.72 70.43
C GLY JB 29 -69.88 -68.26 71.85
N ASP JB 30 -71.09 -67.74 72.05
CA ASP JB 30 -71.47 -67.24 73.37
C ASP JB 30 -71.37 -68.33 74.42
N MET JB 31 -71.81 -69.54 74.09
CA MET JB 31 -71.76 -70.64 75.04
C MET JB 31 -70.37 -71.19 75.24
N ASP JB 32 -69.44 -70.89 74.33
CA ASP JB 32 -68.07 -71.37 74.44
C ASP JB 32 -67.13 -70.34 75.06
N LEU JB 33 -67.61 -69.14 75.36
CA LEU JB 33 -66.75 -68.11 75.92
C LEU JB 33 -66.24 -68.52 77.30
N LYS JB 34 -65.00 -68.15 77.58
CA LYS JB 34 -64.35 -68.38 78.86
C LYS JB 34 -64.46 -67.15 79.73
N PRO JB 35 -64.10 -67.25 81.02
CA PRO JB 35 -64.35 -66.13 81.93
C PRO JB 35 -63.74 -64.81 81.47
N GLY JB 36 -62.57 -64.83 80.86
CA GLY JB 36 -61.88 -63.60 80.51
C GLY JB 36 -61.99 -63.15 79.07
N MET JB 37 -62.64 -63.93 78.21
CA MET JB 37 -62.67 -63.59 76.79
C MET JB 37 -63.60 -62.41 76.53
N ALA JB 38 -63.24 -61.62 75.53
CA ALA JB 38 -64.04 -60.47 75.12
C ALA JB 38 -65.15 -60.95 74.18
N ARG JB 39 -66.39 -60.69 74.57
CA ARG JB 39 -67.52 -61.11 73.77
C ARG JB 39 -67.61 -60.29 72.48
N MET JB 40 -67.92 -60.99 71.38
CA MET JB 40 -68.08 -60.46 70.03
C MET JB 40 -66.75 -60.16 69.36
N LEU JB 41 -65.62 -60.36 70.02
CA LEU JB 41 -64.32 -60.06 69.45
C LEU JB 41 -63.34 -61.21 69.48
N GLU JB 42 -63.54 -62.20 70.33
CA GLU JB 42 -62.60 -63.31 70.43
C GLU JB 42 -62.76 -64.27 69.25
N VAL JB 43 -61.65 -64.93 68.91
CA VAL JB 43 -61.63 -65.93 67.84
C VAL JB 43 -60.88 -67.15 68.34
N ASP JB 44 -61.08 -68.28 67.66
CA ASP JB 44 -60.45 -69.53 68.07
C ASP JB 44 -59.04 -69.70 67.53
N LYS JB 45 -58.69 -69.03 66.44
CA LYS JB 45 -57.33 -69.02 65.91
C LYS JB 45 -56.96 -67.59 65.57
N ARG JB 46 -56.01 -67.03 66.31
CA ARG JB 46 -55.53 -65.68 66.05
C ARG JB 46 -54.44 -65.69 64.98
N LEU JB 47 -54.22 -64.52 64.38
CA LEU JB 47 -53.15 -64.32 63.42
C LEU JB 47 -51.96 -63.69 64.14
N THR JB 48 -50.88 -64.44 64.26
CA THR JB 48 -49.66 -63.94 64.89
C THR JB 48 -48.74 -63.33 63.84
N VAL JB 49 -48.18 -62.17 64.14
CA VAL JB 49 -47.27 -61.49 63.24
C VAL JB 49 -46.11 -60.92 64.03
N PRO JB 50 -44.95 -60.77 63.39
CA PRO JB 50 -43.81 -60.15 64.06
C PRO JB 50 -43.92 -58.64 64.07
N THR JB 51 -43.41 -58.05 65.14
CA THR JB 51 -43.39 -56.60 65.27
C THR JB 51 -42.08 -56.04 64.70
N ARG JB 52 -42.10 -54.74 64.38
CA ARG JB 52 -40.93 -54.07 63.81
C ARG JB 52 -40.50 -54.76 62.51
N THR JB 53 -41.49 -55.13 61.69
CA THR JB 53 -41.26 -55.76 60.40
C THR JB 53 -42.27 -55.22 59.39
N HIS JB 54 -41.83 -55.02 58.15
CA HIS JB 54 -42.73 -54.62 57.08
C HIS JB 54 -43.47 -55.84 56.55
N ILE JB 55 -44.79 -55.83 56.66
CA ILE JB 55 -45.64 -56.95 56.26
C ILE JB 55 -46.59 -56.48 55.18
N ARG JB 56 -46.71 -57.27 54.11
CA ARG JB 56 -47.66 -57.01 53.04
C ARG JB 56 -48.89 -57.89 53.24
N PHE JB 57 -50.04 -57.27 53.43
CA PHE JB 57 -51.30 -57.98 53.55
C PHE JB 57 -52.02 -57.91 52.21
N LEU JB 58 -52.31 -59.07 51.63
CA LEU JB 58 -53.11 -59.17 50.41
C LEU JB 58 -54.50 -59.68 50.78
N ILE JB 59 -55.51 -58.85 50.54
CA ILE JB 59 -56.86 -59.07 51.05
C ILE JB 59 -57.82 -59.20 49.89
N THR JB 60 -58.62 -60.26 49.91
CA THR JB 60 -59.69 -60.45 48.93
C THR JB 60 -60.87 -61.13 49.62
N GLY JB 61 -62.00 -61.16 48.92
CA GLY JB 61 -63.18 -61.84 49.41
C GLY JB 61 -63.64 -62.93 48.47
N ALA JB 62 -63.93 -64.11 49.02
CA ALA JB 62 -64.24 -65.26 48.17
C ALA JB 62 -65.65 -65.19 47.58
N ASP JB 63 -66.64 -64.84 48.41
CA ASP JB 63 -68.04 -64.96 48.01
C ASP JB 63 -68.74 -63.60 47.93
N VAL JB 64 -68.77 -62.85 49.02
CA VAL JB 64 -69.39 -61.52 49.05
C VAL JB 64 -68.31 -60.54 49.48
N ILE JB 65 -68.66 -59.25 49.55
CA ILE JB 65 -67.72 -58.23 49.97
C ILE JB 65 -67.71 -58.18 51.50
N HIS JB 66 -66.59 -58.57 52.10
CA HIS JB 66 -66.32 -58.31 53.50
C HIS JB 66 -65.41 -57.08 53.60
N SER JB 67 -64.88 -56.81 54.79
CA SER JB 67 -63.89 -55.75 54.94
C SER JB 67 -63.03 -56.05 56.16
N TRP JB 68 -61.72 -56.18 55.94
CA TRP JB 68 -60.77 -56.49 57.00
C TRP JB 68 -60.36 -55.19 57.68
N SER JB 69 -60.80 -55.00 58.93
CA SER JB 69 -60.56 -53.77 59.65
C SER JB 69 -59.85 -54.08 60.96
N VAL JB 70 -58.71 -53.43 61.18
CA VAL JB 70 -57.99 -53.48 62.44
C VAL JB 70 -57.72 -52.03 62.86
N PRO JB 71 -58.60 -51.42 63.65
CA PRO JB 71 -58.44 -49.97 63.96
C PRO JB 71 -57.10 -49.57 64.52
N SER JB 72 -56.47 -50.41 65.36
CA SER JB 72 -55.20 -50.06 65.99
C SER JB 72 -54.08 -50.01 64.97
N LEU JB 73 -54.15 -50.83 63.92
CA LEU JB 73 -53.15 -50.87 62.87
C LEU JB 73 -53.48 -49.92 61.73
N GLY JB 74 -54.58 -49.19 61.84
CA GLY JB 74 -54.96 -48.24 60.81
C GLY JB 74 -55.25 -48.89 59.47
N ILE JB 75 -55.88 -50.06 59.49
CA ILE JB 75 -56.17 -50.82 58.28
C ILE JB 75 -57.68 -50.99 58.17
N LYS JB 76 -58.23 -50.63 57.01
CA LYS JB 76 -59.62 -50.94 56.69
C LYS JB 76 -59.67 -51.14 55.17
N CYS JB 77 -59.53 -52.39 54.76
CA CYS JB 77 -59.48 -52.77 53.36
C CYS JB 77 -60.66 -53.67 53.02
N ASP JB 78 -61.36 -53.35 51.94
CA ASP JB 78 -62.51 -54.13 51.53
C ASP JB 78 -62.06 -55.42 50.85
N ALA JB 79 -62.57 -56.55 51.35
CA ALA JB 79 -62.29 -57.87 50.77
C ALA JB 79 -63.30 -58.12 49.66
N THR JB 80 -63.02 -57.56 48.49
CA THR JB 80 -63.92 -57.64 47.36
C THR JB 80 -63.56 -58.79 46.45
N PRO JB 81 -64.52 -59.61 46.02
CA PRO JB 81 -64.20 -60.66 45.04
C PRO JB 81 -63.66 -60.05 43.76
N GLY JB 82 -62.56 -60.63 43.27
CA GLY JB 82 -61.92 -60.17 42.05
C GLY JB 82 -60.82 -59.17 42.25
N ARG JB 83 -60.64 -58.64 43.46
CA ARG JB 83 -59.60 -57.65 43.74
C ARG JB 83 -58.74 -58.14 44.90
N LEU JB 84 -57.44 -58.25 44.67
CA LEU JB 84 -56.47 -58.67 45.68
C LEU JB 84 -55.70 -57.42 46.12
N VAL JB 85 -56.27 -56.70 47.07
CA VAL JB 85 -55.76 -55.39 47.47
C VAL JB 85 -54.55 -55.57 48.38
N LYS JB 86 -53.48 -54.84 48.07
CA LYS JB 86 -52.25 -54.85 48.85
C LYS JB 86 -52.28 -53.77 49.93
N ILE JB 87 -51.99 -54.15 51.16
CA ILE JB 87 -51.91 -53.24 52.29
C ILE JB 87 -50.58 -53.51 53.00
N ASN JB 88 -49.76 -52.46 53.15
CA ASN JB 88 -48.48 -52.56 53.83
C ASN JB 88 -48.60 -52.01 55.26
N THR JB 89 -47.97 -52.69 56.21
CA THR JB 89 -48.02 -52.29 57.61
C THR JB 89 -46.68 -52.49 58.28
N PHE JB 90 -46.45 -51.74 59.36
CA PHE JB 90 -45.24 -51.84 60.18
C PHE JB 90 -45.64 -51.66 61.65
N ILE JB 91 -45.81 -52.77 62.35
CA ILE JB 91 -46.23 -52.71 63.75
C ILE JB 91 -45.06 -52.22 64.62
N GLN JB 92 -45.36 -51.34 65.57
CA GLN JB 92 -44.33 -50.73 66.38
C GLN JB 92 -44.34 -51.24 67.82
N ARG JB 93 -45.46 -51.76 68.31
CA ARG JB 93 -45.59 -52.25 69.68
C ARG JB 93 -46.28 -53.60 69.69
N GLU JB 94 -45.93 -54.44 70.68
CA GLU JB 94 -46.61 -55.71 70.86
C GLU JB 94 -48.01 -55.52 71.43
N GLY JB 95 -48.85 -56.52 71.25
CA GLY JB 95 -50.18 -56.50 71.78
C GLY JB 95 -51.11 -57.35 70.94
N VAL JB 96 -52.40 -57.24 71.24
CA VAL JB 96 -53.46 -57.92 70.51
C VAL JB 96 -54.45 -56.85 70.05
N PHE JB 97 -54.64 -56.76 68.74
CA PHE JB 97 -55.48 -55.72 68.13
C PHE JB 97 -56.74 -56.38 67.59
N TYR JB 98 -57.90 -55.94 68.06
CA TYR JB 98 -59.19 -56.53 67.71
C TYR JB 98 -59.91 -55.68 66.68
N GLY JB 99 -60.55 -56.35 65.73
CA GLY JB 99 -61.34 -55.68 64.71
C GLY JB 99 -62.52 -56.53 64.32
N GLN JB 100 -63.36 -55.95 63.46
CA GLN JB 100 -64.58 -56.60 63.03
C GLN JB 100 -64.77 -56.36 61.53
N CYS JB 101 -65.51 -57.27 60.89
CA CYS JB 101 -65.84 -57.07 59.49
C CYS JB 101 -66.62 -55.76 59.33
N SER JB 102 -66.25 -54.99 58.31
CA SER JB 102 -66.80 -53.65 58.12
C SER JB 102 -67.57 -53.52 56.81
N GLU JB 103 -68.13 -54.61 56.30
CA GLU JB 103 -69.03 -54.53 55.15
C GLU JB 103 -70.13 -55.56 55.34
N LEU JB 104 -71.37 -55.11 55.43
CA LEU JB 104 -72.50 -56.01 55.58
C LEU JB 104 -72.34 -57.18 54.62
N CYS JB 105 -72.22 -58.37 55.18
CA CYS JB 105 -71.85 -59.55 54.42
C CYS JB 105 -72.88 -60.66 54.51
N GLY JB 106 -74.00 -60.43 55.18
CA GLY JB 106 -75.03 -61.42 55.34
C GLY JB 106 -75.49 -61.49 56.77
N THR JB 107 -76.07 -62.64 57.12
CA THR JB 107 -76.72 -62.80 58.41
C THR JB 107 -75.77 -62.52 59.56
N LEU JB 108 -74.57 -63.10 59.51
CA LEU JB 108 -73.60 -63.03 60.60
C LEU JB 108 -72.47 -62.05 60.29
N HIS JB 109 -72.80 -60.90 59.70
CA HIS JB 109 -71.83 -59.84 59.49
C HIS JB 109 -71.19 -59.40 60.80
N ALA JB 110 -71.93 -59.47 61.90
CA ALA JB 110 -71.47 -59.02 63.20
C ALA JB 110 -70.71 -60.09 63.97
N PHE JB 111 -70.44 -61.25 63.37
CA PHE JB 111 -69.91 -62.38 64.09
C PHE JB 111 -68.67 -62.97 63.44
N MET JB 112 -67.88 -62.14 62.75
CA MET JB 112 -66.59 -62.56 62.20
C MET JB 112 -65.55 -61.52 62.56
N PRO JB 113 -65.06 -61.55 63.80
CA PRO JB 113 -64.05 -60.57 64.23
C PRO JB 113 -62.66 -60.89 63.68
N ILE JB 114 -61.79 -59.90 63.81
CA ILE JB 114 -60.44 -59.94 63.29
C ILE JB 114 -59.50 -59.70 64.46
N VAL JB 115 -58.75 -60.73 64.86
CA VAL JB 115 -57.82 -60.64 65.97
C VAL JB 115 -56.42 -60.86 65.44
N VAL JB 116 -55.56 -59.87 65.66
CA VAL JB 116 -54.15 -59.93 65.28
C VAL JB 116 -53.32 -59.70 66.52
N GLU JB 117 -52.39 -60.61 66.79
CA GLU JB 117 -51.47 -60.48 67.92
C GLU JB 117 -50.06 -60.28 67.38
N ALA JB 118 -49.43 -59.20 67.82
CA ALA JB 118 -48.07 -58.87 67.41
C ALA JB 118 -47.11 -59.21 68.54
N VAL JB 119 -46.11 -60.01 68.23
CA VAL JB 119 -45.13 -60.49 69.20
C VAL JB 119 -43.74 -60.14 68.72
N SER JB 120 -42.77 -60.35 69.59
CA SER JB 120 -41.38 -60.08 69.23
C SER JB 120 -40.95 -61.00 68.08
N PRO JB 121 -40.03 -60.56 67.23
CA PRO JB 121 -39.60 -61.41 66.12
C PRO JB 121 -39.08 -62.77 66.57
N GLU JB 122 -38.36 -62.83 67.69
CA GLU JB 122 -37.92 -64.13 68.17
C GLU JB 122 -39.10 -65.00 68.58
N ALA JB 123 -40.11 -64.40 69.20
CA ALA JB 123 -41.30 -65.16 69.58
C ALA JB 123 -42.07 -65.62 68.35
N PHE JB 124 -42.19 -64.76 67.34
CA PHE JB 124 -42.93 -65.14 66.13
C PHE JB 124 -42.28 -66.33 65.45
N ALA JB 125 -40.95 -66.34 65.39
CA ALA JB 125 -40.25 -67.44 64.73
C ALA JB 125 -40.50 -68.76 65.44
N ALA JB 126 -40.46 -68.75 66.76
CA ALA JB 126 -40.74 -69.97 67.52
C ALA JB 126 -42.17 -70.45 67.30
N HIS JB 127 -43.12 -69.52 67.33
CA HIS JB 127 -44.52 -69.86 67.09
C HIS JB 127 -44.71 -70.47 65.71
N ALA JB 128 -44.17 -69.81 64.68
CA ALA JB 128 -44.33 -70.29 63.32
C ALA JB 128 -43.71 -71.67 63.15
N LYS JB 129 -42.58 -71.91 63.82
CA LYS JB 129 -41.91 -73.20 63.72
C LYS JB 129 -42.74 -74.31 64.32
N LYS JB 130 -43.50 -74.02 65.38
CA LYS JB 130 -44.30 -75.03 66.06
C LYS JB 130 -45.69 -75.18 65.46
N TRP JB 131 -46.30 -74.08 65.02
CA TRP JB 131 -47.65 -74.11 64.46
C TRP JB 131 -47.62 -73.97 62.95
N ASP KB 1 -56.05 -50.92 70.62
CA ASP KB 1 -56.22 -52.36 70.60
C ASP KB 1 -57.69 -52.78 70.69
N ILE KB 2 -58.35 -52.43 71.80
CA ILE KB 2 -59.75 -52.85 72.03
C ILE KB 2 -60.51 -51.64 72.56
N PRO KB 3 -61.79 -51.51 72.21
CA PRO KB 3 -62.60 -50.42 72.80
C PRO KB 3 -62.68 -50.51 74.31
N TRP KB 4 -62.75 -49.35 74.95
CA TRP KB 4 -62.86 -49.24 76.39
C TRP KB 4 -64.07 -48.37 76.73
N PRO KB 5 -64.69 -48.59 77.90
CA PRO KB 5 -65.98 -47.95 78.21
C PRO KB 5 -65.89 -46.43 78.34
N ALA KB 6 -66.93 -45.75 77.86
CA ALA KB 6 -67.12 -44.32 78.07
C ALA KB 6 -65.88 -43.54 77.67
N ARG KB 7 -65.35 -43.85 76.50
CA ARG KB 7 -64.16 -43.19 75.96
C ARG KB 7 -64.55 -42.35 74.75
N THR KB 8 -64.18 -41.07 74.78
CA THR KB 8 -64.40 -40.22 73.62
C THR KB 8 -63.48 -40.64 72.46
N ASP KB 9 -62.20 -40.81 72.75
CA ASP KB 9 -61.22 -41.25 71.74
C ASP KB 9 -61.31 -40.38 70.49
N TRP KB 10 -61.51 -39.08 70.68
CA TRP KB 10 -61.74 -38.17 69.57
C TRP KB 10 -60.57 -38.21 68.60
N GLY KB 11 -60.81 -38.67 67.38
CA GLY KB 11 -59.79 -38.80 66.38
C GLY KB 11 -59.09 -40.15 66.31
N GLY KB 12 -59.35 -41.05 67.25
CA GLY KB 12 -58.74 -42.35 67.29
C GLY KB 12 -58.01 -42.59 68.61
N HIS KB 13 -57.57 -43.84 68.81
CA HIS KB 13 -56.84 -44.18 70.05
C HIS KB 13 -55.89 -45.36 69.82
N ASP KB 14 -54.85 -45.43 70.70
CA ASP KB 14 -53.88 -46.54 70.73
C ASP KB 14 -53.43 -46.94 69.33
N PRO KB 15 -52.68 -46.09 68.63
CA PRO KB 15 -52.10 -46.48 67.33
C PRO KB 15 -50.95 -47.43 67.59
N ALA KB 16 -50.73 -48.36 66.65
CA ALA KB 16 -49.61 -49.30 66.75
C ALA KB 16 -48.83 -49.40 65.44
N THR KB 17 -49.05 -48.47 64.52
CA THR KB 17 -48.33 -48.39 63.27
C THR KB 17 -48.08 -46.93 62.96
N PRO KB 18 -47.03 -46.60 62.19
CA PRO KB 18 -46.85 -45.19 61.78
C PRO KB 18 -48.02 -44.62 61.04
N PHE KB 19 -48.70 -45.43 60.22
CA PHE KB 19 -49.87 -44.94 59.50
C PHE KB 19 -51.00 -44.61 60.48
N ALA KB 20 -51.17 -45.43 61.52
CA ALA KB 20 -52.21 -45.15 62.50
C ALA KB 20 -51.99 -43.82 63.18
N GLU KB 21 -50.73 -43.51 63.53
CA GLU KB 21 -50.41 -42.20 64.08
C GLU KB 21 -50.75 -41.09 63.09
N LEU KB 22 -50.46 -41.33 61.81
CA LEU KB 22 -50.77 -40.32 60.80
C LEU KB 22 -52.26 -40.01 60.81
N MET KB 23 -53.10 -41.04 60.86
CA MET KB 23 -54.55 -40.84 60.81
C MET KB 23 -55.01 -39.98 61.98
N ILE KB 24 -54.53 -40.29 63.19
CA ILE KB 24 -54.94 -39.55 64.38
C ILE KB 24 -54.54 -38.09 64.22
N ASN KB 25 -53.31 -37.83 63.75
CA ASN KB 25 -52.82 -36.45 63.65
C ASN KB 25 -53.52 -35.69 62.53
N THR KB 26 -53.91 -36.36 61.46
CA THR KB 26 -54.67 -35.66 60.41
C THR KB 26 -55.98 -35.14 60.97
N HIS KB 27 -56.68 -35.95 61.76
CA HIS KB 27 -57.92 -35.49 62.37
C HIS KB 27 -57.65 -34.36 63.36
N SER KB 28 -56.61 -34.52 64.19
CA SER KB 28 -56.30 -33.49 65.17
C SER KB 28 -55.90 -32.19 64.49
N MET KB 29 -55.23 -32.28 63.34
CA MET KB 29 -54.83 -31.06 62.62
C MET KB 29 -56.04 -30.28 62.14
N PHE KB 30 -57.06 -30.97 61.64
CA PHE KB 30 -58.22 -30.25 61.10
C PHE KB 30 -59.23 -29.87 62.17
N TRP KB 31 -59.22 -30.53 63.32
CA TRP KB 31 -60.23 -30.28 64.33
C TRP KB 31 -60.32 -28.83 64.75
N PRO KB 32 -59.22 -28.12 65.05
CA PRO KB 32 -59.36 -26.69 65.38
C PRO KB 32 -59.97 -25.86 64.27
N VAL KB 33 -59.68 -26.19 63.01
CA VAL KB 33 -60.31 -25.46 61.91
C VAL KB 33 -61.81 -25.68 61.92
N ALA KB 34 -62.25 -26.90 62.19
CA ALA KB 34 -63.68 -27.18 62.28
C ALA KB 34 -64.33 -26.37 63.39
N ILE KB 35 -63.68 -26.29 64.55
CA ILE KB 35 -64.20 -25.49 65.65
C ILE KB 35 -64.31 -24.03 65.25
N PHE KB 36 -63.29 -23.51 64.57
CA PHE KB 36 -63.33 -22.12 64.11
C PHE KB 36 -64.51 -21.91 63.16
N ILE KB 37 -64.69 -22.80 62.20
CA ILE KB 37 -65.78 -22.68 61.25
C ILE KB 37 -67.12 -22.67 61.98
N TYR KB 38 -67.28 -23.53 62.98
CA TYR KB 38 -68.53 -23.60 63.72
C TYR KB 38 -68.73 -22.35 64.56
N VAL KB 39 -67.77 -22.03 65.44
CA VAL KB 39 -67.92 -20.91 66.37
C VAL KB 39 -68.16 -19.62 65.60
N SER KB 40 -67.37 -19.39 64.56
CA SER KB 40 -67.44 -18.12 63.85
C SER KB 40 -68.81 -17.92 63.21
N ALA KB 41 -69.43 -18.99 62.74
CA ALA KB 41 -70.73 -18.90 62.07
C ALA KB 41 -71.86 -18.81 63.09
N ILE KB 42 -71.82 -19.65 64.12
CA ILE KB 42 -72.89 -19.71 65.10
C ILE KB 42 -73.01 -18.40 65.88
N TYR KB 43 -71.88 -17.74 66.13
CA TYR KB 43 -71.91 -16.51 66.91
C TYR KB 43 -72.80 -15.44 66.28
N MET KB 44 -73.03 -15.53 64.97
CA MET KB 44 -73.82 -14.54 64.26
C MET KB 44 -75.25 -14.98 64.02
N VAL KB 45 -75.67 -16.10 64.59
CA VAL KB 45 -77.05 -16.54 64.47
C VAL KB 45 -77.87 -15.83 65.53
N LYS KB 46 -78.44 -14.69 65.17
CA LYS KB 46 -79.15 -13.83 66.11
C LYS KB 46 -79.82 -12.71 65.33
N LYS KB 47 -80.67 -11.96 66.01
CA LYS KB 47 -81.30 -10.79 65.41
C LYS KB 47 -80.34 -9.60 65.46
N LYS LB 1 -107.27 -6.58 80.33
CA LYS LB 1 -108.58 -7.17 80.22
C LYS LB 1 -108.50 -8.54 79.56
N SER LB 2 -109.54 -9.35 79.72
CA SER LB 2 -109.65 -10.65 79.07
C SER LB 2 -110.52 -10.49 77.84
N TYR LB 3 -109.90 -10.62 76.67
CA TYR LB 3 -110.63 -10.46 75.42
C TYR LB 3 -111.56 -11.63 75.12
N TYR LB 4 -111.31 -12.79 75.73
CA TYR LB 4 -112.18 -13.94 75.51
C TYR LB 4 -113.58 -13.68 76.04
N ASP LB 5 -113.70 -12.95 77.14
CA ASP LB 5 -115.01 -12.67 77.70
C ASP LB 5 -115.87 -11.83 76.77
N ASP LB 6 -115.26 -11.08 75.86
CA ASP LB 6 -116.03 -10.24 74.95
C ASP LB 6 -116.90 -11.07 74.02
N PHE LB 7 -116.37 -12.18 73.51
CA PHE LB 7 -117.08 -13.04 72.58
C PHE LB 7 -117.36 -14.41 73.17
N LYS LB 8 -117.46 -14.49 74.50
CA LYS LB 8 -117.86 -15.74 75.14
C LYS LB 8 -119.25 -16.16 74.71
N ASP LB 9 -120.16 -15.19 74.56
CA ASP LB 9 -121.55 -15.51 74.24
C ASP LB 9 -121.65 -16.26 72.91
N ARG LB 10 -120.86 -15.85 71.91
CA ARG LB 10 -120.94 -16.49 70.61
C ARG LB 10 -120.57 -17.97 70.67
N LEU LB 11 -119.71 -18.35 71.60
CA LEU LB 11 -119.19 -19.70 71.69
C LEU LB 11 -120.01 -20.47 72.72
N LYS LB 12 -121.05 -21.15 72.24
CA LYS LB 12 -121.86 -22.00 73.10
C LYS LB 12 -121.26 -23.40 73.11
N PRO LB 13 -120.92 -23.94 74.28
CA PRO LB 13 -120.29 -25.28 74.31
C PRO LB 13 -121.17 -26.32 73.62
N GLY LB 14 -120.50 -27.32 73.03
CA GLY LB 14 -121.19 -28.31 72.23
C GLY LB 14 -121.76 -29.46 73.05
N LYS LB 15 -122.68 -30.19 72.42
CA LYS LB 15 -123.38 -31.31 73.04
C LYS LB 15 -122.95 -32.66 72.52
N TYR LB 16 -122.70 -32.79 71.22
CA TYR LB 16 -122.37 -34.06 70.60
C TYR LB 16 -120.87 -34.18 70.37
N THR LB 17 -120.33 -35.38 70.57
CA THR LB 17 -118.95 -35.65 70.24
C THR LB 17 -118.77 -35.62 68.72
N GLN LB 18 -117.90 -34.73 68.25
CA GLN LB 18 -117.65 -34.45 66.84
C GLN LB 18 -118.82 -33.73 66.18
N GLY LB 19 -119.75 -33.18 66.97
CA GLY LB 19 -120.75 -32.29 66.46
C GLY LB 19 -121.86 -32.93 65.65
N ARG LB 20 -122.09 -34.23 65.81
CA ARG LB 20 -123.16 -34.93 65.11
C ARG LB 20 -123.83 -35.91 66.06
N CYS LB 21 -125.15 -36.01 65.95
CA CYS LB 21 -125.90 -37.03 66.69
C CYS LB 21 -125.67 -38.40 66.06
N PRO LB 22 -125.97 -39.47 66.79
CA PRO LB 22 -125.91 -40.80 66.17
C PRO LB 22 -126.78 -40.83 64.91
N GLN LB 23 -126.29 -41.54 63.88
CA GLN LB 23 -127.01 -41.58 62.61
C GLN LB 23 -128.44 -42.05 62.81
N SER LB 24 -128.67 -42.90 63.81
CA SER LB 24 -130.01 -43.38 64.11
C SER LB 24 -130.93 -42.24 64.53
N GLU LB 25 -130.43 -41.33 65.37
CA GLU LB 25 -131.24 -40.21 65.82
C GLU LB 25 -131.48 -39.22 64.70
N GLY LB 26 -130.52 -39.07 63.79
CA GLY LB 26 -130.69 -38.26 62.61
C GLY LB 26 -129.76 -38.71 61.51
N ASP LB 27 -130.30 -39.00 60.33
CA ASP LB 27 -129.53 -39.58 59.24
C ASP LB 27 -128.91 -38.44 58.43
N TYR LB 28 -127.67 -38.10 58.77
CA TYR LB 28 -126.94 -37.05 58.08
C TYR LB 28 -126.37 -37.51 56.74
N ARG LB 29 -126.43 -38.82 56.44
CA ARG LB 29 -125.90 -39.32 55.19
C ARG LB 29 -126.82 -39.03 54.01
N GLN LB 30 -128.11 -38.88 54.27
CA GLN LB 30 -129.06 -38.68 53.19
C GLN LB 30 -129.00 -37.25 52.67
N GLU LB 31 -129.42 -37.10 51.42
CA GLU LB 31 -129.52 -35.78 50.82
C GLU LB 31 -130.67 -34.99 51.44
N SER LB 32 -130.46 -33.70 51.61
CA SER LB 32 -131.49 -32.85 52.17
C SER LB 32 -132.65 -32.70 51.19
N LYS LB 33 -133.86 -32.69 51.73
CA LYS LB 33 -135.06 -32.50 50.91
C LYS LB 33 -135.45 -31.03 50.78
N THR LB 34 -134.74 -30.14 51.46
CA THR LB 34 -135.07 -28.72 51.39
C THR LB 34 -134.88 -28.21 49.97
N ILE LB 35 -135.82 -27.36 49.54
CA ILE LB 35 -135.73 -26.81 48.19
C ILE LB 35 -134.47 -25.95 48.09
N GLY LB 36 -133.76 -26.09 46.99
CA GLY LB 36 -132.53 -25.37 46.77
C GLY LB 36 -131.32 -25.96 47.46
N ARG LB 37 -131.46 -27.10 48.13
CA ARG LB 37 -130.36 -27.75 48.83
C ARG LB 37 -130.18 -29.19 48.34
N GLU LB 38 -130.56 -29.46 47.10
CA GLU LB 38 -130.47 -30.81 46.56
C GLU LB 38 -129.02 -31.27 46.42
N HIS LB 39 -128.07 -30.35 46.40
CA HIS LB 39 -126.66 -30.68 46.27
C HIS LB 39 -125.98 -30.87 47.63
N LEU LB 40 -126.72 -30.77 48.72
CA LEU LB 40 -126.17 -30.86 50.06
C LEU LB 40 -126.82 -32.00 50.83
N ASN LB 41 -126.07 -32.54 51.78
CA ASN LB 41 -126.63 -33.50 52.71
C ASN LB 41 -127.38 -32.78 53.82
N ASP LB 42 -127.99 -33.56 54.72
CA ASP LB 42 -128.76 -32.95 55.80
C ASP LB 42 -127.86 -32.15 56.73
N ASP LB 43 -126.67 -32.64 57.01
CA ASP LB 43 -125.74 -31.95 57.89
C ASP LB 43 -125.01 -30.80 57.21
N GLY LB 44 -125.26 -30.57 55.93
CA GLY LB 44 -124.69 -29.46 55.21
C GLY LB 44 -123.53 -29.81 54.30
N THR LB 45 -122.96 -31.00 54.44
CA THR LB 45 -121.87 -31.41 53.56
C THR LB 45 -122.41 -31.73 52.17
N ARG LB 46 -121.53 -31.61 51.18
CA ARG LB 46 -121.92 -31.87 49.80
C ARG LB 46 -122.25 -33.35 49.61
N SER LB 47 -123.33 -33.61 48.88
CA SER LB 47 -123.78 -34.97 48.68
C SER LB 47 -122.92 -35.69 47.64
N LYS LB 48 -122.77 -37.00 47.85
CA LYS LB 48 -121.98 -37.80 46.91
C LYS LB 48 -122.56 -37.75 45.51
N ARG LB 49 -123.88 -37.64 45.39
CA ARG LB 49 -124.49 -37.54 44.06
C ARG LB 49 -123.99 -36.30 43.34
N TYR LB 50 -123.91 -35.17 44.05
CA TYR LB 50 -123.50 -33.92 43.42
C TYR LB 50 -122.04 -33.94 43.02
N THR LB 51 -121.18 -34.55 43.84
CA THR LB 51 -119.74 -34.47 43.64
C THR LB 51 -119.14 -35.67 42.94
N VAL LB 52 -119.73 -36.85 43.05
CA VAL LB 52 -119.12 -38.06 42.52
C VAL LB 52 -120.03 -38.73 41.49
N LYS LB 53 -121.22 -39.16 41.93
CA LYS LB 53 -122.03 -40.01 41.09
C LYS LB 53 -122.54 -39.29 39.85
N GLU LB 54 -122.85 -38.00 39.98
CA GLU LB 54 -123.36 -37.19 38.88
C GLU LB 54 -122.58 -35.90 38.77
N ALA LB 55 -121.26 -36.00 38.82
CA ALA LB 55 -120.42 -34.82 38.73
C ALA LB 55 -120.55 -34.18 37.34
N ASP LB 56 -120.69 -32.86 37.32
CA ASP LB 56 -120.89 -32.16 36.07
C ASP LB 56 -119.69 -32.28 35.14
N ALA LB 57 -118.49 -32.43 35.69
CA ALA LB 57 -117.31 -32.60 34.86
C ALA LB 57 -117.35 -33.89 34.05
N LEU LB 58 -118.21 -34.83 34.42
CA LEU LB 58 -118.33 -36.10 33.72
C LEU LB 58 -119.46 -36.10 32.70
N GLY LB 59 -120.11 -34.96 32.48
CA GLY LB 59 -121.17 -34.85 31.51
C GLY LB 59 -122.57 -34.86 32.07
N TYR LB 60 -122.72 -34.90 33.38
CA TYR LB 60 -124.03 -34.87 34.01
C TYR LB 60 -124.50 -33.43 34.17
N HIS LB 61 -125.80 -33.22 34.01
CA HIS LB 61 -126.42 -31.92 34.19
C HIS LB 61 -125.69 -30.85 33.39
N TYR LB 62 -125.61 -31.08 32.09
CA TYR LB 62 -124.91 -30.15 31.20
C TYR LB 62 -125.69 -28.85 31.11
N HIS LB 63 -125.05 -27.75 31.50
CA HIS LB 63 -125.69 -26.44 31.51
C HIS LB 63 -124.65 -25.38 31.25
N PRO LB 64 -124.46 -24.97 29.99
CA PRO LB 64 -123.46 -23.95 29.67
C PRO LB 64 -123.80 -22.62 30.33
N PRO LB 65 -122.85 -22.04 31.08
CA PRO LB 65 -123.18 -20.77 31.75
C PRO LB 65 -123.23 -19.58 30.81
N ILE LB 66 -122.31 -19.49 29.85
CA ILE LB 66 -122.24 -18.32 28.99
C ILE LB 66 -123.47 -18.25 28.10
N ASP LB 67 -123.95 -17.04 27.85
CA ASP LB 67 -125.18 -16.82 27.10
C ASP LB 67 -124.87 -16.66 25.62
N LYS LB 68 -125.87 -16.28 24.83
CA LYS LB 68 -125.70 -16.18 23.39
C LYS LB 68 -124.66 -15.11 23.03
N LYS LB 69 -124.69 -13.98 23.71
CA LYS LB 69 -123.80 -12.86 23.41
C LYS LB 69 -122.42 -13.03 24.03
N GLY LB 70 -122.09 -14.22 24.53
CA GLY LB 70 -120.80 -14.42 25.13
C GLY LB 70 -120.59 -13.61 26.39
N GLN LB 71 -121.62 -13.50 27.23
CA GLN LB 71 -121.58 -12.69 28.43
C GLN LB 71 -121.97 -13.54 29.64
N VAL LB 72 -121.45 -13.15 30.80
CA VAL LB 72 -121.84 -13.72 32.08
C VAL LB 72 -122.12 -12.57 33.04
N TYR LB 73 -122.95 -12.86 34.04
CA TYR LB 73 -123.33 -11.82 34.99
C TYR LB 73 -122.10 -11.34 35.75
N VAL LB 74 -121.97 -10.01 35.84
CA VAL LB 74 -120.87 -9.36 36.55
C VAL LB 74 -121.46 -8.28 37.43
N LYS LB 75 -121.06 -8.25 38.69
CA LYS LB 75 -121.54 -7.25 39.64
C LYS LB 75 -120.69 -5.99 39.52
N GLY LB 76 -121.35 -4.85 39.41
CA GLY LB 76 -120.67 -3.59 39.20
C GLY LB 76 -120.14 -3.00 40.48
N PRO LB 77 -119.33 -1.96 40.33
CA PRO LB 77 -118.79 -1.26 41.50
C PRO LB 77 -119.79 -0.31 42.11
N ASN LB 78 -119.49 0.10 43.34
CA ASN LB 78 -120.30 1.09 44.05
C ASN LB 78 -119.86 2.46 43.58
N THR LB 79 -120.58 3.02 42.61
CA THR LB 79 -120.21 4.29 41.99
C THR LB 79 -120.95 5.44 42.66
N VAL LB 80 -120.23 6.53 42.89
CA VAL LB 80 -120.75 7.70 43.59
C VAL LB 80 -120.22 8.94 42.88
N ILE LB 81 -121.08 9.62 42.13
CA ILE LB 81 -120.66 10.84 41.43
C ILE LB 81 -120.67 11.99 42.42
N GLU LB 82 -119.67 12.86 42.28
CA GLU LB 82 -119.42 13.91 43.26
C GLU LB 82 -118.39 14.87 42.69
N ARG LB 83 -118.55 16.16 43.03
CA ARG LB 83 -117.55 17.17 42.69
C ARG LB 83 -117.17 17.09 41.21
N GLY LB 84 -118.16 16.87 40.36
CA GLY LB 84 -117.90 16.74 38.94
C GLY LB 84 -116.95 15.61 38.61
N GLN LB 85 -117.10 14.48 39.27
CA GLN LB 85 -116.23 13.33 39.04
C GLN LB 85 -116.97 12.07 39.48
N THR LB 86 -116.79 11.00 38.72
CA THR LB 86 -117.36 9.71 39.06
C THR LB 86 -116.36 8.93 39.90
N TRP LB 87 -116.75 8.58 41.11
CA TRP LB 87 -115.88 7.89 42.05
C TRP LB 87 -116.37 6.46 42.27
N ILE LB 88 -115.44 5.60 42.66
CA ILE LB 88 -115.74 4.22 43.05
C ILE LB 88 -115.32 4.06 44.50
N LYS LB 89 -116.26 3.65 45.34
CA LYS LB 89 -115.98 3.38 46.74
C LYS LB 89 -115.65 1.90 46.90
N GLY LB 90 -114.44 1.61 47.36
CA GLY LB 90 -114.02 0.25 47.51
C GLY LB 90 -114.71 -0.44 48.67
N TYR LB 91 -114.78 -1.77 48.58
CA TYR LB 91 -115.42 -2.57 49.61
C TYR LB 91 -114.42 -2.84 50.72
N GLU LB 92 -114.72 -2.35 51.92
CA GLU LB 92 -113.88 -2.58 53.08
C GLU LB 92 -114.34 -3.83 53.81
N LEU LB 93 -113.38 -4.67 54.18
CA LEU LB 93 -113.72 -5.91 54.86
C LEU LB 93 -114.31 -5.62 56.23
N PRO LB 94 -115.15 -6.51 56.75
CA PRO LB 94 -115.76 -6.26 58.06
C PRO LB 94 -114.72 -6.26 59.17
N SER LB 95 -115.13 -5.68 60.30
CA SER LB 95 -114.24 -5.61 61.45
C SER LB 95 -113.76 -7.00 61.84
N MET LB 96 -112.47 -7.09 62.20
CA MET LB 96 -111.90 -8.39 62.53
C MET LB 96 -112.53 -8.99 63.77
N GLU LB 97 -113.23 -8.19 64.59
CA GLU LB 97 -113.96 -8.75 65.71
C GLU LB 97 -115.09 -9.64 65.23
N TYR LB 98 -115.77 -9.23 64.15
CA TYR LB 98 -116.86 -10.05 63.62
C TYR LB 98 -116.37 -11.39 63.13
N THR LB 99 -115.23 -11.40 62.42
CA THR LB 99 -114.72 -12.63 61.83
C THR LB 99 -113.88 -13.46 62.79
N TYR LB 100 -113.11 -12.81 63.66
CA TYR LB 100 -112.23 -13.52 64.59
C TYR LB 100 -112.72 -13.52 66.02
N GLY LB 101 -113.35 -12.44 66.48
CA GLY LB 101 -113.94 -12.39 67.80
C GLY LB 101 -113.36 -11.35 68.73
N PRO LB 102 -112.03 -11.24 68.79
CA PRO LB 102 -111.44 -10.25 69.70
C PRO LB 102 -111.86 -8.83 69.33
N LYS LB 103 -112.06 -8.01 70.36
CA LYS LB 103 -112.43 -6.63 70.16
C LYS LB 103 -111.21 -5.83 69.73
N GLN LB 104 -111.36 -5.05 68.65
CA GLN LB 104 -110.24 -4.36 68.03
C GLN LB 104 -109.96 -3.06 68.79
N GLU LB 105 -109.31 -3.22 69.94
CA GLU LB 105 -108.92 -2.10 70.76
C GLU LB 105 -107.58 -2.42 71.42
N ASP LB 106 -106.88 -1.36 71.83
CA ASP LB 106 -105.57 -1.49 72.46
C ASP LB 106 -104.61 -2.28 71.56
N ILE LB 107 -104.64 -1.97 70.28
CA ILE LB 107 -103.76 -2.66 69.33
C ILE LB 107 -102.34 -2.13 69.49
N PRO LB 108 -101.33 -2.98 69.60
CA PRO LB 108 -99.96 -2.47 69.67
C PRO LB 108 -99.58 -1.75 68.39
N PHE LB 109 -98.68 -0.77 68.52
CA PHE LB 109 -98.31 0.08 67.41
C PHE LB 109 -97.11 -0.52 66.69
N TYR LB 110 -97.27 -0.77 65.39
CA TYR LB 110 -96.18 -1.20 64.52
C TYR LB 110 -96.06 -0.17 63.40
N PRO LB 111 -95.09 0.74 63.47
CA PRO LB 111 -95.03 1.83 62.50
C PRO LB 111 -94.65 1.35 61.10
N ARG LB 112 -94.97 2.18 60.12
CA ARG LB 112 -94.48 1.97 58.78
C ARG LB 112 -92.96 2.16 58.76
N VAL LB 113 -92.27 1.23 58.12
CA VAL LB 113 -90.83 1.33 57.93
C VAL LB 113 -90.49 0.67 56.60
N LYS LB 114 -89.68 1.35 55.80
CA LYS LB 114 -89.28 0.77 54.53
C LYS LB 114 -88.30 -0.38 54.78
N LEU LB 115 -88.09 -1.19 53.74
CA LEU LB 115 -87.38 -2.45 53.90
C LEU LB 115 -86.01 -2.25 54.52
N ASN LB 116 -85.62 -3.17 55.40
CA ASN LB 116 -84.32 -3.15 56.06
C ASN LB 116 -83.28 -3.70 55.09
N VAL LB 117 -82.54 -2.80 54.45
CA VAL LB 117 -81.58 -3.17 53.41
C VAL LB 117 -80.17 -2.94 53.93
N TRP LB 118 -79.25 -3.79 53.46
CA TRP LB 118 -77.84 -3.62 53.76
C TRP LB 118 -77.23 -2.60 52.80
N GLY LB 119 -76.48 -1.63 53.34
CA GLY LB 119 -75.91 -0.56 52.57
C GLY LB 119 -74.40 -0.68 52.40
N ASN LB 120 -73.83 0.40 51.86
CA ASN LB 120 -72.38 0.50 51.62
C ASN LB 120 -71.89 -0.57 50.64
N TYR LB 121 -72.28 -0.37 49.38
CA TYR LB 121 -71.94 -1.31 48.31
C TYR LB 121 -70.51 -1.84 48.40
N ASN LB 122 -69.54 -0.94 48.59
CA ASN LB 122 -68.14 -1.37 48.61
C ASN LB 122 -67.91 -2.36 49.75
N LEU LB 123 -68.41 -2.05 50.93
CA LEU LB 123 -68.24 -2.95 52.07
C LEU LB 123 -68.93 -4.29 51.82
N VAL LB 124 -70.14 -4.25 51.28
CA VAL LB 124 -70.90 -5.47 51.04
C VAL LB 124 -70.18 -6.37 50.05
N MET LB 125 -69.64 -5.78 48.98
CA MET LB 125 -68.93 -6.57 47.98
C MET LB 125 -67.73 -7.28 48.60
N LYS LB 126 -67.01 -6.60 49.49
CA LYS LB 126 -65.87 -7.23 50.14
C LYS LB 126 -66.29 -8.38 51.03
N VAL LB 127 -67.41 -8.24 51.73
CA VAL LB 127 -67.91 -9.32 52.58
C VAL LB 127 -68.27 -10.53 51.72
N GLU LB 128 -68.98 -10.29 50.63
CA GLU LB 128 -69.36 -11.39 49.74
C GLU LB 128 -68.14 -12.10 49.18
N PHE LB 129 -67.10 -11.34 48.84
CA PHE LB 129 -65.83 -11.94 48.44
C PHE LB 129 -65.30 -12.84 49.53
N LEU LB 130 -65.33 -12.37 50.78
CA LEU LB 130 -64.85 -13.18 51.90
C LEU LB 130 -65.76 -14.38 52.14
N PHE LB 131 -67.07 -14.22 51.95
CA PHE LB 131 -67.98 -15.34 52.13
C PHE LB 131 -67.62 -16.49 51.21
N PHE LB 132 -67.01 -16.19 50.05
CA PHE LB 132 -66.62 -17.21 49.08
C PHE LB 132 -65.17 -17.65 49.27
N TYR LB 133 -64.25 -16.69 49.46
CA TYR LB 133 -62.83 -17.03 49.39
C TYR LB 133 -62.21 -17.40 50.73
N LEU LB 134 -62.83 -17.07 51.86
CA LEU LB 134 -62.36 -17.65 53.12
C LEU LB 134 -62.50 -19.16 53.14
N PRO LB 135 -63.64 -19.72 52.75
CA PRO LB 135 -63.70 -21.19 52.59
C PRO LB 135 -62.71 -21.72 51.57
N THR LB 136 -62.51 -20.98 50.47
CA THR LB 136 -61.56 -21.43 49.45
C THR LB 136 -60.15 -21.56 50.03
N ILE LB 137 -59.76 -20.58 50.85
CA ILE LB 137 -58.44 -20.64 51.50
C ILE LB 137 -58.33 -21.88 52.38
N ILE LB 138 -59.37 -22.15 53.17
CA ILE LB 138 -59.33 -23.31 54.06
C ILE LB 138 -59.18 -24.59 53.25
N VAL LB 139 -59.95 -24.72 52.17
CA VAL LB 139 -59.81 -25.90 51.31
C VAL LB 139 -58.39 -26.01 50.81
N PHE LB 140 -57.82 -24.90 50.33
CA PHE LB 140 -56.44 -24.93 49.85
C PHE LB 140 -55.48 -25.32 50.97
N GLY LB 141 -55.80 -24.95 52.22
CA GLY LB 141 -54.97 -25.35 53.34
C GLY LB 141 -55.03 -26.82 53.66
N ILE LB 142 -56.11 -27.49 53.26
CA ILE LB 142 -56.24 -28.93 53.45
C ILE LB 142 -55.65 -29.69 52.25
N CYS LB 143 -55.68 -29.07 51.06
CA CYS LB 143 -55.25 -29.76 49.83
C CYS LB 143 -53.86 -30.37 49.98
N ILE LB 144 -52.86 -29.56 50.43
CA ILE LB 144 -51.51 -30.10 50.49
C ILE LB 144 -51.47 -31.26 51.48
N PRO LB 145 -51.96 -31.13 52.71
CA PRO LB 145 -52.03 -32.30 53.60
C PRO LB 145 -52.68 -33.52 52.98
N VAL LB 146 -53.77 -33.35 52.24
CA VAL LB 146 -54.49 -34.48 51.62
C VAL LB 146 -53.59 -35.21 50.64
N TYR LB 147 -52.86 -34.46 49.80
CA TYR LB 147 -51.96 -35.10 48.85
C TYR LB 147 -50.91 -35.93 49.56
N THR LB 148 -50.30 -35.34 50.60
CA THR LB 148 -49.19 -36.01 51.28
C THR LB 148 -49.65 -37.34 51.89
N ILE LB 149 -50.77 -37.32 52.60
CA ILE LB 149 -51.23 -38.51 53.29
C ILE LB 149 -51.65 -39.58 52.28
N ASN LB 150 -52.24 -39.16 51.16
CA ASN LB 150 -52.56 -40.11 50.11
C ASN LB 150 -51.28 -40.74 49.54
N PHE LB 151 -50.26 -39.93 49.27
CA PHE LB 151 -49.00 -40.47 48.79
C PHE LB 151 -48.40 -41.43 49.80
N ALA LB 152 -48.62 -41.19 51.09
CA ALA LB 152 -48.01 -42.03 52.12
C ALA LB 152 -48.59 -43.42 52.13
N GLN LB 153 -49.92 -43.54 52.01
CA GLN LB 153 -50.54 -44.86 51.95
C GLN LB 153 -50.00 -45.64 50.75
N GLU LB 154 -49.90 -44.97 49.59
CA GLU LB 154 -49.44 -45.63 48.37
C GLU LB 154 -47.95 -45.38 48.17
N GLU LB 155 -47.16 -45.97 49.07
CA GLU LB 155 -45.71 -45.90 49.00
C GLU LB 155 -45.15 -47.29 48.80
N VAL LB 156 -44.25 -47.44 47.84
CA VAL LB 156 -43.59 -48.71 47.57
C VAL LB 156 -42.61 -49.00 48.70
N ILE LB 157 -42.93 -49.96 49.54
CA ILE LB 157 -42.17 -50.31 50.73
C ILE LB 157 -41.48 -51.65 50.50
N TYR LB 158 -40.33 -51.84 51.14
CA TYR LB 158 -39.58 -53.10 51.05
C TYR LB 158 -40.14 -54.07 52.09
N THR LB 159 -41.30 -54.63 51.76
CA THR LB 159 -41.92 -55.63 52.61
C THR LB 159 -41.17 -56.95 52.49
N THR LB 160 -41.07 -57.66 53.61
CA THR LB 160 -40.29 -58.89 53.69
C THR LB 160 -41.13 -60.12 53.98
N MET LB 161 -42.43 -59.95 54.24
CA MET LB 161 -43.33 -61.03 54.60
C MET LB 161 -44.70 -60.73 54.02
N THR LB 162 -45.43 -61.78 53.66
CA THR LB 162 -46.77 -61.64 53.10
C THR LB 162 -47.76 -62.49 53.87
N VAL LB 163 -48.91 -61.90 54.22
CA VAL LB 163 -50.02 -62.60 54.85
C VAL LB 163 -51.24 -62.43 53.94
N LYS LB 164 -51.78 -63.54 53.43
CA LYS LB 164 -52.96 -63.51 52.58
C LYS LB 164 -54.21 -63.73 53.42
N VAL LB 165 -55.21 -62.86 53.24
CA VAL LB 165 -56.42 -62.84 54.06
C VAL LB 165 -57.62 -62.95 53.12
N THR LB 166 -58.39 -64.04 53.27
CA THR LB 166 -59.61 -64.27 52.50
C THR LB 166 -60.82 -64.19 53.42
N GLY LB 167 -61.84 -63.44 53.00
CA GLY LB 167 -63.05 -63.29 53.78
C GLY LB 167 -64.19 -64.14 53.22
N ARG LB 168 -64.70 -65.03 54.06
CA ARG LB 168 -65.78 -65.94 53.69
C ARG LB 168 -66.93 -65.80 54.69
N GLN LB 169 -68.09 -66.32 54.31
CA GLN LB 169 -69.29 -66.27 55.15
C GLN LB 169 -69.27 -67.47 56.10
N TRP LB 170 -69.11 -67.24 57.41
CA TRP LB 170 -68.72 -65.96 58.02
C TRP LB 170 -67.50 -66.18 58.90
N TYR LB 171 -66.33 -66.13 58.27
CA TYR LB 171 -65.05 -66.35 58.93
C TYR LB 171 -63.94 -65.82 58.04
N TRP LB 172 -62.76 -65.64 58.62
CA TRP LB 172 -61.60 -65.10 57.93
C TRP LB 172 -60.52 -66.17 57.81
N VAL LB 173 -60.15 -66.53 56.57
CA VAL LB 173 -59.09 -67.49 56.31
C VAL LB 173 -57.77 -66.74 56.15
N TYR LB 174 -56.70 -67.28 56.75
CA TYR LB 174 -55.38 -66.66 56.71
C TYR LB 174 -54.35 -67.66 56.18
N GLU LB 175 -53.61 -67.24 55.14
CA GLU LB 175 -52.55 -68.05 54.55
C GLU LB 175 -51.21 -67.36 54.81
N VAL LB 176 -50.28 -68.09 55.43
CA VAL LB 176 -48.98 -67.55 55.83
C VAL LB 176 -47.88 -68.52 55.42
N GLU LB 177 -46.74 -67.98 55.00
CA GLU LB 177 -45.61 -68.82 54.60
C GLU LB 177 -45.06 -69.55 55.82
N SER LB 178 -44.79 -70.85 55.66
CA SER LB 178 -44.35 -71.68 56.77
C SER LB 178 -42.82 -71.70 56.85
N PRO LB 179 -42.25 -71.66 58.05
CA PRO LB 179 -40.78 -71.65 58.16
C PRO LB 179 -40.17 -72.92 57.59
N THR LB 180 -39.07 -72.76 56.88
CA THR LB 180 -38.41 -73.89 56.23
C THR LB 180 -37.44 -74.58 57.18
N PHE MB 1 -114.39 -36.25 43.97
CA PHE MB 1 -113.61 -37.48 43.96
C PHE MB 1 -112.39 -37.36 44.87
N TYR MB 2 -111.71 -38.47 45.08
CA TYR MB 2 -110.47 -38.49 45.86
C TYR MB 2 -109.28 -38.96 45.04
N ILE MB 3 -109.38 -40.11 44.39
CA ILE MB 3 -108.24 -40.63 43.64
C ILE MB 3 -108.14 -39.99 42.26
N LEU MB 4 -109.25 -39.54 41.70
CA LEU MB 4 -109.25 -38.99 40.34
C LEU MB 4 -108.75 -37.56 40.28
N VAL MB 5 -108.62 -36.87 41.42
CA VAL MB 5 -108.33 -35.45 41.40
C VAL MB 5 -107.00 -35.18 40.71
N ASN MB 6 -107.00 -34.15 39.85
CA ASN MB 6 -105.79 -33.69 39.19
C ASN MB 6 -105.26 -32.38 39.76
N ASN MB 7 -106.03 -31.70 40.61
CA ASN MB 7 -105.59 -30.46 41.22
C ASN MB 7 -104.17 -30.61 41.78
N ASN MB 8 -103.29 -29.70 41.37
CA ASN MB 8 -101.89 -29.80 41.81
C ASN MB 8 -101.75 -29.57 43.29
N LYS MB 9 -102.62 -28.74 43.88
CA LYS MB 9 -102.55 -28.47 45.30
C LYS MB 9 -103.07 -29.65 46.11
N ARG MB 10 -104.13 -30.30 45.64
CA ARG MB 10 -104.60 -31.51 46.31
C ARG MB 10 -103.52 -32.60 46.28
N ILE MB 11 -102.87 -32.77 45.13
CA ILE MB 11 -101.83 -33.79 45.02
C ILE MB 11 -100.68 -33.49 45.96
N GLY MB 12 -100.35 -32.21 46.12
CA GLY MB 12 -99.33 -31.84 47.09
C GLY MB 12 -99.69 -32.27 48.49
N ILE MB 13 -100.96 -32.11 48.87
CA ILE MB 13 -101.41 -32.58 50.18
C ILE MB 13 -101.27 -34.10 50.26
N TYR MB 14 -101.64 -34.81 49.20
CA TYR MB 14 -101.51 -36.26 49.20
C TYR MB 14 -100.07 -36.69 49.48
N TYR MB 15 -99.11 -35.99 48.87
CA TYR MB 15 -97.71 -36.36 49.06
C TYR MB 15 -97.29 -36.22 50.52
N ILE MB 16 -97.70 -35.13 51.17
CA ILE MB 16 -97.38 -34.95 52.58
C ILE MB 16 -98.10 -36.00 53.44
N LYS MB 17 -99.36 -36.26 53.14
CA LYS MB 17 -100.12 -37.26 53.89
C LYS MB 17 -99.47 -38.62 53.80
N LEU MB 18 -99.10 -39.04 52.59
CA LEU MB 18 -98.49 -40.35 52.41
C LEU MB 18 -97.11 -40.43 53.05
N SER MB 19 -96.37 -39.32 53.05
CA SER MB 19 -95.05 -39.32 53.67
C SER MB 19 -95.16 -39.53 55.17
N ILE MB 20 -96.17 -38.95 55.80
CA ILE MB 20 -96.38 -39.16 57.24
C ILE MB 20 -96.78 -40.61 57.51
N ILE MB 21 -97.70 -41.16 56.71
CA ILE MB 21 -98.10 -42.55 56.88
C ILE MB 21 -96.91 -43.47 56.76
N ILE MB 22 -96.26 -43.46 55.58
CA ILE MB 22 -95.08 -44.29 55.39
C ILE MB 22 -94.04 -43.96 56.44
N GLY MB 23 -94.00 -42.69 56.89
CA GLY MB 23 -93.06 -42.30 57.92
C GLY MB 23 -93.26 -43.03 59.23
N ILE MB 24 -94.50 -43.36 59.56
CA ILE MB 24 -94.77 -44.13 60.78
C ILE MB 24 -94.03 -45.46 60.72
N LEU MB 25 -94.09 -46.14 59.57
CA LEU MB 25 -93.35 -47.38 59.41
C LEU MB 25 -91.85 -47.13 59.51
N GLY MB 26 -91.38 -46.02 58.97
CA GLY MB 26 -89.96 -45.70 59.06
C GLY MB 26 -89.50 -45.50 60.48
N ILE MB 27 -90.25 -44.72 61.26
CA ILE MB 27 -89.88 -44.43 62.64
C ILE MB 27 -89.94 -45.70 63.48
N VAL MB 28 -90.94 -46.55 63.25
CA VAL MB 28 -91.05 -47.81 63.99
C VAL MB 28 -89.80 -48.65 63.80
N LEU MB 29 -89.34 -48.76 62.56
CA LEU MB 29 -88.11 -49.50 62.28
C LEU MB 29 -86.93 -48.89 63.03
N SER MB 30 -86.87 -47.56 63.08
CA SER MB 30 -85.79 -46.90 63.80
C SER MB 30 -85.86 -47.24 65.29
N TYR MB 31 -87.05 -47.32 65.85
CA TYR MB 31 -87.19 -47.68 67.26
C TYR MB 31 -86.73 -49.11 67.50
N ILE MB 32 -87.04 -50.02 66.57
CA ILE MB 32 -86.56 -51.40 66.69
C ILE MB 32 -85.04 -51.41 66.75
N ILE MB 33 -84.40 -50.69 65.83
CA ILE MB 33 -82.94 -50.66 65.79
C ILE MB 33 -82.37 -50.17 67.12
N ARG MB 34 -82.86 -49.03 67.59
CA ARG MB 34 -82.30 -48.43 68.81
C ARG MB 34 -82.60 -49.29 70.04
N VAL MB 35 -83.80 -49.88 70.11
CA VAL MB 35 -84.09 -50.80 71.21
C VAL MB 35 -83.08 -51.94 71.22
N GLU MB 36 -82.89 -52.58 70.08
CA GLU MB 36 -81.94 -53.70 70.02
C GLU MB 36 -80.56 -53.27 70.51
N LEU MB 37 -80.10 -52.10 70.08
CA LEU MB 37 -78.76 -51.62 70.38
C LEU MB 37 -78.63 -51.05 71.80
N TYR MB 38 -79.65 -51.19 72.64
CA TYR MB 38 -79.61 -50.59 73.98
C TYR MB 38 -78.51 -51.21 74.83
N ASN MB 39 -78.34 -52.53 74.76
CA ASN MB 39 -77.23 -53.19 75.43
C ASN MB 39 -76.67 -54.28 74.51
N SER MB 40 -75.77 -55.10 75.03
CA SER MB 40 -75.27 -56.29 74.36
C SER MB 40 -76.03 -57.50 74.86
N GLY MB 41 -76.27 -58.45 73.95
CA GLY MB 41 -77.26 -59.49 74.11
C GLY MB 41 -78.27 -59.42 72.99
N ASN MB 42 -79.28 -60.28 73.07
CA ASN MB 42 -80.49 -60.12 72.26
C ASN MB 42 -81.61 -59.54 73.11
N ARG MB 43 -82.23 -58.47 72.61
CA ARG MB 43 -83.26 -57.74 73.33
C ARG MB 43 -84.65 -57.95 72.76
N ILE MB 44 -84.85 -57.69 71.46
CA ILE MB 44 -86.15 -57.87 70.82
C ILE MB 44 -86.05 -58.71 69.56
N ILE MB 45 -84.85 -59.09 69.13
CA ILE MB 45 -84.65 -59.93 67.96
C ILE MB 45 -83.83 -61.13 68.40
N LYS MB 46 -84.30 -62.33 68.05
CA LYS MB 46 -83.59 -63.55 68.40
C LYS MB 46 -82.31 -63.67 67.59
N TYR MB 47 -81.34 -64.41 68.14
CA TYR MB 47 -80.11 -64.67 67.40
C TYR MB 47 -80.37 -65.50 66.16
N ASP MB 48 -81.42 -66.31 66.16
CA ASP MB 48 -81.79 -67.08 64.99
C ASP MB 48 -82.56 -66.25 63.97
N ASN MB 49 -83.00 -65.05 64.36
CA ASN MB 49 -83.72 -64.15 63.47
C ASN MB 49 -82.93 -62.88 63.19
N VAL MB 50 -81.59 -63.00 63.16
CA VAL MB 50 -80.75 -61.85 62.87
C VAL MB 50 -80.99 -61.32 61.47
N ASN MB 51 -81.48 -62.17 60.57
CA ASN MB 51 -81.79 -61.69 59.22
C ASN MB 51 -82.85 -60.60 59.26
N TYR MB 52 -83.73 -60.63 60.26
CA TYR MB 52 -84.74 -59.57 60.36
C TYR MB 52 -84.10 -58.22 60.61
N TYR MB 53 -83.11 -58.16 61.50
CA TYR MB 53 -82.42 -56.89 61.73
C TYR MB 53 -81.82 -56.35 60.45
N ASN MB 54 -81.17 -57.22 59.67
CA ASN MB 54 -80.60 -56.79 58.40
C ASN MB 54 -81.69 -56.23 57.49
N MET MB 55 -82.89 -56.82 57.54
CA MET MB 55 -84.00 -56.30 56.75
C MET MB 55 -84.53 -54.99 57.34
N VAL MB 56 -84.52 -54.86 58.67
CA VAL MB 56 -85.02 -53.63 59.29
C VAL MB 56 -84.18 -52.44 58.88
N ILE MB 57 -82.86 -52.58 58.94
CA ILE MB 57 -81.99 -51.45 58.59
C ILE MB 57 -82.10 -51.14 57.11
N THR MB 58 -82.24 -52.17 56.28
CA THR MB 58 -82.36 -51.97 54.84
C THR MB 58 -83.64 -51.20 54.51
N LEU MB 59 -84.76 -51.63 55.07
CA LEU MB 59 -86.03 -50.99 54.76
C LEU MB 59 -86.11 -49.59 55.37
N HIS MB 60 -85.63 -49.44 56.60
CA HIS MB 60 -85.54 -48.13 57.20
C HIS MB 60 -84.90 -47.15 56.22
N GLY MB 61 -83.68 -47.46 55.78
CA GLY MB 61 -82.98 -46.55 54.88
C GLY MB 61 -83.75 -46.28 53.60
N LEU MB 62 -84.21 -47.34 52.93
CA LEU MB 62 -84.88 -47.16 51.64
C LEU MB 62 -86.15 -46.35 51.79
N LEU MB 63 -86.96 -46.66 52.80
CA LEU MB 63 -88.24 -45.99 52.95
C LEU MB 63 -88.05 -44.52 53.30
N MET MB 64 -87.16 -44.23 54.25
CA MET MB 64 -86.97 -42.85 54.66
C MET MB 64 -86.43 -41.98 53.54
N ILE MB 65 -85.60 -42.56 52.67
CA ILE MB 65 -84.97 -41.79 51.60
C ILE MB 65 -85.94 -41.61 50.42
N PHE MB 66 -86.50 -42.71 49.92
CA PHE MB 66 -87.24 -42.68 48.68
C PHE MB 66 -88.75 -42.55 48.85
N TYR MB 67 -89.29 -42.95 50.01
CA TYR MB 67 -90.72 -42.96 50.23
C TYR MB 67 -91.19 -41.93 51.24
N ILE MB 68 -90.29 -41.21 51.91
CA ILE MB 68 -90.69 -40.26 52.93
C ILE MB 68 -90.13 -38.86 52.68
N ILE MB 69 -88.80 -38.72 52.75
CA ILE MB 69 -88.21 -37.39 52.62
C ILE MB 69 -88.27 -36.90 51.18
N MET MB 70 -87.96 -37.77 50.22
CA MET MB 70 -88.07 -37.35 48.82
C MET MB 70 -89.50 -37.03 48.42
N PRO MB 71 -90.49 -37.88 48.72
CA PRO MB 71 -91.88 -37.50 48.40
C PRO MB 71 -92.36 -36.28 49.16
N GLY MB 72 -91.74 -35.95 50.28
CA GLY MB 72 -92.19 -34.84 51.09
C GLY MB 72 -91.61 -33.50 50.69
N LEU MB 73 -90.32 -33.48 50.36
CA LEU MB 73 -89.63 -32.24 50.02
C LEU MB 73 -89.57 -31.98 48.53
N TYR MB 74 -89.65 -33.02 47.71
CA TYR MB 74 -89.64 -32.86 46.26
C TYR MB 74 -91.00 -33.12 45.62
N GLY MB 75 -91.92 -33.75 46.34
CA GLY MB 75 -93.26 -33.97 45.84
C GLY MB 75 -94.32 -33.16 46.55
N GLY MB 76 -94.21 -33.01 47.87
CA GLY MB 76 -95.25 -32.35 48.63
C GLY MB 76 -95.27 -30.83 48.55
N ILE MB 77 -94.29 -30.18 49.18
CA ILE MB 77 -94.23 -28.71 49.14
C ILE MB 77 -94.11 -28.24 47.69
N PRO MB 78 -93.28 -28.85 46.85
CA PRO MB 78 -93.18 -28.39 45.44
C PRO MB 78 -94.49 -28.38 44.69
N LEU MB 79 -95.28 -29.44 44.76
CA LEU MB 79 -96.52 -29.50 44.00
C LEU MB 79 -97.57 -28.51 44.49
N TYR MB 80 -97.42 -28.01 45.71
CA TYR MB 80 -98.43 -27.12 46.26
C TYR MB 80 -98.16 -25.60 45.97
N ILE MB 81 -96.88 -25.20 46.06
CA ILE MB 81 -96.55 -23.76 45.94
C ILE MB 81 -95.88 -23.40 44.61
N LEU MB 82 -95.12 -24.33 43.99
CA LEU MB 82 -94.39 -24.01 42.76
C LEU MB 82 -95.30 -23.37 41.71
N PRO MB 83 -96.46 -23.91 41.38
CA PRO MB 83 -97.32 -23.24 40.39
C PRO MB 83 -97.82 -21.88 40.85
N ILE MB 84 -97.92 -21.67 42.17
CA ILE MB 84 -98.31 -20.35 42.70
C ILE MB 84 -97.14 -19.38 42.60
N LEU MB 85 -95.94 -19.81 42.97
CA LEU MB 85 -94.73 -18.98 42.91
C LEU MB 85 -94.48 -18.55 41.45
N SER MB 86 -94.89 -19.38 40.51
CA SER MB 86 -94.72 -19.16 39.08
C SER MB 86 -95.91 -18.39 38.51
N VAL MB 87 -96.77 -17.84 39.38
CA VAL MB 87 -97.99 -17.15 38.97
C VAL MB 87 -98.65 -17.80 37.77
N ILE MB 88 -98.80 -19.14 37.79
CA ILE MB 88 -99.49 -19.91 36.76
C ILE MB 88 -100.74 -20.58 37.39
N THR MB 89 -101.79 -20.79 36.59
CA THR MB 89 -103.03 -21.34 37.10
C THR MB 89 -102.84 -22.70 37.77
N ASP MB 90 -102.11 -23.62 37.09
CA ASP MB 90 -101.93 -24.99 37.59
C ASP MB 90 -100.64 -25.55 36.99
N ILE MB 91 -100.28 -26.76 37.43
CA ILE MB 91 -99.11 -27.47 36.91
C ILE MB 91 -99.22 -27.78 35.40
N VAL MB 92 -98.10 -27.82 34.68
CA VAL MB 92 -98.13 -27.97 33.24
C VAL MB 92 -98.76 -29.30 32.83
N LEU MB 93 -98.44 -30.39 33.50
CA LEU MB 93 -98.90 -31.73 33.14
C LEU MB 93 -99.85 -32.29 34.19
N PRO MB 94 -101.16 -31.99 34.09
CA PRO MB 94 -102.09 -32.41 35.14
C PRO MB 94 -102.20 -33.92 35.33
N ARG MB 95 -102.38 -34.67 34.23
CA ARG MB 95 -102.60 -36.11 34.35
C ARG MB 95 -101.34 -36.82 34.84
N ILE MB 96 -100.16 -36.36 34.43
CA ILE MB 96 -98.93 -36.97 34.91
C ILE MB 96 -98.78 -36.78 36.42
N ASN MB 97 -99.20 -35.62 36.91
CA ASN MB 97 -99.10 -35.35 38.34
C ASN MB 97 -99.93 -36.35 39.15
N ASN MB 98 -101.11 -36.68 38.65
CA ASN MB 98 -101.97 -37.64 39.35
C ASN MB 98 -101.32 -39.02 39.41
N ILE MB 99 -100.80 -39.50 38.29
CA ILE MB 99 -100.28 -40.86 38.27
C ILE MB 99 -99.04 -40.98 39.14
N SER MB 100 -98.29 -39.89 39.30
CA SER MB 100 -97.04 -39.97 40.06
C SER MB 100 -97.30 -40.36 41.51
N ILE MB 101 -98.29 -39.73 42.14
CA ILE MB 101 -98.57 -40.05 43.54
C ILE MB 101 -99.15 -41.46 43.65
N ILE MB 102 -99.98 -41.86 42.70
CA ILE MB 102 -100.52 -43.22 42.72
C ILE MB 102 -99.40 -44.23 42.60
N ILE MB 103 -98.42 -43.95 41.75
CA ILE MB 103 -97.28 -44.85 41.57
C ILE MB 103 -96.52 -45.00 42.89
N VAL MB 104 -96.31 -43.90 43.61
CA VAL MB 104 -95.58 -43.97 44.87
C VAL MB 104 -96.31 -44.88 45.85
N LEU MB 105 -97.62 -44.73 45.95
CA LEU MB 105 -98.39 -45.56 46.87
C LEU MB 105 -98.31 -47.03 46.48
N ILE MB 106 -98.41 -47.32 45.18
CA ILE MB 106 -98.40 -48.71 44.73
C ILE MB 106 -97.05 -49.36 45.00
N SER MB 107 -95.96 -48.61 44.82
CA SER MB 107 -94.66 -49.16 45.13
C SER MB 107 -94.48 -49.37 46.62
N TYR MB 108 -95.08 -48.51 47.45
CA TYR MB 108 -95.03 -48.71 48.89
C TYR MB 108 -95.75 -49.99 49.30
N ILE MB 109 -96.92 -50.24 48.71
CA ILE MB 109 -97.67 -51.44 49.06
C ILE MB 109 -96.90 -52.68 48.68
N VAL MB 110 -96.22 -52.65 47.53
CA VAL MB 110 -95.40 -53.79 47.13
C VAL MB 110 -94.31 -54.07 48.15
N VAL MB 111 -93.65 -53.02 48.64
CA VAL MB 111 -92.55 -53.21 49.57
C VAL MB 111 -93.04 -53.84 50.87
N ILE MB 112 -94.09 -53.25 51.45
CA ILE MB 112 -94.57 -53.73 52.75
C ILE MB 112 -95.16 -55.12 52.61
N ASN MB 113 -95.85 -55.39 51.50
CA ASN MB 113 -96.35 -56.75 51.26
C ASN MB 113 -95.20 -57.74 51.22
N SER MB 114 -94.05 -57.34 50.66
CA SER MB 114 -92.92 -58.23 50.60
C SER MB 114 -92.36 -58.54 51.98
N ILE MB 115 -92.52 -57.61 52.93
CA ILE MB 115 -92.16 -57.91 54.32
C ILE MB 115 -93.00 -59.06 54.82
N VAL MB 116 -94.31 -58.99 54.59
CA VAL MB 116 -95.23 -59.92 55.21
C VAL MB 116 -95.10 -61.31 54.59
N ILE MB 117 -94.94 -61.39 53.28
CA ILE MB 117 -95.05 -62.65 52.57
C ILE MB 117 -93.69 -63.31 52.33
N GLU MB 118 -92.66 -62.53 52.02
CA GLU MB 118 -91.36 -63.10 51.69
C GLU MB 118 -90.54 -63.35 52.95
N TYR MB 119 -89.54 -64.21 52.82
CA TYR MB 119 -88.54 -64.36 53.87
C TYR MB 119 -87.81 -63.05 54.08
N ASN MB 120 -87.56 -62.72 55.34
CA ASN MB 120 -87.00 -61.43 55.70
C ASN MB 120 -85.48 -61.51 55.77
N ILE MB 121 -84.81 -60.95 54.77
CA ILE MB 121 -83.35 -60.83 54.76
C ILE MB 121 -83.01 -59.43 54.28
N GLY MB 122 -81.78 -59.01 54.52
CA GLY MB 122 -81.36 -57.66 54.21
C GLY MB 122 -79.98 -57.63 53.60
N THR MB 123 -79.74 -56.59 52.78
CA THR MB 123 -78.45 -56.38 52.15
C THR MB 123 -78.05 -54.90 52.17
N GLY MB 124 -78.61 -54.12 53.08
CA GLY MB 124 -78.40 -52.68 53.10
C GLY MB 124 -79.25 -51.97 52.07
N TRP MB 125 -79.41 -50.66 52.27
CA TRP MB 125 -80.13 -49.86 51.29
C TRP MB 125 -79.30 -49.59 50.06
N THR MB 126 -78.01 -49.89 50.10
CA THR MB 126 -77.09 -49.74 48.98
C THR MB 126 -76.98 -51.00 48.13
N LEU MB 127 -77.69 -52.06 48.51
CA LEU MB 127 -77.86 -53.27 47.69
C LEU MB 127 -76.57 -53.68 46.98
N TYR MB 128 -75.49 -53.73 47.73
CA TYR MB 128 -74.21 -54.16 47.15
C TYR MB 128 -74.32 -55.61 46.69
N PRO MB 129 -73.95 -55.94 45.45
CA PRO MB 129 -73.69 -57.32 45.10
C PRO MB 129 -72.31 -57.74 45.58
N PRO MB 130 -72.02 -59.05 45.66
CA PRO MB 130 -72.85 -60.20 45.31
C PRO MB 130 -73.92 -60.55 46.34
N LEU MB 131 -73.89 -59.88 47.49
CA LEU MB 131 -74.86 -60.23 48.54
C LEU MB 131 -76.28 -60.01 48.07
N SER MB 132 -76.52 -58.91 47.35
CA SER MB 132 -77.87 -58.62 46.88
C SER MB 132 -78.37 -59.64 45.88
N ILE MB 133 -77.47 -60.27 45.12
CA ILE MB 133 -77.88 -61.18 44.05
C ILE MB 133 -77.92 -62.63 44.49
N ILE MB 134 -77.48 -62.94 45.71
CA ILE MB 134 -77.58 -64.30 46.24
C ILE MB 134 -78.68 -64.41 47.28
N GLY MB 135 -79.54 -63.39 47.39
CA GLY MB 135 -80.60 -63.39 48.37
C GLY MB 135 -81.88 -64.02 47.85
N THR MB 136 -82.93 -63.86 48.64
CA THR MB 136 -84.23 -64.45 48.34
C THR MB 136 -85.08 -63.46 47.55
N VAL MB 137 -86.37 -63.80 47.36
CA VAL MB 137 -87.24 -63.02 46.49
C VAL MB 137 -87.54 -61.63 47.05
N ILE MB 138 -87.36 -61.42 48.35
CA ILE MB 138 -87.63 -60.10 48.90
C ILE MB 138 -86.77 -59.05 48.23
N VAL MB 139 -85.56 -59.43 47.82
CA VAL MB 139 -84.70 -58.50 47.10
C VAL MB 139 -85.29 -58.18 45.73
N ASN MB 140 -85.88 -59.18 45.06
CA ASN MB 140 -86.54 -58.92 43.79
C ASN MB 140 -87.67 -57.92 43.96
N MET MB 141 -88.47 -58.08 45.01
CA MET MB 141 -89.59 -57.17 45.23
C MET MB 141 -89.10 -55.76 45.49
N ILE MB 142 -88.04 -55.61 46.29
CA ILE MB 142 -87.49 -54.29 46.57
C ILE MB 142 -87.00 -53.63 45.29
N LEU MB 143 -86.40 -54.41 44.40
CA LEU MB 143 -85.93 -53.86 43.13
C LEU MB 143 -87.11 -53.32 42.31
N TYR MB 144 -88.22 -54.05 42.28
CA TYR MB 144 -89.39 -53.57 41.57
C TYR MB 144 -89.89 -52.26 42.15
N GLY MB 145 -89.88 -52.14 43.47
CA GLY MB 145 -90.29 -50.90 44.09
C GLY MB 145 -89.41 -49.73 43.68
N LEU MB 146 -88.10 -49.93 43.68
CA LEU MB 146 -87.18 -48.85 43.31
C LEU MB 146 -87.38 -48.43 41.87
N ILE MB 147 -87.51 -49.39 40.96
CA ILE MB 147 -87.71 -49.06 39.56
C ILE MB 147 -89.01 -48.30 39.37
N ILE MB 148 -90.07 -48.77 40.03
CA ILE MB 148 -91.36 -48.08 39.96
C ILE MB 148 -91.24 -46.68 40.54
N ILE MB 149 -90.56 -46.54 41.67
CA ILE MB 149 -90.34 -45.21 42.24
C ILE MB 149 -89.57 -44.34 41.25
N GLY MB 150 -88.59 -44.93 40.56
CA GLY MB 150 -87.83 -44.15 39.59
C GLY MB 150 -88.70 -43.57 38.50
N ILE MB 151 -89.72 -44.31 38.07
CA ILE MB 151 -90.65 -43.80 37.06
C ILE MB 151 -91.35 -42.55 37.57
N SER MB 152 -91.84 -42.61 38.81
CA SER MB 152 -92.54 -41.46 39.38
C SER MB 152 -91.61 -40.26 39.50
N SER MB 153 -90.37 -40.49 39.94
CA SER MB 153 -89.44 -39.39 40.12
C SER MB 153 -89.13 -38.70 38.80
N ILE MB 154 -88.91 -39.48 37.74
CA ILE MB 154 -88.50 -38.89 36.47
C ILE MB 154 -89.65 -38.09 35.86
N ILE MB 155 -90.87 -38.63 35.91
CA ILE MB 155 -91.99 -37.92 35.31
C ILE MB 155 -92.30 -36.65 36.09
N SER MB 156 -92.16 -36.69 37.41
CA SER MB 156 -92.31 -35.49 38.21
C SER MB 156 -91.23 -34.46 37.86
N ALA MB 157 -90.01 -34.93 37.61
CA ALA MB 157 -88.96 -34.02 37.19
C ALA MB 157 -89.28 -33.36 35.86
N ILE MB 158 -89.82 -34.14 34.91
CA ILE MB 158 -90.25 -33.58 33.64
C ILE MB 158 -91.31 -32.52 33.88
N ASN MB 159 -92.21 -32.78 34.83
CA ASN MB 159 -93.29 -31.83 35.10
C ASN MB 159 -92.76 -30.48 35.55
N PHE MB 160 -91.78 -30.49 36.46
CA PHE MB 160 -91.25 -29.24 36.99
C PHE MB 160 -90.44 -28.49 35.94
N MET MB 161 -89.71 -29.21 35.09
CA MET MB 161 -88.92 -28.55 34.07
C MET MB 161 -89.80 -27.75 33.12
N ASN MB 162 -91.02 -28.20 32.87
CA ASN MB 162 -91.91 -27.50 31.96
C ASN MB 162 -92.38 -26.16 32.50
N ILE MB 163 -92.14 -25.86 33.78
CA ILE MB 163 -92.53 -24.58 34.32
C ILE MB 163 -91.73 -23.45 33.68
N LEU MB 164 -90.49 -23.73 33.27
CA LEU MB 164 -89.71 -22.71 32.58
C LEU MB 164 -90.43 -22.20 31.35
N ILE MB 165 -91.20 -23.06 30.68
CA ILE MB 165 -91.89 -22.66 29.48
C ILE MB 165 -93.11 -21.78 29.77
N VAL MB 166 -93.68 -21.87 30.97
CA VAL MB 166 -94.93 -21.20 31.28
C VAL MB 166 -94.79 -20.15 32.38
N ILE MB 167 -93.69 -20.13 33.12
CA ILE MB 167 -93.56 -19.20 34.24
C ILE MB 167 -93.85 -17.79 33.76
N ASP MB 168 -94.78 -17.12 34.45
CA ASP MB 168 -95.20 -15.78 34.08
C ASP MB 168 -94.56 -14.69 34.94
N GLY MB 169 -93.77 -15.06 35.95
CA GLY MB 169 -93.11 -14.10 36.79
C GLY MB 169 -91.60 -14.25 36.77
N ILE MB 170 -90.97 -14.11 37.94
CA ILE MB 170 -89.53 -14.23 38.11
C ILE MB 170 -89.24 -15.60 38.72
N ILE MB 171 -88.16 -16.24 38.25
CA ILE MB 171 -87.74 -17.51 38.83
C ILE MB 171 -87.10 -17.22 40.19
N TYR MB 172 -87.86 -17.42 41.26
CA TYR MB 172 -87.33 -17.22 42.59
C TYR MB 172 -86.32 -18.33 42.94
N VAL MB 173 -85.58 -18.10 44.02
CA VAL MB 173 -84.54 -19.06 44.41
C VAL MB 173 -85.14 -20.44 44.62
N TYR MB 174 -86.30 -20.51 45.26
CA TYR MB 174 -86.93 -21.81 45.50
C TYR MB 174 -87.24 -22.52 44.20
N ILE MB 175 -87.77 -21.79 43.21
CA ILE MB 175 -88.03 -22.39 41.91
C ILE MB 175 -86.73 -22.90 41.30
N TRP MB 176 -85.65 -22.13 41.45
CA TRP MB 176 -84.35 -22.60 40.97
C TRP MB 176 -83.92 -23.87 41.69
N SER MB 177 -84.25 -23.99 42.98
CA SER MB 177 -83.87 -25.16 43.74
C SER MB 177 -84.52 -26.42 43.17
N ILE MB 178 -85.81 -26.34 42.83
CA ILE MB 178 -86.52 -27.50 42.31
C ILE MB 178 -86.06 -27.83 40.90
N ILE MB 179 -85.83 -26.80 40.07
CA ILE MB 179 -85.43 -27.04 38.69
C ILE MB 179 -84.11 -27.80 38.65
N ILE MB 180 -83.16 -27.40 39.50
CA ILE MB 180 -81.86 -28.05 39.49
C ILE MB 180 -81.95 -29.46 40.02
N THR MB 181 -82.77 -29.69 41.04
CA THR MB 181 -83.01 -31.06 41.48
C THR MB 181 -83.61 -31.90 40.37
N SER MB 182 -84.52 -31.29 39.59
CA SER MB 182 -85.10 -32.00 38.46
C SER MB 182 -84.03 -32.36 37.43
N VAL MB 183 -83.13 -31.42 37.15
CA VAL MB 183 -82.02 -31.73 36.23
C VAL MB 183 -81.17 -32.85 36.79
N LEU MB 184 -80.86 -32.79 38.09
CA LEU MB 184 -80.06 -33.84 38.69
C LEU MB 184 -80.74 -35.20 38.56
N LEU MB 185 -82.07 -35.23 38.66
CA LEU MB 185 -82.79 -36.48 38.50
C LEU MB 185 -82.75 -36.97 37.06
N ILE MB 186 -82.92 -36.08 36.10
CA ILE MB 186 -82.96 -36.49 34.69
C ILE MB 186 -81.63 -37.09 34.28
N ILE MB 187 -80.53 -36.64 34.89
CA ILE MB 187 -79.22 -37.11 34.48
C ILE MB 187 -78.76 -38.32 35.29
N SER MB 188 -79.23 -38.46 36.52
CA SER MB 188 -78.77 -39.54 37.39
C SER MB 188 -79.64 -40.78 37.33
N LEU MB 189 -80.97 -40.59 37.23
CA LEU MB 189 -81.87 -41.74 37.22
C LEU MB 189 -81.58 -42.73 36.10
N PRO MB 190 -81.40 -42.31 34.85
CA PRO MB 190 -81.15 -43.31 33.79
C PRO MB 190 -79.95 -44.20 34.08
N ILE MB 191 -78.93 -43.69 34.75
CA ILE MB 191 -77.79 -44.52 35.10
C ILE MB 191 -78.19 -45.53 36.17
N LEU MB 192 -78.97 -45.08 37.16
CA LEU MB 192 -79.44 -45.99 38.21
C LEU MB 192 -80.25 -47.12 37.60
N ASN MB 193 -81.18 -46.80 36.71
CA ASN MB 193 -81.99 -47.83 36.09
C ASN MB 193 -81.13 -48.89 35.45
N GLY MB 194 -80.09 -48.48 34.72
CA GLY MB 194 -79.22 -49.45 34.06
C GLY MB 194 -78.59 -50.42 35.04
N ILE MB 195 -78.01 -49.90 36.12
CA ILE MB 195 -77.34 -50.78 37.07
C ILE MB 195 -78.34 -51.65 37.81
N LEU MB 196 -79.53 -51.11 38.10
CA LEU MB 196 -80.57 -51.94 38.72
C LEU MB 196 -80.99 -53.06 37.79
N LEU MB 197 -81.11 -52.78 36.50
CA LEU MB 197 -81.43 -53.83 35.54
C LEU MB 197 -80.36 -54.92 35.55
N MET MB 198 -79.10 -54.53 35.75
CA MET MB 198 -78.04 -55.53 35.80
C MET MB 198 -78.13 -56.36 37.08
N ILE MB 199 -78.53 -55.75 38.18
CA ILE MB 199 -78.79 -56.52 39.39
C ILE MB 199 -79.90 -57.54 39.12
N LEU MB 200 -80.96 -57.11 38.44
CA LEU MB 200 -82.03 -58.03 38.09
C LEU MB 200 -81.53 -59.13 37.17
N SER MB 201 -80.71 -58.78 36.18
CA SER MB 201 -80.22 -59.78 35.24
C SER MB 201 -79.47 -60.89 35.97
N ASP MB 202 -78.66 -60.52 36.96
CA ASP MB 202 -77.93 -61.52 37.73
C ASP MB 202 -78.85 -62.28 38.68
N ILE MB 203 -79.90 -61.63 39.18
CA ILE MB 203 -80.84 -62.30 40.06
C ILE MB 203 -81.76 -63.23 39.28
N TYR MB 204 -82.23 -62.78 38.12
CA TYR MB 204 -83.35 -63.43 37.46
C TYR MB 204 -83.06 -63.92 36.06
N PHE MB 205 -81.94 -63.52 35.44
CA PHE MB 205 -81.66 -63.89 34.06
C PHE MB 205 -80.31 -64.58 33.90
N ASN MB 206 -79.75 -65.12 34.98
CA ASN MB 206 -78.54 -65.94 34.92
C ASN MB 206 -77.35 -65.16 34.34
N SER MB 207 -77.37 -63.83 34.51
CA SER MB 207 -76.24 -63.03 34.07
C SER MB 207 -75.08 -63.24 35.04
N ILE MB 208 -73.87 -62.83 34.62
CA ILE MB 208 -72.67 -63.14 35.37
C ILE MB 208 -71.82 -61.90 35.62
N TYR MB 209 -72.44 -60.72 35.63
CA TYR MB 209 -71.66 -59.50 35.81
C TYR MB 209 -71.01 -59.43 37.19
N PHE MB 210 -71.62 -60.03 38.20
CA PHE MB 210 -71.18 -59.88 39.58
C PHE MB 210 -70.62 -61.18 40.15
N ILE MB 211 -69.98 -61.96 39.29
CA ILE MB 211 -69.25 -63.15 39.66
C ILE MB 211 -67.86 -63.03 39.05
N LEU MB 212 -66.95 -63.91 39.48
CA LEU MB 212 -65.53 -63.70 39.20
C LEU MB 212 -65.29 -63.43 37.72
N ASN MB 213 -64.29 -62.59 37.46
CA ASN MB 213 -63.94 -61.99 36.18
C ASN MB 213 -64.88 -60.85 35.85
N GLY MB 214 -65.98 -60.70 36.56
CA GLY MB 214 -66.80 -59.51 36.49
C GLY MB 214 -66.54 -58.69 37.75
N ASP MB 215 -66.42 -57.39 37.58
CA ASP MB 215 -65.99 -56.52 38.67
C ASP MB 215 -67.22 -56.09 39.46
N VAL MB 216 -67.27 -56.50 40.73
CA VAL MB 216 -68.35 -56.06 41.60
C VAL MB 216 -68.22 -54.57 41.89
N VAL MB 217 -67.00 -54.03 41.86
CA VAL MB 217 -66.83 -52.60 42.10
C VAL MB 217 -67.55 -51.79 41.03
N LEU MB 218 -67.86 -52.41 39.89
CA LEU MB 218 -68.61 -51.71 38.85
C LEU MB 218 -69.94 -51.21 39.38
N TYR MB 219 -70.66 -52.06 40.13
CA TYR MB 219 -71.95 -51.65 40.66
C TYR MB 219 -71.81 -50.40 41.51
N GLN MB 220 -70.80 -50.37 42.37
CA GLN MB 220 -70.65 -49.26 43.29
C GLN MB 220 -70.44 -47.95 42.55
N HIS MB 221 -69.72 -48.00 41.41
CA HIS MB 221 -69.55 -46.79 40.61
C HIS MB 221 -70.89 -46.29 40.08
N LEU MB 222 -71.66 -47.18 39.44
CA LEU MB 222 -72.90 -46.74 38.84
C LEU MB 222 -73.94 -46.41 39.90
N PHE MB 223 -73.98 -47.19 40.99
CA PHE MB 223 -74.92 -46.87 42.06
C PHE MB 223 -74.63 -45.51 42.66
N TRP MB 224 -73.38 -45.27 43.06
CA TRP MB 224 -73.05 -44.02 43.70
C TRP MB 224 -73.03 -42.86 42.73
N TYR MB 225 -72.86 -43.11 41.43
CA TYR MB 225 -73.06 -42.05 40.46
C TYR MB 225 -74.47 -41.50 40.54
N PHE MB 226 -75.41 -42.30 41.02
CA PHE MB 226 -76.73 -41.81 41.40
C PHE MB 226 -76.83 -41.52 42.88
N GLY MB 227 -76.09 -42.27 43.70
CA GLY MB 227 -76.22 -42.14 45.14
C GLY MB 227 -75.95 -40.73 45.65
N HIS MB 228 -74.82 -40.17 45.28
CA HIS MB 228 -74.52 -38.88 45.88
C HIS MB 228 -75.40 -37.78 45.29
N PRO MB 229 -75.64 -37.77 43.98
CA PRO MB 229 -76.62 -36.80 43.46
C PRO MB 229 -77.95 -36.91 44.17
N GLU MB 230 -78.29 -38.10 44.66
CA GLU MB 230 -79.52 -38.27 45.42
C GLU MB 230 -79.51 -37.48 46.71
N VAL MB 231 -78.38 -37.48 47.43
CA VAL MB 231 -78.33 -36.75 48.70
C VAL MB 231 -78.49 -35.25 48.47
N TYR MB 232 -78.07 -34.75 47.31
CA TYR MB 232 -78.34 -33.35 47.00
C TYR MB 232 -79.69 -33.12 46.37
N ILE MB 233 -80.27 -34.14 45.74
CA ILE MB 233 -81.66 -34.04 45.33
C ILE MB 233 -82.57 -33.98 46.54
N LEU MB 234 -82.12 -34.49 47.68
CA LEU MB 234 -82.90 -34.46 48.91
C LEU MB 234 -82.67 -33.22 49.75
N ILE MB 235 -81.56 -32.50 49.54
CA ILE MB 235 -81.22 -31.38 50.41
C ILE MB 235 -81.54 -30.05 49.70
N LEU MB 236 -81.36 -30.02 48.39
CA LEU MB 236 -81.57 -28.77 47.67
C LEU MB 236 -82.98 -28.22 47.83
N PRO MB 237 -84.05 -29.02 47.73
CA PRO MB 237 -85.37 -28.46 48.04
C PRO MB 237 -85.46 -27.90 49.44
N ALA MB 238 -84.77 -28.52 50.40
CA ALA MB 238 -84.74 -27.98 51.75
C ALA MB 238 -84.09 -26.60 51.79
N PHE MB 239 -82.99 -26.44 51.04
CA PHE MB 239 -82.35 -25.13 50.97
C PHE MB 239 -83.30 -24.08 50.41
N GLY MB 240 -84.04 -24.44 49.36
CA GLY MB 240 -84.98 -23.50 48.79
C GLY MB 240 -86.02 -23.04 49.79
N ILE MB 241 -86.51 -23.97 50.63
CA ILE MB 241 -87.49 -23.60 51.65
C ILE MB 241 -86.87 -22.65 52.65
N ILE MB 242 -85.66 -22.97 53.11
CA ILE MB 242 -85.02 -22.14 54.14
C ILE MB 242 -84.91 -20.70 53.66
N SER MB 243 -84.60 -20.51 52.37
CA SER MB 243 -84.47 -19.15 51.85
C SER MB 243 -85.79 -18.39 51.94
N ILE MB 244 -86.90 -19.02 51.57
CA ILE MB 244 -88.18 -18.33 51.62
C ILE MB 244 -88.56 -17.98 53.05
N ILE MB 245 -88.38 -18.93 53.98
CA ILE MB 245 -88.82 -18.71 55.35
C ILE MB 245 -88.06 -17.55 55.97
N LEU MB 246 -86.73 -17.55 55.81
CA LEU MB 246 -85.93 -16.50 56.43
C LEU MB 246 -86.28 -15.13 55.87
N SER MB 247 -86.43 -15.03 54.56
CA SER MB 247 -86.77 -13.74 53.96
C SER MB 247 -88.14 -13.27 54.39
N VAL MB 248 -89.14 -14.17 54.39
CA VAL MB 248 -90.50 -13.78 54.71
C VAL MB 248 -90.62 -13.39 56.18
N LEU MB 249 -90.17 -14.27 57.07
CA LEU MB 249 -90.40 -14.05 58.49
C LEU MB 249 -89.59 -12.87 59.02
N ASN MB 250 -88.41 -12.63 58.48
CA ASN MB 250 -87.59 -11.48 58.88
C ASN MB 250 -87.91 -10.23 58.09
N ASN MB 251 -88.80 -10.32 57.10
CA ASN MB 251 -89.17 -9.17 56.26
C ASN MB 251 -87.94 -8.57 55.59
N LYS MB 252 -87.03 -9.42 55.15
CA LYS MB 252 -85.78 -8.99 54.54
C LYS MB 252 -85.63 -9.64 53.17
N ILE MB 253 -85.31 -8.82 52.16
CA ILE MB 253 -85.07 -9.34 50.83
C ILE MB 253 -83.85 -10.24 50.83
N ILE MB 254 -83.92 -11.34 50.08
CA ILE MB 254 -82.80 -12.26 49.99
C ILE MB 254 -81.55 -11.50 49.57
N PHE MB 255 -80.45 -11.73 50.28
CA PHE MB 255 -79.19 -11.09 49.96
C PHE MB 255 -78.37 -12.02 49.08
N GLY MB 256 -77.83 -11.47 47.99
CA GLY MB 256 -77.09 -12.27 47.04
C GLY MB 256 -77.95 -13.32 46.38
N MET MB 257 -79.10 -12.91 45.84
CA MET MB 257 -80.00 -13.86 45.18
C MET MB 257 -79.26 -14.63 44.10
N LYS MB 258 -78.51 -13.92 43.25
CA LYS MB 258 -77.80 -14.57 42.15
C LYS MB 258 -76.72 -15.50 42.67
N SER MB 259 -76.07 -15.14 43.78
CA SER MB 259 -75.08 -16.03 44.36
C SER MB 259 -75.74 -17.26 44.97
N MET MB 260 -76.92 -17.09 45.59
CA MET MB 260 -77.68 -18.24 46.03
C MET MB 260 -77.99 -19.17 44.87
N ILE MB 261 -78.50 -18.61 43.77
CA ILE MB 261 -78.86 -19.42 42.61
C ILE MB 261 -77.62 -20.09 42.04
N LEU MB 262 -76.55 -19.33 41.85
CA LEU MB 262 -75.33 -19.90 41.29
C LEU MB 262 -74.64 -20.85 42.25
N ALA MB 263 -74.91 -20.73 43.54
CA ALA MB 263 -74.42 -21.71 44.49
C ALA MB 263 -75.15 -23.04 44.34
N ILE MB 264 -76.46 -22.98 44.07
CA ILE MB 264 -77.22 -24.21 43.88
C ILE MB 264 -76.78 -24.91 42.60
N ILE MB 265 -76.60 -24.15 41.52
CA ILE MB 265 -76.12 -24.74 40.27
C ILE MB 265 -74.75 -25.37 40.49
N MET MB 266 -73.88 -24.69 41.21
CA MET MB 266 -72.53 -25.21 41.43
C MET MB 266 -72.56 -26.50 42.21
N ILE MB 267 -73.36 -26.55 43.27
CA ILE MB 267 -73.45 -27.76 44.08
C ILE MB 267 -73.86 -28.94 43.22
N SER MB 268 -74.78 -28.70 42.27
CA SER MB 268 -75.27 -29.78 41.43
C SER MB 268 -74.18 -30.33 40.52
N ILE MB 269 -73.47 -29.44 39.81
CA ILE MB 269 -72.40 -29.89 38.93
C ILE MB 269 -71.35 -30.66 39.71
N LEU MB 270 -70.91 -30.09 40.83
CA LEU MB 270 -69.91 -30.75 41.66
C LEU MB 270 -70.45 -32.04 42.24
N GLY MB 271 -71.71 -32.05 42.66
CA GLY MB 271 -72.29 -33.26 43.22
C GLY MB 271 -72.42 -34.37 42.22
N SER MB 272 -72.38 -34.05 40.93
CA SER MB 272 -72.45 -35.03 39.87
C SER MB 272 -71.10 -35.64 39.53
N ILE MB 273 -70.02 -35.22 40.20
CA ILE MB 273 -68.68 -35.65 39.83
C ILE MB 273 -67.83 -36.06 41.02
N VAL MB 274 -68.44 -36.34 42.17
CA VAL MB 274 -67.67 -36.63 43.39
C VAL MB 274 -68.07 -37.97 44.02
N TRP MB 275 -68.82 -38.78 43.27
CA TRP MB 275 -69.46 -39.96 43.85
C TRP MB 275 -68.51 -40.94 44.51
N ALA MB 276 -67.25 -41.03 44.05
CA ALA MB 276 -66.38 -42.10 44.52
C ALA MB 276 -65.82 -41.86 45.91
N HIS MB 277 -66.20 -40.78 46.59
CA HIS MB 277 -65.83 -40.65 47.99
C HIS MB 277 -66.55 -41.68 48.84
N HIS MB 278 -67.53 -42.39 48.29
CA HIS MB 278 -68.16 -43.53 48.91
C HIS MB 278 -67.41 -44.84 48.66
N ILE MB 279 -66.32 -44.80 47.89
CA ILE MB 279 -65.63 -46.01 47.46
C ILE MB 279 -64.15 -45.90 47.82
N TYR MB 280 -63.84 -45.15 48.88
CA TYR MB 280 -62.44 -44.88 49.22
C TYR MB 280 -61.69 -46.14 49.65
N THR MB 281 -62.37 -47.07 50.32
CA THR MB 281 -61.70 -48.24 50.89
C THR MB 281 -61.66 -49.42 49.96
N VAL MB 282 -62.17 -49.31 48.74
CA VAL MB 282 -62.15 -50.42 47.81
C VAL MB 282 -60.74 -50.70 47.31
N GLY MB 283 -59.93 -49.67 47.15
CA GLY MB 283 -58.61 -49.82 46.56
C GLY MB 283 -58.45 -49.17 45.20
N LEU MB 284 -59.01 -47.97 45.05
CA LEU MB 284 -58.88 -47.23 43.82
C LEU MB 284 -57.46 -46.67 43.67
N GLU MB 285 -57.14 -46.24 42.46
CA GLU MB 285 -55.82 -45.71 42.17
C GLU MB 285 -55.58 -44.40 42.91
N LEU MB 286 -54.29 -44.15 43.21
CA LEU MB 286 -53.93 -42.99 44.02
C LEU MB 286 -54.44 -41.69 43.39
N ASP MB 287 -54.29 -41.55 42.09
CA ASP MB 287 -54.70 -40.31 41.43
C ASP MB 287 -56.21 -40.14 41.45
N THR MB 288 -56.94 -41.23 41.27
CA THR MB 288 -58.40 -41.17 41.38
C THR MB 288 -58.80 -40.70 42.76
N LYS MB 289 -58.23 -41.32 43.80
CA LYS MB 289 -58.54 -40.93 45.16
C LYS MB 289 -58.27 -39.45 45.38
N ILE MB 290 -57.15 -38.96 44.85
CA ILE MB 290 -56.81 -37.55 45.07
C ILE MB 290 -57.77 -36.64 44.31
N TYR MB 291 -58.14 -37.02 43.09
CA TYR MB 291 -59.12 -36.22 42.36
C TYR MB 291 -60.41 -36.11 43.16
N PHE MB 292 -60.96 -37.25 43.58
CA PHE MB 292 -62.25 -37.24 44.24
C PHE MB 292 -62.19 -36.52 45.58
N ASN MB 293 -61.11 -36.73 46.32
CA ASN MB 293 -60.96 -36.02 47.58
C ASN MB 293 -60.88 -34.51 47.34
N ASN MB 294 -60.15 -34.09 46.30
CA ASN MB 294 -60.02 -32.67 46.02
C ASN MB 294 -61.37 -32.06 45.65
N LEU MB 295 -62.11 -32.70 44.74
CA LEU MB 295 -63.37 -32.14 44.28
C LEU MB 295 -64.43 -32.19 45.37
N THR MB 296 -64.37 -33.21 46.23
CA THR MB 296 -65.32 -33.31 47.34
C THR MB 296 -65.17 -32.12 48.30
N LEU MB 297 -63.93 -31.72 48.58
CA LEU MB 297 -63.71 -30.58 49.45
C LEU MB 297 -64.14 -29.27 48.81
N ILE MB 298 -64.18 -29.22 47.48
CA ILE MB 298 -64.59 -27.99 46.80
C ILE MB 298 -66.07 -27.70 47.06
N ILE MB 299 -66.90 -28.73 47.19
CA ILE MB 299 -68.33 -28.53 47.38
C ILE MB 299 -68.62 -27.66 48.59
N SER MB 300 -67.69 -27.58 49.54
CA SER MB 300 -67.91 -26.76 50.72
C SER MB 300 -68.00 -25.27 50.36
N ILE MB 301 -67.28 -24.84 49.33
CA ILE MB 301 -67.24 -23.43 48.94
C ILE MB 301 -68.65 -22.96 48.61
N PRO MB 302 -69.30 -23.49 47.58
CA PRO MB 302 -70.68 -23.01 47.29
C PRO MB 302 -71.63 -23.25 48.44
N THR MB 303 -71.50 -24.37 49.13
CA THR MB 303 -72.36 -24.64 50.27
C THR MB 303 -72.13 -23.64 51.39
N GLY MB 304 -70.88 -23.21 51.58
CA GLY MB 304 -70.59 -22.22 52.60
C GLY MB 304 -71.17 -20.87 52.29
N ASN MB 305 -71.13 -20.47 51.01
CA ASN MB 305 -71.68 -19.17 50.63
C ASN MB 305 -73.16 -19.08 50.98
N LYS MB 306 -73.92 -20.15 50.74
CA LYS MB 306 -75.34 -20.14 51.07
C LYS MB 306 -75.57 -19.98 52.56
N ILE MB 307 -74.77 -20.66 53.38
CA ILE MB 307 -74.95 -20.60 54.82
C ILE MB 307 -74.79 -19.17 55.33
N TYR MB 308 -73.73 -18.49 54.88
CA TYR MB 308 -73.48 -17.14 55.36
C TYR MB 308 -74.52 -16.15 54.84
N ASN MB 309 -75.04 -16.39 53.63
CA ASN MB 309 -76.09 -15.52 53.11
C ASN MB 309 -77.38 -15.69 53.91
N TRP MB 310 -77.63 -16.89 54.45
CA TRP MB 310 -78.77 -17.08 55.33
C TRP MB 310 -78.59 -16.34 56.65
N ILE MB 311 -77.38 -16.36 57.20
CA ILE MB 311 -77.14 -15.75 58.50
C ILE MB 311 -77.48 -14.27 58.45
N ILE MB 312 -77.01 -13.56 57.42
CA ILE MB 312 -77.28 -12.14 57.32
C ILE MB 312 -78.75 -11.86 57.10
N LEU MB 313 -79.52 -12.84 56.62
CA LEU MB 313 -80.96 -12.65 56.52
C LEU MB 313 -81.59 -12.54 57.90
N TYR MB 314 -81.13 -13.34 58.86
CA TYR MB 314 -81.70 -13.27 60.20
C TYR MB 314 -81.12 -12.11 60.99
N ILE MB 315 -79.88 -11.72 60.71
CA ILE MB 315 -79.27 -10.59 61.39
C ILE MB 315 -80.04 -9.31 61.07
N GLY MB 316 -80.18 -8.44 62.06
CA GLY MB 316 -80.74 -7.12 61.85
C GLY MB 316 -82.24 -7.05 61.79
N SER MB 317 -82.93 -8.18 61.92
CA SER MB 317 -84.37 -8.17 61.81
C SER MB 317 -85.01 -7.50 63.04
N TYR MB 318 -86.19 -6.95 62.83
CA TYR MB 318 -86.84 -6.15 63.86
C TYR MB 318 -87.06 -6.98 65.12
N ASN MB 319 -86.82 -6.36 66.28
CA ASN MB 319 -86.99 -7.05 67.55
C ASN MB 319 -88.45 -7.17 67.95
N ILE MB 320 -89.31 -6.26 67.50
CA ILE MB 320 -90.69 -6.27 67.95
C ILE MB 320 -91.41 -7.53 67.49
N LEU MB 321 -91.06 -8.04 66.31
CA LEU MB 321 -91.68 -9.26 65.82
C LEU MB 321 -91.35 -10.43 66.74
N TYR MB 322 -92.36 -11.22 67.07
CA TYR MB 322 -92.16 -12.38 67.92
C TYR MB 322 -91.36 -13.43 67.17
N ASN MB 323 -90.30 -13.92 67.80
CA ASN MB 323 -89.36 -14.84 67.17
C ASN MB 323 -89.54 -16.28 67.63
N GLY MB 324 -90.57 -16.56 68.42
CA GLY MB 324 -90.80 -17.91 68.91
C GLY MB 324 -91.67 -18.77 68.04
N TYR MB 325 -92.04 -18.32 66.84
CA TYR MB 325 -92.82 -19.17 65.95
C TYR MB 325 -92.02 -20.40 65.56
N GLN MB 326 -92.71 -21.54 65.47
CA GLN MB 326 -92.03 -22.80 65.24
C GLN MB 326 -91.31 -22.81 63.90
N SER MB 327 -91.91 -22.19 62.87
CA SER MB 327 -91.27 -22.17 61.57
C SER MB 327 -89.95 -21.42 61.61
N LEU MB 328 -89.92 -20.27 62.28
CA LEU MB 328 -88.67 -19.51 62.37
C LEU MB 328 -87.62 -20.28 63.17
N ILE MB 329 -88.03 -20.89 64.27
CA ILE MB 329 -87.08 -21.65 65.09
C ILE MB 329 -86.49 -22.79 64.29
N PHE MB 330 -87.32 -23.52 63.54
CA PHE MB 330 -86.82 -24.62 62.73
C PHE MB 330 -85.86 -24.15 61.66
N SER MB 331 -86.18 -23.02 61.01
CA SER MB 331 -85.29 -22.50 59.98
C SER MB 331 -83.92 -22.14 60.56
N ILE MB 332 -83.91 -21.49 61.73
CA ILE MB 332 -82.66 -21.16 62.39
C ILE MB 332 -81.94 -22.42 62.82
N MET MB 333 -82.67 -23.38 63.38
CA MET MB 333 -82.07 -24.63 63.82
C MET MB 333 -81.41 -25.36 62.66
N PHE MB 334 -81.94 -25.19 61.45
CA PHE MB 334 -81.35 -25.87 60.29
C PHE MB 334 -79.93 -25.39 60.04
N ILE MB 335 -79.69 -24.09 60.13
CA ILE MB 335 -78.34 -23.55 59.93
C ILE MB 335 -77.40 -24.14 60.98
N ILE MB 336 -77.83 -24.13 62.23
CA ILE MB 336 -77.00 -24.64 63.32
C ILE MB 336 -76.70 -26.12 63.12
N ILE MB 337 -77.70 -26.87 62.67
CA ILE MB 337 -77.54 -28.32 62.55
C ILE MB 337 -76.80 -28.69 61.27
N PHE MB 338 -77.11 -28.02 60.17
CA PHE MB 338 -76.49 -28.38 58.90
C PHE MB 338 -74.98 -28.19 58.94
N ILE MB 339 -74.52 -27.14 59.63
CA ILE MB 339 -73.09 -26.91 59.72
C ILE MB 339 -72.40 -28.09 60.40
N ILE MB 340 -73.03 -28.65 61.44
CA ILE MB 340 -72.45 -29.82 62.10
C ILE MB 340 -72.34 -30.98 61.11
N GLY MB 341 -73.42 -31.26 60.39
CA GLY MB 341 -73.40 -32.36 59.46
C GLY MB 341 -72.40 -32.16 58.33
N GLY MB 342 -72.34 -30.95 57.79
CA GLY MB 342 -71.42 -30.67 56.71
C GLY MB 342 -69.96 -30.75 57.13
N ILE MB 343 -69.64 -30.19 58.30
CA ILE MB 343 -68.26 -30.21 58.77
C ILE MB 343 -67.79 -31.65 58.96
N THR MB 344 -68.62 -32.48 59.57
CA THR MB 344 -68.28 -33.89 59.70
C THR MB 344 -68.15 -34.54 58.33
N GLY MB 345 -68.92 -34.07 57.35
CA GLY MB 345 -68.75 -34.56 56.00
C GLY MB 345 -67.38 -34.24 55.44
N ILE MB 346 -66.88 -33.04 55.72
CA ILE MB 346 -65.55 -32.66 55.27
C ILE MB 346 -64.50 -33.51 55.97
N ILE MB 347 -64.72 -33.84 57.24
CA ILE MB 347 -63.77 -34.70 57.95
C ILE MB 347 -63.69 -36.06 57.28
N ILE MB 348 -64.84 -36.68 57.01
CA ILE MB 348 -64.84 -37.98 56.36
C ILE MB 348 -64.35 -37.88 54.92
N SER MB 349 -64.38 -36.69 54.33
CA SER MB 349 -63.93 -36.52 52.95
C SER MB 349 -62.44 -36.83 52.81
N ILE MB 350 -61.64 -36.46 53.81
CA ILE MB 350 -60.24 -36.86 53.79
C ILE MB 350 -60.19 -38.38 53.84
N ASP MB 351 -59.60 -38.97 52.80
CA ASP MB 351 -59.67 -40.43 52.66
C ASP MB 351 -58.94 -41.13 53.80
N ILE MB 352 -57.81 -40.57 54.24
CA ILE MB 352 -57.06 -41.24 55.30
C ILE MB 352 -57.86 -41.24 56.60
N ILE MB 353 -58.53 -40.12 56.91
CA ILE MB 353 -59.47 -40.13 58.01
C ILE MB 353 -60.59 -41.12 57.74
N ASP MB 354 -61.00 -41.23 56.47
CA ASP MB 354 -62.11 -42.10 56.11
C ASP MB 354 -61.79 -43.57 56.33
N ILE MB 355 -60.52 -43.98 56.17
CA ILE MB 355 -60.17 -45.38 56.39
C ILE MB 355 -60.62 -45.81 57.78
N GLY MB 356 -60.38 -44.95 58.77
CA GLY MB 356 -60.81 -45.27 60.13
C GLY MB 356 -62.31 -45.14 60.31
N LEU MB 357 -62.94 -44.23 59.60
CA LEU MB 357 -64.34 -43.89 59.85
C LEU MB 357 -65.31 -44.45 58.81
N HIS MB 358 -64.85 -45.25 57.84
CA HIS MB 358 -65.79 -45.88 56.92
C HIS MB 358 -66.52 -47.03 57.60
N ASP MB 359 -67.80 -47.18 57.29
CA ASP MB 359 -68.62 -48.25 57.84
C ASP MB 359 -68.60 -48.24 59.38
N THR MB 360 -68.67 -47.03 59.96
CA THR MB 360 -68.77 -46.84 61.40
C THR MB 360 -69.94 -45.91 61.66
N TYR MB 361 -70.37 -45.84 62.93
CA TYR MB 361 -71.53 -45.03 63.26
C TYR MB 361 -71.27 -43.53 63.15
N TYR MB 362 -70.02 -43.12 62.96
CA TYR MB 362 -69.73 -41.72 62.64
C TYR MB 362 -70.41 -41.32 61.33
N ILE MB 363 -70.36 -42.19 60.32
CA ILE MB 363 -71.05 -41.92 59.07
C ILE MB 363 -72.55 -41.81 59.30
N VAL MB 364 -73.09 -42.71 60.12
CA VAL MB 364 -74.52 -42.66 60.46
C VAL MB 364 -74.87 -41.27 61.01
N SER MB 365 -74.22 -40.88 62.11
CA SER MB 365 -74.51 -39.59 62.72
C SER MB 365 -74.35 -38.46 61.72
N HIS MB 366 -73.38 -38.57 60.81
CA HIS MB 366 -73.17 -37.51 59.83
C HIS MB 366 -74.40 -37.30 58.97
N PHE MB 367 -74.92 -38.35 58.35
CA PHE MB 367 -76.05 -38.17 57.45
C PHE MB 367 -77.37 -38.08 58.18
N HIS MB 368 -77.44 -38.49 59.45
CA HIS MB 368 -78.63 -38.24 60.24
C HIS MB 368 -78.77 -36.76 60.59
N TYR MB 369 -77.67 -36.14 61.02
CA TYR MB 369 -77.72 -34.72 61.35
C TYR MB 369 -78.20 -33.89 60.17
N ILE MB 370 -77.92 -34.33 58.95
CA ILE MB 370 -78.33 -33.58 57.77
C ILE MB 370 -79.76 -33.95 57.38
N LEU MB 371 -80.09 -35.24 57.39
CA LEU MB 371 -81.39 -35.72 56.93
C LEU MB 371 -82.39 -35.87 58.06
N SER MB 372 -82.07 -36.73 59.04
CA SER MB 372 -83.02 -37.02 60.11
C SER MB 372 -83.34 -35.79 60.94
N ILE MB 373 -82.41 -34.85 61.01
CA ILE MB 373 -82.60 -33.59 61.73
C ILE MB 373 -82.84 -32.44 60.76
N GLY MB 374 -81.90 -32.20 59.85
CA GLY MB 374 -81.97 -31.03 59.00
C GLY MB 374 -83.11 -31.08 58.00
N ALA MB 375 -83.19 -32.18 57.24
CA ALA MB 375 -84.22 -32.26 56.20
C ALA MB 375 -85.61 -32.36 56.82
N VAL MB 376 -85.78 -33.15 57.87
CA VAL MB 376 -87.07 -33.28 58.53
C VAL MB 376 -87.53 -31.91 59.02
N ILE MB 377 -86.65 -31.20 59.72
CA ILE MB 377 -86.99 -29.90 60.29
C ILE MB 377 -87.32 -28.90 59.18
N SER MB 378 -86.63 -29.01 58.05
CA SER MB 378 -86.90 -28.11 56.92
C SER MB 378 -88.29 -28.36 56.35
N LEU MB 379 -88.66 -29.64 56.20
CA LEU MB 379 -89.99 -29.97 55.73
C LEU MB 379 -91.06 -29.52 56.71
N LEU MB 380 -90.82 -29.74 58.01
CA LEU MB 380 -91.75 -29.25 59.03
C LEU MB 380 -91.86 -27.73 58.97
N ALA MB 381 -90.72 -27.04 58.88
CA ALA MB 381 -90.74 -25.58 58.83
C ALA MB 381 -91.48 -25.08 57.61
N GLY MB 382 -91.32 -25.75 56.47
CA GLY MB 382 -92.01 -25.32 55.27
C GLY MB 382 -93.51 -25.52 55.38
N ILE MB 383 -93.94 -26.68 55.87
CA ILE MB 383 -95.36 -26.93 56.07
C ILE MB 383 -95.94 -25.94 57.07
N LEU MB 384 -95.20 -25.67 58.15
CA LEU MB 384 -95.66 -24.73 59.17
C LEU MB 384 -95.84 -23.34 58.60
N LEU MB 385 -94.93 -22.91 57.72
CA LEU MB 385 -95.08 -21.59 57.10
C LEU MB 385 -96.35 -21.51 56.27
N LEU MB 386 -96.73 -22.61 55.63
CA LEU MB 386 -97.90 -22.66 54.77
C LEU MB 386 -99.14 -23.19 55.49
N LYS MB 387 -99.17 -23.10 56.83
CA LYS MB 387 -100.31 -23.63 57.56
C LYS MB 387 -101.60 -22.92 57.16
N ASP MB 388 -101.56 -21.59 57.06
CA ASP MB 388 -102.76 -20.85 56.67
C ASP MB 388 -103.19 -21.20 55.25
N ILE MB 389 -102.22 -21.30 54.33
CA ILE MB 389 -102.55 -21.59 52.94
C ILE MB 389 -103.04 -23.02 52.81
N ILE MB 390 -102.34 -23.97 53.44
CA ILE MB 390 -102.77 -25.36 53.38
C ILE MB 390 -104.09 -25.54 54.13
N GLY MB 391 -104.19 -25.01 55.34
CA GLY MB 391 -105.42 -24.99 56.08
C GLY MB 391 -105.62 -26.11 57.08
N TYR MB 392 -104.59 -26.90 57.37
CA TYR MB 392 -104.75 -27.98 58.34
C TYR MB 392 -104.82 -27.43 59.76
N TYR MB 393 -105.44 -28.20 60.63
CA TYR MB 393 -105.60 -27.82 62.04
C TYR MB 393 -105.62 -29.09 62.88
N ASN MB 394 -106.10 -28.98 64.12
CA ASN MB 394 -106.15 -30.08 65.08
C ASN MB 394 -104.77 -30.51 65.53
N VAL MB 395 -103.79 -29.61 65.49
CA VAL MB 395 -102.46 -29.86 66.02
C VAL MB 395 -101.99 -28.63 66.77
N ILE MB 396 -101.12 -28.85 67.76
CA ILE MB 396 -100.53 -27.74 68.51
C ILE MB 396 -99.05 -27.69 68.16
N ILE MB 397 -98.71 -27.01 67.08
CA ILE MB 397 -97.33 -26.94 66.62
C ILE MB 397 -96.92 -25.50 66.35
N LYS MB 398 -97.81 -24.71 65.74
CA LYS MB 398 -97.44 -23.39 65.24
C LYS MB 398 -96.65 -22.58 66.26
N ILE MB 399 -97.13 -22.54 67.51
CA ILE MB 399 -96.41 -21.89 68.60
C ILE MB 399 -96.29 -22.92 69.72
N ASN MB 400 -95.21 -23.69 69.70
CA ASN MB 400 -94.95 -24.72 70.70
C ASN MB 400 -93.44 -24.75 70.95
N LYS MB 401 -92.99 -23.96 71.92
CA LYS MB 401 -91.56 -23.92 72.22
C LYS MB 401 -91.10 -25.20 72.89
N TYR MB 402 -91.99 -25.88 73.62
CA TYR MB 402 -91.63 -27.14 74.25
C TYR MB 402 -91.25 -28.18 73.20
N PHE MB 403 -92.04 -28.27 72.13
CA PHE MB 403 -91.77 -29.27 71.11
C PHE MB 403 -90.42 -29.04 70.44
N GLY MB 404 -90.13 -27.80 70.09
CA GLY MB 404 -88.86 -27.51 69.45
C GLY MB 404 -87.67 -27.81 70.35
N LEU MB 405 -87.74 -27.38 71.60
CA LEU MB 405 -86.64 -27.61 72.53
C LEU MB 405 -86.44 -29.11 72.77
N LEU MB 406 -87.52 -29.82 73.09
CA LEU MB 406 -87.41 -31.24 73.37
C LEU MB 406 -86.87 -32.00 72.15
N LEU MB 407 -87.36 -31.66 70.96
CA LEU MB 407 -86.89 -32.31 69.75
C LEU MB 407 -85.39 -32.08 69.54
N PHE MB 408 -84.96 -30.82 69.64
CA PHE MB 408 -83.55 -30.50 69.44
C PHE MB 408 -82.66 -31.23 70.44
N ILE MB 409 -83.04 -31.19 71.72
CA ILE MB 409 -82.22 -31.81 72.75
C ILE MB 409 -82.15 -33.32 72.52
N ASN MB 410 -83.29 -33.97 72.32
CA ASN MB 410 -83.32 -35.42 72.27
C ASN MB 410 -82.72 -35.96 70.98
N ILE MB 411 -82.93 -35.26 69.86
CA ILE MB 411 -82.35 -35.70 68.60
C ILE MB 411 -80.82 -35.68 68.68
N ASN MB 412 -80.27 -34.69 69.40
CA ASN MB 412 -78.83 -34.65 69.59
C ASN MB 412 -78.35 -35.72 70.55
N ILE MB 413 -79.18 -36.13 71.51
CA ILE MB 413 -78.83 -37.23 72.41
C ILE MB 413 -78.68 -38.53 71.62
N ILE MB 414 -79.40 -38.65 70.50
CA ILE MB 414 -79.35 -39.89 69.73
C ILE MB 414 -78.08 -39.97 68.90
N PHE MB 415 -77.72 -38.89 68.21
CA PHE MB 415 -76.70 -38.96 67.17
C PHE MB 415 -75.35 -38.39 67.58
N THR MB 416 -75.29 -37.46 68.53
CA THR MB 416 -73.98 -37.03 69.03
C THR MB 416 -73.18 -38.21 69.58
N PRO MB 417 -73.74 -39.11 70.38
CA PRO MB 417 -72.96 -40.27 70.84
C PRO MB 417 -72.53 -41.18 69.71
N GLN MB 418 -73.20 -41.15 68.57
CA GLN MB 418 -72.80 -42.00 67.45
C GLN MB 418 -71.52 -41.50 66.79
N PHE MB 419 -71.20 -40.21 66.95
CA PHE MB 419 -69.88 -39.73 66.53
C PHE MB 419 -68.78 -40.30 67.41
N ILE MB 420 -69.04 -40.43 68.71
CA ILE MB 420 -68.03 -40.93 69.64
C ILE MB 420 -67.69 -42.38 69.32
N ILE MB 421 -68.72 -43.23 69.20
CA ILE MB 421 -68.48 -44.65 68.95
C ILE MB 421 -67.84 -44.89 67.61
N GLY MB 422 -67.80 -43.88 66.74
CA GLY MB 422 -67.09 -44.01 65.48
C GLY MB 422 -65.58 -44.10 65.64
N PHE MB 423 -65.04 -43.64 66.77
CA PHE MB 423 -63.59 -43.73 67.09
C PHE MB 423 -63.39 -44.75 68.19
N ASN MB 424 -64.39 -45.61 68.45
CA ASN MB 424 -64.34 -46.60 69.57
C ASN MB 424 -63.74 -47.95 69.13
N VAL MB 425 -63.98 -48.54 67.97
CA VAL MB 425 -64.99 -48.18 66.93
C VAL MB 425 -66.12 -49.21 66.90
N MET MB 426 -67.34 -48.77 66.67
CA MET MB 426 -68.53 -49.64 66.49
C MET MB 426 -68.90 -49.64 65.00
N PRO MB 427 -68.73 -50.76 64.26
CA PRO MB 427 -69.17 -50.82 62.86
C PRO MB 427 -70.66 -50.52 62.70
N ARG MB 428 -71.04 -50.16 61.47
CA ARG MB 428 -72.44 -50.01 61.12
C ARG MB 428 -73.07 -51.36 60.79
N ARG MB 429 -74.39 -51.34 60.61
CA ARG MB 429 -75.13 -52.49 60.10
C ARG MB 429 -74.89 -53.74 60.93
N ILE MB 430 -74.66 -53.56 62.23
CA ILE MB 430 -74.49 -54.65 63.17
C ILE MB 430 -75.51 -54.48 64.30
N LEU MB 431 -75.83 -55.59 64.96
CA LEU MB 431 -76.75 -55.57 66.11
C LEU MB 431 -76.07 -55.91 67.42
N GLU MB 432 -75.15 -56.87 67.43
CA GLU MB 432 -74.36 -57.20 68.59
C GLU MB 432 -73.03 -56.44 68.56
N TYR MB 433 -72.52 -56.13 69.75
CA TYR MB 433 -71.29 -55.34 69.87
C TYR MB 433 -70.64 -55.63 71.22
N SER MB 434 -69.39 -55.18 71.35
CA SER MB 434 -68.62 -55.42 72.57
C SER MB 434 -69.22 -54.66 73.75
N ASP MB 435 -69.01 -55.21 74.95
CA ASP MB 435 -69.64 -54.66 76.15
C ASP MB 435 -69.13 -53.28 76.50
N ASN MB 436 -67.98 -52.87 75.98
CA ASN MB 436 -67.40 -51.58 76.33
C ASN MB 436 -67.96 -50.44 75.50
N ILE MB 437 -68.92 -50.69 74.62
CA ILE MB 437 -69.59 -49.66 73.84
C ILE MB 437 -71.03 -49.47 74.27
N ILE MB 438 -71.43 -50.10 75.39
CA ILE MB 438 -72.82 -50.04 75.81
C ILE MB 438 -73.21 -48.63 76.23
N VAL MB 439 -72.33 -47.95 76.98
CA VAL MB 439 -72.67 -46.65 77.55
C VAL MB 439 -73.22 -45.73 76.47
N TRP MB 440 -72.43 -45.49 75.43
CA TRP MB 440 -72.85 -44.56 74.39
C TRP MB 440 -74.08 -45.07 73.65
N ASN MB 441 -74.11 -46.37 73.33
CA ASN MB 441 -75.28 -46.92 72.66
C ASN MB 441 -76.52 -46.78 73.54
N LEU MB 442 -76.36 -46.98 74.85
CA LEU MB 442 -77.50 -46.83 75.76
C LEU MB 442 -78.01 -45.40 75.76
N ILE MB 443 -77.09 -44.42 75.80
CA ILE MB 443 -77.51 -43.02 75.83
C ILE MB 443 -78.32 -42.68 74.59
N SER MB 444 -77.83 -43.11 73.42
CA SER MB 444 -78.55 -42.84 72.17
C SER MB 444 -79.91 -43.50 72.18
N SER MB 445 -79.99 -44.73 72.73
CA SER MB 445 -81.28 -45.42 72.79
C SER MB 445 -82.27 -44.66 73.67
N ILE MB 446 -81.81 -44.15 74.81
CA ILE MB 446 -82.69 -43.34 75.65
C ILE MB 446 -83.17 -42.13 74.87
N GLY MB 447 -82.34 -41.59 73.99
CA GLY MB 447 -82.75 -40.47 73.17
C GLY MB 447 -83.83 -40.82 72.17
N SER MB 448 -83.80 -42.05 71.63
CA SER MB 448 -84.77 -42.44 70.62
C SER MB 448 -86.16 -42.60 71.21
N ILE MB 449 -86.27 -43.30 72.35
CA ILE MB 449 -87.57 -43.47 72.98
C ILE MB 449 -88.16 -42.11 73.34
N SER MB 450 -87.32 -41.19 73.81
CA SER MB 450 -87.81 -39.88 74.21
C SER MB 450 -88.35 -39.09 73.02
N THR MB 451 -87.65 -39.12 71.88
CA THR MB 451 -88.12 -38.37 70.72
C THR MB 451 -89.49 -38.85 70.27
N ILE MB 452 -89.71 -40.17 70.31
CA ILE MB 452 -91.01 -40.73 69.90
C ILE MB 452 -92.12 -40.19 70.80
N LEU MB 453 -91.86 -40.12 72.11
CA LEU MB 453 -92.87 -39.62 73.04
C LEU MB 453 -93.26 -38.18 72.71
N ILE MB 454 -92.30 -37.37 72.26
CA ILE MB 454 -92.55 -35.98 71.94
C ILE MB 454 -93.40 -35.84 70.68
N LEU MB 455 -93.40 -36.86 69.82
CA LEU MB 455 -94.22 -36.83 68.62
C LEU MB 455 -95.71 -36.96 68.94
N LEU MB 456 -96.03 -37.49 70.12
CA LEU MB 456 -97.43 -37.65 70.52
C LEU MB 456 -98.03 -36.37 71.07
N SER MB 457 -97.20 -35.45 71.56
CA SER MB 457 -97.71 -34.23 72.20
C SER MB 457 -98.27 -33.24 71.18
N ILE MB 458 -97.96 -33.38 69.90
CA ILE MB 458 -98.42 -32.41 68.92
C ILE MB 458 -99.93 -32.47 68.76
N PHE MB 459 -100.49 -33.68 68.82
CA PHE MB 459 -101.93 -33.86 68.65
C PHE MB 459 -102.70 -33.23 69.81
N GLY NB 1 -132.93 -20.52 34.93
CA GLY NB 1 -133.70 -19.60 35.77
C GLY NB 1 -134.57 -20.34 36.77
N ARG NB 2 -134.23 -20.22 38.05
CA ARG NB 2 -134.98 -20.86 39.13
C ARG NB 2 -135.22 -19.85 40.24
N GLU NB 3 -136.40 -19.91 40.83
CA GLU NB 3 -136.78 -19.02 41.92
C GLU NB 3 -136.75 -19.79 43.24
N LEU NB 4 -136.04 -19.24 44.22
CA LEU NB 4 -135.91 -19.85 45.53
C LEU NB 4 -136.24 -18.85 46.62
N PRO NB 5 -136.73 -19.30 47.76
CA PRO NB 5 -136.99 -18.40 48.87
C PRO NB 5 -135.71 -18.04 49.63
N GLU NB 6 -135.81 -16.98 50.42
CA GLU NB 6 -134.67 -16.56 51.23
C GLU NB 6 -134.39 -17.56 52.35
N TYR NB 7 -135.41 -18.23 52.85
CA TYR NB 7 -135.25 -19.19 53.94
C TYR NB 7 -136.33 -20.25 53.82
N VAL NB 8 -136.12 -21.37 54.50
CA VAL NB 8 -137.07 -22.46 54.56
C VAL NB 8 -137.18 -22.94 56.00
N VAL NB 9 -138.39 -23.23 56.43
CA VAL NB 9 -138.66 -23.78 57.76
C VAL NB 9 -138.79 -25.28 57.64
N LEU NB 10 -137.94 -26.01 58.36
CA LEU NB 10 -137.95 -27.46 58.28
C LEU NB 10 -139.12 -28.05 59.05
N PRO NB 11 -139.59 -29.24 58.66
CA PRO NB 11 -140.72 -29.83 59.37
C PRO NB 11 -140.39 -30.28 60.78
N HIS NB 12 -139.18 -30.79 61.02
CA HIS NB 12 -138.80 -31.26 62.34
C HIS NB 12 -138.26 -30.10 63.19
N ASN NB 13 -138.11 -30.37 64.48
CA ASN NB 13 -137.59 -29.39 65.44
C ASN NB 13 -136.45 -30.01 66.25
N GLN NB 14 -135.63 -30.81 65.59
CA GLN NB 14 -134.49 -31.48 66.22
C GLN NB 14 -133.20 -30.76 65.84
N GLN NB 15 -132.45 -30.31 66.84
CA GLN NB 15 -131.14 -29.70 66.61
C GLN NB 15 -130.08 -30.81 66.64
N ARG NB 16 -129.93 -31.46 65.49
CA ARG NB 16 -129.08 -32.66 65.43
C ARG NB 16 -127.61 -32.32 65.46
N TYR NB 17 -127.20 -31.20 64.89
CA TYR NB 17 -125.80 -30.88 64.70
C TYR NB 17 -125.43 -29.57 65.40
N GLY NB 18 -124.14 -29.38 65.61
CA GLY NB 18 -123.67 -28.20 66.30
C GLY NB 18 -122.18 -28.33 66.61
N ARG NB 19 -121.72 -27.49 67.54
CA ARG NB 19 -120.32 -27.49 67.94
C ARG NB 19 -119.94 -28.81 68.61
N ASP NB 20 -118.68 -29.20 68.43
CA ASP NB 20 -118.16 -30.38 69.12
C ASP NB 20 -118.22 -30.21 70.63
N LYS NB 21 -118.48 -31.30 71.32
CA LYS NB 21 -118.31 -31.34 72.76
C LYS NB 21 -116.82 -31.41 73.09
N SER NB 22 -116.45 -30.82 74.22
CA SER NB 22 -115.06 -30.89 74.67
C SER NB 22 -114.60 -32.34 74.73
N TYR NB 23 -113.45 -32.61 74.13
CA TYR NB 23 -112.91 -33.97 74.07
C TYR NB 23 -111.55 -34.02 74.76
N SER NB 24 -111.23 -35.20 75.29
CA SER NB 24 -109.97 -35.44 75.96
C SER NB 24 -109.01 -36.15 74.99
N TYR NB 25 -107.84 -36.55 75.48
CA TYR NB 25 -106.83 -37.15 74.60
C TYR NB 25 -107.29 -38.51 74.08
N PHE NB 26 -107.94 -39.30 74.93
CA PHE NB 26 -108.32 -40.67 74.58
C PHE NB 26 -109.79 -40.80 74.21
N THR NB 27 -110.44 -39.70 73.88
CA THR NB 27 -111.84 -39.77 73.46
C THR NB 27 -112.00 -40.64 72.22
N CYS NB 28 -111.00 -40.63 71.33
CA CYS NB 28 -111.09 -41.42 70.12
C CYS NB 28 -111.14 -42.91 70.42
N LEU NB 29 -110.56 -43.35 71.54
CA LEU NB 29 -110.49 -44.77 71.82
C LEU NB 29 -111.86 -45.41 71.95
N TRP NB 30 -112.85 -44.67 72.42
CA TRP NB 30 -114.20 -45.19 72.52
C TRP NB 30 -115.12 -44.67 71.42
N HIS NB 31 -114.90 -43.46 70.92
CA HIS NB 31 -115.79 -42.92 69.90
C HIS NB 31 -115.62 -43.64 68.58
N PHE NB 32 -114.38 -43.92 68.17
CA PHE NB 32 -114.18 -44.60 66.90
C PHE NB 32 -114.80 -45.99 66.88
N PRO NB 33 -114.54 -46.88 67.83
CA PRO NB 33 -115.25 -48.17 67.81
C PRO NB 33 -116.75 -48.02 67.89
N LYS NB 34 -117.25 -47.00 68.60
CA LYS NB 34 -118.68 -46.79 68.65
C LYS NB 34 -119.25 -46.52 67.26
N MET NB 35 -118.56 -45.70 66.46
CA MET NB 35 -119.03 -45.42 65.11
C MET NB 35 -119.06 -46.68 64.27
N VAL NB 36 -118.02 -47.51 64.37
CA VAL NB 36 -117.92 -48.70 63.53
C VAL NB 36 -119.08 -49.64 63.80
N PHE NB 37 -119.38 -49.88 65.07
CA PHE NB 37 -120.36 -50.90 65.44
C PHE NB 37 -121.77 -50.35 65.61
N THR NB 38 -121.96 -49.04 65.57
CA THR NB 38 -123.26 -48.44 65.84
C THR NB 38 -123.79 -47.56 64.71
N GLU NB 39 -122.92 -47.01 63.86
CA GLU NB 39 -123.36 -46.20 62.72
C GLU NB 39 -123.56 -47.10 61.51
N LYS NB 40 -124.76 -47.07 60.94
CA LYS NB 40 -125.06 -47.99 59.84
C LYS NB 40 -124.12 -47.79 58.67
N TRP NB 41 -123.91 -46.54 58.24
CA TRP NB 41 -123.12 -46.31 57.04
C TRP NB 41 -121.72 -46.90 57.17
N CYS NB 42 -121.20 -47.00 58.39
CA CYS NB 42 -119.86 -47.55 58.59
C CYS NB 42 -119.85 -49.07 58.47
N TYR NB 43 -120.76 -49.77 59.17
CA TYR NB 43 -120.70 -51.22 59.18
C TYR NB 43 -121.30 -51.85 57.94
N THR NB 44 -122.11 -51.10 57.17
CA THR NB 44 -122.57 -51.61 55.88
C THR NB 44 -121.47 -51.52 54.83
N ASN NB 45 -120.60 -50.50 54.94
CA ASN NB 45 -119.48 -50.39 54.02
C ASN NB 45 -118.39 -51.41 54.34
N ILE NB 46 -118.24 -51.77 55.61
CA ILE NB 46 -117.24 -52.77 55.98
C ILE NB 46 -117.66 -54.15 55.52
N MET NB 47 -118.92 -54.52 55.77
CA MET NB 47 -119.41 -55.83 55.36
C MET NB 47 -119.37 -55.98 53.84
N TRP NB 48 -119.74 -54.92 53.13
CA TRP NB 48 -119.73 -54.96 51.68
C TRP NB 48 -118.32 -55.23 51.15
N PHE NB 49 -117.34 -54.53 51.71
CA PHE NB 49 -115.95 -54.71 51.28
C PHE NB 49 -115.47 -56.12 51.58
N VAL NB 50 -115.72 -56.60 52.80
CA VAL NB 50 -115.24 -57.93 53.19
C VAL NB 50 -115.90 -59.00 52.33
N PHE NB 51 -117.21 -58.91 52.13
CA PHE NB 51 -117.93 -59.96 51.42
C PHE NB 51 -117.42 -60.12 50.00
N TRP NB 52 -117.30 -59.01 49.27
CA TRP NB 52 -116.93 -59.11 47.86
C TRP NB 52 -115.46 -59.42 47.67
N THR NB 53 -114.59 -58.93 48.55
CA THR NB 53 -113.18 -59.30 48.48
C THR NB 53 -113.02 -60.80 48.68
N GLY NB 54 -113.70 -61.35 49.69
CA GLY NB 54 -113.67 -62.80 49.88
C GLY NB 54 -114.38 -63.55 48.77
N PHE NB 55 -115.45 -62.97 48.22
CA PHE NB 55 -116.21 -63.65 47.18
C PHE NB 55 -115.33 -63.96 45.98
N TRP NB 56 -114.55 -62.98 45.52
CA TRP NB 56 -113.67 -63.20 44.39
C TRP NB 56 -112.36 -63.87 44.79
N PHE NB 57 -112.07 -63.95 46.09
CA PHE NB 57 -110.88 -64.67 46.54
C PHE NB 57 -111.06 -66.17 46.40
N ILE NB 58 -112.27 -66.67 46.56
CA ILE NB 58 -112.52 -68.11 46.54
C ILE NB 58 -112.16 -68.71 45.20
N PRO NB 59 -112.73 -68.25 44.08
CA PRO NB 59 -112.40 -68.89 42.79
C PRO NB 59 -110.91 -68.86 42.48
N ASN NB 60 -110.23 -67.77 42.78
CA ASN NB 60 -108.78 -67.74 42.61
C ASN NB 60 -108.11 -68.73 43.55
N TYR NB 61 -108.59 -68.82 44.79
CA TYR NB 61 -108.00 -69.74 45.76
C TYR NB 61 -108.13 -71.18 45.30
N ILE NB 62 -109.31 -71.55 44.82
CA ILE NB 62 -109.53 -72.93 44.38
C ILE NB 62 -108.62 -73.26 43.22
N TRP NB 63 -108.55 -72.36 42.23
CA TRP NB 63 -107.71 -72.60 41.07
C TRP NB 63 -106.25 -72.78 41.45
N TRP NB 64 -105.75 -71.90 42.32
CA TRP NB 64 -104.33 -71.98 42.67
C TRP NB 64 -104.01 -73.22 43.48
N GLU NB 65 -104.90 -73.61 44.39
CA GLU NB 65 -104.64 -74.78 45.21
C GLU NB 65 -104.52 -76.03 44.36
N ARG NB 66 -105.41 -76.20 43.39
CA ARG NB 66 -105.28 -77.33 42.47
C ARG NB 66 -103.99 -77.23 41.68
N ARG NB 67 -103.67 -76.02 41.20
CA ARG NB 67 -102.43 -75.83 40.45
C ARG NB 67 -101.21 -76.12 41.31
N TYR NB 68 -101.22 -75.65 42.56
CA TYR NB 68 -100.07 -75.85 43.44
C TYR NB 68 -99.87 -77.33 43.73
N ALA NB 69 -100.94 -78.06 44.00
CA ALA NB 69 -100.84 -79.50 44.24
C ALA NB 69 -100.27 -80.21 43.01
N TYR NB 70 -100.73 -79.81 41.82
CA TYR NB 70 -100.23 -80.41 40.59
C TYR NB 70 -98.75 -80.14 40.41
N GLN NB 71 -98.34 -78.89 40.61
CA GLN NB 71 -96.94 -78.53 40.42
C GLN NB 71 -96.02 -79.27 41.38
N LYS NB 72 -96.49 -79.56 42.59
CA LYS NB 72 -95.68 -80.32 43.54
C LYS NB 72 -95.56 -81.78 43.13
N ALA NB 73 -96.56 -82.32 42.43
CA ALA NB 73 -96.50 -83.70 42.00
C ALA NB 73 -95.45 -83.92 40.92
N GLY NB 74 -95.06 -82.88 40.19
CA GLY NB 74 -94.03 -83.00 39.18
C GLY NB 74 -94.31 -82.05 38.04
N PHE NB 75 -93.40 -82.08 37.07
CA PHE NB 75 -93.54 -81.26 35.87
C PHE NB 75 -94.58 -81.86 34.93
N HIS NB 76 -95.02 -81.05 33.97
CA HIS NB 76 -96.05 -81.50 33.03
C HIS NB 76 -95.65 -82.82 32.38
N TRP NB 77 -94.38 -82.95 31.99
CA TRP NB 77 -93.91 -84.14 31.30
C TRP NB 77 -93.74 -85.31 32.26
N GLU NB 78 -93.50 -85.04 33.54
CA GLU NB 78 -93.45 -86.11 34.53
C GLU NB 78 -94.84 -86.69 34.76
N HIS NB 79 -95.88 -85.86 34.68
CA HIS NB 79 -97.25 -86.36 34.78
C HIS NB 79 -97.62 -87.22 33.58
N THR NB 80 -97.38 -86.71 32.37
CA THR NB 80 -97.67 -87.51 31.18
C THR NB 80 -96.85 -88.79 31.16
N ASN NB 81 -95.66 -88.76 31.76
CA ASN NB 81 -94.82 -89.94 31.80
C ASN NB 81 -95.41 -91.02 32.70
N ARG NB 82 -96.00 -90.61 33.84
CA ARG NB 82 -96.61 -91.59 34.73
C ARG NB 82 -97.80 -92.28 34.08
N LYS NB 83 -98.56 -91.54 33.27
CA LYS NB 83 -99.68 -92.14 32.56
C LYS NB 83 -99.20 -93.04 31.42
N LEU NB 84 -98.00 -92.77 30.90
CA LEU NB 84 -97.43 -93.60 29.85
C LEU NB 84 -96.91 -94.93 30.41
N GLN NB 85 -96.28 -94.90 31.58
CA GLN NB 85 -95.83 -96.13 32.21
C GLN NB 85 -97.02 -97.00 32.61
N ALA NB 86 -98.09 -96.38 33.09
CA ALA NB 86 -99.28 -97.13 33.44
C ALA NB 86 -99.89 -97.81 32.22
N ARG NB 87 -99.95 -97.10 31.09
CA ARG NB 87 -100.48 -97.69 29.87
C ARG NB 87 -99.59 -98.80 29.36
N LYS NB 88 -98.27 -98.67 29.56
CA LYS NB 88 -97.35 -99.74 29.17
C LYS NB 88 -97.50 -100.96 30.06
N GLU NB 89 -97.85 -100.75 31.34
CA GLU NB 89 -98.06 -101.87 32.26
C GLU NB 89 -99.39 -102.55 32.00
N ALA NB 90 -100.42 -101.77 31.66
CA ALA NB 90 -101.73 -102.34 31.38
C ALA NB 90 -101.68 -103.29 30.19
N LEU NB 91 -100.94 -102.91 29.15
CA LEU NB 91 -100.84 -103.72 27.95
C LEU NB 91 -99.69 -104.71 27.99
N GLY NB 92 -98.76 -104.55 28.93
CA GLY NB 92 -97.59 -105.42 28.95
C GLY NB 92 -96.64 -105.17 27.81
N MET NB 93 -96.70 -104.00 27.19
CA MET NB 93 -95.86 -103.65 26.05
C MET NB 93 -94.74 -102.73 26.51
N ASP NB 94 -93.51 -103.04 26.11
CA ASP NB 94 -92.37 -102.21 26.48
C ASP NB 94 -92.43 -100.84 25.84
N LYS NB 95 -92.84 -100.78 24.56
CA LYS NB 95 -92.98 -99.52 23.84
C LYS NB 95 -94.37 -99.46 23.23
N VAL NB 96 -95.09 -98.37 23.51
CA VAL NB 96 -96.45 -98.19 23.03
C VAL NB 96 -96.46 -96.95 22.14
N PRO NB 97 -97.44 -96.82 21.25
CA PRO NB 97 -97.53 -95.61 20.45
C PRO NB 97 -97.79 -94.40 21.33
N ALA NB 98 -97.29 -93.25 20.90
CA ALA NB 98 -97.51 -92.02 21.63
C ALA NB 98 -98.99 -91.64 21.57
N SER NB 99 -99.42 -90.83 22.53
CA SER NB 99 -100.82 -90.45 22.60
C SER NB 99 -101.26 -89.76 21.31
N GLY NB 100 -102.46 -90.11 20.86
CA GLY NB 100 -102.98 -89.55 19.62
C GLY NB 100 -102.47 -90.22 18.36
N MET NB 101 -101.73 -91.32 18.47
CA MET NB 101 -101.18 -92.02 17.31
C MET NB 101 -101.50 -93.51 17.43
N ASP NB 102 -101.61 -94.17 16.29
CA ASP NB 102 -101.93 -95.58 16.23
C ASP NB 102 -100.66 -96.43 16.21
N TRP NB 103 -100.86 -97.76 16.28
CA TRP NB 103 -99.73 -98.69 16.29
C TRP NB 103 -99.08 -98.77 14.92
N ASN OB 1 -119.89 -22.46 42.44
CA ASN OB 1 -120.63 -22.36 43.70
C ASN OB 1 -119.71 -22.01 44.86
N LEU OB 2 -120.28 -21.38 45.89
CA LEU OB 2 -119.50 -21.03 47.07
C LEU OB 2 -118.94 -22.26 47.76
N GLU OB 3 -119.69 -23.37 47.75
CA GLU OB 3 -119.20 -24.58 48.39
C GLU OB 3 -117.98 -25.15 47.69
N ASP OB 4 -117.86 -24.92 46.39
CA ASP OB 4 -116.76 -25.47 45.60
C ASP OB 4 -115.56 -24.55 45.52
N HIS OB 5 -115.62 -23.36 46.11
CA HIS OB 5 -114.51 -22.41 45.98
C HIS OB 5 -113.24 -22.98 46.61
N PHE OB 6 -113.36 -23.54 47.81
CA PHE OB 6 -112.20 -24.03 48.55
C PHE OB 6 -112.04 -25.53 48.34
N ASP OB 7 -110.80 -25.95 48.10
CA ASP OB 7 -110.49 -27.37 48.02
C ASP OB 7 -110.67 -28.00 49.39
N LEU OB 8 -111.30 -29.18 49.40
CA LEU OB 8 -111.63 -29.86 50.65
C LEU OB 8 -112.46 -28.93 51.55
N ALA OB 9 -113.54 -28.42 50.98
CA ALA OB 9 -114.28 -27.35 51.65
C ALA OB 9 -114.82 -27.80 53.01
N GLU OB 10 -115.33 -29.04 53.09
CA GLU OB 10 -115.90 -29.49 54.35
C GLU OB 10 -114.86 -29.48 55.46
N TYR OB 11 -113.66 -29.99 55.17
CA TYR OB 11 -112.61 -30.00 56.17
C TYR OB 11 -112.17 -28.58 56.51
N MET OB 12 -111.98 -27.73 55.51
CA MET OB 12 -111.50 -26.38 55.75
C MET OB 12 -112.54 -25.56 56.51
N MET OB 13 -113.82 -25.77 56.22
CA MET OB 13 -114.89 -25.10 56.94
C MET OB 13 -115.28 -25.84 58.22
N LYS OB 14 -114.56 -26.91 58.56
CA LYS OB 14 -114.70 -27.58 59.84
C LYS OB 14 -116.06 -28.26 59.98
N MET OB 15 -116.51 -28.93 58.91
CA MET OB 15 -117.73 -29.69 58.91
C MET OB 15 -117.52 -31.15 58.54
N HIS OB 16 -116.29 -31.56 58.27
CA HIS OB 16 -116.05 -32.90 57.76
C HIS OB 16 -116.42 -33.95 58.79
N ASN OB 17 -116.75 -35.14 58.30
CA ASN OB 17 -117.04 -36.25 59.19
C ASN OB 17 -115.75 -36.73 59.84
N PRO OB 18 -115.74 -36.96 61.16
CA PRO OB 18 -114.49 -37.38 61.82
C PRO OB 18 -113.96 -38.71 61.33
N MET OB 19 -114.79 -39.52 60.68
CA MET OB 19 -114.32 -40.84 60.24
C MET OB 19 -113.14 -40.72 59.29
N SER OB 20 -113.10 -39.65 58.48
CA SER OB 20 -111.97 -39.47 57.57
C SER OB 20 -110.66 -39.38 58.35
N GLU OB 21 -110.65 -38.62 59.43
CA GLU OB 21 -109.45 -38.54 60.26
C GLU OB 21 -109.12 -39.90 60.88
N TYR OB 22 -110.13 -40.62 61.35
CA TYR OB 22 -109.88 -41.92 61.96
C TYR OB 22 -109.24 -42.88 60.96
N LEU OB 23 -109.71 -42.87 59.72
CA LEU OB 23 -109.13 -43.74 58.72
C LEU OB 23 -107.67 -43.41 58.46
N TYR OB 24 -107.35 -42.11 58.41
CA TYR OB 24 -105.96 -41.70 58.19
C TYR OB 24 -105.07 -42.22 59.30
N TRP OB 25 -105.50 -42.06 60.55
CA TRP OB 25 -104.71 -42.55 61.67
C TRP OB 25 -104.64 -44.07 61.67
N ILE OB 26 -105.74 -44.74 61.32
CA ILE OB 26 -105.74 -46.19 61.25
C ILE OB 26 -104.76 -46.65 60.18
N ALA OB 27 -104.75 -45.99 59.02
CA ALA OB 27 -103.83 -46.36 57.96
C ALA OB 27 -102.39 -46.26 58.43
N GLY OB 28 -102.07 -45.18 59.14
CA GLY OB 28 -100.74 -45.06 59.70
C GLY OB 28 -100.44 -46.14 60.72
N PHE OB 29 -101.42 -46.48 61.55
CA PHE OB 29 -101.23 -47.54 62.53
C PHE OB 29 -100.96 -48.87 61.87
N VAL OB 30 -101.70 -49.19 60.80
CA VAL OB 30 -101.45 -50.44 60.07
C VAL OB 30 -100.05 -50.43 59.47
N SER OB 31 -99.63 -49.29 58.93
CA SER OB 31 -98.29 -49.20 58.37
C SER OB 31 -97.24 -49.52 59.42
N GLY OB 32 -97.44 -49.02 60.64
CA GLY OB 32 -96.50 -49.33 61.71
C GLY OB 32 -96.46 -50.81 62.05
N LEU OB 33 -97.62 -51.47 61.99
CA LEU OB 33 -97.67 -52.89 62.32
C LEU OB 33 -96.84 -53.75 61.38
N HIS OB 34 -96.55 -53.25 60.17
CA HIS OB 34 -95.76 -54.02 59.23
C HIS OB 34 -94.32 -54.21 59.69
N GLY OB 35 -93.89 -53.51 60.73
CA GLY OB 35 -92.56 -53.69 61.25
C GLY OB 35 -92.54 -54.55 62.51
N ILE OB 36 -93.65 -54.58 63.23
CA ILE OB 36 -93.72 -55.29 64.50
C ILE OB 36 -94.23 -56.71 64.31
N LEU OB 37 -95.33 -56.90 63.58
CA LEU OB 37 -95.89 -58.23 63.44
C LEU OB 37 -94.93 -59.21 62.78
N PRO OB 38 -94.30 -58.89 61.64
CA PRO OB 38 -93.33 -59.83 61.09
C PRO OB 38 -92.14 -60.09 62.01
N LEU OB 39 -91.79 -59.12 62.86
CA LEU OB 39 -90.76 -59.38 63.86
C LEU OB 39 -91.18 -60.50 64.79
N LEU OB 40 -92.39 -60.42 65.33
CA LEU OB 40 -92.88 -61.47 66.23
C LEU OB 40 -92.99 -62.80 65.49
N HIS OB 41 -93.55 -62.77 64.29
CA HIS OB 41 -93.73 -64.01 63.53
C HIS OB 41 -92.40 -64.66 63.23
N SER OB 42 -91.42 -63.88 62.78
CA SER OB 42 -90.12 -64.44 62.44
C SER OB 42 -89.40 -64.96 63.67
N ASN OB 43 -89.50 -64.26 64.79
CA ASN OB 43 -88.88 -64.74 66.02
C ASN OB 43 -89.43 -66.10 66.41
N TYR OB 44 -90.76 -66.25 66.39
CA TYR OB 44 -91.35 -67.52 66.75
C TYR OB 44 -90.98 -68.60 65.75
N TYR OB 45 -90.93 -68.25 64.46
CA TYR OB 45 -90.67 -69.26 63.43
C TYR OB 45 -89.30 -69.90 63.62
N PHE OB 46 -88.28 -69.09 63.94
CA PHE OB 46 -86.92 -69.59 64.06
C PHE OB 46 -86.52 -69.91 65.49
N SER OB 47 -87.33 -69.54 66.48
CA SER OB 47 -86.97 -69.81 67.87
C SER OB 47 -88.08 -70.50 68.65
N GLY OB 48 -89.34 -70.19 68.37
CA GLY OB 48 -90.44 -70.67 69.16
C GLY OB 48 -90.96 -69.69 70.20
N MET OB 49 -90.38 -68.49 70.25
CA MET OB 49 -90.83 -67.43 71.13
C MET OB 49 -91.12 -66.18 70.30
N PHE OB 50 -92.11 -65.41 70.73
CA PHE OB 50 -92.45 -64.20 70.00
C PHE OB 50 -91.41 -63.11 70.23
N LEU OB 51 -90.86 -63.02 71.44
CA LEU OB 51 -89.81 -62.07 71.75
C LEU OB 51 -88.80 -62.70 72.69
N PRO OB 52 -87.53 -62.33 72.58
CA PRO OB 52 -86.52 -62.89 73.47
C PRO OB 52 -86.59 -62.29 74.86
N ARG OB 53 -85.86 -62.93 75.77
CA ARG OB 53 -85.58 -62.40 77.10
C ARG OB 53 -84.17 -61.83 77.07
N ASP OB 54 -84.03 -60.58 77.49
CA ASP OB 54 -82.76 -59.87 77.43
C ASP OB 54 -81.60 -60.77 77.86
N ASN OB 55 -80.60 -60.89 76.97
CA ASN OB 55 -79.39 -61.66 77.24
C ASN OB 55 -79.67 -63.15 77.42
N ASP OB 56 -80.67 -63.69 76.73
CA ASP OB 56 -80.91 -65.12 76.79
C ASP OB 56 -80.11 -65.88 75.76
N ASN OB 57 -79.30 -65.20 74.95
CA ASN OB 57 -78.37 -65.83 74.03
C ASN OB 57 -76.97 -65.92 74.62
N THR OB 58 -76.79 -65.54 75.88
CA THR OB 58 -75.50 -65.55 76.55
C THR OB 58 -75.60 -66.35 77.83
N GLN OB 59 -74.44 -66.65 78.41
CA GLN OB 59 -74.39 -67.37 79.68
C GLN OB 59 -74.93 -66.48 80.78
N LEU OB 60 -75.81 -67.05 81.62
CA LEU OB 60 -76.48 -66.31 82.68
C LEU OB 60 -76.17 -66.95 84.03
N CYS OB 61 -76.14 -66.12 85.06
CA CYS OB 61 -75.93 -66.62 86.40
C CYS OB 61 -77.04 -67.58 86.79
N ASP OB 62 -76.79 -68.35 87.85
CA ASP OB 62 -77.78 -69.34 88.30
C ASP OB 62 -79.06 -68.64 88.75
N ASP OB 63 -78.94 -67.53 89.46
CA ASP OB 63 -80.08 -66.82 89.99
C ASP OB 63 -80.68 -65.83 89.00
N SER OB 64 -80.14 -65.74 87.79
CA SER OB 64 -80.66 -64.80 86.81
C SER OB 64 -82.11 -65.13 86.48
N TRP OB 65 -82.95 -64.10 86.43
CA TRP OB 65 -84.34 -64.26 86.05
C TRP OB 65 -84.90 -62.97 85.47
N THR PB 1 -74.75 4.62 68.55
CA THR PB 1 -74.30 5.95 68.14
C THR PB 1 -75.13 6.47 66.97
N TRP PB 2 -76.21 5.76 66.65
CA TRP PB 2 -77.06 6.14 65.52
C TRP PB 2 -77.62 7.54 65.72
N THR PB 3 -78.14 7.83 66.91
CA THR PB 3 -78.67 9.16 67.18
C THR PB 3 -77.56 10.18 67.36
N GLU PB 4 -76.39 9.76 67.79
CA GLU PB 4 -75.36 10.71 68.18
C GLU PB 4 -74.60 11.26 66.97
N ILE PB 5 -74.16 10.40 66.06
CA ILE PB 5 -73.33 10.84 64.95
C ILE PB 5 -73.95 10.58 63.58
N TRP PB 6 -74.88 9.64 63.44
CA TRP PB 6 -75.40 9.27 62.13
C TRP PB 6 -76.68 10.03 61.76
N TRP PB 7 -77.68 10.02 62.64
CA TRP PB 7 -79.01 10.51 62.34
C TRP PB 7 -79.43 11.49 63.42
N GLU PB 8 -79.85 12.69 63.01
CA GLU PB 8 -80.22 13.75 63.93
C GLU PB 8 -81.72 14.02 63.96
N HIS PB 9 -82.53 13.13 63.39
CA HIS PB 9 -83.96 13.34 63.30
C HIS PB 9 -84.77 12.33 64.11
N ASP PB 10 -84.11 11.48 64.89
CA ASP PB 10 -84.80 10.64 65.84
C ASP PB 10 -84.65 11.19 67.25
N PRO PB 11 -85.65 11.05 68.11
CA PRO PB 11 -85.51 11.51 69.49
C PRO PB 11 -84.38 10.77 70.20
N THR PB 12 -83.65 11.52 71.03
CA THR PB 12 -82.50 10.97 71.74
C THR PB 12 -82.83 10.89 73.22
N PRO PB 13 -82.82 9.71 73.83
CA PRO PB 13 -83.20 9.61 75.23
C PRO PB 13 -82.07 10.02 76.17
N LYS PB 14 -82.46 10.25 77.41
CA LYS PB 14 -81.52 10.41 78.50
C LYS PB 14 -81.38 9.09 79.25
N VAL PB 15 -80.16 8.77 79.63
CA VAL PB 15 -79.92 7.52 80.36
C VAL PB 15 -80.41 7.71 81.80
N ALA PB 16 -81.43 6.95 82.18
CA ALA PB 16 -81.86 6.94 83.58
C ALA PB 16 -80.88 6.17 84.43
N GLN PB 17 -80.40 5.03 83.94
CA GLN PB 17 -79.54 4.14 84.68
C GLN PB 17 -78.79 3.28 83.67
N TYR PB 18 -77.51 3.02 83.95
CA TYR PB 18 -76.72 2.13 83.13
C TYR PB 18 -76.82 0.69 83.59
N ARG PB 19 -77.92 0.35 84.25
CA ARG PB 19 -78.20 -0.97 84.78
C ARG PB 19 -79.69 -1.24 84.58
N PRO PB 20 -80.08 -2.48 84.31
CA PRO PB 20 -81.50 -2.77 84.15
C PRO PB 20 -82.28 -2.67 85.45
N TYR PB 21 -83.57 -2.40 85.32
CA TYR PB 21 -84.50 -2.39 86.44
C TYR PB 21 -85.18 -3.74 86.54
N VAL PB 22 -85.15 -4.33 87.72
CA VAL PB 22 -85.78 -5.62 87.98
C VAL PB 22 -87.20 -5.38 88.47
N CYS PB 23 -88.17 -5.99 87.81
CA CYS PB 23 -89.56 -5.82 88.17
C CYS PB 23 -90.33 -7.12 88.01
N THR PB 24 -91.30 -7.34 88.88
CA THR PB 24 -92.21 -8.46 88.79
C THR PB 24 -93.41 -8.06 87.94
N VAL PB 25 -93.74 -8.87 86.93
CA VAL PB 25 -94.80 -8.58 86.00
C VAL PB 25 -95.76 -9.76 85.96
N GLU PB 26 -97.01 -9.46 85.59
CA GLU PB 26 -98.08 -10.45 85.57
C GLU PB 26 -98.65 -10.59 84.18
N SER PB 27 -98.90 -11.83 83.77
CA SER PB 27 -99.48 -12.08 82.46
C SER PB 27 -100.89 -11.52 82.41
N GLY PB 28 -101.26 -11.00 81.24
CA GLY PB 28 -102.57 -10.40 81.07
C GLY PB 28 -102.65 -8.95 81.49
N LYS PB 29 -101.53 -8.32 81.85
CA LYS PB 29 -101.49 -6.92 82.22
C LYS PB 29 -100.55 -6.19 81.26
N VAL PB 30 -100.92 -4.97 80.91
CA VAL PB 30 -100.17 -4.15 79.95
C VAL PB 30 -99.36 -3.12 80.73
N TYR PB 31 -98.08 -3.00 80.38
CA TYR PB 31 -97.17 -2.07 81.01
C TYR PB 31 -96.67 -1.05 80.01
N TRP PB 32 -96.38 0.15 80.49
CA TRP PB 32 -95.92 1.26 79.66
C TRP PB 32 -94.55 1.70 80.13
N TRP PB 33 -93.59 1.66 79.21
CA TRP PB 33 -92.18 1.84 79.51
C TRP PB 33 -91.72 3.22 79.07
N CYS PB 34 -90.95 3.87 79.93
CA CYS PB 34 -90.45 5.21 79.65
C CYS PB 34 -89.33 5.15 78.63
N ALA PB 35 -89.47 5.91 77.55
CA ALA PB 35 -88.48 5.95 76.49
C ALA PB 35 -87.63 7.21 76.51
N CYS PB 36 -87.82 8.09 77.50
CA CYS PB 36 -87.04 9.31 77.58
C CYS PB 36 -86.11 9.36 78.78
N GLY PB 37 -86.30 8.49 79.77
CA GLY PB 37 -85.42 8.45 80.92
C GLY PB 37 -85.64 9.53 81.94
N GLU PB 38 -86.73 10.29 81.85
CA GLU PB 38 -87.01 11.38 82.77
C GLU PB 38 -88.18 11.09 83.69
N SER PB 39 -88.79 9.91 83.59
CA SER PB 39 -89.88 9.55 84.49
C SER PB 39 -89.34 9.24 85.88
N LYS PB 40 -90.12 9.60 86.90
CA LYS PB 40 -89.75 9.34 88.27
C LYS PB 40 -90.33 8.04 88.81
N THR PB 41 -91.00 7.26 87.96
CA THR PB 41 -91.50 5.95 88.35
C THR PB 41 -90.86 4.89 87.46
N GLN PB 42 -89.54 4.98 87.31
CA GLN PB 42 -88.84 4.08 86.42
C GLN PB 42 -89.10 2.62 86.82
N PRO PB 43 -89.20 1.70 85.87
CA PRO PB 43 -88.99 1.90 84.43
C PRO PB 43 -90.25 2.32 83.68
N TRP PB 44 -91.28 2.72 84.40
CA TRP PB 44 -92.59 3.00 83.81
C TRP PB 44 -92.82 4.48 83.63
N VAL PB 45 -93.73 4.80 82.71
CA VAL PB 45 -94.12 6.19 82.50
C VAL PB 45 -94.93 6.66 83.71
N ASP PB 46 -94.61 7.86 84.18
CA ASP PB 46 -95.22 8.39 85.39
C ASP PB 46 -96.37 9.35 85.12
N GLY PB 47 -96.67 9.64 83.86
CA GLY PB 47 -97.68 10.61 83.52
C GLY PB 47 -97.19 12.04 83.46
N HIS PB 48 -95.91 12.28 83.73
CA HIS PB 48 -95.36 13.63 83.70
C HIS PB 48 -94.11 13.78 82.86
N CYS PB 49 -93.56 12.69 82.33
CA CYS PB 49 -92.35 12.78 81.53
C CYS PB 49 -92.69 13.12 80.08
N LYS PB 50 -91.66 13.16 79.23
CA LYS PB 50 -91.89 13.45 77.81
C LYS PB 50 -92.82 12.42 77.18
N CYS PB 51 -92.62 11.14 77.51
CA CYS PB 51 -93.44 10.09 76.90
C CYS PB 51 -94.91 10.32 77.19
N SER PB 52 -95.25 10.62 78.43
CA SER PB 52 -96.65 10.82 78.80
C SER PB 52 -97.25 12.01 78.07
N LYS PB 53 -96.48 13.09 77.92
CA LYS PB 53 -96.97 14.30 77.26
C LYS PB 53 -96.82 14.24 75.75
N ARG PB 54 -96.28 13.15 75.21
CA ARG PB 54 -96.14 12.99 73.76
C ARG PB 54 -95.31 14.13 73.17
N GLU PB 55 -94.26 14.51 73.88
CA GLU PB 55 -93.45 15.67 73.53
C GLU PB 55 -92.15 15.22 72.87
N GLY PB 56 -91.78 15.94 71.80
CA GLY PB 56 -90.49 15.70 71.16
C GLY PB 56 -90.31 14.31 70.62
N GLY PB 57 -91.39 13.70 70.13
CA GLY PB 57 -91.30 12.38 69.55
C GLY PB 57 -91.25 11.24 70.53
N PHE PB 58 -91.33 11.52 71.83
CA PHE PB 58 -91.31 10.47 72.84
C PHE PB 58 -92.72 9.95 73.09
N ARG PB 59 -92.87 8.63 73.04
CA ARG PB 59 -94.13 7.98 73.32
C ARG PB 59 -93.89 6.79 74.25
N PRO PB 60 -94.88 6.43 75.08
CA PRO PB 60 -94.73 5.25 75.91
C PRO PB 60 -94.62 3.98 75.06
N ARG PB 61 -93.83 3.04 75.54
CA ARG PB 61 -93.60 1.79 74.84
C ARG PB 61 -94.47 0.71 75.47
N ARG PB 62 -95.42 0.20 74.70
CA ARG PB 62 -96.32 -0.84 75.19
C ARG PB 62 -95.56 -2.15 75.36
N TRP PB 63 -95.88 -2.87 76.43
CA TRP PB 63 -95.26 -4.16 76.67
C TRP PB 63 -96.21 -5.03 77.48
N GLU PB 64 -96.15 -6.34 77.22
CA GLU PB 64 -97.02 -7.30 77.85
C GLU PB 64 -96.28 -8.63 78.00
N PRO PB 65 -96.19 -9.17 79.21
CA PRO PB 65 -95.53 -10.47 79.38
C PRO PB 65 -96.42 -11.63 78.99
N GLU PB 66 -95.78 -12.67 78.47
CA GLU PB 66 -96.50 -13.91 78.18
C GLU PB 66 -96.81 -14.69 79.44
N HIS PB 67 -95.84 -14.78 80.36
CA HIS PB 67 -96.00 -15.48 81.62
C HIS PB 67 -95.62 -14.56 82.77
N ASP PB 68 -96.11 -14.91 83.96
CA ASP PB 68 -95.72 -14.20 85.16
C ASP PB 68 -94.27 -14.49 85.51
N GLY PB 69 -93.61 -13.50 86.10
CA GLY PB 69 -92.25 -13.69 86.55
C GLY PB 69 -91.57 -12.35 86.74
N VAL PB 70 -90.26 -12.44 86.99
CA VAL PB 70 -89.40 -11.28 87.17
C VAL PB 70 -88.63 -11.06 85.88
N ARG PB 71 -88.73 -9.86 85.32
CA ARG PB 71 -88.10 -9.53 84.05
C ARG PB 71 -87.21 -8.32 84.22
N LEU PB 72 -86.10 -8.31 83.48
CA LEU PB 72 -85.19 -7.18 83.45
C LEU PB 72 -85.65 -6.17 82.41
N PHE PB 73 -85.54 -4.90 82.75
CA PHE PB 73 -86.02 -3.82 81.89
C PHE PB 73 -84.92 -2.80 81.66
N CYS PB 74 -84.96 -2.16 80.50
CA CYS PB 74 -83.87 -1.29 80.08
C CYS PB 74 -83.89 0.02 80.84
N GLY PB 75 -82.73 0.39 81.40
CA GLY PB 75 -82.57 1.67 82.03
C GLY PB 75 -81.85 2.67 81.14
N CYS PB 76 -81.01 2.18 80.24
CA CYS PB 76 -80.27 3.08 79.35
C CYS PB 76 -81.16 3.66 78.25
N LYS PB 77 -82.32 3.06 78.01
CA LYS PB 77 -83.30 3.54 77.04
C LYS PB 77 -82.83 3.40 75.60
N SER PB 78 -81.84 2.54 75.34
CA SER PB 78 -81.37 2.31 74.00
C SER PB 78 -81.17 0.83 73.65
N CYS PB 79 -81.51 -0.08 74.57
CA CYS PB 79 -81.30 -1.50 74.29
C CYS PB 79 -82.08 -1.91 73.05
N PHE PB 80 -81.47 -2.79 72.26
CA PHE PB 80 -82.11 -3.25 71.02
C PHE PB 80 -83.43 -3.95 71.34
N SER PB 81 -83.48 -4.69 72.44
CA SER PB 81 -84.68 -5.42 72.85
C SER PB 81 -85.54 -4.63 73.82
N SER PB 82 -85.45 -3.30 73.78
CA SER PB 82 -86.25 -2.49 74.69
C SER PB 82 -87.74 -2.76 74.44
N PRO PB 83 -88.57 -2.72 75.49
CA PRO PB 83 -88.29 -2.39 76.90
C PRO PB 83 -87.43 -3.40 77.66
N THR PB 84 -87.35 -4.62 77.18
CA THR PB 84 -86.58 -5.63 77.89
C THR PB 84 -85.08 -5.37 77.74
N TRP PB 85 -84.32 -5.91 78.68
CA TRP PB 85 -82.88 -5.74 78.71
C TRP PB 85 -82.19 -6.91 78.01
N ASN PB 86 -81.13 -6.58 77.27
CA ASN PB 86 -80.32 -7.62 76.63
C ASN PB 86 -78.82 -7.36 76.78
N GLY PB 87 -78.42 -6.37 77.58
CA GLY PB 87 -77.03 -6.02 77.74
C GLY PB 87 -76.64 -4.70 77.12
N GLY PB 88 -77.55 -4.04 76.41
CA GLY PB 88 -77.25 -2.77 75.81
C GLY PB 88 -76.93 -1.68 76.81
N CYS PB 89 -77.41 -1.82 78.05
CA CYS PB 89 -77.08 -0.83 79.07
C CYS PB 89 -75.58 -0.80 79.33
N PHE PB 90 -74.95 -1.98 79.40
CA PHE PB 90 -73.49 -2.03 79.56
C PHE PB 90 -72.80 -1.48 78.32
N THR PB 91 -73.29 -1.83 77.13
CA THR PB 91 -72.65 -1.36 75.91
C THR PB 91 -72.68 0.16 75.83
N LYS PB 92 -73.84 0.75 76.12
CA LYS PB 92 -73.95 2.21 76.07
C LYS PB 92 -73.07 2.86 77.12
N TRP PB 93 -72.89 2.21 78.27
CA TRP PB 93 -71.99 2.74 79.28
C TRP PB 93 -70.56 2.78 78.77
N MET PB 94 -70.12 1.73 78.08
CA MET PB 94 -68.76 1.71 77.55
C MET PB 94 -68.53 2.85 76.58
N GLN PB 95 -69.53 3.18 75.77
CA GLN PB 95 -69.42 4.32 74.88
C GLN PB 95 -69.17 5.60 75.67
N SER PB 96 -69.80 5.72 76.84
CA SER PB 96 -69.69 6.94 77.64
C SER PB 96 -68.46 6.96 78.53
N ASN PB 97 -67.97 5.80 78.94
CA ASN PB 97 -66.76 5.69 79.76
C ASN PB 97 -65.90 4.59 79.15
N PRO PB 98 -65.20 4.87 78.05
CA PRO PB 98 -64.45 3.80 77.37
C PRO PB 98 -63.33 3.22 78.20
N ALA PB 99 -62.75 3.99 79.14
CA ALA PB 99 -61.72 3.46 79.99
C ALA PB 99 -62.27 2.41 80.95
N GLY PB 100 -63.42 2.70 81.57
CA GLY PB 100 -64.06 1.70 82.39
C GLY PB 100 -64.46 0.47 81.61
N GLY PB 101 -64.98 0.67 80.40
CA GLY PB 101 -65.36 -0.46 79.58
C GLY PB 101 -64.22 -1.44 79.38
N MET PB 102 -63.03 -0.92 79.12
CA MET PB 102 -61.87 -1.79 78.92
C MET PB 102 -61.58 -2.60 80.17
N LEU PB 103 -61.66 -1.97 81.35
CA LEU PB 103 -61.36 -2.67 82.58
C LEU PB 103 -62.28 -3.87 82.76
N TYR PB 104 -63.59 -3.66 82.62
CA TYR PB 104 -64.54 -4.76 82.77
C TYR PB 104 -64.30 -5.83 81.71
N CYS PB 105 -64.11 -5.42 80.46
CA CYS PB 105 -63.93 -6.40 79.38
C CYS PB 105 -62.67 -7.22 79.60
N PHE PB 106 -61.58 -6.58 80.04
CA PHE PB 106 -60.36 -7.32 80.35
C PHE PB 106 -60.61 -8.32 81.47
N ALA PB 107 -61.30 -7.89 82.52
CA ALA PB 107 -61.56 -8.78 83.65
C ALA PB 107 -62.44 -9.95 83.23
N ALA PB 108 -63.49 -9.69 82.46
CA ALA PB 108 -64.35 -10.76 81.99
C ALA PB 108 -63.58 -11.73 81.10
N ALA PB 109 -62.79 -11.19 80.16
CA ALA PB 109 -62.00 -12.04 79.29
C ALA PB 109 -60.95 -12.81 80.08
N PHE PB 110 -60.36 -12.17 81.09
CA PHE PB 110 -59.36 -12.86 81.90
C PHE PB 110 -59.96 -14.08 82.60
N GLY PB 111 -61.13 -13.91 83.21
CA GLY PB 111 -61.78 -15.04 83.84
C GLY PB 111 -62.13 -16.13 82.85
N PHE PB 112 -62.71 -15.74 81.71
CA PHE PB 112 -63.07 -16.73 80.70
C PHE PB 112 -61.84 -17.48 80.20
N GLY PB 113 -60.73 -16.77 79.98
CA GLY PB 113 -59.53 -17.43 79.53
C GLY PB 113 -58.99 -18.42 80.55
N THR PB 114 -58.97 -18.04 81.82
CA THR PB 114 -58.44 -18.93 82.85
C THR PB 114 -59.27 -20.21 82.96
N LEU PB 115 -60.60 -20.06 83.02
CA LEU PB 115 -61.44 -21.22 83.23
C LEU PB 115 -61.38 -22.18 82.04
N THR PB 116 -61.48 -21.65 80.82
CA THR PB 116 -61.47 -22.52 79.65
C THR PB 116 -60.11 -23.19 79.49
N VAL PB 117 -59.03 -22.48 79.81
CA VAL PB 117 -57.70 -23.07 79.71
C VAL PB 117 -57.47 -24.08 80.83
N TYR PB 118 -57.96 -23.77 82.03
CA TYR PB 118 -57.76 -24.69 83.14
C TYR PB 118 -58.44 -26.03 82.90
N ARG PB 119 -59.66 -25.99 82.35
CA ARG PB 119 -60.40 -27.24 82.14
C ARG PB 119 -59.87 -28.03 80.96
N LYS PB 120 -59.54 -27.37 79.85
CA LYS PB 120 -59.06 -28.09 78.68
C LYS PB 120 -57.59 -28.44 78.81
N PHE PB 121 -56.74 -27.42 78.92
CA PHE PB 121 -55.30 -27.59 79.03
C PHE PB 121 -54.76 -28.76 78.21
N TYR QB 1 -92.52 -12.84 97.31
CA TYR QB 1 -92.26 -12.97 98.74
C TYR QB 1 -92.00 -11.58 99.34
N THR QB 2 -92.95 -10.67 99.14
CA THR QB 2 -92.84 -9.27 99.49
C THR QB 2 -91.43 -8.76 99.18
N PRO QB 3 -91.09 -8.60 97.91
CA PRO QB 3 -89.74 -8.14 97.55
C PRO QB 3 -89.50 -6.70 97.97
N SER QB 4 -88.21 -6.37 98.06
CA SER QB 4 -87.80 -5.04 98.49
C SER QB 4 -87.80 -4.05 97.33
N PHE QB 5 -87.70 -2.77 97.66
CA PHE QB 5 -87.78 -1.68 96.71
C PHE QB 5 -86.37 -1.12 96.52
N GLU QB 6 -85.74 -1.46 95.40
CA GLU QB 6 -84.39 -1.01 95.09
C GLU QB 6 -84.48 0.31 94.32
N ARG QB 7 -83.91 1.36 94.90
CA ARG QB 7 -84.01 2.69 94.29
C ARG QB 7 -83.16 2.79 93.03
N GLY QB 8 -81.96 2.21 93.06
CA GLY QB 8 -81.10 2.20 91.89
C GLY QB 8 -80.00 3.24 91.95
N LEU QB 9 -79.31 3.39 90.82
CA LEU QB 9 -78.20 4.32 90.74
C LEU QB 9 -78.66 5.76 90.90
N ASN QB 10 -79.80 6.11 90.30
CA ASN QB 10 -80.37 7.45 90.43
C ASN QB 10 -81.66 7.35 91.24
N PRO QB 11 -81.61 7.59 92.55
CA PRO QB 11 -82.83 7.41 93.36
C PRO QB 11 -83.92 8.41 93.04
N GLU QB 12 -83.61 9.53 92.41
CA GLU QB 12 -84.64 10.51 92.12
C GLU QB 12 -85.58 10.03 91.02
N LEU QB 13 -85.09 9.16 90.13
CA LEU QB 13 -85.92 8.64 89.05
C LEU QB 13 -86.80 7.50 89.51
N THR QB 14 -86.71 7.08 90.76
CA THR QB 14 -87.63 6.10 91.35
C THR QB 14 -88.40 6.69 92.52
N SER QB 15 -88.46 8.02 92.62
CA SER QB 15 -89.09 8.68 93.75
C SER QB 15 -90.55 9.02 93.52
N GLY QB 16 -91.09 8.72 92.35
CA GLY QB 16 -92.47 9.01 92.06
C GLY QB 16 -93.43 8.01 92.67
N ASP QB 17 -94.73 8.25 92.45
CA ASP QB 17 -95.77 7.39 92.97
C ASP QB 17 -96.08 6.31 91.94
N TYR QB 18 -95.74 5.06 92.28
CA TYR QB 18 -95.94 3.96 91.35
C TYR QB 18 -97.42 3.56 91.27
N GLY QB 19 -98.11 3.57 92.40
CA GLY QB 19 -99.49 3.11 92.41
C GLY QB 19 -99.53 1.61 92.15
N ASP QB 20 -100.37 1.20 91.21
CA ASP QB 20 -100.50 -0.22 90.90
C ASP QB 20 -99.25 -0.78 90.24
N MET QB 21 -98.47 0.06 89.55
CA MET QB 21 -97.35 -0.44 88.78
C MET QB 21 -96.30 -1.03 89.72
N PRO QB 22 -95.61 -2.08 89.29
CA PRO QB 22 -94.60 -2.71 90.16
C PRO QB 22 -93.41 -1.81 90.40
N LYS QB 23 -92.78 -1.98 91.59
CA LYS QB 23 -91.61 -1.22 91.96
C LYS QB 23 -90.34 -2.00 91.66
N PRO QB 24 -89.23 -1.32 91.37
CA PRO QB 24 -87.98 -2.05 91.09
C PRO QB 24 -87.48 -2.82 92.31
N GLN QB 25 -86.77 -3.91 92.03
CA GLN QB 25 -86.37 -4.89 93.02
C GLN QB 25 -84.91 -5.25 92.87
N PRO QB 26 -84.31 -5.86 93.89
CA PRO QB 26 -82.93 -6.32 93.77
C PRO QB 26 -82.79 -7.46 92.77
N LEU QB 27 -81.56 -7.60 92.25
CA LEU QB 27 -81.30 -8.56 91.19
C LEU QB 27 -81.34 -10.00 91.68
N ILE QB 28 -81.20 -10.23 92.99
CA ILE QB 28 -81.32 -11.60 93.50
C ILE QB 28 -82.70 -12.14 93.21
N ASP QB 29 -83.71 -11.26 93.21
CA ASP QB 29 -85.08 -11.71 92.91
C ASP QB 29 -85.16 -12.28 91.50
N PHE QB 30 -84.50 -11.65 90.54
CA PHE QB 30 -84.53 -12.14 89.17
C PHE QB 30 -83.93 -13.53 89.06
N PHE QB 31 -82.82 -13.77 89.76
CA PHE QB 31 -82.18 -15.08 89.69
C PHE QB 31 -83.04 -16.14 90.36
N THR QB 32 -83.70 -15.79 91.46
CA THR QB 32 -84.56 -16.73 92.17
C THR QB 32 -85.99 -16.73 91.66
N GLN QB 33 -86.33 -15.83 90.74
CA GLN QB 33 -87.69 -15.69 90.25
C GLN QB 33 -88.66 -15.49 91.41
N ASN QB 34 -88.31 -14.52 92.27
CA ASN QB 34 -89.09 -14.21 93.48
C ASN QB 34 -89.18 -15.43 94.40
N ARG QB 35 -88.11 -16.20 94.46
CA ARG QB 35 -88.03 -17.37 95.33
C ARG QB 35 -89.20 -18.31 95.08
N ASN QB 36 -89.47 -18.54 93.80
CA ASN QB 36 -90.48 -19.51 93.41
C ASN QB 36 -89.95 -20.92 93.63
N PRO QB 37 -90.58 -21.74 94.47
CA PRO QB 37 -90.03 -23.09 94.70
C PRO QB 37 -89.95 -23.93 93.45
N TRP QB 38 -90.90 -23.79 92.53
CA TRP QB 38 -90.87 -24.58 91.32
C TRP QB 38 -89.72 -24.16 90.42
N PHE QB 39 -89.41 -22.86 90.38
CA PHE QB 39 -88.24 -22.42 89.61
C PHE QB 39 -86.95 -22.90 90.27
N GLY QB 40 -86.91 -22.96 91.60
CA GLY QB 40 -85.79 -23.59 92.26
C GLY QB 40 -85.67 -25.06 91.92
N PHE QB 41 -86.79 -25.77 91.92
CA PHE QB 41 -86.77 -27.16 91.48
C PHE QB 41 -86.34 -27.23 90.01
N ALA QB 42 -86.84 -26.32 89.18
CA ALA QB 42 -86.44 -26.28 87.78
C ALA QB 42 -84.95 -25.96 87.65
N MET QB 43 -84.44 -25.05 88.47
CA MET QB 43 -83.01 -24.76 88.45
C MET QB 43 -82.21 -25.99 88.83
N PHE QB 44 -82.57 -26.63 89.94
CA PHE QB 44 -81.93 -27.88 90.32
C PHE QB 44 -82.08 -28.92 89.22
N CYS QB 45 -83.22 -28.89 88.52
CA CYS QB 45 -83.40 -29.79 87.37
C CYS QB 45 -82.41 -29.46 86.25
N GLY QB 46 -82.22 -28.17 85.97
CA GLY QB 46 -81.27 -27.81 84.92
C GLY QB 46 -79.87 -28.30 85.22
N PHE QB 47 -79.42 -28.13 86.46
CA PHE QB 47 -78.11 -28.66 86.85
C PHE QB 47 -78.09 -30.18 86.71
N ASN QB 48 -79.17 -30.85 87.09
CA ASN QB 48 -79.18 -32.31 87.06
C ASN QB 48 -78.99 -32.83 85.65
N PHE QB 49 -79.69 -32.26 84.66
CA PHE QB 49 -79.49 -32.72 83.30
C PHE QB 49 -78.07 -32.40 82.82
N LEU QB 50 -77.65 -31.15 82.97
CA LEU QB 50 -76.35 -30.75 82.44
C LEU QB 50 -75.24 -31.62 83.01
N TRP QB 51 -75.37 -32.02 84.28
CA TRP QB 51 -74.41 -32.95 84.85
C TRP QB 51 -74.48 -34.30 84.14
N TRP QB 52 -75.70 -34.75 83.81
CA TRP QB 52 -75.83 -35.99 83.05
C TRP QB 52 -75.22 -35.84 81.66
N ALA QB 53 -75.42 -34.67 81.04
CA ALA QB 53 -74.97 -34.49 79.67
C ALA QB 53 -73.45 -34.55 79.56
N PHE QB 54 -72.74 -33.97 80.52
CA PHE QB 54 -71.28 -33.83 80.42
C PHE QB 54 -70.53 -34.94 81.14
N PHE QB 55 -70.89 -35.23 82.39
CA PHE QB 55 -70.13 -36.15 83.22
C PHE QB 55 -70.91 -37.41 83.58
N GLY QB 56 -72.15 -37.55 83.13
CA GLY QB 56 -73.01 -38.61 83.59
C GLY QB 56 -73.82 -38.21 84.80
N ALA QB 57 -74.85 -39.01 85.09
CA ALA QB 57 -75.82 -38.62 86.10
C ALA QB 57 -75.16 -38.43 87.47
N TRP QB 58 -74.27 -39.34 87.83
CA TRP QB 58 -73.66 -39.39 89.16
C TRP QB 58 -74.68 -39.65 90.25
N GLN QB 59 -75.92 -39.97 89.88
CA GLN QB 59 -76.94 -40.43 90.83
C GLN QB 59 -76.92 -41.93 90.97
N ILE QB 60 -76.27 -42.63 90.05
CA ILE QB 60 -76.09 -44.08 90.13
C ILE QB 60 -74.94 -44.46 91.04
N ARG QB 61 -74.09 -43.50 91.38
CA ARG QB 61 -72.92 -43.77 92.20
C ARG QB 61 -73.22 -44.51 93.49
N PRO QB 62 -74.20 -44.11 94.30
CA PRO QB 62 -74.47 -44.88 95.53
C PRO QB 62 -74.81 -46.33 95.26
N LEU QB 63 -75.47 -46.61 94.13
CA LEU QB 63 -75.83 -47.97 93.77
C LEU QB 63 -74.64 -48.74 93.23
N TRP QB 64 -73.72 -48.04 92.56
CA TRP QB 64 -72.56 -48.63 91.91
C TRP QB 64 -71.37 -48.76 92.84
N ALA QB 65 -71.50 -48.33 94.10
CA ALA QB 65 -70.36 -48.26 95.01
C ALA QB 65 -69.70 -49.61 95.20
N SER QB 66 -70.48 -50.65 95.48
CA SER QB 66 -69.91 -51.97 95.71
C SER QB 66 -69.26 -52.53 94.46
N GLN QB 67 -69.81 -52.24 93.29
CA GLN QB 67 -69.32 -52.80 92.04
C GLN QB 67 -68.19 -51.97 91.48
N ARG QB 68 -67.92 -50.81 92.08
CA ARG QB 68 -66.78 -49.98 91.75
C ARG QB 68 -65.62 -50.29 92.66
N LYS QB 69 -65.90 -50.95 93.79
CA LYS QB 69 -64.88 -51.39 94.72
C LYS QB 69 -64.32 -52.73 94.28
N SER QB 70 -65.16 -53.55 93.66
CA SER QB 70 -64.71 -54.80 93.07
C SER QB 70 -63.88 -54.54 91.82
N LEU QB 71 -64.29 -53.57 90.99
CA LEU QB 71 -63.54 -53.24 89.79
C LEU QB 71 -62.17 -52.69 90.13
N ALA QB 72 -62.08 -51.90 91.20
CA ALA QB 72 -60.81 -51.31 91.62
C ALA QB 72 -59.85 -52.36 92.14
N GLU QB 73 -60.35 -53.33 92.89
CA GLU QB 73 -59.51 -54.40 93.42
C GLU QB 73 -58.96 -55.27 92.29
N ALA QB 74 -59.80 -55.58 91.30
CA ALA QB 74 -59.35 -56.39 90.18
C ALA QB 74 -58.27 -55.68 89.38
N ASP QB 75 -58.45 -54.39 89.12
CA ASP QB 75 -57.46 -53.64 88.34
C ASP QB 75 -56.11 -53.61 89.06
N ARG QB 76 -56.13 -53.44 90.37
CA ARG QB 76 -54.89 -53.37 91.13
C ARG QB 76 -54.19 -54.73 91.19
N LEU QB 77 -54.96 -55.78 91.50
CA LEU QB 77 -54.35 -57.09 91.70
C LEU QB 77 -53.93 -57.75 90.39
N TYR QB 78 -54.76 -57.65 89.35
CA TYR QB 78 -54.55 -58.41 88.13
C TYR QB 78 -54.35 -57.57 86.88
N GLY QB 79 -54.70 -56.29 86.90
CA GLY QB 79 -54.62 -55.47 85.71
C GLY QB 79 -53.20 -55.06 85.42
N PRO QB 80 -53.00 -54.49 84.23
CA PRO QB 80 -51.67 -53.96 83.89
C PRO QB 80 -51.25 -52.87 84.86
N THR QB 81 -49.95 -52.86 85.17
CA THR QB 81 -49.43 -51.95 86.17
C THR QB 81 -49.72 -50.51 85.80
N LYS QB 82 -50.19 -49.75 86.78
CA LYS QB 82 -50.41 -48.31 86.65
C LYS QB 82 -49.32 -47.56 87.41
N TYR QB 83 -48.91 -46.42 86.87
CA TYR QB 83 -47.81 -45.65 87.44
C TYR QB 83 -48.30 -44.28 87.87
N GLY QB 84 -47.89 -43.87 89.06
CA GLY QB 84 -48.18 -42.51 89.52
C GLY QB 84 -49.67 -42.25 89.61
N VAL QB 85 -50.07 -41.09 89.08
CA VAL QB 85 -51.48 -40.69 89.14
C VAL QB 85 -52.35 -41.63 88.33
N GLY QB 86 -51.75 -42.37 87.38
CA GLY QB 86 -52.51 -43.34 86.63
C GLY QB 86 -53.23 -44.35 87.51
N LYS QB 87 -52.66 -44.65 88.67
CA LYS QB 87 -53.26 -45.59 89.61
C LYS QB 87 -54.59 -45.11 90.15
N LYS QB 88 -54.90 -43.82 89.98
CA LYS QB 88 -56.19 -43.28 90.41
C LYS QB 88 -57.33 -43.79 89.54
N TYR QB 89 -57.06 -44.07 88.28
CA TYR QB 89 -58.09 -44.46 87.33
C TYR QB 89 -58.22 -45.98 87.26
N ILE QB 90 -59.46 -46.43 87.15
CA ILE QB 90 -59.79 -47.84 86.96
C ILE QB 90 -60.84 -47.89 85.86
N ASN QB 91 -60.68 -48.81 84.91
CA ASN QB 91 -61.60 -48.88 83.78
C ASN QB 91 -62.29 -50.24 83.68
N ARG RB 1 -111.57 -15.22 24.10
CA ARG RB 1 -112.07 -16.18 23.08
C ARG RB 1 -113.53 -16.48 23.37
N ILE RB 2 -114.41 -16.11 22.43
CA ILE RB 2 -115.84 -16.25 22.65
C ILE RB 2 -116.17 -17.68 23.02
N GLY RB 3 -116.96 -17.86 24.07
CA GLY RB 3 -117.38 -19.17 24.51
C GLY RB 3 -116.27 -20.03 25.08
N GLY RB 4 -115.28 -19.43 25.72
CA GLY RB 4 -114.23 -20.17 26.39
C GLY RB 4 -114.37 -20.04 27.89
N PRO RB 5 -113.55 -20.76 28.64
CA PRO RB 5 -113.67 -20.72 30.11
C PRO RB 5 -113.56 -19.30 30.62
N PRO RB 6 -114.62 -18.75 31.24
CA PRO RB 6 -114.60 -17.33 31.63
C PRO RB 6 -113.46 -17.01 32.59
N VAL RB 7 -112.85 -15.82 32.40
CA VAL RB 7 -111.81 -15.39 33.33
C VAL RB 7 -112.40 -15.14 34.71
N PHE RB 8 -113.62 -14.61 34.78
CA PHE RB 8 -114.26 -14.26 36.04
C PHE RB 8 -115.75 -14.58 35.98
N MET RB 9 -116.28 -15.16 37.06
CA MET RB 9 -117.71 -15.39 37.22
C MET RB 9 -118.14 -15.04 38.63
N GLN RB 10 -119.31 -14.42 38.76
CA GLN RB 10 -119.84 -14.06 40.06
C GLN RB 10 -120.43 -15.28 40.75
N PHE RB 11 -120.25 -15.36 42.06
CA PHE RB 11 -120.83 -16.47 42.82
C PHE RB 11 -122.35 -16.39 42.80
N PRO RB 12 -123.04 -17.51 42.60
CA PRO RB 12 -124.48 -17.52 42.78
C PRO RB 12 -124.84 -17.37 44.25
N PRO RB 13 -126.03 -16.86 44.56
CA PRO RB 13 -126.40 -16.66 45.95
C PRO RB 13 -126.44 -17.97 46.69
N PRO RB 14 -126.16 -17.97 47.99
CA PRO RB 14 -126.14 -19.21 48.76
C PRO RB 14 -127.53 -19.80 48.89
N PRO RB 15 -127.62 -21.10 49.16
CA PRO RB 15 -128.94 -21.74 49.24
C PRO RB 15 -129.74 -21.20 50.42
N PRO RB 16 -131.06 -21.38 50.40
CA PRO RB 16 -131.88 -20.79 51.46
C PRO RB 16 -131.49 -21.29 52.83
N LYS RB 17 -131.59 -20.39 53.82
CA LYS RB 17 -131.29 -20.76 55.19
C LYS RB 17 -132.40 -21.63 55.75
N GLU RB 18 -132.01 -22.53 56.66
CA GLU RB 18 -132.92 -23.50 57.25
C GLU RB 18 -133.18 -23.11 58.70
N TYR RB 19 -134.46 -23.03 59.05
CA TYR RB 19 -134.88 -22.82 60.43
C TYR RB 19 -135.54 -24.10 60.93
N LEU RB 20 -135.55 -24.27 62.25
CA LEU RB 20 -136.28 -25.38 62.82
C LEU RB 20 -137.76 -25.03 62.90
N ALA RB 21 -138.58 -26.03 63.21
CA ALA RB 21 -140.02 -25.79 63.23
C ALA RB 21 -140.39 -24.69 64.20
N ASP RB 22 -139.64 -24.55 65.30
CA ASP RB 22 -139.91 -23.50 66.27
C ASP RB 22 -139.30 -22.16 65.90
N GLY RB 23 -138.54 -22.09 64.80
CA GLY RB 23 -137.90 -20.87 64.36
C GLY RB 23 -136.45 -20.75 64.72
N THR RB 24 -135.93 -21.68 65.50
CA THR RB 24 -134.52 -21.67 65.86
C THR RB 24 -133.67 -21.91 64.61
N PRO RB 25 -132.64 -21.10 64.36
CA PRO RB 25 -131.76 -21.37 63.21
C PRO RB 25 -131.12 -22.74 63.34
N LYS RB 26 -131.14 -23.48 62.24
CA LYS RB 26 -130.57 -24.83 62.22
C LYS RB 26 -129.05 -24.74 62.23
N THR RB 27 -128.42 -25.38 63.21
CA THR RB 27 -126.98 -25.37 63.32
C THR RB 27 -126.40 -26.61 62.67
N TYR RB 28 -125.17 -26.48 62.18
CA TYR RB 28 -124.47 -27.50 61.44
C TYR RB 28 -123.19 -27.89 62.19
N PRO RB 29 -122.61 -29.05 61.89
CA PRO RB 29 -121.44 -29.49 62.65
C PRO RB 29 -120.31 -28.48 62.56
N LEU RB 30 -119.62 -28.29 63.68
CA LEU RB 30 -118.54 -27.32 63.79
C LEU RB 30 -117.44 -27.87 64.68
N HIS RB 31 -116.26 -28.07 64.12
CA HIS RB 31 -115.13 -28.62 64.85
C HIS RB 31 -114.28 -27.53 65.49
N GLN RB 32 -114.91 -26.64 66.25
CA GLN RB 32 -114.23 -25.60 67.01
C GLN RB 32 -114.69 -25.69 68.46
N PRO RB 33 -114.20 -26.69 69.19
CA PRO RB 33 -114.73 -26.96 70.53
C PRO RB 33 -114.40 -25.88 71.55
N VAL RB 34 -115.27 -25.77 72.55
CA VAL RB 34 -115.03 -24.94 73.73
C VAL RB 34 -114.65 -25.91 74.85
N PHE RB 35 -113.35 -26.17 74.99
CA PHE RB 35 -112.89 -27.13 75.99
C PHE RB 35 -113.22 -26.63 77.39
N ASP RB 36 -113.53 -27.58 78.27
CA ASP RB 36 -113.91 -27.27 79.65
C ASP RB 36 -112.71 -27.47 80.56
N HIS RB 37 -112.27 -26.38 81.19
CA HIS RB 37 -111.24 -26.41 82.22
C HIS RB 37 -111.15 -25.03 82.82
N GLY RB 38 -110.35 -24.91 83.87
CA GLY RB 38 -110.26 -23.68 84.63
C GLY RB 38 -109.25 -22.67 84.16
N TYR RB 39 -108.57 -22.92 83.05
CA TYR RB 39 -107.53 -22.03 82.56
C TYR RB 39 -108.13 -20.97 81.63
N THR RB 40 -107.68 -19.73 81.82
CA THR RB 40 -108.21 -18.60 81.08
C THR RB 40 -107.12 -17.68 80.54
N TRP RB 41 -105.89 -18.16 80.42
CA TRP RB 41 -104.81 -17.33 79.94
C TRP RB 41 -105.02 -16.95 78.47
N GLU RB 42 -104.43 -15.82 78.08
CA GLU RB 42 -104.51 -15.33 76.71
C GLU RB 42 -103.13 -14.82 76.32
N HIS RB 43 -102.50 -15.49 75.36
CA HIS RB 43 -101.16 -15.14 74.90
C HIS RB 43 -101.25 -14.45 73.56
N TRP RB 44 -100.57 -13.32 73.42
CA TRP RB 44 -100.59 -12.51 72.21
C TRP RB 44 -99.20 -12.44 71.62
N TYR RB 45 -99.12 -12.51 70.29
CA TYR RB 45 -97.85 -12.50 69.59
C TYR RB 45 -97.94 -11.59 68.37
N MET RB 46 -97.01 -10.65 68.26
CA MET RB 46 -96.88 -9.86 67.05
C MET RB 46 -96.40 -10.77 65.92
N THR RB 47 -97.11 -10.71 64.79
CA THR RB 47 -96.90 -11.64 63.70
C THR RB 47 -96.67 -10.87 62.40
N ASN RB 48 -95.87 -11.46 61.52
CA ASN RB 48 -95.68 -10.89 60.20
C ASN RB 48 -96.99 -10.96 59.42
N ALA RB 49 -97.44 -9.80 58.93
CA ALA RB 49 -98.64 -9.72 58.11
C ALA RB 49 -98.24 -9.18 56.74
N GLY RB 50 -97.21 -9.76 56.16
CA GLY RB 50 -96.67 -9.30 54.90
C GLY RB 50 -95.34 -8.61 55.10
N VAL RB 51 -95.11 -7.53 54.36
CA VAL RB 51 -93.85 -6.81 54.43
C VAL RB 51 -93.94 -5.61 55.35
N PHE RB 52 -95.04 -4.85 55.28
CA PHE RB 52 -95.15 -3.59 56.00
C PHE RB 52 -96.19 -3.61 57.10
N HIS RB 53 -96.84 -4.75 57.35
CA HIS RB 53 -97.88 -4.84 58.36
C HIS RB 53 -97.58 -5.98 59.32
N THR RB 54 -98.25 -5.92 60.48
CA THR RB 54 -98.25 -7.02 61.42
C THR RB 54 -99.68 -7.23 61.92
N VAL RB 55 -99.86 -8.34 62.63
CA VAL RB 55 -101.14 -8.67 63.24
C VAL RB 55 -100.87 -9.22 64.63
N TYR RB 56 -101.73 -8.84 65.58
CA TYR RB 56 -101.56 -9.25 66.98
C TYR RB 56 -102.35 -10.54 67.20
N TYR RB 57 -101.66 -11.66 67.04
CA TYR RB 57 -102.30 -12.97 67.09
C TYR RB 57 -102.42 -13.45 68.53
N GLY RB 58 -103.64 -13.81 68.91
CA GLY RB 58 -103.93 -14.23 70.28
C GLY RB 58 -104.31 -15.71 70.33
N GLU RB 59 -103.79 -16.39 71.34
CA GLU RB 59 -104.15 -17.77 71.64
C GLU RB 59 -104.88 -17.81 72.98
N PHE RB 60 -106.07 -18.37 72.99
CA PHE RB 60 -106.93 -18.40 74.16
C PHE RB 60 -106.96 -19.81 74.74
N ALA RB 61 -106.93 -19.88 76.07
CA ALA RB 61 -106.83 -21.16 76.75
C ALA RB 61 -108.02 -22.06 76.42
N LYS RB 62 -109.22 -21.48 76.33
CA LYS RB 62 -110.40 -22.28 76.07
C LYS RB 62 -110.40 -22.94 74.70
N ASP RB 63 -109.52 -22.51 73.80
CA ASP RB 63 -109.41 -23.12 72.48
C ASP RB 63 -108.58 -24.40 72.50
N PHE RB 64 -108.00 -24.76 73.63
CA PHE RB 64 -107.08 -25.88 73.75
C PHE RB 64 -107.56 -26.86 74.80
N PRO RB 65 -107.16 -28.13 74.70
CA PRO RB 65 -107.55 -29.10 75.73
C PRO RB 65 -106.87 -28.80 77.06
N TRP RB 66 -107.27 -29.57 78.07
CA TRP RB 66 -106.76 -29.34 79.41
C TRP RB 66 -105.26 -29.49 79.48
N ARG RB 67 -104.71 -30.50 78.80
CA ARG RB 67 -103.28 -30.77 78.92
C ARG RB 67 -102.46 -29.58 78.45
N TRP RB 68 -102.85 -28.95 77.34
CA TRP RB 68 -102.09 -27.81 76.85
C TRP RB 68 -102.36 -26.56 77.67
N GLY RB 69 -103.60 -26.36 78.11
CA GLY RB 69 -103.88 -25.23 78.97
C GLY RB 69 -103.07 -25.27 80.25
N PHE RB 70 -102.90 -26.45 80.82
CA PHE RB 70 -102.09 -26.62 82.02
C PHE RB 70 -100.62 -26.31 81.73
N VAL RB 71 -100.07 -26.90 80.67
CA VAL RB 71 -98.65 -26.73 80.38
C VAL RB 71 -98.36 -25.29 79.95
N ALA RB 72 -99.18 -24.75 79.06
CA ALA RB 72 -98.92 -23.41 78.53
C ALA RB 72 -99.14 -22.31 79.55
N GLU RB 73 -99.74 -22.61 80.70
CA GLU RB 73 -99.93 -21.58 81.72
C GLU RB 73 -98.64 -21.28 82.45
N LYS RB 74 -97.78 -22.27 82.66
CA LYS RB 74 -96.58 -22.11 83.44
C LYS RB 74 -95.50 -21.37 82.65
N PRO RB 75 -94.55 -20.74 83.35
CA PRO RB 75 -93.40 -20.16 82.65
C PRO RB 75 -92.63 -21.23 81.90
N PHE RB 76 -92.12 -20.87 80.72
CA PHE RB 76 -91.46 -21.85 79.88
C PHE RB 76 -90.25 -22.45 80.56
N TRP RB 77 -89.47 -21.63 81.25
CA TRP RB 77 -88.24 -22.10 81.88
C TRP RB 77 -88.49 -22.74 83.24
N VAL RB 78 -89.74 -22.77 83.70
CA VAL RB 78 -90.12 -23.64 84.80
C VAL RB 78 -90.50 -25.02 84.28
N GLY RB 79 -91.32 -25.07 83.24
CA GLY RB 79 -91.77 -26.34 82.72
C GLY RB 79 -90.70 -27.06 81.90
N ALA RB 80 -90.09 -26.36 80.96
CA ALA RB 80 -89.15 -26.97 80.03
C ALA RB 80 -88.13 -27.84 80.75
N PRO RB 81 -87.37 -27.31 81.72
CA PRO RB 81 -86.35 -28.15 82.38
C PRO RB 81 -86.93 -29.40 83.02
N ILE RB 82 -88.07 -29.28 83.69
CA ILE RB 82 -88.69 -30.44 84.32
C ILE RB 82 -89.10 -31.46 83.26
N LEU RB 83 -89.70 -30.98 82.17
CA LEU RB 83 -90.14 -31.88 81.12
C LEU RB 83 -88.97 -32.62 80.50
N VAL RB 84 -87.86 -31.91 80.27
CA VAL RB 84 -86.69 -32.57 79.67
C VAL RB 84 -86.24 -33.74 80.52
N LEU RB 85 -86.07 -33.52 81.82
CA LEU RB 85 -85.65 -34.60 82.69
C LEU RB 85 -86.70 -35.71 82.72
N GLY RB 86 -87.97 -35.34 82.81
CA GLY RB 86 -89.01 -36.34 82.91
C GLY RB 86 -89.03 -37.27 81.71
N VAL RB 87 -88.96 -36.71 80.51
CA VAL RB 87 -88.98 -37.54 79.30
C VAL RB 87 -87.79 -38.48 79.30
N LEU RB 88 -86.60 -37.98 79.66
CA LEU RB 88 -85.43 -38.83 79.69
C LEU RB 88 -85.57 -39.95 80.73
N CYS RB 89 -86.05 -39.61 81.92
CA CYS RB 89 -86.25 -40.63 82.95
C CYS RB 89 -87.23 -41.70 82.47
N LEU RB 90 -88.34 -41.28 81.86
CA LEU RB 90 -89.32 -42.24 81.39
C LEU RB 90 -88.72 -43.18 80.35
N GLY RB 91 -87.91 -42.63 79.44
CA GLY RB 91 -87.28 -43.47 78.44
C GLY RB 91 -86.43 -44.56 79.06
N HIS RB 92 -85.62 -44.19 80.05
CA HIS RB 92 -84.78 -45.18 80.73
C HIS RB 92 -85.64 -46.21 81.46
N ILE RB 93 -86.71 -45.76 82.11
CA ILE RB 93 -87.59 -46.69 82.81
C ILE RB 93 -88.17 -47.70 81.83
N ILE RB 94 -88.64 -47.22 80.68
CA ILE RB 94 -89.25 -48.11 79.70
C ILE RB 94 -88.25 -49.17 79.25
N GLN RB 95 -87.01 -48.77 79.04
CA GLN RB 95 -85.97 -49.65 78.54
C GLN RB 95 -85.38 -50.54 79.61
N THR RB 96 -85.75 -50.33 80.88
CA THR RB 96 -85.30 -51.17 81.97
C THR RB 96 -86.33 -52.23 82.36
N MET RB 97 -87.57 -52.08 81.93
CA MET RB 97 -88.62 -53.02 82.33
C MET RB 97 -88.37 -54.42 81.78
N GLY RB 98 -87.79 -54.52 80.60
CA GLY RB 98 -87.54 -55.82 80.01
C GLY RB 98 -86.30 -56.53 80.47
N GLN RB 99 -85.53 -55.94 81.40
CA GLN RB 99 -84.28 -56.52 81.86
C GLN RB 99 -84.20 -56.54 83.38
N ILE RB 100 -85.32 -56.65 84.05
CA ILE RB 100 -85.35 -56.68 85.51
C ILE RB 100 -84.90 -58.05 85.97
N GLY RB 101 -83.79 -58.10 86.70
CA GLY RB 101 -83.26 -59.33 87.22
C GLY RB 101 -82.31 -60.06 86.29
N VAL RB 102 -82.06 -59.53 85.10
CA VAL RB 102 -81.14 -60.17 84.18
C VAL RB 102 -79.71 -59.98 84.69
N ARG RB 103 -78.99 -61.09 84.87
CA ARG RB 103 -77.65 -61.08 85.44
C ARG RB 103 -76.72 -61.91 84.56
N PRO RB 104 -76.18 -61.33 83.49
CA PRO RB 104 -75.21 -62.06 82.67
C PRO RB 104 -73.96 -62.40 83.46
N LYS RB 105 -73.37 -63.55 83.13
CA LYS RB 105 -72.20 -64.02 83.87
C LYS RB 105 -70.95 -63.20 83.56
N ARG RB 106 -70.90 -62.55 82.41
CA ARG RB 106 -69.71 -61.81 82.03
C ARG RB 106 -69.53 -60.51 82.79
N TYR RB 107 -70.53 -60.09 83.56
CA TYR RB 107 -70.43 -58.90 84.39
C TYR RB 107 -70.20 -59.21 85.85
N THR RB 108 -70.00 -60.48 86.19
CA THR RB 108 -69.71 -60.87 87.56
C THR RB 108 -68.27 -60.50 87.92
N PRO RB 109 -67.97 -60.41 89.21
CA PRO RB 109 -66.58 -60.08 89.60
C PRO RB 109 -65.55 -61.06 89.07
N GLU RB 110 -65.88 -62.35 89.02
CA GLU RB 110 -64.93 -63.33 88.52
C GLU RB 110 -64.55 -63.05 87.08
N TRP RB 111 -65.54 -62.78 86.22
CA TRP RB 111 -65.25 -62.47 84.83
C TRP RB 111 -64.54 -61.13 84.70
N VAL RB 112 -64.87 -60.17 85.58
CA VAL RB 112 -64.21 -58.87 85.52
C VAL RB 112 -62.73 -59.01 85.83
N GLU RB 113 -62.37 -59.86 86.79
CA GLU RB 113 -60.97 -60.08 87.10
C GLU RB 113 -60.25 -60.76 85.95
N ALA RB 114 -60.89 -61.75 85.33
CA ALA RB 114 -60.25 -62.49 84.26
C ALA RB 114 -59.90 -61.58 83.08
N THR RB 115 -60.77 -60.62 82.78
CA THR RB 115 -60.45 -59.66 81.72
C THR RB 115 -59.24 -58.82 82.10
N LYS RB 116 -59.11 -58.44 83.36
CA LYS RB 116 -57.94 -57.70 83.80
C LYS RB 116 -56.68 -58.53 83.60
N GLU RB 117 -56.74 -59.83 83.88
CA GLU RB 117 -55.60 -60.69 83.63
C GLU RB 117 -55.25 -60.72 82.15
N ARG RB 118 -56.26 -60.81 81.28
CA ARG RB 118 -56.00 -60.80 79.84
C ARG RB 118 -55.36 -59.50 79.41
N GLU RB 119 -55.83 -58.38 79.94
CA GLU RB 119 -55.26 -57.08 79.57
C GLU RB 119 -53.82 -56.97 80.01
N ARG RB 120 -53.49 -57.46 81.20
CA ARG RB 120 -52.11 -57.42 81.65
C ARG RB 120 -51.22 -58.25 80.76
N ALA RB 121 -51.67 -59.45 80.37
CA ALA RB 121 -50.85 -60.30 79.52
C ALA RB 121 -50.68 -59.70 78.13
N GLU RB 122 -51.73 -59.07 77.62
CA GLU RB 122 -51.70 -58.49 76.28
C GLU RB 122 -51.29 -57.03 76.25
N ASN RB 123 -51.04 -56.43 77.42
CA ASN RB 123 -50.66 -55.02 77.50
C ASN RB 123 -51.61 -54.14 76.66
N THR RB 124 -52.90 -54.26 76.98
CA THR RB 124 -53.95 -53.61 76.17
C THR RB 124 -54.00 -52.11 76.40
N ASN RB 125 -54.29 -51.38 75.30
CA ASN RB 125 -54.42 -49.92 75.26
C ASN RB 125 -53.34 -49.30 76.14
N PRO RB 126 -52.05 -49.49 75.79
CA PRO RB 126 -50.95 -48.89 76.59
C PRO RB 126 -50.83 -47.40 76.39
N ILE RB 127 -51.28 -46.86 75.27
CA ILE RB 127 -51.09 -45.44 74.95
C ILE RB 127 -52.22 -44.65 75.57
N THR RB 128 -53.36 -45.29 75.86
CA THR RB 128 -54.46 -44.64 76.56
C THR RB 128 -54.08 -44.49 78.04
N ARG RB 129 -53.36 -45.49 78.57
CA ARG RB 129 -52.96 -45.48 79.99
C ARG RB 129 -51.81 -44.47 80.19
N TYR RB 130 -50.86 -44.42 79.26
CA TYR RB 130 -49.78 -43.43 79.33
C TYR RB 130 -50.31 -42.00 79.21
N LEU RB 131 -51.23 -41.78 78.25
CA LEU RB 131 -51.74 -40.44 78.02
C LEU RB 131 -52.64 -39.96 79.14
N ASP RB 132 -53.34 -40.89 79.80
CA ASP RB 132 -54.13 -40.51 80.98
C ASP RB 132 -53.22 -40.05 82.11
N ARG RB 133 -52.13 -40.77 82.35
CA ARG RB 133 -51.20 -40.36 83.40
C ARG RB 133 -50.59 -39.00 83.11
N ARG RB 134 -50.18 -38.77 81.86
CA ARG RB 134 -49.59 -37.50 81.49
C ARG RB 134 -50.58 -36.35 81.68
N ARG RB 135 -51.82 -36.55 81.23
CA ARG RB 135 -52.83 -35.51 81.37
C ARG RB 135 -53.15 -35.23 82.83
N ALA RB 136 -53.29 -36.28 83.62
CA ALA RB 136 -53.63 -36.10 85.03
C ALA RB 136 -52.53 -35.35 85.76
N GLU RB 137 -51.28 -35.64 85.43
CA GLU RB 137 -50.17 -34.93 86.06
C GLU RB 137 -50.20 -33.44 85.75
N ARG RB 138 -50.62 -33.09 84.53
CA ARG RB 138 -50.63 -31.68 84.13
C ARG RB 138 -51.78 -30.91 84.75
N GLY RB 139 -52.98 -31.48 84.78
CA GLY RB 139 -54.16 -30.75 85.22
C GLY RB 139 -55.34 -31.64 85.59
N PRO RB 140 -56.52 -31.03 85.75
CA PRO RB 140 -57.71 -31.79 86.15
C PRO RB 140 -58.26 -32.70 85.07
N TYR RB 141 -58.15 -34.02 85.26
CA TYR RB 141 -58.57 -35.01 84.27
C TYR RB 141 -59.67 -35.89 84.86
N TYR RB 142 -60.83 -35.90 84.22
CA TYR RB 142 -62.00 -36.65 84.69
C TYR RB 142 -62.47 -37.65 83.64
N LEU RB 143 -62.59 -38.92 84.04
CA LEU RB 143 -63.04 -39.99 83.16
C LEU RB 143 -64.40 -40.49 83.62
N MET RB 144 -65.35 -40.56 82.67
CA MET RB 144 -66.66 -41.13 82.99
C MET RB 144 -66.53 -42.58 83.43
N SER RB 145 -65.65 -43.34 82.76
CA SER RB 145 -65.46 -44.75 83.09
C SER RB 145 -65.07 -44.95 84.53
N ASN RB 146 -64.48 -43.94 85.17
CA ASN RB 146 -64.03 -44.07 86.55
C ASN RB 146 -65.18 -44.02 87.53
N VAL RB 147 -66.23 -43.24 87.24
CA VAL RB 147 -67.29 -42.97 88.19
C VAL RB 147 -68.55 -43.80 87.93
N LEU RB 148 -68.86 -44.08 86.64
CA LEU RB 148 -70.16 -44.62 86.26
C LEU RB 148 -70.08 -46.11 85.93
N PRO RB 149 -71.19 -46.85 86.07
CA PRO RB 149 -71.20 -48.24 85.61
C PRO RB 149 -71.09 -48.33 84.09
N TYR RB 150 -70.47 -49.40 83.62
CA TYR RB 150 -70.30 -49.61 82.20
C TYR RB 150 -71.38 -50.49 81.58
N HIS RB 151 -72.22 -51.13 82.39
CA HIS RB 151 -73.30 -51.97 81.91
C HIS RB 151 -74.57 -51.67 82.69
N PRO RB 152 -75.73 -51.91 82.09
CA PRO RB 152 -77.00 -51.54 82.75
C PRO RB 152 -77.52 -52.57 83.74
N HIS RB 153 -76.95 -53.77 83.76
CA HIS RB 153 -77.41 -54.82 84.66
C HIS RB 153 -76.81 -54.69 86.05
N PHE RB 154 -76.10 -53.59 86.31
CA PHE RB 154 -75.46 -53.41 87.60
C PHE RB 154 -76.47 -53.31 88.72
N LEU RB 155 -77.70 -52.87 88.41
CA LEU RB 155 -78.72 -52.70 89.44
C LEU RB 155 -79.13 -54.01 90.08
N TRP RB 156 -78.89 -55.13 89.41
CA TRP RB 156 -79.34 -56.44 89.88
C TRP RB 156 -78.20 -57.36 90.28
N MET RB 157 -76.96 -57.00 89.97
CA MET RB 157 -75.82 -57.89 90.16
C MET RB 157 -74.96 -57.48 91.35
N ARG RB 158 -75.59 -56.97 92.40
CA ARG RB 158 -74.82 -56.58 93.58
C ARG RB 158 -74.16 -57.78 94.24
N ASN RB 159 -74.87 -58.91 94.32
CA ASN RB 159 -74.37 -60.09 95.01
C ASN RB 159 -74.14 -61.27 94.07
N SER RB 160 -74.15 -61.05 92.76
CA SER RB 160 -74.02 -62.14 91.82
C SER RB 160 -72.57 -62.58 91.68
N HIS RB 161 -72.37 -63.88 91.56
CA HIS RB 161 -71.04 -64.45 91.38
C HIS RB 161 -71.13 -65.67 90.47
N ASP RB 162 -70.01 -66.00 89.84
CA ASP RB 162 -69.84 -67.25 89.11
C ASP RB 162 -68.82 -68.07 89.89
N TYR RB 163 -69.32 -69.04 90.67
CA TYR RB 163 -68.44 -69.79 91.54
C TYR RB 163 -67.61 -70.80 90.77
N GLU RB 164 -68.11 -71.30 89.64
CA GLU RB 164 -67.32 -72.23 88.84
C GLU RB 164 -66.09 -71.54 88.28
N ALA RB 165 -66.24 -70.32 87.80
CA ALA RB 165 -65.09 -69.56 87.31
C ALA RB 165 -64.11 -69.27 88.43
N ALA RB 166 -64.62 -68.99 89.64
CA ALA RB 166 -63.73 -68.69 90.75
C ALA RB 166 -62.80 -69.87 91.03
N GLU RB 167 -63.33 -71.08 91.03
CA GLU RB 167 -62.50 -72.25 91.31
C GLU RB 167 -61.50 -72.48 90.18
N ALA RB 168 -61.95 -72.35 88.93
CA ALA RB 168 -61.05 -72.54 87.81
C ALA RB 168 -59.95 -71.49 87.78
N LEU RB 169 -60.31 -70.23 88.02
CA LEU RB 169 -59.31 -69.16 88.01
C LEU RB 169 -58.28 -69.37 89.11
N ALA RB 170 -58.73 -69.75 90.30
CA ALA RB 170 -57.79 -70.00 91.39
C ALA RB 170 -56.84 -71.13 91.05
N ALA RB 171 -57.36 -72.20 90.43
CA ALA RB 171 -56.51 -73.31 90.05
C ALA RB 171 -55.46 -72.89 89.03
N ARG RB 172 -55.86 -72.10 88.03
CA ARG RB 172 -54.91 -71.66 87.02
C ARG RB 172 -53.84 -70.76 87.63
N ARG RB 173 -54.23 -69.90 88.57
CA ARG RB 173 -53.24 -69.04 89.22
C ARG RB 173 -52.24 -69.86 90.01
N GLU RB 174 -52.71 -70.92 90.67
CA GLU RB 174 -51.78 -71.79 91.39
C GLU RB 174 -50.81 -72.47 90.44
N LYS RB 175 -51.31 -72.98 89.31
CA LYS RB 175 -50.44 -73.59 88.32
C LYS RB 175 -49.45 -72.56 87.77
N ASP RB 176 -49.90 -71.33 87.57
CA ASP RB 176 -49.01 -70.30 87.05
C ASP RB 176 -47.87 -70.03 88.04
N ARG RB 177 -48.17 -70.03 89.33
CA ARG RB 177 -47.12 -69.81 90.32
C ARG RB 177 -46.08 -70.93 90.26
N GLU RB 178 -46.52 -72.17 90.06
CA GLU RB 178 -45.56 -73.26 89.93
C GLU RB 178 -44.71 -73.09 88.68
N LEU RB 179 -45.34 -72.70 87.57
CA LEU RB 179 -44.57 -72.48 86.34
C LEU RB 179 -43.58 -71.34 86.52
N ALA RB 180 -43.97 -70.29 87.23
CA ALA RB 180 -43.06 -69.17 87.45
C ALA RB 180 -41.83 -69.60 88.24
N ALA RB 181 -42.03 -70.39 89.30
CA ALA RB 181 -40.89 -70.88 90.07
C ALA RB 181 -39.98 -71.75 89.22
N LYS RB 182 -40.58 -72.64 88.42
CA LYS RB 182 -39.78 -73.45 87.52
C LYS RB 182 -39.00 -72.61 86.53
N LEU RB 183 -39.65 -71.59 85.95
CA LEU RB 183 -38.98 -70.72 85.00
C LEU RB 183 -37.82 -69.98 85.67
N GLU RB 184 -38.02 -69.55 86.91
CA GLU RB 184 -36.94 -68.92 87.65
C GLU RB 184 -35.75 -69.87 87.79
N ALA RB 185 -36.03 -71.15 88.05
CA ALA RB 185 -34.99 -72.16 88.16
C ALA RB 185 -33.93 -71.75 89.18
N LYS SB 1 -85.57 -25.65 9.33
CA LYS SB 1 -84.96 -26.44 10.40
C LYS SB 1 -86.01 -27.33 11.07
N HIS SB 2 -85.56 -28.46 11.61
CA HIS SB 2 -86.48 -29.42 12.21
C HIS SB 2 -87.02 -28.92 13.53
N PHE SB 3 -86.13 -28.65 14.49
CA PHE SB 3 -86.55 -28.29 15.83
C PHE SB 3 -87.25 -26.94 15.84
N PHE SB 4 -88.29 -26.83 16.64
CA PHE SB 4 -89.08 -25.61 16.77
C PHE SB 4 -88.45 -24.69 17.81
N THR SB 5 -88.24 -23.43 17.43
CA THR SB 5 -87.75 -22.40 18.34
C THR SB 5 -88.67 -21.21 18.27
N ASP SB 6 -89.15 -20.74 19.42
CA ASP SB 6 -90.10 -19.64 19.45
C ASP SB 6 -89.54 -18.41 18.76
N GLY SB 7 -88.24 -18.17 18.89
CA GLY SB 7 -87.65 -16.95 18.39
C GLY SB 7 -87.30 -16.98 16.92
N ALA SB 8 -86.78 -18.11 16.44
CA ALA SB 8 -86.28 -18.20 15.08
C ALA SB 8 -87.11 -19.14 14.20
N ASN SB 9 -87.21 -20.41 14.56
CA ASN SB 9 -87.94 -21.38 13.75
C ASN SB 9 -89.34 -21.59 14.32
N ASP SB 10 -90.11 -20.51 14.34
CA ASP SB 10 -91.47 -20.53 14.88
C ASP SB 10 -92.44 -20.82 13.75
N TYR SB 11 -92.60 -22.11 13.46
CA TYR SB 11 -93.51 -22.55 12.41
C TYR SB 11 -94.87 -22.94 12.95
N VAL SB 12 -95.01 -23.11 14.26
CA VAL SB 12 -96.30 -23.50 14.83
C VAL SB 12 -97.30 -22.36 14.70
N THR SB 13 -96.89 -21.13 15.01
CA THR SB 13 -97.75 -19.98 14.89
C THR SB 13 -97.33 -19.00 13.80
N GLY SB 14 -96.08 -19.06 13.34
CA GLY SB 14 -95.63 -18.15 12.31
C GLY SB 14 -95.38 -16.74 12.78
N TRP SB 15 -95.25 -16.53 14.08
CA TRP SB 15 -95.04 -15.18 14.60
C TRP SB 15 -93.67 -14.66 14.20
N GLU SB 16 -93.62 -13.39 13.80
CA GLU SB 16 -92.38 -12.71 13.47
C GLU SB 16 -92.31 -11.41 14.24
N ASN SB 17 -91.18 -11.17 14.91
CA ASN SB 17 -91.05 -10.01 15.77
C ASN SB 17 -91.06 -8.69 14.99
N THR SB 18 -90.71 -8.71 13.72
CA THR SB 18 -90.61 -7.49 12.92
C THR SB 18 -91.34 -7.66 11.59
N PRO SB 19 -91.76 -6.55 10.98
CA PRO SB 19 -92.49 -6.63 9.72
C PRO SB 19 -91.57 -6.97 8.56
N PRO SB 20 -92.13 -7.27 7.39
CA PRO SB 20 -91.29 -7.52 6.22
C PRO SB 20 -90.50 -6.29 5.82
N LEU SB 21 -89.29 -6.52 5.31
CA LEU SB 21 -88.46 -5.41 4.85
C LEU SB 21 -89.04 -4.76 3.60
N LYS SB 22 -89.91 -5.45 2.87
CA LYS SB 22 -90.47 -4.89 1.66
C LYS SB 22 -91.34 -3.67 1.95
N PHE SB 23 -91.93 -3.60 3.12
CA PHE SB 23 -92.87 -2.54 3.42
C PHE SB 23 -92.13 -1.22 3.65
N PRO SB 24 -92.61 -0.11 3.08
CA PRO SB 24 -92.02 1.19 3.41
C PRO SB 24 -92.21 1.52 4.89
N ALA SB 25 -91.27 2.30 5.43
CA ALA SB 25 -91.36 2.68 6.83
C ALA SB 25 -92.64 3.46 7.11
N SER SB 26 -93.14 4.20 6.12
CA SER SB 26 -94.40 4.91 6.29
C SER SB 26 -95.58 3.94 6.36
N VAL SB 27 -95.44 2.76 5.77
CA VAL SB 27 -96.50 1.76 5.82
C VAL SB 27 -96.39 0.91 7.08
N MET SB 28 -95.20 0.39 7.36
CA MET SB 28 -94.98 -0.45 8.53
C MET SB 28 -93.49 -0.43 8.85
N LYS SB 29 -93.18 -0.40 10.14
CA LYS SB 29 -91.80 -0.37 10.61
C LYS SB 29 -91.69 -1.22 11.85
N PRO SB 30 -90.49 -1.68 12.18
CA PRO SB 30 -90.31 -2.41 13.44
C PRO SB 30 -90.69 -1.57 14.64
N CYS SB 31 -91.22 -2.23 15.66
CA CYS SB 31 -91.68 -1.56 16.86
C CYS SB 31 -90.47 -1.14 17.68
N ASP SB 32 -90.03 0.11 17.48
CA ASP SB 32 -88.87 0.64 18.19
C ASP SB 32 -89.09 2.15 18.36
N TYR SB 33 -89.46 2.56 19.57
CA TYR SB 33 -89.62 3.96 19.90
C TYR SB 33 -88.61 4.39 20.96
N SER SB 34 -87.45 3.74 20.99
CA SER SB 34 -86.39 4.11 21.92
C SER SB 34 -85.82 5.49 21.63
N MET SB 35 -85.96 5.98 20.40
CA MET SB 35 -85.41 7.26 20.00
C MET SB 35 -86.41 8.40 20.09
N THR SB 36 -87.55 8.17 20.72
CA THR SB 36 -88.57 9.21 20.83
C THR SB 36 -87.98 10.43 21.55
N LYS SB 37 -88.24 11.60 20.98
CA LYS SB 37 -87.74 12.83 21.58
C LYS SB 37 -88.45 13.12 22.89
N PRO SB 38 -87.83 13.90 23.78
CA PRO SB 38 -88.45 14.17 25.07
C PRO SB 38 -89.81 14.81 24.91
N ILE SB 39 -90.74 14.37 25.74
CA ILE SB 39 -92.12 14.87 25.67
C ILE SB 39 -92.17 16.28 26.23
N PRO SB 40 -92.81 17.23 25.55
CA PRO SB 40 -92.97 18.56 26.14
C PRO SB 40 -93.77 18.50 27.43
N LYS SB 41 -93.44 19.39 28.36
CA LYS SB 41 -94.12 19.39 29.65
C LYS SB 41 -95.60 19.70 29.52
N HIS SB 42 -95.97 20.55 28.56
CA HIS SB 42 -97.37 20.91 28.42
C HIS SB 42 -98.22 19.79 27.84
N TRP SB 43 -97.60 18.76 27.27
CA TRP SB 43 -98.35 17.59 26.85
C TRP SB 43 -98.83 16.81 28.07
N LYS SB 44 -100.01 16.22 27.97
CA LYS SB 44 -100.61 15.46 29.06
C LYS SB 44 -100.81 14.01 28.63
N LEU SB 45 -100.60 13.10 29.56
CA LEU SB 45 -100.76 11.68 29.28
C LEU SB 45 -102.24 11.35 29.18
N ARG SB 46 -102.68 10.93 27.99
CA ARG SB 46 -104.05 10.51 27.76
C ARG SB 46 -104.20 9.00 27.91
N GLY SB 47 -103.38 8.25 27.20
CA GLY SB 47 -103.43 6.81 27.25
C GLY SB 47 -102.77 6.27 28.51
N SER SB 48 -102.72 4.94 28.58
CA SER SB 48 -102.09 4.29 29.71
C SER SB 48 -100.59 4.53 29.73
N GLY SB 49 -99.97 4.64 28.56
CA GLY SB 49 -98.53 4.66 28.46
C GLY SB 49 -97.90 3.30 28.56
N ILE SB 50 -98.69 2.25 28.79
CA ILE SB 50 -98.19 0.89 28.92
C ILE SB 50 -97.83 0.37 27.55
N HIS SB 51 -96.71 -0.35 27.48
CA HIS SB 51 -96.33 -1.02 26.25
C HIS SB 51 -97.40 -2.01 25.84
N GLY SB 52 -97.94 -1.84 24.63
CA GLY SB 52 -99.04 -2.66 24.17
C GLY SB 52 -99.63 -2.16 22.86
N PRO SB 53 -100.87 -2.56 22.58
CA PRO SB 53 -101.47 -2.23 21.27
C PRO SB 53 -101.80 -0.76 21.08
N GLU SB 54 -101.70 0.07 22.11
CA GLU SB 54 -101.91 1.50 21.90
C GLU SB 54 -100.83 2.09 21.01
N ASN SB 55 -99.64 1.49 21.00
CA ASN SB 55 -98.59 1.91 20.10
C ASN SB 55 -98.89 1.43 18.69
N THR SB 56 -98.75 2.33 17.71
CA THR SB 56 -99.13 1.99 16.34
C THR SB 56 -98.33 0.83 15.80
N ASP SB 57 -97.01 0.83 16.04
CA ASP SB 57 -96.16 -0.22 15.49
C ASP SB 57 -96.53 -1.59 16.04
N LEU SB 58 -96.75 -1.68 17.35
CA LEU SB 58 -97.13 -2.95 17.94
C LEU SB 58 -98.47 -3.42 17.40
N MET SB 59 -99.43 -2.51 17.29
CA MET SB 59 -100.73 -2.87 16.73
C MET SB 59 -100.58 -3.44 15.33
N LYS SB 60 -99.80 -2.78 14.47
CA LYS SB 60 -99.62 -3.25 13.12
C LYS SB 60 -98.90 -4.59 13.09
N LEU SB 61 -97.99 -4.83 14.03
CA LEU SB 61 -97.31 -6.12 14.11
C LEU SB 61 -98.31 -7.23 14.41
N VAL SB 62 -99.19 -7.02 15.38
CA VAL SB 62 -100.21 -8.02 15.71
C VAL SB 62 -101.13 -8.23 14.52
N LEU SB 63 -101.60 -7.15 13.92
CA LEU SB 63 -102.51 -7.25 12.79
C LEU SB 63 -101.88 -8.04 11.65
N TRP SB 64 -100.65 -7.68 11.28
CA TRP SB 64 -100.00 -8.35 10.17
C TRP SB 64 -99.71 -9.81 10.50
N ASN SB 65 -99.32 -10.11 11.74
CA ASN SB 65 -99.02 -11.48 12.11
C ASN SB 65 -100.25 -12.38 12.00
N ARG SB 66 -101.44 -11.82 11.94
CA ARG SB 66 -102.64 -12.60 11.72
C ARG SB 66 -103.15 -12.56 10.29
N LEU SB 67 -103.04 -11.41 9.61
CA LEU SB 67 -103.51 -11.30 8.25
C LEU SB 67 -102.51 -11.80 7.22
N LYS SB 68 -101.27 -12.09 7.63
CA LYS SB 68 -100.30 -12.69 6.73
C LYS SB 68 -100.52 -14.17 6.53
N GLN SB 69 -101.41 -14.78 7.31
CA GLN SB 69 -101.61 -16.22 7.25
C GLN SB 69 -102.39 -16.65 6.01
N LYS SB 70 -102.98 -15.71 5.27
CA LYS SB 70 -103.62 -15.99 3.99
C LYS SB 70 -102.96 -15.13 2.93
N ARG SB 71 -102.44 -15.77 1.88
CA ARG SB 71 -101.70 -15.10 0.82
C ARG SB 71 -102.02 -15.74 -0.52
N PRO SB 72 -102.11 -14.96 -1.59
CA PRO SB 72 -102.47 -15.55 -2.89
C PRO SB 72 -101.49 -16.57 -3.44
N GLN SB 73 -100.19 -16.42 -3.19
CA GLN SB 73 -99.18 -17.31 -3.76
C GLN SB 73 -98.11 -17.58 -2.71
N ARG SB 74 -97.15 -18.41 -3.05
CA ARG SB 74 -96.04 -18.70 -2.16
C ARG SB 74 -94.99 -17.59 -2.24
N GLU SB 75 -94.31 -17.35 -1.13
CA GLU SB 75 -93.16 -16.46 -1.08
C GLU SB 75 -91.91 -17.31 -1.24
N VAL SB 76 -91.53 -17.53 -2.50
CA VAL SB 76 -90.43 -18.45 -2.82
C VAL SB 76 -89.18 -18.04 -2.03
N PRO SB 77 -88.64 -18.91 -1.20
CA PRO SB 77 -87.35 -18.63 -0.57
C PRO SB 77 -86.20 -18.91 -1.52
N ASN SB 78 -85.05 -18.31 -1.22
CA ASN SB 78 -83.91 -18.49 -2.11
C ASN SB 78 -83.29 -19.87 -1.89
N ILE SB 79 -82.40 -20.27 -2.80
CA ILE SB 79 -81.88 -21.62 -2.78
C ILE SB 79 -81.09 -21.89 -1.51
N ASN SB 80 -80.50 -20.85 -0.91
CA ASN SB 80 -79.77 -21.05 0.33
C ASN SB 80 -80.70 -21.57 1.42
N TYR SB 81 -81.89 -20.98 1.55
CA TYR SB 81 -82.85 -21.47 2.52
C TYR SB 81 -83.26 -22.90 2.22
N LEU SB 82 -83.54 -23.19 0.94
CA LEU SB 82 -83.99 -24.53 0.59
C LEU SB 82 -82.94 -25.59 0.90
N LYS SB 83 -81.68 -25.29 0.62
CA LYS SB 83 -80.61 -26.22 0.96
C LYS SB 83 -80.57 -26.47 2.47
N ASP SB 84 -80.68 -25.40 3.26
CA ASP SB 84 -80.62 -25.57 4.71
C ASP SB 84 -81.79 -26.38 5.23
N SER SB 85 -82.95 -26.28 4.59
CA SER SB 85 -84.13 -26.98 5.07
C SER SB 85 -83.93 -28.49 5.06
N ILE SB 86 -83.18 -29.01 4.09
CA ILE SB 86 -82.99 -30.45 3.96
C ILE SB 86 -81.51 -30.81 3.99
N ARG SB 87 -80.73 -30.05 4.75
CA ARG SB 87 -79.29 -30.31 4.81
C ARG SB 87 -79.01 -31.72 5.31
N LEU SB 88 -79.67 -32.14 6.38
CA LEU SB 88 -79.44 -33.47 6.93
C LEU SB 88 -79.85 -34.54 5.93
N GLU SB 89 -80.99 -34.35 5.28
CA GLU SB 89 -81.49 -35.34 4.34
C GLU SB 89 -80.48 -35.57 3.21
N LEU SB 90 -80.02 -34.49 2.59
CA LEU SB 90 -79.05 -34.61 1.51
C LEU SB 90 -77.75 -35.24 1.98
N SER SB 91 -77.28 -34.84 3.16
CA SER SB 91 -76.03 -35.36 3.67
C SER SB 91 -76.13 -36.86 3.96
N VAL SB 92 -77.27 -37.30 4.51
CA VAL SB 92 -77.45 -38.72 4.78
C VAL SB 92 -77.48 -39.51 3.47
N ASN SB 93 -78.11 -38.94 2.44
CA ASN SB 93 -78.15 -39.61 1.15
C ASN SB 93 -76.75 -39.78 0.58
N TRP SB 94 -75.92 -38.75 0.65
CA TRP SB 94 -74.55 -38.87 0.20
C TRP SB 94 -73.76 -39.85 1.06
N TRP SB 95 -74.07 -39.92 2.34
CA TRP SB 95 -73.43 -40.90 3.20
C TRP SB 95 -73.77 -42.32 2.74
N LEU SB 96 -75.02 -42.55 2.35
CA LEU SB 96 -75.38 -43.86 1.82
C LEU SB 96 -74.60 -44.17 0.55
N MET SB 97 -74.45 -43.18 -0.34
CA MET SB 97 -73.68 -43.40 -1.55
C MET SB 97 -72.23 -43.76 -1.22
N SER SB 98 -71.65 -43.08 -0.22
CA SER SB 98 -70.29 -43.39 0.18
C SER SB 98 -70.18 -44.81 0.70
N CYS SB 99 -71.17 -45.24 1.49
CA CYS SB 99 -71.12 -46.58 2.08
C CYS SB 99 -71.24 -47.66 1.02
N ILE SB 100 -71.89 -47.38 -0.10
CA ILE SB 100 -72.09 -48.36 -1.15
C ILE SB 100 -70.91 -48.40 -2.12
N PHE SB 101 -70.40 -47.24 -2.51
CA PHE SB 101 -69.40 -47.15 -3.57
C PHE SB 101 -67.99 -46.92 -3.06
N LEU SB 102 -67.80 -46.59 -1.78
CA LEU SB 102 -66.47 -46.44 -1.20
C LEU SB 102 -66.18 -47.52 -0.17
N TRP SB 103 -66.99 -47.61 0.88
CA TRP SB 103 -66.78 -48.61 1.91
C TRP SB 103 -66.98 -50.01 1.34
N GLY SB 104 -67.99 -50.20 0.51
CA GLY SB 104 -68.32 -51.49 -0.03
C GLY SB 104 -67.18 -52.14 -0.78
N PRO SB 105 -66.59 -51.43 -1.74
CA PRO SB 105 -65.53 -52.05 -2.56
C PRO SB 105 -64.30 -52.48 -1.77
N TRP SB 106 -63.78 -51.63 -0.88
CA TRP SB 106 -62.54 -52.02 -0.20
C TRP SB 106 -62.80 -53.06 0.88
N LEU SB 107 -63.97 -53.05 1.48
CA LEU SB 107 -64.33 -54.10 2.42
C LEU SB 107 -64.38 -55.45 1.73
N HIS SB 108 -64.92 -55.50 0.52
CA HIS SB 108 -64.94 -56.73 -0.25
C HIS SB 108 -63.54 -57.20 -0.59
N TRP SB 109 -62.69 -56.26 -1.02
CA TRP SB 109 -61.31 -56.61 -1.35
C TRP SB 109 -60.59 -57.20 -0.14
N GLY SB 110 -60.81 -56.62 1.03
CA GLY SB 110 -60.14 -57.11 2.22
C GLY SB 110 -60.53 -58.53 2.57
N GLN SB 111 -61.82 -58.85 2.44
CA GLN SB 111 -62.29 -60.19 2.77
C GLN SB 111 -61.74 -61.21 1.78
N GLU SB 112 -61.74 -60.88 0.49
CA GLU SB 112 -61.18 -61.78 -0.51
C GLU SB 112 -59.69 -62.01 -0.27
N TYR SB 113 -58.95 -60.96 0.06
CA TYR SB 113 -57.54 -61.12 0.39
C TYR SB 113 -57.37 -61.97 1.64
N GLN SB 114 -58.23 -61.74 2.64
CA GLN SB 114 -58.18 -62.52 3.87
C GLN SB 114 -58.35 -64.00 3.60
N LYS SB 115 -59.22 -64.34 2.66
CA LYS SB 115 -59.45 -65.73 2.30
C LYS SB 115 -58.15 -66.44 1.93
N VAL SB 116 -57.30 -65.79 1.16
CA VAL SB 116 -56.08 -66.40 0.64
C VAL SB 116 -54.93 -66.29 1.63
N HIS SB 117 -54.79 -65.15 2.32
CA HIS SB 117 -53.61 -64.85 3.12
C HIS SB 117 -53.88 -64.88 4.63
N GLU SB 118 -55.08 -65.29 5.03
CA GLU SB 118 -55.55 -65.45 6.41
C GLU SB 118 -55.82 -64.17 7.17
N GLN SB 119 -55.18 -63.07 6.81
CA GLN SB 119 -55.34 -61.79 7.52
C GLN SB 119 -55.63 -60.72 6.49
N PRO SB 120 -56.26 -59.62 6.89
CA PRO SB 120 -56.64 -58.60 5.92
C PRO SB 120 -55.42 -57.96 5.29
N PRO SB 121 -55.58 -57.26 4.17
CA PRO SB 121 -54.42 -56.69 3.47
C PRO SB 121 -53.77 -55.52 4.20
N TRP SB 122 -54.39 -55.02 5.27
CA TRP SB 122 -53.87 -53.88 6.03
C TRP SB 122 -53.37 -54.30 7.41
N ALA SB 123 -52.99 -55.56 7.56
CA ALA SB 123 -52.53 -56.09 8.84
C ALA SB 123 -51.16 -56.73 8.68
N MET SB 124 -50.43 -56.83 9.79
CA MET SB 124 -49.13 -57.49 9.81
C MET SB 124 -49.32 -59.00 9.89
N LYS SB 125 -48.77 -59.73 8.94
CA LYS SB 125 -48.85 -61.18 9.01
C LYS SB 125 -48.13 -61.68 10.25
N ARG SB 126 -48.79 -62.58 10.98
CA ARG SB 126 -48.24 -63.12 12.20
C ARG SB 126 -47.33 -64.30 11.90
N ILE SB 127 -46.44 -64.58 12.85
CA ILE SB 127 -45.60 -65.76 12.83
C ILE SB 127 -45.75 -66.60 14.10
N ASP SB 128 -46.63 -66.19 15.01
CA ASP SB 128 -46.80 -66.90 16.27
C ASP SB 128 -47.39 -68.28 16.08
N GLY SB 129 -48.07 -68.53 14.97
CA GLY SB 129 -48.71 -69.80 14.70
C GLY SB 129 -50.16 -69.88 15.10
N LEU SB 130 -50.71 -68.81 15.66
CA LEU SB 130 -52.13 -68.73 15.93
C LEU SB 130 -52.89 -68.63 14.60
N ARG SB 131 -54.15 -69.08 14.59
CA ARG SB 131 -54.95 -69.13 13.38
C ARG SB 131 -56.14 -68.17 13.48
N GLY SB 132 -56.61 -67.68 12.34
CA GLY SB 132 -57.76 -66.80 12.27
C GLY SB 132 -57.44 -65.46 11.62
N GLU SB 133 -58.51 -64.72 11.33
CA GLU SB 133 -58.38 -63.44 10.64
C GLU SB 133 -57.67 -62.40 11.50
N GLY SB 134 -57.94 -62.36 12.79
CA GLY SB 134 -57.35 -61.36 13.66
C GLY SB 134 -58.05 -60.01 13.57
N TYR SB 135 -57.34 -58.96 13.99
CA TYR SB 135 -57.92 -57.62 14.03
C TYR SB 135 -58.18 -57.08 12.63
N PHE SB 136 -59.12 -56.13 12.54
CA PHE SB 136 -59.47 -55.43 11.31
C PHE SB 136 -59.05 -53.97 11.34
N THR SB 137 -59.29 -53.25 12.44
CA THR SB 137 -58.84 -51.87 12.58
C THR SB 137 -57.41 -51.90 13.11
N TRP SB 138 -56.44 -51.75 12.19
CA TRP SB 138 -55.04 -51.91 12.55
C TRP SB 138 -54.53 -50.73 13.36
N PHE SB 139 -55.13 -49.55 13.20
CA PHE SB 139 -54.65 -48.39 13.91
C PHE SB 139 -55.17 -48.32 15.35
N LEU SB 140 -56.08 -49.21 15.72
CA LEU SB 140 -56.52 -49.36 17.10
C LEU SB 140 -55.89 -50.57 17.77
N GLU SB 141 -54.76 -51.04 17.25
CA GLU SB 141 -54.03 -52.15 17.84
C GLU SB 141 -52.91 -51.65 18.73
N TYR TB 1 -102.44 -11.79 18.35
CA TYR TB 1 -101.45 -11.71 19.42
C TYR TB 1 -100.53 -12.93 19.38
N ARG TB 2 -99.36 -12.80 20.01
CA ARG TB 2 -98.41 -13.91 20.02
C ARG TB 2 -98.97 -15.12 20.74
N HIS TB 3 -99.86 -14.91 21.71
CA HIS TB 3 -100.42 -16.03 22.45
C HIS TB 3 -101.51 -16.78 21.68
N TRP TB 4 -102.09 -16.19 20.64
CA TRP TB 4 -103.09 -16.87 19.83
C TRP TB 4 -102.43 -17.89 18.89
N HIS TB 5 -103.19 -18.94 18.55
CA HIS TB 5 -102.72 -20.00 17.67
C HIS TB 5 -103.04 -19.56 16.23
N ARG TB 6 -103.09 -20.48 15.25
CA ARG TB 6 -103.20 -20.09 13.84
C ARG TB 6 -104.65 -19.78 13.45
N MET TB 7 -104.82 -18.74 12.63
CA MET TB 7 -106.13 -18.44 12.05
C MET TB 7 -106.82 -19.70 11.55
N SER TB 8 -108.11 -19.84 11.87
CA SER TB 8 -108.93 -20.88 11.28
C SER TB 8 -109.44 -20.43 9.91
N GLU TB 9 -109.98 -21.39 9.15
CA GLU TB 9 -110.67 -21.01 7.92
C GLU TB 9 -111.86 -20.12 8.23
N ASP TB 10 -112.56 -20.40 9.32
CA ASP TB 10 -113.72 -19.59 9.70
C ASP TB 10 -113.32 -18.16 10.04
N ASP TB 11 -112.09 -17.95 10.52
CA ASP TB 11 -111.65 -16.61 10.85
C ASP TB 11 -111.69 -15.68 9.64
N TRP TB 12 -111.67 -16.23 8.44
CA TRP TB 12 -111.75 -15.43 7.22
C TRP TB 12 -113.18 -15.31 6.72
N ALA TB 13 -113.88 -16.42 6.57
CA ALA TB 13 -115.25 -16.40 6.09
C ALA TB 13 -115.98 -17.64 6.59
N LEU TB 14 -117.31 -17.58 6.57
CA LEU TB 14 -118.11 -18.71 6.97
C LEU TB 14 -118.68 -19.43 5.76
N PRO TB 15 -118.88 -20.75 5.87
CA PRO TB 15 -119.50 -21.50 4.78
C PRO TB 15 -120.94 -21.06 4.55
N LEU TB 16 -121.35 -21.05 3.27
CA LEU TB 16 -122.69 -20.60 2.94
C LEU TB 16 -123.76 -21.52 3.49
N ASP TB 17 -123.41 -22.75 3.88
CA ASP TB 17 -124.36 -23.64 4.53
C ASP TB 17 -124.70 -23.21 5.95
N SER TB 18 -123.97 -22.25 6.51
CA SER TB 18 -124.30 -21.69 7.82
C SER TB 18 -125.20 -20.48 7.72
N MET TB 19 -125.56 -20.06 6.52
CA MET TB 19 -126.49 -18.97 6.35
C MET TB 19 -127.86 -19.37 6.90
N PRO TB 20 -128.49 -18.55 7.73
CA PRO TB 20 -129.83 -18.88 8.20
C PRO TB 20 -130.80 -19.00 7.03
N GLU TB 21 -131.67 -20.02 7.10
CA GLU TB 21 -132.58 -20.30 6.01
C GLU TB 21 -133.77 -19.36 5.99
N ASP TB 22 -134.06 -18.68 7.10
CA ASP TB 22 -135.13 -17.69 7.14
C ASP TB 22 -134.53 -16.30 6.98
N VAL TB 23 -134.13 -16.00 5.74
CA VAL TB 23 -133.47 -14.74 5.46
C VAL TB 23 -134.42 -13.58 5.69
N LYS TB 24 -135.71 -13.77 5.40
CA LYS TB 24 -136.66 -12.68 5.53
C LYS TB 24 -136.71 -12.16 6.97
N THR TB 25 -136.70 -13.07 7.94
CA THR TB 25 -136.67 -12.64 9.34
C THR TB 25 -135.29 -12.17 9.75
N LEU TB 26 -134.24 -12.74 9.16
CA LEU TB 26 -132.88 -12.35 9.52
C LEU TB 26 -132.65 -10.87 9.24
N MET TB 27 -133.09 -10.40 8.08
CA MET TB 27 -132.85 -9.00 7.71
C MET TB 27 -133.75 -8.04 8.47
N ALA TB 28 -134.71 -8.54 9.23
CA ALA TB 28 -135.59 -7.70 10.04
C ALA TB 28 -135.29 -7.77 11.52
N THR TB 29 -134.36 -8.61 11.93
CA THR TB 29 -134.04 -8.76 13.35
C THR TB 29 -133.20 -7.58 13.82
N PRO TB 30 -133.50 -6.98 14.97
CA PRO TB 30 -132.63 -5.94 15.51
C PRO TB 30 -131.26 -6.49 15.88
N GLN TB 31 -130.27 -5.60 15.85
CA GLN TB 31 -128.89 -6.04 16.08
C GLN TB 31 -128.72 -6.67 17.46
N THR TB 32 -129.36 -6.10 18.47
CA THR TB 32 -129.25 -6.67 19.81
C THR TB 32 -129.82 -8.08 19.89
N GLU TB 33 -130.67 -8.47 18.95
CA GLU TB 33 -131.30 -9.78 18.95
C GLU TB 33 -130.66 -10.76 17.99
N ARG TB 34 -129.57 -10.38 17.34
CA ARG TB 34 -128.89 -11.25 16.38
C ARG TB 34 -127.72 -11.94 17.07
N GLY TB 35 -127.62 -13.26 16.87
CA GLY TB 35 -126.50 -14.02 17.36
C GLY TB 35 -125.28 -13.85 16.47
N PHE TB 36 -124.21 -14.54 16.84
CA PHE TB 36 -122.95 -14.38 16.14
C PHE TB 36 -123.08 -14.79 14.68
N VAL TB 37 -123.69 -15.95 14.41
CA VAL TB 37 -123.86 -16.39 13.03
C VAL TB 37 -124.86 -15.51 12.31
N GLU TB 38 -125.96 -15.16 12.97
CA GLU TB 38 -126.95 -14.30 12.34
C GLU TB 38 -126.36 -12.93 12.04
N ASP TB 39 -125.55 -12.39 12.96
CA ASP TB 39 -124.94 -11.09 12.73
C ASP TB 39 -123.91 -11.15 11.61
N TYR TB 40 -123.19 -12.25 11.48
CA TYR TB 40 -122.23 -12.37 10.39
C TYR TB 40 -122.94 -12.28 9.04
N TRP TB 41 -124.05 -13.01 8.89
CA TRP TB 41 -124.70 -13.08 7.60
C TRP TB 41 -125.59 -11.88 7.32
N TYR TB 42 -126.08 -11.20 8.36
CA TYR TB 42 -126.76 -9.93 8.15
C TYR TB 42 -125.81 -8.92 7.54
N ASN TB 43 -124.62 -8.78 8.12
CA ASN TB 43 -123.65 -7.81 7.63
C ASN TB 43 -123.15 -8.19 6.23
N ARG TB 44 -122.89 -9.47 6.01
CA ARG TB 44 -122.34 -9.88 4.71
C ARG TB 44 -123.37 -9.69 3.60
N ILE TB 45 -124.62 -10.07 3.84
CA ILE TB 45 -125.66 -9.90 2.83
C ILE TB 45 -125.89 -8.43 2.55
N ARG TB 46 -126.06 -7.63 3.60
CA ARG TB 46 -126.34 -6.21 3.40
C ARG TB 46 -125.11 -5.48 2.89
N GLY TB 47 -123.93 -5.80 3.43
CA GLY TB 47 -122.73 -5.13 2.99
C GLY TB 47 -122.38 -5.42 1.54
N GLU TB 48 -122.49 -6.67 1.13
CA GLU TB 48 -122.19 -7.01 -0.26
C GLU TB 48 -123.27 -6.53 -1.21
N ALA TB 49 -124.51 -6.35 -0.72
CA ALA TB 49 -125.55 -5.81 -1.58
C ALA TB 49 -125.24 -4.36 -1.97
N THR TB 50 -124.71 -3.57 -1.03
CA THR TB 50 -124.35 -2.20 -1.36
C THR TB 50 -123.04 -2.12 -2.15
N LEU TB 51 -122.09 -3.00 -1.86
CA LEU TB 51 -120.81 -2.93 -2.57
C LEU TB 51 -120.94 -3.41 -4.00
N LEU TB 52 -121.87 -4.33 -4.26
CA LEU TB 52 -122.07 -4.84 -5.61
C LEU TB 52 -123.09 -4.00 -6.40
N ASP TB 53 -123.28 -2.75 -6.00
CA ASP TB 53 -124.14 -1.81 -6.72
C ASP TB 53 -123.31 -0.57 -7.00
N PRO TB 54 -122.42 -0.63 -7.99
CA PRO TB 54 -121.44 0.46 -8.18
C PRO TB 54 -122.08 1.81 -8.41
N GLU TB 55 -123.20 1.87 -9.12
CA GLU TB 55 -123.77 3.15 -9.50
C GLU TB 55 -124.27 3.95 -8.31
N ALA TB 56 -124.48 3.31 -7.17
CA ALA TB 56 -124.99 4.01 -5.99
C ALA TB 56 -123.90 4.37 -4.98
N LEU TB 57 -122.73 3.73 -5.06
CA LEU TB 57 -121.67 4.00 -4.10
C LEU TB 57 -121.25 5.45 -4.05
N PRO TB 58 -120.97 6.14 -5.17
CA PRO TB 58 -120.47 7.51 -5.06
C PRO TB 58 -121.43 8.46 -4.37
N SER TB 59 -122.73 8.22 -4.45
CA SER TB 59 -123.71 9.08 -3.82
C SER TB 59 -124.02 8.68 -2.37
N LYS TB 60 -123.37 7.63 -1.85
CA LYS TB 60 -123.63 7.16 -0.51
C LYS TB 60 -122.59 7.72 0.44
N SER TB 61 -123.07 8.27 1.56
CA SER TB 61 -122.17 8.87 2.54
C SER TB 61 -121.40 7.79 3.30
N TYR TB 62 -120.26 8.20 3.85
CA TYR TB 62 -119.46 7.26 4.64
C TYR TB 62 -120.23 6.76 5.85
N ILE TB 63 -121.08 7.60 6.44
CA ILE TB 63 -121.91 7.15 7.55
C ILE TB 63 -122.84 6.05 7.10
N ALA TB 64 -123.47 6.21 5.94
CA ALA TB 64 -124.37 5.19 5.44
C ALA TB 64 -123.60 3.98 4.93
N LEU TB 65 -122.47 4.21 4.27
CA LEU TB 65 -121.67 3.10 3.76
C LEU TB 65 -121.14 2.23 4.89
N ALA TB 66 -120.66 2.86 5.97
CA ALA TB 66 -120.17 2.08 7.11
C ALA TB 66 -121.29 1.28 7.74
N ARG TB 67 -122.49 1.86 7.83
CA ARG TB 67 -123.62 1.13 8.39
C ARG TB 67 -123.94 -0.11 7.56
N ASP TB 68 -123.93 0.02 6.24
CA ASP TB 68 -124.28 -1.12 5.39
C ASP TB 68 -123.29 -2.26 5.56
N MET TB 69 -121.99 -1.95 5.64
CA MET TB 69 -120.99 -2.98 5.83
C MET TB 69 -120.91 -3.46 7.27
N GLY TB 70 -121.63 -2.82 8.19
CA GLY TB 70 -121.60 -3.24 9.57
C GLY TB 70 -120.42 -2.73 10.37
N LEU TB 71 -119.75 -1.69 9.90
CA LEU TB 71 -118.62 -1.12 10.61
C LEU TB 71 -119.09 0.00 11.52
N GLN TB 72 -118.56 0.02 12.74
CA GLN TB 72 -118.98 0.96 13.76
C GLN TB 72 -118.14 2.23 13.66
N ILE TB 73 -118.81 3.36 13.44
CA ILE TB 73 -118.14 4.66 13.50
C ILE TB 73 -117.59 4.85 14.90
N VAL TB 74 -116.31 5.22 14.99
CA VAL TB 74 -115.66 5.28 16.28
C VAL TB 74 -115.95 6.62 16.96
N ASP TB 75 -115.96 6.58 18.29
CA ASP TB 75 -116.13 7.76 19.14
C ASP TB 75 -115.35 7.52 20.42
N GLU TB 76 -115.15 8.58 21.20
CA GLU TB 76 -114.31 8.47 22.39
C GLU TB 76 -114.83 7.39 23.34
N PRO TB 77 -116.12 7.32 23.66
CA PRO TB 77 -116.59 6.22 24.52
C PRO TB 77 -116.21 4.85 24.01
N SER TB 78 -116.54 4.53 22.76
CA SER TB 78 -116.26 3.20 22.24
C SER TB 78 -114.77 2.96 22.08
N SER TB 79 -114.02 3.99 21.68
CA SER TB 79 -112.58 3.84 21.53
C SER TB 79 -111.93 3.48 22.86
N HIS TB 80 -112.34 4.17 23.93
CA HIS TB 80 -111.84 3.86 25.28
C HIS TB 80 -112.07 2.40 25.62
N MET TB 81 -113.29 1.92 25.43
CA MET TB 81 -113.63 0.54 25.79
C MET TB 81 -112.86 -0.45 24.93
N MET TB 82 -112.91 -0.29 23.61
CA MET TB 82 -112.18 -1.20 22.74
C MET TB 82 -110.69 -1.21 23.09
N GLY TB 83 -110.12 -0.04 23.32
CA GLY TB 83 -108.71 0.03 23.64
C GLY TB 83 -108.36 -0.73 24.91
N LEU TB 84 -109.16 -0.54 25.97
CA LEU TB 84 -108.91 -1.26 27.20
C LEU TB 84 -109.15 -2.75 27.04
N ILE TB 85 -110.08 -3.15 26.16
CA ILE TB 85 -110.26 -4.56 25.85
C ILE TB 85 -109.01 -5.13 25.23
N GLU TB 86 -108.48 -4.46 24.20
CA GLU TB 86 -107.30 -4.98 23.52
C GLU TB 86 -106.08 -4.95 24.43
N LEU TB 87 -106.02 -4.00 25.35
CA LEU TB 87 -104.92 -3.97 26.32
C LEU TB 87 -105.03 -5.14 27.28
N TYR TB 88 -106.24 -5.49 27.71
CA TYR TB 88 -106.40 -6.66 28.56
C TYR TB 88 -105.96 -7.92 27.84
N GLU TB 89 -106.38 -8.08 26.59
CA GLU TB 89 -106.03 -9.27 25.83
C GLU TB 89 -104.52 -9.37 25.61
N TYR TB 90 -103.88 -8.24 25.32
CA TYR TB 90 -102.44 -8.25 25.10
C TYR TB 90 -101.71 -8.70 26.36
N LEU TB 91 -102.14 -8.22 27.52
CA LEU TB 91 -101.47 -8.57 28.76
C LEU TB 91 -101.67 -10.03 29.15
N ARG TB 92 -102.54 -10.76 28.45
CA ARG TB 92 -102.71 -12.17 28.77
C ARG TB 92 -101.43 -12.96 28.53
N GLY TB 93 -100.72 -12.67 27.46
CA GLY TB 93 -99.47 -13.36 27.19
C GLY TB 93 -98.29 -12.44 26.93
N ALA TB 94 -98.29 -11.26 27.54
CA ALA TB 94 -97.22 -10.30 27.33
C ALA TB 94 -96.85 -9.66 28.67
N SER TB 95 -95.63 -9.14 28.72
CA SER TB 95 -95.14 -8.49 29.93
C SER TB 95 -95.85 -7.16 30.17
N PHE TB 96 -95.78 -6.71 31.41
CA PHE TB 96 -96.47 -5.50 31.87
C PHE TB 96 -95.40 -4.47 32.23
N VAL TB 97 -95.04 -3.63 31.26
CA VAL TB 97 -93.99 -2.65 31.42
C VAL TB 97 -94.50 -1.29 30.95
N GLY TB 98 -94.26 -0.26 31.75
CA GLY TB 98 -94.69 1.08 31.42
C GLY TB 98 -94.08 2.13 32.32
N PRO TB 99 -94.58 3.36 32.22
CA PRO TB 99 -94.03 4.45 33.02
C PRO TB 99 -94.36 4.30 34.50
N PHE TB 100 -93.53 4.94 35.32
CA PHE TB 100 -93.72 4.92 36.76
C PHE TB 100 -95.04 5.60 37.12
N GLY TB 101 -95.80 4.96 38.01
CA GLY TB 101 -97.13 5.44 38.36
C GLY TB 101 -97.09 6.49 39.46
N THR TB 102 -97.89 7.53 39.28
CA THR TB 102 -98.01 8.62 40.23
C THR TB 102 -99.49 8.91 40.47
N ILE TB 103 -99.76 9.81 41.41
CA ILE TB 103 -101.14 10.15 41.74
C ILE TB 103 -101.86 10.71 40.51
N GLU TB 104 -101.16 11.56 39.75
CA GLU TB 104 -101.78 12.13 38.56
C GLU TB 104 -102.11 11.04 37.53
N ASN TB 105 -101.21 10.09 37.35
CA ASN TB 105 -101.36 9.02 36.36
C ASN TB 105 -101.01 7.68 37.00
N PRO TB 106 -101.96 7.07 37.72
CA PRO TB 106 -101.69 5.76 38.32
C PRO TB 106 -101.43 4.70 37.27
N VAL TB 107 -100.67 3.67 37.67
CA VAL TB 107 -100.59 2.46 36.86
C VAL TB 107 -101.98 1.90 36.69
N LEU TB 108 -102.40 1.71 35.44
CA LEU TB 108 -103.73 1.21 35.14
C LEU TB 108 -103.68 -0.32 35.10
N VAL TB 109 -104.47 -0.95 35.97
CA VAL TB 109 -104.51 -2.40 36.08
C VAL TB 109 -105.88 -2.88 35.61
N PRO TB 110 -106.04 -3.26 34.34
CA PRO TB 110 -107.34 -3.73 33.89
C PRO TB 110 -107.72 -5.06 34.52
N ALA TB 111 -109.01 -5.21 34.78
CA ALA TB 111 -109.53 -6.44 35.37
C ALA TB 111 -111.00 -6.57 35.02
N VAL TB 112 -111.47 -7.82 34.98
CA VAL TB 112 -112.90 -8.08 34.82
C VAL TB 112 -113.58 -8.18 36.17
N GLY TB 113 -112.97 -8.88 37.12
CA GLY TB 113 -113.51 -9.00 38.46
C GLY TB 113 -113.28 -7.74 39.26
N GLN TB 114 -113.34 -7.89 40.58
CA GLN TB 114 -113.12 -6.80 41.50
C GLN TB 114 -111.71 -6.81 42.09
N GLU TB 115 -110.82 -7.65 41.57
CA GLU TB 115 -109.50 -7.79 42.15
C GLU TB 115 -108.57 -8.42 41.12
N ARG TB 116 -107.31 -8.01 41.16
CA ARG TB 116 -106.27 -8.62 40.34
C ARG TB 116 -104.94 -8.52 41.07
N VAL TB 117 -104.20 -9.63 41.12
CA VAL TB 117 -102.92 -9.66 41.80
C VAL TB 117 -101.90 -8.88 40.97
N VAL TB 118 -101.17 -7.98 41.63
CA VAL TB 118 -100.20 -7.12 40.98
C VAL TB 118 -98.92 -7.10 41.80
N ALA TB 119 -97.78 -6.97 41.12
CA ALA TB 119 -96.48 -6.86 41.75
C ALA TB 119 -95.84 -5.53 41.37
N CYS TB 120 -95.23 -4.88 42.34
CA CYS TB 120 -94.45 -3.67 42.10
C CYS TB 120 -92.97 -4.01 42.14
N THR TB 121 -92.26 -3.64 41.07
CA THR TB 121 -90.81 -3.82 41.00
C THR TB 121 -90.05 -2.52 41.20
N GLY TB 122 -90.73 -1.44 41.55
CA GLY TB 122 -90.07 -0.17 41.76
C GLY TB 122 -89.79 0.57 40.46
N GLY TB 123 -88.83 1.49 40.53
CA GLY TB 123 -88.44 2.29 39.40
C GLY TB 123 -87.41 1.61 38.51
N VAL TB 124 -86.72 2.44 37.70
CA VAL TB 124 -85.70 1.95 36.77
C VAL TB 124 -84.34 2.01 37.42
N GLY TB 125 -83.49 1.04 37.08
CA GLY TB 125 -82.12 1.01 37.56
C GLY TB 125 -81.96 0.66 39.02
N ASP TB 126 -81.33 1.55 39.79
CA ASP TB 126 -81.15 1.33 41.21
C ASP TB 126 -82.45 1.52 42.00
N GLU TB 127 -83.44 2.18 41.41
CA GLU TB 127 -84.74 2.34 42.05
C GLU TB 127 -85.62 1.10 41.92
N GLU TB 128 -85.18 0.09 41.18
CA GLU TB 128 -85.89 -1.18 41.11
C GLU TB 128 -85.67 -1.98 42.39
N HIS TB 129 -86.76 -2.51 42.96
CA HIS TB 129 -86.70 -3.34 44.15
C HIS TB 129 -87.29 -4.72 43.85
N PHE TB 130 -87.17 -5.61 44.84
CA PHE TB 130 -87.70 -6.95 44.73
C PHE TB 130 -89.21 -6.91 44.57
N THR TB 131 -89.76 -7.92 43.88
CA THR TB 131 -91.19 -7.96 43.62
C THR TB 131 -91.98 -7.93 44.93
N LEU TB 132 -92.86 -6.95 45.06
CA LEU TB 132 -93.77 -6.84 46.19
C LEU TB 132 -95.18 -7.07 45.67
N TRP TB 133 -95.74 -8.24 45.97
CA TRP TB 133 -97.04 -8.62 45.46
C TRP TB 133 -98.14 -8.09 46.37
N PHE TB 134 -99.22 -7.59 45.75
CA PHE TB 134 -100.37 -7.11 46.48
C PHE TB 134 -101.63 -7.39 45.67
N ARG TB 135 -102.76 -7.45 46.35
CA ARG TB 135 -104.06 -7.69 45.73
C ARG TB 135 -104.73 -6.34 45.47
N CYS TB 136 -104.89 -6.01 44.19
CA CYS TB 136 -105.43 -4.71 43.78
C CYS TB 136 -106.94 -4.83 43.71
N ARG TB 137 -107.62 -4.34 44.74
CA ARG TB 137 -109.07 -4.36 44.80
C ARG TB 137 -109.62 -3.01 44.36
N GLU TB 138 -110.80 -3.04 43.74
CA GLU TB 138 -111.38 -1.84 43.15
C GLU TB 138 -111.72 -0.83 44.24
N GLY TB 139 -111.68 0.45 43.85
CA GLY TB 139 -112.10 1.52 44.72
C GLY TB 139 -111.06 2.01 45.70
N PHE TB 140 -109.80 1.60 45.56
CA PHE TB 140 -108.73 2.06 46.42
C PHE TB 140 -107.53 2.47 45.57
N MET TB 141 -106.94 3.61 45.91
CA MET TB 141 -105.73 4.10 45.24
C MET TB 141 -104.53 3.55 46.00
N TYR TB 142 -103.91 2.51 45.46
CA TYR TB 142 -102.87 1.80 46.17
C TYR TB 142 -101.52 2.50 46.02
N ARG TB 143 -100.74 2.45 47.10
CA ARG TB 143 -99.41 3.03 47.15
C ARG TB 143 -98.44 1.97 47.62
N CYS TB 144 -97.41 1.70 46.82
CA CYS TB 144 -96.39 0.75 47.24
C CYS TB 144 -95.73 1.23 48.52
N GLY TB 145 -95.57 0.33 49.48
CA GLY TB 145 -94.93 0.68 50.73
C GLY TB 145 -93.46 0.99 50.61
N GLU TB 146 -92.84 0.64 49.48
CA GLU TB 146 -91.40 0.78 49.31
C GLU TB 146 -91.00 1.97 48.44
N CYS TB 147 -91.56 2.06 47.23
CA CYS TB 147 -91.21 3.11 46.30
C CYS TB 147 -92.30 4.17 46.15
N ASP TB 148 -93.44 3.99 46.80
CA ASP TB 148 -94.56 4.93 46.71
C ASP TB 148 -95.13 5.01 45.30
N GLN TB 149 -95.06 3.92 44.54
CA GLN TB 149 -95.67 3.89 43.22
C GLN TB 149 -97.18 3.72 43.37
N ILE TB 150 -97.94 4.58 42.71
CA ILE TB 150 -99.39 4.58 42.83
C ILE TB 150 -99.97 3.63 41.79
N PHE TB 151 -100.93 2.81 42.22
CA PHE TB 151 -101.64 1.87 41.36
C PHE TB 151 -103.14 2.12 41.46
N MET TB 152 -103.85 1.67 40.43
CA MET TB 152 -105.31 1.77 40.40
C MET TB 152 -105.87 0.67 39.53
N LEU TB 153 -107.02 0.15 39.93
CA LEU TB 153 -107.70 -0.92 39.20
C LEU TB 153 -108.75 -0.31 38.28
N VAL TB 154 -108.75 -0.74 37.02
CA VAL TB 154 -109.75 -0.34 36.04
C VAL TB 154 -110.57 -1.58 35.70
N ARG TB 155 -111.88 -1.47 35.86
CA ARG TB 155 -112.79 -2.59 35.64
C ARG TB 155 -113.50 -2.44 34.30
N LEU TB 156 -113.48 -3.52 33.51
CA LEU TB 156 -114.19 -3.57 32.24
C LEU TB 156 -115.61 -4.07 32.49
N TYR TB 157 -116.42 -3.19 33.08
CA TYR TB 157 -117.78 -3.53 33.50
C TYR TB 157 -118.76 -2.53 32.92
N TYR TB 158 -119.86 -3.04 32.35
CA TYR TB 158 -120.94 -2.19 31.85
C TYR TB 158 -122.27 -2.92 32.00
N GLU TB 159 -123.14 -2.40 32.86
CA GLU TB 159 -124.53 -2.87 32.98
C GLU TB 159 -124.61 -4.38 33.11
N ASP TB 160 -124.10 -4.87 34.23
CA ASP TB 160 -124.13 -6.29 34.59
C ASP TB 160 -123.38 -7.17 33.59
N ARG TB 161 -122.50 -6.57 32.80
CA ARG TB 161 -121.73 -7.31 31.81
C ARG TB 161 -120.33 -6.74 31.78
N TYR TB 162 -119.38 -7.55 31.31
CA TYR TB 162 -118.03 -7.06 31.08
C TYR TB 162 -117.94 -6.53 29.65
N TRP TB 163 -116.80 -5.92 29.32
CA TRP TB 163 -116.64 -5.27 28.03
C TRP TB 163 -116.17 -6.28 26.99
N THR TB 164 -116.91 -6.37 25.89
CA THR TB 164 -116.54 -7.19 24.75
C THR TB 164 -116.81 -6.41 23.48
N GLN TB 165 -116.20 -6.84 22.37
CA GLN TB 165 -116.46 -6.20 21.09
C GLN TB 165 -117.94 -6.24 20.76
N THR TB 166 -118.60 -7.36 21.07
CA THR TB 166 -120.03 -7.48 20.83
C THR TB 166 -120.82 -6.51 21.69
N LEU TB 167 -120.43 -6.35 22.96
CA LEU TB 167 -121.12 -5.41 23.84
C LEU TB 167 -120.94 -3.98 23.37
N VAL TB 168 -119.73 -3.62 22.93
CA VAL TB 168 -119.47 -2.27 22.47
C VAL TB 168 -120.28 -1.97 21.22
N ARG TB 169 -120.36 -2.94 20.31
CA ARG TB 169 -121.13 -2.74 19.07
C ARG TB 169 -122.62 -2.61 19.37
N ASP TB 170 -123.13 -3.39 20.31
CA ASP TB 170 -124.56 -3.33 20.61
C ASP TB 170 -124.93 -2.03 21.32
N THR TB 171 -124.07 -1.55 22.22
CA THR TB 171 -124.41 -0.39 23.03
C THR TB 171 -124.36 0.90 22.24
N PHE TB 172 -123.43 1.03 21.29
CA PHE TB 172 -123.19 2.29 20.62
C PHE TB 172 -123.70 2.33 19.18
N MET TB 173 -123.75 1.20 18.48
CA MET TB 173 -124.27 1.20 17.12
C MET TB 173 -125.79 1.26 17.12
N SER TB 174 -126.35 2.04 16.19
CA SER TB 174 -127.79 2.21 16.07
C SER TB 174 -128.25 1.67 14.73
N ASP TB 175 -129.27 0.81 14.77
CA ASP TB 175 -129.82 0.26 13.54
C ASP TB 175 -130.41 1.36 12.68
N GLY TB 176 -130.08 1.34 11.40
CA GLY TB 176 -130.57 2.32 10.45
C GLY TB 176 -131.90 1.92 9.85
N ASP TB 177 -132.16 2.43 8.65
CA ASP TB 177 -133.38 2.05 7.96
C ASP TB 177 -133.41 0.55 7.71
N MET TB 178 -134.58 -0.05 7.87
CA MET TB 178 -134.70 -1.49 7.72
C MET TB 178 -134.26 -1.90 6.32
N PHE TB 179 -133.50 -2.99 6.25
CA PHE TB 179 -133.02 -3.47 4.96
C PHE TB 179 -134.19 -3.84 4.08
N ASP TB 180 -134.13 -3.42 2.82
CA ASP TB 180 -135.19 -3.67 1.84
C ASP TB 180 -134.81 -4.88 1.01
N LEU TB 181 -135.69 -5.88 0.98
CA LEU TB 181 -135.43 -7.08 0.20
C LEU TB 181 -135.43 -6.81 -1.29
N LYS TB 182 -136.03 -5.71 -1.73
CA LYS TB 182 -135.98 -5.37 -3.16
C LYS TB 182 -134.55 -5.12 -3.61
N THR TB 183 -133.74 -4.51 -2.74
CA THR TB 183 -132.33 -4.31 -3.07
C THR TB 183 -131.62 -5.64 -3.27
N LEU TB 184 -131.92 -6.61 -2.41
CA LEU TB 184 -131.31 -7.93 -2.57
C LEU TB 184 -131.66 -8.54 -3.91
N GLU TB 185 -132.94 -8.47 -4.29
CA GLU TB 185 -133.36 -9.03 -5.58
C GLU TB 185 -132.73 -8.26 -6.74
N ARG TB 186 -132.69 -6.93 -6.65
CA ARG TB 186 -132.17 -6.12 -7.74
C ARG TB 186 -130.70 -6.43 -7.99
N VAL TB 187 -129.90 -6.48 -6.93
CA VAL TB 187 -128.49 -6.81 -7.07
C VAL TB 187 -128.33 -8.26 -7.51
N HIS TB 188 -129.20 -9.15 -7.04
CA HIS TB 188 -129.14 -10.54 -7.43
C HIS TB 188 -129.24 -10.69 -8.94
N LYS TB 189 -130.24 -10.04 -9.55
CA LYS TB 189 -130.39 -10.11 -11.00
C LYS TB 189 -129.23 -9.42 -11.72
N MET TB 190 -128.55 -8.48 -11.07
CA MET TB 190 -127.44 -7.79 -11.69
C MET TB 190 -126.27 -8.73 -11.95
N TRP TB 191 -125.86 -9.50 -10.94
CA TRP TB 191 -124.67 -10.33 -11.03
C TRP TB 191 -124.95 -11.81 -11.26
N ASN TB 192 -126.22 -12.23 -11.22
CA ASN TB 192 -126.60 -13.63 -11.43
C ASN TB 192 -127.61 -13.71 -12.57
N LYS TB 193 -127.19 -14.26 -13.72
CA LYS TB 193 -128.06 -14.41 -14.89
C LYS TB 193 -127.59 -15.57 -15.75
N ASP TB 194 -128.54 -16.26 -16.38
CA ASP TB 194 -128.27 -17.27 -17.41
C ASP TB 194 -127.24 -18.30 -16.96
N GLU TB 195 -127.38 -18.80 -15.74
CA GLU TB 195 -126.55 -19.86 -15.17
C GLU TB 195 -125.19 -19.34 -14.69
N MET TB 196 -124.95 -18.04 -14.74
CA MET TB 196 -123.73 -17.44 -14.19
C MET TB 196 -124.11 -16.77 -12.87
N VAL TB 197 -123.45 -17.18 -11.79
CA VAL TB 197 -123.67 -16.61 -10.47
C VAL TB 197 -122.39 -15.91 -10.04
N ARG TB 198 -122.40 -14.57 -10.09
CA ARG TB 198 -121.28 -13.77 -9.64
C ARG TB 198 -121.54 -13.14 -8.29
N TRP TB 199 -122.67 -13.51 -7.64
CA TRP TB 199 -122.94 -13.19 -6.24
C TRP TB 199 -123.57 -14.45 -5.63
N GLU TB 200 -122.71 -15.39 -5.25
CA GLU TB 200 -123.18 -16.67 -4.70
C GLU TB 200 -124.02 -16.47 -3.44
N VAL TB 201 -123.60 -15.57 -2.57
CA VAL TB 201 -124.32 -15.30 -1.33
C VAL TB 201 -125.71 -14.76 -1.61
N GLY TB 202 -125.83 -13.91 -2.64
CA GLY TB 202 -127.13 -13.37 -3.02
C GLY TB 202 -128.00 -14.33 -3.80
N TYR TB 203 -127.40 -15.36 -4.42
CA TYR TB 203 -128.18 -16.42 -5.04
C TYR TB 203 -128.78 -17.33 -3.98
N TRP TB 204 -127.99 -17.69 -2.97
CA TRP TB 204 -128.51 -18.47 -1.85
C TRP TB 204 -129.52 -17.67 -1.05
N ALA TB 205 -129.22 -16.39 -0.79
CA ALA TB 205 -130.12 -15.56 0.01
C ALA TB 205 -131.46 -15.35 -0.68
N GLN TB 206 -131.44 -15.10 -1.99
CA GLN TB 206 -132.68 -14.93 -2.73
C GLN TB 206 -133.46 -16.24 -2.76
N ASP TB 207 -132.77 -17.37 -2.86
CA ASP TB 207 -133.44 -18.66 -2.86
C ASP TB 207 -134.22 -18.86 -1.56
N TYR TB 208 -133.60 -18.53 -0.42
CA TYR TB 208 -134.28 -18.68 0.86
C TYR TB 208 -135.49 -17.76 0.97
N VAL TB 209 -135.36 -16.51 0.50
CA VAL TB 209 -136.50 -15.60 0.51
C VAL TB 209 -137.61 -16.16 -0.35
N LEU TB 210 -137.25 -16.83 -1.45
CA LEU TB 210 -138.23 -17.49 -2.31
C LEU TB 210 -138.79 -18.76 -1.68
N GLY TB 211 -138.14 -19.31 -0.67
CA GLY TB 211 -138.64 -20.47 0.02
C GLY TB 211 -137.74 -21.71 -0.03
N LYS TB 212 -136.52 -21.59 -0.57
CA LYS TB 212 -135.61 -22.74 -0.63
C LYS TB 212 -135.92 -23.80 -1.67
N GLY TB 213 -135.22 -23.73 -2.80
CA GLY TB 213 -135.29 -24.71 -3.86
C GLY TB 213 -135.87 -24.14 -5.12
N VAL TB 214 -136.12 -22.84 -5.14
CA VAL TB 214 -136.83 -22.17 -6.21
C VAL TB 214 -135.91 -21.87 -7.38
N LEU TB 215 -134.70 -21.36 -7.09
CA LEU TB 215 -133.78 -20.95 -8.14
C LEU TB 215 -133.11 -22.16 -8.79
N PRO TB 216 -132.70 -22.05 -10.04
CA PRO TB 216 -132.10 -23.19 -10.74
C PRO TB 216 -130.88 -23.72 -10.01
N GLY TB 217 -130.78 -25.05 -9.95
CA GLY TB 217 -129.62 -25.71 -9.37
C GLY TB 217 -129.57 -25.68 -7.86
N MET TB 218 -130.53 -25.02 -7.20
CA MET TB 218 -130.46 -24.89 -5.75
C MET TB 218 -130.95 -26.14 -5.03
N VAL TB 219 -131.93 -26.85 -5.60
CA VAL TB 219 -132.32 -28.13 -5.02
C VAL TB 219 -131.14 -29.09 -5.04
N GLU TB 220 -130.40 -29.11 -6.15
CA GLU TB 220 -129.23 -29.96 -6.26
C GLU TB 220 -128.12 -29.51 -5.31
N GLU TB 221 -128.06 -28.21 -5.05
CA GLU TB 221 -127.05 -27.69 -4.12
C GLU TB 221 -127.38 -28.08 -2.68
N HIS TB 222 -128.66 -28.15 -2.33
CA HIS TB 222 -129.08 -28.47 -0.98
C HIS TB 222 -129.20 -29.97 -0.72
N THR TB 223 -129.15 -30.82 -1.76
CA THR TB 223 -129.24 -32.27 -1.58
C THR TB 223 -127.89 -32.82 -1.20
N ARG TB 224 -127.74 -33.30 0.04
CA ARG TB 224 -126.52 -33.89 0.55
C ARG TB 224 -126.74 -35.37 0.82
N VAL TB 225 -125.65 -36.11 1.02
CA VAL TB 225 -125.71 -37.57 1.13
C VAL TB 225 -125.38 -38.07 2.53
N ASN TB 226 -124.77 -37.26 3.37
CA ASN TB 226 -124.41 -37.67 4.73
C ASN TB 226 -124.58 -36.48 5.67
N ILE UB 1 -76.49 -3.41 44.38
CA ILE UB 1 -77.37 -3.83 45.47
C ILE UB 1 -78.45 -2.76 45.68
N TYR UB 2 -79.58 -3.17 46.22
CA TYR UB 2 -80.68 -2.23 46.49
C TYR UB 2 -80.46 -1.53 47.82
N GLU UB 3 -80.57 -0.21 47.82
CA GLU UB 3 -80.37 0.58 49.02
C GLU UB 3 -81.46 1.63 49.19
N GLY UB 4 -82.66 1.34 48.70
CA GLY UB 4 -83.76 2.27 48.76
C GLY UB 4 -83.78 3.22 47.58
N GLN UB 5 -84.86 3.98 47.49
CA GLN UB 5 -85.00 4.99 46.45
C GLN UB 5 -84.12 6.19 46.75
N THR UB 6 -83.60 6.82 45.69
CA THR UB 6 -82.75 7.99 45.85
C THR UB 6 -83.61 9.21 46.17
N VAL UB 7 -83.10 10.07 47.05
CA VAL UB 7 -83.82 11.25 47.51
C VAL UB 7 -82.97 12.49 47.22
N GLN UB 8 -83.61 13.51 46.64
CA GLN UB 8 -82.99 14.81 46.47
C GLN UB 8 -83.38 15.71 47.64
N GLU UB 9 -82.46 16.56 48.08
CA GLU UB 9 -82.71 17.38 49.26
C GLU UB 9 -83.97 18.22 49.09
N SER UB 10 -84.27 18.65 47.87
CA SER UB 10 -85.45 19.47 47.62
C SER UB 10 -86.73 18.74 48.04
N GLU UB 11 -86.74 17.42 47.93
CA GLU UB 11 -87.90 16.61 48.27
C GLU UB 11 -88.06 16.40 49.76
N LEU UB 12 -87.06 16.77 50.56
CA LEU UB 12 -87.11 16.63 52.01
C LEU UB 12 -87.52 17.93 52.69
N ILE UB 13 -87.89 18.95 51.93
CA ILE UB 13 -88.20 20.26 52.48
C ILE UB 13 -89.70 20.33 52.77
N PRO UB 14 -90.11 20.59 54.01
CA PRO UB 14 -91.53 20.60 54.33
C PRO UB 14 -92.23 21.87 53.85
N GLN UB 15 -93.55 21.77 53.72
CA GLN UB 15 -94.37 22.94 53.41
C GLN UB 15 -94.90 23.63 54.67
N GLU UB 16 -94.68 23.03 55.84
CA GLU UB 16 -95.02 23.65 57.11
C GLU UB 16 -93.97 23.25 58.13
N ASP UB 17 -93.79 24.10 59.14
CA ASP UB 17 -92.78 23.84 60.16
C ASP UB 17 -93.22 22.80 61.18
N ASP UB 18 -94.49 22.43 61.19
CA ASP UB 18 -95.00 21.46 62.14
C ASP UB 18 -95.10 20.05 61.57
N TRP UB 19 -94.71 19.85 60.32
CA TRP UB 19 -94.79 18.52 59.73
C TRP UB 19 -93.87 17.56 60.48
N VAL UB 20 -94.43 16.43 60.89
CA VAL UB 20 -93.69 15.31 61.44
C VAL UB 20 -94.11 14.05 60.70
N ILE UB 21 -93.54 12.93 61.09
CA ILE UB 21 -93.82 11.66 60.41
C ILE UB 21 -95.16 11.13 60.91
N GLU UB 22 -96.04 10.81 59.97
CA GLU UB 22 -97.39 10.36 60.32
C GLU UB 22 -97.33 9.10 61.16
N GLU UB 23 -98.07 9.10 62.28
CA GLU UB 23 -98.10 7.98 63.21
C GLU UB 23 -99.38 7.19 62.98
N THR UB 24 -99.37 6.41 61.91
CA THR UB 24 -100.48 5.51 61.59
C THR UB 24 -100.06 4.10 61.94
N ASN UB 25 -100.95 3.38 62.63
CA ASN UB 25 -100.66 2.02 63.06
C ASN UB 25 -100.77 1.08 61.86
N PHE UB 26 -99.70 0.32 61.60
CA PHE UB 26 -99.70 -0.68 60.55
C PHE UB 26 -99.90 -2.08 61.09
N CYS UB 27 -100.23 -2.22 62.37
CA CYS UB 27 -100.77 -3.47 62.88
C CYS UB 27 -102.23 -3.58 62.46
N LEU UB 28 -102.56 -4.63 61.72
CA LEU UB 28 -103.91 -4.73 61.16
C LEU UB 28 -104.96 -4.90 62.23
N GLY UB 29 -104.65 -5.58 63.32
CA GLY UB 29 -105.57 -5.76 64.41
C GLY UB 29 -105.26 -7.02 65.17
N ARG UB 30 -106.17 -7.37 66.08
CA ARG UB 30 -106.05 -8.58 66.88
C ARG UB 30 -106.82 -9.70 66.19
N ASN UB 31 -106.15 -10.83 65.98
CA ASN UB 31 -106.74 -11.96 65.29
C ASN UB 31 -106.45 -13.26 66.02
N CYS UB 32 -107.08 -14.32 65.55
CA CYS UB 32 -106.96 -15.66 66.10
C CYS UB 32 -107.48 -16.62 65.04
N TYR UB 33 -107.76 -17.86 65.42
CA TYR UB 33 -108.48 -18.76 64.53
C TYR UB 33 -109.75 -18.09 64.03
N VAL UB 34 -110.01 -18.20 62.73
CA VAL UB 34 -111.30 -17.73 62.21
C VAL UB 34 -112.40 -18.53 62.90
N ARG UB 35 -113.37 -17.81 63.45
CA ARG UB 35 -114.42 -18.42 64.25
C ARG UB 35 -115.72 -18.42 63.45
N PHE UB 36 -116.14 -19.61 63.03
CA PHE UB 36 -117.37 -19.76 62.28
C PHE UB 36 -118.56 -19.87 63.22
N ARG UB 37 -119.69 -19.31 62.79
CA ARG UB 37 -120.95 -19.50 63.48
C ARG UB 37 -121.49 -20.89 63.21
N GLU UB 38 -122.11 -21.50 64.23
CA GLU UB 38 -122.74 -22.80 64.02
C GLU UB 38 -123.89 -22.70 63.03
N GLU UB 39 -124.66 -21.61 63.09
CA GLU UB 39 -125.82 -21.47 62.23
C GLU UB 39 -125.44 -21.45 60.76
N ASP UB 40 -124.27 -20.92 60.42
CA ASP UB 40 -123.87 -20.82 59.03
C ASP UB 40 -123.64 -22.20 58.44
N ASP UB 41 -124.10 -22.38 57.20
CA ASP UB 41 -123.90 -23.62 56.48
C ASP UB 41 -122.58 -23.55 55.70
N LEU UB 42 -122.32 -24.55 54.88
CA LEU UB 42 -121.05 -24.61 54.16
C LEU UB 42 -120.87 -23.40 53.27
N ALA UB 43 -121.92 -22.98 52.56
CA ALA UB 43 -121.83 -21.83 51.70
C ALA UB 43 -121.56 -20.56 52.48
N ARG UB 44 -122.27 -20.36 53.59
CA ARG UB 44 -122.11 -19.15 54.38
C ARG UB 44 -120.82 -19.14 55.19
N ARG UB 45 -120.28 -20.31 55.52
CA ARG UB 45 -118.96 -20.35 56.14
C ARG UB 45 -117.87 -20.02 55.13
N ALA UB 46 -118.08 -20.36 53.85
CA ALA UB 46 -117.15 -19.96 52.81
C ALA UB 46 -117.10 -18.44 52.69
N LEU UB 47 -118.26 -17.79 52.73
CA LEU UB 47 -118.29 -16.33 52.69
C LEU UB 47 -117.57 -15.74 53.89
N HIS UB 48 -117.75 -16.34 55.06
CA HIS UB 48 -117.06 -15.88 56.26
C HIS UB 48 -115.56 -15.95 56.09
N GLN UB 49 -115.06 -17.06 55.57
CA GLN UB 49 -113.63 -17.21 55.37
C GLN UB 49 -113.09 -16.19 54.39
N MET UB 50 -113.84 -15.92 53.32
CA MET UB 50 -113.41 -14.95 52.33
C MET UB 50 -113.38 -13.53 52.88
N ASP UB 51 -114.12 -13.25 53.94
CA ASP UB 51 -114.14 -11.92 54.54
C ASP UB 51 -113.10 -11.75 55.64
N SER UB 52 -112.30 -12.77 55.93
CA SER UB 52 -111.28 -12.71 56.97
C SER UB 52 -109.87 -12.75 56.40
N GLN UB 53 -109.71 -12.41 55.11
CA GLN UB 53 -108.42 -12.50 54.46
C GLN UB 53 -107.56 -11.29 54.84
N LEU UB 54 -106.39 -11.55 55.43
CA LEU UB 54 -105.49 -10.46 55.77
C LEU UB 54 -104.91 -9.80 54.53
N ASN UB 55 -104.73 -10.56 53.45
CA ASN UB 55 -104.14 -10.01 52.24
C ASN UB 55 -105.10 -9.10 51.48
N LYS UB 56 -106.36 -9.02 51.90
CA LYS UB 56 -107.29 -8.03 51.37
C LYS UB 56 -107.34 -6.76 52.21
N MET UB 57 -106.53 -6.68 53.26
CA MET UB 57 -106.53 -5.53 54.15
C MET UB 57 -105.45 -4.53 53.76
N HIS UB 58 -105.61 -3.31 54.24
CA HIS UB 58 -104.68 -2.24 53.91
C HIS UB 58 -104.73 -1.21 55.02
N THR UB 59 -103.84 -0.22 54.90
CA THR UB 59 -103.79 0.93 55.81
C THR UB 59 -103.95 2.19 54.98
N ARG UB 60 -104.92 3.02 55.33
CA ARG UB 60 -105.18 4.25 54.61
C ARG UB 60 -104.34 5.38 55.20
N LEU UB 61 -103.63 6.10 54.34
CA LEU UB 61 -102.77 7.19 54.76
C LEU UB 61 -103.56 8.49 54.82
N ARG UB 62 -102.89 9.55 55.26
CA ARG UB 62 -103.57 10.82 55.48
C ARG UB 62 -104.12 11.41 54.18
N ASP UB 63 -103.58 11.04 53.02
CA ASP UB 63 -104.02 11.58 51.75
C ASP UB 63 -105.01 10.68 51.02
N GLY UB 64 -105.45 9.59 51.65
CA GLY UB 64 -106.47 8.74 51.08
C GLY UB 64 -105.97 7.54 50.32
N THR UB 65 -104.68 7.50 49.98
CA THR UB 65 -104.10 6.30 49.40
C THR UB 65 -103.87 5.26 50.49
N VAL UB 66 -103.89 3.99 50.09
CA VAL UB 66 -103.79 2.89 51.03
C VAL UB 66 -102.57 2.05 50.66
N ILE UB 67 -101.79 1.69 51.67
CA ILE UB 67 -100.66 0.77 51.50
C ILE UB 67 -101.19 -0.65 51.76
N PRO UB 68 -101.18 -1.53 50.77
CA PRO UB 68 -101.79 -2.84 50.94
C PRO UB 68 -100.88 -3.82 51.66
N TYR UB 69 -101.47 -4.91 52.10
CA TYR UB 69 -100.73 -6.10 52.49
C TYR UB 69 -99.87 -6.53 51.31
N MET UB 70 -98.56 -6.61 51.53
CA MET UB 70 -97.62 -6.94 50.47
C MET UB 70 -96.75 -8.12 50.91
N SER UB 71 -96.24 -8.84 49.92
CA SER UB 71 -95.40 -10.00 50.18
C SER UB 71 -94.33 -10.09 49.12
N PHE UB 72 -93.20 -10.73 49.47
CA PHE UB 72 -92.12 -10.92 48.51
C PHE UB 72 -92.52 -11.90 47.42
N HIS UB 73 -93.38 -12.87 47.74
CA HIS UB 73 -93.74 -13.92 46.81
C HIS UB 73 -95.25 -13.96 46.63
N PRO UB 74 -95.73 -14.47 45.50
CA PRO UB 74 -97.19 -14.53 45.27
C PRO UB 74 -97.89 -15.63 46.03
N ASP UB 75 -97.17 -16.42 46.84
CA ASP UB 75 -97.83 -17.47 47.61
C ASP UB 75 -98.78 -16.89 48.65
N GLU UB 76 -98.52 -15.67 49.10
CA GLU UB 76 -99.35 -15.02 50.11
C GLU UB 76 -100.50 -14.22 49.51
N MET UB 77 -100.70 -14.31 48.19
CA MET UB 77 -101.73 -13.55 47.51
C MET UB 77 -103.01 -14.33 47.24
N VAL UB 78 -103.00 -15.65 47.39
CA VAL UB 78 -104.20 -16.43 47.19
C VAL UB 78 -104.99 -16.47 48.48
N ASP UB 79 -106.28 -16.75 48.37
CA ASP UB 79 -107.12 -16.89 49.55
C ASP UB 79 -106.62 -18.03 50.42
N ARG UB 80 -106.76 -17.87 51.73
CA ARG UB 80 -106.30 -18.86 52.69
C ARG UB 80 -107.51 -19.49 53.35
N PRO UB 81 -107.72 -20.82 53.23
CA PRO UB 81 -106.90 -21.79 52.49
C PRO UB 81 -107.02 -21.64 50.98
N ALA UB 82 -106.06 -22.20 50.26
CA ALA UB 82 -105.99 -21.99 48.83
C ALA UB 82 -107.23 -22.56 48.14
N PRO UB 83 -107.91 -21.79 47.29
CA PRO UB 83 -109.04 -22.33 46.54
C PRO UB 83 -108.56 -23.21 45.38
N ILE UB 84 -109.51 -23.91 44.78
CA ILE UB 84 -109.19 -24.84 43.71
C ILE UB 84 -108.57 -24.10 42.53
N HIS UB 85 -109.15 -22.97 42.14
CA HIS UB 85 -108.68 -22.17 41.01
C HIS UB 85 -108.29 -20.79 41.53
N THR UB 86 -106.99 -20.48 41.49
CA THR UB 86 -106.50 -19.26 42.11
C THR UB 86 -106.35 -18.08 41.18
N PHE UB 87 -105.43 -18.16 40.22
CA PHE UB 87 -105.06 -17.00 39.39
C PHE UB 87 -105.79 -17.06 38.06
N SER UB 88 -107.10 -16.86 38.11
CA SER UB 88 -107.89 -16.85 36.88
C SER UB 88 -107.47 -15.70 35.98
N GLU UB 89 -107.37 -14.50 36.53
CA GLU UB 89 -106.81 -13.36 35.82
C GLU UB 89 -105.32 -13.32 36.11
N LYS UB 90 -104.51 -13.37 35.04
CA LYS UB 90 -103.08 -13.53 35.22
C LYS UB 90 -102.53 -12.42 36.10
N PRO UB 91 -101.83 -12.73 37.18
CA PRO UB 91 -101.19 -11.67 37.98
C PRO UB 91 -100.21 -10.88 37.13
N LEU UB 92 -100.24 -9.57 37.30
CA LEU UB 92 -99.45 -8.67 36.48
C LEU UB 92 -98.23 -8.19 37.25
N LEU UB 93 -97.06 -8.54 36.75
CA LEU UB 93 -95.79 -8.04 37.29
C LEU UB 93 -95.45 -6.77 36.52
N LYS UB 94 -95.48 -5.63 37.20
CA LYS UB 94 -95.29 -4.33 36.57
C LYS UB 94 -93.80 -3.99 36.54
N TRP UB 95 -93.27 -3.84 35.33
CA TRP UB 95 -91.92 -3.35 35.11
C TRP UB 95 -91.97 -1.88 34.72
N THR UB 96 -90.93 -1.15 35.09
CA THR UB 96 -90.86 0.28 34.80
C THR UB 96 -89.67 0.57 33.89
N TRP UB 97 -89.88 1.45 32.91
CA TRP UB 97 -88.81 1.93 32.05
C TRP UB 97 -89.10 3.38 31.69
N ASP UB 98 -88.11 4.02 31.07
CA ASP UB 98 -88.21 5.42 30.69
C ASP UB 98 -88.69 5.62 29.26
N GLU UB 99 -88.96 4.55 28.52
CA GLU UB 99 -89.39 4.69 27.14
C GLU UB 99 -90.82 5.20 27.08
N THR UB 100 -91.08 6.02 26.06
CA THR UB 100 -92.41 6.57 25.83
C THR UB 100 -92.62 6.72 24.33
N TYR UB 101 -93.89 6.80 23.94
CA TYR UB 101 -94.28 7.02 22.55
C TYR UB 101 -95.31 8.14 22.48
N GLU UB 102 -95.32 8.84 21.35
CA GLU UB 102 -96.11 10.06 21.23
C GLU UB 102 -97.61 9.77 21.28
N GLU UB 103 -98.04 8.61 20.81
CA GLU UB 103 -99.47 8.34 20.72
C GLU UB 103 -100.15 8.44 22.08
N ALA UB 104 -99.41 8.19 23.16
CA ALA UB 104 -100.02 8.19 24.49
C ALA UB 104 -100.36 9.59 24.97
N TYR UB 105 -99.77 10.63 24.39
CA TYR UB 105 -99.95 11.99 24.85
C TYR UB 105 -100.84 12.78 23.89
N ASP UB 106 -101.36 13.89 24.39
CA ASP UB 106 -102.13 14.83 23.59
C ASP UB 106 -101.73 16.25 23.97
N ASP UB 107 -101.63 17.12 22.97
CA ASP UB 107 -101.28 18.51 23.20
C ASP UB 107 -102.51 19.40 23.18
N PRO VB 1 -74.03 0.01 33.41
CA PRO VB 1 -75.23 -0.56 32.79
C PRO VB 1 -76.24 0.52 32.39
N PRO VB 2 -76.42 0.74 31.08
CA PRO VB 2 -77.32 1.81 30.65
C PRO VB 2 -78.77 1.50 30.99
N THR VB 3 -79.54 2.57 31.21
CA THR VB 3 -80.94 2.46 31.55
C THR VB 3 -81.86 2.89 30.41
N ARG VB 4 -81.30 3.35 29.29
CA ARG VB 4 -82.09 3.77 28.14
C ARG VB 4 -81.76 2.86 26.96
N LEU VB 5 -82.80 2.38 26.29
CA LEU VB 5 -82.60 1.50 25.15
C LEU VB 5 -81.90 2.20 24.00
N SER VB 6 -81.93 3.52 23.95
CA SER VB 6 -81.25 4.24 22.88
C SER VB 6 -79.74 4.09 22.98
N THR VB 7 -79.20 3.97 24.18
CA THR VB 7 -77.76 3.89 24.38
C THR VB 7 -77.26 2.47 24.13
N PRO VB 8 -76.47 2.24 23.09
CA PRO VB 8 -76.07 0.87 22.75
C PRO VB 8 -75.16 0.24 23.80
N LEU VB 9 -75.11 -1.10 23.76
CA LEU VB 9 -74.24 -1.88 24.62
C LEU VB 9 -72.99 -2.26 23.85
N TYR VB 10 -71.82 -2.08 24.46
CA TYR VB 10 -70.57 -2.44 23.82
C TYR VB 10 -70.44 -3.96 23.76
N SER VB 11 -69.96 -4.47 22.63
CA SER VB 11 -69.71 -5.89 22.47
C SER VB 11 -68.35 -6.11 21.81
N GLU VB 12 -67.61 -7.09 22.32
CA GLU VB 12 -66.42 -7.55 21.65
C GLU VB 12 -66.82 -8.50 20.52
N GLY VB 13 -65.87 -8.82 19.67
CA GLY VB 13 -66.07 -9.84 18.66
C GLY VB 13 -65.62 -11.18 19.20
N GLY VB 14 -66.34 -12.23 18.83
CA GLY VB 14 -65.96 -13.56 19.25
C GLY VB 14 -67.18 -14.42 19.49
N ALA VB 15 -66.96 -15.56 20.14
CA ALA VB 15 -68.01 -16.55 20.37
C ALA VB 15 -68.65 -16.45 21.74
N PHE VB 16 -68.20 -15.53 22.60
CA PHE VB 16 -68.85 -15.28 23.89
C PHE VB 16 -68.76 -13.78 24.15
N THR VB 17 -69.76 -13.03 23.67
CA THR VB 17 -69.79 -11.58 23.74
C THR VB 17 -71.23 -11.14 23.98
N VAL VB 18 -71.44 -9.82 24.10
CA VAL VB 18 -72.79 -9.29 24.28
C VAL VB 18 -73.64 -9.53 23.03
N ASN VB 19 -73.04 -9.40 21.84
CA ASN VB 19 -73.78 -9.64 20.61
C ASN VB 19 -74.09 -11.12 20.44
N TRP VB 20 -73.10 -11.97 20.70
CA TRP VB 20 -73.30 -13.41 20.62
C TRP VB 20 -74.39 -13.87 21.58
N TRP VB 21 -74.42 -13.29 22.78
CA TRP VB 21 -75.42 -13.69 23.76
C TRP VB 21 -76.81 -13.20 23.36
N ARG VB 22 -76.91 -12.01 22.78
CA ARG VB 22 -78.20 -11.51 22.36
C ARG VB 22 -78.82 -12.39 21.29
N ASN VB 23 -78.00 -12.86 20.34
CA ASN VB 23 -78.53 -13.65 19.24
C ASN VB 23 -79.20 -14.92 19.73
N ARG VB 24 -78.71 -15.50 20.82
CA ARG VB 24 -79.15 -16.82 21.26
C ARG VB 24 -80.04 -16.80 22.49
N TYR VB 25 -80.09 -15.68 23.23
CA TYR VB 25 -80.85 -15.67 24.48
C TYR VB 25 -82.34 -15.89 24.22
N GLY VB 26 -82.88 -15.27 23.18
CA GLY VB 26 -84.31 -15.32 22.94
C GLY VB 26 -84.75 -16.36 21.92
N LEU VB 27 -83.90 -17.34 21.63
CA LEU VB 27 -84.26 -18.35 20.64
C LEU VB 27 -85.46 -19.16 21.08
N TYR VB 28 -85.51 -19.52 22.36
CA TYR VB 28 -86.59 -20.35 22.91
C TYR VB 28 -87.58 -19.52 23.73
N SER VB 29 -87.58 -18.20 23.58
CA SER VB 29 -88.34 -17.32 24.46
C SER VB 29 -89.66 -16.93 23.81
N ARG VB 30 -90.75 -17.14 24.54
CA ARG VB 30 -92.06 -16.66 24.13
C ARG VB 30 -92.34 -15.23 24.56
N ARG VB 31 -91.47 -14.64 25.38
CA ARG VB 31 -91.71 -13.32 25.95
C ARG VB 31 -91.07 -12.19 25.14
N GLN VB 32 -90.11 -12.49 24.27
CA GLN VB 32 -89.43 -11.49 23.47
C GLN VB 32 -90.12 -11.40 22.12
N THR VB 33 -91.27 -10.74 22.10
CA THR VB 33 -92.16 -10.74 20.95
C THR VB 33 -92.00 -9.52 20.05
N ASP VB 34 -91.17 -8.55 20.43
CA ASP VB 34 -90.95 -7.37 19.62
C ASP VB 34 -89.62 -6.75 20.02
N PRO VB 35 -89.05 -5.89 19.18
CA PRO VB 35 -87.72 -5.34 19.50
C PRO VB 35 -87.64 -4.64 20.85
N MET VB 36 -88.55 -3.71 21.13
CA MET VB 36 -88.48 -2.97 22.39
C MET VB 36 -88.53 -3.92 23.58
N LEU VB 37 -89.50 -4.82 23.60
CA LEU VB 37 -89.64 -5.74 24.72
C LEU VB 37 -88.48 -6.71 24.77
N ALA VB 38 -88.01 -7.18 23.61
CA ALA VB 38 -86.90 -8.12 23.58
C ALA VB 38 -85.64 -7.50 24.17
N GLU VB 39 -85.33 -6.27 23.77
CA GLU VB 39 -84.14 -5.61 24.29
C GLU VB 39 -84.26 -5.36 25.79
N PHE VB 40 -85.43 -4.94 26.24
CA PHE VB 40 -85.64 -4.69 27.67
C PHE VB 40 -85.37 -5.95 28.48
N LEU VB 41 -85.92 -7.08 28.04
CA LEU VB 41 -85.71 -8.33 28.76
C LEU VB 41 -84.27 -8.79 28.66
N PHE VB 42 -83.63 -8.59 27.50
CA PHE VB 42 -82.24 -8.98 27.34
C PHE VB 42 -81.34 -8.21 28.30
N ARG VB 43 -81.49 -6.89 28.34
CA ARG VB 43 -80.69 -6.09 29.25
C ARG VB 43 -81.01 -6.38 30.69
N GLN VB 44 -82.26 -6.73 30.98
CA GLN VB 44 -82.62 -7.11 32.35
C GLN VB 44 -81.83 -8.33 32.80
N GLN VB 45 -81.74 -9.33 31.94
CA GLN VB 45 -80.99 -10.53 32.29
C GLN VB 45 -79.49 -10.24 32.38
N VAL VB 46 -78.96 -9.48 31.44
CA VAL VB 46 -77.53 -9.17 31.44
C VAL VB 46 -77.16 -8.37 32.69
N LYS VB 47 -77.98 -7.38 33.03
CA LYS VB 47 -77.73 -6.59 34.23
C LYS VB 47 -77.72 -7.48 35.47
N GLU VB 48 -78.64 -8.44 35.55
CA GLU VB 48 -78.82 -9.22 36.76
C GLU VB 48 -77.73 -10.27 36.96
N TRP VB 49 -77.21 -10.85 35.88
CA TRP VB 49 -76.30 -11.98 35.98
C TRP VB 49 -74.85 -11.64 35.66
N PHE VB 50 -74.61 -10.72 34.72
CA PHE VB 50 -73.25 -10.41 34.31
C PHE VB 50 -72.67 -9.16 34.97
N TYR VB 51 -73.51 -8.29 35.51
CA TYR VB 51 -73.06 -7.14 36.28
C TYR VB 51 -73.11 -7.39 37.78
N ASP VB 52 -73.22 -8.64 38.18
CA ASP VB 52 -73.24 -9.05 39.59
C ASP VB 52 -71.84 -9.51 39.96
N VAL VB 53 -71.14 -8.71 40.76
CA VAL VB 53 -69.75 -9.01 41.11
C VAL VB 53 -69.58 -10.42 41.68
N PRO VB 54 -70.36 -10.85 42.68
CA PRO VB 54 -70.10 -12.18 43.27
C PRO VB 54 -70.30 -13.33 42.31
N SER VB 55 -71.07 -13.14 41.24
CA SER VB 55 -71.30 -14.22 40.29
C SER VB 55 -70.00 -14.67 39.64
N TYR VB 56 -69.04 -13.75 39.49
CA TYR VB 56 -67.78 -14.10 38.84
C TYR VB 56 -66.95 -15.07 39.67
N ASN VB 57 -67.14 -15.09 40.99
CA ASN VB 57 -66.42 -16.07 41.82
C ASN VB 57 -66.80 -17.49 41.44
N TYR VB 58 -68.09 -17.73 41.18
CA TYR VB 58 -68.52 -19.08 40.78
C TYR VB 58 -68.00 -19.44 39.40
N ALA VB 59 -67.89 -18.46 38.50
CA ALA VB 59 -67.28 -18.74 37.20
C ALA VB 59 -65.87 -19.27 37.36
N ALA VB 60 -65.10 -18.69 38.28
CA ALA VB 60 -63.75 -19.19 38.54
C ALA VB 60 -63.78 -20.61 39.06
N LEU VB 61 -64.72 -20.91 39.96
CA LEU VB 61 -64.75 -22.23 40.58
C LEU VB 61 -65.15 -23.32 39.59
N VAL VB 62 -66.08 -23.02 38.68
CA VAL VB 62 -66.47 -24.01 37.70
C VAL VB 62 -65.34 -24.27 36.73
N GLY VB 63 -64.63 -23.23 36.30
CA GLY VB 63 -63.50 -23.43 35.41
C GLY VB 63 -62.43 -24.28 36.04
N LEU VB 64 -62.06 -23.96 37.28
CA LEU VB 64 -61.00 -24.71 37.96
C LEU VB 64 -61.40 -26.17 38.13
N ALA VB 65 -62.63 -26.41 38.59
CA ALA VB 65 -63.07 -27.78 38.81
C ALA VB 65 -63.14 -28.56 37.51
N LEU VB 66 -63.66 -27.95 36.46
CA LEU VB 66 -63.78 -28.63 35.18
C LEU VB 66 -62.42 -28.89 34.56
N GLY VB 67 -61.49 -27.93 34.68
CA GLY VB 67 -60.17 -28.14 34.14
C GLY VB 67 -59.46 -29.31 34.77
N ILE VB 68 -59.53 -29.41 36.09
CA ILE VB 68 -58.98 -30.56 36.80
C ILE VB 68 -59.64 -31.84 36.31
N LEU VB 69 -60.97 -31.81 36.17
CA LEU VB 69 -61.73 -32.98 35.80
C LEU VB 69 -61.34 -33.48 34.42
N VAL VB 70 -61.30 -32.58 33.43
CA VAL VB 70 -60.94 -33.00 32.06
C VAL VB 70 -59.54 -33.58 32.05
N ALA VB 71 -58.62 -32.97 32.80
CA ALA VB 71 -57.23 -33.40 32.76
C ALA VB 71 -57.04 -34.75 33.44
N VAL VB 72 -57.72 -34.99 34.56
CA VAL VB 72 -57.58 -36.28 35.21
C VAL VB 72 -58.13 -37.39 34.33
N ILE VB 73 -59.23 -37.12 33.62
CA ILE VB 73 -59.74 -38.10 32.68
C ILE VB 73 -58.71 -38.38 31.59
N TRP VB 74 -58.21 -37.32 30.97
CA TRP VB 74 -57.26 -37.48 29.89
C TRP VB 74 -56.01 -38.21 30.35
N ARG VB 75 -55.53 -37.88 31.56
CA ARG VB 75 -54.31 -38.47 32.04
C ARG VB 75 -54.45 -39.98 32.21
N HIS VB 76 -55.59 -40.43 32.74
CA HIS VB 76 -55.81 -41.87 32.87
C HIS VB 76 -55.71 -42.56 31.53
N PHE VB 77 -56.44 -42.05 30.54
CA PHE VB 77 -56.45 -42.67 29.21
C PHE VB 77 -55.06 -42.68 28.60
N LEU VB 78 -54.34 -41.56 28.72
CA LEU VB 78 -53.07 -41.41 28.02
C LEU VB 78 -51.91 -42.12 28.70
N PHE VB 79 -51.93 -42.22 30.03
CA PHE VB 79 -50.76 -42.67 30.77
C PHE VB 79 -50.98 -43.83 31.72
N ASN VB 80 -52.20 -44.07 32.19
CA ASN VB 80 -52.38 -45.09 33.22
C ASN VB 80 -52.11 -46.47 32.62
N PRO VB 81 -51.21 -47.25 33.21
CA PRO VB 81 -50.86 -48.54 32.60
C PRO VB 81 -52.02 -49.52 32.54
N ASP VB 82 -53.06 -49.31 33.34
CA ASP VB 82 -54.15 -50.26 33.46
C ASP VB 82 -55.34 -49.91 32.59
N VAL VB 83 -55.32 -48.76 31.91
CA VAL VB 83 -56.41 -48.35 31.03
C VAL VB 83 -56.01 -48.71 29.61
N TYR VB 84 -56.81 -49.54 28.96
CA TYR VB 84 -56.55 -49.99 27.60
C TYR VB 84 -57.63 -49.46 26.67
N VAL VB 85 -57.20 -48.77 25.61
CA VAL VB 85 -58.09 -48.42 24.50
C VAL VB 85 -57.68 -49.14 23.23
N ARG VB 86 -56.37 -49.24 22.97
CA ARG VB 86 -55.87 -50.13 21.93
C ARG VB 86 -55.97 -51.58 22.39
N ARG VB 87 -55.95 -52.49 21.43
CA ARG VB 87 -56.22 -53.90 21.73
C ARG VB 87 -55.02 -54.82 21.53
N GLN VB 88 -53.93 -54.35 20.95
CA GLN VB 88 -52.80 -55.23 20.65
C GLN VB 88 -52.38 -56.01 21.90
N GLU VB 89 -52.21 -55.30 23.02
CA GLU VB 89 -51.74 -55.96 24.23
C GLU VB 89 -52.81 -56.83 24.86
N LEU VB 90 -54.08 -56.46 24.69
CA LEU VB 90 -55.19 -57.25 25.23
C LEU VB 90 -55.43 -58.53 24.45
N ARG VB 91 -54.77 -58.71 23.30
CA ARG VB 91 -54.82 -59.95 22.55
C ARG VB 91 -53.64 -60.85 22.84
N LYS VB 92 -52.94 -60.59 23.95
CA LYS VB 92 -51.78 -61.36 24.37
C LYS VB 92 -51.91 -61.68 25.85
N MET VB 93 -51.24 -62.74 26.29
CA MET VB 93 -51.20 -63.06 27.70
C MET VB 93 -50.39 -61.99 28.46
N TRP VB 94 -50.63 -61.92 29.77
CA TRP VB 94 -49.99 -60.90 30.59
C TRP VB 94 -48.47 -60.85 30.43
N PRO VB 95 -47.75 -61.97 30.45
CA PRO VB 95 -46.28 -61.87 30.34
C PRO VB 95 -45.78 -61.20 29.08
N ASP VB 96 -46.60 -61.04 28.05
CA ASP VB 96 -46.15 -60.53 26.76
C ASP VB 96 -46.53 -59.07 26.50
N ARG VB 97 -47.07 -58.38 27.49
CA ARG VB 97 -47.58 -57.02 27.27
C ARG VB 97 -46.49 -55.98 27.59
N HIS VB 98 -45.45 -55.99 26.75
CA HIS VB 98 -44.29 -55.14 27.00
C HIS VB 98 -44.60 -53.67 26.79
N ARG VB 99 -45.33 -53.34 25.72
CA ARG VB 99 -45.62 -51.93 25.44
C ARG VB 99 -46.42 -51.30 26.56
N GLN VB 100 -47.31 -52.06 27.20
CA GLN VB 100 -48.10 -51.53 28.31
C GLN VB 100 -47.29 -51.47 29.60
N PHE VB 101 -46.33 -52.38 29.78
CA PHE VB 101 -45.47 -52.34 30.95
C PHE VB 101 -44.55 -51.13 30.94
N ALA VB 102 -44.36 -50.50 29.78
CA ALA VB 102 -43.49 -49.34 29.69
C ALA VB 102 -44.09 -48.14 30.41
N TYR VB 103 -45.42 -48.07 30.53
CA TYR VB 103 -46.07 -46.99 31.24
C TYR VB 103 -45.95 -47.13 32.75
N ALA VB 104 -45.51 -48.27 33.25
CA ALA VB 104 -45.65 -48.58 34.67
C ALA VB 104 -44.77 -47.69 35.54
N VAL VB 105 -43.45 -47.76 35.36
CA VAL VB 105 -42.52 -47.01 36.21
C VAL VB 105 -42.69 -45.51 36.03
N PRO VB 106 -42.76 -44.98 34.81
CA PRO VB 106 -42.99 -43.52 34.70
C PRO VB 106 -44.25 -43.07 35.41
N TYR VB 107 -45.31 -43.88 35.38
CA TYR VB 107 -46.55 -43.55 36.04
C TYR VB 107 -46.48 -43.74 37.55
N LEU VB 108 -45.55 -44.55 38.03
CA LEU VB 108 -45.37 -44.78 39.46
C LEU VB 108 -44.66 -43.64 40.17
N ASN VB 109 -44.06 -42.71 39.43
CA ASN VB 109 -43.23 -41.65 40.00
C ASN VB 109 -43.67 -40.29 39.45
N PRO VB 110 -44.87 -39.84 39.81
CA PRO VB 110 -45.27 -38.47 39.45
C PRO VB 110 -44.53 -37.44 40.28
N GLN VB 111 -44.47 -36.21 39.74
CA GLN VB 111 -43.67 -35.17 40.36
C GLN VB 111 -44.15 -34.86 41.78
N LEU VB 112 -45.47 -34.69 41.94
CA LEU VB 112 -45.99 -34.27 43.24
C LEU VB 112 -45.74 -35.34 44.30
N LYS VB 113 -45.73 -36.62 43.91
CA LYS VB 113 -45.42 -37.68 44.86
C LYS VB 113 -44.00 -37.53 45.40
N ASN VB 114 -43.05 -37.20 44.52
CA ASN VB 114 -41.68 -36.98 44.97
C ASN VB 114 -41.55 -35.72 45.81
N LEU VB 115 -42.36 -34.70 45.50
CA LEU VB 115 -42.25 -33.41 46.18
C LEU VB 115 -42.89 -33.42 47.57
N LEU VB 116 -43.93 -34.22 47.78
CA LEU VB 116 -44.71 -34.15 49.01
C LEU VB 116 -44.46 -35.31 49.97
N LEU VB 117 -43.98 -36.45 49.51
CA LEU VB 117 -43.65 -37.54 50.41
C LEU VB 117 -42.68 -37.15 51.51
N PRO VB 118 -41.64 -36.33 51.26
CA PRO VB 118 -40.74 -35.96 52.37
C PRO VB 118 -41.43 -35.28 53.54
N TYR VB 119 -42.66 -34.80 53.38
CA TYR VB 119 -43.36 -34.07 54.41
C TYR VB 119 -44.21 -34.96 55.30
N LYS VB 120 -43.94 -36.27 55.33
CA LYS VB 120 -44.64 -37.15 56.24
C LYS VB 120 -44.27 -36.90 57.70
N ASN VB 121 -43.15 -36.22 57.96
CA ASN VB 121 -42.75 -35.97 59.34
C ASN VB 121 -43.64 -34.94 60.03
N SER VB 122 -44.57 -34.32 59.30
CA SER VB 122 -45.55 -33.42 59.88
C SER VB 122 -46.82 -34.14 60.31
N PHE VB 123 -46.90 -35.45 60.09
CA PHE VB 123 -48.05 -36.26 60.47
C PHE VB 123 -47.70 -37.42 61.39
N ILE VB 124 -46.42 -37.75 61.54
CA ILE VB 124 -45.98 -38.93 62.30
C ILE VB 124 -44.98 -38.46 63.33
N ASP VB 125 -45.20 -38.85 64.59
CA ASP VB 125 -44.29 -38.49 65.67
C ASP VB 125 -43.15 -39.47 65.82
N ASN VB 126 -43.43 -40.76 65.70
CA ASN VB 126 -42.43 -41.81 65.91
C ASN VB 126 -42.05 -42.46 64.59
N GLU VB 127 -40.76 -42.44 64.27
CA GLU VB 127 -40.24 -43.07 63.06
C GLU VB 127 -41.00 -42.60 61.83
N PRO VB 128 -40.99 -41.29 61.54
CA PRO VB 128 -41.64 -40.78 60.32
C PRO VB 128 -40.89 -41.19 59.07
N ASP VB 129 -39.68 -41.75 59.22
CA ASP VB 129 -38.82 -42.18 58.14
C ASP VB 129 -38.71 -43.70 58.11
N TYR VB 130 -39.74 -44.39 58.65
CA TYR VB 130 -39.75 -45.84 58.76
C TYR VB 130 -39.73 -46.52 57.41
N ALA VB 131 -40.23 -45.85 56.36
CA ALA VB 131 -40.36 -46.42 55.02
C ALA VB 131 -39.50 -45.68 54.00
N ASP VB 132 -38.49 -44.94 54.45
CA ASP VB 132 -37.71 -44.13 53.52
C ASP VB 132 -36.78 -44.98 52.67
N TYR VB 133 -36.11 -45.96 53.27
CA TYR VB 133 -35.10 -46.74 52.57
C TYR VB 133 -35.75 -47.92 51.85
N ASN VB 134 -35.37 -48.10 50.59
CA ASN VB 134 -35.81 -49.25 49.80
C ASN VB 134 -34.73 -49.62 48.80
N PRO VB 135 -34.13 -50.81 48.92
CA PRO VB 135 -32.97 -51.16 48.10
C PRO VB 135 -33.29 -51.50 46.65
N VAL VB 136 -34.57 -51.61 46.27
CA VAL VB 136 -34.91 -52.12 44.95
C VAL VB 136 -34.62 -51.08 43.88
N GLY VB 137 -35.19 -49.87 44.04
CA GLY VB 137 -34.93 -48.79 43.12
C GLY VB 137 -36.09 -48.42 42.20
N LEU VB 138 -37.30 -48.93 42.45
CA LEU VB 138 -38.44 -48.52 41.66
C LEU VB 138 -38.82 -47.07 41.93
N ARG VB 139 -38.56 -46.60 43.15
CA ARG VB 139 -38.87 -45.24 43.57
C ARG VB 139 -37.61 -44.61 44.14
N PRO VB 140 -37.56 -43.28 44.24
CA PRO VB 140 -36.39 -42.64 44.85
C PRO VB 140 -36.31 -42.85 46.36
N GLN VB 141 -35.09 -42.84 46.87
CA GLN VB 141 -34.88 -42.82 48.31
C GLN VB 141 -35.40 -41.52 48.89
N ARG VB 142 -36.05 -41.61 50.04
CA ARG VB 142 -36.77 -40.47 50.62
C ARG VB 142 -35.95 -39.84 51.73
N VAL VB 143 -35.94 -38.50 51.75
CA VAL VB 143 -35.30 -37.71 52.78
C VAL VB 143 -36.37 -36.85 53.45
N MET VB 144 -36.39 -36.86 54.78
CA MET VB 144 -37.41 -36.13 55.50
C MET VB 144 -37.28 -34.63 55.28
N ALA VB 145 -38.41 -33.95 55.28
CA ALA VB 145 -38.44 -32.51 55.04
C ALA VB 145 -37.83 -31.77 56.22
N ILE VB 146 -37.39 -30.53 55.94
CA ILE VB 146 -36.77 -29.70 56.97
C ILE VB 146 -37.75 -28.76 57.64
N ARG VB 147 -38.96 -28.62 57.10
CA ARG VB 147 -39.95 -27.67 57.58
C ARG VB 147 -41.32 -28.35 57.66
N ARG VB 148 -42.18 -27.83 58.52
CA ARG VB 148 -43.55 -28.32 58.60
C ARG VB 148 -44.33 -27.95 57.34
N ILE VB 149 -45.39 -28.72 57.08
CA ILE VB 149 -46.24 -28.37 55.93
C ILE VB 149 -46.87 -27.01 56.18
N PRO VB 150 -46.84 -26.08 55.21
CA PRO VB 150 -47.45 -24.77 55.44
C PRO VB 150 -48.95 -24.89 55.67
N GLY VB 151 -49.46 -24.08 56.60
CA GLY VB 151 -50.90 -24.06 56.85
C GLY VB 151 -51.32 -24.25 58.29
N PHE VB 152 -51.97 -25.37 58.60
CA PHE VB 152 -52.61 -25.59 59.89
C PHE VB 152 -51.78 -26.49 60.83
N PHE VB 153 -50.49 -26.62 60.60
CA PHE VB 153 -49.66 -27.50 61.44
C PHE VB 153 -48.96 -26.73 62.55
N TRP VB 154 -49.74 -26.00 63.36
CA TRP VB 154 -49.17 -25.22 64.44
C TRP VB 154 -48.70 -26.09 65.60
N ALA VB 155 -49.21 -27.32 65.70
CA ALA VB 155 -48.83 -28.19 66.80
C ALA VB 155 -47.37 -28.61 66.75
N ILE VB 156 -46.76 -28.62 65.57
CA ILE VB 156 -45.34 -28.95 65.42
C ILE VB 156 -44.55 -27.65 65.20
N PRO VB 157 -43.28 -27.59 65.60
CA PRO VB 157 -42.50 -26.38 65.35
C PRO VB 157 -42.30 -26.12 63.87
N GLN VB 158 -42.16 -24.83 63.52
CA GLN VB 158 -42.04 -24.43 62.12
C GLN VB 158 -40.93 -25.19 61.41
N TYR VB 159 -39.82 -25.43 62.08
CA TYR VB 159 -38.69 -26.18 61.53
C TYR VB 159 -38.32 -27.28 62.50
N PHE VB 160 -37.93 -28.44 61.97
CA PHE VB 160 -37.72 -29.59 62.83
C PHE VB 160 -36.42 -29.50 63.61
N PHE VB 161 -35.46 -28.67 63.19
CA PHE VB 161 -34.29 -28.43 64.02
C PHE VB 161 -34.67 -27.78 65.34
N GLU VB 162 -35.81 -27.10 65.39
CA GLU VB 162 -36.27 -26.48 66.64
C GLU VB 162 -36.79 -27.52 67.62
N ASP VB 163 -37.27 -28.66 67.13
CA ASP VB 163 -37.87 -29.66 68.00
C ASP VB 163 -36.79 -30.40 68.77
N PRO VB 164 -36.92 -30.54 70.10
CA PRO VB 164 -35.86 -31.24 70.85
C PRO VB 164 -35.85 -32.74 70.65
N LEU VB 165 -37.00 -33.38 70.51
CA LEU VB 165 -37.08 -34.84 70.48
C LEU VB 165 -37.03 -35.42 69.08
N TYR VB 166 -36.95 -34.59 68.04
CA TYR VB 166 -37.10 -35.09 66.68
C TYR VB 166 -36.06 -36.15 66.35
N THR VB 167 -34.79 -35.89 66.70
CA THR VB 167 -33.71 -36.80 66.31
C THR VB 167 -33.79 -38.12 67.06
N SER VB 168 -34.29 -38.11 68.29
CA SER VB 168 -34.34 -39.31 69.10
C SER VB 168 -35.49 -40.22 68.73
N CYS VB 169 -36.43 -39.76 67.90
CA CYS VB 169 -37.58 -40.53 67.46
C CYS VB 169 -37.38 -41.11 66.08
N SER VB 170 -36.22 -40.85 65.47
CA SER VB 170 -35.96 -41.34 64.12
C SER VB 170 -35.82 -42.85 64.09
N THR VB 171 -36.15 -43.42 62.92
CA THR VB 171 -36.05 -44.86 62.74
C THR VB 171 -34.63 -45.36 62.94
N LYS VB 172 -33.65 -44.45 62.82
CA LYS VB 172 -32.26 -44.81 63.02
C LYS VB 172 -31.91 -44.97 64.50
N ASN VB 173 -32.37 -44.05 65.35
CA ASN VB 173 -32.12 -44.20 66.78
C ASN VB 173 -32.93 -45.35 67.34
N MET VB 174 -34.16 -45.54 66.84
CA MET VB 174 -34.99 -46.64 67.30
C MET VB 174 -34.35 -47.97 66.92
N GLN VB 175 -33.79 -48.05 65.71
CA GLN VB 175 -33.07 -49.24 65.29
C GLN VB 175 -31.86 -49.49 66.18
N THR VB 176 -31.14 -48.43 66.55
CA THR VB 176 -30.00 -48.57 67.45
C THR VB 176 -30.43 -49.15 68.78
N ILE VB 177 -31.51 -48.61 69.35
CA ILE VB 177 -31.99 -49.07 70.66
C ILE VB 177 -32.36 -50.55 70.60
N TYR VB 178 -33.16 -50.93 69.60
CA TYR VB 178 -33.63 -52.31 69.53
C TYR VB 178 -32.52 -53.26 69.11
N LYS VB 179 -31.58 -52.82 68.28
CA LYS VB 179 -30.46 -53.68 67.90
C LYS VB 179 -29.54 -53.95 69.08
N LYS VB 180 -29.47 -53.01 70.03
CA LYS VB 180 -28.64 -53.19 71.21
C LYS VB 180 -29.22 -54.26 72.14
N LEU VB 181 -30.52 -54.50 72.05
CA LEU VB 181 -31.19 -55.54 72.81
C LEU VB 181 -31.27 -56.86 72.06
N GLY VB 182 -30.85 -56.89 70.79
CA GLY VB 182 -31.05 -58.07 69.98
C GLY VB 182 -32.51 -58.32 69.66
N TYR VB 183 -33.34 -57.28 69.73
CA TYR VB 183 -34.77 -57.45 69.61
C TYR VB 183 -35.20 -57.63 68.16
N SER VB 184 -34.69 -56.80 67.26
CA SER VB 184 -35.10 -56.86 65.86
C SER VB 184 -34.02 -56.21 65.00
N GLU VB 185 -34.08 -56.51 63.71
CA GLU VB 185 -33.12 -55.95 62.76
C GLU VB 185 -33.48 -54.50 62.40
N LEU VB 186 -34.76 -54.20 62.26
CA LEU VB 186 -35.19 -52.86 61.89
C LEU VB 186 -35.65 -52.07 63.13
N GLU WB 1 68.52 -28.39 15.43
CA GLU WB 1 67.73 -29.44 14.80
C GLU WB 1 66.93 -28.87 13.62
N SER WB 2 66.16 -27.82 13.87
CA SER WB 2 65.36 -27.18 12.82
C SER WB 2 66.19 -27.00 11.56
N ALA WB 3 65.51 -27.09 10.41
CA ALA WB 3 66.21 -26.99 9.13
C ALA WB 3 66.91 -25.65 8.98
N ASP WB 4 66.29 -24.58 9.47
CA ASP WB 4 66.84 -23.24 9.37
C ASP WB 4 67.53 -22.80 10.67
N ALA WB 5 67.97 -23.77 11.47
CA ALA WB 5 68.63 -23.46 12.73
C ALA WB 5 69.93 -22.69 12.50
N LEU WB 6 70.65 -23.00 11.43
CA LEU WB 6 71.93 -22.35 11.16
C LEU WB 6 71.74 -20.84 11.01
N PHE WB 7 70.76 -20.43 10.22
CA PHE WB 7 70.49 -19.01 10.05
C PHE WB 7 69.97 -18.40 11.35
N VAL WB 8 69.19 -19.16 12.12
CA VAL WB 8 68.71 -18.71 13.43
C VAL WB 8 69.89 -18.65 14.40
N GLY WB 9 69.76 -17.81 15.43
CA GLY WB 9 70.84 -17.59 16.37
C GLY WB 9 71.88 -16.58 15.91
N THR WB 10 72.59 -16.87 14.81
CA THR WB 10 73.54 -15.93 14.22
C THR WB 10 73.74 -16.29 12.75
N LEU WB 11 74.28 -15.32 11.99
CA LEU WB 11 74.80 -15.63 10.67
C LEU WB 11 76.15 -16.33 10.76
N ASP WB 12 76.82 -16.20 11.91
CA ASP WB 12 78.12 -16.85 12.13
C ASP WB 12 78.00 -18.38 12.08
N ARG WB 13 76.87 -18.92 12.56
CA ARG WB 13 76.76 -20.37 12.70
C ARG WB 13 76.94 -21.09 11.38
N LEU WB 14 76.53 -20.46 10.27
CA LEU WB 14 76.52 -21.14 8.98
C LEU WB 14 77.91 -21.68 8.63
N THR WB 15 78.94 -20.86 8.75
CA THR WB 15 80.29 -21.32 8.45
C THR WB 15 80.86 -22.17 9.57
N ALA WB 16 80.31 -22.07 10.79
CA ALA WB 16 80.79 -22.88 11.89
C ALA WB 16 80.42 -24.35 11.72
N GLU WB 17 79.29 -24.63 11.07
CA GLU WB 17 78.91 -25.99 10.79
C GLU WB 17 79.44 -26.46 9.43
N HIS WB 18 79.76 -25.52 8.55
CA HIS WB 18 80.33 -25.80 7.22
C HIS WB 18 81.55 -24.89 7.06
N PRO WB 19 82.68 -25.26 7.65
CA PRO WB 19 83.84 -24.34 7.67
C PRO WB 19 84.36 -23.95 6.30
N HIS WB 20 84.27 -24.82 5.30
CA HIS WB 20 84.90 -24.59 4.01
C HIS WB 20 83.93 -24.07 2.95
N THR WB 21 82.84 -23.42 3.37
CA THR WB 21 81.87 -22.86 2.45
C THR WB 21 81.81 -21.34 2.62
N ASP WB 22 81.12 -20.69 1.69
CA ASP WB 22 81.02 -19.23 1.71
C ASP WB 22 80.22 -18.76 2.91
N ASP WB 23 80.70 -17.68 3.52
CA ASP WB 23 79.96 -17.01 4.59
C ASP WB 23 78.88 -16.11 3.98
N PRO WB 24 77.67 -16.11 4.54
CA PRO WB 24 76.58 -15.35 3.90
C PRO WB 24 76.89 -13.88 3.72
N ARG WB 25 77.70 -13.31 4.61
CA ARG WB 25 77.98 -11.88 4.58
C ARG WB 25 79.04 -11.49 3.56
N PHE WB 26 79.74 -12.47 2.96
CA PHE WB 26 80.82 -12.16 2.05
C PHE WB 26 80.79 -13.02 0.77
N ALA WB 27 79.73 -13.77 0.55
CA ALA WB 27 79.66 -14.66 -0.62
C ALA WB 27 79.51 -13.91 -1.92
N PHE WB 28 79.07 -12.66 -1.88
CA PHE WB 28 78.86 -11.87 -3.09
C PHE WB 28 80.17 -11.50 -3.78
N GLN WB 29 81.28 -11.50 -3.05
CA GLN WB 29 82.56 -11.04 -3.57
C GLN WB 29 83.57 -12.18 -3.53
N SER WB 30 84.44 -12.22 -4.54
CA SER WB 30 85.50 -13.22 -4.57
C SER WB 30 86.58 -12.90 -3.55
N ASN WB 31 86.87 -11.62 -3.33
CA ASN WB 31 87.87 -11.21 -2.35
C ASN WB 31 87.36 -11.51 -0.95
N GLN WB 32 88.14 -12.29 -0.19
CA GLN WB 32 87.74 -12.75 1.13
C GLN WB 32 88.57 -12.12 2.24
N TRP WB 33 89.23 -11.00 1.97
CA TRP WB 33 90.02 -10.33 2.99
C TRP WB 33 89.15 -9.93 4.17
N ASN WB 34 88.06 -9.22 3.91
CA ASN WB 34 87.17 -8.79 4.97
C ASN WB 34 86.66 -9.96 5.78
N ASN WB 35 86.43 -11.10 5.12
CA ASN WB 35 86.02 -12.30 5.83
C ASN WB 35 87.07 -12.74 6.82
N CYS WB 36 88.34 -12.70 6.43
CA CYS WB 36 89.42 -13.08 7.34
C CYS WB 36 89.47 -12.15 8.56
N GLU WB 37 89.29 -10.85 8.35
CA GLU WB 37 89.39 -9.91 9.44
C GLU WB 37 88.26 -10.07 10.45
N LEU WB 38 87.05 -10.35 9.96
CA LEU WB 38 85.94 -10.63 10.88
C LEU WB 38 86.21 -11.88 11.70
N ARG WB 39 86.71 -12.92 11.06
CA ARG WB 39 86.97 -14.17 11.76
C ARG WB 39 88.06 -13.99 12.83
N PHE WB 40 89.08 -13.19 12.52
CA PHE WB 40 90.12 -12.95 13.52
C PHE WB 40 89.59 -12.12 14.67
N THR WB 41 88.81 -11.07 14.39
CA THR WB 41 88.21 -10.28 15.45
C THR WB 41 87.36 -11.16 16.36
N GLN WB 42 86.67 -12.14 15.78
CA GLN WB 42 85.85 -13.04 16.58
C GLN WB 42 86.69 -13.96 17.45
N PHE WB 43 87.84 -14.40 16.95
CA PHE WB 43 88.76 -15.15 17.80
C PHE WB 43 89.28 -14.28 18.93
N CYS WB 44 89.59 -13.02 18.64
CA CYS WB 44 90.09 -12.13 19.67
C CYS WB 44 89.06 -11.87 20.75
N ARG WB 45 87.80 -11.72 20.37
CA ARG WB 45 86.76 -11.46 21.37
C ARG WB 45 86.44 -12.70 22.18
N CYS WB 46 86.57 -13.89 21.57
CA CYS WB 46 86.32 -15.12 22.31
C CYS WB 46 87.29 -15.28 23.48
N THR WB 47 88.58 -15.08 23.22
CA THR WB 47 89.57 -15.26 24.27
C THR WB 47 89.35 -14.31 25.42
N ARG WB 48 88.96 -13.06 25.12
CA ARG WB 48 88.71 -12.08 26.17
C ARG WB 48 87.61 -12.54 27.11
N GLU WB 49 86.64 -13.31 26.59
CA GLU WB 49 85.49 -13.76 27.37
C GLU WB 49 85.66 -15.13 27.99
N LEU WB 50 86.38 -16.03 27.31
CA LEU WB 50 86.43 -17.42 27.70
C LEU WB 50 87.84 -17.92 28.00
N GLY WB 51 88.87 -17.20 27.54
CA GLY WB 51 90.24 -17.64 27.70
C GLY WB 51 90.73 -18.42 26.49
N GLU WB 52 92.05 -18.60 26.43
CA GLU WB 52 92.64 -19.29 25.30
C GLU WB 52 92.37 -20.79 25.32
N ASP WB 53 92.26 -21.38 26.52
CA ASP WB 53 92.14 -22.82 26.64
C ASP WB 53 90.76 -23.34 26.27
N ASP WB 54 89.76 -22.48 26.20
CA ASP WB 54 88.40 -22.94 25.93
C ASP WB 54 88.32 -23.58 24.56
N PRO WB 55 87.67 -24.74 24.43
CA PRO WB 55 87.53 -25.35 23.10
C PRO WB 55 86.84 -24.44 22.09
N ARG WB 56 85.92 -23.60 22.55
CA ARG WB 56 85.24 -22.68 21.64
C ARG WB 56 86.24 -21.75 20.96
N CYS WB 57 87.10 -21.12 21.76
CA CYS WB 57 88.05 -20.17 21.19
C CYS WB 57 89.09 -20.86 20.33
N LYS WB 58 89.47 -22.09 20.68
CA LYS WB 58 90.35 -22.86 19.83
C LYS WB 58 89.72 -23.12 18.47
N TYR WB 59 88.42 -23.39 18.44
CA TYR WB 59 87.73 -23.59 17.17
C TYR WB 59 87.56 -22.29 16.42
N GLN WB 60 87.35 -21.18 17.13
CA GLN WB 60 87.29 -19.88 16.47
C GLN WB 60 88.61 -19.56 15.80
N TYR WB 61 89.71 -20.12 16.30
CA TYR WB 61 90.99 -19.98 15.62
C TYR WB 61 91.09 -20.88 14.39
N TYR WB 62 90.58 -22.12 14.49
CA TYR WB 62 90.53 -22.97 13.31
C TYR WB 62 89.69 -22.33 12.22
N ARG WB 63 88.57 -21.70 12.60
CA ARG WB 63 87.73 -21.03 11.62
C ARG WB 63 88.49 -19.87 10.98
N ALA WB 64 89.28 -19.15 11.78
CA ALA WB 64 90.08 -18.05 11.22
C ALA WB 64 91.13 -18.57 10.26
N GLN WB 65 91.72 -19.72 10.56
CA GLN WB 65 92.71 -20.30 9.66
C GLN WB 65 92.10 -20.71 8.33
N THR WB 66 90.83 -21.11 8.34
CA THR WB 66 90.20 -21.58 7.11
C THR WB 66 90.18 -20.49 6.04
N VAL WB 67 90.16 -19.22 6.45
CA VAL WB 67 90.07 -18.12 5.50
C VAL WB 67 91.29 -17.21 5.52
N CYS WB 68 92.16 -17.30 6.54
CA CYS WB 68 93.33 -16.44 6.66
C CYS WB 68 94.60 -17.24 6.37
N HIS WB 69 95.41 -16.74 5.43
CA HIS WB 69 96.69 -17.35 5.14
C HIS WB 69 97.61 -17.25 6.35
N GLU WB 70 98.54 -18.20 6.46
CA GLU WB 70 99.36 -18.31 7.67
C GLU WB 70 100.25 -17.07 7.85
N PHE WB 71 100.79 -16.53 6.75
CA PHE WB 71 101.72 -15.40 6.91
C PHE WB 71 101.02 -14.19 7.50
N LEU WB 72 99.74 -14.00 7.19
CA LEU WB 72 98.97 -12.91 7.79
C LEU WB 72 98.67 -13.20 9.25
N LEU WB 73 98.25 -14.42 9.57
CA LEU WB 73 97.88 -14.76 10.94
C LEU WB 73 99.07 -14.64 11.87
N GLU WB 74 100.24 -15.14 11.46
CA GLU WB 74 101.41 -15.06 12.33
C GLU WB 74 101.74 -13.62 12.69
N ASP WB 75 101.69 -12.73 11.70
CA ASP WB 75 101.95 -11.31 11.97
C ASP WB 75 100.88 -10.73 12.88
N TRP WB 76 99.61 -10.97 12.56
CA TRP WB 76 98.53 -10.42 13.35
C TRP WB 76 98.48 -11.03 14.75
N MET WB 77 98.93 -12.28 14.88
CA MET WB 77 98.96 -12.92 16.20
C MET WB 77 100.09 -12.40 17.06
N GLU WB 78 101.17 -11.91 16.46
CA GLU WB 78 102.22 -11.27 17.24
C GLU WB 78 101.77 -9.91 17.75
N HIS WB 79 101.16 -9.10 16.88
CA HIS WB 79 100.61 -7.83 17.31
C HIS WB 79 99.63 -8.02 18.45
N ARG WB 80 98.82 -9.09 18.39
CA ARG WB 80 97.86 -9.36 19.44
C ARG WB 80 98.54 -9.67 20.77
N HIS WB 81 99.61 -10.47 20.71
CA HIS WB 81 100.31 -10.84 21.94
C HIS WB 81 101.00 -9.63 22.57
N ARG WB 82 101.60 -8.77 21.75
CA ARG WB 82 102.22 -7.56 22.29
C ARG WB 82 101.19 -6.66 22.93
N GLY WB 83 100.04 -6.48 22.27
CA GLY WB 83 99.03 -5.55 22.72
C GLY WB 83 98.89 -4.37 21.79
N THR WB 84 99.22 -4.57 20.51
CA THR WB 84 99.11 -3.52 19.50
C THR WB 84 98.11 -3.86 18.40
N CYS WB 85 97.48 -5.03 18.45
CA CYS WB 85 96.47 -5.39 17.46
C CYS WB 85 95.26 -4.47 17.58
N ASP WB 86 94.93 -3.77 16.49
CA ASP WB 86 93.83 -2.81 16.52
C ASP WB 86 92.47 -3.49 16.59
N LEU WB 87 92.40 -4.78 16.28
CA LEU WB 87 91.16 -5.54 16.35
C LEU WB 87 90.91 -6.11 17.74
N ASP WB 88 91.83 -5.91 18.68
CA ASP WB 88 91.73 -6.47 20.01
C ASP WB 88 91.85 -5.45 21.13
N ILE WB 89 92.18 -4.20 20.83
CA ILE WB 89 92.21 -3.16 21.85
C ILE WB 89 90.88 -3.15 22.59
N MET WB 90 90.93 -3.15 23.92
CA MET WB 90 89.70 -3.11 24.69
C MET WB 90 88.92 -1.86 24.32
N PRO WB 91 87.58 -1.94 24.27
CA PRO WB 91 86.82 -0.81 23.71
C PRO WB 91 87.00 0.50 24.47
N ASP WB 92 87.29 0.47 25.77
CA ASP WB 92 87.41 1.71 26.51
C ASP WB 92 88.77 2.39 26.32
N ARG WB 93 89.69 1.75 25.60
CA ARG WB 93 90.98 2.34 25.26
C ARG WB 93 91.11 2.60 23.77
N GLN WB 94 90.01 2.56 23.03
CA GLN WB 94 90.00 2.92 21.63
C GLN WB 94 89.98 4.44 21.47
N VAL WB 95 90.53 4.92 20.36
CA VAL WB 95 90.62 6.34 20.06
C VAL WB 95 89.76 6.73 18.87
N ILE WB 96 88.89 5.82 18.41
CA ILE WB 96 88.19 6.04 17.14
C ILE WB 96 87.26 7.24 17.20
N HIS WB 97 86.73 7.57 18.37
CA HIS WB 97 85.79 8.66 18.52
C HIS WB 97 86.43 9.94 19.03
N MET WB 98 87.75 10.00 19.11
CA MET WB 98 88.48 11.15 19.63
C MET WB 98 88.97 12.07 18.52
N ARG WB 99 89.02 13.36 18.82
CA ARG WB 99 89.38 14.42 17.88
C ARG WB 99 88.58 14.35 16.59
N GLY WB 100 87.47 13.61 16.58
CA GLY WB 100 86.71 13.36 15.38
C GLY WB 100 86.33 11.89 15.24
N GLY XB 1 33.39 46.19 34.99
CA GLY XB 1 32.95 47.56 35.32
C GLY XB 1 33.91 48.23 36.28
N SER XB 2 34.32 49.45 35.94
CA SER XB 2 35.31 50.27 36.65
C SER XB 2 36.75 49.93 36.26
N ILE XB 3 36.96 48.93 35.41
CA ILE XB 3 38.28 48.63 34.85
C ILE XB 3 38.41 49.24 33.46
N GLU XB 4 37.29 49.60 32.84
CA GLU XB 4 37.31 50.17 31.49
C GLU XB 4 38.24 51.38 31.41
N GLN XB 5 38.31 52.16 32.49
CA GLN XB 5 39.21 53.31 32.48
C GLN XB 5 40.63 52.90 32.14
N PHE XB 6 41.06 51.74 32.63
CA PHE XB 6 42.39 51.24 32.32
C PHE XB 6 42.46 50.67 30.90
N ILE XB 7 41.50 49.83 30.54
CA ILE XB 7 41.46 49.20 29.23
C ILE XB 7 41.68 50.27 28.16
N ASN XB 8 42.74 50.11 27.38
CA ASN XB 8 43.15 51.10 26.39
C ASN XB 8 44.08 50.41 25.40
N LEU XB 9 44.21 51.01 24.21
CA LEU XB 9 45.03 50.39 23.17
C LEU XB 9 46.44 50.13 23.66
N ARG XB 10 47.11 51.16 24.20
CA ARG XB 10 48.46 50.98 24.71
C ARG XB 10 48.46 50.01 25.89
N THR XB 11 47.43 50.08 26.74
CA THR XB 11 47.32 49.16 27.86
C THR XB 11 46.98 47.74 27.43
N ALA XB 12 46.40 47.58 26.25
CA ALA XB 12 46.10 46.27 25.71
C ALA XB 12 47.26 45.69 24.92
N ARG XB 13 47.94 46.53 24.13
CA ARG XB 13 49.05 46.04 23.32
C ARG XB 13 50.20 45.58 24.17
N MET XB 14 50.39 46.20 25.34
CA MET XB 14 51.41 45.80 26.30
C MET XB 14 50.93 44.70 27.25
N PHE XB 15 49.67 44.33 27.16
CA PHE XB 15 49.09 43.27 27.96
C PHE XB 15 49.04 41.93 27.22
N ILE XB 16 48.64 41.96 25.95
CA ILE XB 16 48.70 40.77 25.11
C ILE XB 16 50.14 40.44 24.74
N TYR XB 17 50.82 41.39 24.11
CA TYR XB 17 52.21 41.18 23.72
C TYR XB 17 53.07 40.86 24.94
N GLY XB 18 52.96 41.69 25.97
CA GLY XB 18 53.78 41.49 27.17
C GLY XB 18 53.47 40.18 27.87
N GLY XB 19 52.19 39.83 27.94
CA GLY XB 19 51.82 38.56 28.54
C GLY XB 19 52.26 37.37 27.71
N VAL XB 20 52.13 37.47 26.39
CA VAL XB 20 52.63 36.42 25.51
C VAL XB 20 54.12 36.20 25.75
N SER XB 21 54.87 37.29 25.90
CA SER XB 21 56.29 37.20 26.21
C SER XB 21 56.50 36.56 27.58
N ALA XB 22 55.71 36.96 28.57
CA ALA XB 22 55.85 36.41 29.91
C ALA XB 22 55.77 34.89 29.91
N VAL XB 23 54.97 34.33 29.01
CA VAL XB 23 54.85 32.88 28.90
C VAL XB 23 55.93 32.30 27.97
N PHE XB 24 56.39 33.08 26.99
CA PHE XB 24 57.44 32.60 26.10
C PHE XB 24 58.74 32.35 26.87
N LEU XB 25 59.11 33.30 27.74
CA LEU XB 25 60.32 33.15 28.53
C LEU XB 25 60.14 32.11 29.64
N TYR XB 26 58.99 32.13 30.32
CA TYR XB 26 58.78 31.19 31.41
C TYR XB 26 58.82 29.75 30.91
N LYS XB 27 58.46 29.51 29.65
CA LYS XB 27 58.42 28.16 29.10
C LYS XB 27 59.67 27.81 28.32
N ALA XB 28 60.38 28.79 27.78
CA ALA XB 28 61.57 28.53 26.99
C ALA XB 28 62.84 28.52 27.82
N THR XB 29 62.92 29.34 28.87
CA THR XB 29 64.14 29.41 29.66
C THR XB 29 64.56 28.04 30.19
N PRO XB 30 63.68 27.21 30.76
CA PRO XB 30 64.15 25.89 31.22
C PRO XB 30 64.74 25.05 30.10
N VAL XB 31 64.20 25.15 28.89
CA VAL XB 31 64.73 24.38 27.77
C VAL XB 31 66.12 24.87 27.41
N MET XB 32 66.34 26.17 27.40
CA MET XB 32 67.66 26.71 27.08
C MET XB 32 68.68 26.27 28.12
N TYR XB 33 68.28 26.28 29.39
CA TYR XB 33 69.17 25.81 30.46
C TYR XB 33 69.54 24.35 30.25
N ARG XB 34 68.56 23.52 29.90
CA ARG XB 34 68.82 22.09 29.72
C ARG XB 34 69.77 21.84 28.56
N TRP XB 35 69.65 22.62 27.48
CA TRP XB 35 70.41 22.40 26.26
C TRP XB 35 71.65 23.28 26.18
N GLU XB 36 72.10 23.83 27.30
CA GLU XB 36 73.36 24.56 27.37
C GLU XB 36 73.38 25.77 26.44
N MET XB 37 72.22 26.37 26.20
CA MET XB 37 72.14 27.56 25.36
C MET XB 37 72.35 28.85 26.15
N LEU XB 38 72.17 28.83 27.46
CA LEU XB 38 72.38 30.03 28.25
C LEU XB 38 73.86 30.36 28.34
N PRO XB 39 74.21 31.64 28.44
CA PRO XB 39 75.62 32.01 28.58
C PRO XB 39 76.23 31.40 29.84
N THR XB 40 77.48 30.97 29.72
CA THR XB 40 78.16 30.33 30.85
C THR XB 40 78.34 31.29 32.01
N PHE XB 41 78.71 32.54 31.72
CA PHE XB 41 78.98 33.49 32.79
C PHE XB 41 77.73 33.78 33.60
N LEU XB 42 76.57 33.82 32.94
CA LEU XB 42 75.32 34.07 33.65
C LEU XB 42 75.00 32.96 34.63
N VAL XB 43 75.18 31.70 34.22
CA VAL XB 43 74.87 30.56 35.07
C VAL XB 43 75.56 29.34 34.50
N LYS XB 44 75.89 28.40 35.38
CA LYS XB 44 76.47 27.12 35.00
C LYS XB 44 75.50 26.01 35.33
N THR XB 45 75.24 25.14 34.35
CA THR XB 45 74.35 24.02 34.58
C THR XB 45 75.01 22.99 35.48
N GLU XB 46 74.18 22.12 36.07
CA GLU XB 46 74.70 21.06 36.93
C GLU XB 46 75.60 20.13 36.13
N ALA XB 47 75.22 19.84 34.89
CA ALA XB 47 76.08 19.01 34.04
C ALA XB 47 77.42 19.69 33.80
N TYR XB 48 77.41 21.01 33.61
CA TYR XB 48 78.66 21.74 33.43
C TYR XB 48 79.55 21.60 34.67
N LYS XB 49 78.96 21.75 35.85
CA LYS XB 49 79.74 21.63 37.08
C LYS XB 49 80.27 20.22 37.25
N ALA XB 50 79.45 19.22 36.91
CA ALA XB 50 79.88 17.83 37.08
C ALA XB 50 81.11 17.54 36.23
N ARG XB 51 81.12 18.01 34.99
CA ARG XB 51 82.29 17.80 34.14
C ARG XB 51 83.49 18.61 34.62
N GLU XB 52 83.26 19.88 34.98
CA GLU XB 52 84.37 20.74 35.38
C GLU XB 52 85.01 20.27 36.68
N ALA XB 53 84.24 19.66 37.57
CA ALA XB 53 84.79 19.17 38.82
C ALA XB 53 85.81 18.06 38.61
N MET XB 54 85.82 17.45 37.43
CA MET XB 54 86.72 16.35 37.13
C MET XB 54 88.04 16.80 36.50
N ILE XB 55 88.26 18.10 36.37
CA ILE XB 55 89.40 18.65 35.66
C ILE XB 55 90.39 19.21 36.67
N ALA XB 56 91.66 18.80 36.54
CA ALA XB 56 92.75 19.30 37.36
C ALA XB 56 93.94 19.56 36.45
N PHE XB 57 94.90 20.32 36.98
CA PHE XB 57 96.07 20.75 36.22
C PHE XB 57 97.35 20.46 36.97
N ASP XB 58 97.47 19.24 37.50
CA ASP XB 58 98.65 18.88 38.27
C ASP XB 58 99.15 17.48 37.96
N ASN XB 59 98.84 16.95 36.79
CA ASN XB 59 99.29 15.61 36.40
C ASN XB 59 100.60 15.72 35.64
N MET XB 60 101.64 15.07 36.16
CA MET XB 60 102.98 15.14 35.59
C MET XB 60 103.51 13.77 35.23
N LYS XB 61 102.62 12.85 34.84
CA LYS XB 61 102.99 11.49 34.48
C LYS XB 61 102.84 11.29 32.98
N GLY XB 62 103.34 10.15 32.52
CA GLY XB 62 103.17 9.75 31.14
C GLY XB 62 104.12 10.39 30.15
N ILE XB 63 105.17 11.05 30.62
CA ILE XB 63 106.13 11.64 29.69
C ILE XB 63 106.92 10.54 29.02
N VAL XB 64 106.93 10.55 27.68
CA VAL XB 64 107.62 9.55 26.88
C VAL XB 64 108.45 10.26 25.83
N TYR XB 65 109.46 9.55 25.33
CA TYR XB 65 110.40 10.10 24.36
C TYR XB 65 110.40 9.32 23.06
N GLY XB 66 109.27 8.72 22.72
CA GLY XB 66 109.11 8.01 21.47
C GLY XB 66 107.73 8.23 20.89
N PRO XB 67 107.61 8.12 19.56
CA PRO XB 67 106.31 8.37 18.93
C PRO XB 67 105.36 7.19 19.01
N TYR XB 68 105.85 5.97 19.26
CA TYR XB 68 105.03 4.78 19.23
C TYR XB 68 105.20 3.97 20.50
N ASP XB 69 104.11 3.34 20.93
CA ASP XB 69 104.12 2.29 21.93
C ASP XB 69 104.03 0.97 21.17
N LYS XB 70 105.13 0.22 21.15
CA LYS XB 70 105.23 -1.00 20.35
C LYS XB 70 104.94 -2.23 21.20
N GLY XB 71 104.14 -2.07 22.24
CA GLY XB 71 103.72 -3.17 23.09
C GLY XB 71 104.88 -3.71 23.92
N GLY XB 72 104.69 -4.93 24.39
CA GLY XB 72 105.66 -5.57 25.24
C GLY XB 72 105.47 -5.17 26.69
N LEU XB 73 106.45 -5.53 27.51
CA LEU XB 73 106.46 -5.13 28.91
C LEU XB 73 107.35 -3.93 29.18
N GLU XB 74 108.21 -3.55 28.23
CA GLU XB 74 109.11 -2.43 28.48
C GLU XB 74 108.43 -1.10 28.21
N GLY XB 75 107.61 -1.03 27.17
CA GLY XB 75 106.88 0.18 26.87
C GLY XB 75 107.76 1.22 26.19
N PRO XB 76 107.18 2.40 25.91
CA PRO XB 76 107.96 3.45 25.27
C PRO XB 76 109.05 3.96 26.20
N PRO XB 77 110.13 4.50 25.65
CA PRO XB 77 111.20 5.04 26.52
C PRO XB 77 110.69 6.17 27.39
N THR XB 78 111.17 6.20 28.63
CA THR XB 78 110.73 7.19 29.60
C THR XB 78 111.87 8.02 30.17
N LYS XB 79 113.11 7.75 29.77
CA LYS XB 79 114.27 8.44 30.28
C LYS XB 79 114.81 9.38 29.20
N ILE XB 80 115.08 10.63 29.58
CA ILE XB 80 115.57 11.59 28.59
C ILE XB 80 116.93 11.13 28.08
N PRO XB 81 117.21 11.20 26.78
CA PRO XB 81 118.53 10.82 26.30
C PRO XB 81 119.62 11.70 26.89
N GLU XB 82 120.79 11.10 27.11
CA GLU XB 82 121.91 11.83 27.68
C GLU XB 82 122.32 12.98 26.77
N THR XB 83 122.32 12.75 25.46
CA THR XB 83 122.72 13.79 24.53
C THR XB 83 121.79 14.99 24.54
N SER XB 84 120.59 14.85 25.08
CA SER XB 84 119.63 15.94 25.13
C SER XB 84 119.67 16.71 26.45
N VAL XB 85 120.33 16.18 27.47
CA VAL XB 85 120.40 16.86 28.76
C VAL XB 85 121.18 18.16 28.60
N GLY XB 86 120.63 19.24 29.15
CA GLY XB 86 121.32 20.52 29.14
C GLY XB 86 121.53 21.10 27.76
N MET XB 87 120.59 20.88 26.84
CA MET XB 87 120.67 21.42 25.49
C MET XB 87 119.73 22.59 25.26
N MET XB 88 119.08 23.09 26.31
CA MET XB 88 118.10 24.15 26.19
C MET XB 88 118.73 25.49 26.54
N LYS XB 89 118.45 26.51 25.73
CA LYS XB 89 118.99 27.85 25.93
C LYS XB 89 117.95 28.71 26.68
N VAL XB 90 117.76 28.38 27.95
CA VAL XB 90 116.76 29.06 28.78
C VAL XB 90 117.34 30.37 29.29
N ASP XB 91 116.56 31.44 29.17
CA ASP XB 91 116.99 32.75 29.63
C ASP XB 91 117.24 32.74 31.13
N PRO XB 92 118.16 33.57 31.63
CA PRO XB 92 118.47 33.57 33.07
C PRO XB 92 117.27 34.00 33.90
N MET XB 93 116.94 33.19 34.90
CA MET XB 93 115.83 33.50 35.80
C MET XB 93 115.96 34.91 36.36
N TYR YB 1 59.69 68.59 -21.66
CA TYR YB 1 59.74 67.20 -22.21
C TYR YB 1 59.68 66.18 -21.08
N LYS YB 2 59.42 64.92 -21.44
CA LYS YB 2 59.34 63.83 -20.49
C LYS YB 2 60.38 62.76 -20.83
N THR YB 3 60.92 62.13 -19.80
CA THR YB 3 62.00 61.15 -19.95
C THR YB 3 61.74 59.97 -19.02
N GLU YB 4 62.49 58.89 -19.26
CA GLU YB 4 62.41 57.68 -18.45
C GLU YB 4 63.79 57.35 -17.91
N ASN YB 5 63.88 57.10 -16.61
CA ASN YB 5 65.14 56.71 -16.00
C ASN YB 5 65.63 55.42 -16.66
N PRO YB 6 66.83 55.39 -17.23
CA PRO YB 6 67.27 54.18 -17.94
C PRO YB 6 67.38 52.96 -17.05
N LEU YB 7 67.59 53.14 -15.75
CA LEU YB 7 67.77 52.02 -14.86
C LEU YB 7 66.51 51.18 -14.68
N TYR YB 8 65.34 51.73 -14.98
CA TYR YB 8 64.08 51.04 -14.78
C TYR YB 8 63.36 50.75 -16.09
N LYS YB 9 64.02 50.99 -17.23
CA LYS YB 9 63.48 50.58 -18.51
C LYS YB 9 63.49 49.06 -18.64
N ASP YB 10 62.68 48.56 -19.58
CA ASP YB 10 62.59 47.12 -19.80
C ASP YB 10 63.72 46.63 -20.70
N ASP YB 11 64.00 45.34 -20.60
CA ASP YB 11 65.02 44.74 -21.45
C ASP YB 11 64.63 44.86 -22.92
N GLU YB 12 65.62 45.11 -23.76
CA GLU YB 12 65.39 45.18 -25.19
C GLU YB 12 65.08 43.80 -25.76
N PRO YB 13 64.16 43.70 -26.71
CA PRO YB 13 63.86 42.40 -27.32
C PRO YB 13 64.91 41.98 -28.34
N PHE YB 14 64.97 40.67 -28.56
CA PHE YB 14 65.79 40.15 -29.63
C PHE YB 14 65.28 40.67 -30.97
N ALA YB 15 66.21 40.93 -31.89
CA ALA YB 15 65.82 41.39 -33.22
C ALA YB 15 65.08 40.29 -33.97
N LYS YB 16 64.09 40.69 -34.76
CA LYS YB 16 63.33 39.76 -35.59
C LYS YB 16 63.95 39.73 -36.98
N THR YB 17 64.62 38.62 -37.30
CA THR YB 17 65.29 38.45 -38.58
C THR YB 17 65.10 37.02 -39.03
N CYS YB 18 65.85 36.62 -40.06
CA CYS YB 18 65.90 35.21 -40.43
C CYS YB 18 66.52 34.38 -39.32
N HIS YB 19 67.42 34.97 -38.54
CA HIS YB 19 68.12 34.31 -37.45
C HIS YB 19 67.63 34.96 -36.15
N THR YB 20 66.56 34.43 -35.58
CA THR YB 20 65.90 35.00 -34.43
C THR YB 20 66.08 34.11 -33.21
N PHE YB 21 66.41 34.73 -32.08
CA PHE YB 21 66.57 34.02 -30.82
C PHE YB 21 65.27 34.07 -30.03
N ASP YB 22 64.82 32.91 -29.57
CA ASP YB 22 63.57 32.80 -28.84
C ASP YB 22 63.73 31.80 -27.70
N TYR YB 23 63.56 32.27 -26.48
CA TYR YB 23 63.60 31.44 -25.28
C TYR YB 23 62.24 31.26 -24.64
N THR YB 24 61.18 31.79 -25.24
CA THR YB 24 59.88 31.84 -24.57
C THR YB 24 59.32 30.44 -24.34
N ARG YB 25 59.48 29.54 -25.31
CA ARG YB 25 58.88 28.22 -25.23
C ARG YB 25 59.77 27.20 -24.53
N GLU YB 26 61.00 27.57 -24.15
CA GLU YB 26 61.91 26.60 -23.55
C GLU YB 26 61.49 26.26 -22.12
N GLY YB 27 61.04 27.24 -21.36
CA GLY YB 27 60.70 26.99 -19.97
C GLY YB 27 61.89 26.72 -19.09
N THR YB 28 63.08 27.13 -19.51
CA THR YB 28 64.31 26.95 -18.73
C THR YB 28 64.73 28.21 -18.01
N GLU YB 29 63.89 29.25 -18.02
CA GLU YB 29 64.29 30.53 -17.45
C GLU YB 29 64.42 30.46 -15.93
N LYS YB 30 63.56 29.70 -15.27
CA LYS YB 30 63.56 29.64 -13.81
C LYS YB 30 63.07 28.27 -13.38
N ASN YB 31 63.42 27.91 -12.14
CA ASN YB 31 62.93 26.67 -11.57
C ASN YB 31 61.42 26.70 -11.45
N GLY YB 32 60.77 25.60 -11.85
CA GLY YB 32 59.34 25.50 -11.82
C GLY YB 32 58.82 24.82 -10.56
N LEU YB 33 57.50 24.65 -10.53
CA LEU YB 33 56.88 24.01 -9.38
C LEU YB 33 57.40 22.60 -9.17
N GLY YB 34 57.64 21.87 -10.25
CA GLY YB 34 58.16 20.53 -10.12
C GLY YB 34 59.46 20.48 -9.34
N TYR YB 35 60.37 21.42 -9.61
CA TYR YB 35 61.61 21.46 -8.86
C TYR YB 35 61.35 21.66 -7.37
N TYR YB 36 60.44 22.57 -7.04
CA TYR YB 36 60.11 22.78 -5.63
C TYR YB 36 59.37 21.59 -5.04
N CYS YB 37 58.69 20.82 -5.88
CA CYS YB 37 58.11 19.57 -5.39
C CYS YB 37 59.18 18.54 -5.09
N LEU YB 38 60.26 18.53 -5.88
CA LEU YB 38 61.39 17.67 -5.58
C LEU YB 38 62.02 18.05 -4.25
N MET YB 39 62.17 19.36 -4.01
CA MET YB 39 62.74 19.81 -2.74
C MET YB 39 61.84 19.42 -1.58
N GLY YB 40 60.52 19.57 -1.74
CA GLY YB 40 59.62 19.20 -0.67
C GLY YB 40 59.67 17.72 -0.36
N LEU YB 41 59.71 16.88 -1.39
CA LEU YB 41 59.81 15.44 -1.19
C LEU YB 41 61.11 15.07 -0.52
N TRP YB 42 62.21 15.72 -0.91
CA TRP YB 42 63.51 15.45 -0.28
C TRP YB 42 63.46 15.77 1.20
N ALA YB 43 62.90 16.92 1.56
CA ALA YB 43 62.73 17.25 2.97
C ALA YB 43 61.85 16.22 3.66
N SER YB 44 60.78 15.79 2.99
CA SER YB 44 59.85 14.84 3.58
C SER YB 44 60.51 13.48 3.81
N ILE YB 45 61.22 12.98 2.80
CA ILE YB 45 61.91 11.70 2.94
C ILE YB 45 62.95 11.79 4.05
N PHE YB 46 63.66 12.91 4.13
CA PHE YB 46 64.68 13.11 5.16
C PHE YB 46 64.06 13.04 6.55
N ILE YB 47 62.97 13.74 6.77
CA ILE YB 47 62.31 13.72 8.08
C ILE YB 47 61.70 12.35 8.35
N TRP YB 48 61.02 11.78 7.35
CA TRP YB 48 60.32 10.52 7.54
C TRP YB 48 61.30 9.40 7.90
N ASP YB 49 62.39 9.28 7.15
CA ASP YB 49 63.35 8.22 7.38
C ASP YB 49 63.89 8.24 8.80
N SER YB 50 63.95 9.42 9.41
CA SER YB 50 64.46 9.57 10.76
C SER YB 50 63.37 9.41 11.81
N LEU YB 51 62.20 10.01 11.57
CA LEU YB 51 61.11 9.89 12.54
C LEU YB 51 60.64 8.44 12.67
N TYR YB 52 60.37 7.78 11.55
CA TYR YB 52 59.81 6.44 11.54
C TYR YB 52 60.87 5.49 10.97
N THR YB 53 61.68 4.91 11.86
CA THR YB 53 62.81 4.07 11.47
C THR YB 53 62.44 2.62 11.27
N GLY YB 54 61.19 2.24 11.55
CA GLY YB 54 60.70 0.90 11.30
C GLY YB 54 59.82 0.78 10.08
N ALA YB 55 59.79 1.80 9.22
CA ALA YB 55 58.92 1.77 8.05
C ALA YB 55 59.42 0.79 7.01
N THR YB 56 60.74 0.71 6.84
CA THR YB 56 61.33 -0.22 5.87
C THR YB 56 61.15 -1.67 6.29
N MET YB 57 60.80 -1.93 7.55
CA MET YB 57 60.58 -3.27 8.08
C MET YB 57 59.12 -3.47 8.45
N PRO YB 58 58.18 -3.44 7.48
CA PRO YB 58 56.75 -3.45 7.84
C PRO YB 58 56.24 -4.79 8.34
N THR YB 59 54.97 -4.81 8.75
CA THR YB 59 54.32 -6.02 9.24
C THR YB 59 53.54 -6.67 8.10
N GLY YB 60 53.76 -7.97 7.90
CA GLY YB 60 53.05 -8.70 6.86
C GLY YB 60 51.63 -9.06 7.20
N VAL YB 61 51.20 -8.83 8.44
CA VAL YB 61 49.82 -9.09 8.83
C VAL YB 61 48.92 -8.03 8.20
N HIS YB 62 47.92 -8.47 7.43
CA HIS YB 62 47.03 -7.57 6.72
C HIS YB 62 45.59 -8.09 6.79
N ARG YB 63 44.66 -7.22 7.18
CA ARG YB 63 43.24 -7.57 7.19
C ARG YB 63 42.53 -7.12 5.92
N TYR YB 64 42.54 -5.81 5.63
CA TYR YB 64 41.99 -5.31 4.36
C TYR YB 64 40.49 -5.52 4.16
N VAL YB 65 39.66 -4.61 4.70
CA VAL YB 65 38.23 -4.67 4.40
C VAL YB 65 38.05 -4.77 2.89
N TRP YB 66 37.01 -5.52 2.47
CA TRP YB 66 36.71 -5.78 1.07
C TRP YB 66 37.81 -6.60 0.38
N GLY YB 67 38.64 -7.29 1.15
CA GLY YB 67 39.62 -8.20 0.61
C GLY YB 67 40.83 -7.49 0.02
N PRO YB 68 41.69 -8.26 -0.67
CA PRO YB 68 42.92 -7.69 -1.23
C PRO YB 68 42.75 -7.11 -2.62
N TYR YB 69 41.67 -7.46 -3.31
CA TYR YB 69 41.49 -7.06 -4.69
C TYR YB 69 40.68 -5.77 -4.83
N PHE YB 70 40.43 -5.07 -3.71
CA PHE YB 70 39.76 -3.77 -3.70
C PHE YB 70 40.79 -2.64 -3.80
N PRO YB 71 40.48 -1.55 -4.51
CA PRO YB 71 41.52 -0.55 -4.79
C PRO YB 71 42.17 0.06 -3.56
N THR YB 72 41.45 0.23 -2.46
CA THR YB 72 42.02 0.84 -1.27
C THR YB 72 42.90 -0.15 -0.50
N ALA YB 73 43.11 -1.34 -1.03
CA ALA YB 73 43.98 -2.34 -0.45
C ALA YB 73 45.35 -2.38 -1.11
N TRP YB 74 45.63 -1.44 -2.01
CA TRP YB 74 46.94 -1.32 -2.65
C TRP YB 74 47.69 -0.08 -2.17
N PHE YB 75 47.07 0.73 -1.31
CA PHE YB 75 47.73 1.88 -0.72
C PHE YB 75 47.39 1.96 0.77
N SER ZB 1 62.73 5.43 -31.45
CA SER ZB 1 62.42 4.23 -32.21
C SER ZB 1 63.55 3.22 -32.15
N ILE ZB 2 63.21 1.97 -31.82
CA ILE ZB 2 64.17 0.91 -31.61
C ILE ZB 2 64.32 0.11 -32.91
N PHE ZB 3 65.58 -0.17 -33.29
CA PHE ZB 3 65.88 -0.96 -34.49
C PHE ZB 3 65.08 -0.47 -35.69
N THR ZB 4 64.94 0.84 -35.82
CA THR ZB 4 64.10 1.44 -36.85
C THR ZB 4 64.95 2.24 -37.83
N PRO ZB 5 64.91 1.94 -39.13
CA PRO ZB 5 65.50 2.87 -40.10
C PRO ZB 5 64.81 4.22 -40.01
N MET ZB 6 65.59 5.25 -39.70
CA MET ZB 6 65.00 6.57 -39.50
C MET ZB 6 64.50 7.19 -40.80
N ASP ZB 7 64.96 6.67 -41.95
CA ASP ZB 7 64.35 7.08 -43.21
C ASP ZB 7 62.87 6.72 -43.23
N TRP ZB 8 62.53 5.55 -42.68
CA TRP ZB 8 61.13 5.17 -42.56
C TRP ZB 8 60.39 6.07 -41.58
N MET ZB 9 61.03 6.39 -40.44
CA MET ZB 9 60.41 7.30 -39.48
C MET ZB 9 60.11 8.65 -40.11
N PHE ZB 10 61.00 9.14 -40.97
CA PHE ZB 10 60.81 10.44 -41.60
C PHE ZB 10 59.64 10.40 -42.58
N TYR ZB 11 59.46 9.27 -43.28
CA TYR ZB 11 58.44 9.16 -44.31
C TYR ZB 11 57.05 8.95 -43.73
N TYR ZB 12 56.90 7.95 -42.85
CA TYR ZB 12 55.59 7.57 -42.37
C TYR ZB 12 55.09 8.46 -41.23
N PHE ZB 13 55.98 9.17 -40.54
CA PHE ZB 13 55.61 10.01 -39.40
C PHE ZB 13 56.19 11.40 -39.61
N PRO ZB 14 55.75 12.09 -40.67
CA PRO ZB 14 56.34 13.40 -40.97
C PRO ZB 14 56.14 14.44 -39.89
N ASN ZB 15 54.96 14.49 -39.28
CA ASN ZB 15 54.70 15.53 -38.28
C ASN ZB 15 55.47 15.25 -36.99
N TYR ZB 16 55.58 13.99 -36.61
CA TYR ZB 16 56.35 13.64 -35.42
C TYR ZB 16 57.84 13.90 -35.62
N SER ZB 17 58.31 13.92 -36.87
CA SER ZB 17 59.72 14.10 -37.16
C SER ZB 17 60.06 15.52 -37.63
N ARG ZB 18 59.08 16.43 -37.70
CA ARG ZB 18 59.31 17.76 -38.26
C ARG ZB 18 60.52 18.44 -37.63
N ASP ZB 19 60.62 18.43 -36.31
CA ASP ZB 19 61.76 19.04 -35.62
C ASP ZB 19 62.79 17.92 -35.43
N LYS ZB 20 63.82 17.94 -36.28
CA LYS ZB 20 64.80 16.85 -36.26
C LYS ZB 20 65.71 16.93 -35.03
N VAL ZB 21 65.93 18.12 -34.51
CA VAL ZB 21 66.71 18.25 -33.29
C VAL ZB 21 65.99 17.60 -32.12
N ALA ZB 22 64.70 17.90 -31.96
CA ALA ZB 22 63.91 17.27 -30.91
C ALA ZB 22 63.82 15.76 -31.13
N LEU ZB 23 63.72 15.35 -32.39
CA LEU ZB 23 63.68 13.93 -32.70
C LEU ZB 23 64.94 13.22 -32.23
N MET ZB 24 66.09 13.85 -32.41
CA MET ZB 24 67.34 13.27 -31.95
C MET ZB 24 67.36 13.13 -30.44
N ALA ZB 25 66.86 14.14 -29.73
CA ALA ZB 25 66.84 14.09 -28.27
C ALA ZB 25 66.00 12.92 -27.77
N ARG ZB 26 64.82 12.70 -28.39
CA ARG ZB 26 63.99 11.58 -27.99
C ARG ZB 26 64.69 10.25 -28.23
N GLN ZB 27 65.43 10.15 -29.35
CA GLN ZB 27 66.18 8.93 -29.63
C GLN ZB 27 67.12 8.62 -28.48
N ILE ZB 28 67.86 9.63 -28.00
CA ILE ZB 28 68.78 9.43 -26.90
C ILE ZB 28 68.02 9.07 -25.62
N LYS ZB 29 66.98 9.83 -25.31
CA LYS ZB 29 66.25 9.62 -24.07
C LYS ZB 29 65.62 8.25 -24.02
N ILE ZB 30 64.99 7.82 -25.12
CA ILE ZB 30 64.30 6.54 -25.14
C ILE ZB 30 65.29 5.41 -24.87
N HIS ZB 31 66.43 5.44 -25.53
CA HIS ZB 31 67.41 4.37 -25.34
C HIS ZB 31 68.13 4.48 -24.02
N PHE ZB 32 68.24 5.70 -23.47
CA PHE ZB 32 68.76 5.83 -22.11
C PHE ZB 32 67.84 5.16 -21.10
N ALA ZB 33 66.52 5.40 -21.23
CA ALA ZB 33 65.58 4.78 -20.31
C ALA ZB 33 65.55 3.27 -20.47
N ILE ZB 34 65.75 2.77 -21.70
CA ILE ZB 34 65.78 1.34 -21.92
C ILE ZB 34 66.96 0.70 -21.20
N GLY ZB 35 68.14 1.30 -21.33
CA GLY ZB 35 69.30 0.77 -20.65
C GLY ZB 35 69.15 0.81 -19.14
N PHE ZB 36 68.66 1.94 -18.62
CA PHE ZB 36 68.46 2.07 -17.18
C PHE ZB 36 67.47 1.03 -16.68
N ALA ZB 37 66.37 0.83 -17.42
CA ALA ZB 37 65.34 -0.11 -16.99
C ALA ZB 37 65.86 -1.54 -16.98
N LEU ZB 38 66.71 -1.90 -17.94
CA LEU ZB 38 67.23 -3.26 -18.00
C LEU ZB 38 67.98 -3.61 -16.73
N VAL ZB 39 68.80 -2.70 -16.23
CA VAL ZB 39 69.60 -3.00 -15.04
C VAL ZB 39 68.70 -3.21 -13.83
N PHE ZB 40 67.76 -2.30 -13.61
CA PHE ZB 40 66.98 -2.29 -12.38
C PHE ZB 40 65.67 -3.06 -12.48
N LEU ZB 41 65.31 -3.59 -13.66
CA LEU ZB 41 64.09 -4.36 -13.82
C LEU ZB 41 64.30 -5.75 -14.37
N VAL ZB 42 65.47 -6.05 -14.96
CA VAL ZB 42 65.76 -7.36 -15.51
C VAL ZB 42 66.88 -8.06 -14.73
N TYR ZB 43 67.88 -7.31 -14.28
CA TYR ZB 43 69.02 -7.84 -13.55
C TYR ZB 43 68.86 -7.71 -12.04
N HIS ZB 44 68.58 -6.50 -11.57
CA HIS ZB 44 68.55 -6.24 -10.13
C HIS ZB 44 67.49 -7.02 -9.36
N PRO ZB 45 66.24 -7.13 -9.81
CA PRO ZB 45 65.15 -7.64 -8.95
C PRO ZB 45 65.58 -8.84 -8.12
N PRO ZB 46 65.58 -8.73 -6.80
CA PRO ZB 46 66.11 -9.80 -5.96
C PRO ZB 46 65.13 -10.94 -5.73
N TYR ZB 47 65.70 -12.14 -5.56
CA TYR ZB 47 64.94 -13.35 -5.26
C TYR ZB 47 63.84 -13.61 -6.30
N LYS ZB 48 64.15 -13.37 -7.57
CA LYS ZB 48 63.20 -13.57 -8.64
C LYS ZB 48 63.86 -14.35 -9.78
N GLY ZB 49 63.03 -14.99 -10.59
CA GLY ZB 49 63.51 -15.75 -11.72
C GLY ZB 49 64.00 -17.14 -11.41
N ALA ZB 50 63.69 -17.66 -10.23
CA ALA ZB 50 64.13 -18.98 -9.80
C ALA ZB 50 63.01 -20.01 -9.85
N ASP ZB 51 61.95 -19.74 -10.63
CA ASP ZB 51 60.84 -20.68 -10.79
C ASP ZB 51 61.14 -21.59 -11.98
N TYR ZB 52 61.94 -22.61 -11.71
CA TYR ZB 52 62.37 -23.54 -12.74
C TYR ZB 52 61.32 -24.57 -13.10
N GLY ZB 53 60.22 -24.64 -12.34
CA GLY ZB 53 59.08 -25.43 -12.73
C GLY ZB 53 58.21 -24.77 -13.76
N ASN ZB 54 58.53 -23.53 -14.12
CA ASN ZB 54 57.77 -22.75 -15.10
C ASN ZB 54 58.59 -22.44 -16.35
N PHE ZB 55 59.61 -23.24 -16.66
CA PHE ZB 55 60.37 -23.06 -17.89
C PHE ZB 55 59.42 -22.98 -19.08
N HIS ZB 56 59.52 -21.90 -19.85
CA HIS ZB 56 58.67 -21.76 -21.02
C HIS ZB 56 58.92 -22.88 -22.02
N LYS ZB 57 57.85 -23.52 -22.48
CA LYS ZB 57 57.92 -24.58 -23.49
C LYS ZB 57 57.13 -24.13 -24.71
N SER ZB 58 57.84 -23.64 -25.72
CA SER ZB 58 57.23 -23.00 -26.88
C SER ZB 58 56.49 -23.99 -27.77
N PRO ZB 59 55.69 -23.50 -28.72
CA PRO ZB 59 55.01 -24.40 -29.66
C PRO ZB 59 55.95 -25.31 -30.41
N LEU ZB 60 57.18 -24.86 -30.68
CA LEU ZB 60 58.15 -25.70 -31.36
C LEU ZB 60 58.66 -26.81 -30.45
N TYR ZB 61 58.80 -26.50 -29.15
CA TYR ZB 61 59.17 -27.54 -28.19
C TYR ZB 61 58.19 -28.71 -28.26
N TRP ZB 62 56.89 -28.41 -28.26
CA TRP ZB 62 55.89 -29.48 -28.25
C TRP ZB 62 55.83 -30.21 -29.57
N TYR ZB 63 55.96 -29.50 -30.70
CA TYR ZB 63 55.98 -30.17 -31.99
C TYR ZB 63 57.06 -31.24 -32.02
N LYS ZB 64 58.27 -30.87 -31.62
CA LYS ZB 64 59.39 -31.81 -31.66
C LYS ZB 64 59.27 -32.86 -30.56
N TYR ZB 65 58.70 -32.50 -29.40
CA TYR ZB 65 58.55 -33.46 -28.31
C TYR ZB 65 57.52 -34.53 -28.67
N ASN ZB 66 56.38 -34.10 -29.21
CA ASN ZB 66 55.35 -35.06 -29.58
C ASN ZB 66 55.81 -35.98 -30.69
N GLN ZB 67 56.54 -35.43 -31.67
CA GLN ZB 67 57.05 -36.26 -32.75
C GLN ZB 67 57.91 -37.39 -32.19
N LEU ZB 68 58.84 -37.07 -31.29
CA LEU ZB 68 59.69 -38.11 -30.72
C LEU ZB 68 58.91 -39.00 -29.78
N GLU ZB 69 57.93 -38.44 -29.06
CA GLU ZB 69 57.11 -39.25 -28.17
C GLU ZB 69 56.33 -40.28 -28.96
N ARG ZB 70 55.76 -39.89 -30.10
CA ARG ZB 70 54.99 -40.82 -30.90
C ARG ZB 70 55.82 -42.05 -31.26
N SER ZB 71 57.04 -41.84 -31.72
CA SER ZB 71 57.96 -42.93 -31.94
C SER ZB 71 58.64 -43.29 -30.61
N GLY ZB 72 59.58 -44.23 -30.68
CA GLY ZB 72 60.31 -44.62 -29.49
C GLY ZB 72 61.53 -43.80 -29.21
N GLN ZB 73 61.79 -42.76 -30.01
CA GLN ZB 73 63.04 -42.02 -29.89
C GLN ZB 73 63.13 -41.31 -28.54
N LEU ZB 74 62.02 -40.73 -28.07
CA LEU ZB 74 62.05 -40.01 -26.81
C LEU ZB 74 62.42 -40.95 -25.67
N GLN ZB 75 61.80 -42.13 -25.61
CA GLN ZB 75 62.17 -43.10 -24.59
C GLN ZB 75 63.63 -43.52 -24.75
N GLU ZB 76 64.06 -43.79 -25.98
CA GLU ZB 76 65.44 -44.22 -26.21
C GLU ZB 76 66.42 -43.10 -25.85
N ASN ZB 77 66.10 -41.86 -26.21
CA ASN ZB 77 66.99 -40.75 -25.89
C ASN ZB 77 67.17 -40.60 -24.39
N LEU ZB 78 66.08 -40.71 -23.64
CA LEU ZB 78 66.17 -40.51 -22.19
C LEU ZB 78 66.80 -41.68 -21.47
N ARG ZB 79 66.81 -42.86 -22.10
CA ARG ZB 79 67.39 -44.03 -21.43
C ARG ZB 79 68.88 -43.80 -21.17
N ILE ZB 80 69.33 -44.26 -20.01
CA ILE ZB 80 70.74 -44.16 -19.66
C ILE ZB 80 71.49 -45.24 -20.41
N LYS ZB 81 72.45 -44.83 -21.23
CA LYS ZB 81 73.14 -45.75 -22.14
C LYS ZB 81 74.17 -46.60 -21.41
N ARG ZB 82 74.88 -46.03 -20.44
CA ARG ZB 82 75.86 -46.77 -19.65
C ARG ZB 82 75.80 -46.29 -18.21
N ASP ZB 83 75.78 -47.22 -17.27
CA ASP ZB 83 75.85 -46.89 -15.85
C ASP ZB 83 76.88 -47.76 -15.13
N TRP ZB 84 77.87 -48.25 -15.88
CA TRP ZB 84 79.02 -48.99 -15.35
C TRP ZB 84 80.29 -48.41 -15.94
N PHE ZB 85 81.40 -48.53 -15.22
CA PHE ZB 85 82.66 -47.96 -15.68
C PHE ZB 85 83.46 -48.92 -16.57
N TYR ZB 86 83.65 -50.16 -16.11
CA TYR ZB 86 84.49 -51.13 -16.80
C TYR ZB 86 83.65 -52.18 -17.52
N ASP ZB 87 84.03 -52.49 -18.75
CA ASP ZB 87 83.49 -53.64 -19.45
C ASP ZB 87 84.13 -54.92 -18.91
N GLU ZB 88 83.46 -56.05 -19.11
CA GLU ZB 88 83.93 -57.33 -18.62
C GLU ZB 88 84.82 -57.99 -19.67
N ASP ZB 89 86.03 -58.35 -19.26
CA ASP ZB 89 87.03 -58.89 -20.17
C ASP ZB 89 86.87 -60.41 -20.28
N PRO ZB 90 86.55 -60.96 -21.46
CA PRO ZB 90 86.38 -62.41 -21.61
C PRO ZB 90 87.70 -63.17 -21.63
N ILE AC 1 79.85 65.97 26.39
CA ILE AC 1 78.93 65.36 25.43
C ILE AC 1 78.17 66.44 24.68
N SER AC 2 78.25 66.42 23.35
CA SER AC 2 77.60 67.45 22.54
C SER AC 2 76.09 67.25 22.53
N THR AC 3 75.36 68.34 22.72
CA THR AC 3 73.90 68.34 22.62
C THR AC 3 73.42 69.06 21.37
N SER AC 4 74.34 69.44 20.48
CA SER AC 4 74.00 70.10 19.23
C SER AC 4 73.61 69.11 18.14
N GLU AC 5 73.52 67.83 18.47
CA GLU AC 5 73.17 66.78 17.52
C GLU AC 5 72.29 65.76 18.24
N THR AC 6 71.52 65.00 17.46
CA THR AC 6 70.71 63.94 18.02
C THR AC 6 71.59 62.73 18.35
N LEU AC 7 71.02 61.79 19.12
CA LEU AC 7 71.77 60.58 19.45
C LEU AC 7 72.10 59.77 18.20
N ASN AC 8 71.13 59.64 17.29
CA ASN AC 8 71.40 58.91 16.05
C ASN AC 8 72.51 59.58 15.25
N GLN AC 9 72.47 60.90 15.12
CA GLN AC 9 73.49 61.62 14.37
C GLN AC 9 74.86 61.42 14.99
N LYS AC 10 74.94 61.46 16.31
CA LYS AC 10 76.23 61.27 16.99
C LYS AC 10 76.82 59.91 16.67
N ILE AC 11 76.00 58.85 16.77
CA ILE AC 11 76.48 57.50 16.48
C ILE AC 11 76.96 57.41 15.04
N LEU AC 12 76.19 57.97 14.11
CA LEU AC 12 76.56 57.91 12.70
C LEU AC 12 77.82 58.72 12.43
N ARG AC 13 77.96 59.87 13.09
CA ARG AC 13 79.18 60.65 12.92
C ARG AC 13 80.41 59.85 13.32
N TRP AC 14 80.33 59.15 14.46
CA TRP AC 14 81.47 58.37 14.93
C TRP AC 14 81.75 57.17 14.05
N LEU AC 15 80.71 56.53 13.50
CA LEU AC 15 80.92 55.49 12.52
C LEU AC 15 81.45 56.03 11.21
N ASP AC 16 81.35 57.34 11.01
CA ASP AC 16 81.86 58.02 9.82
C ASP AC 16 83.23 58.67 10.08
N VAL AC 17 83.91 58.24 11.16
CA VAL AC 17 85.20 58.86 11.50
C VAL AC 17 86.17 58.71 10.33
N THR AC 18 86.10 57.60 9.61
CA THR AC 18 86.93 57.39 8.43
C THR AC 18 86.26 57.85 7.13
N GLY AC 19 85.06 58.41 7.22
CA GLY AC 19 84.38 58.94 6.05
C GLY AC 19 83.63 57.92 5.23
N MET AC 20 83.48 56.69 5.71
CA MET AC 20 82.82 55.65 4.91
C MET AC 20 81.38 56.05 4.60
N LEU AC 21 80.63 56.46 5.62
CA LEU AC 21 79.23 56.80 5.42
C LEU AC 21 79.07 58.03 4.54
N THR AC 22 79.94 59.03 4.71
CA THR AC 22 79.87 60.22 3.87
C THR AC 22 80.09 59.88 2.41
N ARG AC 23 81.05 59.00 2.12
CA ARG AC 23 81.29 58.60 0.74
C ARG AC 23 80.11 57.83 0.17
N TRP AC 24 79.39 57.09 1.01
CA TRP AC 24 78.20 56.39 0.54
C TRP AC 24 77.09 57.36 0.18
N HIS AC 25 76.86 58.38 1.00
CA HIS AC 25 75.75 59.29 0.79
C HIS AC 25 76.10 60.50 -0.05
N SER AC 26 77.34 60.62 -0.52
CA SER AC 26 77.73 61.71 -1.41
C SER AC 26 78.55 61.16 -2.56
N ARG AC 27 78.03 61.31 -3.79
CA ARG AC 27 78.80 60.93 -4.97
C ARG AC 27 80.02 61.81 -5.12
N ARG AC 28 79.87 63.12 -4.91
CA ARG AC 28 81.01 64.03 -5.06
C ARG AC 28 82.14 63.65 -4.11
N GLU AC 29 81.81 63.30 -2.87
CA GLU AC 29 82.84 62.94 -1.90
C GLU AC 29 83.52 61.63 -2.27
N PHE AC 30 82.78 60.69 -2.86
CA PHE AC 30 83.38 59.43 -3.28
C PHE AC 30 84.34 59.64 -4.45
N ILE AC 31 83.95 60.46 -5.42
CA ILE AC 31 84.80 60.64 -6.60
C ILE AC 31 86.06 61.43 -6.26
N LEU AC 32 85.98 62.33 -5.28
CA LEU AC 32 87.12 63.13 -4.88
C LEU AC 32 88.00 62.44 -3.85
N ASP AC 33 87.69 61.20 -3.50
CA ASP AC 33 88.58 60.35 -2.72
C ASP AC 33 89.35 59.38 -3.61
N MET AC 34 89.02 59.35 -4.90
CA MET AC 34 89.75 58.59 -5.89
C MET AC 34 90.99 59.36 -6.31
N ASP AC 35 92.05 58.65 -6.64
CA ASP AC 35 93.22 59.34 -7.16
C ASP AC 35 92.90 59.87 -8.56
N PRO AC 36 93.39 61.07 -8.90
CA PRO AC 36 93.00 61.72 -10.16
C PRO AC 36 92.93 60.85 -11.40
N TYR AC 37 93.82 59.86 -11.54
CA TYR AC 37 93.85 59.07 -12.78
C TYR AC 37 92.59 58.25 -12.94
N PHE AC 38 92.05 57.73 -11.84
CA PHE AC 38 90.87 56.90 -11.87
C PHE AC 38 89.59 57.72 -11.75
N ARG AC 39 89.70 58.95 -11.26
CA ARG AC 39 88.55 59.84 -11.17
C ARG AC 39 88.06 60.22 -12.56
N LYS AC 40 88.93 60.10 -13.55
CA LYS AC 40 88.59 60.41 -14.94
C LYS AC 40 87.48 59.52 -15.47
N ASN AC 41 87.40 58.28 -15.00
CA ASN AC 41 86.42 57.31 -15.48
C ASN AC 41 85.18 57.27 -14.60
N SER AC 42 85.12 58.09 -13.55
CA SER AC 42 84.05 57.99 -12.55
C SER AC 42 82.70 58.42 -13.11
N GLY AC 43 82.68 59.42 -13.98
CA GLY AC 43 81.42 59.97 -14.45
C GLY AC 43 80.54 58.97 -15.18
N MET AC 44 81.11 57.85 -15.60
CA MET AC 44 80.35 56.83 -16.32
C MET AC 44 79.61 55.88 -15.39
N TRP AC 45 80.03 55.78 -14.13
CA TRP AC 45 79.42 54.86 -13.18
C TRP AC 45 77.97 55.24 -12.89
N THR AC 46 77.11 54.24 -12.73
CA THR AC 46 75.75 54.49 -12.23
C THR AC 46 75.78 54.51 -10.71
N GLU AC 47 74.76 55.13 -10.11
CA GLU AC 47 74.66 55.09 -8.65
C GLU AC 47 74.44 53.68 -8.14
N TRP AC 48 73.73 52.85 -8.92
CA TRP AC 48 73.59 51.45 -8.56
C TRP AC 48 74.97 50.80 -8.46
N GLU AC 49 75.79 50.96 -9.49
CA GLU AC 49 77.11 50.35 -9.50
C GLU AC 49 77.98 50.87 -8.37
N ARG AC 50 77.87 52.17 -8.07
CA ARG AC 50 78.74 52.76 -7.06
C ARG AC 50 78.43 52.21 -5.67
N LYS AC 51 77.16 52.24 -5.28
CA LYS AC 51 76.79 51.80 -3.93
C LYS AC 51 76.93 50.29 -3.78
N THR AC 52 76.65 49.54 -4.85
CA THR AC 52 76.87 48.10 -4.79
C THR AC 52 78.35 47.79 -4.58
N LEU AC 53 79.23 48.54 -5.23
CA LEU AC 53 80.66 48.35 -5.02
C LEU AC 53 81.05 48.64 -3.57
N LEU AC 54 80.56 49.76 -3.04
CA LEU AC 54 80.85 50.08 -1.64
C LEU AC 54 80.31 49.02 -0.71
N PHE AC 55 79.11 48.50 -1.00
CA PHE AC 55 78.52 47.47 -0.17
C PHE AC 55 79.40 46.22 -0.15
N LEU AC 56 79.84 45.77 -1.32
CA LEU AC 56 80.72 44.61 -1.38
C LEU AC 56 82.04 44.90 -0.68
N PHE AC 57 82.59 46.08 -0.89
CA PHE AC 57 83.84 46.44 -0.24
C PHE AC 57 83.66 46.57 1.27
N TYR AC 58 82.57 47.20 1.71
CA TYR AC 58 82.36 47.38 3.14
C TYR AC 58 82.09 46.06 3.84
N CYS AC 59 81.30 45.18 3.22
CA CYS AC 59 81.06 43.87 3.82
C CYS AC 59 82.36 43.10 3.99
N CYS AC 60 83.23 43.16 2.99
CA CYS AC 60 84.49 42.43 3.05
C CYS AC 60 85.39 42.97 4.15
N THR AC 61 85.58 44.29 4.19
CA THR AC 61 86.49 44.87 5.17
C THR AC 61 85.97 44.73 6.59
N LEU AC 62 84.64 44.67 6.75
CA LEU AC 62 84.06 44.54 8.08
C LEU AC 62 84.05 43.12 8.58
N ALA AC 63 84.30 42.14 7.71
CA ALA AC 63 84.41 40.74 8.09
C ALA AC 63 85.85 40.30 8.29
N THR AC 64 86.80 41.06 7.75
CA THR AC 64 88.21 40.77 8.00
C THR AC 64 88.54 40.74 9.49
N PRO AC 65 88.06 41.67 10.31
CA PRO AC 65 88.31 41.53 11.76
C PRO AC 65 87.77 40.24 12.35
N TYR AC 66 86.61 39.79 11.88
CA TYR AC 66 86.04 38.55 12.39
C TYR AC 66 86.91 37.35 12.02
N SER AC 67 87.35 37.28 10.76
CA SER AC 67 88.26 36.22 10.36
C SER AC 67 89.56 36.30 11.14
N ALA AC 68 90.02 37.51 11.41
CA ALA AC 68 91.22 37.70 12.22
C ALA AC 68 91.03 37.15 13.62
N TYR AC 69 89.85 37.38 14.20
CA TYR AC 69 89.55 36.81 15.52
C TYR AC 69 89.52 35.29 15.46
N LEU AC 70 88.88 34.74 14.43
CA LEU AC 70 88.82 33.29 14.29
C LEU AC 70 90.19 32.69 14.10
N ASP AC 71 91.07 33.40 13.39
CA ASP AC 71 92.41 32.88 13.13
C ASP AC 71 93.27 32.95 14.38
N LEU AC 72 93.12 34.01 15.18
CA LEU AC 72 93.87 34.11 16.43
C LEU AC 72 93.50 32.98 17.38
N GLN AC 73 92.19 32.69 17.50
CA GLN AC 73 91.78 31.58 18.35
C GLN AC 73 92.35 30.27 17.84
N GLU AC 74 92.44 30.11 16.52
CA GLU AC 74 93.04 28.91 15.97
C GLU AC 74 94.50 28.80 16.37
N LEU AC 75 95.24 29.91 16.26
CA LEU AC 75 96.65 29.88 16.62
C LEU AC 75 96.82 29.56 18.09
N LYS AC 76 95.98 30.12 18.95
CA LYS AC 76 96.06 29.81 20.38
C LYS AC 76 95.75 28.34 20.64
N HIS AC 77 94.75 27.79 19.94
CA HIS AC 77 94.42 26.39 20.11
C HIS AC 77 95.60 25.51 19.72
N GLN AC 78 96.22 25.79 18.57
CA GLN AC 78 97.37 25.01 18.14
C GLN AC 78 98.57 25.24 19.05
N GLY AC 79 98.70 26.45 19.60
CA GLY AC 79 99.80 26.75 20.49
C GLY AC 79 99.76 26.00 21.81
N THR AC 80 98.59 25.55 22.22
CA THR AC 80 98.41 24.78 23.45
C THR AC 80 97.63 23.52 23.17
N LYS AC 81 98.00 22.83 22.10
CA LYS AC 81 97.26 21.63 21.69
C LYS AC 81 97.43 20.53 22.73
N PRO AC 82 96.35 19.90 23.19
CA PRO AC 82 96.47 18.90 24.26
C PRO AC 82 97.29 17.70 23.81
N PRO AC 83 98.08 17.11 24.71
CA PRO AC 83 98.75 15.85 24.38
C PRO AC 83 97.74 14.74 24.09
N ARG AC 84 98.09 13.85 23.18
CA ARG AC 84 97.26 12.73 22.78
C ARG AC 84 97.96 11.42 23.11
N PRO AC 85 97.23 10.31 23.22
CA PRO AC 85 97.88 9.06 23.61
C PRO AC 85 98.91 8.62 22.58
N VAL AC 86 100.01 8.02 23.05
CA VAL AC 86 101.00 7.48 22.13
C VAL AC 86 100.37 6.34 21.34
N SER AC 87 100.53 6.38 20.03
CA SER AC 87 99.90 5.40 19.16
C SER AC 87 100.50 4.03 19.37
N LEU AC 88 99.65 3.04 19.63
CA LEU AC 88 100.09 1.65 19.58
C LEU AC 88 100.42 1.29 18.13
N GLU AC 89 101.48 0.52 17.93
CA GLU AC 89 101.99 0.26 16.58
C GLU AC 89 101.22 -0.93 15.99
N SER AC 90 100.14 -0.62 15.29
CA SER AC 90 99.18 -1.62 14.83
C SER AC 90 99.73 -2.43 13.65
N ARG AC 91 98.87 -3.29 13.09
CA ARG AC 91 99.29 -4.23 12.07
C ARG AC 91 99.90 -3.53 10.86
N PHE AC 92 99.36 -2.38 10.48
CA PHE AC 92 99.77 -1.69 9.26
C PHE AC 92 100.26 -0.28 9.57
N MET AC 93 100.84 -0.09 10.74
CA MET AC 93 101.26 1.23 11.20
C MET AC 93 102.78 1.31 11.28
N ASN AC 94 103.33 2.42 10.79
CA ASN AC 94 104.76 2.71 10.87
C ASN AC 94 105.57 1.71 10.04
N GLN AC 95 105.13 1.48 8.81
CA GLN AC 95 105.83 0.61 7.89
C GLN AC 95 106.84 1.45 7.11
N ARG AC 96 108.07 0.96 7.05
CA ARG AC 96 109.16 1.66 6.38
C ARG AC 96 109.93 0.69 5.51
N ARG AC 97 110.15 1.06 4.26
CA ARG AC 97 110.99 0.29 3.36
C ARG AC 97 112.40 0.85 3.26
N TYR AC 98 112.58 2.13 3.56
CA TYR AC 98 113.87 2.80 3.48
C TYR AC 98 113.78 4.04 4.36
N ASP AC 99 114.94 4.62 4.65
CA ASP AC 99 114.99 5.77 5.53
C ASP AC 99 114.40 7.00 4.85
N PHE AC 100 114.07 8.00 5.67
CA PHE AC 100 113.52 9.26 5.18
C PHE AC 100 114.67 10.18 4.81
N THR AC 101 114.90 10.35 3.50
CA THR AC 101 115.99 11.20 3.04
C THR AC 101 115.60 12.08 1.86
N TRP AC 102 114.34 12.09 1.45
CA TRP AC 102 113.96 12.86 0.28
C TRP AC 102 114.14 14.36 0.49
N MET AC 103 114.11 14.83 1.73
CA MET AC 103 114.36 16.25 2.00
C MET AC 103 115.82 16.60 1.87
N HIS AC 104 116.72 15.70 2.25
CA HIS AC 104 118.16 15.93 2.24
C HIS AC 104 118.83 14.77 1.53
N PRO AC 105 118.77 14.73 0.21
CA PRO AC 105 119.31 13.56 -0.51
C PRO AC 105 120.78 13.30 -0.24
N GLN AC 106 121.58 14.35 -0.08
CA GLN AC 106 123.01 14.20 0.14
C GLN AC 106 123.39 14.28 1.61
N ASP AC 107 122.80 15.21 2.36
CA ASP AC 107 123.16 15.35 3.77
C ASP AC 107 122.56 14.23 4.62
N LYS AC 108 121.30 13.86 4.33
CA LYS AC 108 120.63 12.75 5.01
C LYS AC 108 120.50 13.04 6.51
N PHE AC 109 120.02 14.23 6.83
CA PHE AC 109 119.74 14.57 8.21
C PHE AC 109 118.53 13.79 8.72
N CYS AC 110 118.63 13.30 9.95
CA CYS AC 110 117.52 12.66 10.65
C CYS AC 110 116.86 11.59 9.76
N SER AC 111 117.67 10.65 9.29
CA SER AC 111 117.16 9.64 8.40
C SER AC 111 116.05 8.82 9.05
N GLU AC 112 116.09 8.66 10.37
CA GLU AC 112 115.09 7.87 11.06
C GLU AC 112 113.82 8.67 11.37
N CYS AC 113 113.90 10.00 11.42
CA CYS AC 113 112.76 10.83 11.75
C CYS AC 113 111.96 11.16 10.50
N ARG AC 114 110.67 11.39 10.69
CA ARG AC 114 109.79 11.73 9.59
C ARG AC 114 109.85 13.23 9.30
N PRO AC 115 109.41 13.64 8.11
CA PRO AC 115 109.67 15.02 7.67
C PRO AC 115 109.25 16.11 8.64
N VAL AC 116 108.11 15.97 9.32
CA VAL AC 116 107.66 17.02 10.23
C VAL AC 116 107.47 16.45 11.63
N GLU AC 117 108.29 15.46 12.00
CA GLU AC 117 108.23 14.86 13.34
C GLU AC 117 109.19 15.64 14.23
N LEU AC 118 108.65 16.67 14.90
CA LEU AC 118 109.49 17.66 15.57
C LEU AC 118 110.23 17.09 16.78
N GLU AC 119 109.64 16.15 17.52
CA GLU AC 119 110.29 15.67 18.73
C GLU AC 119 111.44 14.72 18.40
N CYS AC 120 111.24 13.88 17.38
CA CYS AC 120 112.33 13.02 16.92
C CYS AC 120 113.50 13.83 16.42
N LYS AC 121 113.24 14.90 15.66
CA LYS AC 121 114.31 15.73 15.14
C LYS AC 121 115.06 16.43 16.27
N LYS AC 122 114.36 16.88 17.29
CA LYS AC 122 115.02 17.57 18.40
C LYS AC 122 116.07 16.68 19.04
N MET AC 123 115.70 15.44 19.36
CA MET AC 123 116.66 14.52 19.94
C MET AC 123 117.76 14.17 18.95
N CYS AC 124 117.43 14.11 17.65
CA CYS AC 124 118.46 13.85 16.65
C CYS AC 124 119.41 15.01 16.51
N PHE AC 125 118.89 16.25 16.54
CA PHE AC 125 119.77 17.41 16.52
C PHE AC 125 120.68 17.44 17.74
N ASP AC 126 120.17 17.01 18.89
CA ASP AC 126 121.00 16.98 20.09
C ASP AC 126 122.17 16.03 19.93
N ARG AC 127 121.95 14.89 19.28
CA ARG AC 127 123.06 13.98 19.01
C ARG AC 127 124.10 14.65 18.12
N TYR AC 128 123.66 15.34 17.07
CA TYR AC 128 124.60 16.00 16.18
C TYR AC 128 125.38 17.09 16.91
N ARG AC 129 124.69 17.85 17.76
CA ARG AC 129 125.38 18.87 18.55
C ARG AC 129 126.39 18.24 19.49
N SER AC 130 126.02 17.13 20.12
CA SER AC 130 126.96 16.41 20.97
C SER AC 130 128.12 15.86 20.17
N MET AC 131 127.99 15.76 18.85
CA MET AC 131 129.04 15.32 17.96
C MET AC 131 129.76 16.49 17.29
N ASP AC 132 129.58 17.71 17.80
CA ASP AC 132 130.28 18.90 17.35
C ASP AC 132 129.73 19.43 16.03
N TYR AC 133 128.50 19.10 15.68
CA TYR AC 133 127.86 19.55 14.46
C TYR AC 133 126.66 20.40 14.83
N ARG AC 134 126.67 21.67 14.44
CA ARG AC 134 125.60 22.58 14.81
C ARG AC 134 124.36 22.36 13.96
N MET AC 135 123.20 22.40 14.62
CA MET AC 135 121.89 22.35 13.98
C MET AC 135 121.01 23.43 14.60
N TYR AC 136 120.08 23.95 13.80
CA TYR AC 136 119.23 25.06 14.25
C TYR AC 136 117.87 24.54 14.72
N GLY AC 137 117.43 25.05 15.87
CA GLY AC 137 116.08 24.87 16.33
C GLY AC 137 115.99 24.00 17.58
N PHE AC 138 114.81 24.06 18.21
CA PHE AC 138 114.44 23.17 19.30
C PHE AC 138 115.29 23.42 20.55
N GLN AC 139 115.54 24.68 20.86
CA GLN AC 139 116.36 25.01 22.03
C GLN AC 139 115.76 26.07 22.94
N ARG AC 140 114.88 26.92 22.46
CA ARG AC 140 114.30 27.95 23.30
C ARG AC 140 112.98 27.48 23.87
N PRO AC 141 112.73 27.64 25.17
CA PRO AC 141 111.40 27.33 25.70
C PRO AC 141 110.33 28.18 25.02
N ARG AC 142 109.16 27.57 24.83
CA ARG AC 142 108.11 28.22 24.05
C ARG AC 142 107.65 29.51 24.72
N ILE AC 143 107.54 29.50 26.05
CA ILE AC 143 107.01 30.66 26.77
C ILE AC 143 108.00 31.81 26.82
N GLN AC 144 109.25 31.61 26.42
CA GLN AC 144 110.25 32.66 26.42
C GLN AC 144 110.49 33.24 25.04
N THR AC 145 109.64 32.93 24.07
CA THR AC 145 109.78 33.44 22.72
C THR AC 145 108.51 34.16 22.30
N TYR AC 146 108.66 35.07 21.35
CA TYR AC 146 107.52 35.82 20.84
C TYR AC 146 106.76 35.01 19.79
N TYR AC 147 105.47 35.30 19.68
CA TYR AC 147 104.60 34.71 18.68
C TYR AC 147 104.38 33.22 18.90
N SER AC 148 104.61 32.74 20.11
CA SER AC 148 104.44 31.32 20.40
C SER AC 148 102.98 30.93 20.55
N PHE AC 149 102.14 31.87 21.01
CA PHE AC 149 100.74 31.60 21.30
C PHE AC 149 100.58 30.51 22.35
N SER AC 150 101.50 30.43 23.30
CA SER AC 150 101.45 29.45 24.37
C SER AC 150 101.59 30.08 25.74
N THR AC 151 101.54 31.41 25.83
CA THR AC 151 101.71 32.11 27.09
C THR AC 151 100.37 32.25 27.80
N CYS AC 152 100.42 32.22 29.13
CA CYS AC 152 99.22 32.31 29.94
C CYS AC 152 98.57 33.67 29.80
N HIS BC 1 68.06 34.20 -23.09
CA HIS BC 1 67.25 34.69 -21.98
C HIS BC 1 65.89 35.15 -22.50
N ILE BC 2 65.02 35.60 -21.58
CA ILE BC 2 63.71 36.14 -21.94
C ILE BC 2 63.61 37.57 -21.44
N PRO BC 3 63.62 38.58 -22.31
CA PRO BC 3 63.51 39.97 -21.86
C PRO BC 3 62.32 40.20 -20.94
N HIS BC 4 62.57 40.81 -19.78
CA HIS BC 4 61.57 41.05 -18.76
C HIS BC 4 61.75 42.45 -18.16
N PRO BC 5 60.74 42.96 -17.46
CA PRO BC 5 60.85 44.30 -16.85
C PRO BC 5 61.56 44.28 -15.50
N VAL BC 6 62.01 45.48 -15.07
CA VAL BC 6 62.60 45.63 -13.75
C VAL BC 6 61.51 45.48 -12.70
N LYS BC 7 61.71 44.57 -11.75
CA LYS BC 7 60.68 44.22 -10.78
C LYS BC 7 60.71 45.09 -9.53
N TYR BC 8 61.64 46.04 -9.43
CA TYR BC 8 61.71 46.93 -8.28
C TYR BC 8 60.55 47.90 -8.29
N VAL BC 9 59.70 47.84 -7.26
CA VAL BC 9 58.54 48.72 -7.14
C VAL BC 9 58.67 49.71 -6.01
N GLY BC 10 59.81 49.72 -5.30
CA GLY BC 10 60.01 50.62 -4.19
C GLY BC 10 60.41 52.02 -4.61
N PRO BC 11 60.77 52.85 -3.64
CA PRO BC 11 61.09 54.25 -3.93
C PRO BC 11 62.44 54.39 -4.63
N ARG BC 12 62.42 55.09 -5.77
CA ARG BC 12 63.63 55.22 -6.57
C ARG BC 12 64.63 56.22 -5.99
N ARG BC 13 64.17 57.18 -5.18
CA ARG BC 13 65.07 58.14 -4.56
C ARG BC 13 64.49 58.60 -3.22
N TYR BC 14 65.36 58.69 -2.21
CA TYR BC 14 64.99 59.23 -0.91
C TYR BC 14 65.18 60.73 -0.81
N GLY BC 15 65.87 61.35 -1.77
CA GLY BC 15 66.27 62.73 -1.66
C GLY BC 15 67.68 62.88 -1.11
N ARG BC 16 68.16 64.12 -1.15
CA ARG BC 16 69.50 64.41 -0.66
C ARG BC 16 69.59 64.12 0.83
N TYR BC 17 70.71 63.52 1.24
CA TYR BC 17 70.93 63.26 2.66
C TYR BC 17 71.14 64.58 3.38
N VAL BC 18 70.25 64.88 4.33
CA VAL BC 18 70.37 66.07 5.16
C VAL BC 18 70.34 65.57 6.60
N TYR BC 19 71.52 65.25 7.13
CA TYR BC 19 71.68 64.78 8.50
C TYR BC 19 70.64 63.71 8.85
N GLY BC 20 70.36 62.84 7.89
CA GLY BC 20 69.47 61.72 8.13
C GLY BC 20 68.05 62.11 8.47
N MET BC 21 67.54 63.16 7.87
CA MET BC 21 66.16 63.60 8.09
C MET BC 21 65.28 63.17 6.94
N ASN BC 22 64.01 62.92 7.25
CA ASN BC 22 63.01 62.57 6.24
C ASN BC 22 63.41 61.34 5.46
N ARG BC 23 63.82 60.30 6.18
CA ARG BC 23 64.24 59.03 5.60
C ARG BC 23 63.41 57.90 6.17
N PRO BC 24 63.29 56.79 5.45
CA PRO BC 24 62.43 55.69 5.90
C PRO BC 24 62.98 55.05 7.15
N PRO BC 25 62.19 54.19 7.80
CA PRO BC 25 62.73 53.40 8.92
C PRO BC 25 63.84 52.48 8.44
N VAL BC 26 64.71 52.10 9.38
CA VAL BC 26 65.89 51.32 9.03
C VAL BC 26 65.48 50.03 8.33
N LEU BC 27 64.51 49.31 8.90
CA LEU BC 27 64.11 48.05 8.31
C LEU BC 27 63.52 48.24 6.92
N ARG BC 28 62.74 49.30 6.74
CA ARG BC 28 62.25 49.62 5.41
C ARG BC 28 63.40 49.85 4.44
N GLN BC 29 64.45 50.53 4.90
CA GLN BC 29 65.60 50.77 4.03
C GLN BC 29 66.32 49.47 3.68
N VAL BC 30 66.46 48.56 4.65
CA VAL BC 30 67.09 47.28 4.35
C VAL BC 30 66.27 46.52 3.32
N LYS BC 31 64.94 46.51 3.47
CA LYS BC 31 64.10 45.83 2.50
C LYS BC 31 64.22 46.46 1.13
N ASP BC 32 64.23 47.79 1.06
CA ASP BC 32 64.37 48.46 -0.23
C ASP BC 32 65.71 48.13 -0.88
N TRP BC 33 66.76 48.04 -0.07
CA TRP BC 33 68.07 47.71 -0.62
C TRP BC 33 68.07 46.36 -1.29
N ILE BC 34 67.55 45.34 -0.61
CA ILE BC 34 67.53 44.00 -1.18
C ILE BC 34 66.61 43.95 -2.40
N ASP BC 35 65.51 44.69 -2.36
CA ASP BC 35 64.66 44.79 -3.54
C ASP BC 35 65.44 45.39 -4.70
N TRP BC 36 66.27 46.39 -4.41
CA TRP BC 36 66.99 47.10 -5.46
C TRP BC 36 68.11 46.24 -6.03
N THR BC 37 68.75 45.41 -5.20
CA THR BC 37 69.89 44.60 -5.62
C THR BC 37 69.51 43.16 -5.93
N GLY BC 38 68.26 42.77 -5.72
CA GLY BC 38 67.81 41.45 -6.08
C GLY BC 38 67.77 40.47 -4.92
N TRP BC 39 66.63 39.82 -4.74
CA TRP BC 39 66.51 38.79 -3.73
C TRP BC 39 67.06 37.45 -4.20
N ASN BC 40 67.29 37.28 -5.49
CA ASN BC 40 67.80 36.01 -5.99
C ASN BC 40 69.17 35.70 -5.42
N SER BC 41 70.02 36.72 -5.29
CA SER BC 41 71.33 36.51 -4.68
C SER BC 41 71.20 36.16 -3.20
N VAL BC 42 70.28 36.80 -2.49
CA VAL BC 42 70.08 36.47 -1.09
C VAL BC 42 69.65 35.02 -0.93
N PHE BC 43 68.61 34.62 -1.67
CA PHE BC 43 68.14 33.24 -1.56
C PHE BC 43 69.22 32.26 -2.00
N GLY BC 44 69.89 32.56 -3.12
CA GLY BC 44 70.93 31.67 -3.59
C GLY BC 44 72.08 31.55 -2.61
N GLY BC 45 72.54 32.68 -2.08
CA GLY BC 45 73.67 32.66 -1.18
C GLY BC 45 73.39 31.95 0.13
N PHE BC 46 72.24 32.23 0.73
CA PHE BC 46 71.91 31.64 2.02
C PHE BC 46 71.38 30.22 1.91
N SER BC 47 70.99 29.78 0.71
CA SER BC 47 70.34 28.47 0.58
C SER BC 47 71.24 27.35 1.08
N PHE BC 48 72.52 27.37 0.68
CA PHE BC 48 73.40 26.26 1.02
C PHE BC 48 73.55 26.12 2.53
N GLN BC 49 73.77 27.24 3.23
CA GLN BC 49 73.97 27.16 4.67
C GLN BC 49 72.67 26.81 5.38
N VAL BC 50 71.55 27.36 4.92
CA VAL BC 50 70.26 27.04 5.53
C VAL BC 50 70.02 25.53 5.45
N ALA BC 51 70.26 24.95 4.28
CA ALA BC 51 70.05 23.52 4.12
C ALA BC 51 70.94 22.71 5.07
N PHE BC 52 72.23 23.02 5.07
CA PHE BC 52 73.16 22.27 5.92
C PHE BC 52 72.82 22.44 7.39
N GLY BC 53 72.54 23.67 7.80
CA GLY BC 53 72.21 23.91 9.19
C GLY BC 53 70.92 23.24 9.61
N LEU BC 54 69.88 23.32 8.77
CA LEU BC 54 68.62 22.69 9.11
C LEU BC 54 68.80 21.19 9.30
N MET BC 55 69.58 20.56 8.42
CA MET BC 55 69.76 19.11 8.52
C MET BC 55 70.53 18.73 9.78
N ILE BC 56 71.62 19.43 10.06
CA ILE BC 56 72.43 19.08 11.22
C ILE BC 56 71.63 19.31 12.50
N VAL BC 57 71.03 20.50 12.63
CA VAL BC 57 70.34 20.83 13.86
C VAL BC 57 69.07 20.00 14.01
N SER BC 58 68.46 19.59 12.90
CA SER BC 58 67.27 18.74 13.01
C SER BC 58 67.58 17.45 13.75
N GLY BC 59 68.83 17.01 13.73
CA GLY BC 59 69.20 15.82 14.49
C GLY BC 59 69.02 15.98 15.98
N VAL BC 60 68.91 17.21 16.46
CA VAL BC 60 68.70 17.42 17.89
C VAL BC 60 67.41 16.75 18.34
N TYR BC 61 66.40 16.75 17.49
CA TYR BC 61 65.13 16.11 17.78
C TYR BC 61 64.96 14.77 17.06
N LEU BC 62 65.41 14.69 15.81
CA LEU BC 62 65.22 13.47 15.03
C LEU BC 62 66.21 12.40 15.40
N ASN BC 63 67.44 12.78 15.72
CA ASN BC 63 68.48 11.81 16.02
C ASN BC 63 68.73 11.64 17.50
N ASN BC 64 68.51 12.67 18.32
CA ASN BC 64 68.82 12.57 19.74
C ASN BC 64 67.58 12.38 20.61
N TYR BC 65 66.66 13.35 20.60
CA TYR BC 65 65.48 13.26 21.48
C TYR BC 65 64.62 12.06 21.11
N ARG BC 66 64.13 12.03 19.88
CA ARG BC 66 63.31 10.91 19.42
C ARG BC 66 63.98 9.58 19.74
N ALA BC 67 65.26 9.46 19.41
CA ALA BC 67 65.99 8.21 19.59
C ALA BC 67 65.94 7.75 21.05
N THR BC 68 66.00 8.69 22.00
CA THR BC 68 65.92 8.34 23.40
C THR BC 68 64.65 7.54 23.71
N HIS BC 69 63.59 7.79 22.95
CA HIS BC 69 62.31 7.09 23.10
C HIS BC 69 61.97 6.28 21.86
N THR BC 70 62.96 5.92 21.05
CA THR BC 70 62.79 5.13 19.85
C THR BC 70 63.06 3.65 20.10
N LEU BC 71 64.19 3.32 20.70
CA LEU BC 71 64.54 1.94 21.00
C LEU BC 71 63.43 1.29 21.79
N TYR BC 72 62.74 0.32 21.17
CA TYR BC 72 61.59 -0.31 21.80
C TYR BC 72 61.98 -1.31 22.87
N TYR BC 73 63.25 -1.69 22.93
CA TYR BC 73 63.76 -2.67 23.87
C TYR BC 73 64.49 -2.01 25.05
N THR BC 74 64.43 -0.68 25.12
CA THR BC 74 65.08 0.10 26.16
C THR BC 74 64.14 0.47 27.30
N ASN BC 75 62.86 0.65 27.00
CA ASN BC 75 61.86 1.02 27.99
C ASN BC 75 61.52 -0.11 28.95
N LYS BC 76 62.10 -1.30 28.75
CA LYS BC 76 61.88 -2.46 29.60
C LYS BC 76 63.07 -2.64 30.54
N PRO BC 77 63.04 -2.09 31.75
CA PRO BC 77 64.19 -2.22 32.65
C PRO BC 77 64.25 -3.63 33.22
N ASP BC 78 65.46 -4.16 33.40
CA ASP BC 78 65.62 -5.50 33.97
C ASP BC 78 65.20 -5.48 35.44
N ASN BC 79 64.76 -6.63 35.95
CA ASN BC 79 64.28 -6.78 37.32
C ASN BC 79 62.94 -6.08 37.55
N GLN BC 80 62.16 -5.88 36.47
CA GLN BC 80 60.83 -5.31 36.54
C GLN BC 80 59.86 -6.21 35.79
N ASP BC 81 58.56 -6.18 36.18
CA ASP BC 81 57.52 -6.96 35.52
C ASP BC 81 56.56 -5.97 34.85
N ILE BC 82 56.33 -6.12 33.54
CA ILE BC 82 55.50 -5.18 32.80
C ILE BC 82 54.07 -5.70 32.66
N LEU BC 83 53.86 -7.01 32.84
CA LEU BC 83 52.55 -7.62 32.79
C LEU BC 83 52.00 -7.78 34.21
N GLY BC 84 52.77 -8.39 35.10
CA GLY BC 84 52.37 -8.67 36.46
C GLY BC 84 52.02 -10.14 36.58
N HIS BC 85 52.20 -10.70 37.78
CA HIS BC 85 51.90 -12.12 38.02
C HIS BC 85 51.16 -12.26 39.35
N GLY CC 1 73.21 39.53 -25.07
CA GLY CC 1 72.67 38.83 -23.92
C GLY CC 1 71.87 37.60 -24.31
N ARG CC 2 72.55 36.45 -24.32
CA ARG CC 2 71.93 35.19 -24.70
C ARG CC 2 72.39 34.13 -23.72
N ARG CC 3 71.45 33.28 -23.29
CA ARG CC 3 71.68 32.33 -22.21
C ARG CC 3 71.98 30.95 -22.78
N LEU CC 4 72.95 30.28 -22.15
CA LEU CC 4 73.36 28.94 -22.55
C LEU CC 4 72.83 27.85 -21.63
N LEU CC 5 72.75 28.11 -20.34
CA LEU CC 5 72.35 27.12 -19.35
C LEU CC 5 71.02 27.51 -18.73
N HIS CC 6 70.51 26.62 -17.87
CA HIS CC 6 69.29 26.91 -17.15
C HIS CC 6 69.48 28.15 -16.29
N GLY CC 7 68.43 28.97 -16.20
CA GLY CC 7 68.55 30.23 -15.50
C GLY CC 7 69.01 30.09 -14.06
N ASN CC 8 68.67 28.98 -13.42
CA ASN CC 8 69.10 28.70 -12.05
C ASN CC 8 69.91 27.42 -12.00
N TYR CC 9 70.84 27.27 -12.93
CA TYR CC 9 71.45 25.96 -13.14
C TYR CC 9 72.20 25.48 -11.90
N PHE CC 10 72.94 26.37 -11.23
CA PHE CC 10 73.81 25.92 -10.15
C PHE CC 10 73.00 25.34 -9.00
N THR CC 11 72.02 26.08 -8.50
CA THR CC 11 71.18 25.56 -7.43
C THR CC 11 70.34 24.39 -7.92
N ARG CC 12 69.85 24.47 -9.16
CA ARG CC 12 68.98 23.42 -9.66
C ARG CC 12 69.67 22.07 -9.65
N TYR CC 13 70.86 21.99 -10.25
CA TYR CC 13 71.52 20.69 -10.37
C TYR CC 13 72.24 20.29 -9.09
N LEU CC 14 72.51 21.22 -8.18
CA LEU CC 14 73.11 20.86 -6.91
C LEU CC 14 72.07 20.31 -5.95
N PHE CC 15 71.09 21.13 -5.57
CA PHE CC 15 70.04 20.66 -4.68
C PHE CC 15 69.25 19.54 -5.33
N GLY CC 16 69.00 19.66 -6.64
CA GLY CC 16 68.25 18.64 -7.33
C GLY CC 16 68.94 17.29 -7.28
N SER CC 17 70.24 17.27 -7.53
CA SER CC 17 70.98 16.00 -7.47
C SER CC 17 70.94 15.42 -6.07
N LEU CC 18 71.13 16.27 -5.05
CA LEU CC 18 71.06 15.78 -3.68
C LEU CC 18 69.71 15.17 -3.38
N ALA CC 19 68.64 15.81 -3.84
CA ALA CC 19 67.29 15.28 -3.58
C ALA CC 19 67.11 13.92 -4.24
N VAL CC 20 67.56 13.77 -5.48
CA VAL CC 20 67.40 12.49 -6.17
C VAL CC 20 68.21 11.40 -5.48
N ILE CC 21 69.42 11.74 -5.02
CA ILE CC 21 70.24 10.76 -4.31
C ILE CC 21 69.53 10.29 -3.05
N TRP CC 22 69.02 11.23 -2.26
CA TRP CC 22 68.36 10.88 -0.99
C TRP CC 22 67.13 10.03 -1.24
N ILE CC 23 66.30 10.42 -2.20
CA ILE CC 23 65.06 9.69 -2.47
C ILE CC 23 65.36 8.30 -3.00
N ALA CC 24 66.31 8.20 -3.93
CA ALA CC 24 66.67 6.89 -4.48
C ALA CC 24 67.19 5.96 -3.39
N GLU CC 25 67.92 6.50 -2.41
CA GLU CC 25 68.45 5.67 -1.34
C GLU CC 25 67.33 5.12 -0.46
N TYR CC 26 66.33 5.94 -0.16
CA TYR CC 26 65.19 5.44 0.61
C TYR CC 26 64.49 4.31 -0.14
N ALA CC 27 64.29 4.49 -1.44
CA ALA CC 27 63.66 3.44 -2.24
C ALA CC 27 64.48 2.16 -2.21
N ALA CC 28 65.80 2.28 -2.31
CA ALA CC 28 66.66 1.10 -2.29
C ALA CC 28 66.56 0.37 -0.95
N ALA CC 29 66.52 1.13 0.15
CA ALA CC 29 66.41 0.51 1.46
C ALA CC 29 65.09 -0.25 1.60
N CYS CC 30 64.00 0.32 1.08
CA CYS CC 30 62.70 -0.34 1.19
C CYS CC 30 62.69 -1.66 0.43
N GLN CC 31 63.31 -1.69 -0.75
CA GLN CC 31 63.27 -2.88 -1.58
C GLN CC 31 64.07 -4.03 -0.99
N TYR CC 32 65.13 -3.73 -0.25
CA TYR CC 32 65.96 -4.74 0.40
C TYR CC 32 65.59 -4.95 1.86
N GLY CC 33 64.67 -4.16 2.41
CA GLY CC 33 64.28 -4.29 3.80
C GLY CC 33 65.42 -4.08 4.78
N ILE CC 34 66.20 -3.02 4.58
CA ILE CC 34 67.35 -2.76 5.44
C ILE CC 34 66.88 -2.05 6.70
N PRO CC 35 67.35 -2.44 7.89
CA PRO CC 35 66.99 -1.69 9.11
C PRO CC 35 67.54 -0.27 9.04
N ARG CC 36 66.66 0.70 9.30
CA ARG CC 36 66.99 2.11 9.15
C ARG CC 36 67.22 2.82 10.49
N HIS CC 37 67.29 2.09 11.59
CA HIS CC 37 67.45 2.70 12.90
C HIS CC 37 68.95 2.78 13.23
N ARG CC 38 69.43 4.01 13.45
CA ARG CC 38 70.85 4.21 13.71
C ARG CC 38 71.23 3.76 15.11
N ASN CC 39 72.27 2.93 15.20
CA ASN CC 39 72.86 2.53 16.46
C ASN CC 39 74.27 3.11 16.53
N PRO CC 40 74.60 3.94 17.53
CA PRO CC 40 75.96 4.49 17.61
C PRO CC 40 76.95 3.65 18.40
N ASN CC 41 76.53 2.50 18.91
CA ASN CC 41 77.31 1.71 19.85
C ASN CC 41 77.91 0.48 19.19
N TRP CC 42 78.91 -0.09 19.85
CA TRP CC 42 79.39 -1.41 19.50
C TRP CC 42 78.38 -2.46 19.95
N MET CC 43 78.42 -3.63 19.31
CA MET CC 43 77.44 -4.68 19.56
C MET CC 43 78.01 -5.85 20.35
N TRP CC 44 79.25 -5.77 20.80
CA TRP CC 44 79.83 -6.82 21.63
C TRP CC 44 78.98 -6.98 22.89
N SER CC 45 78.23 -8.08 22.97
CA SER CC 45 77.22 -8.21 24.01
C SER CC 45 77.84 -8.29 25.39
N TRP CC 46 78.89 -9.09 25.54
CA TRP CC 46 79.55 -9.24 26.83
C TRP CC 46 80.09 -7.89 27.32
N TRP CC 47 80.62 -7.09 26.40
CA TRP CC 47 81.14 -5.78 26.79
C TRP CC 47 80.02 -4.86 27.27
N LEU CC 48 78.92 -4.80 26.52
CA LEU CC 48 77.80 -3.95 26.91
C LEU CC 48 77.24 -4.37 28.26
N GLU CC 49 77.32 -5.66 28.59
CA GLU CC 49 76.88 -6.12 29.89
C GLU CC 49 77.82 -5.64 31.00
N LYS CC 50 79.13 -5.67 30.75
CA LYS CC 50 80.07 -5.14 31.71
C LYS CC 50 79.85 -3.66 31.94
N GLN CC 51 79.50 -2.94 30.88
CA GLN CC 51 79.26 -1.50 31.00
C GLN CC 51 78.02 -1.21 31.84
N ASN CC 52 76.98 -2.04 31.71
CA ASN CC 52 75.80 -1.89 32.56
C ASN CC 52 76.15 -2.14 34.02
N GLN CC 53 77.01 -3.13 34.29
CA GLN CC 53 77.42 -3.40 35.65
C GLN CC 53 78.13 -2.20 36.26
N ILE CC 54 78.91 -1.49 35.45
CA ILE CC 54 79.57 -0.26 35.93
C ILE CC 54 78.53 0.81 36.22
N LYS CC 55 77.53 0.94 35.34
CA LYS CC 55 76.48 1.93 35.56
C LYS CC 55 75.61 1.56 36.76
N ASN CC 56 75.47 0.27 37.04
CA ASN CC 56 74.70 -0.19 38.19
C ASN CC 56 75.51 -0.16 39.49
N GLY CC 57 76.81 0.07 39.42
CA GLY CC 57 77.65 0.05 40.60
C GLY CC 57 78.17 -1.31 40.98
N GLU CC 58 77.93 -2.33 40.16
CA GLU CC 58 78.44 -3.67 40.45
C GLU CC 58 79.95 -3.74 40.24
N ILE CC 59 80.45 -3.04 39.23
CA ILE CC 59 81.88 -2.93 38.95
C ILE CC 59 82.31 -1.51 39.32
N PRO CC 60 83.41 -1.33 40.06
CA PRO CC 60 83.78 0.03 40.48
C PRO CC 60 84.08 0.93 39.31
N ALA CC 61 83.81 2.22 39.50
CA ALA CC 61 83.97 3.19 38.42
C ALA CC 61 85.43 3.30 38.00
N ASN CC 62 85.63 3.61 36.72
CA ASN CC 62 86.95 3.79 36.12
C ASN CC 62 87.78 2.51 36.13
N THR CC 63 87.14 1.37 36.31
CA THR CC 63 87.83 0.09 36.20
C THR CC 63 88.12 -0.19 34.73
N PRO CC 64 89.36 -0.42 34.34
CA PRO CC 64 89.67 -0.62 32.92
C PRO CC 64 89.10 -1.93 32.39
N GLY CC 65 88.91 -1.96 31.08
CA GLY CC 65 88.37 -3.14 30.44
C GLY CC 65 89.29 -4.34 30.51
N TYR CC 66 90.59 -4.09 30.56
CA TYR CC 66 91.56 -5.17 30.72
C TYR CC 66 91.63 -5.69 32.16
N ALA CC 67 91.03 -4.98 33.11
CA ALA CC 67 90.89 -5.49 34.46
C ALA CC 67 89.71 -6.44 34.60
N MET CC 68 89.02 -6.73 33.49
CA MET CC 68 87.82 -7.55 33.51
C MET CC 68 87.87 -8.73 32.54
N VAL CC 69 88.88 -8.83 31.69
CA VAL CC 69 88.94 -9.90 30.70
C VAL CC 69 89.56 -11.15 31.32
N LYS CC 70 89.39 -12.28 30.64
CA LYS CC 70 89.99 -13.54 31.08
C LYS CC 70 91.26 -13.87 30.31
N TRP CC 71 91.75 -12.94 29.50
CA TRP CC 71 93.05 -13.07 28.85
C TRP CC 71 93.61 -11.67 28.62
N ASN CC 72 94.86 -11.47 29.05
CA ASN CC 72 95.51 -10.17 28.93
C ASN CC 72 96.75 -10.30 28.05
N ASN CC 73 96.94 -9.31 27.18
CA ASN CC 73 98.15 -9.23 26.39
C ASN CC 73 99.28 -8.63 27.22
N GLU CC 74 100.47 -8.57 26.63
CA GLU CC 74 101.65 -8.14 27.37
C GLU CC 74 101.53 -6.69 27.83
N ALA CC 75 101.04 -5.81 26.96
CA ALA CC 75 100.96 -4.40 27.31
C ALA CC 75 99.95 -4.17 28.43
N GLU CC 76 98.89 -4.98 28.48
CA GLU CC 76 97.90 -4.85 29.54
C GLU CC 76 98.39 -5.45 30.85
N GLN CC 77 99.28 -6.44 30.79
CA GLN CC 77 99.95 -6.90 32.00
C GLN CC 77 100.83 -5.80 32.58
N ARG CC 78 101.52 -5.06 31.72
CA ARG CC 78 102.32 -3.93 32.17
C ARG CC 78 101.45 -2.92 32.90
N TRP CC 79 100.26 -2.65 32.36
CA TRP CC 79 99.38 -1.66 32.95
C TRP CC 79 98.78 -2.15 34.26
N LEU CC 80 98.48 -3.43 34.35
CA LEU CC 80 97.88 -3.97 35.57
C LEU CC 80 98.80 -3.83 36.76
N LYS CC 81 100.10 -3.79 36.54
CA LYS CC 81 101.03 -3.65 37.66
C LYS CC 81 100.95 -2.28 38.31
N THR CC 82 100.52 -1.27 37.58
CA THR CC 82 100.43 0.10 38.11
C THR CC 82 98.99 0.55 38.29
N LEU CC 83 98.02 -0.33 38.10
CA LEU CC 83 96.61 0.06 38.19
C LEU CC 83 96.15 0.07 39.64
N ASN CC 84 95.56 1.19 40.06
CA ASN CC 84 94.95 1.32 41.39
C ASN CC 84 93.64 2.09 41.21
N VAL CC 85 92.55 1.35 40.97
CA VAL CC 85 91.26 1.98 40.77
C VAL CC 85 90.80 2.69 42.04
N GLU CC 86 91.05 2.08 43.20
CA GLU CC 86 90.63 2.69 44.45
C GLU CC 86 91.28 4.06 44.62
N ALA CC 87 92.58 4.16 44.35
CA ALA CC 87 93.25 5.45 44.45
C ALA CC 87 92.69 6.44 43.45
N MET CC 88 92.38 5.99 42.22
CA MET CC 88 91.82 6.87 41.22
C MET CC 88 90.49 7.45 41.67
N ASN CC 89 89.63 6.61 42.26
CA ASN CC 89 88.33 7.09 42.72
C ASN CC 89 88.48 8.11 43.84
N GLU CC 90 89.41 7.86 44.76
CA GLU CC 90 89.64 8.82 45.83
C GLU CC 90 90.12 10.16 45.29
N GLU CC 91 90.99 10.12 44.29
CA GLU CC 91 91.48 11.36 43.69
C GLU CC 91 90.34 12.14 43.04
N PHE CC 92 89.46 11.46 42.33
CA PHE CC 92 88.31 12.13 41.74
C PHE CC 92 87.40 12.71 42.82
N ALA CC 93 87.22 11.97 43.91
CA ALA CC 93 86.40 12.48 45.01
C ALA CC 93 87.00 13.74 45.61
N ARG CC 94 88.33 13.78 45.77
CA ARG CC 94 88.98 14.97 46.27
C ARG CC 94 88.76 16.16 45.35
N ARG CC 95 88.84 15.93 44.04
CA ARG CC 95 88.63 17.02 43.09
C ARG CC 95 87.24 17.61 43.22
N ARG CC 96 86.23 16.75 43.37
CA ARG CC 96 84.87 17.24 43.50
C ARG CC 96 84.71 18.11 44.75
N GLU CC 97 85.29 17.67 45.86
CA GLU CC 97 85.20 18.47 47.08
C GLU CC 97 85.84 19.83 46.89
N ALA CC 98 87.01 19.87 46.26
CA ALA CC 98 87.68 21.15 46.03
C ALA CC 98 86.84 22.05 45.14
N TYR CC 99 86.23 21.49 44.09
CA TYR CC 99 85.44 22.30 43.18
C TYR CC 99 84.23 22.90 43.88
N TYR CC 100 83.56 22.12 44.72
CA TYR CC 100 82.40 22.61 45.45
C TYR CC 100 82.82 23.18 46.80
N GLN DC 1 73.06 69.94 -57.91
CA GLN DC 1 73.48 68.54 -57.95
C GLN DC 1 74.58 68.30 -56.93
N VAL DC 2 74.44 67.23 -56.16
CA VAL DC 2 75.35 66.90 -55.06
C VAL DC 2 76.15 65.67 -55.46
N PRO DC 3 77.48 65.78 -55.60
CA PRO DC 3 78.27 64.59 -55.92
C PRO DC 3 78.48 63.69 -54.71
N ASP DC 4 78.62 62.41 -55.00
CA ASP DC 4 78.98 61.45 -53.96
C ASP DC 4 80.48 61.52 -53.69
N VAL DC 5 80.86 61.15 -52.46
CA VAL DC 5 82.25 61.21 -52.03
C VAL DC 5 82.60 59.91 -51.31
N PHE DC 6 83.89 59.64 -51.23
CA PHE DC 6 84.40 58.55 -50.41
C PHE DC 6 84.72 59.10 -49.02
N ALA DC 7 84.21 58.43 -48.00
CA ALA DC 7 84.51 58.76 -46.61
C ALA DC 7 85.21 57.56 -45.99
N THR DC 8 86.40 57.80 -45.46
CA THR DC 8 87.24 56.75 -44.89
C THR DC 8 87.40 56.98 -43.39
N PHE DC 9 87.48 55.88 -42.65
CA PHE DC 9 87.62 55.93 -41.19
C PHE DC 9 88.68 54.95 -40.75
N GLY DC 10 89.41 55.32 -39.71
CA GLY DC 10 90.49 54.52 -39.20
C GLY DC 10 91.84 54.99 -39.70
N TRP DC 11 92.88 54.76 -38.90
CA TRP DC 11 94.21 55.23 -39.23
C TRP DC 11 95.04 54.15 -39.95
N GLU DC 12 95.29 53.04 -39.28
CA GLU DC 12 96.03 51.95 -39.89
C GLU DC 12 95.13 50.98 -40.62
N ARG DC 13 93.99 50.64 -40.04
CA ARG DC 13 92.97 49.81 -40.66
C ARG DC 13 91.85 50.72 -41.13
N ARG DC 14 91.78 50.98 -42.43
CA ARG DC 14 90.91 52.00 -43.00
C ARG DC 14 89.73 51.35 -43.70
N LEU DC 15 88.52 51.82 -43.36
CA LEU DC 15 87.29 51.36 -43.97
C LEU DC 15 86.69 52.49 -44.79
N THR DC 16 86.42 52.23 -46.06
CA THR DC 16 85.91 53.23 -46.98
C THR DC 16 84.47 52.92 -47.35
N VAL DC 17 83.63 53.96 -47.31
CA VAL DC 17 82.24 53.89 -47.74
C VAL DC 17 81.96 55.13 -48.59
N ILE DC 18 80.79 55.15 -49.23
CA ILE DC 18 80.31 56.32 -49.95
C ILE DC 18 79.39 57.09 -49.01
N HIS DC 19 79.39 58.42 -49.16
CA HIS DC 19 78.66 59.28 -48.25
C HIS DC 19 78.30 60.59 -48.95
N HIS DC 20 77.54 61.42 -48.23
CA HIS DC 20 77.08 62.72 -48.72
C HIS DC 20 78.10 63.81 -48.39
N PRO DC 21 78.50 64.64 -49.34
CA PRO DC 21 79.49 65.68 -49.02
C PRO DC 21 79.02 66.63 -47.94
N GLY DC 22 77.73 66.99 -47.94
CA GLY DC 22 77.23 67.87 -46.91
C GLY DC 22 77.15 67.21 -45.55
N VAL DC 23 76.80 65.92 -45.52
CA VAL DC 23 76.74 65.21 -44.24
C VAL DC 23 78.12 65.05 -43.65
N MET DC 24 79.14 64.86 -44.50
CA MET DC 24 80.51 64.77 -44.00
C MET DC 24 80.99 66.12 -43.48
N ALA DC 25 80.61 67.21 -44.15
CA ALA DC 25 81.00 68.53 -43.68
C ALA DC 25 80.40 68.82 -42.31
N ILE DC 26 79.13 68.46 -42.12
CA ILE DC 26 78.50 68.63 -40.81
C ILE DC 26 79.21 67.78 -39.77
N SER DC 27 79.57 66.55 -40.14
CA SER DC 27 80.23 65.65 -39.19
C SER DC 27 81.53 66.24 -38.70
N LYS DC 28 82.36 66.75 -39.61
CA LYS DC 28 83.61 67.36 -39.21
C LYS DC 28 83.38 68.65 -38.43
N LEU DC 29 82.35 69.40 -38.78
CA LEU DC 29 82.04 70.62 -38.06
C LEU DC 29 81.68 70.33 -36.60
N LEU DC 30 80.88 69.28 -36.36
CA LEU DC 30 80.54 68.91 -35.00
C LEU DC 30 81.73 68.36 -34.24
N ASP DC 31 82.79 67.96 -34.94
CA ASP DC 31 84.01 67.53 -34.26
C ASP DC 31 84.82 68.70 -33.73
N GLN DC 32 84.53 69.92 -34.15
CA GLN DC 32 85.18 71.11 -33.62
C GLN DC 32 84.54 71.43 -32.26
N ARG DC 33 84.99 70.69 -31.24
CA ARG DC 33 84.35 70.78 -29.94
C ARG DC 33 84.46 72.17 -29.34
N THR DC 34 85.49 72.93 -29.72
CA THR DC 34 85.64 74.28 -29.20
C THR DC 34 84.70 75.28 -29.86
N VAL DC 35 84.20 74.98 -31.05
CA VAL DC 35 83.35 75.91 -31.78
C VAL DC 35 81.89 75.53 -31.59
N VAL DC 36 81.52 74.34 -32.03
CA VAL DC 36 80.16 73.84 -31.87
C VAL DC 36 80.07 73.18 -30.50
N LYS DC 37 79.12 73.65 -29.69
CA LYS DC 37 79.03 73.27 -28.29
C LYS DC 37 77.71 72.59 -28.00
N PRO DC 38 77.72 71.45 -27.29
CA PRO DC 38 76.46 70.92 -26.77
C PRO DC 38 75.93 71.79 -25.64
N ARG DC 39 74.60 71.94 -25.60
CA ARG DC 39 73.94 72.72 -24.58
C ARG DC 39 72.80 71.92 -23.97
N ALA DC 40 72.56 72.14 -22.69
CA ALA DC 40 71.58 71.37 -21.94
C ALA DC 40 70.29 72.17 -21.75
N THR DC 41 69.17 71.47 -21.91
CA THR DC 41 67.85 72.01 -21.60
C THR DC 41 67.25 71.17 -20.49
N PHE DC 42 66.71 71.83 -19.47
CA PHE DC 42 66.21 71.16 -18.28
C PHE DC 42 64.69 71.15 -18.25
N ASN DC 43 64.16 70.30 -17.37
CA ASN DC 43 62.76 70.31 -16.99
C ASN DC 43 62.68 70.25 -15.47
N GLN DC 44 61.53 70.63 -14.92
CA GLN DC 44 61.42 70.74 -13.47
C GLN DC 44 61.71 69.41 -12.79
N GLU DC 45 61.29 68.30 -13.42
CA GLU DC 45 61.53 67.00 -12.83
C GLU DC 45 63.02 66.72 -12.65
N LEU DC 46 63.81 66.99 -13.68
CA LEU DC 46 65.23 66.69 -13.61
C LEU DC 46 65.99 67.70 -12.75
N VAL DC 47 65.54 68.95 -12.72
CA VAL DC 47 66.20 69.93 -11.86
C VAL DC 47 66.11 69.50 -10.41
N GLU DC 48 64.94 69.00 -9.99
CA GLU DC 48 64.80 68.55 -8.61
C GLU DC 48 65.74 67.39 -8.30
N GLU DC 49 65.90 66.47 -9.25
CA GLU DC 49 66.79 65.33 -9.02
C GLU DC 49 68.24 65.78 -8.90
N ILE DC 50 68.63 66.87 -9.54
CA ILE DC 50 70.01 67.34 -9.47
C ILE DC 50 70.38 67.67 -8.02
N GLY DC 51 69.43 68.24 -7.28
CA GLY DC 51 69.71 68.60 -5.90
C GLY DC 51 70.18 67.44 -5.05
N ASP DC 52 69.80 66.21 -5.43
CA ASP DC 52 70.25 65.05 -4.68
C ASP DC 52 71.76 64.84 -4.77
N TYR DC 53 72.43 65.49 -5.71
CA TYR DC 53 73.85 65.31 -5.92
C TYR DC 53 74.66 66.61 -5.85
N ASP DC 54 74.05 67.75 -6.15
CA ASP DC 54 74.75 69.03 -6.07
C ASP DC 54 73.72 70.12 -5.81
N GLU DC 55 73.65 70.60 -4.58
CA GLU DC 55 72.64 71.59 -4.22
C GLU DC 55 72.84 72.89 -4.98
N ASP DC 56 74.09 73.32 -5.13
CA ASP DC 56 74.37 74.57 -5.83
C ASP DC 56 73.92 74.50 -7.28
N LEU DC 57 74.20 73.38 -7.95
CA LEU DC 57 73.78 73.23 -9.34
C LEU DC 57 72.26 73.25 -9.46
N GLN DC 58 71.55 72.74 -8.46
CA GLN DC 58 70.10 72.76 -8.51
C GLN DC 58 69.58 74.19 -8.56
N ARG DC 59 70.13 75.06 -7.72
CA ARG DC 59 69.69 76.46 -7.72
C ARG DC 59 70.00 77.13 -9.05
N LYS DC 60 71.21 76.91 -9.57
CA LYS DC 60 71.59 77.51 -10.85
C LYS DC 60 70.78 76.90 -11.99
N ALA DC 61 70.56 75.59 -11.95
CA ALA DC 61 69.74 74.96 -12.98
C ALA DC 61 68.31 75.46 -12.95
N GLN DC 62 67.78 75.76 -11.76
CA GLN DC 62 66.44 76.30 -11.66
C GLN DC 62 66.34 77.64 -12.37
N VAL DC 63 67.37 78.48 -12.23
CA VAL DC 63 67.37 79.77 -12.93
C VAL DC 63 67.32 79.56 -14.43
N ALA DC 64 68.14 78.62 -14.93
CA ALA DC 64 68.13 78.34 -16.37
C ALA DC 64 66.78 77.84 -16.82
N LEU DC 65 66.16 76.95 -16.05
CA LEU DC 65 64.84 76.44 -16.41
C LEU DC 65 63.80 77.55 -16.42
N ASP DC 66 63.83 78.43 -15.41
CA ASP DC 66 62.83 79.47 -15.32
C ASP DC 66 62.88 80.42 -16.51
N ASN DC 67 64.06 80.60 -17.10
CA ASN DC 67 64.21 81.44 -18.27
C ASN DC 67 64.24 80.67 -19.58
N GLY DC 68 64.05 79.35 -19.53
CA GLY DC 68 64.01 78.55 -20.73
C GLY DC 68 65.28 78.64 -21.54
N LEU DC 69 66.42 78.51 -20.87
CA LEU DC 69 67.72 78.67 -21.51
C LEU DC 69 68.32 77.31 -21.83
N ALA DC 70 68.82 77.17 -23.06
CA ALA DC 70 69.72 76.08 -23.42
C ALA DC 70 71.13 76.56 -23.12
N ILE DC 71 71.75 75.98 -22.09
CA ILE DC 71 72.96 76.53 -21.50
C ILE DC 71 74.02 75.44 -21.41
N GLU DC 72 75.28 75.82 -21.63
CA GLU DC 72 76.40 74.94 -21.38
C GLU DC 72 76.66 74.83 -19.88
N TRP DC 73 77.13 73.66 -19.47
CA TRP DC 73 77.33 73.41 -18.04
C TRP DC 73 78.38 74.36 -17.46
N ARG DC 74 79.46 74.61 -18.20
CA ARG DC 74 80.49 75.51 -17.71
C ARG DC 74 79.91 76.91 -17.47
N VAL DC 75 79.08 77.39 -18.40
CA VAL DC 75 78.45 78.68 -18.21
C VAL DC 75 77.46 78.63 -17.06
N LEU DC 76 76.78 77.49 -16.89
CA LEU DC 76 75.79 77.37 -15.82
C LEU DC 76 76.41 77.67 -14.46
N ASP DC 77 77.68 77.34 -14.27
CA ASP DC 77 78.34 77.63 -13.00
C ASP DC 77 78.47 79.12 -12.74
N PHE DC 78 78.29 79.96 -13.76
CA PHE DC 78 78.40 81.40 -13.64
C PHE DC 78 77.11 82.10 -14.07
N ILE DC 79 75.99 81.38 -13.98
CA ILE DC 79 74.72 81.92 -14.47
C ILE DC 79 74.33 83.18 -13.71
N ASP DC 80 74.82 83.35 -12.48
CA ASP DC 80 74.50 84.55 -11.72
C ASP DC 80 75.01 85.80 -12.42
N ASP DC 81 76.20 85.73 -13.02
CA ASP DC 81 76.78 86.87 -13.71
C ASP DC 81 76.45 86.91 -15.19
N GLU DC 82 76.28 85.74 -15.81
CA GLU DC 82 76.06 85.67 -17.25
C GLU DC 82 74.60 85.80 -17.65
N LEU DC 83 73.68 85.85 -16.69
CA LEU DC 83 72.27 85.83 -17.02
C LEU DC 83 71.87 86.95 -17.98
N PRO DC 84 72.23 88.22 -17.75
CA PRO DC 84 71.83 89.25 -18.72
C PRO DC 84 72.34 88.98 -20.12
N ARG DC 85 73.56 88.48 -20.27
CA ARG DC 85 74.07 88.16 -21.59
C ARG DC 85 73.34 86.95 -22.18
N LEU DC 86 73.04 85.95 -21.34
CA LEU DC 86 72.37 84.76 -21.83
C LEU DC 86 70.99 85.09 -22.38
N LEU DC 87 70.25 85.96 -21.68
CA LEU DC 87 68.95 86.37 -22.18
C LEU DC 87 69.07 87.10 -23.51
N ALA DC 88 70.06 88.00 -23.61
CA ALA DC 88 70.29 88.68 -24.88
C ALA DC 88 70.70 87.69 -25.96
N GLU DC 89 71.54 86.72 -25.61
CA GLU DC 89 71.96 85.71 -26.57
C GLU DC 89 70.76 84.90 -27.07
N LYS DC 90 69.86 84.53 -26.16
CA LYS DC 90 68.68 83.77 -26.56
C LYS DC 90 67.89 84.51 -27.63
N ARG DC 91 67.66 85.80 -27.42
CA ARG DC 91 66.90 86.59 -28.39
C ARG DC 91 67.58 86.60 -29.75
N GLU DC 92 68.89 86.85 -29.77
CA GLU DC 92 69.60 86.97 -31.04
C GLU DC 92 69.57 85.67 -31.83
N ILE DC 93 69.77 84.54 -31.15
CA ILE DC 93 69.72 83.25 -31.84
C ILE DC 93 68.34 83.02 -32.44
N GLU DC 94 67.30 83.34 -31.67
CA GLU DC 94 65.94 83.17 -32.18
C GLU DC 94 65.69 84.04 -33.40
N LYS DC 95 66.12 85.31 -33.34
CA LYS DC 95 65.97 86.18 -34.50
C LYS DC 95 66.65 85.56 -35.73
N ALA DC 96 67.89 85.10 -35.56
CA ALA DC 96 68.62 84.53 -36.68
C ALA DC 96 67.92 83.28 -37.24
N ARG DC 97 67.50 82.39 -36.36
CA ARG DC 97 66.80 81.19 -36.80
C ARG DC 97 65.58 81.56 -37.63
N GLU DC 98 64.78 82.52 -37.14
CA GLU DC 98 63.60 82.94 -37.87
C GLU DC 98 63.96 83.51 -39.24
N GLN DC 99 64.97 84.38 -39.29
CA GLN DC 99 65.32 85.03 -40.54
C GLN DC 99 65.76 84.02 -41.59
N VAL DC 100 66.63 83.08 -41.20
CA VAL DC 100 67.14 82.09 -42.16
C VAL DC 100 66.02 81.16 -42.61
N MET DC 101 65.18 80.71 -41.67
CA MET DC 101 64.10 79.79 -42.02
C MET DC 101 63.10 80.45 -42.95
N SER DC 102 62.77 81.71 -42.70
CA SER DC 102 61.74 82.39 -43.50
C SER DC 102 62.25 82.81 -44.86
N LYS DC 103 63.55 82.88 -45.07
CA LYS DC 103 64.09 83.32 -46.36
C LYS DC 103 63.69 82.37 -47.46
N ALA DC 104 63.51 82.93 -48.66
CA ALA DC 104 63.08 82.14 -49.80
C ALA DC 104 64.18 81.17 -50.21
N PRO DC 105 63.83 80.06 -50.86
CA PRO DC 105 64.87 79.12 -51.30
C PRO DC 105 65.88 79.76 -52.23
N GLY DC 106 67.14 79.39 -52.05
CA GLY DC 106 68.22 79.95 -52.82
C GLY DC 106 68.80 81.23 -52.26
N ASP DC 107 68.21 81.78 -51.20
CA ASP DC 107 68.69 83.00 -50.56
C ASP DC 107 69.55 82.58 -49.37
N TYR DC 108 70.88 82.70 -49.52
CA TYR DC 108 71.82 82.25 -48.51
C TYR DC 108 72.57 83.42 -47.86
N THR DC 109 71.95 84.59 -47.82
CA THR DC 109 72.56 85.73 -47.16
C THR DC 109 72.61 85.51 -45.65
N GLN DC 110 73.63 86.08 -45.02
CA GLN DC 110 73.82 85.92 -43.60
C GLN DC 110 72.70 86.62 -42.83
N PRO DC 111 72.28 86.07 -41.70
CA PRO DC 111 71.28 86.75 -40.88
C PRO DC 111 71.84 87.99 -40.21
N VAL DC 112 70.94 88.91 -39.89
CA VAL DC 112 71.30 90.16 -39.23
C VAL DC 112 70.99 90.01 -37.75
N PHE DC 113 72.03 90.01 -36.92
CA PHE DC 113 71.86 89.85 -35.49
C PHE DC 113 73.11 90.39 -34.81
N ASP DC 114 73.01 90.57 -33.49
CA ASP DC 114 74.11 91.09 -32.68
C ASP DC 114 74.96 89.91 -32.24
N SER DC 115 76.06 89.66 -32.94
CA SER DC 115 76.92 88.52 -32.64
C SER DC 115 77.77 88.75 -31.40
N SER DC 116 77.87 89.99 -30.91
CA SER DC 116 78.73 90.27 -29.76
C SER DC 116 78.26 89.56 -28.50
N VAL DC 117 77.01 89.12 -28.44
CA VAL DC 117 76.48 88.45 -27.26
C VAL DC 117 76.39 86.94 -27.43
N VAL DC 118 76.69 86.41 -28.62
CA VAL DC 118 76.61 85.00 -28.90
C VAL DC 118 78.00 84.40 -28.77
N VAL DC 119 78.12 83.34 -27.98
CA VAL DC 119 79.40 82.67 -27.76
C VAL DC 119 79.22 81.19 -28.06
N PRO DC 120 80.18 80.54 -28.76
CA PRO DC 120 81.39 81.08 -29.37
C PRO DC 120 81.17 81.62 -30.78
N THR DC 121 81.58 82.86 -31.00
CA THR DC 121 81.55 83.49 -32.30
C THR DC 121 82.79 84.35 -32.43
N PRO DC 122 83.20 84.70 -33.66
CA PRO DC 122 84.34 85.61 -33.80
C PRO DC 122 84.18 86.89 -33.01
N ALA DC 123 82.98 87.44 -32.95
CA ALA DC 123 82.76 88.69 -32.25
C ALA DC 123 82.93 88.54 -30.73
N ASN DC 124 82.60 87.38 -30.18
CA ASN DC 124 82.74 87.12 -28.75
C ASN DC 124 83.17 85.68 -28.58
N LEU DC 125 84.47 85.47 -28.40
CA LEU DC 125 85.03 84.12 -28.28
C LEU DC 125 84.95 83.58 -26.86
N GLY DC 126 84.31 84.29 -25.94
CA GLY DC 126 84.05 83.78 -24.61
C GLY DC 126 84.94 84.39 -23.55
N ARG DC 127 84.83 83.85 -22.35
CA ARG DC 127 85.52 84.30 -21.16
C ARG DC 127 86.40 83.17 -20.63
N ASN DC 128 87.49 83.54 -19.95
CA ASN DC 128 88.36 82.57 -19.29
C ASN DC 128 87.78 82.29 -17.91
N TYR DC 129 86.95 81.26 -17.82
CA TYR DC 129 86.26 80.95 -16.57
C TYR DC 129 87.23 80.35 -15.56
N PRO DC 130 87.28 80.88 -14.33
CA PRO DC 130 88.12 80.28 -13.29
C PRO DC 130 87.52 78.98 -12.77
N THR DC 131 88.38 78.01 -12.46
CA THR DC 131 87.90 76.79 -11.83
C THR DC 131 87.25 77.14 -10.50
N LEU DC 132 86.13 76.48 -10.22
CA LEU DC 132 85.39 76.68 -8.98
C LEU DC 132 85.54 75.49 -8.04
N ASN DC 133 86.48 74.60 -8.32
CA ASN DC 133 86.72 73.42 -7.50
C ASN DC 133 87.72 73.74 -6.39
N LEU DC 134 87.34 74.69 -5.55
CA LEU DC 134 88.17 75.14 -4.45
C LEU DC 134 87.34 75.15 -3.16
N PRO DC 135 87.75 74.41 -2.13
CA PRO DC 135 87.01 74.47 -0.87
C PRO DC 135 87.16 75.83 -0.21
N SER DC 136 86.06 76.33 0.33
CA SER DC 136 86.02 77.64 0.97
C SER DC 136 85.54 77.58 2.42
N GLY DC 137 85.38 76.39 2.97
CA GLY DC 137 84.89 76.23 4.33
C GLY DC 137 85.94 75.64 5.24
N ASP DC 138 85.88 76.01 6.52
CA ASP DC 138 86.79 75.48 7.52
C ASP DC 138 86.16 74.24 8.15
N PRO DC 139 86.80 73.07 8.04
CA PRO DC 139 86.17 71.86 8.61
C PRO DC 139 85.95 71.92 10.10
N THR DC 140 86.65 72.82 10.81
CA THR DC 140 86.52 72.95 12.26
C THR DC 140 85.69 74.21 12.55
N GLU DC 141 84.38 74.03 12.65
CA GLU DC 141 83.48 75.15 12.95
C GLU DC 141 82.26 74.67 13.73
N ALA EC 1 74.79 48.56 -25.67
CA ALA EC 1 74.58 47.11 -25.80
C ALA EC 1 75.90 46.38 -25.98
N TYR EC 2 77.02 47.10 -25.83
CA TYR EC 2 78.35 46.51 -25.84
C TYR EC 2 79.15 47.07 -24.68
N ASN EC 3 79.94 46.22 -24.03
CA ASN EC 3 80.83 46.65 -22.96
C ASN EC 3 80.06 47.34 -21.83
N GLY EC 4 78.84 46.87 -21.57
CA GLY EC 4 78.03 47.39 -20.49
C GLY EC 4 77.59 48.83 -20.65
N GLY EC 5 77.61 49.35 -21.87
CA GLY EC 5 77.27 50.74 -22.11
C GLY EC 5 78.42 51.70 -21.98
N TYR EC 6 79.57 51.22 -21.52
CA TYR EC 6 80.75 52.07 -21.42
C TYR EC 6 81.35 52.24 -22.81
N PRO EC 7 81.49 53.46 -23.32
CA PRO EC 7 82.13 53.63 -24.63
C PRO EC 7 83.62 53.32 -24.52
N PHE EC 8 84.14 52.60 -25.53
CA PHE EC 8 85.56 52.29 -25.54
C PHE EC 8 86.39 53.57 -25.46
N HIS EC 9 86.02 54.59 -26.23
CA HIS EC 9 86.68 55.90 -26.23
C HIS EC 9 85.66 56.98 -25.91
N TYR EC 10 86.04 57.91 -25.03
CA TYR EC 10 85.17 59.03 -24.66
C TYR EC 10 86.01 60.24 -24.28
N VAL EC 11 85.40 61.43 -24.40
CA VAL EC 11 86.05 62.71 -24.11
C VAL EC 11 85.86 63.07 -22.64
N VAL EC 12 86.92 63.61 -22.02
CA VAL EC 12 86.89 64.11 -20.65
C VAL EC 12 87.43 65.54 -20.67
N GLN EC 13 86.82 66.43 -19.90
CA GLN EC 13 87.22 67.83 -19.82
C GLN EC 13 87.59 68.21 -18.38
N TYR EC 14 88.52 69.17 -18.25
CA TYR EC 14 89.01 69.63 -16.96
C TYR EC 14 88.98 71.16 -16.89
N ASP EC 15 88.49 71.69 -15.77
CA ASP EC 15 88.30 73.13 -15.65
C ASP EC 15 89.64 73.86 -15.58
N ASP EC 16 90.58 73.32 -14.83
CA ASP EC 16 91.89 73.95 -14.68
C ASP EC 16 92.71 73.74 -15.97
N PRO EC 17 93.21 74.80 -16.61
CA PRO EC 17 93.93 74.61 -17.88
C PRO EC 17 95.24 73.86 -17.74
N ASN EC 18 95.84 73.86 -16.55
CA ASN EC 18 97.14 73.24 -16.34
C ASN EC 18 97.02 71.94 -15.52
N TYR EC 19 95.86 71.30 -15.58
CA TYR EC 19 95.62 70.11 -14.80
C TYR EC 19 96.13 68.88 -15.54
N ASP EC 20 96.75 67.96 -14.79
CA ASP EC 20 97.24 66.70 -15.33
C ASP EC 20 96.84 65.60 -14.39
N CYS EC 21 96.01 64.67 -14.87
CA CYS EC 21 95.51 63.59 -14.03
C CYS EC 21 96.61 62.62 -13.61
N GLU EC 22 97.79 62.68 -14.23
CA GLU EC 22 98.87 61.77 -13.91
C GLU EC 22 99.95 62.40 -13.04
N ALA EC 23 100.19 63.69 -13.16
CA ALA EC 23 101.21 64.34 -12.35
C ALA EC 23 100.67 64.85 -11.02
N ASP EC 24 99.48 65.42 -11.04
CA ASP EC 24 98.89 65.99 -9.84
C ASP EC 24 98.27 64.91 -8.97
N PHE EC 25 98.26 65.16 -7.66
CA PHE EC 25 97.61 64.29 -6.68
C PHE EC 25 96.75 65.11 -5.76
N GLU EC 26 95.98 66.04 -6.32
CA GLU EC 26 95.01 66.82 -5.58
C GLU EC 26 93.68 66.08 -5.56
N PHE EC 27 92.77 66.56 -4.72
CA PHE EC 27 91.53 65.83 -4.46
C PHE EC 27 90.32 66.75 -4.50
N GLU EC 28 90.38 67.81 -5.32
CA GLU EC 28 89.26 68.75 -5.44
C GLU EC 28 88.72 68.89 -6.86
N GLU EC 29 89.49 68.56 -7.89
CA GLU EC 29 89.05 68.75 -9.26
C GLU EC 29 88.10 67.66 -9.68
N ILE EC 30 87.00 68.03 -10.31
CA ILE EC 30 85.95 67.12 -10.73
C ILE EC 30 85.92 67.08 -12.26
N PRO EC 31 86.18 65.94 -12.90
CA PRO EC 31 86.18 65.88 -14.35
C PRO EC 31 84.76 65.97 -14.93
N ARG EC 32 84.67 66.48 -16.16
CA ARG EC 32 83.41 66.59 -16.88
C ARG EC 32 83.41 65.65 -18.08
N ASP EC 33 82.23 65.45 -18.67
CA ASP EC 33 82.06 64.58 -19.83
C ASP EC 33 82.12 65.41 -21.11
N GLU EC 34 81.77 64.80 -22.25
CA GLU EC 34 81.86 65.50 -23.52
C GLU EC 34 80.85 66.64 -23.61
N PHE EC 35 79.66 66.44 -23.06
CA PHE EC 35 78.66 67.50 -23.03
C PHE EC 35 78.91 68.52 -21.93
N GLY EC 36 79.89 68.27 -21.06
CA GLY EC 36 80.20 69.18 -19.98
C GLY EC 36 79.57 68.82 -18.65
N VAL EC 37 78.93 67.66 -18.55
CA VAL EC 37 78.27 67.28 -17.30
C VAL EC 37 79.32 66.94 -16.26
N PRO EC 38 79.29 67.54 -15.08
CA PRO EC 38 80.26 67.17 -14.04
C PRO EC 38 80.09 65.72 -13.62
N ALA EC 39 81.21 65.12 -13.22
CA ALA EC 39 81.23 63.68 -12.95
C ALA EC 39 80.36 63.29 -11.77
N HIS EC 40 80.07 64.23 -10.86
CA HIS EC 40 79.29 63.97 -9.67
C HIS EC 40 77.79 63.90 -9.95
N ILE EC 41 77.38 64.19 -11.20
CA ILE EC 41 75.97 64.03 -11.63
C ILE EC 41 75.93 62.65 -12.28
N PRO EC 42 75.22 61.65 -11.73
CA PRO EC 42 75.29 60.26 -12.27
C PRO EC 42 74.85 60.14 -13.72
N PRO EC 43 75.31 59.11 -14.44
CA PRO EC 43 74.88 58.94 -15.85
C PRO EC 43 73.38 58.78 -16.01
N GLU EC 44 72.73 58.04 -15.12
CA GLU EC 44 71.29 57.81 -15.26
C GLU EC 44 70.52 59.12 -15.31
N LEU EC 45 70.99 60.15 -14.60
CA LEU EC 45 70.32 61.44 -14.60
C LEU EC 45 70.75 62.32 -15.77
N SER EC 46 72.05 62.34 -16.08
CA SER EC 46 72.54 63.22 -17.14
C SER EC 46 72.07 62.75 -18.51
N THR EC 47 71.97 61.43 -18.71
CA THR EC 47 71.51 60.91 -20.00
C THR EC 47 70.04 61.26 -20.26
N GLN EC 48 69.27 61.54 -19.22
CA GLN EC 48 67.89 61.99 -19.41
C GLN EC 48 67.84 63.45 -19.83
N ILE EC 49 68.75 64.28 -19.31
CA ILE EC 49 68.80 65.67 -19.73
C ILE EC 49 69.07 65.75 -21.22
N ARG EC 50 68.36 66.64 -21.90
CA ARG EC 50 68.43 66.74 -23.35
C ARG EC 50 69.52 67.73 -23.75
N HIS EC 51 70.50 67.25 -24.49
CA HIS EC 51 71.60 68.06 -24.99
C HIS EC 51 71.49 68.19 -26.49
N THR EC 52 71.58 69.42 -27.00
CA THR EC 52 71.50 69.69 -28.42
C THR EC 52 72.70 70.50 -28.87
N TYR EC 53 73.08 70.31 -30.13
CA TYR EC 53 74.23 70.99 -30.69
C TYR EC 53 73.85 72.40 -31.12
N TYR EC 54 74.66 73.37 -30.72
CA TYR EC 54 74.48 74.77 -31.08
C TYR EC 54 75.65 75.19 -31.96
N VAL EC 55 75.38 75.45 -33.23
CA VAL EC 55 76.38 75.98 -34.15
C VAL EC 55 76.26 77.49 -34.15
N PRO EC 56 77.32 78.23 -34.43
CA PRO EC 56 77.20 79.68 -34.53
C PRO EC 56 76.21 80.07 -35.60
N PRO EC 57 75.44 81.14 -35.40
CA PRO EC 57 74.40 81.49 -36.39
C PRO EC 57 74.94 81.76 -37.77
N GLN EC 58 76.22 82.08 -37.91
CA GLN EC 58 76.78 82.30 -39.24
C GLN EC 58 76.73 81.06 -40.11
N TYR EC 59 76.53 79.88 -39.50
CA TYR EC 59 76.42 78.65 -40.25
C TYR EC 59 75.02 78.36 -40.75
N TYR EC 60 74.00 79.04 -40.22
CA TYR EC 60 72.64 78.76 -40.64
C TYR EC 60 72.46 78.84 -42.15
N PRO EC 61 72.96 79.86 -42.85
CA PRO EC 61 72.81 79.88 -44.31
C PRO EC 61 73.41 78.67 -45.01
N PHE EC 62 74.53 78.15 -44.52
CA PHE EC 62 75.11 76.95 -45.11
C PHE EC 62 74.23 75.73 -44.87
N LEU EC 63 73.76 75.56 -43.64
CA LEU EC 63 72.88 74.44 -43.32
C LEU EC 63 71.58 74.52 -44.10
N LYS EC 64 71.13 75.73 -44.42
CA LYS EC 64 69.95 75.89 -45.26
C LYS EC 64 70.22 75.44 -46.69
N LYS EC 65 71.39 75.78 -47.23
CA LYS EC 65 71.73 75.36 -48.59
C LYS EC 65 71.76 73.85 -48.69
N LEU EC 66 72.27 73.17 -47.67
CA LEU EC 66 72.33 71.71 -47.71
C LEU EC 66 70.94 71.11 -47.77
N GLY EC 67 70.01 71.64 -46.99
CA GLY EC 67 68.66 71.11 -46.99
C GLY EC 67 67.97 71.24 -48.34
N GLU EC 68 68.17 72.39 -49.00
CA GLU EC 68 67.49 72.64 -50.27
C GLU EC 68 68.05 71.75 -51.38
N ASP EC 69 69.36 71.57 -51.42
CA ASP EC 69 69.95 70.75 -52.47
C ASP EC 69 69.59 69.28 -52.28
N THR EC 70 69.40 68.84 -51.03
CA THR EC 70 69.02 67.46 -50.73
C THR EC 70 67.80 67.50 -49.83
N PRO EC 71 66.60 67.46 -50.41
CA PRO EC 71 65.39 67.57 -49.57
C PRO EC 71 65.27 66.50 -48.51
N GLU EC 72 65.77 65.29 -48.77
CA GLU EC 72 65.73 64.25 -47.74
C GLU EC 72 66.57 64.64 -46.53
N LEU EC 73 67.58 65.49 -46.74
CA LEU EC 73 68.44 65.97 -45.66
C LEU EC 73 67.87 67.18 -44.94
N LYS EC 74 66.84 67.81 -45.50
CA LYS EC 74 66.30 69.04 -44.92
C LYS EC 74 65.83 68.87 -43.48
N PRO EC 75 65.05 67.84 -43.12
CA PRO EC 75 64.57 67.77 -41.73
C PRO EC 75 65.70 67.72 -40.72
N TYR EC 76 66.80 67.05 -41.02
CA TYR EC 76 67.92 67.02 -40.08
C TYR EC 76 68.59 68.39 -39.98
N THR EC 77 68.79 69.06 -41.12
CA THR EC 77 69.41 70.38 -41.08
C THR EC 77 68.52 71.37 -40.34
N ASP EC 78 67.20 71.27 -40.51
CA ASP EC 78 66.31 72.15 -39.79
C ASP EC 78 66.44 71.96 -38.28
N LYS EC 79 66.53 70.70 -37.83
CA LYS EC 79 66.73 70.45 -36.41
C LYS EC 79 68.02 71.10 -35.92
N LEU EC 80 69.08 71.00 -36.71
CA LEU EC 80 70.35 71.59 -36.32
C LEU EC 80 70.25 73.11 -36.24
N ILE EC 81 69.58 73.74 -37.20
CA ILE EC 81 69.42 75.19 -37.16
C ILE EC 81 68.62 75.60 -35.92
N MET EC 82 67.55 74.88 -35.63
CA MET EC 82 66.67 75.21 -34.52
C MET EC 82 67.20 74.72 -33.18
N GLY EC 83 68.40 74.17 -33.15
CA GLY EC 83 68.96 73.69 -31.90
C GLY EC 83 68.17 72.54 -31.30
N ASP EC 84 67.67 71.64 -32.14
CA ASP EC 84 66.92 70.49 -31.68
C ASP EC 84 67.59 69.17 -32.04
N MET EC 85 68.82 69.21 -32.54
CA MET EC 85 69.51 67.99 -32.97
C MET EC 85 70.32 67.46 -31.79
N THR EC 86 69.93 66.29 -31.30
CA THR EC 86 70.70 65.59 -30.29
C THR EC 86 71.77 64.73 -30.96
N TYR EC 87 72.55 64.03 -30.15
CA TYR EC 87 73.53 63.11 -30.70
C TYR EC 87 72.86 62.00 -31.48
N ASP EC 88 71.73 61.49 -30.97
CA ASP EC 88 71.02 60.43 -31.68
C ASP EC 88 70.51 60.92 -33.04
N ASP EC 89 70.00 62.15 -33.10
CA ASP EC 89 69.55 62.69 -34.37
C ASP EC 89 70.71 62.78 -35.36
N TYR EC 90 71.89 63.19 -34.88
CA TYR EC 90 73.05 63.26 -35.75
C TYR EC 90 73.41 61.87 -36.27
N GLU EC 91 73.37 60.85 -35.40
CA GLU EC 91 73.69 59.50 -35.84
C GLU EC 91 72.72 59.02 -36.91
N GLU EC 92 71.43 59.30 -36.73
CA GLU EC 92 70.45 58.90 -37.74
C GLU EC 92 70.75 59.56 -39.08
N MET EC 93 71.10 60.84 -39.05
CA MET EC 93 71.46 61.52 -40.29
C MET EC 93 72.69 60.88 -40.92
N PHE EC 94 73.68 60.56 -40.10
CA PHE EC 94 74.94 60.04 -40.64
C PHE EC 94 74.74 58.72 -41.36
N TYR EC 95 74.06 57.77 -40.73
CA TYR EC 95 73.89 56.45 -41.32
C TYR EC 95 72.84 56.42 -42.42
N LYS EC 96 71.94 57.41 -42.45
CA LYS EC 96 70.92 57.42 -43.49
C LYS EC 96 71.52 57.69 -44.87
N PHE EC 97 72.60 58.44 -44.94
CA PHE EC 97 73.18 58.86 -46.21
C PHE EC 97 74.46 58.11 -46.55
N ALA EC 98 74.71 56.98 -45.89
CA ALA EC 98 75.85 56.13 -46.21
C ALA EC 98 75.44 55.10 -47.26
N LYS EC 99 76.22 55.00 -48.33
CA LYS EC 99 75.90 54.10 -49.43
C LYS EC 99 77.03 53.10 -49.65
N PRO EC 100 76.72 51.90 -50.14
CA PRO EC 100 77.75 50.89 -50.35
C PRO EC 100 78.54 51.14 -51.63
N LEU EC 101 79.79 50.68 -51.63
CA LEU EC 101 80.63 50.78 -52.81
C LEU EC 101 80.11 49.83 -53.90
N LYS EC 102 80.24 50.26 -55.15
CA LYS EC 102 79.70 49.54 -56.30
C LYS EC 102 80.81 48.91 -57.12
N ILE EC 103 80.62 47.65 -57.52
CA ILE EC 103 81.54 46.92 -58.38
C ILE EC 103 80.88 46.72 -59.74
N TYR EC 104 81.62 46.99 -60.81
CA TYR EC 104 81.13 46.88 -62.17
C TYR EC 104 81.81 45.69 -62.85
N ARG EC 105 81.02 44.68 -63.21
CA ARG EC 105 81.57 43.52 -63.88
C ARG EC 105 82.05 43.85 -65.29
N SER EC 106 81.50 44.90 -65.91
CA SER EC 106 81.89 45.25 -67.27
C SER EC 106 83.33 45.74 -67.34
N ARG EC 107 83.93 46.10 -66.21
CA ARG EC 107 85.29 46.59 -66.18
C ARG EC 107 86.32 45.52 -65.89
N LEU EC 108 85.90 44.28 -65.67
CA LEU EC 108 86.83 43.21 -65.36
C LEU EC 108 87.43 42.65 -66.65
N PRO EC 109 88.76 42.63 -66.80
CA PRO EC 109 89.34 41.94 -67.94
C PRO EC 109 89.04 40.46 -67.89
N LEU EC 110 88.83 39.88 -69.03
CA LEU EC 110 88.42 38.49 -69.10
C LEU EC 110 89.58 37.60 -69.51
N PRO EC 111 89.59 36.34 -69.07
CA PRO EC 111 90.58 35.39 -69.59
C PRO EC 111 90.42 35.22 -71.09
N TYR EC 112 91.55 35.10 -71.76
CA TYR EC 112 91.56 35.11 -73.22
C TYR EC 112 90.90 33.85 -73.77
N ARG EC 113 89.96 34.04 -74.69
CA ARG EC 113 89.29 32.93 -75.36
C ARG EC 113 88.98 33.39 -76.79
N THR EC 114 89.33 32.55 -77.75
CA THR EC 114 89.14 32.92 -79.15
C THR EC 114 87.66 32.89 -79.50
N ASP EC 115 87.32 33.57 -80.60
CA ASP EC 115 85.93 33.59 -81.05
C ASP EC 115 85.46 32.20 -81.43
N GLU EC 116 86.35 31.36 -81.96
CA GLU EC 116 86.00 29.97 -82.20
C GLU EC 116 85.61 29.28 -80.90
N GLU EC 117 86.37 29.52 -79.84
CA GLU EC 117 86.06 28.87 -78.56
C GLU EC 117 84.76 29.39 -77.98
N ILE EC 118 84.47 30.68 -78.14
CA ILE EC 118 83.28 31.26 -77.56
C ILE EC 118 82.02 30.68 -78.20
N SER EC 119 82.10 30.25 -79.45
CA SER EC 119 80.94 29.68 -80.12
C SER EC 119 80.64 28.24 -79.72
N GLN EC 120 81.51 27.61 -78.93
CA GLN EC 120 81.33 26.23 -78.52
C GLN EC 120 80.81 26.11 -77.10
N GLU EC 121 80.34 27.21 -76.50
CA GLU EC 121 79.90 27.16 -75.11
C GLU EC 121 78.71 26.23 -74.93
N LYS EC 122 77.74 26.30 -75.84
CA LYS EC 122 76.57 25.43 -75.73
C LYS EC 122 76.96 23.97 -75.82
N TYR EC 123 77.90 23.64 -76.70
CA TYR EC 123 78.33 22.26 -76.86
C TYR EC 123 78.94 21.73 -75.57
N VAL EC 124 79.80 22.52 -74.92
CA VAL EC 124 80.45 22.05 -73.70
C VAL EC 124 79.43 21.88 -72.58
N ASN EC 125 78.47 22.79 -72.48
CA ASN EC 125 77.40 22.61 -71.50
C ASN EC 125 76.61 21.35 -71.79
N TRP EC 126 76.34 21.08 -73.07
CA TRP EC 126 75.63 19.87 -73.45
C TRP EC 126 76.39 18.62 -73.02
N CYS EC 127 77.72 18.60 -73.23
CA CYS EC 127 78.51 17.47 -72.79
C CYS EC 127 78.44 17.31 -71.27
N GLY EC 128 78.45 18.42 -70.54
CA GLY EC 128 78.43 18.34 -69.09
C GLY EC 128 77.15 17.74 -68.55
N ARG EC 129 76.02 18.06 -69.19
CA ARG EC 129 74.75 17.51 -68.75
C ARG EC 129 74.69 16.01 -69.00
N TRP EC 130 75.17 15.56 -70.16
CA TRP EC 130 75.20 14.13 -70.44
C TRP EC 130 76.14 13.39 -69.51
N TYR EC 131 77.23 14.03 -69.08
CA TYR EC 131 78.11 13.42 -68.11
C TYR EC 131 77.43 13.27 -66.76
N SER EC 132 76.62 14.26 -66.37
CA SER EC 132 75.90 14.18 -65.11
C SER EC 132 74.78 13.15 -65.17
N TYR EC 133 74.13 13.03 -66.33
CA TYR EC 133 73.09 12.02 -66.52
C TYR EC 133 73.69 10.62 -66.42
N ARG EC 134 74.82 10.40 -67.09
CA ARG EC 134 75.48 9.09 -67.06
C ARG EC 134 76.02 8.79 -65.67
N GLN EC 135 76.51 9.81 -64.96
CA GLN EC 135 76.99 9.59 -63.61
C GLN EC 135 75.88 9.13 -62.69
N ARG EC 136 74.74 9.83 -62.73
CA ARG EC 136 73.65 9.53 -61.81
C ARG EC 136 73.10 8.14 -62.05
N LEU EC 137 72.93 7.75 -63.32
CA LEU EC 137 72.42 6.42 -63.62
C LEU EC 137 73.39 5.34 -63.17
N GLN EC 138 74.68 5.54 -63.40
CA GLN EC 138 75.67 4.55 -63.00
C GLN EC 138 75.68 4.33 -61.50
N GLY EC 139 75.38 5.38 -60.72
CA GLY EC 139 75.34 5.21 -59.28
C GLY EC 139 74.33 4.17 -58.86
N ASP EC 140 73.13 4.23 -59.44
CA ASP EC 140 72.12 3.22 -59.16
C ASP EC 140 72.58 1.84 -59.61
N TYR EC 141 73.15 1.76 -60.81
CA TYR EC 141 73.60 0.48 -61.35
C TYR EC 141 74.66 -0.15 -60.46
N TYR EC 142 75.67 0.63 -60.09
CA TYR EC 142 76.76 0.09 -59.27
C TYR EC 142 76.28 -0.29 -57.88
N SER EC 143 75.46 0.57 -57.26
CA SER EC 143 74.97 0.26 -55.92
C SER EC 143 74.27 -1.08 -55.90
N ARG EC 144 73.46 -1.37 -56.92
CA ARG EC 144 72.77 -2.64 -56.99
C ARG EC 144 73.74 -3.80 -57.15
N HIS EC 145 74.76 -3.64 -58.00
CA HIS EC 145 75.66 -4.75 -58.30
C HIS EC 145 76.49 -5.14 -57.08
N TYR EC 146 77.13 -4.16 -56.44
CA TYR EC 146 78.10 -4.46 -55.40
C TYR EC 146 77.43 -4.86 -54.08
N PHE EC 147 76.37 -4.16 -53.69
CA PHE EC 147 75.65 -4.55 -52.50
C PHE EC 147 75.03 -5.94 -52.65
N ARG EC 148 74.62 -6.30 -53.86
CA ARG EC 148 74.20 -7.67 -54.11
C ARG EC 148 75.36 -8.65 -53.98
N ASP EC 149 76.54 -8.27 -54.48
CA ASP EC 149 77.71 -9.14 -54.36
C ASP EC 149 78.03 -9.44 -52.90
N TRP EC 150 77.91 -8.42 -52.04
CA TRP EC 150 78.23 -8.61 -50.63
C TRP EC 150 77.48 -9.80 -50.05
N LEU EC 151 76.33 -10.14 -50.64
CA LEU EC 151 75.59 -11.31 -50.22
C LEU EC 151 76.37 -12.60 -50.47
N ILE EC 152 77.11 -12.66 -51.58
CA ILE EC 152 77.95 -13.82 -51.84
C ILE EC 152 78.94 -14.00 -50.70
N GLY EC 153 79.48 -12.90 -50.18
CA GLY EC 153 80.38 -12.97 -49.05
C GLY EC 153 79.69 -13.47 -47.79
N VAL EC 154 78.45 -13.04 -47.56
CA VAL EC 154 77.70 -13.55 -46.42
C VAL EC 154 77.53 -15.06 -46.55
N MET EC 155 77.15 -15.52 -47.73
CA MET EC 155 76.93 -16.95 -47.93
C MET EC 155 78.23 -17.74 -47.83
N LEU EC 156 79.32 -17.18 -48.36
CA LEU EC 156 80.62 -17.84 -48.24
C LEU EC 156 81.07 -17.87 -46.79
N GLY EC 157 80.82 -16.80 -46.05
CA GLY EC 157 81.15 -16.79 -44.63
C GLY EC 157 80.23 -17.64 -43.78
N MET EC 158 79.01 -17.90 -44.26
CA MET EC 158 78.12 -18.81 -43.56
C MET EC 158 78.48 -20.26 -43.82
N TYR EC 159 78.99 -20.58 -45.02
CA TYR EC 159 79.43 -21.94 -45.30
C TYR EC 159 80.68 -22.28 -44.50
N LEU EC 160 81.68 -21.39 -44.52
CA LEU EC 160 82.92 -21.65 -43.82
C LEU EC 160 82.69 -21.70 -42.32
N GLY EC 161 81.82 -20.84 -41.79
CA GLY EC 161 81.49 -20.90 -40.38
C GLY EC 161 80.80 -22.21 -40.01
N ASN EC 162 79.91 -22.69 -40.88
CA ASN EC 162 79.20 -23.94 -40.58
C ASN EC 162 80.16 -25.12 -40.50
N LEU EC 163 81.30 -25.05 -41.19
CA LEU EC 163 82.27 -26.13 -41.09
C LEU EC 163 82.78 -26.27 -39.66
N CYS EC 164 83.03 -25.14 -38.99
CA CYS EC 164 83.49 -25.20 -37.61
C CYS EC 164 82.35 -25.56 -36.66
N VAL EC 165 81.11 -25.24 -37.01
CA VAL EC 165 79.98 -25.68 -36.21
C VAL EC 165 79.91 -27.19 -36.20
N GLN EC 166 80.10 -27.82 -37.35
CA GLN EC 166 80.07 -29.28 -37.42
C GLN EC 166 81.21 -29.89 -36.64
N GLN EC 167 82.41 -29.32 -36.74
CA GLN EC 167 83.53 -29.82 -35.94
C GLN EC 167 83.24 -29.69 -34.46
N HIS EC 168 82.69 -28.54 -34.04
CA HIS EC 168 82.33 -28.37 -32.65
C HIS EC 168 81.25 -29.36 -32.23
N ARG EC 169 80.28 -29.60 -33.11
CA ARG EC 169 79.21 -30.55 -32.81
C ARG EC 169 79.78 -31.94 -32.56
N GLN EC 170 80.67 -32.40 -33.43
CA GLN EC 170 81.28 -33.71 -33.23
C GLN EC 170 82.18 -33.72 -32.00
N TYR EC 171 82.82 -32.60 -31.70
CA TYR EC 171 83.68 -32.52 -30.52
C TYR EC 171 82.88 -32.79 -29.25
N ARG EC 172 81.70 -32.18 -29.14
CA ARG EC 172 80.89 -32.35 -27.94
C ARG EC 172 80.42 -33.80 -27.81
N VAL EC 173 80.06 -34.44 -28.91
CA VAL EC 173 79.68 -35.85 -28.86
C VAL EC 173 80.84 -36.68 -28.33
N ASP EC 174 82.04 -36.42 -28.83
CA ASP EC 174 83.21 -37.18 -28.38
C ASP EC 174 83.45 -36.96 -26.90
N MET EC 175 83.34 -35.72 -26.43
CA MET EC 175 83.60 -35.41 -25.03
C MET EC 175 82.65 -36.17 -24.12
N LYS EC 176 81.37 -36.27 -24.52
CA LYS EC 176 80.39 -36.98 -23.71
C LYS EC 176 80.72 -38.46 -23.56
N LEU EC 177 81.47 -39.03 -24.50
CA LEU EC 177 81.82 -40.44 -24.43
C LEU EC 177 83.16 -40.70 -23.76
N PHE EC 178 83.91 -39.65 -23.40
CA PHE EC 178 85.22 -39.87 -22.81
C PHE EC 178 85.11 -40.51 -21.44
N TYR EC 179 84.43 -39.83 -20.51
CA TYR EC 179 84.31 -40.33 -19.16
C TYR EC 179 83.40 -41.55 -19.05
N LEU EC 180 82.69 -41.90 -20.12
CA LEU EC 180 81.72 -42.99 -20.11
C LEU EC 180 82.26 -44.27 -20.74
N GLU EC 181 83.02 -44.17 -21.82
CA GLU EC 181 83.45 -45.34 -22.59
C GLU EC 181 84.91 -45.34 -22.96
N ALA EC 182 85.56 -44.20 -23.04
CA ALA EC 182 86.91 -44.14 -23.58
C ALA EC 182 87.89 -44.89 -22.68
N PRO EC 183 88.65 -45.86 -23.21
CA PRO EC 183 89.68 -46.50 -22.38
C PRO EC 183 90.80 -45.57 -21.99
N GLU EC 184 90.95 -44.42 -22.65
CA GLU EC 184 91.96 -43.46 -22.25
C GLU EC 184 91.70 -42.94 -20.85
N HIS EC 185 90.44 -42.87 -20.44
CA HIS EC 185 90.09 -42.43 -19.10
C HIS EC 185 90.42 -43.53 -18.11
N LYS EC 186 91.29 -43.21 -17.16
CA LYS EC 186 91.77 -44.18 -16.17
C LYS EC 186 91.55 -43.60 -14.78
N ILE EC 187 91.15 -44.46 -13.85
CA ILE EC 187 90.91 -44.11 -12.47
C ILE EC 187 91.72 -45.07 -11.61
N ASN EC 188 92.01 -44.65 -10.37
CA ASN EC 188 92.87 -45.41 -9.48
C ASN EC 188 94.19 -45.75 -10.18
N TRP EC 189 94.75 -44.76 -10.85
CA TRP EC 189 95.93 -44.92 -11.69
C TRP EC 189 97.10 -44.06 -11.25
N VAL EC 190 96.88 -42.75 -11.08
CA VAL EC 190 97.96 -41.84 -10.72
C VAL EC 190 98.24 -41.97 -9.23
N LYS EC 191 99.51 -42.20 -8.89
CA LYS EC 191 99.93 -42.28 -7.51
C LYS EC 191 100.80 -41.08 -7.16
N PRO EC 192 100.70 -40.54 -5.94
CA PRO EC 192 101.54 -39.40 -5.57
C PRO EC 192 103.02 -39.75 -5.70
N ARG EC 193 103.78 -38.80 -6.22
CA ARG EC 193 105.22 -39.01 -6.37
C ARG EC 193 105.93 -38.92 -5.02
N GLY EC 194 105.55 -37.96 -4.19
CA GLY EC 194 106.26 -37.70 -2.96
C GLY EC 194 107.35 -36.66 -3.15
N ASP EC 195 107.76 -36.08 -2.03
CA ASP EC 195 108.82 -35.08 -2.07
C ASP EC 195 110.13 -35.71 -2.51
N LEU EC 196 110.89 -34.98 -3.32
CA LEU EC 196 112.18 -35.45 -3.79
C LEU EC 196 113.21 -35.38 -2.66
N GLY FC 1 133.51 50.41 -26.80
CA GLY FC 1 133.93 50.53 -28.18
C GLY FC 1 133.40 51.77 -28.87
N CYS FC 2 132.08 51.82 -29.04
CA CYS FC 2 131.46 52.97 -29.69
C CYS FC 2 131.27 54.11 -28.70
N GLU FC 3 131.00 55.30 -29.24
CA GLU FC 3 130.83 56.48 -28.40
C GLU FC 3 129.65 56.32 -27.45
N ALA FC 4 128.58 55.66 -27.92
CA ALA FC 4 127.39 55.52 -27.09
C ALA FC 4 127.72 54.79 -25.79
N VAL FC 5 128.47 53.71 -25.87
CA VAL FC 5 128.86 52.98 -24.67
C VAL FC 5 129.77 53.83 -23.80
N LYS FC 6 130.68 54.57 -24.43
CA LYS FC 6 131.60 55.41 -23.66
C LYS FC 6 130.86 56.54 -22.94
N ASN FC 7 129.86 57.12 -23.59
CA ASN FC 7 129.08 58.23 -23.04
C ASN FC 7 127.60 57.91 -23.16
N PRO FC 8 127.06 57.12 -22.24
CA PRO FC 8 125.64 56.73 -22.33
C PRO FC 8 124.73 57.96 -22.23
N LEU FC 9 123.76 58.02 -23.13
CA LEU FC 9 122.80 59.11 -23.18
C LEU FC 9 121.44 58.58 -23.61
N ILE FC 10 120.40 59.33 -23.29
CA ILE FC 10 119.02 58.99 -23.63
C ILE FC 10 118.50 60.05 -24.58
N GLY FC 11 118.31 59.67 -25.85
CA GLY FC 11 117.68 60.53 -26.82
C GLY FC 11 118.48 61.75 -27.25
N GLY FC 12 119.75 61.56 -27.59
CA GLY FC 12 120.58 62.64 -28.06
C GLY FC 12 120.61 62.73 -29.58
N PRO FC 13 121.30 63.73 -30.10
CA PRO FC 13 121.52 63.80 -31.55
C PRO FC 13 122.65 62.86 -31.98
N ASN FC 14 122.73 62.66 -33.29
CA ASN FC 14 123.77 61.82 -33.90
C ASN FC 14 123.76 60.41 -33.33
N GLN FC 15 122.57 59.84 -33.13
CA GLN FC 15 122.51 58.48 -32.57
C GLN FC 15 123.15 57.47 -33.49
N LYS FC 16 122.91 57.58 -34.80
CA LYS FC 16 123.48 56.61 -35.73
C LYS FC 16 125.01 56.67 -35.73
N ALA FC 17 125.57 57.88 -35.70
CA ALA FC 17 127.02 58.01 -35.66
C ALA FC 17 127.57 57.43 -34.37
N ARG FC 18 126.88 57.64 -33.25
CA ARG FC 18 127.34 57.10 -31.98
C ARG FC 18 127.39 55.58 -32.00
N GLY FC 19 126.55 54.95 -32.81
CA GLY FC 19 126.68 53.55 -33.15
C GLY FC 19 125.75 52.61 -32.41
N ALA FC 20 125.13 53.04 -31.31
CA ALA FC 20 124.25 52.16 -30.57
C ALA FC 20 123.29 52.97 -29.73
N ILE FC 21 122.22 52.32 -29.28
CA ILE FC 21 121.24 52.90 -28.37
C ILE FC 21 121.33 52.09 -27.09
N THR FC 22 121.79 52.74 -26.02
CA THR FC 22 122.04 52.06 -24.76
C THR FC 22 120.87 52.14 -23.78
N SER FC 23 119.82 52.87 -24.10
CA SER FC 23 118.71 53.11 -23.19
C SER FC 23 117.45 52.44 -23.73
N GLY FC 24 116.80 51.65 -22.88
CA GLY FC 24 115.52 51.07 -23.22
C GLY FC 24 114.34 51.98 -23.00
N PHE FC 25 114.58 53.20 -22.50
CA PHE FC 25 113.49 54.15 -22.28
C PHE FC 25 112.91 54.58 -23.62
N ALA FC 26 111.58 54.49 -23.73
CA ALA FC 26 110.88 54.83 -24.96
C ALA FC 26 109.74 55.79 -24.64
N GLY FC 27 109.66 56.86 -25.40
CA GLY FC 27 108.63 57.87 -25.21
C GLY FC 27 109.15 59.13 -24.55
N GLY FC 28 108.20 59.95 -24.14
CA GLY FC 28 108.46 61.25 -23.59
C GLY FC 28 107.44 62.23 -24.12
N GLY FC 29 107.74 63.51 -24.01
CA GLY FC 29 106.85 64.55 -24.47
C GLY FC 29 106.00 65.18 -23.39
N ALA FC 30 106.14 64.72 -22.15
CA ALA FC 30 105.43 65.34 -21.04
C ALA FC 30 105.85 66.79 -20.89
N LYS FC 31 104.89 67.65 -20.55
CA LYS FC 31 105.18 69.05 -20.29
C LYS FC 31 105.63 69.30 -18.86
N ARG FC 32 105.40 68.34 -17.96
CA ARG FC 32 105.82 68.42 -16.57
C ARG FC 32 106.32 67.06 -16.14
N LEU FC 33 106.98 67.02 -14.99
CA LEU FC 33 107.45 65.75 -14.45
C LEU FC 33 106.27 64.94 -13.94
N GLY FC 34 106.21 63.67 -14.34
CA GLY FC 34 105.10 62.82 -13.99
C GLY FC 34 103.84 63.05 -14.81
N GLY FC 35 103.91 63.86 -15.86
CA GLY FC 35 102.73 64.25 -16.61
C GLY FC 35 102.41 63.32 -17.75
N LYS FC 36 101.28 63.61 -18.41
CA LYS FC 36 100.85 62.82 -19.55
C LYS FC 36 101.83 62.98 -20.70
N GLY FC 37 102.38 61.87 -21.17
CA GLY FC 37 103.30 61.89 -22.28
C GLY FC 37 102.95 60.82 -23.29
N TYR FC 38 103.83 60.60 -24.27
CA TYR FC 38 103.67 59.57 -25.27
C TYR FC 38 104.64 58.43 -24.97
N GLY FC 39 104.32 57.25 -25.51
CA GLY FC 39 105.15 56.09 -25.29
C GLY FC 39 104.96 55.50 -23.91
N ILE FC 40 105.65 54.38 -23.67
CA ILE FC 40 105.47 53.62 -22.45
C ILE FC 40 106.35 54.12 -21.30
N MET FC 41 107.52 54.67 -21.60
CA MET FC 41 108.36 55.35 -20.60
C MET FC 41 108.69 54.40 -19.44
N ALA FC 42 109.41 53.33 -19.77
CA ALA FC 42 109.86 52.35 -18.79
C ALA FC 42 111.37 52.25 -18.83
N ASP FC 43 111.98 52.15 -17.65
CA ASP FC 43 113.43 52.08 -17.53
C ASP FC 43 113.78 51.50 -16.17
N TRP FC 44 115.08 51.15 -16.01
CA TRP FC 44 115.54 50.65 -14.71
C TRP FC 44 115.56 51.77 -13.69
N CYS FC 45 115.77 53.02 -14.14
CA CYS FC 45 115.90 54.16 -13.24
C CYS FC 45 115.08 55.33 -13.77
N ASP FC 46 114.78 56.25 -12.86
CA ASP FC 46 114.18 57.55 -13.19
C ASP FC 46 112.91 57.37 -14.03
N HIS FC 47 111.95 56.64 -13.47
CA HIS FC 47 110.67 56.47 -14.12
C HIS FC 47 109.63 56.15 -13.05
N GLY FC 48 108.36 56.31 -13.44
CA GLY FC 48 107.28 55.93 -12.54
C GLY FC 48 107.11 56.93 -11.42
N TYR FC 49 106.81 56.41 -10.23
CA TYR FC 49 106.52 57.21 -9.05
C TYR FC 49 107.62 57.01 -8.02
N SER FC 50 108.18 58.10 -7.52
CA SER FC 50 109.24 58.04 -6.52
C SER FC 50 108.64 57.95 -5.13
N PHE FC 51 108.95 56.87 -4.42
CA PHE FC 51 108.41 56.69 -3.09
C PHE FC 51 109.03 57.66 -2.09
N THR FC 52 110.35 57.82 -2.14
CA THR FC 52 111.02 58.70 -1.19
C THR FC 52 110.57 60.14 -1.35
N LYS FC 53 110.49 60.62 -2.59
CA LYS FC 53 110.08 61.99 -2.85
C LYS FC 53 108.56 62.14 -2.90
N GLY FC 54 107.81 61.05 -2.96
CA GLY FC 54 106.37 61.14 -3.04
C GLY FC 54 105.91 61.92 -4.26
N GLN FC 55 106.57 61.74 -5.39
CA GLN FC 55 106.30 62.50 -6.59
C GLN FC 55 106.34 61.57 -7.80
N ALA FC 56 105.60 61.94 -8.84
CA ALA FC 56 105.61 61.19 -10.08
C ALA FC 56 106.77 61.64 -10.96
N ILE FC 57 107.50 60.69 -11.50
CA ILE FC 57 108.60 60.99 -12.41
C ILE FC 57 108.14 60.95 -13.86
N THR FC 58 107.43 59.91 -14.25
CA THR FC 58 106.85 59.79 -15.58
C THR FC 58 105.37 59.50 -15.45
N GLY FC 59 104.63 59.84 -16.48
CA GLY FC 59 103.20 59.60 -16.50
C GLY FC 59 102.87 58.14 -16.69
N MET FC 60 101.58 57.84 -16.64
CA MET FC 60 101.12 56.49 -16.89
C MET FC 60 101.45 56.09 -18.32
N PRO FC 61 101.72 54.80 -18.56
CA PRO FC 61 102.12 54.37 -19.90
C PRO FC 61 101.05 54.66 -20.94
N HIS FC 62 101.49 55.02 -22.15
CA HIS FC 62 100.64 55.26 -23.30
C HIS FC 62 100.87 54.10 -24.26
N TRP FC 63 99.99 53.10 -24.21
CA TRP FC 63 100.25 51.84 -24.87
C TRP FC 63 100.09 51.98 -26.40
N PRO FC 64 100.84 51.21 -27.17
CA PRO FC 64 100.68 51.25 -28.63
C PRO FC 64 99.56 50.35 -29.10
N LEU FC 65 98.47 50.31 -28.33
CA LEU FC 65 97.31 49.47 -28.56
C LEU FC 65 96.08 50.35 -28.71
N TRP FC 66 94.89 49.74 -28.65
CA TRP FC 66 93.64 50.56 -28.82
C TRP FC 66 93.56 51.69 -27.86
N CYS FC 67 94.03 51.53 -26.63
CA CYS FC 67 93.87 52.56 -25.61
C CYS FC 67 94.73 53.79 -25.89
N GLY FC 68 95.75 53.64 -26.72
CA GLY FC 68 96.62 54.75 -27.08
C GLY FC 68 96.88 54.84 -28.56
N GLY FC 69 98.15 54.89 -28.95
CA GLY FC 69 98.50 55.06 -30.35
C GLY FC 69 100.00 55.25 -30.50
N GLY FC 70 100.38 55.80 -31.65
CA GLY FC 70 101.79 56.02 -31.93
C GLY FC 70 102.37 57.19 -31.18
N VAL FC 71 103.69 57.29 -31.22
CA VAL FC 71 104.44 58.36 -30.58
C VAL FC 71 104.83 59.38 -31.63
N PRO FC 72 104.66 60.68 -31.39
CA PRO FC 72 105.13 61.66 -32.36
C PRO FC 72 106.64 61.59 -32.56
N ASP FC 73 107.07 61.91 -33.78
CA ASP FC 73 108.49 61.81 -34.10
C ASP FC 73 109.34 62.74 -33.26
N LYS FC 74 108.77 63.86 -32.79
CA LYS FC 74 109.55 64.79 -31.99
C LYS FC 74 110.11 64.13 -30.73
N PHE FC 75 109.48 63.04 -30.26
CA PHE FC 75 109.81 62.46 -28.97
C PHE FC 75 110.21 60.99 -29.07
N ILE FC 76 110.52 60.49 -30.27
CA ILE FC 76 110.99 59.11 -30.40
C ILE FC 76 112.48 59.08 -30.06
N LYS FC 77 112.88 58.10 -29.24
CA LYS FC 77 114.25 57.98 -28.80
C LYS FC 77 114.91 56.67 -29.19
N ILE FC 78 114.16 55.64 -29.55
CA ILE FC 78 114.73 54.38 -30.00
C ILE FC 78 114.47 54.25 -31.49
N ASP FC 79 115.43 54.70 -32.30
CA ASP FC 79 115.30 54.63 -33.75
C ASP FC 79 115.50 53.19 -34.20
N PRO FC 80 114.52 52.57 -34.86
CA PRO FC 80 114.71 51.16 -35.29
C PRO FC 80 115.90 50.96 -36.21
N ASP FC 81 116.26 51.94 -37.02
CA ASP FC 81 117.42 51.79 -37.89
C ASP FC 81 118.69 51.57 -37.09
N VAL FC 82 118.85 52.30 -35.99
CA VAL FC 82 120.01 52.12 -35.13
C VAL FC 82 119.77 51.02 -34.09
N HIS FC 83 118.53 50.89 -33.61
CA HIS FC 83 118.22 49.86 -32.63
C HIS FC 83 118.47 48.47 -33.19
N PHE FC 84 118.05 48.24 -34.43
CA PHE FC 84 118.34 46.99 -35.13
C PHE FC 84 119.64 47.16 -35.91
N ASN FC 85 119.89 46.28 -36.87
CA ASN FC 85 121.18 46.22 -37.58
C ASN FC 85 122.30 45.88 -36.59
N LEU FC 86 122.19 44.70 -35.99
CA LEU FC 86 123.12 44.24 -34.97
C LEU FC 86 124.42 43.70 -35.54
N GLN FC 87 124.72 43.99 -36.81
CA GLN FC 87 125.97 43.50 -37.39
C GLN FC 87 127.15 44.00 -36.58
N GLY FC 88 127.90 43.06 -36.02
CA GLY FC 88 129.07 43.42 -35.23
C GLY FC 88 128.75 44.31 -34.04
N TYR FC 89 127.65 44.01 -33.35
CA TYR FC 89 127.30 44.82 -32.18
C TYR FC 89 128.20 44.51 -30.99
N ARG FC 90 128.71 43.28 -30.91
CA ARG FC 90 129.54 42.91 -29.78
C ARG FC 90 130.82 43.73 -29.75
N GLU FC 91 131.37 44.03 -30.92
CA GLU FC 91 132.56 44.88 -30.97
C GLU FC 91 132.25 46.31 -30.57
N ARG FC 92 131.04 46.78 -30.88
CA ARG FC 92 130.67 48.15 -30.51
C ARG FC 92 130.42 48.28 -29.02
N ILE FC 93 129.96 47.22 -28.36
CA ILE FC 93 129.62 47.32 -26.95
C ILE FC 93 130.71 46.77 -26.03
N GLY FC 94 131.58 45.92 -26.52
CA GLY FC 94 132.62 45.34 -25.68
C GLY FC 94 132.07 44.25 -24.78
N TRP FC 95 132.97 43.71 -23.96
CA TRP FC 95 132.58 42.62 -23.07
C TRP FC 95 131.74 43.13 -21.91
N TYR FC 96 132.12 44.25 -21.30
CA TYR FC 96 131.32 44.80 -20.21
C TYR FC 96 129.95 45.24 -20.72
N GLY FC 97 129.89 45.77 -21.93
CA GLY FC 97 128.61 46.11 -22.52
C GLY FC 97 127.74 44.88 -22.75
N PHE FC 98 128.36 43.78 -23.16
CA PHE FC 98 127.62 42.53 -23.32
C PHE FC 98 127.01 42.08 -22.00
N PHE FC 99 127.79 42.17 -20.92
CA PHE FC 99 127.28 41.86 -19.59
C PHE FC 99 126.17 42.82 -19.19
N THR FC 100 126.34 44.11 -19.49
CA THR FC 100 125.29 45.07 -19.20
C THR FC 100 124.01 44.77 -19.96
N ALA FC 101 124.15 44.46 -21.25
CA ALA FC 101 122.97 44.20 -22.07
C ALA FC 101 122.22 42.97 -21.59
N PHE FC 102 122.95 41.92 -21.21
CA PHE FC 102 122.32 40.72 -20.67
C PHE FC 102 121.54 41.05 -19.41
N LEU FC 103 122.15 41.82 -18.50
CA LEU FC 103 121.50 42.19 -17.26
C LEU FC 103 120.27 43.03 -17.53
N GLN FC 104 120.32 43.88 -18.57
CA GLN FC 104 119.25 44.81 -18.86
C GLN FC 104 118.13 44.14 -19.63
N ALA FC 105 118.43 43.00 -20.27
CA ALA FC 105 117.42 42.23 -20.98
C ALA FC 105 116.46 41.54 -20.03
N ASN FC 106 116.79 41.44 -18.75
CA ASN FC 106 116.00 40.72 -17.77
C ASN FC 106 115.29 41.68 -16.79
N TYR FC 107 114.91 42.86 -17.27
CA TYR FC 107 114.16 43.79 -16.45
C TYR FC 107 112.80 43.23 -16.08
N HIS FC 108 112.15 42.57 -17.05
CA HIS FC 108 110.84 41.95 -16.79
C HIS FC 108 110.94 40.91 -15.68
N ALA FC 109 111.96 40.06 -15.75
CA ALA FC 109 112.17 39.06 -14.70
C ALA FC 109 112.54 39.72 -13.38
N PHE FC 110 113.29 40.81 -13.42
CA PHE FC 110 113.63 41.54 -12.20
C PHE FC 110 112.41 42.18 -11.58
N VAL FC 111 111.55 42.78 -12.40
CA VAL FC 111 110.32 43.38 -11.89
C VAL FC 111 109.49 42.34 -11.16
N TYR FC 112 109.41 41.13 -11.71
CA TYR FC 112 108.63 40.08 -11.05
C TYR FC 112 109.24 39.71 -9.71
N PHE FC 113 110.55 39.49 -9.66
CA PHE FC 113 111.19 39.05 -8.43
C PHE FC 113 111.07 40.10 -7.33
N VAL FC 114 111.02 41.37 -7.69
CA VAL FC 114 110.85 42.42 -6.70
C VAL FC 114 109.45 42.36 -6.09
N ARG FC 115 108.46 41.89 -6.86
CA ARG FC 115 107.10 41.78 -6.37
C ARG FC 115 106.80 40.44 -5.71
N PHE FC 116 107.59 39.41 -6.00
CA PHE FC 116 107.33 38.05 -5.53
C PHE FC 116 108.07 37.71 -4.23
N ILE FC 117 109.30 38.21 -4.09
CA ILE FC 117 110.12 37.82 -2.95
C ILE FC 117 109.49 38.20 -1.61
N PRO FC 118 108.96 39.41 -1.43
CA PRO FC 118 108.54 39.83 -0.07
C PRO FC 118 107.59 38.86 0.62
N ILE FC 119 106.56 38.40 -0.07
CA ILE FC 119 105.60 37.50 0.56
C ILE FC 119 106.29 36.21 0.98
N ASN FC 120 107.22 35.72 0.16
CA ASN FC 120 107.93 34.49 0.48
C ASN FC 120 108.83 34.67 1.69
N ILE FC 121 109.43 35.85 1.85
CA ILE FC 121 110.19 36.13 3.06
C ILE FC 121 109.30 36.03 4.28
N ALA FC 122 108.08 36.58 4.19
CA ALA FC 122 107.15 36.52 5.32
C ALA FC 122 106.82 35.08 5.67
N ILE FC 123 106.57 34.25 4.66
CA ILE FC 123 106.28 32.84 4.92
C ILE FC 123 107.47 32.18 5.58
N PHE FC 124 108.69 32.50 5.13
CA PHE FC 124 109.87 31.91 5.73
C PHE FC 124 110.06 32.36 7.18
N TRP FC 125 109.62 33.58 7.50
CA TRP FC 125 109.71 34.04 8.88
C TRP FC 125 108.85 33.19 9.80
N ILE FC 126 107.69 32.75 9.32
CA ILE FC 126 106.84 31.88 10.11
C ILE FC 126 107.59 30.62 10.49
N TYR FC 127 108.27 30.02 9.52
CA TYR FC 127 109.00 28.77 9.78
C TYR FC 127 110.14 28.99 10.76
N VAL FC 128 110.95 30.01 10.53
CA VAL FC 128 112.12 30.23 11.38
C VAL FC 128 111.69 30.51 12.81
N ASN FC 129 110.68 31.37 12.98
CA ASN FC 129 110.22 31.71 14.32
C ASN FC 129 109.70 30.49 15.05
N GLU FC 130 109.10 29.53 14.34
CA GLU FC 130 108.60 28.33 15.00
C GLU FC 130 109.71 27.33 15.26
N ARG FC 131 110.67 27.20 14.33
CA ARG FC 131 111.72 26.21 14.48
C ARG FC 131 112.54 26.44 15.74
N GLN FC 132 112.71 27.70 16.14
CA GLN FC 132 113.51 27.99 17.33
C GLN FC 132 112.88 27.39 18.58
N ARG FC 133 111.56 27.39 18.65
CA ARG FC 133 110.88 26.97 19.87
C ARG FC 133 110.97 25.46 20.04
N GLU FC 134 111.01 25.03 21.30
CA GLU FC 134 110.99 23.61 21.60
C GLU FC 134 109.70 23.00 21.10
N PRO FC 135 109.72 21.73 20.70
CA PRO FC 135 108.50 21.08 20.22
C PRO FC 135 107.47 20.94 21.34
N GLN FC 136 106.20 21.14 20.99
CA GLN FC 136 105.14 20.87 21.96
C GLN FC 136 105.05 19.36 22.19
N GLU FC 137 104.45 18.97 23.31
CA GLU FC 137 104.36 17.54 23.62
C GLU FC 137 103.17 16.97 22.87
N ASN FC 138 103.44 16.41 21.68
CA ASN FC 138 102.36 15.90 20.84
C ASN FC 138 101.65 14.72 21.50
N VAL FC 139 102.42 13.81 22.10
CA VAL FC 139 101.89 12.57 22.63
C VAL FC 139 102.38 12.34 24.06
N MET FC 140 101.59 11.59 24.82
CA MET FC 140 101.94 11.11 26.15
C MET FC 140 101.68 9.61 26.23
N ASP FC 141 101.89 9.02 27.40
CA ASP FC 141 101.65 7.61 27.57
C ASP FC 141 100.20 7.26 27.28
N HIS FC 142 99.99 6.16 26.55
CA HIS FC 142 98.63 5.75 26.21
C HIS FC 142 97.82 5.47 27.45
N GLU FC 143 98.40 4.75 28.40
CA GLU FC 143 97.63 4.36 29.57
C GLU FC 143 97.29 5.55 30.45
N GLU FC 144 98.30 6.36 30.77
CA GLU FC 144 98.07 7.48 31.66
C GLU FC 144 97.06 8.45 31.10
N PHE FC 145 97.03 8.59 29.77
CA PHE FC 145 96.06 9.48 29.15
C PHE FC 145 94.63 9.05 29.46
N PHE FC 146 94.34 7.75 29.33
CA PHE FC 146 92.99 7.26 29.52
C PHE FC 146 92.60 7.18 30.99
N ARG FC 147 93.57 7.16 31.91
CA ARG FC 147 93.25 7.21 33.32
C ARG FC 147 92.90 8.61 33.79
N ASP FC 148 93.23 9.63 33.02
CA ASP FC 148 92.86 11.02 33.29
C ASP FC 148 92.30 11.67 32.04
N PHE FC 149 91.42 10.95 31.34
CA PHE FC 149 90.96 11.40 30.03
C PHE FC 149 90.30 12.77 30.11
N ASP FC 150 89.38 12.95 31.06
CA ASP FC 150 88.59 14.18 31.08
C ASP FC 150 89.46 15.40 31.31
N SER FC 151 90.36 15.34 32.29
CA SER FC 151 91.22 16.48 32.56
C SER FC 151 92.05 16.86 31.34
N ILE FC 152 92.70 15.87 30.73
CA ILE FC 152 93.60 16.14 29.62
C ILE FC 152 92.81 16.50 28.36
N TYR FC 153 91.78 15.71 28.04
CA TYR FC 153 91.08 15.89 26.77
C TYR FC 153 90.25 17.17 26.76
N LEU FC 154 89.72 17.58 27.92
CA LEU FC 154 88.82 18.71 27.99
C LEU FC 154 89.37 19.87 28.80
N GLY FC 155 90.58 19.76 29.35
CA GLY FC 155 91.09 20.83 30.20
C GLY FC 155 91.22 22.15 29.46
N GLN FC 156 91.58 22.09 28.18
CA GLN FC 156 91.80 23.31 27.41
C GLN FC 156 90.54 24.15 27.30
N VAL FC 157 89.42 23.52 26.99
CA VAL FC 157 88.19 24.27 26.76
C VAL FC 157 87.68 24.87 28.06
N PHE FC 158 87.83 24.16 29.18
CA PHE FC 158 87.29 24.65 30.44
C PHE FC 158 88.13 25.81 30.98
N ASP FC 159 89.46 25.69 30.96
CA ASP FC 159 90.33 26.79 31.40
C ASP FC 159 91.62 26.74 30.60
N HIS FC 160 91.76 27.63 29.62
CA HIS FC 160 92.91 27.59 28.73
C HIS FC 160 94.17 28.16 29.36
N HIS FC 161 94.06 29.12 30.27
CA HIS FC 161 95.26 29.68 30.87
C HIS FC 161 95.95 28.69 31.79
N ARG FC 162 95.19 27.98 32.61
CA ARG FC 162 95.78 26.98 33.49
C ARG FC 162 96.26 25.78 32.69
N PHE FC 163 95.54 25.42 31.64
CA PHE FC 163 95.99 24.33 30.78
C PHE FC 163 97.31 24.69 30.10
N ALA FC 164 97.45 25.94 29.68
CA ALA FC 164 98.69 26.40 29.08
C ALA FC 164 99.84 26.32 30.07
N GLU FC 165 99.59 26.72 31.32
CA GLU FC 165 100.64 26.67 32.34
C GLU FC 165 101.01 25.22 32.65
N TRP FC 166 100.02 24.34 32.74
CA TRP FC 166 100.29 22.93 32.98
C TRP FC 166 101.14 22.34 31.86
N LEU FC 167 100.81 22.67 30.61
CA LEU FC 167 101.61 22.19 29.49
C LEU FC 167 103.05 22.67 29.60
N ALA FC 168 103.24 23.93 29.95
CA ALA FC 168 104.59 24.50 30.04
C ALA FC 168 105.41 23.74 31.07
N ARG FC 169 104.82 23.45 32.23
CA ARG FC 169 105.55 22.73 33.27
C ARG FC 169 105.91 21.32 32.82
N ARG FC 170 105.04 20.68 32.04
CA ARG FC 170 105.37 19.36 31.53
C ARG FC 170 106.50 19.42 30.52
N ARG FC 171 106.52 20.46 29.68
CA ARG FC 171 107.64 20.63 28.77
C ARG FC 171 108.93 20.85 29.54
N ALA FC 172 108.87 21.63 30.62
CA ALA FC 172 110.05 21.85 31.44
C ALA FC 172 110.53 20.57 32.11
N VAL FC 173 109.62 19.63 32.37
CA VAL FC 173 110.02 18.36 32.95
C VAL FC 173 110.52 17.40 31.88
N LYS FC 174 109.96 17.48 30.66
CA LYS FC 174 110.35 16.54 29.61
C LYS FC 174 111.71 16.85 29.04
N TRP FC 175 112.15 18.11 29.14
CA TRP FC 175 113.42 18.52 28.58
C TRP FC 175 114.41 19.00 29.64
N GLY FC 176 114.12 18.75 30.91
CA GLY FC 176 115.12 18.94 31.96
C GLY FC 176 115.62 20.35 32.12
N TYR FC 177 114.72 21.34 32.06
CA TYR FC 177 115.08 22.72 32.34
C TYR FC 177 114.14 23.33 33.39
N ALA FC 178 113.49 22.48 34.19
CA ALA FC 178 112.50 22.96 35.15
C ALA FC 178 113.13 23.83 36.23
N ASP FC 179 114.33 23.49 36.66
CA ASP FC 179 115.01 24.26 37.70
C ASP FC 179 115.72 25.49 37.15
N GLN FC 180 115.70 25.68 35.84
CA GLN FC 180 116.35 26.82 35.20
C GLN FC 180 115.35 27.86 34.71
N ILE FC 181 114.06 27.59 34.82
CA ILE FC 181 113.01 28.50 34.36
C ILE FC 181 112.07 28.75 35.53
N HIS FC 182 111.48 29.93 35.56
CA HIS FC 182 110.43 30.26 36.53
C HIS FC 182 109.14 30.44 35.73
N ILE FC 183 108.21 29.50 35.89
CA ILE FC 183 106.99 29.55 35.10
C ILE FC 183 106.02 30.53 35.73
N PRO FC 184 105.60 31.56 35.02
CA PRO FC 184 104.78 32.60 35.62
C PRO FC 184 103.50 32.02 36.22
N PRO FC 185 103.07 32.51 37.37
CA PRO FC 185 101.85 32.00 37.99
C PRO FC 185 100.62 32.41 37.22
N VAL FC 186 99.60 31.55 37.25
CA VAL FC 186 98.35 31.82 36.55
C VAL FC 186 97.32 32.36 37.54
N ARG GC 1 102.13 64.82 -24.24
CA ARG GC 1 101.06 65.77 -23.97
C ARG GC 1 99.78 65.06 -23.56
N GLY GC 2 99.60 63.84 -24.05
CA GLY GC 2 98.50 63.00 -23.63
C GLY GC 2 97.53 62.72 -24.77
N SER GC 3 96.42 62.10 -24.39
CA SER GC 3 95.40 61.71 -25.36
C SER GC 3 94.75 62.92 -26.01
N VAL GC 4 94.27 62.72 -27.25
CA VAL GC 4 93.50 63.76 -27.93
C VAL GC 4 92.13 63.91 -27.30
N PHE GC 5 91.72 62.97 -26.45
CA PHE GC 5 90.38 63.01 -25.86
C PHE GC 5 90.33 63.93 -24.63
N GLN GC 6 91.33 63.88 -23.77
CA GLN GC 6 91.41 64.82 -22.67
C GLN GC 6 91.70 66.23 -23.20
N MET GC 7 91.01 67.21 -22.65
CA MET GC 7 91.09 68.58 -23.15
C MET GC 7 90.66 69.53 -22.06
N PRO GC 8 90.98 70.82 -22.18
CA PRO GC 8 90.47 71.81 -21.22
C PRO GC 8 89.04 72.19 -21.53
N SER GC 9 88.26 72.42 -20.46
CA SER GC 9 86.87 72.79 -20.64
C SER GC 9 86.76 74.16 -21.31
N THR GC 10 87.63 75.10 -20.97
CA THR GC 10 87.74 76.37 -21.66
C THR GC 10 89.07 76.43 -22.40
N PRO GC 11 89.09 76.67 -23.71
CA PRO GC 11 90.34 76.60 -24.48
C PRO GC 11 91.20 77.85 -24.42
N VAL GC 12 92.09 77.96 -23.44
CA VAL GC 12 92.86 79.19 -23.21
C VAL GC 12 94.35 78.87 -23.29
N TYR GC 13 95.11 79.78 -23.92
CA TYR GC 13 96.57 79.69 -23.97
C TYR GC 13 97.17 80.87 -23.21
N PRO GC 14 98.04 80.63 -22.23
CA PRO GC 14 98.50 81.73 -21.37
C PRO GC 14 99.39 82.73 -22.10
N LEU GC 15 99.13 84.01 -21.88
CA LEU GC 15 99.99 85.10 -22.36
C LEU GC 15 101.12 85.32 -21.35
N THR GC 16 102.06 84.37 -21.36
CA THR GC 16 103.14 84.39 -20.37
C THR GC 16 103.91 85.71 -20.46
N THR GC 17 104.00 86.41 -19.33
CA THR GC 17 104.76 87.66 -19.25
C THR GC 17 106.19 87.44 -18.79
N THR GC 18 106.51 86.26 -18.28
CA THR GC 18 107.89 85.93 -17.91
C THR GC 18 108.81 86.05 -19.11
N LYS GC 19 110.05 86.43 -18.86
CA LYS GC 19 111.04 86.68 -19.91
C LYS GC 19 112.10 85.59 -20.00
N LYS GC 20 111.84 84.42 -19.40
CA LYS GC 20 112.80 83.32 -19.42
C LYS GC 20 113.17 82.93 -20.86
N VAL GC 21 114.46 82.63 -21.07
CA VAL GC 21 114.93 82.22 -22.41
C VAL GC 21 114.30 80.88 -22.79
N ALA GC 22 114.02 80.70 -24.09
CA ALA GC 22 113.37 79.47 -24.55
C ALA GC 22 114.30 78.26 -24.45
N PRO GC 23 113.87 77.14 -23.86
CA PRO GC 23 114.71 75.95 -23.85
C PRO GC 23 115.09 75.60 -25.27
N PRO GC 24 116.30 75.07 -25.51
CA PRO GC 24 116.72 74.83 -26.91
C PRO GC 24 115.81 73.88 -27.65
N THR GC 25 115.30 72.83 -27.00
CA THR GC 25 114.45 71.84 -27.65
C THR GC 25 113.08 72.41 -27.99
N ALA GC 26 112.69 73.52 -27.37
CA ALA GC 26 111.39 74.10 -27.62
C ALA GC 26 111.33 74.74 -29.00
N LEU GC 27 112.47 75.23 -29.51
CA LEU GC 27 112.56 75.85 -30.82
C LEU GC 27 113.25 74.95 -31.85
N ALA GC 28 113.45 73.68 -31.53
CA ALA GC 28 114.20 72.79 -32.38
C ALA GC 28 113.36 72.30 -33.56
N LYS GC 29 114.06 71.73 -34.55
CA LYS GC 29 113.43 71.17 -35.73
C LYS GC 29 114.10 69.84 -36.07
N ARG GC 30 113.40 69.02 -36.83
CA ARG GC 30 114.01 67.79 -37.32
C ARG GC 30 115.21 68.13 -38.20
N THR GC 31 116.29 67.40 -38.00
CA THR GC 31 117.55 67.61 -38.70
C THR GC 31 118.06 66.30 -39.25
N PRO GC 32 118.95 66.34 -40.24
CA PRO GC 32 119.57 65.08 -40.70
C PRO GC 32 120.32 64.35 -39.60
N GLU GC 33 120.95 65.07 -38.66
CA GLU GC 33 121.63 64.38 -37.56
C GLU GC 33 120.65 63.79 -36.58
N GLN GC 34 119.47 64.39 -36.43
CA GLN GC 34 118.48 63.97 -35.45
C GLN GC 34 117.16 63.71 -36.17
N PRO GC 35 117.04 62.56 -36.83
CA PRO GC 35 115.77 62.22 -37.48
C PRO GC 35 114.61 62.12 -36.50
N PHE GC 36 114.87 61.69 -35.27
CA PHE GC 36 113.83 61.53 -34.26
C PHE GC 36 114.30 62.11 -32.94
N GLY GC 37 113.34 62.49 -32.10
CA GLY GC 37 113.63 62.88 -30.74
C GLY GC 37 114.07 64.31 -30.55
N TRP GC 38 113.96 65.15 -31.58
CA TRP GC 38 114.51 66.50 -31.50
C TRP GC 38 113.73 67.40 -30.54
N GLY GC 39 112.53 67.02 -30.15
CA GLY GC 39 111.74 67.80 -29.22
C GLY GC 39 111.93 67.43 -27.76
N SER GC 40 112.70 66.40 -27.47
CA SER GC 40 112.93 65.95 -26.11
C SER GC 40 114.33 66.31 -25.66
N PRO GC 41 114.50 66.84 -24.44
CA PRO GC 41 115.83 67.19 -23.96
C PRO GC 41 116.70 65.95 -23.74
N VAL GC 42 117.96 66.03 -24.16
CA VAL GC 42 118.88 64.91 -23.99
C VAL GC 42 119.13 64.71 -22.50
N ARG GC 43 119.29 63.45 -22.11
CA ARG GC 43 119.46 63.10 -20.70
C ARG GC 43 120.56 62.05 -20.57
N GLU GC 44 121.05 61.89 -19.35
CA GLU GC 44 122.01 60.84 -19.05
C GLU GC 44 121.30 59.50 -18.91
N ASP GC 45 121.99 58.45 -19.34
CA ASP GC 45 121.49 57.07 -19.24
C ASP GC 45 122.17 56.42 -18.03
N ARG GC 46 121.57 56.60 -16.86
CA ARG GC 46 122.14 56.05 -15.64
C ARG GC 46 122.05 54.53 -15.60
N ALA GC 47 121.00 53.96 -16.19
CA ALA GC 47 120.80 52.52 -16.11
C ALA GC 47 122.00 51.76 -16.67
N TRP GC 48 122.63 52.29 -17.72
CA TRP GC 48 123.73 51.59 -18.38
C TRP GC 48 124.90 51.41 -17.43
N ARG GC 49 125.11 52.35 -16.51
CA ARG GC 49 126.19 52.28 -15.53
C ARG GC 49 125.74 51.70 -14.20
N VAL GC 50 124.53 52.03 -13.75
CA VAL GC 50 124.07 51.66 -12.42
C VAL GC 50 123.63 50.20 -12.35
N VAL GC 51 123.09 49.64 -13.43
CA VAL GC 51 122.58 48.27 -13.40
C VAL GC 51 123.77 47.31 -13.29
N PRO GC 52 124.77 47.39 -14.15
CA PRO GC 52 125.90 46.44 -14.03
C PRO GC 52 126.70 46.66 -12.76
N ARG GC 53 126.83 47.90 -12.28
CA ARG GC 53 127.54 48.17 -11.03
C ARG GC 53 126.81 47.55 -9.83
N ASN GC 54 125.51 47.82 -9.72
CA ASN GC 54 124.76 47.31 -8.57
C ASN GC 54 124.73 45.80 -8.58
N PHE GC 55 124.60 45.19 -9.76
CA PHE GC 55 124.53 43.73 -9.84
C PHE GC 55 125.83 43.13 -9.32
N ILE GC 56 126.96 43.70 -9.70
CA ILE GC 56 128.26 43.18 -9.26
C ILE GC 56 128.39 43.28 -7.75
N ILE GC 57 128.00 44.40 -7.17
CA ILE GC 57 128.14 44.59 -5.73
C ILE GC 57 127.31 43.55 -4.98
N LEU GC 58 126.07 43.35 -5.40
CA LEU GC 58 125.20 42.41 -4.71
C LEU GC 58 125.76 40.99 -4.80
N VAL GC 59 126.25 40.60 -5.97
CA VAL GC 59 126.83 39.27 -6.11
C VAL GC 59 128.05 39.12 -5.22
N ILE GC 60 128.91 40.14 -5.17
CA ILE GC 60 130.11 40.06 -4.34
C ILE GC 60 129.72 39.92 -2.87
N VAL GC 61 128.78 40.73 -2.42
CA VAL GC 61 128.35 40.64 -1.03
C VAL GC 61 127.70 39.29 -0.77
N TYR GC 62 126.86 38.83 -1.70
CA TYR GC 62 126.18 37.55 -1.52
C TYR GC 62 127.19 36.41 -1.42
N LEU GC 63 128.11 36.32 -2.37
CA LEU GC 63 129.08 35.23 -2.34
C LEU GC 63 130.07 35.39 -1.18
N SER GC 64 130.56 36.60 -0.95
CA SER GC 64 131.54 36.79 0.11
C SER GC 64 130.94 36.43 1.47
N GLY GC 65 129.71 36.86 1.73
CA GLY GC 65 129.07 36.49 2.98
C GLY GC 65 128.87 35.00 3.11
N TRP GC 66 128.47 34.35 2.02
CA TRP GC 66 128.25 32.91 2.06
C TRP GC 66 129.56 32.17 2.35
N ALA GC 67 130.63 32.51 1.61
CA ALA GC 67 131.92 31.91 1.89
C ALA GC 67 132.32 32.14 3.34
N ALA GC 68 132.23 33.38 3.80
CA ALA GC 68 132.61 33.71 5.17
C ALA GC 68 131.86 32.86 6.18
N ILE GC 69 130.53 32.81 6.06
CA ILE GC 69 129.73 32.06 7.01
C ILE GC 69 130.18 30.60 7.05
N LYS GC 70 130.37 30.00 5.87
CA LYS GC 70 130.69 28.60 5.76
C LYS GC 70 132.16 28.29 6.01
N THR GC 71 132.97 29.30 6.30
CA THR GC 71 134.38 29.09 6.60
C THR GC 71 134.84 29.74 7.89
N MET GC 72 134.11 30.71 8.43
CA MET GC 72 134.48 31.41 9.63
C MET GC 72 133.60 31.05 10.82
N LEU GC 73 132.60 30.20 10.63
CA LEU GC 73 131.71 29.72 11.67
C LEU GC 73 131.84 28.21 11.78
N PRO GC 74 131.53 27.63 12.94
CA PRO GC 74 131.68 26.18 13.10
C PRO GC 74 130.76 25.42 12.16
N ARG GC 75 131.19 24.22 11.79
CA ARG GC 75 130.43 23.41 10.84
C ARG GC 75 129.03 23.11 11.38
N GLY GC 76 128.04 23.18 10.51
CA GLY GC 76 126.66 22.96 10.90
C GLY GC 76 125.79 22.59 9.73
N GLY GC 77 124.55 22.23 10.05
CA GLY GC 77 123.64 21.71 9.03
C GLY GC 77 123.10 22.76 8.09
N SER GC 78 122.87 23.97 8.57
CA SER GC 78 122.42 25.08 7.74
C SER GC 78 123.09 26.35 8.23
N ILE GC 79 122.85 27.44 7.51
CA ILE GC 79 123.41 28.73 7.90
C ILE GC 79 122.87 29.14 9.27
N LEU GC 80 121.56 29.03 9.46
CA LEU GC 80 120.98 29.29 10.77
C LEU GC 80 121.54 28.34 11.80
N GLY GC 81 121.84 27.10 11.41
CA GLY GC 81 122.48 26.18 12.33
C GLY GC 81 123.87 26.62 12.73
N GLN GC 82 124.64 27.14 11.77
CA GLN GC 82 126.00 27.56 12.08
C GLN GC 82 126.05 28.82 12.91
N ILE GC 83 124.94 29.56 13.00
CA ILE GC 83 124.88 30.80 13.75
C ILE GC 83 124.24 30.59 15.12
N TYR GC 84 123.06 29.96 15.15
CA TYR GC 84 122.31 29.78 16.39
C TYR GC 84 122.12 28.31 16.75
N GLY GC 85 122.99 27.43 16.24
CA GLY GC 85 122.80 26.00 16.43
C GLY GC 85 123.76 25.31 17.35
N GLY GC 86 124.57 26.03 18.11
CA GLY GC 86 125.47 25.41 19.05
C GLY GC 86 124.76 25.06 20.34
N PRO GC 87 125.42 24.24 21.15
CA PRO GC 87 124.84 23.87 22.45
C PRO GC 87 124.86 25.05 23.39
N PRO GC 88 124.08 24.99 24.47
CA PRO GC 88 124.07 26.10 25.43
C PRO GC 88 125.45 26.34 26.01
N LYS GC 89 125.76 27.60 26.27
CA LYS GC 89 127.04 27.94 26.87
C LYS GC 89 127.20 27.23 28.21
N GLY GC 90 128.36 26.62 28.39
CA GLY GC 90 128.61 25.82 29.58
C GLY GC 90 128.26 24.35 29.44
N ARG GC 91 127.69 23.94 28.31
CA ARG GC 91 127.37 22.54 28.05
C ARG GC 91 128.56 21.92 27.31
N LEU GC 92 129.36 21.15 28.02
CA LEU GC 92 130.54 20.53 27.43
C LEU GC 92 130.15 19.26 26.68
N ILE GC 93 130.57 19.17 25.43
CA ILE GC 93 130.27 17.99 24.60
C ILE GC 93 131.45 17.03 24.65
N VAL HC 1 76.09 77.71 -0.69
CA VAL HC 1 76.48 76.48 -0.01
C VAL HC 1 77.99 76.46 0.17
N THR HC 2 78.43 76.21 1.39
CA THR HC 2 79.86 76.14 1.68
C THR HC 2 80.41 74.77 1.33
N ARG HC 3 81.53 74.76 0.63
CA ARG HC 3 82.21 73.53 0.23
C ARG HC 3 83.47 73.37 1.06
N TYR HC 4 83.56 72.30 1.82
CA TYR HC 4 84.73 72.00 2.63
C TYR HC 4 85.72 71.15 1.85
N PRO HC 5 86.97 71.12 2.28
CA PRO HC 5 87.92 70.19 1.64
C PRO HC 5 87.44 68.76 1.74
N SER HC 6 87.66 68.01 0.67
CA SER HC 6 87.13 66.66 0.58
C SER HC 6 87.67 65.79 1.70
N GLY HC 7 86.77 65.05 2.35
CA GLY HC 7 87.14 64.11 3.38
C GLY HC 7 87.43 64.72 4.73
N THR HC 8 87.17 66.01 4.92
CA THR HC 8 87.51 66.68 6.17
C THR HC 8 86.30 66.96 7.06
N ARG HC 9 85.10 67.10 6.50
CA ARG HC 9 83.90 67.43 7.26
C ARG HC 9 82.85 66.35 7.03
N THR HC 10 82.21 65.90 8.10
CA THR HC 10 81.18 64.88 8.00
C THR HC 10 79.87 65.50 7.53
N ILE HC 11 79.08 64.70 6.81
CA ILE HC 11 77.74 65.08 6.40
C ILE HC 11 76.67 64.37 7.22
N MET HC 12 77.07 63.50 8.12
CA MET HC 12 76.12 62.73 8.93
C MET HC 12 75.54 63.54 10.08
N SER HC 13 76.19 64.62 10.48
CA SER HC 13 75.75 65.40 11.63
C SER HC 13 75.98 66.89 11.39
N PRO HC 14 75.09 67.74 11.89
CA PRO HC 14 75.35 69.19 11.84
C PRO HC 14 76.51 69.60 12.72
N TYR HC 15 76.82 68.82 13.74
CA TYR HC 15 77.94 69.11 14.62
C TYR HC 15 79.23 68.57 14.00
N PRO HC 16 80.23 69.41 13.76
CA PRO HC 16 81.45 68.92 13.11
C PRO HC 16 82.16 67.83 13.89
N GLY HC 17 81.98 67.79 15.21
CA GLY HC 17 82.67 66.85 16.06
C GLY HC 17 83.61 67.56 17.04
N GLY HC 18 84.06 66.78 18.01
CA GLY HC 18 84.96 67.30 19.03
C GLY HC 18 86.40 67.25 18.56
N PRO HC 19 87.29 67.84 19.38
CA PRO HC 19 88.71 67.89 18.98
C PRO HC 19 89.29 66.54 18.59
N VAL HC 20 89.13 65.51 19.43
CA VAL HC 20 89.68 64.20 19.11
C VAL HC 20 89.09 63.69 17.81
N TYR HC 21 87.77 63.80 17.65
CA TYR HC 21 87.14 63.33 16.43
C TYR HC 21 87.71 64.03 15.22
N GLN HC 22 87.77 65.35 15.24
CA GLN HC 22 88.30 66.10 14.11
C GLN HC 22 89.74 65.69 13.81
N TRP HC 23 90.55 65.53 14.84
CA TRP HC 23 91.93 65.10 14.63
C TRP HC 23 91.97 63.74 13.93
N LEU HC 24 91.16 62.79 14.39
CA LEU HC 24 91.15 61.48 13.76
C LEU HC 24 90.71 61.56 12.31
N ARG HC 25 89.66 62.33 12.03
CA ARG HC 25 89.14 62.40 10.67
C ARG HC 25 90.14 63.07 9.74
N ILE HC 26 90.70 64.20 10.16
CA ILE HC 26 91.64 64.92 9.31
C ILE HC 26 92.88 64.09 9.06
N ASN HC 27 93.42 63.46 10.11
CA ASN HC 27 94.69 62.77 9.97
C ASN HC 27 94.56 61.44 9.24
N TYR HC 28 93.45 60.73 9.38
CA TYR HC 28 93.24 59.57 8.54
C TYR HC 28 93.15 59.96 7.08
N ASN HC 29 92.45 61.06 6.80
CA ASN HC 29 92.35 61.54 5.43
C ASN HC 29 93.72 61.86 4.86
N TYR HC 30 94.58 62.49 5.65
CA TYR HC 30 95.93 62.78 5.20
C TYR HC 30 96.75 61.51 5.04
N PHE HC 31 96.68 60.61 6.03
CA PHE HC 31 97.48 59.39 5.96
C PHE HC 31 97.13 58.57 4.74
N LYS HC 32 95.85 58.41 4.45
CA LYS HC 32 95.44 57.63 3.29
C LYS HC 32 95.94 58.28 2.00
N ARG HC 33 95.72 59.58 1.85
CA ARG HC 33 95.92 60.22 0.56
C ARG HC 33 97.38 60.55 0.28
N TYR HC 34 98.17 60.84 1.31
CA TYR HC 34 99.52 61.31 1.12
C TYR HC 34 100.60 60.45 1.77
N GLN HC 35 100.24 59.42 2.54
CA GLN HC 35 101.22 58.52 3.12
C GLN HC 35 101.01 57.07 2.72
N TRP HC 36 99.88 56.46 3.07
CA TRP HC 36 99.61 55.08 2.67
C TRP HC 36 99.68 54.90 1.16
N ARG HC 37 99.04 55.81 0.42
CA ARG HC 37 98.94 55.65 -1.02
C ARG HC 37 100.25 55.90 -1.75
N ARG HC 38 101.31 56.28 -1.04
CA ARG HC 38 102.63 56.34 -1.66
C ARG HC 38 103.08 54.95 -2.09
N VAL HC 39 102.77 53.94 -1.28
CA VAL HC 39 103.17 52.57 -1.60
C VAL HC 39 102.42 52.08 -2.83
N GLY HC 40 101.12 52.33 -2.89
CA GLY HC 40 100.34 51.87 -4.03
C GLY HC 40 100.76 52.53 -5.33
N ARG HC 41 100.97 53.85 -5.30
CA ARG HC 41 101.42 54.55 -6.48
C ARG HC 41 102.79 54.05 -6.92
N TRP HC 42 103.67 53.80 -5.95
CA TRP HC 42 105.00 53.30 -6.26
C TRP HC 42 104.93 51.93 -6.93
N GLN HC 43 104.10 51.03 -6.41
CA GLN HC 43 103.98 49.71 -7.01
C GLN HC 43 103.31 49.77 -8.38
N MET HC 44 102.30 50.62 -8.52
CA MET HC 44 101.55 50.68 -9.77
C MET HC 44 102.39 51.23 -10.91
N ARG HC 45 103.18 52.27 -10.64
CA ARG HC 45 103.91 52.95 -11.70
C ARG HC 45 105.32 52.42 -11.88
N SER HC 46 106.09 52.32 -10.81
CA SER HC 46 107.50 51.98 -10.92
C SER HC 46 107.76 50.48 -11.06
N TRP HC 47 106.78 49.64 -10.80
CA TRP HC 47 106.98 48.19 -10.83
C TRP HC 47 105.84 47.50 -11.55
N CYS HC 48 105.48 48.01 -12.73
CA CYS HC 48 104.42 47.41 -13.54
C CYS HC 48 104.99 46.25 -14.35
N TYR HC 49 104.40 45.08 -14.18
CA TYR HC 49 104.85 43.89 -14.89
C TYR HC 49 104.58 43.97 -16.38
N TRP HC 50 103.62 44.78 -16.79
CA TRP HC 50 103.29 44.94 -18.20
C TRP HC 50 104.10 46.04 -18.86
N LYS HC 51 104.47 47.08 -18.12
CA LYS HC 51 105.39 48.07 -18.66
C LYS HC 51 106.75 47.43 -18.93
N ALA HC 52 107.15 46.50 -18.06
CA ALA HC 52 108.44 45.85 -18.16
C ALA HC 52 108.55 44.93 -19.37
N ALA HC 53 107.42 44.48 -19.90
CA ALA HC 53 107.46 43.64 -21.10
C ALA HC 53 107.77 44.45 -22.34
N PHE HC 54 107.45 45.74 -22.33
CA PHE HC 54 107.69 46.63 -23.45
C PHE HC 54 108.95 47.47 -23.25
N TYR HC 55 109.72 47.20 -22.20
CA TYR HC 55 111.00 47.88 -22.02
C TYR HC 55 111.97 47.50 -23.11
N GLY HC 56 112.55 48.50 -23.76
CA GLY HC 56 113.52 48.26 -24.81
C GLY HC 56 112.93 48.00 -26.17
N VAL HC 57 111.61 48.02 -26.31
CA VAL HC 57 110.95 47.87 -27.59
C VAL HC 57 110.87 49.25 -28.25
N PRO HC 58 111.14 49.37 -29.54
CA PRO HC 58 111.05 50.68 -30.19
C PRO HC 58 109.66 51.29 -30.04
N GLU HC 59 109.61 52.62 -30.13
CA GLU HC 59 108.33 53.30 -30.12
C GLU HC 59 107.51 52.89 -31.33
N TRP HC 60 106.20 52.95 -31.18
CA TRP HC 60 105.29 52.70 -32.29
C TRP HC 60 105.12 54.00 -33.05
N ASN HC 61 105.64 54.04 -34.28
CA ASN HC 61 105.57 55.25 -35.08
C ASN HC 61 104.14 55.53 -35.50
N ILE HC 62 103.77 56.82 -35.55
CA ILE HC 62 102.45 57.19 -36.03
C ILE HC 62 102.32 56.87 -37.50
N ASP HC 63 103.39 57.05 -38.26
CA ASP HC 63 103.37 56.65 -39.66
C ASP HC 63 103.28 55.14 -39.73
N PRO HC 64 102.24 54.58 -40.36
CA PRO HC 64 102.05 53.12 -40.30
C PRO HC 64 103.16 52.32 -40.96
N THR HC 65 103.89 52.89 -41.91
CA THR HC 65 104.87 52.15 -42.68
C THR HC 65 106.24 52.09 -42.02
N LYS HC 66 106.41 52.73 -40.85
CA LYS HC 66 107.70 52.74 -40.17
C LYS HC 66 107.77 51.75 -39.03
N ASN HC 67 106.79 50.86 -38.92
CA ASN HC 67 106.75 49.86 -37.85
C ASN HC 67 106.94 48.45 -38.39
N GLN HC 68 107.54 48.31 -39.57
CA GLN HC 68 107.64 47.01 -40.21
C GLN HC 68 108.51 46.03 -39.43
N TRP HC 69 109.28 46.51 -38.46
CA TRP HC 69 110.04 45.61 -37.61
C TRP HC 69 109.15 44.66 -36.83
N ARG HC 70 107.86 44.98 -36.70
CA ARG HC 70 106.95 44.10 -35.99
C ARG HC 70 106.91 42.73 -36.64
N TRP HC 71 106.84 42.67 -37.96
CA TRP HC 71 106.80 41.41 -38.68
C TRP HC 71 108.12 41.05 -39.34
N CYS HC 72 109.01 42.02 -39.55
CA CYS HC 72 110.32 41.70 -40.11
C CYS HC 72 111.23 41.03 -39.08
N VAL HC 73 111.03 41.32 -37.81
CA VAL HC 73 111.84 40.78 -36.72
C VAL HC 73 110.94 39.95 -35.81
N ASP HC 74 111.44 38.79 -35.40
CA ASP HC 74 110.67 37.97 -34.49
C ASP HC 74 110.52 38.66 -33.14
N PRO HC 75 109.40 38.42 -32.44
CA PRO HC 75 109.20 39.10 -31.15
C PRO HC 75 110.28 38.80 -30.14
N ALA HC 76 110.91 37.64 -30.20
CA ALA HC 76 111.95 37.30 -29.24
C ALA HC 76 113.15 38.23 -29.34
N TRP HC 77 113.29 38.97 -30.43
CA TRP HC 77 114.42 39.87 -30.63
C TRP HC 77 113.96 41.29 -30.90
N TYR HC 78 112.81 41.69 -30.37
CA TYR HC 78 112.39 43.08 -30.46
C TYR HC 78 113.30 44.00 -29.66
N GLY HC 79 114.07 43.45 -28.71
CA GLY HC 79 114.92 44.23 -27.84
C GLY HC 79 116.28 44.56 -28.39
N GLY HC 80 116.56 44.22 -29.65
CA GLY HC 80 117.86 44.55 -30.22
C GLY HC 80 118.97 43.80 -29.52
N MET HC 81 120.04 44.52 -29.18
CA MET HC 81 121.21 43.88 -28.60
C MET HC 81 120.89 43.22 -27.27
N ARG HC 82 119.97 43.80 -26.49
CA ARG HC 82 119.63 43.20 -25.20
C ARG HC 82 119.11 41.79 -25.38
N ASP HC 83 118.20 41.61 -26.32
CA ASP HC 83 117.62 40.29 -26.56
C ASP HC 83 118.62 39.35 -27.22
N LYS HC 84 119.47 39.88 -28.10
CA LYS HC 84 120.52 39.06 -28.68
C LYS HC 84 121.55 38.66 -27.63
N ALA HC 85 121.82 39.55 -26.67
CA ALA HC 85 122.78 39.24 -25.62
C ALA HC 85 122.28 38.11 -24.73
N ASN HC 86 121.00 38.13 -24.37
CA ASN HC 86 120.46 37.09 -23.50
C ASN HC 86 120.59 35.72 -24.16
N MET HC 87 120.24 35.64 -25.45
CA MET HC 87 120.43 34.39 -26.18
C MET HC 87 121.89 33.99 -26.22
N ASP HC 88 122.77 34.96 -26.50
CA ASP HC 88 124.19 34.64 -26.62
C ASP HC 88 124.76 34.15 -25.30
N MET HC 89 124.35 34.77 -24.19
CA MET HC 89 124.87 34.35 -22.89
C MET HC 89 124.51 32.91 -22.60
N TYR HC 90 123.25 32.54 -22.80
CA TYR HC 90 122.85 31.15 -22.59
C TYR HC 90 123.59 30.22 -23.55
N ARG HC 91 123.91 30.70 -24.74
CA ARG HC 91 124.67 29.89 -25.69
C ARG HC 91 126.04 29.55 -25.13
N LEU HC 92 126.65 30.47 -24.38
CA LEU HC 92 127.97 30.23 -23.82
C LEU HC 92 127.97 29.10 -22.81
N MET HC 93 126.82 28.73 -22.28
CA MET HC 93 126.72 27.73 -21.22
C MET HC 93 126.53 26.32 -21.75
N VAL HC 94 126.58 26.13 -23.08
CA VAL HC 94 126.31 24.81 -23.65
C VAL HC 94 127.33 23.79 -23.17
N TYR HC 95 128.60 24.03 -23.50
CA TYR HC 95 129.64 23.06 -23.13
C TYR HC 95 129.78 22.89 -21.63
N PRO HC 96 129.73 23.95 -20.81
CA PRO HC 96 129.68 23.71 -19.36
C PRO HC 96 128.56 22.77 -18.95
N PHE HC 97 127.40 22.87 -19.60
CA PHE HC 97 126.32 21.94 -19.32
C PHE HC 97 126.69 20.51 -19.71
N PHE HC 98 127.34 20.34 -20.86
CA PHE HC 98 127.71 19.00 -21.30
C PHE HC 98 128.65 18.34 -20.30
N GLY HC 99 129.66 19.08 -19.83
CA GLY HC 99 130.54 18.52 -18.83
C GLY HC 99 129.81 18.17 -17.55
N TYR HC 100 128.90 19.04 -17.13
CA TYR HC 100 128.12 18.78 -15.92
C TYR HC 100 127.25 17.55 -16.08
N ALA HC 101 126.55 17.45 -17.21
CA ALA HC 101 125.71 16.29 -17.45
C ALA HC 101 126.53 15.01 -17.57
N LEU HC 102 127.66 15.09 -18.27
CA LEU HC 102 128.53 13.92 -18.40
C LEU HC 102 129.04 13.47 -17.04
N LEU HC 103 129.29 14.41 -16.13
CA LEU HC 103 129.72 14.03 -14.79
C LEU HC 103 128.65 13.22 -14.08
N TYR HC 104 127.38 13.61 -14.23
CA TYR HC 104 126.32 12.86 -13.57
C TYR HC 104 126.28 11.42 -14.05
N LEU HC 105 126.45 11.22 -15.37
CA LEU HC 105 126.50 9.87 -15.89
C LEU HC 105 127.66 9.08 -15.29
N HIS HC 106 128.82 9.73 -15.17
CA HIS HC 106 129.97 9.08 -14.54
C HIS HC 106 129.67 8.75 -13.09
N SER HC 107 129.02 9.67 -12.37
CA SER HC 107 128.71 9.44 -10.97
C SER HC 107 127.86 8.19 -10.79
N ARG HC 108 126.78 8.09 -11.57
CA ARG HC 108 125.92 6.91 -11.47
C ARG HC 108 126.65 5.66 -11.93
N PHE HC 109 127.43 5.77 -13.01
CA PHE HC 109 128.15 4.61 -13.53
C PHE HC 109 129.12 4.07 -12.50
N LYS HC 110 129.81 4.96 -11.78
CA LYS HC 110 130.76 4.52 -10.77
C LYS HC 110 130.06 3.92 -9.56
N GLN HC 111 129.02 4.60 -9.08
CA GLN HC 111 128.33 4.14 -7.87
C GLN HC 111 127.70 2.78 -8.05
N ASN HC 112 127.38 2.39 -9.28
CA ASN HC 112 126.83 1.08 -9.56
C ASN HC 112 127.89 0.03 -9.82
N ASP HC 113 129.15 0.36 -9.62
CA ASP HC 113 130.24 -0.60 -9.76
C ASP HC 113 130.33 -1.14 -11.18
N LYS HC 114 129.94 -0.33 -12.16
CA LYS HC 114 130.01 -0.79 -13.54
C LYS HC 114 131.41 -0.67 -14.13
N TYR HC 115 132.32 0.06 -13.48
CA TYR HC 115 133.71 0.09 -13.92
C TYR HC 115 134.48 -1.17 -13.55
N ASN HC 116 134.03 -1.92 -12.55
CA ASN HC 116 134.72 -3.14 -12.12
C ASN HC 116 134.18 -4.38 -12.82
N VAL HC 117 133.61 -4.23 -14.01
CA VAL HC 117 133.06 -5.38 -14.71
C VAL HC 117 134.16 -6.39 -15.00
N PHE HC 118 135.33 -5.93 -15.42
CA PHE HC 118 136.43 -6.84 -15.72
C PHE HC 118 137.24 -7.20 -14.48
N ALA HC 119 137.47 -6.22 -13.60
CA ALA HC 119 138.22 -6.51 -12.38
C ALA HC 119 137.48 -7.48 -11.48
N LYS HC 120 136.15 -7.52 -11.58
CA LYS HC 120 135.38 -8.43 -10.75
C LYS HC 120 135.74 -9.88 -11.03
N TRP HC 121 135.93 -10.22 -12.30
CA TRP HC 121 136.19 -11.60 -12.72
C TRP HC 121 137.66 -11.86 -13.03
N ARG HC 122 138.55 -10.94 -12.70
CA ARG HC 122 139.97 -11.15 -12.93
C ARG HC 122 140.67 -11.62 -11.66
N ALA IC 1 70.26 -34.39 -76.14
CA ALA IC 1 70.67 -33.13 -76.73
C ALA IC 1 69.46 -32.29 -77.11
N ALA IC 2 68.41 -32.96 -77.58
CA ALA IC 2 67.16 -32.26 -77.88
C ALA IC 2 66.56 -31.66 -76.61
N VAL IC 3 66.55 -32.44 -75.53
CA VAL IC 3 66.07 -31.92 -74.25
C VAL IC 3 67.00 -30.85 -73.72
N ARG IC 4 68.31 -31.02 -73.94
CA ARG IC 4 69.28 -30.02 -73.50
C ARG IC 4 69.00 -28.67 -74.13
N SER IC 5 68.83 -28.63 -75.45
CA SER IC 5 68.52 -27.38 -76.13
C SER IC 5 67.16 -26.85 -75.70
N GLN IC 6 66.22 -27.74 -75.42
CA GLN IC 6 64.88 -27.32 -75.01
C GLN IC 6 64.93 -26.57 -73.69
N ILE IC 7 65.58 -27.16 -72.68
CA ILE IC 7 65.66 -26.51 -71.37
C ILE IC 7 66.55 -25.28 -71.44
N GLU IC 8 67.60 -25.32 -72.26
CA GLU IC 8 68.45 -24.15 -72.44
C GLU IC 8 67.67 -22.99 -73.04
N ALA IC 9 66.81 -23.29 -74.02
CA ALA IC 9 66.00 -22.26 -74.64
C ALA IC 9 64.86 -21.82 -73.73
N ALA IC 10 64.40 -22.70 -72.85
CA ALA IC 10 63.33 -22.35 -71.93
C ALA IC 10 63.86 -21.42 -70.83
N VAL IC 11 65.02 -21.75 -70.27
CA VAL IC 11 65.63 -20.88 -69.26
C VAL IC 11 65.92 -19.52 -69.86
N TYR IC 12 66.57 -19.51 -71.03
CA TYR IC 12 66.99 -18.26 -71.66
C TYR IC 12 65.82 -17.29 -71.83
N LYS IC 13 64.71 -17.77 -72.37
CA LYS IC 13 63.58 -16.89 -72.63
C LYS IC 13 63.05 -16.27 -71.34
N TRP IC 14 62.98 -17.05 -70.27
CA TRP IC 14 62.42 -16.56 -69.01
C TRP IC 14 63.34 -15.55 -68.34
N THR IC 15 64.65 -15.65 -68.54
CA THR IC 15 65.59 -14.81 -67.82
C THR IC 15 65.88 -13.48 -68.51
N ARG IC 16 65.44 -13.30 -69.74
CA ARG IC 16 65.76 -12.06 -70.45
C ARG IC 16 65.31 -10.86 -69.62
N PRO IC 17 66.20 -9.92 -69.33
CA PRO IC 17 65.89 -8.87 -68.36
C PRO IC 17 64.86 -7.87 -68.89
N ARG IC 18 64.09 -7.33 -67.97
CA ARG IC 18 63.14 -6.26 -68.22
C ARG IC 18 63.77 -4.93 -67.81
N PRO IC 19 63.27 -3.80 -68.31
CA PRO IC 19 63.94 -2.52 -68.00
C PRO IC 19 63.94 -2.25 -66.50
N PRO IC 20 65.02 -1.68 -65.97
CA PRO IC 20 65.09 -1.46 -64.52
C PRO IC 20 64.13 -0.39 -64.04
N ARG IC 21 63.62 -0.58 -62.83
CA ARG IC 21 62.81 0.43 -62.14
C ARG IC 21 63.77 1.39 -61.45
N LEU IC 22 64.18 2.44 -62.15
CA LEU IC 22 65.20 3.33 -61.64
C LEU IC 22 64.81 3.88 -60.27
N GLY IC 23 65.73 3.76 -59.31
CA GLY IC 23 65.55 4.30 -57.99
C GLY IC 23 66.19 5.66 -57.86
N VAL IC 24 66.31 6.35 -58.99
CA VAL IC 24 66.96 7.66 -59.05
C VAL IC 24 66.20 8.53 -60.04
N ALA IC 25 66.22 9.85 -59.79
CA ALA IC 25 65.45 10.82 -60.57
C ALA IC 25 66.29 11.33 -61.73
N VAL IC 26 66.29 10.57 -62.83
CA VAL IC 26 67.05 10.93 -64.03
C VAL IC 26 66.11 11.41 -65.13
N PRO IC 27 66.58 12.20 -66.09
CA PRO IC 27 65.73 12.61 -67.21
C PRO IC 27 65.53 11.48 -68.19
N ARG IC 28 64.57 11.68 -69.09
CA ARG IC 28 64.42 10.79 -70.23
C ARG IC 28 65.37 11.23 -71.34
N SER IC 29 66.05 10.26 -71.94
CA SER IC 29 66.93 10.60 -73.05
C SER IC 29 66.12 11.22 -74.17
N PRO IC 30 66.62 12.27 -74.82
CA PRO IC 30 65.90 12.84 -75.96
C PRO IC 30 65.63 11.75 -76.99
N PRO IC 31 64.52 11.84 -77.72
CA PRO IC 31 64.20 10.76 -78.67
C PRO IC 31 65.09 10.81 -79.90
N GLY IC 32 65.56 9.64 -80.32
CA GLY IC 32 66.43 9.54 -81.46
C GLY IC 32 67.90 9.73 -81.16
N THR IC 33 68.30 9.63 -79.89
CA THR IC 33 69.68 9.85 -79.49
C THR IC 33 70.42 8.53 -79.47
N GLY IC 34 71.50 8.45 -80.24
CA GLY IC 34 72.29 7.24 -80.36
C GLY IC 34 73.46 7.20 -79.41
N ILE IC 35 74.53 6.56 -79.85
CA ILE IC 35 75.73 6.42 -79.03
C ILE IC 35 76.49 7.74 -79.08
N LEU IC 36 76.75 8.31 -77.91
CA LEU IC 36 77.49 9.56 -77.80
C LEU IC 36 78.88 9.39 -77.20
N PHE IC 37 79.06 8.40 -76.33
CA PHE IC 37 80.33 8.17 -75.68
C PHE IC 37 81.17 7.18 -76.49
N HIS IC 38 82.35 6.85 -75.99
CA HIS IC 38 83.30 6.00 -76.68
C HIS IC 38 83.76 4.90 -75.74
N THR IC 39 84.53 3.96 -76.28
CA THR IC 39 84.97 2.81 -75.51
C THR IC 39 86.17 3.10 -74.62
N ASN IC 40 86.77 4.28 -74.73
CA ASN IC 40 87.86 4.64 -73.84
C ASN IC 40 87.38 5.18 -72.50
N MET IC 41 86.06 5.28 -72.31
CA MET IC 41 85.54 5.64 -71.00
C MET IC 41 85.91 4.57 -69.98
N GLN IC 42 86.07 4.99 -68.73
CA GLN IC 42 86.38 4.05 -67.67
C GLN IC 42 85.38 2.91 -67.70
N THR IC 43 85.91 1.68 -67.71
CA THR IC 43 85.05 0.52 -67.88
C THR IC 43 84.01 0.44 -66.78
N ILE IC 44 82.78 0.11 -67.16
CA ILE IC 44 81.68 -0.10 -66.24
C ILE IC 44 81.45 -1.60 -66.15
N ARG IC 45 81.47 -2.12 -64.91
CA ARG IC 45 81.45 -3.56 -64.72
C ARG IC 45 80.19 -4.18 -65.30
N TYR IC 46 80.36 -5.34 -65.94
CA TYR IC 46 79.25 -6.08 -66.52
C TYR IC 46 78.57 -6.90 -65.43
N SER IC 47 77.31 -6.59 -65.14
CA SER IC 47 76.58 -7.19 -64.04
C SER IC 47 75.44 -8.05 -64.56
N LEU IC 48 75.29 -9.23 -63.99
CA LEU IC 48 74.20 -10.12 -64.35
C LEU IC 48 72.86 -9.53 -63.94
N SER IC 49 71.81 -9.87 -64.69
CA SER IC 49 70.48 -9.42 -64.33
C SER IC 49 69.98 -10.19 -63.12
N PRO IC 50 69.07 -9.61 -62.32
CA PRO IC 50 68.67 -10.26 -61.06
C PRO IC 50 68.27 -11.72 -61.19
N LYS IC 51 67.44 -12.05 -62.17
CA LYS IC 51 66.98 -13.44 -62.31
C LYS IC 51 68.15 -14.38 -62.56
N VAL IC 52 69.03 -14.02 -63.50
CA VAL IC 52 70.18 -14.86 -63.80
C VAL IC 52 71.08 -15.00 -62.59
N TRP IC 53 71.28 -13.90 -61.85
CA TRP IC 53 72.12 -13.94 -60.67
C TRP IC 53 71.57 -14.92 -59.64
N VAL IC 54 70.26 -14.91 -59.43
CA VAL IC 54 69.65 -15.82 -58.47
C VAL IC 54 69.81 -17.25 -58.93
N LEU IC 55 69.60 -17.51 -60.23
CA LEU IC 55 69.69 -18.87 -60.73
C LEU IC 55 71.09 -19.45 -60.52
N VAL IC 56 72.13 -18.72 -60.94
CA VAL IC 56 73.48 -19.24 -60.82
C VAL IC 56 73.91 -19.29 -59.37
N THR IC 57 73.58 -18.27 -58.59
CA THR IC 57 73.92 -18.27 -57.18
C THR IC 57 73.22 -19.40 -56.45
N GLY IC 58 71.97 -19.68 -56.82
CA GLY IC 58 71.28 -20.81 -56.23
C GLY IC 58 71.87 -22.14 -56.62
N ALA IC 59 72.30 -22.27 -57.88
CA ALA IC 59 72.98 -23.48 -58.32
C ALA IC 59 74.27 -23.68 -57.53
N ALA IC 60 74.97 -22.59 -57.23
CA ALA IC 60 76.19 -22.68 -56.44
C ALA IC 60 75.90 -23.14 -55.03
N LEU IC 61 74.84 -22.62 -54.41
CA LEU IC 61 74.49 -23.02 -53.05
C LEU IC 61 74.04 -24.48 -53.01
N VAL IC 62 73.23 -24.90 -53.98
CA VAL IC 62 72.83 -26.30 -54.07
C VAL IC 62 74.03 -27.17 -54.35
N GLY IC 63 75.05 -26.63 -55.02
CA GLY IC 63 76.23 -27.40 -55.33
C GLY IC 63 77.13 -27.63 -54.14
N VAL IC 64 77.37 -26.60 -53.34
CA VAL IC 64 78.32 -26.72 -52.24
C VAL IC 64 77.77 -27.64 -51.16
N PHE IC 65 76.47 -27.55 -50.88
CA PHE IC 65 75.89 -28.37 -49.82
C PHE IC 65 75.66 -29.81 -50.28
N SER IC 66 75.39 -30.03 -51.56
CA SER IC 66 75.39 -31.40 -52.07
C SER IC 66 76.79 -31.97 -52.08
N GLY IC 67 77.80 -31.14 -52.33
CA GLY IC 67 79.17 -31.60 -52.24
C GLY IC 67 79.55 -31.93 -50.80
N GLN IC 68 79.08 -31.14 -49.85
CA GLN IC 68 79.31 -31.45 -48.44
C GLN IC 68 78.69 -32.79 -48.08
N ARG IC 69 77.48 -33.06 -48.58
CA ARG IC 69 76.84 -34.34 -48.30
C ARG IC 69 77.59 -35.49 -48.96
N PHE IC 70 78.07 -35.29 -50.18
CA PHE IC 70 78.82 -36.35 -50.85
C PHE IC 70 80.07 -36.71 -50.06
N ALA IC 71 80.79 -35.71 -49.57
CA ALA IC 71 81.98 -35.97 -48.78
C ALA IC 71 81.63 -36.68 -47.48
N GLN IC 72 80.53 -36.28 -46.84
CA GLN IC 72 80.16 -36.85 -45.56
C GLN IC 72 79.75 -38.31 -45.67
N THR IC 73 79.11 -38.70 -46.77
CA THR IC 73 78.55 -40.04 -46.89
C THR IC 73 79.46 -41.03 -47.60
N VAL IC 74 80.36 -40.57 -48.46
CA VAL IC 74 81.20 -41.45 -49.26
C VAL IC 74 82.67 -41.34 -48.84
N LEU IC 75 83.21 -40.13 -48.80
CA LEU IC 75 84.63 -39.97 -48.54
C LEU IC 75 84.98 -40.17 -47.07
N LEU IC 76 84.12 -39.70 -46.17
CA LEU IC 76 84.37 -39.81 -44.74
C LEU IC 76 83.73 -41.07 -44.17
N SER IC 77 84.13 -41.41 -42.95
CA SER IC 77 83.65 -42.60 -42.27
C SER IC 77 83.15 -42.23 -40.87
N LYS IC 78 82.28 -43.07 -40.33
CA LYS IC 78 81.74 -42.88 -39.00
C LYS IC 78 82.63 -43.54 -37.97
N ASN IC 79 82.60 -43.00 -36.76
CA ASN IC 79 83.39 -43.55 -35.69
C ASN IC 79 82.87 -44.94 -35.32
N PRO IC 80 83.72 -45.96 -35.29
CA PRO IC 80 83.31 -47.24 -34.71
C PRO IC 80 83.19 -47.11 -33.20
N PRO IC 81 82.51 -48.04 -32.55
CA PRO IC 81 82.38 -47.95 -31.09
C PRO IC 81 83.74 -47.96 -30.42
N ASN IC 82 83.85 -47.22 -29.33
CA ASN IC 82 85.11 -47.13 -28.62
C ASN IC 82 85.52 -48.51 -28.13
N PRO IC 83 86.83 -48.79 -28.06
CA PRO IC 83 87.26 -50.08 -27.59
C PRO IC 83 86.77 -50.32 -26.16
N PRO IC 84 86.51 -51.57 -25.80
CA PRO IC 84 86.11 -51.85 -24.42
C PRO IC 84 87.15 -51.36 -23.44
N ARG IC 85 86.67 -50.79 -22.33
CA ARG IC 85 87.52 -50.25 -21.28
C ARG IC 85 87.68 -51.30 -20.20
N TYR IC 86 88.75 -52.07 -20.28
CA TYR IC 86 89.04 -53.11 -19.31
C TYR IC 86 89.96 -52.59 -18.21
N ARG IC 87 89.90 -53.22 -17.04
CA ARG IC 87 90.79 -52.86 -15.95
C ARG IC 87 92.23 -53.23 -16.31
N GLU IC 88 93.14 -52.27 -16.16
CA GLU IC 88 94.55 -52.45 -16.47
C GLU IC 88 95.38 -52.03 -15.26
N LYS IC 89 96.52 -52.70 -15.08
CA LYS IC 89 97.37 -52.43 -13.93
C LYS IC 89 98.16 -51.14 -14.15
N PRO IC 90 98.13 -50.19 -13.22
CA PRO IC 90 98.97 -48.99 -13.36
C PRO IC 90 100.41 -49.30 -13.01
N PRO IC 91 101.34 -48.43 -13.41
CA PRO IC 91 102.75 -48.65 -13.05
C PRO IC 91 102.94 -48.66 -11.53
N VAL IC 92 103.86 -49.50 -11.08
CA VAL IC 92 104.03 -49.71 -9.65
C VAL IC 92 104.46 -48.42 -8.97
N ARG IC 93 105.43 -47.73 -9.54
CA ARG IC 93 105.97 -46.51 -8.96
C ARG IC 93 106.02 -45.40 -9.99
N HIS IC 94 105.88 -44.18 -9.52
CA HIS IC 94 106.20 -43.03 -10.36
C HIS IC 94 107.70 -43.05 -10.67
N PRO IC 95 108.09 -42.77 -11.91
CA PRO IC 95 109.52 -42.88 -12.25
C PRO IC 95 110.40 -41.94 -11.45
N HIS IC 96 109.83 -40.91 -10.84
CA HIS IC 96 110.57 -39.89 -10.12
C HIS IC 96 110.46 -40.07 -8.60
N THR IC 97 109.87 -41.16 -8.14
CA THR IC 97 109.74 -41.40 -6.71
C THR IC 97 111.11 -41.73 -6.11
N PRO IC 98 111.54 -41.03 -5.06
CA PRO IC 98 112.82 -41.37 -4.44
C PRO IC 98 112.82 -42.79 -3.89
N ASP IC 99 113.96 -43.45 -4.02
CA ASP IC 99 114.09 -44.84 -3.60
C ASP IC 99 114.55 -44.93 -2.14
N SER JC 1 78.43 -14.14 25.49
CA SER JC 1 78.07 -15.47 25.97
C SER JC 1 78.85 -16.53 25.19
N PRO JC 2 79.04 -17.71 25.79
CA PRO JC 2 79.71 -18.78 25.04
C PRO JC 2 79.03 -19.10 23.73
N GLU JC 3 77.72 -18.91 23.65
CA GLU JC 3 76.96 -19.22 22.45
C GLU JC 3 77.10 -18.17 21.36
N ASP JC 4 77.72 -17.03 21.64
CA ASP JC 4 78.04 -16.06 20.60
C ASP JC 4 79.25 -16.49 19.78
N TYR JC 5 79.82 -17.66 20.07
CA TYR JC 5 81.00 -18.19 19.39
C TYR JC 5 80.68 -19.62 18.95
N PRO JC 6 79.89 -19.77 17.89
CA PRO JC 6 79.37 -21.09 17.52
C PRO JC 6 80.46 -22.13 17.25
N THR JC 7 80.33 -23.28 17.90
CA THR JC 7 81.26 -24.40 17.75
C THR JC 7 80.49 -25.72 17.67
N PRO JC 8 80.87 -26.64 16.78
CA PRO JC 8 80.17 -27.92 16.71
C PRO JC 8 80.28 -28.71 18.01
N GLN JC 9 79.21 -29.47 18.29
CA GLN JC 9 79.12 -30.17 19.56
C GLN JC 9 80.24 -31.19 19.75
N LYS JC 10 80.74 -31.76 18.66
CA LYS JC 10 81.78 -32.78 18.76
C LYS JC 10 83.04 -32.20 19.41
N TYR JC 11 83.40 -30.98 19.03
CA TYR JC 11 84.60 -30.36 19.59
C TYR JC 11 84.40 -29.94 21.04
N LEU JC 12 83.18 -29.53 21.39
CA LEU JC 12 82.89 -29.21 22.78
C LEU JC 12 82.98 -30.44 23.67
N GLU JC 13 82.88 -31.63 23.10
CA GLU JC 13 82.97 -32.88 23.85
C GLU JC 13 84.38 -33.46 23.88
N GLY JC 14 85.36 -32.77 23.31
CA GLY JC 14 86.73 -33.20 23.37
C GLY JC 14 87.34 -33.68 22.07
N ALA JC 15 86.63 -33.56 20.95
CA ALA JC 15 87.19 -34.00 19.68
C ALA JC 15 88.36 -33.09 19.29
N PRO JC 16 89.41 -33.65 18.68
CA PRO JC 16 90.57 -32.83 18.29
C PRO JC 16 90.21 -31.86 17.17
N ILE JC 17 90.54 -30.59 17.37
CA ILE JC 17 90.34 -29.56 16.35
C ILE JC 17 91.44 -29.70 15.31
N PRO JC 18 91.13 -29.61 14.02
CA PRO JC 18 92.16 -29.89 13.01
C PRO JC 18 93.26 -28.83 12.99
N SER JC 19 94.46 -29.29 12.66
CA SER JC 19 95.61 -28.42 12.44
C SER JC 19 95.80 -28.20 10.94
N TRP JC 20 96.76 -27.33 10.59
CA TRP JC 20 97.08 -27.05 9.20
C TRP JC 20 98.57 -27.29 8.96
N TYR JC 21 98.90 -27.72 7.73
CA TYR JC 21 100.26 -28.00 7.31
C TYR JC 21 100.62 -27.14 6.12
N SER JC 22 101.79 -26.50 6.18
CA SER JC 22 102.27 -25.64 5.10
C SER JC 22 103.56 -26.22 4.52
N PHE JC 23 103.70 -26.14 3.21
CA PHE JC 23 104.90 -26.61 2.53
C PHE JC 23 105.24 -25.65 1.39
N GLN JC 24 106.52 -25.61 1.03
CA GLN JC 24 107.02 -24.72 -0.01
C GLN JC 24 107.28 -25.51 -1.29
N SER JC 25 106.85 -24.96 -2.42
CA SER JC 25 107.03 -25.58 -3.72
C SER JC 25 108.00 -24.74 -4.53
N ASN JC 26 109.12 -25.33 -4.93
CA ASN JC 26 110.18 -24.63 -5.64
C ASN JC 26 110.49 -25.34 -6.95
N LEU JC 27 110.93 -24.56 -7.94
CA LEU JC 27 111.35 -25.11 -9.20
C LEU JC 27 112.56 -26.01 -9.01
N VAL JC 28 112.61 -27.08 -9.78
CA VAL JC 28 113.79 -27.95 -9.81
C VAL JC 28 114.82 -27.31 -10.74
N GLY JC 29 116.02 -27.08 -10.21
CA GLY JC 29 117.04 -26.41 -10.99
C GLY JC 29 117.49 -27.22 -12.19
N ASP JC 30 118.09 -26.53 -13.15
CA ASP JC 30 118.55 -27.19 -14.37
C ASP JC 30 119.56 -28.29 -14.05
N MET JC 31 120.47 -28.03 -13.11
CA MET JC 31 121.46 -29.02 -12.76
C MET JC 31 120.90 -30.15 -11.91
N ASP JC 32 119.74 -29.96 -11.30
CA ASP JC 32 119.11 -30.99 -10.48
C ASP JC 32 118.06 -31.80 -11.22
N LEU JC 33 117.78 -31.47 -12.49
CA LEU JC 33 116.77 -32.20 -13.24
C LEU JC 33 117.19 -33.65 -13.45
N LYS JC 34 116.21 -34.54 -13.42
CA LYS JC 34 116.38 -35.96 -13.65
C LYS JC 34 116.05 -36.29 -15.10
N PRO JC 35 116.35 -37.51 -15.55
CA PRO JC 35 116.18 -37.81 -16.98
C PRO JC 35 114.78 -37.54 -17.52
N GLY JC 36 113.75 -37.79 -16.73
CA GLY JC 36 112.39 -37.68 -17.23
C GLY JC 36 111.64 -36.41 -16.86
N MET JC 37 112.24 -35.53 -16.06
CA MET JC 37 111.52 -34.35 -15.60
C MET JC 37 111.35 -33.33 -16.71
N ALA JC 38 110.23 -32.61 -16.66
CA ALA JC 38 109.93 -31.56 -17.61
C ALA JC 38 110.63 -30.28 -17.20
N ARG JC 39 111.49 -29.75 -18.06
CA ARG JC 39 112.23 -28.55 -17.75
C ARG JC 39 111.30 -27.34 -17.72
N MET JC 40 111.52 -26.47 -16.75
CA MET JC 40 110.80 -25.22 -16.51
C MET JC 40 109.43 -25.45 -15.87
N LEU JC 41 109.02 -26.70 -15.64
CA LEU JC 41 107.71 -26.98 -15.08
C LEU JC 41 107.74 -27.85 -13.84
N GLU JC 42 108.82 -28.60 -13.60
CA GLU JC 42 108.86 -29.49 -12.46
C GLU JC 42 109.10 -28.71 -11.17
N VAL JC 43 108.61 -29.25 -10.06
CA VAL JC 43 108.81 -28.68 -8.74
C VAL JC 43 109.22 -29.79 -7.78
N ASP JC 44 109.77 -29.39 -6.63
CA ASP JC 44 110.26 -30.36 -5.67
C ASP JC 44 109.18 -30.84 -4.71
N LYS JC 45 108.11 -30.08 -4.52
CA LYS JC 45 106.95 -30.51 -3.73
C LYS JC 45 105.69 -30.16 -4.50
N ARG JC 46 104.96 -31.18 -4.96
CA ARG JC 46 103.71 -30.98 -5.66
C ARG JC 46 102.56 -30.81 -4.69
N LEU JC 47 101.47 -30.24 -5.18
CA LEU JC 47 100.23 -30.12 -4.42
C LEU JC 47 99.30 -31.25 -4.83
N THR JC 48 99.05 -32.17 -3.91
CA THR JC 48 98.13 -33.28 -4.15
C THR JC 48 96.72 -32.90 -3.72
N VAL JC 49 95.75 -33.23 -4.56
CA VAL JC 49 94.34 -32.94 -4.26
C VAL JC 49 93.49 -34.13 -4.67
N PRO JC 50 92.36 -34.31 -4.00
CA PRO JC 50 91.44 -35.38 -4.40
C PRO JC 50 90.59 -35.00 -5.59
N THR JC 51 90.28 -35.99 -6.41
CA THR JC 51 89.44 -35.77 -7.57
C THR JC 51 87.97 -36.02 -7.20
N ARG JC 52 87.08 -35.48 -8.04
CA ARG JC 52 85.64 -35.60 -7.81
C ARG JC 52 85.26 -35.03 -6.44
N THR JC 53 85.86 -33.88 -6.10
CA THR JC 53 85.60 -33.18 -4.85
C THR JC 53 85.59 -31.67 -5.13
N HIS JC 54 84.69 -30.95 -4.46
CA HIS JC 54 84.66 -29.50 -4.56
C HIS JC 54 85.71 -28.92 -3.62
N ILE JC 55 86.67 -28.19 -4.19
CA ILE JC 55 87.79 -27.62 -3.44
C ILE JC 55 87.76 -26.10 -3.60
N ARG JC 56 87.91 -25.40 -2.49
CA ARG JC 56 88.00 -23.95 -2.48
C ARG JC 56 89.46 -23.54 -2.39
N PHE JC 57 89.96 -22.85 -3.40
CA PHE JC 57 91.33 -22.32 -3.40
C PHE JC 57 91.28 -20.85 -3.03
N LEU JC 58 91.96 -20.49 -1.95
CA LEU JC 58 92.12 -19.09 -1.54
C LEU JC 58 93.52 -18.65 -1.87
N ILE JC 59 93.64 -17.65 -2.75
CA ILE JC 59 94.91 -17.28 -3.38
C ILE JC 59 95.21 -15.83 -3.04
N THR JC 60 96.43 -15.59 -2.54
CA THR JC 60 96.92 -14.25 -2.28
C THR JC 60 98.40 -14.20 -2.57
N GLY JC 61 98.94 -12.98 -2.62
CA GLY JC 61 100.37 -12.78 -2.81
C GLY JC 61 101.00 -12.03 -1.67
N ALA JC 62 102.12 -12.53 -1.15
CA ALA JC 62 102.71 -11.94 0.05
C ALA JC 62 103.42 -10.62 -0.24
N ASP JC 63 104.22 -10.58 -1.30
CA ASP JC 63 105.12 -9.44 -1.55
C ASP JC 63 104.75 -8.65 -2.80
N VAL JC 64 104.72 -9.31 -3.96
CA VAL JC 64 104.36 -8.67 -5.22
C VAL JC 64 103.18 -9.43 -5.79
N ILE JC 65 102.66 -8.99 -6.93
CA ILE JC 65 101.54 -9.66 -7.59
C ILE JC 65 102.09 -10.82 -8.41
N HIS JC 66 101.77 -12.03 -8.01
CA HIS JC 66 101.97 -13.22 -8.83
C HIS JC 66 100.62 -13.58 -9.47
N SER JC 67 100.54 -14.75 -10.10
CA SER JC 67 99.26 -15.24 -10.62
C SER JC 67 99.32 -16.75 -10.69
N TRP JC 68 98.40 -17.42 -9.99
CA TRP JC 68 98.33 -18.87 -9.94
C TRP JC 68 97.51 -19.36 -11.13
N SER JC 69 98.17 -19.99 -12.10
CA SER JC 69 97.54 -20.42 -13.33
C SER JC 69 97.73 -21.92 -13.50
N VAL JC 70 96.62 -22.64 -13.68
CA VAL JC 70 96.63 -24.06 -14.03
C VAL JC 70 95.72 -24.22 -15.25
N PRO JC 71 96.26 -24.15 -16.46
CA PRO JC 71 95.39 -24.15 -17.67
C PRO JC 71 94.43 -25.32 -17.76
N SER JC 72 94.82 -26.53 -17.32
CA SER JC 72 93.96 -27.70 -17.44
C SER JC 72 92.76 -27.60 -16.51
N LEU JC 73 92.92 -26.93 -15.36
CA LEU JC 73 91.83 -26.75 -14.40
C LEU JC 73 91.05 -25.47 -14.66
N GLY JC 74 91.43 -24.73 -15.68
CA GLY JC 74 90.72 -23.50 -16.02
C GLY JC 74 90.81 -22.44 -14.94
N ILE JC 75 91.96 -22.33 -14.29
CA ILE JC 75 92.16 -21.40 -13.19
C ILE JC 75 93.28 -20.43 -13.57
N LYS JC 76 92.99 -19.14 -13.46
CA LYS JC 76 94.02 -18.10 -13.57
C LYS JC 76 93.62 -16.97 -12.64
N CYS JC 77 94.13 -17.01 -11.42
CA CYS JC 77 93.78 -16.06 -10.37
C CYS JC 77 95.02 -15.29 -9.97
N ASP JC 78 94.90 -13.96 -9.91
CA ASP JC 78 96.03 -13.12 -9.54
C ASP JC 78 96.23 -13.16 -8.03
N ALA JC 79 97.46 -13.47 -7.62
CA ALA JC 79 97.84 -13.49 -6.22
C ALA JC 79 98.29 -12.08 -5.82
N THR JC 80 97.30 -11.24 -5.52
CA THR JC 80 97.55 -9.84 -5.23
C THR JC 80 97.65 -9.64 -3.73
N PRO JC 81 98.65 -8.91 -3.24
CA PRO JC 81 98.69 -8.57 -1.82
C PRO JC 81 97.45 -7.79 -1.39
N GLY JC 82 96.86 -8.21 -0.28
CA GLY JC 82 95.68 -7.58 0.24
C GLY JC 82 94.36 -8.18 -0.21
N ARG JC 83 94.38 -9.10 -1.17
CA ARG JC 83 93.17 -9.73 -1.68
C ARG JC 83 93.31 -11.23 -1.58
N LEU JC 84 92.38 -11.87 -0.88
CA LEU JC 84 92.34 -13.33 -0.72
C LEU JC 84 91.22 -13.86 -1.62
N VAL JC 85 91.54 -14.08 -2.88
CA VAL JC 85 90.52 -14.41 -3.89
C VAL JC 85 90.15 -15.88 -3.77
N LYS JC 86 88.85 -16.14 -3.76
CA LYS JC 86 88.29 -17.48 -3.69
C LYS JC 86 88.07 -18.04 -5.09
N ILE JC 87 88.57 -19.25 -5.33
CA ILE JC 87 88.39 -19.96 -6.60
C ILE JC 87 87.90 -21.37 -6.26
N ASN JC 88 86.74 -21.75 -6.81
CA ASN JC 88 86.17 -23.08 -6.62
C ASN JC 88 86.47 -23.96 -7.82
N THR JC 89 86.80 -25.22 -7.56
CA THR JC 89 87.14 -26.17 -8.62
C THR JC 89 86.57 -27.55 -8.29
N PHE JC 90 86.37 -28.34 -9.35
CA PHE JC 90 85.90 -29.73 -9.24
C PHE JC 90 86.62 -30.56 -10.30
N ILE JC 91 87.69 -31.23 -9.89
CA ILE JC 91 88.47 -32.04 -10.82
C ILE JC 91 87.69 -33.30 -11.20
N GLN JC 92 87.73 -33.66 -12.49
CA GLN JC 92 86.96 -34.77 -12.99
C GLN JC 92 87.81 -35.97 -13.35
N ARG JC 93 89.11 -35.77 -13.63
CA ARG JC 93 90.00 -36.84 -14.03
C ARG JC 93 91.32 -36.72 -13.28
N GLU JC 94 91.96 -37.88 -13.01
CA GLU JC 94 93.27 -37.88 -12.39
C GLU JC 94 94.35 -37.42 -13.37
N GLY JC 95 95.47 -37.00 -12.83
CA GLY JC 95 96.60 -36.58 -13.64
C GLY JC 95 97.43 -35.56 -12.90
N VAL JC 96 98.38 -34.98 -13.63
CA VAL JC 96 99.25 -33.93 -13.13
C VAL JC 96 99.12 -32.74 -14.08
N PHE JC 97 98.69 -31.60 -13.55
CA PHE JC 97 98.42 -30.41 -14.34
C PHE JC 97 99.49 -29.37 -14.02
N TYR JC 98 100.21 -28.93 -15.05
CA TYR JC 98 101.33 -28.01 -14.90
C TYR JC 98 100.92 -26.60 -15.28
N GLY JC 99 101.42 -25.63 -14.53
CA GLY JC 99 101.16 -24.22 -14.81
C GLY JC 99 102.35 -23.39 -14.40
N GLN JC 100 102.26 -22.09 -14.71
CA GLN JC 100 103.34 -21.16 -14.45
C GLN JC 100 102.76 -19.86 -13.92
N CYS JC 101 103.58 -19.12 -13.18
CA CYS JC 101 103.16 -17.80 -12.73
C CYS JC 101 102.84 -16.93 -13.94
N SER JC 102 101.73 -16.20 -13.86
CA SER JC 102 101.23 -15.43 -14.99
C SER JC 102 101.19 -13.93 -14.69
N GLU JC 103 102.03 -13.44 -13.81
CA GLU JC 103 102.18 -12.00 -13.61
C GLU JC 103 103.64 -11.71 -13.34
N LEU JC 104 104.27 -10.91 -14.21
CA LEU JC 104 105.66 -10.54 -14.02
C LEU JC 104 105.89 -10.15 -12.57
N CYS JC 105 106.76 -10.92 -11.91
CA CYS JC 105 106.92 -10.82 -10.47
C CYS JC 105 108.35 -10.50 -10.05
N GLY JC 106 109.24 -10.28 -11.01
CA GLY JC 106 110.62 -9.99 -10.73
C GLY JC 106 111.54 -10.83 -11.60
N THR JC 107 112.77 -10.99 -11.12
CA THR JC 107 113.81 -11.62 -11.93
C THR JC 107 113.41 -13.01 -12.38
N LEU JC 108 112.91 -13.82 -11.45
CA LEU JC 108 112.61 -15.23 -11.70
C LEU JC 108 111.11 -15.48 -11.87
N HIS JC 109 110.42 -14.57 -12.56
CA HIS JC 109 109.01 -14.77 -12.90
C HIS JC 109 108.80 -16.06 -13.67
N ALA JC 110 109.78 -16.46 -14.47
CA ALA JC 110 109.68 -17.64 -15.32
C ALA JC 110 110.09 -18.92 -14.62
N PHE JC 111 110.38 -18.87 -13.32
CA PHE JC 111 110.98 -20.01 -12.63
C PHE JC 111 110.23 -20.39 -11.36
N MET JC 112 108.91 -20.16 -11.34
CA MET JC 112 108.06 -20.62 -10.25
C MET JC 112 106.84 -21.31 -10.83
N PRO JC 113 106.98 -22.55 -11.27
CA PRO JC 113 105.86 -23.28 -11.85
C PRO JC 113 104.87 -23.77 -10.80
N ILE JC 114 103.71 -24.18 -11.29
CA ILE JC 114 102.59 -24.62 -10.47
C ILE JC 114 102.23 -26.03 -10.91
N VAL JC 115 102.50 -27.01 -10.05
CA VAL JC 115 102.23 -28.41 -10.35
C VAL JC 115 101.17 -28.91 -9.37
N VAL JC 116 100.06 -29.38 -9.91
CA VAL JC 116 98.97 -29.96 -9.12
C VAL JC 116 98.72 -31.37 -9.64
N GLU JC 117 98.72 -32.34 -8.74
CA GLU JC 117 98.44 -33.73 -9.07
C GLU JC 117 97.13 -34.14 -8.41
N ALA JC 118 96.20 -34.61 -9.22
CA ALA JC 118 94.90 -35.05 -8.75
C ALA JC 118 94.87 -36.58 -8.71
N VAL JC 119 94.54 -37.13 -7.54
CA VAL JC 119 94.53 -38.57 -7.33
C VAL JC 119 93.15 -38.97 -6.81
N SER JC 120 92.93 -40.28 -6.73
CA SER JC 120 91.67 -40.78 -6.22
C SER JC 120 91.50 -40.37 -4.76
N PRO JC 121 90.25 -40.19 -4.30
CA PRO JC 121 90.06 -39.79 -2.90
C PRO JC 121 90.70 -40.74 -1.91
N GLU JC 122 90.66 -42.05 -2.18
CA GLU JC 122 91.32 -42.98 -1.26
C GLU JC 122 92.82 -42.76 -1.27
N ALA JC 123 93.40 -42.48 -2.43
CA ALA JC 123 94.84 -42.21 -2.50
C ALA JC 123 95.19 -40.91 -1.79
N PHE JC 124 94.37 -39.87 -1.97
CA PHE JC 124 94.66 -38.59 -1.33
C PHE JC 124 94.66 -38.72 0.18
N ALA JC 125 93.71 -39.49 0.73
CA ALA JC 125 93.64 -39.65 2.17
C ALA JC 125 94.89 -40.32 2.72
N ALA JC 126 95.37 -41.36 2.03
CA ALA JC 126 96.59 -42.04 2.47
C ALA JC 126 97.79 -41.11 2.39
N HIS JC 127 97.91 -40.34 1.31
CA HIS JC 127 99.00 -39.39 1.16
C HIS JC 127 98.97 -38.35 2.27
N ALA JC 128 97.80 -37.75 2.52
CA ALA JC 128 97.69 -36.71 3.53
C ALA JC 128 98.03 -37.27 4.91
N LYS JC 129 97.64 -38.52 5.17
CA LYS JC 129 97.91 -39.13 6.47
C LYS JC 129 99.41 -39.33 6.68
N LYS JC 130 100.16 -39.61 5.62
CA LYS JC 130 101.59 -39.86 5.73
C LYS JC 130 102.41 -38.59 5.63
N TRP JC 131 102.01 -37.64 4.79
CA TRP JC 131 102.75 -36.40 4.59
C TRP JC 131 102.07 -35.24 5.29
N ASP KC 1 96.81 -30.86 -19.53
CA ASP KC 1 97.80 -31.06 -18.48
C ASP KC 1 99.11 -30.32 -18.76
N ILE KC 2 99.78 -30.68 -19.85
CA ILE KC 2 101.09 -30.08 -20.19
C ILE KC 2 101.09 -29.76 -21.68
N PRO KC 3 101.77 -28.68 -22.08
CA PRO KC 3 101.90 -28.39 -23.53
C PRO KC 3 102.60 -29.52 -24.28
N TRP KC 4 102.18 -29.71 -25.54
CA TRP KC 4 102.74 -30.71 -26.40
C TRP KC 4 103.18 -30.04 -27.71
N PRO KC 5 104.19 -30.61 -28.38
CA PRO KC 5 104.81 -29.91 -29.52
C PRO KC 5 103.89 -29.74 -30.72
N ALA KC 6 104.01 -28.58 -31.37
CA ALA KC 6 103.36 -28.31 -32.65
C ALA KC 6 101.86 -28.61 -32.57
N ARG KC 7 101.23 -28.10 -31.52
CA ARG KC 7 99.80 -28.27 -31.29
C ARG KC 7 99.09 -26.94 -31.44
N THR KC 8 98.07 -26.91 -32.29
CA THR KC 8 97.25 -25.70 -32.42
C THR KC 8 96.43 -25.47 -31.15
N ASP KC 9 95.75 -26.52 -30.68
CA ASP KC 9 94.95 -26.45 -29.46
C ASP KC 9 94.01 -25.25 -29.49
N TRP KC 10 93.42 -24.99 -30.66
CA TRP KC 10 92.60 -23.81 -30.86
C TRP KC 10 91.44 -23.80 -29.88
N GLY KC 11 91.42 -22.81 -28.99
CA GLY KC 11 90.41 -22.70 -27.97
C GLY KC 11 90.72 -23.37 -26.65
N GLY KC 12 91.80 -24.12 -26.55
CA GLY KC 12 92.20 -24.83 -25.34
C GLY KC 12 92.34 -26.32 -25.57
N HIS KC 13 92.87 -27.01 -24.56
CA HIS KC 13 93.04 -28.47 -24.67
C HIS KC 13 93.01 -29.13 -23.30
N ASP KC 14 92.67 -30.45 -23.29
CA ASP KC 14 92.68 -31.31 -22.11
C ASP KC 14 92.07 -30.62 -20.89
N PRO KC 15 90.78 -30.35 -20.89
CA PRO KC 15 90.11 -29.80 -19.70
C PRO KC 15 89.98 -30.91 -18.67
N ALA KC 16 90.03 -30.53 -17.38
CA ALA KC 16 89.87 -31.49 -16.29
C ALA KC 16 88.88 -31.01 -15.24
N THR KC 17 88.11 -29.97 -15.54
CA THR KC 17 87.09 -29.43 -14.68
C THR KC 17 85.90 -29.03 -15.54
N PRO KC 18 84.68 -29.02 -14.99
CA PRO KC 18 83.54 -28.51 -15.79
C PRO KC 18 83.72 -27.10 -16.28
N PHE KC 19 84.37 -26.25 -15.49
CA PHE KC 19 84.61 -24.88 -15.93
C PHE KC 19 85.57 -24.85 -17.12
N ALA KC 20 86.58 -25.72 -17.11
CA ALA KC 20 87.51 -25.77 -18.22
C ALA KC 20 86.81 -26.14 -19.52
N GLU KC 21 85.89 -27.11 -19.45
CA GLU KC 21 85.08 -27.44 -20.62
C GLU KC 21 84.26 -26.24 -21.08
N LEU KC 22 83.71 -25.48 -20.13
CA LEU KC 22 82.93 -24.31 -20.48
C LEU KC 22 83.77 -23.33 -21.28
N MET KC 23 85.01 -23.08 -20.84
CA MET KC 23 85.87 -22.13 -21.53
C MET KC 23 86.12 -22.55 -22.97
N ILE KC 24 86.44 -23.83 -23.17
CA ILE KC 24 86.72 -24.31 -24.51
C ILE KC 24 85.50 -24.12 -25.41
N ASN KC 25 84.30 -24.47 -24.88
CA ASN KC 25 83.09 -24.38 -25.70
C ASN KC 25 82.68 -22.94 -25.97
N THR KC 26 82.94 -22.02 -25.04
CA THR KC 26 82.64 -20.62 -25.31
C THR KC 26 83.45 -20.12 -26.50
N HIS KC 27 84.74 -20.47 -26.56
CA HIS KC 27 85.56 -20.08 -27.70
C HIS KC 27 85.06 -20.76 -28.97
N SER KC 28 84.76 -22.05 -28.89
CA SER KC 28 84.29 -22.77 -30.08
C SER KC 28 82.95 -22.21 -30.56
N MET KC 29 82.10 -21.77 -29.64
CA MET KC 29 80.82 -21.21 -30.03
C MET KC 29 80.99 -19.93 -30.85
N PHE KC 30 81.92 -19.06 -30.44
CA PHE KC 30 82.09 -17.80 -31.14
C PHE KC 30 82.96 -17.91 -32.38
N TRP KC 31 83.81 -18.93 -32.47
CA TRP KC 31 84.75 -19.03 -33.58
C TRP KC 31 84.08 -18.97 -34.94
N PRO KC 32 83.01 -19.72 -35.22
CA PRO KC 32 82.36 -19.57 -36.54
C PRO KC 32 81.84 -18.18 -36.82
N VAL KC 33 81.36 -17.46 -35.80
CA VAL KC 33 80.93 -16.09 -36.01
C VAL KC 33 82.12 -15.23 -36.44
N ALA KC 34 83.27 -15.43 -35.80
CA ALA KC 34 84.47 -14.69 -36.18
C ALA KC 34 84.85 -14.95 -37.63
N ILE KC 35 84.79 -16.21 -38.04
CA ILE KC 35 85.10 -16.56 -39.43
C ILE KC 35 84.13 -15.86 -40.37
N PHE KC 36 82.84 -15.86 -40.03
CA PHE KC 36 81.85 -15.18 -40.86
C PHE KC 36 82.17 -13.70 -40.99
N ILE KC 37 82.47 -13.06 -39.85
CA ILE KC 37 82.79 -11.64 -39.88
C ILE KC 37 83.99 -11.37 -40.78
N TYR KC 38 85.01 -12.22 -40.68
CA TYR KC 38 86.22 -12.03 -41.50
C TYR KC 38 85.91 -12.28 -42.98
N VAL KC 39 85.39 -13.47 -43.30
CA VAL KC 39 85.18 -13.84 -44.71
C VAL KC 39 84.25 -12.82 -45.38
N SER KC 40 83.16 -12.46 -44.71
CA SER KC 40 82.17 -11.60 -45.34
C SER KC 40 82.75 -10.24 -45.68
N ALA KC 41 83.66 -9.73 -44.84
CA ALA KC 41 84.24 -8.43 -45.06
C ALA KC 41 85.37 -8.48 -46.08
N ILE KC 42 86.24 -9.47 -45.97
CA ILE KC 42 87.41 -9.57 -46.85
C ILE KC 42 86.99 -9.81 -48.29
N TYR KC 43 85.90 -10.54 -48.51
CA TYR KC 43 85.48 -10.85 -49.87
C TYR KC 43 85.20 -9.59 -50.68
N MET KC 44 84.91 -8.47 -50.03
CA MET KC 44 84.58 -7.23 -50.71
C MET KC 44 85.76 -6.27 -50.79
N VAL KC 45 86.95 -6.69 -50.39
CA VAL KC 45 88.13 -5.86 -50.50
C VAL KC 45 88.67 -6.00 -51.93
N LYS KC 46 88.23 -5.13 -52.81
CA LYS KC 46 88.56 -5.23 -54.23
C LYS KC 46 88.04 -3.98 -54.93
N LYS KC 47 88.45 -3.82 -56.18
CA LYS KC 47 87.94 -2.73 -57.00
C LYS KC 47 86.57 -3.08 -57.56
N LYS LC 1 109.16 2.58 -77.92
CA LYS LC 1 110.41 3.33 -77.90
C LYS LC 1 110.93 3.48 -76.49
N SER LC 2 112.21 3.82 -76.35
CA SER LC 2 112.83 4.09 -75.07
C SER LC 2 112.86 5.60 -74.87
N TYR LC 3 112.07 6.09 -73.92
CA TYR LC 3 112.00 7.53 -73.68
C TYR LC 3 113.25 8.06 -72.97
N TYR LC 4 114.01 7.18 -72.32
CA TYR LC 4 115.23 7.63 -71.65
C TYR LC 4 116.25 8.14 -72.66
N ASP LC 5 116.31 7.53 -73.84
CA ASP LC 5 117.26 7.97 -74.85
C ASP LC 5 116.99 9.38 -75.34
N ASP LC 6 115.76 9.87 -75.20
CA ASP LC 6 115.45 11.21 -75.66
C ASP LC 6 116.20 12.27 -74.87
N PHE LC 7 116.32 12.09 -73.54
CA PHE LC 7 116.98 13.05 -72.68
C PHE LC 7 118.24 12.46 -72.04
N LYS LC 8 118.86 11.49 -72.72
CA LYS LC 8 120.14 10.98 -72.25
C LYS LC 8 121.20 12.07 -72.24
N ASP LC 9 121.19 12.94 -73.24
CA ASP LC 9 122.22 13.96 -73.36
C ASP LC 9 122.25 14.88 -72.14
N ARG LC 10 121.07 15.24 -71.63
CA ARG LC 10 121.02 16.15 -70.48
C ARG LC 10 121.68 15.55 -69.25
N LEU LC 11 121.66 14.23 -69.13
CA LEU LC 11 122.17 13.55 -67.93
C LEU LC 11 123.60 13.10 -68.20
N LYS LC 12 124.55 13.94 -67.84
CA LYS LC 12 125.96 13.61 -67.94
C LYS LC 12 126.40 12.91 -66.66
N PRO LC 13 126.94 11.70 -66.71
CA PRO LC 13 127.32 11.01 -65.48
C PRO LC 13 128.31 11.83 -64.65
N GLY LC 14 128.23 11.66 -63.33
CA GLY LC 14 129.01 12.46 -62.41
C GLY LC 14 130.41 11.94 -62.18
N LYS LC 15 131.26 12.82 -61.65
CA LYS LC 15 132.67 12.53 -61.39
C LYS LC 15 132.99 12.36 -59.92
N TYR LC 16 132.40 13.18 -59.06
CA TYR LC 16 132.71 13.18 -57.63
C TYR LC 16 131.65 12.42 -56.85
N THR LC 17 132.08 11.67 -55.83
CA THR LC 17 131.15 11.02 -54.93
C THR LC 17 130.43 12.08 -54.09
N GLN LC 18 129.11 12.10 -54.19
CA GLN LC 18 128.24 13.09 -53.57
C GLN LC 18 128.35 14.45 -54.22
N GLY LC 19 128.96 14.53 -55.40
CA GLY LC 19 128.92 15.74 -56.20
C GLY LC 19 129.78 16.89 -55.71
N ARG LC 20 130.79 16.62 -54.89
CA ARG LC 20 131.70 17.65 -54.40
C ARG LC 20 133.12 17.12 -54.40
N CYS LC 21 134.07 17.99 -54.76
CA CYS LC 21 135.47 17.66 -54.67
C CYS LC 21 135.91 17.70 -53.20
N PRO LC 22 137.05 17.09 -52.88
CA PRO LC 22 137.58 17.25 -51.51
C PRO LC 22 137.73 18.71 -51.17
N GLN LC 23 137.43 19.05 -49.91
CA GLN LC 23 137.46 20.45 -49.49
C GLN LC 23 138.83 21.06 -49.77
N SER LC 24 139.88 20.25 -49.74
CA SER LC 24 141.22 20.73 -50.04
C SER LC 24 141.32 21.23 -51.48
N GLU LC 25 140.75 20.48 -52.42
CA GLU LC 25 140.81 20.88 -53.82
C GLU LC 25 139.94 22.09 -54.08
N GLY LC 26 138.83 22.23 -53.35
CA GLY LC 26 138.00 23.41 -53.42
C GLY LC 26 137.21 23.59 -52.14
N ASP LC 27 137.32 24.75 -51.51
CA ASP LC 27 136.71 24.99 -50.21
C ASP LC 27 135.29 25.48 -50.41
N TYR LC 28 134.35 24.54 -50.38
CA TYR LC 28 132.94 24.85 -50.54
C TYR LC 28 132.32 25.42 -49.27
N ARG LC 29 133.03 25.40 -48.14
CA ARG LC 29 132.49 25.92 -46.90
C ARG LC 29 132.52 27.44 -46.86
N GLN LC 30 133.42 28.07 -47.60
CA GLN LC 30 133.55 29.51 -47.56
C GLN LC 30 132.43 30.19 -48.34
N GLU LC 31 132.16 31.43 -47.97
CA GLU LC 31 131.19 32.23 -48.70
C GLU LC 31 131.75 32.63 -50.06
N SER LC 32 130.88 32.65 -51.06
CA SER LC 32 131.30 33.04 -52.39
C SER LC 32 131.64 34.53 -52.43
N LYS LC 33 132.67 34.87 -53.18
CA LYS LC 33 133.09 36.25 -53.36
C LYS LC 33 132.42 36.91 -54.55
N THR LC 34 131.64 36.16 -55.33
CA THR LC 34 130.98 36.72 -56.49
C THR LC 34 129.99 37.80 -56.08
N ILE LC 35 129.96 38.89 -56.84
CA ILE LC 35 129.05 39.98 -56.53
C ILE LC 35 127.62 39.48 -56.65
N GLY LC 36 126.79 39.86 -55.68
CA GLY LC 36 125.41 39.43 -55.66
C GLY LC 36 125.18 38.04 -55.12
N ARG LC 37 126.24 37.36 -54.64
CA ARG LC 37 126.13 36.02 -54.09
C ARG LC 37 126.69 35.97 -52.68
N GLU LC 38 126.66 37.10 -51.96
CA GLU LC 38 127.21 37.14 -50.62
C GLU LC 38 126.43 36.28 -49.64
N HIS LC 39 125.19 35.91 -49.97
CA HIS LC 39 124.37 35.07 -49.12
C HIS LC 39 124.52 33.60 -49.42
N LEU LC 40 125.39 33.23 -50.35
CA LEU LC 40 125.57 31.85 -50.79
C LEU LC 40 127.01 31.42 -50.56
N ASN LC 41 127.20 30.11 -50.36
CA ASN LC 41 128.52 29.53 -50.32
C ASN LC 41 129.02 29.30 -51.74
N ASP LC 42 130.26 28.83 -51.85
CA ASP LC 42 130.84 28.60 -53.17
C ASP LC 42 130.08 27.52 -53.93
N ASP LC 43 129.66 26.46 -53.24
CA ASP LC 43 128.93 25.38 -53.88
C ASP LC 43 127.46 25.70 -54.11
N GLY LC 44 127.00 26.89 -53.72
CA GLY LC 44 125.65 27.33 -53.97
C GLY LC 44 124.71 27.25 -52.79
N THR LC 45 125.09 26.53 -51.74
CA THR LC 45 124.25 26.44 -50.56
C THR LC 45 124.30 27.77 -49.78
N ARG LC 46 123.24 28.01 -49.02
CA ARG LC 46 123.13 29.24 -48.25
C ARG LC 46 124.19 29.26 -47.16
N SER LC 47 124.82 30.42 -46.98
CA SER LC 47 125.90 30.56 -46.01
C SER LC 47 125.34 30.66 -44.60
N LYS LC 48 126.11 30.13 -43.64
CA LYS LC 48 125.69 30.18 -42.24
C LYS LC 48 125.53 31.62 -41.77
N ARG LC 49 126.33 32.54 -42.29
CA ARG LC 49 126.19 33.93 -41.91
C ARG LC 49 124.81 34.46 -42.28
N TYR LC 50 124.34 34.11 -43.48
CA TYR LC 50 123.05 34.63 -43.95
C TYR LC 50 121.90 34.03 -43.16
N THR LC 51 121.99 32.75 -42.80
CA THR LC 51 120.86 32.05 -42.22
C THR LC 51 120.90 31.95 -40.70
N VAL LC 52 122.08 31.97 -40.09
CA VAL LC 52 122.19 31.74 -38.66
C VAL LC 52 122.83 32.93 -37.96
N LYS LC 53 124.08 33.22 -38.31
CA LYS LC 53 124.87 34.17 -37.52
C LYS LC 53 124.29 35.59 -37.62
N GLU LC 54 123.78 35.96 -38.79
CA GLU LC 54 123.22 37.28 -39.02
C GLU LC 54 121.85 37.18 -39.66
N ALA LC 55 121.01 36.30 -39.12
CA ALA LC 55 119.67 36.13 -39.64
C ALA LC 55 118.85 37.41 -39.45
N ASP LC 56 118.13 37.79 -40.50
CA ASP LC 56 117.37 39.03 -40.45
C ASP LC 56 116.25 38.98 -39.42
N ALA LC 57 115.72 37.79 -39.13
CA ALA LC 57 114.68 37.66 -38.12
C ALA LC 57 115.19 38.03 -36.73
N LEU LC 58 116.50 38.06 -36.54
CA LEU LC 58 117.10 38.40 -35.25
C LEU LC 58 117.48 39.86 -35.14
N GLY LC 59 117.16 40.68 -36.14
CA GLY LC 59 117.46 42.08 -36.12
C GLY LC 59 118.66 42.51 -36.94
N TYR LC 60 119.29 41.58 -37.66
CA TYR LC 60 120.42 41.91 -38.51
C TYR LC 60 119.93 42.39 -39.88
N HIS LC 61 120.65 43.35 -40.44
CA HIS LC 61 120.36 43.88 -41.77
C HIS LC 61 118.89 44.27 -41.89
N TYR LC 62 118.48 45.16 -41.00
CA TYR LC 62 117.10 45.62 -40.97
C TYR LC 62 116.80 46.45 -42.21
N HIS LC 63 115.84 46.00 -43.02
CA HIS LC 63 115.50 46.68 -44.26
C HIS LC 63 114.01 46.47 -44.54
N PRO LC 64 113.16 47.41 -44.12
CA PRO LC 64 111.73 47.27 -44.35
C PRO LC 64 111.40 47.26 -45.83
N PRO LC 65 110.68 46.24 -46.31
CA PRO LC 65 110.38 46.20 -47.75
C PRO LC 65 109.33 47.21 -48.19
N ILE LC 66 108.27 47.41 -47.41
CA ILE LC 66 107.18 48.27 -47.82
C ILE LC 66 107.66 49.71 -47.87
N ASP LC 67 107.16 50.46 -48.86
CA ASP LC 67 107.60 51.82 -49.10
C ASP LC 67 106.72 52.81 -48.32
N LYS LC 68 106.88 54.11 -48.59
CA LYS LC 68 106.15 55.11 -47.85
C LYS LC 68 104.64 54.99 -48.07
N LYS LC 69 104.24 54.75 -49.30
CA LYS LC 69 102.82 54.68 -49.66
C LYS LC 69 102.20 53.33 -49.33
N GLY LC 70 102.88 52.49 -48.56
CA GLY LC 70 102.34 51.18 -48.22
C GLY LC 70 102.17 50.28 -49.43
N GLN LC 71 103.15 50.29 -50.33
CA GLN LC 71 103.09 49.53 -51.57
C GLN LC 71 104.33 48.67 -51.71
N VAL LC 72 104.17 47.54 -52.41
CA VAL LC 72 105.28 46.67 -52.78
C VAL LC 72 105.15 46.37 -54.27
N TYR LC 73 106.27 46.04 -54.89
CA TYR LC 73 106.27 45.78 -56.33
C TYR LC 73 105.41 44.56 -56.64
N VAL LC 74 104.54 44.69 -57.63
CA VAL LC 74 103.66 43.63 -58.08
C VAL LC 74 103.75 43.56 -59.59
N LYS LC 75 103.93 42.35 -60.13
CA LYS LC 75 104.01 42.15 -61.56
C LYS LC 75 102.61 42.00 -62.14
N GLY LC 76 102.33 42.73 -63.20
CA GLY LC 76 101.01 42.76 -63.79
C GLY LC 76 100.77 41.58 -64.71
N PRO LC 77 99.52 41.43 -65.11
CA PRO LC 77 99.16 40.37 -66.05
C PRO LC 77 99.52 40.72 -67.48
N ASN LC 78 99.52 39.69 -68.32
CA ASN LC 78 99.75 39.86 -69.75
C ASN LC 78 98.42 40.24 -70.39
N THR LC 79 98.21 41.54 -70.58
CA THR LC 79 96.96 42.07 -71.08
C THR LC 79 97.02 42.25 -72.60
N VAL LC 80 95.95 41.88 -73.27
CA VAL LC 80 95.87 41.92 -74.72
C VAL LC 80 94.48 42.41 -75.11
N ILE LC 81 94.37 43.67 -75.55
CA ILE LC 81 93.08 44.20 -75.95
C ILE LC 81 92.74 43.71 -77.35
N GLU LC 82 91.47 43.39 -77.57
CA GLU LC 82 91.04 42.73 -78.79
C GLU LC 82 89.52 42.74 -78.82
N ARG LC 83 88.97 42.86 -80.04
CA ARG LC 83 87.54 42.74 -80.25
C ARG LC 83 86.75 43.61 -79.28
N GLY LC 84 87.25 44.82 -79.05
CA GLY LC 84 86.60 45.71 -78.11
C GLY LC 84 86.50 45.15 -76.71
N GLN LC 85 87.56 44.48 -76.25
CA GLN LC 85 87.56 43.87 -74.93
C GLN LC 85 89.01 43.71 -74.47
N THR LC 86 89.24 43.95 -73.19
CA THR LC 86 90.56 43.76 -72.59
C THR LC 86 90.66 42.33 -72.06
N TRP LC 87 91.60 41.56 -72.58
CA TRP LC 87 91.78 40.18 -72.21
C TRP LC 87 93.07 40.00 -71.42
N ILE LC 88 93.10 38.95 -70.61
CA ILE LC 88 94.29 38.53 -69.89
C ILE LC 88 94.65 37.14 -70.36
N LYS LC 89 95.87 36.97 -70.84
CA LYS LC 89 96.38 35.67 -71.26
C LYS LC 89 97.10 35.03 -70.09
N GLY LC 90 96.61 33.88 -69.66
CA GLY LC 90 97.21 33.21 -68.53
C GLY LC 90 98.55 32.59 -68.87
N TYR LC 91 99.37 32.42 -67.85
CA TYR LC 91 100.70 31.84 -68.01
C TYR LC 91 100.60 30.33 -68.01
N GLU LC 92 100.95 29.71 -69.13
CA GLU LC 92 100.96 28.26 -69.24
C GLU LC 92 102.32 27.71 -68.84
N LEU LC 93 102.31 26.65 -68.03
CA LEU LC 93 103.55 26.07 -67.57
C LEU LC 93 104.31 25.45 -68.74
N PRO LC 94 105.64 25.37 -68.65
CA PRO LC 94 106.41 24.80 -69.75
C PRO LC 94 106.10 23.32 -69.94
N SER LC 95 106.47 22.82 -71.12
CA SER LC 95 106.24 21.43 -71.44
C SER LC 95 106.90 20.54 -70.39
N MET LC 96 106.20 19.47 -70.02
CA MET LC 96 106.71 18.57 -69.00
C MET LC 96 107.99 17.87 -69.43
N GLU LC 97 108.30 17.86 -70.73
CA GLU LC 97 109.59 17.33 -71.16
C GLU LC 97 110.73 18.19 -70.66
N TYR LC 98 110.54 19.51 -70.67
CA TYR LC 98 111.59 20.41 -70.19
C TYR LC 98 111.88 20.18 -68.71
N THR LC 99 110.83 20.02 -67.91
CA THR LC 99 110.99 19.90 -66.47
C THR LC 99 111.28 18.47 -66.03
N TYR LC 100 110.68 17.48 -66.67
CA TYR LC 100 110.86 16.08 -66.28
C TYR LC 100 111.74 15.29 -67.22
N GLY LC 101 111.70 15.56 -68.52
CA GLY LC 101 112.58 14.92 -69.47
C GLY LC 101 111.90 14.08 -70.54
N PRO LC 102 110.93 13.25 -70.15
CA PRO LC 102 110.26 12.41 -71.16
C PRO LC 102 109.55 13.26 -72.20
N LYS LC 103 109.58 12.79 -73.44
CA LYS LC 103 108.91 13.47 -74.53
C LYS LC 103 107.41 13.23 -74.44
N GLN LC 104 106.64 14.31 -74.54
CA GLN LC 104 105.20 14.26 -74.31
C GLN LC 104 104.51 13.79 -75.59
N GLU LC 105 104.59 12.48 -75.82
CA GLU LC 105 103.95 11.85 -76.96
C GLU LC 105 103.46 10.47 -76.56
N ASP LC 106 102.49 9.97 -77.31
CA ASP LC 106 101.89 8.66 -77.03
C ASP LC 106 101.36 8.59 -75.60
N ILE LC 107 100.70 9.65 -75.17
CA ILE LC 107 100.15 9.69 -73.81
C ILE LC 107 98.90 8.83 -73.77
N PRO LC 108 98.76 7.93 -72.79
CA PRO LC 108 97.52 7.16 -72.69
C PRO LC 108 96.33 8.06 -72.43
N PHE LC 109 95.16 7.63 -72.90
CA PHE LC 109 93.96 8.43 -72.83
C PHE LC 109 93.21 8.12 -71.54
N TYR LC 110 92.98 9.15 -70.74
CA TYR LC 110 92.16 9.07 -69.53
C TYR LC 110 91.02 10.06 -69.69
N PRO LC 111 89.81 9.62 -70.04
CA PRO LC 111 88.74 10.58 -70.35
C PRO LC 111 88.24 11.29 -69.11
N ARG LC 112 87.58 12.42 -69.34
CA ARG LC 112 86.85 13.10 -68.29
C ARG LC 112 85.68 12.24 -67.85
N VAL LC 113 85.52 12.09 -66.54
CA VAL LC 113 84.38 11.38 -65.97
C VAL LC 113 84.04 12.03 -64.65
N LYS LC 114 82.76 12.32 -64.43
CA LYS LC 114 82.35 12.91 -63.17
C LYS LC 114 82.47 11.87 -62.05
N LEU LC 115 82.42 12.36 -60.81
CA LEU LC 115 82.76 11.53 -59.67
C LEU LC 115 81.91 10.26 -59.63
N ASN LC 116 82.54 9.15 -59.23
CA ASN LC 116 81.87 7.87 -59.10
C ASN LC 116 81.12 7.85 -57.78
N VAL LC 117 79.81 8.08 -57.84
CA VAL LC 117 78.97 8.21 -56.66
C VAL LC 117 78.04 7.00 -56.56
N TRP LC 118 77.74 6.62 -55.32
CA TRP LC 118 76.76 5.57 -55.07
C TRP LC 118 75.36 6.16 -55.12
N GLY LC 119 74.45 5.49 -55.85
CA GLY LC 119 73.11 5.97 -56.05
C GLY LC 119 72.06 5.17 -55.30
N ASN LC 120 70.80 5.46 -55.60
CA ASN LC 120 69.65 4.78 -55.02
C ASN LC 120 69.59 4.99 -53.49
N TYR LC 121 69.25 6.24 -53.14
CA TYR LC 121 69.18 6.64 -51.73
C TYR LC 121 68.54 5.59 -50.84
N ASN LC 122 67.38 5.05 -51.25
CA ASN LC 122 66.69 4.08 -50.40
C ASN LC 122 67.57 2.86 -50.15
N LEU LC 123 68.18 2.33 -51.20
CA LEU LC 123 69.04 1.16 -51.04
C LEU LC 123 70.24 1.48 -50.15
N VAL LC 124 70.85 2.64 -50.36
CA VAL LC 124 72.03 3.01 -49.60
C VAL LC 124 71.70 3.13 -48.12
N MET LC 125 70.55 3.75 -47.80
CA MET LC 125 70.16 3.90 -46.40
C MET LC 125 70.00 2.55 -45.73
N LYS LC 126 69.42 1.57 -46.44
CA LYS LC 126 69.26 0.25 -45.86
C LYS LC 126 70.60 -0.42 -45.60
N VAL LC 127 71.55 -0.25 -46.52
CA VAL LC 127 72.88 -0.83 -46.32
C VAL LC 127 73.54 -0.22 -45.09
N GLU LC 128 73.48 1.10 -44.96
CA GLU LC 128 74.07 1.77 -43.81
C GLU LC 128 73.44 1.30 -42.51
N PHE LC 129 72.12 1.09 -42.52
CA PHE LC 129 71.46 0.50 -41.36
C PHE LC 129 72.05 -0.86 -41.04
N LEU LC 130 72.26 -1.69 -42.06
CA LEU LC 130 72.84 -3.01 -41.86
C LEU LC 130 74.30 -2.90 -41.41
N PHE LC 131 75.04 -1.92 -41.95
CA PHE LC 131 76.42 -1.76 -41.52
C PHE LC 131 76.53 -1.51 -40.03
N PHE LC 132 75.49 -0.95 -39.42
CA PHE LC 132 75.45 -0.67 -37.99
C PHE LC 132 74.78 -1.79 -37.20
N TYR LC 133 73.64 -2.29 -37.67
CA TYR LC 133 72.83 -3.17 -36.85
C TYR LC 133 73.13 -4.65 -37.02
N LEU LC 134 73.80 -5.06 -38.10
CA LEU LC 134 74.28 -6.44 -38.15
C LEU LC 134 75.31 -6.69 -37.05
N PRO LC 135 76.32 -5.83 -36.85
CA PRO LC 135 77.19 -5.99 -35.67
C PRO LC 135 76.43 -5.93 -34.37
N THR LC 136 75.42 -5.06 -34.27
CA THR LC 136 74.65 -4.96 -33.04
C THR LC 136 73.96 -6.27 -32.70
N ILE LC 137 73.41 -6.94 -33.72
CA ILE LC 137 72.78 -8.23 -33.52
C ILE LC 137 73.79 -9.25 -33.00
N ILE LC 138 74.97 -9.28 -33.59
CA ILE LC 138 76.00 -10.23 -33.17
C ILE LC 138 76.36 -10.00 -31.70
N VAL LC 139 76.56 -8.73 -31.34
CA VAL LC 139 76.85 -8.41 -29.94
C VAL LC 139 75.74 -8.92 -29.04
N PHE LC 140 74.48 -8.66 -29.43
CA PHE LC 140 73.36 -9.14 -28.63
C PHE LC 140 73.36 -10.67 -28.55
N GLY LC 141 73.83 -11.34 -29.60
CA GLY LC 141 73.92 -12.79 -29.58
C GLY LC 141 74.99 -13.31 -28.63
N ILE LC 142 76.00 -12.51 -28.33
CA ILE LC 142 77.03 -12.88 -27.37
C ILE LC 142 76.62 -12.49 -25.96
N CYS LC 143 75.83 -11.43 -25.81
CA CYS LC 143 75.48 -10.91 -24.49
C CYS LC 143 74.93 -12.00 -23.57
N ILE LC 144 73.91 -12.77 -24.03
CA ILE LC 144 73.33 -13.76 -23.15
C ILE LC 144 74.38 -14.80 -22.76
N PRO LC 145 75.11 -15.41 -23.69
CA PRO LC 145 76.21 -16.31 -23.29
C PRO LC 145 77.17 -15.70 -22.28
N VAL LC 146 77.55 -14.43 -22.44
CA VAL LC 146 78.49 -13.77 -21.53
C VAL LC 146 77.94 -13.74 -20.11
N TYR LC 147 76.66 -13.37 -19.96
CA TYR LC 147 76.06 -13.32 -18.64
C TYR LC 147 76.10 -14.70 -17.99
N THR LC 148 75.71 -15.73 -18.73
CA THR LC 148 75.61 -17.07 -18.15
C THR LC 148 76.97 -17.55 -17.65
N ILE LC 149 78.01 -17.40 -18.46
CA ILE LC 149 79.32 -17.91 -18.07
C ILE LC 149 79.88 -17.12 -16.91
N ASN LC 150 79.61 -15.81 -16.86
CA ASN LC 150 80.00 -15.02 -15.70
C ASN LC 150 79.29 -15.50 -14.44
N PHE LC 151 77.98 -15.74 -14.53
CA PHE LC 151 77.25 -16.26 -13.39
C PHE LC 151 77.79 -17.61 -12.95
N ALA LC 152 78.29 -18.41 -13.90
CA ALA LC 152 78.77 -19.75 -13.56
C ALA LC 152 80.04 -19.70 -12.73
N GLN LC 153 80.97 -18.83 -13.08
CA GLN LC 153 82.18 -18.70 -12.27
C GLN LC 153 81.84 -18.27 -10.85
N GLU LC 154 80.91 -17.32 -10.71
CA GLU LC 154 80.53 -16.80 -9.40
C GLU LC 154 79.26 -17.51 -8.92
N GLU LC 155 79.42 -18.80 -8.64
CA GLU LC 155 78.34 -19.62 -8.10
C GLU LC 155 78.72 -20.11 -6.72
N VAL LC 156 77.81 -19.96 -5.76
CA VAL LC 156 78.03 -20.43 -4.40
C VAL LC 156 77.95 -21.96 -4.40
N ILE LC 157 79.10 -22.61 -4.23
CA ILE LC 157 79.22 -24.06 -4.29
C ILE LC 157 79.47 -24.59 -2.88
N TYR LC 158 79.03 -25.83 -2.64
CA TYR LC 158 79.24 -26.49 -1.35
C TYR LC 158 80.61 -27.15 -1.36
N THR LC 159 81.63 -26.31 -1.21
CA THR LC 159 83.01 -26.80 -1.12
C THR LC 159 83.24 -27.46 0.23
N THR LC 160 84.02 -28.54 0.22
CA THR LC 160 84.26 -29.34 1.41
C THR LC 160 85.71 -29.32 1.88
N MET LC 161 86.61 -28.69 1.12
CA MET LC 161 88.04 -28.65 1.41
C MET LC 161 88.58 -27.31 0.97
N THR LC 162 89.60 -26.82 1.67
CA THR LC 162 90.22 -25.54 1.35
C THR LC 162 91.73 -25.71 1.22
N VAL LC 163 92.29 -25.16 0.15
CA VAL LC 163 93.74 -25.11 -0.07
C VAL LC 163 94.13 -23.63 -0.19
N LYS LC 164 94.99 -23.17 0.72
CA LYS LC 164 95.48 -21.79 0.69
C LYS LC 164 96.79 -21.72 -0.06
N VAL LC 165 96.89 -20.78 -1.01
CA VAL LC 165 98.03 -20.66 -1.91
C VAL LC 165 98.59 -19.24 -1.80
N THR LC 166 99.84 -19.13 -1.34
CA THR LC 166 100.54 -17.85 -1.22
C THR LC 166 101.68 -17.80 -2.22
N GLY LC 167 101.77 -16.69 -2.96
CA GLY LC 167 102.82 -16.50 -3.94
C GLY LC 167 103.91 -15.58 -3.44
N ARG LC 168 105.14 -16.09 -3.40
CA ARG LC 168 106.29 -15.36 -2.92
C ARG LC 168 107.39 -15.39 -3.98
N GLN LC 169 108.38 -14.50 -3.84
CA GLN LC 169 109.50 -14.41 -4.77
C GLN LC 169 110.58 -15.40 -4.35
N TRP LC 170 110.81 -16.45 -5.15
CA TRP LC 170 110.01 -16.87 -6.29
C TRP LC 170 109.62 -18.34 -6.12
N TYR LC 171 108.53 -18.55 -5.38
CA TYR LC 171 108.04 -19.88 -5.08
C TYR LC 171 106.60 -19.77 -4.59
N TRP LC 172 105.89 -20.90 -4.58
CA TRP LC 172 104.49 -20.96 -4.19
C TRP LC 172 104.35 -21.75 -2.89
N VAL LC 173 103.84 -21.11 -1.83
CA VAL LC 173 103.58 -21.78 -0.56
C VAL LC 173 102.15 -22.29 -0.55
N TYR LC 174 101.96 -23.51 -0.04
CA TYR LC 174 100.65 -24.16 0.01
C TYR LC 174 100.33 -24.59 1.43
N GLU LC 175 99.18 -24.16 1.96
CA GLU LC 175 98.70 -24.54 3.28
C GLU LC 175 97.45 -25.40 3.13
N VAL LC 176 97.48 -26.60 3.71
CA VAL LC 176 96.41 -27.58 3.58
C VAL LC 176 96.08 -28.14 4.97
N GLU LC 177 94.79 -28.39 5.21
CA GLU LC 177 94.36 -28.97 6.49
C GLU LC 177 94.89 -30.40 6.61
N SER LC 178 95.43 -30.71 7.79
CA SER LC 178 96.05 -32.02 8.00
C SER LC 178 95.03 -33.00 8.57
N PRO LC 179 95.06 -34.26 8.12
CA PRO LC 179 94.08 -35.23 8.62
C PRO LC 179 94.22 -35.46 10.12
N THR LC 180 93.07 -35.55 10.80
CA THR LC 180 93.07 -35.70 12.24
C THR LC 180 93.16 -37.17 12.65
N PHE MC 1 118.33 28.14 -38.98
CA PHE MC 1 118.54 27.40 -37.74
C PHE MC 1 117.95 26.00 -37.84
N TYR MC 2 118.24 25.16 -36.85
CA TYR MC 2 117.69 23.82 -36.77
C TYR MC 2 116.84 23.62 -35.53
N ILE MC 3 117.36 23.93 -34.34
CA ILE MC 3 116.59 23.68 -33.12
C ILE MC 3 115.61 24.82 -32.85
N LEU MC 4 115.90 26.03 -33.32
CA LEU MC 4 115.04 27.17 -33.03
C LEU MC 4 113.79 27.23 -33.90
N VAL MC 5 113.72 26.44 -34.96
CA VAL MC 5 112.65 26.59 -35.94
C VAL MC 5 111.30 26.37 -35.27
N ASN MC 6 110.34 27.24 -35.60
CA ASN MC 6 108.96 27.11 -35.15
C ASN MC 6 108.01 26.64 -36.25
N ASN MC 7 108.46 26.61 -37.50
CA ASN MC 7 107.63 26.14 -38.60
C ASN MC 7 106.96 24.82 -38.25
N ASN MC 8 105.63 24.79 -38.37
CA ASN MC 8 104.88 23.59 -38.00
C ASN MC 8 105.21 22.43 -38.90
N LYS MC 9 105.53 22.69 -40.17
CA LYS MC 9 105.86 21.61 -41.10
C LYS MC 9 107.25 21.06 -40.82
N ARG MC 10 108.21 21.92 -40.48
CA ARG MC 10 109.52 21.43 -40.08
C ARG MC 10 109.43 20.57 -38.83
N ILE MC 11 108.63 20.99 -37.85
CA ILE MC 11 108.49 20.23 -36.62
C ILE MC 11 107.86 18.88 -36.91
N GLY MC 12 106.92 18.84 -37.84
CA GLY MC 12 106.35 17.56 -38.24
C GLY MC 12 107.41 16.61 -38.78
N ILE MC 13 108.33 17.13 -39.58
CA ILE MC 13 109.43 16.31 -40.08
C ILE MC 13 110.30 15.83 -38.91
N TYR MC 14 110.57 16.71 -37.96
CA TYR MC 14 111.37 16.30 -36.80
C TYR MC 14 110.72 15.13 -36.07
N TYR MC 15 109.40 15.15 -35.92
CA TYR MC 15 108.73 14.08 -35.20
C TYR MC 15 108.92 12.74 -35.92
N ILE MC 16 108.78 12.72 -37.24
CA ILE MC 16 108.99 11.50 -38.00
C ILE MC 16 110.44 11.06 -37.91
N LYS MC 17 111.37 12.00 -38.05
CA LYS MC 17 112.80 11.67 -37.97
C LYS MC 17 113.15 11.03 -36.63
N LEU MC 18 112.67 11.65 -35.54
CA LEU MC 18 112.97 11.13 -34.21
C LEU MC 18 112.30 9.78 -33.96
N SER MC 19 111.12 9.57 -34.52
CA SER MC 19 110.43 8.30 -34.35
C SER MC 19 111.21 7.16 -35.01
N ILE MC 20 111.81 7.43 -36.17
CA ILE MC 20 112.63 6.42 -36.84
C ILE MC 20 113.89 6.14 -36.04
N ILE MC 21 114.55 7.18 -35.55
CA ILE MC 21 115.75 6.99 -34.73
C ILE MC 21 115.43 6.16 -33.50
N ILE MC 22 114.53 6.67 -32.65
CA ILE MC 22 114.14 5.92 -31.47
C ILE MC 22 113.60 4.55 -31.88
N GLY MC 23 112.99 4.46 -33.06
CA GLY MC 23 112.49 3.19 -33.54
C GLY MC 23 113.57 2.15 -33.75
N ILE MC 24 114.76 2.59 -34.14
CA ILE MC 24 115.88 1.65 -34.29
C ILE MC 24 116.15 0.96 -32.97
N LEU MC 25 116.17 1.71 -31.87
CA LEU MC 25 116.35 1.11 -30.56
C LEU MC 25 115.20 0.18 -30.23
N GLY MC 26 113.98 0.56 -30.61
CA GLY MC 26 112.84 -0.30 -30.37
C GLY MC 26 112.93 -1.63 -31.09
N ILE MC 27 113.27 -1.59 -32.38
CA ILE MC 27 113.38 -2.81 -33.17
C ILE MC 27 114.51 -3.70 -32.66
N VAL MC 28 115.63 -3.09 -32.28
CA VAL MC 28 116.76 -3.86 -31.75
C VAL MC 28 116.32 -4.67 -30.54
N LEU MC 29 115.60 -4.02 -29.63
CA LEU MC 29 115.09 -4.73 -28.44
C LEU MC 29 114.18 -5.88 -28.85
N SER MC 30 113.35 -5.66 -29.86
CA SER MC 30 112.47 -6.73 -30.35
C SER MC 30 113.29 -7.90 -30.89
N TYR MC 31 114.39 -7.61 -31.59
CA TYR MC 31 115.24 -8.68 -32.10
C TYR MC 31 115.88 -9.46 -30.95
N ILE MC 32 116.30 -8.77 -29.89
CA ILE MC 32 116.85 -9.44 -28.73
C ILE MC 32 115.82 -10.43 -28.16
N ILE MC 33 114.58 -9.95 -27.99
CA ILE MC 33 113.53 -10.80 -27.43
C ILE MC 33 113.36 -12.05 -28.29
N ARG MC 34 113.17 -11.86 -29.60
CA ARG MC 34 112.89 -13.01 -30.47
C ARG MC 34 114.08 -13.95 -30.57
N VAL MC 35 115.30 -13.40 -30.60
CA VAL MC 35 116.48 -14.26 -30.60
C VAL MC 35 116.49 -15.14 -29.36
N GLU MC 36 116.30 -14.53 -28.19
CA GLU MC 36 116.30 -15.30 -26.95
C GLU MC 36 115.27 -16.41 -27.01
N LEU MC 37 114.07 -16.11 -27.50
CA LEU MC 37 112.97 -17.06 -27.51
C LEU MC 37 113.06 -18.10 -28.64
N TYR MC 38 114.18 -18.14 -29.37
CA TYR MC 38 114.29 -19.06 -30.49
C TYR MC 38 114.23 -20.51 -30.05
N ASN MC 39 114.89 -20.85 -28.94
CA ASN MC 39 114.77 -22.19 -28.36
C ASN MC 39 114.70 -22.06 -26.85
N SER MC 40 114.76 -23.20 -26.15
CA SER MC 40 114.89 -23.24 -24.71
C SER MC 40 116.35 -23.42 -24.32
N GLY MC 41 116.74 -22.80 -23.22
CA GLY MC 41 118.12 -22.53 -22.89
C GLY MC 41 118.37 -21.04 -22.74
N ASN MC 42 119.63 -20.69 -22.52
CA ASN MC 42 120.05 -19.30 -22.68
C ASN MC 42 120.80 -19.14 -23.99
N ARG MC 43 120.41 -18.14 -24.77
CA ARG MC 43 120.94 -17.91 -26.11
C ARG MC 43 121.82 -16.67 -26.18
N ILE MC 44 121.30 -15.51 -25.77
CA ILE MC 44 122.07 -14.27 -25.78
C ILE MC 44 122.03 -13.54 -24.45
N ILE MC 45 121.27 -14.03 -23.49
CA ILE MC 45 121.19 -13.45 -22.15
C ILE MC 45 121.53 -14.54 -21.14
N LYS MC 46 122.45 -14.25 -20.24
CA LYS MC 46 122.83 -15.23 -19.21
C LYS MC 46 121.70 -15.41 -18.21
N TYR MC 47 121.69 -16.59 -17.57
CA TYR MC 47 120.71 -16.83 -16.52
C TYR MC 47 120.92 -15.90 -15.33
N ASP MC 48 122.16 -15.45 -15.12
CA ASP MC 48 122.42 -14.50 -14.06
C ASP MC 48 122.07 -13.06 -14.45
N ASN MC 49 121.79 -12.82 -15.73
CA ASN MC 49 121.41 -11.50 -16.23
C ASN MC 49 119.97 -11.49 -16.74
N VAL MC 50 119.11 -12.32 -16.14
CA VAL MC 50 117.71 -12.37 -16.54
C VAL MC 50 117.02 -11.03 -16.31
N ASN MC 51 117.54 -10.22 -15.37
CA ASN MC 51 116.95 -8.91 -15.15
C ASN MC 51 117.03 -8.06 -16.40
N TYR MC 52 118.04 -8.29 -17.25
CA TYR MC 52 118.15 -7.52 -18.48
C TYR MC 52 116.98 -7.80 -19.41
N TYR MC 53 116.58 -9.07 -19.54
CA TYR MC 53 115.42 -9.39 -20.35
C TYR MC 53 114.18 -8.66 -19.86
N ASN MC 54 113.97 -8.65 -18.55
CA ASN MC 54 112.83 -7.93 -18.00
C ASN MC 54 112.90 -6.46 -18.36
N MET MC 55 114.11 -5.89 -18.40
CA MET MC 55 114.26 -4.50 -18.82
C MET MC 55 114.06 -4.35 -20.32
N VAL MC 56 114.47 -5.33 -21.10
CA VAL MC 56 114.32 -5.23 -22.56
C VAL MC 56 112.85 -5.17 -22.94
N ILE MC 57 112.04 -6.06 -22.36
CA ILE MC 57 110.62 -6.07 -22.70
C ILE MC 57 109.94 -4.81 -22.20
N THR MC 58 110.35 -4.31 -21.03
CA THR MC 58 109.76 -3.09 -20.48
C THR MC 58 110.05 -1.89 -21.38
N LEU MC 59 111.31 -1.73 -21.77
CA LEU MC 59 111.69 -0.58 -22.59
C LEU MC 59 111.12 -0.70 -24.00
N HIS MC 60 111.17 -1.90 -24.58
CA HIS MC 60 110.53 -2.11 -25.87
C HIS MC 60 109.12 -1.54 -25.85
N GLY MC 61 108.28 -2.02 -24.92
CA GLY MC 61 106.91 -1.56 -24.87
C GLY MC 61 106.78 -0.06 -24.70
N LEU MC 62 107.49 0.50 -23.72
CA LEU MC 62 107.36 1.92 -23.44
C LEU MC 62 107.81 2.77 -24.61
N LEU MC 63 108.95 2.43 -25.21
CA LEU MC 63 109.49 3.23 -26.30
C LEU MC 63 108.59 3.18 -27.53
N MET MC 64 108.16 1.98 -27.91
CA MET MC 64 107.34 1.85 -29.11
C MET MC 64 106.01 2.57 -28.97
N ILE MC 65 105.45 2.60 -27.76
CA ILE MC 65 104.14 3.20 -27.55
C ILE MC 65 104.26 4.71 -27.43
N PHE MC 66 105.12 5.20 -26.54
CA PHE MC 66 105.15 6.62 -26.20
C PHE MC 66 106.19 7.42 -26.96
N TYR MC 67 107.25 6.78 -27.47
CA TYR MC 67 108.33 7.49 -28.13
C TYR MC 67 108.42 7.23 -29.62
N ILE MC 68 107.61 6.33 -30.17
CA ILE MC 68 107.70 6.00 -31.58
C ILE MC 68 106.35 6.15 -32.30
N ILE MC 69 105.37 5.32 -31.94
CA ILE MC 69 104.10 5.35 -32.67
C ILE MC 69 103.30 6.60 -32.31
N MET MC 70 103.25 6.96 -31.02
CA MET MC 70 102.52 8.18 -30.65
C MET MC 70 103.19 9.41 -31.23
N PRO MC 71 104.50 9.61 -31.12
CA PRO MC 71 105.11 10.78 -31.77
C PRO MC 71 105.00 10.76 -33.28
N GLY MC 72 104.79 9.60 -33.88
CA GLY MC 72 104.74 9.51 -35.33
C GLY MC 72 103.36 9.74 -35.91
N LEU MC 73 102.33 9.21 -35.27
CA LEU MC 73 100.97 9.32 -35.77
C LEU MC 73 100.20 10.49 -35.17
N TYR MC 74 100.57 10.92 -33.97
CA TYR MC 74 99.92 12.07 -33.33
C TYR MC 74 100.78 13.31 -33.33
N GLY MC 75 102.08 13.19 -33.57
CA GLY MC 75 102.95 14.35 -33.65
C GLY MC 75 103.48 14.63 -35.04
N GLY MC 76 103.80 13.59 -35.80
CA GLY MC 76 104.41 13.79 -37.10
C GLY MC 76 103.47 14.19 -38.22
N ILE MC 77 102.63 13.26 -38.68
CA ILE MC 77 101.68 13.58 -39.75
C ILE MC 77 100.76 14.70 -39.30
N PRO MC 78 100.24 14.72 -38.09
CA PRO MC 78 99.35 15.82 -37.66
C PRO MC 78 99.96 17.21 -37.78
N LEU MC 79 101.20 17.39 -37.30
CA LEU MC 79 101.79 18.72 -37.33
C LEU MC 79 102.11 19.19 -38.74
N TYR MC 80 102.18 18.29 -39.71
CA TYR MC 80 102.53 18.68 -41.06
C TYR MC 80 101.32 19.06 -41.96
N ILE MC 81 100.22 18.29 -41.84
CA ILE MC 81 99.07 18.50 -42.73
C ILE MC 81 97.87 19.19 -42.05
N LEU MC 82 97.67 19.00 -40.73
CA LEU MC 82 96.50 19.56 -40.07
C LEU MC 82 96.34 21.06 -40.34
N PRO MC 83 97.36 21.91 -40.21
CA PRO MC 83 97.17 23.32 -40.51
C PRO MC 83 96.88 23.57 -41.99
N ILE MC 84 97.31 22.67 -42.89
CA ILE MC 84 96.97 22.80 -44.31
C ILE MC 84 95.54 22.38 -44.57
N LEU MC 85 95.10 21.28 -43.96
CA LEU MC 85 93.73 20.77 -44.11
C LEU MC 85 92.75 21.81 -43.58
N SER MC 86 93.17 22.60 -42.60
CA SER MC 86 92.37 23.64 -41.96
C SER MC 86 92.52 24.97 -42.70
N VAL MC 87 93.11 24.93 -43.89
CA VAL MC 87 93.39 26.15 -44.67
C VAL MC 87 93.78 27.33 -43.80
N ILE MC 88 94.72 27.11 -42.85
CA ILE MC 88 95.27 28.14 -41.98
C ILE MC 88 96.78 28.27 -42.28
N THR MC 89 97.34 29.49 -42.10
CA THR MC 89 98.73 29.72 -42.43
C THR MC 89 99.68 28.80 -41.67
N ASP MC 90 99.48 28.67 -40.34
CA ASP MC 90 100.37 27.88 -39.48
C ASP MC 90 99.58 27.43 -38.25
N ILE MC 91 100.24 26.62 -37.41
CA ILE MC 91 99.66 26.15 -36.16
C ILE MC 91 99.35 27.29 -35.17
N VAL MC 92 98.33 27.14 -34.35
CA VAL MC 92 97.89 28.24 -33.50
C VAL MC 92 98.98 28.64 -32.49
N LEU MC 93 99.68 27.69 -31.90
CA LEU MC 93 100.67 27.95 -30.86
C LEU MC 93 102.08 27.61 -31.35
N PRO MC 94 102.76 28.55 -32.01
CA PRO MC 94 104.06 28.21 -32.61
C PRO MC 94 105.14 27.81 -31.59
N ARG MC 95 105.30 28.59 -30.51
CA ARG MC 95 106.37 28.32 -29.56
C ARG MC 95 106.13 27.02 -28.80
N ILE MC 96 104.87 26.72 -28.49
CA ILE MC 96 104.56 25.47 -27.80
C ILE MC 96 104.92 24.28 -28.68
N ASN MC 97 104.69 24.40 -29.98
CA ASN MC 97 105.00 23.31 -30.89
C ASN MC 97 106.48 22.99 -30.87
N ASN MC 98 107.33 24.02 -30.81
CA ASN MC 98 108.78 23.80 -30.77
C ASN MC 98 109.19 23.05 -29.51
N ILE MC 99 108.70 23.48 -28.35
CA ILE MC 99 109.15 22.89 -27.10
C ILE MC 99 108.69 21.43 -26.99
N SER MC 100 107.57 21.09 -27.63
CA SER MC 100 107.03 19.74 -27.49
C SER MC 100 108.00 18.71 -28.05
N ILE MC 101 108.55 18.97 -29.24
CA ILE MC 101 109.47 18.01 -29.83
C ILE MC 101 110.77 17.95 -29.03
N ILE MC 102 111.24 19.10 -28.55
CA ILE MC 102 112.46 19.12 -27.73
C ILE MC 102 112.24 18.31 -26.47
N ILE MC 103 111.05 18.42 -25.87
CA ILE MC 103 110.76 17.66 -24.65
C ILE MC 103 110.82 16.17 -24.94
N VAL MC 104 110.27 15.74 -26.08
CA VAL MC 104 110.28 14.31 -26.40
C VAL MC 104 111.72 13.80 -26.49
N LEU MC 105 112.58 14.57 -27.17
CA LEU MC 105 113.97 14.15 -27.29
C LEU MC 105 114.66 14.08 -25.95
N ILE MC 106 114.41 15.06 -25.08
CA ILE MC 106 115.08 15.10 -23.79
C ILE MC 106 114.64 13.92 -22.92
N SER MC 107 113.36 13.56 -22.98
CA SER MC 107 112.90 12.40 -22.22
C SER MC 107 113.47 11.11 -22.78
N TYR MC 108 113.68 11.04 -24.10
CA TYR MC 108 114.32 9.87 -24.68
C TYR MC 108 115.75 9.71 -24.19
N ILE MC 109 116.50 10.82 -24.14
CA ILE MC 109 117.89 10.76 -23.70
C ILE MC 109 117.96 10.29 -22.25
N VAL MC 110 117.02 10.75 -21.41
CA VAL MC 110 117.00 10.33 -20.02
C VAL MC 110 116.81 8.82 -19.93
N VAL MC 111 115.89 8.28 -20.73
CA VAL MC 111 115.59 6.85 -20.66
C VAL MC 111 116.81 6.03 -21.05
N ILE MC 112 117.41 6.36 -22.20
CA ILE MC 112 118.53 5.54 -22.69
C ILE MC 112 119.74 5.70 -21.79
N ASN MC 113 119.96 6.91 -21.27
CA ASN MC 113 121.04 7.10 -20.30
C ASN MC 113 120.82 6.22 -19.08
N SER MC 114 119.57 6.03 -18.66
CA SER MC 114 119.30 5.19 -17.51
C SER MC 114 119.63 3.74 -17.79
N ILE MC 115 119.52 3.31 -19.05
CA ILE MC 115 119.99 1.96 -19.40
C ILE MC 115 121.48 1.83 -19.12
N VAL MC 116 122.25 2.83 -19.56
CA VAL MC 116 123.70 2.72 -19.51
C VAL MC 116 124.22 2.80 -18.08
N ILE MC 117 123.64 3.69 -17.27
CA ILE MC 117 124.22 4.02 -15.97
C ILE MC 117 123.58 3.23 -14.84
N GLU MC 118 122.28 3.02 -14.87
CA GLU MC 118 121.60 2.35 -13.77
C GLU MC 118 121.65 0.84 -13.93
N TYR MC 119 121.44 0.14 -12.82
CA TYR MC 119 121.25 -1.30 -12.88
C TYR MC 119 120.01 -1.62 -13.71
N ASN MC 120 120.11 -2.66 -14.53
CA ASN MC 120 119.07 -2.99 -15.50
C ASN MC 120 118.10 -4.00 -14.87
N ILE MC 121 116.90 -3.53 -14.54
CA ILE MC 121 115.81 -4.37 -14.07
C ILE MC 121 114.53 -3.90 -14.75
N GLY MC 122 113.52 -4.76 -14.73
CA GLY MC 122 112.29 -4.47 -15.44
C GLY MC 122 111.07 -4.84 -14.62
N THR MC 123 109.97 -4.14 -14.89
CA THR MC 123 108.69 -4.40 -14.22
C THR MC 123 107.53 -4.32 -15.20
N GLY MC 124 107.78 -4.51 -16.50
CA GLY MC 124 106.78 -4.34 -17.52
C GLY MC 124 106.53 -2.88 -17.85
N TRP MC 125 105.93 -2.65 -19.01
CA TRP MC 125 105.57 -1.28 -19.39
C TRP MC 125 104.36 -0.79 -18.63
N THR MC 126 103.66 -1.68 -17.93
CA THR MC 126 102.50 -1.35 -17.11
C THR MC 126 102.87 -1.04 -15.66
N LEU MC 127 104.15 -1.14 -15.32
CA LEU MC 127 104.70 -0.68 -14.04
C LEU MC 127 103.78 -1.00 -12.86
N TYR MC 128 103.33 -2.25 -12.80
CA TYR MC 128 102.50 -2.68 -11.68
C TYR MC 128 103.28 -2.58 -10.37
N PRO MC 129 102.74 -1.94 -9.35
CA PRO MC 129 103.27 -2.12 -8.00
C PRO MC 129 102.75 -3.42 -7.42
N PRO MC 130 103.38 -3.94 -6.35
CA PRO MC 130 104.52 -3.42 -5.60
C PRO MC 130 105.87 -3.63 -6.28
N LEU MC 131 105.89 -4.38 -7.38
CA LEU MC 131 107.16 -4.68 -8.03
C LEU MC 131 107.84 -3.39 -8.50
N SER MC 132 107.07 -2.45 -9.04
CA SER MC 132 107.65 -1.22 -9.54
C SER MC 132 108.24 -0.37 -8.42
N ILE MC 133 107.71 -0.49 -7.20
CA ILE MC 133 108.14 0.38 -6.12
C ILE MC 133 109.22 -0.25 -5.24
N ILE MC 134 109.56 -1.51 -5.48
CA ILE MC 134 110.66 -2.15 -4.77
C ILE MC 134 111.89 -2.30 -5.64
N GLY MC 135 111.91 -1.65 -6.80
CA GLY MC 135 113.02 -1.74 -7.73
C GLY MC 135 114.10 -0.71 -7.46
N THR MC 136 115.03 -0.62 -8.40
CA THR MC 136 116.18 0.27 -8.27
C THR MC 136 115.87 1.60 -8.95
N VAL MC 137 116.90 2.46 -9.08
CA VAL MC 137 116.70 3.82 -9.55
C VAL MC 137 116.28 3.88 -11.01
N ILE MC 138 116.52 2.83 -11.79
CA ILE MC 138 116.12 2.86 -13.19
C ILE MC 138 114.62 3.09 -13.30
N VAL MC 139 113.85 2.57 -12.34
CA VAL MC 139 112.41 2.79 -12.33
C VAL MC 139 112.11 4.27 -12.10
N ASN MC 140 112.87 4.92 -11.21
CA ASN MC 140 112.69 6.34 -10.99
C ASN MC 140 112.92 7.13 -12.28
N MET MC 141 113.99 6.79 -13.00
CA MET MC 141 114.30 7.48 -14.24
C MET MC 141 113.19 7.30 -15.27
N ILE MC 142 112.66 6.09 -15.39
CA ILE MC 142 111.59 5.83 -16.35
C ILE MC 142 110.36 6.65 -15.99
N LEU MC 143 110.07 6.78 -14.69
CA LEU MC 143 108.93 7.60 -14.28
C LEU MC 143 109.11 9.05 -14.71
N TYR MC 144 110.32 9.59 -14.56
CA TYR MC 144 110.57 10.95 -15.00
C TYR MC 144 110.33 11.09 -16.48
N GLY MC 145 110.76 10.11 -17.27
CA GLY MC 145 110.52 10.16 -18.70
C GLY MC 145 109.04 10.20 -19.04
N LEU MC 146 108.25 9.34 -18.38
CA LEU MC 146 106.82 9.31 -18.66
C LEU MC 146 106.15 10.62 -18.30
N ILE MC 147 106.48 11.18 -17.14
CA ILE MC 147 105.88 12.45 -16.74
C ILE MC 147 106.27 13.55 -17.71
N ILE MC 148 107.53 13.59 -18.12
CA ILE MC 148 107.98 14.58 -19.09
C ILE MC 148 107.27 14.38 -20.42
N ILE MC 149 107.13 13.13 -20.85
CA ILE MC 149 106.38 12.85 -22.08
C ILE MC 149 104.95 13.32 -21.94
N GLY MC 150 104.36 13.13 -20.75
CA GLY MC 150 103.00 13.57 -20.54
C GLY MC 150 102.84 15.06 -20.75
N ILE MC 151 103.83 15.84 -20.35
CA ILE MC 151 103.77 17.28 -20.57
C ILE MC 151 103.70 17.59 -22.05
N SER MC 152 104.54 16.94 -22.85
CA SER MC 152 104.55 17.20 -24.29
C SER MC 152 103.22 16.80 -24.91
N SER MC 153 102.67 15.66 -24.49
CA SER MC 153 101.42 15.19 -25.06
C SER MC 153 100.28 16.16 -24.78
N ILE MC 154 100.19 16.66 -23.55
CA ILE MC 154 99.06 17.51 -23.20
C ILE MC 154 99.15 18.86 -23.92
N ILE MC 155 100.34 19.44 -23.99
CA ILE MC 155 100.47 20.74 -24.64
C ILE MC 155 100.21 20.61 -26.14
N SER MC 156 100.63 19.50 -26.74
CA SER MC 156 100.30 19.25 -28.14
C SER MC 156 98.80 19.09 -28.33
N ALA MC 157 98.14 18.43 -27.38
CA ALA MC 157 96.69 18.31 -27.44
C ALA MC 157 96.02 19.67 -27.37
N ILE MC 158 96.50 20.54 -26.48
CA ILE MC 158 95.97 21.90 -26.41
C ILE MC 158 96.15 22.59 -27.75
N ASN MC 159 97.30 22.37 -28.40
CA ASN MC 159 97.58 23.02 -29.67
C ASN MC 159 96.56 22.64 -30.73
N PHE MC 160 96.23 21.36 -30.83
CA PHE MC 160 95.30 20.91 -31.86
C PHE MC 160 93.88 21.37 -31.58
N MET MC 161 93.49 21.41 -30.30
CA MET MC 161 92.14 21.87 -29.97
C MET MC 161 91.90 23.30 -30.42
N ASN MC 162 92.94 24.14 -30.41
CA ASN MC 162 92.79 25.53 -30.81
C ASN MC 162 92.50 25.69 -32.28
N ILE MC 163 92.65 24.63 -33.09
CA ILE MC 163 92.34 24.74 -34.51
C ILE MC 163 90.85 24.99 -34.72
N LEU MC 164 90.01 24.48 -33.83
CA LEU MC 164 88.58 24.76 -33.94
C LEU MC 164 88.29 26.25 -33.96
N ILE MC 165 89.10 27.03 -33.26
CA ILE MC 165 88.88 28.48 -33.19
C ILE MC 165 89.30 29.18 -34.47
N VAL MC 166 90.21 28.59 -35.24
CA VAL MC 166 90.79 29.26 -36.40
C VAL MC 166 90.48 28.57 -37.72
N ILE MC 167 89.98 27.33 -37.70
CA ILE MC 167 89.75 26.61 -38.95
C ILE MC 167 88.91 27.46 -39.89
N ASP MC 168 89.40 27.64 -41.11
CA ASP MC 168 88.74 28.48 -42.11
C ASP MC 168 87.96 27.67 -43.13
N GLY MC 169 88.04 26.34 -43.08
CA GLY MC 169 87.30 25.50 -44.00
C GLY MC 169 86.33 24.56 -43.31
N ILE MC 170 86.26 23.33 -43.79
CA ILE MC 170 85.40 22.29 -43.23
C ILE MC 170 86.25 21.36 -42.39
N ILE MC 171 85.72 20.90 -41.26
CA ILE MC 171 86.41 19.93 -40.42
C ILE MC 171 86.32 18.57 -41.11
N TYR MC 172 87.37 18.17 -41.81
CA TYR MC 172 87.38 16.87 -42.46
C TYR MC 172 87.50 15.75 -41.42
N VAL MC 173 87.25 14.53 -41.86
CA VAL MC 173 87.26 13.38 -40.95
C VAL MC 173 88.60 13.29 -40.23
N TYR MC 174 89.70 13.50 -40.96
CA TYR MC 174 91.02 13.42 -40.33
C TYR MC 174 91.16 14.44 -39.22
N ILE MC 175 90.72 15.67 -39.46
CA ILE MC 175 90.76 16.69 -38.42
C ILE MC 175 89.95 16.25 -37.22
N TRP MC 176 88.78 15.65 -37.47
CA TRP MC 176 87.98 15.12 -36.38
C TRP MC 176 88.73 14.04 -35.62
N SER MC 177 89.52 13.23 -36.33
CA SER MC 177 90.26 12.16 -35.68
C SER MC 177 91.26 12.71 -34.68
N ILE MC 178 91.97 13.77 -35.06
CA ILE MC 178 92.98 14.35 -34.17
C ILE MC 178 92.31 15.07 -33.01
N ILE MC 179 91.23 15.79 -33.26
CA ILE MC 179 90.56 16.55 -32.20
C ILE MC 179 90.10 15.61 -31.10
N ILE MC 180 89.51 14.47 -31.49
CA ILE MC 180 88.99 13.54 -30.50
C ILE MC 180 90.12 12.88 -29.73
N THR MC 181 91.23 12.55 -30.40
CA THR MC 181 92.39 12.06 -29.68
C THR MC 181 92.89 13.11 -28.69
N SER MC 182 92.86 14.38 -29.09
CA SER MC 182 93.27 15.44 -28.18
C SER MC 182 92.35 15.49 -26.97
N VAL MC 183 91.04 15.36 -27.18
CA VAL MC 183 90.11 15.32 -26.06
C VAL MC 183 90.41 14.12 -25.17
N LEU MC 184 90.65 12.96 -25.76
CA LEU MC 184 90.97 11.78 -24.97
C LEU MC 184 92.22 12.00 -24.13
N LEU MC 185 93.20 12.73 -24.67
CA LEU MC 185 94.41 13.01 -23.90
C LEU MC 185 94.13 13.98 -22.76
N ILE MC 186 93.34 15.02 -23.01
CA ILE MC 186 93.07 16.01 -21.98
C ILE MC 186 92.35 15.39 -20.79
N ILE MC 187 91.56 14.36 -21.03
CA ILE MC 187 90.76 13.77 -19.96
C ILE MC 187 91.50 12.61 -19.28
N SER MC 188 92.38 11.92 -20.00
CA SER MC 188 93.04 10.74 -19.46
C SER MC 188 94.38 11.06 -18.82
N LEU MC 189 95.15 11.97 -19.41
CA LEU MC 189 96.47 12.28 -18.87
C LEU MC 189 96.45 12.74 -17.43
N PRO MC 190 95.58 13.67 -17.02
CA PRO MC 190 95.62 14.12 -15.61
C PRO MC 190 95.44 12.98 -14.63
N ILE MC 191 94.67 11.94 -14.98
CA ILE MC 191 94.53 10.80 -14.09
C ILE MC 191 95.83 10.00 -14.04
N LEU MC 192 96.47 9.82 -15.20
CA LEU MC 192 97.74 9.12 -15.22
C LEU MC 192 98.77 9.82 -14.35
N ASN MC 193 98.87 11.14 -14.49
CA ASN MC 193 99.84 11.88 -13.69
C ASN MC 193 99.63 11.60 -12.21
N GLY MC 194 98.38 11.62 -11.75
CA GLY MC 194 98.13 11.39 -10.34
C GLY MC 194 98.65 10.04 -9.87
N ILE MC 195 98.35 8.98 -10.61
CA ILE MC 195 98.77 7.65 -10.18
C ILE MC 195 100.28 7.51 -10.29
N LEU MC 196 100.89 8.12 -11.30
CA LEU MC 196 102.34 8.11 -11.39
C LEU MC 196 102.98 8.82 -10.21
N LEU MC 197 102.39 9.95 -9.80
CA LEU MC 197 102.88 10.64 -8.62
C LEU MC 197 102.81 9.75 -7.39
N MET MC 198 101.78 8.91 -7.29
CA MET MC 198 101.67 8.01 -6.16
C MET MC 198 102.72 6.90 -6.23
N ILE MC 199 103.05 6.44 -7.43
CA ILE MC 199 104.17 5.51 -7.57
C ILE MC 199 105.45 6.16 -7.07
N LEU MC 200 105.66 7.43 -7.46
CA LEU MC 200 106.84 8.15 -6.97
C LEU MC 200 106.80 8.30 -5.46
N SER MC 201 105.64 8.63 -4.90
CA SER MC 201 105.56 8.83 -3.46
C SER MC 201 105.99 7.58 -2.71
N ASP MC 202 105.58 6.41 -3.21
CA ASP MC 202 105.97 5.16 -2.57
C ASP MC 202 107.44 4.83 -2.83
N ILE MC 203 107.97 5.23 -3.99
CA ILE MC 203 109.37 4.98 -4.30
C ILE MC 203 110.27 5.93 -3.53
N TYR MC 204 109.89 7.20 -3.45
CA TYR MC 204 110.80 8.25 -3.04
C TYR MC 204 110.36 9.03 -1.81
N PHE MC 205 109.10 8.91 -1.37
CA PHE MC 205 108.61 9.70 -0.26
C PHE MC 205 108.03 8.86 0.87
N ASN MC 206 108.39 7.58 0.93
CA ASN MC 206 108.01 6.70 2.04
C ASN MC 206 106.50 6.59 2.20
N SER MC 207 105.76 6.77 1.11
CA SER MC 207 104.32 6.58 1.15
C SER MC 207 104.00 5.08 1.24
N ILE MC 208 102.76 4.78 1.61
CA ILE MC 208 102.39 3.39 1.91
C ILE MC 208 101.15 2.95 1.16
N TYR MC 209 100.86 3.58 0.03
CA TYR MC 209 99.65 3.24 -0.71
C TYR MC 209 99.68 1.81 -1.24
N PHE MC 210 100.86 1.28 -1.54
CA PHE MC 210 100.98 -0.01 -2.21
C PHE MC 210 101.60 -1.06 -1.31
N ILE MC 211 101.29 -0.97 -0.01
CA ILE MC 211 101.67 -1.96 0.98
C ILE MC 211 100.39 -2.32 1.74
N LEU MC 212 100.45 -3.38 2.53
CA LEU MC 212 99.23 -3.98 3.05
C LEU MC 212 98.33 -2.94 3.71
N ASN MC 213 97.03 -3.18 3.59
CA ASN MC 213 95.94 -2.29 3.94
C ASN MC 213 95.77 -1.21 2.88
N GLY MC 214 96.71 -1.05 1.97
CA GLY MC 214 96.54 -0.24 0.79
C GLY MC 214 96.34 -1.17 -0.39
N ASP MC 215 95.39 -0.83 -1.25
CA ASP MC 215 94.99 -1.73 -2.32
C ASP MC 215 95.88 -1.49 -3.53
N VAL MC 216 96.65 -2.52 -3.90
CA VAL MC 216 97.46 -2.43 -5.10
C VAL MC 216 96.57 -2.41 -6.34
N VAL MC 217 95.38 -3.00 -6.28
CA VAL MC 217 94.48 -2.98 -7.42
C VAL MC 217 94.09 -1.55 -7.75
N LEU MC 218 94.24 -0.63 -6.81
CA LEU MC 218 93.93 0.77 -7.08
C LEU MC 218 94.77 1.29 -8.24
N TYR MC 219 96.06 0.98 -8.26
CA TYR MC 219 96.92 1.44 -9.34
C TYR MC 219 96.39 0.98 -10.68
N GLN MC 220 95.99 -0.28 -10.77
CA GLN MC 220 95.55 -0.84 -12.05
C GLN MC 220 94.32 -0.10 -12.57
N HIS MC 221 93.42 0.31 -11.68
CA HIS MC 221 92.27 1.08 -12.11
C HIS MC 221 92.70 2.42 -12.72
N LEU MC 222 93.52 3.17 -12.00
CA LEU MC 222 93.90 4.49 -12.50
C LEU MC 222 94.82 4.38 -13.69
N PHE MC 223 95.73 3.41 -13.69
CA PHE MC 223 96.60 3.23 -14.84
C PHE MC 223 95.81 2.90 -16.09
N TRP MC 224 94.94 1.89 -16.01
CA TRP MC 224 94.20 1.46 -17.18
C TRP MC 224 93.09 2.45 -17.54
N TYR MC 225 92.65 3.28 -16.61
CA TYR MC 225 91.78 4.38 -16.98
C TYR MC 225 92.45 5.29 -17.97
N PHE MC 226 93.77 5.32 -17.98
CA PHE MC 226 94.53 5.94 -19.05
C PHE MC 226 94.99 4.94 -20.10
N GLY MC 227 95.25 3.70 -19.67
CA GLY MC 227 95.80 2.71 -20.56
C GLY MC 227 94.96 2.46 -21.80
N HIS MC 228 93.69 2.18 -21.60
CA HIS MC 228 92.93 1.83 -22.79
C HIS MC 228 92.63 3.05 -23.65
N PRO MC 229 92.30 4.20 -23.07
CA PRO MC 229 92.20 5.40 -23.91
C PRO MC 229 93.46 5.65 -24.70
N GLU MC 230 94.60 5.23 -24.18
CA GLU MC 230 95.86 5.36 -24.92
C GLU MC 230 95.84 4.53 -26.20
N VAL MC 231 95.34 3.30 -26.14
CA VAL MC 231 95.35 2.46 -27.34
C VAL MC 231 94.46 3.06 -28.42
N TYR MC 232 93.42 3.80 -28.04
CA TYR MC 232 92.63 4.51 -29.04
C TYR MC 232 93.20 5.86 -29.40
N ILE MC 233 93.99 6.48 -28.51
CA ILE MC 233 94.74 7.66 -28.90
C ILE MC 233 95.79 7.30 -29.93
N LEU MC 234 96.21 6.04 -29.97
CA LEU MC 234 97.22 5.59 -30.93
C LEU MC 234 96.61 5.08 -32.23
N ILE MC 235 95.33 4.72 -32.25
CA ILE MC 235 94.74 4.11 -33.43
C ILE MC 235 93.89 5.12 -34.19
N LEU MC 236 93.24 6.02 -33.46
CA LEU MC 236 92.35 6.98 -34.13
C LEU MC 236 93.06 7.83 -35.16
N PRO MC 237 94.25 8.37 -34.91
CA PRO MC 237 94.96 9.07 -35.99
C PRO MC 237 95.19 8.18 -37.20
N ALA MC 238 95.46 6.90 -36.96
CA ALA MC 238 95.63 5.97 -38.07
C ALA MC 238 94.35 5.84 -38.88
N PHE MC 239 93.20 5.77 -38.21
CA PHE MC 239 91.93 5.72 -38.92
C PHE MC 239 91.75 6.96 -39.78
N GLY MC 240 92.07 8.13 -39.24
CA GLY MC 240 91.94 9.35 -40.02
C GLY MC 240 92.76 9.31 -41.30
N ILE MC 241 93.99 8.78 -41.21
CA ILE MC 241 94.84 8.68 -42.39
C ILE MC 241 94.21 7.74 -43.41
N ILE MC 242 93.73 6.58 -42.95
CA ILE MC 242 93.17 5.60 -43.87
C ILE MC 242 92.03 6.21 -44.67
N SER MC 243 91.22 7.05 -44.03
CA SER MC 243 90.11 7.66 -44.74
C SER MC 243 90.59 8.55 -45.88
N ILE MC 244 91.61 9.37 -45.63
CA ILE MC 244 92.10 10.28 -46.66
C ILE MC 244 92.69 9.48 -47.82
N ILE MC 245 93.50 8.47 -47.52
CA ILE MC 245 94.20 7.74 -48.57
C ILE MC 245 93.19 7.05 -49.48
N LEU MC 246 92.21 6.37 -48.90
CA LEU MC 246 91.25 5.63 -49.72
C LEU MC 246 90.45 6.58 -50.60
N SER MC 247 89.99 7.69 -50.05
CA SER MC 247 89.21 8.63 -50.84
C SER MC 247 90.05 9.24 -51.96
N VAL MC 248 91.28 9.66 -51.64
CA VAL MC 248 92.12 10.33 -52.63
C VAL MC 248 92.52 9.36 -53.74
N LEU MC 249 93.08 8.22 -53.36
CA LEU MC 249 93.66 7.32 -54.36
C LEU MC 249 92.58 6.68 -55.24
N ASN MC 250 91.39 6.44 -54.69
CA ASN MC 250 90.29 5.88 -55.46
C ASN MC 250 89.44 6.95 -56.12
N ASN MC 251 89.73 8.24 -55.88
CA ASN MC 251 88.98 9.34 -56.45
C ASN MC 251 87.50 9.24 -56.09
N LYS MC 252 87.22 8.83 -54.86
CA LYS MC 252 85.85 8.63 -54.39
C LYS MC 252 85.62 9.43 -53.13
N ILE MC 253 84.51 10.19 -53.10
CA ILE MC 253 84.16 10.96 -51.91
C ILE MC 253 83.86 10.01 -50.77
N ILE MC 254 84.29 10.39 -49.56
CA ILE MC 254 84.03 9.57 -48.38
C ILE MC 254 82.55 9.30 -48.27
N PHE MC 255 82.20 8.03 -48.05
CA PHE MC 255 80.81 7.64 -47.89
C PHE MC 255 80.46 7.62 -46.41
N GLY MC 256 79.34 8.23 -46.06
CA GLY MC 256 78.95 8.33 -44.67
C GLY MC 256 79.93 9.13 -43.85
N MET MC 257 80.27 10.33 -44.31
CA MET MC 257 81.22 11.17 -43.59
C MET MC 257 80.76 11.38 -42.14
N LYS MC 258 79.49 11.73 -41.97
CA LYS MC 258 78.99 11.99 -40.63
C LYS MC 258 78.98 10.74 -39.77
N SER MC 259 78.75 9.57 -40.37
CA SER MC 259 78.82 8.33 -39.63
C SER MC 259 80.26 8.00 -39.26
N MET MC 260 81.20 8.28 -40.16
CA MET MC 260 82.61 8.15 -39.81
C MET MC 260 82.95 9.03 -38.61
N ILE MC 261 82.55 10.29 -38.66
CA ILE MC 261 82.84 11.22 -37.57
C ILE MC 261 82.18 10.76 -36.28
N LEU MC 262 80.89 10.41 -36.36
CA LEU MC 262 80.16 9.98 -35.18
C LEU MC 262 80.64 8.62 -34.69
N ALA MC 263 81.25 7.83 -35.56
CA ALA MC 263 81.87 6.58 -35.11
C ALA MC 263 83.12 6.86 -34.30
N ILE MC 264 83.90 7.87 -34.70
CA ILE MC 264 85.11 8.22 -33.96
C ILE MC 264 84.74 8.77 -32.58
N ILE MC 265 83.73 9.64 -32.52
CA ILE MC 265 83.29 10.17 -31.25
C ILE MC 265 82.81 9.04 -30.35
N MET MC 266 82.05 8.10 -30.92
CA MET MC 266 81.52 7.00 -30.12
C MET MC 266 82.62 6.14 -29.56
N ILE MC 267 83.61 5.81 -30.38
CA ILE MC 267 84.71 4.98 -29.92
C ILE MC 267 85.40 5.64 -28.73
N SER MC 268 85.53 6.96 -28.76
CA SER MC 268 86.20 7.67 -27.68
C SER MC 268 85.42 7.57 -26.38
N ILE MC 269 84.13 7.88 -26.41
CA ILE MC 269 83.32 7.81 -25.20
C ILE MC 269 83.36 6.40 -24.62
N LEU MC 270 83.12 5.41 -25.48
CA LEU MC 270 83.15 4.02 -25.04
C LEU MC 270 84.54 3.62 -24.55
N GLY MC 271 85.58 4.07 -25.25
CA GLY MC 271 86.92 3.73 -24.84
C GLY MC 271 87.32 4.34 -23.51
N SER MC 272 86.59 5.35 -23.07
CA SER MC 272 86.85 5.99 -21.79
C SER MC 272 86.15 5.29 -20.63
N ILE MC 273 85.39 4.22 -20.89
CA ILE MC 273 84.58 3.59 -19.86
C ILE MC 273 84.69 2.07 -19.84
N VAL MC 274 85.73 1.51 -20.46
CA VAL MC 274 85.84 0.05 -20.59
C VAL MC 274 87.17 -0.48 -20.06
N TRP MC 275 87.89 0.37 -19.32
CA TRP MC 275 89.28 0.05 -18.97
C TRP MC 275 89.47 -1.24 -18.21
N ALA MC 276 88.47 -1.68 -17.43
CA ALA MC 276 88.70 -2.80 -16.53
C ALA MC 276 88.68 -4.15 -17.23
N HIS MC 277 88.56 -4.19 -18.55
CA HIS MC 277 88.75 -5.46 -19.23
C HIS MC 277 90.20 -5.90 -19.17
N HIS MC 278 91.10 -5.04 -18.71
CA HIS MC 278 92.48 -5.37 -18.41
C HIS MC 278 92.65 -5.93 -16.99
N ILE MC 279 91.59 -6.00 -16.21
CA ILE MC 279 91.68 -6.37 -14.80
C ILE MC 279 90.71 -7.51 -14.50
N TYR MC 280 90.44 -8.34 -15.51
CA TYR MC 280 89.44 -9.39 -15.36
C TYR MC 280 89.85 -10.45 -14.35
N THR MC 281 91.14 -10.75 -14.24
CA THR MC 281 91.61 -11.85 -13.40
C THR MC 281 91.95 -11.43 -11.99
N VAL MC 282 91.77 -10.16 -11.64
CA VAL MC 282 92.08 -9.71 -10.29
C VAL MC 282 91.07 -10.25 -9.28
N GLY MC 283 89.82 -10.39 -9.68
CA GLY MC 283 88.77 -10.78 -8.75
C GLY MC 283 87.74 -9.70 -8.47
N LEU MC 284 87.35 -8.97 -9.52
CA LEU MC 284 86.33 -7.95 -9.39
C LEU MC 284 84.95 -8.58 -9.21
N GLU MC 285 84.00 -7.76 -8.77
CA GLU MC 285 82.66 -8.23 -8.52
C GLU MC 285 81.97 -8.66 -9.81
N LEU MC 286 81.04 -9.61 -9.67
CA LEU MC 286 80.39 -10.19 -10.84
C LEU MC 286 79.71 -9.13 -11.69
N ASP MC 287 79.02 -8.18 -11.06
CA ASP MC 287 78.29 -7.17 -11.83
C ASP MC 287 79.26 -6.23 -12.55
N THR MC 288 80.37 -5.88 -11.89
CA THR MC 288 81.38 -5.07 -12.55
C THR MC 288 81.91 -5.77 -13.79
N LYS MC 289 82.28 -7.04 -13.64
CA LYS MC 289 82.77 -7.81 -14.77
C LYS MC 289 81.77 -7.82 -15.91
N ILE MC 290 80.48 -7.99 -15.59
CA ILE MC 290 79.48 -8.05 -16.63
C ILE MC 290 79.30 -6.69 -17.29
N TYR MC 291 79.32 -5.61 -16.51
CA TYR MC 291 79.24 -4.29 -17.12
C TYR MC 291 80.38 -4.08 -18.11
N PHE MC 292 81.61 -4.32 -17.67
CA PHE MC 292 82.76 -4.03 -18.51
C PHE MC 292 82.79 -4.93 -19.73
N ASN MC 293 82.45 -6.21 -19.55
CA ASN MC 293 82.39 -7.10 -20.71
C ASN MC 293 81.33 -6.63 -21.69
N ASN MC 294 80.17 -6.20 -21.20
CA ASN MC 294 79.10 -5.74 -22.08
C ASN MC 294 79.53 -4.51 -22.87
N LEU MC 295 80.09 -3.51 -22.19
CA LEU MC 295 80.45 -2.27 -22.84
C LEU MC 295 81.63 -2.47 -23.78
N THR MC 296 82.54 -3.38 -23.44
CA THR MC 296 83.68 -3.67 -24.30
C THR MC 296 83.22 -4.23 -25.64
N LEU MC 297 82.22 -5.12 -25.63
CA LEU MC 297 81.71 -5.67 -26.88
C LEU MC 297 80.96 -4.63 -27.70
N ILE MC 298 80.44 -3.58 -27.06
CA ILE MC 298 79.73 -2.54 -27.80
C ILE MC 298 80.68 -1.77 -28.71
N ILE MC 299 81.94 -1.59 -28.30
CA ILE MC 299 82.88 -0.82 -29.10
C ILE MC 299 83.01 -1.37 -30.51
N SER MC 300 82.68 -2.65 -30.72
CA SER MC 300 82.78 -3.23 -32.06
C SER MC 300 81.80 -2.58 -33.02
N ILE MC 301 80.65 -2.14 -32.54
CA ILE MC 301 79.62 -1.56 -33.40
C ILE MC 301 80.18 -0.34 -34.13
N PRO MC 302 80.57 0.73 -33.43
CA PRO MC 302 81.12 1.89 -34.16
C PRO MC 302 82.37 1.55 -34.94
N THR MC 303 83.22 0.68 -34.41
CA THR MC 303 84.42 0.28 -35.12
C THR MC 303 84.07 -0.49 -36.39
N GLY MC 304 83.02 -1.30 -36.33
CA GLY MC 304 82.60 -2.04 -37.51
C GLY MC 304 82.06 -1.15 -38.60
N ASN MC 305 81.31 -0.12 -38.23
CA ASN MC 305 80.75 0.79 -39.22
C ASN MC 305 81.86 1.45 -40.04
N LYS MC 306 82.95 1.85 -39.39
CA LYS MC 306 84.05 2.48 -40.11
C LYS MC 306 84.69 1.51 -41.10
N ILE MC 307 84.85 0.25 -40.70
CA ILE MC 307 85.50 -0.73 -41.57
C ILE MC 307 84.71 -0.89 -42.86
N TYR MC 308 83.39 -1.04 -42.74
CA TYR MC 308 82.57 -1.27 -43.93
C TYR MC 308 82.49 -0.03 -44.81
N ASN MC 309 82.53 1.16 -44.19
CA ASN MC 309 82.55 2.38 -44.98
C ASN MC 309 83.85 2.53 -45.76
N TRP MC 310 84.96 2.01 -45.22
CA TRP MC 310 86.21 1.99 -45.97
C TRP MC 310 86.13 1.03 -47.15
N ILE MC 311 85.51 -0.13 -46.97
CA ILE MC 311 85.46 -1.13 -48.02
C ILE MC 311 84.78 -0.57 -49.27
N ILE MC 312 83.63 0.09 -49.07
CA ILE MC 312 82.92 0.64 -50.21
C ILE MC 312 83.69 1.76 -50.88
N LEU MC 313 84.62 2.39 -50.16
CA LEU MC 313 85.48 3.38 -50.80
C LEU MC 313 86.38 2.73 -51.86
N TYR MC 314 86.92 1.56 -51.57
CA TYR MC 314 87.77 0.89 -52.54
C TYR MC 314 86.97 0.19 -53.63
N ILE MC 315 85.76 -0.27 -53.30
CA ILE MC 315 84.91 -0.91 -54.30
C ILE MC 315 84.55 0.09 -55.38
N GLY MC 316 84.49 -0.40 -56.62
CA GLY MC 316 83.99 0.38 -57.73
C GLY MC 316 84.97 1.37 -58.32
N SER MC 317 86.19 1.45 -57.79
CA SER MC 317 87.15 2.41 -58.30
C SER MC 317 87.64 2.01 -59.68
N TYR MC 318 88.05 3.01 -60.46
CA TYR MC 318 88.41 2.79 -61.85
C TYR MC 318 89.55 1.79 -61.95
N ASN MC 319 89.44 0.90 -62.94
CA ASN MC 319 90.47 -0.12 -63.14
C ASN MC 319 91.72 0.42 -63.81
N ILE MC 320 91.58 1.49 -64.60
CA ILE MC 320 92.72 1.99 -65.36
C ILE MC 320 93.81 2.51 -64.43
N LEU MC 321 93.43 3.08 -63.29
CA LEU MC 321 94.42 3.57 -62.33
C LEU MC 321 95.26 2.41 -61.80
N TYR MC 322 96.56 2.60 -61.76
CA TYR MC 322 97.45 1.58 -61.24
C TYR MC 322 97.25 1.43 -59.74
N ASN MC 323 97.05 0.20 -59.29
CA ASN MC 323 96.72 -0.10 -57.91
C ASN MC 323 97.89 -0.66 -57.12
N GLY MC 324 99.08 -0.69 -57.71
CA GLY MC 324 100.25 -1.21 -57.03
C GLY MC 324 101.05 -0.21 -56.24
N TYR MC 325 100.57 1.02 -56.10
CA TYR MC 325 101.28 1.99 -55.28
C TYR MC 325 101.34 1.53 -53.84
N GLN MC 326 102.48 1.78 -53.19
CA GLN MC 326 102.68 1.25 -51.85
C GLN MC 326 101.67 1.83 -50.87
N SER MC 327 101.33 3.12 -51.02
CA SER MC 327 100.38 3.73 -50.12
C SER MC 327 99.02 3.06 -50.20
N LEU MC 328 98.55 2.78 -51.42
CA LEU MC 328 97.26 2.12 -51.58
C LEU MC 328 97.30 0.70 -51.00
N ILE MC 329 98.38 -0.03 -51.27
CA ILE MC 329 98.48 -1.39 -50.76
C ILE MC 329 98.46 -1.39 -49.24
N PHE MC 330 99.21 -0.48 -48.62
CA PHE MC 330 99.22 -0.41 -47.16
C PHE MC 330 97.85 -0.07 -46.60
N SER MC 331 97.14 0.86 -47.24
CA SER MC 331 95.82 1.22 -46.75
C SER MC 331 94.86 0.03 -46.82
N ILE MC 332 94.91 -0.72 -47.91
CA ILE MC 332 94.08 -1.92 -48.04
C ILE MC 332 94.51 -2.96 -47.02
N MET MC 333 95.82 -3.15 -46.87
CA MET MC 333 96.33 -4.13 -45.91
C MET MC 333 95.87 -3.81 -44.50
N PHE MC 334 95.68 -2.52 -44.19
CA PHE MC 334 95.24 -2.14 -42.86
C PHE MC 334 93.86 -2.72 -42.54
N ILE MC 335 92.94 -2.64 -43.49
CA ILE MC 335 91.60 -3.20 -43.28
C ILE MC 335 91.70 -4.69 -43.03
N ILE MC 336 92.48 -5.39 -43.85
CA ILE MC 336 92.61 -6.84 -43.72
C ILE MC 336 93.23 -7.19 -42.38
N ILE MC 337 94.22 -6.40 -41.94
CA ILE MC 337 94.95 -6.73 -40.71
C ILE MC 337 94.18 -6.28 -39.48
N PHE MC 338 93.55 -5.11 -39.53
CA PHE MC 338 92.85 -4.60 -38.36
C PHE MC 338 91.71 -5.51 -37.95
N ILE MC 339 91.01 -6.08 -38.93
CA ILE MC 339 89.91 -6.99 -38.62
C ILE MC 339 90.40 -8.17 -37.81
N ILE MC 340 91.57 -8.70 -38.16
CA ILE MC 340 92.15 -9.81 -37.40
C ILE MC 340 92.39 -9.39 -35.96
N GLY MC 341 93.04 -8.23 -35.78
CA GLY MC 341 93.34 -7.78 -34.43
C GLY MC 341 92.10 -7.49 -33.62
N GLY MC 342 91.11 -6.84 -34.24
CA GLY MC 342 89.89 -6.52 -33.53
C GLY MC 342 89.08 -7.74 -33.14
N ILE MC 343 88.96 -8.70 -34.05
CA ILE MC 343 88.19 -9.91 -33.76
C ILE MC 343 88.82 -10.65 -32.58
N THR MC 344 90.14 -10.80 -32.58
CA THR MC 344 90.80 -11.41 -31.45
C THR MC 344 90.59 -10.60 -30.19
N GLY MC 345 90.47 -9.28 -30.33
CA GLY MC 345 90.13 -8.46 -29.18
C GLY MC 345 88.77 -8.79 -28.61
N ILE MC 346 87.79 -9.05 -29.48
CA ILE MC 346 86.47 -9.43 -29.02
C ILE MC 346 86.52 -10.79 -28.35
N ILE MC 347 87.35 -11.70 -28.84
CA ILE MC 347 87.50 -13.00 -28.21
C ILE MC 347 88.01 -12.84 -26.78
N ILE MC 348 89.08 -12.06 -26.61
CA ILE MC 348 89.63 -11.86 -25.27
C ILE MC 348 88.68 -11.04 -24.41
N SER MC 349 87.75 -10.31 -25.02
CA SER MC 349 86.81 -9.49 -24.26
C SER MC 349 85.90 -10.36 -23.40
N ILE MC 350 85.51 -11.54 -23.88
CA ILE MC 350 84.76 -12.46 -23.04
C ILE MC 350 85.67 -12.85 -21.88
N ASP MC 351 85.23 -12.55 -20.65
CA ASP MC 351 86.11 -12.73 -19.51
C ASP MC 351 86.47 -14.19 -19.29
N ILE MC 352 85.51 -15.09 -19.51
CA ILE MC 352 85.79 -16.51 -19.27
C ILE MC 352 86.84 -17.01 -20.26
N ILE MC 353 86.75 -16.59 -21.52
CA ILE MC 353 87.83 -16.86 -22.45
C ILE MC 353 89.11 -16.19 -21.99
N ASP MC 354 88.97 -15.00 -21.39
CA ASP MC 354 90.14 -14.24 -20.96
C ASP MC 354 90.89 -14.92 -19.83
N ILE MC 355 90.20 -15.66 -18.96
CA ILE MC 355 90.90 -16.34 -17.87
C ILE MC 355 92.00 -17.23 -18.44
N GLY MC 356 91.69 -17.95 -19.52
CA GLY MC 356 92.70 -18.78 -20.15
C GLY MC 356 93.73 -17.99 -20.92
N LEU MC 357 93.35 -16.85 -21.49
CA LEU MC 357 94.20 -16.12 -22.41
C LEU MC 357 94.82 -14.86 -21.80
N HIS MC 358 94.62 -14.57 -20.51
CA HIS MC 358 95.31 -13.44 -19.90
C HIS MC 358 96.78 -13.78 -19.67
N ASP MC 359 97.64 -12.78 -19.87
CA ASP MC 359 99.09 -12.94 -19.66
C ASP MC 359 99.64 -14.11 -20.46
N THR MC 360 99.17 -14.25 -21.71
CA THR MC 360 99.67 -15.25 -22.65
C THR MC 360 100.03 -14.53 -23.95
N TYR MC 361 100.76 -15.22 -24.83
CA TYR MC 361 101.21 -14.58 -26.06
C TYR MC 361 100.07 -14.34 -27.04
N TYR MC 362 98.87 -14.86 -26.77
CA TYR MC 362 97.70 -14.49 -27.57
C TYR MC 362 97.42 -12.99 -27.45
N ILE MC 363 97.54 -12.44 -26.23
CA ILE MC 363 97.38 -11.00 -26.05
C ILE MC 363 98.44 -10.25 -26.84
N VAL MC 364 99.69 -10.73 -26.79
CA VAL MC 364 100.77 -10.12 -27.54
C VAL MC 364 100.38 -10.02 -29.01
N SER MC 365 100.11 -11.16 -29.64
CA SER MC 365 99.75 -11.17 -31.05
C SER MC 365 98.57 -10.26 -31.33
N HIS MC 366 97.62 -10.18 -30.40
CA HIS MC 366 96.45 -9.33 -30.63
C HIS MC 366 96.86 -7.88 -30.80
N PHE MC 367 97.62 -7.32 -29.87
CA PHE MC 367 97.96 -5.91 -29.97
C PHE MC 367 99.10 -5.63 -30.93
N HIS MC 368 99.88 -6.65 -31.30
CA HIS MC 368 100.86 -6.48 -32.35
C HIS MC 368 100.19 -6.33 -33.72
N TYR MC 369 99.22 -7.19 -34.00
CA TYR MC 369 98.50 -7.11 -35.27
C TYR MC 369 97.89 -5.74 -35.47
N ILE MC 370 97.49 -5.07 -34.39
CA ILE MC 370 96.88 -3.75 -34.50
C ILE MC 370 97.94 -2.67 -34.56
N LEU MC 371 98.97 -2.76 -33.71
CA LEU MC 371 99.98 -1.71 -33.60
C LEU MC 371 101.21 -2.01 -34.46
N SER MC 372 101.88 -3.13 -34.19
CA SER MC 372 103.13 -3.43 -34.89
C SER MC 372 102.90 -3.61 -36.38
N ILE MC 373 101.71 -4.01 -36.79
CA ILE MC 373 101.36 -4.17 -38.19
C ILE MC 373 100.45 -3.04 -38.65
N GLY MC 374 99.31 -2.87 -37.99
CA GLY MC 374 98.32 -1.91 -38.49
C GLY MC 374 98.76 -0.47 -38.34
N ALA MC 375 99.20 -0.07 -37.15
CA ALA MC 375 99.57 1.32 -36.92
C ALA MC 375 100.83 1.68 -37.71
N VAL MC 376 101.83 0.80 -37.71
CA VAL MC 376 103.05 1.05 -38.46
C VAL MC 376 102.73 1.26 -39.94
N ILE MC 377 101.95 0.35 -40.50
CA ILE MC 377 101.62 0.40 -41.92
C ILE MC 377 100.82 1.67 -42.23
N SER MC 378 99.96 2.10 -41.30
CA SER MC 378 99.18 3.31 -41.50
C SER MC 378 100.08 4.53 -41.53
N LEU MC 379 101.06 4.59 -40.61
CA LEU MC 379 102.02 5.69 -40.62
C LEU MC 379 102.85 5.70 -41.90
N LEU MC 380 103.31 4.52 -42.31
CA LEU MC 380 104.04 4.40 -43.58
C LEU MC 380 103.18 4.85 -44.74
N ALA MC 381 101.94 4.37 -44.78
CA ALA MC 381 101.04 4.74 -45.88
C ALA MC 381 100.79 6.24 -45.90
N GLY MC 382 100.65 6.86 -44.74
CA GLY MC 382 100.42 8.29 -44.70
C GLY MC 382 101.62 9.09 -45.18
N ILE MC 383 102.82 8.71 -44.71
CA ILE MC 383 104.03 9.37 -45.17
C ILE MC 383 104.20 9.18 -46.67
N LEU MC 384 103.94 7.96 -47.15
CA LEU MC 384 104.07 7.66 -48.57
C LEU MC 384 103.13 8.52 -49.41
N LEU MC 385 101.90 8.74 -48.94
CA LEU MC 385 100.97 9.58 -49.67
C LEU MC 385 101.49 11.00 -49.78
N LEU MC 386 102.19 11.48 -48.76
CA LEU MC 386 102.70 12.84 -48.70
C LEU MC 386 104.15 12.93 -49.15
N LYS MC 387 104.64 11.95 -49.93
CA LYS MC 387 106.03 11.98 -50.35
C LYS MC 387 106.34 13.22 -51.17
N ASP MC 388 105.46 13.56 -52.12
CA ASP MC 388 105.70 14.75 -52.93
C ASP MC 388 105.66 16.01 -52.08
N ILE MC 389 104.71 16.11 -51.17
CA ILE MC 389 104.59 17.29 -50.34
C ILE MC 389 105.76 17.39 -49.36
N ILE MC 390 106.08 16.28 -48.71
CA ILE MC 390 107.20 16.28 -47.78
C ILE MC 390 108.52 16.48 -48.54
N GLY MC 391 108.71 15.72 -49.60
CA GLY MC 391 109.85 15.90 -50.48
C GLY MC 391 111.05 15.03 -50.23
N TYR MC 392 110.93 14.00 -49.39
CA TYR MC 392 112.05 13.12 -49.13
C TYR MC 392 112.31 12.21 -50.32
N TYR MC 393 113.55 11.76 -50.43
CA TYR MC 393 113.97 10.86 -51.51
C TYR MC 393 115.07 9.96 -50.99
N ASN MC 394 115.80 9.32 -51.91
CA ASN MC 394 116.88 8.39 -51.59
C ASN MC 394 116.36 7.09 -50.97
N VAL MC 395 115.11 6.74 -51.26
CA VAL MC 395 114.54 5.46 -50.84
C VAL MC 395 113.75 4.88 -52.00
N ILE MC 396 113.65 3.55 -52.02
CA ILE MC 396 112.85 2.85 -53.02
C ILE MC 396 111.66 2.23 -52.32
N ILE MC 397 110.59 3.00 -52.15
CA ILE MC 397 109.41 2.53 -51.43
C ILE MC 397 108.15 2.79 -52.23
N LYS MC 398 108.06 3.97 -52.85
CA LYS MC 398 106.81 4.42 -53.46
C LYS MC 398 106.16 3.33 -54.30
N ILE MC 399 106.94 2.68 -55.17
CA ILE MC 399 106.46 1.56 -55.97
C ILE MC 399 107.43 0.41 -55.72
N ASN MC 400 107.13 -0.41 -54.71
CA ASN MC 400 107.97 -1.55 -54.35
C ASN MC 400 107.03 -2.67 -53.89
N LYS MC 401 106.60 -3.51 -54.82
CA LYS MC 401 105.70 -4.60 -54.47
C LYS MC 401 106.42 -5.67 -53.66
N TYR MC 402 107.72 -5.84 -53.87
CA TYR MC 402 108.48 -6.81 -53.10
C TYR MC 402 108.45 -6.47 -51.62
N PHE MC 403 108.64 -5.20 -51.29
CA PHE MC 403 108.68 -4.79 -49.88
C PHE MC 403 107.35 -5.06 -49.20
N GLY MC 404 106.25 -4.70 -49.85
CA GLY MC 404 104.95 -4.92 -49.25
C GLY MC 404 104.64 -6.39 -49.04
N LEU MC 405 104.91 -7.21 -50.05
CA LEU MC 405 104.65 -8.64 -49.94
C LEU MC 405 105.51 -9.27 -48.85
N LEU MC 406 106.81 -9.01 -48.88
CA LEU MC 406 107.70 -9.61 -47.90
C LEU MC 406 107.34 -9.17 -46.49
N LEU MC 407 107.01 -7.90 -46.31
CA LEU MC 407 106.62 -7.40 -45.00
C LEU MC 407 105.36 -8.09 -44.49
N PHE MC 408 104.33 -8.16 -45.33
CA PHE MC 408 103.07 -8.80 -44.94
C PHE MC 408 103.27 -10.26 -44.57
N ILE MC 409 104.00 -11.00 -45.42
CA ILE MC 409 104.21 -12.42 -45.17
C ILE MC 409 104.99 -12.62 -43.87
N ASN MC 410 106.10 -11.90 -43.72
CA ASN MC 410 106.99 -12.17 -42.59
C ASN MC 410 106.41 -11.67 -41.28
N ILE MC 411 105.70 -10.54 -41.30
CA ILE MC 411 105.09 -10.03 -40.08
C ILE MC 411 104.05 -11.02 -39.56
N ASN MC 412 103.33 -11.68 -40.47
CA ASN MC 412 102.37 -12.70 -40.07
C ASN MC 412 103.06 -13.96 -39.56
N ILE MC 413 104.26 -14.27 -40.07
CA ILE MC 413 105.01 -15.41 -39.57
C ILE MC 413 105.42 -15.18 -38.12
N ILE MC 414 105.56 -13.92 -37.70
CA ILE MC 414 105.98 -13.63 -36.34
C ILE MC 414 104.83 -13.79 -35.36
N PHE MC 415 103.66 -13.25 -35.68
CA PHE MC 415 102.60 -13.10 -34.70
C PHE MC 415 101.47 -14.10 -34.83
N THR MC 416 101.22 -14.66 -36.02
CA THR MC 416 100.24 -15.74 -36.11
C THR MC 416 100.60 -16.91 -35.19
N PRO MC 417 101.85 -17.38 -35.14
CA PRO MC 417 102.19 -18.45 -34.19
C PRO MC 417 102.02 -18.07 -32.74
N GLN MC 418 102.02 -16.76 -32.42
CA GLN MC 418 101.84 -16.35 -31.05
C GLN MC 418 100.39 -16.51 -30.60
N PHE MC 419 99.44 -16.55 -31.54
CA PHE MC 419 98.07 -16.92 -31.18
C PHE MC 419 97.99 -18.39 -30.78
N ILE MC 420 98.74 -19.25 -31.47
CA ILE MC 420 98.70 -20.69 -31.18
C ILE MC 420 99.23 -20.97 -29.79
N ILE MC 421 100.42 -20.45 -29.47
CA ILE MC 421 101.09 -20.73 -28.15
C ILE MC 421 100.23 -20.15 -27.03
N GLY MC 422 99.31 -19.24 -27.33
CA GLY MC 422 98.39 -18.68 -26.33
C GLY MC 422 97.51 -19.76 -25.73
N PHE MC 423 97.21 -20.83 -26.46
CA PHE MC 423 96.32 -21.93 -26.01
C PHE MC 423 97.13 -23.17 -25.61
N ASN MC 424 98.46 -23.10 -25.59
CA ASN MC 424 99.37 -24.27 -25.34
C ASN MC 424 99.67 -24.57 -23.86
N VAL MC 425 99.98 -23.63 -22.97
CA VAL MC 425 99.98 -22.15 -23.09
C VAL MC 425 101.38 -21.62 -22.74
N MET MC 426 101.83 -20.54 -23.39
CA MET MC 426 103.12 -19.87 -23.07
C MET MC 426 102.81 -18.53 -22.44
N PRO MC 427 103.12 -18.32 -21.15
CA PRO MC 427 102.94 -16.99 -20.53
C PRO MC 427 103.72 -15.90 -21.24
N ARG MC 428 103.30 -14.65 -21.02
CA ARG MC 428 104.05 -13.50 -21.49
C ARG MC 428 105.19 -13.16 -20.52
N ARG MC 429 106.02 -12.21 -20.95
CA ARG MC 429 107.05 -11.61 -20.09
C ARG MC 429 107.96 -12.68 -19.47
N ILE MC 430 108.18 -13.77 -20.20
CA ILE MC 430 109.09 -14.83 -19.80
C ILE MC 430 110.12 -15.02 -20.91
N LEU MC 431 111.27 -15.58 -20.54
CA LEU MC 431 112.33 -15.89 -21.50
C LEU MC 431 112.57 -17.39 -21.67
N GLU MC 432 112.52 -18.15 -20.59
CA GLU MC 432 112.61 -19.61 -20.64
C GLU MC 432 111.22 -20.22 -20.70
N TYR MC 433 111.12 -21.37 -21.37
CA TYR MC 433 109.83 -22.03 -21.56
C TYR MC 433 110.07 -23.52 -21.81
N SER MC 434 108.98 -24.28 -21.74
CA SER MC 434 109.06 -25.73 -21.90
C SER MC 434 109.46 -26.10 -23.33
N ASP MC 435 110.10 -27.27 -23.46
CA ASP MC 435 110.66 -27.67 -24.74
C ASP MC 435 109.60 -27.95 -25.79
N ASN MC 436 108.35 -28.17 -25.38
CA ASN MC 436 107.30 -28.50 -26.33
C ASN MC 436 106.67 -27.28 -26.98
N ILE MC 437 107.17 -26.08 -26.69
CA ILE MC 437 106.70 -24.85 -27.31
C ILE MC 437 107.75 -24.26 -28.24
N ILE MC 438 108.83 -25.01 -28.50
CA ILE MC 438 109.93 -24.46 -29.30
C ILE MC 438 109.50 -24.25 -30.74
N VAL MC 439 108.76 -25.21 -31.32
CA VAL MC 439 108.44 -25.14 -32.73
C VAL MC 439 107.84 -23.78 -33.08
N TRP MC 440 106.74 -23.42 -32.41
CA TRP MC 440 106.08 -22.16 -32.75
C TRP MC 440 106.96 -20.96 -32.43
N ASN MC 441 107.65 -20.99 -31.29
CA ASN MC 441 108.55 -19.89 -30.96
C ASN MC 441 109.66 -19.77 -32.01
N LEU MC 442 110.18 -20.90 -32.47
CA LEU MC 442 111.20 -20.88 -33.50
C LEU MC 442 110.69 -20.26 -34.78
N ILE MC 443 109.48 -20.62 -35.19
CA ILE MC 443 108.93 -20.09 -36.44
C ILE MC 443 108.81 -18.57 -36.35
N SER MC 444 108.28 -18.08 -35.24
CA SER MC 444 108.15 -16.64 -35.06
C SER MC 444 109.51 -15.95 -35.08
N SER MC 445 110.52 -16.58 -34.47
CA SER MC 445 111.86 -16.01 -34.46
C SER MC 445 112.42 -15.91 -35.87
N ILE MC 446 112.23 -16.94 -36.68
CA ILE MC 446 112.65 -16.87 -38.08
C ILE MC 446 111.97 -15.70 -38.77
N GLY MC 447 110.71 -15.43 -38.40
CA GLY MC 447 110.00 -14.31 -38.99
C GLY MC 447 110.59 -12.97 -38.61
N SER MC 448 111.11 -12.85 -37.38
CA SER MC 448 111.64 -11.57 -36.92
C SER MC 448 112.93 -11.21 -37.64
N ILE MC 449 113.87 -12.16 -37.73
CA ILE MC 449 115.12 -11.89 -38.43
C ILE MC 449 114.84 -11.51 -39.89
N SER MC 450 113.87 -12.18 -40.52
CA SER MC 450 113.56 -11.89 -41.91
C SER MC 450 113.01 -10.48 -42.09
N THR MC 451 112.10 -10.05 -41.21
CA THR MC 451 111.53 -8.71 -41.35
C THR MC 451 112.61 -7.65 -41.27
N ILE MC 452 113.59 -7.82 -40.38
CA ILE MC 452 114.67 -6.85 -40.23
C ILE MC 452 115.45 -6.74 -41.52
N LEU MC 453 115.73 -7.87 -42.17
CA LEU MC 453 116.48 -7.85 -43.42
C LEU MC 453 115.75 -7.06 -44.50
N ILE MC 454 114.42 -7.13 -44.51
CA ILE MC 454 113.62 -6.42 -45.50
C ILE MC 454 113.64 -4.92 -45.27
N LEU MC 455 113.94 -4.49 -44.04
CA LEU MC 455 114.04 -3.06 -43.76
C LEU MC 455 115.27 -2.44 -44.38
N LEU MC 456 116.27 -3.24 -44.73
CA LEU MC 456 117.50 -2.74 -45.34
C LEU MC 456 117.35 -2.51 -46.84
N SER MC 457 116.40 -3.19 -47.48
CA SER MC 457 116.25 -3.09 -48.92
C SER MC 457 115.65 -1.77 -49.37
N ILE MC 458 115.03 -1.01 -48.48
CA ILE MC 458 114.38 0.24 -48.88
C ILE MC 458 115.41 1.26 -49.32
N PHE MC 459 116.56 1.29 -48.65
CA PHE MC 459 117.59 2.26 -48.97
C PHE MC 459 118.20 1.98 -50.35
N GLY NC 1 118.23 49.78 -53.33
CA GLY NC 1 118.53 49.79 -54.75
C GLY NC 1 119.97 49.41 -55.05
N ARG NC 2 120.15 48.25 -55.66
CA ARG NC 2 121.47 47.75 -56.03
C ARG NC 2 121.44 47.26 -57.48
N GLU NC 3 122.53 47.51 -58.20
CA GLU NC 3 122.67 47.12 -59.59
C GLU NC 3 123.62 45.92 -59.68
N LEU NC 4 123.17 44.86 -60.35
CA LEU NC 4 123.95 43.65 -60.50
C LEU NC 4 123.97 43.24 -61.97
N PRO NC 5 125.03 42.57 -62.40
CA PRO NC 5 125.08 42.08 -63.78
C PRO NC 5 124.26 40.81 -63.96
N GLU NC 6 123.99 40.49 -65.23
CA GLU NC 6 123.25 39.28 -65.53
C GLU NC 6 124.09 38.03 -65.25
N TYR NC 7 125.40 38.13 -65.39
CA TYR NC 7 126.29 37.00 -65.16
C TYR NC 7 127.64 37.50 -64.70
N VAL NC 8 128.43 36.60 -64.13
CA VAL NC 8 129.78 36.90 -63.69
C VAL NC 8 130.69 35.76 -64.12
N VAL NC 9 131.89 36.11 -64.58
CA VAL NC 9 132.91 35.14 -64.96
C VAL NC 9 133.87 34.98 -63.80
N LEU NC 10 134.00 33.76 -63.30
CA LEU NC 10 134.84 33.50 -62.15
C LEU NC 10 136.32 33.50 -62.55
N PRO NC 11 137.22 33.83 -61.62
CA PRO NC 11 138.64 33.85 -61.97
C PRO NC 11 139.22 32.47 -62.24
N HIS NC 12 138.78 31.44 -61.52
CA HIS NC 12 139.30 30.11 -61.71
C HIS NC 12 138.55 29.38 -62.83
N ASN NC 13 139.09 28.24 -63.24
CA ASN NC 13 138.51 27.41 -64.29
C ASN NC 13 138.39 25.96 -63.81
N GLN NC 14 138.06 25.78 -62.54
CA GLN NC 14 137.92 24.47 -61.92
C GLN NC 14 136.44 24.13 -61.79
N GLN NC 15 136.03 23.00 -62.36
CA GLN NC 15 134.65 22.52 -62.21
C GLN NC 15 134.60 21.61 -60.98
N ARG NC 16 134.45 22.24 -59.82
CA ARG NC 16 134.57 21.52 -58.56
C ARG NC 16 133.34 20.67 -58.27
N TYR NC 17 132.16 21.10 -58.67
CA TYR NC 17 130.91 20.45 -58.28
C TYR NC 17 130.14 20.00 -59.51
N GLY NC 18 129.20 19.08 -59.28
CA GLY NC 18 128.42 18.53 -60.36
C GLY NC 18 127.58 17.36 -59.86
N ARG NC 19 127.11 16.55 -60.81
CA ARG NC 19 126.28 15.40 -60.48
C ARG NC 19 127.07 14.37 -59.68
N ASP NC 20 126.37 13.64 -58.81
CA ASP NC 20 126.98 12.56 -58.07
C ASP NC 20 127.49 11.48 -59.01
N LYS NC 21 128.61 10.87 -58.64
CA LYS NC 21 129.06 9.65 -59.31
C LYS NC 21 128.19 8.48 -58.85
N SER NC 22 128.00 7.53 -59.76
CA SER NC 22 127.26 6.33 -59.40
C SER NC 22 127.84 5.69 -58.16
N TYR NC 23 126.98 5.38 -57.19
CA TYR NC 23 127.40 4.79 -55.93
C TYR NC 23 126.75 3.43 -55.72
N SER NC 24 127.45 2.57 -54.99
CA SER NC 24 126.97 1.24 -54.66
C SER NC 24 126.37 1.25 -53.26
N TYR NC 25 125.98 0.06 -52.77
CA TYR NC 25 125.31 -0.01 -51.47
C TYR NC 25 126.26 0.37 -50.34
N PHE NC 26 127.52 -0.05 -50.41
CA PHE NC 26 128.47 0.14 -49.33
C PHE NC 26 129.44 1.29 -49.60
N THR NC 27 129.10 2.18 -50.52
CA THR NC 27 129.96 3.34 -50.77
C THR NC 27 130.12 4.20 -49.53
N CYS NC 28 129.09 4.26 -48.69
CA CYS NC 28 129.17 5.07 -47.48
C CYS NC 28 130.23 4.54 -46.52
N LEU NC 29 130.52 3.24 -46.56
CA LEU NC 29 131.43 2.66 -45.59
C LEU NC 29 132.83 3.26 -45.69
N TRP NC 30 133.24 3.67 -46.88
CA TRP NC 30 134.54 4.31 -47.04
C TRP NC 30 134.45 5.82 -47.22
N HIS NC 31 133.36 6.32 -47.80
CA HIS NC 31 133.26 7.76 -48.02
C HIS NC 31 133.09 8.52 -46.71
N PHE NC 32 132.24 8.01 -45.82
CA PHE NC 32 132.02 8.70 -44.54
C PHE NC 32 133.29 8.80 -43.71
N PRO NC 33 134.03 7.71 -43.44
CA PRO NC 33 135.29 7.88 -42.71
C PRO NC 33 136.28 8.76 -43.44
N LYS NC 34 136.26 8.75 -44.77
CA LYS NC 34 137.16 9.64 -45.52
C LYS NC 34 136.85 11.10 -45.20
N MET NC 35 135.57 11.46 -45.15
CA MET NC 35 135.22 12.84 -44.84
C MET NC 35 135.68 13.23 -43.44
N VAL NC 36 135.51 12.33 -42.47
CA VAL NC 36 135.84 12.66 -41.09
C VAL NC 36 137.32 12.94 -40.94
N PHE NC 37 138.17 12.11 -41.54
CA PHE NC 37 139.60 12.20 -41.33
C PHE NC 37 140.32 13.04 -42.37
N THR NC 38 139.64 13.49 -43.43
CA THR NC 38 140.28 14.20 -44.52
C THR NC 38 139.68 15.57 -44.81
N GLU NC 39 138.42 15.82 -44.45
CA GLU NC 39 137.79 17.12 -44.63
C GLU NC 39 138.02 17.97 -43.39
N LYS NC 40 138.61 19.16 -43.57
CA LYS NC 40 138.97 19.98 -42.42
C LYS NC 40 137.74 20.33 -41.59
N TRP NC 41 136.68 20.82 -42.24
CA TRP NC 41 135.53 21.29 -41.50
C TRP NC 41 134.97 20.21 -40.57
N CYS NC 42 135.13 18.95 -40.94
CA CYS NC 42 134.61 17.86 -40.11
C CYS NC 42 135.48 17.60 -38.89
N TYR NC 43 136.80 17.48 -39.07
CA TYR NC 43 137.64 17.11 -37.94
C TYR NC 43 137.99 18.29 -37.04
N THR NC 44 137.80 19.52 -37.52
CA THR NC 44 137.93 20.67 -36.63
C THR NC 44 136.71 20.83 -35.73
N ASN NC 45 135.54 20.44 -36.24
CA ASN NC 45 134.33 20.48 -35.41
C ASN NC 45 134.32 19.36 -34.39
N ILE NC 46 134.91 18.21 -34.71
CA ILE NC 46 134.97 17.10 -33.77
C ILE NC 46 135.93 17.40 -32.63
N MET NC 47 137.12 17.89 -32.97
CA MET NC 47 138.10 18.22 -31.93
C MET NC 47 137.59 19.32 -31.02
N TRP NC 48 136.93 20.33 -31.60
CA TRP NC 48 136.40 21.42 -30.80
C TRP NC 48 135.37 20.91 -29.79
N PHE NC 49 134.48 20.02 -30.24
CA PHE NC 49 133.46 19.48 -29.34
C PHE NC 49 134.10 18.65 -28.25
N VAL NC 50 135.03 17.76 -28.60
CA VAL NC 50 135.65 16.89 -27.62
C VAL NC 50 136.44 17.70 -26.60
N PHE NC 51 137.21 18.68 -27.07
CA PHE NC 51 138.08 19.42 -26.17
C PHE NC 51 137.29 20.17 -25.11
N TRP NC 52 136.25 20.89 -25.52
CA TRP NC 52 135.52 21.72 -24.57
C TRP NC 52 134.61 20.90 -23.68
N THR NC 53 134.04 19.81 -24.19
CA THR NC 53 133.26 18.92 -23.33
C THR NC 53 134.14 18.35 -22.22
N GLY NC 54 135.33 17.87 -22.59
CA GLY NC 54 136.25 17.38 -21.58
C GLY NC 54 136.79 18.50 -20.69
N PHE NC 55 136.97 19.69 -21.25
CA PHE NC 55 137.51 20.80 -20.48
C PHE NC 55 136.64 21.11 -19.28
N TRP NC 56 135.33 21.20 -19.49
CA TRP NC 56 134.42 21.47 -18.39
C TRP NC 56 134.06 20.22 -17.61
N PHE NC 57 134.40 19.04 -18.10
CA PHE NC 57 134.18 17.82 -17.34
C PHE NC 57 135.17 17.70 -16.19
N ILE NC 58 136.38 18.22 -16.35
CA ILE NC 58 137.43 18.07 -15.34
C ILE NC 58 137.02 18.74 -14.04
N PRO NC 59 136.71 20.04 -14.03
CA PRO NC 59 136.38 20.67 -12.74
C PRO NC 59 135.22 20.02 -12.03
N ASN NC 60 134.19 19.61 -12.77
CA ASN NC 60 133.09 18.86 -12.15
C ASN NC 60 133.59 17.53 -11.62
N TYR NC 61 134.45 16.85 -12.39
CA TYR NC 61 134.97 15.55 -11.97
C TYR NC 61 135.76 15.66 -10.68
N ILE NC 62 136.63 16.67 -10.59
CA ILE NC 62 137.46 16.83 -9.39
C ILE NC 62 136.57 17.09 -8.19
N TRP NC 63 135.60 17.99 -8.34
CA TRP NC 63 134.73 18.33 -7.22
C TRP NC 63 133.96 17.10 -6.74
N TRP NC 64 133.41 16.31 -7.66
CA TRP NC 64 132.60 15.18 -7.26
C TRP NC 64 133.44 14.09 -6.61
N GLU NC 65 134.65 13.86 -7.12
CA GLU NC 65 135.49 12.81 -6.56
C GLU NC 65 135.84 13.11 -5.11
N ARG NC 66 136.20 14.36 -4.82
CA ARG NC 66 136.44 14.74 -3.43
C ARG NC 66 135.19 14.58 -2.60
N ARG NC 67 134.04 15.00 -3.14
CA ARG NC 67 132.79 14.87 -2.43
C ARG NC 67 132.44 13.40 -2.19
N TYR NC 68 132.63 12.56 -3.21
CA TYR NC 68 132.29 11.16 -3.08
C TYR NC 68 133.15 10.48 -2.03
N ALA NC 69 134.45 10.77 -2.02
CA ALA NC 69 135.34 10.20 -1.01
C ALA NC 69 134.92 10.64 0.39
N TYR NC 70 134.54 11.91 0.53
CA TYR NC 70 134.09 12.42 1.82
C TYR NC 70 132.82 11.71 2.28
N GLN NC 71 131.85 11.57 1.38
CA GLN NC 71 130.59 10.95 1.75
C GLN NC 71 130.76 9.50 2.15
N LYS NC 72 131.73 8.81 1.56
CA LYS NC 72 131.98 7.42 1.95
C LYS NC 72 132.64 7.34 3.32
N ALA NC 73 133.40 8.36 3.72
CA ALA NC 73 134.03 8.36 5.03
C ALA NC 73 133.02 8.48 6.16
N GLY NC 74 131.84 9.03 5.88
CA GLY NC 74 130.81 9.15 6.89
C GLY NC 74 129.99 10.40 6.67
N PHE NC 75 129.01 10.58 7.55
CA PHE NC 75 128.15 11.76 7.50
C PHE NC 75 128.89 12.97 8.04
N HIS NC 76 128.33 14.15 7.76
CA HIS NC 76 128.96 15.39 8.22
C HIS NC 76 129.24 15.36 9.71
N TRP NC 77 128.28 14.86 10.49
CA TRP NC 77 128.42 14.83 11.93
C TRP NC 77 129.39 13.74 12.39
N GLU NC 78 129.54 12.67 11.61
CA GLU NC 78 130.54 11.66 11.93
C GLU NC 78 131.94 12.21 11.72
N HIS NC 79 132.13 13.08 10.74
CA HIS NC 79 133.42 13.72 10.53
C HIS NC 79 133.75 14.67 11.68
N THR NC 80 132.81 15.57 12.02
CA THR NC 80 133.05 16.47 13.14
C THR NC 80 133.25 15.70 14.43
N ASN NC 81 132.63 14.53 14.55
CA ASN NC 81 132.78 13.73 15.76
C ASN NC 81 134.18 13.17 15.87
N ARG NC 82 134.78 12.76 14.76
CA ARG NC 82 136.13 12.22 14.80
C ARG NC 82 137.15 13.29 15.20
N LYS NC 83 136.92 14.54 14.78
CA LYS NC 83 137.79 15.63 15.19
C LYS NC 83 137.57 16.01 16.65
N LEU NC 84 136.36 15.73 17.17
CA LEU NC 84 136.08 16.01 18.58
C LEU NC 84 136.74 14.98 19.49
N GLN NC 85 136.73 13.71 19.09
CA GLN NC 85 137.40 12.68 19.87
C GLN NC 85 138.91 12.91 19.88
N ALA NC 86 139.46 13.33 18.74
CA ALA NC 86 140.89 13.63 18.68
C ALA NC 86 141.25 14.78 19.61
N ARG NC 87 140.43 15.83 19.62
CA ARG NC 87 140.70 16.96 20.52
C ARG NC 87 140.56 16.55 21.98
N LYS NC 88 139.64 15.63 22.27
CA LYS NC 88 139.50 15.13 23.64
C LYS NC 88 140.68 14.27 24.04
N GLU NC 89 141.28 13.56 23.09
CA GLU NC 89 142.46 12.75 23.38
C GLU NC 89 143.71 13.60 23.53
N ALA NC 90 143.82 14.66 22.72
CA ALA NC 90 144.97 15.55 22.80
C ALA NC 90 145.06 16.21 24.16
N LEU NC 91 143.92 16.63 24.71
CA LEU NC 91 143.88 17.33 25.99
C LEU NC 91 143.70 16.37 27.16
N GLY NC 92 143.32 15.12 26.90
CA GLY NC 92 143.04 14.20 27.99
C GLY NC 92 141.80 14.55 28.77
N MET NC 93 140.89 15.32 28.17
CA MET NC 93 139.65 15.75 28.82
C MET NC 93 138.49 14.92 28.30
N ASP NC 94 137.67 14.41 29.23
CA ASP NC 94 136.52 13.60 28.84
C ASP NC 94 135.48 14.44 28.10
N LYS NC 95 135.24 15.67 28.55
CA LYS NC 95 134.29 16.58 27.92
C LYS NC 95 134.99 17.91 27.67
N VAL NC 96 134.93 18.37 26.43
CA VAL NC 96 135.58 19.61 26.02
C VAL NC 96 134.50 20.56 25.54
N PRO NC 97 134.76 21.87 25.53
CA PRO NC 97 133.78 22.80 24.98
C PRO NC 97 133.56 22.55 23.50
N ALA NC 98 132.35 22.82 23.04
CA ALA NC 98 132.05 22.67 21.63
C ALA NC 98 132.81 23.71 20.82
N SER NC 99 132.98 23.41 19.53
CA SER NC 99 133.75 24.28 18.67
C SER NC 99 133.15 25.69 18.66
N GLY NC 100 134.02 26.69 18.71
CA GLY NC 100 133.58 28.06 18.74
C GLY NC 100 133.14 28.57 20.08
N MET NC 101 133.34 27.80 21.15
CA MET NC 101 132.96 28.19 22.49
C MET NC 101 134.12 27.98 23.44
N ASP NC 102 134.16 28.77 24.52
CA ASP NC 102 135.23 28.70 25.50
C ASP NC 102 134.85 27.75 26.64
N TRP NC 103 135.82 27.53 27.54
CA TRP NC 103 135.61 26.63 28.67
C TRP NC 103 134.69 27.27 29.70
N ASN OC 1 113.16 35.66 -50.79
CA ASN OC 1 114.09 35.17 -51.81
C ASN OC 1 113.68 33.81 -52.33
N LEU OC 2 114.09 33.51 -53.57
CA LEU OC 2 113.78 32.21 -54.15
C LEU OC 2 114.40 31.08 -53.36
N GLU OC 3 115.59 31.29 -52.80
CA GLU OC 3 116.24 30.25 -52.03
C GLU OC 3 115.48 29.92 -50.75
N ASP OC 4 114.74 30.87 -50.21
CA ASP OC 4 114.01 30.69 -48.96
C ASP OC 4 112.58 30.22 -49.16
N HIS OC 5 112.13 30.06 -50.40
CA HIS OC 5 110.74 29.69 -50.63
C HIS OC 5 110.44 28.32 -50.04
N PHE OC 6 111.31 27.35 -50.29
CA PHE OC 6 111.10 25.98 -49.86
C PHE OC 6 111.81 25.71 -48.55
N ASP OC 7 111.11 25.05 -47.63
CA ASP OC 7 111.74 24.62 -46.39
C ASP OC 7 112.77 23.54 -46.69
N LEU OC 8 113.93 23.66 -46.03
CA LEU OC 8 115.05 22.75 -46.30
C LEU OC 8 115.41 22.77 -47.78
N ALA OC 9 115.63 23.98 -48.31
CA ALA OC 9 115.75 24.15 -49.74
C ALA OC 9 116.91 23.34 -50.31
N GLU OC 10 118.05 23.34 -49.61
CA GLU OC 10 119.22 22.63 -50.13
C GLU OC 10 118.90 21.15 -50.32
N TYR OC 11 118.28 20.52 -49.33
CA TYR OC 11 117.92 19.11 -49.45
C TYR OC 11 116.88 18.89 -50.54
N MET OC 12 115.85 19.73 -50.59
CA MET OC 12 114.79 19.55 -51.57
C MET OC 12 115.30 19.79 -52.98
N MET OC 13 116.22 20.74 -53.16
CA MET OC 13 116.83 20.99 -54.45
C MET OC 13 118.02 20.08 -54.71
N LYS OC 14 118.31 19.16 -53.79
CA LYS OC 14 119.31 18.12 -54.00
C LYS OC 14 120.72 18.69 -54.09
N MET OC 15 121.02 19.63 -53.18
CA MET OC 15 122.35 20.22 -53.07
C MET OC 15 122.95 20.06 -51.68
N HIS OC 16 122.24 19.41 -50.75
CA HIS OC 16 122.69 19.36 -49.37
C HIS OC 16 123.99 18.58 -49.26
N ASN OC 17 124.75 18.90 -48.21
CA ASN OC 17 125.97 18.15 -47.93
C ASN OC 17 125.61 16.77 -47.43
N PRO OC 18 126.25 15.71 -47.93
CA PRO OC 18 125.88 14.36 -47.49
C PRO OC 18 126.14 14.11 -46.02
N MET OC 19 126.96 14.93 -45.37
CA MET OC 19 127.26 14.69 -43.96
C MET OC 19 126.01 14.73 -43.10
N SER OC 20 125.02 15.55 -43.48
CA SER OC 20 123.78 15.59 -42.72
C SER OC 20 123.11 14.22 -42.68
N GLU OC 21 123.06 13.55 -43.83
CA GLU OC 21 122.50 12.20 -43.87
C GLU OC 21 123.32 11.24 -43.02
N TYR OC 22 124.65 11.34 -43.11
CA TYR OC 22 125.50 10.44 -42.34
C TYR OC 22 125.26 10.60 -40.85
N LEU OC 23 125.10 11.84 -40.38
CA LEU OC 23 124.85 12.06 -38.97
C LEU OC 23 123.52 11.44 -38.54
N TYR OC 24 122.49 11.56 -39.38
CA TYR OC 24 121.21 10.98 -39.04
C TYR OC 24 121.31 9.46 -38.90
N TRP OC 25 121.99 8.81 -39.84
CA TRP OC 25 122.17 7.37 -39.74
C TRP OC 25 123.05 7.00 -38.55
N ILE OC 26 124.09 7.79 -38.29
CA ILE OC 26 124.94 7.52 -37.14
C ILE OC 26 124.13 7.64 -35.85
N ALA OC 27 123.29 8.67 -35.75
CA ALA OC 27 122.47 8.82 -34.56
C ALA OC 27 121.57 7.62 -34.34
N GLY OC 28 120.97 7.11 -35.41
CA GLY OC 28 120.18 5.89 -35.29
C GLY OC 28 121.02 4.70 -34.87
N PHE OC 29 122.23 4.60 -35.43
CA PHE OC 29 123.12 3.51 -35.07
C PHE OC 29 123.50 3.56 -33.59
N VAL OC 30 123.78 4.75 -33.08
CA VAL OC 30 124.09 4.88 -31.65
C VAL OC 30 122.89 4.49 -30.81
N SER OC 31 121.69 4.90 -31.23
CA SER OC 31 120.49 4.53 -30.49
C SER OC 31 120.36 3.01 -30.40
N GLY OC 32 120.65 2.31 -31.49
CA GLY OC 32 120.60 0.86 -31.47
C GLY OC 32 121.61 0.26 -30.51
N LEU OC 33 122.79 0.86 -30.41
CA LEU OC 33 123.82 0.33 -29.52
C LEU OC 33 123.40 0.36 -28.06
N HIS OC 34 122.44 1.20 -27.70
CA HIS OC 34 122.01 1.28 -26.31
C HIS OC 34 121.28 0.01 -25.85
N GLY OC 35 120.96 -0.89 -26.77
CA GLY OC 35 120.35 -2.15 -26.40
C GLY OC 35 121.33 -3.30 -26.40
N ILE OC 36 122.40 -3.19 -27.17
CA ILE OC 36 123.37 -4.27 -27.31
C ILE OC 36 124.52 -4.13 -26.33
N LEU OC 37 125.11 -2.93 -26.22
CA LEU OC 37 126.26 -2.77 -25.34
C LEU OC 37 125.93 -3.07 -23.89
N PRO OC 38 124.87 -2.51 -23.30
CA PRO OC 38 124.55 -2.89 -21.92
C PRO OC 38 124.24 -4.37 -21.76
N LEU OC 39 123.73 -5.03 -22.80
CA LEU OC 39 123.55 -6.47 -22.74
C LEU OC 39 124.88 -7.17 -22.52
N LEU OC 40 125.88 -6.82 -23.33
CA LEU OC 40 127.20 -7.43 -23.19
C LEU OC 40 127.82 -7.10 -21.84
N HIS OC 41 127.72 -5.83 -21.43
CA HIS OC 41 128.31 -5.42 -20.17
C HIS OC 41 127.66 -6.14 -19.00
N SER OC 42 126.34 -6.22 -18.99
CA SER OC 42 125.64 -6.87 -17.90
C SER OC 42 125.93 -8.37 -17.86
N ASN OC 43 126.00 -9.02 -19.03
CA ASN OC 43 126.33 -10.43 -19.06
C ASN OC 43 127.69 -10.69 -18.44
N TYR OC 44 128.69 -9.90 -18.82
CA TYR OC 44 130.02 -10.08 -18.26
C TYR OC 44 130.04 -9.79 -16.76
N TYR OC 45 129.30 -8.77 -16.35
CA TYR OC 45 129.33 -8.36 -14.94
C TYR OC 45 128.84 -9.47 -14.03
N PHE OC 46 127.76 -10.15 -14.43
CA PHE OC 46 127.18 -11.19 -13.59
C PHE OC 46 127.64 -12.59 -13.95
N SER OC 47 128.35 -12.77 -15.04
CA SER OC 47 128.80 -14.11 -15.43
C SER OC 47 130.29 -14.18 -15.74
N GLY OC 48 130.86 -13.13 -16.32
CA GLY OC 48 132.23 -13.17 -16.77
C GLY OC 48 132.38 -13.43 -18.26
N MET OC 49 131.27 -13.55 -18.98
CA MET OC 49 131.27 -13.73 -20.43
C MET OC 49 130.40 -12.65 -21.04
N PHE OC 50 130.79 -12.20 -22.25
CA PHE OC 50 130.01 -11.17 -22.91
C PHE OC 50 128.71 -11.74 -23.47
N LEU OC 51 128.73 -12.98 -23.94
CA LEU OC 51 127.54 -13.65 -24.45
C LEU OC 51 127.59 -15.12 -24.08
N PRO OC 52 126.43 -15.73 -23.81
CA PRO OC 52 126.41 -17.15 -23.47
C PRO OC 52 126.62 -18.04 -24.68
N ARG OC 53 126.86 -19.31 -24.39
CA ARG OC 53 126.83 -20.37 -25.38
C ARG OC 53 125.51 -21.09 -25.26
N ASP OC 54 124.81 -21.23 -26.38
CA ASP OC 54 123.46 -21.80 -26.41
C ASP OC 54 123.37 -23.02 -25.51
N ASN OC 55 122.42 -22.99 -24.58
CA ASN OC 55 122.15 -24.10 -23.66
C ASN OC 55 123.31 -24.39 -22.72
N ASP OC 56 124.08 -23.37 -22.34
CA ASP OC 56 125.14 -23.58 -21.37
C ASP OC 56 124.64 -23.45 -19.93
N ASN OC 57 123.35 -23.17 -19.73
CA ASN OC 57 122.75 -23.19 -18.41
C ASN OC 57 122.05 -24.51 -18.11
N THR OC 58 122.18 -25.49 -19.00
CA THR OC 58 121.54 -26.79 -18.86
C THR OC 58 122.59 -27.88 -18.95
N GLN OC 59 122.18 -29.09 -18.57
CA GLN OC 59 123.07 -30.24 -18.68
C GLN OC 59 123.34 -30.56 -20.15
N LEU OC 60 124.60 -30.79 -20.47
CA LEU OC 60 125.02 -31.03 -21.85
C LEU OC 60 125.71 -32.38 -21.95
N CYS OC 61 125.58 -33.01 -23.12
CA CYS OC 61 126.26 -34.27 -23.35
C CYS OC 61 127.76 -34.10 -23.25
N ASP OC 62 128.46 -35.23 -23.11
CA ASP OC 62 129.92 -35.18 -22.98
C ASP OC 62 130.56 -34.60 -24.23
N ASP OC 63 130.07 -34.97 -25.40
CA ASP OC 63 130.64 -34.51 -26.66
C ASP OC 63 130.07 -33.18 -27.12
N SER OC 64 129.17 -32.57 -26.35
CA SER OC 64 128.60 -31.30 -26.75
C SER OC 64 129.68 -30.24 -26.88
N TRP OC 65 129.60 -29.46 -27.96
CA TRP OC 65 130.54 -28.36 -28.17
C TRP OC 65 129.92 -27.30 -29.07
N THR PC 1 75.22 -5.80 -67.92
CA THR PC 1 73.94 -5.47 -68.54
C THR PC 1 73.76 -3.96 -68.64
N TRP PC 2 74.82 -3.21 -68.34
CA TRP PC 2 74.73 -1.75 -68.37
C TRP PC 2 74.35 -1.25 -69.75
N THR PC 3 74.99 -1.78 -70.79
CA THR PC 3 74.66 -1.37 -72.15
C THR PC 3 73.33 -1.95 -72.60
N GLU PC 4 72.94 -3.10 -72.05
CA GLU PC 4 71.78 -3.82 -72.59
C GLU PC 4 70.46 -3.23 -72.10
N ILE PC 5 70.33 -2.99 -70.79
CA ILE PC 5 69.06 -2.56 -70.23
C ILE PC 5 69.13 -1.20 -69.54
N TRP PC 6 70.30 -0.73 -69.11
CA TRP PC 6 70.38 0.52 -68.35
C TRP PC 6 70.67 1.73 -69.22
N TRP PC 7 71.71 1.66 -70.06
CA TRP PC 7 72.22 2.82 -70.78
C TRP PC 7 72.34 2.47 -72.26
N GLU PC 8 71.73 3.30 -73.11
CA GLU PC 8 71.70 3.04 -74.54
C GLU PC 8 72.59 4.00 -75.33
N HIS PC 9 73.48 4.73 -74.66
CA HIS PC 9 74.31 5.72 -75.33
C HIS PC 9 75.79 5.38 -75.28
N ASP PC 10 76.15 4.20 -74.80
CA ASP PC 10 77.50 3.71 -74.92
C ASP PC 10 77.60 2.66 -76.01
N PRO PC 11 78.71 2.59 -76.73
CA PRO PC 11 78.86 1.54 -77.75
C PRO PC 11 78.79 0.16 -77.13
N THR PC 12 78.15 -0.76 -77.85
CA THR PC 12 77.96 -2.11 -77.38
C THR PC 12 78.80 -3.07 -78.21
N PRO PC 13 79.73 -3.79 -77.63
CA PRO PC 13 80.60 -4.66 -78.42
C PRO PC 13 79.93 -5.97 -78.80
N LYS PC 14 80.53 -6.62 -79.76
CA LYS PC 14 80.20 -7.99 -80.11
C LYS PC 14 81.18 -8.94 -79.44
N VAL PC 15 80.68 -10.04 -78.92
CA VAL PC 15 81.55 -11.02 -78.27
C VAL PC 15 82.31 -11.78 -79.35
N ALA PC 16 83.64 -11.61 -79.36
CA ALA PC 16 84.47 -12.41 -80.25
C ALA PC 16 84.59 -13.84 -79.73
N GLN PC 17 84.76 -14.00 -78.42
CA GLN PC 17 84.99 -15.29 -77.80
C GLN PC 17 84.60 -15.17 -76.34
N TYR PC 18 83.98 -16.21 -75.80
CA TYR PC 18 83.66 -16.26 -74.38
C TYR PC 18 84.78 -16.86 -73.56
N ARG PC 19 86.01 -16.77 -74.07
CA ARG PC 19 87.22 -17.29 -73.45
C ARG PC 19 88.32 -16.29 -73.71
N PRO PC 20 89.26 -16.13 -72.76
CA PRO PC 20 90.36 -15.20 -73.00
C PRO PC 20 91.33 -15.69 -74.06
N TYR PC 21 92.01 -14.75 -74.68
CA TYR PC 21 93.08 -15.03 -75.63
C TYR PC 21 94.41 -14.99 -74.91
N VAL PC 22 95.21 -16.03 -75.07
CA VAL PC 22 96.53 -16.13 -74.46
C VAL PC 22 97.55 -15.59 -75.44
N CYS PC 23 98.36 -14.63 -74.99
CA CYS PC 23 99.35 -14.02 -75.86
C CYS PC 23 100.62 -13.71 -75.07
N THR PC 24 101.76 -13.84 -75.73
CA THR PC 24 103.05 -13.45 -75.17
C THR PC 24 103.30 -11.98 -75.49
N VAL PC 25 103.64 -11.20 -74.47
CA VAL PC 25 103.85 -9.77 -74.61
C VAL PC 25 105.22 -9.42 -74.06
N GLU PC 26 105.77 -8.31 -74.55
CA GLU PC 26 107.11 -7.86 -74.21
C GLU PC 26 107.06 -6.49 -73.59
N SER PC 27 107.83 -6.29 -72.52
CA SER PC 27 107.89 -4.99 -71.87
C SER PC 27 108.51 -3.97 -72.81
N GLY PC 28 108.00 -2.74 -72.74
CA GLY PC 28 108.48 -1.68 -73.60
C GLY PC 28 107.82 -1.63 -74.96
N LYS PC 29 106.80 -2.46 -75.20
CA LYS PC 29 106.05 -2.45 -76.45
C LYS PC 29 104.59 -2.13 -76.15
N VAL PC 30 103.97 -1.38 -77.04
CA VAL PC 30 102.59 -0.93 -76.87
C VAL PC 30 101.68 -1.79 -77.75
N TYR PC 31 100.59 -2.26 -77.17
CA TYR PC 31 99.64 -3.11 -77.87
C TYR PC 31 98.28 -2.42 -77.94
N TRP PC 32 97.53 -2.71 -78.99
CA TRP PC 32 96.23 -2.11 -79.23
C TRP PC 32 95.17 -3.21 -79.28
N TRP PC 33 94.18 -3.10 -78.41
CA TRP PC 33 93.21 -4.14 -78.16
C TRP PC 33 91.88 -3.79 -78.81
N CYS PC 34 91.28 -4.77 -79.47
CA CYS PC 34 90.01 -4.57 -80.15
C CYS PC 34 88.87 -4.49 -79.14
N ALA PC 35 88.11 -3.42 -79.21
CA ALA PC 35 86.98 -3.20 -78.31
C ALA PC 35 85.63 -3.45 -78.95
N CYS PC 36 85.61 -3.90 -80.22
CA CYS PC 36 84.35 -4.17 -80.90
C CYS PC 36 84.13 -5.65 -81.20
N GLY PC 37 85.16 -6.47 -81.13
CA GLY PC 37 85.02 -7.89 -81.37
C GLY PC 37 84.90 -8.30 -82.81
N GLU PC 38 85.17 -7.40 -83.75
CA GLU PC 38 85.05 -7.70 -85.17
C GLU PC 38 86.40 -7.75 -85.88
N SER PC 39 87.50 -7.56 -85.17
CA SER PC 39 88.81 -7.66 -85.77
C SER PC 39 89.16 -9.11 -86.06
N LYS PC 40 89.87 -9.33 -87.15
CA LYS PC 40 90.30 -10.67 -87.54
C LYS PC 40 91.70 -11.00 -87.05
N THR PC 41 92.31 -10.12 -86.27
CA THR PC 41 93.60 -10.40 -85.65
C THR PC 41 93.45 -10.35 -84.14
N GLN PC 42 92.43 -11.02 -83.62
CA GLN PC 42 92.16 -10.96 -82.20
C GLN PC 42 93.38 -11.43 -81.41
N PRO PC 43 93.65 -10.85 -80.24
CA PRO PC 43 92.83 -9.82 -79.57
C PRO PC 43 93.17 -8.40 -79.97
N TRP PC 44 93.91 -8.23 -81.06
CA TRP PC 44 94.43 -6.93 -81.44
C TRP PC 44 93.61 -6.32 -82.58
N VAL PC 45 93.71 -5.00 -82.69
CA VAL PC 45 93.05 -4.29 -83.79
C VAL PC 45 93.78 -4.62 -85.08
N ASP PC 46 93.02 -4.92 -86.13
CA ASP PC 46 93.58 -5.34 -87.40
C ASP PC 46 93.69 -4.22 -88.42
N GLY PC 47 93.24 -3.03 -88.09
CA GLY PC 47 93.22 -1.94 -89.05
C GLY PC 47 91.99 -1.88 -89.92
N HIS PC 48 91.05 -2.80 -89.75
CA HIS PC 48 89.84 -2.82 -90.56
C HIS PC 48 88.55 -2.92 -89.75
N CYS PC 49 88.63 -3.08 -88.43
CA CYS PC 49 87.43 -3.19 -87.62
C CYS PC 49 86.91 -1.81 -87.25
N LYS PC 50 85.85 -1.77 -86.45
CA LYS PC 50 85.29 -0.50 -86.02
C LYS PC 50 86.32 0.33 -85.26
N CYS PC 51 87.09 -0.32 -84.38
CA CYS PC 51 88.06 0.41 -83.57
C CYS PC 51 89.06 1.15 -84.45
N SER PC 52 89.58 0.47 -85.47
CA SER PC 52 90.58 1.08 -86.34
C SER PC 52 89.99 2.27 -87.09
N LYS PC 53 88.75 2.14 -87.55
CA LYS PC 53 88.11 3.21 -88.31
C LYS PC 53 87.45 4.25 -87.42
N ARG PC 54 87.54 4.11 -86.10
CA ARG PC 54 86.98 5.09 -85.17
C ARG PC 54 85.49 5.28 -85.41
N GLU PC 55 84.79 4.18 -85.68
CA GLU PC 55 83.39 4.20 -86.06
C GLU PC 55 82.51 3.83 -84.89
N GLY PC 56 81.42 4.56 -84.72
CA GLY PC 56 80.41 4.22 -83.73
C GLY PC 56 80.93 4.23 -82.31
N GLY PC 57 81.86 5.12 -81.99
CA GLY PC 57 82.39 5.22 -80.65
C GLY PC 57 83.41 4.19 -80.28
N PHE PC 58 83.81 3.31 -81.20
CA PHE PC 58 84.80 2.29 -80.93
C PHE PC 58 86.20 2.85 -81.19
N ARG PC 59 87.08 2.69 -80.22
CA ARG PC 59 88.47 3.10 -80.36
C ARG PC 59 89.39 1.99 -79.84
N PRO PC 60 90.60 1.88 -80.37
CA PRO PC 60 91.54 0.90 -79.85
C PRO PC 60 91.91 1.20 -78.40
N ARG PC 61 92.11 0.15 -77.63
CA ARG PC 61 92.44 0.26 -76.22
C ARG PC 61 93.95 0.08 -76.06
N ARG PC 62 94.63 1.14 -75.64
CA ARG PC 62 96.07 1.07 -75.44
C ARG PC 62 96.41 0.21 -74.24
N TRP PC 63 97.48 -0.57 -74.37
CA TRP PC 63 97.93 -1.42 -73.28
C TRP PC 63 99.42 -1.64 -73.39
N GLU PC 64 100.07 -1.76 -72.24
CA GLU PC 64 101.51 -1.94 -72.17
C GLU PC 64 101.86 -2.78 -70.96
N PRO PC 65 102.59 -3.88 -71.14
CA PRO PC 65 102.98 -4.71 -69.99
C PRO PC 65 104.17 -4.12 -69.24
N GLU PC 66 104.16 -4.34 -67.92
CA GLU PC 66 105.29 -3.94 -67.11
C GLU PC 66 106.47 -4.89 -67.29
N HIS PC 67 106.20 -6.19 -67.34
CA HIS PC 67 107.22 -7.21 -67.52
C HIS PC 67 106.84 -8.12 -68.67
N ASP PC 68 107.84 -8.80 -69.22
CA ASP PC 68 107.60 -9.80 -70.24
C ASP PC 68 106.89 -11.01 -69.65
N GLY PC 69 106.06 -11.65 -70.46
CA GLY PC 69 105.39 -12.85 -70.03
C GLY PC 69 104.18 -13.14 -70.89
N VAL PC 70 103.42 -14.14 -70.45
CA VAL PC 70 102.19 -14.55 -71.10
C VAL PC 70 101.03 -13.98 -70.30
N ARG PC 71 100.16 -13.23 -70.97
CA ARG PC 71 99.04 -12.58 -70.32
C ARG PC 71 97.73 -12.98 -70.99
N LEU PC 72 96.68 -13.10 -70.18
CA LEU PC 72 95.34 -13.38 -70.68
C LEU PC 72 94.66 -12.09 -71.08
N PHE PC 73 93.92 -12.13 -72.19
CA PHE PC 73 93.27 -10.95 -72.74
C PHE PC 73 91.81 -11.22 -72.99
N CYS PC 74 91.00 -10.18 -72.87
CA CYS PC 74 89.55 -10.33 -72.90
C CYS PC 74 89.05 -10.61 -74.31
N GLY PC 75 88.24 -11.65 -74.44
CA GLY PC 75 87.59 -11.96 -75.69
C GLY PC 75 86.14 -11.50 -75.72
N CYS PC 76 85.51 -11.43 -74.55
CA CYS PC 76 84.12 -11.01 -74.48
C CYS PC 76 83.96 -9.51 -74.70
N LYS PC 77 85.03 -8.74 -74.56
CA LYS PC 77 85.06 -7.30 -74.78
C LYS PC 77 84.27 -6.52 -73.74
N SER PC 78 84.01 -7.12 -72.58
CA SER PC 78 83.29 -6.42 -71.51
C SER PC 78 83.94 -6.60 -70.14
N CYS PC 79 85.06 -7.30 -70.04
CA CYS PC 79 85.69 -7.52 -68.75
C CYS PC 79 86.01 -6.19 -68.08
N PHE PC 80 85.80 -6.14 -66.76
CA PHE PC 80 86.08 -4.92 -66.01
C PHE PC 80 87.53 -4.51 -66.14
N SER PC 81 88.44 -5.48 -66.17
CA SER PC 81 89.87 -5.21 -66.29
C SER PC 81 90.36 -5.27 -67.73
N SER PC 82 89.48 -5.00 -68.68
CA SER PC 82 89.88 -5.02 -70.08
C SER PC 82 90.99 -4.00 -70.32
N PRO PC 83 91.95 -4.28 -71.21
CA PRO PC 83 92.08 -5.45 -72.08
C PRO PC 83 92.39 -6.77 -71.39
N THR PC 84 92.89 -6.72 -70.17
CA THR PC 84 93.24 -7.95 -69.49
C THR PC 84 91.98 -8.69 -69.03
N TRP PC 85 92.14 -9.99 -68.82
CA TRP PC 85 91.05 -10.86 -68.42
C TRP PC 85 91.01 -11.00 -66.90
N ASN PC 86 89.79 -11.01 -66.36
CA ASN PC 86 89.62 -11.24 -64.93
C ASN PC 86 88.48 -12.21 -64.63
N GLY PC 87 87.90 -12.84 -65.65
CA GLY PC 87 86.78 -13.74 -65.47
C GLY PC 87 85.47 -13.22 -66.02
N GLY PC 88 85.43 -11.97 -66.48
CA GLY PC 88 84.21 -11.42 -67.03
C GLY PC 88 83.72 -12.15 -68.26
N CYS PC 89 84.60 -12.82 -68.99
CA CYS PC 89 84.17 -13.59 -70.14
C CYS PC 89 83.20 -14.70 -69.73
N PHE PC 90 83.50 -15.39 -68.64
CA PHE PC 90 82.59 -16.40 -68.12
C PHE PC 90 81.28 -15.77 -67.62
N THR PC 91 81.39 -14.65 -66.93
CA THR PC 91 80.20 -13.99 -66.40
C THR PC 91 79.27 -13.58 -67.53
N LYS PC 92 79.82 -12.97 -68.58
CA LYS PC 92 79.00 -12.55 -69.70
C LYS PC 92 78.38 -13.73 -70.41
N TRP PC 93 79.09 -14.86 -70.45
CA TRP PC 93 78.53 -16.07 -71.03
C TRP PC 93 77.31 -16.55 -70.26
N MET PC 94 77.39 -16.51 -68.92
CA MET PC 94 76.25 -16.95 -68.11
C MET PC 94 75.02 -16.10 -68.39
N GLN PC 95 75.22 -14.80 -68.60
CA GLN PC 95 74.10 -13.94 -68.96
C GLN PC 95 73.45 -14.41 -70.26
N SER PC 96 74.26 -14.89 -71.20
CA SER PC 96 73.75 -15.29 -72.50
C SER PC 96 73.22 -16.72 -72.52
N ASN PC 97 73.74 -17.59 -71.66
CA ASN PC 97 73.27 -18.97 -71.54
C ASN PC 97 73.12 -19.29 -70.05
N PRO PC 98 72.04 -18.80 -69.43
CA PRO PC 98 71.91 -18.98 -67.98
C PRO PC 98 71.80 -20.43 -67.54
N ALA PC 99 71.28 -21.31 -68.40
CA ALA PC 99 71.22 -22.71 -68.03
C ALA PC 99 72.60 -23.33 -67.95
N GLY PC 100 73.46 -23.04 -68.94
CA GLY PC 100 74.83 -23.50 -68.86
C GLY PC 100 75.56 -22.93 -67.65
N GLY PC 101 75.34 -21.65 -67.37
CA GLY PC 101 75.99 -21.03 -66.23
C GLY PC 101 75.71 -21.80 -64.95
N MET PC 102 74.46 -22.21 -64.75
CA MET PC 102 74.11 -22.95 -63.54
C MET PC 102 74.87 -24.26 -63.46
N LEU PC 103 74.99 -24.96 -64.58
CA LEU PC 103 75.69 -26.24 -64.59
C LEU PC 103 77.13 -26.08 -64.12
N TYR PC 104 77.85 -25.13 -64.70
CA TYR PC 104 79.24 -24.90 -64.30
C TYR PC 104 79.33 -24.47 -62.84
N CYS PC 105 78.47 -23.55 -62.42
CA CYS PC 105 78.52 -23.06 -61.05
C CYS PC 105 78.23 -24.18 -60.06
N PHE PC 106 77.24 -25.02 -60.35
CA PHE PC 106 76.98 -26.17 -59.49
C PHE PC 106 78.19 -27.08 -59.41
N ALA PC 107 78.80 -27.38 -60.55
CA ALA PC 107 79.95 -28.26 -60.57
C ALA PC 107 81.11 -27.67 -59.78
N ALA PC 108 81.38 -26.39 -59.99
CA ALA PC 108 82.47 -25.74 -59.25
C ALA PC 108 82.18 -25.74 -57.75
N ALA PC 109 80.95 -25.40 -57.38
CA ALA PC 109 80.58 -25.40 -55.97
C ALA PC 109 80.61 -26.80 -55.39
N PHE PC 110 80.21 -27.79 -56.18
CA PHE PC 110 80.24 -29.17 -55.70
C PHE PC 110 81.66 -29.59 -55.36
N GLY PC 111 82.61 -29.31 -56.26
CA GLY PC 111 84.00 -29.65 -55.97
C GLY PC 111 84.52 -28.92 -54.76
N PHE PC 112 84.25 -27.62 -54.67
CA PHE PC 112 84.71 -26.84 -53.54
C PHE PC 112 84.13 -27.37 -52.24
N GLY PC 113 82.85 -27.72 -52.24
CA GLY PC 113 82.23 -28.27 -51.04
C GLY PC 113 82.86 -29.57 -50.61
N THR PC 114 83.10 -30.48 -51.56
CA THR PC 114 83.66 -31.78 -51.22
C THR PC 114 85.05 -31.64 -50.62
N LEU PC 115 85.91 -30.85 -51.27
CA LEU PC 115 87.29 -30.74 -50.81
C LEU PC 115 87.37 -30.08 -49.44
N THR PC 116 86.66 -28.97 -49.24
CA THR PC 116 86.72 -28.28 -47.96
C THR PC 116 86.13 -29.14 -46.85
N VAL PC 117 85.07 -29.88 -47.15
CA VAL PC 117 84.46 -30.74 -46.14
C VAL PC 117 85.34 -31.95 -45.87
N TYR PC 118 85.96 -32.51 -46.90
CA TYR PC 118 86.81 -33.68 -46.71
C TYR PC 118 88.00 -33.36 -45.83
N ARG PC 119 88.62 -32.20 -46.02
CA ARG PC 119 89.81 -31.86 -45.26
C ARG PC 119 89.48 -31.45 -43.83
N LYS PC 120 88.42 -30.67 -43.64
CA LYS PC 120 88.08 -30.22 -42.29
C LYS PC 120 87.31 -31.30 -41.52
N PHE PC 121 86.15 -31.68 -42.03
CA PHE PC 121 85.30 -32.69 -41.42
C PHE PC 121 85.32 -32.64 -39.89
N TYR QC 1 109.17 -20.71 -76.41
CA TYR QC 1 109.60 -21.98 -76.97
C TYR QC 1 108.82 -22.30 -78.24
N THR QC 2 108.85 -21.36 -79.19
CA THR QC 2 108.04 -21.40 -80.41
C THR QC 2 106.64 -21.91 -80.10
N PRO QC 3 105.82 -21.12 -79.41
CA PRO QC 3 104.47 -21.56 -79.06
C PRO QC 3 103.57 -21.71 -80.29
N SER QC 4 102.51 -22.49 -80.11
CA SER QC 4 101.58 -22.78 -81.18
C SER QC 4 100.53 -21.68 -81.31
N PHE QC 5 99.82 -21.72 -82.44
CA PHE QC 5 98.83 -20.70 -82.81
C PHE QC 5 97.45 -21.29 -82.59
N GLU QC 6 96.79 -20.90 -81.50
CA GLU QC 6 95.46 -21.39 -81.17
C GLU QC 6 94.42 -20.46 -81.81
N ARG QC 7 93.61 -21.02 -82.71
CA ARG QC 7 92.63 -20.20 -83.43
C ARG QC 7 91.51 -19.74 -82.52
N GLY QC 8 91.03 -20.61 -81.64
CA GLY QC 8 89.99 -20.25 -80.69
C GLY QC 8 88.62 -20.74 -81.10
N LEU QC 9 87.62 -20.26 -80.36
CA LEU QC 9 86.25 -20.68 -80.60
C LEU QC 9 85.76 -20.20 -81.96
N ASN QC 10 86.10 -18.98 -82.34
CA ASN QC 10 85.74 -18.44 -83.65
C ASN QC 10 87.00 -18.30 -84.49
N PRO QC 11 87.32 -19.26 -85.35
CA PRO QC 11 88.58 -19.18 -86.09
C PRO QC 11 88.63 -18.05 -87.10
N GLU QC 12 87.47 -17.52 -87.51
CA GLU QC 12 87.49 -16.45 -88.50
C GLU QC 12 88.01 -15.14 -87.91
N LEU QC 13 87.85 -14.96 -86.61
CA LEU QC 13 88.34 -13.75 -85.96
C LEU QC 13 89.82 -13.80 -85.65
N THR QC 14 90.50 -14.92 -85.96
CA THR QC 14 91.95 -15.01 -85.87
C THR QC 14 92.58 -15.30 -87.22
N SER QC 15 91.85 -15.05 -88.31
CA SER QC 15 92.31 -15.39 -89.65
C SER QC 15 93.03 -14.25 -90.35
N GLY QC 16 93.15 -13.08 -89.70
CA GLY QC 16 93.81 -11.95 -90.31
C GLY QC 16 95.32 -12.07 -90.23
N ASP QC 17 95.99 -11.06 -90.78
CA ASP QC 17 97.45 -11.00 -90.80
C ASP QC 17 97.93 -10.27 -89.55
N TYR QC 18 98.57 -11.00 -88.65
CA TYR QC 18 99.05 -10.40 -87.41
C TYR QC 18 100.28 -9.54 -87.62
N GLY QC 19 101.19 -9.98 -88.50
CA GLY QC 19 102.43 -9.24 -88.66
C GLY QC 19 103.27 -9.35 -87.40
N ASP QC 20 103.74 -8.20 -86.92
CA ASP QC 20 104.58 -8.20 -85.72
C ASP QC 20 103.80 -8.59 -84.47
N MET QC 21 102.49 -8.35 -84.46
CA MET QC 21 101.71 -8.56 -83.25
C MET QC 21 101.70 -10.04 -82.88
N PRO QC 22 101.70 -10.37 -81.60
CA PRO QC 22 101.72 -11.78 -81.19
C PRO QC 22 100.42 -12.49 -81.54
N LYS QC 23 100.55 -13.82 -81.80
CA LYS QC 23 99.41 -14.65 -82.13
C LYS QC 23 98.89 -15.37 -80.88
N PRO QC 24 97.59 -15.68 -80.83
CA PRO QC 24 97.06 -16.38 -79.66
C PRO QC 24 97.65 -17.78 -79.52
N GLN QC 25 97.71 -18.23 -78.28
CA GLN QC 25 98.42 -19.44 -77.89
C GLN QC 25 97.55 -20.31 -76.98
N PRO QC 26 97.90 -21.59 -76.83
CA PRO QC 26 97.17 -22.43 -75.88
C PRO QC 26 97.38 -22.00 -74.43
N LEU QC 27 96.42 -22.39 -73.59
CA LEU QC 27 96.42 -21.95 -72.20
C LEU QC 27 97.52 -22.61 -71.38
N ILE QC 28 98.05 -23.75 -71.83
CA ILE QC 28 99.17 -24.36 -71.11
C ILE QC 28 100.35 -23.42 -71.07
N ASP QC 29 100.52 -22.60 -72.12
CA ASP QC 29 101.62 -21.64 -72.14
C ASP QC 29 101.50 -20.64 -71.00
N PHE QC 30 100.27 -20.18 -70.73
CA PHE QC 30 100.08 -19.21 -69.65
C PHE QC 30 100.48 -19.81 -68.30
N PHE QC 31 100.11 -21.06 -68.06
CA PHE QC 31 100.44 -21.68 -66.78
C PHE QC 31 101.94 -21.91 -66.65
N THR QC 32 102.60 -22.28 -67.74
CA THR QC 32 104.04 -22.49 -67.72
C THR QC 32 104.84 -21.23 -68.01
N GLN QC 33 104.18 -20.13 -68.34
CA GLN QC 33 104.86 -18.89 -68.70
C GLN QC 33 105.84 -19.15 -69.84
N ASN QC 34 105.34 -19.80 -70.90
CA ASN QC 34 106.15 -20.18 -72.06
C ASN QC 34 107.31 -21.09 -71.65
N ARG QC 35 107.05 -21.97 -70.69
CA ARG QC 35 108.05 -22.93 -70.22
C ARG QC 35 109.34 -22.23 -69.81
N ASN QC 36 109.18 -21.15 -69.07
CA ASN QC 36 110.33 -20.43 -68.52
C ASN QC 36 110.90 -21.23 -67.35
N PRO QC 37 112.16 -21.67 -67.40
CA PRO QC 37 112.68 -22.48 -66.30
C PRO QC 37 112.66 -21.77 -64.96
N TRP QC 38 112.89 -20.45 -64.96
CA TRP QC 38 112.89 -19.71 -63.70
C TRP QC 38 111.48 -19.64 -63.11
N PHE QC 39 110.46 -19.51 -63.96
CA PHE QC 39 109.09 -19.55 -63.46
C PHE QC 39 108.74 -20.93 -62.93
N GLY QC 40 109.27 -21.98 -63.57
CA GLY QC 40 109.11 -23.32 -63.02
C GLY QC 40 109.80 -23.45 -61.68
N PHE QC 41 111.02 -22.92 -61.56
CA PHE QC 41 111.66 -22.89 -60.26
C PHE QC 41 110.86 -22.06 -59.28
N ALA QC 42 110.33 -20.92 -59.74
CA ALA QC 42 109.49 -20.10 -58.87
C ALA QC 42 108.21 -20.83 -58.47
N MET QC 43 107.61 -21.56 -59.41
CA MET QC 43 106.44 -22.36 -59.08
C MET QC 43 106.78 -23.40 -58.02
N PHE QC 44 107.84 -24.17 -58.26
CA PHE QC 44 108.30 -25.13 -57.26
C PHE QC 44 108.61 -24.42 -55.95
N CYS QC 45 109.12 -23.19 -56.03
CA CYS QC 45 109.37 -22.40 -54.82
C CYS QC 45 108.06 -22.08 -54.12
N GLY QC 46 107.02 -21.69 -54.86
CA GLY QC 46 105.75 -21.39 -54.25
C GLY QC 46 105.18 -22.58 -53.49
N PHE QC 47 105.24 -23.76 -54.09
CA PHE QC 47 104.80 -24.97 -53.40
C PHE QC 47 105.64 -25.22 -52.16
N ASN QC 48 106.96 -25.00 -52.26
CA ASN QC 48 107.84 -25.28 -51.12
C ASN QC 48 107.49 -24.43 -49.92
N PHE QC 49 107.25 -23.13 -50.11
CA PHE QC 49 106.87 -22.32 -48.96
C PHE QC 49 105.52 -22.74 -48.42
N LEU QC 50 104.52 -22.84 -49.29
CA LEU QC 50 103.16 -23.15 -48.83
C LEU QC 50 103.14 -24.44 -48.04
N TRP QC 51 103.95 -25.42 -48.44
CA TRP QC 51 104.08 -26.64 -47.67
C TRP QC 51 104.68 -26.35 -46.30
N TRP QC 52 105.68 -25.47 -46.23
CA TRP QC 52 106.23 -25.07 -44.95
C TRP QC 52 105.19 -24.35 -44.11
N ALA QC 53 104.37 -23.50 -44.74
CA ALA QC 53 103.42 -22.69 -44.00
C ALA QC 53 102.38 -23.55 -43.31
N PHE QC 54 101.88 -24.59 -43.98
CA PHE QC 54 100.75 -25.37 -43.48
C PHE QC 54 101.18 -26.61 -42.73
N PHE QC 55 102.07 -27.41 -43.31
CA PHE QC 55 102.43 -28.71 -42.74
C PHE QC 55 103.87 -28.78 -42.27
N GLY QC 56 104.65 -27.71 -42.40
CA GLY QC 56 106.07 -27.77 -42.16
C GLY QC 56 106.85 -28.12 -43.41
N ALA QC 57 108.16 -27.89 -43.34
CA ALA QC 57 108.99 -27.98 -44.54
C ALA QC 57 108.93 -29.37 -45.14
N TRP QC 58 109.01 -30.40 -44.30
CA TRP QC 58 109.11 -31.79 -44.73
C TRP QC 58 110.41 -32.06 -45.50
N GLN QC 59 111.33 -31.10 -45.53
CA GLN QC 59 112.66 -31.29 -46.06
C GLN QC 59 113.63 -31.74 -44.99
N ILE QC 60 113.26 -31.59 -43.72
CA ILE QC 60 114.04 -32.07 -42.60
C ILE QC 60 113.82 -33.56 -42.34
N ARG QC 61 112.77 -34.12 -42.92
CA ARG QC 61 112.44 -35.53 -42.69
C ARG QC 61 113.59 -36.48 -42.93
N PRO QC 62 114.33 -36.41 -44.02
CA PRO QC 62 115.45 -37.35 -44.19
C PRO QC 62 116.47 -37.26 -43.06
N LEU QC 63 116.68 -36.06 -42.52
CA LEU QC 63 117.62 -35.86 -41.44
C LEU QC 63 117.05 -36.34 -40.09
N TRP QC 64 115.74 -36.24 -39.94
CA TRP QC 64 115.04 -36.58 -38.70
C TRP QC 64 114.64 -38.04 -38.63
N ALA QC 65 114.96 -38.82 -39.67
CA ALA QC 65 114.45 -40.20 -39.77
C ALA QC 65 114.89 -41.05 -38.59
N SER QC 66 116.19 -41.00 -38.23
CA SER QC 66 116.68 -41.82 -37.14
C SER QC 66 116.09 -41.39 -35.80
N GLN QC 67 115.84 -40.10 -35.63
CA GLN QC 67 115.37 -39.57 -34.37
C GLN QC 67 113.86 -39.65 -34.27
N ARG QC 68 113.20 -40.01 -35.37
CA ARG QC 68 111.77 -40.27 -35.39
C ARG QC 68 111.51 -41.75 -35.19
N LYS QC 69 112.54 -42.57 -35.38
CA LYS QC 69 112.44 -44.00 -35.14
C LYS QC 69 112.70 -44.31 -33.69
N SER QC 70 113.56 -43.49 -33.05
CA SER QC 70 113.78 -43.60 -31.62
C SER QC 70 112.57 -43.09 -30.84
N LEU QC 71 111.95 -42.01 -31.32
CA LEU QC 71 110.77 -41.46 -30.65
C LEU QC 71 109.61 -42.45 -30.73
N ALA QC 72 109.47 -43.14 -31.85
CA ALA QC 72 108.39 -44.10 -32.04
C ALA QC 72 108.56 -45.31 -31.13
N GLU QC 73 109.79 -45.80 -30.99
CA GLU QC 73 110.05 -46.95 -30.12
C GLU QC 73 109.77 -46.61 -28.67
N ALA QC 74 110.16 -45.41 -28.23
CA ALA QC 74 109.93 -44.99 -26.86
C ALA QC 74 108.43 -44.90 -26.56
N ASP QC 75 107.67 -44.32 -27.48
CA ASP QC 75 106.23 -44.16 -27.26
C ASP QC 75 105.55 -45.52 -27.15
N ARG QC 76 105.95 -46.48 -27.98
CA ARG QC 76 105.34 -47.79 -27.95
C ARG QC 76 105.71 -48.55 -26.68
N LEU QC 77 106.99 -48.55 -26.33
CA LEU QC 77 107.44 -49.36 -25.21
C LEU QC 77 107.06 -48.77 -23.86
N TYR QC 78 107.18 -47.44 -23.71
CA TYR QC 78 107.03 -46.81 -22.41
C TYR QC 78 105.91 -45.79 -22.32
N GLY QC 79 105.38 -45.32 -23.44
CA GLY QC 79 104.37 -44.30 -23.41
C GLY QC 79 103.01 -44.84 -23.04
N PRO QC 80 102.07 -43.93 -22.77
CA PRO QC 80 100.70 -44.37 -22.48
C PRO QC 80 100.12 -45.12 -23.65
N THR QC 81 99.33 -46.14 -23.34
CA THR QC 81 98.79 -47.03 -24.36
C THR QC 81 97.97 -46.25 -25.38
N LYS QC 82 98.20 -46.54 -26.65
CA LYS QC 82 97.44 -46.00 -27.75
C LYS QC 82 96.51 -47.08 -28.31
N TYR QC 83 95.33 -46.67 -28.74
CA TYR QC 83 94.30 -47.60 -29.21
C TYR QC 83 93.98 -47.33 -30.67
N GLY QC 84 93.90 -48.40 -31.45
CA GLY QC 84 93.45 -48.29 -32.83
C GLY QC 84 94.36 -47.38 -33.64
N VAL QC 85 93.73 -46.48 -34.40
CA VAL QC 85 94.48 -45.58 -35.27
C VAL QC 85 95.35 -44.64 -34.46
N GLY QC 86 95.03 -44.45 -33.18
CA GLY QC 86 95.87 -43.62 -32.33
C GLY QC 86 97.31 -44.07 -32.31
N LYS QC 87 97.54 -45.37 -32.47
CA LYS QC 87 98.89 -45.93 -32.46
C LYS QC 87 99.73 -45.42 -33.63
N LYS QC 88 99.10 -44.81 -34.63
CA LYS QC 88 99.82 -44.24 -35.76
C LYS QC 88 100.60 -43.00 -35.35
N TYR QC 89 100.10 -42.26 -34.38
CA TYR QC 89 100.69 -40.99 -33.97
C TYR QC 89 101.67 -41.19 -32.82
N ILE QC 90 102.78 -40.46 -32.89
CA ILE QC 90 103.80 -40.41 -31.85
C ILE QC 90 104.12 -38.95 -31.62
N ASN QC 91 104.22 -38.53 -30.38
CA ASN QC 91 104.47 -37.12 -30.08
C ASN QC 91 105.73 -36.92 -29.25
N ARG RC 1 96.01 46.17 -43.55
CA ARG RC 1 96.56 47.04 -42.48
C ARG RC 1 97.86 47.65 -42.95
N ILE RC 2 97.89 48.98 -43.07
CA ILE RC 2 99.05 49.65 -43.64
C ILE RC 2 100.29 49.25 -42.86
N GLY RC 3 101.35 48.90 -43.59
CA GLY RC 3 102.61 48.52 -42.96
C GLY RC 3 102.59 47.23 -42.18
N GLY RC 4 101.78 46.27 -42.59
CA GLY RC 4 101.75 44.97 -41.98
C GLY RC 4 102.34 43.93 -42.92
N PRO RC 5 102.50 42.69 -42.46
CA PRO RC 5 103.11 41.66 -43.30
C PRO RC 5 102.36 41.51 -44.61
N PRO RC 6 102.99 41.81 -45.75
CA PRO RC 6 102.27 41.81 -47.03
C PRO RC 6 101.65 40.45 -47.35
N VAL RC 7 100.44 40.48 -47.92
CA VAL RC 7 99.79 39.24 -48.34
C VAL RC 7 100.57 38.60 -49.48
N PHE RC 8 101.13 39.42 -50.38
CA PHE RC 8 101.84 38.91 -51.55
C PHE RC 8 103.05 39.80 -51.84
N MET RC 9 104.18 39.17 -52.17
CA MET RC 9 105.38 39.87 -52.62
C MET RC 9 105.99 39.12 -53.79
N GLN RC 10 106.49 39.87 -54.77
CA GLN RC 10 107.13 39.29 -55.94
C GLN RC 10 108.55 38.86 -55.59
N PHE RC 11 108.97 37.73 -56.15
CA PHE RC 11 110.32 37.25 -55.92
C PHE RC 11 111.34 38.21 -56.55
N PRO RC 12 112.42 38.54 -55.85
CA PRO RC 12 113.51 39.28 -56.49
C PRO RC 12 114.22 38.41 -57.51
N PRO RC 13 114.86 39.02 -58.51
CA PRO RC 13 115.52 38.21 -59.54
C PRO RC 13 116.63 37.39 -58.94
N PRO RC 14 116.93 36.23 -59.51
CA PRO RC 14 117.96 35.36 -58.96
C PRO RC 14 119.34 35.97 -59.10
N PRO RC 15 120.30 35.55 -58.30
CA PRO RC 15 121.64 36.14 -58.35
C PRO RC 15 122.30 35.85 -59.69
N PRO RC 16 123.33 36.62 -60.05
CA PRO RC 16 123.94 36.45 -61.36
C PRO RC 16 124.50 35.05 -61.55
N LYS RC 17 124.40 34.57 -62.78
CA LYS RC 17 124.93 33.25 -63.11
C LYS RC 17 126.46 33.30 -63.16
N GLU RC 18 127.07 32.19 -62.80
CA GLU RC 18 128.52 32.07 -62.72
C GLU RC 18 129.03 31.21 -63.87
N TYR RC 19 129.99 31.73 -64.61
CA TYR RC 19 130.69 30.99 -65.65
C TYR RC 19 132.11 30.72 -65.19
N LEU RC 20 132.72 29.69 -65.75
CA LEU RC 20 134.13 29.45 -65.47
C LEU RC 20 134.97 30.37 -66.35
N ALA RC 21 136.28 30.42 -66.06
CA ALA RC 21 137.13 31.33 -66.80
C ALA RC 21 137.09 31.06 -68.30
N ASP RC 22 136.91 29.80 -68.69
CA ASP RC 22 136.82 29.44 -70.10
C ASP RC 22 135.44 29.66 -70.69
N GLY RC 23 134.45 30.04 -69.88
CA GLY RC 23 133.09 30.26 -70.34
C GLY RC 23 132.15 29.11 -70.06
N THR RC 24 132.65 28.00 -69.56
CA THR RC 24 131.79 26.87 -69.22
C THR RC 24 130.87 27.26 -68.07
N PRO RC 25 129.57 27.00 -68.16
CA PRO RC 25 128.69 27.28 -67.02
C PRO RC 25 129.12 26.49 -65.80
N LYS RC 26 129.17 27.19 -64.66
CA LYS RC 26 129.59 26.55 -63.41
C LYS RC 26 128.48 25.65 -62.91
N THR RC 27 128.81 24.38 -62.70
CA THR RC 27 127.84 23.41 -62.20
C THR RC 27 127.94 23.29 -60.69
N TYR RC 28 126.82 22.94 -60.08
CA TYR RC 28 126.67 22.85 -58.63
C TYR RC 28 126.31 21.42 -58.25
N PRO RC 29 126.49 21.04 -56.99
CA PRO RC 29 126.23 19.64 -56.60
C PRO RC 29 124.80 19.26 -56.89
N LEU RC 30 124.63 18.01 -57.36
CA LEU RC 30 123.32 17.50 -57.75
C LEU RC 30 123.25 16.03 -57.38
N HIS RC 31 122.32 15.69 -56.48
CA HIS RC 31 122.15 14.31 -56.01
C HIS RC 31 121.14 13.55 -56.85
N GLN RC 32 121.32 13.56 -58.17
CA GLN RC 32 120.50 12.80 -59.10
C GLN RC 32 121.43 11.95 -59.97
N PRO RC 33 121.98 10.87 -59.41
CA PRO RC 33 123.02 10.10 -60.09
C PRO RC 33 122.52 9.37 -61.33
N VAL RC 34 123.44 9.16 -62.26
CA VAL RC 34 123.22 8.29 -63.42
C VAL RC 34 123.98 7.00 -63.12
N PHE RC 35 123.28 6.05 -62.50
CA PHE RC 35 123.92 4.79 -62.12
C PHE RC 35 124.39 4.03 -63.36
N ASP RC 36 125.52 3.34 -63.21
CA ASP RC 36 126.11 2.60 -64.31
C ASP RC 36 125.74 1.12 -64.18
N HIS RC 37 125.01 0.61 -65.18
CA HIS RC 37 124.70 -0.80 -65.28
C HIS RC 37 124.04 -1.02 -66.63
N GLY RC 38 123.80 -2.28 -66.96
CA GLY RC 38 123.29 -2.65 -68.27
C GLY RC 38 121.78 -2.68 -68.40
N TYR RC 39 121.04 -2.29 -67.37
CA TYR RC 39 119.59 -2.36 -67.40
C TYR RC 39 119.01 -1.06 -67.95
N THR RC 40 118.00 -1.20 -68.82
CA THR RC 40 117.40 -0.07 -69.50
C THR RC 40 115.88 -0.12 -69.51
N TRP RC 41 115.28 -0.88 -68.60
CA TRP RC 41 113.83 -0.99 -68.59
C TRP RC 41 113.20 0.33 -68.18
N GLU RC 42 111.94 0.52 -68.60
CA GLU RC 42 111.18 1.72 -68.30
C GLU RC 42 109.75 1.30 -67.96
N HIS RC 43 109.36 1.49 -66.71
CA HIS RC 43 108.05 1.12 -66.22
C HIS RC 43 107.17 2.35 -66.08
N TRP RC 44 105.96 2.28 -66.62
CA TRP RC 44 105.02 3.39 -66.60
C TRP RC 44 103.78 3.00 -65.81
N TYR RC 45 103.27 3.96 -65.05
CA TYR RC 45 102.11 3.72 -64.19
C TYR RC 45 101.15 4.90 -64.28
N MET RC 46 99.90 4.63 -64.58
CA MET RC 46 98.86 5.65 -64.50
C MET RC 46 98.65 6.03 -63.04
N THR RC 47 98.68 7.32 -62.77
CA THR RC 47 98.67 7.83 -61.40
C THR RC 47 97.57 8.84 -61.22
N ASN RC 48 97.03 8.90 -60.01
CA ASN RC 48 96.05 9.92 -59.68
C ASN RC 48 96.70 11.29 -59.73
N ALA RC 49 96.13 12.19 -60.52
CA ALA RC 49 96.60 13.57 -60.60
C ALA RC 49 95.47 14.49 -60.15
N GLY RC 50 94.89 14.18 -59.01
CA GLY RC 50 93.75 14.91 -58.50
C GLY RC 50 92.49 14.10 -58.63
N VAL RC 51 91.39 14.76 -58.96
CA VAL RC 51 90.09 14.10 -59.07
C VAL RC 51 89.77 13.72 -60.51
N PHE RC 52 90.05 14.61 -61.47
CA PHE RC 52 89.63 14.40 -62.85
C PHE RC 52 90.80 14.18 -63.80
N HIS RC 53 92.03 14.13 -63.31
CA HIS RC 53 93.20 13.99 -64.17
C HIS RC 53 94.05 12.83 -63.69
N THR RC 54 94.92 12.36 -64.59
CA THR RC 54 95.94 11.40 -64.26
C THR RC 54 97.25 11.84 -64.89
N VAL RC 55 98.33 11.18 -64.49
CA VAL RC 55 99.65 11.41 -65.05
C VAL RC 55 100.33 10.07 -65.26
N TYR RC 56 101.06 9.94 -66.36
CA TYR RC 56 101.72 8.68 -66.72
C TYR RC 56 103.13 8.72 -66.14
N TYR RC 57 103.27 8.17 -64.94
CA TYR RC 57 104.55 8.24 -64.22
C TYR RC 57 105.46 7.12 -64.66
N GLY RC 58 106.68 7.47 -65.05
CA GLY RC 58 107.66 6.52 -65.54
C GLY RC 58 108.84 6.39 -64.61
N GLU RC 59 109.27 5.14 -64.40
CA GLU RC 59 110.48 4.83 -63.65
C GLU RC 59 111.51 4.25 -64.60
N PHE RC 60 112.70 4.86 -64.62
CA PHE RC 60 113.76 4.48 -65.54
C PHE RC 60 114.85 3.74 -64.79
N ALA RC 61 115.38 2.69 -65.42
CA ALA RC 61 116.36 1.83 -64.75
C ALA RC 61 117.61 2.61 -64.36
N LYS RC 62 118.05 3.53 -65.20
CA LYS RC 62 119.27 4.28 -64.92
C LYS RC 62 119.15 5.18 -63.69
N ASP RC 63 117.93 5.43 -63.22
CA ASP RC 63 117.73 6.22 -62.02
C ASP RC 63 117.94 5.42 -60.73
N PHE RC 64 118.17 4.13 -60.82
CA PHE RC 64 118.26 3.25 -59.68
C PHE RC 64 119.59 2.51 -59.67
N PRO RC 65 120.05 2.08 -58.50
CA PRO RC 65 121.30 1.31 -58.44
C PRO RC 65 121.16 -0.04 -59.11
N TRP RC 66 122.28 -0.74 -59.20
CA TRP RC 66 122.31 -2.03 -59.90
C TRP RC 66 121.37 -3.04 -59.23
N ARG RC 67 121.35 -3.07 -57.91
CA ARG RC 67 120.57 -4.08 -57.21
C ARG RC 67 119.09 -3.97 -57.56
N TRP RC 68 118.57 -2.75 -57.61
CA TRP RC 68 117.15 -2.58 -57.94
C TRP RC 68 116.89 -2.78 -59.42
N GLY RC 69 117.79 -2.31 -60.28
CA GLY RC 69 117.63 -2.55 -61.71
C GLY RC 69 117.57 -4.03 -62.03
N PHE RC 70 118.40 -4.82 -61.35
CA PHE RC 70 118.38 -6.26 -61.55
C PHE RC 70 117.06 -6.87 -61.08
N VAL RC 71 116.64 -6.52 -59.86
CA VAL RC 71 115.44 -7.13 -59.30
C VAL RC 71 114.20 -6.68 -60.06
N ALA RC 72 114.10 -5.37 -60.33
CA ALA RC 72 112.90 -4.84 -60.96
C ALA RC 72 112.77 -5.24 -62.42
N GLU RC 73 113.82 -5.81 -63.02
CA GLU RC 73 113.71 -6.25 -64.41
C GLU RC 73 112.89 -7.53 -64.54
N LYS RC 74 112.99 -8.42 -63.56
CA LYS RC 74 112.34 -9.71 -63.64
C LYS RC 74 110.85 -9.61 -63.37
N PRO RC 75 110.06 -10.58 -63.86
CA PRO RC 75 108.64 -10.62 -63.49
C PRO RC 75 108.48 -10.75 -61.99
N PHE RC 76 107.45 -10.08 -61.45
CA PHE RC 76 107.28 -10.05 -60.01
C PHE RC 76 107.05 -11.45 -59.44
N TRP RC 77 106.27 -12.27 -60.14
CA TRP RC 77 105.95 -13.60 -59.65
C TRP RC 77 107.03 -14.63 -59.96
N VAL RC 78 108.09 -14.22 -60.65
CA VAL RC 78 109.30 -15.02 -60.71
C VAL RC 78 110.22 -14.70 -59.53
N GLY RC 79 110.42 -13.42 -59.26
CA GLY RC 79 111.30 -13.02 -58.19
C GLY RC 79 110.69 -13.21 -56.81
N ALA RC 80 109.47 -12.70 -56.62
CA ALA RC 80 108.83 -12.70 -55.31
C ALA RC 80 108.94 -14.07 -54.63
N PRO RC 81 108.44 -15.15 -55.25
CA PRO RC 81 108.51 -16.45 -54.57
C PRO RC 81 109.91 -16.86 -54.18
N ILE RC 82 110.89 -16.65 -55.06
CA ILE RC 82 112.27 -17.02 -54.74
C ILE RC 82 112.76 -16.18 -53.56
N LEU RC 83 112.48 -14.87 -53.59
CA LEU RC 83 112.94 -14.00 -52.52
C LEU RC 83 112.32 -14.41 -51.18
N VAL RC 84 111.05 -14.76 -51.17
CA VAL RC 84 110.40 -15.15 -49.92
C VAL RC 84 111.13 -16.32 -49.30
N LEU RC 85 111.36 -17.38 -50.08
CA LEU RC 85 112.06 -18.54 -49.55
C LEU RC 85 113.48 -18.17 -49.12
N GLY RC 86 114.17 -17.37 -49.94
CA GLY RC 86 115.55 -17.03 -49.62
C GLY RC 86 115.67 -16.31 -48.29
N VAL RC 87 114.81 -15.32 -48.06
CA VAL RC 87 114.88 -14.57 -46.81
C VAL RC 87 114.63 -15.50 -45.63
N LEU RC 88 113.64 -16.38 -45.76
CA LEU RC 88 113.34 -17.32 -44.67
C LEU RC 88 114.51 -18.26 -44.42
N CYS RC 89 115.10 -18.80 -45.49
CA CYS RC 89 116.25 -19.68 -45.32
C CYS RC 89 117.40 -18.96 -44.63
N LEU RC 90 117.69 -17.73 -45.05
CA LEU RC 90 118.78 -16.99 -44.45
C LEU RC 90 118.53 -16.76 -42.96
N GLY RC 91 117.29 -16.44 -42.59
CA GLY RC 91 116.98 -16.25 -41.19
C GLY RC 91 117.29 -17.47 -40.36
N HIS RC 92 116.88 -18.65 -40.85
CA HIS RC 92 117.15 -19.88 -40.14
C HIS RC 92 118.66 -20.15 -40.06
N ILE RC 93 119.38 -19.89 -41.14
CA ILE RC 93 120.83 -20.10 -41.14
C ILE RC 93 121.47 -19.22 -40.07
N ILE RC 94 121.07 -17.95 -40.02
CA ILE RC 94 121.65 -17.02 -39.05
C ILE RC 94 121.44 -17.51 -37.64
N GLN RC 95 120.25 -18.03 -37.36
CA GLN RC 95 119.87 -18.47 -36.03
C GLN RC 95 120.42 -19.85 -35.69
N THR RC 96 121.03 -20.53 -36.65
CA THR RC 96 121.64 -21.83 -36.40
C THR RC 96 123.15 -21.74 -36.19
N MET RC 97 123.76 -20.61 -36.56
CA MET RC 97 125.22 -20.49 -36.45
C MET RC 97 125.68 -20.52 -35.00
N GLY RC 98 124.89 -20.00 -34.08
CA GLY RC 98 125.28 -19.99 -32.70
C GLY RC 98 125.02 -21.26 -31.92
N GLN RC 99 124.49 -22.30 -32.57
CA GLN RC 99 124.14 -23.53 -31.88
C GLN RC 99 124.67 -24.75 -32.64
N ILE RC 100 125.79 -24.60 -33.33
CA ILE RC 100 126.37 -25.70 -34.08
C ILE RC 100 127.08 -26.63 -33.11
N GLY RC 101 126.61 -27.87 -33.04
CA GLY RC 101 127.19 -28.86 -32.16
C GLY RC 101 126.62 -28.89 -30.76
N VAL RC 102 125.67 -28.02 -30.43
CA VAL RC 102 125.06 -28.01 -29.11
C VAL RC 102 124.15 -29.23 -28.99
N ARG RC 103 124.39 -30.04 -27.96
CA ARG RC 103 123.68 -31.31 -27.75
C ARG RC 103 123.20 -31.39 -26.31
N PRO RC 104 122.06 -30.76 -26.00
CA PRO RC 104 121.51 -30.89 -24.63
C PRO RC 104 121.15 -32.32 -24.30
N LYS RC 105 121.32 -32.69 -23.03
CA LYS RC 105 121.07 -34.07 -22.62
C LYS RC 105 119.59 -34.42 -22.60
N ARG RC 106 118.71 -33.42 -22.48
CA ARG RC 106 117.29 -33.70 -22.38
C ARG RC 106 116.67 -34.09 -23.72
N TYR RC 107 117.40 -33.98 -24.81
CA TYR RC 107 116.92 -34.41 -26.12
C TYR RC 107 117.51 -35.74 -26.55
N THR RC 108 118.27 -36.40 -25.69
CA THR RC 108 118.81 -37.70 -26.00
C THR RC 108 117.73 -38.77 -25.92
N PRO RC 109 117.95 -39.93 -26.55
CA PRO RC 109 116.93 -40.99 -26.48
C PRO RC 109 116.62 -41.42 -25.06
N GLU RC 110 117.61 -41.46 -24.17
CA GLU RC 110 117.36 -41.88 -22.80
C GLU RC 110 116.37 -40.95 -22.11
N TRP RC 111 116.57 -39.64 -22.25
CA TRP RC 111 115.65 -38.69 -21.65
C TRP RC 111 114.29 -38.72 -22.34
N VAL RC 112 114.27 -38.99 -23.65
CA VAL RC 112 113.01 -39.06 -24.36
C VAL RC 112 112.17 -40.23 -23.85
N GLU RC 113 112.81 -41.36 -23.58
CA GLU RC 113 112.08 -42.50 -23.03
C GLU RC 113 111.57 -42.21 -21.63
N ALA RC 114 112.37 -41.56 -20.80
CA ALA RC 114 111.97 -41.30 -19.42
C ALA RC 114 110.73 -40.42 -19.37
N THR RC 115 110.62 -39.45 -20.28
CA THR RC 115 109.42 -38.63 -20.34
C THR RC 115 108.20 -39.46 -20.70
N LYS RC 116 108.37 -40.42 -21.62
CA LYS RC 116 107.27 -41.31 -21.96
C LYS RC 116 106.82 -42.09 -20.74
N GLU RC 117 107.76 -42.56 -19.93
CA GLU RC 117 107.40 -43.25 -18.70
C GLU RC 117 106.61 -42.34 -17.77
N ARG RC 118 107.03 -41.09 -17.64
CA ARG RC 118 106.31 -40.15 -16.78
C ARG RC 118 104.90 -39.92 -17.31
N GLU RC 119 104.74 -39.79 -18.62
CA GLU RC 119 103.42 -39.57 -19.20
C GLU RC 119 102.51 -40.77 -18.97
N ARG RC 120 103.04 -41.98 -19.09
CA ARG RC 120 102.23 -43.16 -18.84
C ARG RC 120 101.76 -43.20 -17.38
N ALA RC 121 102.67 -42.89 -16.45
CA ALA RC 121 102.30 -42.93 -15.04
C ALA RC 121 101.29 -41.84 -14.71
N GLU RC 122 101.43 -40.66 -15.32
CA GLU RC 122 100.55 -39.54 -15.05
C GLU RC 122 99.36 -39.45 -15.99
N ASN RC 123 99.27 -40.35 -16.97
CA ASN RC 123 98.18 -40.34 -17.94
C ASN RC 123 97.99 -38.94 -18.53
N THR RC 124 99.07 -38.41 -19.10
CA THR RC 124 99.10 -37.03 -19.56
C THR RC 124 98.31 -36.83 -20.85
N ASN RC 125 97.65 -35.65 -20.94
CA ASN RC 125 96.84 -35.23 -22.07
C ASN RC 125 96.04 -36.42 -22.60
N PRO RC 126 95.13 -36.98 -21.78
CA PRO RC 126 94.30 -38.13 -22.24
C PRO RC 126 93.23 -37.73 -23.23
N ILE RC 127 92.78 -36.48 -23.23
CA ILE RC 127 91.67 -36.04 -24.07
C ILE RC 127 92.21 -35.65 -25.44
N THR RC 128 93.51 -35.33 -25.53
CA THR RC 128 94.14 -35.04 -26.81
C THR RC 128 94.35 -36.36 -27.55
N ARG RC 129 94.65 -37.43 -26.80
CA ARG RC 129 94.91 -38.75 -27.39
C ARG RC 129 93.58 -39.39 -27.83
N TYR RC 130 92.53 -39.24 -27.01
CA TYR RC 130 91.21 -39.74 -27.39
C TYR RC 130 90.66 -39.00 -28.62
N LEU RC 131 90.80 -37.67 -28.64
CA LEU RC 131 90.24 -36.88 -29.73
C LEU RC 131 91.00 -37.09 -31.03
N ASP RC 132 92.31 -37.37 -30.93
CA ASP RC 132 93.07 -37.70 -32.13
C ASP RC 132 92.60 -39.02 -32.74
N ARG RC 133 92.36 -40.03 -31.90
CA ARG RC 133 91.87 -41.31 -32.39
C ARG RC 133 90.50 -41.16 -33.05
N ARG RC 134 89.61 -40.40 -32.41
CA ARG RC 134 88.28 -40.20 -32.98
C ARG RC 134 88.34 -39.49 -34.31
N ARG RC 135 89.16 -38.44 -34.41
CA ARG RC 135 89.27 -37.70 -35.66
C ARG RC 135 89.87 -38.56 -36.76
N ALA RC 136 90.93 -39.31 -36.43
CA ALA RC 136 91.59 -40.14 -37.42
C ALA RC 136 90.65 -41.20 -37.96
N GLU RC 137 89.81 -41.77 -37.10
CA GLU RC 137 88.85 -42.77 -37.54
C GLU RC 137 87.85 -42.18 -38.53
N ARG RC 138 87.46 -40.93 -38.33
CA ARG RC 138 86.46 -40.30 -39.18
C ARG RC 138 87.04 -39.92 -40.54
N GLY RC 139 88.23 -39.32 -40.57
CA GLY RC 139 88.77 -38.79 -41.80
C GLY RC 139 90.26 -38.55 -41.77
N PRO RC 140 90.77 -37.80 -42.77
CA PRO RC 140 92.22 -37.57 -42.86
C PRO RC 140 92.76 -36.60 -41.80
N TYR RC 141 93.55 -37.11 -40.86
CA TYR RC 141 94.07 -36.31 -39.74
C TYR RC 141 95.59 -36.29 -39.81
N TYR RC 142 96.17 -35.08 -39.91
CA TYR RC 142 97.61 -34.90 -40.03
C TYR RC 142 98.15 -34.03 -38.89
N LEU RC 143 99.15 -34.54 -38.18
CA LEU RC 143 99.80 -33.84 -37.07
C LEU RC 143 101.22 -33.46 -37.45
N MET RC 144 101.57 -32.18 -37.26
CA MET RC 144 102.94 -31.74 -37.49
C MET RC 144 103.90 -32.48 -36.57
N SER RC 145 103.50 -32.67 -35.31
CA SER RC 145 104.33 -33.35 -34.33
C SER RC 145 104.75 -34.74 -34.78
N ASN RC 146 103.97 -35.35 -35.66
CA ASN RC 146 104.24 -36.71 -36.11
C ASN RC 146 105.40 -36.75 -37.11
N VAL RC 147 105.53 -35.71 -37.94
CA VAL RC 147 106.47 -35.74 -39.05
C VAL RC 147 107.75 -34.95 -38.76
N LEU RC 148 107.66 -33.84 -38.00
CA LEU RC 148 108.76 -32.88 -37.87
C LEU RC 148 109.48 -33.00 -36.53
N PRO RC 149 110.75 -32.60 -36.47
CA PRO RC 149 111.43 -32.54 -35.17
C PRO RC 149 110.82 -31.47 -34.28
N TYR RC 150 110.87 -31.73 -32.97
CA TYR RC 150 110.34 -30.79 -32.00
C TYR RC 150 111.39 -29.85 -31.42
N HIS RC 151 112.67 -30.11 -31.68
CA HIS RC 151 113.75 -29.27 -31.20
C HIS RC 151 114.75 -29.02 -32.32
N PRO RC 152 115.48 -27.90 -32.26
CA PRO RC 152 116.38 -27.55 -33.37
C PRO RC 152 117.74 -28.21 -33.30
N HIS RC 153 118.09 -28.84 -32.19
CA HIS RC 153 119.39 -29.47 -32.03
C HIS RC 153 119.43 -30.87 -32.63
N PHE RC 154 118.36 -31.26 -33.33
CA PHE RC 154 118.30 -32.60 -33.90
C PHE RC 154 119.37 -32.82 -34.95
N LEU RC 155 119.84 -31.74 -35.58
CA LEU RC 155 120.82 -31.86 -36.64
C LEU RC 155 122.15 -32.39 -36.13
N TRP RC 156 122.42 -32.27 -34.83
CA TRP RC 156 123.70 -32.64 -34.26
C TRP RC 156 123.63 -33.84 -33.34
N MET RC 157 122.43 -34.29 -32.97
CA MET RC 157 122.24 -35.31 -31.96
C MET RC 157 121.85 -36.65 -32.56
N ARG RC 158 122.38 -36.97 -33.74
CA ARG RC 158 122.05 -38.24 -34.36
C ARG RC 158 122.57 -39.42 -33.55
N ASN RC 159 123.78 -39.29 -33.00
CA ASN RC 159 124.42 -40.38 -32.26
C ASN RC 159 124.63 -40.06 -30.79
N SER RC 160 124.00 -39.00 -30.28
CA SER RC 160 124.22 -38.61 -28.90
C SER RC 160 123.42 -39.47 -27.94
N HIS RC 161 124.03 -39.79 -26.81
CA HIS RC 161 123.39 -40.59 -25.78
C HIS RC 161 123.85 -40.11 -24.41
N ASP RC 162 123.02 -40.39 -23.40
CA ASP RC 162 123.39 -40.20 -22.00
C ASP RC 162 123.48 -41.61 -21.39
N TYR RC 163 124.71 -42.10 -21.26
CA TYR RC 163 124.89 -43.47 -20.80
C TYR RC 163 124.63 -43.61 -19.31
N GLU RC 164 124.85 -42.55 -18.53
CA GLU RC 164 124.57 -42.63 -17.10
C GLU RC 164 123.08 -42.80 -16.86
N ALA RC 165 122.25 -42.07 -17.61
CA ALA RC 165 120.81 -42.23 -17.49
C ALA RC 165 120.37 -43.61 -17.92
N ALA RC 166 121.02 -44.16 -18.95
CA ALA RC 166 120.65 -45.50 -19.43
C ALA RC 166 120.81 -46.53 -18.32
N GLU RC 167 121.92 -46.47 -17.60
CA GLU RC 167 122.16 -47.45 -16.54
C GLU RC 167 121.18 -47.26 -15.39
N ALA RC 168 120.93 -46.00 -15.01
CA ALA RC 168 120.00 -45.72 -13.92
C ALA RC 168 118.58 -46.14 -14.30
N LEU RC 169 118.16 -45.82 -15.52
CA LEU RC 169 116.81 -46.19 -15.95
C LEU RC 169 116.63 -47.70 -15.98
N ALA RC 170 117.63 -48.42 -16.47
CA ALA RC 170 117.55 -49.88 -16.51
C ALA RC 170 117.45 -50.44 -15.10
N ALA RC 171 118.22 -49.89 -14.16
CA ALA RC 171 118.16 -50.37 -12.78
C ALA RC 171 116.78 -50.13 -12.18
N ARG RC 172 116.21 -48.95 -12.42
CA ARG RC 172 114.88 -48.66 -11.86
C ARG RC 172 113.83 -49.58 -12.45
N ARG RC 173 113.93 -49.87 -13.74
CA ARG RC 173 112.96 -50.78 -14.37
C ARG RC 173 113.08 -52.18 -13.77
N GLU RC 174 114.30 -52.64 -13.48
CA GLU RC 174 114.46 -53.93 -12.84
C GLU RC 174 113.83 -53.95 -11.46
N LYS RC 175 114.07 -52.89 -10.67
CA LYS RC 175 113.44 -52.80 -9.36
C LYS RC 175 111.92 -52.76 -9.47
N ASP RC 176 111.41 -52.06 -10.48
CA ASP RC 176 109.96 -51.99 -10.67
C ASP RC 176 109.38 -53.36 -10.95
N ARG RC 177 110.08 -54.17 -11.73
CA ARG RC 177 109.60 -55.52 -12.02
C ARG RC 177 109.53 -56.35 -10.74
N GLU RC 178 110.51 -56.20 -9.86
CA GLU RC 178 110.46 -56.92 -8.59
C GLU RC 178 109.29 -56.45 -7.75
N LEU RC 179 109.07 -55.14 -7.70
CA LEU RC 179 107.94 -54.62 -6.93
C LEU RC 179 106.62 -55.11 -7.52
N ALA RC 180 106.53 -55.19 -8.84
CA ALA RC 180 105.29 -55.66 -9.46
C ALA RC 180 105.00 -57.10 -9.08
N ALA RC 181 106.02 -57.96 -9.10
CA ALA RC 181 105.81 -59.35 -8.70
C ALA RC 181 105.39 -59.45 -7.25
N LYS RC 182 106.04 -58.67 -6.38
CA LYS RC 182 105.64 -58.65 -4.97
C LYS RC 182 104.21 -58.18 -4.81
N LEU RC 183 103.83 -57.13 -5.53
CA LEU RC 183 102.46 -56.62 -5.44
C LEU RC 183 101.46 -57.66 -5.91
N GLU RC 184 101.80 -58.40 -6.97
CA GLU RC 184 100.94 -59.48 -7.42
C GLU RC 184 100.76 -60.51 -6.32
N ALA RC 185 101.83 -60.83 -5.59
CA ALA RC 185 101.76 -61.77 -4.48
C ALA RC 185 101.16 -63.10 -4.91
N LYS SC 1 78.64 39.32 -17.97
CA LYS SC 1 79.10 37.96 -17.70
C LYS SC 1 80.62 37.89 -17.78
N HIS SC 2 81.21 36.96 -17.02
CA HIS SC 2 82.65 36.86 -16.95
C HIS SC 2 83.23 36.28 -18.24
N PHE SC 3 82.81 35.08 -18.60
CA PHE SC 3 83.40 34.38 -19.73
C PHE SC 3 83.05 35.09 -21.04
N PHE SC 4 84.03 35.15 -21.94
CA PHE SC 4 83.88 35.80 -23.24
C PHE SC 4 83.28 34.82 -24.24
N THR SC 5 82.22 35.26 -24.92
CA THR SC 5 81.60 34.49 -25.99
C THR SC 5 81.49 35.38 -27.22
N ASP SC 6 81.97 34.88 -28.36
CA ASP SC 6 81.97 35.68 -29.58
C ASP SC 6 80.58 36.14 -29.94
N GLY SC 7 79.58 35.30 -29.69
CA GLY SC 7 78.23 35.59 -30.15
C GLY SC 7 77.44 36.49 -29.22
N ALA SC 8 77.59 36.30 -27.91
CA ALA SC 8 76.78 37.01 -26.93
C ALA SC 8 77.59 37.98 -26.08
N ASN SC 9 78.57 37.49 -25.33
CA ASN SC 9 79.37 38.33 -24.44
C ASN SC 9 80.69 38.71 -25.11
N ASP SC 10 80.56 39.39 -26.25
CA ASP SC 10 81.73 39.80 -27.04
C ASP SC 10 82.15 41.19 -26.59
N TYR SC 11 82.94 41.24 -25.51
CA TYR SC 11 83.43 42.48 -24.98
C TYR SC 11 84.83 42.83 -25.48
N VAL SC 12 85.53 41.87 -26.10
CA VAL SC 12 86.88 42.14 -26.58
C VAL SC 12 86.84 43.10 -27.75
N THR SC 13 85.91 42.88 -28.70
CA THR SC 13 85.76 43.75 -29.85
C THR SC 13 84.47 44.54 -29.86
N GLY SC 14 83.46 44.12 -29.10
CA GLY SC 14 82.20 44.83 -29.09
C GLY SC 14 81.35 44.63 -30.31
N TRP SC 15 81.62 43.60 -31.11
CA TRP SC 15 80.85 43.37 -32.32
C TRP SC 15 79.42 42.95 -31.98
N GLU SC 16 78.47 43.50 -32.72
CA GLU SC 16 77.06 43.16 -32.59
C GLU SC 16 76.52 42.80 -33.97
N ASN SC 17 75.85 41.65 -34.07
CA ASN SC 17 75.36 41.18 -35.36
C ASN SC 17 74.28 42.08 -35.95
N THR SC 18 73.56 42.83 -35.14
CA THR SC 18 72.44 43.64 -35.61
C THR SC 18 72.55 45.05 -35.07
N PRO SC 19 71.94 46.02 -35.76
CA PRO SC 19 72.02 47.41 -35.32
C PRO SC 19 71.14 47.66 -34.10
N PRO SC 20 71.27 48.82 -33.47
CA PRO SC 20 70.39 49.14 -32.33
C PRO SC 20 68.93 49.24 -32.77
N LEU SC 21 68.04 48.85 -31.87
CA LEU SC 21 66.61 48.93 -32.16
C LEU SC 21 66.14 50.38 -32.23
N LYS SC 22 66.89 51.31 -31.64
CA LYS SC 22 66.48 52.71 -31.66
C LYS SC 22 66.44 53.28 -33.07
N PHE SC 23 67.27 52.75 -33.96
CA PHE SC 23 67.38 53.34 -35.29
C PHE SC 23 66.16 52.99 -36.13
N PRO SC 24 65.60 53.97 -36.85
CA PRO SC 24 64.52 53.65 -37.80
C PRO SC 24 65.02 52.71 -38.89
N ALA SC 25 64.09 51.90 -39.41
CA ALA SC 25 64.45 50.97 -40.47
C ALA SC 25 64.97 51.70 -41.70
N SER SC 26 64.49 52.92 -41.93
CA SER SC 26 65.01 53.72 -43.05
C SER SC 26 66.44 54.17 -42.79
N VAL SC 27 66.84 54.27 -41.54
CA VAL SC 27 68.20 54.65 -41.20
C VAL SC 27 69.13 53.44 -41.16
N MET SC 28 68.73 52.41 -40.46
CA MET SC 28 69.52 51.19 -40.36
C MET SC 28 68.61 50.05 -39.97
N LYS SC 29 68.85 48.87 -40.55
CA LYS SC 29 68.06 47.69 -40.30
C LYS SC 29 68.98 46.48 -40.24
N PRO SC 30 68.54 45.39 -39.62
CA PRO SC 30 69.34 44.16 -39.64
C PRO SC 30 69.55 43.67 -41.07
N CYS SC 31 70.71 43.07 -41.30
CA CYS SC 31 71.07 42.58 -42.62
C CYS SC 31 70.29 41.31 -42.90
N ASP SC 32 69.15 41.47 -43.58
CA ASP SC 32 68.29 40.34 -43.92
C ASP SC 32 67.60 40.67 -45.23
N TYR SC 33 68.07 40.07 -46.33
CA TYR SC 33 67.45 40.22 -47.62
C TYR SC 33 66.88 38.89 -48.12
N SER SC 34 66.48 38.01 -47.20
CA SER SC 34 65.88 36.74 -47.56
C SER SC 34 64.53 36.92 -48.25
N MET SC 35 63.86 38.05 -48.03
CA MET SC 35 62.53 38.30 -48.59
C MET SC 35 62.58 39.08 -49.88
N THR SC 36 63.76 39.26 -50.48
CA THR SC 36 63.86 40.02 -51.71
C THR SC 36 62.99 39.39 -52.79
N LYS SC 37 62.24 40.23 -53.50
CA LYS SC 37 61.38 39.74 -54.56
C LYS SC 37 62.19 39.24 -55.73
N PRO SC 38 61.61 38.35 -56.55
CA PRO SC 38 62.37 37.79 -57.67
C PRO SC 38 62.88 38.89 -58.59
N ILE SC 39 64.12 38.72 -59.04
CA ILE SC 39 64.74 39.73 -59.91
C ILE SC 39 64.13 39.65 -61.30
N PRO SC 40 63.74 40.76 -61.91
CA PRO SC 40 63.26 40.71 -63.30
C PRO SC 40 64.35 40.20 -64.22
N LYS SC 41 63.93 39.48 -65.27
CA LYS SC 41 64.90 38.90 -66.20
C LYS SC 41 65.68 39.98 -66.92
N HIS SC 42 65.05 41.12 -67.22
CA HIS SC 42 65.76 42.16 -67.96
C HIS SC 42 66.80 42.88 -67.12
N TRP SC 43 66.79 42.71 -65.81
CA TRP SC 43 67.87 43.23 -64.98
C TRP SC 43 69.14 42.40 -65.20
N LYS SC 44 70.28 43.08 -65.16
CA LYS SC 44 71.58 42.45 -65.37
C LYS SC 44 72.42 42.58 -64.12
N LEU SC 45 73.20 41.54 -63.83
CA LEU SC 45 74.07 41.55 -62.67
C LEU SC 45 75.27 42.46 -62.92
N ARG SC 46 75.36 43.53 -62.14
CA ARG SC 46 76.49 44.44 -62.22
C ARG SC 46 77.57 44.10 -61.21
N GLY SC 47 77.19 43.97 -59.95
CA GLY SC 47 78.12 43.64 -58.90
C GLY SC 47 78.46 42.18 -58.89
N SER SC 48 79.27 41.81 -57.90
CA SER SC 48 79.65 40.40 -57.76
C SER SC 48 78.48 39.52 -57.37
N GLY SC 49 77.53 40.07 -56.62
CA GLY SC 49 76.48 39.27 -56.03
C GLY SC 49 76.91 38.51 -54.79
N ILE SC 50 78.18 38.59 -54.43
CA ILE SC 50 78.70 37.89 -53.27
C ILE SC 50 78.25 38.59 -52.01
N HIS SC 51 77.89 37.82 -51.00
CA HIS SC 51 77.56 38.38 -49.69
C HIS SC 51 78.76 39.13 -49.14
N GLY SC 52 78.57 40.41 -48.85
CA GLY SC 52 79.65 41.25 -48.40
C GLY SC 52 79.26 42.71 -48.32
N PRO SC 53 80.27 43.60 -48.35
CA PRO SC 53 79.98 45.03 -48.13
C PRO SC 53 79.24 45.70 -49.27
N GLU SC 54 79.06 45.05 -50.42
CA GLU SC 54 78.26 45.64 -51.48
C GLU SC 54 76.81 45.79 -51.04
N ASN SC 55 76.35 44.94 -50.14
CA ASN SC 55 75.00 45.08 -49.58
C ASN SC 55 74.97 46.23 -48.58
N THR SC 56 73.96 47.09 -48.70
CA THR SC 56 73.91 48.29 -47.88
C THR SC 56 73.84 47.95 -46.40
N ASP SC 57 73.01 46.98 -46.03
CA ASP SC 57 72.85 46.65 -44.62
C ASP SC 57 74.16 46.16 -44.01
N LEU SC 58 74.86 45.27 -44.70
CA LEU SC 58 76.13 44.77 -44.18
C LEU SC 58 77.14 45.89 -44.05
N MET SC 59 77.22 46.77 -45.06
CA MET SC 59 78.12 47.91 -44.99
C MET SC 59 77.83 48.76 -43.75
N LYS SC 60 76.56 49.08 -43.53
CA LYS SC 60 76.21 49.90 -42.39
C LYS SC 60 76.51 49.19 -41.07
N LEU SC 61 76.38 47.87 -41.04
CA LEU SC 61 76.73 47.12 -39.84
C LEU SC 61 78.22 47.25 -39.53
N VAL SC 62 79.07 47.08 -40.53
CA VAL SC 62 80.51 47.23 -40.33
C VAL SC 62 80.84 48.65 -39.89
N LEU SC 63 80.27 49.63 -40.59
CA LEU SC 63 80.53 51.03 -40.26
C LEU SC 63 80.15 51.34 -38.83
N TRP SC 64 78.92 50.96 -38.44
CA TRP SC 64 78.46 51.25 -37.09
C TRP SC 64 79.27 50.51 -36.04
N ASN SC 65 79.65 49.26 -36.32
CA ASN SC 65 80.42 48.50 -35.35
C ASN SC 65 81.78 49.12 -35.08
N ARG SC 66 82.24 50.04 -35.93
CA ARG SC 66 83.48 50.76 -35.68
C ARG SC 66 83.25 52.17 -35.14
N LEU SC 67 82.22 52.86 -35.63
CA LEU SC 67 81.97 54.22 -35.18
C LEU SC 67 81.18 54.28 -33.88
N LYS SC 68 80.66 53.16 -33.40
CA LYS SC 68 79.99 53.12 -32.11
C LYS SC 68 80.98 53.08 -30.95
N GLN SC 69 82.27 52.89 -31.24
CA GLN SC 69 83.26 52.75 -30.19
C GLN SC 69 83.59 54.07 -29.51
N LYS SC 70 83.15 55.20 -30.06
CA LYS SC 70 83.28 56.50 -29.43
C LYS SC 70 81.88 57.09 -29.27
N ARG SC 71 81.52 57.43 -28.03
CA ARG SC 71 80.19 57.93 -27.70
C ARG SC 71 80.30 59.03 -26.64
N PRO SC 72 79.46 60.07 -26.70
CA PRO SC 72 79.59 61.16 -25.71
C PRO SC 72 79.32 60.74 -24.28
N GLN SC 73 78.41 59.79 -24.03
CA GLN SC 73 78.04 59.42 -22.67
C GLN SC 73 77.86 57.90 -22.61
N ARG SC 74 77.56 57.40 -21.42
CA ARG SC 74 77.30 55.98 -21.25
C ARG SC 74 75.87 55.65 -21.64
N GLU SC 75 75.68 54.43 -22.15
CA GLU SC 75 74.36 53.89 -22.43
C GLU SC 75 73.93 53.08 -21.21
N VAL SC 76 73.32 53.74 -20.24
CA VAL SC 76 73.00 53.12 -18.96
C VAL SC 76 72.18 51.85 -19.21
N PRO SC 77 72.66 50.69 -18.77
CA PRO SC 77 71.82 49.49 -18.83
C PRO SC 77 70.83 49.46 -17.68
N ASN SC 78 69.78 48.66 -17.85
CA ASN SC 78 68.77 48.60 -16.81
C ASN SC 78 69.25 47.74 -15.64
N ILE SC 79 68.53 47.83 -14.52
CA ILE SC 79 69.00 47.19 -13.30
C ILE SC 79 69.09 45.68 -13.47
N ASN SC 80 68.27 45.10 -14.33
CA ASN SC 80 68.37 43.66 -14.57
C ASN SC 80 69.74 43.28 -15.10
N TYR SC 81 70.25 44.04 -16.06
CA TYR SC 81 71.60 43.77 -16.56
C TYR SC 81 72.64 43.95 -15.47
N LEU SC 82 72.53 45.01 -14.69
CA LEU SC 82 73.52 45.28 -13.65
C LEU SC 82 73.55 44.16 -12.62
N LYS SC 83 72.37 43.67 -12.21
CA LYS SC 83 72.34 42.55 -11.27
C LYS SC 83 73.03 41.33 -11.85
N ASP SC 84 72.77 41.03 -13.12
CA ASP SC 84 73.38 39.85 -13.74
C ASP SC 84 74.88 39.99 -13.84
N SER SC 85 75.39 41.20 -14.02
CA SER SC 85 76.81 41.41 -14.18
C SER SC 85 77.60 40.96 -12.95
N ILE SC 86 77.02 41.11 -11.76
CA ILE SC 86 77.71 40.80 -10.52
C ILE SC 86 76.91 39.80 -9.70
N ARG SC 87 76.20 38.90 -10.38
CA ARG SC 87 75.38 37.92 -9.67
C ARG SC 87 76.22 37.06 -8.75
N LEU SC 88 77.35 36.56 -9.25
CA LEU SC 88 78.20 35.71 -8.42
C LEU SC 88 78.77 36.49 -7.25
N GLU SC 89 79.20 37.72 -7.48
CA GLU SC 89 79.79 38.53 -6.42
C GLU SC 89 78.80 38.71 -5.28
N LEU SC 90 77.58 39.14 -5.60
CA LEU SC 90 76.57 39.36 -4.56
C LEU SC 90 76.23 38.06 -3.85
N SER SC 91 76.11 36.97 -4.60
CA SER SC 91 75.75 35.69 -3.97
C SER SC 91 76.84 35.21 -3.03
N VAL SC 92 78.11 35.38 -3.41
CA VAL SC 92 79.21 34.98 -2.53
C VAL SC 92 79.21 35.83 -1.27
N ASN SC 93 78.91 37.12 -1.40
CA ASN SC 93 78.86 37.98 -0.23
C ASN SC 93 77.77 37.53 0.74
N TRP SC 94 76.59 37.19 0.22
CA TRP SC 94 75.54 36.69 1.08
C TRP SC 94 75.91 35.33 1.68
N TRP SC 95 76.66 34.51 0.93
CA TRP SC 95 77.14 33.25 1.48
C TRP SC 95 78.05 33.50 2.67
N LEU SC 96 78.91 34.52 2.58
CA LEU SC 96 79.77 34.86 3.71
C LEU SC 96 78.93 35.28 4.92
N MET SC 97 77.89 36.09 4.69
CA MET SC 97 77.02 36.48 5.78
C MET SC 97 76.36 35.27 6.42
N SER SC 98 75.92 34.32 5.61
CA SER SC 98 75.31 33.11 6.15
C SER SC 98 76.31 32.33 7.00
N CYS SC 99 77.55 32.24 6.55
CA CYS SC 99 78.56 31.47 7.27
C CYS SC 99 78.90 32.11 8.61
N ILE SC 100 78.75 33.42 8.73
CA ILE SC 100 79.09 34.12 9.96
C ILE SC 100 77.92 34.13 10.94
N PHE SC 101 76.71 34.38 10.45
CA PHE SC 101 75.56 34.60 11.31
C PHE SC 101 74.63 33.41 11.42
N LEU SC 102 74.78 32.39 10.56
CA LEU SC 102 73.99 31.17 10.67
C LEU SC 102 74.84 29.97 11.05
N TRP SC 103 75.86 29.65 10.26
CA TRP SC 103 76.71 28.51 10.56
C TRP SC 103 77.49 28.74 11.85
N GLY SC 104 77.99 29.96 12.04
CA GLY SC 104 78.79 30.29 13.20
C GLY SC 104 78.12 30.02 14.51
N PRO SC 105 76.91 30.57 14.70
CA PRO SC 105 76.23 30.40 16.00
C PRO SC 105 75.94 28.95 16.38
N TRP SC 106 75.40 28.15 15.48
CA TRP SC 106 75.03 26.79 15.88
C TRP SC 106 76.25 25.90 16.01
N LEU SC 107 77.31 26.15 15.23
CA LEU SC 107 78.55 25.41 15.41
C LEU SC 107 79.14 25.68 16.78
N HIS SC 108 79.08 26.93 17.25
CA HIS SC 108 79.57 27.26 18.59
C HIS SC 108 78.74 26.56 19.66
N TRP SC 109 77.41 26.57 19.50
CA TRP SC 109 76.54 25.91 20.46
C TRP SC 109 76.85 24.42 20.55
N GLY SC 110 77.10 23.78 19.41
CA GLY SC 110 77.38 22.36 19.41
C GLY SC 110 78.66 22.02 20.17
N GLN SC 111 79.69 22.83 19.98
CA GLN SC 111 80.96 22.58 20.66
C GLN SC 111 80.83 22.78 22.16
N GLU SC 112 80.13 23.83 22.58
CA GLU SC 112 79.91 24.06 24.00
C GLU SC 112 79.11 22.92 24.63
N TYR SC 113 78.08 22.45 23.93
CA TYR SC 113 77.32 21.29 24.41
C TYR SC 113 78.20 20.05 24.47
N GLN SC 114 79.04 19.86 23.46
CA GLN SC 114 79.95 18.73 23.41
C GLN SC 114 80.86 18.71 24.62
N LYS SC 115 81.31 19.89 25.05
CA LYS SC 115 82.18 19.99 26.21
C LYS SC 115 81.58 19.32 27.43
N VAL SC 116 80.28 19.54 27.66
CA VAL SC 116 79.63 19.06 28.86
C VAL SC 116 79.12 17.63 28.70
N HIS SC 117 78.60 17.26 27.53
CA HIS SC 117 77.91 16.00 27.33
C HIS SC 117 78.68 15.01 26.45
N GLU SC 118 79.92 15.35 26.10
CA GLU SC 118 80.86 14.54 25.33
C GLU SC 118 80.56 14.41 23.84
N GLN SC 119 79.32 14.54 23.43
CA GLN SC 119 78.93 14.38 22.04
C GLN SC 119 78.07 15.57 21.65
N PRO SC 120 77.99 15.88 20.36
CA PRO SC 120 77.27 17.08 19.95
C PRO SC 120 75.78 16.95 20.25
N PRO SC 121 75.05 18.07 20.25
CA PRO SC 121 73.63 18.02 20.61
C PRO SC 121 72.75 17.32 19.58
N TRP SC 122 73.27 17.00 18.41
CA TRP SC 122 72.51 16.36 17.34
C TRP SC 122 72.94 14.92 17.13
N ALA SC 123 73.50 14.27 18.15
CA ALA SC 123 74.00 12.91 18.07
C ALA SC 123 73.36 12.06 19.16
N MET SC 124 73.35 10.75 18.94
CA MET SC 124 72.84 9.80 19.92
C MET SC 124 73.94 9.51 20.95
N LYS SC 125 73.63 9.75 22.23
CA LYS SC 125 74.59 9.42 23.27
C LYS SC 125 74.87 7.93 23.27
N ARG SC 126 76.15 7.58 23.33
CA ARG SC 126 76.57 6.19 23.30
C ARG SC 126 76.53 5.60 24.71
N ILE SC 127 76.45 4.27 24.76
CA ILE SC 127 76.58 3.52 25.99
C ILE SC 127 77.68 2.48 25.91
N ASP SC 128 78.38 2.39 24.78
CA ASP SC 128 79.41 1.37 24.60
C ASP SC 128 80.60 1.59 25.53
N GLY SC 129 80.79 2.80 26.04
CA GLY SC 129 81.91 3.10 26.90
C GLY SC 129 83.12 3.67 26.20
N LEU SC 130 83.07 3.80 24.88
CA LEU SC 130 84.11 4.50 24.14
C LEU SC 130 84.07 5.98 24.48
N ARG SC 131 85.21 6.66 24.34
CA ARG SC 131 85.34 8.07 24.71
C ARG SC 131 85.63 8.91 23.47
N GLY SC 132 85.21 10.18 23.52
CA GLY SC 132 85.45 11.13 22.45
C GLY SC 132 84.17 11.72 21.89
N GLU SC 133 84.36 12.76 21.06
CA GLU SC 133 83.23 13.49 20.50
C GLU SC 133 82.41 12.63 19.53
N GLY SC 134 83.08 11.82 18.71
CA GLY SC 134 82.38 11.02 17.73
C GLY SC 134 82.02 11.81 16.48
N TYR SC 135 81.04 11.29 15.74
CA TYR SC 135 80.65 11.90 14.47
C TYR SC 135 79.96 13.25 14.69
N PHE SC 136 80.01 14.08 13.65
CA PHE SC 136 79.36 15.39 13.62
C PHE SC 136 78.18 15.44 12.65
N THR SC 137 78.33 14.90 11.45
CA THR SC 137 77.23 14.82 10.49
C THR SC 137 76.46 13.54 10.79
N TRP SC 138 75.35 13.68 11.51
CA TRP SC 138 74.60 12.53 11.98
C TRP SC 138 73.84 11.85 10.86
N PHE SC 139 73.48 12.60 9.82
CA PHE SC 139 72.70 12.02 8.73
C PHE SC 139 73.57 11.26 7.74
N LEU SC 140 74.89 11.33 7.87
CA LEU SC 140 75.82 10.52 7.10
C LEU SC 140 76.37 9.35 7.91
N GLU SC 141 75.67 8.97 8.96
CA GLU SC 141 76.07 7.83 9.79
C GLU SC 141 75.32 6.57 9.36
N TYR TC 1 85.36 45.75 -39.68
CA TYR TC 1 85.03 44.35 -39.92
C TYR TC 1 85.12 43.55 -38.63
N ARG TC 2 84.47 42.39 -38.60
CA ARG TC 2 84.48 41.57 -37.41
C ARG TC 2 85.88 41.10 -37.07
N HIS TC 3 86.75 40.94 -38.08
CA HIS TC 3 88.11 40.47 -37.82
C HIS TC 3 89.03 41.55 -37.26
N TRP TC 4 88.67 42.83 -37.39
CA TRP TC 4 89.48 43.91 -36.82
C TRP TC 4 89.27 44.00 -35.31
N HIS TC 5 90.31 44.49 -34.61
CA HIS TC 5 90.30 44.65 -33.17
C HIS TC 5 89.70 46.04 -32.87
N ARG TC 6 89.92 46.61 -31.68
CA ARG TC 6 89.23 47.84 -31.28
C ARG TC 6 89.91 49.08 -31.87
N MET TC 7 89.08 50.05 -32.30
CA MET TC 7 89.59 51.35 -32.73
C MET TC 7 90.65 51.87 -31.76
N SER TC 8 91.73 52.39 -32.31
CA SER TC 8 92.72 53.11 -31.52
C SER TC 8 92.28 54.56 -31.34
N GLU TC 9 92.95 55.26 -30.43
CA GLU TC 9 92.73 56.70 -30.33
C GLU TC 9 93.13 57.40 -31.62
N ASP TC 10 94.21 56.91 -32.26
CA ASP TC 10 94.66 57.51 -33.51
C ASP TC 10 93.64 57.31 -34.63
N ASP TC 11 92.84 56.25 -34.56
CA ASP TC 11 91.85 56.03 -35.60
C ASP TC 11 90.85 57.18 -35.69
N TRP TC 12 90.71 57.96 -34.63
CA TRP TC 12 89.82 59.11 -34.64
C TRP TC 12 90.54 60.39 -35.01
N ALA TC 13 91.66 60.68 -34.35
CA ALA TC 13 92.42 61.89 -34.65
C ALA TC 13 93.86 61.68 -34.22
N LEU TC 14 94.74 62.52 -34.77
CA LEU TC 14 96.16 62.45 -34.43
C LEU TC 14 96.53 63.57 -33.46
N PRO TC 15 97.51 63.32 -32.59
CA PRO TC 15 97.98 64.37 -31.69
C PRO TC 15 98.62 65.51 -32.46
N LEU TC 16 98.42 66.73 -31.95
CA LEU TC 16 98.95 67.91 -32.62
C LEU TC 16 100.47 67.94 -32.63
N ASP TC 17 101.12 67.15 -31.76
CA ASP TC 17 102.56 67.05 -31.78
C ASP TC 17 103.08 66.25 -32.97
N SER TC 18 102.21 65.60 -33.72
CA SER TC 18 102.59 64.92 -34.95
C SER TC 18 102.43 65.82 -36.18
N MET TC 19 101.98 67.05 -36.00
CA MET TC 19 101.90 67.98 -37.10
C MET TC 19 103.30 68.30 -37.61
N PRO TC 20 103.56 68.23 -38.91
CA PRO TC 20 104.88 68.62 -39.42
C PRO TC 20 105.17 70.07 -39.07
N GLU TC 21 106.42 70.32 -38.67
CA GLU TC 21 106.81 71.65 -38.24
C GLU TC 21 107.07 72.60 -39.39
N ASP TC 22 107.27 72.08 -40.60
CA ASP TC 22 107.43 72.92 -41.78
C ASP TC 22 106.10 72.97 -42.54
N VAL TC 23 105.17 73.74 -41.96
CA VAL TC 23 103.84 73.83 -42.52
C VAL TC 23 103.88 74.49 -43.89
N LYS TC 24 104.78 75.46 -44.08
CA LYS TC 24 104.83 76.16 -45.35
C LYS TC 24 105.09 75.22 -46.51
N THR TC 25 106.01 74.27 -46.32
CA THR TC 25 106.26 73.28 -47.37
C THR TC 25 105.17 72.23 -47.41
N LEU TC 26 104.56 71.92 -46.27
CA LEU TC 26 103.52 70.90 -46.25
C LEU TC 26 102.35 71.29 -47.13
N MET TC 27 101.92 72.55 -47.06
CA MET TC 27 100.77 72.99 -47.83
C MET TC 27 101.10 73.16 -49.31
N ALA TC 28 102.36 73.07 -49.70
CA ALA TC 28 102.76 73.18 -51.09
C ALA TC 28 103.16 71.85 -51.70
N THR TC 29 103.19 70.78 -50.92
CA THR TC 29 103.59 69.48 -51.42
C THR TC 29 102.47 68.86 -52.26
N PRO TC 30 102.76 68.29 -53.42
CA PRO TC 30 101.72 67.58 -54.16
C PRO TC 30 101.24 66.34 -53.41
N GLN TC 31 100.00 65.95 -53.70
CA GLN TC 31 99.38 64.85 -52.96
C GLN TC 31 100.18 63.55 -53.14
N THR TC 32 100.67 63.30 -54.35
CA THR TC 32 101.44 62.08 -54.57
C THR TC 32 102.73 62.06 -53.76
N GLU TC 33 103.20 63.21 -53.29
CA GLU TC 33 104.44 63.31 -52.54
C GLU TC 33 104.23 63.44 -51.04
N ARG TC 34 102.98 63.34 -50.57
CA ARG TC 34 102.69 63.47 -49.15
C ARG TC 34 102.55 62.08 -48.53
N GLY TC 35 103.21 61.89 -47.39
CA GLY TC 35 103.08 60.67 -46.64
C GLY TC 35 101.79 60.65 -45.84
N PHE TC 36 101.61 59.55 -45.10
CA PHE TC 36 100.37 59.36 -44.37
C PHE TC 36 100.15 60.47 -43.34
N VAL TC 37 101.18 60.78 -42.55
CA VAL TC 37 101.04 61.84 -41.56
C VAL TC 37 100.92 63.19 -42.24
N GLU TC 38 101.73 63.43 -43.26
CA GLU TC 38 101.65 64.70 -43.97
C GLU TC 38 100.30 64.88 -44.63
N ASP TC 39 99.76 63.81 -45.21
CA ASP TC 39 98.45 63.90 -45.85
C ASP TC 39 97.34 64.11 -44.84
N TYR TC 40 97.46 63.52 -43.64
CA TYR TC 40 96.46 63.75 -42.61
C TYR TC 40 96.38 65.22 -42.25
N TRP TC 41 97.53 65.86 -42.05
CA TRP TC 41 97.55 67.22 -41.56
C TRP TC 41 97.32 68.23 -42.67
N TYR TC 42 97.65 67.88 -43.92
CA TYR TC 42 97.27 68.74 -45.03
C TYR TC 42 95.75 68.85 -45.13
N ASN TC 43 95.07 67.72 -45.08
CA ASN TC 43 93.62 67.72 -45.19
C ASN TC 43 92.97 68.39 -43.99
N ARG TC 44 93.47 68.12 -42.78
CA ARG TC 44 92.85 68.69 -41.60
C ARG TC 44 93.02 70.21 -41.55
N ILE TC 45 94.22 70.70 -41.86
CA ILE TC 45 94.46 72.14 -41.84
C ILE TC 45 93.61 72.82 -42.92
N ARG TC 46 93.64 72.29 -44.14
CA ARG TC 46 92.90 72.92 -45.23
C ARG TC 46 91.40 72.72 -45.05
N GLY TC 47 90.99 71.53 -44.64
CA GLY TC 47 89.57 71.27 -44.46
C GLY TC 47 88.94 72.10 -43.34
N GLU TC 48 89.64 72.22 -42.21
CA GLU TC 48 89.10 73.01 -41.12
C GLU TC 48 89.20 74.50 -41.40
N ALA TC 49 90.14 74.92 -42.26
CA ALA TC 49 90.20 76.33 -42.63
C ALA TC 49 88.96 76.75 -43.41
N THR TC 50 88.46 75.88 -44.29
CA THR TC 50 87.26 76.21 -45.04
C THR TC 50 86.00 76.05 -44.19
N LEU TC 51 85.98 75.05 -43.30
CA LEU TC 51 84.78 74.82 -42.50
C LEU TC 51 84.62 75.88 -41.43
N LEU TC 52 85.72 76.46 -40.95
CA LEU TC 52 85.66 77.51 -39.93
C LEU TC 52 85.56 78.89 -40.54
N ASP TC 53 85.08 78.99 -41.79
CA ASP TC 53 84.83 80.27 -42.45
C ASP TC 53 83.40 80.24 -42.93
N PRO TC 54 82.44 80.44 -42.02
CA PRO TC 54 81.03 80.23 -42.39
C PRO TC 54 80.55 81.08 -43.55
N GLU TC 55 81.02 82.33 -43.64
CA GLU TC 55 80.49 83.25 -44.63
C GLU TC 55 80.80 82.81 -46.06
N ALA TC 56 81.79 81.93 -46.26
CA ALA TC 56 82.16 81.50 -47.59
C ALA TC 56 81.57 80.14 -47.97
N LEU TC 57 81.11 79.36 -47.01
CA LEU TC 57 80.58 78.03 -47.31
C LEU TC 57 79.41 78.06 -48.28
N PRO TC 58 78.37 78.89 -48.10
CA PRO TC 58 77.23 78.81 -49.02
C PRO TC 58 77.58 79.07 -50.47
N SER TC 59 78.61 79.87 -50.74
CA SER TC 59 79.01 80.17 -52.10
C SER TC 59 80.01 79.17 -52.67
N LYS TC 60 80.39 78.16 -51.90
CA LYS TC 60 81.38 77.18 -52.33
C LYS TC 60 80.67 75.94 -52.88
N SER TC 61 81.10 75.50 -54.05
CA SER TC 61 80.48 74.34 -54.68
C SER TC 61 80.89 73.07 -53.96
N TYR TC 62 80.07 72.02 -54.13
CA TYR TC 62 80.38 70.74 -53.52
C TYR TC 62 81.68 70.17 -54.07
N ILE TC 63 81.98 70.43 -55.34
CA ILE TC 63 83.26 69.98 -55.89
C ILE TC 63 84.41 70.65 -55.17
N ALA TC 64 84.31 71.96 -54.93
CA ALA TC 64 85.37 72.67 -54.23
C ALA TC 64 85.37 72.32 -52.75
N LEU TC 65 84.19 72.18 -52.15
CA LEU TC 65 84.11 71.84 -50.73
C LEU TC 65 84.71 70.47 -50.46
N ALA TC 66 84.40 69.49 -51.32
CA ALA TC 66 84.96 68.15 -51.14
C ALA TC 66 86.48 68.18 -51.28
N ARG TC 67 86.99 68.96 -52.22
CA ARG TC 67 88.43 69.07 -52.40
C ARG TC 67 89.10 69.63 -51.14
N ASP TC 68 88.50 70.65 -50.54
CA ASP TC 68 89.12 71.27 -49.36
C ASP TC 68 89.19 70.28 -48.20
N MET TC 69 88.13 69.51 -47.98
CA MET TC 69 88.14 68.52 -46.92
C MET TC 69 88.91 67.27 -47.27
N GLY TC 70 89.38 67.15 -48.51
CA GLY TC 70 90.14 65.99 -48.91
C GLY TC 70 89.32 64.78 -49.26
N LEU TC 71 88.03 64.95 -49.55
CA LEU TC 71 87.16 63.85 -49.93
C LEU TC 71 87.17 63.68 -51.45
N GLN TC 72 87.25 62.43 -51.89
CA GLN TC 72 87.35 62.11 -53.30
C GLN TC 72 85.95 61.96 -53.90
N ILE TC 73 85.65 62.78 -54.91
CA ILE TC 73 84.41 62.62 -55.66
C ILE TC 73 84.45 61.25 -56.34
N VAL TC 74 83.38 60.48 -56.18
CA VAL TC 74 83.37 59.10 -56.65
C VAL TC 74 83.02 59.06 -58.14
N ASP TC 75 83.55 58.04 -58.81
CA ASP TC 75 83.27 57.77 -60.21
C ASP TC 75 83.36 56.25 -60.41
N GLU TC 76 82.87 55.77 -61.55
CA GLU TC 76 82.82 54.33 -61.77
C GLU TC 76 84.19 53.68 -61.64
N PRO TC 77 85.26 54.21 -62.24
CA PRO TC 77 86.58 53.60 -62.03
C PRO TC 77 86.96 53.46 -60.57
N SER TC 78 86.91 54.54 -59.80
CA SER TC 78 87.33 54.48 -58.40
C SER TC 78 86.37 53.64 -57.57
N SER TC 79 85.07 53.72 -57.86
CA SER TC 79 84.10 52.91 -57.13
C SER TC 79 84.38 51.43 -57.31
N HIS TC 80 84.65 51.01 -58.54
CA HIS TC 80 85.00 49.62 -58.81
C HIS TC 80 86.18 49.17 -57.97
N MET TC 81 87.26 49.97 -57.97
CA MET TC 81 88.46 49.59 -57.24
C MET TC 81 88.21 49.55 -55.74
N MET TC 82 87.64 50.63 -55.19
CA MET TC 82 87.35 50.64 -53.76
C MET TC 82 86.46 49.49 -53.37
N GLY TC 83 85.44 49.21 -54.17
CA GLY TC 83 84.53 48.12 -53.85
C GLY TC 83 85.23 46.77 -53.80
N LEU TC 84 86.08 46.49 -54.80
CA LEU TC 84 86.82 45.24 -54.80
C LEU TC 84 87.84 45.19 -53.67
N ILE TC 85 88.38 46.34 -53.27
CA ILE TC 85 89.26 46.37 -52.10
C ILE TC 85 88.49 45.96 -50.86
N GLU TC 86 87.33 46.57 -50.63
CA GLU TC 86 86.56 46.26 -49.43
C GLU TC 86 86.04 44.83 -49.46
N LEU TC 87 85.77 44.30 -50.65
CA LEU TC 87 85.36 42.90 -50.76
C LEU TC 87 86.51 41.97 -50.41
N TYR TC 88 87.73 42.31 -50.83
CA TYR TC 88 88.89 41.50 -50.45
C TYR TC 88 89.06 41.50 -48.94
N GLU TC 89 88.98 42.68 -48.32
CA GLU TC 89 89.17 42.78 -46.88
C GLU TC 89 88.11 42.01 -46.12
N TYR TC 90 86.86 42.10 -46.57
CA TYR TC 90 85.78 41.38 -45.90
C TYR TC 90 86.02 39.87 -45.94
N LEU TC 91 86.47 39.36 -47.08
CA LEU TC 91 86.69 37.93 -47.21
C LEU TC 91 87.87 37.44 -46.37
N ARG TC 92 88.65 38.34 -45.78
CA ARG TC 92 89.75 37.90 -44.94
C ARG TC 92 89.25 37.11 -43.74
N GLY TC 93 88.17 37.57 -43.11
CA GLY TC 93 87.62 36.86 -41.97
C GLY TC 93 86.14 36.54 -42.09
N ALA TC 94 85.65 36.34 -43.31
CA ALA TC 94 84.24 36.04 -43.53
C ALA TC 94 84.11 34.94 -44.56
N SER TC 95 82.96 34.28 -44.53
CA SER TC 95 82.68 33.19 -45.46
C SER TC 95 82.45 33.73 -46.87
N PHE TC 96 82.61 32.85 -47.85
CA PHE TC 96 82.53 33.18 -49.27
C PHE TC 96 81.29 32.48 -49.83
N VAL TC 97 80.17 33.19 -49.83
CA VAL TC 97 78.88 32.64 -50.26
C VAL TC 97 78.25 33.61 -51.25
N GLY TC 98 77.74 33.07 -52.35
CA GLY TC 98 77.12 33.88 -53.37
C GLY TC 98 76.39 33.05 -54.42
N PRO TC 99 75.94 33.71 -55.49
CA PRO TC 99 75.20 32.99 -56.53
C PRO TC 99 76.09 32.04 -57.32
N PHE TC 100 75.43 31.04 -57.92
CA PHE TC 100 76.13 30.06 -58.73
C PHE TC 100 76.77 30.73 -59.93
N GLY TC 101 78.02 30.39 -60.20
CA GLY TC 101 78.78 31.02 -61.25
C GLY TC 101 78.54 30.40 -62.62
N THR TC 102 78.39 31.25 -63.62
CA THR TC 102 78.18 30.83 -65.00
C THR TC 102 79.12 31.62 -65.90
N ILE TC 103 79.11 31.26 -67.19
CA ILE TC 103 80.00 31.93 -68.14
C ILE TC 103 79.68 33.41 -68.19
N GLU TC 104 78.40 33.77 -68.19
CA GLU TC 104 78.02 35.17 -68.23
C GLU TC 104 78.53 35.91 -66.99
N ASN TC 105 78.41 35.30 -65.82
CA ASN TC 105 78.79 35.91 -64.56
C ASN TC 105 79.61 34.92 -63.74
N PRO TC 106 80.91 34.82 -64.00
CA PRO TC 106 81.75 33.90 -63.22
C PRO TC 106 81.82 34.32 -61.76
N VAL TC 107 82.07 33.33 -60.89
CA VAL TC 107 82.43 33.63 -59.53
C VAL TC 107 83.69 34.49 -59.55
N LEU TC 108 83.62 35.64 -58.90
CA LEU TC 108 84.73 36.57 -58.86
C LEU TC 108 85.62 36.25 -57.67
N VAL TC 109 86.88 35.93 -57.93
CA VAL TC 109 87.83 35.55 -56.89
C VAL TC 109 88.90 36.63 -56.80
N PRO TC 110 88.75 37.62 -55.91
CA PRO TC 110 89.77 38.66 -55.82
C PRO TC 110 91.09 38.11 -55.29
N ALA TC 111 92.18 38.67 -55.80
CA ALA TC 111 93.51 38.26 -55.36
C ALA TC 111 94.49 39.39 -55.64
N VAL TC 112 95.56 39.44 -54.85
CA VAL TC 112 96.64 40.37 -55.11
C VAL TC 112 97.71 39.74 -56.00
N GLY TC 113 98.06 38.50 -55.73
CA GLY TC 113 99.02 37.77 -56.55
C GLY TC 113 98.39 37.29 -57.83
N GLN TC 114 99.03 36.29 -58.43
CA GLN TC 114 98.56 35.70 -59.67
C GLN TC 114 97.82 34.39 -59.43
N GLU TC 115 97.52 34.05 -58.18
CA GLU TC 115 96.90 32.77 -57.87
C GLU TC 115 96.24 32.85 -56.50
N ARG TC 116 95.12 32.14 -56.35
CA ARG TC 116 94.46 32.01 -55.06
C ARG TC 116 93.76 30.66 -55.02
N VAL TC 117 93.95 29.93 -53.91
CA VAL TC 117 93.31 28.63 -53.75
C VAL TC 117 91.82 28.81 -53.53
N VAL TC 118 91.02 28.05 -54.27
CA VAL TC 118 89.56 28.16 -54.21
C VAL TC 118 88.98 26.75 -54.17
N ALA TC 119 87.85 26.61 -53.49
CA ALA TC 119 87.11 25.36 -53.41
C ALA TC 119 85.72 25.55 -53.97
N CYS TC 120 85.27 24.58 -54.75
CA CYS TC 120 83.90 24.56 -55.25
C CYS TC 120 83.08 23.55 -54.44
N THR TC 121 81.96 24.01 -53.90
CA THR TC 121 81.04 23.14 -53.17
C THR TC 121 79.79 22.81 -53.97
N GLY TC 122 79.74 23.20 -55.24
CA GLY TC 122 78.60 22.91 -56.07
C GLY TC 122 77.45 23.89 -55.84
N GLY TC 123 76.25 23.46 -56.21
CA GLY TC 123 75.06 24.26 -56.09
C GLY TC 123 74.42 24.16 -54.72
N VAL TC 124 73.13 24.54 -54.65
CA VAL TC 124 72.36 24.53 -53.41
C VAL TC 124 71.62 23.20 -53.28
N GLY TC 125 71.49 22.74 -52.04
CA GLY TC 125 70.74 21.53 -51.74
C GLY TC 125 71.40 20.24 -52.18
N ASP TC 126 70.71 19.46 -53.02
CA ASP TC 126 71.26 18.23 -53.53
C ASP TC 126 72.35 18.45 -54.57
N GLU TC 127 72.42 19.65 -55.15
CA GLU TC 127 73.46 19.99 -56.10
C GLU TC 127 74.78 20.35 -55.43
N GLU TC 128 74.81 20.43 -54.10
CA GLU TC 128 76.05 20.64 -53.37
C GLU TC 128 76.88 19.36 -53.34
N HIS TC 129 78.16 19.47 -53.65
CA HIS TC 129 79.08 18.34 -53.61
C HIS TC 129 80.23 18.63 -52.64
N PHE TC 130 81.06 17.61 -52.43
CA PHE TC 130 82.21 17.73 -51.54
C PHE TC 130 83.17 18.78 -52.07
N THR TC 131 83.91 19.41 -51.16
CA THR TC 131 84.83 20.47 -51.53
C THR TC 131 85.84 19.96 -52.54
N LEU TC 132 85.92 20.62 -53.69
CA LEU TC 132 86.91 20.33 -54.70
C LEU TC 132 87.84 21.54 -54.80
N TRP TC 133 89.05 21.39 -54.26
CA TRP TC 133 90.00 22.48 -54.21
C TRP TC 133 90.79 22.59 -55.52
N PHE TC 134 90.99 23.82 -55.98
CA PHE TC 134 91.79 24.06 -57.17
C PHE TC 134 92.51 25.40 -57.01
N ARG TC 135 93.61 25.54 -57.76
CA ARG TC 135 94.42 26.76 -57.75
C ARG TC 135 93.96 27.66 -58.89
N CYS TC 136 93.37 28.80 -58.54
CA CYS TC 136 92.81 29.73 -59.52
C CYS TC 136 93.90 30.68 -59.97
N ARG TC 137 94.48 30.41 -61.14
CA ARG TC 137 95.52 31.25 -61.71
C ARG TC 137 94.91 32.22 -62.72
N GLU TC 138 95.52 33.40 -62.82
CA GLU TC 138 94.97 34.45 -63.64
C GLU TC 138 94.99 34.07 -65.12
N GLY TC 139 94.04 34.61 -65.87
CA GLY TC 139 94.01 34.44 -67.30
C GLY TC 139 93.36 33.17 -67.79
N PHE TC 140 92.68 32.42 -66.93
CA PHE TC 140 91.98 31.21 -67.32
C PHE TC 140 90.58 31.22 -66.74
N MET TC 141 89.60 30.84 -67.55
CA MET TC 141 88.21 30.72 -67.12
C MET TC 141 88.00 29.29 -66.64
N TYR TC 142 87.99 29.11 -65.32
CA TYR TC 142 87.97 27.78 -64.75
C TYR TC 142 86.55 27.21 -64.71
N ARG TC 143 86.45 25.91 -64.93
CA ARG TC 143 85.18 25.19 -64.89
C ARG TC 143 85.34 24.01 -63.95
N CYS TC 144 84.48 23.93 -62.94
CA CYS TC 144 84.52 22.78 -62.04
C CYS TC 144 84.24 21.51 -62.83
N GLY TC 145 85.05 20.48 -62.58
CA GLY TC 145 84.86 19.22 -63.26
C GLY TC 145 83.61 18.48 -62.87
N GLU TC 146 82.96 18.89 -61.78
CA GLU TC 146 81.81 18.16 -61.24
C GLU TC 146 80.48 18.85 -61.54
N CYS TC 147 80.35 20.13 -61.19
CA CYS TC 147 79.11 20.86 -61.38
C CYS TC 147 79.17 21.87 -62.52
N ASP TC 148 80.32 22.03 -63.16
CA ASP TC 148 80.49 22.99 -64.25
C ASP TC 148 80.30 24.43 -63.79
N GLN TC 149 80.62 24.73 -62.54
CA GLN TC 149 80.57 26.10 -62.06
C GLN TC 149 81.78 26.87 -62.58
N ILE TC 150 81.53 28.01 -63.19
CA ILE TC 150 82.58 28.81 -63.79
C ILE TC 150 83.18 29.75 -62.75
N PHE TC 151 84.50 29.82 -62.72
CA PHE TC 151 85.24 30.70 -61.83
C PHE TC 151 86.17 31.60 -62.63
N MET TC 152 86.55 32.72 -62.02
CA MET TC 152 87.49 33.65 -62.65
C MET TC 152 88.22 34.42 -61.56
N LEU TC 153 89.50 34.71 -61.81
CA LEU TC 153 90.33 35.44 -60.88
C LEU TC 153 90.35 36.91 -61.26
N VAL TC 154 90.14 37.77 -60.28
CA VAL TC 154 90.21 39.22 -60.44
C VAL TC 154 91.40 39.70 -59.64
N ARG TC 155 92.31 40.41 -60.30
CA ARG TC 155 93.54 40.88 -59.68
C ARG TC 155 93.43 42.37 -59.36
N LEU TC 156 93.77 42.72 -58.12
CA LEU TC 156 93.80 44.11 -57.70
C LEU TC 156 95.20 44.68 -57.98
N TYR TC 157 95.46 44.91 -59.27
CA TYR TC 157 96.76 45.34 -59.76
C TYR TC 157 96.62 46.61 -60.59
N TYR TC 158 97.47 47.60 -60.33
CA TYR TC 158 97.52 48.83 -61.12
C TYR TC 158 98.94 49.35 -61.14
N GLU TC 159 99.58 49.34 -62.31
CA GLU TC 159 100.86 49.99 -62.56
C GLU TC 159 101.90 49.62 -61.49
N ASP TC 160 102.27 48.34 -61.51
CA ASP TC 160 103.29 47.77 -60.64
C ASP TC 160 102.92 47.89 -59.17
N ARG TC 161 101.65 48.09 -58.87
CA ARG TC 161 101.17 48.22 -57.49
C ARG TC 161 99.83 47.51 -57.37
N TYR TC 162 99.50 47.12 -56.15
CA TYR TC 162 98.18 46.58 -55.89
C TYR TC 162 97.24 47.72 -55.50
N TRP TC 163 95.96 47.41 -55.37
CA TRP TC 163 94.94 48.43 -55.13
C TRP TC 163 94.85 48.73 -53.64
N THR TC 164 94.99 50.00 -53.27
CA THR TC 164 94.81 50.46 -51.91
C THR TC 164 94.03 51.77 -51.95
N GLN TC 165 93.45 52.14 -50.80
CA GLN TC 165 92.75 53.42 -50.73
C GLN TC 165 93.69 54.57 -51.09
N THR TC 166 94.94 54.49 -50.64
CA THR TC 166 95.92 55.52 -50.97
C THR TC 166 96.20 55.55 -52.47
N LEU TC 167 96.32 54.39 -53.09
CA LEU TC 167 96.56 54.34 -54.54
C LEU TC 167 95.38 54.90 -55.31
N VAL TC 168 94.16 54.57 -54.89
CA VAL TC 168 92.97 55.07 -55.59
C VAL TC 168 92.87 56.58 -55.46
N ARG TC 169 93.18 57.12 -54.28
CA ARG TC 169 93.12 58.55 -54.08
C ARG TC 169 94.18 59.27 -54.91
N ASP TC 170 95.39 58.70 -55.00
CA ASP TC 170 96.46 59.34 -55.75
C ASP TC 170 96.18 59.32 -57.24
N THR TC 171 95.63 58.22 -57.75
CA THR TC 171 95.49 58.06 -59.20
C THR TC 171 94.35 58.92 -59.75
N PHE TC 172 93.28 59.09 -58.99
CA PHE TC 172 92.08 59.75 -59.51
C PHE TC 172 91.86 61.15 -58.98
N MET TC 173 92.32 61.47 -57.78
CA MET TC 173 92.16 62.82 -57.26
C MET TC 173 93.19 63.76 -57.89
N SER TC 174 92.75 64.97 -58.21
CA SER TC 174 93.59 65.99 -58.82
C SER TC 174 93.74 67.18 -57.89
N ASP TC 175 94.99 67.57 -57.64
CA ASP TC 175 95.24 68.72 -56.78
C ASP TC 175 94.65 69.98 -57.40
N GLY TC 176 93.95 70.75 -56.59
CA GLY TC 176 93.33 71.99 -57.04
C GLY TC 176 94.26 73.17 -56.92
N ASP TC 177 93.69 74.36 -56.77
CA ASP TC 177 94.50 75.55 -56.59
C ASP TC 177 95.33 75.42 -55.32
N MET TC 178 96.58 75.88 -55.40
CA MET TC 178 97.49 75.75 -54.27
C MET TC 178 96.90 76.47 -53.05
N PHE TC 179 96.99 75.81 -51.90
CA PHE TC 179 96.46 76.40 -50.68
C PHE TC 179 97.17 77.71 -50.37
N ASP TC 180 96.39 78.73 -50.01
CA ASP TC 180 96.90 80.05 -49.72
C ASP TC 180 97.06 80.20 -48.22
N LEU TC 181 98.28 80.54 -47.78
CA LEU TC 181 98.53 80.71 -46.35
C LEU TC 181 97.80 81.91 -45.78
N LYS TC 182 97.38 82.85 -46.62
CA LYS TC 182 96.60 83.98 -46.12
C LYS TC 182 95.28 83.51 -45.53
N THR TC 183 94.67 82.48 -46.13
CA THR TC 183 93.44 81.92 -45.57
C THR TC 183 93.68 81.35 -44.18
N LEU TC 184 94.80 80.66 -44.00
CA LEU TC 184 95.14 80.12 -42.68
C LEU TC 184 95.23 81.24 -41.65
N GLU TC 185 95.94 82.31 -42.00
CA GLU TC 185 96.08 83.42 -41.06
C GLU TC 185 94.73 84.09 -40.80
N ARG TC 186 93.93 84.30 -41.85
CA ARG TC 186 92.66 84.99 -41.69
C ARG TC 186 91.73 84.21 -40.75
N VAL TC 187 91.60 82.90 -40.98
CA VAL TC 187 90.77 82.09 -40.11
C VAL TC 187 91.38 82.01 -38.72
N HIS TC 188 92.70 81.99 -38.62
CA HIS TC 188 93.36 81.94 -37.32
C HIS TC 188 92.95 83.13 -36.46
N LYS TC 189 93.02 84.33 -37.02
CA LYS TC 189 92.60 85.52 -36.27
C LYS TC 189 91.11 85.51 -35.97
N MET TC 190 90.32 84.80 -36.76
CA MET TC 190 88.87 84.75 -36.54
C MET TC 190 88.54 84.03 -35.24
N TRP TC 191 89.11 82.85 -35.03
CA TRP TC 191 88.75 82.02 -33.90
C TRP TC 191 89.77 82.04 -32.77
N ASN TC 192 90.92 82.68 -32.95
CA ASN TC 192 91.95 82.77 -31.91
C ASN TC 192 92.28 84.24 -31.64
N LYS TC 193 91.88 84.74 -30.46
CA LYS TC 193 92.12 86.12 -30.07
C LYS TC 193 92.17 86.24 -28.55
N ASP TC 194 93.02 87.15 -28.07
CA ASP TC 194 93.06 87.55 -26.64
C ASP TC 194 93.13 86.34 -25.70
N GLU TC 195 94.01 85.40 -26.01
CA GLU TC 195 94.29 84.23 -25.18
C GLU TC 195 93.21 83.16 -25.31
N MET TC 196 92.23 83.32 -26.18
CA MET TC 196 91.23 82.30 -26.47
C MET TC 196 91.58 81.66 -27.81
N VAL TC 197 91.79 80.35 -27.81
CA VAL TC 197 92.10 79.60 -29.02
C VAL TC 197 90.94 78.65 -29.30
N ARG TC 198 90.12 78.98 -30.28
CA ARG TC 198 89.02 78.12 -30.71
C ARG TC 198 89.33 77.40 -32.01
N TRP TC 199 90.58 77.51 -32.49
CA TRP TC 199 91.12 76.69 -33.58
C TRP TC 199 92.55 76.32 -33.17
N GLU TC 200 92.69 75.30 -32.32
CA GLU TC 200 93.99 74.90 -31.81
C GLU TC 200 94.93 74.49 -32.94
N VAL TC 201 94.41 73.76 -33.93
CA VAL TC 201 95.23 73.31 -35.06
C VAL TC 201 95.75 74.49 -35.85
N GLY TC 202 94.93 75.54 -35.99
CA GLY TC 202 95.37 76.73 -36.71
C GLY TC 202 96.27 77.65 -35.91
N TYR TC 203 96.23 77.53 -34.57
CA TYR TC 203 97.19 78.25 -33.74
C TYR TC 203 98.56 77.61 -33.82
N TRP TC 204 98.61 76.27 -33.77
CA TRP TC 204 99.88 75.57 -33.96
C TRP TC 204 100.40 75.75 -35.38
N ALA TC 205 99.51 75.65 -36.37
CA ALA TC 205 99.93 75.76 -37.77
C ALA TC 205 100.47 77.15 -38.07
N GLN TC 206 99.80 78.19 -37.58
CA GLN TC 206 100.28 79.55 -37.79
C GLN TC 206 101.61 79.78 -37.08
N ASP TC 207 101.78 79.17 -35.90
CA ASP TC 207 103.04 79.30 -35.17
C ASP TC 207 104.19 78.74 -35.99
N TYR TC 208 104.00 77.57 -36.61
CA TYR TC 208 105.05 76.96 -37.42
C TYR TC 208 105.37 77.82 -38.65
N VAL TC 209 104.34 78.37 -39.30
CA VAL TC 209 104.58 79.26 -40.43
C VAL TC 209 105.36 80.48 -39.98
N LEU TC 210 105.12 80.94 -38.75
CA LEU TC 210 105.86 82.05 -38.18
C LEU TC 210 107.27 81.64 -37.75
N GLY TC 211 107.53 80.34 -37.61
CA GLY TC 211 108.85 79.87 -37.27
C GLY TC 211 108.97 79.10 -35.97
N LYS TC 212 107.84 78.79 -35.31
CA LYS TC 212 107.88 78.02 -34.05
C LYS TC 212 108.35 78.78 -32.82
N GLY TC 213 107.38 79.22 -32.01
CA GLY TC 213 107.63 79.87 -30.74
C GLY TC 213 107.19 81.30 -30.74
N VAL TC 214 106.58 81.75 -31.83
CA VAL TC 214 106.26 83.15 -32.04
C VAL TC 214 104.99 83.54 -31.30
N LEU TC 215 103.95 82.70 -31.38
CA LEU TC 215 102.66 83.03 -30.79
C LEU TC 215 102.69 82.85 -29.28
N PRO TC 216 101.84 83.59 -28.54
CA PRO TC 216 101.87 83.49 -27.08
C PRO TC 216 101.62 82.08 -26.58
N GLY TC 217 102.38 81.68 -25.57
CA GLY TC 217 102.20 80.40 -24.94
C GLY TC 217 102.72 79.22 -25.73
N MET TC 218 103.23 79.44 -26.93
CA MET TC 218 103.66 78.32 -27.77
C MET TC 218 105.04 77.80 -27.39
N VAL TC 219 105.93 78.67 -26.91
CA VAL TC 219 107.21 78.19 -26.39
C VAL TC 219 106.97 77.27 -25.20
N GLU TC 220 106.04 77.66 -24.33
CA GLU TC 220 105.70 76.85 -23.17
C GLU TC 220 105.01 75.55 -23.59
N GLU TC 221 104.28 75.59 -24.70
CA GLU TC 221 103.62 74.40 -25.20
C GLU TC 221 104.64 73.41 -25.77
N HIS TC 222 105.70 73.92 -26.39
CA HIS TC 222 106.69 73.06 -27.01
C HIS TC 222 107.79 72.61 -26.05
N THR TC 223 107.88 73.19 -24.85
CA THR TC 223 108.90 72.80 -23.87
C THR TC 223 108.44 71.55 -23.12
N ARG TC 224 109.09 70.42 -23.36
CA ARG TC 224 108.80 69.15 -22.69
C ARG TC 224 109.96 68.76 -21.80
N VAL TC 225 109.72 67.78 -20.92
CA VAL TC 225 110.70 67.42 -19.90
C VAL TC 225 111.31 66.04 -20.12
N ASN TC 226 110.70 65.19 -20.95
CA ASN TC 226 111.22 63.86 -21.22
C ASN TC 226 110.99 63.51 -22.68
N ILE UC 1 72.11 11.94 -49.81
CA ILE UC 1 73.39 11.55 -50.39
C ILE UC 1 73.58 12.28 -51.73
N TYR UC 2 74.83 12.46 -52.14
CA TYR UC 2 75.11 13.13 -53.40
C TYR UC 2 75.05 12.14 -54.55
N GLU UC 3 74.31 12.50 -55.61
CA GLU UC 3 74.14 11.63 -56.75
C GLU UC 3 74.34 12.40 -58.06
N GLY UC 4 75.16 13.44 -58.04
CA GLY UC 4 75.38 14.27 -59.20
C GLY UC 4 74.36 15.38 -59.31
N GLN UC 5 74.61 16.27 -60.27
CA GLN UC 5 73.71 17.37 -60.54
C GLN UC 5 72.47 16.87 -61.28
N THR UC 6 71.32 17.50 -60.99
CA THR UC 6 70.08 17.12 -61.65
C THR UC 6 70.05 17.67 -63.07
N VAL UC 7 69.53 16.88 -64.00
CA VAL UC 7 69.48 17.22 -65.41
C VAL UC 7 68.03 17.19 -65.88
N GLN UC 8 67.62 18.24 -66.59
CA GLN UC 8 66.33 18.28 -67.27
C GLN UC 8 66.51 17.83 -68.72
N GLU UC 9 65.51 17.11 -69.24
CA GLU UC 9 65.64 16.55 -70.58
C GLU UC 9 65.95 17.64 -71.61
N SER UC 10 65.41 18.84 -71.41
CA SER UC 10 65.65 19.92 -72.36
C SER UC 10 67.14 20.22 -72.51
N GLU UC 11 67.91 20.03 -71.44
CA GLU UC 11 69.34 20.30 -71.45
C GLU UC 11 70.14 19.21 -72.14
N LEU UC 12 69.53 18.08 -72.45
CA LEU UC 12 70.20 16.97 -73.12
C LEU UC 12 69.95 16.97 -74.63
N ILE UC 13 69.30 18.01 -75.15
CA ILE UC 13 68.92 18.07 -76.56
C ILE UC 13 70.04 18.78 -77.32
N PRO UC 14 70.64 18.14 -78.32
CA PRO UC 14 71.74 18.77 -79.04
C PRO UC 14 71.28 19.82 -80.03
N GLN UC 15 72.20 20.72 -80.39
CA GLN UC 15 71.95 21.70 -81.44
C GLN UC 15 72.37 21.22 -82.81
N GLU UC 16 73.02 20.06 -82.89
CA GLU UC 16 73.37 19.43 -84.15
C GLU UC 16 73.27 17.93 -83.99
N ASP UC 17 73.00 17.23 -85.09
CA ASP UC 17 72.86 15.79 -85.04
C ASP UC 17 74.18 15.05 -84.95
N ASP UC 18 75.30 15.73 -85.17
CA ASP UC 18 76.61 15.10 -85.12
C ASP UC 18 77.32 15.29 -83.78
N TRP UC 19 76.69 15.97 -82.82
CA TRP UC 19 77.33 16.17 -81.53
C TRP UC 19 77.56 14.83 -80.84
N VAL UC 20 78.80 14.62 -80.40
CA VAL UC 20 79.17 13.49 -79.57
C VAL UC 20 79.95 14.04 -78.37
N ILE UC 21 80.38 13.15 -77.50
CA ILE UC 21 81.09 13.55 -76.29
C ILE UC 21 82.54 13.87 -76.65
N GLU UC 22 82.99 15.06 -76.26
CA GLU UC 22 84.33 15.51 -76.60
C GLU UC 22 85.38 14.56 -76.06
N GLU UC 23 86.31 14.16 -76.93
CA GLU UC 23 87.37 13.23 -76.58
C GLU UC 23 88.66 14.00 -76.34
N THR UC 24 88.73 14.66 -75.19
CA THR UC 24 89.92 15.37 -74.75
C THR UC 24 90.63 14.54 -73.70
N ASN UC 25 91.94 14.39 -73.85
CA ASN UC 25 92.73 13.60 -72.92
C ASN UC 25 92.93 14.36 -71.63
N PHE UC 26 92.55 13.75 -70.51
CA PHE UC 26 92.75 14.34 -69.20
C PHE UC 26 93.96 13.74 -68.48
N CYS UC 27 94.76 12.94 -69.17
CA CYS UC 27 96.09 12.59 -68.70
C CYS UC 27 97.01 13.78 -68.96
N LEU UC 28 97.60 14.32 -67.89
CA LEU UC 28 98.38 15.55 -68.02
C LEU UC 28 99.63 15.33 -68.86
N GLY UC 29 100.23 14.16 -68.79
CA GLY UC 29 101.40 13.85 -69.58
C GLY UC 29 102.25 12.80 -68.89
N ARG UC 30 103.44 12.59 -69.46
CA ARG UC 30 104.40 11.65 -68.91
C ARG UC 30 105.35 12.39 -67.99
N ASN UC 31 105.49 11.90 -66.76
CA ASN UC 31 106.33 12.55 -65.76
C ASN UC 31 107.19 11.51 -65.05
N CYS UC 32 108.10 12.03 -64.23
CA CYS UC 32 109.04 11.25 -63.45
C CYS UC 32 109.58 12.16 -62.35
N TYR UC 33 110.69 11.76 -61.72
CA TYR UC 33 111.38 12.69 -60.83
C TYR UC 33 111.67 13.99 -61.58
N VAL UC 34 111.43 15.11 -60.91
CA VAL UC 34 111.84 16.40 -61.48
C VAL UC 34 113.36 16.37 -61.66
N ARG UC 35 113.81 16.70 -62.86
CA ARG UC 35 115.21 16.59 -63.22
C ARG UC 35 115.81 17.99 -63.29
N PHE UC 36 116.67 18.31 -62.32
CA PHE UC 36 117.33 19.60 -62.29
C PHE UC 36 118.58 19.58 -63.15
N ARG UC 37 118.86 20.72 -63.78
CA ARG UC 37 120.12 20.91 -64.48
C ARG UC 37 121.24 21.15 -63.48
N GLU UC 38 122.42 20.61 -63.79
CA GLU UC 38 123.58 20.87 -62.93
C GLU UC 38 123.93 22.35 -62.93
N GLU UC 39 123.84 23.00 -64.08
CA GLU UC 39 124.23 24.41 -64.18
C GLU UC 39 123.39 25.30 -63.27
N ASP UC 40 122.13 24.95 -63.06
CA ASP UC 40 121.26 25.79 -62.25
C ASP UC 40 121.71 25.81 -60.81
N ASP UC 41 121.67 26.99 -60.20
CA ASP UC 41 122.01 27.15 -58.80
C ASP UC 41 120.76 26.96 -57.95
N LEU UC 42 120.87 27.21 -56.65
CA LEU UC 42 119.75 26.96 -55.74
C LEU UC 42 118.55 27.81 -56.13
N ALA UC 43 118.76 29.07 -56.48
CA ALA UC 43 117.66 29.93 -56.87
C ALA UC 43 117.00 29.43 -58.15
N ARG UC 44 117.79 29.07 -59.14
CA ARG UC 44 117.24 28.65 -60.42
C ARG UC 44 116.66 27.24 -60.37
N ARG UC 45 117.11 26.40 -59.44
CA ARG UC 45 116.46 25.12 -59.23
C ARG UC 45 115.11 25.29 -58.53
N ALA UC 46 114.98 26.32 -57.69
CA ALA UC 46 113.69 26.63 -57.10
C ALA UC 46 112.69 27.03 -58.18
N LEU UC 47 113.11 27.86 -59.14
CA LEU UC 47 112.23 28.22 -60.24
C LEU UC 47 111.82 26.99 -61.04
N HIS UC 48 112.76 26.08 -61.26
CA HIS UC 48 112.46 24.86 -61.99
C HIS UC 48 111.39 24.04 -61.27
N GLN UC 49 111.53 23.89 -59.96
CA GLN UC 49 110.54 23.14 -59.19
C GLN UC 49 109.17 23.79 -59.26
N MET UC 50 109.12 25.12 -59.18
CA MET UC 50 107.85 25.82 -59.24
C MET UC 50 107.17 25.70 -60.60
N ASP UC 51 107.92 25.40 -61.65
CA ASP UC 51 107.36 25.24 -62.99
C ASP UC 51 106.95 23.81 -63.30
N SER UC 52 107.13 22.88 -62.36
CA SER UC 52 106.78 21.48 -62.56
C SER UC 52 105.60 21.05 -61.69
N GLN UC 53 104.80 22.01 -61.22
CA GLN UC 53 103.70 21.70 -60.32
C GLN UC 53 102.51 21.15 -61.11
N LEU UC 54 102.08 19.93 -60.78
CA LEU UC 54 100.92 19.36 -61.44
C LEU UC 54 99.64 20.11 -61.07
N ASN UC 55 99.57 20.65 -59.86
CA ASN UC 55 98.36 21.33 -59.43
C ASN UC 55 98.19 22.69 -60.09
N LYS UC 56 99.17 23.15 -60.85
CA LYS UC 56 99.02 24.34 -61.68
C LYS UC 56 98.61 24.00 -63.10
N MET UC 57 98.39 22.73 -63.41
CA MET UC 57 98.03 22.31 -64.76
C MET UC 57 96.52 22.17 -64.88
N HIS UC 58 96.06 22.16 -66.14
CA HIS UC 58 94.64 22.08 -66.43
C HIS UC 58 94.46 21.50 -67.82
N THR UC 59 93.20 21.26 -68.17
CA THR UC 59 92.82 20.80 -69.49
C THR UC 59 91.83 21.80 -70.09
N ARG UC 60 92.15 22.30 -71.28
CA ARG UC 60 91.30 23.28 -71.94
C ARG UC 60 90.25 22.56 -72.78
N LEU UC 61 89.00 22.95 -72.61
CA LEU UC 61 87.89 22.34 -73.33
C LEU UC 61 87.67 23.06 -74.66
N ARG UC 62 86.72 22.56 -75.45
CA ARG UC 62 86.51 23.08 -76.79
C ARG UC 62 86.04 24.53 -76.77
N ASP UC 63 85.46 25.00 -75.66
CA ASP UC 63 84.95 26.36 -75.58
C ASP UC 63 85.90 27.31 -74.88
N GLY UC 64 87.11 26.86 -74.56
CA GLY UC 64 88.12 27.74 -74.01
C GLY UC 64 88.21 27.75 -72.50
N THR UC 65 87.22 27.21 -71.80
CA THR UC 65 87.32 27.04 -70.36
C THR UC 65 88.21 25.85 -70.06
N VAL UC 66 88.84 25.88 -68.89
CA VAL UC 66 89.80 24.86 -68.49
C VAL UC 66 89.31 24.22 -67.19
N ILE UC 67 89.38 22.89 -67.15
CA ILE UC 67 89.10 22.14 -65.92
C ILE UC 67 90.41 21.95 -65.19
N PRO UC 68 90.58 22.51 -64.00
CA PRO UC 68 91.87 22.45 -63.32
C PRO UC 68 92.10 21.13 -62.60
N TYR UC 69 93.35 20.93 -62.23
CA TYR UC 69 93.70 19.92 -61.25
C TYR UC 69 92.92 20.19 -59.97
N MET UC 70 92.14 19.22 -59.52
CA MET UC 70 91.29 19.37 -58.36
C MET UC 70 91.56 18.26 -57.37
N SER UC 71 91.27 18.54 -56.10
CA SER UC 71 91.49 17.58 -55.03
C SER UC 71 90.38 17.72 -53.99
N PHE UC 72 90.14 16.62 -53.27
CA PHE UC 72 89.13 16.66 -52.21
C PHE UC 72 89.60 17.51 -51.03
N HIS UC 73 90.90 17.58 -50.79
CA HIS UC 73 91.44 18.29 -49.64
C HIS UC 73 92.45 19.33 -50.10
N PRO UC 74 92.67 20.38 -49.31
CA PRO UC 74 93.62 21.42 -49.69
C PRO UC 74 95.07 21.03 -49.52
N ASP UC 75 95.36 19.80 -49.06
CA ASP UC 75 96.76 19.38 -48.92
C ASP UC 75 97.46 19.30 -50.26
N GLU UC 76 96.71 19.07 -51.33
CA GLU UC 76 97.28 18.94 -52.66
C GLU UC 76 97.35 20.27 -53.40
N MET UC 77 97.05 21.38 -52.71
CA MET UC 77 97.05 22.70 -53.34
C MET UC 77 98.30 23.50 -53.09
N VAL UC 78 99.16 23.09 -52.16
CA VAL UC 78 100.40 23.81 -51.91
C VAL UC 78 101.46 23.30 -52.86
N ASP UC 79 102.48 24.12 -53.07
CA ASP UC 79 103.60 23.69 -53.91
C ASP UC 79 104.28 22.48 -53.30
N ARG UC 80 104.77 21.59 -54.17
CA ARG UC 80 105.42 20.36 -53.74
C ARG UC 80 106.91 20.45 -54.07
N PRO UC 81 107.81 20.39 -53.07
CA PRO UC 81 107.55 20.24 -51.64
C PRO UC 81 106.97 21.50 -51.00
N ALA UC 82 106.37 21.34 -49.82
CA ALA UC 82 105.64 22.43 -49.22
C ALA UC 82 106.59 23.59 -48.88
N PRO UC 83 106.28 24.81 -49.29
CA PRO UC 83 107.10 25.97 -48.91
C PRO UC 83 106.86 26.35 -47.46
N ILE UC 84 107.73 27.25 -46.97
CA ILE UC 84 107.66 27.66 -45.58
C ILE UC 84 106.33 28.34 -45.29
N HIS UC 85 105.90 29.24 -46.17
CA HIS UC 85 104.65 29.99 -46.01
C HIS UC 85 103.74 29.66 -47.18
N THR UC 86 102.63 28.97 -46.91
CA THR UC 86 101.78 28.46 -47.98
C THR UC 86 100.60 29.34 -48.33
N PHE UC 87 99.64 29.50 -47.42
CA PHE UC 87 98.38 30.16 -47.73
C PHE UC 87 98.40 31.61 -47.27
N SER UC 88 99.22 32.42 -47.95
CA SER UC 88 99.29 33.83 -47.60
C SER UC 88 97.95 34.52 -47.85
N GLU UC 89 97.37 34.29 -49.02
CA GLU UC 89 96.01 34.74 -49.30
C GLU UC 89 95.05 33.63 -48.91
N LYS UC 90 94.12 33.93 -48.01
CA LYS UC 90 93.29 32.89 -47.44
C LYS UC 90 92.56 32.14 -48.54
N PRO UC 91 92.68 30.80 -48.59
CA PRO UC 91 91.90 30.05 -49.58
C PRO UC 91 90.41 30.27 -49.36
N LEU UC 92 89.69 30.44 -50.46
CA LEU UC 92 88.28 30.78 -50.42
C LEU UC 92 87.44 29.56 -50.72
N LEU UC 93 86.64 29.15 -49.75
CA LEU UC 93 85.66 28.08 -49.92
C LEU UC 93 84.35 28.73 -50.36
N LYS UC 94 83.95 28.48 -51.60
CA LYS UC 94 82.78 29.13 -52.19
C LYS UC 94 81.53 28.33 -51.86
N TRP UC 95 80.61 28.96 -51.15
CA TRP UC 95 79.29 28.40 -50.89
C TRP UC 95 78.28 29.06 -51.81
N THR UC 96 77.24 28.31 -52.17
CA THR UC 96 76.21 28.79 -53.08
C THR UC 96 74.87 28.83 -52.38
N TRP UC 97 74.11 29.89 -52.62
CA TRP UC 97 72.74 30.00 -52.13
C TRP UC 97 71.91 30.76 -53.15
N ASP UC 98 70.60 30.77 -52.93
CA ASP UC 98 69.67 31.43 -53.84
C ASP UC 98 69.34 32.86 -53.43
N GLU UC 99 69.90 33.35 -52.33
CA GLU UC 99 69.60 34.70 -51.88
C GLU UC 99 70.24 35.74 -52.78
N THR UC 100 69.55 36.86 -52.97
CA THR UC 100 70.05 37.95 -53.77
C THR UC 100 69.54 39.26 -53.19
N TYR UC 101 70.22 40.35 -53.54
CA TYR UC 101 69.83 41.69 -53.12
C TYR UC 101 69.84 42.61 -54.32
N GLU UC 102 68.98 43.64 -54.27
CA GLU UC 102 68.75 44.48 -55.44
C GLU UC 102 69.98 45.29 -55.82
N GLU UC 103 70.82 45.66 -54.85
CA GLU UC 103 71.94 46.54 -55.15
C GLU UC 103 72.87 45.94 -56.20
N ALA UC 104 72.92 44.61 -56.29
CA ALA UC 104 73.84 43.97 -57.22
C ALA UC 104 73.42 44.11 -58.66
N TYR UC 105 72.15 44.42 -58.93
CA TYR UC 105 71.62 44.48 -60.28
C TYR UC 105 71.39 45.92 -60.71
N ASP UC 106 71.27 46.10 -62.02
CA ASP UC 106 70.92 47.39 -62.60
C ASP UC 106 69.93 47.17 -63.73
N ASP UC 107 68.95 48.06 -63.83
CA ASP UC 107 67.94 47.97 -64.88
C ASP UC 107 68.25 48.93 -66.02
N PRO VC 1 64.13 19.54 -45.74
CA PRO VC 1 65.07 20.63 -45.45
C PRO VC 1 64.96 21.78 -46.45
N PRO VC 2 64.46 22.93 -46.00
CA PRO VC 2 64.27 24.05 -46.93
C PRO VC 2 65.60 24.59 -47.43
N THR VC 3 65.57 25.13 -48.65
CA THR VC 3 66.74 25.71 -49.28
C THR VC 3 66.68 27.22 -49.36
N ARG VC 4 65.60 27.84 -48.91
CA ARG VC 4 65.44 29.29 -48.93
C ARG VC 4 65.33 29.79 -47.50
N LEU VC 5 66.09 30.84 -47.18
CA LEU VC 5 66.05 31.38 -45.83
C LEU VC 5 64.70 31.99 -45.49
N SER VC 6 63.89 32.33 -46.49
CA SER VC 6 62.57 32.90 -46.22
C SER VC 6 61.64 31.87 -45.58
N THR VC 7 61.81 30.60 -45.91
CA THR VC 7 60.93 29.55 -45.40
C THR VC 7 61.36 29.13 -44.00
N PRO VC 8 60.54 29.39 -42.97
CA PRO VC 8 60.96 29.10 -41.60
C PRO VC 8 61.12 27.61 -41.32
N LEU VC 9 61.89 27.32 -40.27
CA LEU VC 9 62.09 25.96 -39.80
C LEU VC 9 61.16 25.71 -38.62
N TYR VC 10 60.46 24.57 -38.64
CA TYR VC 10 59.57 24.22 -37.54
C TYR VC 10 60.39 23.84 -36.30
N SER VC 11 59.93 24.31 -35.15
CA SER VC 11 60.56 23.97 -33.87
C SER VC 11 59.51 23.60 -32.84
N GLU VC 12 59.78 22.55 -32.09
CA GLU VC 12 58.97 22.23 -30.93
C GLU VC 12 59.41 23.13 -29.77
N GLY VC 13 58.61 23.13 -28.70
CA GLY VC 13 58.99 23.80 -27.49
C GLY VC 13 59.70 22.81 -26.57
N GLY VC 14 60.70 23.30 -25.86
CA GLY VC 14 61.41 22.47 -24.91
C GLY VC 14 62.88 22.83 -24.87
N ALA VC 15 63.66 21.95 -24.24
CA ALA VC 15 65.07 22.20 -24.01
C ALA VC 15 65.99 21.57 -25.06
N PHE VC 16 65.44 20.84 -26.02
CA PHE VC 16 66.22 20.31 -27.13
C PHE VC 16 65.35 20.38 -28.39
N THR VC 17 65.40 21.53 -29.08
CA THR VC 17 64.58 21.80 -30.23
C THR VC 17 65.39 22.59 -31.25
N VAL VC 18 64.79 22.92 -32.39
CA VAL VC 18 65.47 23.72 -33.40
C VAL VC 18 65.73 25.14 -32.90
N ASN VC 19 64.77 25.70 -32.15
CA ASN VC 19 64.97 27.04 -31.60
C ASN VC 19 66.02 27.04 -30.50
N TRP VC 20 65.96 26.05 -29.62
CA TRP VC 20 66.95 25.92 -28.55
C TRP VC 20 68.34 25.75 -29.12
N TRP VC 21 68.47 24.99 -30.19
CA TRP VC 21 69.78 24.76 -30.79
C TRP VC 21 70.30 26.00 -31.48
N ARG VC 22 69.42 26.77 -32.13
CA ARG VC 22 69.86 27.99 -32.79
C ARG VC 22 70.41 29.00 -31.78
N ASN VC 23 69.78 29.11 -30.62
CA ASN VC 23 70.20 30.10 -29.64
C ASN VC 23 71.63 29.86 -29.18
N ARG VC 24 72.07 28.60 -29.13
CA ARG VC 24 73.33 28.25 -28.52
C ARG VC 24 74.41 27.84 -29.52
N TYR VC 25 74.05 27.56 -30.77
CA TYR VC 25 75.04 27.08 -31.72
C TYR VC 25 76.11 28.13 -32.00
N GLY VC 26 75.72 29.39 -32.13
CA GLY VC 26 76.65 30.43 -32.51
C GLY VC 26 77.20 31.25 -31.35
N LEU VC 27 77.09 30.74 -30.13
CA LEU VC 27 77.59 31.49 -28.98
C LEU VC 27 79.09 31.70 -29.06
N TYR VC 28 79.83 30.68 -29.46
CA TYR VC 28 81.28 30.74 -29.55
C TYR VC 28 81.79 30.89 -30.97
N SER VC 29 80.93 31.29 -31.90
CA SER VC 29 81.25 31.28 -33.32
C SER VC 29 81.68 32.67 -33.79
N ARG VC 30 82.85 32.73 -34.43
CA ARG VC 30 83.31 33.94 -35.07
C ARG VC 30 82.80 34.09 -36.50
N ARG VC 31 82.14 33.08 -37.04
CA ARG VC 31 81.71 33.07 -38.44
C ARG VC 31 80.28 33.55 -38.64
N GLN VC 32 79.47 33.56 -37.58
CA GLN VC 32 78.08 33.97 -37.67
C GLN VC 32 77.99 35.45 -37.28
N THR VC 33 78.38 36.30 -38.22
CA THR VC 33 78.56 37.72 -37.95
C THR VC 33 77.37 38.58 -38.36
N ASP VC 34 76.34 38.00 -38.98
CA ASP VC 34 75.16 38.74 -39.37
C ASP VC 34 74.01 37.76 -39.55
N PRO VC 35 72.76 38.24 -39.55
CA PRO VC 35 71.63 37.30 -39.62
C PRO VC 35 71.66 36.39 -40.82
N MET VC 36 71.84 36.93 -42.03
CA MET VC 36 71.81 36.09 -43.22
C MET VC 36 72.88 35.00 -43.14
N LEU VC 37 74.12 35.39 -42.84
CA LEU VC 37 75.19 34.41 -42.77
C LEU VC 37 75.00 33.45 -41.61
N ALA VC 38 74.52 33.95 -40.47
CA ALA VC 38 74.31 33.10 -39.32
C ALA VC 38 73.27 32.02 -39.62
N GLU VC 39 72.16 32.39 -40.23
CA GLU VC 39 71.12 31.42 -40.55
C GLU VC 39 71.62 30.41 -41.57
N PHE VC 40 72.37 30.87 -42.58
CA PHE VC 40 72.88 29.95 -43.59
C PHE VC 40 73.78 28.89 -42.95
N LEU VC 41 74.69 29.32 -42.07
CA LEU VC 41 75.58 28.37 -41.41
C LEU VC 41 74.82 27.47 -40.46
N PHE VC 42 73.81 28.02 -39.77
CA PHE VC 42 73.02 27.20 -38.86
C PHE VC 42 72.29 26.10 -39.60
N ARG VC 43 71.60 26.44 -40.68
CA ARG VC 43 70.90 25.44 -41.46
C ARG VC 43 71.85 24.47 -42.12
N GLN VC 44 73.05 24.93 -42.48
CA GLN VC 44 74.05 24.03 -43.04
C GLN VC 44 74.41 22.93 -42.05
N GLN VC 45 74.63 23.31 -40.80
CA GLN VC 45 74.97 22.33 -39.78
C GLN VC 45 73.79 21.41 -39.49
N VAL VC 46 72.59 21.97 -39.37
CA VAL VC 46 71.41 21.17 -39.06
C VAL VC 46 71.15 20.17 -40.17
N LYS VC 47 71.24 20.62 -41.42
CA LYS VC 47 71.05 19.72 -42.56
C LYS VC 47 72.05 18.57 -42.53
N GLU VC 48 73.30 18.88 -42.18
CA GLU VC 48 74.36 17.88 -42.29
C GLU VC 48 74.31 16.84 -41.19
N TRP VC 49 73.89 17.22 -39.98
CA TRP VC 49 73.99 16.34 -38.83
C TRP VC 49 72.66 15.78 -38.36
N PHE VC 50 71.57 16.54 -38.48
CA PHE VC 50 70.28 16.10 -37.98
C PHE VC 50 69.37 15.53 -39.05
N TYR VC 51 69.64 15.80 -40.33
CA TYR VC 51 68.90 15.20 -41.44
C TYR VC 51 69.66 14.03 -42.05
N ASP VC 52 70.67 13.51 -41.34
CA ASP VC 52 71.45 12.37 -41.77
C ASP VC 52 70.90 11.12 -41.08
N VAL VC 53 70.23 10.26 -41.85
CA VAL VC 53 69.57 9.10 -41.27
C VAL VC 53 70.54 8.25 -40.43
N PRO VC 54 71.72 7.86 -40.92
CA PRO VC 54 72.57 6.96 -40.12
C PRO VC 54 73.05 7.57 -38.82
N SER VC 55 73.07 8.90 -38.70
CA SER VC 55 73.52 9.52 -37.46
C SER VC 55 72.64 9.13 -36.29
N TYR VC 56 71.37 8.86 -36.53
CA TYR VC 56 70.45 8.51 -35.45
C TYR VC 56 70.77 7.16 -34.83
N ASN VC 57 71.43 6.27 -35.57
CA ASN VC 57 71.83 4.99 -34.99
C ASN VC 57 72.81 5.20 -33.85
N TYR VC 58 73.77 6.11 -34.02
CA TYR VC 58 74.73 6.39 -32.96
C TYR VC 58 74.06 7.05 -31.76
N ALA VC 59 73.05 7.87 -31.99
CA ALA VC 59 72.31 8.44 -30.87
C ALA VC 59 71.70 7.35 -30.00
N ALA VC 60 71.17 6.30 -30.64
CA ALA VC 60 70.62 5.18 -29.88
C ALA VC 60 71.72 4.48 -29.07
N LEU VC 61 72.90 4.30 -29.68
CA LEU VC 61 73.95 3.55 -29.01
C LEU VC 61 74.51 4.32 -27.82
N VAL VC 62 74.63 5.63 -27.92
CA VAL VC 62 75.15 6.41 -26.80
C VAL VC 62 74.14 6.40 -25.65
N GLY VC 63 72.86 6.53 -25.97
CA GLY VC 63 71.86 6.49 -24.92
C GLY VC 63 71.86 5.15 -24.18
N LEU VC 64 71.88 4.06 -24.94
CA LEU VC 64 71.87 2.74 -24.32
C LEU VC 64 73.10 2.53 -23.45
N ALA VC 65 74.28 2.87 -23.97
CA ALA VC 65 75.50 2.67 -23.22
C ALA VC 65 75.53 3.53 -21.96
N LEU VC 66 75.12 4.79 -22.08
CA LEU VC 66 75.13 5.69 -20.94
C LEU VC 66 74.10 5.27 -19.89
N GLY VC 67 72.92 4.83 -20.33
CA GLY VC 67 71.92 4.40 -19.38
C GLY VC 67 72.38 3.22 -18.56
N ILE VC 68 72.99 2.24 -19.20
CA ILE VC 68 73.57 1.11 -18.48
C ILE VC 68 74.64 1.61 -17.51
N LEU VC 69 75.48 2.52 -17.97
CA LEU VC 69 76.58 3.01 -17.16
C LEU VC 69 76.10 3.72 -15.91
N VAL VC 70 75.14 4.65 -16.05
CA VAL VC 70 74.63 5.38 -14.89
C VAL VC 70 74.00 4.41 -13.91
N ALA VC 71 73.29 3.41 -14.41
CA ALA VC 71 72.56 2.50 -13.54
C ALA VC 71 73.50 1.57 -12.79
N VAL VC 72 74.55 1.08 -13.45
CA VAL VC 72 75.50 0.22 -12.76
C VAL VC 72 76.21 0.98 -11.66
N ILE VC 73 76.54 2.25 -11.92
CA ILE VC 73 77.14 3.07 -10.86
C ILE VC 73 76.18 3.20 -9.70
N TRP VC 74 74.95 3.60 -9.99
CA TRP VC 74 73.98 3.82 -8.94
C TRP VC 74 73.73 2.55 -8.16
N ARG VC 75 73.65 1.41 -8.85
CA ARG VC 75 73.34 0.16 -8.18
C ARG VC 75 74.43 -0.20 -7.17
N HIS VC 76 75.69 -0.02 -7.53
CA HIS VC 76 76.78 -0.30 -6.60
C HIS VC 76 76.62 0.52 -5.33
N PHE VC 77 76.44 1.82 -5.48
CA PHE VC 77 76.31 2.70 -4.32
C PHE VC 77 75.11 2.33 -3.46
N LEU VC 78 73.98 2.03 -4.09
CA LEU VC 78 72.74 1.84 -3.36
C LEU VC 78 72.63 0.45 -2.74
N PHE VC 79 73.20 -0.57 -3.36
CA PHE VC 79 72.94 -1.95 -2.96
C PHE VC 79 74.18 -2.78 -2.65
N ASN VC 80 75.34 -2.46 -3.18
CA ASN VC 80 76.48 -3.36 -3.02
C ASN VC 80 76.90 -3.37 -1.55
N PRO VC 81 76.97 -4.54 -0.91
CA PRO VC 81 77.30 -4.57 0.52
C PRO VC 81 78.67 -4.04 0.85
N ASP VC 82 79.57 -3.96 -0.13
CA ASP VC 82 80.95 -3.59 0.12
C ASP VC 82 81.24 -2.13 -0.16
N VAL VC 83 80.27 -1.38 -0.66
CA VAL VC 83 80.44 0.05 -0.92
C VAL VC 83 79.84 0.81 0.24
N TYR VC 84 80.66 1.61 0.92
CA TYR VC 84 80.24 2.39 2.07
C TYR VC 84 80.32 3.88 1.74
N VAL VC 85 79.20 4.58 1.93
CA VAL VC 85 79.17 6.03 1.90
C VAL VC 85 78.85 6.60 3.27
N ARG VC 86 77.90 5.98 3.98
CA ARG VC 86 77.69 6.28 5.39
C ARG VC 86 78.82 5.66 6.22
N ARG VC 87 79.00 6.19 7.43
CA ARG VC 87 80.15 5.82 8.23
C ARG VC 87 79.82 5.04 9.50
N GLN VC 88 78.54 4.92 9.87
CA GLN VC 88 78.19 4.26 11.11
C GLN VC 88 78.83 2.89 11.22
N GLU VC 89 78.72 2.08 10.17
CA GLU VC 89 79.25 0.73 10.22
C GLU VC 89 80.76 0.71 10.13
N LEU VC 90 81.36 1.69 9.46
CA LEU VC 90 82.81 1.79 9.36
C LEU VC 90 83.46 2.25 10.65
N ARG VC 91 82.68 2.67 11.63
CA ARG VC 91 83.18 3.02 12.96
C ARG VC 91 83.02 1.86 13.94
N LYS VC 92 82.80 0.66 13.43
CA LYS VC 92 82.62 -0.54 14.24
C LYS VC 92 83.47 -1.66 13.64
N MET VC 93 83.81 -2.62 14.49
CA MET VC 93 84.51 -3.80 14.01
C MET VC 93 83.59 -4.64 13.11
N TRP VC 94 84.21 -5.48 12.28
CA TRP VC 94 83.46 -6.26 11.32
C TRP VC 94 82.31 -7.06 11.94
N PRO VC 95 82.49 -7.75 13.07
CA PRO VC 95 81.38 -8.55 13.60
C PRO VC 95 80.13 -7.75 13.94
N ASP VC 96 80.22 -6.43 14.04
CA ASP VC 96 79.11 -5.60 14.50
C ASP VC 96 78.39 -4.85 13.39
N ARG VC 97 78.70 -5.12 12.13
CA ARG VC 97 78.16 -4.36 11.01
C ARG VC 97 76.89 -5.03 10.47
N HIS VC 98 75.85 -5.03 11.32
CA HIS VC 98 74.62 -5.74 10.98
C HIS VC 98 73.86 -5.07 9.85
N ARG VC 99 73.76 -3.74 9.88
CA ARG VC 99 73.00 -3.03 8.85
C ARG VC 99 73.59 -3.26 7.47
N GLN VC 100 74.92 -3.37 7.38
CA GLN VC 100 75.56 -3.63 6.09
C GLN VC 100 75.46 -5.09 5.69
N PHE VC 101 75.40 -6.01 6.65
CA PHE VC 101 75.24 -7.42 6.34
C PHE VC 101 73.85 -7.71 5.77
N ALA VC 102 72.89 -6.80 5.97
CA ALA VC 102 71.55 -7.00 5.45
C ALA VC 102 71.51 -6.93 3.93
N TYR VC 103 72.43 -6.19 3.32
CA TYR VC 103 72.50 -6.10 1.88
C TYR VC 103 73.07 -7.36 1.23
N ALA VC 104 73.64 -8.26 2.01
CA ALA VC 104 74.48 -9.33 1.44
C ALA VC 104 73.66 -10.33 0.64
N VAL VC 105 72.71 -11.01 1.30
CA VAL VC 105 71.94 -12.06 0.64
C VAL VC 105 71.07 -11.49 -0.48
N PRO VC 106 70.33 -10.40 -0.27
CA PRO VC 106 69.56 -9.85 -1.40
C PRO VC 106 70.42 -9.53 -2.61
N TYR VC 107 71.65 -9.05 -2.36
CA TYR VC 107 72.57 -8.73 -3.44
C TYR VC 107 73.20 -9.96 -4.07
N LEU VC 108 73.23 -11.07 -3.34
CA LEU VC 108 73.79 -12.31 -3.84
C LEU VC 108 72.87 -13.03 -4.81
N ASN VC 109 71.60 -12.64 -4.90
CA ASN VC 109 70.60 -13.34 -5.70
C ASN VC 109 69.87 -12.37 -6.62
N PRO VC 110 70.56 -11.81 -7.61
CA PRO VC 110 69.88 -10.99 -8.62
C PRO VC 110 69.04 -11.85 -9.55
N GLN VC 111 68.05 -11.20 -10.18
CA GLN VC 111 67.09 -11.94 -10.98
C GLN VC 111 67.78 -12.65 -12.15
N LEU VC 112 68.65 -11.95 -12.87
CA LEU VC 112 69.25 -12.53 -14.06
C LEU VC 112 70.14 -13.71 -13.72
N LYS VC 113 70.75 -13.71 -12.54
CA LYS VC 113 71.54 -14.86 -12.10
C LYS VC 113 70.67 -16.09 -11.95
N ASN VC 114 69.48 -15.93 -11.39
CA ASN VC 114 68.56 -17.06 -11.26
C ASN VC 114 68.02 -17.49 -12.62
N LEU VC 115 67.84 -16.55 -13.54
CA LEU VC 115 67.24 -16.85 -14.82
C LEU VC 115 68.22 -17.52 -15.79
N LEU VC 116 69.51 -17.23 -15.69
CA LEU VC 116 70.48 -17.68 -16.68
C LEU VC 116 71.37 -18.82 -16.22
N LEU VC 117 71.56 -19.00 -14.92
CA LEU VC 117 72.35 -20.13 -14.44
C LEU VC 117 71.84 -21.48 -14.94
N PRO VC 118 70.54 -21.74 -15.04
CA PRO VC 118 70.10 -23.05 -15.55
C PRO VC 118 70.61 -23.36 -16.94
N TYR VC 119 71.12 -22.39 -17.69
CA TYR VC 119 71.54 -22.60 -19.06
C TYR VC 119 73.02 -22.95 -19.17
N LYS VC 120 73.63 -23.43 -18.09
CA LYS VC 120 75.01 -23.90 -18.16
C LYS VC 120 75.15 -25.17 -18.98
N ASN VC 121 74.06 -25.91 -19.20
CA ASN VC 121 74.15 -27.14 -19.96
C ASN VC 121 74.40 -26.91 -21.44
N SER VC 122 74.39 -25.65 -21.88
CA SER VC 122 74.74 -25.29 -23.25
C SER VC 122 76.23 -25.01 -23.41
N PHE VC 123 77.00 -25.08 -22.33
CA PHE VC 123 78.44 -24.85 -22.35
C PHE VC 123 79.26 -26.02 -21.81
N ILE VC 124 78.63 -26.98 -21.15
CA ILE VC 124 79.32 -28.08 -20.49
C ILE VC 124 78.74 -29.38 -21.00
N ASP VC 125 79.61 -30.29 -21.45
CA ASP VC 125 79.17 -31.59 -21.94
C ASP VC 125 79.03 -32.61 -20.82
N ASN VC 126 79.97 -32.64 -19.89
CA ASN VC 126 79.99 -33.63 -18.82
C ASN VC 126 79.62 -32.99 -17.49
N GLU VC 127 78.59 -33.54 -16.85
CA GLU VC 127 78.16 -33.07 -15.54
C GLU VC 127 77.92 -31.55 -15.54
N PRO VC 128 77.01 -31.06 -16.39
CA PRO VC 128 76.68 -29.62 -16.38
C PRO VC 128 75.94 -29.22 -15.12
N ASP VC 129 75.49 -30.19 -14.32
CA ASP VC 129 74.74 -29.97 -13.10
C ASP VC 129 75.59 -30.36 -11.88
N TYR VC 130 76.92 -30.31 -12.03
CA TYR VC 130 77.87 -30.69 -10.99
C TYR VC 130 77.75 -29.81 -9.75
N ALA VC 131 77.28 -28.56 -9.90
CA ALA VC 131 77.22 -27.60 -8.82
C ALA VC 131 75.78 -27.17 -8.53
N ASP VC 132 74.79 -27.96 -8.94
CA ASP VC 132 73.41 -27.56 -8.77
C ASP VC 132 72.96 -27.66 -7.32
N TYR VC 133 73.31 -28.74 -6.64
CA TYR VC 133 72.82 -28.99 -5.30
C TYR VC 133 73.71 -28.31 -4.26
N ASN VC 134 73.09 -27.61 -3.32
CA ASN VC 134 73.80 -27.00 -2.20
C ASN VC 134 72.88 -26.98 -0.98
N PRO VC 135 73.24 -27.70 0.09
CA PRO VC 135 72.32 -27.84 1.24
C PRO VC 135 72.22 -26.62 2.13
N VAL VC 136 73.02 -25.59 1.92
CA VAL VC 136 73.07 -24.47 2.87
C VAL VC 136 71.82 -23.61 2.74
N GLY VC 137 71.55 -23.12 1.54
CA GLY VC 137 70.37 -22.33 1.28
C GLY VC 137 70.59 -20.85 1.03
N LEU VC 138 71.84 -20.43 0.84
CA LEU VC 138 72.09 -19.03 0.50
C LEU VC 138 71.57 -18.69 -0.89
N ARG VC 139 71.56 -19.66 -1.79
CA ARG VC 139 71.10 -19.51 -3.16
C ARG VC 139 70.05 -20.57 -3.46
N PRO VC 140 69.25 -20.38 -4.50
CA PRO VC 140 68.28 -21.42 -4.87
C PRO VC 140 68.94 -22.66 -5.46
N GLN VC 141 68.26 -23.79 -5.28
CA GLN VC 141 68.66 -25.02 -5.95
C GLN VC 141 68.46 -24.85 -7.45
N ARG VC 142 69.40 -25.36 -8.24
CA ARG VC 142 69.42 -25.12 -9.67
C ARG VC 142 68.89 -26.32 -10.44
N VAL VC 143 68.08 -26.05 -11.45
CA VAL VC 143 67.53 -27.06 -12.36
C VAL VC 143 68.01 -26.73 -13.77
N MET VC 144 68.54 -27.74 -14.46
CA MET VC 144 69.08 -27.50 -15.79
C MET VC 144 67.98 -27.08 -16.76
N ALA VC 145 68.36 -26.25 -17.72
CA ALA VC 145 67.42 -25.73 -18.70
C ALA VC 145 66.98 -26.84 -19.65
N ILE VC 146 65.82 -26.62 -20.28
CA ILE VC 146 65.26 -27.61 -21.21
C ILE VC 146 65.63 -27.32 -22.65
N ARG VC 147 66.17 -26.13 -22.94
CA ARG VC 147 66.48 -25.69 -24.29
C ARG VC 147 67.87 -25.07 -24.33
N ARG VC 148 68.48 -25.07 -25.52
CA ARG VC 148 69.77 -24.42 -25.70
C ARG VC 148 69.61 -22.90 -25.63
N ILE VC 149 70.70 -22.23 -25.31
CA ILE VC 149 70.66 -20.76 -25.29
C ILE VC 149 70.36 -20.27 -26.71
N PRO VC 150 69.41 -19.35 -26.89
CA PRO VC 150 69.11 -18.86 -28.24
C PRO VC 150 70.31 -18.16 -28.85
N GLY VC 151 70.53 -18.36 -30.15
CA GLY VC 151 71.62 -17.69 -30.84
C GLY VC 151 72.57 -18.56 -31.62
N PHE VC 152 73.83 -18.65 -31.16
CA PHE VC 152 74.89 -19.30 -31.92
C PHE VC 152 75.23 -20.70 -31.41
N PHE VC 153 74.32 -21.36 -30.69
CA PHE VC 153 74.59 -22.69 -30.15
C PHE VC 153 74.06 -23.80 -31.05
N TRP VC 154 74.47 -23.77 -32.32
CA TRP VC 154 74.00 -24.78 -33.26
C TRP VC 154 74.66 -26.13 -33.03
N ALA VC 155 75.80 -26.17 -32.34
CA ALA VC 155 76.48 -27.44 -32.11
C ALA VC 155 75.69 -28.38 -31.20
N ILE VC 156 74.83 -27.84 -30.35
CA ILE VC 156 73.99 -28.67 -29.48
C ILE VC 156 72.57 -28.70 -30.05
N PRO VC 157 71.80 -29.75 -29.81
CA PRO VC 157 70.41 -29.79 -30.32
C PRO VC 157 69.55 -28.71 -29.66
N GLN VC 158 68.55 -28.25 -30.41
CA GLN VC 158 67.69 -27.17 -29.93
C GLN VC 158 67.10 -27.47 -28.55
N TYR VC 159 66.73 -28.71 -28.30
CA TYR VC 159 66.19 -29.14 -27.02
C TYR VC 159 66.97 -30.35 -26.55
N PHE VC 160 67.21 -30.44 -25.23
CA PHE VC 160 68.08 -31.47 -24.72
C PHE VC 160 67.42 -32.84 -24.71
N PHE VC 161 66.09 -32.91 -24.76
CA PHE VC 161 65.45 -34.22 -24.92
C PHE VC 161 65.82 -34.84 -26.26
N GLU VC 162 66.22 -34.04 -27.23
CA GLU VC 162 66.63 -34.57 -28.52
C GLU VC 162 68.00 -35.24 -28.44
N ASP VC 163 68.84 -34.82 -27.51
CA ASP VC 163 70.20 -35.34 -27.44
C ASP VC 163 70.19 -36.75 -26.86
N PRO VC 164 70.87 -37.72 -27.49
CA PRO VC 164 70.85 -39.08 -26.96
C PRO VC 164 71.67 -39.27 -25.69
N LEU VC 165 72.82 -38.60 -25.59
CA LEU VC 165 73.75 -38.84 -24.48
C LEU VC 165 73.54 -37.93 -23.29
N TYR VC 166 72.58 -37.01 -23.35
CA TYR VC 166 72.47 -36.00 -22.32
C TYR VC 166 72.27 -36.61 -20.94
N THR VC 167 71.36 -37.58 -20.83
CA THR VC 167 71.01 -38.15 -19.53
C THR VC 167 72.15 -38.96 -18.93
N SER VC 168 72.97 -39.58 -19.78
CA SER VC 168 74.05 -40.44 -19.31
C SER VC 168 75.27 -39.65 -18.86
N CYS VC 169 75.32 -38.35 -19.14
CA CYS VC 169 76.42 -37.49 -18.76
C CYS VC 169 76.11 -36.68 -17.52
N SER VC 170 74.91 -36.87 -16.95
CA SER VC 170 74.51 -36.09 -15.78
C SER VC 170 75.33 -36.49 -14.56
N THR VC 171 75.46 -35.53 -13.63
CA THR VC 171 76.20 -35.76 -12.40
C THR VC 171 75.59 -36.89 -11.59
N LYS VC 172 74.31 -37.20 -11.84
CA LYS VC 172 73.64 -38.28 -11.14
C LYS VC 172 74.07 -39.64 -11.66
N ASN VC 173 74.13 -39.82 -12.98
CA ASN VC 173 74.60 -41.09 -13.53
C ASN VC 173 76.08 -41.28 -13.25
N MET VC 174 76.86 -40.19 -13.31
CA MET VC 174 78.28 -40.27 -13.03
C MET VC 174 78.51 -40.66 -11.58
N GLN VC 175 77.70 -40.10 -10.66
CA GLN VC 175 77.77 -40.48 -9.26
C GLN VC 175 77.42 -41.95 -9.08
N THR VC 176 76.41 -42.43 -9.80
CA THR VC 176 76.05 -43.84 -9.73
C THR VC 176 77.20 -44.73 -10.16
N ILE VC 177 77.85 -44.39 -11.27
CA ILE VC 177 78.95 -45.20 -11.79
C ILE VC 177 80.08 -45.25 -10.78
N TYR VC 178 80.50 -44.09 -10.26
CA TYR VC 178 81.63 -44.03 -9.36
C TYR VC 178 81.30 -44.61 -7.98
N LYS VC 179 80.05 -44.45 -7.53
CA LYS VC 179 79.66 -45.03 -6.25
C LYS VC 179 79.62 -46.55 -6.31
N LYS VC 180 79.36 -47.11 -7.49
CA LYS VC 180 79.34 -48.56 -7.66
C LYS VC 180 80.75 -49.14 -7.55
N LEU VC 181 81.76 -48.33 -7.82
CA LEU VC 181 83.16 -48.74 -7.68
C LEU VC 181 83.73 -48.40 -6.31
N GLY VC 182 82.98 -47.70 -5.47
CA GLY VC 182 83.53 -47.22 -4.23
C GLY VC 182 84.57 -46.14 -4.42
N TYR VC 183 84.53 -45.47 -5.56
CA TYR VC 183 85.59 -44.53 -5.93
C TYR VC 183 85.45 -43.21 -5.18
N SER VC 184 84.25 -42.64 -5.16
CA SER VC 184 84.04 -41.36 -4.53
C SER VC 184 82.57 -41.21 -4.16
N GLU VC 185 82.30 -40.25 -3.28
CA GLU VC 185 80.92 -39.98 -2.85
C GLU VC 185 80.15 -39.19 -3.90
N LEU VC 186 80.81 -38.23 -4.54
CA LEU VC 186 80.16 -37.39 -5.55
C LEU VC 186 80.46 -37.89 -6.95
#